data_6JHN
#
_entry.id   6JHN
#
_cell.length_a   1.00
_cell.length_b   1.00
_cell.length_c   1.00
_cell.angle_alpha   90.00
_cell.angle_beta   90.00
_cell.angle_gamma   90.00
#
_symmetry.space_group_name_H-M   'P 1'
#
loop_
_entity.id
_entity.type
_entity.pdbx_description
1 polymer RyR2
2 polymer 'Peptidyl-prolyl cis-trans isomerase FKBP1B'
3 non-polymer 'ZINC ION'
4 non-polymer 'CALCIUM ION'
5 non-polymer CAFFEINE
#
loop_
_entity_poly.entity_id
_entity_poly.type
_entity_poly.pdbx_seq_one_letter_code
_entity_poly.pdbx_strand_id
1 'polypeptide(L)'
;MADGGEGEDEIQFLRTDDEVVLQCTATIHKEQQKLCLAAEGFGNRLCFLESTSNSKNVPPDLSICTFVLEQSLSVRALQE
MLANTVEKSEGQVDVEKWKFMMKTAQGGGHRTLLYGHAILLRHSYSGMYLCCLSTSRSSTDKLAFDVGLQEDTTGEACWW
TIHPASKQRSEGEKVRVGDDLILVSVSSERYLHLSYGNVSLHVDAAFQQTLWSVAPISSGSEAAQGYLIGGDVLRLLHGH
MDECLTVPSGEHGEEQRRTVHYEGGAVSVHARSLWRLETLRVAWSGSHIRWGQPFRLRHVTTGKYLSLMEDKSLLLMDKE
KADVKSTAFTFRSSKEKLDVGVRKEVDGMGTSEIKYGDSVCFIQHIGTGLWLTYQSVDVKSVRMGSIQRKAIMHHEGHMD
DGLNLSRSQHEESRTARVIRSTVFLFNRFIRGLDALSKKAKASTVDLPIESVSLSLQDLIGYFHPPDEHLEHEDKQNRLR
ALKNRQNLFQEEGMINLVLECIDRLHVYSSAAHFADVAGREAGESWKSILNSLYELLAALIRGNRKNCAQFSGSLDWLIS
RLERLEASSGILEVLHCVLVESPEALNIIKEGHIKSIISLLDKHGRNHKVLDVLCSLCVCHGVAVRSNQHLICDNLLPGR
DLLLQTRLVNHVSSMRPNIFLGVSEGSAQYKKWYYELMVDHTEPFVTAEATHLRVGWASTEGYSPYPGGGEEWGGNGVGD
DLFSYGFDGLHLWSGCIARTVSSPNQHLLRTDDVISCCLDLSAPSISFRINGQPVQGMFENFNIDGLFFPVVSFSAGIKV
RFLLGGRHGEFKFLPPPGYAPCYEAVLPKEKLKVEHSREYKQERTYTRDLLGPTVSLTQAAFTPIPVDTSQIVLPPHLER
IREKLAENIHELWVMNKIELGWQYGPVRDDNKRQHPCLVEFSKLPEQERNYNLQMSLETLKTLLALGCHVGISDEHAEEK
VKKMKLPKNYQLTSGYKPAPMDLSFIKLTPSQEAMVDKLAENAHNVWARDRIRQGWTYGIQQDVKNRRNPRLVPYALLDD
RTKKSNKDSLREAVRTLLGYGYNLEAPDQDHAARAEVCSGTGERFRIFRAEKTYAVKAGRWYFEFEAVTAGDMRVGWSRP
GCQPDQELGSDERAFAFDGFKAQRWHQGNEHYGRSWQAGDVVGCMVDMTEHTMMFTLNGEILLDDSGSELAFKDFDVGDG
FIPVCSLGVAQVGRMNFGKDVSTLKYFTICGLQEGYEPFAVNTNRDITMWLSKRLPQFLQVPSSHEHIEVTRIDGTIDSS
PCLKVTQKSFGSQNSSTDIMFYRLSMPIECAEVFSKTSAGGIPGASLFGPKNDLEDYDADSDFEVLMKTAHGHLVPDRVD
KDKEATKPEFNNHKDYAQEKPSRLKQRFLLRRTKPDYSTSHSARLTEDVLADDRDDYDYLMQTSTYYYSVRIFPGQEPAN
VWVGWITSDFHQYDTAFDLDRVRTVTVTLGDEKGKVHESIKRSNCYMVCAGESMSPGQGRNNNGLEIGCVVDAASGLLTF
TANGKDLSTYYQVEPSTKLFPAVFAQATSPNVFQFELGRIKNVMPLSAGLFKSEHKNPVPQCPPRLHVQFLSHVLWSRMP
NQFLKVDVSRISERQGWLVQCLEPLQFMSLHIPEENRSVDILELTEQEELLKFHYHTLRLYSAVCALGNHRVAHALCSHV
DEPQLLYAIENKYMPGLLRAGYYDLLIDIHLSSYATARLMMNNEFIVPMTEETKSITLFPDENKKHGLPGIGLSTSLRPR
MQFSSPSFVSINNECYQYSPEFPLDILKAKTIQMLTEAVQEGSLHARDPVGGTTEFLFVPLIKLFYTLLIMGIFHNEDLK
HILQLIEPSVFKEAAGPEEESDTLEKEPCASEDSRLEGPAEEESKGGKRPKEGLLQMKLPEPVKLQMCLLLQYLCDCQVR
HRIEAIVAFSDDFVAKLQDNQRFRYNEVMQALNMSAALTARKTKEFRSPPQEQINMLLNFKDDKSECPCPEEIRDQLLDF
HEDLMTHCGIELDEDGSLDGNSDLTIRGRLLSLVEKVTYLKKKQAEKLVESDSKKSSTLQQLISETMVRWAQESVIEDPE
LVRAMFVLLHRQYDGIGGLVRALPKTYTINGVSVEDTINLLASLGQIRSLLSVRMGKEEEKLMIRGLGDIMNNKVFYQHP
NLMRALGMHETVMEVMVNVLGGGESKEITFPKMVANCCRFLCYFCRISRQNQKAMFDHLSYLLENSSVGLASPAMRGSTP
LDVAAASVMDNNELALALREPDLEKVVRYLAGCGLQSCQMLVSKGYPDIGWNPVEGERYLDFLRFAVFCNGESVEENANV
VVRLLIRRPECFGPALRGEGGNGLLAAMEEAIKIAEDPSRDGPSPTSGSSKMPDTEGEEDDTIHMGNAIMTFYAALIDLL
GRCAPEMHLIHAAKGEAIRIRSILRSLIPLGDLVGVISIAFQMPTIAKDGNVVEPDMSAGFCPDHKAAMVLFLDRVYGIE
VQDFLLHLLEVGFLPDLRAAASLDTAALSATDMALALNRYLCTAVLPLLTRCAPLFAGTEHHASLIDSLLHTVYRLSKGC
SLTKAQRDSIEVCLLSICGQLRPSMMQHLLRRLVFDVPLLNEHAKMPLKLLTNHYERCWKYYCLPGGWGNFGAASEEELH
LSRKLFWGIFDALSQKKYEQELFKLALPCLSAVAGALPPDYMESNYVSMMEKQSSMDSEGNFNPQPVDTSNITIPEKLEY
FINKYAEHSHDKWSMDKLANGWIYGEIYSDSSKVQPLMKPYKLLSEKEKEIYRWPIKESLKTMLAWGWRIERTREGDSMA
LYNRTRRISQTSQVSVDAAHGYSPRAIDMSNVTLSRDLHAMAEMMAENYHNIWAKKKKLELESKGGGNHPLLVPYDTLTA
KEKAKDREKAQDILKFLQINGYAVSRGFKDLELDTPSIEKRFAYSFLQQLIRYVDEAHQYILEFDGGSRSKGEHFPYEQE
IKFFAKVVLPLIDQYFKNHRLYFLSAASRPLCSGGHASNKEKEMVTSLFCKLGVLVRHRISLFGNDATSIVNCLHILGQT
LDARTVMKTGLESVKSALRAFLDNAAEDLEKTMENLKQGQFTHTRNQPKGVTQIINYTTVALLPMLSSLFEHIGQHQFGE
DLILEDVQVSCYRILTSLYALGTSKSIYVERQRSALGECLAAFAGAFPVAFLETHLDKHNIYSIYNTKSSRERAALNLPT
NVEDVCPNIPSLEKLMEEIVDLAESGIRYTQMPHVMEVVLPMLCSYMSRWWEHGPENNPGRAEMCCTALNSEHMNTLLGN
ILKIIYNNLGIDEGAWMKRLAVFSQPIINKVKPQLLKTHFLPLMEKLKKKAAMVVSEEDHLKSEVRGDMSEAELLILDEF
TTLARDLYAFYPLLIRFVDYNRAKWLKEPNPEAEDLFRMVAEVFIYWSKSHNFKREEQNFVVQNEINNMSFLITDTKSKM
SKAAVSDQERKKMKRKGDRYSMQTSLIVAALKRLLPIGLNICAPGDQELIALAKNRFSLKDTEDEVRDIIRSNIHLQGKL
EDPAIRWQMALYKDLPNRTEDTSDPEKTVERVLDIANVLFHLEQKSTCMRRRYYSLVEHPQRSKKAVWHKLLSKQRKRAV
VACFRMAPLYNLPRHRAVNLFLQGYEKSWIETEEHYFEDKLIEDLAKPGAVPPEEDEGTKRVDPLHQLILLFSRTALTEK
CKLEEDFLYMAYADIMAKSCHDEEDDDGEEEVKSFEEKEMEKQKLLYQQARLHDRGAAEMVLQTISASKGETGPMVAATL
KLGIAILNGGNSTVQQKMLEYLKEKKDVGFFQSLAGLMQSCSVLDLNAFERQNKAEGLGMVTEEGSGEKVLQDDEFTCDL
FRFLQLLCEGHNSDFQNYLRTQTGNNTTVNIIISTVDYLLRVQESISDFYWYYSGKDVIDEQGQRNFSKAIQVAKQVFNT
LTEYIQGPCTGNQQSLAHSRLWDAVVGFLHVFAHMQMKLSQDSSQIELLKELMDLQKDMVVMLLSMLEGNVVNGTIGKQM
VDMLVESSNNVEMILKFFDMFLKLKDLTSSDTFKEYDPDGKGVISKRDFHKAMESHKHYTQSETEFLLSCAETDENETLD
YEEFVKRFHEPAKDIGFNVAVLLTNLSEHMPNDTRLQTFLELAESVLNYFQPFLGRIEIMGSAKRIERVYFEISESSRTQ
WEKPQVKESKRQFIFDVVNEGGEKEKMELFVNFCEDTIFEMQLAAQISESDLNERSANKEESEKEKPEEQGPRMGFFSLV
TVRSALLALRYNVLTLMRMLSLKSLKKQMKKVKKMTVRDMVTAFFTSYWSVFMTLLHFAASVSRGFSRIIGGLLLGGSLV
EGAKKIKVAELLANMPDPTQDEVRGDGDEGERKVLEGTLPSEDLTDLKELTEESDLLSDIFGLDLKREGGQYKLIPHNPN
AGLSDLMSSPAPIPEVQEKFQEQKAKEEEKEEKEENKSEPEKAEGEDGEKEEKAKEDKGKQKLRQLHTHRYGEPEVPESA
FWKKIIAYQQKLLNYFARNFYNMRMLALFVAFAINFILLFYKVSTSSVVEGKELPTRSSSENANFGSLDSSSPRIIAVHY
VLEESSGYMEPTLRILAILHTVISFFCIIGYYCLKVPLVIFKREKEVARKLEFDGLYITEQPSEDDIKGQWDRLVINTQS
FPNNYWDKFVKRKVMDKYGEFYGRDRISELLGMDKAALDFSDAREKKKPKKDSSLSAVLNSIDVKYQMWKLGVVFTDNSF
LYLAWYMTMSVLGHYNNFFFAAHLLDIAMGFKTLRTILSSVTHNGKQLVLTVGLLAVVVYLYTVVAFNFFRKFYNKSEDG
DTPDMKCDDMLTCYMFHMYVGVRAGGGIGDEIEDPAGDEYEIYRIIFDITFFFFVIVILLAIIQGLIIDAFGELRDQQEQ
VKEDMETKCFICGIGNDYFDTVPHGFETHTLQEHNLANYLFFLMYLINKDETEHTGQESYVWKMYQERCWEFFPAGDCFR
KQYEDQLN
;
A,C,E,G
2 'polypeptide(L)'
;MGVEIETISPGDGRTFPKKGQTCVVHYTGMLQNGKKFDSSRDRNKPFKFRIGKQEVIKGFEEGAAQMSLGQRAKLTCTPD
VAYGATGHPGVIPPNATLIFDVELLNLE
;
B,D,F,H
#
# COMPACT_ATOMS: atom_id res chain seq x y z
N GLN A 12 32.70 7.35 10.55
CA GLN A 12 32.89 6.23 11.45
C GLN A 12 34.36 6.12 11.83
N PHE A 13 35.23 6.54 10.94
CA PHE A 13 36.66 6.54 11.21
C PHE A 13 37.28 7.86 10.80
N LEU A 14 38.61 7.95 10.87
CA LEU A 14 39.31 9.19 10.69
C LEU A 14 40.34 9.06 9.59
N ARG A 15 40.49 10.11 8.78
CA ARG A 15 41.47 10.12 7.71
C ARG A 15 42.26 11.39 7.89
N THR A 16 43.07 11.78 6.92
CA THR A 16 43.62 13.11 6.99
C THR A 16 42.55 14.13 6.67
N ASP A 17 42.88 15.39 6.94
CA ASP A 17 42.04 16.56 6.69
C ASP A 17 40.73 16.45 7.47
N ASP A 18 40.85 16.04 8.73
CA ASP A 18 39.70 15.76 9.55
C ASP A 18 39.72 16.65 10.78
N GLU A 19 38.56 17.18 11.13
CA GLU A 19 38.44 18.14 12.23
C GLU A 19 37.73 17.53 13.42
N VAL A 20 38.46 17.34 14.50
CA VAL A 20 37.90 16.95 15.78
C VAL A 20 38.43 17.91 16.83
N VAL A 21 38.07 17.63 18.07
CA VAL A 21 38.63 18.30 19.22
C VAL A 21 39.17 17.26 20.18
N LEU A 22 39.65 17.75 21.32
CA LEU A 22 40.20 16.92 22.37
C LEU A 22 39.62 17.36 23.69
N GLN A 23 38.95 16.46 24.39
CA GLN A 23 38.37 16.84 25.66
C GLN A 23 38.63 15.76 26.70
N CYS A 24 38.65 16.21 27.95
CA CYS A 24 38.35 15.39 29.10
C CYS A 24 37.27 16.08 29.91
N THR A 25 36.44 15.27 30.57
CA THR A 25 35.58 15.76 31.63
C THR A 25 36.28 15.58 32.97
N ALA A 26 37.44 16.23 33.08
CA ALA A 26 38.39 15.95 34.15
C ALA A 26 37.85 16.43 35.50
N THR A 27 38.53 16.01 36.55
CA THR A 27 38.02 16.22 37.91
C THR A 27 38.85 17.25 38.66
N ILE A 28 38.13 18.14 39.33
CA ILE A 28 38.62 18.84 40.50
C ILE A 28 37.54 18.56 41.54
N HIS A 29 37.79 17.57 42.41
CA HIS A 29 36.83 17.04 43.39
C HIS A 29 35.57 16.53 42.70
N LYS A 30 35.78 15.43 41.97
CA LYS A 30 34.74 14.66 41.29
C LYS A 30 34.03 15.50 40.23
N GLU A 31 34.73 16.47 39.66
CA GLU A 31 34.15 17.23 38.58
C GLU A 31 34.10 16.38 37.33
N GLN A 32 33.02 16.52 36.59
CA GLN A 32 33.02 16.05 35.22
C GLN A 32 33.28 17.23 34.29
N GLN A 33 34.39 17.90 34.59
CA GLN A 33 34.60 19.24 34.07
C GLN A 33 35.10 19.12 32.65
N LYS A 34 34.20 19.41 31.71
CA LYS A 34 34.37 19.10 30.30
C LYS A 34 35.40 20.04 29.71
N LEU A 35 36.66 19.76 30.02
CA LEU A 35 37.76 20.66 29.78
C LEU A 35 38.43 20.28 28.47
N CYS A 36 38.26 21.12 27.47
CA CYS A 36 38.95 20.93 26.21
C CYS A 36 40.17 21.84 26.18
N LEU A 37 41.19 21.40 25.44
CA LEU A 37 42.38 22.20 25.30
C LEU A 37 42.12 23.25 24.23
N ALA A 38 42.21 24.50 24.62
CA ALA A 38 42.00 25.60 23.70
C ALA A 38 43.28 26.41 23.61
N ALA A 39 43.68 26.76 22.40
CA ALA A 39 44.88 27.51 22.17
C ALA A 39 44.55 28.95 21.87
N GLU A 40 45.47 29.85 22.23
CA GLU A 40 45.23 31.25 21.96
C GLU A 40 45.58 31.61 20.53
N GLY A 41 46.86 31.53 20.17
CA GLY A 41 47.32 31.99 18.88
C GLY A 41 47.23 33.49 18.65
N PHE A 42 47.86 33.95 17.58
CA PHE A 42 47.81 35.33 17.09
C PHE A 42 48.19 36.34 18.18
N GLY A 43 49.14 35.97 19.03
CA GLY A 43 49.50 36.84 20.12
C GLY A 43 49.89 36.13 21.40
N ASN A 44 49.66 34.82 21.47
CA ASN A 44 50.23 34.02 22.54
C ASN A 44 50.41 32.59 22.06
N ARG A 45 51.52 31.99 22.46
CA ARG A 45 51.93 30.68 21.97
C ARG A 45 51.62 29.57 22.95
N LEU A 46 50.72 29.82 23.89
CA LEU A 46 50.36 28.79 24.85
C LEU A 46 48.90 28.43 24.71
N CYS A 47 48.60 27.20 25.09
CA CYS A 47 47.25 26.67 25.08
C CYS A 47 46.76 26.58 26.51
N PHE A 48 45.50 26.20 26.65
CA PHE A 48 44.85 26.28 27.94
C PHE A 48 43.59 25.46 27.93
N LEU A 49 43.14 25.10 29.11
CA LEU A 49 41.94 24.31 29.27
C LEU A 49 40.71 25.17 29.00
N GLU A 50 39.59 24.51 28.76
CA GLU A 50 38.37 25.22 28.45
C GLU A 50 37.17 24.35 28.81
N SER A 51 36.45 24.77 29.84
CA SER A 51 35.30 24.01 30.31
C SER A 51 34.11 24.20 29.38
N THR A 52 33.56 23.10 28.88
CA THR A 52 32.38 23.17 28.04
C THR A 52 31.18 22.53 28.73
N SER A 53 31.17 22.47 30.06
CA SER A 53 30.11 21.77 30.76
C SER A 53 28.81 22.56 30.70
N ASN A 54 28.77 23.73 31.32
CA ASN A 54 27.59 24.59 31.25
C ASN A 54 27.67 25.47 30.01
N SER A 55 27.61 24.82 28.86
CA SER A 55 27.62 25.55 27.61
C SER A 55 26.25 26.11 27.24
N LYS A 56 25.21 25.68 27.93
CA LYS A 56 23.91 26.26 27.69
C LYS A 56 23.75 27.60 28.37
N ASN A 57 24.65 27.92 29.30
CA ASN A 57 24.60 29.17 30.01
C ASN A 57 25.94 29.88 30.08
N VAL A 58 27.04 29.20 29.80
CA VAL A 58 28.29 29.82 29.37
C VAL A 58 28.78 29.04 28.15
N PRO A 59 28.30 29.31 26.94
CA PRO A 59 28.85 28.64 25.76
C PRO A 59 30.28 29.09 25.47
N PRO A 60 31.24 28.17 25.57
CA PRO A 60 32.62 28.54 25.33
C PRO A 60 32.91 28.63 23.83
N ASP A 61 34.06 29.19 23.51
CA ASP A 61 34.49 29.24 22.13
C ASP A 61 34.91 27.86 21.65
N LEU A 62 34.74 27.65 20.35
CA LEU A 62 35.15 26.42 19.71
C LEU A 62 36.23 26.64 18.70
N SER A 63 36.20 27.79 18.02
CA SER A 63 37.17 28.12 16.99
C SER A 63 38.57 28.26 17.54
N ILE A 64 38.71 28.47 18.86
CA ILE A 64 40.01 28.49 19.49
C ILE A 64 40.45 27.11 19.94
N CYS A 65 39.66 26.07 19.67
CA CYS A 65 40.03 24.74 20.12
C CYS A 65 39.75 23.66 19.09
N THR A 66 39.60 23.99 17.82
CA THR A 66 39.43 22.99 16.79
C THR A 66 40.72 22.81 16.01
N PHE A 67 40.95 21.56 15.60
CA PHE A 67 42.21 21.20 14.98
C PHE A 67 41.93 20.23 13.84
N VAL A 68 42.78 20.27 12.83
CA VAL A 68 42.64 19.46 11.65
C VAL A 68 43.81 18.50 11.57
N LEU A 69 43.51 17.23 11.28
CA LEU A 69 44.55 16.23 11.10
C LEU A 69 45.33 16.55 9.85
N GLU A 70 46.51 17.12 10.04
CA GLU A 70 47.29 17.59 8.91
C GLU A 70 47.92 16.41 8.17
N GLN A 71 48.65 15.57 8.90
CA GLN A 71 49.28 14.42 8.24
C GLN A 71 49.57 13.35 9.28
N SER A 72 48.84 12.24 9.20
CA SER A 72 49.21 11.03 9.93
C SER A 72 50.16 10.23 9.08
N LEU A 73 51.19 9.67 9.72
CA LEU A 73 52.22 8.96 9.01
C LEU A 73 52.76 7.84 9.87
N SER A 74 53.45 6.91 9.22
CA SER A 74 54.16 5.90 9.95
C SER A 74 55.37 6.50 10.65
N VAL A 75 55.82 5.81 11.69
CA VAL A 75 57.04 6.23 12.35
C VAL A 75 58.23 5.98 11.46
N ARG A 76 58.15 4.99 10.59
CA ARG A 76 59.19 4.77 9.60
C ARG A 76 59.23 5.91 8.61
N ALA A 77 58.07 6.50 8.31
CA ALA A 77 58.01 7.58 7.35
C ALA A 77 58.64 8.86 7.87
N LEU A 78 58.80 8.99 9.18
CA LEU A 78 59.34 10.22 9.73
C LEU A 78 60.82 10.38 9.42
N GLN A 79 61.52 9.27 9.31
CA GLN A 79 62.94 9.35 9.07
C GLN A 79 63.26 9.65 7.61
N GLU A 80 62.26 9.62 6.74
CA GLU A 80 62.39 10.27 5.46
C GLU A 80 62.70 11.74 5.64
N MET A 81 61.97 12.40 6.54
CA MET A 81 62.23 13.82 6.80
C MET A 81 63.56 14.01 7.50
N LEU A 82 64.01 13.01 8.23
CA LEU A 82 65.37 13.02 8.75
C LEU A 82 66.36 12.95 7.60
N ALA A 83 66.06 12.12 6.60
CA ALA A 83 66.90 12.05 5.41
C ALA A 83 66.78 13.32 4.59
N ASN A 84 65.65 14.01 4.68
CA ASN A 84 65.59 15.35 4.13
C ASN A 84 66.46 16.28 4.96
N THR A 85 67.11 17.21 4.29
CA THR A 85 68.02 18.13 4.95
C THR A 85 67.63 19.58 4.67
N PHE A 100 61.69 18.21 -1.16
CA PHE A 100 60.99 18.97 -0.14
C PHE A 100 59.49 18.81 -0.20
N MET A 101 58.81 19.63 0.59
CA MET A 101 57.37 19.65 0.80
C MET A 101 56.82 18.31 1.27
N MET A 102 57.66 17.51 1.95
CA MET A 102 57.41 16.13 2.40
C MET A 102 56.62 15.32 1.38
N LYS A 103 57.11 15.32 0.15
CA LYS A 103 56.59 14.59 -1.01
C LYS A 103 55.19 15.04 -1.39
N THR A 104 54.75 16.20 -0.89
CA THR A 104 53.54 16.92 -1.26
C THR A 104 52.22 16.17 -1.05
N ALA A 105 52.25 14.95 -0.51
CA ALA A 105 50.95 14.39 -0.18
C ALA A 105 50.86 13.80 1.24
N GLN A 106 51.87 13.09 1.76
CA GLN A 106 52.82 12.18 1.11
C GLN A 106 52.07 10.89 0.82
N GLY A 107 52.06 10.48 -0.44
CA GLY A 107 51.29 9.32 -0.80
C GLY A 107 50.00 9.70 -1.51
N GLY A 108 48.88 9.63 -0.81
CA GLY A 108 47.59 9.76 -1.44
C GLY A 108 47.11 11.19 -1.60
N GLY A 109 45.94 11.52 -1.06
CA GLY A 109 45.07 10.55 -0.43
C GLY A 109 44.63 10.92 0.96
N HIS A 110 43.83 10.05 1.55
CA HIS A 110 43.22 10.31 2.84
C HIS A 110 43.98 9.74 4.02
N ARG A 111 44.68 8.63 3.83
CA ARG A 111 45.59 8.05 4.83
C ARG A 111 44.86 7.80 6.15
N THR A 112 43.87 6.91 6.04
CA THR A 112 42.91 6.67 7.11
C THR A 112 43.59 6.24 8.39
N LEU A 113 43.06 6.70 9.52
CA LEU A 113 43.85 6.75 10.74
C LEU A 113 44.11 5.39 11.34
N LEU A 114 45.39 5.14 11.60
CA LEU A 114 45.80 3.97 12.33
C LEU A 114 46.48 4.40 13.61
N TYR A 115 46.28 3.58 14.63
CA TYR A 115 47.05 3.76 15.84
C TYR A 115 48.51 3.42 15.57
N GLY A 116 49.38 3.95 16.41
CA GLY A 116 50.79 3.80 16.12
C GLY A 116 51.20 4.65 14.94
N HIS A 117 50.75 5.89 14.90
CA HIS A 117 51.14 6.83 13.87
C HIS A 117 51.58 8.14 14.51
N ALA A 118 52.54 8.79 13.87
CA ALA A 118 52.88 10.16 14.22
C ALA A 118 52.02 11.09 13.40
N ILE A 119 51.53 12.15 14.04
CA ILE A 119 50.60 13.03 13.37
C ILE A 119 51.09 14.46 13.43
N LEU A 120 50.70 15.21 12.42
CA LEU A 120 50.86 16.65 12.41
C LEU A 120 49.51 17.28 12.73
N LEU A 121 49.53 18.31 13.57
CA LEU A 121 48.32 18.95 14.01
C LEU A 121 48.46 20.46 13.95
N ARG A 122 47.44 21.11 13.44
CA ARG A 122 47.41 22.55 13.36
C ARG A 122 46.20 23.07 14.10
N HIS A 123 46.33 24.29 14.61
CA HIS A 123 45.15 25.06 14.95
C HIS A 123 44.31 25.29 13.71
N SER A 124 43.01 25.36 13.92
CA SER A 124 42.15 25.85 12.86
C SER A 124 42.37 27.33 12.63
N TYR A 125 42.10 28.14 13.66
CA TYR A 125 41.84 29.56 13.43
C TYR A 125 43.12 30.33 13.15
N SER A 126 43.95 30.47 14.17
CA SER A 126 45.24 31.08 13.99
C SER A 126 46.16 30.17 13.22
N GLY A 127 45.87 28.88 13.22
CA GLY A 127 46.60 27.99 12.35
C GLY A 127 48.01 27.74 12.79
N MET A 128 48.28 27.82 14.08
CA MET A 128 49.59 27.42 14.51
C MET A 128 49.64 25.91 14.63
N TYR A 129 50.84 25.38 14.48
CA TYR A 129 51.00 23.94 14.54
C TYR A 129 51.34 23.52 15.95
N LEU A 130 50.70 22.46 16.40
CA LEU A 130 50.83 22.04 17.78
C LEU A 130 52.19 21.42 18.01
N CYS A 131 52.94 22.00 18.93
CA CYS A 131 54.22 21.46 19.34
C CYS A 131 54.30 21.52 20.84
N CYS A 132 55.32 20.88 21.39
CA CYS A 132 55.54 20.99 22.81
C CYS A 132 56.49 22.15 23.07
N LEU A 133 57.00 22.24 24.29
CA LEU A 133 57.98 23.26 24.62
C LEU A 133 59.21 22.61 25.23
N SER A 134 60.31 23.34 25.15
CA SER A 134 61.49 23.01 25.91
C SER A 134 61.51 23.70 27.25
N THR A 135 60.35 24.17 27.72
CA THR A 135 60.29 25.01 28.90
C THR A 135 59.72 24.24 30.07
N SER A 136 59.75 24.91 31.21
CA SER A 136 59.30 24.36 32.48
C SER A 136 58.42 25.36 33.20
N ARG A 137 57.43 25.90 32.48
CA ARG A 137 56.66 27.02 33.01
C ARG A 137 55.53 26.59 33.95
N SER A 138 55.88 25.77 34.93
CA SER A 138 55.04 25.31 36.03
C SER A 138 56.00 24.82 37.10
N SER A 139 55.50 24.01 38.04
CA SER A 139 56.38 23.04 38.66
C SER A 139 57.04 22.21 37.57
N THR A 140 58.37 21.97 37.62
CA THR A 140 59.38 21.87 38.71
C THR A 140 58.96 21.06 39.95
N ASP A 141 58.79 19.73 39.93
CA ASP A 141 58.66 18.76 38.80
C ASP A 141 59.72 18.73 37.68
N LYS A 142 60.88 18.12 37.98
CA LYS A 142 62.04 18.05 37.08
C LYS A 142 61.71 17.48 35.70
N LEU A 143 62.68 17.53 34.80
CA LEU A 143 62.49 18.16 33.50
C LEU A 143 61.42 17.53 32.63
N ALA A 144 60.16 17.79 33.00
CA ALA A 144 59.02 17.65 32.13
C ALA A 144 58.87 18.93 31.32
N PHE A 145 57.83 19.01 30.49
CA PHE A 145 57.83 20.05 29.47
C PHE A 145 56.42 20.57 29.23
N ASP A 146 56.39 21.74 28.60
CA ASP A 146 55.18 22.48 28.36
C ASP A 146 54.79 22.37 26.89
N VAL A 147 53.71 23.05 26.51
CA VAL A 147 53.07 22.83 25.23
C VAL A 147 53.06 24.13 24.45
N GLY A 148 53.55 24.09 23.22
CA GLY A 148 53.63 25.31 22.44
C GLY A 148 52.85 25.30 21.15
N LEU A 149 53.15 26.28 20.31
CA LEU A 149 52.50 26.40 19.01
C LEU A 149 53.51 27.03 18.04
N GLN A 150 54.31 26.20 17.41
CA GLN A 150 55.30 26.71 16.49
C GLN A 150 54.77 26.61 15.07
N GLU A 151 55.51 27.23 14.15
CA GLU A 151 55.13 27.21 12.75
C GLU A 151 56.10 26.38 11.93
N ASP A 152 57.23 26.03 12.50
CA ASP A 152 58.13 25.08 11.86
C ASP A 152 57.60 23.69 12.18
N THR A 153 56.84 23.15 11.25
CA THR A 153 56.36 21.78 11.39
C THR A 153 57.50 20.78 11.30
N THR A 154 58.58 21.14 10.60
CA THR A 154 59.70 20.24 10.38
C THR A 154 60.52 20.07 11.64
N GLY A 155 59.95 19.39 12.62
CA GLY A 155 60.51 19.26 13.94
C GLY A 155 59.52 18.46 14.74
N GLU A 156 60.03 17.46 15.45
CA GLU A 156 59.16 16.43 15.98
C GLU A 156 58.58 16.78 17.34
N ALA A 157 58.77 18.02 17.79
CA ALA A 157 57.83 18.60 18.74
C ALA A 157 56.44 18.64 18.14
N CYS A 158 56.35 18.89 16.84
CA CYS A 158 55.08 18.84 16.14
C CYS A 158 54.62 17.41 15.86
N TRP A 159 55.40 16.41 16.19
CA TRP A 159 55.06 15.05 15.82
C TRP A 159 54.69 14.26 17.05
N TRP A 160 53.73 13.37 16.88
CA TRP A 160 52.88 12.95 17.98
C TRP A 160 52.45 11.51 17.75
N THR A 161 53.09 10.58 18.44
CA THR A 161 52.77 9.19 18.24
C THR A 161 51.50 8.79 18.97
N ILE A 162 50.71 7.98 18.29
CA ILE A 162 49.36 7.66 18.71
C ILE A 162 49.36 6.36 19.50
N HIS A 163 48.76 6.38 20.68
CA HIS A 163 48.56 5.17 21.45
C HIS A 163 47.13 5.10 21.93
N PRO A 164 46.38 4.10 21.51
CA PRO A 164 45.13 3.80 22.21
C PRO A 164 45.48 3.27 23.58
N ALA A 165 44.81 3.78 24.59
CA ALA A 165 44.93 3.15 25.90
C ALA A 165 43.88 2.06 26.06
N SER A 166 43.86 1.14 25.11
CA SER A 166 42.86 0.09 25.07
C SER A 166 43.50 -1.18 24.57
N LYS A 167 43.74 -2.12 25.48
CA LYS A 167 44.02 -3.48 25.06
C LYS A 167 42.78 -4.13 24.49
N GLN A 168 41.61 -3.60 24.82
CA GLN A 168 40.37 -3.98 24.14
C GLN A 168 40.43 -3.60 22.67
N ARG A 169 41.07 -2.49 22.36
CA ARG A 169 41.40 -2.18 20.98
C ARG A 169 42.82 -2.68 20.72
N SER A 170 43.40 -2.27 19.61
CA SER A 170 44.78 -2.60 19.33
C SER A 170 45.46 -1.39 18.71
N GLU A 171 46.74 -1.56 18.43
CA GLU A 171 47.52 -0.53 17.78
C GLU A 171 47.83 -0.99 16.37
N GLY A 172 47.86 -0.05 15.44
CA GLY A 172 47.94 -0.37 14.04
C GLY A 172 46.61 -0.51 13.36
N GLU A 173 45.56 -0.86 14.09
CA GLU A 173 44.23 -1.00 13.53
C GLU A 173 43.63 0.37 13.24
N LYS A 174 42.44 0.38 12.66
CA LYS A 174 41.80 1.62 12.28
C LYS A 174 41.26 2.36 13.50
N VAL A 175 41.42 3.68 13.48
CA VAL A 175 40.92 4.52 14.55
C VAL A 175 39.50 4.93 14.21
N ARG A 176 38.57 4.58 15.09
CA ARG A 176 37.16 4.85 14.85
C ARG A 176 36.82 6.29 15.16
N VAL A 177 35.54 6.57 15.22
CA VAL A 177 35.04 7.75 15.89
C VAL A 177 34.81 7.39 17.35
N GLY A 178 34.96 8.37 18.23
CA GLY A 178 34.64 8.23 19.62
C GLY A 178 35.53 7.27 20.38
N ASP A 179 36.83 7.47 20.29
CA ASP A 179 37.78 6.59 20.95
C ASP A 179 38.46 7.36 22.08
N ASP A 180 39.43 6.72 22.73
CA ASP A 180 40.19 7.40 23.77
C ASP A 180 41.65 7.00 23.70
N LEU A 181 42.53 8.01 23.67
CA LEU A 181 43.90 7.80 23.26
C LEU A 181 44.89 8.41 24.22
N ILE A 182 46.09 7.86 24.17
CA ILE A 182 47.27 8.49 24.73
C ILE A 182 48.08 9.01 23.56
N LEU A 183 48.34 10.31 23.55
CA LEU A 183 49.14 10.92 22.51
C LEU A 183 50.48 11.32 23.11
N VAL A 184 51.54 10.74 22.60
CA VAL A 184 52.86 10.94 23.15
C VAL A 184 53.68 11.72 22.14
N SER A 185 54.64 12.49 22.64
CA SER A 185 55.52 13.26 21.78
C SER A 185 56.49 12.35 21.03
N VAL A 186 57.33 12.97 20.23
CA VAL A 186 58.44 12.30 19.57
C VAL A 186 59.77 12.82 20.08
N SER A 187 59.94 14.15 20.06
CA SER A 187 61.15 14.77 20.57
C SER A 187 61.33 14.47 22.05
N SER A 188 60.43 15.00 22.85
CA SER A 188 60.47 14.69 24.27
C SER A 188 60.02 13.28 24.52
N GLU A 189 59.15 12.77 23.65
CA GLU A 189 58.43 11.51 23.82
C GLU A 189 57.73 11.43 25.17
N ARG A 190 57.28 12.56 25.68
CA ARG A 190 56.53 12.58 26.92
C ARG A 190 55.07 12.48 26.59
N TYR A 191 54.32 11.93 27.52
CA TYR A 191 52.90 11.80 27.25
C TYR A 191 52.23 13.14 27.44
N LEU A 192 51.03 13.26 26.89
CA LEU A 192 50.22 14.44 27.10
C LEU A 192 49.80 14.42 28.55
N HIS A 193 50.41 15.26 29.35
CA HIS A 193 50.08 15.32 30.76
C HIS A 193 49.08 16.43 31.03
N LEU A 194 48.13 16.14 31.90
CA LEU A 194 47.17 17.12 32.38
C LEU A 194 47.40 17.31 33.86
N SER A 195 47.62 18.55 34.28
CA SER A 195 47.96 18.85 35.65
C SER A 195 47.01 19.88 36.24
N TYR A 196 47.29 20.26 37.48
CA TYR A 196 46.38 21.05 38.30
C TYR A 196 47.02 22.31 38.85
N LEU A 201 45.40 24.42 37.05
CA LEU A 201 45.04 23.56 35.93
C LEU A 201 46.00 23.73 34.78
N HIS A 202 46.84 22.73 34.56
CA HIS A 202 47.93 22.84 33.63
C HIS A 202 47.83 21.74 32.58
N VAL A 203 48.42 22.03 31.43
CA VAL A 203 48.54 21.09 30.33
C VAL A 203 50.01 21.03 29.95
N ASP A 204 50.59 19.84 29.98
CA ASP A 204 52.03 19.76 29.87
C ASP A 204 52.42 18.44 29.25
N ALA A 205 53.72 18.23 29.13
CA ALA A 205 54.29 17.00 28.60
C ALA A 205 55.15 16.37 29.67
N ALA A 206 54.81 15.16 30.07
CA ALA A 206 55.51 14.52 31.16
C ALA A 206 55.46 13.01 30.98
N PHE A 207 55.98 12.31 31.98
CA PHE A 207 55.99 10.86 32.03
C PHE A 207 54.69 10.28 32.56
N GLN A 208 53.60 11.03 32.48
CA GLN A 208 52.26 10.54 32.78
C GLN A 208 51.32 11.11 31.73
N GLN A 209 50.16 10.49 31.61
CA GLN A 209 49.34 10.65 30.42
C GLN A 209 47.93 11.08 30.77
N THR A 210 47.20 11.40 29.70
CA THR A 210 45.81 11.82 29.78
C THR A 210 45.07 11.17 28.63
N LEU A 211 43.92 10.59 28.91
CA LEU A 211 43.10 10.10 27.82
C LEU A 211 42.47 11.27 27.09
N TRP A 212 42.07 11.05 25.85
CA TRP A 212 41.55 12.15 25.07
C TRP A 212 40.40 11.71 24.18
N SER A 213 39.23 12.28 24.47
CA SER A 213 38.08 12.14 23.60
C SER A 213 38.33 12.86 22.29
N VAL A 214 37.71 12.37 21.24
CA VAL A 214 37.88 12.94 19.90
C VAL A 214 36.50 13.18 19.31
N ALA A 215 35.93 14.33 19.58
CA ALA A 215 34.59 14.60 19.14
C ALA A 215 34.62 15.02 17.67
N PRO A 216 33.97 14.28 16.79
CA PRO A 216 33.97 14.66 15.37
C PRO A 216 33.18 15.92 15.16
N ILE A 217 33.72 16.80 14.34
CA ILE A 217 33.15 18.13 14.11
C ILE A 217 32.74 18.30 12.66
N SER A 218 33.68 18.11 11.74
CA SER A 218 33.41 18.36 10.33
C SER A 218 34.35 17.49 9.52
N SER A 219 33.79 16.54 8.78
CA SER A 219 34.55 15.75 7.82
C SER A 219 33.56 15.14 6.84
N GLY A 220 33.94 15.03 5.57
CA GLY A 220 35.05 15.73 4.96
C GLY A 220 35.06 15.27 3.51
N SER A 221 34.99 16.15 2.51
CA SER A 221 34.69 17.56 2.65
C SER A 221 33.23 17.81 3.05
N GLU A 222 32.95 19.05 3.42
CA GLU A 222 31.85 19.35 4.34
C GLU A 222 30.85 20.41 3.83
N ALA A 223 30.25 20.30 2.65
CA ALA A 223 30.31 19.24 1.65
C ALA A 223 30.41 19.92 0.29
N ALA A 224 29.96 21.17 0.23
CA ALA A 224 29.87 21.87 -1.04
C ALA A 224 29.97 23.36 -0.81
N GLN A 225 30.24 24.07 -1.90
CA GLN A 225 30.36 25.52 -1.84
C GLN A 225 29.03 26.17 -1.54
N GLY A 226 29.08 27.23 -0.74
CA GLY A 226 27.93 28.05 -0.44
C GLY A 226 26.83 27.30 0.27
N TYR A 227 27.07 26.90 1.52
CA TYR A 227 26.04 26.20 2.24
C TYR A 227 26.08 26.55 3.70
N LEU A 228 24.92 26.42 4.33
CA LEU A 228 24.81 26.68 5.74
C LEU A 228 25.47 25.53 6.47
N ILE A 229 26.73 25.74 6.84
CA ILE A 229 27.54 24.73 7.49
C ILE A 229 28.01 25.30 8.81
N GLY A 230 27.95 24.50 9.87
CA GLY A 230 28.06 25.00 11.22
C GLY A 230 29.42 25.57 11.55
N GLY A 231 29.41 26.51 12.49
CA GLY A 231 30.59 27.27 12.84
C GLY A 231 30.82 28.50 12.01
N ASP A 232 29.94 28.79 11.06
CA ASP A 232 30.15 29.85 10.09
C ASP A 232 29.97 31.23 10.71
N VAL A 233 30.70 32.20 10.18
CA VAL A 233 30.49 33.61 10.44
C VAL A 233 30.00 34.23 9.14
N LEU A 234 29.07 35.16 9.25
CA LEU A 234 28.37 35.59 8.05
C LEU A 234 27.79 36.98 8.26
N ARG A 235 27.20 37.50 7.19
CA ARG A 235 26.45 38.74 7.21
C ARG A 235 24.97 38.43 7.07
N LEU A 236 24.14 39.36 7.52
CA LEU A 236 22.70 39.20 7.55
C LEU A 236 22.09 40.30 6.68
N LEU A 237 21.81 39.95 5.44
CA LEU A 237 21.42 40.98 4.49
C LEU A 237 19.91 41.13 4.45
N HIS A 238 19.48 42.25 3.86
CA HIS A 238 18.07 42.56 3.74
C HIS A 238 17.62 42.77 2.31
N GLY A 239 18.48 43.35 1.47
CA GLY A 239 18.12 43.56 0.08
C GLY A 239 17.66 44.98 -0.18
N GLU A 243 20.46 46.27 1.08
CA GLU A 243 20.23 46.52 2.49
C GLU A 243 20.71 45.32 3.31
N CYS A 244 21.06 45.58 4.57
CA CYS A 244 21.53 44.55 5.48
C CYS A 244 21.26 45.05 6.89
N LEU A 245 21.99 44.49 7.85
CA LEU A 245 21.83 44.87 9.24
C LEU A 245 22.95 45.80 9.66
N THR A 246 22.79 46.45 10.81
CA THR A 246 23.93 47.11 11.43
C THR A 246 23.85 47.10 12.94
N VAL A 247 25.04 47.27 13.50
CA VAL A 247 25.36 47.46 14.91
C VAL A 247 25.80 48.92 14.91
N PRO A 248 25.73 49.68 16.00
CA PRO A 248 26.21 51.06 15.93
C PRO A 248 27.72 51.10 15.87
N SER A 249 28.24 52.31 15.76
CA SER A 249 29.68 52.51 15.72
C SER A 249 30.25 52.39 17.12
N GLY A 250 31.51 52.78 17.28
CA GLY A 250 32.15 52.65 18.57
C GLY A 250 31.79 53.79 19.48
N GLU A 251 32.80 54.34 20.16
CA GLU A 251 32.69 55.50 21.04
C GLU A 251 31.68 55.24 22.16
N HIS A 252 32.04 54.28 23.01
CA HIS A 252 31.15 53.84 24.07
C HIS A 252 31.78 53.93 25.45
N GLU A 255 27.35 52.48 24.87
CA GLU A 255 26.36 51.41 24.91
C GLU A 255 27.05 50.10 24.65
N GLN A 256 28.33 50.19 24.30
CA GLN A 256 29.18 49.06 23.90
C GLN A 256 28.53 48.28 22.77
N ARG A 257 28.00 49.01 21.78
CA ARG A 257 27.37 48.50 20.56
C ARG A 257 26.21 47.54 20.83
N ARG A 258 25.54 47.64 21.97
CA ARG A 258 24.60 46.58 22.35
C ARG A 258 23.28 46.67 21.63
N THR A 259 23.11 47.63 20.74
CA THR A 259 21.93 47.70 19.90
C THR A 259 22.23 47.10 18.54
N VAL A 260 21.16 46.84 17.79
CA VAL A 260 21.25 46.22 16.47
C VAL A 260 20.17 46.83 15.60
N HIS A 261 20.48 47.08 14.34
CA HIS A 261 19.60 47.81 13.44
C HIS A 261 19.72 47.22 12.06
N TYR A 262 19.24 47.98 11.09
CA TYR A 262 19.49 47.69 9.69
C TYR A 262 20.28 48.82 9.07
N GLU A 263 20.87 48.53 7.92
CA GLU A 263 21.56 49.55 7.13
C GLU A 263 21.77 49.02 5.72
N GLY A 264 22.06 49.94 4.82
CA GLY A 264 22.85 49.61 3.65
C GLY A 264 24.29 49.78 4.04
N GLY A 265 25.03 50.59 3.28
CA GLY A 265 26.40 50.95 3.63
C GLY A 265 27.38 49.80 3.50
N ALA A 266 28.63 50.10 3.79
CA ALA A 266 29.68 49.09 3.74
C ALA A 266 29.82 48.39 5.09
N VAL A 267 28.69 47.99 5.66
CA VAL A 267 28.72 47.42 6.98
C VAL A 267 29.12 45.97 6.91
N SER A 268 28.81 45.33 5.78
CA SER A 268 29.47 44.09 5.43
C SER A 268 30.97 44.28 5.42
N VAL A 269 31.43 45.35 4.80
CA VAL A 269 32.85 45.63 4.78
C VAL A 269 33.32 46.03 6.18
N HIS A 270 32.44 46.61 6.99
CA HIS A 270 32.76 46.78 8.39
C HIS A 270 32.79 45.43 9.09
N ALA A 271 33.46 45.41 10.23
CA ALA A 271 33.62 44.16 10.97
C ALA A 271 32.35 43.77 11.70
N ARG A 272 31.50 44.75 12.00
CA ARG A 272 30.39 44.54 12.92
C ARG A 272 29.32 43.62 12.38
N SER A 273 29.31 43.36 11.08
CA SER A 273 28.27 42.51 10.50
C SER A 273 28.65 41.05 10.53
N LEU A 274 29.16 40.58 11.64
CA LEU A 274 29.79 39.28 11.68
C LEU A 274 29.30 38.51 12.87
N TRP A 275 28.77 37.31 12.59
CA TRP A 275 27.98 36.54 13.53
C TRP A 275 28.42 35.10 13.43
N ARG A 276 29.24 34.67 14.38
CA ARG A 276 29.67 33.29 14.41
C ARG A 276 28.55 32.43 14.96
N LEU A 277 28.00 31.57 14.11
CA LEU A 277 26.96 30.66 14.53
C LEU A 277 27.57 29.53 15.33
N GLU A 278 26.84 29.08 16.36
CA GLU A 278 27.19 27.88 17.09
C GLU A 278 25.92 27.09 17.33
N THR A 279 26.00 25.77 17.17
CA THR A 279 24.90 24.94 17.60
C THR A 279 25.16 24.43 19.01
N LEU A 280 24.10 23.95 19.65
CA LEU A 280 24.23 23.39 20.98
C LEU A 280 24.96 22.06 20.98
N ARG A 281 24.96 21.36 19.84
CA ARG A 281 25.69 20.10 19.76
C ARG A 281 27.19 20.36 19.78
N VAL A 282 27.88 19.77 20.74
CA VAL A 282 29.32 19.97 20.82
C VAL A 282 30.02 19.15 19.73
N ALA A 283 29.72 17.87 19.63
CA ALA A 283 30.21 17.12 18.49
C ALA A 283 29.41 17.52 17.25
N TRP A 284 30.07 17.40 16.11
CA TRP A 284 29.49 17.63 14.79
C TRP A 284 28.93 19.03 14.64
N SER A 285 29.53 19.97 15.35
CA SER A 285 29.01 21.32 15.33
C SER A 285 29.29 22.00 14.02
N GLY A 286 30.25 21.52 13.26
CA GLY A 286 30.47 22.04 11.93
C GLY A 286 29.73 21.23 10.90
N SER A 287 28.58 20.68 11.26
CA SER A 287 27.76 20.01 10.26
C SER A 287 27.01 21.04 9.45
N HIS A 288 26.20 20.54 8.52
CA HIS A 288 25.33 21.43 7.79
C HIS A 288 24.26 21.99 8.70
N ILE A 289 23.96 23.27 8.52
CA ILE A 289 22.88 23.91 9.24
C ILE A 289 21.62 23.78 8.42
N ARG A 290 20.50 23.53 9.09
CA ARG A 290 19.23 23.28 8.46
C ARG A 290 18.16 24.11 9.15
N TRP A 291 16.92 23.95 8.73
CA TRP A 291 15.84 24.80 9.22
C TRP A 291 15.53 24.51 10.68
N GLY A 292 15.93 25.41 11.56
CA GLY A 292 15.52 25.27 12.94
C GLY A 292 16.46 24.48 13.81
N GLN A 293 17.74 24.50 13.53
CA GLN A 293 18.68 23.96 14.48
C GLN A 293 18.80 24.93 15.66
N PRO A 294 19.26 24.46 16.81
CA PRO A 294 19.54 25.39 17.92
C PRO A 294 20.70 26.30 17.57
N PHE A 295 20.53 27.58 17.87
CA PHE A 295 21.41 28.61 17.31
C PHE A 295 22.02 29.45 18.41
N ARG A 296 23.16 29.03 18.94
CA ARG A 296 23.94 29.91 19.79
C ARG A 296 24.62 30.91 18.87
N LEU A 297 24.16 32.16 18.92
CA LEU A 297 24.60 33.17 17.97
C LEU A 297 25.32 34.29 18.70
N ARG A 298 26.43 34.75 18.11
CA ARG A 298 27.40 35.52 18.84
C ARG A 298 27.98 36.61 17.95
N HIS A 299 28.07 37.82 18.47
CA HIS A 299 28.78 38.86 17.76
C HIS A 299 30.26 38.55 17.78
N VAL A 300 30.95 39.00 16.75
CA VAL A 300 32.35 38.67 16.61
C VAL A 300 33.24 39.77 17.15
N THR A 301 32.95 41.03 16.81
CA THR A 301 33.84 42.12 17.19
C THR A 301 33.83 42.33 18.69
N THR A 302 32.70 42.06 19.33
CA THR A 302 32.68 42.03 20.78
C THR A 302 33.01 40.67 21.33
N GLY A 303 32.51 39.61 20.71
CA GLY A 303 32.46 38.35 21.38
C GLY A 303 31.19 38.12 22.15
N LYS A 304 30.35 39.15 22.28
CA LYS A 304 29.08 38.99 22.98
C LYS A 304 28.14 38.14 22.15
N TYR A 305 27.28 37.41 22.84
CA TYR A 305 26.26 36.64 22.18
C TYR A 305 25.04 37.49 21.93
N LEU A 306 24.32 37.16 20.87
CA LEU A 306 23.03 37.81 20.70
C LEU A 306 22.05 37.22 21.69
N SER A 307 22.08 37.75 22.90
CA SER A 307 21.30 37.23 24.01
C SER A 307 20.00 38.01 24.05
N LEU A 308 18.93 37.44 23.48
CA LEU A 308 17.69 38.16 23.27
C LEU A 308 17.01 38.46 24.59
N MET A 309 16.81 39.75 24.87
CA MET A 309 15.88 40.15 25.90
C MET A 309 14.49 39.69 25.49
N GLU A 310 13.93 38.79 26.29
CA GLU A 310 12.72 38.09 25.90
C GLU A 310 11.46 38.95 25.95
N ASP A 311 11.54 40.14 26.55
CA ASP A 311 10.34 40.96 26.69
C ASP A 311 9.93 41.56 25.36
N LYS A 312 10.80 42.36 24.75
CA LYS A 312 10.42 43.12 23.57
C LYS A 312 11.33 42.88 22.37
N SER A 313 12.65 42.95 22.55
CA SER A 313 13.57 43.03 21.43
C SER A 313 14.98 42.72 21.86
N LEU A 314 15.94 43.04 21.00
CA LEU A 314 17.22 42.37 21.02
C LEU A 314 18.18 43.01 22.00
N LEU A 315 18.95 42.16 22.68
CA LEU A 315 19.92 42.57 23.66
C LEU A 315 21.22 41.83 23.39
N LEU A 316 22.32 42.37 23.91
CA LEU A 316 23.63 41.83 23.64
C LEU A 316 24.38 41.67 24.95
N MET A 317 24.90 40.47 25.18
CA MET A 317 25.72 40.18 26.33
C MET A 317 26.60 38.99 25.96
N ASP A 318 27.54 38.66 26.84
CA ASP A 318 28.45 37.56 26.58
C ASP A 318 27.78 36.21 26.82
N LYS A 319 28.60 35.17 26.96
CA LYS A 319 28.12 33.79 27.11
C LYS A 319 27.21 33.60 28.31
N GLU A 320 27.34 34.44 29.34
CA GLU A 320 26.60 34.24 30.59
C GLU A 320 25.10 34.37 30.38
N LYS A 321 24.67 35.41 29.67
CA LYS A 321 23.25 35.55 29.36
C LYS A 321 22.79 34.54 28.32
N ALA A 322 23.71 34.01 27.53
CA ALA A 322 23.39 33.24 26.33
C ALA A 322 22.76 31.92 26.73
N ASP A 323 21.43 31.90 26.74
CA ASP A 323 20.67 30.75 27.17
C ASP A 323 19.65 30.43 26.10
N VAL A 324 18.87 29.39 26.38
CA VAL A 324 17.80 29.00 25.48
C VAL A 324 16.68 30.03 25.46
N LYS A 325 16.64 30.91 26.45
CA LYS A 325 15.77 32.06 26.42
C LYS A 325 16.39 33.24 25.69
N SER A 326 17.71 33.27 25.53
CA SER A 326 18.37 34.46 25.05
C SER A 326 19.11 34.25 23.76
N THR A 327 19.90 33.19 23.64
CA THR A 327 20.62 33.03 22.38
C THR A 327 19.95 32.07 21.42
N ALA A 328 19.25 31.05 21.90
CA ALA A 328 18.86 29.93 21.05
C ALA A 328 17.67 30.30 20.19
N PHE A 329 17.87 30.30 18.88
CA PHE A 329 16.82 30.60 17.93
C PHE A 329 16.66 29.43 16.97
N THR A 330 15.75 29.60 16.02
CA THR A 330 15.48 28.63 14.97
C THR A 330 15.38 29.35 13.65
N PHE A 331 15.45 28.57 12.57
CA PHE A 331 15.26 29.08 11.23
C PHE A 331 14.06 28.43 10.57
N ARG A 332 13.22 29.25 9.98
CA ARG A 332 12.01 28.81 9.33
C ARG A 332 11.98 29.41 7.94
N SER A 333 11.57 28.62 6.95
CA SER A 333 11.52 29.15 5.62
C SER A 333 10.30 30.04 5.42
N SER A 334 9.25 29.81 6.21
CA SER A 334 8.06 30.63 6.20
C SER A 334 7.90 31.30 7.55
N LYS A 335 7.08 32.36 7.56
CA LYS A 335 6.76 33.03 8.81
C LYS A 335 5.93 32.13 9.72
N GLU A 336 5.17 31.21 9.15
CA GLU A 336 4.36 30.29 9.96
C GLU A 336 5.17 29.08 10.41
N LYS A 337 5.55 28.23 9.47
CA LYS A 337 6.04 26.86 9.71
C LYS A 337 5.19 26.05 10.69
N ARG A 343 19.23 19.77 12.94
CA ARG A 343 18.14 20.30 13.75
C ARG A 343 17.93 19.43 14.98
N LYS A 344 17.57 18.16 14.75
CA LYS A 344 17.35 17.21 15.84
C LYS A 344 18.54 16.31 16.09
N GLU A 345 18.90 15.44 15.14
CA GLU A 345 19.91 14.41 15.36
C GLU A 345 20.71 14.19 14.08
N VAL A 346 21.98 14.58 14.10
CA VAL A 346 22.89 14.20 13.02
C VAL A 346 24.30 14.00 13.53
N ASP A 347 24.81 12.79 13.38
CA ASP A 347 26.18 12.45 13.77
C ASP A 347 27.09 12.44 12.55
N GLY A 348 27.01 13.50 11.78
CA GLY A 348 27.63 13.51 10.48
C GLY A 348 27.47 14.89 9.90
N MET A 349 27.71 14.98 8.60
CA MET A 349 27.70 16.31 7.99
C MET A 349 26.29 16.83 7.80
N GLY A 350 25.31 15.95 7.61
CA GLY A 350 23.95 16.40 7.45
C GLY A 350 23.63 16.80 6.02
N THR A 351 22.55 17.57 5.89
CA THR A 351 22.03 17.97 4.59
C THR A 351 22.35 19.44 4.36
N SER A 352 23.10 19.73 3.30
CA SER A 352 23.48 21.09 2.97
C SER A 352 22.22 21.83 2.55
N GLU A 353 21.62 22.51 3.51
CA GLU A 353 20.24 22.94 3.38
C GLU A 353 20.13 24.19 2.55
N ILE A 354 20.64 25.31 3.05
CA ILE A 354 20.48 26.59 2.39
C ILE A 354 21.85 27.09 1.98
N LYS A 355 21.90 27.78 0.85
CA LYS A 355 23.06 28.57 0.46
C LYS A 355 23.01 29.92 1.17
N TYR A 356 23.79 30.89 0.73
CA TYR A 356 23.84 32.16 1.42
C TYR A 356 23.00 33.23 0.75
N GLY A 357 23.20 33.45 -0.55
CA GLY A 357 22.38 34.42 -1.26
C GLY A 357 20.95 33.97 -1.46
N ASP A 358 20.72 32.66 -1.52
CA ASP A 358 19.39 32.10 -1.78
C ASP A 358 18.75 31.67 -0.47
N SER A 359 18.51 32.65 0.39
CA SER A 359 18.15 32.39 1.77
C SER A 359 16.98 33.28 2.17
N VAL A 360 15.88 32.66 2.56
CA VAL A 360 14.75 33.36 3.13
C VAL A 360 14.47 32.66 4.46
N CYS A 361 15.09 33.16 5.52
CA CYS A 361 15.10 32.47 6.80
C CYS A 361 14.32 33.29 7.81
N PHE A 362 13.15 32.81 8.17
CA PHE A 362 12.35 33.46 9.19
C PHE A 362 12.90 32.96 10.51
N ILE A 363 13.75 33.76 11.12
CA ILE A 363 14.34 33.37 12.39
C ILE A 363 13.28 33.50 13.47
N GLN A 364 13.11 32.44 14.24
CA GLN A 364 12.22 32.46 15.38
C GLN A 364 13.01 32.17 16.64
N HIS A 365 12.88 33.02 17.64
CA HIS A 365 13.39 32.66 18.95
C HIS A 365 12.55 31.55 19.54
N ILE A 366 13.22 30.55 20.08
CA ILE A 366 12.54 29.40 20.66
C ILE A 366 11.78 29.82 21.91
N GLY A 367 12.42 30.61 22.78
CA GLY A 367 11.81 30.96 24.03
C GLY A 367 10.66 31.93 23.94
N THR A 368 10.49 32.61 22.80
CA THR A 368 9.40 33.54 22.64
C THR A 368 8.51 33.26 21.44
N GLY A 369 9.00 32.59 20.41
CA GLY A 369 8.20 32.51 19.21
C GLY A 369 8.16 33.78 18.40
N LEU A 370 8.94 34.78 18.78
CA LEU A 370 8.97 36.03 18.03
C LEU A 370 9.73 35.83 16.73
N TRP A 371 9.65 36.82 15.87
CA TRP A 371 10.27 36.77 14.56
C TRP A 371 10.89 38.14 14.30
N LEU A 372 12.02 38.15 13.62
CA LEU A 372 12.82 39.36 13.52
C LEU A 372 12.27 40.25 12.42
N THR A 373 11.58 41.29 12.81
CA THR A 373 11.12 42.33 11.91
C THR A 373 11.80 43.63 12.31
N TYR A 374 11.38 44.74 11.75
CA TYR A 374 12.03 45.99 12.07
C TYR A 374 11.03 47.00 12.62
N GLN A 375 11.55 48.13 13.04
CA GLN A 375 10.74 49.27 13.43
C GLN A 375 10.58 50.19 12.24
N SER A 376 10.02 51.36 12.47
CA SER A 376 9.91 52.36 11.41
C SER A 376 9.99 53.76 11.99
N SER A 386 21.01 58.78 8.56
CA SER A 386 21.44 57.39 8.68
C SER A 386 20.26 56.45 8.73
N ILE A 387 20.18 55.54 7.76
CA ILE A 387 19.15 54.50 7.79
C ILE A 387 19.64 53.46 8.78
N GLN A 388 19.31 53.67 10.04
CA GLN A 388 19.79 52.77 11.08
C GLN A 388 18.55 52.20 11.72
N ARG A 389 17.64 51.75 10.87
CA ARG A 389 16.32 51.31 11.29
C ARG A 389 16.42 50.07 12.17
N LYS A 390 15.86 50.18 13.38
CA LYS A 390 16.06 49.16 14.39
C LYS A 390 15.22 47.92 14.10
N ALA A 391 15.87 46.77 14.09
CA ALA A 391 15.15 45.52 13.96
C ALA A 391 14.60 45.06 15.31
N ILE A 392 13.49 44.33 15.26
CA ILE A 392 12.83 43.87 16.49
C ILE A 392 12.36 42.44 16.34
N MET A 393 12.53 41.67 17.40
CA MET A 393 11.85 40.39 17.48
C MET A 393 10.40 40.65 17.81
N HIS A 394 9.50 40.03 17.07
CA HIS A 394 8.08 40.31 17.22
C HIS A 394 7.30 39.13 16.64
N HIS A 395 6.00 39.11 16.95
CA HIS A 395 5.10 38.14 16.35
C HIS A 395 5.07 38.29 14.83
N GLU A 396 4.65 39.45 14.35
CA GLU A 396 4.77 39.73 12.93
C GLU A 396 5.62 40.95 12.64
N GLY A 397 5.22 42.11 13.13
CA GLY A 397 5.76 43.37 12.66
C GLY A 397 5.59 43.51 11.16
N HIS A 398 6.69 43.46 10.42
CA HIS A 398 6.64 43.49 8.97
C HIS A 398 6.78 42.07 8.43
N MET A 399 6.47 41.92 7.14
CA MET A 399 6.49 40.63 6.48
C MET A 399 7.80 40.37 5.76
N ASP A 400 8.89 40.92 6.27
CA ASP A 400 10.18 40.88 5.59
C ASP A 400 11.19 40.14 6.46
N ASP A 401 10.71 39.15 7.21
CA ASP A 401 11.49 38.53 8.27
C ASP A 401 12.25 37.29 7.80
N GLY A 402 12.09 36.89 6.55
CA GLY A 402 12.90 35.83 5.97
C GLY A 402 14.15 36.36 5.32
N LEU A 403 15.14 36.72 6.13
CA LEU A 403 16.18 37.59 5.62
C LEU A 403 17.25 36.83 4.85
N ASN A 404 18.18 37.60 4.31
CA ASN A 404 19.20 37.12 3.39
C ASN A 404 20.57 37.12 4.06
N LEU A 405 21.47 36.33 3.49
CA LEU A 405 22.75 36.02 4.12
C LEU A 405 23.90 36.16 3.14
N SER A 406 25.11 36.20 3.70
CA SER A 406 26.34 36.03 2.95
C SER A 406 27.42 35.64 3.94
N ARG A 407 28.12 34.54 3.66
CA ARG A 407 29.17 34.07 4.52
C ARG A 407 30.38 34.99 4.48
N SER A 408 31.34 34.71 5.34
CA SER A 408 32.55 35.49 5.43
C SER A 408 33.71 34.69 4.83
N GLN A 409 34.90 35.24 4.95
CA GLN A 409 36.12 34.50 4.64
C GLN A 409 37.03 34.48 5.86
N HIS A 410 38.23 33.94 5.66
CA HIS A 410 39.03 33.55 6.79
C HIS A 410 39.81 34.72 7.34
N GLU A 411 40.40 35.50 6.46
CA GLU A 411 41.26 36.61 6.85
C GLU A 411 40.49 37.69 7.57
N GLU A 412 39.25 37.91 7.14
CA GLU A 412 38.48 39.00 7.70
C GLU A 412 37.99 38.63 9.08
N SER A 413 37.56 37.39 9.23
CA SER A 413 37.23 36.84 10.53
C SER A 413 38.45 36.81 11.41
N ARG A 414 39.61 36.52 10.82
CA ARG A 414 40.83 36.41 11.59
C ARG A 414 41.18 37.74 12.19
N THR A 415 41.15 38.78 11.37
CA THR A 415 41.38 40.13 11.84
C THR A 415 40.34 40.54 12.84
N ALA A 416 39.12 40.04 12.71
CA ALA A 416 38.08 40.38 13.67
C ALA A 416 38.37 39.77 15.03
N ARG A 417 38.76 38.50 15.07
CA ARG A 417 39.11 37.88 16.33
C ARG A 417 40.34 38.53 16.93
N VAL A 418 41.27 38.93 16.06
CA VAL A 418 42.44 39.70 16.47
C VAL A 418 42.00 41.00 17.12
N ILE A 419 41.05 41.68 16.53
CA ILE A 419 40.58 42.97 17.06
C ILE A 419 39.94 42.78 18.42
N ARG A 420 39.18 41.71 18.55
CA ARG A 420 38.49 41.41 19.81
C ARG A 420 39.49 41.15 20.92
N SER A 421 40.41 40.21 20.68
CA SER A 421 41.47 39.90 21.62
C SER A 421 42.37 41.11 21.84
N THR A 422 42.51 41.93 20.81
CA THR A 422 43.37 43.09 20.83
C THR A 422 42.88 44.08 21.86
N VAL A 423 41.63 44.48 21.74
CA VAL A 423 41.11 45.48 22.67
C VAL A 423 40.92 44.86 24.05
N PHE A 424 40.73 43.53 24.10
CA PHE A 424 40.68 42.84 25.40
C PHE A 424 41.98 42.99 26.14
N LEU A 425 43.10 42.82 25.45
CA LEU A 425 44.39 43.14 26.02
C LEU A 425 44.49 44.62 26.36
N PHE A 426 44.05 45.45 25.41
CA PHE A 426 44.41 46.86 25.41
C PHE A 426 43.80 47.62 26.56
N ASN A 427 42.49 47.50 26.72
CA ASN A 427 41.82 48.36 27.66
C ASN A 427 42.14 47.96 29.08
N ARG A 428 42.40 46.68 29.30
CA ARG A 428 42.82 46.24 30.61
C ARG A 428 44.25 46.70 30.89
N PHE A 429 45.09 46.73 29.87
CA PHE A 429 46.43 47.25 30.11
C PHE A 429 46.42 48.76 30.32
N ILE A 430 45.43 49.44 29.76
CA ILE A 430 45.31 50.89 29.91
C ILE A 430 45.05 51.23 31.38
N ARG A 431 44.12 50.53 31.99
CA ARG A 431 43.91 50.76 33.41
C ARG A 431 45.02 50.12 34.24
N GLY A 432 45.76 49.19 33.65
CA GLY A 432 47.03 48.80 34.24
C GLY A 432 47.96 49.98 34.42
N LEU A 433 48.05 50.81 33.39
CA LEU A 433 48.81 52.05 33.51
C LEU A 433 48.16 52.99 34.51
N ASP A 434 46.82 53.02 34.54
CA ASP A 434 46.14 53.97 35.41
C ASP A 434 46.32 53.64 36.88
N ALA A 435 46.51 52.37 37.21
CA ALA A 435 46.72 51.99 38.61
C ALA A 435 48.03 52.53 39.13
N LEU A 436 49.14 52.20 38.47
CA LEU A 436 50.45 52.73 38.83
C LEU A 436 50.62 54.21 38.48
N SER A 437 49.64 54.80 37.80
CA SER A 437 49.63 56.25 37.66
C SER A 437 49.37 56.95 38.97
N LYS A 438 48.81 56.25 39.96
CA LYS A 438 48.45 56.89 41.22
C LYS A 438 49.20 56.33 42.42
N LYS A 439 49.43 55.04 42.49
CA LYS A 439 50.06 54.44 43.67
C LYS A 439 50.64 53.09 43.29
N ALA A 440 51.22 52.40 44.27
CA ALA A 440 51.85 51.11 44.07
C ALA A 440 50.89 49.94 44.18
N LYS A 441 49.62 50.20 44.51
CA LYS A 441 48.58 49.18 44.42
C LYS A 441 48.42 48.77 42.96
N ALA A 442 48.39 47.46 42.68
CA ALA A 442 48.23 46.35 43.65
C ALA A 442 49.32 45.24 43.90
N SER A 443 49.93 44.59 42.91
CA SER A 443 50.19 45.11 41.57
C SER A 443 49.84 44.22 40.38
N THR A 444 49.01 44.72 39.46
CA THR A 444 48.02 45.75 39.75
C THR A 444 46.63 45.23 39.40
N VAL A 445 46.46 45.11 38.08
CA VAL A 445 45.35 44.53 37.31
C VAL A 445 46.06 43.89 36.13
N ASP A 446 45.32 43.52 35.08
CA ASP A 446 45.96 43.01 33.88
C ASP A 446 46.91 44.06 33.30
N LEU A 447 48.18 43.86 33.59
CA LEU A 447 49.26 44.69 33.09
C LEU A 447 50.25 43.72 32.48
N PRO A 448 49.96 43.18 31.31
CA PRO A 448 50.94 42.30 30.67
C PRO A 448 52.04 43.13 30.05
N ILE A 449 53.18 42.49 29.85
CA ILE A 449 54.32 43.19 29.29
C ILE A 449 54.75 42.43 28.07
N GLU A 450 55.14 41.19 28.32
CA GLU A 450 55.75 40.34 27.32
C GLU A 450 54.73 39.88 26.29
N SER A 451 53.49 39.65 26.72
CA SER A 451 52.46 39.27 25.77
C SER A 451 52.08 40.44 24.88
N VAL A 452 52.23 41.65 25.41
CA VAL A 452 51.98 42.84 24.61
C VAL A 452 53.00 42.94 23.50
N SER A 453 54.26 42.74 23.83
CA SER A 453 55.31 42.71 22.82
C SER A 453 55.11 41.55 21.87
N LEU A 454 54.61 40.43 22.38
CA LEU A 454 54.40 39.25 21.56
C LEU A 454 53.32 39.50 20.51
N SER A 455 52.14 39.92 20.96
CA SER A 455 51.05 40.26 20.07
C SER A 455 51.40 41.44 19.20
N LEU A 456 52.23 42.34 19.72
CA LEU A 456 52.75 43.47 18.96
C LEU A 456 53.53 43.01 17.75
N GLN A 457 54.52 42.15 17.94
CA GLN A 457 55.26 41.64 16.81
C GLN A 457 54.40 40.76 15.93
N ASP A 458 53.42 40.09 16.55
CA ASP A 458 52.50 39.26 15.80
C ASP A 458 51.72 40.08 14.79
N LEU A 459 51.24 41.25 15.21
CA LEU A 459 50.52 42.05 14.24
C LEU A 459 51.45 42.80 13.32
N ILE A 460 52.67 43.08 13.79
CA ILE A 460 53.63 43.77 12.96
C ILE A 460 54.03 42.89 11.79
N GLY A 461 54.33 41.63 12.05
CA GLY A 461 54.51 40.69 10.97
C GLY A 461 53.22 40.44 10.23
N TYR A 462 52.09 40.52 10.93
CA TYR A 462 50.82 40.42 10.25
C TYR A 462 50.54 41.65 9.42
N PHE A 463 51.21 42.75 9.71
CA PHE A 463 51.11 43.91 8.85
C PHE A 463 52.45 44.22 8.21
N HIS A 464 53.25 43.19 8.01
CA HIS A 464 54.52 43.38 7.36
C HIS A 464 54.31 43.70 5.89
N PRO A 465 55.10 44.62 5.34
CA PRO A 465 54.95 44.97 3.94
C PRO A 465 55.44 43.85 3.04
N PRO A 466 55.02 43.84 1.79
CA PRO A 466 55.54 42.87 0.84
C PRO A 466 57.03 43.03 0.60
N ASP A 467 57.62 41.97 0.11
CA ASP A 467 59.06 41.89 -0.10
C ASP A 467 59.38 42.04 -1.56
N GLU A 468 60.69 41.98 -1.86
CA GLU A 468 61.13 42.04 -3.24
C GLU A 468 61.07 40.69 -3.91
N HIS A 469 61.62 39.68 -3.26
CA HIS A 469 61.90 38.39 -3.87
C HIS A 469 60.60 37.61 -3.98
N LEU A 470 59.80 38.05 -4.94
CA LEU A 470 58.41 37.66 -4.97
C LEU A 470 57.90 37.97 -6.35
N GLU A 471 56.97 37.15 -6.81
CA GLU A 471 56.36 37.42 -8.09
C GLU A 471 55.47 38.62 -7.95
N HIS A 472 55.40 39.40 -9.03
CA HIS A 472 54.72 40.68 -9.00
C HIS A 472 53.26 40.49 -8.66
N GLU A 473 52.66 39.44 -9.19
CA GLU A 473 51.30 39.10 -8.84
C GLU A 473 51.17 38.75 -7.36
N ASP A 474 52.14 38.00 -6.83
CA ASP A 474 52.08 37.66 -5.42
C ASP A 474 52.20 38.88 -4.56
N LYS A 475 53.00 39.84 -5.02
CA LYS A 475 53.08 41.12 -4.37
C LYS A 475 51.73 41.82 -4.41
N GLN A 476 50.99 41.69 -5.51
CA GLN A 476 49.66 42.27 -5.57
C GLN A 476 48.74 41.65 -4.55
N ASN A 477 48.80 40.32 -4.40
CA ASN A 477 47.96 39.64 -3.42
C ASN A 477 48.28 40.10 -2.03
N ARG A 478 49.57 40.15 -1.73
CA ARG A 478 50.04 40.51 -0.42
C ARG A 478 49.64 41.93 -0.06
N LEU A 479 49.90 42.86 -0.98
CA LEU A 479 49.56 44.24 -0.71
C LEU A 479 48.07 44.45 -0.66
N ARG A 480 47.33 43.64 -1.42
CA ARG A 480 45.88 43.78 -1.40
C ARG A 480 45.33 43.39 -0.06
N ALA A 481 45.74 42.23 0.44
CA ALA A 481 45.29 41.80 1.76
C ALA A 481 45.75 42.75 2.83
N LEU A 482 46.94 43.32 2.65
CA LEU A 482 47.47 44.28 3.60
C LEU A 482 46.61 45.53 3.62
N LYS A 483 46.21 46.00 2.44
CA LYS A 483 45.37 47.17 2.35
C LYS A 483 44.01 46.93 2.96
N ASN A 484 43.48 45.73 2.74
CA ASN A 484 42.17 45.41 3.28
C ASN A 484 42.20 45.38 4.78
N ARG A 485 43.25 44.82 5.36
CA ARG A 485 43.30 44.76 6.80
C ARG A 485 43.61 46.11 7.40
N GLN A 486 44.37 46.94 6.69
CA GLN A 486 44.54 48.32 7.10
C GLN A 486 43.23 49.07 7.05
N ASN A 487 42.37 48.74 6.09
CA ASN A 487 41.05 49.33 6.04
C ASN A 487 40.20 48.85 7.20
N LEU A 488 40.33 47.57 7.54
CA LEU A 488 39.54 47.01 8.62
C LEU A 488 39.88 47.66 9.93
N PHE A 489 41.16 47.91 10.16
CA PHE A 489 41.53 48.70 11.31
C PHE A 489 41.02 50.12 11.19
N GLN A 490 41.03 50.66 9.98
CA GLN A 490 40.57 52.04 9.81
C GLN A 490 39.07 52.16 10.05
N GLU A 491 38.31 51.13 9.69
CA GLU A 491 36.90 51.13 10.02
C GLU A 491 36.68 51.02 11.51
N GLU A 492 37.63 50.43 12.22
CA GLU A 492 37.44 50.30 13.65
C GLU A 492 38.27 51.26 14.45
N GLY A 493 39.42 51.70 13.94
CA GLY A 493 40.16 52.74 14.63
C GLY A 493 40.77 52.29 15.93
N MET A 494 41.81 51.50 15.88
CA MET A 494 42.66 51.33 17.04
C MET A 494 43.79 52.34 17.04
N ILE A 495 43.79 53.19 16.02
CA ILE A 495 44.80 54.21 15.83
C ILE A 495 44.84 55.16 17.02
N ASN A 496 43.69 55.71 17.35
CA ASN A 496 43.51 56.51 18.54
C ASN A 496 43.79 55.72 19.80
N LEU A 497 43.49 54.42 19.78
CA LEU A 497 43.67 53.60 20.96
C LEU A 497 45.13 53.51 21.35
N VAL A 498 45.99 53.14 20.41
CA VAL A 498 47.40 53.05 20.72
C VAL A 498 47.98 54.45 20.89
N LEU A 499 47.39 55.44 20.22
CA LEU A 499 47.73 56.84 20.45
C LEU A 499 47.51 57.23 21.90
N GLU A 500 46.41 56.77 22.47
CA GLU A 500 46.12 57.05 23.86
C GLU A 500 47.04 56.29 24.78
N CYS A 501 47.46 55.10 24.38
CA CYS A 501 48.47 54.38 25.16
C CYS A 501 49.77 55.16 25.21
N ILE A 502 50.17 55.73 24.08
CA ILE A 502 51.37 56.57 24.03
C ILE A 502 51.17 57.81 24.88
N ASP A 503 49.98 58.39 24.79
CA ASP A 503 49.61 59.56 25.57
C ASP A 503 49.74 59.28 27.05
N ARG A 504 49.23 58.13 27.47
CA ARG A 504 49.35 57.69 28.84
C ARG A 504 50.78 57.35 29.20
N LEU A 505 51.61 57.03 28.21
CA LEU A 505 52.93 56.53 28.53
C LEU A 505 53.96 57.62 28.67
N HIS A 506 53.83 58.71 27.92
CA HIS A 506 54.91 59.68 27.78
C HIS A 506 55.06 60.53 29.02
N VAL A 507 55.57 59.90 30.08
CA VAL A 507 55.68 60.51 31.39
C VAL A 507 57.11 60.46 31.90
N TYR A 508 57.63 59.27 32.07
CA TYR A 508 58.73 59.02 32.98
C TYR A 508 60.07 59.15 32.29
N SER A 509 61.10 58.66 32.95
CA SER A 509 62.42 58.53 32.37
C SER A 509 63.11 57.26 32.85
N SER A 510 62.34 56.21 33.13
CA SER A 510 62.80 54.96 33.76
C SER A 510 63.54 55.18 35.09
N VAL A 517 58.00 56.02 37.75
CA VAL A 517 57.92 55.24 36.53
C VAL A 517 56.89 54.14 36.69
N ALA A 518 57.30 53.03 37.30
CA ALA A 518 56.42 51.89 37.52
C ALA A 518 57.10 50.99 38.55
N GLY A 519 56.54 49.81 38.76
CA GLY A 519 57.38 48.74 39.25
C GLY A 519 58.28 48.43 38.08
N ARG A 520 59.51 48.93 38.15
CA ARG A 520 60.30 49.11 36.93
C ARG A 520 60.94 47.84 36.44
N GLU A 521 60.83 46.75 37.19
CA GLU A 521 61.39 45.50 36.72
C GLU A 521 60.60 44.98 35.53
N ALA A 522 59.29 44.86 35.69
CA ALA A 522 58.44 44.64 34.54
C ALA A 522 58.37 45.90 33.68
N GLY A 523 58.54 47.07 34.29
CA GLY A 523 58.57 48.31 33.54
C GLY A 523 59.89 48.63 32.89
N GLU A 524 60.74 47.62 32.69
CA GLU A 524 62.04 47.84 32.09
C GLU A 524 61.92 48.24 30.62
N SER A 525 61.14 47.50 29.87
CA SER A 525 61.15 47.59 28.40
C SER A 525 60.26 48.68 27.87
N TRP A 526 60.00 49.67 28.73
CA TRP A 526 59.06 50.75 28.48
C TRP A 526 59.40 51.51 27.21
N LYS A 527 60.68 51.86 27.04
CA LYS A 527 61.11 52.59 25.86
C LYS A 527 60.98 51.76 24.61
N SER A 528 61.38 50.49 24.70
CA SER A 528 61.28 49.60 23.54
C SER A 528 59.84 49.33 23.19
N ILE A 529 59.00 49.19 24.22
CA ILE A 529 57.57 49.07 24.02
C ILE A 529 57.06 50.25 23.22
N LEU A 530 57.46 51.45 23.64
CA LEU A 530 57.03 52.69 22.98
C LEU A 530 57.49 52.75 21.53
N ASN A 531 58.73 52.37 21.30
CA ASN A 531 59.27 52.44 19.95
C ASN A 531 58.55 51.47 19.05
N SER A 532 58.26 50.29 19.57
CA SER A 532 57.50 49.33 18.81
C SER A 532 56.07 49.78 18.59
N LEU A 533 55.55 50.57 19.53
CA LEU A 533 54.22 51.14 19.34
C LEU A 533 54.22 52.10 18.17
N TYR A 534 55.28 52.89 18.05
CA TYR A 534 55.44 53.71 16.86
C TYR A 534 55.53 52.86 15.62
N GLU A 535 56.15 51.70 15.73
CA GLU A 535 56.36 50.89 14.53
C GLU A 535 55.06 50.28 14.05
N LEU A 536 54.29 49.72 14.96
CA LEU A 536 53.01 49.16 14.56
C LEU A 536 52.05 50.25 14.14
N LEU A 537 52.24 51.44 14.68
CA LEU A 537 51.54 52.59 14.13
C LEU A 537 51.90 52.79 12.68
N ALA A 538 53.20 52.75 12.38
CA ALA A 538 53.73 53.13 11.07
C ALA A 538 53.19 52.28 9.94
N ALA A 539 52.85 51.03 10.22
CA ALA A 539 52.29 50.19 9.18
C ALA A 539 50.90 50.64 8.79
N LEU A 540 50.22 51.34 9.68
CA LEU A 540 48.81 51.56 9.51
C LEU A 540 48.52 52.74 8.64
N ILE A 541 49.49 53.21 7.89
CA ILE A 541 49.35 54.40 7.07
C ILE A 541 49.64 54.10 5.62
N ARG A 542 50.74 53.41 5.36
CA ARG A 542 51.39 53.39 4.06
C ARG A 542 50.54 52.74 2.99
N GLY A 543 49.58 51.92 3.38
CA GLY A 543 48.68 51.42 2.38
C GLY A 543 47.71 52.50 1.96
N ASN A 544 46.85 52.90 2.88
CA ASN A 544 45.60 53.55 2.49
C ASN A 544 45.67 55.03 2.74
N ARG A 545 45.33 55.80 1.70
CA ARG A 545 45.07 57.21 1.86
C ARG A 545 43.92 57.46 2.81
N LYS A 546 42.93 56.58 2.81
CA LYS A 546 41.79 56.73 3.68
C LYS A 546 42.17 56.47 5.12
N ASN A 547 43.16 55.62 5.33
CA ASN A 547 43.77 55.53 6.65
C ASN A 547 44.43 56.83 7.02
N CYS A 548 45.33 57.31 6.18
CA CYS A 548 46.22 58.38 6.59
C CYS A 548 45.53 59.73 6.69
N ALA A 549 44.36 59.87 6.08
CA ALA A 549 43.77 61.20 6.00
C ALA A 549 43.21 61.68 7.32
N GLN A 550 43.10 60.83 8.33
CA GLN A 550 42.33 61.16 9.51
C GLN A 550 43.17 61.73 10.62
N PHE A 551 44.26 62.39 10.29
CA PHE A 551 45.31 62.54 11.28
C PHE A 551 45.73 63.98 11.45
N SER A 552 44.76 64.87 11.38
CA SER A 552 45.03 66.27 11.67
C SER A 552 45.28 66.46 13.16
N GLY A 553 44.42 65.87 13.98
CA GLY A 553 44.58 66.03 15.41
C GLY A 553 45.79 65.30 15.95
N SER A 554 46.19 64.22 15.31
CA SER A 554 47.41 63.59 15.74
C SER A 554 48.64 64.27 15.18
N LEU A 555 48.48 65.10 14.14
CA LEU A 555 49.62 65.75 13.51
C LEU A 555 50.37 66.66 14.47
N ASP A 556 49.69 67.71 14.91
CA ASP A 556 50.27 68.62 15.88
C ASP A 556 50.51 67.93 17.21
N TRP A 557 49.73 66.90 17.51
CA TRP A 557 50.00 66.08 18.67
C TRP A 557 51.39 65.46 18.59
N LEU A 558 51.73 64.92 17.43
CA LEU A 558 53.07 64.39 17.23
C LEU A 558 54.10 65.48 17.21
N ILE A 559 53.74 66.67 16.73
CA ILE A 559 54.73 67.73 16.72
C ILE A 559 55.00 68.20 18.15
N SER A 560 54.01 68.08 19.02
CA SER A 560 54.26 68.27 20.44
C SER A 560 55.11 67.13 20.99
N ARG A 561 54.82 65.91 20.56
CA ARG A 561 55.54 64.76 21.06
C ARG A 561 56.95 64.67 20.51
N LEU A 562 57.25 65.47 19.49
CA LEU A 562 58.42 65.31 18.63
C LEU A 562 59.73 65.45 19.39
N GLU A 563 59.72 66.20 20.46
CA GLU A 563 60.92 66.66 21.09
C GLU A 563 61.26 65.84 22.30
N ARG A 564 60.86 64.58 22.30
CA ARG A 564 61.17 63.75 23.46
C ARG A 564 62.61 63.29 23.40
N LEU A 565 63.22 63.31 22.21
CA LEU A 565 64.65 63.07 21.97
C LEU A 565 65.11 61.68 22.39
N GLU A 566 64.17 60.76 22.57
CA GLU A 566 64.53 59.37 22.81
C GLU A 566 63.75 58.43 21.92
N ALA A 567 62.50 58.77 21.61
CA ALA A 567 61.65 57.95 20.76
C ALA A 567 61.26 58.71 19.51
N SER A 568 61.99 59.79 19.25
CA SER A 568 61.61 60.70 18.19
C SER A 568 61.86 60.13 16.81
N SER A 569 62.66 59.06 16.72
CA SER A 569 62.92 58.42 15.44
C SER A 569 61.65 57.85 14.85
N GLY A 570 60.91 57.06 15.63
CA GLY A 570 59.67 56.51 15.14
C GLY A 570 58.64 57.57 14.86
N ILE A 571 58.69 58.67 15.62
CA ILE A 571 57.86 59.84 15.33
C ILE A 571 58.16 60.37 13.95
N LEU A 572 59.46 60.50 13.64
CA LEU A 572 59.90 60.94 12.33
C LEU A 572 59.40 60.00 11.24
N GLU A 573 59.43 58.72 11.52
CA GLU A 573 59.06 57.75 10.51
C GLU A 573 57.57 57.82 10.21
N VAL A 574 56.76 57.91 11.27
CA VAL A 574 55.33 57.87 11.04
C VAL A 574 54.87 59.17 10.40
N LEU A 575 55.53 60.28 10.73
CA LEU A 575 55.16 61.51 10.08
C LEU A 575 55.61 61.51 8.63
N HIS A 576 56.74 60.88 8.36
CA HIS A 576 57.21 60.83 6.99
C HIS A 576 56.26 60.02 6.13
N CYS A 577 55.84 58.87 6.63
CA CYS A 577 55.01 58.03 5.78
C CYS A 577 53.58 58.54 5.74
N VAL A 578 53.18 59.41 6.67
CA VAL A 578 51.87 59.98 6.41
C VAL A 578 52.02 61.16 5.46
N LEU A 579 53.17 61.82 5.48
CA LEU A 579 53.35 62.99 4.63
C LEU A 579 53.50 62.61 3.19
N VAL A 580 53.99 61.41 2.92
CA VAL A 580 54.12 61.02 1.53
C VAL A 580 52.78 60.72 0.88
N GLU A 581 51.74 60.45 1.67
CA GLU A 581 50.48 60.07 1.07
C GLU A 581 49.53 61.24 0.89
N SER A 582 49.43 62.09 1.90
CA SER A 582 48.29 62.99 1.97
C SER A 582 48.66 64.42 1.64
N PRO A 583 48.15 64.98 0.54
CA PRO A 583 48.18 66.44 0.38
C PRO A 583 47.33 67.16 1.40
N GLU A 584 46.26 66.53 1.89
CA GLU A 584 45.49 67.08 3.00
C GLU A 584 46.39 67.36 4.20
N ALA A 585 47.29 66.42 4.51
CA ALA A 585 48.22 66.61 5.60
C ALA A 585 49.12 67.80 5.38
N LEU A 586 49.49 68.03 4.12
CA LEU A 586 50.25 69.23 3.78
C LEU A 586 49.43 70.47 4.02
N ASN A 587 48.16 70.44 3.62
CA ASN A 587 47.32 71.61 3.75
C ASN A 587 46.96 71.90 5.19
N ILE A 588 47.18 70.94 6.09
CA ILE A 588 47.00 71.21 7.50
C ILE A 588 48.03 72.21 7.99
N ILE A 589 49.29 71.88 7.83
CA ILE A 589 50.29 72.27 8.82
C ILE A 589 50.72 73.73 8.60
N LYS A 590 51.32 74.30 9.63
CA LYS A 590 51.77 75.69 9.63
C LYS A 590 53.21 75.82 10.08
N GLU A 591 53.60 77.04 10.40
CA GLU A 591 55.00 77.39 10.46
C GLU A 591 55.69 76.85 11.70
N GLY A 592 55.04 76.98 12.85
CA GLY A 592 55.72 76.70 14.10
C GLY A 592 56.09 75.24 14.23
N HIS A 593 55.28 74.38 13.63
CA HIS A 593 55.63 72.99 13.44
C HIS A 593 56.94 72.87 12.68
N ILE A 594 57.06 73.59 11.57
CA ILE A 594 58.24 73.54 10.72
C ILE A 594 59.45 74.03 11.47
N LYS A 595 59.28 75.09 12.23
CA LYS A 595 60.39 75.66 12.96
C LYS A 595 60.87 74.72 14.04
N SER A 596 59.92 74.06 14.71
CA SER A 596 60.27 73.07 15.72
C SER A 596 60.99 71.90 15.08
N ILE A 597 60.55 71.54 13.88
CA ILE A 597 61.19 70.46 13.14
C ILE A 597 62.62 70.83 12.80
N ILE A 598 62.82 72.07 12.37
CA ILE A 598 64.13 72.55 11.98
C ILE A 598 65.06 72.54 13.17
N SER A 599 64.57 73.01 14.30
CA SER A 599 65.37 73.01 15.50
C SER A 599 65.55 71.62 16.06
N LEU A 600 64.69 70.67 15.70
CA LEU A 600 64.86 69.31 16.17
C LEU A 600 66.13 68.70 15.62
N LEU A 601 66.50 69.11 14.41
CA LEU A 601 67.79 68.73 13.84
C LEU A 601 68.92 69.25 14.69
N ASP A 602 68.77 70.47 15.21
CA ASP A 602 69.74 70.98 16.17
C ASP A 602 69.74 70.17 17.45
N LYS A 603 68.57 69.70 17.86
CA LYS A 603 68.50 68.90 19.07
C LYS A 603 69.15 67.54 18.88
N HIS A 604 69.28 67.09 17.67
CA HIS A 604 69.87 65.79 17.49
C HIS A 604 71.19 65.82 16.77
N GLY A 605 71.30 66.60 15.70
CA GLY A 605 72.53 66.54 14.96
C GLY A 605 72.34 66.50 13.46
N ARG A 606 72.79 65.43 12.83
CA ARG A 606 72.78 65.33 11.37
C ARG A 606 71.92 64.14 11.01
N ASN A 607 70.62 64.33 10.98
CA ASN A 607 69.71 63.30 10.51
C ASN A 607 69.16 63.73 9.17
N HIS A 608 69.66 63.08 8.13
CA HIS A 608 69.15 63.29 6.80
C HIS A 608 67.72 62.84 6.64
N LYS A 609 67.24 61.99 7.54
CA LYS A 609 65.85 61.58 7.53
C LYS A 609 64.92 62.78 7.67
N VAL A 610 65.33 63.74 8.49
CA VAL A 610 64.62 65.00 8.61
C VAL A 610 64.58 65.71 7.29
N LEU A 611 65.69 65.66 6.56
CA LEU A 611 65.76 66.33 5.28
C LEU A 611 64.83 65.68 4.29
N ASP A 612 64.74 64.35 4.36
CA ASP A 612 63.83 63.60 3.50
C ASP A 612 62.40 63.98 3.79
N VAL A 613 62.11 64.19 5.08
CA VAL A 613 60.83 64.70 5.49
C VAL A 613 60.56 66.04 4.84
N LEU A 614 61.57 66.90 4.82
CA LEU A 614 61.39 68.22 4.21
C LEU A 614 61.18 68.13 2.72
N CYS A 615 61.86 67.18 2.08
CA CYS A 615 61.62 66.91 0.67
C CYS A 615 60.18 66.51 0.43
N SER A 616 59.61 65.73 1.34
CA SER A 616 58.19 65.43 1.20
C SER A 616 57.36 66.67 1.48
N LEU A 617 57.86 67.58 2.29
CA LEU A 617 57.05 68.73 2.67
C LEU A 617 56.92 69.73 1.56
N CYS A 618 58.01 70.02 0.85
CA CYS A 618 57.96 71.12 -0.09
C CYS A 618 57.13 70.76 -1.31
N VAL A 619 57.30 69.55 -1.82
CA VAL A 619 56.62 69.11 -3.03
C VAL A 619 55.71 67.96 -2.66
N CYS A 620 54.46 68.05 -3.10
CA CYS A 620 53.51 66.97 -2.90
C CYS A 620 53.68 65.91 -3.97
N HIS A 621 52.67 65.05 -4.09
CA HIS A 621 52.58 64.08 -5.17
C HIS A 621 52.71 64.76 -6.51
N GLY A 622 51.77 65.62 -6.83
CA GLY A 622 51.87 66.31 -8.09
C GLY A 622 52.54 67.65 -7.91
N VAL A 623 52.16 68.36 -6.86
CA VAL A 623 52.38 69.80 -6.85
C VAL A 623 53.33 70.19 -5.74
N ALA A 624 53.53 71.47 -5.59
CA ALA A 624 54.29 72.01 -4.49
C ALA A 624 53.61 73.26 -3.99
N VAL A 625 53.95 73.65 -2.78
CA VAL A 625 53.33 74.80 -2.12
C VAL A 625 54.41 75.83 -1.84
N ARG A 626 54.30 76.96 -2.51
CA ARG A 626 55.41 77.89 -2.59
C ARG A 626 55.59 78.67 -1.31
N SER A 627 54.49 78.90 -0.60
CA SER A 627 54.57 79.54 0.70
C SER A 627 55.38 78.70 1.65
N ASN A 628 55.15 77.39 1.61
CA ASN A 628 55.91 76.47 2.42
C ASN A 628 57.38 76.53 2.09
N GLN A 629 57.68 76.63 0.81
CA GLN A 629 59.06 76.77 0.37
C GLN A 629 59.67 78.05 0.90
N HIS A 630 58.86 79.11 0.93
CA HIS A 630 59.33 80.38 1.45
C HIS A 630 59.66 80.27 2.91
N LEU A 631 58.79 79.57 3.65
CA LEU A 631 59.03 79.32 5.06
C LEU A 631 60.33 78.56 5.26
N ILE A 632 60.56 77.58 4.42
CA ILE A 632 61.73 76.72 4.54
C ILE A 632 63.01 77.52 4.34
N CYS A 633 63.07 78.25 3.23
CA CYS A 633 64.31 78.91 2.89
C CYS A 633 64.57 80.08 3.80
N ASP A 634 63.52 80.72 4.28
CA ASP A 634 63.71 81.80 5.22
C ASP A 634 64.18 81.25 6.55
N ASN A 635 63.73 80.07 6.92
CA ASN A 635 64.15 79.57 8.20
C ASN A 635 65.39 78.72 8.12
N LEU A 636 65.99 78.59 6.96
CA LEU A 636 67.25 77.87 6.91
C LEU A 636 68.40 78.73 6.42
N LEU A 637 68.26 79.32 5.27
CA LEU A 637 69.39 79.81 4.51
C LEU A 637 70.10 81.07 5.00
N PRO A 638 69.49 82.00 5.74
CA PRO A 638 70.32 82.98 6.44
C PRO A 638 71.15 82.36 7.54
N GLY A 639 70.77 81.18 8.03
CA GLY A 639 71.52 80.53 9.08
C GLY A 639 72.89 80.11 8.61
N ARG A 640 72.93 79.11 7.72
CA ARG A 640 74.16 78.47 7.23
C ARG A 640 74.97 77.88 8.37
N ASP A 641 74.28 77.26 9.33
CA ASP A 641 74.93 76.71 10.51
C ASP A 641 74.67 75.24 10.73
N LEU A 642 73.40 74.82 10.72
CA LEU A 642 73.09 73.44 11.03
C LEU A 642 73.45 72.52 9.88
N LEU A 643 73.56 73.08 8.69
CA LEU A 643 73.91 72.39 7.47
C LEU A 643 75.36 72.68 7.13
N LEU A 644 75.81 72.11 6.01
CA LEU A 644 77.18 72.26 5.59
C LEU A 644 77.33 73.48 4.71
N GLN A 645 78.56 73.80 4.34
CA GLN A 645 78.79 74.97 3.53
C GLN A 645 80.14 74.85 2.86
N THR A 646 80.20 75.21 1.59
CA THR A 646 81.35 74.90 0.75
C THR A 646 81.88 76.12 0.02
N ARG A 647 83.08 75.95 -0.53
CA ARG A 647 83.85 77.05 -1.09
C ARG A 647 85.06 76.46 -1.80
N LEU A 648 85.37 77.00 -2.98
CA LEU A 648 86.68 76.73 -3.59
C LEU A 648 87.67 77.76 -3.11
N VAL A 649 88.92 77.35 -2.93
CA VAL A 649 90.00 78.30 -2.69
C VAL A 649 91.17 77.94 -3.58
N ASN A 650 92.12 78.85 -3.69
CA ASN A 650 93.28 78.62 -4.52
C ASN A 650 94.27 77.69 -3.82
N HIS A 651 95.20 77.16 -4.61
CA HIS A 651 96.24 76.29 -4.10
C HIS A 651 97.26 77.13 -3.33
N VAL A 652 97.29 76.98 -2.02
CA VAL A 652 98.22 77.75 -1.21
C VAL A 652 99.63 77.24 -1.43
N SER A 653 100.51 78.12 -1.87
CA SER A 653 101.86 77.76 -2.33
C SER A 653 102.89 78.46 -1.45
N SER A 654 103.58 77.68 -0.63
CA SER A 654 104.48 78.19 0.41
C SER A 654 105.88 77.65 0.20
N MET A 655 106.87 78.54 0.26
CA MET A 655 108.26 78.12 0.08
C MET A 655 109.16 78.82 1.09
N ARG A 656 110.36 78.25 1.27
CA ARG A 656 111.24 78.71 2.34
C ARG A 656 112.69 78.50 1.96
N PRO A 657 113.57 79.46 2.23
CA PRO A 657 114.97 79.39 1.76
C PRO A 657 115.92 78.67 2.71
N ASN A 658 115.53 77.48 3.16
CA ASN A 658 116.41 76.41 3.60
C ASN A 658 117.14 76.63 4.93
N ILE A 659 117.13 77.84 5.45
CA ILE A 659 118.04 78.19 6.53
C ILE A 659 117.33 77.93 7.85
N PHE A 660 117.93 77.11 8.68
CA PHE A 660 117.37 76.79 9.96
C PHE A 660 118.04 77.66 11.02
N LEU A 661 117.28 78.06 12.03
CA LEU A 661 117.78 79.02 13.01
C LEU A 661 117.20 78.69 14.37
N GLY A 662 118.06 78.56 15.38
CA GLY A 662 117.64 78.33 16.74
C GLY A 662 117.89 79.52 17.66
N LYS A 671 122.60 87.10 17.83
CA LYS A 671 122.81 87.81 16.57
C LYS A 671 121.48 87.99 15.85
N LYS A 672 120.86 89.16 16.02
CA LYS A 672 119.52 89.42 15.52
C LYS A 672 119.53 89.47 13.99
N TRP A 673 118.66 88.68 13.37
CA TRP A 673 118.85 88.37 11.97
C TRP A 673 118.25 89.45 11.07
N TYR A 674 118.62 89.37 9.80
CA TYR A 674 118.14 90.32 8.83
C TYR A 674 118.16 89.68 7.46
N TYR A 675 117.11 89.94 6.68
CA TYR A 675 117.12 89.58 5.27
C TYR A 675 116.26 90.57 4.49
N GLU A 676 116.04 90.26 3.21
CA GLU A 676 115.42 91.19 2.27
C GLU A 676 114.68 90.40 1.20
N LEU A 677 113.60 90.99 0.70
CA LEU A 677 112.95 90.52 -0.53
C LEU A 677 112.35 91.70 -1.27
N MET A 678 111.92 91.43 -2.51
CA MET A 678 111.26 92.44 -3.32
C MET A 678 110.33 91.79 -4.32
N VAL A 679 109.14 92.36 -4.45
CA VAL A 679 108.12 91.85 -5.36
C VAL A 679 108.55 92.06 -6.79
N ASP A 680 108.37 91.04 -7.63
CA ASP A 680 108.54 91.21 -9.06
C ASP A 680 107.27 91.05 -9.86
N HIS A 681 106.24 90.41 -9.29
CA HIS A 681 105.02 90.15 -10.03
C HIS A 681 103.88 89.95 -9.05
N THR A 682 102.71 90.51 -9.36
CA THR A 682 101.58 90.40 -8.44
C THR A 682 100.36 89.68 -9.01
N GLU A 683 99.74 90.23 -10.07
CA GLU A 683 98.67 89.60 -10.86
C GLU A 683 97.48 89.25 -9.99
N PRO A 684 96.71 90.24 -9.54
CA PRO A 684 95.82 90.02 -8.38
C PRO A 684 94.61 89.16 -8.68
N PHE A 685 94.24 89.01 -9.93
CA PHE A 685 92.99 88.34 -10.25
C PHE A 685 93.15 87.41 -11.42
N VAL A 686 94.13 86.51 -11.32
CA VAL A 686 94.25 85.44 -12.31
C VAL A 686 93.04 84.51 -12.27
N THR A 687 92.33 84.45 -11.16
CA THR A 687 91.00 83.90 -11.09
C THR A 687 90.05 85.02 -10.70
N ALA A 688 88.77 84.67 -10.58
CA ALA A 688 87.82 85.57 -9.95
C ALA A 688 88.18 85.75 -8.49
N GLU A 689 88.65 84.69 -7.86
CA GLU A 689 89.22 84.77 -6.52
C GLU A 689 90.51 85.57 -6.57
N ALA A 690 90.70 86.47 -5.60
CA ALA A 690 91.92 87.23 -5.52
C ALA A 690 93.09 86.35 -5.11
N THR A 691 94.29 86.82 -5.36
CA THR A 691 95.50 86.06 -5.14
C THR A 691 96.17 86.53 -3.86
N HIS A 692 96.62 85.58 -3.04
CA HIS A 692 97.23 85.99 -1.78
C HIS A 692 98.74 86.04 -1.92
N LEU A 693 99.38 86.54 -0.87
CA LEU A 693 100.82 86.56 -0.78
C LEU A 693 101.21 86.73 0.67
N ARG A 694 102.14 85.91 1.14
CA ARG A 694 102.56 85.95 2.52
C ARG A 694 104.08 85.82 2.65
N VAL A 695 104.66 86.58 3.58
CA VAL A 695 106.08 86.53 3.90
C VAL A 695 106.25 86.70 5.41
N GLY A 696 107.10 85.88 6.02
CA GLY A 696 107.21 85.94 7.47
C GLY A 696 108.25 85.05 8.11
N TRP A 697 107.85 84.37 9.19
CA TRP A 697 108.76 83.53 9.96
C TRP A 697 108.00 82.38 10.62
N ALA A 698 108.66 81.23 10.72
CA ALA A 698 108.19 80.07 11.48
C ALA A 698 109.35 79.13 11.71
N SER A 699 109.08 78.09 12.50
CA SER A 699 110.06 77.10 12.91
C SER A 699 109.59 75.72 12.50
N THR A 700 110.51 74.75 12.54
CA THR A 700 110.16 73.36 12.23
C THR A 700 109.74 72.63 13.50
N GLU A 701 110.67 72.48 14.42
CA GLU A 701 110.38 71.90 15.73
C GLU A 701 109.49 72.88 16.45
N GLY A 702 108.22 72.56 16.51
CA GLY A 702 107.21 73.56 16.78
C GLY A 702 106.59 73.95 15.46
N TYR A 703 105.46 73.31 15.15
CA TYR A 703 104.66 73.53 13.95
C TYR A 703 105.50 73.31 12.68
N SER A 704 105.84 72.04 12.46
CA SER A 704 106.46 71.63 11.20
C SER A 704 105.56 72.00 10.03
N PRO A 705 106.08 72.68 9.03
CA PRO A 705 105.22 73.30 8.00
C PRO A 705 104.69 72.38 6.90
N TYR A 706 103.46 71.87 7.05
CA TYR A 706 102.73 71.30 5.92
C TYR A 706 102.08 72.41 5.11
N PRO A 707 102.31 72.50 3.81
CA PRO A 707 101.52 73.41 2.97
C PRO A 707 100.35 72.74 2.26
N GLY A 708 99.15 73.32 2.36
CA GLY A 708 98.00 72.76 1.68
C GLY A 708 97.40 71.52 2.31
N GLY A 709 98.18 70.75 3.06
CA GLY A 709 97.68 69.78 3.99
C GLY A 709 98.07 70.28 5.35
N GLY A 710 98.17 71.60 5.47
CA GLY A 710 98.51 72.24 6.72
C GLY A 710 97.28 72.61 7.52
N GLU A 711 97.06 73.90 7.74
CA GLU A 711 95.89 74.33 8.51
C GLU A 711 94.68 74.45 7.57
N GLU A 712 93.60 75.05 8.08
CA GLU A 712 92.33 75.15 7.36
C GLU A 712 92.51 76.00 6.10
N TRP A 713 92.13 75.40 4.96
CA TRP A 713 92.17 76.02 3.63
C TRP A 713 93.60 76.45 3.27
N GLY A 714 94.57 75.64 3.69
CA GLY A 714 95.96 76.03 3.56
C GLY A 714 96.25 77.17 4.52
N GLY A 715 96.91 78.19 4.04
CA GLY A 715 97.09 79.43 4.80
C GLY A 715 98.53 79.61 5.26
N ASN A 716 98.79 80.83 5.71
CA ASN A 716 100.11 81.26 6.14
C ASN A 716 99.95 82.40 7.13
N GLY A 717 100.87 82.44 8.09
CA GLY A 717 100.72 83.31 9.24
C GLY A 717 99.56 82.90 10.11
N VAL A 718 99.22 81.62 10.10
CA VAL A 718 97.94 81.16 10.58
C VAL A 718 98.02 80.44 11.91
N GLY A 719 99.21 80.06 12.37
CA GLY A 719 99.36 79.26 13.55
C GLY A 719 100.09 79.97 14.68
N ASP A 720 100.27 79.21 15.77
CA ASP A 720 101.01 79.66 16.94
C ASP A 720 102.50 79.74 16.68
N ASP A 721 102.97 79.20 15.57
CA ASP A 721 104.32 79.43 15.12
C ASP A 721 104.37 80.06 13.74
N LEU A 722 103.26 80.10 13.02
CA LEU A 722 103.21 80.81 11.76
C LEU A 722 102.95 82.28 12.00
N PHE A 723 103.90 83.11 11.62
CA PHE A 723 103.77 84.56 11.68
C PHE A 723 104.19 85.11 10.32
N SER A 724 103.22 85.55 9.55
CA SER A 724 103.52 86.05 8.23
C SER A 724 102.80 87.37 7.99
N TYR A 725 102.91 87.87 6.77
CA TYR A 725 102.77 89.30 6.49
C TYR A 725 102.79 89.50 4.98
N GLY A 726 102.27 90.65 4.54
CA GLY A 726 102.25 90.95 3.12
C GLY A 726 100.84 91.18 2.60
N PHE A 727 100.55 92.39 2.12
CA PHE A 727 99.17 92.84 1.90
C PHE A 727 99.20 94.15 1.13
N ASP A 728 98.02 94.59 0.70
CA ASP A 728 97.82 95.98 0.26
C ASP A 728 97.61 96.79 1.53
N GLY A 729 98.58 97.63 1.88
CA GLY A 729 98.57 97.97 3.27
C GLY A 729 99.07 96.75 3.99
N LEU A 730 100.40 96.58 3.96
CA LEU A 730 101.15 95.32 3.96
C LEU A 730 100.95 94.37 5.13
N HIS A 731 99.96 94.62 5.99
CA HIS A 731 99.81 94.00 7.30
C HIS A 731 99.68 92.48 7.30
N LEU A 732 99.71 91.94 8.49
CA LEU A 732 100.19 90.61 8.78
C LEU A 732 99.09 89.56 8.68
N TRP A 733 99.42 88.35 9.14
CA TRP A 733 98.46 87.34 9.57
C TRP A 733 98.88 86.82 10.92
N SER A 734 97.88 86.44 11.72
CA SER A 734 98.14 86.01 13.09
C SER A 734 96.94 85.18 13.55
N GLY A 735 97.15 83.87 13.68
CA GLY A 735 96.10 82.98 14.13
C GLY A 735 94.99 82.98 13.11
N CYS A 736 95.39 82.78 11.86
CA CYS A 736 94.64 82.96 10.63
C CYS A 736 93.78 84.22 10.62
N ILE A 737 94.33 85.33 11.09
CA ILE A 737 93.61 86.59 11.12
C ILE A 737 94.54 87.67 10.59
N ALA A 738 94.15 88.27 9.47
CA ALA A 738 94.88 89.39 8.89
C ALA A 738 94.49 90.66 9.63
N ARG A 739 95.10 90.85 10.80
CA ARG A 739 94.88 92.10 11.51
C ARG A 739 95.58 93.24 10.79
N THR A 740 95.01 94.42 10.93
CA THR A 740 95.08 95.44 9.89
C THR A 740 95.83 96.69 10.33
N VAL A 741 97.04 96.51 10.86
CA VAL A 741 97.86 97.64 11.28
C VAL A 741 98.17 98.55 10.08
N SER A 742 98.36 99.83 10.36
CA SER A 742 98.47 100.87 9.34
C SER A 742 99.81 100.76 8.61
N SER A 743 99.77 100.59 7.30
CA SER A 743 100.94 100.85 6.51
C SER A 743 101.10 102.36 6.39
N PRO A 744 102.28 102.91 6.60
CA PRO A 744 102.44 104.35 6.39
C PRO A 744 102.72 104.71 4.94
N ASN A 745 102.07 104.01 4.02
CA ASN A 745 102.11 104.33 2.59
C ASN A 745 100.78 104.17 1.90
N GLN A 746 99.86 103.35 2.44
CA GLN A 746 98.68 102.85 1.76
C GLN A 746 99.03 102.23 0.42
N HIS A 747 100.11 101.47 0.41
CA HIS A 747 100.59 100.86 -0.81
C HIS A 747 100.00 99.48 -0.99
N LEU A 748 99.93 99.07 -2.25
CA LEU A 748 99.40 97.77 -2.60
C LEU A 748 100.46 96.70 -2.43
N LEU A 749 100.16 95.53 -2.97
CA LEU A 749 101.18 94.64 -3.49
C LEU A 749 101.33 95.01 -4.95
N ARG A 750 102.40 95.73 -5.27
CA ARG A 750 102.73 96.03 -6.65
C ARG A 750 104.04 95.34 -6.98
N THR A 751 104.32 95.19 -8.27
CA THR A 751 105.33 94.23 -8.72
C THR A 751 106.76 94.71 -8.54
N ASP A 752 106.99 95.59 -7.58
CA ASP A 752 108.26 96.25 -7.38
C ASP A 752 108.58 96.54 -5.92
N ASP A 753 107.73 96.17 -4.98
CA ASP A 753 107.83 96.67 -3.62
C ASP A 753 108.90 95.90 -2.85
N VAL A 754 109.74 96.62 -2.12
CA VAL A 754 110.86 96.01 -1.43
C VAL A 754 110.48 95.74 0.02
N ILE A 755 110.90 94.59 0.51
CA ILE A 755 110.60 94.13 1.86
C ILE A 755 111.89 94.10 2.64
N SER A 756 112.01 94.98 3.62
CA SER A 756 113.16 94.97 4.52
C SER A 756 112.80 94.11 5.72
N CYS A 757 113.55 93.03 5.91
CA CYS A 757 113.11 91.96 6.81
C CYS A 757 114.08 91.84 7.97
N CYS A 758 113.59 92.08 9.17
CA CYS A 758 114.38 91.92 10.38
C CYS A 758 113.74 90.90 11.30
N LEU A 759 114.56 89.99 11.82
CA LEU A 759 114.12 89.13 12.90
C LEU A 759 115.10 89.30 14.05
N ASP A 760 114.58 89.69 15.20
CA ASP A 760 115.43 89.78 16.37
C ASP A 760 115.61 88.39 16.93
N LEU A 761 116.74 87.77 16.61
CA LEU A 761 117.18 86.58 17.32
C LEU A 761 117.45 86.94 18.76
N SER A 762 117.04 86.02 19.66
CA SER A 762 117.18 86.13 21.12
C SER A 762 116.54 87.40 21.68
N ALA A 763 115.49 87.89 21.03
CA ALA A 763 114.59 88.86 21.62
C ALA A 763 113.23 88.69 20.99
N PRO A 764 112.22 88.32 21.77
CA PRO A 764 110.90 87.97 21.22
C PRO A 764 110.19 89.19 20.67
N SER A 765 110.61 89.59 19.47
CA SER A 765 110.28 90.92 18.96
C SER A 765 110.56 90.92 17.48
N ILE A 766 109.50 90.84 16.67
CA ILE A 766 109.65 90.75 15.24
C ILE A 766 108.94 91.92 14.59
N SER A 767 109.61 92.53 13.62
CA SER A 767 108.99 93.49 12.72
C SER A 767 109.80 93.54 11.45
N PHE A 768 109.13 93.79 10.36
CA PHE A 768 109.82 93.97 9.11
C PHE A 768 109.77 95.44 8.75
N ARG A 769 110.19 95.75 7.53
CA ARG A 769 110.02 97.09 6.98
C ARG A 769 109.77 96.95 5.50
N ILE A 770 109.26 98.03 4.91
CA ILE A 770 108.97 98.04 3.48
C ILE A 770 109.76 99.17 2.87
N ASN A 771 110.73 98.83 2.02
CA ASN A 771 111.77 99.73 1.53
C ASN A 771 112.49 100.41 2.69
N GLY A 772 112.59 99.72 3.83
CA GLY A 772 112.98 100.36 5.06
C GLY A 772 111.92 101.19 5.75
N GLN A 773 110.63 101.10 5.33
CA GLN A 773 109.73 101.94 6.12
C GLN A 773 109.14 101.13 7.25
N PRO A 774 109.10 101.70 8.46
CA PRO A 774 108.63 100.95 9.63
C PRO A 774 107.15 100.65 9.54
N VAL A 775 106.81 99.39 9.80
CA VAL A 775 105.44 98.95 9.60
C VAL A 775 104.86 98.52 10.94
N GLN A 776 105.29 99.22 12.00
CA GLN A 776 104.64 99.21 13.31
C GLN A 776 104.65 97.88 14.06
N GLY A 777 105.83 97.50 14.55
CA GLY A 777 106.21 96.26 15.20
C GLY A 777 105.21 95.47 16.01
N MET A 778 105.12 94.19 15.72
CA MET A 778 103.97 93.42 16.15
C MET A 778 104.31 92.17 16.97
N PHE A 779 105.20 91.32 16.48
CA PHE A 779 105.18 89.91 16.85
C PHE A 779 106.07 89.70 18.05
N GLU A 780 105.46 89.44 19.20
CA GLU A 780 106.18 89.30 20.45
C GLU A 780 105.82 88.02 21.15
N ASN A 781 106.82 87.40 21.78
CA ASN A 781 106.66 86.46 22.89
C ASN A 781 105.88 85.21 22.48
N PHE A 782 106.53 84.42 21.65
CA PHE A 782 106.01 83.11 21.29
C PHE A 782 107.01 82.04 21.70
N ASN A 783 106.73 80.81 21.29
CA ASN A 783 107.64 79.70 21.54
C ASN A 783 108.87 79.91 20.67
N ILE A 784 109.88 80.55 21.23
CA ILE A 784 111.13 80.67 20.50
C ILE A 784 111.84 79.34 20.65
N ASP A 785 111.57 78.44 19.71
CA ASP A 785 111.86 77.03 19.89
C ASP A 785 111.97 76.38 18.53
N GLY A 786 113.08 75.72 18.27
CA GLY A 786 113.26 74.99 17.05
C GLY A 786 114.10 75.72 16.02
N LEU A 787 113.82 75.40 14.76
CA LEU A 787 114.67 75.74 13.64
C LEU A 787 113.93 76.74 12.75
N PHE A 788 114.28 78.01 12.85
CA PHE A 788 113.45 79.06 12.29
C PHE A 788 113.90 79.46 10.89
N PHE A 789 112.96 80.00 10.11
CA PHE A 789 113.17 80.23 8.70
C PHE A 789 112.12 81.20 8.18
N PRO A 790 112.45 82.01 7.18
CA PRO A 790 111.42 82.75 6.46
C PRO A 790 110.56 81.82 5.63
N VAL A 791 109.30 82.21 5.44
CA VAL A 791 108.25 81.23 5.14
C VAL A 791 107.43 81.52 3.88
N VAL A 792 108.04 82.19 2.89
CA VAL A 792 107.30 83.03 1.94
C VAL A 792 106.25 82.27 1.12
N SER A 793 105.13 82.94 0.83
CA SER A 793 104.05 82.26 0.14
C SER A 793 103.20 83.24 -0.65
N PHE A 794 102.28 82.65 -1.42
CA PHE A 794 101.54 83.30 -2.49
C PHE A 794 100.62 82.25 -3.09
N SER A 795 99.72 82.70 -3.97
CA SER A 795 99.11 81.82 -4.98
C SER A 795 98.72 82.66 -6.19
N ALA A 796 99.64 82.76 -7.16
CA ALA A 796 99.43 83.44 -8.46
C ALA A 796 100.61 83.11 -9.37
N GLY A 797 100.73 83.89 -10.44
CA GLY A 797 101.93 83.87 -11.26
C GLY A 797 103.00 84.83 -10.79
N ILE A 798 103.34 84.74 -9.51
CA ILE A 798 104.13 85.75 -8.81
C ILE A 798 105.59 85.33 -8.83
N LYS A 799 106.48 86.28 -9.14
CA LYS A 799 107.88 86.09 -8.84
C LYS A 799 108.38 87.20 -7.94
N VAL A 800 109.52 86.95 -7.29
CA VAL A 800 110.16 87.90 -6.38
C VAL A 800 111.67 87.81 -6.52
N ARG A 801 112.33 88.95 -6.40
CA ARG A 801 113.77 88.98 -6.33
C ARG A 801 114.22 88.56 -4.94
N PHE A 802 115.49 88.13 -4.84
CA PHE A 802 116.12 87.80 -3.56
C PHE A 802 117.35 88.67 -3.43
N LEU A 803 117.18 89.81 -2.76
CA LEU A 803 118.25 90.79 -2.60
C LEU A 803 119.09 90.36 -1.40
N LEU A 804 119.81 89.25 -1.59
CA LEU A 804 120.38 88.52 -0.47
C LEU A 804 121.74 87.92 -0.76
N GLY A 805 122.43 88.35 -1.80
CA GLY A 805 123.75 87.80 -2.07
C GLY A 805 123.69 86.53 -2.89
N GLU A 810 124.50 89.65 -4.77
CA GLU A 810 123.14 89.82 -5.26
C GLU A 810 122.27 90.61 -4.32
N PHE A 811 122.88 91.15 -3.27
CA PHE A 811 122.19 92.11 -2.43
C PHE A 811 121.87 93.37 -3.21
N LYS A 812 120.83 94.06 -2.76
CA LYS A 812 120.55 95.40 -3.25
C LYS A 812 120.69 96.42 -2.13
N PHE A 813 119.94 96.25 -1.05
CA PHE A 813 119.92 97.23 0.03
C PHE A 813 119.37 96.55 1.26
N LEU A 814 120.06 96.71 2.38
CA LEU A 814 119.50 96.24 3.61
C LEU A 814 119.95 97.19 4.72
N PRO A 815 119.03 97.60 5.57
CA PRO A 815 119.41 98.13 6.86
C PRO A 815 120.07 97.06 7.70
N PRO A 816 120.91 97.44 8.67
CA PRO A 816 121.59 96.45 9.50
C PRO A 816 120.66 95.67 10.41
N PRO A 817 119.80 96.37 11.24
CA PRO A 817 119.74 96.08 12.69
C PRO A 817 119.89 94.64 13.13
N GLY A 818 120.81 94.43 14.05
CA GLY A 818 121.21 93.10 14.43
C GLY A 818 122.32 92.62 13.52
N TYR A 819 123.40 92.15 14.14
CA TYR A 819 124.65 91.81 13.47
C TYR A 819 124.51 90.37 12.95
N ALA A 820 123.62 90.19 11.98
CA ALA A 820 123.34 88.86 11.44
C ALA A 820 122.64 88.95 10.10
N PRO A 821 123.39 89.01 9.00
CA PRO A 821 122.77 89.03 7.68
C PRO A 821 122.53 87.62 7.15
N CYS A 822 121.56 87.55 6.25
CA CYS A 822 121.17 86.27 5.66
C CYS A 822 122.29 85.66 4.83
N TYR A 823 123.14 86.48 4.25
CA TYR A 823 124.25 85.91 3.52
C TYR A 823 125.37 85.46 4.43
N GLU A 824 125.26 85.72 5.73
CA GLU A 824 126.03 84.99 6.72
C GLU A 824 125.21 83.91 7.42
N ALA A 825 123.91 83.81 7.11
CA ALA A 825 123.19 82.62 7.55
C ALA A 825 123.61 81.41 6.74
N VAL A 826 124.09 81.63 5.52
CA VAL A 826 124.33 80.55 4.57
C VAL A 826 125.70 79.92 4.79
N LEU A 827 126.37 80.31 5.88
CA LEU A 827 127.68 79.83 6.30
C LEU A 827 127.89 78.31 6.27
N PRO A 828 127.12 77.47 7.06
CA PRO A 828 127.61 76.12 7.37
C PRO A 828 127.69 75.17 6.19
N LYS A 829 126.56 74.89 5.57
CA LYS A 829 126.50 73.94 4.45
C LYS A 829 125.60 74.36 3.30
N GLU A 830 124.63 75.24 3.50
CA GLU A 830 123.60 75.41 2.49
C GLU A 830 123.96 76.48 1.48
N LYS A 831 123.13 76.55 0.44
CA LYS A 831 123.14 77.61 -0.55
C LYS A 831 121.75 78.22 -0.56
N LEU A 832 121.52 79.25 -1.36
CA LEU A 832 120.20 79.90 -1.35
C LEU A 832 119.26 79.05 -2.21
N LYS A 833 118.85 77.94 -1.63
CA LYS A 833 118.01 76.97 -2.30
C LYS A 833 116.67 76.96 -1.58
N VAL A 834 115.77 77.79 -2.06
CA VAL A 834 114.41 77.84 -1.52
C VAL A 834 113.70 76.54 -1.87
N GLU A 835 113.11 75.91 -0.87
CA GLU A 835 112.38 74.67 -1.07
C GLU A 835 110.92 74.88 -0.70
N HIS A 836 110.11 73.86 -0.96
CA HIS A 836 108.65 73.98 -0.95
C HIS A 836 108.05 73.59 0.37
N SER A 837 108.74 73.96 1.45
CA SER A 837 108.25 73.87 2.83
C SER A 837 107.93 72.42 3.19
N ARG A 838 108.96 71.59 3.07
CA ARG A 838 109.02 70.22 3.58
C ARG A 838 108.10 69.25 2.84
N GLU A 839 107.31 69.75 1.89
CA GLU A 839 107.11 69.18 0.55
C GLU A 839 106.81 67.67 0.59
N TYR A 840 105.63 67.37 1.13
CA TYR A 840 105.21 65.97 1.21
C TYR A 840 104.99 65.38 -0.17
N LYS A 841 104.60 66.20 -1.13
CA LYS A 841 104.44 65.74 -2.49
C LYS A 841 105.78 65.72 -3.18
N GLN A 842 105.84 64.97 -4.28
CA GLN A 842 106.82 65.21 -5.34
C GLN A 842 106.18 64.73 -6.65
N GLU A 843 105.53 65.64 -7.38
CA GLU A 843 104.68 65.24 -8.50
C GLU A 843 105.54 64.81 -9.68
N ARG A 844 105.37 63.55 -10.09
CA ARG A 844 106.29 62.89 -10.99
C ARG A 844 105.56 62.20 -12.12
N THR A 845 106.34 61.44 -12.89
CA THR A 845 105.77 60.57 -13.91
C THR A 845 104.94 59.47 -13.27
N TYR A 846 105.59 58.58 -12.53
CA TYR A 846 104.81 57.54 -11.87
C TYR A 846 104.24 58.05 -10.57
N THR A 847 105.12 58.35 -9.63
CA THR A 847 104.79 58.22 -8.22
C THR A 847 105.62 59.21 -7.42
N ARG A 848 104.94 60.00 -6.61
CA ARG A 848 105.58 60.70 -5.51
C ARG A 848 106.13 59.67 -4.53
N ASP A 849 107.45 59.62 -4.38
CA ASP A 849 108.05 58.54 -3.62
C ASP A 849 107.80 58.71 -2.12
N LEU A 850 108.15 57.66 -1.39
CA LEU A 850 107.89 57.60 0.03
C LEU A 850 108.83 58.51 0.80
N LEU A 851 108.54 58.66 2.09
CA LEU A 851 109.17 59.68 2.90
C LEU A 851 108.91 59.38 4.36
N GLY A 852 109.96 59.08 5.11
CA GLY A 852 109.87 59.09 6.56
C GLY A 852 109.76 60.53 6.99
N PRO A 853 109.11 60.79 8.14
CA PRO A 853 108.64 62.16 8.43
C PRO A 853 109.72 63.20 8.68
N THR A 854 110.61 62.98 9.66
CA THR A 854 111.48 64.04 10.15
C THR A 854 112.62 63.47 10.99
N VAL A 855 113.85 63.88 10.70
CA VAL A 855 114.98 63.66 11.59
C VAL A 855 115.47 65.03 12.04
N SER A 856 115.54 65.24 13.35
CA SER A 856 116.03 66.51 13.86
C SER A 856 116.85 66.37 15.12
N ALA A 861 121.28 78.42 18.28
CA ALA A 861 121.89 78.56 16.96
C ALA A 861 123.39 78.27 17.04
N PHE A 862 124.14 79.32 17.33
CA PHE A 862 125.59 79.24 17.44
C PHE A 862 126.04 79.00 18.88
N THR A 863 125.27 78.23 19.64
CA THR A 863 125.60 77.95 21.03
C THR A 863 126.61 76.81 21.11
N PRO A 864 127.81 77.05 21.64
CA PRO A 864 128.84 76.00 21.69
C PRO A 864 128.70 75.14 22.93
N ILE A 865 129.32 73.96 22.85
CA ILE A 865 129.27 72.98 23.94
C ILE A 865 130.68 72.61 24.39
N PRO A 866 131.25 73.29 25.37
CA PRO A 866 132.55 72.87 25.91
C PRO A 866 132.42 71.68 26.84
N VAL A 867 133.38 70.75 26.75
CA VAL A 867 133.30 69.56 27.60
C VAL A 867 133.71 69.92 29.02
N ASP A 868 133.42 69.02 29.95
CA ASP A 868 133.72 69.26 31.35
C ASP A 868 134.18 67.96 32.00
N THR A 869 135.39 67.98 32.57
CA THR A 869 135.93 66.82 33.27
C THR A 869 136.74 67.19 34.52
N SER A 870 136.63 68.43 34.99
CA SER A 870 137.42 68.85 36.14
C SER A 870 136.79 68.49 37.47
N GLN A 871 135.67 67.78 37.46
CA GLN A 871 135.01 67.31 38.68
C GLN A 871 135.52 65.92 39.06
N ILE A 872 136.83 65.74 39.00
CA ILE A 872 137.49 64.44 39.11
C ILE A 872 138.82 64.65 39.81
N VAL A 873 139.09 63.84 40.83
CA VAL A 873 140.39 63.86 41.49
C VAL A 873 141.45 63.28 40.55
N LEU A 874 142.56 64.00 40.42
CA LEU A 874 143.69 63.51 39.63
C LEU A 874 144.42 62.41 40.39
N PRO A 875 144.90 61.38 39.71
CA PRO A 875 145.59 60.29 40.41
C PRO A 875 146.97 60.73 40.90
N PRO A 876 147.31 60.40 42.15
CA PRO A 876 148.62 60.79 42.69
C PRO A 876 149.77 59.97 42.15
N HIS A 877 149.46 58.89 41.43
CA HIS A 877 150.50 58.07 40.81
C HIS A 877 151.21 58.82 39.71
N LEU A 878 150.53 59.75 39.06
CA LEU A 878 151.02 60.31 37.82
C LEU A 878 151.02 61.83 37.82
N GLU A 879 151.11 62.46 38.99
CA GLU A 879 151.11 63.93 39.04
C GLU A 879 152.39 64.51 38.45
N ARG A 880 153.53 64.20 39.07
CA ARG A 880 154.82 64.63 38.52
C ARG A 880 155.12 63.92 37.22
N ILE A 881 154.54 62.74 36.99
CA ILE A 881 154.63 62.10 35.69
C ILE A 881 153.98 62.96 34.61
N ARG A 882 152.78 63.48 34.89
CA ARG A 882 152.10 64.35 33.95
C ARG A 882 152.83 65.66 33.82
N GLU A 883 153.48 66.11 34.89
CA GLU A 883 154.32 67.29 34.79
C GLU A 883 155.57 67.01 33.95
N LYS A 884 156.10 65.80 34.00
CA LYS A 884 157.23 65.41 33.15
C LYS A 884 156.82 65.37 31.69
N LEU A 885 155.69 64.75 31.41
CA LEU A 885 155.22 64.69 30.03
C LEU A 885 154.76 66.03 29.52
N ALA A 886 154.26 66.88 30.41
CA ALA A 886 153.98 68.26 30.10
C ALA A 886 155.27 69.01 29.80
N GLU A 887 156.35 68.67 30.48
CA GLU A 887 157.65 69.24 30.15
C GLU A 887 158.16 68.73 28.82
N ASN A 888 157.82 67.49 28.48
CA ASN A 888 158.19 66.94 27.18
C ASN A 888 157.46 67.65 26.06
N ILE A 889 156.15 67.82 26.21
CA ILE A 889 155.34 68.60 25.27
C ILE A 889 155.81 70.05 25.24
N HIS A 890 156.20 70.56 26.41
CA HIS A 890 156.69 71.92 26.55
C HIS A 890 157.97 72.12 25.77
N GLU A 891 158.94 71.21 25.93
CA GLU A 891 160.23 71.36 25.28
C GLU A 891 160.13 71.03 23.79
N LEU A 892 159.22 70.14 23.41
CA LEU A 892 158.95 69.93 21.99
C LEU A 892 158.36 71.19 21.38
N TRP A 893 157.50 71.90 22.12
CA TRP A 893 156.93 73.15 21.65
C TRP A 893 157.98 74.26 21.64
N VAL A 894 158.91 74.24 22.60
CA VAL A 894 160.04 75.16 22.61
C VAL A 894 160.90 74.95 21.37
N MET A 895 161.18 73.68 21.05
CA MET A 895 161.87 73.30 19.83
C MET A 895 161.12 73.75 18.59
N ASN A 896 159.79 73.62 18.60
CA ASN A 896 158.98 74.00 17.45
C ASN A 896 158.96 75.51 17.26
N LYS A 897 158.96 76.27 18.35
CA LYS A 897 159.01 77.73 18.26
C LYS A 897 160.39 78.20 17.82
N ILE A 898 161.43 77.49 18.22
CA ILE A 898 162.78 77.83 17.78
C ILE A 898 162.98 77.43 16.31
N GLU A 899 162.20 76.45 15.83
CA GLU A 899 162.28 75.98 14.44
C GLU A 899 161.93 77.05 13.43
N LEU A 900 160.92 77.88 13.72
CA LEU A 900 160.54 78.96 12.82
C LEU A 900 161.15 80.29 13.23
N GLY A 901 162.10 80.29 14.15
CA GLY A 901 162.81 81.50 14.50
C GLY A 901 162.11 82.32 15.56
N TRP A 902 161.67 81.69 16.64
CA TRP A 902 161.19 82.40 17.82
C TRP A 902 161.97 81.89 19.01
N GLN A 903 162.72 82.79 19.64
CA GLN A 903 163.62 82.48 20.74
C GLN A 903 162.96 82.87 22.05
N TYR A 904 163.54 82.40 23.16
CA TYR A 904 163.07 82.77 24.48
C TYR A 904 163.29 84.26 24.73
N GLY A 905 162.28 84.91 25.29
CA GLY A 905 162.41 86.28 25.73
C GLY A 905 162.02 86.41 27.19
N PRO A 906 162.26 87.57 27.77
CA PRO A 906 161.71 87.83 29.12
C PRO A 906 160.30 88.37 29.01
N VAL A 907 160.01 89.01 27.88
CA VAL A 907 158.73 89.66 27.66
C VAL A 907 157.97 88.91 26.59
N ARG A 908 156.76 89.36 26.28
CA ARG A 908 155.91 88.69 25.31
C ARG A 908 156.03 89.33 23.93
N ASP A 909 157.24 89.28 23.37
CA ASP A 909 157.48 89.76 22.01
C ASP A 909 157.56 88.54 21.09
N ASP A 910 156.39 87.94 20.83
CA ASP A 910 156.28 86.74 20.03
C ASP A 910 156.49 86.99 18.54
N ASN A 911 156.40 88.24 18.11
CA ASN A 911 156.70 88.61 16.73
C ASN A 911 158.16 88.98 16.52
N LYS A 912 158.91 89.18 17.61
CA LYS A 912 160.30 89.57 17.55
C LYS A 912 161.19 88.51 18.17
N ARG A 913 160.75 87.24 18.12
CA ARG A 913 161.50 86.06 18.57
C ARG A 913 161.89 86.16 20.04
N GLN A 914 161.02 86.76 20.84
CA GLN A 914 161.25 86.89 22.27
C GLN A 914 160.02 86.35 22.97
N HIS A 915 159.99 85.07 23.15
CA HIS A 915 158.82 84.47 23.74
C HIS A 915 159.06 84.23 25.23
N PRO A 916 158.13 84.62 26.11
CA PRO A 916 158.40 84.54 27.54
C PRO A 916 158.19 83.16 28.17
N CYS A 917 158.08 82.11 27.37
CA CYS A 917 157.66 80.82 27.87
C CYS A 917 158.49 79.68 27.27
N LEU A 918 159.70 79.99 26.80
CA LEU A 918 160.52 79.03 26.08
C LEU A 918 161.66 78.45 26.90
N VAL A 919 161.83 78.87 28.15
CA VAL A 919 162.56 78.05 29.10
C VAL A 919 161.64 76.94 29.58
N GLU A 920 162.23 76.01 30.35
CA GLU A 920 161.62 74.72 30.68
C GLU A 920 160.31 74.87 31.46
N PHE A 921 159.58 73.77 31.54
CA PHE A 921 158.20 73.80 32.03
C PHE A 921 158.15 74.09 33.53
N SER A 922 158.88 73.31 34.32
CA SER A 922 158.84 73.50 35.76
C SER A 922 159.58 74.76 36.20
N LYS A 923 160.48 75.28 35.36
CA LYS A 923 161.09 76.58 35.63
C LYS A 923 160.08 77.70 35.48
N LEU A 924 159.11 77.52 34.63
CA LEU A 924 158.09 78.54 34.53
C LEU A 924 156.96 78.25 35.51
N PRO A 925 156.65 79.17 36.41
CA PRO A 925 155.53 78.94 37.35
C PRO A 925 154.17 79.09 36.68
N GLU A 926 153.09 79.13 37.46
CA GLU A 926 151.76 79.14 36.85
C GLU A 926 151.35 80.50 36.31
N GLN A 927 152.25 81.15 35.59
CA GLN A 927 151.96 82.26 34.70
C GLN A 927 152.63 82.12 33.35
N GLU A 928 153.72 81.36 33.26
CA GLU A 928 154.39 81.09 32.00
C GLU A 928 154.38 79.61 31.65
N ARG A 929 153.83 78.75 32.53
CA ARG A 929 153.54 77.38 32.12
C ARG A 929 152.28 76.83 32.78
N ASN A 930 151.33 77.69 33.15
CA ASN A 930 150.06 77.21 33.69
C ASN A 930 149.25 76.47 32.64
N TYR A 931 149.38 76.88 31.38
CA TYR A 931 148.74 76.15 30.29
C TYR A 931 149.34 74.77 30.12
N ASN A 932 150.67 74.67 30.13
CA ASN A 932 151.33 73.37 30.06
C ASN A 932 151.07 72.56 31.33
N LEU A 933 150.90 73.24 32.47
CA LEU A 933 150.52 72.57 33.70
C LEU A 933 149.17 71.89 33.54
N GLN A 934 148.14 72.66 33.17
CA GLN A 934 146.80 72.14 33.11
C GLN A 934 146.53 71.29 31.87
N MET A 935 147.45 71.29 30.89
CA MET A 935 147.25 70.46 29.70
C MET A 935 147.28 68.98 30.04
N SER A 936 148.35 68.54 30.71
CA SER A 936 148.41 67.14 31.13
C SER A 936 147.42 66.83 32.24
N LEU A 937 147.04 67.85 33.03
CA LEU A 937 146.01 67.64 34.04
C LEU A 937 144.66 67.37 33.40
N GLU A 938 144.32 68.10 32.34
CA GLU A 938 143.08 67.83 31.63
C GLU A 938 143.18 66.56 30.82
N THR A 939 144.38 66.20 30.38
CA THR A 939 144.58 64.89 29.76
C THR A 939 144.29 63.77 30.75
N LEU A 940 144.78 63.90 31.98
CA LEU A 940 144.51 62.89 33.00
C LEU A 940 143.05 62.90 33.43
N LYS A 941 142.44 64.07 33.51
CA LYS A 941 141.05 64.16 33.92
C LYS A 941 140.13 63.60 32.84
N THR A 942 140.50 63.76 31.57
CA THR A 942 139.74 63.13 30.50
C THR A 942 140.05 61.65 30.40
N LEU A 943 141.25 61.23 30.84
CA LEU A 943 141.54 59.81 30.94
C LEU A 943 140.64 59.15 31.98
N LEU A 944 140.49 59.80 33.13
CA LEU A 944 139.53 59.34 34.12
C LEU A 944 138.10 59.50 33.64
N ALA A 945 137.83 60.46 32.75
CA ALA A 945 136.47 60.65 32.27
C ALA A 945 136.11 59.64 31.20
N LEU A 946 137.01 59.40 30.24
CA LEU A 946 136.73 58.49 29.14
C LEU A 946 137.08 57.05 29.45
N GLY A 947 137.23 56.70 30.72
CA GLY A 947 137.52 55.33 31.11
C GLY A 947 138.91 54.87 30.81
N CYS A 948 139.82 55.78 30.47
CA CYS A 948 141.19 55.41 30.16
C CYS A 948 141.97 55.14 31.43
N HIS A 949 142.85 54.15 31.37
CA HIS A 949 143.65 53.78 32.52
C HIS A 949 144.69 54.86 32.79
N VAL A 950 144.75 55.32 34.03
CA VAL A 950 145.71 56.35 34.45
C VAL A 950 146.42 55.80 35.69
N GLY A 951 147.52 55.09 35.47
CA GLY A 951 148.34 54.58 36.56
C GLY A 951 149.77 54.48 36.09
N ILE A 952 150.66 54.18 37.03
CA ILE A 952 152.07 54.02 36.70
C ILE A 952 152.24 52.73 35.92
N SER A 953 152.56 52.84 34.65
CA SER A 953 152.97 51.70 33.84
C SER A 953 154.39 51.85 33.28
N ASP A 954 154.84 53.07 33.07
CA ASP A 954 156.24 53.38 32.81
C ASP A 954 156.49 54.77 33.38
N GLU A 955 157.54 55.44 32.92
CA GLU A 955 157.87 56.76 33.43
C GLU A 955 157.77 57.78 32.30
N HIS A 956 157.51 59.02 32.70
CA HIS A 956 157.51 60.14 31.77
C HIS A 956 158.77 60.96 31.97
N ALA A 957 159.00 61.88 31.03
CA ALA A 957 160.23 62.64 31.03
C ALA A 957 159.97 64.11 30.77
N TYR A 970 168.40 64.91 18.69
CA TYR A 970 167.67 66.13 19.05
C TYR A 970 168.51 67.35 18.72
N GLN A 971 167.92 68.30 18.01
CA GLN A 971 168.68 69.46 17.56
C GLN A 971 168.92 70.43 18.71
N LEU A 972 170.08 71.06 18.68
CA LEU A 972 170.49 72.03 19.70
C LEU A 972 169.65 73.29 19.53
N THR A 973 168.73 73.51 20.45
CA THR A 973 167.87 74.68 20.44
C THR A 973 168.58 75.83 21.16
N SER A 974 167.84 76.87 21.52
CA SER A 974 168.41 78.09 22.08
C SER A 974 168.36 78.11 23.59
N GLY A 975 168.55 76.97 24.24
CA GLY A 975 168.60 76.95 25.69
C GLY A 975 168.05 75.72 26.37
N TYR A 976 167.29 74.88 25.66
CA TYR A 976 166.80 73.64 26.23
C TYR A 976 166.58 72.61 25.14
N LYS A 977 167.31 71.50 25.20
CA LYS A 977 167.18 70.44 24.20
C LYS A 977 167.39 69.06 24.83
N PRO A 978 166.35 68.48 25.46
CA PRO A 978 166.37 67.04 25.72
C PRO A 978 165.64 66.25 24.66
N ALA A 979 165.88 64.95 24.59
CA ALA A 979 165.03 64.06 23.82
C ALA A 979 163.76 63.83 24.63
N PRO A 980 162.57 64.02 24.05
CA PRO A 980 161.34 63.98 24.86
C PRO A 980 161.03 62.60 25.44
N MET A 981 160.80 61.62 24.59
CA MET A 981 160.48 60.24 24.95
C MET A 981 160.51 59.40 23.69
N ASP A 982 160.08 58.16 23.82
CA ASP A 982 159.81 57.28 22.68
C ASP A 982 158.32 57.44 22.38
N LEU A 983 158.00 58.46 21.58
CA LEU A 983 156.64 58.99 21.51
C LEU A 983 155.71 58.10 20.70
N SER A 984 155.97 57.96 19.41
CA SER A 984 155.00 57.35 18.51
C SER A 984 155.13 55.85 18.41
N PHE A 985 156.06 55.25 19.15
CA PHE A 985 156.17 53.80 19.16
C PHE A 985 154.99 53.16 19.88
N ILE A 986 154.49 53.83 20.91
CA ILE A 986 153.37 53.30 21.68
C ILE A 986 152.06 53.70 21.01
N LYS A 987 151.07 52.81 21.07
CA LYS A 987 149.83 52.89 20.29
C LYS A 987 149.00 54.13 20.61
N LEU A 988 148.97 55.06 19.67
CA LEU A 988 148.16 56.25 19.81
C LEU A 988 146.69 55.87 19.64
N THR A 989 145.99 55.64 20.75
CA THR A 989 144.60 55.23 20.69
C THR A 989 143.73 56.39 20.23
N PRO A 990 142.66 56.09 19.50
CA PRO A 990 141.82 57.17 18.97
C PRO A 990 140.96 57.84 20.02
N SER A 991 140.71 57.16 21.14
CA SER A 991 140.01 57.80 22.25
C SER A 991 140.83 58.91 22.87
N GLN A 992 142.16 58.73 22.92
CA GLN A 992 143.05 59.82 23.30
C GLN A 992 143.01 60.93 22.27
N GLU A 993 142.88 60.56 20.99
CA GLU A 993 142.63 61.55 19.96
C GLU A 993 141.23 62.13 20.08
N ALA A 994 140.27 61.31 20.47
CA ALA A 994 138.95 61.85 20.80
C ALA A 994 138.99 62.69 22.07
N MET A 995 139.87 62.35 23.00
CA MET A 995 140.07 63.21 24.17
C MET A 995 140.67 64.54 23.77
N VAL A 996 141.56 64.53 22.78
CA VAL A 996 142.10 65.76 22.21
C VAL A 996 140.99 66.57 21.58
N ASP A 997 140.07 65.90 20.89
CA ASP A 997 138.90 66.56 20.32
C ASP A 997 138.04 67.20 21.40
N LYS A 998 137.81 66.48 22.50
CA LYS A 998 136.98 66.99 23.59
C LYS A 998 137.62 68.18 24.28
N LEU A 999 138.92 68.11 24.52
CA LEU A 999 139.57 69.20 25.24
C LEU A 999 139.72 70.44 24.37
N ALA A 1000 140.02 70.25 23.08
CA ALA A 1000 140.05 71.38 22.18
C ALA A 1000 138.66 71.93 21.93
N GLU A 1001 137.66 71.06 21.98
CA GLU A 1001 136.27 71.46 21.99
C GLU A 1001 135.95 72.34 23.18
N ASN A 1002 136.42 71.93 24.36
CA ASN A 1002 136.25 72.71 25.58
C ASN A 1002 136.89 74.08 25.45
N ALA A 1003 138.13 74.11 24.98
CA ALA A 1003 138.89 75.34 24.88
C ALA A 1003 138.24 76.29 23.87
N HIS A 1004 138.04 75.81 22.66
CA HIS A 1004 137.49 76.66 21.61
C HIS A 1004 136.02 76.96 21.82
N ASN A 1005 135.31 76.19 22.63
CA ASN A 1005 133.90 76.46 22.84
C ASN A 1005 133.65 77.40 23.99
N VAL A 1006 134.45 77.32 25.06
CA VAL A 1006 134.52 78.40 26.03
C VAL A 1006 134.97 79.68 25.35
N TRP A 1007 135.92 79.56 24.41
CA TRP A 1007 136.37 80.68 23.60
C TRP A 1007 135.22 81.27 22.78
N ALA A 1008 134.44 80.41 22.13
CA ALA A 1008 133.37 80.89 21.27
C ALA A 1008 132.23 81.48 22.07
N ARG A 1009 131.98 80.94 23.27
CA ARG A 1009 131.08 81.58 24.21
C ARG A 1009 131.59 82.96 24.59
N ASP A 1010 132.91 83.13 24.61
CA ASP A 1010 133.45 84.47 24.73
C ASP A 1010 133.64 85.17 23.39
N ARG A 1011 133.56 84.46 22.26
CA ARG A 1011 133.86 85.07 20.96
C ARG A 1011 132.81 84.79 19.89
N ILE A 1012 131.52 84.98 20.20
CA ILE A 1012 130.61 85.35 19.13
C ILE A 1012 130.78 86.83 18.84
N ARG A 1013 131.34 87.56 19.79
CA ARG A 1013 131.77 88.94 19.61
C ARG A 1013 133.15 89.05 19.00
N GLN A 1014 133.72 87.93 18.55
CA GLN A 1014 134.96 87.97 17.79
C GLN A 1014 134.94 86.91 16.71
N ARG A 1027 132.24 91.47 15.42
CA ARG A 1027 133.05 90.28 15.65
C ARG A 1027 134.13 90.12 14.61
N ARG A 1028 133.71 90.34 13.35
CA ARG A 1028 134.49 90.34 12.11
C ARG A 1028 134.94 88.94 11.68
N ASN A 1029 134.78 87.96 12.54
CA ASN A 1029 135.17 86.60 12.23
C ASN A 1029 133.93 85.78 11.92
N PRO A 1030 133.90 85.04 10.82
CA PRO A 1030 132.73 84.19 10.53
C PRO A 1030 132.81 82.82 11.19
N ARG A 1031 133.75 82.65 12.13
CA ARG A 1031 133.85 81.44 12.92
C ARG A 1031 133.09 81.54 14.23
N LEU A 1032 131.94 82.21 14.22
CA LEU A 1032 131.07 82.30 15.40
C LEU A 1032 130.26 81.00 15.49
N VAL A 1033 130.98 79.91 15.74
CA VAL A 1033 130.43 78.57 15.54
C VAL A 1033 130.92 77.65 16.65
N PRO A 1034 130.07 76.70 17.04
CA PRO A 1034 130.52 75.63 17.95
C PRO A 1034 131.61 74.77 17.35
N TYR A 1035 132.30 74.03 18.22
CA TYR A 1035 133.44 73.21 17.80
C TYR A 1035 132.99 72.03 16.96
N ALA A 1036 131.99 71.28 17.44
CA ALA A 1036 131.43 70.20 16.64
C ALA A 1036 130.74 70.72 15.40
N LEU A 1037 130.29 71.96 15.42
CA LEU A 1037 129.76 72.60 14.23
C LEU A 1037 130.86 72.88 13.21
N LEU A 1038 131.95 73.50 13.65
CA LEU A 1038 133.03 73.83 12.72
C LEU A 1038 133.76 72.56 12.29
N ASP A 1039 134.37 72.64 11.12
CA ASP A 1039 135.06 71.51 10.53
C ASP A 1039 136.55 71.56 10.91
N ASP A 1040 137.37 70.77 10.22
CA ASP A 1040 138.73 70.51 10.61
C ASP A 1040 139.71 71.64 10.29
N ARG A 1041 139.23 72.85 9.94
CA ARG A 1041 140.13 73.98 9.78
C ARG A 1041 140.74 74.39 11.12
N THR A 1042 139.89 74.77 12.07
CA THR A 1042 140.37 75.05 13.41
C THR A 1042 140.85 73.80 14.13
N LYS A 1043 140.36 72.63 13.73
CA LYS A 1043 140.77 71.36 14.31
C LYS A 1043 142.06 70.81 13.72
N LYS A 1044 142.83 71.61 13.00
CA LYS A 1044 144.20 71.20 12.70
C LYS A 1044 145.07 71.45 13.93
N SER A 1045 145.24 72.72 14.28
CA SER A 1045 146.06 73.13 15.40
C SER A 1045 145.31 73.15 16.73
N ASN A 1046 144.09 72.64 16.77
CA ASN A 1046 143.45 72.31 18.04
C ASN A 1046 143.47 70.80 18.29
N LYS A 1047 142.83 70.03 17.41
CA LYS A 1047 142.73 68.59 17.58
C LYS A 1047 144.08 67.93 17.37
N ASP A 1048 144.74 68.22 16.25
CA ASP A 1048 146.04 67.61 15.96
C ASP A 1048 147.10 68.08 16.96
N SER A 1049 147.00 69.31 17.46
CA SER A 1049 147.98 69.80 18.42
C SER A 1049 147.81 69.14 19.78
N LEU A 1050 146.57 68.95 20.23
CA LEU A 1050 146.39 68.22 21.48
C LEU A 1050 146.67 66.73 21.31
N ARG A 1051 146.55 66.22 20.07
CA ARG A 1051 147.03 64.88 19.78
C ARG A 1051 148.54 64.80 19.85
N GLU A 1052 149.23 65.86 19.42
CA GLU A 1052 150.68 65.94 19.60
C GLU A 1052 151.05 66.02 21.07
N ALA A 1053 150.21 66.70 21.86
CA ALA A 1053 150.44 66.77 23.31
C ALA A 1053 150.25 65.41 23.97
N VAL A 1054 149.24 64.66 23.53
CA VAL A 1054 148.98 63.33 24.10
C VAL A 1054 149.84 62.24 23.47
N ARG A 1055 150.57 62.54 22.40
CA ARG A 1055 151.44 61.54 21.78
C ARG A 1055 152.59 61.16 22.69
N THR A 1056 153.10 62.10 23.48
CA THR A 1056 154.13 61.75 24.45
C THR A 1056 153.52 61.05 25.66
N LEU A 1057 152.30 61.43 26.06
CA LEU A 1057 151.63 60.77 27.17
C LEU A 1057 151.34 59.31 26.85
N LEU A 1058 151.01 59.03 25.59
CA LEU A 1058 151.04 57.65 25.12
C LEU A 1058 152.46 57.12 25.10
N GLY A 1059 153.41 57.91 24.61
CA GLY A 1059 154.78 57.48 24.42
C GLY A 1059 155.58 57.35 25.69
N TYR A 1060 155.07 57.84 26.82
CA TYR A 1060 155.73 57.67 28.11
C TYR A 1060 155.34 56.36 28.78
N GLY A 1061 154.73 55.44 28.06
CA GLY A 1061 154.33 54.18 28.62
C GLY A 1061 153.04 54.23 29.38
N TYR A 1062 152.07 55.00 28.88
CA TYR A 1062 150.73 55.05 29.45
C TYR A 1062 149.77 54.82 28.30
N ASN A 1063 149.52 53.54 28.00
CA ASN A 1063 148.54 53.15 27.00
C ASN A 1063 147.16 53.39 27.57
N LEU A 1064 146.54 54.49 27.20
CA LEU A 1064 145.27 54.93 27.79
C LEU A 1064 144.15 54.06 27.22
N GLU A 1065 143.75 53.05 27.99
CA GLU A 1065 142.77 52.06 27.56
C GLU A 1065 141.38 52.50 28.02
N ALA A 1066 140.64 53.10 27.10
CA ALA A 1066 139.31 53.64 27.39
C ALA A 1066 138.29 52.54 27.66
N ARG A 1084 106.63 58.53 15.04
CA ARG A 1084 107.05 59.18 13.79
C ARG A 1084 107.45 58.13 12.78
N PHE A 1085 106.52 57.21 12.49
CA PHE A 1085 106.81 56.08 11.63
C PHE A 1085 105.66 55.96 10.65
N ARG A 1086 105.91 56.30 9.40
CA ARG A 1086 104.83 56.56 8.46
C ARG A 1086 104.15 55.29 8.01
N ILE A 1087 102.91 55.46 7.55
CA ILE A 1087 102.13 54.40 6.92
C ILE A 1087 101.47 55.01 5.71
N PHE A 1088 101.69 54.42 4.54
CA PHE A 1088 101.17 54.95 3.29
C PHE A 1088 100.38 53.87 2.59
N ARG A 1089 99.10 54.13 2.38
CA ARG A 1089 98.23 53.16 1.75
C ARG A 1089 97.80 53.66 0.38
N ALA A 1090 96.96 52.89 -0.25
CA ALA A 1090 96.35 53.29 -1.49
C ALA A 1090 94.98 53.91 -1.20
N GLU A 1091 94.18 54.05 -2.24
CA GLU A 1091 92.78 54.38 -2.12
C GLU A 1091 92.00 53.16 -1.67
N LYS A 1092 91.08 53.37 -0.74
CA LYS A 1092 90.27 52.27 -0.22
C LYS A 1092 89.15 51.88 -1.18
N THR A 1093 88.98 52.59 -2.27
CA THR A 1093 87.85 52.34 -3.15
C THR A 1093 88.06 51.10 -4.01
N TYR A 1094 89.29 50.82 -4.41
CA TYR A 1094 89.54 49.73 -5.34
C TYR A 1094 90.03 48.48 -4.62
N ALA A 1095 89.50 48.18 -3.44
CA ALA A 1095 89.90 46.95 -2.78
C ALA A 1095 89.28 45.78 -3.52
N VAL A 1096 89.97 45.32 -4.57
CA VAL A 1096 89.39 44.30 -5.44
C VAL A 1096 89.37 42.96 -4.72
N LYS A 1097 88.65 42.03 -5.31
CA LYS A 1097 88.50 40.71 -4.71
C LYS A 1097 88.74 39.57 -5.68
N ALA A 1098 88.68 39.79 -6.98
CA ALA A 1098 88.77 38.72 -7.94
C ALA A 1098 89.95 38.94 -8.87
N GLY A 1099 90.55 37.84 -9.29
CA GLY A 1099 91.64 37.84 -10.24
C GLY A 1099 92.94 37.35 -9.64
N ARG A 1100 94.02 37.76 -10.27
CA ARG A 1100 95.36 37.57 -9.75
C ARG A 1100 96.05 38.91 -10.02
N TRP A 1101 95.93 39.82 -9.08
CA TRP A 1101 96.31 41.17 -9.39
C TRP A 1101 97.80 41.38 -9.17
N TYR A 1102 98.29 42.51 -9.68
CA TYR A 1102 99.69 42.80 -9.55
C TYR A 1102 99.90 44.29 -9.35
N PHE A 1103 100.88 44.61 -8.53
CA PHE A 1103 101.57 45.88 -8.60
C PHE A 1103 103.02 45.63 -8.22
N GLU A 1104 103.86 46.63 -8.48
CA GLU A 1104 105.27 46.54 -8.15
C GLU A 1104 105.67 47.75 -7.31
N PHE A 1105 106.70 47.54 -6.49
CA PHE A 1105 107.14 48.58 -5.56
C PHE A 1105 108.65 48.59 -5.49
N GLU A 1106 109.24 49.68 -5.97
CA GLU A 1106 110.64 49.98 -5.72
C GLU A 1106 110.78 50.55 -4.32
N ALA A 1107 111.62 49.97 -3.50
CA ALA A 1107 112.07 50.63 -2.29
C ALA A 1107 113.44 51.24 -2.57
N VAL A 1108 113.77 52.32 -1.86
CA VAL A 1108 115.00 53.07 -2.09
C VAL A 1108 115.95 52.99 -0.90
N THR A 1109 115.49 53.36 0.28
CA THR A 1109 116.32 53.43 1.47
C THR A 1109 115.89 52.36 2.45
N ALA A 1110 116.85 51.87 3.24
CA ALA A 1110 116.60 50.78 4.15
C ALA A 1110 115.77 51.24 5.34
N GLY A 1111 115.38 50.28 6.17
CA GLY A 1111 114.67 50.56 7.39
C GLY A 1111 113.29 49.92 7.46
N ASP A 1112 112.33 50.60 8.06
CA ASP A 1112 110.98 50.07 8.15
C ASP A 1112 110.33 50.14 6.79
N MET A 1113 110.28 49.02 6.08
CA MET A 1113 109.45 48.89 4.90
C MET A 1113 108.49 47.76 5.16
N ARG A 1114 107.45 48.05 5.92
CA ARG A 1114 106.38 47.09 6.15
C ARG A 1114 105.40 47.20 4.97
N VAL A 1115 105.79 46.58 3.86
CA VAL A 1115 105.12 46.75 2.58
C VAL A 1115 104.34 45.49 2.27
N GLY A 1116 103.12 45.67 1.80
CA GLY A 1116 102.30 44.55 1.36
C GLY A 1116 100.85 44.88 1.17
N TRP A 1117 99.97 44.08 1.78
CA TRP A 1117 98.57 44.12 1.42
C TRP A 1117 97.71 44.07 2.66
N SER A 1118 96.57 44.74 2.59
CA SER A 1118 95.77 44.90 3.79
C SER A 1118 94.33 45.21 3.46
N ARG A 1119 93.44 44.74 4.32
CA ARG A 1119 92.02 45.03 4.23
C ARG A 1119 91.77 46.52 4.45
N PRO A 1120 90.63 47.04 3.97
CA PRO A 1120 90.31 48.45 4.19
C PRO A 1120 90.00 48.83 5.64
N GLY A 1121 89.98 47.89 6.58
CA GLY A 1121 89.86 48.26 7.96
C GLY A 1121 91.12 48.75 8.62
N CYS A 1122 92.16 49.05 7.83
CA CYS A 1122 93.46 49.42 8.35
C CYS A 1122 93.39 50.76 9.06
N GLN A 1123 94.35 50.98 9.94
CA GLN A 1123 94.33 52.15 10.80
C GLN A 1123 95.56 52.99 10.56
N PRO A 1124 95.40 54.20 10.02
CA PRO A 1124 96.49 55.16 10.07
C PRO A 1124 96.81 55.60 11.47
N ASP A 1125 95.83 55.51 12.39
CA ASP A 1125 96.01 55.91 13.77
C ASP A 1125 96.94 54.95 14.53
N GLN A 1126 97.13 53.73 14.02
CA GLN A 1126 98.04 52.75 14.60
C GLN A 1126 99.09 52.38 13.55
N GLU A 1127 99.90 51.38 13.86
CA GLU A 1127 100.92 50.90 12.93
C GLU A 1127 100.73 49.41 12.65
N LEU A 1128 101.48 48.94 11.67
CA LEU A 1128 101.16 47.78 10.85
C LEU A 1128 101.60 46.48 11.51
N GLY A 1129 101.21 45.37 10.89
CA GLY A 1129 101.93 44.12 11.06
C GLY A 1129 101.37 43.27 12.15
N SER A 1130 101.26 43.85 13.34
CA SER A 1130 100.71 43.17 14.49
C SER A 1130 99.19 43.28 14.45
N ASP A 1131 98.61 42.60 13.46
CA ASP A 1131 97.19 42.70 13.20
C ASP A 1131 96.75 41.58 12.29
N GLU A 1132 95.44 41.41 12.24
CA GLU A 1132 94.78 40.35 11.53
C GLU A 1132 94.59 40.62 10.05
N ARG A 1133 94.72 41.87 9.60
CA ARG A 1133 94.31 42.21 8.25
C ARG A 1133 95.47 42.61 7.36
N ALA A 1134 96.62 42.94 7.92
CA ALA A 1134 97.78 43.21 7.09
C ALA A 1134 98.37 41.89 6.65
N PHE A 1135 98.63 41.79 5.37
CA PHE A 1135 99.36 40.67 4.80
C PHE A 1135 100.50 41.33 4.05
N ALA A 1136 101.54 41.63 4.80
CA ALA A 1136 102.63 42.45 4.33
C ALA A 1136 103.95 41.77 4.66
N PHE A 1137 105.03 42.44 4.28
CA PHE A 1137 106.34 41.84 4.43
C PHE A 1137 107.36 42.94 4.65
N ASP A 1138 108.16 42.79 5.69
CA ASP A 1138 109.30 43.67 5.86
C ASP A 1138 110.37 43.16 4.94
N GLY A 1139 110.46 43.79 3.76
CA GLY A 1139 111.51 43.46 2.81
C GLY A 1139 112.89 43.73 3.37
N PHE A 1140 112.98 44.69 4.27
CA PHE A 1140 114.15 44.79 5.11
C PHE A 1140 113.99 43.84 6.28
N LYS A 1141 115.05 43.11 6.60
CA LYS A 1141 115.16 42.13 7.68
C LYS A 1141 114.20 40.95 7.56
N ALA A 1142 113.64 40.70 6.37
CA ALA A 1142 113.25 39.35 5.93
C ALA A 1142 112.12 38.72 6.74
N GLN A 1143 111.11 39.51 7.10
CA GLN A 1143 110.06 38.93 7.92
C GLN A 1143 108.70 39.51 7.55
N ARG A 1144 107.69 38.65 7.48
CA ARG A 1144 106.42 39.04 6.90
C ARG A 1144 105.39 39.37 7.98
N TRP A 1145 104.39 40.15 7.58
CA TRP A 1145 103.50 40.83 8.49
C TRP A 1145 102.10 40.26 8.39
N HIS A 1146 101.73 39.48 9.39
CA HIS A 1146 100.32 39.21 9.68
C HIS A 1146 100.27 38.75 11.13
N GLN A 1147 99.67 39.57 11.99
CA GLN A 1147 99.78 39.43 13.44
C GLN A 1147 101.25 39.31 13.85
N GLY A 1148 102.03 40.31 13.47
CA GLY A 1148 103.40 40.35 13.89
C GLY A 1148 104.30 39.78 12.82
N ASN A 1149 105.41 39.17 13.24
CA ASN A 1149 106.39 38.73 12.28
C ASN A 1149 106.40 37.22 12.11
N GLU A 1150 106.69 36.83 10.87
CA GLU A 1150 107.04 35.49 10.47
C GLU A 1150 108.05 35.68 9.36
N HIS A 1151 109.18 35.00 9.44
CA HIS A 1151 110.22 35.32 8.48
C HIS A 1151 109.91 34.74 7.11
N TYR A 1152 110.47 35.38 6.10
CA TYR A 1152 110.07 35.11 4.73
C TYR A 1152 111.25 35.51 3.86
N GLY A 1153 112.08 34.54 3.49
CA GLY A 1153 113.17 34.82 2.57
C GLY A 1153 114.24 35.69 3.18
N ARG A 1154 114.74 36.61 2.37
CA ARG A 1154 115.93 37.39 2.66
C ARG A 1154 115.59 38.87 2.78
N SER A 1155 116.60 39.65 3.12
CA SER A 1155 116.45 41.08 3.23
C SER A 1155 116.86 41.74 1.93
N TRP A 1156 116.19 42.84 1.62
CA TRP A 1156 116.35 43.55 0.37
C TRP A 1156 117.64 44.36 0.39
N GLN A 1157 117.97 44.94 -0.75
CA GLN A 1157 119.10 45.84 -0.82
C GLN A 1157 118.75 47.12 -1.55
N ALA A 1158 119.36 48.23 -1.10
CA ALA A 1158 118.97 49.59 -1.45
C ALA A 1158 118.99 49.82 -2.95
N GLY A 1159 117.80 49.87 -3.53
CA GLY A 1159 117.63 49.78 -4.96
C GLY A 1159 117.05 48.46 -5.39
N ASP A 1160 116.18 47.86 -4.60
CA ASP A 1160 115.45 46.67 -5.00
C ASP A 1160 113.98 46.99 -5.21
N VAL A 1161 113.37 46.31 -6.17
CA VAL A 1161 111.96 46.43 -6.48
C VAL A 1161 111.30 45.12 -6.14
N VAL A 1162 110.22 45.18 -5.38
CA VAL A 1162 109.60 43.96 -4.89
C VAL A 1162 108.80 43.30 -5.99
N GLY A 1163 107.72 43.96 -6.41
CA GLY A 1163 106.76 43.29 -7.27
C GLY A 1163 105.83 42.44 -6.43
N CYS A 1164 104.52 42.59 -6.62
CA CYS A 1164 103.54 41.93 -5.78
C CYS A 1164 102.53 41.20 -6.65
N MET A 1165 102.80 39.92 -6.88
CA MET A 1165 101.86 39.05 -7.58
C MET A 1165 100.80 38.59 -6.59
N VAL A 1166 99.62 39.16 -6.71
CA VAL A 1166 98.59 39.03 -5.69
C VAL A 1166 97.45 38.23 -6.27
N ASP A 1167 97.31 36.97 -5.85
CA ASP A 1167 96.13 36.20 -6.21
C ASP A 1167 94.93 36.75 -5.46
N MET A 1168 93.90 37.11 -6.21
CA MET A 1168 92.64 37.50 -5.59
C MET A 1168 91.60 36.42 -5.73
N THR A 1169 91.61 35.71 -6.85
CA THR A 1169 90.93 34.42 -6.94
C THR A 1169 91.45 33.48 -5.86
N GLU A 1170 92.73 33.20 -5.88
CA GLU A 1170 93.25 32.31 -4.87
C GLU A 1170 93.59 33.11 -3.62
N HIS A 1171 93.49 32.44 -2.48
CA HIS A 1171 93.84 33.00 -1.19
C HIS A 1171 95.35 32.95 -0.95
N THR A 1172 96.12 33.41 -1.92
CA THR A 1172 97.56 33.46 -1.82
C THR A 1172 98.04 34.76 -2.42
N MET A 1173 99.35 34.93 -2.44
CA MET A 1173 100.00 36.14 -2.89
C MET A 1173 101.46 35.81 -3.06
N MET A 1174 102.14 36.51 -3.96
CA MET A 1174 103.56 36.27 -4.17
C MET A 1174 104.28 37.60 -4.30
N PHE A 1175 105.38 37.75 -3.57
CA PHE A 1175 106.26 38.90 -3.72
C PHE A 1175 107.59 38.39 -4.24
N THR A 1176 108.31 39.24 -4.97
CA THR A 1176 109.61 38.86 -5.49
C THR A 1176 110.69 39.76 -4.94
N LEU A 1177 111.94 39.35 -5.17
CA LEU A 1177 113.11 40.17 -4.84
C LEU A 1177 113.83 40.43 -6.15
N ASN A 1178 113.40 41.49 -6.84
CA ASN A 1178 113.93 41.89 -8.14
C ASN A 1178 113.87 40.76 -9.15
N GLY A 1179 112.70 40.18 -9.31
CA GLY A 1179 112.52 39.05 -10.18
C GLY A 1179 112.71 37.72 -9.51
N GLU A 1180 113.62 37.64 -8.54
CA GLU A 1180 113.72 36.46 -7.71
C GLU A 1180 112.46 36.37 -6.88
N ILE A 1181 111.65 35.35 -7.17
CA ILE A 1181 110.48 35.05 -6.37
C ILE A 1181 110.90 34.74 -4.95
N LEU A 1182 110.54 35.63 -4.03
CA LEU A 1182 110.85 35.45 -2.62
C LEU A 1182 110.21 34.18 -2.08
N LEU A 1183 110.86 33.59 -1.08
CA LEU A 1183 110.41 32.35 -0.49
C LEU A 1183 110.02 32.57 0.96
N ASP A 1184 109.27 31.62 1.49
CA ASP A 1184 109.12 31.51 2.93
C ASP A 1184 110.38 30.92 3.54
N ASP A 1185 110.35 30.73 4.86
CA ASP A 1185 111.42 30.00 5.52
C ASP A 1185 111.42 28.53 5.16
N SER A 1186 110.28 27.98 4.76
CA SER A 1186 110.19 26.65 4.19
C SER A 1186 110.45 26.65 2.70
N GLY A 1187 110.97 27.75 2.16
CA GLY A 1187 111.15 27.87 0.73
C GLY A 1187 109.88 28.14 -0.04
N SER A 1188 108.75 28.32 0.65
CA SER A 1188 107.48 28.49 -0.04
C SER A 1188 107.42 29.86 -0.70
N GLU A 1189 107.23 29.84 -2.01
CA GLU A 1189 107.36 31.02 -2.85
C GLU A 1189 106.23 32.01 -2.64
N LEU A 1190 105.14 31.58 -2.01
CA LEU A 1190 103.98 32.43 -1.82
C LEU A 1190 104.26 33.46 -0.74
N ALA A 1191 103.91 34.73 -1.02
CA ALA A 1191 104.03 35.76 0.00
C ALA A 1191 103.09 35.49 1.16
N PHE A 1192 101.85 35.16 0.86
CA PHE A 1192 100.91 34.74 1.88
C PHE A 1192 100.05 33.63 1.32
N LYS A 1193 99.14 33.15 2.15
CA LYS A 1193 98.55 31.85 1.91
C LYS A 1193 97.27 31.70 2.70
N ASP A 1194 96.22 31.20 2.03
CA ASP A 1194 95.06 30.58 2.67
C ASP A 1194 94.26 31.59 3.49
N PHE A 1195 94.21 32.83 3.05
CA PHE A 1195 93.43 33.81 3.76
C PHE A 1195 91.99 33.75 3.24
N ASP A 1196 91.21 34.78 3.54
CA ASP A 1196 89.88 34.92 2.97
C ASP A 1196 89.80 36.25 2.25
N VAL A 1197 89.52 36.21 0.97
CA VAL A 1197 89.30 37.45 0.23
C VAL A 1197 87.88 37.88 0.50
N GLY A 1198 87.70 38.69 1.54
CA GLY A 1198 86.39 39.14 1.92
C GLY A 1198 86.15 40.53 1.37
N ASP A 1199 86.42 41.53 2.20
CA ASP A 1199 86.17 42.92 1.91
C ASP A 1199 87.16 43.54 0.93
N GLY A 1200 87.98 42.75 0.24
CA GLY A 1200 88.99 43.29 -0.62
C GLY A 1200 90.22 43.69 0.15
N PHE A 1201 91.24 44.10 -0.59
CA PHE A 1201 92.53 44.34 0.01
C PHE A 1201 93.19 45.52 -0.69
N ILE A 1202 94.14 46.14 0.01
CA ILE A 1202 94.71 47.40 -0.41
C ILE A 1202 96.22 47.25 -0.51
N PRO A 1203 96.84 47.68 -1.61
CA PRO A 1203 98.31 47.73 -1.64
C PRO A 1203 98.81 48.81 -0.69
N VAL A 1204 99.55 48.38 0.33
CA VAL A 1204 99.93 49.26 1.43
C VAL A 1204 101.43 49.18 1.66
N CYS A 1205 101.92 50.14 2.46
CA CYS A 1205 103.30 50.13 2.94
C CYS A 1205 103.39 50.98 4.20
N SER A 1206 104.41 50.70 5.00
CA SER A 1206 104.70 51.50 6.18
C SER A 1206 106.16 51.91 6.20
N LEU A 1207 106.42 53.07 6.80
CA LEU A 1207 107.77 53.60 6.91
C LEU A 1207 108.12 53.82 8.38
N GLY A 1208 109.39 54.11 8.59
CA GLY A 1208 109.86 54.51 9.89
C GLY A 1208 110.19 55.98 9.86
N VAL A 1209 111.47 56.32 9.89
CA VAL A 1209 111.89 57.70 10.07
C VAL A 1209 112.50 58.30 8.80
N ALA A 1210 113.19 57.53 7.99
CA ALA A 1210 113.79 58.05 6.76
C ALA A 1210 113.68 57.03 5.63
N GLN A 1211 112.52 56.42 5.47
CA GLN A 1211 112.35 55.27 4.60
C GLN A 1211 111.68 55.69 3.32
N VAL A 1212 112.35 55.45 2.19
CA VAL A 1212 111.97 55.96 0.89
C VAL A 1212 111.72 54.78 -0.06
N GLY A 1213 110.71 54.91 -0.91
CA GLY A 1213 110.37 53.90 -1.89
C GLY A 1213 109.35 54.42 -2.89
N ARG A 1214 109.10 53.63 -3.93
CA ARG A 1214 108.21 54.03 -5.01
C ARG A 1214 107.36 52.86 -5.48
N MET A 1215 106.06 53.09 -5.57
CA MET A 1215 105.10 52.10 -6.03
C MET A 1215 104.68 52.36 -7.46
N ASN A 1216 103.92 51.40 -8.02
CA ASN A 1216 103.42 51.50 -9.39
C ASN A 1216 102.25 50.56 -9.55
N PHE A 1217 101.12 51.08 -10.03
CA PHE A 1217 99.86 50.33 -10.12
C PHE A 1217 99.22 50.50 -11.50
N GLY A 1218 99.71 49.79 -12.50
CA GLY A 1218 99.11 49.93 -13.82
C GLY A 1218 99.36 51.26 -14.51
N LYS A 1219 99.22 51.27 -15.85
CA LYS A 1219 99.74 52.33 -16.74
C LYS A 1219 101.22 52.59 -16.46
N ASP A 1220 101.94 51.52 -16.18
CA ASP A 1220 103.33 51.55 -15.78
C ASP A 1220 104.12 50.64 -16.70
N VAL A 1221 103.67 50.61 -17.96
CA VAL A 1221 104.08 49.61 -18.96
C VAL A 1221 105.57 49.64 -19.24
N SER A 1222 106.21 50.77 -18.99
CA SER A 1222 107.66 50.81 -18.93
C SER A 1222 108.19 49.97 -17.77
N THR A 1223 107.76 50.27 -16.55
CA THR A 1223 108.41 49.69 -15.39
C THR A 1223 107.77 48.39 -14.93
N LEU A 1224 107.23 47.61 -15.86
CA LEU A 1224 106.82 46.25 -15.57
C LEU A 1224 108.01 45.30 -15.69
N LYS A 1225 109.04 45.60 -14.90
CA LYS A 1225 110.38 45.06 -15.15
C LYS A 1225 110.44 43.57 -14.86
N TYR A 1226 110.23 43.22 -13.61
CA TYR A 1226 110.10 41.83 -13.23
C TYR A 1226 108.69 41.33 -13.44
N PHE A 1227 107.76 42.24 -13.72
CA PHE A 1227 106.41 41.84 -14.12
C PHE A 1227 106.43 41.14 -15.47
N THR A 1228 107.31 41.58 -16.36
CA THR A 1228 107.61 40.79 -17.55
C THR A 1228 108.24 39.47 -17.18
N ILE A 1229 109.05 39.46 -16.13
CA ILE A 1229 109.75 38.24 -15.75
C ILE A 1229 108.84 37.31 -14.96
N CYS A 1230 107.98 37.85 -14.11
CA CYS A 1230 107.06 37.02 -13.36
C CYS A 1230 105.83 37.86 -13.03
N GLY A 1231 104.66 37.28 -13.21
CA GLY A 1231 103.52 38.15 -13.34
C GLY A 1231 102.73 37.91 -14.60
N LEU A 1232 102.95 38.79 -15.58
CA LEU A 1232 102.39 38.73 -16.93
C LEU A 1232 102.36 37.34 -17.53
N GLN A 1233 103.46 36.61 -17.36
CA GLN A 1233 103.53 35.25 -17.84
C GLN A 1233 102.59 34.34 -17.06
N GLU A 1234 102.38 34.64 -15.78
CA GLU A 1234 101.55 33.83 -14.91
C GLU A 1234 100.12 34.34 -14.86
N GLY A 1235 99.80 35.35 -15.67
CA GLY A 1235 98.49 35.94 -15.63
C GLY A 1235 98.31 36.81 -14.40
N TYR A 1236 99.13 37.85 -14.28
CA TYR A 1236 98.94 38.80 -13.20
C TYR A 1236 98.56 40.15 -13.76
N GLU A 1237 97.95 40.95 -12.90
CA GLU A 1237 97.11 42.05 -13.37
C GLU A 1237 97.57 43.37 -12.81
N PRO A 1238 98.13 44.26 -13.62
CA PRO A 1238 98.40 45.62 -13.17
C PRO A 1238 97.10 46.37 -13.00
N PHE A 1239 97.19 47.51 -12.33
CA PHE A 1239 95.95 48.06 -11.82
C PHE A 1239 95.24 48.95 -12.83
N ALA A 1240 95.87 50.06 -13.20
CA ALA A 1240 95.18 51.11 -13.91
C ALA A 1240 95.14 50.89 -15.40
N VAL A 1241 95.61 49.73 -15.86
CA VAL A 1241 95.78 49.48 -17.29
C VAL A 1241 94.45 49.44 -18.03
N ASN A 1242 93.40 49.01 -17.37
CA ASN A 1242 92.11 48.87 -18.00
C ASN A 1242 91.24 50.10 -17.81
N THR A 1243 91.75 51.12 -17.15
CA THR A 1243 91.03 52.37 -16.93
C THR A 1243 91.93 53.56 -17.23
N ASN A 1244 91.46 54.74 -16.86
CA ASN A 1244 92.22 55.97 -17.00
C ASN A 1244 92.34 56.73 -15.68
N ARG A 1245 91.88 56.14 -14.59
CA ARG A 1245 91.88 56.82 -13.31
C ARG A 1245 93.31 56.99 -12.80
N ASP A 1246 93.50 58.03 -12.01
CA ASP A 1246 94.80 58.37 -11.43
C ASP A 1246 94.61 58.36 -9.92
N ILE A 1247 95.09 57.30 -9.28
CA ILE A 1247 94.59 56.90 -7.98
C ILE A 1247 95.12 57.83 -6.90
N THR A 1248 94.25 58.24 -5.99
CA THR A 1248 94.65 58.99 -4.81
C THR A 1248 95.06 58.00 -3.74
N MET A 1249 96.36 57.74 -3.65
CA MET A 1249 96.88 56.97 -2.53
C MET A 1249 96.75 57.77 -1.25
N TRP A 1250 96.53 57.08 -0.16
CA TRP A 1250 96.22 57.73 1.10
C TRP A 1250 97.29 57.45 2.12
N LEU A 1251 97.36 58.29 3.14
CA LEU A 1251 98.46 58.24 4.07
C LEU A 1251 97.98 58.62 5.45
N SER A 1252 98.78 58.24 6.44
CA SER A 1252 98.49 58.64 7.80
C SER A 1252 98.69 60.13 7.98
N LYS A 1253 98.04 60.66 9.00
CA LYS A 1253 97.94 62.09 9.19
C LYS A 1253 99.19 62.60 9.89
N ARG A 1254 99.18 63.87 10.26
CA ARG A 1254 100.15 64.44 11.17
C ARG A 1254 99.48 65.33 12.20
N LEU A 1255 98.16 65.48 12.16
CA LEU A 1255 97.48 66.48 12.97
C LEU A 1255 96.44 65.82 13.86
N PRO A 1256 96.65 65.77 15.17
CA PRO A 1256 95.69 65.10 16.04
C PRO A 1256 94.45 65.94 16.26
N GLN A 1257 93.29 65.30 16.14
CA GLN A 1257 92.03 66.02 16.18
C GLN A 1257 91.17 65.61 17.37
N PHE A 1258 90.50 66.60 17.93
CA PHE A 1258 89.49 66.33 18.94
C PHE A 1258 88.30 65.66 18.29
N LEU A 1259 87.79 64.64 18.95
CA LEU A 1259 86.85 63.74 18.31
C LEU A 1259 86.12 63.00 19.40
N GLN A 1260 84.79 62.94 19.29
CA GLN A 1260 84.00 62.26 20.29
C GLN A 1260 84.28 60.76 20.27
N VAL A 1261 84.13 60.14 21.42
CA VAL A 1261 84.62 58.79 21.63
C VAL A 1261 83.64 57.79 21.05
N PRO A 1262 84.11 56.70 20.45
CA PRO A 1262 83.22 55.57 20.19
C PRO A 1262 83.03 54.71 21.41
N SER A 1263 82.45 53.54 21.25
CA SER A 1263 82.47 52.58 22.34
C SER A 1263 83.87 52.06 22.61
N SER A 1264 84.75 52.09 21.60
CA SER A 1264 86.04 51.44 21.70
C SER A 1264 87.00 52.30 22.50
N HIS A 1265 87.53 51.73 23.58
CA HIS A 1265 88.69 52.27 24.26
C HIS A 1265 89.37 51.13 25.00
N GLU A 1266 90.53 51.43 25.57
CA GLU A 1266 91.10 50.62 26.63
C GLU A 1266 90.09 50.54 27.77
N HIS A 1267 89.90 51.67 28.45
CA HIS A 1267 88.78 51.84 29.36
C HIS A 1267 88.52 53.35 29.45
N ILE A 1268 87.56 53.80 28.66
CA ILE A 1268 86.99 55.14 28.77
C ILE A 1268 85.52 55.02 28.45
N GLU A 1269 84.69 55.58 29.31
CA GLU A 1269 83.26 55.56 29.08
C GLU A 1269 82.69 56.91 29.51
N VAL A 1270 81.66 57.34 28.81
CA VAL A 1270 80.99 58.60 29.09
C VAL A 1270 79.48 58.35 29.12
N THR A 1271 78.78 59.00 30.05
CA THR A 1271 77.33 58.84 30.18
C THR A 1271 76.66 60.21 30.09
N ARG A 1272 75.95 60.46 29.00
CA ARG A 1272 75.10 61.63 28.93
C ARG A 1272 73.97 61.46 29.94
N ILE A 1273 74.11 62.09 31.10
CA ILE A 1273 73.19 61.88 32.20
C ILE A 1273 72.87 63.23 32.81
N ASP A 1274 71.58 63.51 32.99
CA ASP A 1274 71.17 64.68 33.72
C ASP A 1274 71.52 64.55 35.19
N VAL A 1285 73.34 67.34 37.95
CA VAL A 1285 72.56 67.82 36.82
C VAL A 1285 73.47 68.00 35.61
N THR A 1286 73.18 67.22 34.57
CA THR A 1286 73.79 67.28 33.24
C THR A 1286 75.31 67.09 33.31
N GLN A 1287 75.68 65.86 33.68
CA GLN A 1287 77.07 65.45 33.85
C GLN A 1287 77.39 64.25 32.98
N LYS A 1288 78.68 63.95 32.86
CA LYS A 1288 79.14 62.86 32.01
C LYS A 1288 80.32 62.13 32.64
N SER A 1289 80.40 60.82 32.40
CA SER A 1289 81.23 59.93 33.18
C SER A 1289 82.61 59.74 32.55
N PHE A 1290 83.45 58.99 33.26
CA PHE A 1290 84.87 58.79 32.89
C PHE A 1290 85.30 57.40 33.34
N GLY A 1291 86.61 57.18 33.41
CA GLY A 1291 87.14 55.93 33.95
C GLY A 1291 88.65 55.82 33.89
N SER A 1292 89.30 55.38 34.98
CA SER A 1292 90.76 55.46 35.11
C SER A 1292 91.37 54.18 35.66
N GLN A 1293 90.79 53.03 35.34
CA GLN A 1293 91.34 51.74 35.76
C GLN A 1293 92.05 51.07 34.59
N ASN A 1294 93.10 51.73 34.12
CA ASN A 1294 93.74 51.30 32.89
C ASN A 1294 95.21 50.96 33.12
N SER A 1295 95.90 50.66 32.01
CA SER A 1295 97.34 50.43 32.05
C SER A 1295 98.11 51.74 31.90
N SER A 1296 97.88 52.45 30.80
CA SER A 1296 98.46 53.77 30.59
C SER A 1296 97.46 54.83 31.03
N THR A 1297 97.72 55.43 32.19
CA THR A 1297 96.77 56.33 32.87
C THR A 1297 97.36 57.72 33.02
N ASP A 1298 97.94 58.23 31.93
CA ASP A 1298 98.92 59.31 32.03
C ASP A 1298 98.45 60.62 31.41
N ILE A 1299 98.06 60.64 30.15
CA ILE A 1299 97.73 61.87 29.45
C ILE A 1299 96.43 61.63 28.70
N MET A 1300 95.43 62.47 28.94
CA MET A 1300 94.17 62.38 28.22
C MET A 1300 93.66 63.78 27.93
N PHE A 1301 93.32 64.04 26.69
CA PHE A 1301 92.95 65.36 26.23
C PHE A 1301 91.48 65.37 25.84
N TYR A 1302 90.74 66.38 26.27
CA TYR A 1302 89.31 66.41 25.99
C TYR A 1302 88.85 67.79 25.57
N ARG A 1303 88.11 67.82 24.46
CA ARG A 1303 87.35 68.98 24.03
C ARG A 1303 85.87 68.63 24.06
N LEU A 1304 85.06 69.48 23.48
CA LEU A 1304 83.64 69.21 23.41
C LEU A 1304 83.14 69.43 21.98
N SER A 1305 81.82 69.43 21.84
CA SER A 1305 81.19 69.44 20.53
C SER A 1305 81.07 70.83 19.94
N MET A 1306 80.40 71.72 20.66
CA MET A 1306 80.09 73.02 20.12
C MET A 1306 80.93 74.05 20.86
N PRO A 1307 81.68 74.88 20.18
CA PRO A 1307 82.44 75.92 20.86
C PRO A 1307 81.53 77.11 21.11
N ILE A 1308 82.11 78.14 21.68
CA ILE A 1308 81.44 79.40 21.81
C ILE A 1308 82.20 80.41 20.96
N GLU A 1309 81.59 81.57 20.74
CA GLU A 1309 82.15 82.54 19.82
C GLU A 1309 81.79 83.94 20.27
N CYS A 1310 82.78 84.83 20.33
CA CYS A 1310 82.58 86.23 20.67
C CYS A 1310 81.71 86.96 19.66
N THR A 1425 76.26 85.25 34.33
CA THR A 1425 75.15 84.80 35.15
C THR A 1425 74.94 83.31 34.91
N TYR A 1426 75.38 82.84 33.74
CA TYR A 1426 75.04 81.53 33.22
C TYR A 1426 76.31 80.71 33.06
N TYR A 1427 76.53 79.77 33.98
CA TYR A 1427 77.84 79.16 34.16
C TYR A 1427 77.84 77.67 33.95
N TYR A 1428 79.05 77.14 33.86
CA TYR A 1428 79.37 75.75 33.61
C TYR A 1428 80.43 75.27 34.59
N SER A 1429 80.24 74.09 35.18
CA SER A 1429 81.15 73.65 36.21
C SER A 1429 81.69 72.24 35.95
N VAL A 1430 82.75 71.89 36.68
CA VAL A 1430 83.45 70.62 36.53
C VAL A 1430 83.73 70.07 37.93
N ARG A 1431 84.20 68.82 38.00
CA ARG A 1431 84.52 68.16 39.26
C ARG A 1431 85.87 67.49 39.20
N ILE A 1432 86.66 67.61 40.26
CA ILE A 1432 87.97 66.95 40.37
C ILE A 1432 88.00 66.14 41.65
N PHE A 1433 88.39 64.87 41.55
CA PHE A 1433 88.74 64.09 42.73
C PHE A 1433 90.21 64.27 43.17
N PRO A 1434 91.22 64.16 42.28
CA PRO A 1434 92.54 64.45 42.86
C PRO A 1434 92.87 65.93 42.83
N ASN A 1440 98.19 68.29 38.32
CA ASN A 1440 97.79 66.97 37.88
C ASN A 1440 96.72 67.07 36.82
N VAL A 1441 95.96 68.16 36.89
CA VAL A 1441 94.83 68.40 36.00
C VAL A 1441 95.07 69.72 35.28
N TRP A 1442 94.76 69.75 33.99
CA TRP A 1442 94.86 70.97 33.21
C TRP A 1442 93.55 71.16 32.48
N VAL A 1443 92.73 72.08 32.95
CA VAL A 1443 91.39 72.26 32.43
C VAL A 1443 91.19 73.71 32.08
N GLY A 1444 90.61 73.96 30.92
CA GLY A 1444 90.47 75.33 30.50
C GLY A 1444 89.65 75.52 29.26
N TRP A 1445 90.13 76.35 28.35
CA TRP A 1445 89.30 76.84 27.27
C TRP A 1445 90.18 77.07 26.05
N ILE A 1446 90.00 76.26 25.02
CA ILE A 1446 90.90 76.28 23.86
C ILE A 1446 90.09 76.53 22.61
N THR A 1447 90.63 77.38 21.73
CA THR A 1447 90.11 77.56 20.40
C THR A 1447 90.31 76.31 19.56
N SER A 1448 89.68 76.30 18.39
CA SER A 1448 89.66 75.11 17.55
C SER A 1448 91.04 74.75 17.03
N ASP A 1449 91.76 75.71 16.47
CA ASP A 1449 93.04 75.42 15.83
C ASP A 1449 94.11 75.18 16.90
N PHE A 1450 94.26 73.91 17.27
CA PHE A 1450 95.36 73.46 18.09
C PHE A 1450 95.56 71.98 17.80
N HIS A 1451 96.81 71.57 17.63
CA HIS A 1451 97.09 70.16 17.42
C HIS A 1451 98.33 69.66 18.13
N GLN A 1452 99.01 70.49 18.91
CA GLN A 1452 100.27 70.11 19.53
C GLN A 1452 99.99 69.15 20.69
N TYR A 1453 99.82 67.88 20.34
CA TYR A 1453 99.54 66.84 21.32
C TYR A 1453 100.84 66.50 22.04
N ASP A 1454 101.13 67.29 23.07
CA ASP A 1454 102.36 67.11 23.83
C ASP A 1454 102.04 67.07 25.32
N THR A 1455 103.07 67.05 26.16
CA THR A 1455 102.92 66.96 27.61
C THR A 1455 103.67 68.13 28.22
N ALA A 1456 103.02 69.28 28.32
CA ALA A 1456 103.66 70.48 28.86
C ALA A 1456 102.58 71.46 29.31
N PHE A 1457 103.00 72.69 29.57
CA PHE A 1457 102.06 73.78 29.81
C PHE A 1457 102.63 75.02 29.14
N ASP A 1458 102.30 75.20 27.87
CA ASP A 1458 102.91 76.23 27.04
C ASP A 1458 101.85 76.71 26.05
N LEU A 1459 102.29 77.35 24.97
CA LEU A 1459 101.36 77.81 23.93
C LEU A 1459 100.74 76.66 23.17
N VAL A 1465 101.66 83.89 22.48
CA VAL A 1465 100.79 84.54 21.51
C VAL A 1465 100.33 85.87 22.11
N THR A 1466 101.21 86.87 22.01
CA THR A 1466 100.92 88.23 22.49
C THR A 1466 101.53 89.19 21.47
N VAL A 1467 100.76 89.52 20.48
CA VAL A 1467 101.21 90.32 19.37
C VAL A 1467 100.82 91.76 19.63
N THR A 1468 101.71 92.68 19.31
CA THR A 1468 101.46 94.10 19.45
C THR A 1468 101.16 94.71 18.09
N LEU A 1469 101.16 96.02 18.03
CA LEU A 1469 101.21 96.77 16.78
C LEU A 1469 102.09 97.96 17.05
N GLY A 1470 102.00 98.93 16.17
CA GLY A 1470 102.32 100.30 16.52
C GLY A 1470 101.28 101.18 15.84
N ASP A 1471 101.10 102.37 16.40
CA ASP A 1471 100.29 103.41 15.77
C ASP A 1471 101.18 104.43 15.08
N GLU A 1472 102.30 103.93 14.54
CA GLU A 1472 103.55 104.61 14.16
C GLU A 1472 104.31 105.11 15.39
N LYS A 1473 103.73 104.96 16.57
CA LYS A 1473 104.35 105.17 17.87
C LYS A 1473 104.05 104.02 18.83
N GLY A 1474 103.00 103.26 18.61
CA GLY A 1474 102.59 102.24 19.55
C GLY A 1474 101.44 102.73 20.40
N LYS A 1475 101.46 102.35 21.68
CA LYS A 1475 100.70 102.94 22.77
C LYS A 1475 99.20 102.66 22.75
N VAL A 1476 98.67 102.03 21.70
CA VAL A 1476 97.39 101.33 21.89
C VAL A 1476 97.62 99.87 21.54
N HIS A 1477 97.66 99.55 20.24
CA HIS A 1477 98.71 98.79 19.55
C HIS A 1477 99.48 97.70 20.29
N GLU A 1478 99.01 97.20 21.43
CA GLU A 1478 99.91 96.31 22.15
C GLU A 1478 99.23 95.03 22.59
N SER A 1479 98.10 95.19 23.27
CA SER A 1479 97.38 94.05 23.80
C SER A 1479 96.46 93.57 22.70
N ILE A 1480 96.94 92.60 21.93
CA ILE A 1480 96.07 92.08 20.88
C ILE A 1480 95.92 90.58 21.09
N LYS A 1481 97.00 89.84 21.01
CA LYS A 1481 96.88 88.39 21.04
C LYS A 1481 96.87 87.89 22.47
N ARG A 1482 95.93 87.01 22.75
CA ARG A 1482 95.78 86.41 24.07
C ARG A 1482 96.10 84.92 24.06
N SER A 1483 95.33 84.13 23.32
CA SER A 1483 95.31 82.70 23.49
C SER A 1483 96.12 82.02 22.39
N ASN A 1484 96.46 80.78 22.65
CA ASN A 1484 97.25 79.99 21.74
C ASN A 1484 96.37 79.10 20.89
N TYR A 1486 95.03 76.78 24.36
CA TYR A 1486 94.92 78.20 24.07
C TYR A 1486 94.75 79.00 25.35
N MET A 1487 93.84 78.55 26.21
CA MET A 1487 93.70 79.18 27.52
C MET A 1487 93.24 78.12 28.52
N VAL A 1488 94.20 77.51 29.20
CA VAL A 1488 93.95 76.40 30.10
C VAL A 1488 94.36 76.80 31.51
N CYS A 1489 93.57 76.41 32.49
CA CYS A 1489 93.93 76.56 33.89
C CYS A 1489 94.41 75.21 34.43
N ALA A 1490 94.92 75.23 35.65
CA ALA A 1490 95.40 74.00 36.27
C ALA A 1490 95.23 74.03 37.79
N ASN A 1503 87.26 69.76 46.08
CA ASN A 1503 87.11 69.33 44.69
C ASN A 1503 87.28 70.51 43.75
N GLY A 1504 87.95 70.29 42.63
CA GLY A 1504 88.16 71.33 41.66
C GLY A 1504 86.88 71.63 40.91
N LEU A 1505 86.36 72.84 41.05
CA LEU A 1505 85.09 73.22 40.42
C LEU A 1505 85.32 74.48 39.61
N GLU A 1506 85.40 74.35 38.29
CA GLU A 1506 85.55 75.53 37.44
C GLU A 1506 84.20 76.22 37.25
N ILE A 1507 84.24 77.40 36.62
CA ILE A 1507 83.03 78.15 36.32
C ILE A 1507 83.10 78.61 34.88
N GLY A 1508 82.20 78.08 34.05
CA GLY A 1508 82.12 78.46 32.66
C GLY A 1508 81.03 79.49 32.40
N CYS A 1509 81.19 80.70 32.92
CA CYS A 1509 80.13 81.67 32.86
C CYS A 1509 80.27 82.62 31.69
N VAL A 1510 79.19 82.75 30.92
CA VAL A 1510 79.08 83.75 29.87
C VAL A 1510 77.79 84.52 30.07
N VAL A 1511 77.87 85.84 29.98
CA VAL A 1511 76.75 86.78 29.94
C VAL A 1511 75.71 86.63 31.04
N GLY A 1516 80.64 89.47 25.70
CA GLY A 1516 80.45 88.16 26.31
C GLY A 1516 81.14 88.11 27.64
N LEU A 1517 81.19 86.94 28.27
CA LEU A 1517 81.88 86.77 29.54
C LEU A 1517 82.63 85.45 29.57
N LEU A 1518 83.68 85.41 30.38
CA LEU A 1518 84.48 84.22 30.61
C LEU A 1518 85.04 84.31 32.02
N THR A 1519 85.00 83.21 32.75
CA THR A 1519 85.31 83.19 34.17
C THR A 1519 86.41 82.21 34.50
N PHE A 1520 87.29 82.62 35.41
CA PHE A 1520 88.35 81.80 35.97
C PHE A 1520 88.08 81.68 37.46
N THR A 1521 87.33 80.66 37.85
CA THR A 1521 87.05 80.45 39.25
C THR A 1521 87.24 78.98 39.56
N ALA A 1522 87.76 78.69 40.77
CA ALA A 1522 88.09 77.33 41.14
C ALA A 1522 87.53 77.09 42.53
N ASN A 1523 86.38 76.41 42.58
CA ASN A 1523 85.67 76.09 43.83
C ASN A 1523 85.35 77.34 44.62
N GLY A 1524 84.85 78.36 43.91
CA GLY A 1524 84.59 79.65 44.50
C GLY A 1524 85.78 80.57 44.55
N LYS A 1525 86.98 80.08 44.27
CA LYS A 1525 88.20 80.86 44.40
C LYS A 1525 88.69 81.27 43.03
N ASP A 1526 89.17 82.49 42.91
CA ASP A 1526 89.39 83.10 41.61
C ASP A 1526 90.84 83.00 41.18
N LEU A 1527 91.06 83.26 39.88
CA LEU A 1527 92.36 83.13 39.24
C LEU A 1527 92.70 84.39 38.45
N SER A 1528 93.71 84.30 37.60
CA SER A 1528 94.29 85.46 36.95
C SER A 1528 93.63 85.75 35.60
N THR A 1529 92.98 86.93 35.52
CA THR A 1529 92.54 87.54 34.26
C THR A 1529 91.56 86.66 33.48
N TYR A 1530 90.36 86.52 34.04
CA TYR A 1530 89.28 85.80 33.39
C TYR A 1530 88.89 86.52 32.10
N TYR A 1531 89.27 85.93 30.97
CA TYR A 1531 89.32 86.64 29.70
C TYR A 1531 87.92 86.81 29.10
N GLN A 1532 87.16 87.69 29.73
CA GLN A 1532 85.77 87.92 29.36
C GLN A 1532 85.60 88.84 28.16
N VAL A 1533 86.65 89.14 27.40
CA VAL A 1533 86.55 90.08 26.30
C VAL A 1533 87.56 89.72 25.22
N GLU A 1534 87.06 89.43 24.03
CA GLU A 1534 87.86 89.17 22.85
C GLU A 1534 86.95 89.53 21.68
N PRO A 1535 87.47 90.01 20.55
CA PRO A 1535 86.58 90.55 19.51
C PRO A 1535 85.67 89.52 18.84
N SER A 1536 86.25 88.52 18.18
CA SER A 1536 85.46 87.54 17.44
C SER A 1536 86.10 86.16 17.53
N THR A 1537 86.48 85.74 18.72
CA THR A 1537 87.26 84.52 18.86
C THR A 1537 86.37 83.33 19.22
N LYS A 1538 86.88 82.12 19.00
CA LYS A 1538 86.12 80.90 19.26
C LYS A 1538 86.78 80.07 20.35
N LEU A 1539 85.98 79.19 20.97
CA LEU A 1539 86.42 78.60 22.24
C LEU A 1539 85.65 77.35 22.60
N PHE A 1540 86.36 76.23 22.71
CA PHE A 1540 85.95 74.96 23.30
C PHE A 1540 86.41 74.87 24.75
N PRO A 1541 85.69 74.17 25.61
CA PRO A 1541 86.20 73.89 26.96
C PRO A 1541 87.19 72.74 26.93
N ALA A 1542 88.27 72.88 27.69
CA ALA A 1542 89.37 71.92 27.66
C ALA A 1542 89.43 71.11 28.94
N VAL A 1543 89.70 69.81 28.79
CA VAL A 1543 90.07 68.93 29.90
C VAL A 1543 91.28 68.15 29.43
N PHE A 1544 92.44 68.50 29.95
CA PHE A 1544 93.66 67.79 29.62
C PHE A 1544 94.08 67.11 30.91
N ALA A 1545 94.08 65.78 30.92
CA ALA A 1545 94.01 65.07 32.18
C ALA A 1545 94.96 63.88 32.24
N GLN A 1546 95.34 63.54 33.47
CA GLN A 1546 95.84 62.24 33.84
C GLN A 1546 94.67 61.38 34.30
N ALA A 1547 94.85 60.06 34.23
CA ALA A 1547 93.79 59.15 34.67
C ALA A 1547 94.10 58.56 36.05
N THR A 1548 94.08 59.43 37.05
CA THR A 1548 94.28 58.95 38.41
C THR A 1548 93.00 58.34 38.95
N SER A 1549 92.01 59.16 39.13
CA SER A 1549 90.74 58.76 39.71
C SER A 1549 89.74 58.50 38.61
N PRO A 1550 88.97 57.41 38.68
CA PRO A 1550 87.93 57.16 37.69
C PRO A 1550 86.68 57.96 37.99
N ASN A 1551 85.89 58.19 36.92
CA ASN A 1551 84.61 58.91 36.98
C ASN A 1551 84.79 60.29 37.57
N VAL A 1552 85.91 60.92 37.24
CA VAL A 1552 86.42 62.02 38.04
C VAL A 1552 85.72 63.33 37.70
N PHE A 1553 85.37 63.55 36.43
CA PHE A 1553 84.86 64.84 36.01
C PHE A 1553 83.36 64.78 35.82
N GLN A 1554 82.67 65.81 36.33
CA GLN A 1554 81.21 65.85 36.39
C GLN A 1554 80.77 67.28 36.09
N PHE A 1555 79.71 67.44 35.28
CA PHE A 1555 79.55 68.71 34.59
C PHE A 1555 78.23 69.45 34.75
N GLU A 1556 78.07 70.51 33.99
CA GLU A 1556 76.80 71.20 33.86
C GLU A 1556 76.40 71.32 32.40
N ALA A 1568 74.37 83.44 38.25
CA ALA A 1568 73.29 82.82 39.01
C ALA A 1568 72.73 81.61 38.28
N GLY A 1569 72.32 81.80 37.03
CA GLY A 1569 71.72 80.75 36.24
C GLY A 1569 72.77 79.80 35.67
N LEU A 1570 72.34 79.01 34.70
CA LEU A 1570 73.22 78.01 34.10
C LEU A 1570 73.41 78.27 32.62
N PHE A 1571 74.52 77.73 32.10
CA PHE A 1571 75.15 78.21 30.87
C PHE A 1571 74.30 78.00 29.63
N LYS A 1572 73.54 76.90 29.58
CA LYS A 1572 72.81 76.57 28.36
C LYS A 1572 71.74 77.60 28.03
N SER A 1573 71.25 78.33 29.03
CA SER A 1573 70.45 79.53 28.77
C SER A 1573 71.20 80.52 27.92
N GLU A 1574 72.50 80.67 28.14
CA GLU A 1574 73.29 81.54 27.31
C GLU A 1574 73.70 80.86 26.01
N HIS A 1575 73.64 79.53 25.96
CA HIS A 1575 74.37 78.80 24.91
C HIS A 1575 73.66 78.79 23.56
N LYS A 1576 72.53 78.10 23.47
CA LYS A 1576 72.14 77.64 22.15
C LYS A 1576 71.34 78.70 21.41
N ASN A 1577 70.73 78.28 20.31
CA ASN A 1577 69.87 79.19 19.58
C ASN A 1577 68.59 79.55 20.34
N PRO A 1578 67.88 78.65 21.01
CA PRO A 1578 66.87 79.13 21.96
C PRO A 1578 67.56 79.64 23.23
N VAL A 1579 67.22 80.85 23.63
CA VAL A 1579 67.84 81.40 24.84
C VAL A 1579 66.90 81.96 25.91
N PRO A 1580 65.73 81.39 26.22
CA PRO A 1580 65.32 81.41 27.62
C PRO A 1580 66.10 80.38 28.41
N GLN A 1581 65.83 79.12 28.09
CA GLN A 1581 66.62 77.91 28.30
C GLN A 1581 67.35 77.81 29.63
N CYS A 1582 66.74 78.33 30.70
CA CYS A 1582 67.44 78.46 31.98
C CYS A 1582 67.97 77.15 32.58
N PRO A 1583 67.32 76.00 32.49
CA PRO A 1583 68.00 74.77 32.90
C PRO A 1583 68.98 74.31 31.84
N PRO A 1584 70.03 73.59 32.22
CA PRO A 1584 70.94 73.04 31.21
C PRO A 1584 70.28 71.89 30.46
N ARG A 1585 70.06 72.09 29.17
CA ARG A 1585 69.39 71.12 28.33
C ARG A 1585 70.36 70.64 27.26
N LEU A 1586 70.51 69.34 27.12
CA LEU A 1586 71.56 68.77 26.30
C LEU A 1586 70.95 68.22 25.02
N HIS A 1587 71.44 68.70 23.89
CA HIS A 1587 71.14 68.02 22.64
C HIS A 1587 71.79 66.66 22.63
N VAL A 1588 71.25 65.81 21.77
CA VAL A 1588 71.99 64.64 21.35
C VAL A 1588 73.21 65.09 20.56
N GLN A 1589 73.11 66.23 19.88
CA GLN A 1589 74.18 66.80 19.08
C GLN A 1589 75.43 67.13 19.89
N PHE A 1590 75.31 67.32 21.20
CA PHE A 1590 76.52 67.49 21.99
C PHE A 1590 77.29 66.19 22.08
N LEU A 1591 78.59 66.30 22.28
CA LEU A 1591 79.48 65.16 22.05
C LEU A 1591 80.57 65.16 23.11
N SER A 1592 81.60 64.36 22.86
CA SER A 1592 82.50 63.87 23.89
C SER A 1592 83.95 63.93 23.42
N HIS A 1593 84.37 65.08 22.95
CA HIS A 1593 85.50 65.13 22.03
C HIS A 1593 86.86 64.89 22.67
N VAL A 1594 87.64 64.03 22.02
CA VAL A 1594 88.95 63.62 22.49
C VAL A 1594 89.94 63.85 21.38
N LEU A 1595 91.05 64.52 21.71
CA LEU A 1595 92.15 64.73 20.76
C LEU A 1595 92.76 63.41 20.33
N TRP A 1596 92.78 63.17 19.02
CA TRP A 1596 93.08 61.86 18.49
C TRP A 1596 93.82 61.98 17.17
N SER A 1597 94.76 61.07 16.97
CA SER A 1597 95.96 61.41 16.23
C SER A 1597 95.77 61.35 14.72
N ARG A 1598 95.59 60.15 14.15
CA ARG A 1598 95.91 59.99 12.73
C ARG A 1598 94.77 59.40 11.92
N MET A 1599 94.52 60.06 10.79
CA MET A 1599 93.45 59.79 9.85
C MET A 1599 94.08 59.63 8.48
N PRO A 1600 93.32 59.14 7.50
CA PRO A 1600 93.80 59.22 6.12
C PRO A 1600 93.88 60.65 5.64
N ASN A 1601 94.69 60.86 4.61
CA ASN A 1601 94.68 62.11 3.87
C ASN A 1601 94.79 61.77 2.42
N GLN A 1602 94.39 62.71 1.58
CA GLN A 1602 94.29 62.41 0.17
C GLN A 1602 95.64 62.63 -0.49
N PHE A 1603 95.59 62.70 -1.80
CA PHE A 1603 96.77 62.76 -2.64
C PHE A 1603 97.28 64.17 -2.81
N LEU A 1604 96.38 65.15 -2.78
CA LEU A 1604 96.68 66.57 -2.98
C LEU A 1604 97.37 66.77 -4.34
N LYS A 1605 96.55 66.59 -5.37
CA LYS A 1605 96.96 66.12 -6.68
C LYS A 1605 97.97 66.94 -7.48
N VAL A 1606 97.60 68.11 -7.98
CA VAL A 1606 98.43 68.83 -8.93
C VAL A 1606 98.83 70.16 -8.32
N ASP A 1607 100.14 70.40 -8.21
CA ASP A 1607 100.57 71.41 -7.26
C ASP A 1607 101.37 72.56 -7.85
N VAL A 1608 102.46 72.28 -8.58
CA VAL A 1608 103.60 73.20 -8.66
C VAL A 1608 104.06 73.40 -10.10
N SER A 1609 104.29 74.66 -10.48
CA SER A 1609 105.03 75.08 -11.67
C SER A 1609 106.13 76.06 -11.30
N ARG A 1610 106.92 75.75 -10.28
CA ARG A 1610 107.89 76.71 -9.77
C ARG A 1610 109.13 76.76 -10.65
N ILE A 1611 109.61 77.97 -10.93
CA ILE A 1611 110.89 78.20 -11.56
C ILE A 1611 111.68 79.09 -10.63
N SER A 1612 113.02 79.05 -10.72
CA SER A 1612 113.82 79.98 -9.91
C SER A 1612 115.18 80.22 -10.55
N GLU A 1613 115.81 81.32 -10.12
CA GLU A 1613 117.13 81.75 -10.55
C GLU A 1613 118.12 81.49 -9.42
N ARG A 1614 119.38 81.83 -9.68
CA ARG A 1614 120.42 81.87 -8.65
C ARG A 1614 121.13 83.21 -8.59
N GLN A 1615 120.70 84.21 -9.36
CA GLN A 1615 121.22 85.58 -9.17
C GLN A 1615 120.04 86.54 -9.10
N GLY A 1616 119.39 86.56 -7.94
CA GLY A 1616 118.08 87.14 -7.77
C GLY A 1616 117.04 86.13 -7.34
N TRP A 1617 117.22 84.86 -7.71
CA TRP A 1617 116.47 83.71 -7.18
C TRP A 1617 114.96 83.85 -7.40
N LEU A 1618 114.57 83.85 -8.66
CA LEU A 1618 113.24 84.29 -9.05
C LEU A 1618 112.25 83.14 -8.93
N VAL A 1619 111.87 82.84 -7.70
CA VAL A 1619 110.90 81.79 -7.41
C VAL A 1619 109.54 82.17 -7.98
N GLN A 1620 109.00 81.31 -8.86
CA GLN A 1620 107.76 81.64 -9.54
C GLN A 1620 107.01 80.37 -9.97
N CYS A 1621 105.91 80.09 -9.28
CA CYS A 1621 104.86 79.29 -9.88
C CYS A 1621 103.94 80.20 -10.69
N LEU A 1622 103.11 79.59 -11.53
CA LEU A 1622 102.17 80.33 -12.35
C LEU A 1622 100.75 79.80 -12.29
N GLU A 1623 100.55 78.57 -11.86
CA GLU A 1623 99.33 77.80 -12.05
C GLU A 1623 98.11 78.41 -11.39
N PRO A 1624 97.09 78.82 -12.13
CA PRO A 1624 95.80 79.14 -11.52
C PRO A 1624 95.01 77.88 -11.25
N LEU A 1625 94.94 77.50 -9.98
CA LEU A 1625 94.38 76.22 -9.58
C LEU A 1625 93.53 76.40 -8.34
N GLN A 1626 92.52 75.55 -8.18
CA GLN A 1626 91.56 75.74 -7.11
C GLN A 1626 91.46 74.50 -6.23
N PHE A 1627 91.78 74.67 -4.95
CA PHE A 1627 91.38 73.67 -3.97
C PHE A 1627 89.87 73.63 -3.94
N MET A 1628 89.34 72.44 -3.74
CA MET A 1628 87.91 72.27 -3.62
C MET A 1628 87.61 71.68 -2.25
N SER A 1629 86.94 72.46 -1.41
CA SER A 1629 86.73 72.02 -0.06
C SER A 1629 85.41 72.56 0.45
N LEU A 1630 85.19 72.33 1.73
CA LEU A 1630 84.02 72.81 2.42
C LEU A 1630 84.38 72.89 3.89
N HIS A 1631 83.43 73.30 4.70
CA HIS A 1631 83.66 73.19 6.12
C HIS A 1631 82.33 72.87 6.78
N ILE A 1632 82.41 72.10 7.84
CA ILE A 1632 81.38 72.17 8.86
C ILE A 1632 81.51 73.52 9.55
N PRO A 1633 80.45 74.23 9.76
CA PRO A 1633 80.59 75.50 10.46
C PRO A 1633 80.61 75.29 11.96
N GLU A 1634 79.85 74.30 12.40
CA GLU A 1634 79.56 74.15 13.82
C GLU A 1634 80.74 73.66 14.62
N GLU A 1635 81.63 72.90 13.99
CA GLU A 1635 82.81 72.36 14.66
C GLU A 1635 84.01 72.65 13.80
N ASN A 1636 84.15 73.91 13.41
CA ASN A 1636 84.74 74.36 12.16
C ASN A 1636 86.05 73.73 11.74
N ARG A 1637 86.00 73.00 10.63
CA ARG A 1637 87.14 72.26 10.12
C ARG A 1637 87.03 72.25 8.60
N SER A 1638 88.10 72.64 7.93
CA SER A 1638 88.17 72.59 6.48
C SER A 1638 88.50 71.18 6.06
N VAL A 1639 87.51 70.49 5.53
CA VAL A 1639 87.72 69.20 4.91
C VAL A 1639 87.56 69.41 3.42
N ASP A 1640 88.33 68.68 2.63
CA ASP A 1640 88.25 68.81 1.19
C ASP A 1640 86.89 68.36 0.68
N ILE A 1641 86.63 68.67 -0.57
CA ILE A 1641 85.48 68.07 -1.20
C ILE A 1641 85.75 66.61 -1.50
N LEU A 1642 86.96 66.29 -1.93
CA LEU A 1642 87.15 65.07 -2.68
C LEU A 1642 87.21 63.84 -1.82
N GLU A 1643 87.92 63.89 -0.69
CA GLU A 1643 88.05 62.72 0.15
C GLU A 1643 86.94 62.66 1.19
N LEU A 1644 85.79 63.25 0.87
CA LEU A 1644 84.57 63.06 1.63
C LEU A 1644 84.08 61.62 1.53
N THR A 1645 84.60 60.85 0.58
CA THR A 1645 84.33 59.43 0.38
C THR A 1645 84.57 58.55 1.61
N GLU A 1646 85.12 59.10 2.69
CA GLU A 1646 85.16 58.42 3.96
C GLU A 1646 84.16 58.95 4.97
N GLN A 1647 83.61 60.14 4.76
CA GLN A 1647 82.48 60.59 5.55
C GLN A 1647 81.21 60.40 4.74
N GLU A 1648 80.97 59.12 4.46
CA GLU A 1648 79.91 58.72 3.56
C GLU A 1648 78.54 58.98 4.16
N GLU A 1649 78.44 58.88 5.48
CA GLU A 1649 77.25 59.37 6.17
C GLU A 1649 77.07 60.85 5.92
N LEU A 1650 78.17 61.59 5.91
CA LEU A 1650 78.11 63.02 5.75
C LEU A 1650 77.96 63.37 4.30
N LEU A 1651 78.60 62.57 3.44
CA LEU A 1651 78.37 62.65 2.01
C LEU A 1651 76.91 62.48 1.68
N LYS A 1652 76.30 61.44 2.25
CA LYS A 1652 74.89 61.14 2.02
C LYS A 1652 74.02 62.25 2.55
N PHE A 1653 74.38 62.75 3.73
CA PHE A 1653 73.67 63.86 4.35
C PHE A 1653 73.68 65.07 3.44
N HIS A 1654 74.85 65.39 2.93
CA HIS A 1654 74.98 66.51 2.02
C HIS A 1654 74.29 66.23 0.71
N TYR A 1655 74.25 64.98 0.31
CA TYR A 1655 73.54 64.63 -0.90
C TYR A 1655 72.05 64.85 -0.70
N HIS A 1656 71.58 64.62 0.50
CA HIS A 1656 70.20 64.91 0.78
C HIS A 1656 69.97 66.40 0.92
N THR A 1657 71.00 67.15 1.31
CA THR A 1657 70.87 68.59 1.24
C THR A 1657 70.68 69.04 -0.18
N LEU A 1658 71.46 68.42 -1.08
CA LEU A 1658 71.32 68.69 -2.50
C LEU A 1658 69.92 68.36 -2.99
N ARG A 1659 69.41 67.23 -2.51
CA ARG A 1659 68.03 66.84 -2.78
C ARG A 1659 67.08 67.91 -2.31
N LEU A 1660 67.35 68.49 -1.16
CA LEU A 1660 66.46 69.50 -0.62
C LEU A 1660 66.55 70.77 -1.42
N TYR A 1661 67.74 71.10 -1.91
CA TYR A 1661 67.90 72.31 -2.69
C TYR A 1661 67.14 72.22 -3.98
N SER A 1662 67.24 71.07 -4.63
CA SER A 1662 66.42 70.81 -5.80
C SER A 1662 64.95 70.78 -5.42
N ALA A 1663 64.65 70.32 -4.23
CA ALA A 1663 63.29 70.10 -3.82
C ALA A 1663 62.58 71.41 -3.58
N VAL A 1664 63.27 72.40 -3.05
CA VAL A 1664 62.58 73.65 -2.81
C VAL A 1664 62.43 74.44 -4.10
N CYS A 1665 63.49 74.56 -4.88
CA CYS A 1665 63.39 75.27 -6.13
C CYS A 1665 62.81 74.28 -7.12
N ALA A 1666 61.48 74.23 -7.14
CA ALA A 1666 60.76 73.27 -7.95
C ALA A 1666 59.56 73.96 -8.55
N LEU A 1667 59.51 73.95 -9.88
CA LEU A 1667 58.36 74.43 -10.66
C LEU A 1667 58.12 75.90 -10.41
N GLY A 1668 59.16 76.69 -10.61
CA GLY A 1668 59.01 78.12 -10.50
C GLY A 1668 59.31 78.51 -9.08
N ASN A 1669 60.51 79.03 -8.86
CA ASN A 1669 60.90 79.51 -7.56
C ASN A 1669 61.73 80.76 -7.73
N HIS A 1670 61.24 81.66 -8.57
CA HIS A 1670 62.03 82.78 -9.04
C HIS A 1670 62.40 83.74 -7.92
N ARG A 1671 61.69 83.68 -6.81
CA ARG A 1671 62.27 84.19 -5.57
C ARG A 1671 63.41 83.31 -5.13
N VAL A 1672 63.13 82.03 -4.92
CA VAL A 1672 64.03 81.16 -4.19
C VAL A 1672 65.21 80.79 -5.07
N ALA A 1673 65.01 80.78 -6.38
CA ALA A 1673 66.09 80.50 -7.30
C ALA A 1673 67.18 81.54 -7.19
N HIS A 1674 66.79 82.81 -7.33
CA HIS A 1674 67.75 83.88 -7.17
C HIS A 1674 68.22 84.01 -5.75
N ALA A 1675 67.45 83.48 -4.79
CA ALA A 1675 67.95 83.39 -3.44
C ALA A 1675 69.11 82.41 -3.34
N LEU A 1676 69.05 81.31 -4.09
CA LEU A 1676 70.08 80.31 -3.86
C LEU A 1676 71.43 80.66 -4.42
N CYS A 1677 71.51 81.62 -5.33
CA CYS A 1677 72.76 81.91 -6.02
C CYS A 1677 73.87 82.37 -5.09
N SER A 1678 73.51 82.89 -3.92
CA SER A 1678 74.52 83.15 -2.89
C SER A 1678 75.14 81.87 -2.39
N HIS A 1679 74.36 80.80 -2.31
CA HIS A 1679 74.87 79.60 -1.70
C HIS A 1679 75.48 78.67 -2.72
N VAL A 1680 74.98 78.68 -3.94
CA VAL A 1680 75.32 77.59 -4.83
C VAL A 1680 76.65 77.80 -5.54
N ASP A 1681 77.06 79.06 -5.74
CA ASP A 1681 78.37 79.39 -6.32
C ASP A 1681 78.53 78.77 -7.71
N GLU A 1682 77.81 79.36 -8.66
CA GLU A 1682 77.79 78.94 -10.07
C GLU A 1682 79.11 78.47 -10.67
N PRO A 1683 80.23 79.20 -10.60
CA PRO A 1683 81.44 78.65 -11.22
C PRO A 1683 82.02 77.51 -10.42
N GLN A 1684 81.78 77.48 -9.12
CA GLN A 1684 82.11 76.30 -8.35
C GLN A 1684 81.27 75.13 -8.78
N LEU A 1685 80.05 75.37 -9.22
CA LEU A 1685 79.27 74.28 -9.78
C LEU A 1685 79.86 73.81 -11.10
N LEU A 1686 80.39 74.74 -11.89
CA LEU A 1686 81.07 74.35 -13.10
C LEU A 1686 82.29 73.51 -12.78
N TYR A 1687 83.02 73.93 -11.76
CA TYR A 1687 84.14 73.16 -11.22
C TYR A 1687 83.70 71.78 -10.79
N ALA A 1688 82.51 71.69 -10.21
CA ALA A 1688 81.97 70.40 -9.82
C ALA A 1688 81.66 69.54 -11.01
N ILE A 1689 81.28 70.15 -12.12
CA ILE A 1689 81.11 69.37 -13.34
C ILE A 1689 82.46 68.87 -13.82
N GLU A 1690 83.48 69.71 -13.69
CA GLU A 1690 84.79 69.35 -14.22
C GLU A 1690 85.46 68.25 -13.42
N ASN A 1691 85.24 68.25 -12.10
CA ASN A 1691 86.04 67.45 -11.20
C ASN A 1691 85.70 65.98 -11.38
N LYS A 1692 86.52 65.30 -12.15
CA LYS A 1692 86.23 63.94 -12.56
C LYS A 1692 86.54 62.92 -11.48
N TYR A 1693 86.70 63.34 -10.24
CA TYR A 1693 86.91 62.41 -9.15
C TYR A 1693 85.93 62.62 -8.03
N MET A 1694 84.91 63.44 -8.25
CA MET A 1694 83.89 63.62 -7.23
C MET A 1694 83.05 62.35 -7.11
N PRO A 1695 82.53 62.07 -5.92
CA PRO A 1695 81.57 60.98 -5.78
C PRO A 1695 80.32 61.21 -6.62
N GLY A 1696 79.80 60.11 -7.15
CA GLY A 1696 78.82 60.19 -8.20
C GLY A 1696 77.48 60.75 -7.74
N LEU A 1697 77.18 60.60 -6.46
CA LEU A 1697 75.96 61.21 -5.94
C LEU A 1697 76.07 62.71 -5.98
N LEU A 1698 77.23 63.22 -5.60
CA LEU A 1698 77.48 64.65 -5.69
C LEU A 1698 77.42 65.10 -7.13
N ARG A 1699 77.97 64.29 -8.02
CA ARG A 1699 77.94 64.58 -9.44
C ARG A 1699 76.51 64.67 -9.94
N ALA A 1700 75.68 63.73 -9.52
CA ALA A 1700 74.30 63.67 -9.98
C ALA A 1700 73.52 64.86 -9.48
N GLY A 1701 73.60 65.11 -8.18
CA GLY A 1701 72.85 66.21 -7.60
C GLY A 1701 73.29 67.56 -8.13
N TYR A 1702 74.60 67.72 -8.30
CA TYR A 1702 75.11 68.96 -8.83
C TYR A 1702 74.71 69.15 -10.26
N TYR A 1703 74.62 68.06 -11.02
CA TYR A 1703 74.19 68.20 -12.40
C TYR A 1703 72.71 68.54 -12.47
N ASP A 1704 71.94 68.09 -11.48
CA ASP A 1704 70.55 68.51 -11.40
C ASP A 1704 70.45 69.99 -11.14
N LEU A 1705 71.28 70.47 -10.23
CA LEU A 1705 70.99 71.72 -9.57
C LEU A 1705 71.09 72.91 -10.50
N LEU A 1706 71.91 72.82 -11.51
CA LEU A 1706 72.02 73.92 -12.44
C LEU A 1706 70.79 74.00 -13.34
N ILE A 1707 70.19 72.84 -13.64
CA ILE A 1707 68.92 72.84 -14.32
C ILE A 1707 67.88 73.46 -13.43
N ASP A 1708 67.93 73.08 -12.16
CA ASP A 1708 67.01 73.60 -11.18
C ASP A 1708 67.20 75.08 -10.94
N ILE A 1709 68.38 75.60 -11.24
CA ILE A 1709 68.58 77.03 -11.10
C ILE A 1709 68.10 77.76 -12.32
N HIS A 1710 68.62 77.40 -13.48
CA HIS A 1710 68.36 78.25 -14.61
C HIS A 1710 67.31 77.67 -15.55
N LEU A 1711 67.38 76.37 -15.81
CA LEU A 1711 66.94 75.86 -17.08
C LEU A 1711 65.50 75.37 -17.08
N SER A 1712 65.05 74.86 -15.94
CA SER A 1712 63.86 74.01 -15.89
C SER A 1712 62.61 74.77 -16.28
N SER A 1713 62.58 76.07 -16.01
CA SER A 1713 61.46 76.91 -16.38
C SER A 1713 61.27 76.94 -17.88
N TYR A 1714 62.29 77.37 -18.60
CA TYR A 1714 62.20 77.45 -20.06
C TYR A 1714 62.10 76.06 -20.68
N ALA A 1715 62.66 75.06 -20.00
CA ALA A 1715 62.51 73.69 -20.43
C ALA A 1715 61.05 73.28 -20.44
N THR A 1716 60.38 73.52 -19.33
CA THR A 1716 58.97 73.26 -19.23
C THR A 1716 58.17 74.13 -20.18
N ALA A 1717 58.67 75.33 -20.47
CA ALA A 1717 57.99 76.22 -21.40
C ALA A 1717 57.95 75.61 -22.78
N ARG A 1718 59.10 75.16 -23.27
CA ARG A 1718 59.11 74.48 -24.56
C ARG A 1718 58.38 73.15 -24.47
N LEU A 1719 58.35 72.53 -23.30
CA LEU A 1719 57.62 71.29 -23.11
C LEU A 1719 56.14 71.48 -23.34
N MET A 1720 55.61 72.59 -22.84
CA MET A 1720 54.24 72.95 -23.18
C MET A 1720 54.12 73.28 -24.64
N MET A 1721 55.13 73.93 -25.21
CA MET A 1721 55.01 74.36 -26.59
C MET A 1721 55.30 73.27 -27.59
N ASN A 1722 55.50 72.04 -27.12
CA ASN A 1722 55.83 70.92 -27.98
C ASN A 1722 54.83 70.67 -29.09
N ASN A 1723 53.54 70.78 -28.81
CA ASN A 1723 52.55 70.14 -29.65
C ASN A 1723 51.58 71.14 -30.24
N GLU A 1724 52.07 72.33 -30.58
CA GLU A 1724 51.16 73.44 -30.82
C GLU A 1724 51.19 73.93 -32.25
N PHE A 1725 52.37 74.29 -32.74
CA PHE A 1725 52.65 74.54 -34.16
C PHE A 1725 51.81 75.69 -34.70
N ILE A 1726 51.93 76.84 -34.09
CA ILE A 1726 51.33 78.04 -34.66
C ILE A 1726 52.36 78.70 -35.56
N VAL A 1727 52.03 78.83 -36.83
CA VAL A 1727 53.03 79.27 -37.80
C VAL A 1727 52.57 80.57 -38.45
N PRO A 1728 53.45 81.53 -38.61
CA PRO A 1728 53.17 82.66 -39.49
C PRO A 1728 53.21 82.24 -40.94
N MET A 1729 52.77 83.14 -41.79
CA MET A 1729 52.72 82.89 -43.23
C MET A 1729 53.67 83.79 -43.97
N THR A 1730 54.89 83.93 -43.47
CA THR A 1730 55.81 84.80 -44.17
C THR A 1730 56.40 84.09 -45.37
N GLU A 1731 57.13 84.87 -46.16
CA GLU A 1731 57.82 84.32 -47.31
C GLU A 1731 58.96 83.44 -46.84
N GLU A 1732 59.58 83.81 -45.73
CA GLU A 1732 60.57 82.94 -45.13
C GLU A 1732 59.92 81.64 -44.68
N THR A 1733 58.73 81.73 -44.08
CA THR A 1733 57.96 80.52 -43.84
C THR A 1733 57.56 79.86 -45.14
N LYS A 1734 57.33 80.65 -46.18
CA LYS A 1734 56.97 80.07 -47.46
C LYS A 1734 58.18 79.45 -48.15
N SER A 1735 59.39 79.78 -47.72
CA SER A 1735 60.59 79.33 -48.40
C SER A 1735 61.09 77.98 -47.92
N ILE A 1736 60.20 77.11 -47.46
CA ILE A 1736 60.58 75.89 -46.78
C ILE A 1736 60.28 74.70 -47.68
N THR A 1737 61.24 73.80 -47.79
CA THR A 1737 61.14 72.67 -48.69
C THR A 1737 61.23 71.37 -47.91
N LEU A 1738 61.30 70.29 -48.65
CA LEU A 1738 61.78 69.02 -48.15
C LEU A 1738 63.29 68.96 -48.37
N PHE A 1739 63.95 68.08 -47.62
CA PHE A 1739 65.18 67.42 -48.01
C PHE A 1739 65.14 67.06 -49.49
N PRO A 1740 65.92 67.75 -50.33
CA PRO A 1740 65.93 67.44 -51.75
C PRO A 1740 66.73 66.17 -52.01
N ASP A 1741 66.58 65.66 -53.23
CA ASP A 1741 67.21 64.40 -53.58
C ASP A 1741 68.00 64.57 -54.86
N GLY A 1747 67.01 62.35 -45.09
CA GLY A 1747 67.00 63.72 -44.63
C GLY A 1747 67.95 63.98 -43.47
N LEU A 1748 67.72 65.09 -42.77
CA LEU A 1748 68.55 65.48 -41.64
C LEU A 1748 67.77 66.36 -40.68
N PRO A 1749 67.73 66.05 -39.40
CA PRO A 1749 67.00 66.91 -38.45
C PRO A 1749 67.67 68.24 -38.19
N GLY A 1750 68.97 68.37 -38.48
CA GLY A 1750 69.69 69.57 -38.14
C GLY A 1750 69.50 70.69 -39.13
N ILE A 1751 68.36 71.36 -39.07
CA ILE A 1751 68.01 72.43 -40.01
C ILE A 1751 67.69 73.68 -39.21
N GLY A 1752 68.21 74.83 -39.67
CA GLY A 1752 67.82 76.10 -39.10
C GLY A 1752 66.61 76.71 -39.78
N LEU A 1753 65.43 76.47 -39.21
CA LEU A 1753 64.12 76.79 -39.74
C LEU A 1753 63.14 76.77 -38.56
N SER A 1754 61.89 76.40 -38.84
CA SER A 1754 60.84 76.13 -37.85
C SER A 1754 60.47 77.40 -37.08
N THR A 1755 59.85 78.29 -37.85
CA THR A 1755 59.37 79.60 -37.46
C THR A 1755 58.29 79.58 -36.40
N SER A 1756 57.66 78.43 -36.12
CA SER A 1756 56.74 78.36 -34.99
C SER A 1756 57.51 78.56 -33.70
N LEU A 1757 56.83 79.09 -32.69
CA LEU A 1757 57.47 80.11 -31.87
C LEU A 1757 58.44 79.54 -30.84
N ARG A 1758 57.93 78.75 -29.87
CA ARG A 1758 58.68 78.19 -28.75
C ARG A 1758 59.40 79.32 -28.02
N PRO A 1759 58.70 80.09 -27.20
CA PRO A 1759 59.13 81.44 -26.85
C PRO A 1759 60.38 81.55 -25.99
N ARG A 1760 60.73 82.79 -25.72
CA ARG A 1760 62.07 83.13 -25.28
C ARG A 1760 62.24 82.82 -23.82
N MET A 1761 63.26 82.04 -23.51
CA MET A 1761 63.87 82.12 -22.21
C MET A 1761 64.39 83.54 -21.97
N GLN A 1762 63.78 84.22 -21.00
CA GLN A 1762 64.17 85.56 -20.62
C GLN A 1762 64.48 85.56 -19.14
N PHE A 1763 65.61 86.15 -18.79
CA PHE A 1763 66.30 85.76 -17.59
C PHE A 1763 66.36 86.93 -16.65
N SER A 1764 67.13 86.75 -15.59
CA SER A 1764 67.30 87.78 -14.59
C SER A 1764 68.63 87.59 -13.91
N SER A 1765 69.37 88.67 -13.74
CA SER A 1765 70.59 88.61 -12.98
C SER A 1765 70.25 88.56 -11.50
N PRO A 1766 70.73 87.60 -10.79
CA PRO A 1766 70.57 87.59 -9.33
C PRO A 1766 71.56 88.54 -8.65
N SER A 1767 71.25 89.83 -8.69
CA SER A 1767 72.03 90.75 -7.87
C SER A 1767 71.60 90.66 -6.42
N PHE A 1768 72.37 91.31 -5.56
CA PHE A 1768 72.04 91.40 -4.15
C PHE A 1768 72.20 92.79 -3.60
N VAL A 1769 73.01 93.64 -4.23
CA VAL A 1769 73.07 95.04 -3.85
C VAL A 1769 71.79 95.75 -4.22
N SER A 1770 71.09 95.26 -5.24
CA SER A 1770 69.91 95.89 -5.75
C SER A 1770 68.68 95.52 -4.95
N ILE A 1771 67.54 96.05 -5.39
CA ILE A 1771 66.22 95.63 -4.97
C ILE A 1771 65.36 95.57 -6.22
N ASN A 1772 64.05 95.40 -6.04
CA ASN A 1772 63.02 95.69 -7.04
C ASN A 1772 63.14 94.80 -8.30
N ASN A 1773 62.82 93.52 -8.16
CA ASN A 1773 62.19 92.89 -7.00
C ASN A 1773 62.80 91.53 -6.74
N GLU A 1774 63.56 91.03 -7.73
CA GLU A 1774 64.38 89.81 -7.73
C GLU A 1774 63.60 88.53 -7.41
N CYS A 1775 62.27 88.61 -7.37
CA CYS A 1775 61.46 87.49 -6.94
C CYS A 1775 60.47 87.09 -8.02
N TYR A 1776 59.83 88.07 -8.64
CA TYR A 1776 59.16 87.81 -9.90
C TYR A 1776 60.18 87.59 -11.00
N GLN A 1777 61.33 88.22 -10.86
CA GLN A 1777 62.42 88.11 -11.82
C GLN A 1777 62.80 86.66 -12.03
N TYR A 1778 62.74 86.23 -13.29
CA TYR A 1778 62.41 84.85 -13.62
C TYR A 1778 63.52 83.90 -13.27
N SER A 1779 64.67 84.09 -13.89
CA SER A 1779 65.54 82.99 -13.92
C SER A 1779 66.96 83.47 -13.94
N PRO A 1780 67.81 82.90 -13.09
CA PRO A 1780 69.23 83.21 -13.14
C PRO A 1780 69.83 82.77 -14.45
N GLU A 1781 70.95 83.37 -14.74
CA GLU A 1781 71.54 83.33 -16.07
C GLU A 1781 73.04 83.28 -15.94
N PHE A 1782 73.68 82.65 -16.91
CA PHE A 1782 75.10 82.39 -16.85
C PHE A 1782 75.55 81.93 -18.23
N PRO A 1783 76.87 81.90 -18.50
CA PRO A 1783 77.34 81.44 -19.82
C PRO A 1783 77.13 79.97 -20.06
N LEU A 1784 75.90 79.66 -20.45
CA LEU A 1784 75.54 78.36 -20.96
C LEU A 1784 76.26 77.99 -22.25
N ASP A 1785 76.81 78.96 -22.97
CA ASP A 1785 77.48 78.66 -24.22
C ASP A 1785 78.80 77.97 -23.98
N ILE A 1786 79.59 78.49 -23.05
CA ILE A 1786 80.86 77.86 -22.73
C ILE A 1786 80.59 76.58 -21.99
N LEU A 1787 79.46 76.52 -21.28
CA LEU A 1787 78.98 75.28 -20.74
C LEU A 1787 78.74 74.27 -21.83
N LYS A 1788 78.10 74.70 -22.91
CA LYS A 1788 77.73 73.78 -23.96
C LYS A 1788 78.95 73.30 -24.71
N ALA A 1789 79.96 74.17 -24.83
CA ALA A 1789 81.23 73.76 -25.41
C ALA A 1789 81.92 72.76 -24.50
N LYS A 1790 81.85 73.01 -23.20
CA LYS A 1790 82.47 72.11 -22.24
C LYS A 1790 81.80 70.75 -22.25
N THR A 1791 80.48 70.73 -22.39
CA THR A 1791 79.78 69.46 -22.44
C THR A 1791 80.06 68.74 -23.73
N ILE A 1792 80.22 69.49 -24.81
CA ILE A 1792 80.61 68.88 -26.08
C ILE A 1792 81.93 68.18 -25.91
N GLN A 1793 82.88 68.86 -25.28
CA GLN A 1793 84.17 68.29 -24.95
C GLN A 1793 84.02 67.06 -24.07
N MET A 1794 83.21 67.17 -23.03
CA MET A 1794 83.07 66.11 -22.06
C MET A 1794 82.39 64.90 -22.67
N LEU A 1795 81.47 65.13 -23.57
CA LEU A 1795 80.70 64.03 -24.10
C LEU A 1795 81.43 63.32 -25.21
N THR A 1796 82.15 64.08 -26.04
CA THR A 1796 83.08 63.47 -26.97
C THR A 1796 84.13 62.67 -26.23
N GLU A 1797 84.60 63.21 -25.12
CA GLU A 1797 85.50 62.49 -24.26
C GLU A 1797 84.86 61.24 -23.71
N ALA A 1798 83.59 61.35 -23.33
CA ALA A 1798 82.88 60.24 -22.74
C ALA A 1798 82.69 59.12 -23.73
N VAL A 1799 82.36 59.47 -24.98
CA VAL A 1799 82.18 58.43 -25.97
C VAL A 1799 83.50 57.93 -26.50
N GLN A 1800 84.60 58.63 -26.24
CA GLN A 1800 85.88 57.96 -26.36
C GLN A 1800 85.99 56.89 -25.30
N GLU A 1801 85.78 57.29 -24.04
CA GLU A 1801 86.17 56.46 -22.92
C GLU A 1801 85.29 55.23 -22.77
N GLY A 1802 84.00 55.36 -23.09
CA GLY A 1802 83.15 54.19 -23.10
C GLY A 1802 83.47 53.28 -24.26
N SER A 1803 83.86 53.86 -25.40
CA SER A 1803 84.40 53.04 -26.47
C SER A 1803 85.81 52.59 -26.12
N LEU A 1804 86.54 53.39 -25.37
CA LEU A 1804 87.76 52.89 -24.75
C LEU A 1804 87.44 51.86 -23.68
N HIS A 1805 86.22 51.92 -23.12
CA HIS A 1805 85.68 50.94 -22.19
C HIS A 1805 86.56 50.81 -20.97
N ALA A 1806 86.71 51.93 -20.27
CA ALA A 1806 87.60 51.99 -19.12
C ALA A 1806 87.08 51.12 -17.99
N ARG A 1807 87.98 50.73 -17.11
CA ARG A 1807 87.57 49.86 -16.03
C ARG A 1807 86.79 50.62 -14.97
N ASP A 1808 87.25 51.80 -14.60
CA ASP A 1808 86.58 52.53 -13.55
C ASP A 1808 86.06 53.86 -14.08
N PRO A 1809 84.76 54.10 -14.03
CA PRO A 1809 84.20 55.39 -14.44
C PRO A 1809 84.51 56.52 -13.50
N VAL A 1810 84.05 57.71 -13.87
CA VAL A 1810 84.25 58.88 -13.04
C VAL A 1810 83.43 58.76 -11.76
N GLY A 1811 82.16 58.47 -11.88
CA GLY A 1811 81.32 58.42 -10.71
C GLY A 1811 81.22 57.02 -10.16
N GLY A 1812 82.32 56.27 -10.21
CA GLY A 1812 82.31 54.91 -9.72
C GLY A 1812 81.76 53.96 -10.75
N THR A 1813 80.54 54.18 -11.21
CA THR A 1813 79.96 53.40 -12.29
C THR A 1813 79.37 54.32 -13.33
N THR A 1814 79.09 53.72 -14.49
CA THR A 1814 78.90 54.45 -15.73
C THR A 1814 77.66 55.31 -15.71
N GLU A 1815 76.66 54.92 -14.93
CA GLU A 1815 75.42 55.67 -14.90
C GLU A 1815 75.65 57.04 -14.29
N PHE A 1816 76.52 57.10 -13.28
CA PHE A 1816 76.94 58.38 -12.75
C PHE A 1816 77.78 59.12 -13.77
N LEU A 1817 78.52 58.38 -14.56
CA LEU A 1817 79.35 58.98 -15.57
C LEU A 1817 78.50 59.57 -16.69
N PHE A 1818 77.33 59.01 -16.92
CA PHE A 1818 76.65 59.28 -18.16
C PHE A 1818 75.28 59.90 -17.96
N VAL A 1819 74.42 59.23 -17.20
CA VAL A 1819 73.00 59.56 -17.16
C VAL A 1819 72.72 61.02 -16.80
N PRO A 1820 73.35 61.63 -15.80
CA PRO A 1820 73.08 63.04 -15.61
C PRO A 1820 73.70 63.91 -16.67
N LEU A 1821 74.81 63.49 -17.28
CA LEU A 1821 75.38 64.26 -18.38
C LEU A 1821 74.45 64.26 -19.57
N ILE A 1822 73.91 63.10 -19.91
CA ILE A 1822 73.06 63.02 -21.08
C ILE A 1822 71.76 63.72 -20.80
N LYS A 1823 71.27 63.62 -19.56
CA LYS A 1823 70.07 64.33 -19.18
C LYS A 1823 70.26 65.82 -19.31
N LEU A 1824 71.42 66.28 -18.86
CA LEU A 1824 71.80 67.68 -18.96
C LEU A 1824 71.80 68.15 -20.38
N PHE A 1825 72.50 67.41 -21.24
CA PHE A 1825 72.60 67.77 -22.63
C PHE A 1825 71.26 67.69 -23.33
N TYR A 1826 70.42 66.75 -22.89
CA TYR A 1826 69.13 66.57 -23.51
C TYR A 1826 68.24 67.75 -23.24
N THR A 1827 68.26 68.20 -22.00
CA THR A 1827 67.54 69.41 -21.64
C THR A 1827 68.08 70.62 -22.37
N LEU A 1828 69.39 70.65 -22.57
CA LEU A 1828 69.98 71.72 -23.37
C LEU A 1828 69.44 71.68 -24.78
N LEU A 1829 69.41 70.48 -25.35
CA LEU A 1829 68.92 70.24 -26.69
C LEU A 1829 67.49 70.65 -26.83
N ILE A 1830 66.72 70.51 -25.76
CA ILE A 1830 65.37 71.04 -25.74
C ILE A 1830 65.40 72.55 -25.86
N MET A 1831 66.39 73.19 -25.24
CA MET A 1831 66.31 74.62 -25.02
C MET A 1831 66.80 75.45 -26.19
N GLY A 1832 66.70 74.93 -27.41
CA GLY A 1832 66.82 75.77 -28.58
C GLY A 1832 68.20 76.32 -28.84
N ILE A 1833 69.22 75.50 -28.66
CA ILE A 1833 70.60 75.90 -28.87
C ILE A 1833 71.19 74.84 -29.77
N PHE A 1834 72.52 74.88 -29.94
CA PHE A 1834 73.26 74.00 -30.84
C PHE A 1834 72.79 74.16 -32.28
N HIS A 1835 73.16 75.32 -32.83
CA HIS A 1835 73.17 75.47 -34.27
C HIS A 1835 73.96 74.32 -34.90
N ASN A 1836 73.47 73.85 -36.04
CA ASN A 1836 73.54 72.45 -36.42
C ASN A 1836 74.93 71.83 -36.60
N GLU A 1837 75.98 72.63 -36.41
CA GLU A 1837 77.34 72.16 -36.61
C GLU A 1837 77.73 71.12 -35.57
N ASP A 1838 77.55 71.44 -34.29
CA ASP A 1838 77.79 70.48 -33.25
C ASP A 1838 76.75 69.38 -33.27
N LEU A 1839 75.56 69.72 -33.76
CA LEU A 1839 74.49 68.74 -33.91
C LEU A 1839 74.91 67.65 -34.86
N LYS A 1840 75.33 68.02 -36.05
CA LYS A 1840 75.77 67.04 -37.03
C LYS A 1840 77.06 66.38 -36.60
N HIS A 1841 77.88 67.10 -35.85
CA HIS A 1841 79.06 66.52 -35.23
C HIS A 1841 78.68 65.36 -34.31
N ILE A 1842 77.77 65.62 -33.39
CA ILE A 1842 77.28 64.62 -32.46
C ILE A 1842 76.51 63.54 -33.17
N LEU A 1843 75.81 63.91 -34.24
CA LEU A 1843 75.06 62.95 -35.02
C LEU A 1843 75.98 61.93 -35.68
N GLN A 1844 76.80 62.40 -36.63
CA GLN A 1844 77.74 61.52 -37.35
C GLN A 1844 78.78 60.91 -36.43
N LEU A 1845 78.96 61.47 -35.23
CA LEU A 1845 79.53 60.70 -34.13
C LEU A 1845 78.68 59.46 -33.85
N ILE A 1846 77.41 59.65 -33.52
CA ILE A 1846 76.59 58.56 -33.01
C ILE A 1846 75.92 57.78 -34.15
N GLU A 1847 75.60 58.45 -35.24
CA GLU A 1847 74.91 57.88 -36.39
C GLU A 1847 75.77 56.93 -37.22
N PRO A 1848 77.09 57.11 -37.26
CA PRO A 1848 77.74 57.47 -38.53
C PRO A 1848 77.13 56.82 -39.75
N SER A 1849 76.60 57.63 -40.65
CA SER A 1849 75.97 57.15 -41.87
C SER A 1849 76.04 58.23 -42.94
N GLY A 1893 79.86 56.14 -33.46
CA GLY A 1893 79.09 54.94 -33.22
C GLY A 1893 78.83 54.68 -31.75
N LEU A 1894 77.99 55.53 -31.16
CA LEU A 1894 77.65 55.34 -29.75
C LEU A 1894 76.70 54.17 -29.56
N LEU A 1895 75.74 54.02 -30.46
CA LEU A 1895 74.73 53.00 -30.28
C LEU A 1895 75.24 51.59 -30.50
N GLN A 1896 76.46 51.45 -31.02
CA GLN A 1896 77.14 50.17 -31.01
C GLN A 1896 77.39 49.66 -29.59
N MET A 1897 77.49 50.57 -28.62
CA MET A 1897 77.93 50.18 -27.30
C MET A 1897 76.86 49.37 -26.57
N LYS A 1898 77.33 48.63 -25.57
CA LYS A 1898 76.44 48.16 -24.53
C LYS A 1898 76.09 49.33 -23.64
N LEU A 1899 74.87 49.33 -23.13
CA LEU A 1899 74.42 50.39 -22.27
C LEU A 1899 73.67 49.79 -21.08
N PRO A 1900 73.82 50.34 -19.91
CA PRO A 1900 72.93 49.94 -18.80
C PRO A 1900 71.55 50.56 -18.92
N GLU A 1901 70.69 50.25 -17.95
CA GLU A 1901 69.26 50.46 -18.14
C GLU A 1901 68.84 51.94 -18.13
N PRO A 1902 69.10 52.72 -17.08
CA PRO A 1902 68.58 54.10 -17.11
C PRO A 1902 69.32 54.96 -18.09
N VAL A 1903 70.45 54.48 -18.59
CA VAL A 1903 71.17 55.13 -19.66
C VAL A 1903 70.30 55.21 -20.89
N LYS A 1904 69.84 54.06 -21.38
CA LYS A 1904 69.04 54.10 -22.59
C LYS A 1904 67.65 54.62 -22.31
N LEU A 1905 67.18 54.44 -21.08
CA LEU A 1905 65.94 55.10 -20.65
C LEU A 1905 66.05 56.61 -20.77
N GLN A 1906 67.21 57.14 -20.47
CA GLN A 1906 67.47 58.53 -20.73
C GLN A 1906 67.58 58.78 -22.22
N MET A 1907 68.18 57.83 -22.94
CA MET A 1907 68.59 58.07 -24.31
C MET A 1907 67.40 58.21 -25.24
N CYS A 1908 66.36 57.43 -25.01
CA CYS A 1908 65.28 57.30 -25.99
C CYS A 1908 64.53 58.60 -26.17
N LEU A 1909 64.54 59.44 -25.15
CA LEU A 1909 63.85 60.72 -25.18
C LEU A 1909 64.51 61.65 -26.18
N LEU A 1910 65.81 61.49 -26.39
CA LEU A 1910 66.53 62.28 -27.37
C LEU A 1910 65.99 62.02 -28.76
N LEU A 1911 65.83 60.75 -29.08
CA LEU A 1911 65.33 60.36 -30.38
C LEU A 1911 63.88 60.76 -30.53
N GLN A 1912 63.15 60.72 -29.43
CA GLN A 1912 61.78 61.20 -29.41
C GLN A 1912 61.73 62.67 -29.82
N TYR A 1913 62.62 63.45 -29.21
CA TYR A 1913 62.78 64.85 -29.58
C TYR A 1913 63.19 65.00 -31.03
N LEU A 1914 64.00 64.07 -31.51
CA LEU A 1914 64.54 64.16 -32.85
C LEU A 1914 63.47 63.98 -33.90
N CYS A 1915 62.71 62.89 -33.79
CA CYS A 1915 61.62 62.69 -34.72
C CYS A 1915 60.53 63.71 -34.51
N ASP A 1916 60.43 64.27 -33.32
CA ASP A 1916 59.48 65.34 -33.09
C ASP A 1916 59.83 66.57 -33.90
N CYS A 1917 61.08 67.02 -33.83
CA CYS A 1917 61.43 68.22 -34.56
C CYS A 1917 61.50 67.94 -36.04
N GLN A 1918 61.80 66.70 -36.41
CA GLN A 1918 61.73 66.26 -37.79
C GLN A 1918 60.32 66.43 -38.34
N VAL A 1919 59.33 65.94 -37.62
CA VAL A 1919 58.00 66.00 -38.17
C VAL A 1919 57.44 67.39 -38.04
N ARG A 1920 57.97 68.19 -37.12
CA ARG A 1920 57.58 69.59 -37.09
C ARG A 1920 58.12 70.30 -38.32
N HIS A 1921 59.31 69.91 -38.76
CA HIS A 1921 59.84 70.40 -40.02
C HIS A 1921 58.97 69.93 -41.19
N ARG A 1922 58.50 68.69 -41.13
CA ARG A 1922 57.58 68.18 -42.14
C ARG A 1922 56.33 69.06 -42.22
N ILE A 1923 55.83 69.45 -41.05
CA ILE A 1923 54.67 70.32 -40.98
C ILE A 1923 54.99 71.68 -41.55
N GLU A 1924 56.17 72.19 -41.26
CA GLU A 1924 56.56 73.50 -41.77
C GLU A 1924 56.69 73.47 -43.29
N ALA A 1925 57.15 72.35 -43.83
CA ALA A 1925 57.23 72.21 -45.28
C ALA A 1925 55.84 72.18 -45.90
N ILE A 1926 54.89 71.54 -45.22
CA ILE A 1926 53.55 71.53 -45.79
C ILE A 1926 52.88 72.87 -45.58
N VAL A 1927 53.33 73.63 -44.60
CA VAL A 1927 52.86 75.00 -44.44
C VAL A 1927 53.32 75.82 -45.62
N ALA A 1928 54.57 75.68 -46.00
CA ALA A 1928 55.10 76.40 -47.16
C ALA A 1928 54.44 75.96 -48.45
N PHE A 1929 54.07 74.68 -48.55
CA PHE A 1929 53.36 74.20 -49.72
C PHE A 1929 51.99 74.85 -49.83
N SER A 1930 51.22 74.80 -48.74
CA SER A 1930 49.91 75.41 -48.68
C SER A 1930 49.96 76.90 -48.93
N ASP A 1931 51.07 77.53 -48.50
CA ASP A 1931 51.26 78.97 -48.53
C ASP A 1931 51.18 79.55 -49.93
N ASP A 1932 51.34 78.73 -50.97
CA ASP A 1932 50.98 79.13 -52.30
C ASP A 1932 49.91 78.27 -52.92
N PHE A 1933 49.71 77.04 -52.43
CA PHE A 1933 48.71 76.18 -53.03
C PHE A 1933 47.31 76.71 -52.85
N VAL A 1934 47.08 77.44 -51.76
CA VAL A 1934 45.76 78.00 -51.49
C VAL A 1934 45.41 79.08 -52.52
N ALA A 1935 46.42 79.80 -53.00
CA ALA A 1935 46.22 80.98 -53.83
C ALA A 1935 45.57 80.61 -55.16
N LYS A 1936 46.02 79.53 -55.77
CA LYS A 1936 45.51 79.13 -57.09
C LYS A 1936 44.06 78.72 -57.01
N LEU A 1937 43.68 78.07 -55.92
CA LEU A 1937 42.29 77.68 -55.78
C LEU A 1937 41.42 78.87 -55.45
N GLN A 1938 41.99 79.88 -54.79
CA GLN A 1938 41.22 81.11 -54.60
C GLN A 1938 40.99 81.80 -55.93
N ASP A 1939 42.01 81.78 -56.80
CA ASP A 1939 41.83 82.25 -58.17
C ASP A 1939 40.75 81.45 -58.88
N ASN A 1940 40.73 80.15 -58.63
CA ASN A 1940 39.74 79.28 -59.26
C ASN A 1940 38.33 79.62 -58.81
N GLN A 1941 38.15 79.92 -57.52
CA GLN A 1941 36.85 80.34 -57.03
C GLN A 1941 36.43 81.66 -57.66
N ARG A 1942 37.38 82.57 -57.80
CA ARG A 1942 37.08 83.82 -58.50
C ARG A 1942 36.74 83.59 -59.96
N PHE A 1943 37.30 82.54 -60.57
CA PHE A 1943 36.94 82.21 -61.95
C PHE A 1943 35.53 81.67 -62.01
N ARG A 1944 35.24 80.69 -61.15
CA ARG A 1944 33.95 80.01 -61.12
C ARG A 1944 32.81 80.94 -60.76
N TYR A 1945 33.11 82.06 -60.11
CA TYR A 1945 32.07 83.06 -59.97
C TYR A 1945 31.72 83.70 -61.31
N ASN A 1946 32.70 83.89 -62.19
CA ASN A 1946 32.43 84.60 -63.43
C ASN A 1946 31.66 83.76 -64.42
N GLU A 1947 31.81 82.45 -64.39
CA GLU A 1947 31.42 81.59 -65.49
C GLU A 1947 29.94 81.30 -65.55
N VAL A 1948 29.11 82.05 -64.83
CA VAL A 1948 27.68 81.92 -64.97
C VAL A 1948 27.12 83.17 -65.62
N ARG A 1994 25.38 75.16 -61.13
CA ARG A 1994 24.33 75.84 -60.39
C ARG A 1994 24.68 75.95 -58.91
N ASP A 1995 25.98 75.99 -58.63
CA ASP A 1995 26.45 76.02 -57.25
C ASP A 1995 27.54 77.08 -57.09
N GLN A 1996 28.27 77.00 -55.98
CA GLN A 1996 29.53 77.73 -55.78
C GLN A 1996 29.33 79.25 -55.84
N LEU A 1997 28.70 79.80 -54.79
CA LEU A 1997 28.58 79.17 -53.47
C LEU A 1997 27.28 79.56 -52.77
N LEU A 1998 26.46 78.65 -52.25
CA LEU A 1998 26.30 77.20 -52.53
C LEU A 1998 27.47 76.19 -52.49
N ASP A 1999 28.06 75.92 -51.32
CA ASP A 1999 27.70 76.54 -50.05
C ASP A 1999 28.93 77.22 -49.50
N PHE A 2000 28.75 78.40 -48.91
CA PHE A 2000 29.90 79.17 -48.44
C PHE A 2000 30.52 78.56 -47.19
N HIS A 2001 29.68 78.08 -46.28
CA HIS A 2001 30.20 77.35 -45.13
C HIS A 2001 30.82 76.03 -45.56
N GLU A 2002 30.15 75.34 -46.48
CA GLU A 2002 30.69 74.13 -47.06
C GLU A 2002 31.55 74.41 -48.28
N ASP A 2003 32.12 75.62 -48.38
CA ASP A 2003 33.17 75.83 -49.37
C ASP A 2003 34.40 75.02 -49.01
N LEU A 2004 34.62 74.78 -47.73
CA LEU A 2004 35.60 73.79 -47.31
C LEU A 2004 35.23 72.41 -47.85
N MET A 2005 33.94 72.07 -47.82
CA MET A 2005 33.51 70.80 -48.40
C MET A 2005 33.60 70.82 -49.91
N THR A 2006 33.48 72.01 -50.50
CA THR A 2006 33.62 72.14 -51.95
C THR A 2006 35.06 71.93 -52.36
N HIS A 2007 35.99 72.42 -51.54
CA HIS A 2007 37.38 72.07 -51.72
C HIS A 2007 37.60 70.59 -51.50
N CYS A 2008 36.89 70.03 -50.52
CA CYS A 2008 36.86 68.58 -50.38
C CYS A 2008 36.15 67.95 -51.56
N GLY A 2009 35.08 68.60 -52.03
CA GLY A 2009 34.48 68.18 -53.28
C GLY A 2009 35.40 68.38 -54.46
N ILE A 2010 36.27 69.40 -54.38
CA ILE A 2010 37.32 69.51 -55.39
C ILE A 2010 38.31 68.37 -55.21
N GLU A 2011 38.74 68.11 -53.99
CA GLU A 2011 39.82 67.16 -53.75
C GLU A 2011 39.32 65.73 -53.63
N LEU A 2012 38.27 65.37 -54.35
CA LEU A 2012 37.69 64.04 -54.22
C LEU A 2012 38.56 63.00 -54.91
N ASP A 2013 38.99 63.27 -56.13
CA ASP A 2013 39.72 62.26 -56.89
C ASP A 2013 40.84 62.90 -57.71
N SER A 2022 36.53 72.91 -60.53
CA SER A 2022 37.05 71.95 -59.57
C SER A 2022 37.48 70.69 -60.28
N ASP A 2023 37.97 69.72 -59.50
CA ASP A 2023 38.33 68.37 -59.95
C ASP A 2023 39.39 68.40 -61.04
N LEU A 2024 40.29 69.37 -60.97
CA LEU A 2024 41.23 69.60 -62.05
C LEU A 2024 42.37 68.58 -62.00
N THR A 2025 43.25 68.68 -62.99
CA THR A 2025 44.55 68.05 -62.87
C THR A 2025 45.47 68.92 -62.04
N ILE A 2026 45.13 70.20 -61.95
CA ILE A 2026 45.89 71.21 -61.22
C ILE A 2026 45.98 70.84 -59.75
N ARG A 2027 44.88 70.39 -59.17
CA ARG A 2027 44.89 69.98 -57.78
C ARG A 2027 45.66 68.68 -57.59
N GLY A 2028 45.32 67.65 -58.38
CA GLY A 2028 45.86 66.31 -58.21
C GLY A 2028 47.34 66.22 -58.47
N ARG A 2029 47.88 67.13 -59.27
CA ARG A 2029 49.31 67.20 -59.51
C ARG A 2029 50.09 67.49 -58.23
N LEU A 2030 49.84 68.65 -57.63
CA LEU A 2030 50.55 69.03 -56.42
C LEU A 2030 50.12 68.18 -55.24
N LEU A 2031 48.89 67.65 -55.31
CA LEU A 2031 48.44 66.63 -54.37
C LEU A 2031 49.34 65.41 -54.41
N SER A 2032 49.60 64.90 -55.61
CA SER A 2032 50.44 63.73 -55.77
C SER A 2032 51.86 64.03 -55.36
N LEU A 2033 52.30 65.26 -55.57
CA LEU A 2033 53.58 65.72 -55.08
C LEU A 2033 53.66 65.60 -53.56
N VAL A 2034 52.60 66.00 -52.88
CA VAL A 2034 52.58 65.91 -51.43
C VAL A 2034 52.52 64.46 -50.99
N GLU A 2035 51.72 63.65 -51.68
CA GLU A 2035 51.56 62.26 -51.30
C GLU A 2035 52.83 61.46 -51.56
N LYS A 2036 53.68 61.92 -52.47
CA LYS A 2036 54.96 61.24 -52.60
C LYS A 2036 56.00 61.81 -51.65
N VAL A 2037 55.84 63.05 -51.20
CA VAL A 2037 56.78 63.53 -50.19
C VAL A 2037 56.23 63.22 -48.80
N THR A 2038 55.26 62.32 -48.75
CA THR A 2038 55.11 61.51 -47.55
C THR A 2038 56.37 60.71 -47.29
N TYR A 2039 56.78 59.91 -48.26
CA TYR A 2039 58.01 59.10 -48.39
C TYR A 2039 58.50 58.10 -47.31
N LEU A 2040 57.74 57.57 -46.34
CA LEU A 2040 56.31 57.48 -46.18
C LEU A 2040 56.01 58.14 -44.86
N THR A 2058 68.56 55.94 -43.64
CA THR A 2058 68.66 54.82 -42.71
C THR A 2058 68.18 55.23 -41.34
N LEU A 2059 67.87 56.52 -41.22
CA LEU A 2059 67.66 57.13 -39.91
C LEU A 2059 66.38 56.66 -39.26
N GLN A 2060 65.25 56.76 -39.97
CA GLN A 2060 64.00 56.19 -39.50
C GLN A 2060 64.10 54.69 -39.39
N GLN A 2061 64.91 54.11 -40.26
CA GLN A 2061 65.15 52.69 -40.28
C GLN A 2061 65.95 52.28 -39.06
N LEU A 2062 67.03 52.99 -38.77
CA LEU A 2062 67.83 52.61 -37.61
C LEU A 2062 67.12 52.89 -36.32
N ILE A 2063 66.17 53.83 -36.34
CA ILE A 2063 65.27 54.00 -35.22
C ILE A 2063 64.59 52.69 -34.88
N SER A 2064 64.06 52.01 -35.88
CA SER A 2064 63.48 50.71 -35.67
C SER A 2064 64.53 49.69 -35.32
N GLU A 2065 65.71 49.82 -35.91
CA GLU A 2065 66.69 48.75 -35.81
C GLU A 2065 67.31 48.70 -34.44
N THR A 2066 67.51 49.85 -33.82
CA THR A 2066 68.23 49.90 -32.56
C THR A 2066 67.47 49.24 -31.44
N MET A 2067 66.17 49.39 -31.44
CA MET A 2067 65.39 48.94 -30.31
C MET A 2067 65.32 47.44 -30.24
N VAL A 2068 65.32 46.79 -31.41
CA VAL A 2068 65.10 45.37 -31.42
C VAL A 2068 66.31 44.62 -30.89
N ARG A 2069 67.46 45.30 -30.81
CA ARG A 2069 68.59 44.78 -30.05
C ARG A 2069 68.17 44.50 -28.62
N TRP A 2070 67.84 45.55 -27.88
CA TRP A 2070 67.48 45.40 -26.48
C TRP A 2070 66.22 44.60 -26.31
N ALA A 2071 65.37 44.61 -27.33
CA ALA A 2071 64.25 43.67 -27.36
C ALA A 2071 64.73 42.24 -27.46
N GLN A 2072 65.90 42.01 -28.07
CA GLN A 2072 66.34 40.64 -28.21
C GLN A 2072 67.25 40.19 -27.08
N GLU A 2073 68.40 40.80 -26.93
CA GLU A 2073 69.43 40.20 -26.10
C GLU A 2073 69.23 40.45 -24.63
N SER A 2074 68.39 41.40 -24.27
CA SER A 2074 68.43 42.01 -22.96
C SER A 2074 67.02 42.06 -22.39
N VAL A 2075 66.43 40.88 -22.24
CA VAL A 2075 65.20 40.75 -21.49
C VAL A 2075 65.36 41.36 -20.10
N ILE A 2076 64.47 42.28 -19.77
CA ILE A 2076 64.72 43.21 -18.68
C ILE A 2076 63.49 43.45 -17.86
N GLU A 2077 63.70 44.24 -16.84
CA GLU A 2077 62.72 44.87 -15.96
C GLU A 2077 62.44 46.27 -16.48
N ASP A 2078 61.88 47.13 -15.62
CA ASP A 2078 61.67 48.57 -15.80
C ASP A 2078 60.76 48.87 -16.96
N PRO A 2079 59.46 48.62 -16.82
CA PRO A 2079 58.52 48.72 -17.95
C PRO A 2079 58.45 50.08 -18.62
N GLU A 2080 58.99 51.11 -17.98
CA GLU A 2080 58.91 52.47 -18.46
C GLU A 2080 59.64 52.65 -19.78
N LEU A 2081 60.92 52.30 -19.82
CA LEU A 2081 61.64 52.49 -21.06
C LEU A 2081 61.27 51.45 -22.08
N VAL A 2082 60.81 50.29 -21.62
CA VAL A 2082 60.24 49.29 -22.50
C VAL A 2082 59.08 49.89 -23.27
N ARG A 2083 58.16 50.48 -22.52
CA ARG A 2083 57.06 51.25 -23.08
C ARG A 2083 57.55 52.30 -24.04
N ALA A 2084 58.60 53.04 -23.65
CA ALA A 2084 59.09 54.13 -24.48
C ALA A 2084 59.65 53.62 -25.79
N MET A 2085 60.32 52.47 -25.73
CA MET A 2085 60.80 51.81 -26.94
C MET A 2085 59.65 51.49 -27.84
N PHE A 2086 58.56 51.00 -27.27
CA PHE A 2086 57.41 50.68 -28.10
C PHE A 2086 56.77 51.93 -28.65
N VAL A 2087 56.83 53.03 -27.91
CA VAL A 2087 56.32 54.30 -28.40
C VAL A 2087 57.11 54.74 -29.60
N LEU A 2088 58.42 54.60 -29.52
CA LEU A 2088 59.27 54.99 -30.62
C LEU A 2088 59.06 54.08 -31.81
N LEU A 2089 58.79 52.80 -31.53
CA LEU A 2089 58.47 51.87 -32.59
C LEU A 2089 57.21 52.25 -33.31
N HIS A 2090 56.14 52.48 -32.55
CA HIS A 2090 54.88 52.79 -33.17
C HIS A 2090 54.94 54.12 -33.89
N ARG A 2091 55.60 55.10 -33.28
CA ARG A 2091 55.77 56.40 -33.91
C ARG A 2091 56.60 56.29 -35.16
N GLN A 2092 57.53 55.35 -35.19
CA GLN A 2092 58.24 55.07 -36.42
C GLN A 2092 57.29 54.49 -37.45
N TYR A 2093 56.43 53.59 -37.04
CA TYR A 2093 55.49 53.01 -37.98
C TYR A 2093 54.23 53.81 -38.14
N ASP A 2094 54.04 54.83 -37.32
CA ASP A 2094 52.91 55.73 -37.48
C ASP A 2094 53.40 57.15 -37.39
N GLY A 2095 54.39 57.48 -38.22
CA GLY A 2095 54.62 58.87 -38.54
C GLY A 2095 53.42 59.52 -39.22
N ILE A 2096 52.57 58.71 -39.85
CA ILE A 2096 51.30 59.15 -40.38
C ILE A 2096 50.45 59.75 -39.27
N GLY A 2097 50.10 58.95 -38.27
CA GLY A 2097 49.08 59.31 -37.32
C GLY A 2097 49.47 60.46 -36.42
N GLY A 2098 50.75 60.57 -36.10
CA GLY A 2098 51.21 61.77 -35.44
C GLY A 2098 51.06 62.98 -36.33
N LEU A 2099 51.41 62.83 -37.61
CA LEU A 2099 51.17 63.88 -38.57
C LEU A 2099 49.69 64.08 -38.81
N VAL A 2100 48.87 63.04 -38.61
CA VAL A 2100 47.43 63.24 -38.62
C VAL A 2100 47.02 64.18 -37.50
N ARG A 2101 47.29 63.80 -36.26
CA ARG A 2101 46.78 64.54 -35.14
C ARG A 2101 47.48 65.88 -34.92
N ALA A 2102 48.60 66.12 -35.59
CA ALA A 2102 49.27 67.40 -35.41
C ALA A 2102 48.50 68.52 -36.09
N LEU A 2103 47.84 68.22 -37.15
CA LEU A 2103 47.26 69.28 -37.95
C LEU A 2103 45.99 69.89 -37.37
N PRO A 2104 45.15 69.15 -36.63
CA PRO A 2104 44.21 69.86 -35.77
C PRO A 2104 44.90 70.72 -34.74
N LYS A 2105 46.07 70.31 -34.26
CA LYS A 2105 46.74 71.15 -33.28
C LYS A 2105 47.34 72.39 -33.92
N THR A 2106 47.73 72.31 -35.17
CA THR A 2106 48.44 73.44 -35.73
C THR A 2106 47.48 74.56 -36.13
N TYR A 2107 48.06 75.72 -36.42
CA TYR A 2107 47.29 76.89 -36.83
C TYR A 2107 48.21 77.79 -37.61
N THR A 2108 47.63 78.53 -38.54
CA THR A 2108 48.36 79.56 -39.27
C THR A 2108 47.87 80.92 -38.80
N ILE A 2109 48.74 81.65 -38.23
CA ILE A 2109 48.46 83.05 -37.99
C ILE A 2109 48.85 83.80 -39.26
N ASN A 2110 48.19 84.93 -39.48
CA ASN A 2110 48.71 85.91 -40.41
C ASN A 2110 50.09 86.38 -39.96
N GLY A 2111 50.88 86.86 -40.91
CA GLY A 2111 52.22 87.26 -40.58
C GLY A 2111 52.34 88.64 -39.96
N VAL A 2112 51.26 89.18 -39.41
CA VAL A 2112 51.26 90.54 -38.94
C VAL A 2112 51.04 90.59 -37.44
N SER A 2113 49.97 89.95 -36.99
CA SER A 2113 49.42 90.20 -35.66
C SER A 2113 50.12 89.39 -34.59
N VAL A 2114 51.37 88.99 -34.83
CA VAL A 2114 52.07 87.98 -34.05
C VAL A 2114 52.38 88.39 -32.62
N GLU A 2115 52.23 89.66 -32.30
CA GLU A 2115 52.77 90.19 -31.06
C GLU A 2115 51.83 89.87 -29.90
N ASP A 2116 50.54 90.18 -30.08
CA ASP A 2116 49.52 89.77 -29.12
C ASP A 2116 49.50 88.27 -28.97
N THR A 2117 49.79 87.54 -30.05
CA THR A 2117 49.93 86.11 -29.97
C THR A 2117 51.07 85.73 -29.05
N ILE A 2118 52.20 86.42 -29.19
CA ILE A 2118 53.36 86.16 -28.34
C ILE A 2118 53.01 86.40 -26.88
N ASN A 2119 52.27 87.47 -26.63
CA ASN A 2119 51.92 87.81 -25.26
C ASN A 2119 50.95 86.80 -24.67
N LEU A 2120 49.96 86.38 -25.45
CA LEU A 2120 49.02 85.43 -24.93
C LEU A 2120 49.64 84.08 -24.76
N LEU A 2121 50.57 83.73 -25.65
CA LEU A 2121 51.41 82.55 -25.46
C LEU A 2121 52.12 82.59 -24.14
N ALA A 2122 52.68 83.75 -23.80
CA ALA A 2122 53.40 83.90 -22.54
C ALA A 2122 52.46 83.69 -21.37
N SER A 2123 51.28 84.29 -21.43
CA SER A 2123 50.36 84.22 -20.31
C SER A 2123 49.80 82.82 -20.16
N LEU A 2124 49.45 82.18 -21.26
CA LEU A 2124 48.90 80.84 -21.16
C LEU A 2124 49.98 79.88 -20.76
N GLY A 2125 51.23 80.14 -21.16
CA GLY A 2125 52.31 79.28 -20.72
C GLY A 2125 52.51 79.35 -19.23
N GLN A 2126 52.45 80.55 -18.67
CA GLN A 2126 52.62 80.61 -17.23
C GLN A 2126 51.37 80.13 -16.52
N ILE A 2127 50.22 80.12 -17.19
CA ILE A 2127 49.09 79.53 -16.49
C ILE A 2127 49.18 78.02 -16.54
N ARG A 2128 49.80 77.47 -17.59
CA ARG A 2128 50.08 76.05 -17.62
C ARG A 2128 51.07 75.70 -16.52
N SER A 2129 52.00 76.61 -16.26
CA SER A 2129 52.85 76.45 -15.10
C SER A 2129 52.04 76.50 -13.83
N LEU A 2130 51.08 77.42 -13.78
CA LEU A 2130 50.35 77.68 -12.56
C LEU A 2130 49.36 76.60 -12.21
N LEU A 2131 49.12 75.67 -13.13
CA LEU A 2131 48.33 74.49 -12.80
C LEU A 2131 48.89 73.75 -11.60
N SER A 2132 50.20 73.61 -11.53
CA SER A 2132 50.84 72.73 -10.57
C SER A 2132 51.22 73.43 -9.28
N VAL A 2133 50.63 74.58 -9.01
CA VAL A 2133 51.05 75.37 -7.86
C VAL A 2133 49.83 75.43 -6.96
N ARG A 2134 49.13 74.29 -6.87
CA ARG A 2134 47.75 74.17 -6.40
C ARG A 2134 47.46 74.87 -5.08
N MET A 2135 48.46 75.00 -4.21
CA MET A 2135 48.36 75.81 -3.02
C MET A 2135 49.28 77.00 -3.22
N GLY A 2136 48.75 78.12 -3.73
CA GLY A 2136 47.33 78.28 -4.05
C GLY A 2136 46.65 79.45 -3.35
N LYS A 2137 47.41 80.50 -3.03
CA LYS A 2137 46.82 81.63 -2.33
C LYS A 2137 47.15 82.98 -2.94
N GLU A 2138 48.37 83.16 -3.41
CA GLU A 2138 48.75 84.38 -4.10
C GLU A 2138 48.93 84.16 -5.59
N GLU A 2139 49.18 82.92 -5.98
CA GLU A 2139 49.27 82.60 -7.39
C GLU A 2139 47.94 82.78 -8.08
N GLU A 2140 46.85 82.55 -7.36
CA GLU A 2140 45.52 82.64 -7.94
C GLU A 2140 45.21 84.08 -8.35
N LYS A 2141 45.76 85.03 -7.63
CA LYS A 2141 45.62 86.42 -8.02
C LYS A 2141 46.35 86.68 -9.32
N LEU A 2142 47.52 86.08 -9.47
CA LEU A 2142 48.25 86.21 -10.72
C LEU A 2142 47.51 85.53 -11.85
N MET A 2143 46.79 84.46 -11.53
CA MET A 2143 45.95 83.81 -12.51
C MET A 2143 44.83 84.73 -12.95
N ILE A 2144 44.24 85.44 -12.00
CA ILE A 2144 43.21 86.43 -12.30
C ILE A 2144 43.78 87.51 -13.20
N ARG A 2145 45.01 87.94 -12.91
CA ARG A 2145 45.70 88.90 -13.74
C ARG A 2145 45.83 88.41 -15.17
N GLY A 2146 46.39 87.21 -15.33
CA GLY A 2146 46.61 86.67 -16.66
C GLY A 2146 45.32 86.43 -17.41
N LEU A 2147 44.27 86.08 -16.68
CA LEU A 2147 42.95 85.94 -17.28
C LEU A 2147 42.44 87.25 -17.82
N GLY A 2148 42.66 88.33 -17.06
CA GLY A 2148 42.29 89.64 -17.55
C GLY A 2148 43.08 90.02 -18.78
N ASP A 2149 44.37 89.68 -18.79
CA ASP A 2149 45.21 89.98 -19.94
C ASP A 2149 44.77 89.19 -21.15
N ILE A 2150 44.28 87.96 -20.91
CA ILE A 2150 43.71 87.15 -21.95
C ILE A 2150 42.47 87.82 -22.52
N MET A 2151 41.62 88.35 -21.63
CA MET A 2151 40.44 89.08 -22.04
C MET A 2151 40.81 90.29 -22.90
N ASN A 2152 41.93 90.92 -22.59
CA ASN A 2152 42.34 92.09 -23.33
C ASN A 2152 43.11 91.76 -24.59
N ASN A 2153 43.24 90.49 -24.95
CA ASN A 2153 43.97 90.18 -26.16
C ASN A 2153 43.08 90.44 -27.36
N LYS A 2154 43.66 91.00 -28.40
CA LYS A 2154 42.85 91.44 -29.52
C LYS A 2154 43.00 90.57 -30.75
N VAL A 2155 43.98 89.69 -30.79
CA VAL A 2155 43.90 88.53 -31.67
C VAL A 2155 43.18 87.48 -30.85
N PHE A 2156 41.94 87.65 -30.76
CA PHE A 2156 41.13 86.77 -29.95
C PHE A 2156 39.90 86.34 -30.71
N TYR A 2157 39.32 87.26 -31.43
CA TYR A 2157 38.12 87.04 -32.19
C TYR A 2157 38.49 86.84 -33.63
N GLN A 2158 39.70 87.26 -33.97
CA GLN A 2158 40.25 87.00 -35.28
C GLN A 2158 40.49 85.52 -35.46
N HIS A 2159 41.04 84.86 -34.44
CA HIS A 2159 41.29 83.42 -34.49
C HIS A 2159 40.88 82.77 -33.18
N PRO A 2160 39.58 82.68 -32.90
CA PRO A 2160 39.15 82.00 -31.67
C PRO A 2160 39.25 80.51 -31.78
N ASN A 2161 39.33 80.00 -33.00
CA ASN A 2161 39.49 78.59 -33.24
C ASN A 2161 40.82 78.10 -32.73
N LEU A 2162 41.79 78.99 -32.69
CA LEU A 2162 43.07 78.68 -32.09
C LEU A 2162 42.92 78.35 -30.62
N MET A 2163 42.24 79.21 -29.87
CA MET A 2163 42.11 78.94 -28.45
C MET A 2163 41.14 77.81 -28.18
N ARG A 2164 40.19 77.60 -29.10
CA ARG A 2164 39.40 76.39 -29.05
C ARG A 2164 40.28 75.18 -29.20
N ALA A 2165 41.24 75.26 -30.11
CA ALA A 2165 42.22 74.19 -30.24
C ALA A 2165 43.17 74.14 -29.06
N LEU A 2166 43.26 75.21 -28.27
CA LEU A 2166 44.25 75.22 -27.21
C LEU A 2166 43.78 74.46 -25.99
N GLY A 2167 42.48 74.42 -25.73
CA GLY A 2167 42.01 73.74 -24.54
C GLY A 2167 42.22 74.51 -23.28
N MET A 2168 42.62 75.77 -23.40
CA MET A 2168 42.82 76.64 -22.25
C MET A 2168 41.53 76.84 -21.49
N HIS A 2169 40.42 76.90 -22.23
CA HIS A 2169 39.10 76.83 -21.63
C HIS A 2169 38.96 75.58 -20.80
N GLU A 2170 39.40 74.47 -21.33
CA GLU A 2170 39.27 73.23 -20.60
C GLU A 2170 40.27 73.18 -19.47
N THR A 2171 41.39 73.86 -19.66
CA THR A 2171 42.40 73.94 -18.63
C THR A 2171 41.90 74.71 -17.43
N VAL A 2172 41.24 75.85 -17.67
CA VAL A 2172 40.76 76.59 -16.54
C VAL A 2172 39.50 75.96 -15.99
N MET A 2173 38.82 75.13 -16.79
CA MET A 2173 37.77 74.31 -16.22
C MET A 2173 38.33 73.32 -15.22
N GLU A 2174 39.48 72.74 -15.55
CA GLU A 2174 40.21 71.93 -14.59
C GLU A 2174 40.60 72.75 -13.37
N VAL A 2175 40.99 74.00 -13.59
CA VAL A 2175 41.36 74.88 -12.48
C VAL A 2175 40.17 75.06 -11.55
N MET A 2176 38.99 75.19 -12.13
CA MET A 2176 37.78 75.30 -11.34
C MET A 2176 37.48 74.01 -10.59
N VAL A 2177 37.77 72.88 -11.21
CA VAL A 2177 37.62 71.61 -10.51
C VAL A 2177 38.57 71.56 -9.34
N ASN A 2178 39.79 72.01 -9.55
CA ASN A 2178 40.78 72.13 -8.51
C ASN A 2178 40.33 73.08 -7.41
N VAL A 2179 39.61 74.12 -7.80
CA VAL A 2179 39.03 75.03 -6.83
C VAL A 2179 37.98 74.31 -5.99
N LEU A 2180 37.12 73.55 -6.66
CA LEU A 2180 36.05 72.88 -5.96
C LEU A 2180 36.60 71.63 -5.32
N GLY A 2181 37.05 71.77 -4.08
CA GLY A 2181 37.53 70.64 -3.31
C GLY A 2181 36.38 69.77 -2.82
N PHE A 2190 37.61 79.36 -1.04
CA PHE A 2190 36.56 79.72 -1.98
C PHE A 2190 36.66 81.19 -2.39
N PRO A 2191 37.70 81.54 -3.12
CA PRO A 2191 37.98 82.95 -3.36
C PRO A 2191 37.09 83.52 -4.45
N LYS A 2192 37.36 84.79 -4.76
CA LYS A 2192 36.69 85.47 -5.85
C LYS A 2192 37.26 85.13 -7.21
N MET A 2193 38.29 84.28 -7.24
CA MET A 2193 38.84 83.82 -8.51
C MET A 2193 37.83 83.02 -9.29
N VAL A 2194 36.93 82.35 -8.56
CA VAL A 2194 35.83 81.60 -9.15
C VAL A 2194 35.02 82.47 -10.08
N ALA A 2195 34.71 83.68 -9.62
CA ALA A 2195 33.94 84.62 -10.42
C ALA A 2195 34.70 85.06 -11.65
N ASN A 2196 36.02 85.19 -11.51
CA ASN A 2196 36.84 85.61 -12.63
C ASN A 2196 36.83 84.56 -13.72
N CYS A 2197 36.98 83.30 -13.33
CA CYS A 2197 36.95 82.23 -14.30
C CYS A 2197 35.58 82.07 -14.91
N CYS A 2198 34.54 82.28 -14.12
CA CYS A 2198 33.17 82.17 -14.63
C CYS A 2198 32.93 83.22 -15.69
N ARG A 2199 33.26 84.46 -15.38
CA ARG A 2199 33.01 85.57 -16.28
C ARG A 2199 33.85 85.44 -17.53
N PHE A 2200 35.09 84.99 -17.38
CA PHE A 2200 35.91 84.75 -18.54
C PHE A 2200 35.34 83.64 -19.38
N LEU A 2201 34.85 82.59 -18.74
CA LEU A 2201 34.43 81.41 -19.47
C LEU A 2201 33.19 81.70 -20.27
N CYS A 2202 32.27 82.46 -19.70
CA CYS A 2202 31.09 82.77 -20.48
C CYS A 2202 31.40 83.79 -21.55
N TYR A 2203 32.33 84.72 -21.30
CA TYR A 2203 32.72 85.63 -22.36
C TYR A 2203 33.39 84.89 -23.50
N PHE A 2204 34.16 83.88 -23.15
CA PHE A 2204 34.69 82.96 -24.14
C PHE A 2204 33.57 82.25 -24.87
N CYS A 2205 32.51 81.91 -24.16
CA CYS A 2205 31.45 81.13 -24.75
C CYS A 2205 30.65 81.95 -25.76
N ARG A 2206 30.77 83.27 -25.70
CA ARG A 2206 30.09 84.15 -26.64
C ARG A 2206 30.60 83.94 -28.05
N ILE A 2207 31.91 83.79 -28.19
CA ILE A 2207 32.51 84.23 -29.45
C ILE A 2207 32.45 83.19 -30.55
N SER A 2208 31.94 81.98 -30.28
CA SER A 2208 31.49 81.18 -31.40
C SER A 2208 30.38 80.27 -30.95
N ARG A 2209 29.73 79.68 -31.96
CA ARG A 2209 28.83 78.58 -31.70
C ARG A 2209 29.60 77.36 -31.23
N GLN A 2210 30.73 77.07 -31.85
CA GLN A 2210 31.41 75.83 -31.52
C GLN A 2210 32.25 75.95 -30.27
N ASN A 2211 32.60 77.16 -29.86
CA ASN A 2211 33.15 77.33 -28.52
C ASN A 2211 32.10 76.96 -27.49
N GLN A 2212 30.87 77.39 -27.72
CA GLN A 2212 29.75 76.99 -26.90
C GLN A 2212 29.52 75.49 -26.99
N LYS A 2213 29.79 74.89 -28.15
CA LYS A 2213 29.69 73.45 -28.28
C LYS A 2213 30.69 72.75 -27.40
N ALA A 2214 31.92 73.26 -27.39
CA ALA A 2214 32.94 72.69 -26.54
C ALA A 2214 32.58 72.83 -25.08
N MET A 2215 31.99 73.96 -24.73
CA MET A 2215 31.63 74.16 -23.34
C MET A 2215 30.39 73.38 -22.96
N PHE A 2216 29.63 72.92 -23.95
CA PHE A 2216 28.40 72.19 -23.68
C PHE A 2216 28.64 70.88 -22.99
N ASP A 2217 29.83 70.36 -23.10
CA ASP A 2217 30.08 68.97 -22.83
C ASP A 2217 30.38 68.70 -21.38
N HIS A 2218 30.09 69.66 -20.53
CA HIS A 2218 30.58 69.61 -19.16
C HIS A 2218 29.43 69.84 -18.20
N LEU A 2219 28.21 69.63 -18.68
CA LEU A 2219 27.03 70.07 -17.95
C LEU A 2219 26.85 69.29 -16.67
N SER A 2220 26.77 67.96 -16.78
CA SER A 2220 26.46 67.11 -15.65
C SER A 2220 27.50 67.23 -14.57
N TYR A 2221 28.74 67.48 -14.96
CA TYR A 2221 29.70 67.99 -14.02
C TYR A 2221 29.27 69.35 -13.50
N LEU A 2222 28.90 70.23 -14.41
CA LEU A 2222 29.01 71.65 -14.15
C LEU A 2222 27.89 72.14 -13.25
N LEU A 2223 26.66 71.84 -13.63
CA LEU A 2223 25.52 72.32 -12.87
C LEU A 2223 25.43 71.64 -11.51
N GLU A 2224 25.84 70.38 -11.43
CA GLU A 2224 25.90 69.75 -10.13
C GLU A 2224 27.05 70.30 -9.32
N ASN A 2225 28.07 70.78 -10.00
CA ASN A 2225 29.09 71.56 -9.37
C ASN A 2225 28.68 73.02 -9.24
N SER A 2226 27.65 73.43 -9.95
CA SER A 2226 27.08 74.77 -9.75
C SER A 2226 26.01 74.73 -8.68
N SER A 2227 26.31 74.06 -7.57
CA SER A 2227 25.31 73.87 -6.54
C SER A 2227 25.07 75.17 -5.80
N VAL A 2228 26.12 75.98 -5.68
CA VAL A 2228 25.94 77.38 -5.32
C VAL A 2228 26.95 78.24 -6.06
N GLY A 2229 26.45 79.00 -7.01
CA GLY A 2229 27.12 80.21 -7.42
C GLY A 2229 26.23 81.31 -6.88
N LEU A 2230 25.17 80.86 -6.21
CA LEU A 2230 24.13 81.73 -5.69
C LEU A 2230 24.58 82.35 -4.38
N ALA A 2231 23.63 82.94 -3.66
CA ALA A 2231 23.83 83.73 -2.44
C ALA A 2231 24.77 84.90 -2.66
N SER A 2232 24.88 85.35 -3.91
CA SER A 2232 25.80 86.43 -4.25
C SER A 2232 25.15 87.28 -5.30
N PRO A 2233 24.37 88.27 -4.89
CA PRO A 2233 24.00 89.34 -5.82
C PRO A 2233 25.18 90.22 -6.17
N ALA A 2234 26.29 90.11 -5.42
CA ALA A 2234 27.54 90.73 -5.80
C ALA A 2234 28.01 90.22 -7.15
N MET A 2235 28.32 88.93 -7.25
CA MET A 2235 28.68 88.37 -8.54
C MET A 2235 27.48 88.38 -9.47
N ARG A 2236 26.50 87.52 -9.18
CA ARG A 2236 25.15 87.50 -9.76
C ARG A 2236 25.09 87.24 -11.26
N GLY A 2237 26.22 87.23 -11.94
CA GLY A 2237 26.32 86.89 -13.34
C GLY A 2237 27.52 85.99 -13.51
N SER A 2238 28.36 85.93 -12.47
CA SER A 2238 29.52 85.04 -12.48
C SER A 2238 29.26 83.78 -11.69
N THR A 2239 28.20 83.13 -11.95
CA THR A 2239 28.10 81.82 -11.36
C THR A 2239 28.49 80.78 -12.40
N PRO A 2240 28.94 79.59 -12.00
CA PRO A 2240 29.22 78.57 -13.01
C PRO A 2240 27.95 78.07 -13.65
N LEU A 2241 26.84 78.12 -12.90
CA LEU A 2241 25.53 77.95 -13.50
C LEU A 2241 25.27 79.00 -14.56
N ASP A 2242 25.76 80.22 -14.36
CA ASP A 2242 25.56 81.24 -15.37
C ASP A 2242 26.39 80.95 -16.60
N VAL A 2243 27.52 80.28 -16.44
CA VAL A 2243 28.26 79.85 -17.60
C VAL A 2243 27.51 78.73 -18.29
N ALA A 2244 26.83 77.89 -17.51
CA ALA A 2244 26.06 76.81 -18.08
C ALA A 2244 24.90 77.35 -18.89
N ALA A 2245 24.24 78.38 -18.38
CA ALA A 2245 23.19 79.02 -19.14
C ALA A 2245 23.78 79.77 -20.33
N ALA A 2246 25.00 80.26 -20.19
CA ALA A 2246 25.67 80.90 -21.30
C ALA A 2246 25.97 79.90 -22.40
N SER A 2247 26.09 78.64 -22.05
CA SER A 2247 26.32 77.59 -23.02
C SER A 2247 25.06 77.15 -23.73
N VAL A 2248 24.00 77.95 -23.68
CA VAL A 2248 22.71 77.53 -24.20
C VAL A 2248 22.19 78.48 -25.25
N MET A 2249 22.25 79.79 -24.98
CA MET A 2249 21.28 80.79 -25.41
C MET A 2249 21.05 80.90 -26.91
N ASP A 2250 21.85 80.27 -27.74
CA ASP A 2250 21.62 80.39 -29.17
C ASP A 2250 21.29 79.08 -29.85
N ASN A 2251 22.07 78.03 -29.59
CA ASN A 2251 22.12 76.92 -30.51
C ASN A 2251 20.93 76.01 -30.28
N ASN A 2252 19.99 76.07 -31.22
CA ASN A 2252 18.87 75.14 -31.25
C ASN A 2252 19.37 73.71 -31.36
N GLU A 2253 20.45 73.52 -32.11
CA GLU A 2253 21.16 72.25 -32.14
C GLU A 2253 21.55 71.82 -30.73
N LEU A 2254 22.09 72.74 -29.96
CA LEU A 2254 22.40 72.43 -28.58
C LEU A 2254 21.13 72.29 -27.76
N ALA A 2255 20.09 73.03 -28.15
CA ALA A 2255 18.83 72.95 -27.43
C ALA A 2255 18.16 71.60 -27.61
N LEU A 2256 18.51 70.88 -28.65
CA LEU A 2256 18.14 69.49 -28.72
C LEU A 2256 19.24 68.58 -28.28
N ALA A 2257 20.42 69.10 -28.03
CA ALA A 2257 21.48 68.20 -27.60
C ALA A 2257 21.31 67.79 -26.15
N LEU A 2258 20.58 68.56 -25.37
CA LEU A 2258 20.47 68.31 -23.95
C LEU A 2258 19.56 67.12 -23.65
N ARG A 2259 19.39 66.86 -22.36
CA ARG A 2259 18.54 65.77 -21.91
C ARG A 2259 17.94 66.13 -20.55
N GLU A 2260 17.32 65.15 -19.94
CA GLU A 2260 16.50 65.19 -18.74
C GLU A 2260 17.17 65.20 -17.35
N PRO A 2261 18.22 64.41 -17.04
CA PRO A 2261 18.51 64.15 -15.63
C PRO A 2261 19.15 65.33 -14.91
N ASP A 2262 19.91 66.13 -15.64
CA ASP A 2262 20.38 67.42 -15.17
C ASP A 2262 19.23 68.29 -14.71
N LEU A 2263 18.13 68.28 -15.46
CA LEU A 2263 16.99 69.10 -15.07
C LEU A 2263 16.32 68.52 -13.85
N GLU A 2264 16.41 67.21 -13.68
CA GLU A 2264 15.96 66.62 -12.44
C GLU A 2264 16.83 67.04 -11.28
N LYS A 2265 18.12 67.26 -11.54
CA LYS A 2265 18.95 67.84 -10.49
C LYS A 2265 18.58 69.28 -10.22
N VAL A 2266 18.14 69.98 -11.26
CA VAL A 2266 17.68 71.36 -11.09
C VAL A 2266 16.46 71.39 -10.18
N VAL A 2267 15.53 70.47 -10.39
CA VAL A 2267 14.35 70.49 -9.54
C VAL A 2267 14.67 69.87 -8.19
N ARG A 2268 15.77 69.11 -8.07
CA ARG A 2268 16.27 68.81 -6.74
C ARG A 2268 16.77 70.06 -6.05
N TYR A 2269 17.16 71.07 -6.80
CA TYR A 2269 17.64 72.29 -6.19
C TYR A 2269 16.52 73.24 -5.84
N LEU A 2270 15.29 72.75 -5.74
CA LEU A 2270 14.15 73.53 -5.29
C LEU A 2270 13.60 72.84 -4.05
N ALA A 2271 13.76 73.46 -2.89
CA ALA A 2271 13.34 72.82 -1.65
C ALA A 2271 12.60 73.71 -0.67
N GLY A 2272 12.80 75.02 -0.67
CA GLY A 2272 12.16 75.86 0.32
C GLY A 2272 11.87 77.23 -0.25
N CYS A 2273 10.90 77.89 0.33
CA CYS A 2273 10.62 79.28 -0.01
C CYS A 2273 10.89 80.20 1.15
N GLY A 2274 10.50 79.81 2.36
CA GLY A 2274 10.80 80.57 3.55
C GLY A 2274 11.45 79.71 4.60
N PRO A 2293 14.00 79.72 1.56
CA PRO A 2293 15.07 79.68 0.57
C PRO A 2293 14.66 80.29 -0.75
N VAL A 2294 14.54 81.62 -0.76
CA VAL A 2294 14.22 82.39 -1.95
C VAL A 2294 15.31 82.32 -3.00
N GLU A 2295 16.49 81.85 -2.63
CA GLU A 2295 17.65 81.78 -3.48
C GLU A 2295 17.55 80.71 -4.57
N GLY A 2296 16.43 79.97 -4.65
CA GLY A 2296 16.13 79.17 -5.83
C GLY A 2296 15.80 79.95 -7.07
N GLU A 2297 15.80 81.28 -6.95
CA GLU A 2297 15.60 82.24 -8.02
C GLU A 2297 16.52 82.01 -9.22
N ARG A 2298 17.70 81.46 -9.01
CA ARG A 2298 18.68 81.52 -10.08
C ARG A 2298 18.46 80.42 -11.11
N TYR A 2299 17.81 79.33 -10.73
CA TYR A 2299 17.69 78.18 -11.62
C TYR A 2299 16.76 78.47 -12.79
N LEU A 2300 15.68 79.19 -12.52
CA LEU A 2300 14.70 79.49 -13.56
C LEU A 2300 15.28 80.39 -14.61
N ASP A 2301 16.24 81.23 -14.21
CA ASP A 2301 16.96 82.07 -15.16
C ASP A 2301 17.63 81.21 -16.21
N PHE A 2302 18.24 80.12 -15.77
CA PHE A 2302 18.79 79.14 -16.69
C PHE A 2302 17.68 78.45 -17.48
N LEU A 2303 16.56 78.19 -16.83
CA LEU A 2303 15.52 77.40 -17.48
C LEU A 2303 14.85 78.18 -18.60
N ARG A 2304 14.90 79.51 -18.52
CA ARG A 2304 14.32 80.34 -19.56
C ARG A 2304 15.05 80.16 -20.88
N PHE A 2305 16.36 80.13 -20.83
CA PHE A 2305 17.08 79.74 -22.03
C PHE A 2305 16.92 78.27 -22.30
N ALA A 2306 16.63 77.48 -21.26
CA ALA A 2306 16.36 76.08 -21.51
C ALA A 2306 14.99 75.84 -22.12
N VAL A 2307 14.20 76.88 -22.38
CA VAL A 2307 13.05 76.71 -23.23
C VAL A 2307 13.12 77.51 -24.53
N PHE A 2308 13.66 78.72 -24.53
CA PHE A 2308 13.40 79.62 -25.65
C PHE A 2308 14.51 79.60 -26.68
N CYS A 2309 15.68 80.16 -26.37
CA CYS A 2309 16.95 79.98 -27.07
C CYS A 2309 17.00 80.50 -28.50
N ASN A 2310 15.86 80.90 -29.07
CA ASN A 2310 15.87 81.19 -30.50
C ASN A 2310 14.96 82.34 -30.90
N GLY A 2311 14.39 83.08 -29.96
CA GLY A 2311 13.26 83.90 -30.32
C GLY A 2311 11.99 83.12 -30.46
N GLU A 2312 11.99 81.84 -30.09
CA GLU A 2312 10.80 81.02 -30.06
C GLU A 2312 11.09 79.84 -29.18
N SER A 2313 10.23 79.60 -28.19
CA SER A 2313 10.33 78.47 -27.28
C SER A 2313 10.36 77.14 -27.98
N VAL A 2314 11.52 76.47 -27.96
CA VAL A 2314 11.52 75.06 -28.27
C VAL A 2314 10.92 74.32 -27.08
N GLU A 2315 10.24 73.22 -27.37
CA GLU A 2315 9.10 72.84 -26.57
C GLU A 2315 9.22 71.50 -25.89
N GLU A 2316 10.11 70.62 -26.35
CA GLU A 2316 10.14 69.29 -25.78
C GLU A 2316 10.71 69.30 -24.39
N ASN A 2317 11.72 70.12 -24.17
CA ASN A 2317 12.19 70.46 -22.83
C ASN A 2317 11.05 70.88 -21.93
N ALA A 2318 10.25 71.83 -22.41
CA ALA A 2318 9.10 72.31 -21.65
C ALA A 2318 8.08 71.20 -21.49
N ASN A 2319 7.90 70.42 -22.55
CA ASN A 2319 6.97 69.30 -22.57
C ASN A 2319 7.30 68.31 -21.48
N VAL A 2320 8.58 68.09 -21.23
CA VAL A 2320 8.95 67.23 -20.11
C VAL A 2320 8.73 67.96 -18.79
N VAL A 2321 9.27 69.17 -18.69
CA VAL A 2321 9.52 69.70 -17.36
C VAL A 2321 8.23 70.13 -16.69
N VAL A 2322 7.20 70.47 -17.46
CA VAL A 2322 5.95 70.78 -16.79
C VAL A 2322 5.28 69.51 -16.27
N ARG A 2323 5.55 68.37 -16.89
CA ARG A 2323 5.03 67.13 -16.33
C ARG A 2323 5.83 66.73 -15.12
N LEU A 2324 7.09 67.13 -15.10
CA LEU A 2324 7.88 66.96 -13.89
C LEU A 2324 7.35 67.86 -12.78
N LEU A 2325 6.80 69.00 -13.14
CA LEU A 2325 6.53 70.05 -12.18
C LEU A 2325 5.18 69.92 -11.50
N ILE A 2326 4.57 68.74 -11.51
CA ILE A 2326 3.38 68.52 -10.72
C ILE A 2326 3.73 68.25 -9.26
N ARG A 2327 5.03 68.18 -8.94
CA ARG A 2327 5.48 67.71 -7.64
C ARG A 2327 5.62 68.83 -6.62
N ARG A 2328 6.43 69.86 -6.90
CA ARG A 2328 6.59 70.94 -5.92
C ARG A 2328 6.93 72.26 -6.60
N PRO A 2329 5.93 73.07 -6.92
CA PRO A 2329 6.23 74.44 -7.35
C PRO A 2329 6.63 75.34 -6.20
N GLU A 2330 5.95 75.22 -5.07
CA GLU A 2330 6.20 75.98 -3.83
C GLU A 2330 6.16 77.49 -4.02
N GLY A 2343 -2.14 77.94 -0.42
CA GLY A 2343 -2.63 79.10 -1.13
C GLY A 2343 -1.52 79.97 -1.67
N LEU A 2344 -0.99 79.60 -2.84
CA LEU A 2344 0.15 80.31 -3.40
C LEU A 2344 -0.26 81.65 -3.99
N LEU A 2345 -1.37 81.67 -4.75
CA LEU A 2345 -1.91 82.93 -5.26
C LEU A 2345 -2.69 83.70 -4.21
N ALA A 2346 -2.93 83.09 -3.05
CA ALA A 2346 -3.62 83.79 -1.97
C ALA A 2346 -2.81 84.98 -1.51
N ALA A 2347 -1.55 84.76 -1.18
CA ALA A 2347 -0.65 85.84 -0.80
C ALA A 2347 0.16 86.35 -1.98
N MET A 2348 -0.45 86.41 -3.15
CA MET A 2348 0.31 86.70 -4.36
C MET A 2348 0.77 88.15 -4.39
N GLU A 2349 -0.16 89.09 -4.23
CA GLU A 2349 0.20 90.50 -4.13
C GLU A 2349 0.34 90.95 -2.70
N GLU A 2350 0.79 90.06 -1.82
CA GLU A 2350 0.76 90.35 -0.39
C GLU A 2350 1.84 91.35 0.00
N ALA A 2351 3.11 90.99 -0.17
CA ALA A 2351 4.19 91.73 0.45
C ALA A 2351 4.68 92.88 -0.40
N ILE A 2352 3.81 93.42 -1.27
CA ILE A 2352 4.09 94.68 -1.95
C ILE A 2352 4.29 95.79 -0.94
N LYS A 2353 3.58 95.71 0.18
CA LYS A 2353 3.83 96.57 1.32
C LYS A 2353 5.21 96.33 1.92
N ILE A 2354 5.73 95.11 1.84
CA ILE A 2354 6.95 94.78 2.56
C ILE A 2354 8.11 94.87 1.59
N GLY A 2386 15.00 94.64 -1.32
CA GLY A 2386 14.18 93.61 -0.69
C GLY A 2386 13.00 93.20 -1.55
N ASN A 2387 13.26 92.98 -2.83
CA ASN A 2387 12.23 92.67 -3.82
C ASN A 2387 12.08 91.17 -4.00
N ALA A 2388 12.18 90.44 -2.90
CA ALA A 2388 12.60 89.04 -2.94
C ALA A 2388 11.53 88.13 -3.53
N ILE A 2389 10.41 87.99 -2.82
CA ILE A 2389 9.41 87.01 -3.21
C ILE A 2389 8.68 87.46 -4.46
N MET A 2390 8.61 88.77 -4.67
CA MET A 2390 7.87 89.35 -5.79
C MET A 2390 8.51 88.99 -7.13
N THR A 2391 9.77 89.37 -7.29
CA THR A 2391 10.54 88.92 -8.44
C THR A 2391 10.74 87.41 -8.44
N PHE A 2392 10.76 86.82 -7.26
CA PHE A 2392 11.05 85.39 -7.11
C PHE A 2392 9.93 84.52 -7.65
N TYR A 2393 8.71 85.00 -7.57
CA TYR A 2393 7.62 84.32 -8.24
C TYR A 2393 7.35 84.88 -9.62
N ALA A 2394 7.83 86.10 -9.90
CA ALA A 2394 7.78 86.60 -11.27
C ALA A 2394 8.59 85.73 -12.20
N ALA A 2395 9.71 85.21 -11.70
CA ALA A 2395 10.47 84.22 -12.44
C ALA A 2395 9.63 82.98 -12.70
N LEU A 2396 8.84 82.56 -11.72
CA LEU A 2396 8.04 81.36 -11.86
C LEU A 2396 6.98 81.54 -12.93
N ILE A 2397 6.30 82.68 -12.92
CA ILE A 2397 5.22 82.88 -13.89
C ILE A 2397 5.80 83.08 -15.29
N ASP A 2398 6.93 83.78 -15.41
CA ASP A 2398 7.53 83.97 -16.71
C ASP A 2398 8.03 82.67 -17.30
N LEU A 2399 8.56 81.80 -16.44
CA LEU A 2399 8.99 80.50 -16.90
C LEU A 2399 7.81 79.64 -17.27
N LEU A 2400 6.72 79.78 -16.55
CA LEU A 2400 5.54 78.98 -16.85
C LEU A 2400 4.92 79.39 -18.16
N GLY A 2401 5.00 80.66 -18.50
CA GLY A 2401 4.31 81.14 -19.69
C GLY A 2401 5.00 80.82 -21.01
N ARG A 2402 5.63 79.67 -21.13
CA ARG A 2402 6.49 79.36 -22.27
C ARG A 2402 6.06 78.07 -22.92
N CYS A 2403 4.76 77.91 -23.18
CA CYS A 2403 4.24 76.71 -23.83
C CYS A 2403 3.23 77.08 -24.90
N ALA A 2404 3.47 76.63 -26.12
CA ALA A 2404 2.51 76.84 -27.20
C ALA A 2404 1.51 75.71 -27.19
N GLU A 2416 -3.96 65.34 -29.07
CA GLU A 2416 -2.81 66.21 -29.26
C GLU A 2416 -2.26 66.57 -27.90
N ALA A 2417 -1.09 67.22 -27.87
CA ALA A 2417 -0.39 67.41 -26.61
C ALA A 2417 -0.93 68.55 -25.79
N ILE A 2418 -2.10 69.09 -26.11
CA ILE A 2418 -2.57 70.29 -25.43
C ILE A 2418 -3.59 69.83 -24.39
N ARG A 2419 -3.40 68.60 -23.89
CA ARG A 2419 -3.93 68.24 -22.58
C ARG A 2419 -3.41 69.16 -21.50
N ILE A 2420 -2.20 69.70 -21.70
CA ILE A 2420 -1.54 70.62 -20.79
C ILE A 2420 -2.32 71.90 -20.51
N ARG A 2421 -3.23 72.30 -21.40
CA ARG A 2421 -3.68 73.68 -21.42
C ARG A 2421 -4.50 74.04 -20.19
N SER A 2422 -5.28 73.08 -19.70
CA SER A 2422 -5.96 73.25 -18.43
C SER A 2422 -4.96 73.44 -17.30
N ILE A 2423 -3.89 72.64 -17.32
CA ILE A 2423 -2.85 72.79 -16.33
C ILE A 2423 -2.08 74.06 -16.60
N LEU A 2424 -1.97 74.44 -17.88
CA LEU A 2424 -1.48 75.76 -18.22
C LEU A 2424 -2.41 76.86 -17.74
N ARG A 2425 -3.68 76.55 -17.53
CA ARG A 2425 -4.62 77.54 -17.06
C ARG A 2425 -4.93 77.41 -15.58
N SER A 2426 -4.30 76.48 -14.86
CA SER A 2426 -4.44 76.45 -13.41
C SER A 2426 -3.20 77.04 -12.76
N GLY A 2431 -6.51 80.52 -14.98
CA GLY A 2431 -7.51 81.36 -14.34
C GLY A 2431 -6.96 82.00 -13.09
N ASP A 2432 -5.81 82.63 -13.23
CA ASP A 2432 -5.02 83.13 -12.12
C ASP A 2432 -4.82 84.63 -12.25
N LEU A 2433 -5.88 85.35 -12.59
CA LEU A 2433 -5.81 86.62 -13.27
C LEU A 2433 -5.68 87.82 -12.34
N VAL A 2434 -5.17 87.61 -11.13
CA VAL A 2434 -5.15 88.69 -10.15
C VAL A 2434 -4.05 89.68 -10.48
N GLY A 2435 -2.90 89.17 -10.91
CA GLY A 2435 -1.76 90.02 -11.21
C GLY A 2435 -1.94 90.86 -12.44
N VAL A 2436 -2.92 90.51 -13.27
CA VAL A 2436 -3.32 91.38 -14.38
C VAL A 2436 -3.75 92.72 -13.86
N ILE A 2437 -4.56 92.70 -12.81
CA ILE A 2437 -5.06 93.93 -12.22
C ILE A 2437 -4.43 93.99 -10.83
N SER A 2438 -3.18 93.56 -10.76
CA SER A 2438 -2.39 93.86 -9.57
C SER A 2438 -2.24 95.36 -9.37
N ILE A 2439 -1.46 96.02 -10.22
CA ILE A 2439 -1.26 97.46 -10.14
C ILE A 2439 -1.62 98.02 -11.52
N ALA A 2440 -2.61 97.42 -12.17
CA ALA A 2440 -3.06 97.87 -13.49
C ALA A 2440 -3.60 99.29 -13.46
N PHE A 2461 10.22 96.98 -11.32
CA PHE A 2461 9.15 96.40 -10.53
C PHE A 2461 7.89 96.29 -11.37
N CYS A 2462 7.09 97.34 -11.36
CA CYS A 2462 6.10 97.49 -12.41
C CYS A 2462 6.77 97.72 -13.77
N PRO A 2463 8.03 98.18 -13.85
CA PRO A 2463 8.85 97.74 -14.99
C PRO A 2463 8.86 96.24 -15.18
N ASP A 2464 9.21 95.50 -14.12
CA ASP A 2464 9.60 94.10 -14.30
C ASP A 2464 8.39 93.20 -14.54
N HIS A 2465 7.45 93.19 -13.62
CA HIS A 2465 6.55 92.06 -13.48
C HIS A 2465 5.45 92.08 -14.53
N LYS A 2466 4.92 93.26 -14.84
CA LYS A 2466 3.68 93.35 -15.61
C LYS A 2466 3.88 92.88 -17.05
N ALA A 2467 5.05 93.12 -17.63
CA ALA A 2467 5.31 92.62 -18.98
C ALA A 2467 5.39 91.11 -19.01
N ALA A 2468 5.89 90.50 -17.94
CA ALA A 2468 5.89 89.05 -17.83
C ALA A 2468 4.48 88.52 -17.76
N MET A 2469 3.61 89.23 -17.03
CA MET A 2469 2.21 88.85 -17.02
C MET A 2469 1.59 89.03 -18.40
N VAL A 2470 2.02 90.06 -19.12
CA VAL A 2470 1.52 90.33 -20.47
C VAL A 2470 1.83 89.17 -21.39
N LEU A 2471 3.08 88.73 -21.41
CA LEU A 2471 3.44 87.65 -22.33
C LEU A 2471 2.83 86.32 -21.88
N PHE A 2472 2.67 86.14 -20.57
CA PHE A 2472 2.05 84.91 -20.10
C PHE A 2472 0.59 84.84 -20.51
N LEU A 2473 -0.13 85.94 -20.34
CA LEU A 2473 -1.50 86.00 -20.78
C LEU A 2473 -1.62 85.89 -22.28
N ASP A 2474 -0.65 86.42 -23.01
CA ASP A 2474 -0.71 86.30 -24.45
C ASP A 2474 -0.43 84.87 -24.89
N ARG A 2475 0.37 84.16 -24.12
CA ARG A 2475 0.70 82.80 -24.47
C ARG A 2475 -0.44 81.85 -24.15
N VAL A 2476 -1.03 81.99 -22.97
CA VAL A 2476 -1.95 80.97 -22.50
C VAL A 2476 -3.38 81.41 -22.78
N TYR A 2477 -3.58 82.70 -23.00
CA TYR A 2477 -4.93 83.18 -23.16
C TYR A 2477 -5.06 84.08 -24.36
N VAL A 2481 -14.35 90.18 -27.35
CA VAL A 2481 -13.11 89.42 -27.26
C VAL A 2481 -11.98 90.26 -27.80
N GLN A 2482 -12.10 90.68 -29.06
CA GLN A 2482 -11.13 91.63 -29.60
C GLN A 2482 -11.23 92.97 -28.91
N ASP A 2483 -12.39 93.29 -28.33
CA ASP A 2483 -12.59 94.54 -27.65
C ASP A 2483 -12.92 94.39 -26.17
N PHE A 2484 -13.12 93.15 -25.70
CA PHE A 2484 -13.34 92.87 -24.28
C PHE A 2484 -12.16 93.26 -23.42
N LEU A 2485 -10.94 93.08 -23.94
CA LEU A 2485 -9.74 93.08 -23.12
C LEU A 2485 -9.41 94.46 -22.56
N LEU A 2486 -10.05 95.50 -23.08
CA LEU A 2486 -9.74 96.85 -22.67
C LEU A 2486 -10.30 97.20 -21.30
N HIS A 2487 -11.06 96.31 -20.67
CA HIS A 2487 -11.45 96.56 -19.29
C HIS A 2487 -10.28 96.32 -18.37
N LEU A 2488 -9.28 95.62 -18.85
CA LEU A 2488 -8.10 95.30 -18.06
C LEU A 2488 -7.11 96.45 -17.96
N LEU A 2489 -7.47 97.67 -18.33
CA LEU A 2489 -6.65 98.82 -18.02
C LEU A 2489 -6.65 99.10 -16.53
N GLY A 2492 -2.09 96.95 -16.77
CA GLY A 2492 -3.11 97.68 -17.48
C GLY A 2492 -2.76 99.12 -17.78
N PHE A 2493 -3.19 99.59 -18.96
CA PHE A 2493 -2.70 100.86 -19.47
C PHE A 2493 -3.30 102.06 -18.78
N LEU A 2494 -4.26 101.87 -17.89
CA LEU A 2494 -4.79 102.98 -17.11
C LEU A 2494 -3.73 103.63 -16.23
N PRO A 2495 -2.85 102.89 -15.59
CA PRO A 2495 -1.73 103.55 -14.93
C PRO A 2495 -0.71 104.00 -15.95
N ASP A 2496 -0.59 103.23 -17.02
CA ASP A 2496 0.58 103.32 -17.88
C ASP A 2496 0.52 104.51 -18.82
N LEU A 2497 -0.44 104.49 -19.75
CA LEU A 2497 -0.50 105.52 -20.78
C LEU A 2497 -0.94 106.85 -20.21
N ARG A 2498 -1.58 106.83 -19.04
CA ARG A 2498 -1.82 108.05 -18.28
C ARG A 2498 -0.58 108.50 -17.52
N ALA A 2499 0.30 107.57 -17.15
CA ALA A 2499 1.51 107.92 -16.43
C ALA A 2499 2.66 108.29 -17.36
N ALA A 2500 2.35 108.75 -18.56
CA ALA A 2500 3.31 108.94 -19.63
C ALA A 2500 4.15 110.22 -19.47
N ALA A 2501 4.20 110.81 -18.28
CA ALA A 2501 5.07 111.97 -18.07
C ALA A 2501 5.70 112.00 -16.68
N SER A 2502 5.59 110.93 -15.90
CA SER A 2502 6.13 110.90 -14.54
C SER A 2502 7.66 110.89 -14.59
N LEU A 2503 8.28 112.00 -14.23
CA LEU A 2503 9.73 112.13 -14.31
C LEU A 2503 10.43 111.34 -13.21
N THR A 2511 14.02 106.33 -11.47
CA THR A 2511 13.95 106.39 -12.93
C THR A 2511 13.50 105.06 -13.49
N ASP A 2512 12.95 104.22 -12.62
CA ASP A 2512 12.33 102.97 -13.04
C ASP A 2512 11.21 103.23 -14.03
N MET A 2513 10.49 104.33 -13.80
CA MET A 2513 9.44 104.78 -14.70
C MET A 2513 9.97 105.11 -16.08
N ALA A 2514 11.12 105.81 -16.14
CA ALA A 2514 11.64 106.32 -17.41
C ALA A 2514 12.12 105.20 -18.32
N LEU A 2515 12.38 104.03 -17.75
CA LEU A 2515 12.78 102.88 -18.54
C LEU A 2515 11.63 101.92 -18.76
N ALA A 2516 10.66 101.88 -17.83
CA ALA A 2516 9.41 101.19 -18.11
C ALA A 2516 8.66 101.83 -19.26
N LEU A 2517 8.89 103.13 -19.45
CA LEU A 2517 8.37 103.88 -20.59
C LEU A 2517 8.77 103.23 -21.91
N ASN A 2518 10.06 103.17 -22.20
CA ASN A 2518 10.50 102.58 -23.46
C ASN A 2518 10.35 101.07 -23.43
N ARG A 2519 10.23 100.49 -22.24
CA ARG A 2519 10.06 99.06 -22.09
C ARG A 2519 8.71 98.61 -22.61
N TYR A 2520 7.65 99.15 -22.04
CA TYR A 2520 6.31 98.61 -22.26
C TYR A 2520 5.72 98.98 -23.61
N LEU A 2521 6.53 99.49 -24.53
CA LEU A 2521 6.08 99.65 -25.91
C LEU A 2521 5.86 98.31 -26.58
N CYS A 2522 6.57 97.27 -26.15
CA CYS A 2522 6.31 95.93 -26.66
C CYS A 2522 4.93 95.45 -26.22
N THR A 2523 4.63 95.63 -24.93
CA THR A 2523 3.31 95.32 -24.41
C THR A 2523 2.25 96.29 -24.91
N ALA A 2524 2.65 97.41 -25.48
CA ALA A 2524 1.73 98.31 -26.15
C ALA A 2524 1.43 97.86 -27.56
N VAL A 2525 2.41 97.27 -28.24
CA VAL A 2525 2.17 96.74 -29.57
C VAL A 2525 1.33 95.49 -29.50
N LEU A 2526 1.63 94.63 -28.53
CA LEU A 2526 1.00 93.34 -28.26
C LEU A 2526 -0.53 93.25 -28.30
N PRO A 2527 -1.31 94.30 -27.98
CA PRO A 2527 -2.74 94.20 -28.25
C PRO A 2527 -3.15 94.43 -29.69
N LEU A 2528 -2.21 94.38 -30.64
CA LEU A 2528 -2.59 94.20 -32.03
C LEU A 2528 -3.32 92.89 -32.23
N LEU A 2529 -2.96 91.88 -31.44
CA LEU A 2529 -3.76 90.69 -31.28
C LEU A 2529 -5.09 91.06 -30.65
N LEU A 2535 -19.36 99.43 -25.71
CA LEU A 2535 -18.50 99.94 -26.77
C LEU A 2535 -18.42 101.46 -26.71
N PHE A 2536 -17.82 101.99 -25.65
CA PHE A 2536 -17.71 103.44 -25.50
C PHE A 2536 -16.34 103.87 -24.99
N ALA A 2537 -15.76 103.11 -24.06
CA ALA A 2537 -14.52 103.50 -23.39
C ALA A 2537 -13.28 103.37 -24.28
N GLY A 2538 -13.43 102.86 -25.50
CA GLY A 2538 -12.32 102.84 -26.43
C GLY A 2538 -11.88 104.22 -26.86
N THR A 2539 -12.80 105.19 -26.82
CA THR A 2539 -12.39 106.58 -26.99
C THR A 2539 -11.47 107.01 -25.86
N GLU A 2540 -11.74 106.56 -24.63
CA GLU A 2540 -10.85 106.85 -23.51
C GLU A 2540 -9.54 106.09 -23.64
N HIS A 2541 -9.59 104.89 -24.23
CA HIS A 2541 -8.36 104.14 -24.47
C HIS A 2541 -7.49 104.83 -25.50
N HIS A 2542 -8.11 105.32 -26.58
CA HIS A 2542 -7.40 106.09 -27.58
C HIS A 2542 -6.93 107.43 -27.01
N ALA A 2543 -7.64 107.95 -26.00
CA ALA A 2543 -7.19 109.16 -25.32
C ALA A 2543 -5.91 108.92 -24.54
N SER A 2544 -5.87 107.82 -23.77
CA SER A 2544 -4.65 107.45 -23.06
C SER A 2544 -3.53 107.14 -24.04
N LEU A 2545 -3.88 106.52 -25.17
CA LEU A 2545 -2.91 106.21 -26.21
C LEU A 2545 -2.35 107.48 -26.84
N ILE A 2546 -3.19 108.47 -27.08
CA ILE A 2546 -2.72 109.72 -27.65
C ILE A 2546 -1.91 110.50 -26.63
N ASP A 2547 -2.26 110.37 -25.34
CA ASP A 2547 -1.48 111.02 -24.29
C ASP A 2547 -0.09 110.43 -24.21
N SER A 2548 0.01 109.10 -24.31
CA SER A 2548 1.32 108.48 -24.38
C SER A 2548 2.02 108.79 -25.70
N LEU A 2549 1.25 108.96 -26.78
CA LEU A 2549 1.82 109.16 -28.10
C LEU A 2549 2.46 110.54 -28.21
N LEU A 2550 1.67 111.58 -27.99
CA LEU A 2550 2.21 112.94 -27.95
C LEU A 2550 3.10 113.18 -26.74
N HIS A 2551 3.02 112.33 -25.71
CA HIS A 2551 4.05 112.32 -24.68
C HIS A 2551 5.39 111.89 -25.23
N THR A 2552 5.41 111.17 -26.36
CA THR A 2552 6.63 110.85 -27.07
C THR A 2552 6.74 111.52 -28.43
N VAL A 2553 5.62 111.96 -29.02
CA VAL A 2553 5.68 112.62 -30.32
C VAL A 2553 6.17 114.05 -30.18
N LYS A 2558 13.65 107.38 -26.35
CA LYS A 2558 12.83 106.18 -26.35
C LYS A 2558 12.32 105.88 -27.74
N GLY A 2559 12.89 106.58 -28.73
CA GLY A 2559 12.30 106.67 -30.05
C GLY A 2559 12.35 105.38 -30.86
N CYS A 2560 13.15 104.40 -30.44
CA CYS A 2560 13.23 103.16 -31.19
C CYS A 2560 11.94 102.35 -31.04
N SER A 2561 11.63 101.95 -29.81
CA SER A 2561 10.38 101.23 -29.58
C SER A 2561 9.17 102.15 -29.70
N LEU A 2562 9.36 103.46 -29.58
CA LEU A 2562 8.28 104.39 -29.89
C LEU A 2562 7.94 104.36 -31.36
N THR A 2563 8.95 104.39 -32.23
CA THR A 2563 8.71 104.24 -33.66
C THR A 2563 8.17 102.86 -33.99
N LYS A 2564 8.51 101.87 -33.18
CA LYS A 2564 7.89 100.56 -33.31
C LYS A 2564 6.39 100.62 -33.01
N ALA A 2565 6.03 101.26 -31.89
CA ALA A 2565 4.62 101.36 -31.52
C ALA A 2565 3.84 102.28 -32.43
N GLN A 2566 4.54 103.15 -33.17
CA GLN A 2566 3.90 104.00 -34.15
C GLN A 2566 3.22 103.20 -35.25
N ARG A 2567 3.77 102.03 -35.59
CA ARG A 2567 3.11 101.18 -36.57
C ARG A 2567 1.87 100.53 -35.99
N ASP A 2568 1.93 100.09 -34.73
CA ASP A 2568 0.81 99.41 -34.10
C ASP A 2568 -0.34 100.36 -33.82
N SER A 2569 -0.06 101.65 -33.66
CA SER A 2569 -1.10 102.62 -33.32
C SER A 2569 -2.15 102.76 -34.43
N ILE A 2570 -1.72 102.78 -35.69
CA ILE A 2570 -2.65 102.99 -36.79
C ILE A 2570 -3.55 101.78 -37.00
N GLU A 2571 -2.97 100.58 -36.88
CA GLU A 2571 -3.77 99.36 -37.02
C GLU A 2571 -4.70 99.17 -35.83
N VAL A 2572 -4.29 99.64 -34.65
CA VAL A 2572 -5.19 99.62 -33.51
C VAL A 2572 -6.30 100.65 -33.70
N CYS A 2573 -6.00 101.74 -34.42
CA CYS A 2573 -7.01 102.74 -34.70
C CYS A 2573 -8.05 102.24 -35.68
N LEU A 2574 -7.62 101.56 -36.74
CA LEU A 2574 -8.55 100.97 -37.69
C LEU A 2574 -9.03 99.59 -37.27
N LEU A 2575 -8.73 99.17 -36.04
CA LEU A 2575 -9.12 97.83 -35.58
C LEU A 2575 -10.62 97.71 -35.33
N SER A 2576 -11.34 98.82 -35.28
CA SER A 2576 -12.78 98.79 -35.16
C SER A 2576 -13.37 100.02 -35.83
N ARG A 2582 -17.41 102.85 -29.54
CA ARG A 2582 -17.78 101.98 -30.64
C ARG A 2582 -17.08 102.38 -31.92
N PRO A 2583 -17.68 102.03 -33.06
CA PRO A 2583 -17.16 102.54 -34.34
C PRO A 2583 -17.35 104.04 -34.49
N SER A 2584 -18.30 104.61 -33.75
CA SER A 2584 -18.38 106.06 -33.65
C SER A 2584 -17.14 106.62 -32.95
N MET A 2585 -16.71 105.95 -31.87
CA MET A 2585 -15.44 106.31 -31.26
C MET A 2585 -14.27 106.04 -32.20
N MET A 2586 -14.43 105.07 -33.12
CA MET A 2586 -13.38 104.80 -34.10
C MET A 2586 -13.27 105.94 -35.12
N GLN A 2587 -14.39 106.48 -35.57
CA GLN A 2587 -14.31 107.66 -36.44
C GLN A 2587 -13.86 108.89 -35.66
N HIS A 2588 -14.18 108.94 -34.37
CA HIS A 2588 -13.69 110.02 -33.50
C HIS A 2588 -12.17 110.01 -33.41
N LEU A 2589 -11.60 108.82 -33.20
CA LEU A 2589 -10.15 108.69 -33.24
C LEU A 2589 -9.59 108.81 -34.66
N LEU A 2590 -10.41 108.56 -35.68
CA LEU A 2590 -9.95 108.76 -37.06
C LEU A 2590 -9.75 110.23 -37.37
N ARG A 2591 -10.58 111.10 -36.79
CA ARG A 2591 -10.35 112.53 -36.90
C ARG A 2591 -9.59 113.11 -35.70
N ARG A 2592 -9.15 112.27 -34.76
CA ARG A 2592 -8.19 112.71 -33.74
C ARG A 2592 -6.86 113.15 -34.35
N LEU A 2593 -6.49 112.60 -35.52
CA LEU A 2593 -5.33 113.11 -36.24
C LEU A 2593 -5.55 114.55 -36.66
N VAL A 2594 -6.76 114.90 -37.08
CA VAL A 2594 -7.07 116.29 -37.39
C VAL A 2594 -7.13 117.13 -36.11
N PHE A 2595 -7.48 116.50 -34.99
CA PHE A 2595 -7.44 117.19 -33.70
C PHE A 2595 -6.03 117.59 -33.31
N ASP A 2596 -5.07 116.70 -33.50
CA ASP A 2596 -3.67 117.04 -33.23
C ASP A 2596 -3.03 117.86 -34.33
N VAL A 2597 -3.60 117.85 -35.54
CA VAL A 2597 -3.11 118.54 -36.73
C VAL A 2597 -3.08 120.05 -36.55
N PRO A 2598 -3.78 120.60 -35.55
CA PRO A 2598 -3.71 122.05 -35.29
C PRO A 2598 -2.31 122.59 -35.01
N LEU A 2599 -1.36 121.74 -34.62
CA LEU A 2599 0.03 122.13 -34.47
C LEU A 2599 0.92 121.62 -35.60
N LEU A 2600 0.34 121.07 -36.67
CA LEU A 2600 1.15 120.35 -37.65
C LEU A 2600 1.81 121.27 -38.67
N ASN A 2601 1.01 121.91 -39.51
CA ASN A 2601 1.53 122.72 -40.62
C ASN A 2601 0.47 123.66 -41.19
N LYS A 2605 4.91 116.79 -35.04
CA LYS A 2605 5.52 117.69 -36.01
C LYS A 2605 6.15 116.90 -37.15
N MET A 2606 7.48 116.95 -37.24
CA MET A 2606 8.21 116.07 -38.12
C MET A 2606 8.11 114.65 -37.58
N PRO A 2607 7.97 114.48 -36.26
CA PRO A 2607 7.75 113.16 -35.69
C PRO A 2607 6.41 112.56 -36.11
N LEU A 2608 5.34 113.31 -35.90
CA LEU A 2608 4.00 112.84 -36.23
C LEU A 2608 3.63 113.11 -37.70
N LYS A 2609 4.61 113.47 -38.54
CA LYS A 2609 4.34 113.68 -39.96
C LYS A 2609 3.97 112.38 -40.65
N LEU A 2610 4.51 111.26 -40.17
CA LEU A 2610 4.12 109.96 -40.72
C LEU A 2610 2.69 109.62 -40.36
N LEU A 2611 2.27 109.95 -39.14
CA LEU A 2611 0.88 109.74 -38.74
C LEU A 2611 -0.04 110.67 -39.52
N THR A 2612 0.42 111.89 -39.79
CA THR A 2612 -0.35 112.83 -40.59
C THR A 2612 -0.48 112.35 -42.04
N ASN A 2613 0.56 111.70 -42.55
CA ASN A 2613 0.47 111.10 -43.88
C ASN A 2613 -0.51 109.93 -43.88
N HIS A 2614 -0.38 109.02 -42.91
CA HIS A 2614 -1.23 107.83 -42.86
C HIS A 2614 -2.66 108.13 -42.46
N TYR A 2615 -2.95 109.34 -41.98
CA TYR A 2615 -4.32 109.70 -41.58
C TYR A 2615 -5.30 109.74 -42.75
N GLU A 2616 -4.80 109.79 -43.98
CA GLU A 2616 -5.66 109.62 -45.15
C GLU A 2616 -6.36 108.27 -45.13
N ARG A 2617 -5.68 107.23 -44.64
CA ARG A 2617 -6.31 105.94 -44.49
C ARG A 2617 -7.41 105.95 -43.44
N CYS A 2618 -7.23 106.70 -42.35
CA CYS A 2618 -8.25 106.77 -41.31
C CYS A 2618 -9.48 107.54 -41.79
N TRP A 2619 -9.24 108.60 -42.57
CA TRP A 2619 -10.36 109.34 -43.15
C TRP A 2619 -11.09 108.48 -44.20
N LYS A 2620 -10.33 107.68 -44.96
CA LYS A 2620 -10.98 106.77 -45.91
C LYS A 2620 -11.72 105.65 -45.19
N TYR A 2621 -11.26 105.28 -43.99
CA TYR A 2621 -11.97 104.29 -43.19
C TYR A 2621 -13.26 104.88 -42.65
N TYR A 2622 -13.25 106.15 -42.28
CA TYR A 2622 -14.49 106.82 -41.91
C TYR A 2622 -15.36 107.11 -43.13
N CYS A 2623 -14.79 107.05 -44.34
CA CYS A 2623 -15.50 107.47 -45.54
C CYS A 2623 -16.62 106.52 -45.95
N LEU A 2624 -16.52 105.23 -45.59
CA LEU A 2624 -17.48 104.26 -46.13
C LEU A 2624 -18.85 104.39 -45.50
N PRO A 2625 -19.04 104.11 -44.21
CA PRO A 2625 -20.38 104.24 -43.63
C PRO A 2625 -20.70 105.68 -43.30
N GLY A 2626 -19.66 106.47 -43.06
CA GLY A 2626 -19.82 107.89 -42.81
C GLY A 2626 -19.98 108.74 -44.04
N GLY A 2627 -20.05 108.12 -45.22
CA GLY A 2627 -20.27 108.86 -46.45
C GLY A 2627 -20.35 107.95 -47.67
N ALA A 2634 -19.95 120.79 -37.63
CA ALA A 2634 -19.14 119.97 -36.75
C ALA A 2634 -18.18 119.10 -37.55
N SER A 2635 -18.67 117.93 -37.99
CA SER A 2635 -17.82 116.98 -38.69
C SER A 2635 -17.43 117.50 -40.07
N GLU A 2636 -18.40 117.99 -40.83
CA GLU A 2636 -18.08 118.60 -42.11
C GLU A 2636 -17.38 119.94 -41.92
N GLU A 2637 -17.66 120.63 -40.81
CA GLU A 2637 -16.90 121.84 -40.49
C GLU A 2637 -15.45 121.51 -40.18
N GLU A 2638 -15.22 120.40 -39.47
CA GLU A 2638 -13.86 119.93 -39.27
C GLU A 2638 -13.23 119.47 -40.57
N LEU A 2639 -14.03 118.97 -41.50
CA LEU A 2639 -13.50 118.59 -42.81
C LEU A 2639 -13.08 119.81 -43.62
N HIS A 2640 -13.86 120.89 -43.52
CA HIS A 2640 -13.50 122.13 -44.19
C HIS A 2640 -12.27 122.76 -43.55
N LEU A 2641 -12.19 122.72 -42.22
CA LEU A 2641 -10.98 123.19 -41.54
C LEU A 2641 -9.78 122.32 -41.84
N SER A 2642 -10.01 121.03 -42.07
CA SER A 2642 -8.93 120.12 -42.43
C SER A 2642 -8.46 120.37 -43.86
N ARG A 2643 -9.38 120.68 -44.76
CA ARG A 2643 -8.99 121.03 -46.13
C ARG A 2643 -8.28 122.36 -46.15
N LYS A 2644 -8.69 123.29 -45.27
CA LYS A 2644 -7.98 124.56 -45.13
C LYS A 2644 -6.59 124.35 -44.56
N LEU A 2645 -6.44 123.44 -43.59
CA LEU A 2645 -5.13 123.11 -43.06
C LEU A 2645 -4.28 122.38 -44.08
N PHE A 2646 -4.91 121.61 -44.96
CA PHE A 2646 -4.18 120.93 -46.04
C PHE A 2646 -3.67 121.93 -47.07
N TRP A 2647 -4.49 122.93 -47.40
CA TRP A 2647 -4.03 123.99 -48.28
C TRP A 2647 -2.96 124.86 -47.62
N GLY A 2648 -3.04 125.03 -46.29
CA GLY A 2648 -2.01 125.78 -45.58
C GLY A 2648 -0.71 125.00 -45.44
N ILE A 2649 -0.80 123.67 -45.37
CA ILE A 2649 0.39 122.84 -45.43
C ILE A 2649 0.94 122.80 -46.85
N PHE A 2650 0.07 123.01 -47.85
CA PHE A 2650 0.52 123.04 -49.24
C PHE A 2650 1.40 124.26 -49.51
N ASP A 2651 1.12 125.38 -48.86
CA ASP A 2651 1.97 126.55 -48.96
C ASP A 2651 2.88 126.71 -47.75
N ALA A 2652 2.96 125.69 -46.88
CA ALA A 2652 3.82 125.77 -45.72
C ALA A 2652 5.30 125.76 -46.09
N LEU A 2653 5.64 125.20 -47.24
CA LEU A 2653 7.00 125.28 -47.74
C LEU A 2653 7.22 126.58 -48.48
N TYR A 2658 12.06 116.54 -47.29
CA TYR A 2658 11.54 115.50 -48.17
C TYR A 2658 10.49 114.67 -47.47
N GLU A 2659 10.64 114.51 -46.15
CA GLU A 2659 9.64 113.78 -45.37
C GLU A 2659 8.34 114.55 -45.30
N GLN A 2660 8.42 115.87 -45.13
CA GLN A 2660 7.23 116.70 -45.31
C GLN A 2660 6.77 116.68 -46.75
N GLU A 2661 7.73 116.65 -47.69
CA GLU A 2661 7.37 116.53 -49.11
C GLU A 2661 6.80 115.14 -49.42
N LEU A 2662 7.16 114.13 -48.63
CA LEU A 2662 6.52 112.83 -48.79
C LEU A 2662 5.11 112.85 -48.23
N PHE A 2663 4.93 113.44 -47.04
CA PHE A 2663 3.62 113.45 -46.40
C PHE A 2663 2.64 114.39 -47.09
N LYS A 2664 3.14 115.33 -47.90
CA LYS A 2664 2.25 116.25 -48.61
C LYS A 2664 1.48 115.54 -49.71
N LEU A 2665 2.03 114.48 -50.29
CA LEU A 2665 1.29 113.71 -51.27
C LEU A 2665 0.16 112.94 -50.63
N ALA A 2666 0.32 112.54 -49.37
CA ALA A 2666 -0.74 111.86 -48.65
C ALA A 2666 -1.73 112.82 -48.03
N LEU A 2667 -1.33 114.06 -47.79
CA LEU A 2667 -2.31 115.10 -47.49
C LEU A 2667 -3.25 115.34 -48.66
N PRO A 2668 -2.82 115.24 -49.92
CA PRO A 2668 -3.79 115.18 -51.02
C PRO A 2668 -4.67 113.95 -50.95
N CYS A 2669 -4.13 112.81 -50.51
CA CYS A 2669 -4.97 111.64 -50.26
C CYS A 2669 -5.90 111.87 -49.08
N LEU A 2670 -5.49 112.70 -48.11
CA LEU A 2670 -6.39 113.06 -47.02
C LEU A 2670 -7.53 113.93 -47.53
N SER A 2671 -7.26 114.81 -48.49
CA SER A 2671 -8.33 115.61 -49.11
C SER A 2671 -9.27 114.73 -49.92
N ALA A 2672 -8.73 113.74 -50.64
CA ALA A 2672 -9.58 112.82 -51.39
C ALA A 2672 -10.42 111.94 -50.47
N VAL A 2673 -9.86 111.52 -49.33
CA VAL A 2673 -10.62 110.70 -48.38
C VAL A 2673 -11.66 111.55 -47.65
N ALA A 2674 -11.38 112.84 -47.46
CA ALA A 2674 -12.42 113.74 -46.95
C ALA A 2674 -13.50 113.96 -48.00
N GLY A 2675 -13.14 113.89 -49.27
CA GLY A 2675 -14.16 113.91 -50.31
C GLY A 2675 -15.03 112.67 -50.29
N ALA A 2676 -14.43 111.49 -50.10
CA ALA A 2676 -15.21 110.27 -50.00
C ALA A 2676 -15.97 110.16 -48.68
N LEU A 2677 -15.55 110.92 -47.67
CA LEU A 2677 -16.22 110.95 -46.38
C LEU A 2677 -17.43 111.87 -46.43
N PRO A 2678 -17.28 113.06 -47.02
CA PRO A 2678 -18.39 113.99 -47.07
C PRO A 2678 -19.21 113.80 -48.33
N PRO A 2679 -18.95 112.73 -49.10
CA PRO A 2679 -19.53 112.24 -50.35
C PRO A 2679 -19.70 113.32 -51.41
N ASN A 2701 -0.36 116.16 -23.03
CA ASN A 2701 -0.22 117.48 -22.43
C ASN A 2701 -1.21 118.46 -23.04
N PHE A 2702 -2.50 118.14 -22.91
CA PHE A 2702 -3.54 118.95 -23.52
C PHE A 2702 -3.71 120.27 -22.78
N ASN A 2703 -4.09 121.30 -23.52
CA ASN A 2703 -4.22 122.67 -23.01
C ASN A 2703 -5.65 123.16 -23.19
N PRO A 2704 -6.54 122.91 -22.22
CA PRO A 2704 -7.91 123.42 -22.32
C PRO A 2704 -8.00 124.90 -21.96
N GLN A 2705 -8.13 125.75 -22.98
CA GLN A 2705 -8.01 127.20 -22.80
C GLN A 2705 -9.36 127.86 -22.95
N PRO A 2706 -9.96 128.37 -21.88
CA PRO A 2706 -11.18 129.17 -22.01
C PRO A 2706 -10.83 130.57 -22.50
N VAL A 2707 -11.87 131.37 -22.72
CA VAL A 2707 -11.70 132.74 -23.19
C VAL A 2707 -12.29 133.69 -22.15
N ASP A 2708 -12.26 134.99 -22.44
CA ASP A 2708 -12.48 136.02 -21.44
C ASP A 2708 -13.93 136.08 -20.96
N THR A 2709 -14.09 136.45 -19.69
CA THR A 2709 -15.38 136.34 -19.01
C THR A 2709 -15.96 137.71 -18.66
N SER A 2710 -15.28 138.48 -17.82
CA SER A 2710 -15.89 139.65 -17.19
C SER A 2710 -15.18 140.95 -17.51
N ASN A 2711 -14.17 140.92 -18.39
CA ASN A 2711 -13.50 142.13 -18.83
C ASN A 2711 -14.21 142.80 -20.01
N ILE A 2712 -15.40 142.31 -20.37
CA ILE A 2712 -16.23 142.88 -21.41
C ILE A 2712 -17.38 143.64 -20.77
N THR A 2713 -17.78 144.74 -21.38
CA THR A 2713 -18.79 145.64 -20.82
C THR A 2713 -20.15 144.97 -20.94
N ILE A 2714 -20.58 144.32 -19.88
CA ILE A 2714 -21.83 143.57 -19.83
C ILE A 2714 -22.78 144.32 -18.91
N PRO A 2715 -23.99 144.65 -19.36
CA PRO A 2715 -24.96 145.28 -18.46
C PRO A 2715 -25.57 144.25 -17.50
N GLU A 2716 -26.31 144.76 -16.53
CA GLU A 2716 -26.98 143.92 -15.55
C GLU A 2716 -28.44 143.65 -15.92
N LYS A 2717 -28.77 143.70 -17.21
CA LYS A 2717 -30.06 143.20 -17.67
C LYS A 2717 -30.06 141.68 -17.70
N LEU A 2718 -28.89 141.07 -17.92
CA LEU A 2718 -28.73 139.63 -17.76
C LEU A 2718 -28.68 139.24 -16.29
N GLU A 2719 -28.46 140.19 -15.38
CA GLU A 2719 -28.58 139.92 -13.95
C GLU A 2719 -30.03 139.65 -13.57
N TYR A 2720 -30.98 140.35 -14.22
CA TYR A 2720 -32.39 139.99 -14.06
C TYR A 2720 -32.67 138.63 -14.66
N PHE A 2721 -32.02 138.33 -15.80
CA PHE A 2721 -32.05 136.97 -16.34
C PHE A 2721 -31.39 135.97 -15.41
N ILE A 2722 -30.36 136.39 -14.65
CA ILE A 2722 -29.72 135.49 -13.71
C ILE A 2722 -30.65 135.21 -12.52
N ASN A 2723 -31.39 136.22 -12.06
CA ASN A 2723 -32.33 135.99 -10.97
C ASN A 2723 -33.54 135.18 -11.46
N LYS A 2724 -33.94 135.37 -12.72
CA LYS A 2724 -34.98 134.52 -13.29
C LYS A 2724 -34.49 133.08 -13.45
N TYR A 2725 -33.21 132.92 -13.82
CA TYR A 2725 -32.58 131.61 -13.90
C TYR A 2725 -32.56 130.95 -12.52
N ALA A 2726 -32.24 131.72 -11.49
CA ALA A 2726 -32.21 131.20 -10.13
C ALA A 2726 -33.60 130.84 -9.63
N GLU A 2727 -34.59 131.69 -9.93
CA GLU A 2727 -35.97 131.44 -9.54
C GLU A 2727 -36.51 130.18 -10.17
N HIS A 2728 -36.45 130.11 -11.49
CA HIS A 2728 -37.04 129.00 -12.21
C HIS A 2728 -36.22 127.72 -12.03
N SER A 2729 -34.90 127.86 -11.94
CA SER A 2729 -34.04 126.74 -11.61
C SER A 2729 -34.30 126.25 -10.19
N HIS A 2730 -34.72 127.13 -9.27
CA HIS A 2730 -35.06 126.61 -7.96
C HIS A 2730 -36.42 125.95 -7.93
N ASP A 2731 -37.36 126.39 -8.76
CA ASP A 2731 -38.61 125.64 -8.88
C ASP A 2731 -38.36 124.24 -9.44
N LYS A 2732 -37.58 124.13 -10.51
CA LYS A 2732 -37.28 122.81 -11.06
C LYS A 2732 -36.34 122.00 -10.16
N TRP A 2733 -35.45 122.68 -9.43
CA TRP A 2733 -34.57 122.03 -8.47
C TRP A 2733 -35.36 121.52 -7.28
N SER A 2734 -36.37 122.27 -6.85
CA SER A 2734 -37.24 121.83 -5.76
C SER A 2734 -38.10 120.66 -6.21
N MET A 2735 -38.52 120.62 -7.49
CA MET A 2735 -39.20 119.42 -7.97
C MET A 2735 -38.26 118.22 -8.06
N ASP A 2736 -37.01 118.46 -8.51
CA ASP A 2736 -36.04 117.38 -8.66
C ASP A 2736 -35.59 116.84 -7.31
N LYS A 2737 -35.66 117.64 -6.25
CA LYS A 2737 -35.26 117.19 -4.91
C LYS A 2737 -36.44 117.02 -3.96
N LEU A 2738 -37.67 117.22 -4.45
CA LEU A 2738 -38.87 116.81 -3.73
C LEU A 2738 -39.48 115.55 -4.30
N ALA A 2739 -39.03 115.12 -5.49
CA ALA A 2739 -39.17 113.71 -5.84
C ALA A 2739 -38.32 112.83 -4.92
N ASN A 2740 -37.19 113.38 -4.44
CA ASN A 2740 -36.38 112.77 -3.39
C ASN A 2740 -36.85 113.16 -1.99
N GLY A 2741 -37.31 114.40 -1.80
CA GLY A 2741 -37.91 114.80 -0.55
C GLY A 2741 -37.03 115.64 0.36
N TRP A 2742 -36.39 116.65 -0.20
CA TRP A 2742 -35.40 117.45 0.53
C TRP A 2742 -36.01 118.75 1.02
N ILE A 2743 -36.24 118.85 2.32
CA ILE A 2743 -36.62 120.09 3.00
C ILE A 2743 -35.55 120.37 4.05
N TYR A 2744 -35.27 121.66 4.29
CA TYR A 2744 -34.32 122.05 5.32
C TYR A 2744 -34.93 121.88 6.71
N GLY A 2745 -34.27 121.09 7.55
CA GLY A 2745 -34.66 120.92 8.93
C GLY A 2745 -33.66 121.55 9.88
N GLU A 2746 -33.00 120.74 10.71
CA GLU A 2746 -31.99 121.24 11.63
C GLU A 2746 -30.61 120.71 11.33
N ILE A 2747 -30.43 119.39 11.32
CA ILE A 2747 -29.14 118.74 11.12
C ILE A 2747 -29.21 117.94 9.82
N TYR A 2748 -28.25 118.16 8.93
CA TYR A 2748 -28.28 117.56 7.60
C TYR A 2748 -27.99 116.06 7.67
N SER A 2749 -28.95 115.25 7.25
CA SER A 2749 -28.79 113.81 7.18
C SER A 2749 -29.75 113.26 6.13
N ASP A 2750 -29.87 111.93 6.09
CA ASP A 2750 -30.66 111.25 5.06
C ASP A 2750 -31.88 110.53 5.61
N SER A 2751 -31.83 110.08 6.87
CA SER A 2751 -32.97 109.39 7.46
C SER A 2751 -34.13 110.34 7.68
N SER A 2752 -33.85 111.59 8.02
CA SER A 2752 -34.86 112.63 8.09
C SER A 2752 -34.99 113.40 6.78
N LYS A 2753 -34.10 113.13 5.82
CA LYS A 2753 -34.06 113.79 4.50
C LYS A 2753 -33.93 115.31 4.62
N VAL A 2754 -32.83 115.72 5.23
CA VAL A 2754 -32.57 117.12 5.55
C VAL A 2754 -31.30 117.56 4.84
N GLN A 2755 -31.39 118.65 4.09
CA GLN A 2755 -30.25 119.32 3.49
C GLN A 2755 -30.19 120.76 3.98
N PRO A 2756 -29.00 121.36 4.08
CA PRO A 2756 -28.93 122.74 4.58
C PRO A 2756 -29.18 123.80 3.52
N LEU A 2757 -29.81 123.43 2.40
CA LEU A 2757 -30.01 124.36 1.30
C LEU A 2757 -31.42 124.37 0.73
N MET A 2758 -32.38 123.70 1.35
CA MET A 2758 -33.65 123.38 0.70
C MET A 2758 -34.83 124.09 1.36
N LYS A 2759 -35.08 125.32 0.92
CA LYS A 2759 -36.31 126.05 1.12
C LYS A 2759 -36.88 126.32 -0.27
N PRO A 2760 -38.11 126.80 -0.41
CA PRO A 2760 -38.53 127.34 -1.71
C PRO A 2760 -37.87 128.69 -1.98
N TYR A 2761 -38.06 129.18 -3.21
CA TYR A 2761 -37.32 130.35 -3.68
C TYR A 2761 -37.73 131.63 -2.97
N LYS A 2762 -38.94 131.70 -2.41
CA LYS A 2762 -39.37 132.88 -1.68
C LYS A 2762 -38.70 133.04 -0.33
N LEU A 2763 -37.98 132.03 0.16
CA LEU A 2763 -37.31 132.10 1.45
C LEU A 2763 -35.83 131.73 1.36
N LEU A 2764 -35.31 131.53 0.15
CA LEU A 2764 -33.92 131.15 0.00
C LEU A 2764 -32.97 132.28 0.37
N SER A 2765 -31.72 131.91 0.54
CA SER A 2765 -30.60 132.82 0.67
C SER A 2765 -29.68 132.65 -0.52
N GLU A 2766 -28.99 133.72 -0.89
CA GLU A 2766 -28.11 133.68 -2.04
C GLU A 2766 -26.79 132.97 -1.77
N LYS A 2767 -26.49 132.65 -0.50
CA LYS A 2767 -25.25 131.96 -0.19
C LYS A 2767 -25.29 130.51 -0.64
N GLU A 2768 -26.47 129.90 -0.71
CA GLU A 2768 -26.57 128.52 -1.09
C GLU A 2768 -26.75 128.33 -2.59
N LYS A 2769 -27.20 129.36 -3.31
CA LYS A 2769 -27.21 129.30 -4.76
C LYS A 2769 -25.84 129.60 -5.37
N GLU A 2770 -24.93 130.19 -4.58
CA GLU A 2770 -23.62 130.60 -5.09
C GLU A 2770 -22.79 129.40 -5.54
N ILE A 2771 -22.96 128.25 -4.89
CA ILE A 2771 -22.31 127.03 -5.35
C ILE A 2771 -23.03 126.39 -6.52
N TYR A 2772 -24.11 127.00 -7.02
CA TYR A 2772 -24.69 126.65 -8.30
C TYR A 2772 -24.73 127.80 -9.28
N ARG A 2773 -24.80 129.04 -8.83
CA ARG A 2773 -24.88 130.17 -9.74
C ARG A 2773 -23.54 130.45 -10.42
N TRP A 2774 -22.42 130.13 -9.77
CA TRP A 2774 -21.09 130.49 -10.27
C TRP A 2774 -20.66 129.84 -11.59
N PRO A 2775 -20.98 128.56 -11.89
CA PRO A 2775 -20.73 128.10 -13.27
C PRO A 2775 -21.61 128.79 -14.29
N ILE A 2776 -22.85 129.14 -13.93
CA ILE A 2776 -23.70 129.91 -14.83
C ILE A 2776 -23.13 131.31 -15.05
N LYS A 2777 -22.51 131.87 -14.01
CA LYS A 2777 -21.79 133.14 -14.09
C LYS A 2777 -20.59 133.03 -15.02
N GLU A 2778 -19.80 131.97 -14.88
CA GLU A 2778 -18.65 131.76 -15.75
C GLU A 2778 -19.02 131.23 -17.12
N SER A 2779 -20.31 130.99 -17.36
CA SER A 2779 -20.79 130.48 -18.63
C SER A 2779 -21.39 131.58 -19.52
N LEU A 2780 -22.37 132.33 -18.98
CA LEU A 2780 -23.08 133.33 -19.78
C LEU A 2780 -22.18 134.48 -20.23
N LYS A 2781 -21.13 134.77 -19.46
CA LYS A 2781 -20.30 135.91 -19.78
C LYS A 2781 -19.20 135.56 -20.78
N THR A 2782 -18.70 134.33 -20.72
CA THR A 2782 -17.91 133.79 -21.81
C THR A 2782 -18.73 133.47 -23.05
N MET A 2783 -20.05 133.39 -22.91
CA MET A 2783 -20.90 133.29 -24.09
C MET A 2783 -20.90 134.58 -24.91
N LEU A 2784 -20.61 135.71 -24.27
CA LEU A 2784 -20.55 136.99 -24.94
C LEU A 2784 -19.12 137.37 -25.34
N ALA A 2785 -18.28 136.38 -25.66
CA ALA A 2785 -16.86 136.61 -25.84
C ALA A 2785 -16.37 136.49 -27.28
N TRP A 2786 -17.04 135.72 -28.13
CA TRP A 2786 -16.51 135.40 -29.45
C TRP A 2786 -17.09 136.26 -30.55
N GLY A 2787 -17.49 137.49 -30.23
CA GLY A 2787 -18.23 138.28 -31.20
C GLY A 2787 -19.61 137.74 -31.48
N TRP A 2788 -20.17 136.94 -30.58
CA TRP A 2788 -21.47 136.34 -30.75
C TRP A 2788 -22.38 136.92 -29.66
N ARG A 2789 -22.93 138.09 -29.94
CA ARG A 2789 -23.77 138.78 -28.97
C ARG A 2789 -25.19 138.24 -29.02
N ILE A 2790 -25.91 138.45 -27.92
CA ILE A 2790 -27.28 137.95 -27.78
C ILE A 2790 -28.22 139.14 -27.77
N GLU A 2791 -29.27 139.05 -28.58
CA GLU A 2791 -30.22 140.13 -28.81
C GLU A 2791 -31.57 139.75 -28.19
N ARG A 2792 -32.58 140.59 -28.44
CA ARG A 2792 -33.89 140.46 -27.81
C ARG A 2792 -34.94 140.01 -28.83
N THR A 2793 -36.04 139.48 -28.30
CA THR A 2793 -37.16 138.99 -29.10
C THR A 2793 -38.44 139.47 -28.41
N ARG A 2794 -39.56 138.83 -28.74
CA ARG A 2794 -40.84 139.06 -28.08
C ARG A 2794 -40.78 138.62 -26.62
N GLU A 2795 -41.87 138.91 -25.91
CA GLU A 2795 -41.96 138.59 -24.49
C GLU A 2795 -42.09 137.09 -24.25
N GLY A 2796 -41.43 136.60 -23.21
CA GLY A 2796 -41.41 135.18 -22.93
C GLY A 2796 -41.59 134.90 -21.46
N ASP A 2797 -42.09 133.69 -21.19
CA ASP A 2797 -42.34 133.24 -19.83
C ASP A 2797 -41.08 132.65 -19.21
N HIS A 2820 -45.11 115.42 -9.66
CA HIS A 2820 -46.04 116.33 -8.99
C HIS A 2820 -45.44 116.91 -7.73
N GLY A 2821 -45.81 118.15 -7.41
CA GLY A 2821 -45.32 118.81 -6.22
C GLY A 2821 -45.82 120.25 -6.08
N TYR A 2822 -44.92 121.16 -5.72
CA TYR A 2822 -45.26 122.58 -5.59
C TYR A 2822 -45.51 123.16 -6.98
N SER A 2823 -46.75 123.59 -7.23
CA SER A 2823 -47.21 123.90 -8.58
C SER A 2823 -47.72 125.32 -8.68
N PRO A 2824 -46.85 126.29 -8.94
CA PRO A 2824 -47.30 127.58 -9.48
C PRO A 2824 -47.41 127.51 -10.99
N ARG A 2825 -47.66 128.63 -11.66
CA ARG A 2825 -47.61 128.67 -13.12
C ARG A 2825 -46.14 128.67 -13.55
N ALA A 2826 -45.55 127.49 -13.50
CA ALA A 2826 -44.12 127.32 -13.71
C ALA A 2826 -43.87 126.39 -14.89
N ILE A 2827 -42.68 126.51 -15.45
CA ILE A 2827 -42.28 125.83 -16.69
C ILE A 2827 -40.96 125.13 -16.38
N ASP A 2828 -40.61 124.14 -17.19
CA ASP A 2828 -39.29 123.52 -17.14
C ASP A 2828 -38.22 124.49 -17.65
N MET A 2829 -36.96 124.04 -17.56
CA MET A 2829 -35.82 124.86 -17.89
C MET A 2829 -35.33 124.72 -19.33
N SER A 2830 -35.64 123.60 -19.99
CA SER A 2830 -34.88 123.16 -21.15
C SER A 2830 -35.79 122.69 -22.27
N ASN A 2831 -36.83 123.45 -22.59
CA ASN A 2831 -37.89 122.98 -23.50
C ASN A 2831 -38.26 124.04 -24.56
N VAL A 2832 -37.27 124.58 -25.26
CA VAL A 2832 -37.52 125.47 -26.39
C VAL A 2832 -36.51 125.13 -27.50
N THR A 2833 -36.87 125.42 -28.75
CA THR A 2833 -36.03 125.05 -29.89
C THR A 2833 -34.76 125.89 -29.98
N LEU A 2834 -33.87 125.48 -30.87
CA LEU A 2834 -32.63 126.18 -31.21
C LEU A 2834 -32.58 126.40 -32.72
N SER A 2835 -31.53 127.08 -33.18
CA SER A 2835 -31.25 127.21 -34.61
C SER A 2835 -29.75 127.11 -34.84
N ARG A 2836 -29.29 127.33 -36.09
CA ARG A 2836 -27.87 127.31 -36.40
C ARG A 2836 -27.14 128.42 -35.67
N ASP A 2837 -27.74 129.61 -35.62
CA ASP A 2837 -27.23 130.73 -34.84
C ASP A 2837 -27.26 130.44 -33.34
N LEU A 2838 -28.09 129.48 -32.90
CA LEU A 2838 -28.00 128.99 -31.53
C LEU A 2838 -27.07 127.79 -31.41
N HIS A 2839 -27.15 126.82 -32.34
CA HIS A 2839 -26.47 125.55 -32.11
C HIS A 2839 -24.97 125.63 -32.37
N ALA A 2840 -24.52 126.46 -33.31
CA ALA A 2840 -23.07 126.62 -33.47
C ALA A 2840 -22.47 127.31 -32.26
N MET A 2841 -23.21 128.27 -31.68
CA MET A 2841 -22.86 128.82 -30.38
C MET A 2841 -22.88 127.75 -29.29
N ALA A 2842 -23.85 126.83 -29.34
CA ALA A 2842 -23.94 125.79 -28.32
C ALA A 2842 -22.76 124.83 -28.39
N GLU A 2843 -22.37 124.43 -29.60
CA GLU A 2843 -21.26 123.51 -29.79
C GLU A 2843 -19.93 124.15 -29.43
N MET A 2844 -19.68 125.36 -29.96
CA MET A 2844 -18.42 126.04 -29.70
C MET A 2844 -18.32 126.48 -28.24
N MET A 2845 -19.43 126.95 -27.66
CA MET A 2845 -19.43 127.31 -26.26
C MET A 2845 -19.44 126.10 -25.34
N ALA A 2846 -19.86 124.93 -25.81
CA ALA A 2846 -19.70 123.73 -25.01
C ALA A 2846 -18.24 123.28 -25.00
N GLU A 2847 -17.53 123.48 -26.11
CA GLU A 2847 -16.08 123.34 -26.09
C GLU A 2847 -15.45 124.32 -25.10
N ASN A 2848 -15.95 125.56 -25.08
CA ASN A 2848 -15.48 126.54 -24.10
C ASN A 2848 -15.86 126.13 -22.68
N TYR A 2849 -16.98 125.42 -22.50
CA TYR A 2849 -17.37 125.00 -21.16
C TYR A 2849 -16.55 123.82 -20.69
N HIS A 2850 -16.12 122.97 -21.64
CA HIS A 2850 -15.09 121.98 -21.35
C HIS A 2850 -13.82 122.66 -20.85
N ASN A 2851 -13.39 123.73 -21.52
CA ASN A 2851 -12.20 124.45 -21.08
C ASN A 2851 -12.41 125.14 -19.73
N ILE A 2852 -13.61 125.68 -19.50
CA ILE A 2852 -13.91 126.41 -18.27
C ILE A 2852 -13.94 125.46 -17.08
N TRP A 2853 -14.63 124.33 -17.22
CA TRP A 2853 -14.69 123.37 -16.13
C TRP A 2853 -13.37 122.65 -15.95
N ALA A 2854 -12.58 122.50 -17.02
CA ALA A 2854 -11.26 121.91 -16.89
C ALA A 2854 -10.30 122.84 -16.16
N LYS A 2855 -10.46 124.15 -16.34
CA LYS A 2855 -9.69 125.10 -15.54
C LYS A 2855 -10.19 125.14 -14.10
N LYS A 2856 -11.51 124.99 -13.91
CA LYS A 2856 -12.11 125.03 -12.57
C LYS A 2856 -11.66 123.84 -11.73
N LYS A 2857 -11.76 122.63 -12.29
CA LYS A 2857 -11.23 121.46 -11.61
C LYS A 2857 -9.70 121.46 -11.60
N LYS A 2858 -9.08 122.12 -12.58
CA LYS A 2858 -7.62 122.10 -12.68
C LYS A 2858 -6.99 122.95 -11.60
N LEU A 2859 -7.57 124.11 -11.28
CA LEU A 2859 -7.09 124.90 -10.15
C LEU A 2859 -7.44 124.23 -8.83
N GLU A 2860 -8.46 123.37 -8.81
CA GLU A 2860 -8.77 122.60 -7.61
C GLU A 2860 -7.72 121.52 -7.36
N LEU A 2861 -7.34 120.80 -8.40
CA LEU A 2861 -6.36 119.71 -8.22
C LEU A 2861 -4.95 120.23 -8.05
N GLU A 2862 -4.62 121.41 -8.59
CA GLU A 2862 -3.30 121.99 -8.42
C GLU A 2862 -3.14 122.73 -7.09
N SER A 2863 -4.14 122.65 -6.21
CA SER A 2863 -4.10 123.29 -4.90
C SER A 2863 -3.41 122.41 -3.86
N LYS A 2864 -3.72 121.13 -3.83
CA LYS A 2864 -3.19 120.23 -2.80
C LYS A 2864 -1.74 119.82 -3.06
N GLY A 2865 -1.29 119.89 -4.30
CA GLY A 2865 0.06 119.48 -4.62
C GLY A 2865 0.16 118.02 -5.01
N GLY A 2866 -0.65 117.60 -5.98
CA GLY A 2866 -0.66 116.23 -6.43
C GLY A 2866 -0.47 116.06 -7.92
N GLY A 2867 -1.40 115.36 -8.58
CA GLY A 2867 -1.33 115.10 -10.00
C GLY A 2867 -2.26 116.00 -10.80
N ASN A 2868 -2.08 115.95 -12.13
CA ASN A 2868 -2.85 116.80 -13.01
C ASN A 2868 -4.15 116.10 -13.41
N HIS A 2869 -4.90 116.75 -14.29
CA HIS A 2869 -6.22 116.26 -14.70
C HIS A 2869 -6.09 115.00 -15.55
N PRO A 2870 -6.65 113.87 -15.09
CA PRO A 2870 -6.43 112.61 -15.81
C PRO A 2870 -7.46 112.31 -16.91
N LEU A 2871 -8.17 113.31 -17.42
CA LEU A 2871 -9.16 113.09 -18.47
C LEU A 2871 -9.02 114.14 -19.57
N LEU A 2872 -7.80 114.34 -20.07
CA LEU A 2872 -7.49 115.47 -20.94
C LEU A 2872 -6.67 114.98 -22.13
N VAL A 2873 -7.11 115.34 -23.34
CA VAL A 2873 -6.53 114.86 -24.59
C VAL A 2873 -7.03 115.79 -25.69
N PRO A 2874 -6.41 115.85 -26.87
CA PRO A 2874 -7.00 116.60 -27.99
C PRO A 2874 -8.36 116.10 -28.44
N TYR A 2875 -8.88 116.82 -29.43
CA TYR A 2875 -10.27 117.28 -29.45
C TYR A 2875 -11.28 116.14 -29.35
N ASP A 2876 -11.34 115.29 -30.37
CA ASP A 2876 -12.40 114.29 -30.47
C ASP A 2876 -11.98 112.94 -29.94
N THR A 2877 -11.25 112.92 -28.83
CA THR A 2877 -10.91 111.66 -28.18
C THR A 2877 -11.25 111.74 -26.69
N LEU A 2878 -11.88 112.84 -26.25
CA LEU A 2878 -12.03 113.13 -24.84
C LEU A 2878 -13.09 112.25 -24.20
N THR A 2879 -13.23 112.39 -22.88
CA THR A 2879 -14.18 111.62 -22.09
C THR A 2879 -15.56 112.27 -22.16
N ALA A 2880 -16.47 111.86 -21.26
CA ALA A 2880 -17.88 112.16 -21.53
C ALA A 2880 -18.64 112.82 -20.39
N LYS A 2881 -18.36 112.48 -19.13
CA LYS A 2881 -19.29 112.84 -18.05
C LYS A 2881 -19.24 114.32 -17.71
N GLU A 2882 -18.06 114.93 -17.74
CA GLU A 2882 -17.97 116.38 -17.59
C GLU A 2882 -18.56 117.08 -18.81
N LYS A 2883 -18.48 116.45 -19.99
CA LYS A 2883 -19.15 117.02 -21.15
C LYS A 2883 -20.66 116.91 -21.03
N ALA A 2884 -21.17 115.89 -20.33
CA ALA A 2884 -22.59 115.87 -20.02
C ALA A 2884 -22.95 116.93 -18.98
N LYS A 2885 -22.01 117.30 -18.12
CA LYS A 2885 -22.24 118.41 -17.21
C LYS A 2885 -22.17 119.76 -17.90
N ASP A 2886 -21.37 119.89 -18.97
CA ASP A 2886 -21.06 121.18 -19.57
C ASP A 2886 -21.68 121.40 -20.93
N ARG A 2887 -22.34 120.41 -21.53
CA ARG A 2887 -23.03 120.57 -22.80
C ARG A 2887 -24.53 120.74 -22.60
N GLU A 2888 -25.12 119.93 -21.72
CA GLU A 2888 -26.46 120.20 -21.25
C GLU A 2888 -26.54 121.51 -20.47
N LYS A 2889 -25.41 121.96 -19.92
CA LYS A 2889 -25.30 123.32 -19.38
C LYS A 2889 -25.59 124.34 -20.47
N ALA A 2890 -24.91 124.25 -21.62
CA ALA A 2890 -25.13 125.17 -22.73
C ALA A 2890 -26.56 125.03 -23.29
N GLN A 2891 -27.08 123.81 -23.27
CA GLN A 2891 -28.47 123.55 -23.67
C GLN A 2891 -29.44 124.35 -22.79
N ASP A 2892 -29.36 124.15 -21.46
CA ASP A 2892 -30.23 124.85 -20.53
C ASP A 2892 -30.03 126.35 -20.59
N ILE A 2893 -28.79 126.79 -20.85
CA ILE A 2893 -28.49 128.21 -20.90
C ILE A 2893 -29.18 128.86 -22.08
N LEU A 2894 -29.00 128.30 -23.29
CA LEU A 2894 -29.65 128.86 -24.47
C LEU A 2894 -31.17 128.69 -24.40
N LYS A 2895 -31.62 127.57 -23.84
CA LYS A 2895 -33.04 127.33 -23.78
C LYS A 2895 -33.74 128.19 -22.75
N PHE A 2896 -33.04 128.63 -21.71
CA PHE A 2896 -33.66 129.58 -20.81
C PHE A 2896 -33.45 131.03 -21.22
N LEU A 2897 -32.40 131.34 -22.02
CA LEU A 2897 -32.34 132.63 -22.69
C LEU A 2897 -33.51 132.80 -23.64
N GLN A 2898 -33.94 131.73 -24.29
CA GLN A 2898 -35.11 131.80 -25.14
C GLN A 2898 -36.43 131.52 -24.41
N ILE A 2899 -36.40 131.00 -23.18
CA ILE A 2899 -37.60 131.01 -22.36
C ILE A 2899 -37.92 132.43 -21.93
N ASN A 2900 -36.90 133.19 -21.50
CA ASN A 2900 -37.03 134.62 -21.29
C ASN A 2900 -37.03 135.40 -22.60
N GLY A 2901 -36.86 134.74 -23.74
CA GLY A 2901 -37.07 135.36 -25.03
C GLY A 2901 -35.93 136.21 -25.54
N TYR A 2902 -34.74 135.61 -25.69
CA TYR A 2902 -33.59 136.29 -26.27
C TYR A 2902 -33.20 135.62 -27.58
N ALA A 2903 -32.65 136.41 -28.50
CA ALA A 2903 -32.19 135.90 -29.79
C ALA A 2903 -30.71 135.56 -29.65
N VAL A 2904 -30.41 134.28 -29.49
CA VAL A 2904 -29.04 133.80 -29.40
C VAL A 2904 -28.53 133.64 -30.83
N SER A 2905 -27.49 134.38 -31.18
CA SER A 2905 -27.00 134.34 -32.56
C SER A 2905 -25.51 134.64 -32.59
N ARG A 2906 -24.85 134.12 -33.62
CA ARG A 2906 -23.44 134.44 -33.82
C ARG A 2906 -23.28 135.82 -34.40
N GLY A 2907 -23.91 136.10 -35.53
CA GLY A 2907 -23.84 137.39 -36.17
C GLY A 2907 -22.48 137.67 -36.79
N TYR A 2982 -18.85 122.47 -46.42
CA TYR A 2982 -17.45 122.31 -46.79
C TYR A 2982 -17.27 122.37 -48.30
N PHE A 2983 -16.68 123.46 -48.78
CA PHE A 2983 -16.44 123.65 -50.20
C PHE A 2983 -15.08 124.32 -50.42
N LEU A 2984 -14.06 123.82 -49.71
CA LEU A 2984 -12.72 124.41 -49.84
C LEU A 2984 -12.09 124.09 -51.19
N SER A 2985 -12.48 122.98 -51.82
CA SER A 2985 -12.11 122.71 -53.20
C SER A 2985 -13.04 123.41 -54.19
N ALA A 2986 -13.98 124.23 -53.71
CA ALA A 2986 -14.83 125.06 -54.55
C ALA A 2986 -14.70 126.54 -54.22
N ALA A 2987 -14.86 126.90 -52.94
CA ALA A 2987 -14.81 128.31 -52.57
C ALA A 2987 -13.37 128.82 -52.52
N SER A 2988 -12.47 128.06 -51.90
CA SER A 2988 -11.05 128.38 -51.92
C SER A 2988 -10.36 127.84 -53.15
N ARG A 2989 -11.11 127.29 -54.12
CA ARG A 2989 -10.56 126.86 -55.39
C ARG A 2989 -10.15 128.08 -56.20
N PRO A 2990 -10.94 129.17 -56.16
CA PRO A 2990 -10.45 130.42 -56.74
C PRO A 2990 -9.35 131.04 -55.92
N LEU A 2991 -9.36 130.84 -54.60
CA LEU A 2991 -8.22 131.27 -53.78
C LEU A 2991 -6.99 130.43 -54.09
N CYS A 2992 -7.19 129.14 -54.38
CA CYS A 2992 -6.09 128.31 -54.86
C CYS A 2992 -5.61 128.76 -56.23
N SER A 2993 -6.53 129.27 -57.06
CA SER A 2993 -6.12 129.84 -58.34
C SER A 2993 -5.30 131.10 -58.14
N GLY A 2994 -5.73 131.97 -57.22
CA GLY A 2994 -4.98 133.17 -56.92
C GLY A 2994 -3.64 132.90 -56.27
N GLY A 2995 -3.54 131.80 -55.52
CA GLY A 2995 -2.26 131.41 -54.96
C GLY A 2995 -1.34 130.79 -55.99
N HIS A 2996 -1.89 129.95 -56.87
CA HIS A 2996 -1.08 129.31 -57.91
C HIS A 2996 -0.70 130.28 -59.01
N ALA A 2997 -1.38 131.42 -59.11
CA ALA A 2997 -1.01 132.44 -60.07
C ALA A 2997 0.35 133.06 -59.76
N SER A 2998 0.70 133.14 -58.48
CA SER A 2998 2.00 133.67 -58.06
C SER A 2998 2.86 132.63 -57.36
N ASN A 2999 2.42 131.37 -57.31
CA ASN A 2999 3.17 130.34 -56.59
C ASN A 2999 4.44 129.95 -57.34
N LYS A 3000 4.32 129.69 -58.64
CA LYS A 3000 5.48 129.37 -59.45
C LYS A 3000 6.13 130.60 -60.06
N GLU A 3001 5.67 131.80 -59.71
CA GLU A 3001 6.28 133.01 -60.25
C GLU A 3001 7.66 133.25 -59.65
N LYS A 3002 7.85 132.93 -58.36
CA LYS A 3002 9.13 133.05 -57.69
C LYS A 3002 9.83 131.71 -57.58
N GLU A 3003 9.71 130.87 -58.61
CA GLU A 3003 10.20 129.49 -58.57
C GLU A 3003 11.56 129.36 -59.24
N MET A 3004 12.46 130.33 -59.03
CA MET A 3004 13.81 130.24 -59.58
C MET A 3004 14.63 129.11 -58.96
N VAL A 3005 14.27 128.66 -57.76
CA VAL A 3005 14.92 127.52 -57.14
C VAL A 3005 13.94 126.79 -56.23
N PHE A 3009 10.34 125.61 -51.53
CA PHE A 3009 9.76 126.83 -50.99
C PHE A 3009 8.54 127.25 -51.79
N CYS A 3010 8.70 128.28 -52.63
CA CYS A 3010 7.60 128.69 -53.49
C CYS A 3010 7.35 127.68 -54.60
N LYS A 3011 8.41 127.03 -55.10
CA LYS A 3011 8.24 125.97 -56.09
C LYS A 3011 7.57 124.76 -55.47
N LEU A 3012 7.90 124.46 -54.21
CA LEU A 3012 7.21 123.41 -53.49
C LEU A 3012 5.76 123.77 -53.23
N GLY A 3013 5.47 125.06 -52.98
CA GLY A 3013 4.10 125.49 -52.84
C GLY A 3013 3.31 125.38 -54.13
N VAL A 3014 3.97 125.63 -55.27
CA VAL A 3014 3.32 125.50 -56.57
C VAL A 3014 3.04 124.05 -56.90
N LEU A 3015 4.00 123.16 -56.63
CA LEU A 3015 3.79 121.73 -56.84
C LEU A 3015 2.72 121.19 -55.91
N VAL A 3016 2.64 121.71 -54.68
CA VAL A 3016 1.61 121.25 -53.76
C VAL A 3016 0.24 121.85 -54.12
N ARG A 3017 0.21 123.00 -54.78
CA ARG A 3017 -1.06 123.52 -55.28
C ARG A 3017 -1.56 122.69 -56.47
N HIS A 3018 -0.65 122.23 -57.32
CA HIS A 3018 -1.03 121.30 -58.39
C HIS A 3018 -1.49 119.97 -57.83
N ARG A 3019 -0.83 119.49 -56.76
CA ARG A 3019 -1.28 118.30 -56.07
C ARG A 3019 -2.63 118.51 -55.39
N ILE A 3020 -2.92 119.73 -54.93
CA ILE A 3020 -4.20 120.04 -54.34
C ILE A 3020 -5.28 120.08 -55.41
N SER A 3021 -4.93 120.49 -56.63
CA SER A 3021 -5.88 120.40 -57.74
C SER A 3021 -6.18 118.94 -58.08
N LEU A 3022 -5.15 118.09 -58.10
CA LEU A 3022 -5.36 116.66 -58.29
C LEU A 3022 -6.16 116.03 -57.15
N PHE A 3023 -5.99 116.54 -55.94
CA PHE A 3023 -6.74 116.03 -54.80
C PHE A 3023 -8.19 116.48 -54.84
N GLY A 3024 -8.45 117.70 -55.30
CA GLY A 3024 -9.82 118.13 -55.52
C GLY A 3024 -10.48 117.35 -56.65
N ASN A 3025 -9.69 116.91 -57.62
CA ASN A 3025 -10.19 115.97 -58.60
C ASN A 3025 -10.55 114.63 -57.96
N ASP A 3026 -9.67 114.12 -57.10
CA ASP A 3026 -9.87 112.82 -56.47
C ASP A 3026 -10.82 112.88 -55.27
N ALA A 3027 -11.31 114.06 -54.90
CA ALA A 3027 -12.16 114.22 -53.73
C ALA A 3027 -13.63 114.32 -54.10
N THR A 3028 -13.99 115.32 -54.88
CA THR A 3028 -15.38 115.51 -55.29
C THR A 3028 -15.43 116.15 -56.67
N LEU A 3034 -14.93 122.93 -65.69
CA LEU A 3034 -15.51 123.69 -64.61
C LEU A 3034 -14.97 125.11 -64.59
N HIS A 3035 -15.71 126.01 -63.95
CA HIS A 3035 -15.20 127.37 -63.74
C HIS A 3035 -14.01 127.36 -62.79
N ILE A 3036 -14.00 126.43 -61.82
CA ILE A 3036 -12.81 126.22 -61.03
C ILE A 3036 -11.71 125.58 -61.87
N LEU A 3037 -12.08 124.73 -62.83
CA LEU A 3037 -11.09 124.17 -63.74
C LEU A 3037 -10.55 125.24 -64.68
N GLY A 3038 -11.39 126.18 -65.10
CA GLY A 3038 -10.90 127.29 -65.90
C GLY A 3038 -10.04 128.25 -65.11
N GLN A 3039 -10.37 128.45 -63.84
CA GLN A 3039 -9.50 129.23 -62.96
C GLN A 3039 -8.18 128.51 -62.71
N THR A 3040 -8.21 127.18 -62.68
CA THR A 3040 -6.98 126.41 -62.57
C THR A 3040 -6.15 126.53 -63.85
N LEU A 3041 -6.81 126.58 -65.00
CA LEU A 3041 -6.09 126.76 -66.26
C LEU A 3041 -5.47 128.16 -66.36
N ASP A 3042 -6.20 129.17 -65.88
CA ASP A 3042 -5.67 130.53 -65.85
C ASP A 3042 -4.54 130.66 -64.83
N ALA A 3043 -4.65 129.97 -63.70
CA ALA A 3043 -3.55 129.93 -62.74
C ALA A 3043 -2.35 129.19 -63.31
N ARG A 3044 -2.58 128.18 -64.15
CA ARG A 3044 -1.49 127.49 -64.82
C ARG A 3044 -0.80 128.40 -65.83
N THR A 3045 -1.58 129.21 -66.55
CA THR A 3045 -1.01 130.19 -67.47
C THR A 3045 -0.23 131.26 -66.71
N VAL A 3046 -0.73 131.68 -65.55
CA VAL A 3046 -0.06 132.72 -64.78
C VAL A 3046 1.21 132.18 -64.12
N MET A 3047 1.16 130.94 -63.64
CA MET A 3047 2.36 130.28 -63.11
C MET A 3047 3.36 129.98 -64.20
N LYS A 3048 2.89 129.79 -65.44
CA LYS A 3048 3.79 129.64 -66.57
C LYS A 3048 4.47 130.96 -66.91
N THR A 3049 3.70 132.06 -66.88
CA THR A 3049 4.26 133.38 -67.20
C THR A 3049 5.24 133.86 -66.14
N GLY A 3050 4.96 133.55 -64.87
CA GLY A 3050 5.93 133.84 -63.83
C GLY A 3050 7.05 132.84 -63.70
N LEU A 3051 6.84 131.62 -64.20
CA LEU A 3051 7.82 130.55 -64.09
C LEU A 3051 8.74 130.47 -65.30
N GLU A 3052 8.59 131.37 -66.27
CA GLU A 3052 9.43 131.35 -67.46
C GLU A 3052 10.79 132.00 -67.22
N SER A 3053 11.05 132.51 -66.03
CA SER A 3053 12.33 133.16 -65.75
C SER A 3053 13.47 132.14 -65.65
N VAL A 3054 13.19 130.96 -65.09
CA VAL A 3054 14.20 129.93 -64.90
C VAL A 3054 13.86 128.67 -65.70
N LYS A 3055 12.93 128.76 -66.63
CA LYS A 3055 12.54 127.60 -67.44
C LYS A 3055 12.93 127.79 -68.89
N PHE A 3061 15.40 121.89 -54.02
CA PHE A 3061 15.33 123.23 -54.57
C PHE A 3061 15.09 123.20 -56.07
N LEU A 3062 14.43 122.14 -56.55
CA LEU A 3062 14.06 122.01 -57.94
C LEU A 3062 12.60 121.57 -58.07
N ASP A 3063 11.76 121.99 -57.13
CA ASP A 3063 10.37 121.55 -57.05
C ASP A 3063 9.48 122.13 -58.14
N ASN A 3064 9.98 123.08 -58.93
CA ASN A 3064 9.28 123.51 -60.13
C ASN A 3064 9.71 122.70 -61.35
N ALA A 3065 11.01 122.36 -61.42
CA ALA A 3065 11.49 121.55 -62.53
C ALA A 3065 11.16 120.08 -62.34
N ALA A 3066 11.13 119.59 -61.09
CA ALA A 3066 10.72 118.22 -60.85
C ALA A 3066 9.22 118.04 -61.02
N GLU A 3067 8.46 119.13 -60.88
CA GLU A 3067 7.03 119.13 -61.18
C GLU A 3067 6.74 119.72 -62.55
N ASP A 3068 7.75 119.88 -63.40
CA ASP A 3068 7.53 120.35 -64.77
C ASP A 3068 7.14 119.20 -65.69
N LEU A 3069 7.78 118.04 -65.56
CA LEU A 3069 7.42 116.88 -66.38
C LEU A 3069 6.11 116.26 -65.92
N GLU A 3070 5.83 116.32 -64.62
CA GLU A 3070 4.56 115.86 -64.07
C GLU A 3070 3.43 116.87 -64.27
N LYS A 3071 3.74 118.08 -64.73
CA LYS A 3071 2.71 119.07 -65.01
C LYS A 3071 1.81 118.65 -66.15
N THR A 3072 2.34 117.86 -67.09
CA THR A 3072 1.49 117.29 -68.13
C THR A 3072 0.50 116.28 -67.55
N MET A 3073 0.94 115.50 -66.57
CA MET A 3073 0.04 114.55 -65.91
C MET A 3073 -1.01 115.27 -65.08
N GLU A 3074 -0.63 116.35 -64.39
CA GLU A 3074 -1.60 117.11 -63.62
C GLU A 3074 -2.56 117.89 -64.52
N ASN A 3075 -2.10 118.33 -65.69
CA ASN A 3075 -3.01 118.96 -66.65
C ASN A 3075 -3.94 117.94 -67.28
N LEU A 3076 -3.47 116.71 -67.47
CA LEU A 3076 -4.36 115.63 -67.90
C LEU A 3076 -5.38 115.30 -66.80
N LYS A 3077 -4.97 115.42 -65.55
CA LYS A 3077 -5.90 115.25 -64.43
C LYS A 3077 -6.91 116.40 -64.39
N GLN A 3078 -6.47 117.61 -64.71
CA GLN A 3078 -7.38 118.75 -64.78
C GLN A 3078 -8.34 118.63 -65.97
N GLY A 3079 -7.88 118.00 -67.05
CA GLY A 3079 -8.77 117.75 -68.17
C GLY A 3079 -9.74 116.61 -67.92
N GLN A 3080 -9.30 115.58 -67.18
CA GLN A 3080 -10.18 114.47 -66.84
C GLN A 3080 -11.19 114.88 -65.78
N PHE A 3081 -10.83 115.80 -64.88
CA PHE A 3081 -11.78 116.30 -63.90
C PHE A 3081 -12.78 117.26 -64.55
N THR A 3082 -12.38 117.89 -65.64
CA THR A 3082 -13.27 118.75 -66.40
C THR A 3082 -14.09 117.90 -67.35
N THR A 3098 -11.60 131.10 -69.36
CA THR A 3098 -12.80 131.35 -70.14
C THR A 3098 -12.51 131.27 -71.63
N THR A 3099 -12.43 132.42 -72.29
CA THR A 3099 -12.16 132.49 -73.72
C THR A 3099 -10.68 132.67 -74.02
N VAL A 3100 -9.80 132.17 -73.17
CA VAL A 3100 -8.36 132.31 -73.35
C VAL A 3100 -7.71 130.94 -73.52
N ALA A 3101 -8.42 130.02 -74.17
CA ALA A 3101 -7.93 128.66 -74.32
C ALA A 3101 -6.85 128.51 -75.40
N LEU A 3102 -6.71 129.51 -76.29
CA LEU A 3102 -5.75 129.39 -77.38
C LEU A 3102 -4.31 129.42 -76.87
N LEU A 3103 -3.97 130.43 -76.07
CA LEU A 3103 -2.65 130.50 -75.43
C LEU A 3103 -2.55 129.44 -74.33
N PRO A 3104 -3.67 129.02 -73.73
CA PRO A 3104 -3.60 127.92 -72.75
C PRO A 3104 -3.31 126.57 -73.38
N MET A 3105 -3.52 126.44 -74.70
CA MET A 3105 -3.05 125.27 -75.42
C MET A 3105 -1.54 125.22 -75.57
N LEU A 3106 -0.83 126.33 -75.31
CA LEU A 3106 0.63 126.36 -75.33
C LEU A 3106 1.20 127.09 -74.11
N SER A 3107 0.47 127.08 -72.99
CA SER A 3107 0.98 127.65 -71.74
C SER A 3107 2.27 127.00 -71.27
N SER A 3108 2.42 125.69 -71.47
CA SER A 3108 3.68 125.02 -71.12
C SER A 3108 4.81 125.50 -72.01
N LEU A 3109 4.51 125.80 -73.27
CA LEU A 3109 5.52 126.40 -74.15
C LEU A 3109 5.80 127.85 -73.77
N PHE A 3110 4.80 128.57 -73.26
CA PHE A 3110 5.04 129.92 -72.76
C PHE A 3110 5.93 129.91 -71.52
N GLU A 3111 5.84 128.84 -70.73
CA GLU A 3111 6.76 128.66 -69.61
C GLU A 3111 8.16 128.29 -70.09
N HIS A 3112 8.27 127.35 -71.02
CA HIS A 3112 9.55 126.75 -71.37
C HIS A 3112 9.98 127.06 -72.81
N ILE A 3113 9.71 128.27 -73.30
CA ILE A 3113 10.25 128.69 -74.60
C ILE A 3113 11.76 128.82 -74.57
N GLY A 3114 12.33 129.21 -73.42
CA GLY A 3114 13.78 129.23 -73.29
C GLY A 3114 14.39 127.85 -73.30
N GLN A 3115 13.66 126.86 -72.82
CA GLN A 3115 14.12 125.48 -72.93
C GLN A 3115 13.92 124.94 -74.33
N HIS A 3116 12.86 125.40 -75.01
CA HIS A 3116 12.62 125.01 -76.40
C HIS A 3116 13.62 125.67 -77.34
N GLN A 3117 14.26 126.76 -76.89
CA GLN A 3117 15.35 127.38 -77.63
C GLN A 3117 16.68 126.67 -77.44
N PHE A 3118 16.72 125.63 -76.62
CA PHE A 3118 17.95 124.85 -76.42
C PHE A 3118 17.65 123.35 -76.41
N LEU A 3124 17.27 120.82 -69.62
CA LEU A 3124 17.70 120.45 -70.97
C LEU A 3124 16.65 119.56 -71.64
N GLU A 3125 15.96 118.76 -70.83
CA GLU A 3125 14.94 117.85 -71.33
C GLU A 3125 13.54 118.46 -71.33
N ASP A 3126 13.44 119.79 -71.45
CA ASP A 3126 12.16 120.49 -71.46
C ASP A 3126 11.86 121.15 -72.80
N VAL A 3127 12.27 120.52 -73.90
CA VAL A 3127 12.00 121.02 -75.24
C VAL A 3127 11.19 120.01 -76.07
N GLN A 3128 11.60 118.74 -76.06
CA GLN A 3128 10.92 117.72 -76.84
C GLN A 3128 9.62 117.28 -76.20
N VAL A 3129 9.65 116.99 -74.89
CA VAL A 3129 8.44 116.60 -74.17
C VAL A 3129 7.53 117.79 -73.91
N SER A 3130 8.04 119.02 -74.05
CA SER A 3130 7.20 120.20 -73.90
C SER A 3130 6.22 120.33 -75.06
N CYS A 3131 6.66 120.02 -76.27
CA CYS A 3131 5.73 119.98 -77.40
C CYS A 3131 4.83 118.75 -77.33
N TYR A 3132 5.28 117.70 -76.65
CA TYR A 3132 4.51 116.47 -76.51
C TYR A 3132 3.48 116.54 -75.40
N ARG A 3133 3.48 117.62 -74.60
CA ARG A 3133 2.51 117.74 -73.51
C ARG A 3133 1.12 118.09 -74.01
N ILE A 3134 0.97 118.52 -75.27
CA ILE A 3134 -0.34 118.80 -75.84
C ILE A 3134 -0.92 117.62 -76.59
N LEU A 3135 -0.27 116.45 -76.55
CA LEU A 3135 -0.76 115.29 -77.27
C LEU A 3135 -1.97 114.67 -76.57
N THR A 3136 -1.84 114.41 -75.27
CA THR A 3136 -2.93 113.87 -74.47
C THR A 3136 -3.74 114.95 -73.77
N SER A 3137 -3.76 116.17 -74.33
CA SER A 3137 -4.44 117.29 -73.68
C SER A 3137 -5.36 118.03 -74.66
N LEU A 3138 -5.02 118.02 -75.95
CA LEU A 3138 -5.76 118.81 -76.94
C LEU A 3138 -7.15 118.24 -77.15
N TYR A 3139 -7.25 116.94 -77.44
CA TYR A 3139 -8.56 116.31 -77.57
C TYR A 3139 -9.27 116.22 -76.23
N ALA A 3140 -8.53 116.24 -75.12
CA ALA A 3140 -9.15 116.22 -73.80
C ALA A 3140 -9.84 117.54 -73.48
N LEU A 3141 -9.24 118.66 -73.90
CA LEU A 3141 -9.86 119.97 -73.70
C LEU A 3141 -10.87 120.30 -74.80
N GLY A 3142 -10.78 119.64 -75.96
CA GLY A 3142 -11.76 119.85 -77.01
C GLY A 3142 -13.00 119.01 -76.89
N THR A 3143 -12.88 117.83 -76.29
CA THR A 3143 -14.01 116.92 -76.14
C THR A 3143 -14.74 117.08 -74.82
N SER A 3144 -14.16 117.80 -73.86
CA SER A 3144 -14.80 118.00 -72.57
C SER A 3144 -15.95 119.01 -72.68
N VAL A 3149 -7.76 127.19 -82.80
CA VAL A 3149 -7.97 127.15 -84.25
C VAL A 3149 -6.65 127.36 -84.97
N GLU A 3150 -6.36 128.63 -85.31
CA GLU A 3150 -5.09 128.94 -85.95
C GLU A 3150 -3.97 129.10 -84.94
N ARG A 3151 -4.27 129.48 -83.71
CA ARG A 3151 -3.25 129.83 -82.73
C ARG A 3151 -2.45 128.62 -82.27
N GLN A 3152 -3.07 127.45 -82.19
CA GLN A 3152 -2.37 126.24 -81.78
C GLN A 3152 -1.84 125.46 -82.98
N ARG A 3153 -2.56 125.49 -84.11
CA ARG A 3153 -2.11 124.80 -85.32
C ARG A 3153 -0.86 125.46 -85.89
N SER A 3154 -0.82 126.79 -85.93
CA SER A 3154 0.37 127.49 -86.40
C SER A 3154 1.53 127.32 -85.44
N ALA A 3155 1.26 127.24 -84.13
CA ALA A 3155 2.31 127.02 -83.14
C ALA A 3155 2.92 125.63 -83.30
N LEU A 3156 2.09 124.60 -83.45
CA LEU A 3156 2.60 123.25 -83.69
C LEU A 3156 3.25 123.12 -85.06
N GLY A 3157 2.86 123.96 -86.03
CA GLY A 3157 3.49 123.92 -87.34
C GLY A 3157 4.81 124.66 -87.44
N GLU A 3158 5.03 125.66 -86.59
CA GLU A 3158 6.25 126.47 -86.66
C GLU A 3158 7.21 126.18 -85.51
N CYS A 3159 6.78 126.33 -84.25
CA CYS A 3159 7.73 126.33 -83.14
C CYS A 3159 8.22 124.92 -82.79
N LEU A 3160 7.32 123.93 -82.84
CA LEU A 3160 7.73 122.56 -82.55
C LEU A 3160 8.60 121.99 -83.66
N ALA A 3161 8.42 122.47 -84.89
CA ALA A 3161 9.34 122.11 -85.97
C ALA A 3161 10.66 122.86 -85.85
N ALA A 3162 10.63 124.06 -85.26
CA ALA A 3162 11.87 124.78 -84.99
C ALA A 3162 12.68 124.12 -83.87
N PHE A 3163 12.00 123.50 -82.91
CA PHE A 3163 12.69 122.81 -81.82
C PHE A 3163 13.10 121.39 -82.18
N ALA A 3164 12.58 120.82 -83.27
CA ALA A 3164 12.90 119.48 -83.69
C ALA A 3164 14.06 119.42 -84.67
N GLY A 3165 14.90 120.45 -84.71
CA GLY A 3165 16.05 120.46 -85.60
C GLY A 3165 17.37 120.46 -84.85
N ALA A 3166 17.35 119.97 -83.62
CA ALA A 3166 18.54 119.95 -82.79
C ALA A 3166 19.52 118.87 -83.24
N ALA A 3170 13.80 112.46 -79.60
CA ALA A 3170 13.51 113.85 -79.26
C ALA A 3170 12.61 114.50 -80.31
N PHE A 3171 13.00 114.36 -81.59
CA PHE A 3171 12.18 114.89 -82.66
C PHE A 3171 10.94 114.06 -82.94
N LEU A 3172 10.89 112.83 -82.42
CA LEU A 3172 9.70 112.00 -82.58
C LEU A 3172 8.52 112.55 -81.78
N GLU A 3173 8.80 113.24 -80.66
CA GLU A 3173 7.72 113.87 -79.90
C GLU A 3173 7.12 115.04 -80.67
N THR A 3174 7.96 115.84 -81.33
CA THR A 3174 7.47 116.93 -82.18
C THR A 3174 6.98 116.45 -83.53
N HIS A 3175 7.19 115.18 -83.88
CA HIS A 3175 6.67 114.61 -85.11
C HIS A 3175 5.39 113.80 -84.90
N LEU A 3176 5.14 113.31 -83.69
CA LEU A 3176 3.95 112.52 -83.40
C LEU A 3176 3.13 113.08 -82.25
N ASP A 3177 3.41 114.31 -81.80
CA ASP A 3177 2.62 114.93 -80.75
C ASP A 3177 1.27 115.42 -81.25
N LYS A 3178 1.11 115.56 -82.56
CA LYS A 3178 -0.15 115.99 -83.16
C LYS A 3178 -1.08 114.83 -83.46
N HIS A 3179 -0.93 113.70 -82.75
CA HIS A 3179 -1.82 112.57 -82.95
C HIS A 3179 -3.23 112.89 -82.48
N ASN A 3180 -3.35 113.64 -81.39
CA ASN A 3180 -4.62 114.24 -80.99
C ASN A 3180 -4.54 115.76 -80.96
N ILE A 3181 -3.46 116.33 -81.51
CA ILE A 3181 -3.23 117.76 -81.49
C ILE A 3181 -2.93 118.27 -82.90
N TYR A 3182 -3.53 117.64 -83.92
CA TYR A 3182 -3.26 118.01 -85.30
C TYR A 3182 -3.81 119.39 -85.67
N SER A 3183 -4.76 119.92 -84.91
CA SER A 3183 -5.27 121.26 -85.16
C SER A 3183 -4.62 122.28 -84.23
N TYR A 3610 33.37 84.91 -52.31
CA TYR A 3610 33.16 84.55 -50.92
C TYR A 3610 34.45 84.41 -50.15
N ASN A 3611 35.23 83.40 -50.53
CA ASN A 3611 36.29 82.86 -49.69
C ASN A 3611 37.51 83.77 -49.78
N LEU A 3612 37.39 84.92 -49.15
CA LEU A 3612 38.40 85.97 -49.30
C LEU A 3612 39.63 85.93 -48.40
N PRO A 3613 39.54 85.80 -47.05
CA PRO A 3613 40.75 86.02 -46.24
C PRO A 3613 41.71 84.85 -46.36
N ARG A 3614 43.00 85.20 -46.47
CA ARG A 3614 44.00 84.25 -46.94
C ARG A 3614 44.26 83.17 -45.91
N HIS A 3615 44.73 83.57 -44.74
CA HIS A 3615 45.05 82.65 -43.64
C HIS A 3615 43.83 81.85 -43.23
N ARG A 3616 42.66 82.49 -43.27
CA ARG A 3616 41.38 81.81 -43.09
C ARG A 3616 41.25 80.64 -44.03
N ALA A 3617 41.45 80.92 -45.31
CA ALA A 3617 41.35 79.90 -46.34
C ALA A 3617 42.41 78.83 -46.16
N VAL A 3618 43.58 79.23 -45.65
CA VAL A 3618 44.65 78.29 -45.44
C VAL A 3618 44.28 77.28 -44.36
N ASN A 3619 43.74 77.78 -43.26
CA ASN A 3619 43.34 76.93 -42.15
C ASN A 3619 42.23 75.98 -42.56
N LEU A 3620 41.24 76.53 -43.26
CA LEU A 3620 40.14 75.69 -43.72
C LEU A 3620 40.62 74.67 -44.74
N PHE A 3621 41.58 75.07 -45.55
CA PHE A 3621 42.16 74.18 -46.55
C PHE A 3621 42.86 73.02 -45.88
N LEU A 3622 43.69 73.30 -44.89
CA LEU A 3622 44.52 72.24 -44.34
C LEU A 3622 43.68 71.28 -43.54
N GLN A 3623 42.64 71.81 -42.89
CA GLN A 3623 41.63 70.95 -42.30
C GLN A 3623 41.01 70.04 -43.35
N GLY A 3624 40.64 70.61 -44.49
CA GLY A 3624 40.11 69.79 -45.55
C GLY A 3624 41.12 68.80 -46.07
N TYR A 3625 42.39 69.14 -46.03
CA TYR A 3625 43.38 68.25 -46.59
C TYR A 3625 43.62 67.06 -45.69
N GLU A 3626 43.73 67.32 -44.38
CA GLU A 3626 43.90 66.21 -43.46
C GLU A 3626 42.67 65.33 -43.46
N LYS A 3627 41.52 65.91 -43.73
CA LYS A 3627 40.37 65.05 -43.93
C LYS A 3627 40.46 64.29 -45.25
N SER A 3628 41.12 64.85 -46.23
CA SER A 3628 40.91 64.35 -47.60
C SER A 3628 41.78 63.15 -47.95
N TRP A 3629 43.07 63.40 -48.11
CA TRP A 3629 43.92 62.46 -48.83
C TRP A 3629 44.89 61.81 -47.87
N ILE A 3630 44.46 61.69 -46.63
CA ILE A 3630 45.33 61.27 -45.55
C ILE A 3630 44.91 59.92 -44.99
N GLU A 3631 43.61 59.72 -44.87
CA GLU A 3631 43.05 58.49 -44.32
C GLU A 3631 43.19 57.44 -45.41
N THR A 3632 44.40 56.91 -45.52
CA THR A 3632 44.83 56.18 -46.71
C THR A 3632 45.39 54.82 -46.32
N GLU A 3633 46.02 54.14 -47.27
CA GLU A 3633 46.53 52.79 -47.06
C GLU A 3633 48.06 52.82 -47.02
N GLU A 3634 48.60 52.29 -45.94
CA GLU A 3634 50.03 52.00 -45.82
C GLU A 3634 50.21 50.68 -45.09
N HIS A 3635 49.13 49.96 -44.85
CA HIS A 3635 48.93 49.14 -43.67
C HIS A 3635 49.09 47.67 -43.98
N TYR A 3636 50.07 47.34 -44.79
CA TYR A 3636 50.43 45.96 -45.00
C TYR A 3636 51.55 45.53 -44.07
N PHE A 3637 52.08 46.46 -43.29
CA PHE A 3637 53.39 46.31 -42.65
C PHE A 3637 53.35 45.52 -41.36
N GLU A 3638 52.18 45.21 -40.86
CA GLU A 3638 52.07 44.92 -39.45
C GLU A 3638 52.44 43.49 -39.14
N ASP A 3639 52.05 42.56 -40.00
CA ASP A 3639 52.22 41.15 -39.66
C ASP A 3639 53.66 40.74 -39.82
N LYS A 3640 54.32 41.28 -40.84
CA LYS A 3640 55.75 41.07 -40.94
C LYS A 3640 56.47 41.76 -39.81
N LEU A 3641 55.94 42.87 -39.31
CA LEU A 3641 56.54 43.54 -38.16
C LEU A 3641 56.43 42.67 -36.93
N ILE A 3642 55.29 42.00 -36.79
CA ILE A 3642 55.09 41.05 -35.71
C ILE A 3642 56.13 39.95 -35.80
N GLU A 3643 56.25 39.36 -36.97
CA GLU A 3643 57.15 38.23 -37.10
C GLU A 3643 58.61 38.67 -37.10
N ASP A 3644 58.87 39.94 -37.37
CA ASP A 3644 60.15 40.54 -37.07
C ASP A 3644 60.41 40.47 -35.58
N LEU A 3645 59.47 40.97 -34.80
CA LEU A 3645 59.67 40.92 -33.37
C LEU A 3645 59.47 39.53 -32.80
N ALA A 3646 58.90 38.62 -33.59
CA ALA A 3646 58.86 37.21 -33.22
C ALA A 3646 60.18 36.53 -33.62
N LYS A 3647 61.25 36.98 -33.00
CA LYS A 3647 62.56 36.46 -33.29
C LYS A 3647 63.45 36.67 -32.08
N PRO A 3648 63.86 35.61 -31.39
CA PRO A 3648 64.62 35.72 -30.15
C PRO A 3648 66.07 36.13 -30.34
N ARG A 3661 66.55 33.65 -23.12
CA ARG A 3661 65.99 34.85 -23.74
C ARG A 3661 64.49 34.68 -23.93
N VAL A 3662 63.77 35.80 -23.86
CA VAL A 3662 62.32 35.82 -24.03
C VAL A 3662 62.01 36.75 -25.20
N ASP A 3663 60.88 36.52 -25.86
CA ASP A 3663 60.57 37.26 -27.06
C ASP A 3663 60.18 38.71 -26.74
N PRO A 3664 60.55 39.65 -27.62
CA PRO A 3664 60.06 41.03 -27.51
C PRO A 3664 58.57 41.16 -27.39
N LEU A 3665 57.82 40.45 -28.23
CA LEU A 3665 56.38 40.48 -28.12
C LEU A 3665 55.93 39.90 -26.81
N HIS A 3666 56.62 38.85 -26.38
CA HIS A 3666 56.33 38.26 -25.09
C HIS A 3666 56.60 39.26 -23.98
N GLN A 3667 57.65 40.06 -24.14
CA GLN A 3667 57.95 41.12 -23.19
C GLN A 3667 56.83 42.14 -23.14
N LEU A 3668 56.33 42.54 -24.30
CA LEU A 3668 55.27 43.53 -24.35
C LEU A 3668 53.99 43.00 -23.73
N ILE A 3669 53.72 41.72 -23.98
CA ILE A 3669 52.53 41.09 -23.46
C ILE A 3669 52.58 41.02 -21.95
N LEU A 3670 53.72 40.58 -21.41
CA LEU A 3670 53.80 40.46 -19.97
C LEU A 3670 53.80 41.82 -19.31
N LEU A 3671 54.38 42.81 -19.99
CA LEU A 3671 54.27 44.20 -19.56
C LEU A 3671 52.82 44.61 -19.41
N PHE A 3672 52.02 44.30 -20.41
CA PHE A 3672 50.63 44.72 -20.36
C PHE A 3672 49.85 43.95 -19.32
N SER A 3673 50.24 42.71 -19.06
CA SER A 3673 49.53 41.96 -18.04
C SER A 3673 49.82 42.53 -16.67
N ARG A 3674 51.10 42.83 -16.41
CA ARG A 3674 51.45 43.41 -15.12
C ARG A 3674 50.89 44.80 -14.99
N THR A 3675 50.71 45.49 -16.11
CA THR A 3675 49.94 46.72 -16.10
C THR A 3675 48.51 46.45 -15.68
N ALA A 3676 47.93 45.41 -16.23
CA ALA A 3676 46.58 45.03 -15.84
C ALA A 3676 46.53 44.44 -14.45
N LEU A 3677 47.65 43.93 -13.97
CA LEU A 3677 47.62 43.35 -12.64
C LEU A 3677 47.70 44.38 -11.53
N THR A 3678 47.89 45.64 -11.87
CA THR A 3678 47.82 46.69 -10.88
C THR A 3678 46.38 46.87 -10.42
N GLU A 3679 46.23 47.46 -9.24
CA GLU A 3679 44.92 47.63 -8.62
C GLU A 3679 44.62 49.12 -8.58
N LYS A 3680 43.75 49.55 -9.48
CA LYS A 3680 43.53 50.96 -9.74
C LYS A 3680 42.10 51.41 -9.53
N CYS A 3681 41.15 50.46 -9.42
CA CYS A 3681 39.70 50.63 -9.47
C CYS A 3681 39.23 51.61 -10.56
N LYS A 3682 39.92 51.59 -11.69
CA LYS A 3682 39.76 52.53 -12.79
C LYS A 3682 40.67 52.05 -13.90
N LEU A 3683 40.26 52.26 -15.14
CA LEU A 3683 41.09 51.92 -16.29
C LEU A 3683 41.43 53.15 -17.08
N GLU A 3684 42.70 53.30 -17.39
CA GLU A 3684 43.25 54.51 -17.97
C GLU A 3684 43.14 54.41 -19.48
N GLU A 3685 43.86 55.26 -20.19
CA GLU A 3685 43.80 55.15 -21.64
C GLU A 3685 44.98 54.36 -22.18
N ASP A 3686 46.17 54.90 -22.04
CA ASP A 3686 47.43 54.32 -22.50
C ASP A 3686 47.35 53.92 -23.97
N PHE A 3687 47.21 54.95 -24.80
CA PHE A 3687 46.78 54.79 -26.19
C PHE A 3687 47.69 53.88 -27.01
N LEU A 3688 48.93 53.69 -26.58
CA LEU A 3688 49.79 52.69 -27.18
C LEU A 3688 49.24 51.30 -27.01
N TYR A 3689 48.55 51.03 -25.90
CA TYR A 3689 47.98 49.72 -25.70
C TYR A 3689 46.91 49.44 -26.72
N MET A 3690 46.08 50.45 -26.97
CA MET A 3690 45.08 50.39 -28.02
C MET A 3690 45.72 50.16 -29.37
N ALA A 3691 46.82 50.87 -29.63
CA ALA A 3691 47.49 50.77 -30.92
C ALA A 3691 48.04 49.38 -31.15
N TYR A 3692 48.79 48.87 -30.18
CA TYR A 3692 49.46 47.58 -30.37
C TYR A 3692 48.46 46.45 -30.34
N ALA A 3693 47.39 46.59 -29.58
CA ALA A 3693 46.32 45.61 -29.61
C ALA A 3693 45.66 45.58 -30.97
N ASP A 3694 45.49 46.75 -31.57
CA ASP A 3694 44.95 46.81 -32.93
C ASP A 3694 45.88 46.18 -33.93
N ILE A 3695 47.18 46.35 -33.74
CA ILE A 3695 48.13 45.77 -34.68
C ILE A 3695 48.11 44.26 -34.59
N MET A 3696 48.05 43.75 -33.37
CA MET A 3696 47.90 42.31 -33.21
C MET A 3696 46.54 41.83 -33.67
N ALA A 3697 45.54 42.71 -33.70
CA ALA A 3697 44.32 42.34 -34.38
C ALA A 3697 44.52 42.30 -35.88
N LYS A 3698 45.40 43.15 -36.38
CA LYS A 3698 45.72 43.13 -37.79
C LYS A 3698 46.57 41.94 -38.17
N SER A 3699 47.12 41.23 -37.18
CA SER A 3699 47.87 40.01 -37.44
C SER A 3699 47.03 38.88 -38.03
N CYS A 3700 45.71 39.00 -38.09
CA CYS A 3700 44.90 37.99 -38.72
C CYS A 3700 43.97 38.59 -39.77
N SER A 3714 37.48 25.90 -53.66
CA SER A 3714 38.89 26.00 -53.30
C SER A 3714 39.12 25.38 -51.94
N PHE A 3715 38.66 24.13 -51.81
CA PHE A 3715 38.66 23.45 -50.52
C PHE A 3715 40.07 23.24 -50.00
N GLU A 3716 40.97 22.81 -50.88
CA GLU A 3716 42.38 22.72 -50.54
C GLU A 3716 42.92 24.08 -50.11
N GLU A 3717 42.54 25.12 -50.85
CA GLU A 3717 42.94 26.45 -50.47
C GLU A 3717 42.27 26.89 -49.18
N LYS A 3718 41.05 26.44 -48.94
CA LYS A 3718 40.37 26.75 -47.69
C LYS A 3718 41.14 26.16 -46.51
N GLU A 3719 41.66 24.96 -46.68
CA GLU A 3719 42.43 24.36 -45.59
C GLU A 3719 43.78 25.02 -45.44
N MET A 3720 44.35 25.48 -46.56
CA MET A 3720 45.61 26.20 -46.51
C MET A 3720 45.46 27.50 -45.74
N GLU A 3721 44.39 28.23 -46.03
CA GLU A 3721 44.12 29.49 -45.34
C GLU A 3721 43.82 29.25 -43.88
N LYS A 3722 43.09 28.17 -43.59
CA LYS A 3722 42.88 27.72 -42.22
C LYS A 3722 44.21 27.48 -41.52
N GLN A 3723 45.13 26.85 -42.21
CA GLN A 3723 46.42 26.53 -41.61
C GLN A 3723 47.20 27.79 -41.29
N LYS A 3724 47.21 28.74 -42.23
CA LYS A 3724 47.95 29.97 -42.03
C LYS A 3724 47.35 30.79 -40.91
N LEU A 3725 46.02 30.82 -40.83
CA LEU A 3725 45.38 31.55 -39.75
C LEU A 3725 45.67 30.93 -38.41
N LEU A 3726 45.69 29.59 -38.38
CA LEU A 3726 46.01 28.92 -37.13
C LEU A 3726 47.44 29.16 -36.73
N TYR A 3727 48.32 29.28 -37.72
CA TYR A 3727 49.70 29.61 -37.45
C TYR A 3727 49.81 31.00 -36.85
N GLN A 3728 49.03 31.94 -37.37
CA GLN A 3728 49.02 33.28 -36.82
C GLN A 3728 48.53 33.29 -35.39
N GLN A 3729 47.46 32.54 -35.13
CA GLN A 3729 46.89 32.47 -33.80
C GLN A 3729 47.87 31.83 -32.83
N ALA A 3730 48.62 30.84 -33.31
CA ALA A 3730 49.65 30.23 -32.51
C ALA A 3730 50.71 31.24 -32.14
N ARG A 3731 51.24 31.92 -33.16
CA ARG A 3731 52.30 32.90 -33.00
C ARG A 3731 51.94 33.97 -31.99
N LEU A 3732 50.68 34.36 -31.97
CA LEU A 3732 50.25 35.27 -30.93
C LEU A 3732 50.15 34.55 -29.59
N HIS A 3733 49.22 33.61 -29.49
CA HIS A 3733 48.72 33.24 -28.19
C HIS A 3733 49.65 32.35 -27.41
N ASP A 3734 50.67 31.80 -28.04
CA ASP A 3734 51.60 31.01 -27.26
C ASP A 3734 52.53 31.84 -26.42
N ARG A 3735 52.48 33.15 -26.58
CA ARG A 3735 53.13 34.04 -25.64
C ARG A 3735 52.19 34.46 -24.54
N GLY A 3736 51.23 33.60 -24.20
CA GLY A 3736 50.28 33.85 -23.13
C GLY A 3736 49.38 35.01 -23.40
N ALA A 3737 49.06 35.24 -24.67
CA ALA A 3737 48.50 36.52 -25.07
C ALA A 3737 47.09 36.75 -24.57
N ALA A 3738 46.32 35.70 -24.37
CA ALA A 3738 44.91 35.91 -24.12
C ALA A 3738 44.58 36.10 -22.67
N GLU A 3739 45.49 35.71 -21.80
CA GLU A 3739 45.22 35.83 -20.38
C GLU A 3739 45.18 37.28 -19.96
N MET A 3740 46.01 38.12 -20.59
CA MET A 3740 45.93 39.53 -20.26
C MET A 3740 44.69 40.16 -20.86
N VAL A 3741 44.21 39.61 -21.98
CA VAL A 3741 42.92 40.06 -22.49
C VAL A 3741 41.84 39.81 -21.48
N LEU A 3742 41.84 38.60 -20.93
CA LEU A 3742 40.88 38.25 -19.90
C LEU A 3742 41.06 39.12 -18.67
N GLN A 3743 42.31 39.46 -18.36
CA GLN A 3743 42.60 40.28 -17.20
C GLN A 3743 42.08 41.69 -17.39
N THR A 3744 42.25 42.24 -18.59
CA THR A 3744 41.73 43.57 -18.86
C THR A 3744 40.22 43.58 -18.79
N ILE A 3745 39.59 42.50 -19.25
CA ILE A 3745 38.15 42.48 -19.23
C ILE A 3745 37.63 42.40 -17.81
N SER A 3746 38.33 41.65 -16.97
CA SER A 3746 38.02 41.71 -15.55
C SER A 3746 38.33 43.09 -14.99
N ALA A 3747 39.32 43.75 -15.56
CA ALA A 3747 39.86 44.95 -14.95
C ALA A 3747 38.90 46.11 -15.10
N SER A 3748 38.46 46.37 -16.31
CA SER A 3748 37.38 47.33 -16.47
C SER A 3748 36.13 46.70 -15.93
N LYS A 3749 35.53 47.28 -14.91
CA LYS A 3749 34.35 46.66 -14.33
C LYS A 3749 33.12 47.00 -15.15
N GLY A 3750 32.68 48.24 -15.07
CA GLY A 3750 31.49 48.61 -15.78
C GLY A 3750 31.89 49.71 -16.72
N GLU A 3751 33.17 50.03 -16.66
CA GLU A 3751 33.71 51.07 -17.52
C GLU A 3751 33.71 50.56 -18.95
N THR A 3752 33.13 51.33 -19.85
CA THR A 3752 33.00 50.94 -21.24
C THR A 3752 33.81 51.85 -22.14
N GLY A 3753 35.04 52.13 -21.75
CA GLY A 3753 35.92 52.91 -22.58
C GLY A 3753 36.32 52.15 -23.82
N PRO A 3754 36.93 52.84 -24.78
CA PRO A 3754 37.36 52.17 -26.00
C PRO A 3754 38.49 51.19 -25.77
N MET A 3755 39.16 51.32 -24.63
CA MET A 3755 39.99 50.26 -24.08
C MET A 3755 39.32 48.90 -24.18
N VAL A 3756 38.08 48.83 -23.72
CA VAL A 3756 37.33 47.59 -23.70
C VAL A 3756 37.10 47.09 -25.12
N ALA A 3757 36.81 48.02 -26.02
CA ALA A 3757 36.56 47.65 -27.40
C ALA A 3757 37.81 47.13 -28.07
N ALA A 3758 38.94 47.74 -27.78
CA ALA A 3758 40.19 47.29 -28.37
C ALA A 3758 40.54 45.89 -27.89
N THR A 3759 40.35 45.65 -26.58
CA THR A 3759 40.60 44.33 -26.04
C THR A 3759 39.68 43.30 -26.65
N LEU A 3760 38.43 43.67 -26.86
CA LEU A 3760 37.48 42.74 -27.42
C LEU A 3760 37.80 42.41 -28.86
N LYS A 3761 38.23 43.42 -29.61
CA LYS A 3761 38.60 43.18 -30.99
C LYS A 3761 39.80 42.27 -31.06
N LEU A 3762 40.72 42.40 -30.12
CA LEU A 3762 41.86 41.53 -30.10
C LEU A 3762 41.45 40.10 -29.78
N GLY A 3763 40.52 39.92 -28.84
CA GLY A 3763 40.09 38.58 -28.50
C GLY A 3763 39.36 37.91 -29.64
N ILE A 3764 38.59 38.68 -30.39
CA ILE A 3764 37.94 38.15 -31.57
C ILE A 3764 38.97 37.79 -32.62
N ALA A 3765 39.99 38.62 -32.76
CA ALA A 3765 41.04 38.32 -33.74
C ALA A 3765 41.81 37.07 -33.37
N ILE A 3766 41.87 36.77 -32.08
CA ILE A 3766 42.39 35.49 -31.67
C ILE A 3766 41.46 34.38 -32.10
N LEU A 3767 40.21 34.48 -31.69
CA LEU A 3767 39.36 33.30 -31.73
C LEU A 3767 38.45 33.28 -32.93
N ASN A 3768 38.82 33.99 -34.00
CA ASN A 3768 38.01 34.00 -35.20
C ASN A 3768 37.85 32.61 -35.79
N GLY A 3769 38.89 31.79 -35.72
CA GLY A 3769 38.70 30.40 -36.05
C GLY A 3769 37.97 29.63 -34.98
N GLY A 3770 37.93 30.16 -33.77
CA GLY A 3770 37.36 29.42 -32.67
C GLY A 3770 38.30 28.32 -32.28
N ASN A 3771 39.52 28.70 -31.93
CA ASN A 3771 40.47 27.70 -31.48
C ASN A 3771 40.04 27.14 -30.15
N SER A 3772 39.99 25.81 -30.10
CA SER A 3772 39.62 25.15 -28.87
C SER A 3772 40.68 25.31 -27.80
N THR A 3773 41.95 25.39 -28.20
CA THR A 3773 43.00 25.35 -27.19
C THR A 3773 43.02 26.61 -26.37
N VAL A 3774 42.80 27.74 -27.01
CA VAL A 3774 42.66 28.99 -26.30
C VAL A 3774 41.46 28.94 -25.36
N GLN A 3775 40.38 28.30 -25.81
CA GLN A 3775 39.22 28.12 -24.96
C GLN A 3775 39.55 27.28 -23.75
N GLN A 3776 40.40 26.27 -23.94
CA GLN A 3776 40.84 25.45 -22.82
C GLN A 3776 41.68 26.26 -21.86
N LYS A 3777 42.60 27.04 -22.40
CA LYS A 3777 43.51 27.83 -21.58
C LYS A 3777 42.75 28.84 -20.75
N MET A 3778 41.73 29.43 -21.34
CA MET A 3778 40.92 30.38 -20.62
C MET A 3778 40.06 29.69 -19.58
N LEU A 3779 39.60 28.47 -19.88
CA LEU A 3779 38.85 27.72 -18.90
C LEU A 3779 39.71 27.40 -17.69
N GLU A 3780 40.95 26.96 -17.94
CA GLU A 3780 41.89 26.73 -16.86
C GLU A 3780 42.14 28.01 -16.10
N TYR A 3781 42.29 29.11 -16.83
CA TYR A 3781 42.62 30.39 -16.24
C TYR A 3781 41.52 30.88 -15.33
N LEU A 3782 40.29 30.55 -15.66
CA LEU A 3782 39.26 30.79 -14.68
C LEU A 3782 39.28 29.74 -13.60
N LYS A 3783 39.80 28.56 -13.91
CA LYS A 3783 39.67 27.51 -12.94
C LYS A 3783 40.70 27.59 -11.82
N GLU A 3784 41.80 28.31 -12.01
CA GLU A 3784 42.73 28.38 -10.88
C GLU A 3784 42.29 29.48 -9.92
N LYS A 3785 42.01 30.64 -10.45
CA LYS A 3785 41.75 31.80 -9.62
C LYS A 3785 40.30 32.17 -9.75
N LYS A 3786 39.69 32.57 -8.64
CA LYS A 3786 38.24 32.69 -8.58
C LYS A 3786 37.83 34.12 -8.93
N ASP A 3787 38.11 34.48 -10.19
CA ASP A 3787 37.98 35.86 -10.64
C ASP A 3787 36.52 36.10 -10.99
N VAL A 3788 35.69 36.13 -9.96
CA VAL A 3788 34.27 36.34 -10.17
C VAL A 3788 34.02 37.76 -10.63
N GLY A 3789 34.88 38.69 -10.25
CA GLY A 3789 34.83 40.05 -10.72
C GLY A 3789 34.99 40.18 -12.20
N PHE A 3790 35.62 39.20 -12.85
CA PHE A 3790 35.56 39.14 -14.30
C PHE A 3790 34.13 39.00 -14.78
N PHE A 3791 33.38 38.09 -14.16
CA PHE A 3791 31.99 37.90 -14.57
C PHE A 3791 31.16 39.10 -14.20
N GLN A 3792 31.50 39.75 -13.11
CA GLN A 3792 30.78 40.94 -12.70
C GLN A 3792 31.03 42.04 -13.70
N SER A 3793 32.27 42.11 -14.17
CA SER A 3793 32.63 43.09 -15.17
C SER A 3793 31.90 42.80 -16.47
N LEU A 3794 31.73 41.52 -16.77
CA LEU A 3794 30.95 41.12 -17.93
C LEU A 3794 29.53 41.62 -17.82
N ALA A 3795 28.93 41.42 -16.65
CA ALA A 3795 27.55 41.82 -16.44
C ALA A 3795 27.39 43.33 -16.54
N GLY A 3796 28.29 44.06 -15.91
CA GLY A 3796 28.23 45.50 -15.96
C GLY A 3796 28.46 46.05 -17.35
N LEU A 3797 29.29 45.36 -18.13
CA LEU A 3797 29.36 45.67 -19.55
C LEU A 3797 28.03 45.41 -20.21
N MET A 3798 27.42 44.30 -19.85
CA MET A 3798 26.20 43.87 -20.47
C MET A 3798 25.00 44.69 -20.06
N GLN A 3799 25.16 45.64 -19.16
CA GLN A 3799 24.00 46.46 -18.88
C GLN A 3799 23.84 47.56 -19.89
N SER A 3800 24.95 48.16 -20.33
CA SER A 3800 24.84 49.50 -20.90
C SER A 3800 24.32 49.48 -22.33
N CYS A 3801 25.17 49.12 -23.26
CA CYS A 3801 24.82 48.55 -24.56
C CYS A 3801 23.95 49.38 -25.52
N SER A 3802 23.40 50.51 -25.08
CA SER A 3802 22.82 51.57 -25.92
C SER A 3802 21.76 51.02 -26.87
N VAL A 3803 20.63 50.62 -26.30
CA VAL A 3803 19.63 49.82 -27.01
C VAL A 3803 19.02 50.56 -28.20
N LEU A 3804 18.23 51.59 -27.94
CA LEU A 3804 17.55 52.37 -28.98
C LEU A 3804 16.81 53.54 -28.34
N ASP A 3805 16.67 54.64 -29.08
CA ASP A 3805 15.74 55.68 -28.68
C ASP A 3805 15.23 56.46 -29.89
N LEU A 3806 13.91 56.51 -30.03
CA LEU A 3806 13.34 57.30 -31.09
C LEU A 3806 13.38 58.78 -30.78
N ASN A 3807 13.40 59.14 -29.51
CA ASN A 3807 13.10 60.52 -29.13
C ASN A 3807 14.22 61.45 -29.50
N ALA A 3808 15.44 61.10 -29.15
CA ALA A 3808 16.57 61.90 -29.61
C ALA A 3808 16.76 61.74 -31.10
N PHE A 3809 16.44 60.57 -31.62
CA PHE A 3809 16.39 60.39 -33.06
C PHE A 3809 15.35 61.31 -33.67
N GLU A 3810 14.22 61.47 -33.01
CA GLU A 3810 13.22 62.37 -33.54
C GLU A 3810 13.64 63.82 -33.37
N ARG A 3811 14.44 64.09 -32.35
CA ARG A 3811 15.01 65.43 -32.17
C ARG A 3811 15.95 65.73 -33.31
N GLN A 3812 16.72 64.73 -33.72
CA GLN A 3812 17.53 64.86 -34.91
C GLN A 3812 16.66 65.09 -36.13
N ASN A 3813 15.54 64.38 -36.20
CA ASN A 3813 14.60 64.53 -37.30
C ASN A 3813 14.00 65.93 -37.34
N LYS A 3814 13.85 66.56 -36.19
CA LYS A 3814 13.48 67.96 -36.22
C LYS A 3814 14.66 68.81 -36.64
N ALA A 3815 15.84 68.48 -36.13
CA ALA A 3815 17.01 69.34 -36.29
C ALA A 3815 17.66 69.09 -37.64
N GLU A 3816 16.94 69.43 -38.67
CA GLU A 3816 17.51 69.27 -40.01
C GLU A 3816 17.32 70.51 -40.86
N GLY A 3817 16.20 71.19 -40.74
CA GLY A 3817 15.99 72.44 -41.45
C GLY A 3817 16.13 73.60 -40.50
N LYS A 3829 23.83 61.96 -34.87
CA LYS A 3829 25.22 61.56 -34.85
C LYS A 3829 25.50 60.67 -33.65
N VAL A 3830 24.81 60.94 -32.55
CA VAL A 3830 25.04 60.20 -31.32
C VAL A 3830 24.45 58.80 -31.40
N LEU A 3831 23.22 58.68 -31.88
CA LEU A 3831 22.59 57.38 -32.01
C LEU A 3831 23.16 56.71 -33.24
N GLN A 3832 23.80 55.55 -33.07
CA GLN A 3832 23.90 54.83 -31.80
C GLN A 3832 25.31 54.32 -31.60
N ASP A 3833 25.74 54.18 -30.35
CA ASP A 3833 27.01 53.51 -30.08
C ASP A 3833 26.71 52.09 -29.67
N ASP A 3834 26.70 51.21 -30.66
CA ASP A 3834 26.23 49.87 -30.44
C ASP A 3834 27.05 48.80 -31.13
N GLU A 3835 27.93 49.18 -32.06
CA GLU A 3835 28.74 48.22 -32.79
C GLU A 3835 29.63 47.45 -31.84
N PHE A 3836 30.18 48.15 -30.85
CA PHE A 3836 30.99 47.55 -29.81
C PHE A 3836 30.27 46.43 -29.10
N THR A 3837 28.97 46.59 -28.90
CA THR A 3837 28.19 45.56 -28.25
C THR A 3837 28.07 44.33 -29.12
N CYS A 3838 27.96 44.53 -30.43
CA CYS A 3838 27.96 43.41 -31.35
C CYS A 3838 29.27 42.67 -31.28
N ASP A 3839 30.36 43.44 -31.15
CA ASP A 3839 31.67 42.84 -31.01
C ASP A 3839 31.74 42.01 -29.75
N LEU A 3840 31.19 42.58 -28.68
CA LEU A 3840 31.13 41.89 -27.39
C LEU A 3840 30.40 40.57 -27.50
N PHE A 3841 29.23 40.59 -28.13
CA PHE A 3841 28.43 39.39 -28.18
C PHE A 3841 29.03 38.35 -29.07
N ARG A 3842 29.60 38.79 -30.20
CA ARG A 3842 30.35 37.88 -31.06
C ARG A 3842 31.47 37.23 -30.30
N PHE A 3843 32.12 38.00 -29.44
CA PHE A 3843 33.19 37.44 -28.63
C PHE A 3843 32.66 36.42 -27.66
N LEU A 3844 31.50 36.68 -27.08
CA LEU A 3844 30.89 35.71 -26.18
C LEU A 3844 30.59 34.43 -26.93
N GLN A 3845 30.07 34.57 -28.13
CA GLN A 3845 29.73 33.43 -28.95
C GLN A 3845 30.95 32.62 -29.31
N LEU A 3846 32.08 33.29 -29.49
CA LEU A 3846 33.32 32.61 -29.74
C LEU A 3846 33.80 31.82 -28.55
N LEU A 3847 33.36 32.15 -27.35
CA LEU A 3847 33.85 31.44 -26.19
C LEU A 3847 33.27 30.06 -26.07
N CYS A 3848 32.16 29.81 -26.74
CA CYS A 3848 31.51 28.52 -26.69
C CYS A 3848 31.46 27.87 -28.06
N GLU A 3849 32.40 28.22 -28.93
CA GLU A 3849 32.50 27.58 -30.22
C GLU A 3849 32.86 26.12 -30.05
N GLY A 3850 32.38 25.31 -30.99
CA GLY A 3850 32.76 23.91 -31.00
C GLY A 3850 32.24 23.14 -29.83
N HIS A 3851 31.10 23.59 -29.27
CA HIS A 3851 30.34 22.85 -28.27
C HIS A 3851 31.15 22.66 -26.98
N ASN A 3852 31.82 23.72 -26.56
CA ASN A 3852 32.62 23.68 -25.33
C ASN A 3852 31.67 23.57 -24.14
N SER A 3853 31.27 22.33 -23.90
CA SER A 3853 30.16 22.05 -23.01
C SER A 3853 30.52 22.36 -21.57
N ASP A 3854 31.74 22.01 -21.19
CA ASP A 3854 32.30 22.43 -19.91
C ASP A 3854 32.26 23.95 -19.78
N PHE A 3855 32.67 24.64 -20.84
CA PHE A 3855 32.70 26.08 -20.81
C PHE A 3855 31.30 26.65 -20.79
N GLN A 3856 30.37 25.99 -21.46
CA GLN A 3856 28.99 26.44 -21.45
C GLN A 3856 28.39 26.26 -20.07
N ASN A 3857 28.71 25.17 -19.40
CA ASN A 3857 28.21 24.97 -18.06
C ASN A 3857 28.86 25.94 -17.09
N TYR A 3858 30.12 26.26 -17.31
CA TYR A 3858 30.74 27.21 -16.43
C TYR A 3858 30.26 28.62 -16.72
N LEU A 3859 29.75 28.84 -17.92
CA LEU A 3859 29.14 30.12 -18.20
C LEU A 3859 27.78 30.23 -17.54
N ARG A 3860 27.04 29.13 -17.53
CA ARG A 3860 25.75 29.14 -16.85
C ARG A 3860 25.96 29.26 -15.36
N THR A 3861 26.81 28.41 -14.81
CA THR A 3861 26.86 28.17 -13.38
C THR A 3861 28.00 28.91 -12.70
N GLN A 3862 29.23 28.69 -13.19
CA GLN A 3862 30.44 29.29 -12.64
C GLN A 3862 30.60 28.90 -11.16
N THR A 3863 30.73 27.60 -10.98
CA THR A 3863 30.64 27.03 -9.65
C THR A 3863 31.86 27.27 -8.80
N GLY A 3864 33.03 27.36 -9.42
CA GLY A 3864 34.28 27.24 -8.69
C GLY A 3864 34.56 28.37 -7.74
N ASN A 3865 33.91 29.52 -7.93
CA ASN A 3865 34.23 30.67 -7.11
C ASN A 3865 33.30 30.67 -5.91
N ASN A 3866 33.46 31.70 -5.07
CA ASN A 3866 32.54 31.86 -3.95
C ASN A 3866 31.17 32.25 -4.46
N THR A 3867 31.08 33.38 -5.14
CA THR A 3867 29.84 33.79 -5.74
C THR A 3867 29.89 33.56 -7.24
N THR A 3868 28.76 33.82 -7.89
CA THR A 3868 28.62 33.51 -9.30
C THR A 3868 27.45 34.29 -9.87
N VAL A 3869 27.31 34.20 -11.19
CA VAL A 3869 26.20 34.78 -11.90
C VAL A 3869 25.74 33.77 -12.94
N ASN A 3870 24.58 34.02 -13.53
CA ASN A 3870 24.20 33.31 -14.75
C ASN A 3870 24.08 34.32 -15.87
N ILE A 3871 25.10 34.32 -16.73
CA ILE A 3871 25.20 35.30 -17.79
C ILE A 3871 24.16 35.06 -18.87
N ILE A 3872 23.61 33.86 -18.92
CA ILE A 3872 22.63 33.55 -19.94
C ILE A 3872 21.35 34.29 -19.66
N ILE A 3873 21.02 34.43 -18.38
CA ILE A 3873 19.84 35.20 -18.04
C ILE A 3873 20.06 36.65 -18.40
N SER A 3874 21.29 37.13 -18.24
CA SER A 3874 21.61 38.51 -18.56
C SER A 3874 21.42 38.78 -20.04
N THR A 3875 21.88 37.86 -20.88
CA THR A 3875 21.69 38.14 -22.28
C THR A 3875 20.25 37.94 -22.70
N VAL A 3876 19.50 37.08 -21.99
CA VAL A 3876 18.07 36.96 -22.21
C VAL A 3876 17.37 38.29 -21.97
N ASP A 3877 17.68 38.95 -20.86
CA ASP A 3877 16.96 40.18 -20.62
C ASP A 3877 17.47 41.29 -21.51
N TYR A 3878 18.72 41.19 -21.95
CA TYR A 3878 19.21 42.18 -22.87
C TYR A 3878 18.44 42.13 -24.17
N LEU A 3879 18.25 40.93 -24.70
CA LEU A 3879 17.50 40.85 -25.93
C LEU A 3879 16.04 41.17 -25.72
N LEU A 3880 15.53 40.99 -24.50
CA LEU A 3880 14.19 41.46 -24.18
C LEU A 3880 14.09 42.95 -24.41
N ARG A 3881 15.07 43.69 -23.88
CA ARG A 3881 15.08 45.14 -24.06
C ARG A 3881 15.21 45.49 -25.52
N VAL A 3882 16.04 44.73 -26.23
CA VAL A 3882 16.26 44.93 -27.65
C VAL A 3882 14.96 44.77 -28.41
N GLN A 3883 14.24 43.70 -28.08
CA GLN A 3883 12.96 43.40 -28.69
C GLN A 3883 11.97 44.52 -28.50
N GLU A 3884 11.90 45.01 -27.27
CA GLU A 3884 10.95 46.08 -26.96
C GLU A 3884 11.27 47.32 -27.75
N SER A 3885 12.56 47.60 -27.92
CA SER A 3885 12.99 48.74 -28.70
C SER A 3885 12.60 48.60 -30.15
N ILE A 3886 12.78 47.41 -30.70
CA ILE A 3886 12.46 47.23 -32.10
C ILE A 3886 10.97 47.30 -32.32
N SER A 3887 10.20 46.82 -31.35
CA SER A 3887 8.76 46.84 -31.48
C SER A 3887 8.23 48.25 -31.47
N ASP A 3888 8.78 49.10 -30.60
CA ASP A 3888 8.30 50.48 -30.63
C ASP A 3888 8.79 51.22 -31.84
N PHE A 3889 9.93 50.80 -32.40
CA PHE A 3889 10.34 51.35 -33.69
C PHE A 3889 9.30 51.04 -34.75
N TYR A 3890 8.80 49.81 -34.73
CA TYR A 3890 7.67 49.47 -35.59
C TYR A 3890 6.47 50.34 -35.31
N TRP A 3891 6.16 50.55 -34.03
CA TRP A 3891 4.98 51.34 -33.68
C TRP A 3891 5.09 52.76 -34.18
N TYR A 3892 6.31 53.29 -34.18
CA TYR A 3892 6.53 54.58 -34.81
C TYR A 3892 6.25 54.50 -36.30
N TYR A 3893 6.92 53.58 -36.97
CA TYR A 3893 6.79 53.52 -38.42
C TYR A 3893 5.49 52.94 -38.91
N SER A 3894 4.64 52.46 -38.02
CA SER A 3894 3.44 51.75 -38.40
C SER A 3894 2.37 52.65 -38.97
N GLY A 3895 2.51 53.96 -38.85
CA GLY A 3895 1.48 54.85 -39.36
C GLY A 3895 1.84 55.53 -40.65
N LYS A 3896 3.07 56.04 -40.74
CA LYS A 3896 3.45 56.82 -41.92
C LYS A 3896 3.75 55.92 -43.10
N ASP A 3897 4.54 54.87 -42.85
CA ASP A 3897 4.82 53.78 -43.80
C ASP A 3897 5.52 54.27 -45.07
N VAL A 3898 6.13 55.44 -45.01
CA VAL A 3898 6.98 55.94 -46.08
C VAL A 3898 8.33 56.18 -45.43
N ILE A 3899 9.10 55.13 -45.35
CA ILE A 3899 10.21 55.09 -44.41
C ILE A 3899 11.46 55.65 -45.06
N ASP A 3900 12.04 56.63 -44.39
CA ASP A 3900 13.20 57.37 -44.86
C ASP A 3900 14.42 56.48 -44.89
N GLU A 3901 15.48 57.02 -45.49
CA GLU A 3901 16.77 56.36 -45.53
C GLU A 3901 17.32 56.10 -44.14
N GLN A 3902 17.20 57.09 -43.26
CA GLN A 3902 17.90 57.09 -41.97
C GLN A 3902 17.44 55.96 -41.08
N GLY A 3903 16.12 55.86 -40.88
CA GLY A 3903 15.56 54.80 -40.06
C GLY A 3903 15.87 53.44 -40.61
N GLN A 3904 15.94 53.35 -41.94
CA GLN A 3904 16.31 52.10 -42.58
C GLN A 3904 17.75 51.72 -42.27
N ARG A 3905 18.69 52.65 -42.44
CA ARG A 3905 20.09 52.26 -42.32
C ARG A 3905 20.48 52.03 -40.88
N ASN A 3906 19.90 52.76 -39.94
CA ASN A 3906 20.19 52.43 -38.56
C ASN A 3906 19.46 51.17 -38.16
N PHE A 3907 18.30 50.96 -38.76
CA PHE A 3907 17.51 49.81 -38.42
C PHE A 3907 18.19 48.55 -38.87
N SER A 3908 18.91 48.62 -39.98
CA SER A 3908 19.70 47.50 -40.43
C SER A 3908 20.79 47.17 -39.43
N LYS A 3909 21.34 48.18 -38.79
CA LYS A 3909 22.35 47.91 -37.80
C LYS A 3909 21.74 47.26 -36.58
N ALA A 3910 20.54 47.69 -36.21
CA ALA A 3910 19.81 47.05 -35.13
C ALA A 3910 19.49 45.60 -35.47
N ILE A 3911 19.19 45.36 -36.73
CA ILE A 3911 18.99 44.02 -37.25
C ILE A 3911 20.25 43.20 -37.08
N GLN A 3912 21.40 43.80 -37.33
CA GLN A 3912 22.66 43.10 -37.17
C GLN A 3912 22.90 42.72 -35.73
N VAL A 3913 22.48 43.60 -34.82
CA VAL A 3913 22.55 43.27 -33.39
C VAL A 3913 21.68 42.06 -33.09
N ALA A 3914 20.47 42.05 -33.63
CA ALA A 3914 19.56 40.94 -33.36
C ALA A 3914 20.11 39.64 -33.93
N LYS A 3915 20.72 39.74 -35.10
CA LYS A 3915 21.38 38.61 -35.72
C LYS A 3915 22.50 38.09 -34.84
N GLN A 3916 23.32 38.99 -34.35
CA GLN A 3916 24.48 38.60 -33.57
C GLN A 3916 24.05 37.94 -32.27
N VAL A 3917 23.03 38.51 -31.63
CA VAL A 3917 22.64 37.98 -30.34
C VAL A 3917 21.94 36.65 -30.52
N PHE A 3918 21.29 36.44 -31.65
CA PHE A 3918 20.77 35.12 -31.90
C PHE A 3918 21.88 34.13 -32.18
N ASN A 3919 22.97 34.59 -32.78
CA ASN A 3919 24.10 33.69 -33.00
C ASN A 3919 24.70 33.25 -31.69
N THR A 3920 24.82 34.19 -30.76
CA THR A 3920 25.24 33.84 -29.41
C THR A 3920 24.30 32.86 -28.77
N LEU A 3921 23.01 33.09 -28.95
CA LEU A 3921 21.99 32.25 -28.34
C LEU A 3921 22.06 30.84 -28.86
N THR A 3922 22.20 30.71 -30.17
CA THR A 3922 22.34 29.41 -30.79
C THR A 3922 23.56 28.71 -30.26
N GLU A 3923 24.69 29.40 -30.21
CA GLU A 3923 25.87 28.72 -29.74
C GLU A 3923 25.86 28.52 -28.23
N TYR A 3924 24.93 29.15 -27.54
CA TYR A 3924 24.71 28.79 -26.15
C TYR A 3924 24.07 27.45 -26.04
N ILE A 3925 23.32 27.06 -27.05
CA ILE A 3925 22.66 25.77 -27.03
C ILE A 3925 23.22 25.01 -28.24
N GLN A 3926 24.48 25.29 -28.53
CA GLN A 3926 25.18 24.67 -29.65
C GLN A 3926 25.14 23.16 -29.55
N GLY A 3927 25.47 22.62 -28.40
CA GLY A 3927 25.25 21.23 -28.15
C GLY A 3927 23.93 21.04 -27.45
N PRO A 3928 23.65 19.84 -27.04
CA PRO A 3928 22.45 19.55 -26.26
C PRO A 3928 22.62 19.78 -24.77
N CYS A 3929 23.18 20.93 -24.41
CA CYS A 3929 23.50 21.23 -23.01
C CYS A 3929 22.22 21.49 -22.23
N THR A 3930 21.98 20.63 -21.26
CA THR A 3930 20.64 20.42 -20.75
C THR A 3930 20.21 21.52 -19.80
N GLY A 3931 21.03 21.80 -18.77
CA GLY A 3931 20.64 22.81 -17.79
C GLY A 3931 20.55 24.18 -18.39
N ASN A 3932 21.31 24.40 -19.45
CA ASN A 3932 21.11 25.55 -20.31
C ASN A 3932 19.69 25.60 -20.83
N GLN A 3933 19.19 24.47 -21.32
CA GLN A 3933 17.80 24.42 -21.76
C GLN A 3933 16.84 24.59 -20.61
N GLN A 3934 17.22 24.16 -19.40
CA GLN A 3934 16.30 24.25 -18.29
C GLN A 3934 16.10 25.69 -17.88
N SER A 3935 17.21 26.40 -17.79
CA SER A 3935 17.17 27.83 -17.52
C SER A 3935 16.42 28.56 -18.61
N LEU A 3936 16.59 28.13 -19.86
CA LEU A 3936 15.88 28.77 -20.94
C LEU A 3936 14.40 28.48 -20.89
N ALA A 3937 14.04 27.29 -20.42
CA ALA A 3937 12.65 26.94 -20.24
C ALA A 3937 12.01 27.78 -19.18
N HIS A 3938 12.77 28.10 -18.15
CA HIS A 3938 12.27 28.99 -17.13
C HIS A 3938 12.58 30.44 -17.43
N SER A 3939 13.25 30.70 -18.54
CA SER A 3939 13.56 32.08 -18.87
C SER A 3939 12.32 32.78 -19.40
N ARG A 3940 12.48 34.05 -19.66
CA ARG A 3940 11.36 34.87 -20.06
C ARG A 3940 11.11 34.83 -21.56
N LEU A 3941 12.16 34.56 -22.34
CA LEU A 3941 12.38 35.08 -23.69
C LEU A 3941 11.25 34.87 -24.68
N TRP A 3942 10.32 33.97 -24.38
CA TRP A 3942 9.32 33.52 -25.34
C TRP A 3942 8.44 34.65 -25.80
N ASP A 3943 8.12 35.54 -24.87
CA ASP A 3943 7.34 36.73 -25.17
C ASP A 3943 8.04 37.61 -26.18
N ALA A 3944 9.36 37.71 -26.08
CA ALA A 3944 10.11 38.52 -27.03
C ALA A 3944 10.01 37.92 -28.41
N VAL A 3945 10.01 36.59 -28.47
CA VAL A 3945 9.78 35.91 -29.73
C VAL A 3945 8.41 36.24 -30.26
N VAL A 3946 7.41 36.28 -29.36
CA VAL A 3946 6.04 36.55 -29.76
C VAL A 3946 5.95 37.94 -30.37
N GLY A 3947 6.59 38.91 -29.73
CA GLY A 3947 6.63 40.25 -30.27
C GLY A 3947 7.38 40.32 -31.57
N PHE A 3948 8.38 39.46 -31.74
CA PHE A 3948 9.08 39.39 -33.02
C PHE A 3948 8.14 38.96 -34.12
N LEU A 3949 7.37 37.90 -33.85
CA LEU A 3949 6.39 37.41 -34.82
C LEU A 3949 5.39 38.48 -35.16
N HIS A 3950 4.97 39.21 -34.14
CA HIS A 3950 4.06 40.32 -34.34
C HIS A 3950 4.68 41.38 -35.23
N VAL A 3951 5.98 41.62 -35.06
CA VAL A 3951 6.68 42.57 -35.90
C VAL A 3951 6.69 42.08 -37.34
N PHE A 3952 7.02 40.82 -37.51
CA PHE A 3952 7.23 40.25 -38.84
C PHE A 3952 5.95 40.25 -39.63
N ALA A 3953 4.84 39.99 -38.94
CA ALA A 3953 3.55 39.81 -39.58
C ALA A 3953 3.12 41.04 -40.32
N HIS A 3954 3.16 42.18 -39.64
CA HIS A 3954 2.85 43.40 -40.33
C HIS A 3954 4.05 43.88 -41.13
N MET A 3955 5.23 43.38 -40.80
CA MET A 3955 6.43 43.99 -41.32
C MET A 3955 6.69 43.60 -42.74
N GLN A 3956 6.34 42.37 -43.09
CA GLN A 3956 6.46 41.92 -44.47
C GLN A 3956 5.61 42.76 -45.40
N MET A 3957 4.43 43.14 -44.92
CA MET A 3957 3.46 43.78 -45.79
C MET A 3957 3.89 45.20 -46.14
N LYS A 3958 4.37 45.94 -45.16
CA LYS A 3958 4.94 47.24 -45.49
C LYS A 3958 6.25 47.10 -46.21
N LEU A 3959 6.99 46.03 -45.95
CA LEU A 3959 8.24 45.84 -46.62
C LEU A 3959 8.09 45.14 -47.95
N SER A 3960 6.88 45.00 -48.45
CA SER A 3960 6.65 44.23 -49.66
C SER A 3960 6.53 45.12 -50.89
N GLN A 3961 7.10 46.32 -50.85
CA GLN A 3961 6.72 47.30 -51.86
C GLN A 3961 7.84 47.72 -52.79
N ASP A 3962 8.94 48.21 -52.24
CA ASP A 3962 9.88 49.02 -52.99
C ASP A 3962 11.27 48.41 -52.98
N SER A 3963 12.13 49.02 -53.80
CA SER A 3963 13.56 48.71 -53.77
C SER A 3963 14.18 49.11 -52.44
N SER A 3964 13.64 50.14 -51.80
CA SER A 3964 14.03 50.46 -50.44
C SER A 3964 13.70 49.33 -49.49
N GLN A 3965 12.55 48.71 -49.69
CA GLN A 3965 12.02 47.78 -48.70
C GLN A 3965 12.81 46.48 -48.67
N ILE A 3966 13.18 45.98 -49.84
CA ILE A 3966 13.50 44.57 -50.02
C ILE A 3966 14.80 44.20 -49.36
N GLU A 3967 15.71 45.16 -49.22
CA GLU A 3967 16.96 44.91 -48.54
C GLU A 3967 16.71 44.58 -47.09
N LEU A 3968 16.05 45.49 -46.41
CA LEU A 3968 15.71 45.33 -45.00
C LEU A 3968 14.78 44.16 -44.80
N LEU A 3969 13.91 43.91 -45.77
CA LEU A 3969 13.03 42.77 -45.71
C LEU A 3969 13.83 41.48 -45.76
N LYS A 3970 14.84 41.45 -46.62
CA LYS A 3970 15.73 40.31 -46.72
C LYS A 3970 16.47 40.08 -45.41
N GLU A 3971 16.91 41.16 -44.78
CA GLU A 3971 17.58 41.02 -43.49
C GLU A 3971 16.61 40.57 -42.43
N LEU A 3972 15.37 41.00 -42.55
CA LEU A 3972 14.38 40.69 -41.55
C LEU A 3972 13.96 39.24 -41.63
N MET A 3973 13.72 38.76 -42.84
CA MET A 3973 13.37 37.36 -42.99
C MET A 3973 14.56 36.47 -42.70
N ASP A 3974 15.77 36.99 -42.95
CA ASP A 3974 16.98 36.36 -42.46
C ASP A 3974 16.94 36.21 -40.95
N LEU A 3975 16.54 37.27 -40.27
CA LEU A 3975 16.49 37.24 -38.81
C LEU A 3975 15.46 36.29 -38.30
N GLN A 3976 14.34 36.18 -39.00
CA GLN A 3976 13.35 35.18 -38.65
C GLN A 3976 13.93 33.80 -38.77
N LYS A 3977 14.67 33.58 -39.85
CA LYS A 3977 15.28 32.27 -40.08
C LYS A 3977 16.26 31.94 -38.97
N ASP A 3978 17.06 32.91 -38.57
CA ASP A 3978 18.03 32.65 -37.51
C ASP A 3978 17.34 32.44 -36.18
N MET A 3979 16.25 33.16 -35.94
CA MET A 3979 15.52 33.02 -34.71
C MET A 3979 14.88 31.66 -34.61
N VAL A 3980 14.34 31.18 -35.73
CA VAL A 3980 13.69 29.89 -35.64
C VAL A 3980 14.75 28.80 -35.61
N VAL A 3981 15.93 29.06 -36.18
CA VAL A 3981 17.06 28.16 -36.01
C VAL A 3981 17.42 28.04 -34.55
N MET A 3982 17.40 29.18 -33.85
CA MET A 3982 17.63 29.19 -32.42
C MET A 3982 16.59 28.36 -31.71
N LEU A 3983 15.35 28.50 -32.15
CA LEU A 3983 14.24 27.80 -31.52
C LEU A 3983 14.35 26.29 -31.70
N LEU A 3984 14.67 25.85 -32.90
CA LEU A 3984 14.75 24.42 -33.10
C LEU A 3984 16.00 23.86 -32.46
N SER A 3985 17.03 24.67 -32.35
CA SER A 3985 18.25 24.17 -31.75
C SER A 3985 18.04 23.97 -30.27
N MET A 3986 17.30 24.86 -29.64
CA MET A 3986 17.01 24.59 -28.25
C MET A 3986 15.91 23.55 -28.10
N LEU A 3987 15.18 23.28 -29.17
CA LEU A 3987 14.09 22.32 -29.11
C LEU A 3987 14.58 20.91 -28.83
N GLU A 3988 15.75 20.54 -29.36
CA GLU A 3988 16.04 19.18 -29.82
C GLU A 3988 15.84 18.08 -28.77
N GLY A 3989 16.00 18.37 -27.49
CA GLY A 3989 16.16 17.30 -26.52
C GLY A 3989 14.90 16.58 -26.08
N ASN A 3990 13.88 16.61 -26.91
CA ASN A 3990 12.57 16.10 -26.56
C ASN A 3990 12.59 14.59 -26.56
N VAL A 3991 11.59 13.99 -25.91
CA VAL A 3991 11.44 12.54 -26.04
C VAL A 3991 10.02 12.13 -26.40
N VAL A 3992 9.07 12.35 -25.49
CA VAL A 3992 7.75 11.77 -25.60
C VAL A 3992 6.79 12.69 -26.34
N ASN A 3993 6.56 13.88 -25.81
CA ASN A 3993 5.96 14.97 -26.55
C ASN A 3993 6.69 16.26 -26.33
N GLY A 3994 7.52 16.36 -25.31
CA GLY A 3994 8.41 17.50 -25.14
C GLY A 3994 7.75 18.52 -24.25
N THR A 3995 8.15 18.56 -22.98
CA THR A 3995 7.59 19.53 -22.05
C THR A 3995 7.93 20.94 -22.47
N ILE A 3996 9.16 21.13 -22.89
CA ILE A 3996 9.55 22.37 -23.53
C ILE A 3996 8.82 22.55 -24.84
N GLY A 3997 8.52 21.45 -25.53
CA GLY A 3997 7.75 21.57 -26.74
C GLY A 3997 6.33 21.96 -26.45
N LYS A 3998 5.78 21.46 -25.34
CA LYS A 3998 4.47 21.89 -24.88
C LYS A 3998 4.47 23.38 -24.63
N GLN A 3999 5.53 23.86 -23.99
CA GLN A 3999 5.72 25.29 -23.77
C GLN A 3999 5.77 26.04 -25.09
N MET A 4000 6.40 25.46 -26.10
CA MET A 4000 6.49 26.11 -27.39
C MET A 4000 5.13 26.15 -28.08
N VAL A 4001 4.34 25.08 -27.91
CA VAL A 4001 2.98 25.04 -28.42
C VAL A 4001 2.16 26.14 -27.78
N ASP A 4002 2.35 26.33 -26.48
CA ASP A 4002 1.67 27.40 -25.75
C ASP A 4002 2.00 28.73 -26.37
N MET A 4003 3.29 28.97 -26.61
CA MET A 4003 3.75 30.21 -27.21
C MET A 4003 3.19 30.39 -28.61
N LEU A 4004 3.17 29.32 -29.38
CA LEU A 4004 2.84 29.43 -30.78
C LEU A 4004 1.35 29.63 -30.98
N VAL A 4005 0.55 28.66 -30.52
CA VAL A 4005 -0.89 28.75 -30.71
C VAL A 4005 -1.48 29.84 -29.85
N GLU A 4006 -0.75 30.32 -28.84
CA GLU A 4006 -1.02 31.62 -28.28
C GLU A 4006 -0.90 32.70 -29.35
N SER A 4007 0.27 32.82 -29.96
CA SER A 4007 0.47 33.89 -30.92
C SER A 4007 0.06 33.50 -32.32
N SER A 4008 -0.86 32.55 -32.44
CA SER A 4008 -1.16 31.87 -33.70
C SER A 4008 -1.62 32.81 -34.78
N ASN A 4009 -2.26 33.91 -34.40
CA ASN A 4009 -2.86 34.81 -35.36
C ASN A 4009 -1.82 35.51 -36.22
N ASN A 4010 -0.74 36.00 -35.60
CA ASN A 4010 0.23 36.68 -36.43
C ASN A 4010 1.10 35.71 -37.21
N VAL A 4011 1.11 34.44 -36.78
CA VAL A 4011 1.76 33.39 -37.55
C VAL A 4011 1.08 33.24 -38.89
N GLU A 4012 -0.22 33.53 -38.94
CA GLU A 4012 -0.99 33.34 -40.15
C GLU A 4012 -0.51 34.23 -41.26
N MET A 4013 -0.25 35.50 -40.95
CA MET A 4013 0.10 36.47 -41.99
C MET A 4013 1.39 36.10 -42.67
N ILE A 4014 2.39 35.75 -41.87
CA ILE A 4014 3.68 35.40 -42.43
C ILE A 4014 3.60 34.08 -43.18
N LEU A 4015 2.88 33.10 -42.64
CA LEU A 4015 2.87 31.80 -43.31
C LEU A 4015 2.10 31.85 -44.61
N LYS A 4016 0.96 32.54 -44.63
CA LYS A 4016 0.24 32.60 -45.87
C LYS A 4016 0.89 33.55 -46.85
N PHE A 4017 1.65 34.51 -46.35
CA PHE A 4017 2.47 35.31 -47.26
C PHE A 4017 3.48 34.44 -47.96
N PHE A 4018 4.11 33.54 -47.19
CA PHE A 4018 5.04 32.57 -47.76
C PHE A 4018 4.34 31.71 -48.78
N ASP A 4019 3.13 31.31 -48.44
CA ASP A 4019 2.34 30.46 -49.34
C ASP A 4019 2.08 31.16 -50.66
N MET A 4020 1.70 32.43 -50.58
CA MET A 4020 1.43 33.23 -51.76
C MET A 4020 2.67 33.36 -52.62
N PHE A 4021 3.77 33.76 -52.00
CA PHE A 4021 4.96 34.10 -52.76
C PHE A 4021 5.59 32.84 -53.34
N LEU A 4022 5.51 31.73 -52.60
CA LEU A 4022 6.01 30.45 -53.05
C LEU A 4022 5.19 29.88 -54.19
N LYS A 4023 3.88 29.73 -53.98
CA LYS A 4023 3.08 29.09 -55.01
C LYS A 4023 2.94 29.95 -56.25
N LEU A 4024 3.12 31.26 -56.12
CA LEU A 4024 3.02 32.07 -57.31
C LEU A 4024 4.35 32.30 -58.01
N LYS A 4025 5.49 32.04 -57.37
CA LYS A 4025 6.68 31.85 -58.18
C LYS A 4025 6.63 30.48 -58.85
N ASP A 4026 5.88 29.54 -58.25
CA ASP A 4026 5.76 28.24 -58.88
C ASP A 4026 4.81 28.23 -60.06
N LEU A 4027 3.76 29.06 -60.02
CA LEU A 4027 2.71 28.98 -61.04
C LEU A 4027 3.20 29.48 -62.38
N THR A 4028 4.03 30.49 -62.37
CA THR A 4028 4.45 31.39 -63.43
C THR A 4028 5.28 30.77 -64.47
N SER A 4029 5.41 29.46 -64.51
CA SER A 4029 6.10 28.80 -65.60
C SER A 4029 5.40 29.03 -66.94
N SER A 4030 4.21 28.46 -67.11
CA SER A 4030 3.53 28.52 -68.40
C SER A 4030 2.05 28.16 -68.23
N ASP A 4031 1.41 27.92 -69.39
CA ASP A 4031 0.07 27.37 -69.62
C ASP A 4031 -1.03 28.38 -69.30
N THR A 4032 -0.65 29.48 -68.67
CA THR A 4032 -1.25 30.78 -68.96
C THR A 4032 -0.16 31.84 -68.85
N PHE A 4033 1.12 31.45 -68.92
CA PHE A 4033 2.20 32.40 -68.75
C PHE A 4033 3.17 32.46 -69.92
N LYS A 4034 3.82 31.35 -70.29
CA LYS A 4034 4.93 31.48 -71.23
C LYS A 4034 4.45 31.51 -72.66
N GLU A 4035 3.45 30.71 -72.97
CA GLU A 4035 2.77 30.78 -74.25
C GLU A 4035 1.85 31.98 -74.31
N TYR A 4036 1.54 32.58 -73.16
CA TYR A 4036 0.58 33.67 -73.06
C TYR A 4036 1.10 34.92 -73.75
N ASP A 4037 2.41 35.04 -73.82
CA ASP A 4037 3.12 35.95 -74.69
C ASP A 4037 3.96 35.11 -75.64
N PRO A 4038 4.52 35.70 -76.71
CA PRO A 4038 5.44 34.88 -77.53
C PRO A 4038 6.75 34.58 -76.82
N ASP A 4039 7.40 35.60 -76.26
CA ASP A 4039 8.73 35.41 -75.71
C ASP A 4039 8.69 34.69 -74.37
N GLY A 4040 7.84 35.15 -73.46
CA GLY A 4040 7.90 34.66 -72.11
C GLY A 4040 8.85 35.42 -71.22
N LYS A 4041 9.31 36.59 -71.65
CA LYS A 4041 10.19 37.39 -70.82
C LYS A 4041 9.47 37.94 -69.61
N GLY A 4042 8.22 38.30 -69.76
CA GLY A 4042 7.58 39.09 -68.75
C GLY A 4042 6.97 40.33 -69.33
N VAL A 4043 6.69 40.27 -70.63
CA VAL A 4043 5.85 41.26 -71.28
C VAL A 4043 4.38 40.92 -71.09
N ILE A 4044 4.09 39.86 -70.34
CA ILE A 4044 2.75 39.60 -69.85
C ILE A 4044 2.28 40.79 -69.04
N SER A 4045 1.14 41.35 -69.43
CA SER A 4045 0.66 42.58 -68.83
C SER A 4045 0.15 42.32 -67.41
N LYS A 4046 -0.27 43.42 -66.77
CA LYS A 4046 -0.84 43.33 -65.43
C LYS A 4046 -2.12 42.52 -65.45
N ARG A 4047 -3.08 42.94 -66.25
CA ARG A 4047 -4.34 42.22 -66.25
C ARG A 4047 -4.23 40.91 -66.98
N ASP A 4048 -3.21 40.78 -67.83
CA ASP A 4048 -2.87 39.48 -68.40
C ASP A 4048 -2.59 38.48 -67.31
N PHE A 4049 -1.71 38.85 -66.39
CA PHE A 4049 -1.44 37.99 -65.25
C PHE A 4049 -2.63 37.91 -64.31
N HIS A 4050 -3.41 38.98 -64.23
CA HIS A 4050 -4.56 38.98 -63.33
C HIS A 4050 -5.59 37.95 -63.75
N LYS A 4051 -5.97 37.98 -65.01
CA LYS A 4051 -6.87 36.96 -65.51
C LYS A 4051 -6.17 35.61 -65.67
N ALA A 4052 -4.84 35.58 -65.73
CA ALA A 4052 -4.14 34.31 -65.64
C ALA A 4052 -4.38 33.67 -64.27
N MET A 4053 -4.30 34.47 -63.23
CA MET A 4053 -4.67 34.05 -61.89
C MET A 4053 -6.14 33.67 -61.79
N GLU A 4054 -7.00 34.43 -62.46
CA GLU A 4054 -8.44 34.12 -62.42
C GLU A 4054 -8.72 32.79 -63.09
N SER A 4055 -8.06 32.52 -64.21
CA SER A 4055 -8.18 31.23 -64.87
C SER A 4055 -7.60 30.13 -64.02
N HIS A 4056 -6.57 30.44 -63.23
CA HIS A 4056 -6.09 29.47 -62.26
C HIS A 4056 -7.12 29.26 -61.17
N LYS A 4057 -7.66 30.36 -60.64
CA LYS A 4057 -8.66 30.38 -59.58
C LYS A 4057 -8.19 29.59 -58.35
N HIS A 4058 -6.91 29.76 -58.04
CA HIS A 4058 -6.31 29.12 -56.88
C HIS A 4058 -6.51 29.96 -55.63
N TYR A 4059 -6.01 31.18 -55.67
CA TYR A 4059 -5.83 31.99 -54.49
C TYR A 4059 -6.98 32.97 -54.32
N THR A 4060 -6.92 33.75 -53.26
CA THR A 4060 -7.81 34.88 -53.13
C THR A 4060 -7.49 35.92 -54.18
N GLN A 4061 -8.51 36.68 -54.53
CA GLN A 4061 -8.29 37.77 -55.45
C GLN A 4061 -7.59 38.91 -54.76
N SER A 4062 -7.84 39.03 -53.46
CA SER A 4062 -7.32 40.14 -52.68
C SER A 4062 -5.81 40.15 -52.67
N GLU A 4063 -5.20 39.04 -52.31
CA GLU A 4063 -3.76 39.06 -52.17
C GLU A 4063 -3.06 38.83 -53.48
N THR A 4064 -3.70 38.18 -54.45
CA THR A 4064 -3.10 38.12 -55.77
C THR A 4064 -3.12 39.48 -56.44
N GLU A 4065 -4.19 40.25 -56.23
CA GLU A 4065 -4.19 41.60 -56.75
C GLU A 4065 -3.33 42.52 -55.90
N PHE A 4066 -3.07 42.13 -54.65
CA PHE A 4066 -2.05 42.83 -53.88
C PHE A 4066 -0.67 42.57 -54.46
N LEU A 4067 -0.42 41.34 -54.88
CA LEU A 4067 0.79 41.03 -55.61
C LEU A 4067 0.85 41.81 -56.90
N LEU A 4068 -0.30 41.98 -57.54
CA LEU A 4068 -0.40 42.82 -58.71
C LEU A 4068 -0.17 44.29 -58.37
N SER A 4069 -0.44 44.68 -57.13
CA SER A 4069 -0.04 46.01 -56.69
C SER A 4069 1.46 46.07 -56.49
N CYS A 4070 2.04 44.99 -55.98
CA CYS A 4070 3.49 44.92 -55.90
C CYS A 4070 4.11 44.45 -57.20
N ALA A 4071 3.36 44.39 -58.30
CA ALA A 4071 3.96 44.14 -59.60
C ALA A 4071 4.76 45.32 -60.10
N GLU A 4072 4.58 46.50 -59.50
CA GLU A 4072 5.45 47.67 -59.62
C GLU A 4072 5.44 48.29 -61.00
N THR A 4073 4.46 47.94 -61.84
CA THR A 4073 4.05 48.68 -63.03
C THR A 4073 5.20 48.85 -64.03
N ASP A 4074 5.55 47.74 -64.69
CA ASP A 4074 6.72 47.71 -65.58
C ASP A 4074 6.49 48.54 -66.85
N GLU A 4075 6.42 49.86 -66.65
CA GLU A 4075 6.44 50.98 -67.59
C GLU A 4075 5.24 51.06 -68.52
N ASN A 4076 4.52 49.97 -68.74
CA ASN A 4076 3.17 50.12 -69.27
C ASN A 4076 2.15 49.29 -68.49
N GLU A 4077 2.24 47.97 -68.62
CA GLU A 4077 1.42 47.03 -67.89
C GLU A 4077 2.16 45.77 -67.50
N THR A 4078 3.39 45.59 -67.96
CA THR A 4078 3.93 44.25 -67.96
C THR A 4078 4.50 43.89 -66.59
N LEU A 4079 5.13 42.72 -66.49
CA LEU A 4079 5.63 42.20 -65.22
C LEU A 4079 6.62 41.07 -65.46
N ASP A 4080 7.84 41.25 -64.94
CA ASP A 4080 8.89 40.26 -65.04
C ASP A 4080 8.51 38.97 -64.32
N TYR A 4081 9.09 37.86 -64.76
CA TYR A 4081 8.83 36.60 -64.10
C TYR A 4081 9.66 36.45 -62.83
N GLU A 4082 10.99 36.44 -62.95
CA GLU A 4082 11.80 36.25 -61.76
C GLU A 4082 11.76 37.48 -60.87
N GLU A 4083 11.99 38.65 -61.48
CA GLU A 4083 12.19 39.87 -60.73
C GLU A 4083 10.96 40.33 -59.99
N PHE A 4084 9.80 39.76 -60.29
CA PHE A 4084 8.66 40.02 -59.45
C PHE A 4084 8.76 39.28 -58.12
N VAL A 4085 9.01 37.97 -58.14
CA VAL A 4085 8.79 37.14 -56.97
C VAL A 4085 9.98 36.26 -56.61
N LYS A 4086 10.60 35.60 -57.60
CA LYS A 4086 11.44 34.42 -57.33
C LYS A 4086 12.67 34.78 -56.52
N ARG A 4087 13.35 35.84 -56.94
CA ARG A 4087 14.61 36.32 -56.38
C ARG A 4087 14.60 36.47 -54.86
N PHE A 4088 13.44 36.64 -54.25
CA PHE A 4088 13.32 36.51 -52.81
C PHE A 4088 12.50 35.30 -52.40
N HIS A 4089 11.70 34.77 -53.32
CA HIS A 4089 10.80 33.69 -52.96
C HIS A 4089 11.55 32.41 -52.66
N GLU A 4090 12.61 32.16 -53.39
CA GLU A 4090 13.38 31.00 -53.03
C GLU A 4090 14.19 31.23 -51.76
N PRO A 4091 14.72 32.43 -51.47
CA PRO A 4091 15.09 32.70 -50.08
C PRO A 4091 13.95 32.50 -49.11
N ALA A 4092 12.76 32.97 -49.47
CA ALA A 4092 11.58 32.70 -48.67
C ALA A 4092 11.26 31.22 -48.62
N LYS A 4093 11.58 30.49 -49.69
CA LYS A 4093 11.41 29.04 -49.66
C LYS A 4093 12.32 28.40 -48.63
N ASP A 4094 13.55 28.88 -48.54
CA ASP A 4094 14.48 28.39 -47.51
C ASP A 4094 13.91 28.65 -46.14
N ILE A 4095 13.40 29.85 -45.94
CA ILE A 4095 12.91 30.25 -44.64
C ILE A 4095 11.70 29.43 -44.24
N GLY A 4096 10.76 29.29 -45.15
CA GLY A 4096 9.60 28.47 -44.89
C GLY A 4096 9.96 27.01 -44.71
N PHE A 4097 11.04 26.57 -45.36
CA PHE A 4097 11.52 25.23 -45.12
C PHE A 4097 11.95 25.07 -43.69
N ASN A 4098 12.62 26.08 -43.16
CA ASN A 4098 13.06 26.02 -41.78
C ASN A 4098 11.87 25.96 -40.84
N VAL A 4099 10.87 26.79 -41.11
CA VAL A 4099 9.75 26.80 -40.19
C VAL A 4099 8.96 25.51 -40.34
N ALA A 4100 9.00 24.94 -41.54
CA ALA A 4100 8.28 23.72 -41.79
C ALA A 4100 8.93 22.56 -41.09
N VAL A 4101 10.26 22.50 -41.15
CA VAL A 4101 10.94 21.36 -40.58
C VAL A 4101 10.83 21.45 -39.08
N LEU A 4102 10.78 22.68 -38.57
CA LEU A 4102 10.45 22.88 -37.17
C LEU A 4102 9.10 22.28 -36.83
N LEU A 4103 8.04 22.73 -37.50
CA LEU A 4103 6.72 22.38 -37.04
C LEU A 4103 6.41 20.92 -37.28
N THR A 4104 7.03 20.35 -38.30
CA THR A 4104 6.91 18.93 -38.48
C THR A 4104 7.61 18.19 -37.37
N ASN A 4105 8.75 18.69 -36.90
CA ASN A 4105 9.36 18.03 -35.75
C ASN A 4105 8.50 18.18 -34.51
N LEU A 4106 7.77 19.29 -34.42
CA LEU A 4106 6.83 19.42 -33.33
C LEU A 4106 5.72 18.40 -33.46
N SER A 4107 5.26 18.17 -34.68
CA SER A 4107 4.26 17.16 -34.93
C SER A 4107 4.77 15.78 -34.59
N GLU A 4108 6.03 15.54 -34.93
CA GLU A 4108 6.60 14.22 -34.75
C GLU A 4108 6.87 13.94 -33.30
N HIS A 4109 7.51 14.89 -32.63
CA HIS A 4109 7.74 14.71 -31.21
C HIS A 4109 6.45 14.82 -30.44
N MET A 4110 5.62 15.79 -30.77
CA MET A 4110 4.30 15.86 -30.16
C MET A 4110 3.24 15.65 -31.21
N PRO A 4111 2.81 14.44 -31.39
CA PRO A 4111 1.44 14.21 -31.83
C PRO A 4111 0.55 14.19 -30.61
N ASN A 4112 -0.69 13.75 -30.79
CA ASN A 4112 -1.66 13.51 -29.72
C ASN A 4112 -1.99 14.82 -29.02
N ASP A 4113 -2.21 15.85 -29.81
CA ASP A 4113 -2.64 17.15 -29.32
C ASP A 4113 -4.00 17.46 -29.94
N THR A 4114 -4.53 18.62 -29.60
CA THR A 4114 -5.58 19.24 -30.39
C THR A 4114 -5.20 20.61 -30.89
N ARG A 4115 -4.77 21.50 -29.98
CA ARG A 4115 -4.49 22.88 -30.35
C ARG A 4115 -3.28 22.97 -31.25
N LEU A 4116 -2.26 22.16 -30.97
CA LEU A 4116 -1.22 21.96 -31.96
C LEU A 4116 -1.79 21.25 -33.16
N GLN A 4117 -2.64 20.26 -32.93
CA GLN A 4117 -3.08 19.44 -34.04
C GLN A 4117 -4.05 20.19 -34.92
N THR A 4118 -4.82 21.12 -34.37
CA THR A 4118 -5.54 22.00 -35.25
C THR A 4118 -4.60 23.02 -35.88
N PHE A 4119 -3.53 23.37 -35.19
CA PHE A 4119 -2.55 24.19 -35.82
C PHE A 4119 -1.75 23.37 -36.81
N LEU A 4120 -1.70 22.07 -36.61
CA LEU A 4120 -1.06 21.19 -37.57
C LEU A 4120 -1.88 21.02 -38.82
N GLU A 4121 -3.18 21.30 -38.75
CA GLU A 4121 -3.99 21.34 -39.95
C GLU A 4121 -4.40 22.75 -40.29
N LEU A 4122 -3.74 23.74 -39.70
CA LEU A 4122 -4.13 25.12 -39.93
C LEU A 4122 -3.98 25.57 -41.37
N ALA A 4123 -2.77 25.68 -41.91
CA ALA A 4123 -2.61 26.00 -43.33
C ALA A 4123 -1.27 25.45 -43.76
N GLU A 4124 -1.29 24.29 -44.40
CA GLU A 4124 -0.09 23.50 -44.61
C GLU A 4124 -0.14 23.05 -46.06
N SER A 4125 0.34 23.90 -46.92
CA SER A 4125 0.34 23.58 -48.33
C SER A 4125 1.74 23.59 -48.90
N VAL A 4126 2.55 24.57 -48.49
CA VAL A 4126 3.95 24.56 -48.86
C VAL A 4126 4.66 23.44 -48.15
N LEU A 4127 4.11 23.03 -47.01
CA LEU A 4127 4.42 21.75 -46.39
C LEU A 4127 4.45 20.65 -47.42
N ASN A 4128 3.35 20.51 -48.14
CA ASN A 4128 3.28 19.50 -49.16
C ASN A 4128 4.08 19.87 -50.38
N TYR A 4129 4.38 21.15 -50.56
CA TYR A 4129 5.40 21.51 -51.52
C TYR A 4129 6.78 21.10 -51.05
N PHE A 4130 6.97 20.98 -49.73
CA PHE A 4130 8.29 20.72 -49.18
C PHE A 4130 8.64 19.26 -49.05
N GLN A 4131 8.06 18.40 -49.86
CA GLN A 4131 8.55 17.04 -49.68
C GLN A 4131 9.27 16.42 -50.87
N PRO A 4132 10.09 17.14 -51.60
CA PRO A 4132 11.35 16.52 -52.05
C PRO A 4132 12.49 17.03 -51.21
N PHE A 4133 12.20 18.00 -50.36
CA PHE A 4133 13.24 18.89 -49.89
C PHE A 4133 13.79 18.53 -48.53
N LEU A 4134 13.03 17.83 -47.71
CA LEU A 4134 13.47 17.58 -46.35
C LEU A 4134 13.79 16.12 -46.16
N GLY A 4135 14.91 15.86 -45.52
CA GLY A 4135 15.31 14.50 -45.20
C GLY A 4135 14.98 14.20 -43.76
N ARG A 4136 14.43 13.02 -43.52
CA ARG A 4136 14.12 12.55 -42.18
C ARG A 4136 14.86 11.25 -41.97
N ILE A 4137 15.86 11.27 -41.13
CA ILE A 4137 16.63 10.06 -40.86
C ILE A 4137 16.45 9.69 -39.40
N GLU A 4138 17.06 8.59 -39.01
CA GLU A 4138 16.82 8.02 -37.69
C GLU A 4138 18.17 7.54 -37.17
N ILE A 4139 18.71 8.22 -36.18
CA ILE A 4139 20.05 7.93 -35.67
C ILE A 4139 19.97 7.73 -34.17
N MET A 4140 21.11 7.39 -33.59
CA MET A 4140 21.29 7.40 -32.15
C MET A 4140 22.40 8.41 -31.87
N GLY A 4141 22.02 9.66 -31.65
CA GLY A 4141 23.01 10.69 -31.49
C GLY A 4141 23.66 10.77 -30.13
N SER A 4142 24.24 9.65 -29.67
CA SER A 4142 24.77 9.46 -28.32
C SER A 4142 23.76 9.84 -27.25
N ALA A 4143 22.48 9.61 -27.53
CA ALA A 4143 21.44 9.80 -26.55
C ALA A 4143 21.11 8.50 -25.87
N LYS A 4144 21.83 7.43 -26.22
CA LYS A 4144 21.61 6.08 -25.73
C LYS A 4144 20.22 5.60 -26.10
N ARG A 4145 19.72 6.15 -27.20
CA ARG A 4145 18.39 5.93 -27.71
C ARG A 4145 18.35 6.55 -29.08
N ILE A 4146 17.22 6.36 -29.75
CA ILE A 4146 17.03 6.86 -31.08
C ILE A 4146 16.99 8.38 -31.08
N GLU A 4147 17.30 8.95 -32.24
CA GLU A 4147 17.16 10.37 -32.49
C GLU A 4147 16.65 10.52 -33.91
N ARG A 4148 15.51 11.15 -34.07
CA ARG A 4148 14.92 11.39 -35.37
C ARG A 4148 15.27 12.80 -35.77
N VAL A 4149 16.36 12.95 -36.48
CA VAL A 4149 16.88 14.26 -36.80
C VAL A 4149 16.58 14.52 -38.27
N TYR A 4150 16.33 15.79 -38.61
CA TYR A 4150 15.90 16.14 -39.95
C TYR A 4150 16.83 17.20 -40.52
N PHE A 4151 16.68 17.43 -41.81
CA PHE A 4151 17.67 18.18 -42.57
C PHE A 4151 17.11 18.41 -43.96
N GLU A 4152 17.90 19.08 -44.80
CA GLU A 4152 17.46 19.48 -46.12
C GLU A 4152 17.99 18.53 -47.17
N ILE A 4153 17.17 18.29 -48.19
CA ILE A 4153 17.59 17.55 -49.38
C ILE A 4153 17.74 18.54 -50.50
N SER A 4154 18.98 18.79 -50.92
CA SER A 4154 19.21 19.60 -52.10
C SER A 4154 18.67 18.86 -53.32
N GLU A 4155 17.52 19.30 -53.78
CA GLU A 4155 16.78 18.61 -54.83
C GLU A 4155 17.50 18.65 -56.16
N SER A 4156 18.40 19.61 -56.37
CA SER A 4156 19.20 19.61 -57.58
C SER A 4156 20.16 18.45 -57.59
N SER A 4157 20.87 18.26 -56.47
CA SER A 4157 21.69 17.08 -56.28
C SER A 4157 20.84 15.82 -56.30
N ARG A 4158 19.62 15.88 -55.79
CA ARG A 4158 18.79 14.70 -55.78
C ARG A 4158 18.34 14.33 -57.19
N THR A 4159 18.07 15.33 -58.03
CA THR A 4159 17.84 15.06 -59.45
C THR A 4159 19.08 14.52 -60.12
N GLN A 4160 20.25 15.02 -59.73
CA GLN A 4160 21.49 14.46 -60.22
C GLN A 4160 21.63 12.99 -59.82
N TRP A 4161 21.07 12.63 -58.67
CA TRP A 4161 20.95 11.24 -58.29
C TRP A 4161 19.89 10.50 -59.08
N GLU A 4162 18.87 11.19 -59.60
CA GLU A 4162 17.72 10.48 -60.15
C GLU A 4162 17.99 9.75 -61.46
N LYS A 4163 19.13 9.87 -62.04
CA LYS A 4163 19.30 9.05 -63.22
C LYS A 4163 19.75 7.65 -62.81
N PRO A 4164 19.50 6.66 -63.66
CA PRO A 4164 20.33 5.46 -63.64
C PRO A 4164 21.69 5.73 -64.28
N GLN A 4165 22.44 4.64 -64.47
CA GLN A 4165 23.90 4.44 -64.48
C GLN A 4165 24.36 4.24 -63.05
N VAL A 4166 23.48 4.44 -62.07
CA VAL A 4166 23.80 4.18 -60.68
C VAL A 4166 22.79 3.24 -60.05
N LYS A 4167 21.52 3.34 -60.46
CA LYS A 4167 20.44 2.62 -59.81
C LYS A 4167 20.59 1.13 -60.00
N GLU A 4168 21.14 0.71 -61.12
CA GLU A 4168 21.43 -0.70 -61.25
C GLU A 4168 22.69 -1.07 -60.48
N SER A 4169 23.64 -0.15 -60.37
CA SER A 4169 24.77 -0.42 -59.49
C SER A 4169 24.33 -0.43 -58.05
N LYS A 4170 23.32 0.38 -57.72
CA LYS A 4170 22.69 0.32 -56.42
C LYS A 4170 22.08 -1.04 -56.17
N ARG A 4171 21.28 -1.53 -57.12
CA ARG A 4171 20.63 -2.82 -56.91
C ARG A 4171 21.63 -3.95 -56.94
N GLN A 4172 22.70 -3.77 -57.72
CA GLN A 4172 23.83 -4.69 -57.71
C GLN A 4172 24.42 -4.75 -56.32
N PHE A 4173 24.68 -3.58 -55.75
CA PHE A 4173 25.18 -3.45 -54.39
C PHE A 4173 24.24 -4.09 -53.39
N ILE A 4174 22.94 -3.98 -53.65
CA ILE A 4174 21.93 -4.63 -52.82
C ILE A 4174 22.12 -6.13 -52.84
N PHE A 4175 22.27 -6.69 -54.05
CA PHE A 4175 22.48 -8.13 -54.19
C PHE A 4175 23.79 -8.55 -53.54
N ASP A 4176 24.79 -7.68 -53.61
CA ASP A 4176 26.07 -7.97 -53.01
C ASP A 4176 25.96 -8.06 -51.51
N VAL A 4177 25.25 -7.12 -50.90
CA VAL A 4177 25.29 -7.08 -49.45
C VAL A 4177 24.35 -8.12 -48.88
N VAL A 4178 23.26 -8.46 -49.56
CA VAL A 4178 22.42 -9.52 -49.05
C VAL A 4178 23.04 -10.86 -49.38
N ASN A 4179 23.94 -10.87 -50.36
CA ASN A 4179 24.56 -12.12 -50.81
C ASN A 4179 25.47 -12.67 -49.72
N GLU A 4180 26.35 -11.84 -49.21
CA GLU A 4180 27.40 -12.26 -48.31
C GLU A 4180 27.94 -11.03 -47.58
N GLY A 4181 29.10 -11.18 -46.95
CA GLY A 4181 29.81 -10.06 -46.39
C GLY A 4181 30.05 -10.13 -44.89
N GLY A 4182 31.07 -9.41 -44.43
CA GLY A 4182 31.19 -9.17 -43.01
C GLY A 4182 30.07 -8.25 -42.57
N GLU A 4183 29.27 -8.73 -41.62
CA GLU A 4183 27.95 -8.17 -41.37
C GLU A 4183 27.97 -6.85 -40.60
N LYS A 4184 29.14 -6.34 -40.24
CA LYS A 4184 29.18 -5.05 -39.56
C LYS A 4184 29.69 -3.94 -40.46
N GLU A 4185 30.62 -4.26 -41.33
CA GLU A 4185 31.14 -3.30 -42.27
C GLU A 4185 30.27 -3.20 -43.50
N LYS A 4186 29.14 -3.90 -43.49
CA LYS A 4186 28.19 -3.74 -44.58
C LYS A 4186 27.64 -2.32 -44.59
N MET A 4187 27.47 -1.72 -43.41
CA MET A 4187 27.22 -0.29 -43.38
C MET A 4187 28.44 0.48 -43.84
N GLU A 4188 29.63 0.02 -43.48
CA GLU A 4188 30.84 0.66 -43.97
C GLU A 4188 30.95 0.48 -45.48
N LEU A 4189 30.56 -0.69 -45.97
CA LEU A 4189 30.51 -0.87 -47.41
C LEU A 4189 29.52 0.07 -48.04
N PHE A 4190 28.43 0.35 -47.33
CA PHE A 4190 27.48 1.32 -47.79
C PHE A 4190 28.08 2.71 -47.79
N VAL A 4191 28.97 2.99 -46.83
CA VAL A 4191 29.65 4.28 -46.78
C VAL A 4191 30.51 4.47 -48.01
N ASN A 4192 31.33 3.46 -48.32
CA ASN A 4192 32.18 3.54 -49.49
C ASN A 4192 31.35 3.60 -50.75
N PHE A 4193 30.26 2.86 -50.75
CA PHE A 4193 29.32 2.84 -51.85
C PHE A 4193 28.74 4.21 -52.09
N CYS A 4194 28.39 4.90 -51.00
CA CYS A 4194 27.92 6.25 -51.08
C CYS A 4194 28.99 7.20 -51.56
N GLU A 4195 30.23 6.99 -51.11
CA GLU A 4195 31.30 7.92 -51.49
C GLU A 4195 31.56 7.83 -52.98
N ASP A 4196 31.53 6.63 -53.51
CA ASP A 4196 31.67 6.47 -54.93
C ASP A 4196 30.45 6.99 -55.66
N THR A 4197 29.28 6.87 -55.04
CA THR A 4197 28.07 7.43 -55.62
C THR A 4197 28.15 8.94 -55.71
N ILE A 4198 28.73 9.54 -54.68
CA ILE A 4198 29.02 10.97 -54.68
C ILE A 4198 29.94 11.31 -55.81
N PHE A 4199 30.97 10.50 -55.98
CA PHE A 4199 31.91 10.73 -57.06
C PHE A 4199 31.22 10.63 -58.41
N GLU A 4200 30.30 9.69 -58.55
CA GLU A 4200 29.60 9.51 -59.81
C GLU A 4200 28.71 10.70 -60.12
N MET A 4201 27.93 11.13 -59.14
CA MET A 4201 27.00 12.23 -59.39
C MET A 4201 27.74 13.54 -59.57
N GLN A 4202 28.85 13.68 -58.86
CA GLN A 4202 29.73 14.82 -59.04
C GLN A 4202 30.28 14.84 -60.45
N LEU A 4203 30.66 13.69 -60.98
CA LEU A 4203 31.22 13.71 -62.32
C LEU A 4203 30.15 13.74 -63.39
N ALA A 4204 28.93 13.40 -63.06
CA ALA A 4204 27.88 13.42 -64.05
C ALA A 4204 27.07 14.69 -63.98
N ALA A 4205 27.44 15.60 -63.10
CA ALA A 4205 26.75 16.88 -63.05
C ALA A 4205 27.01 17.69 -64.32
N GLN A 4206 28.22 17.64 -64.86
CA GLN A 4206 28.67 18.54 -65.91
C GLN A 4206 28.28 18.08 -67.29
N ILE A 4207 27.17 17.38 -67.41
CA ILE A 4207 26.80 16.78 -68.66
C ILE A 4207 25.65 17.56 -69.25
N ILE A 4486 42.03 25.14 -77.30
CA ILE A 4486 40.80 24.39 -77.50
C ILE A 4486 39.90 25.09 -78.49
N ALA A 4487 39.62 24.40 -79.60
CA ALA A 4487 38.56 24.82 -80.50
C ALA A 4487 37.27 24.05 -80.25
N TYR A 4488 37.37 22.74 -80.09
CA TYR A 4488 36.22 21.89 -79.78
C TYR A 4488 36.55 20.85 -78.71
N GLN A 4489 37.77 20.82 -78.19
CA GLN A 4489 38.41 19.65 -77.59
C GLN A 4489 37.68 19.10 -76.38
N GLN A 4490 37.69 19.84 -75.28
CA GLN A 4490 36.96 19.39 -74.12
C GLN A 4490 35.50 19.77 -74.19
N LYS A 4491 35.14 20.58 -75.18
CA LYS A 4491 33.75 20.93 -75.40
C LYS A 4491 32.95 19.69 -75.79
N LEU A 4492 33.43 18.96 -76.79
CA LEU A 4492 32.72 17.75 -77.20
C LEU A 4492 33.01 16.58 -76.28
N LEU A 4493 33.88 16.76 -75.30
CA LEU A 4493 34.34 15.63 -74.50
C LEU A 4493 33.23 15.02 -73.68
N ASN A 4494 32.27 15.84 -73.25
CA ASN A 4494 31.15 15.34 -72.47
C ASN A 4494 30.21 14.50 -73.32
N TYR A 4495 30.21 14.72 -74.64
CA TYR A 4495 29.30 14.00 -75.51
C TYR A 4495 29.63 12.52 -75.54
N PHE A 4496 30.89 12.18 -75.35
CA PHE A 4496 31.33 10.85 -75.68
C PHE A 4496 30.92 9.86 -74.60
N ALA A 4497 31.19 10.19 -73.35
CA ALA A 4497 30.59 9.42 -72.27
C ALA A 4497 29.10 9.68 -72.17
N ARG A 4498 28.65 10.82 -72.67
CA ARG A 4498 27.23 11.17 -72.59
C ARG A 4498 26.37 10.21 -73.41
N ASN A 4499 26.93 9.58 -74.44
CA ASN A 4499 26.19 8.58 -75.18
C ASN A 4499 26.94 7.26 -75.27
N PHE A 4500 27.88 7.03 -74.33
CA PHE A 4500 28.81 5.91 -74.42
C PHE A 4500 28.09 4.58 -74.37
N TYR A 4501 27.01 4.49 -73.60
CA TYR A 4501 26.24 3.28 -73.59
C TYR A 4501 25.52 3.09 -74.91
N ASN A 4502 24.97 4.16 -75.45
CA ASN A 4502 24.32 4.06 -76.74
C ASN A 4502 25.35 3.89 -77.84
N MET A 4503 26.53 4.44 -77.63
CA MET A 4503 27.67 4.17 -78.51
C MET A 4503 27.98 2.69 -78.53
N ARG A 4504 28.00 2.06 -77.36
CA ARG A 4504 28.28 0.64 -77.26
C ARG A 4504 27.18 -0.18 -77.92
N MET A 4505 25.93 0.27 -77.76
CA MET A 4505 24.80 -0.44 -78.35
C MET A 4505 24.87 -0.42 -79.87
N LEU A 4506 25.18 0.74 -80.45
CA LEU A 4506 25.25 0.75 -81.91
C LEU A 4506 26.52 0.07 -82.40
N ALA A 4507 27.57 0.08 -81.57
CA ALA A 4507 28.79 -0.62 -81.90
C ALA A 4507 28.55 -2.12 -82.03
N LEU A 4508 27.82 -2.69 -81.07
CA LEU A 4508 27.49 -4.09 -81.21
C LEU A 4508 26.42 -4.31 -82.27
N PHE A 4509 25.61 -3.28 -82.55
CA PHE A 4509 24.57 -3.42 -83.56
C PHE A 4509 25.16 -3.55 -84.96
N VAL A 4510 26.32 -2.94 -85.19
CA VAL A 4510 26.97 -3.06 -86.49
C VAL A 4510 27.42 -4.48 -86.76
N ALA A 4511 27.85 -5.20 -85.70
CA ALA A 4511 28.53 -6.48 -85.85
C ALA A 4511 27.66 -7.57 -86.46
N PHE A 4512 26.34 -7.47 -86.29
CA PHE A 4512 25.44 -8.37 -86.99
C PHE A 4512 25.60 -8.24 -88.50
N ALA A 4513 25.36 -7.03 -89.02
CA ALA A 4513 25.47 -6.77 -90.45
C ALA A 4513 26.89 -6.93 -90.96
N ILE A 4514 27.88 -6.83 -90.07
CA ILE A 4514 29.23 -7.28 -90.42
C ILE A 4514 29.22 -8.76 -90.74
N ASN A 4515 28.84 -9.57 -89.76
CA ASN A 4515 28.88 -11.01 -89.98
C ASN A 4515 27.75 -11.52 -90.85
N PHE A 4516 26.77 -10.67 -91.17
CA PHE A 4516 25.61 -11.15 -91.91
C PHE A 4516 25.94 -11.43 -93.37
N ILE A 4517 26.83 -10.64 -93.96
CA ILE A 4517 27.02 -10.70 -95.40
C ILE A 4517 27.86 -11.90 -95.78
N LEU A 4518 28.58 -12.49 -94.83
CA LEU A 4518 29.51 -13.55 -95.17
C LEU A 4518 28.81 -14.86 -95.52
N LEU A 4519 27.49 -14.94 -95.30
CA LEU A 4519 26.72 -16.00 -95.92
C LEU A 4519 26.71 -15.87 -97.44
N PHE A 4520 26.83 -14.65 -97.96
CA PHE A 4520 26.87 -14.42 -99.39
C PHE A 4520 28.28 -14.58 -99.95
N TYR A 4521 28.94 -15.66 -99.53
CA TYR A 4521 30.30 -15.94 -99.98
C TYR A 4521 30.32 -17.07 -101.01
N LYS A 4522 31.44 -17.22 -101.70
CA LYS A 4522 31.58 -18.26 -102.71
C LYS A 4522 33.05 -18.57 -102.98
N VAL A 4523 33.36 -19.85 -103.19
CA VAL A 4523 34.73 -20.27 -103.46
C VAL A 4523 34.86 -20.80 -104.88
N VAL A 4558 38.76 -20.11 -103.54
CA VAL A 4558 38.83 -18.66 -103.65
C VAL A 4558 37.70 -17.98 -102.88
N HIS A 4559 37.88 -16.70 -102.58
CA HIS A 4559 36.87 -15.94 -101.85
C HIS A 4559 36.12 -14.99 -102.78
N TYR A 4560 34.83 -15.26 -102.97
CA TYR A 4560 34.00 -14.44 -103.82
C TYR A 4560 32.90 -13.77 -103.00
N VAL A 4561 32.61 -12.53 -103.31
CA VAL A 4561 31.56 -11.76 -102.65
C VAL A 4561 30.37 -11.65 -103.60
N LEU A 4562 29.25 -12.27 -103.24
CA LEU A 4562 28.04 -12.19 -104.04
C LEU A 4562 27.18 -11.02 -103.58
N GLU A 4563 26.63 -10.29 -104.55
CA GLU A 4563 25.62 -9.27 -104.28
C GLU A 4563 24.46 -9.46 -105.25
N GLU A 4564 23.43 -10.15 -104.78
CA GLU A 4564 22.18 -10.36 -105.52
C GLU A 4564 21.16 -9.27 -105.21
N SER A 4565 21.61 -8.02 -105.28
CA SER A 4565 20.83 -6.86 -104.87
C SER A 4565 21.43 -5.64 -105.57
N SER A 4566 21.11 -4.45 -105.07
CA SER A 4566 21.78 -3.24 -105.50
C SER A 4566 23.28 -3.34 -105.23
N GLY A 4567 24.05 -3.46 -106.30
CA GLY A 4567 25.45 -3.87 -106.27
C GLY A 4567 26.42 -2.88 -105.65
N TYR A 4568 25.94 -1.77 -105.11
CA TYR A 4568 26.82 -0.89 -104.34
C TYR A 4568 26.91 -1.31 -102.88
N MET A 4569 26.41 -2.49 -102.53
CA MET A 4569 26.50 -2.94 -101.15
C MET A 4569 27.90 -3.36 -100.77
N GLU A 4570 28.66 -3.88 -101.73
CA GLU A 4570 30.06 -4.20 -101.47
C GLU A 4570 30.93 -2.96 -101.21
N PRO A 4571 30.78 -1.83 -101.93
CA PRO A 4571 31.47 -0.61 -101.46
C PRO A 4571 31.00 -0.13 -100.10
N THR A 4572 29.72 -0.30 -99.76
CA THR A 4572 29.32 0.06 -98.41
C THR A 4572 29.88 -0.92 -97.40
N LEU A 4573 30.12 -2.17 -97.79
CA LEU A 4573 30.85 -3.07 -96.91
C LEU A 4573 32.26 -2.57 -96.67
N ARG A 4574 32.93 -2.13 -97.74
CA ARG A 4574 34.25 -1.52 -97.65
C ARG A 4574 34.22 -0.29 -96.75
N ILE A 4575 33.10 0.43 -96.75
CA ILE A 4575 32.92 1.54 -95.83
C ILE A 4575 32.82 1.02 -94.40
N LEU A 4576 31.90 0.11 -94.16
CA LEU A 4576 31.52 -0.21 -92.80
C LEU A 4576 32.59 -0.99 -92.07
N ALA A 4577 33.46 -1.66 -92.81
CA ALA A 4577 34.52 -2.45 -92.20
C ALA A 4577 35.50 -1.58 -91.43
N ILE A 4578 35.65 -0.31 -91.81
CA ILE A 4578 36.44 0.61 -91.02
C ILE A 4578 35.54 1.56 -90.23
N LEU A 4579 34.28 1.71 -90.64
CA LEU A 4579 33.36 2.56 -89.89
C LEU A 4579 33.09 1.99 -88.51
N HIS A 4580 32.88 0.68 -88.44
CA HIS A 4580 32.73 -0.01 -87.18
C HIS A 4580 33.97 0.15 -86.31
N THR A 4581 35.14 0.17 -86.94
CA THR A 4581 36.37 0.28 -86.20
C THR A 4581 36.53 1.64 -85.55
N VAL A 4582 36.22 2.70 -86.29
CA VAL A 4582 36.35 4.00 -85.66
C VAL A 4582 35.21 4.25 -84.68
N ILE A 4583 34.09 3.55 -84.85
CA ILE A 4583 33.07 3.55 -83.80
C ILE A 4583 33.61 2.94 -82.52
N SER A 4584 34.30 1.81 -82.63
CA SER A 4584 34.85 1.17 -81.44
C SER A 4584 35.93 2.02 -80.80
N PHE A 4585 36.68 2.74 -81.63
CA PHE A 4585 37.65 3.69 -81.11
C PHE A 4585 36.96 4.81 -80.34
N PHE A 4586 35.84 5.29 -80.86
CA PHE A 4586 35.09 6.30 -80.13
C PHE A 4586 34.47 5.74 -78.86
N CYS A 4587 34.15 4.45 -78.86
CA CYS A 4587 33.69 3.80 -77.65
C CYS A 4587 34.80 3.77 -76.59
N ILE A 4588 36.04 3.52 -77.01
CA ILE A 4588 37.12 3.56 -76.02
C ILE A 4588 37.37 4.98 -75.56
N ILE A 4589 37.04 5.96 -76.39
CA ILE A 4589 37.17 7.35 -75.98
C ILE A 4589 36.16 7.69 -74.90
N GLY A 4590 34.89 7.36 -75.15
CA GLY A 4590 33.85 7.62 -74.17
C GLY A 4590 34.02 6.83 -72.89
N TYR A 4591 34.57 5.62 -72.99
CA TYR A 4591 34.89 4.87 -71.79
C TYR A 4591 36.05 5.51 -71.04
N TYR A 4592 37.05 6.00 -71.77
CA TYR A 4592 38.19 6.65 -71.12
C TYR A 4592 37.76 7.91 -70.39
N CYS A 4593 36.70 8.55 -70.88
CA CYS A 4593 35.99 9.48 -70.02
C CYS A 4593 35.40 8.74 -68.83
N LEU A 4594 34.54 7.76 -69.09
CA LEU A 4594 33.53 7.43 -68.10
C LEU A 4594 34.04 6.58 -66.96
N LYS A 4595 34.36 5.32 -67.22
CA LYS A 4595 34.63 4.42 -66.10
C LYS A 4595 36.10 4.38 -65.77
N VAL A 4596 36.67 5.57 -65.72
CA VAL A 4596 38.07 5.85 -65.47
C VAL A 4596 37.89 6.77 -64.29
N PRO A 4597 38.83 7.56 -63.87
CA PRO A 4597 39.46 7.39 -62.55
C PRO A 4597 38.63 7.05 -61.32
N LEU A 4598 37.30 7.05 -61.36
CA LEU A 4598 36.48 6.63 -60.22
C LEU A 4598 36.94 5.31 -59.64
N VAL A 4599 37.37 4.40 -60.51
CA VAL A 4599 37.99 3.17 -60.07
C VAL A 4599 39.32 3.46 -59.38
N ILE A 4600 40.11 4.37 -59.94
CA ILE A 4600 41.41 4.59 -59.34
C ILE A 4600 41.25 5.58 -58.20
N PHE A 4601 40.14 6.32 -58.21
CA PHE A 4601 39.70 7.03 -57.02
C PHE A 4601 39.44 6.08 -55.88
N LYS A 4602 38.79 4.95 -56.17
CA LYS A 4602 38.58 3.95 -55.14
C LYS A 4602 39.90 3.34 -54.69
N ARG A 4603 40.76 3.01 -55.66
CA ARG A 4603 42.05 2.42 -55.35
C ARG A 4603 42.89 3.37 -54.53
N GLU A 4604 42.87 4.64 -54.89
CA GLU A 4604 43.67 5.64 -54.20
C GLU A 4604 43.12 5.91 -52.80
N LYS A 4605 41.80 5.95 -52.68
CA LYS A 4605 41.15 6.08 -51.37
C LYS A 4605 41.53 4.92 -50.47
N GLU A 4606 41.53 3.72 -51.04
CA GLU A 4606 41.91 2.52 -50.33
C GLU A 4606 43.33 2.59 -49.83
N VAL A 4607 44.26 2.91 -50.71
CA VAL A 4607 45.66 2.84 -50.31
C VAL A 4607 45.99 3.99 -49.37
N ALA A 4608 45.28 5.10 -49.51
CA ALA A 4608 45.49 6.23 -48.64
C ALA A 4608 45.03 5.90 -47.23
N ARG A 4609 43.83 5.34 -47.10
CA ARG A 4609 43.35 5.02 -45.77
C ARG A 4609 44.09 3.83 -45.18
N LYS A 4610 44.69 2.98 -46.02
CA LYS A 4610 45.39 1.84 -45.45
C LYS A 4610 46.79 2.23 -45.01
N LEU A 4611 47.44 3.13 -45.74
CA LEU A 4611 48.65 3.72 -45.20
C LEU A 4611 48.34 4.58 -43.99
N GLU A 4612 47.14 5.13 -43.93
CA GLU A 4612 46.76 5.97 -42.81
C GLU A 4612 46.58 5.16 -41.55
N PHE A 4613 45.70 4.18 -41.59
CA PHE A 4613 45.47 3.33 -40.43
C PHE A 4613 46.67 2.48 -40.13
N ASP A 4614 47.47 2.16 -41.12
CA ASP A 4614 48.37 1.04 -41.04
C ASP A 4614 49.82 1.41 -41.27
N GLY A 4615 50.13 2.20 -42.29
CA GLY A 4615 51.52 2.49 -42.56
C GLY A 4615 52.20 1.26 -43.11
N LEU A 4616 51.52 0.64 -44.08
CA LEU A 4616 51.97 -0.63 -44.62
C LEU A 4616 53.30 -0.50 -45.31
N TYR A 4617 53.48 0.53 -46.12
CA TYR A 4617 54.77 0.75 -46.75
C TYR A 4617 55.81 1.29 -45.78
N ILE A 4618 55.40 1.67 -44.59
CA ILE A 4618 56.33 2.19 -43.60
C ILE A 4618 56.64 1.15 -42.54
N THR A 4619 55.62 0.48 -42.07
CA THR A 4619 55.79 -0.43 -40.96
C THR A 4619 55.67 -1.88 -41.35
N GLU A 4620 54.94 -2.18 -42.42
CA GLU A 4620 54.57 -3.55 -42.72
C GLU A 4620 55.24 -4.11 -43.96
N GLN A 4621 55.37 -3.31 -45.02
CA GLN A 4621 56.07 -3.63 -46.27
C GLN A 4621 55.57 -4.93 -46.86
N PRO A 4622 54.39 -4.93 -47.50
CA PRO A 4622 53.70 -6.19 -47.80
C PRO A 4622 54.45 -7.08 -48.78
N SER A 4623 53.96 -8.32 -48.87
CA SER A 4623 54.72 -9.45 -49.38
C SER A 4623 54.88 -9.37 -50.90
N GLU A 4624 55.43 -10.43 -51.48
CA GLU A 4624 55.63 -10.50 -52.92
C GLU A 4624 54.30 -10.51 -53.67
N ASP A 4625 53.23 -10.97 -53.04
CA ASP A 4625 51.93 -10.94 -53.67
C ASP A 4625 51.33 -9.53 -53.56
N ASP A 4626 50.08 -9.41 -54.00
CA ASP A 4626 49.41 -8.14 -54.26
C ASP A 4626 50.27 -7.26 -55.16
N ILE A 4627 50.40 -7.77 -56.39
CA ILE A 4627 51.01 -7.03 -57.47
C ILE A 4627 50.28 -5.72 -57.73
N LYS A 4628 48.96 -5.71 -57.49
CA LYS A 4628 48.22 -4.46 -57.49
C LYS A 4628 48.70 -3.55 -56.39
N GLY A 4629 48.90 -4.09 -55.19
CA GLY A 4629 49.39 -3.33 -54.08
C GLY A 4629 50.84 -3.00 -54.25
N GLN A 4630 51.64 -3.98 -54.68
CA GLN A 4630 53.07 -3.73 -54.88
C GLN A 4630 53.33 -2.78 -56.02
N TRP A 4631 52.36 -2.62 -56.93
CA TRP A 4631 52.43 -1.55 -57.90
C TRP A 4631 52.36 -0.20 -57.22
N ASP A 4632 51.63 -0.11 -56.11
CA ASP A 4632 51.50 1.13 -55.38
C ASP A 4632 52.63 1.36 -54.42
N ARG A 4633 53.59 0.43 -54.36
CA ARG A 4633 54.87 0.73 -53.75
C ARG A 4633 55.68 1.72 -54.58
N LEU A 4634 55.21 2.05 -55.78
CA LEU A 4634 55.88 3.02 -56.61
C LEU A 4634 55.08 4.30 -56.73
N VAL A 4635 53.94 4.39 -56.06
CA VAL A 4635 53.16 5.61 -56.09
C VAL A 4635 53.27 6.39 -54.79
N ILE A 4636 54.05 5.89 -53.85
CA ILE A 4636 54.11 6.45 -52.50
C ILE A 4636 54.64 7.87 -52.52
N ASN A 4637 55.65 8.11 -53.33
CA ASN A 4637 56.34 9.39 -53.38
C ASN A 4637 55.65 10.40 -54.29
N THR A 4638 54.58 10.01 -54.95
CA THR A 4638 54.09 10.78 -56.08
C THR A 4638 53.40 12.06 -55.62
N GLN A 4639 53.48 13.07 -56.48
CA GLN A 4639 53.39 14.45 -56.04
C GLN A 4639 51.95 14.86 -55.83
N SER A 4640 51.17 14.89 -56.90
CA SER A 4640 49.73 15.13 -56.75
C SER A 4640 49.10 13.78 -56.49
N PHE A 4641 49.29 13.30 -55.27
CA PHE A 4641 48.96 11.91 -54.95
C PHE A 4641 47.47 11.62 -54.96
N PRO A 4642 46.59 12.38 -54.26
CA PRO A 4642 45.17 12.18 -54.51
C PRO A 4642 44.67 13.12 -55.59
N ASN A 4643 45.11 12.87 -56.83
CA ASN A 4643 44.89 13.81 -57.92
C ASN A 4643 43.42 13.93 -58.28
N ASN A 4644 42.62 12.95 -57.88
CA ASN A 4644 41.19 13.09 -57.97
C ASN A 4644 40.50 12.54 -56.73
N TYR A 4645 41.22 12.37 -55.62
CA TYR A 4645 40.46 11.85 -54.50
C TYR A 4645 39.99 12.94 -53.55
N TRP A 4646 40.81 13.33 -52.57
CA TRP A 4646 40.29 14.25 -51.57
C TRP A 4646 41.21 15.42 -51.28
N ASP A 4647 42.40 15.10 -50.80
CA ASP A 4647 43.26 16.02 -50.10
C ASP A 4647 44.59 15.37 -49.77
N LYS A 4648 45.64 16.17 -49.81
CA LYS A 4648 46.98 15.65 -49.57
C LYS A 4648 47.47 15.90 -48.15
N PHE A 4649 46.64 16.52 -47.31
CA PHE A 4649 47.06 16.85 -45.96
C PHE A 4649 47.12 15.60 -45.10
N VAL A 4650 46.47 14.54 -45.56
CA VAL A 4650 46.47 13.25 -44.90
C VAL A 4650 47.88 12.68 -44.91
N LYS A 4651 48.69 13.06 -45.90
CA LYS A 4651 50.08 12.64 -45.93
C LYS A 4651 50.86 13.21 -44.76
N ARG A 4652 50.72 14.52 -44.53
CA ARG A 4652 51.35 15.13 -43.38
C ARG A 4652 50.74 14.62 -42.09
N LYS A 4653 49.46 14.29 -42.12
CA LYS A 4653 48.78 13.75 -40.96
C LYS A 4653 49.37 12.42 -40.54
N VAL A 4654 49.64 11.56 -41.51
CA VAL A 4654 50.17 10.26 -41.10
C VAL A 4654 51.67 10.33 -40.90
N MET A 4655 52.33 11.36 -41.45
CA MET A 4655 53.68 11.68 -41.00
C MET A 4655 53.68 11.95 -39.50
N ASP A 4656 52.72 12.74 -39.05
CA ASP A 4656 52.59 12.98 -37.62
C ASP A 4656 52.08 11.77 -36.89
N LYS A 4657 51.45 10.84 -37.59
CA LYS A 4657 51.11 9.59 -36.93
C LYS A 4657 52.35 8.74 -36.72
N TYR A 4658 53.35 8.84 -37.59
CA TYR A 4658 54.40 7.84 -37.58
C TYR A 4658 55.83 8.36 -37.64
N GLY A 4659 56.07 9.57 -38.14
CA GLY A 4659 57.45 10.01 -38.38
C GLY A 4659 58.26 10.22 -37.13
N GLU A 4660 57.62 10.62 -36.03
CA GLU A 4660 58.33 10.73 -34.77
C GLU A 4660 58.75 9.38 -34.25
N PHE A 4661 57.98 8.34 -34.57
CA PHE A 4661 58.39 7.00 -34.18
C PHE A 4661 59.62 6.55 -34.95
N TYR A 4662 59.60 6.67 -36.27
CA TYR A 4662 60.59 5.99 -37.07
C TYR A 4662 61.51 6.94 -37.82
N GLY A 4663 60.97 7.77 -38.70
CA GLY A 4663 61.83 8.75 -39.33
C GLY A 4663 61.01 9.95 -39.73
N ARG A 4664 61.31 11.10 -39.15
CA ARG A 4664 60.46 12.25 -39.42
C ARG A 4664 60.80 12.84 -40.76
N ASP A 4665 62.04 13.25 -40.95
CA ASP A 4665 62.46 13.78 -42.23
C ASP A 4665 62.72 12.69 -43.25
N ARG A 4666 62.80 11.44 -42.80
CA ARG A 4666 63.00 10.36 -43.75
C ARG A 4666 61.71 10.02 -44.47
N ILE A 4667 60.64 9.81 -43.71
CA ILE A 4667 59.39 9.35 -44.30
C ILE A 4667 58.63 10.49 -44.96
N SER A 4668 58.79 11.71 -44.45
CA SER A 4668 58.18 12.86 -45.11
C SER A 4668 58.79 13.09 -46.48
N GLU A 4669 60.11 13.00 -46.57
CA GLU A 4669 60.78 13.06 -47.84
C GLU A 4669 60.45 11.85 -48.70
N LEU A 4670 60.19 10.70 -48.08
CA LEU A 4670 59.72 9.54 -48.80
C LEU A 4670 58.36 9.83 -49.44
N LEU A 4671 57.56 10.66 -48.80
CA LEU A 4671 56.37 11.16 -49.46
C LEU A 4671 56.68 12.36 -50.32
N GLY A 4672 57.31 13.37 -49.74
CA GLY A 4672 57.67 14.57 -50.46
C GLY A 4672 57.92 15.76 -49.54
N SER A 4696 51.42 25.25 -75.29
CA SER A 4696 51.88 26.43 -74.57
C SER A 4696 52.94 26.06 -73.53
N ALA A 4697 52.77 26.56 -72.31
CA ALA A 4697 53.76 26.34 -71.24
C ALA A 4697 53.42 25.11 -70.40
N VAL A 4698 53.24 23.98 -71.06
CA VAL A 4698 52.98 22.71 -70.38
C VAL A 4698 54.20 21.87 -70.71
N LEU A 4699 55.37 22.53 -70.71
CA LEU A 4699 56.57 22.00 -71.31
C LEU A 4699 57.08 20.75 -70.58
N ASN A 4700 57.26 20.85 -69.27
CA ASN A 4700 57.58 19.67 -68.48
C ASN A 4700 56.86 19.67 -67.14
N SER A 4701 55.62 20.15 -67.13
CA SER A 4701 54.87 20.39 -65.90
C SER A 4701 53.85 19.30 -65.63
N ILE A 4702 54.21 18.04 -65.83
CA ILE A 4702 53.28 16.94 -65.80
C ILE A 4702 53.60 15.98 -64.66
N ASP A 4703 52.56 15.28 -64.19
CA ASP A 4703 52.76 14.11 -63.35
C ASP A 4703 53.43 13.05 -64.20
N VAL A 4704 54.62 12.61 -63.81
CA VAL A 4704 55.27 11.65 -64.70
C VAL A 4704 55.01 10.26 -64.16
N LYS A 4705 55.65 9.94 -63.04
CA LYS A 4705 55.62 8.57 -62.59
C LYS A 4705 54.30 8.24 -61.91
N TYR A 4706 53.62 9.26 -61.39
CA TYR A 4706 52.25 9.08 -60.95
C TYR A 4706 51.37 8.68 -62.13
N GLN A 4707 51.59 9.31 -63.27
CA GLN A 4707 50.82 8.96 -64.45
C GLN A 4707 51.14 7.55 -64.92
N MET A 4708 52.41 7.15 -64.80
CA MET A 4708 52.77 5.79 -65.17
C MET A 4708 52.14 4.78 -64.24
N TRP A 4709 52.09 5.10 -62.96
CA TRP A 4709 51.40 4.23 -62.01
C TRP A 4709 49.93 4.14 -62.34
N LYS A 4710 49.35 5.28 -62.72
CA LYS A 4710 47.95 5.34 -63.06
C LYS A 4710 47.64 4.43 -64.22
N LEU A 4711 48.48 4.47 -65.24
CA LEU A 4711 48.30 3.59 -66.37
C LEU A 4711 48.52 2.13 -66.01
N GLY A 4712 49.47 1.86 -65.11
CA GLY A 4712 49.72 0.49 -64.70
C GLY A 4712 48.57 -0.09 -63.92
N VAL A 4713 47.83 0.76 -63.21
CA VAL A 4713 46.56 0.31 -62.68
C VAL A 4713 45.56 0.14 -63.79
N VAL A 4714 45.57 1.08 -64.75
CA VAL A 4714 44.54 1.19 -65.77
C VAL A 4714 44.50 -0.06 -66.63
N PHE A 4715 45.67 -0.62 -66.92
CA PHE A 4715 45.75 -1.84 -67.69
C PHE A 4715 45.12 -3.02 -66.99
N THR A 4716 45.06 -3.01 -65.67
CA THR A 4716 44.55 -4.15 -64.94
C THR A 4716 43.04 -4.07 -64.73
N ASP A 4717 42.30 -3.81 -65.80
CA ASP A 4717 40.85 -3.81 -65.73
C ASP A 4717 40.30 -4.86 -66.67
N ASN A 4718 39.23 -5.52 -66.24
CA ASN A 4718 38.55 -6.48 -67.09
C ASN A 4718 37.93 -5.80 -68.31
N SER A 4719 36.98 -4.89 -68.07
CA SER A 4719 36.17 -4.35 -69.14
C SER A 4719 36.98 -3.46 -70.07
N PHE A 4720 37.98 -2.76 -69.54
CA PHE A 4720 38.86 -1.96 -70.38
C PHE A 4720 39.65 -2.85 -71.32
N LEU A 4721 40.22 -3.93 -70.78
CA LEU A 4721 40.90 -4.88 -71.64
C LEU A 4721 39.94 -5.59 -72.56
N TYR A 4722 38.71 -5.78 -72.11
CA TYR A 4722 37.68 -6.37 -72.96
C TYR A 4722 37.45 -5.52 -74.19
N LEU A 4723 37.31 -4.21 -73.99
CA LEU A 4723 37.06 -3.36 -75.13
C LEU A 4723 38.32 -3.11 -75.93
N ALA A 4724 39.49 -3.16 -75.28
CA ALA A 4724 40.73 -3.05 -76.04
C ALA A 4724 40.92 -4.26 -76.94
N TRP A 4725 40.59 -5.43 -76.42
CA TRP A 4725 40.57 -6.63 -77.22
C TRP A 4725 39.54 -6.53 -78.33
N TYR A 4726 38.42 -5.88 -78.05
CA TYR A 4726 37.41 -5.65 -79.08
C TYR A 4726 37.94 -4.73 -80.17
N MET A 4727 38.76 -3.77 -79.78
CA MET A 4727 39.40 -2.90 -80.76
C MET A 4727 40.39 -3.67 -81.62
N THR A 4728 41.18 -4.53 -80.99
CA THR A 4728 42.09 -5.37 -81.77
C THR A 4728 41.35 -6.35 -82.64
N MET A 4729 40.16 -6.75 -82.21
CA MET A 4729 39.27 -7.51 -83.07
C MET A 4729 38.87 -6.68 -84.27
N SER A 4730 38.53 -5.42 -84.05
CA SER A 4730 38.08 -4.61 -85.15
C SER A 4730 39.22 -4.09 -86.01
N VAL A 4731 40.47 -4.33 -85.62
CA VAL A 4731 41.63 -3.95 -86.42
C VAL A 4731 41.58 -4.56 -87.81
N LEU A 4732 41.18 -5.82 -87.90
CA LEU A 4732 41.50 -6.59 -89.10
C LEU A 4732 40.62 -6.28 -90.29
N GLY A 4733 39.72 -5.31 -90.20
CA GLY A 4733 39.00 -4.88 -91.40
C GLY A 4733 39.94 -4.26 -92.41
N HIS A 4734 40.93 -3.51 -91.94
CA HIS A 4734 42.00 -3.08 -92.81
C HIS A 4734 42.90 -4.25 -93.18
N TYR A 4735 42.94 -5.28 -92.34
CA TYR A 4735 43.84 -6.39 -92.64
C TYR A 4735 43.15 -7.48 -93.46
N ASN A 4736 42.14 -8.13 -92.88
CA ASN A 4736 41.52 -9.30 -93.48
C ASN A 4736 40.29 -9.67 -92.67
N ASN A 4737 39.24 -10.07 -93.37
CA ASN A 4737 38.12 -10.69 -92.67
C ASN A 4737 38.27 -12.20 -92.59
N PHE A 4738 39.43 -12.65 -92.11
CA PHE A 4738 39.56 -14.04 -91.69
C PHE A 4738 38.77 -14.26 -90.41
N PHE A 4739 39.14 -13.54 -89.36
CA PHE A 4739 38.42 -13.56 -88.11
C PHE A 4739 37.77 -12.22 -87.80
N PHE A 4740 37.76 -11.29 -88.76
CA PHE A 4740 37.37 -9.93 -88.43
C PHE A 4740 35.86 -9.80 -88.24
N ALA A 4741 35.07 -10.64 -88.88
CA ALA A 4741 33.64 -10.58 -88.62
C ALA A 4741 33.24 -11.34 -87.37
N ALA A 4742 34.18 -11.90 -86.62
CA ALA A 4742 33.89 -12.72 -85.46
C ALA A 4742 33.81 -11.92 -84.18
N HIS A 4743 33.43 -10.64 -84.26
CA HIS A 4743 33.27 -9.77 -83.10
C HIS A 4743 32.16 -10.21 -82.18
N LEU A 4744 31.35 -11.19 -82.56
CA LEU A 4744 30.04 -11.37 -82.01
C LEU A 4744 30.04 -12.01 -80.64
N LEU A 4745 31.22 -12.25 -80.07
CA LEU A 4745 31.34 -12.60 -78.67
C LEU A 4745 30.80 -11.52 -77.74
N ASP A 4746 30.78 -10.26 -78.21
CA ASP A 4746 30.43 -9.11 -77.40
C ASP A 4746 29.00 -9.14 -76.89
N ILE A 4747 28.15 -10.03 -77.44
CA ILE A 4747 26.84 -10.23 -76.89
C ILE A 4747 26.91 -10.85 -75.49
N ALA A 4748 28.01 -11.51 -75.15
CA ALA A 4748 28.18 -12.05 -73.82
C ALA A 4748 28.39 -10.99 -72.75
N MET A 4749 28.67 -9.75 -73.13
CA MET A 4749 28.69 -8.66 -72.16
C MET A 4749 27.77 -7.51 -72.52
N GLY A 4750 27.16 -7.52 -73.70
CA GLY A 4750 26.22 -6.47 -74.05
C GLY A 4750 24.93 -6.62 -73.29
N PHE A 4751 24.11 -7.59 -73.66
CA PHE A 4751 22.90 -7.87 -72.91
C PHE A 4751 23.23 -8.81 -71.77
N LYS A 4752 22.60 -8.59 -70.64
CA LYS A 4752 22.81 -9.43 -69.47
C LYS A 4752 21.71 -10.43 -69.28
N THR A 4753 20.66 -10.33 -70.10
CA THR A 4753 19.55 -11.29 -70.05
C THR A 4753 20.04 -12.69 -70.33
N LEU A 4754 20.95 -12.82 -71.27
CA LEU A 4754 21.57 -14.09 -71.57
C LEU A 4754 22.53 -14.56 -70.49
N ARG A 4755 23.03 -13.64 -69.66
CA ARG A 4755 24.04 -14.01 -68.70
C ARG A 4755 23.49 -14.87 -67.58
N THR A 4756 22.16 -14.92 -67.43
CA THR A 4756 21.54 -15.91 -66.56
C THR A 4756 21.95 -17.32 -66.95
N ILE A 4757 21.90 -17.61 -68.24
CA ILE A 4757 22.24 -18.92 -68.75
C ILE A 4757 23.73 -19.19 -68.57
N LEU A 4758 24.53 -18.19 -68.85
CA LEU A 4758 25.97 -18.38 -68.83
C LEU A 4758 26.47 -18.55 -67.40
N SER A 4759 25.83 -17.85 -66.47
CA SER A 4759 26.12 -18.05 -65.07
C SER A 4759 25.61 -19.40 -64.60
N SER A 4760 24.48 -19.84 -65.15
CA SER A 4760 23.94 -21.16 -64.83
C SER A 4760 24.87 -22.25 -65.28
N VAL A 4761 25.69 -21.97 -66.27
CA VAL A 4761 26.82 -22.85 -66.53
C VAL A 4761 27.95 -22.59 -65.56
N THR A 4762 28.42 -21.35 -65.51
CA THR A 4762 29.83 -21.10 -65.23
C THR A 4762 30.19 -21.29 -63.77
N HIS A 4763 29.23 -21.29 -62.87
CA HIS A 4763 29.54 -21.57 -61.49
C HIS A 4763 29.76 -23.05 -61.25
N ASN A 4764 29.22 -23.89 -62.12
CA ASN A 4764 29.24 -25.32 -61.92
C ASN A 4764 30.31 -26.00 -62.75
N GLY A 4765 31.02 -25.24 -63.59
CA GLY A 4765 31.98 -25.82 -64.51
C GLY A 4765 33.19 -26.39 -63.83
N LYS A 4766 33.46 -25.97 -62.59
CA LYS A 4766 34.59 -26.48 -61.84
C LYS A 4766 34.45 -27.97 -61.58
N GLN A 4767 33.24 -28.47 -61.52
CA GLN A 4767 33.09 -29.91 -61.56
C GLN A 4767 32.98 -30.43 -62.98
N LEU A 4768 32.61 -29.59 -63.93
CA LEU A 4768 32.36 -30.11 -65.26
C LEU A 4768 33.66 -30.49 -65.94
N VAL A 4769 34.74 -29.79 -65.61
CA VAL A 4769 36.04 -30.22 -66.10
C VAL A 4769 36.43 -31.57 -65.51
N LEU A 4770 35.96 -31.85 -64.30
CA LEU A 4770 36.22 -33.16 -63.72
C LEU A 4770 35.39 -34.23 -64.41
N THR A 4771 34.20 -33.85 -64.89
CA THR A 4771 33.43 -34.78 -65.70
C THR A 4771 34.17 -35.13 -66.97
N VAL A 4772 34.80 -34.13 -67.58
CA VAL A 4772 35.67 -34.39 -68.73
C VAL A 4772 36.79 -35.35 -68.38
N GLY A 4773 37.42 -35.14 -67.22
CA GLY A 4773 38.51 -35.99 -66.82
C GLY A 4773 38.08 -37.44 -66.58
N LEU A 4774 36.91 -37.62 -65.99
CA LEU A 4774 36.48 -38.98 -65.72
C LEU A 4774 36.07 -39.69 -66.98
N LEU A 4775 35.49 -38.95 -67.94
CA LEU A 4775 35.28 -39.47 -69.28
C LEU A 4775 36.57 -39.99 -69.87
N ALA A 4776 37.62 -39.17 -69.78
CA ALA A 4776 38.90 -39.52 -70.37
C ALA A 4776 39.47 -40.76 -69.74
N VAL A 4777 39.33 -40.89 -68.43
CA VAL A 4777 39.99 -42.05 -67.83
C VAL A 4777 39.16 -43.30 -67.96
N VAL A 4778 37.82 -43.19 -68.07
CA VAL A 4778 37.08 -44.43 -68.22
C VAL A 4778 37.22 -44.93 -69.64
N VAL A 4779 37.42 -44.05 -70.61
CA VAL A 4779 37.70 -44.60 -71.92
C VAL A 4779 39.14 -45.01 -72.03
N TYR A 4780 40.03 -44.41 -71.24
CA TYR A 4780 41.39 -44.92 -71.15
C TYR A 4780 41.43 -46.29 -70.51
N LEU A 4781 40.43 -46.61 -69.70
CA LEU A 4781 40.28 -47.98 -69.27
C LEU A 4781 39.76 -48.86 -70.40
N TYR A 4782 38.66 -48.44 -71.03
CA TYR A 4782 37.99 -49.29 -72.02
C TYR A 4782 38.87 -49.62 -73.21
N THR A 4783 39.79 -48.73 -73.53
CA THR A 4783 40.67 -48.99 -74.64
C THR A 4783 41.77 -49.98 -74.31
N VAL A 4784 41.82 -50.49 -73.10
CA VAL A 4784 42.79 -51.52 -72.80
C VAL A 4784 42.16 -52.87 -73.11
N VAL A 4785 40.84 -52.92 -73.02
CA VAL A 4785 40.15 -54.19 -72.86
C VAL A 4785 40.19 -55.01 -74.15
N ALA A 4786 39.54 -54.49 -75.19
CA ALA A 4786 39.51 -55.22 -76.46
C ALA A 4786 40.87 -55.20 -77.12
N PHE A 4787 41.67 -54.19 -76.82
CA PHE A 4787 43.06 -54.15 -77.24
C PHE A 4787 43.85 -55.30 -76.69
N ASN A 4788 43.49 -55.76 -75.51
CA ASN A 4788 44.09 -56.99 -75.03
C ASN A 4788 43.26 -58.21 -75.36
N PHE A 4789 42.03 -58.05 -75.83
CA PHE A 4789 41.17 -59.21 -75.92
C PHE A 4789 40.28 -59.32 -77.13
N PHE A 4790 40.06 -58.26 -77.91
CA PHE A 4790 39.12 -58.38 -79.03
C PHE A 4790 39.62 -57.62 -80.24
N ARG A 4791 40.90 -57.79 -80.57
CA ARG A 4791 41.41 -57.07 -81.73
C ARG A 4791 40.86 -57.62 -83.03
N LYS A 4792 40.44 -58.88 -83.04
CA LYS A 4792 39.65 -59.35 -84.17
C LYS A 4792 38.30 -58.67 -84.22
N PHE A 4793 37.77 -58.27 -83.09
CA PHE A 4793 36.54 -57.53 -83.11
C PHE A 4793 36.74 -56.08 -83.45
N TYR A 4794 37.96 -55.59 -83.32
CA TYR A 4794 38.29 -54.38 -84.05
C TYR A 4794 38.15 -54.71 -85.50
N ASN A 4795 37.41 -53.88 -86.22
CA ASN A 4795 37.43 -53.83 -87.68
C ASN A 4795 36.79 -52.51 -88.10
N LYS A 4796 37.61 -51.55 -88.50
CA LYS A 4796 37.14 -50.49 -89.37
C LYS A 4796 37.44 -50.83 -90.80
N SER A 4797 37.63 -52.10 -91.07
CA SER A 4797 37.93 -52.60 -92.39
C SER A 4797 36.74 -52.37 -93.31
N GLU A 4798 37.04 -52.17 -94.58
CA GLU A 4798 36.03 -52.23 -95.62
C GLU A 4798 35.90 -53.66 -96.09
N ASP A 4799 35.42 -54.50 -95.17
CA ASP A 4799 35.10 -55.91 -95.40
C ASP A 4799 36.32 -56.75 -95.74
N GLY A 4800 37.48 -56.36 -95.20
CA GLY A 4800 38.62 -57.26 -95.12
C GLY A 4800 39.44 -57.47 -96.39
N ASP A 4801 38.77 -57.49 -97.54
CA ASP A 4801 39.43 -57.60 -98.83
C ASP A 4801 40.25 -56.35 -99.15
N THR A 4802 39.90 -55.22 -98.57
CA THR A 4802 40.71 -54.01 -98.62
C THR A 4802 41.89 -54.19 -97.66
N PRO A 4803 42.80 -53.20 -97.56
CA PRO A 4803 43.77 -53.24 -96.46
C PRO A 4803 43.09 -53.06 -95.12
N ASP A 4804 42.62 -54.20 -94.59
CA ASP A 4804 41.65 -54.27 -93.51
C ASP A 4804 42.11 -53.53 -92.25
N MET A 4805 41.26 -52.65 -91.76
CA MET A 4805 41.65 -51.68 -90.74
C MET A 4805 41.12 -52.09 -89.38
N LYS A 4806 42.05 -52.29 -88.45
CA LYS A 4806 41.77 -52.61 -87.06
C LYS A 4806 42.79 -51.86 -86.21
N CYS A 4807 42.33 -51.07 -85.25
CA CYS A 4807 43.26 -50.31 -84.41
C CYS A 4807 43.87 -51.22 -83.34
N ASP A 4808 44.95 -51.90 -83.72
CA ASP A 4808 45.71 -52.69 -82.77
C ASP A 4808 46.85 -51.90 -82.13
N ASP A 4809 46.70 -50.59 -82.04
CA ASP A 4809 47.51 -49.78 -81.15
C ASP A 4809 46.60 -49.09 -80.16
N MET A 4810 47.05 -49.05 -78.90
CA MET A 4810 46.25 -48.55 -77.79
C MET A 4810 45.80 -47.12 -78.02
N LEU A 4811 46.72 -46.26 -78.47
CA LEU A 4811 46.36 -44.88 -78.75
C LEU A 4811 45.36 -44.77 -79.88
N THR A 4812 45.51 -45.63 -80.89
CA THR A 4812 44.65 -45.54 -82.06
C THR A 4812 43.23 -45.92 -81.72
N CYS A 4813 43.03 -47.05 -81.02
CA CYS A 4813 41.67 -47.44 -80.67
C CYS A 4813 41.11 -46.53 -79.60
N TYR A 4814 41.98 -45.94 -78.79
CA TYR A 4814 41.55 -44.96 -77.81
C TYR A 4814 40.94 -43.76 -78.50
N MET A 4815 41.67 -43.17 -79.44
CA MET A 4815 41.15 -42.05 -80.21
C MET A 4815 39.95 -42.47 -81.04
N PHE A 4816 39.88 -43.73 -81.41
CA PHE A 4816 38.75 -44.22 -82.17
C PHE A 4816 37.48 -44.24 -81.33
N HIS A 4817 37.58 -44.76 -80.10
CA HIS A 4817 36.46 -44.72 -79.18
C HIS A 4817 36.09 -43.29 -78.86
N MET A 4818 37.10 -42.43 -78.76
CA MET A 4818 36.86 -41.02 -78.52
C MET A 4818 36.10 -40.40 -79.67
N TYR A 4819 36.42 -40.81 -80.88
CA TYR A 4819 35.74 -40.19 -82.01
C TYR A 4819 34.39 -40.83 -82.22
N VAL A 4820 34.31 -42.13 -82.02
CA VAL A 4820 33.12 -42.84 -82.42
C VAL A 4820 32.26 -43.14 -81.21
N GLY A 4821 32.82 -43.87 -80.25
CA GLY A 4821 32.04 -44.37 -79.13
C GLY A 4821 31.51 -43.26 -78.25
N VAL A 4822 32.17 -42.11 -78.26
CA VAL A 4822 31.58 -40.93 -77.63
C VAL A 4822 30.40 -40.45 -78.44
N ARG A 4823 30.57 -40.29 -79.74
CA ARG A 4823 29.51 -39.80 -80.60
C ARG A 4823 28.54 -40.90 -81.01
N ALA A 4824 28.51 -42.01 -80.28
CA ALA A 4824 27.82 -43.22 -80.70
C ALA A 4824 26.31 -43.07 -80.63
N GLY A 4825 25.77 -42.95 -79.43
CA GLY A 4825 24.33 -42.96 -79.28
C GLY A 4825 23.77 -44.37 -79.22
N GLY A 4826 23.90 -45.11 -80.31
CA GLY A 4826 23.43 -46.48 -80.30
C GLY A 4826 24.35 -47.47 -79.66
N GLY A 4827 25.48 -47.02 -79.14
CA GLY A 4827 26.42 -47.92 -78.51
C GLY A 4827 27.62 -48.22 -79.39
N ILE A 4828 28.70 -48.63 -78.74
CA ILE A 4828 29.91 -48.96 -79.46
C ILE A 4828 29.78 -50.31 -80.16
N GLY A 4829 28.81 -51.13 -79.73
CA GLY A 4829 28.52 -52.37 -80.42
C GLY A 4829 27.91 -52.17 -81.77
N ASP A 4830 27.36 -50.99 -82.01
CA ASP A 4830 26.93 -50.62 -83.36
C ASP A 4830 28.12 -50.59 -84.31
N GLU A 4831 29.15 -49.81 -83.98
CA GLU A 4831 30.26 -49.61 -84.90
C GLU A 4831 31.43 -50.53 -84.56
N ILE A 4832 31.15 -51.82 -84.53
CA ILE A 4832 32.16 -52.82 -84.23
C ILE A 4832 31.65 -54.16 -84.72
N GLU A 4833 32.56 -55.14 -84.81
CA GLU A 4833 32.20 -56.52 -85.11
C GLU A 4833 31.18 -57.06 -84.12
N ASP A 4834 30.02 -57.42 -84.62
CA ASP A 4834 29.14 -58.18 -83.76
C ASP A 4834 29.62 -59.62 -83.65
N PRO A 4835 29.36 -60.28 -82.55
CA PRO A 4835 29.64 -61.71 -82.48
C PRO A 4835 28.42 -62.55 -82.81
N ALA A 4836 28.67 -63.65 -83.50
CA ALA A 4836 27.63 -64.60 -83.84
C ALA A 4836 28.16 -66.03 -83.68
N GLY A 4837 28.83 -66.29 -82.57
CA GLY A 4837 29.40 -67.60 -82.35
C GLY A 4837 30.78 -67.59 -81.74
N ASP A 4838 31.25 -66.41 -81.33
CA ASP A 4838 32.58 -66.30 -80.73
C ASP A 4838 32.64 -67.05 -79.41
N GLU A 4839 33.84 -67.56 -79.11
CA GLU A 4839 34.15 -68.02 -77.77
C GLU A 4839 33.86 -66.94 -76.73
N TYR A 4840 34.39 -65.74 -76.95
CA TYR A 4840 34.15 -64.63 -76.04
C TYR A 4840 33.02 -63.74 -76.51
N GLU A 4841 32.01 -64.33 -77.14
CA GLU A 4841 30.87 -63.57 -77.63
C GLU A 4841 30.11 -62.91 -76.49
N ILE A 4842 29.92 -63.64 -75.40
CA ILE A 4842 29.17 -63.07 -74.30
C ILE A 4842 29.99 -62.01 -73.59
N TYR A 4843 31.31 -62.18 -73.57
CA TYR A 4843 32.18 -61.13 -73.06
C TYR A 4843 32.06 -59.87 -73.89
N ARG A 4844 32.03 -60.05 -75.20
CA ARG A 4844 31.83 -58.95 -76.13
C ARG A 4844 30.50 -58.26 -75.89
N ILE A 4845 29.45 -59.06 -75.69
CA ILE A 4845 28.11 -58.54 -75.48
C ILE A 4845 28.05 -57.76 -74.19
N ILE A 4846 28.65 -58.30 -73.14
CA ILE A 4846 28.59 -57.65 -71.85
C ILE A 4846 29.46 -56.41 -71.86
N PHE A 4847 30.47 -56.39 -72.72
CA PHE A 4847 31.26 -55.19 -72.88
C PHE A 4847 30.44 -54.10 -73.54
N ASP A 4848 29.66 -54.48 -74.55
CA ASP A 4848 28.72 -53.55 -75.18
C ASP A 4848 27.71 -53.02 -74.19
N ILE A 4849 27.20 -53.89 -73.32
CA ILE A 4849 26.16 -53.49 -72.39
C ILE A 4849 26.72 -52.50 -71.38
N THR A 4850 27.92 -52.77 -70.89
CA THR A 4850 28.54 -51.89 -69.91
C THR A 4850 28.87 -50.55 -70.52
N PHE A 4851 29.29 -50.54 -71.79
CA PHE A 4851 29.43 -49.28 -72.50
C PHE A 4851 28.08 -48.57 -72.62
N PHE A 4852 27.07 -49.31 -73.11
CA PHE A 4852 25.72 -48.83 -73.40
C PHE A 4852 25.11 -48.14 -72.22
N PHE A 4853 25.40 -48.64 -71.03
CA PHE A 4853 24.96 -47.94 -69.84
C PHE A 4853 25.93 -46.82 -69.53
N PHE A 4854 27.16 -47.19 -69.17
CA PHE A 4854 28.00 -46.35 -68.36
C PHE A 4854 28.49 -45.14 -69.11
N VAL A 4855 28.43 -45.17 -70.41
CA VAL A 4855 28.73 -43.96 -71.13
C VAL A 4855 27.42 -43.24 -71.35
N ILE A 4856 26.58 -43.88 -72.15
CA ILE A 4856 25.51 -43.20 -72.87
C ILE A 4856 24.45 -42.72 -71.91
N VAL A 4857 24.04 -43.60 -71.01
CA VAL A 4857 23.11 -43.21 -69.98
C VAL A 4857 23.76 -42.20 -69.06
N ILE A 4858 24.88 -42.60 -68.49
CA ILE A 4858 25.31 -42.07 -67.21
C ILE A 4858 25.83 -40.66 -67.36
N LEU A 4859 26.70 -40.44 -68.32
CA LEU A 4859 27.41 -39.17 -68.30
C LEU A 4859 26.59 -38.07 -68.92
N LEU A 4860 25.79 -38.44 -69.92
CA LEU A 4860 24.71 -37.59 -70.40
C LEU A 4860 23.84 -37.11 -69.26
N ALA A 4861 23.35 -38.06 -68.45
CA ALA A 4861 22.49 -37.70 -67.34
C ALA A 4861 23.24 -36.89 -66.31
N ILE A 4862 24.54 -37.12 -66.18
CA ILE A 4862 25.36 -36.39 -65.24
C ILE A 4862 25.40 -34.93 -65.61
N ILE A 4863 25.66 -34.66 -66.88
CA ILE A 4863 25.80 -33.27 -67.28
C ILE A 4863 24.47 -32.56 -67.23
N GLN A 4864 23.41 -33.27 -67.61
CA GLN A 4864 22.09 -32.66 -67.58
C GLN A 4864 21.63 -32.37 -66.16
N GLY A 4865 21.83 -33.33 -65.25
CA GLY A 4865 21.42 -33.13 -63.88
C GLY A 4865 22.24 -32.07 -63.18
N LEU A 4866 23.53 -31.97 -63.55
CA LEU A 4866 24.35 -30.86 -63.07
C LEU A 4866 23.75 -29.55 -63.52
N ILE A 4867 23.30 -29.50 -64.76
CA ILE A 4867 22.76 -28.26 -65.28
C ILE A 4867 21.43 -27.90 -64.63
N ILE A 4868 20.60 -28.90 -64.35
CA ILE A 4868 19.29 -28.53 -63.85
C ILE A 4868 19.31 -28.30 -62.35
N ASP A 4869 20.21 -28.96 -61.62
CA ASP A 4869 20.42 -28.52 -60.24
C ASP A 4869 21.09 -27.16 -60.21
N ALA A 4870 21.87 -26.81 -61.22
CA ALA A 4870 22.40 -25.46 -61.32
C ALA A 4870 21.27 -24.46 -61.54
N PHE A 4871 20.30 -24.83 -62.35
CA PHE A 4871 19.08 -24.05 -62.54
C PHE A 4871 18.38 -23.76 -61.23
N GLY A 4872 18.06 -24.83 -60.51
CA GLY A 4872 17.30 -24.67 -59.27
C GLY A 4872 18.06 -23.90 -58.22
N GLU A 4873 19.38 -24.13 -58.17
CA GLU A 4873 20.26 -23.37 -57.29
C GLU A 4873 20.18 -21.89 -57.56
N LEU A 4874 20.33 -21.51 -58.83
CA LEU A 4874 20.42 -20.09 -59.15
C LEU A 4874 19.07 -19.40 -58.98
N ARG A 4875 17.98 -20.12 -59.32
CA ARG A 4875 16.66 -19.54 -59.14
C ARG A 4875 16.34 -19.36 -57.67
N ASP A 4876 16.69 -20.35 -56.85
CA ASP A 4876 16.44 -20.26 -55.43
C ASP A 4876 17.25 -19.15 -54.79
N GLN A 4877 18.49 -18.99 -55.23
CA GLN A 4877 19.34 -17.91 -54.75
C GLN A 4877 18.76 -16.55 -55.07
N GLN A 4878 18.31 -16.39 -56.31
CA GLN A 4878 17.74 -15.13 -56.75
C GLN A 4878 16.51 -14.77 -55.95
N GLU A 4879 15.56 -15.69 -55.83
CA GLU A 4879 14.34 -15.38 -55.12
C GLU A 4879 14.58 -15.27 -53.62
N GLN A 4880 15.62 -15.93 -53.13
CA GLN A 4880 16.02 -15.77 -51.74
C GLN A 4880 16.41 -14.34 -51.46
N VAL A 4881 17.28 -13.79 -52.31
CA VAL A 4881 17.67 -12.39 -52.25
C VAL A 4881 16.46 -11.49 -52.30
N LYS A 4882 15.53 -11.79 -53.20
CA LYS A 4882 14.31 -11.02 -53.34
C LYS A 4882 13.49 -11.01 -52.05
N GLU A 4883 13.36 -12.17 -51.43
CA GLU A 4883 12.60 -12.28 -50.20
C GLU A 4883 13.25 -11.48 -49.08
N ASP A 4884 14.56 -11.61 -48.94
CA ASP A 4884 15.26 -10.94 -47.85
C ASP A 4884 15.28 -9.44 -48.03
N MET A 4885 15.19 -8.97 -49.27
CA MET A 4885 14.91 -7.57 -49.47
C MET A 4885 13.49 -7.24 -49.03
N GLU A 4886 12.55 -8.13 -49.32
CA GLU A 4886 11.14 -7.81 -49.11
C GLU A 4886 10.61 -8.30 -47.77
N THR A 4887 11.47 -8.84 -46.93
CA THR A 4887 11.13 -9.08 -45.53
C THR A 4887 11.31 -7.78 -44.76
N LYS A 4888 11.58 -7.93 -43.46
CA LYS A 4888 12.10 -6.90 -42.58
C LYS A 4888 13.22 -6.07 -43.18
N CYS A 4889 13.45 -4.89 -42.61
CA CYS A 4889 14.24 -3.83 -43.21
C CYS A 4889 15.69 -4.22 -43.43
N PHE A 4890 16.40 -3.35 -44.13
CA PHE A 4890 17.82 -3.54 -44.17
C PHE A 4890 18.47 -2.96 -42.93
N ILE A 4891 17.93 -1.86 -42.43
CA ILE A 4891 18.70 -1.02 -41.52
C ILE A 4891 18.40 -1.42 -40.10
N CYS A 4892 17.17 -1.22 -39.67
CA CYS A 4892 16.78 -1.81 -38.40
C CYS A 4892 16.63 -3.30 -38.60
N GLY A 4893 15.80 -3.68 -39.57
CA GLY A 4893 15.69 -5.06 -39.97
C GLY A 4893 15.04 -5.89 -38.90
N ILE A 4894 13.79 -5.61 -38.60
CA ILE A 4894 13.13 -6.16 -37.44
C ILE A 4894 11.97 -7.05 -37.85
N GLY A 4895 10.98 -6.49 -38.52
CA GLY A 4895 9.87 -7.29 -38.96
C GLY A 4895 9.06 -6.58 -40.01
N ASN A 4896 8.90 -7.23 -41.15
CA ASN A 4896 7.96 -6.78 -42.16
C ASN A 4896 6.56 -6.71 -41.58
N ASP A 4897 6.20 -7.74 -40.80
CA ASP A 4897 4.97 -7.73 -40.03
C ASP A 4897 4.98 -6.65 -38.98
N TYR A 4898 6.15 -6.35 -38.42
CA TYR A 4898 6.18 -5.59 -37.19
C TYR A 4898 5.90 -4.13 -37.44
N PHE A 4899 6.52 -3.56 -38.46
CA PHE A 4899 6.16 -2.19 -38.80
C PHE A 4899 4.95 -2.12 -39.68
N ASP A 4900 4.42 -3.26 -40.11
CA ASP A 4900 3.06 -3.27 -40.61
C ASP A 4900 2.10 -3.95 -39.66
N THR A 4901 2.42 -3.99 -38.37
CA THR A 4901 1.40 -4.25 -37.37
C THR A 4901 0.31 -3.19 -37.45
N VAL A 4902 0.71 -1.92 -37.46
CA VAL A 4902 -0.18 -0.87 -37.93
C VAL A 4902 -0.25 -0.93 -39.45
N PRO A 4903 -1.44 -0.91 -40.03
CA PRO A 4903 -1.58 -1.12 -41.47
C PRO A 4903 -0.94 -0.02 -42.29
N HIS A 4904 -0.41 -0.45 -43.43
CA HIS A 4904 0.32 0.38 -44.38
C HIS A 4904 1.52 1.08 -43.75
N GLY A 4905 2.17 0.43 -42.80
CA GLY A 4905 3.24 1.09 -42.09
C GLY A 4905 4.61 0.73 -42.60
N PHE A 4906 4.87 -0.57 -42.77
CA PHE A 4906 6.23 -1.06 -42.91
C PHE A 4906 6.90 -0.55 -44.17
N GLU A 4907 6.15 -0.46 -45.25
CA GLU A 4907 6.70 0.10 -46.48
C GLU A 4907 7.00 1.57 -46.31
N THR A 4908 6.14 2.27 -45.59
CA THR A 4908 6.42 3.66 -45.30
C THR A 4908 7.46 3.77 -44.24
N HIS A 4909 7.49 2.80 -43.33
CA HIS A 4909 8.56 2.74 -42.34
C HIS A 4909 9.91 2.59 -43.03
N THR A 4910 9.94 1.82 -44.10
CA THR A 4910 11.13 1.76 -44.93
C THR A 4910 11.39 3.11 -45.58
N LEU A 4911 10.40 3.59 -46.32
CA LEU A 4911 10.48 4.81 -47.13
C LEU A 4911 10.72 6.06 -46.34
N GLN A 4912 10.54 6.04 -45.03
CA GLN A 4912 10.77 7.20 -44.20
C GLN A 4912 11.78 6.94 -43.10
N GLU A 4913 11.58 5.91 -42.28
CA GLU A 4913 12.50 5.65 -41.20
C GLU A 4913 13.80 5.05 -41.69
N HIS A 4914 13.84 4.53 -42.90
CA HIS A 4914 15.12 3.99 -43.27
C HIS A 4914 15.62 4.45 -44.62
N ASN A 4915 14.74 4.53 -45.62
CA ASN A 4915 14.81 5.31 -46.87
C ASN A 4915 16.20 5.51 -47.46
N LEU A 4916 16.92 4.41 -47.60
CA LEU A 4916 18.37 4.29 -47.53
C LEU A 4916 19.16 5.34 -48.31
N ALA A 4917 18.60 5.81 -49.42
CA ALA A 4917 19.22 6.87 -50.17
C ALA A 4917 19.27 8.18 -49.39
N ASN A 4918 18.39 8.35 -48.41
CA ASN A 4918 18.40 9.58 -47.66
C ASN A 4918 19.60 9.71 -46.76
N TYR A 4919 20.17 8.60 -46.32
CA TYR A 4919 21.37 8.69 -45.53
C TYR A 4919 22.53 9.15 -46.38
N LEU A 4920 22.54 8.72 -47.63
CA LEU A 4920 23.50 9.23 -48.58
C LEU A 4920 23.30 10.70 -48.81
N PHE A 4921 22.04 11.10 -49.01
CA PHE A 4921 21.69 12.51 -49.17
C PHE A 4921 22.15 13.32 -47.98
N PHE A 4922 22.03 12.74 -46.81
CA PHE A 4922 22.44 13.38 -45.59
C PHE A 4922 23.94 13.55 -45.56
N LEU A 4923 24.65 12.59 -46.12
CA LEU A 4923 26.09 12.74 -46.16
C LEU A 4923 26.49 13.84 -47.12
N MET A 4924 25.74 13.99 -48.22
CA MET A 4924 25.95 15.14 -49.09
C MET A 4924 25.70 16.42 -48.33
N TYR A 4925 24.66 16.40 -47.52
CA TYR A 4925 24.27 17.55 -46.73
C TYR A 4925 25.38 17.93 -45.75
N LEU A 4926 25.98 16.92 -45.14
CA LEU A 4926 27.00 17.20 -44.15
C LEU A 4926 28.28 17.65 -44.81
N ILE A 4927 28.73 16.93 -45.82
CA ILE A 4927 29.93 17.30 -46.56
C ILE A 4927 29.76 18.61 -47.31
N ASN A 4928 28.52 19.03 -47.49
CA ASN A 4928 28.24 20.31 -48.07
C ASN A 4928 28.59 21.44 -47.11
N LYS A 4929 27.99 21.42 -45.92
CA LYS A 4929 28.02 22.59 -45.07
C LYS A 4929 29.26 22.62 -44.19
N ASP A 4930 29.29 23.54 -43.24
CA ASP A 4930 30.46 23.79 -42.41
C ASP A 4930 30.18 23.48 -40.95
N GLU A 4931 31.18 22.90 -40.31
CA GLU A 4931 31.09 22.43 -38.93
C GLU A 4931 30.90 23.54 -37.93
N THR A 4932 31.27 24.77 -38.30
CA THR A 4932 30.92 25.97 -37.57
C THR A 4932 29.43 26.17 -37.45
N GLU A 4933 28.64 25.53 -38.30
CA GLU A 4933 27.21 25.67 -38.30
C GLU A 4933 26.54 24.32 -38.10
N HIS A 4934 27.30 23.32 -37.71
CA HIS A 4934 26.71 22.04 -37.40
C HIS A 4934 25.94 22.13 -36.10
N THR A 4935 24.86 21.37 -36.01
CA THR A 4935 24.34 21.13 -34.68
C THR A 4935 25.13 20.01 -34.03
N GLY A 4936 24.76 19.75 -32.77
CA GLY A 4936 25.45 18.75 -32.00
C GLY A 4936 25.28 17.37 -32.58
N GLN A 4937 24.09 17.10 -33.12
CA GLN A 4937 23.89 15.88 -33.88
C GLN A 4937 24.78 15.89 -35.10
N GLU A 4938 24.81 17.03 -35.78
CA GLU A 4938 25.48 17.13 -37.05
C GLU A 4938 26.97 16.99 -36.89
N SER A 4939 27.54 17.86 -36.05
CA SER A 4939 28.95 17.76 -35.72
C SER A 4939 29.29 16.42 -35.09
N TYR A 4940 28.35 15.87 -34.32
CA TYR A 4940 28.59 14.63 -33.61
C TYR A 4940 28.79 13.49 -34.59
N VAL A 4941 27.81 13.26 -35.44
CA VAL A 4941 27.89 12.17 -36.37
C VAL A 4941 28.92 12.46 -37.44
N TRP A 4942 29.21 13.74 -37.68
CA TRP A 4942 30.31 14.10 -38.55
C TRP A 4942 31.61 13.57 -37.99
N LYS A 4943 31.79 13.77 -36.71
CA LYS A 4943 32.98 13.30 -36.05
C LYS A 4943 33.01 11.79 -35.97
N MET A 4944 31.83 11.18 -35.85
CA MET A 4944 31.75 9.73 -35.85
C MET A 4944 32.24 9.19 -37.18
N TYR A 4945 31.83 9.84 -38.27
CA TYR A 4945 32.30 9.46 -39.58
C TYR A 4945 33.78 9.77 -39.73
N GLN A 4946 34.22 10.86 -39.12
CA GLN A 4946 35.63 11.20 -39.10
C GLN A 4946 36.43 10.13 -38.41
N GLU A 4947 35.84 9.51 -37.41
CA GLU A 4947 36.49 8.42 -36.75
C GLU A 4947 36.37 7.13 -37.52
N ARG A 4948 35.55 7.12 -38.57
CA ARG A 4948 35.24 5.93 -39.35
C ARG A 4948 34.74 4.81 -38.44
N CYS A 4949 33.69 5.12 -37.71
CA CYS A 4949 33.27 4.27 -36.61
C CYS A 4949 31.92 3.62 -36.85
N TRP A 4950 30.90 4.43 -37.20
CA TRP A 4950 29.56 3.97 -37.56
C TRP A 4950 28.91 3.17 -36.46
N GLU A 4951 28.56 3.83 -35.38
CA GLU A 4951 27.80 3.16 -34.34
C GLU A 4951 26.36 3.61 -34.31
N PHE A 4952 26.07 4.75 -34.92
CA PHE A 4952 24.84 5.47 -34.76
C PHE A 4952 23.67 4.86 -35.49
N PHE A 4953 23.89 3.87 -36.27
CA PHE A 4953 22.83 3.31 -37.06
C PHE A 4953 21.91 2.46 -36.21
N PRO A 4954 20.63 2.43 -36.53
CA PRO A 4954 19.67 1.71 -35.68
C PRO A 4954 19.79 0.21 -35.76
N ALA A 4955 20.20 -0.41 -34.66
CA ALA A 4955 20.27 -1.87 -34.62
C ALA A 4955 18.87 -2.47 -34.50
N GLY A 4956 18.21 -2.26 -33.38
CA GLY A 4956 16.95 -2.90 -33.10
C GLY A 4956 15.94 -1.99 -32.42
N ASP A 4957 15.98 -0.72 -32.76
CA ASP A 4957 15.61 0.35 -31.86
C ASP A 4957 14.92 1.49 -32.57
N CYS A 4958 13.90 1.18 -33.37
CA CYS A 4958 13.23 2.21 -34.14
C CYS A 4958 12.30 3.05 -33.28
N PHE A 4959 11.57 3.93 -33.93
CA PHE A 4959 10.82 4.93 -33.21
C PHE A 4959 9.56 4.34 -32.62
N ARG A 4960 8.89 3.50 -33.39
CA ARG A 4960 7.84 2.66 -32.86
C ARG A 4960 8.39 1.79 -31.75
N LYS A 4961 9.59 1.26 -31.95
CA LYS A 4961 10.25 0.49 -30.92
C LYS A 4961 10.61 1.36 -29.74
N GLN A 4962 10.84 2.65 -29.98
CA GLN A 4962 11.25 3.51 -28.90
C GLN A 4962 10.12 3.78 -27.91
N TYR A 4963 8.87 3.77 -28.36
CA TYR A 4963 7.82 4.27 -27.49
C TYR A 4963 6.66 3.29 -27.48
N GLU A 4964 5.61 3.73 -26.78
CA GLU A 4964 4.32 3.04 -26.79
C GLU A 4964 3.26 4.13 -26.92
N GLY B 2 77.34 108.04 6.60
CA GLY B 2 77.12 107.38 7.87
C GLY B 2 77.93 106.11 8.02
N VAL B 3 78.65 105.75 6.97
CA VAL B 3 79.52 104.58 6.96
C VAL B 3 80.87 105.02 6.40
N GLU B 4 81.94 104.61 7.07
CA GLU B 4 83.27 105.06 6.71
C GLU B 4 84.14 103.85 6.43
N ILE B 5 84.90 103.94 5.35
CA ILE B 5 85.40 102.78 4.62
C ILE B 5 86.83 103.05 4.22
N GLU B 6 87.73 102.13 4.54
CA GLU B 6 89.13 102.30 4.21
C GLU B 6 89.39 101.92 2.76
N THR B 7 90.12 102.79 2.07
CA THR B 7 90.58 102.49 0.73
C THR B 7 91.63 101.39 0.76
N ILE B 8 91.41 100.34 -0.02
CA ILE B 8 92.40 99.28 -0.15
C ILE B 8 93.41 99.72 -1.19
N SER B 9 92.98 99.78 -2.45
CA SER B 9 93.98 100.29 -3.38
C SER B 9 93.64 101.72 -3.70
N PRO B 10 94.59 102.63 -3.61
CA PRO B 10 94.35 103.98 -4.11
C PRO B 10 94.17 103.98 -5.62
N GLY B 11 93.22 104.79 -6.07
CA GLY B 11 93.04 105.00 -7.49
C GLY B 11 93.49 106.36 -7.93
N ASP B 12 92.54 107.29 -8.08
CA ASP B 12 92.88 108.65 -8.44
C ASP B 12 92.28 109.71 -7.54
N GLY B 13 91.28 109.38 -6.72
CA GLY B 13 90.75 110.32 -5.77
C GLY B 13 89.72 111.29 -6.34
N ARG B 14 90.17 112.11 -7.30
CA ARG B 14 89.36 113.24 -7.74
C ARG B 14 88.28 112.85 -8.73
N THR B 15 88.46 111.79 -9.52
CA THR B 15 87.46 111.40 -10.51
C THR B 15 86.50 110.39 -9.88
N PHE B 16 86.00 110.81 -8.78
CA PHE B 16 85.08 110.12 -7.91
C PHE B 16 83.73 109.96 -8.60
N PRO B 17 82.95 108.95 -8.18
CA PRO B 17 81.61 108.79 -8.74
C PRO B 17 80.69 109.93 -8.33
N LYS B 18 80.12 110.57 -9.33
CA LYS B 18 79.24 111.71 -9.15
C LYS B 18 77.97 111.41 -9.92
N LYS B 19 76.96 112.26 -9.75
CA LYS B 19 75.70 112.14 -10.46
C LYS B 19 75.89 112.20 -11.96
N GLY B 20 74.97 111.57 -12.68
CA GLY B 20 75.12 111.46 -14.12
C GLY B 20 76.19 110.49 -14.56
N GLN B 21 76.74 109.69 -13.64
CA GLN B 21 77.78 108.72 -13.96
C GLN B 21 77.34 107.36 -13.44
N THR B 22 77.28 106.38 -14.32
CA THR B 22 76.85 105.04 -13.95
C THR B 22 78.04 104.27 -13.40
N CYS B 23 77.87 103.70 -12.20
CA CYS B 23 78.99 103.11 -11.47
C CYS B 23 79.33 101.74 -12.00
N VAL B 24 80.18 101.72 -13.03
CA VAL B 24 80.75 100.49 -13.54
C VAL B 24 81.72 99.93 -12.52
N VAL B 25 81.32 98.90 -11.81
CA VAL B 25 82.16 98.32 -10.77
C VAL B 25 82.19 96.81 -10.92
N HIS B 26 83.32 96.24 -10.55
CA HIS B 26 83.45 94.81 -10.40
C HIS B 26 83.87 94.56 -8.96
N TYR B 27 83.21 93.62 -8.31
CA TYR B 27 83.27 93.59 -6.85
C TYR B 27 82.85 92.23 -6.34
N THR B 28 83.02 92.06 -5.03
CA THR B 28 82.37 90.99 -4.31
C THR B 28 81.80 91.50 -3.00
N GLY B 29 80.95 90.68 -2.40
CA GLY B 29 80.37 90.96 -1.12
C GLY B 29 80.33 89.72 -0.25
N MET B 30 80.96 89.80 0.91
CA MET B 30 81.07 88.68 1.82
C MET B 30 80.47 89.07 3.16
N LEU B 31 80.37 88.12 4.07
CA LEU B 31 79.69 88.42 5.32
C LEU B 31 80.58 89.18 6.29
N GLN B 32 80.00 89.43 7.47
CA GLN B 32 80.80 89.75 8.64
C GLN B 32 81.81 88.66 8.91
N ASN B 33 81.35 87.41 8.91
CA ASN B 33 82.26 86.29 9.01
C ASN B 33 83.03 86.11 7.71
N GLY B 34 82.52 86.64 6.63
CA GLY B 34 83.21 86.65 5.37
C GLY B 34 82.71 85.68 4.35
N LYS B 35 81.51 85.15 4.51
CA LYS B 35 80.99 84.19 3.56
C LYS B 35 80.62 84.91 2.28
N LYS B 36 81.30 84.55 1.19
CA LYS B 36 81.27 85.29 -0.06
C LYS B 36 79.91 85.08 -0.72
N PHE B 37 78.91 85.73 -0.18
CA PHE B 37 77.55 85.53 -0.67
C PHE B 37 77.35 86.20 -2.01
N ASP B 38 78.04 87.31 -2.27
CA ASP B 38 77.86 88.01 -3.52
C ASP B 38 79.21 88.32 -4.15
N SER B 39 79.22 88.29 -5.48
CA SER B 39 80.41 88.57 -6.26
C SER B 39 80.01 88.89 -7.68
N SER B 40 80.42 90.05 -8.17
CA SER B 40 80.33 90.29 -9.61
C SER B 40 81.29 89.39 -10.35
N ARG B 41 82.40 89.06 -9.70
CA ARG B 41 83.40 88.18 -10.26
C ARG B 41 82.89 86.76 -10.37
N ASP B 42 81.84 86.42 -9.60
CA ASP B 42 81.15 85.16 -9.81
C ASP B 42 80.56 85.10 -11.21
N ARG B 43 79.74 86.09 -11.56
CA ARG B 43 79.16 86.13 -12.89
C ARG B 43 80.10 86.75 -13.91
N ASN B 44 81.25 87.26 -13.47
CA ASN B 44 82.30 87.80 -14.33
C ASN B 44 81.80 88.95 -15.18
N LYS B 45 80.86 89.70 -14.63
CA LYS B 45 80.18 90.73 -15.34
C LYS B 45 80.13 91.93 -14.40
N PRO B 46 80.52 93.11 -14.88
CA PRO B 46 80.62 94.27 -13.99
C PRO B 46 79.26 94.83 -13.65
N PHE B 47 79.06 95.10 -12.37
CA PHE B 47 77.87 95.81 -11.96
C PHE B 47 77.97 97.26 -12.41
N LYS B 48 76.86 97.78 -12.90
CA LYS B 48 76.76 99.17 -13.30
C LYS B 48 75.47 99.73 -12.77
N PHE B 49 75.53 100.90 -12.14
CA PHE B 49 74.30 101.57 -11.77
C PHE B 49 74.52 103.07 -11.72
N ARG B 50 73.50 103.81 -12.10
CA ARG B 50 73.56 105.25 -12.15
C ARG B 50 73.27 105.84 -10.78
N ILE B 51 74.08 106.82 -10.38
CA ILE B 51 73.84 107.55 -9.15
C ILE B 51 72.56 108.34 -9.28
N GLY B 52 71.76 108.36 -8.21
CA GLY B 52 70.49 109.03 -8.17
C GLY B 52 69.33 108.08 -8.28
N LYS B 53 69.54 106.93 -8.89
CA LYS B 53 68.55 105.88 -8.89
C LYS B 53 68.29 105.36 -7.47
N GLN B 54 69.36 105.24 -6.68
CA GLN B 54 69.35 104.70 -5.33
C GLN B 54 68.78 103.27 -5.34
N GLU B 55 69.48 102.42 -6.08
CA GLU B 55 69.17 101.01 -6.15
C GLU B 55 69.74 100.23 -4.98
N VAL B 56 70.83 100.73 -4.41
CA VAL B 56 71.60 99.98 -3.42
C VAL B 56 71.36 100.61 -2.07
N ILE B 57 71.97 100.04 -1.04
CA ILE B 57 71.88 100.66 0.28
C ILE B 57 72.66 101.97 0.29
N LYS B 58 72.33 102.80 1.27
CA LYS B 58 72.87 104.15 1.29
C LYS B 58 74.35 104.15 1.63
N GLY B 59 74.78 103.18 2.44
CA GLY B 59 76.20 103.02 2.68
C GLY B 59 76.95 102.65 1.42
N PHE B 60 76.28 101.94 0.52
CA PHE B 60 76.95 101.52 -0.70
C PHE B 60 77.19 102.69 -1.65
N GLU B 61 76.16 103.50 -1.90
CA GLU B 61 76.35 104.68 -2.73
C GLU B 61 77.23 105.71 -2.05
N GLU B 62 77.19 105.75 -0.72
CA GLU B 62 78.05 106.67 0.02
C GLU B 62 79.51 106.29 -0.14
N GLY B 63 79.83 105.00 -0.01
CA GLY B 63 81.17 104.55 -0.26
C GLY B 63 81.54 104.63 -1.72
N ALA B 64 80.55 104.57 -2.60
CA ALA B 64 80.78 104.73 -4.02
C ALA B 64 81.31 106.12 -4.32
N ALA B 65 80.52 107.15 -4.01
CA ALA B 65 80.94 108.52 -4.21
C ALA B 65 82.14 108.89 -3.33
N GLN B 66 82.30 108.20 -2.21
CA GLN B 66 83.49 108.33 -1.39
C GLN B 66 84.72 107.82 -2.13
N MET B 67 84.57 106.77 -2.92
CA MET B 67 85.69 106.19 -3.66
C MET B 67 86.01 107.03 -4.90
N SER B 68 86.83 106.48 -5.79
CA SER B 68 87.11 107.07 -7.08
C SER B 68 87.63 105.98 -8.02
N LEU B 69 88.20 106.39 -9.14
CA LEU B 69 88.44 105.48 -10.25
C LEU B 69 89.71 104.69 -10.07
N GLY B 70 89.63 103.39 -10.33
CA GLY B 70 90.75 102.52 -10.11
C GLY B 70 91.09 102.35 -8.65
N GLN B 71 90.14 102.63 -7.78
CA GLN B 71 90.37 102.68 -6.36
C GLN B 71 89.61 101.55 -5.71
N ARG B 72 90.31 100.72 -4.95
CA ARG B 72 89.71 99.64 -4.22
C ARG B 72 89.54 100.05 -2.78
N ALA B 73 88.44 99.66 -2.18
CA ALA B 73 88.18 99.99 -0.79
C ALA B 73 87.47 98.83 -0.13
N LYS B 74 87.65 98.71 1.19
CA LYS B 74 87.02 97.65 1.96
C LYS B 74 85.70 98.17 2.48
N LEU B 75 84.68 98.03 1.65
CA LEU B 75 83.38 98.60 1.96
C LEU B 75 82.72 97.76 3.02
N THR B 76 82.53 98.34 4.19
CA THR B 76 82.00 97.64 5.36
C THR B 76 80.85 98.45 5.93
N CYS B 77 79.65 98.12 5.49
CA CYS B 77 78.50 98.94 5.83
C CYS B 77 77.97 98.60 7.21
N THR B 78 77.18 99.53 7.74
CA THR B 78 76.36 99.24 8.90
C THR B 78 75.29 98.25 8.49
N PRO B 79 74.92 97.30 9.38
CA PRO B 79 73.71 96.52 9.13
C PRO B 79 72.49 97.38 8.96
N ASP B 80 72.41 98.45 9.73
CA ASP B 80 71.23 99.28 9.73
C ASP B 80 71.10 100.09 8.46
N VAL B 81 72.22 100.47 7.85
CA VAL B 81 72.11 101.16 6.57
C VAL B 81 71.82 100.16 5.46
N ALA B 82 72.07 98.88 5.71
CA ALA B 82 71.57 97.80 4.90
C ALA B 82 70.20 97.39 5.42
N TYR B 83 69.74 96.19 5.08
CA TYR B 83 68.37 95.78 5.41
C TYR B 83 68.19 95.54 6.91
N GLY B 84 69.29 95.33 7.63
CA GLY B 84 69.24 95.32 9.08
C GLY B 84 68.60 94.12 9.71
N ALA B 85 67.76 94.38 10.72
CA ALA B 85 67.07 93.31 11.42
C ALA B 85 66.05 92.63 10.54
N THR B 86 65.61 93.28 9.47
CA THR B 86 64.94 92.55 8.41
C THR B 86 65.90 91.59 7.76
N GLY B 87 66.96 92.13 7.16
CA GLY B 87 67.84 91.32 6.34
C GLY B 87 67.21 91.05 4.98
N HIS B 88 68.05 90.58 4.09
CA HIS B 88 67.57 90.05 2.83
C HIS B 88 66.84 88.76 3.12
N PRO B 89 65.55 88.67 2.85
CA PRO B 89 64.72 87.62 3.44
C PRO B 89 64.95 86.25 2.86
N GLY B 90 65.87 85.52 3.46
CA GLY B 90 66.18 84.19 3.00
C GLY B 90 67.66 84.18 2.69
N VAL B 91 68.23 85.37 2.64
CA VAL B 91 69.65 85.54 2.36
C VAL B 91 70.38 86.06 3.57
N ILE B 92 70.09 87.29 3.98
CA ILE B 92 70.85 87.97 5.01
C ILE B 92 70.08 87.86 6.33
N PRO B 93 70.73 87.41 7.40
CA PRO B 93 70.07 87.34 8.69
C PRO B 93 69.82 88.74 9.24
N PRO B 94 69.05 88.83 10.33
CA PRO B 94 68.88 90.12 11.01
C PRO B 94 70.18 90.72 11.50
N ASN B 95 70.43 91.98 11.09
CA ASN B 95 71.43 92.88 11.63
C ASN B 95 72.85 92.32 11.47
N ALA B 96 73.26 92.24 10.22
CA ALA B 96 74.58 91.74 9.88
C ALA B 96 75.41 92.85 9.27
N THR B 97 76.61 93.05 9.81
CA THR B 97 77.57 93.93 9.16
C THR B 97 78.09 93.25 7.92
N LEU B 98 78.05 93.95 6.80
CA LEU B 98 78.40 93.35 5.52
C LEU B 98 79.64 94.00 4.96
N ILE B 99 80.61 93.17 4.59
CA ILE B 99 81.91 93.62 4.15
C ILE B 99 82.03 93.35 2.67
N PHE B 100 82.44 94.35 1.92
CA PHE B 100 82.57 94.20 0.48
C PHE B 100 83.98 94.55 0.04
N ASP B 101 84.23 94.26 -1.22
CA ASP B 101 85.51 94.59 -1.86
C ASP B 101 85.16 95.07 -3.26
N VAL B 102 85.13 96.38 -3.43
CA VAL B 102 84.67 97.02 -4.65
C VAL B 102 85.81 97.83 -5.23
N GLU B 103 85.90 97.85 -6.56
CA GLU B 103 86.79 98.77 -7.25
C GLU B 103 86.06 99.36 -8.43
N LEU B 104 86.18 100.66 -8.61
CA LEU B 104 85.51 101.34 -9.71
C LEU B 104 86.21 101.04 -11.02
N LEU B 105 85.43 100.84 -12.08
CA LEU B 105 85.96 100.61 -13.40
C LEU B 105 85.71 101.77 -14.35
N ASN B 106 84.49 102.30 -14.38
CA ASN B 106 84.18 103.42 -15.25
C ASN B 106 83.02 104.23 -14.68
N LEU B 107 82.88 105.44 -15.22
CA LEU B 107 81.81 106.36 -14.88
C LEU B 107 81.16 106.85 -16.16
N GLU B 108 79.84 106.95 -16.16
CA GLU B 108 79.14 107.24 -17.41
C GLU B 108 78.42 108.56 -17.40
N GLN C 12 0.58 -28.37 20.73
CA GLN C 12 -0.85 -28.62 20.79
C GLN C 12 -1.10 -29.99 21.39
N PHE C 13 -0.17 -30.91 21.19
CA PHE C 13 -0.28 -32.24 21.75
C PHE C 13 1.03 -32.66 22.39
N LEU C 14 1.12 -33.91 22.84
CA LEU C 14 2.25 -34.38 23.62
C LEU C 14 2.88 -35.59 22.97
N ARG C 15 4.19 -35.66 23.02
CA ARG C 15 4.93 -36.78 22.46
C ARG C 15 5.83 -37.28 23.56
N THR C 16 6.78 -38.15 23.25
CA THR C 16 7.79 -38.41 24.25
C THR C 16 8.74 -37.23 24.34
N ASP C 17 9.57 -37.27 25.39
CA ASP C 17 10.59 -36.26 25.68
C ASP C 17 9.96 -34.89 25.88
N ASP C 18 8.86 -34.87 26.61
CA ASP C 18 8.07 -33.67 26.78
C ASP C 18 7.99 -33.30 28.25
N GLU C 19 8.13 -32.02 28.54
CA GLU C 19 8.19 -31.54 29.92
C GLU C 19 6.93 -30.76 30.27
N VAL C 20 6.14 -31.32 31.17
CA VAL C 20 5.00 -30.64 31.77
C VAL C 20 5.12 -30.78 33.27
N VAL C 21 4.10 -30.29 33.97
CA VAL C 21 3.94 -30.50 35.39
C VAL C 21 2.56 -31.06 35.63
N LEU C 22 2.24 -31.22 36.91
CA LEU C 22 0.96 -31.75 37.35
C LEU C 22 0.44 -30.87 38.46
N GLN C 23 -0.73 -30.28 38.27
CA GLN C 23 -1.26 -29.44 39.32
C GLN C 23 -2.72 -29.72 39.55
N CYS C 24 -3.15 -29.43 40.77
CA CYS C 24 -4.54 -29.10 41.08
C CYS C 24 -4.56 -27.79 41.83
N THR C 25 -5.64 -27.04 41.63
CA THR C 25 -5.97 -25.92 42.51
C THR C 25 -6.92 -26.41 43.60
N ALA C 26 -6.43 -27.38 44.36
CA ALA C 26 -7.28 -28.17 45.26
C ALA C 26 -7.77 -27.33 46.42
N THR C 27 -8.73 -27.88 47.15
CA THR C 27 -9.43 -27.13 48.17
C THR C 27 -9.07 -27.59 49.57
N ILE C 28 -8.83 -26.62 50.44
CA ILE C 28 -9.01 -26.75 51.87
C ILE C 28 -9.92 -25.58 52.21
N HIS C 29 -11.22 -25.87 52.35
CA HIS C 29 -12.28 -24.88 52.54
C HIS C 29 -12.30 -23.88 51.38
N LYS C 30 -12.70 -24.42 50.22
CA LYS C 30 -12.91 -23.67 48.98
C LYS C 30 -11.64 -23.01 48.49
N GLU C 31 -10.50 -23.60 48.82
CA GLU C 31 -9.25 -23.07 48.31
C GLU C 31 -9.13 -23.40 46.84
N GLN C 32 -8.60 -22.46 46.08
CA GLN C 32 -8.11 -22.78 44.76
C GLN C 32 -6.60 -22.97 44.83
N GLN C 33 -6.21 -23.86 45.74
CA GLN C 33 -4.84 -23.89 46.20
C GLN C 33 -4.01 -24.64 45.18
N LYS C 34 -3.24 -23.87 44.40
CA LYS C 34 -2.60 -24.33 43.19
C LYS C 34 -1.44 -25.25 43.57
N LEU C 35 -1.81 -26.46 43.95
CA LEU C 35 -0.89 -27.40 44.60
C LEU C 35 -0.35 -28.33 43.54
N CYS C 36 0.93 -28.18 43.24
CA CYS C 36 1.61 -29.10 42.34
C CYS C 36 2.39 -30.11 43.17
N LEU C 37 2.55 -31.30 42.61
CA LEU C 37 3.32 -32.33 43.28
C LEU C 37 4.79 -32.06 43.04
N ALA C 38 5.53 -31.82 44.10
CA ALA C 38 6.96 -31.57 44.00
C ALA C 38 7.69 -32.66 44.75
N ALA C 39 8.74 -33.18 44.14
CA ALA C 39 9.53 -34.25 44.72
C ALA C 39 10.82 -33.68 45.27
N GLU C 40 11.34 -34.34 46.30
CA GLU C 40 12.59 -33.88 46.89
C GLU C 40 13.78 -34.40 46.09
N GLY C 41 13.99 -35.71 46.11
CA GLY C 41 15.18 -36.30 45.52
C GLY C 41 16.48 -35.94 46.22
N PHE C 42 17.55 -36.66 45.83
CA PHE C 42 18.93 -36.42 46.29
C PHE C 42 19.04 -36.40 47.81
N GLY C 43 18.26 -37.24 48.48
CA GLY C 43 18.28 -37.24 49.92
C GLY C 43 16.94 -37.53 50.56
N ASN C 44 15.87 -37.55 49.77
CA ASN C 44 14.61 -38.09 50.25
C ASN C 44 13.80 -38.61 49.08
N ARG C 45 13.13 -39.73 49.30
CA ARG C 45 12.44 -40.46 48.26
C ARG C 45 10.95 -40.21 48.25
N LEU C 46 10.51 -39.14 48.88
CA LEU C 46 9.09 -38.83 48.92
C LEU C 46 8.83 -37.51 48.21
N CYS C 47 7.63 -37.40 47.69
CA CYS C 47 7.16 -36.20 47.03
C CYS C 47 6.16 -35.50 47.92
N PHE C 48 5.72 -34.33 47.49
CA PHE C 48 4.95 -33.47 48.37
C PHE C 48 4.26 -32.41 47.53
N LEU C 49 3.22 -31.85 48.11
CA LEU C 49 2.46 -30.80 47.45
C LEU C 49 3.24 -29.50 47.45
N GLU C 50 2.82 -28.59 46.58
CA GLU C 50 3.52 -27.32 46.45
C GLU C 50 2.55 -26.27 45.92
N SER C 51 2.20 -25.32 46.76
CA SER C 51 1.26 -24.27 46.36
C SER C 51 1.95 -23.24 45.47
N THR C 52 1.37 -23.02 44.30
CA THR C 52 1.89 -22.00 43.40
C THR C 52 0.91 -20.85 43.23
N SER C 53 0.03 -20.64 44.21
CA SER C 53 -1.00 -19.62 44.06
C SER C 53 -0.41 -18.22 44.15
N ASN C 54 0.12 -17.86 45.32
CA ASN C 54 0.77 -16.57 45.47
C ASN C 54 2.24 -16.67 45.08
N SER C 55 2.45 -16.93 43.79
CA SER C 55 3.80 -17.02 43.29
C SER C 55 4.41 -15.66 43.00
N LYS C 56 3.59 -14.61 43.00
CA LYS C 56 4.14 -13.27 42.83
C LYS C 56 4.74 -12.75 44.11
N ASN C 57 4.44 -13.40 45.23
CA ASN C 57 4.98 -13.00 46.52
C ASN C 57 5.54 -14.13 47.32
N VAL C 58 5.24 -15.38 46.97
CA VAL C 58 6.05 -16.54 47.35
C VAL C 58 6.22 -17.37 46.08
N PRO C 59 7.18 -17.06 45.20
CA PRO C 59 7.43 -17.92 44.04
C PRO C 59 8.01 -19.26 44.45
N PRO C 60 7.28 -20.35 44.23
CA PRO C 60 7.80 -21.66 44.61
C PRO C 60 8.80 -22.17 43.60
N ASP C 61 9.50 -23.24 43.99
CA ASP C 61 10.43 -23.89 43.07
C ASP C 61 9.67 -24.63 41.99
N LEU C 62 10.31 -24.72 40.84
CA LEU C 62 9.77 -25.47 39.72
C LEU C 62 10.63 -26.65 39.36
N SER C 63 11.95 -26.51 39.52
CA SER C 63 12.89 -27.56 39.18
C SER C 63 12.72 -28.79 40.05
N ILE C 64 12.07 -28.65 41.21
CA ILE C 64 11.74 -29.80 42.03
C ILE C 64 10.41 -30.42 41.66
N CYS C 65 9.73 -29.90 40.63
CA CYS C 65 8.44 -30.44 40.27
C CYS C 65 8.23 -30.55 38.76
N THR C 66 9.29 -30.56 37.97
CA THR C 66 9.14 -30.77 36.54
C THR C 66 9.54 -32.19 36.17
N PHE C 67 8.85 -32.72 35.17
CA PHE C 67 9.01 -34.12 34.79
C PHE C 67 8.95 -34.23 33.28
N VAL C 68 9.66 -35.22 32.76
CA VAL C 68 9.78 -35.43 31.33
C VAL C 68 9.12 -36.76 31.00
N LEU C 69 8.32 -36.77 29.94
CA LEU C 69 7.69 -38.00 29.48
C LEU C 69 8.77 -38.90 28.92
N GLU C 70 9.13 -39.90 29.70
CA GLU C 70 10.24 -40.76 29.32
C GLU C 70 9.82 -41.71 28.22
N GLN C 71 8.74 -42.47 28.44
CA GLN C 71 8.29 -43.41 27.43
C GLN C 71 6.82 -43.73 27.64
N SER C 72 5.98 -43.24 26.74
CA SER C 72 4.60 -43.70 26.66
C SER C 72 4.54 -44.93 25.78
N LEU C 73 3.76 -45.92 26.20
CA LEU C 73 3.71 -47.18 25.48
C LEU C 73 2.32 -47.77 25.61
N SER C 74 2.04 -48.73 24.73
CA SER C 74 0.81 -49.49 24.87
C SER C 74 0.90 -50.42 26.06
N VAL C 75 -0.27 -50.80 26.56
CA VAL C 75 -0.30 -51.79 27.62
C VAL C 75 0.12 -53.15 27.10
N ARG C 76 -0.12 -53.41 25.82
CA ARG C 76 0.39 -54.62 25.20
C ARG C 76 1.90 -54.61 25.15
N ALA C 77 2.49 -53.43 24.98
CA ALA C 77 3.93 -53.32 24.88
C ALA C 77 4.63 -53.60 26.19
N LEU C 78 3.91 -53.50 27.30
CA LEU C 78 4.56 -53.69 28.59
C LEU C 78 4.93 -55.14 28.83
N GLN C 79 4.18 -56.05 28.26
CA GLN C 79 4.46 -57.46 28.50
C GLN C 79 5.61 -57.95 27.65
N GLU C 80 6.09 -57.13 26.72
CA GLU C 80 7.40 -57.36 26.16
C GLU C 80 8.46 -57.33 27.26
N MET C 81 8.37 -56.35 28.15
CA MET C 81 9.31 -56.28 29.25
C MET C 81 9.09 -57.41 30.25
N LEU C 82 7.87 -57.91 30.31
CA LEU C 82 7.62 -59.14 31.05
C LEU C 82 8.34 -60.29 30.40
N ALA C 83 8.30 -60.35 29.07
CA ALA C 83 9.04 -61.36 28.34
C ALA C 83 10.53 -61.15 28.44
N ASN C 84 10.96 -59.91 28.64
CA ASN C 84 12.34 -59.68 29.01
C ASN C 84 12.58 -60.21 30.41
N THR C 85 13.76 -60.76 30.62
CA THR C 85 14.10 -61.35 31.90
C THR C 85 15.37 -60.74 32.47
N PHE C 100 17.70 -56.27 25.70
CA PHE C 100 17.62 -55.27 26.75
C PHE C 100 17.47 -53.86 26.22
N MET C 101 17.58 -52.90 27.15
CA MET C 101 17.39 -51.47 26.96
C MET C 101 16.04 -51.12 26.37
N MET C 102 15.02 -51.97 26.63
CA MET C 102 13.66 -51.93 26.08
C MET C 102 13.62 -51.49 24.62
N LYS C 103 14.43 -52.18 23.80
CA LYS C 103 14.56 -52.01 22.36
C LYS C 103 15.09 -50.64 21.98
N THR C 104 15.65 -49.90 22.94
CA THR C 104 16.38 -48.65 22.78
C THR C 104 15.61 -47.49 22.16
N ALA C 105 14.34 -47.66 21.84
CA ALA C 105 13.62 -46.46 21.43
C ALA C 105 12.27 -46.24 22.13
N GLN C 106 11.43 -47.28 22.36
CA GLN C 106 11.18 -48.47 21.56
C GLN C 106 10.33 -48.06 20.38
N GLY C 107 10.80 -48.34 19.18
CA GLY C 107 10.08 -47.88 18.01
C GLY C 107 10.77 -46.68 17.37
N GLY C 108 10.22 -45.50 17.58
CA GLY C 108 10.67 -44.32 16.85
C GLY C 108 11.85 -43.61 17.46
N GLY C 109 11.72 -42.33 17.76
CA GLY C 109 10.53 -41.58 17.45
C GLY C 109 9.92 -40.84 18.61
N HIS C 110 8.84 -40.13 18.33
CA HIS C 110 8.21 -39.28 19.32
C HIS C 110 7.07 -39.91 20.07
N ARG C 111 6.34 -40.85 19.43
CA ARG C 111 5.31 -41.67 20.07
C ARG C 111 4.25 -40.78 20.75
N THR C 112 3.59 -40.02 19.89
CA THR C 112 2.68 -38.95 20.30
C THR C 112 1.58 -39.49 21.20
N LEU C 113 1.19 -38.68 22.19
CA LEU C 113 0.51 -39.22 23.35
C LEU C 113 -0.91 -39.64 23.06
N LEU C 114 -1.22 -40.88 23.43
CA LEU C 114 -2.56 -41.38 23.39
C LEU C 114 -3.00 -41.74 24.80
N TYR C 115 -4.28 -41.53 25.03
CA TYR C 115 -4.87 -42.03 26.24
C TYR C 115 -4.89 -43.55 26.21
N GLY C 116 -4.97 -44.15 27.39
CA GLY C 116 -4.83 -45.59 27.44
C GLY C 116 -3.42 -46.02 27.15
N HIS C 117 -2.46 -45.35 27.76
CA HIS C 117 -1.05 -45.72 27.63
C HIS C 117 -0.43 -45.78 29.01
N ALA C 118 0.52 -46.69 29.16
CA ALA C 118 1.39 -46.69 30.33
C ALA C 118 2.60 -45.82 30.05
N ILE C 119 2.99 -45.03 31.04
CA ILE C 119 4.05 -44.07 30.83
C ILE C 119 5.15 -44.27 31.85
N LEU C 120 6.34 -43.91 31.44
CA LEU C 120 7.48 -43.79 32.32
C LEU C 120 7.71 -42.32 32.59
N LEU C 121 7.98 -41.99 33.85
CA LEU C 121 8.15 -40.61 34.27
C LEU C 121 9.37 -40.48 35.15
N ARG C 122 10.15 -39.45 34.91
CA ARG C 122 11.31 -39.15 35.70
C ARG C 122 11.19 -37.75 36.27
N HIS C 123 11.83 -37.55 37.41
CA HIS C 123 12.16 -36.21 37.83
C HIS C 123 13.08 -35.56 36.82
N SER C 124 12.94 -34.26 36.68
CA SER C 124 13.95 -33.52 35.95
C SER C 124 15.26 -33.47 36.73
N TYR C 125 15.23 -32.89 37.93
CA TYR C 125 16.46 -32.39 38.53
C TYR C 125 17.30 -33.52 39.10
N SER C 126 16.80 -34.13 40.17
CA SER C 126 17.44 -35.29 40.73
C SER C 126 17.27 -36.48 39.83
N GLY C 127 16.26 -36.46 38.99
CA GLY C 127 16.15 -37.48 37.99
C GLY C 127 15.73 -38.81 38.52
N MET C 128 15.00 -38.84 39.61
CA MET C 128 14.47 -40.11 40.04
C MET C 128 13.23 -40.44 39.24
N TYR C 129 12.96 -41.72 39.11
CA TYR C 129 11.82 -42.14 38.34
C TYR C 129 10.62 -42.32 39.25
N LEU C 130 9.48 -41.82 38.79
CA LEU C 130 8.30 -41.79 39.62
C LEU C 130 7.73 -43.19 39.78
N CYS C 131 7.64 -43.64 41.01
CA CYS C 131 7.03 -44.92 41.31
C CYS C 131 6.14 -44.73 42.53
N CYS C 132 5.34 -45.74 42.82
CA CYS C 132 4.54 -45.69 44.02
C CYS C 132 5.32 -46.34 45.15
N LEU C 133 4.66 -46.61 46.26
CA LEU C 133 5.28 -47.30 47.37
C LEU C 133 4.46 -48.50 47.76
N SER C 134 5.12 -49.44 48.41
CA SER C 134 4.44 -50.53 49.09
C SER C 134 4.14 -50.17 50.53
N THR C 135 4.16 -48.89 50.88
CA THR C 135 4.07 -48.47 52.26
C THR C 135 2.71 -47.87 52.54
N SER C 136 2.51 -47.57 53.82
CA SER C 136 1.27 -47.03 54.35
C SER C 136 1.56 -45.86 55.27
N ARG C 137 2.38 -44.92 54.79
CA ARG C 137 2.88 -43.86 55.66
C ARG C 137 1.91 -42.70 55.82
N SER C 138 0.68 -43.03 56.18
CA SER C 138 -0.41 -42.12 56.52
C SER C 138 -1.42 -42.96 57.28
N SER C 139 -2.66 -42.48 57.38
CA SER C 139 -3.77 -43.41 57.51
C SER C 139 -3.69 -44.40 56.34
N THR C 140 -3.85 -45.71 56.56
CA THR C 140 -4.57 -46.53 57.59
C THR C 140 -6.00 -46.07 57.96
N ASP C 141 -7.03 -46.16 57.09
CA ASP C 141 -7.08 -46.42 55.62
C ASP C 141 -6.35 -47.64 55.02
N LYS C 142 -6.95 -48.82 55.18
CA LYS C 142 -6.40 -50.10 54.75
C LYS C 142 -5.99 -50.15 53.29
N LEU C 143 -5.34 -51.23 52.87
CA LEU C 143 -4.04 -51.14 52.21
C LEU C 143 -4.03 -50.36 50.90
N ALA C 144 -4.13 -49.05 51.01
CA ALA C 144 -3.74 -48.11 49.98
C ALA C 144 -2.24 -47.86 50.09
N PHE C 145 -1.71 -46.98 49.24
CA PHE C 145 -0.27 -46.95 49.10
C PHE C 145 0.23 -45.54 48.88
N ASP C 146 1.53 -45.39 49.08
CA ASP C 146 2.20 -44.10 49.03
C ASP C 146 3.02 -44.01 47.75
N VAL C 147 3.74 -42.90 47.59
CA VAL C 147 4.35 -42.53 46.33
C VAL C 147 5.86 -42.41 46.52
N GLY C 148 6.61 -43.11 45.68
CA GLY C 148 8.04 -43.07 45.84
C GLY C 148 8.82 -42.54 44.66
N LEU C 149 10.13 -42.78 44.68
CA LEU C 149 11.00 -42.36 43.58
C LEU C 149 12.13 -43.37 43.49
N GLN C 150 11.92 -44.41 42.71
CA GLN C 150 12.94 -45.43 42.57
C GLN C 150 13.74 -45.18 41.30
N GLU C 151 14.82 -45.92 41.16
CA GLU C 151 15.66 -45.80 39.99
C GLU C 151 15.59 -47.04 39.12
N ASP C 152 15.01 -48.11 39.62
CA ASP C 152 14.71 -49.27 38.80
C ASP C 152 13.41 -48.97 38.08
N THR C 153 13.53 -48.50 36.84
CA THR C 153 12.36 -48.28 36.02
C THR C 153 11.69 -49.60 35.65
N THR C 154 12.46 -50.67 35.60
CA THR C 154 11.95 -51.97 35.18
C THR C 154 11.06 -52.59 36.25
N GLY C 155 9.90 -51.99 36.44
CA GLY C 155 8.99 -52.34 37.51
C GLY C 155 7.82 -51.41 37.39
N GLU C 156 6.62 -51.97 37.46
CA GLU C 156 5.45 -51.24 37.03
C GLU C 156 4.84 -50.38 38.12
N ALA C 157 5.53 -50.25 39.24
CA ALA C 157 5.35 -49.07 40.06
C ALA C 157 5.69 -47.82 39.29
N CYS C 158 6.70 -47.89 38.43
CA CYS C 158 7.03 -46.80 37.54
C CYS C 158 6.09 -46.68 36.36
N TRP C 159 5.12 -47.58 36.21
CA TRP C 159 4.29 -47.58 35.03
C TRP C 159 2.88 -47.17 35.40
N TRP C 160 2.26 -46.44 34.48
CA TRP C 160 1.20 -45.51 34.86
C TRP C 160 0.21 -45.41 33.72
N THR C 161 -0.91 -46.10 33.85
CA THR C 161 -1.88 -46.10 32.77
C THR C 161 -2.71 -44.82 32.77
N ILE C 162 -2.96 -44.32 31.57
CA ILE C 162 -3.53 -43.01 31.36
C ILE C 162 -5.03 -43.13 31.18
N HIS C 163 -5.79 -42.34 31.93
CA HIS C 163 -7.23 -42.26 31.74
C HIS C 163 -7.64 -40.81 31.70
N PRO C 164 -8.19 -40.35 30.59
CA PRO C 164 -8.92 -39.09 30.63
C PRO C 164 -10.18 -39.29 31.45
N ALA C 165 -10.45 -38.36 32.35
CA ALA C 165 -11.75 -38.39 32.99
C ALA C 165 -12.74 -37.56 32.20
N SER C 166 -12.87 -37.88 30.92
CA SER C 166 -13.70 -37.11 30.00
C SER C 166 -14.35 -38.07 29.03
N LYS C 167 -15.63 -38.34 29.23
CA LYS C 167 -16.42 -38.94 28.16
C LYS C 167 -16.63 -37.96 27.02
N GLN C 168 -16.47 -36.67 27.28
CA GLN C 168 -16.40 -35.67 26.23
C GLN C 168 -15.17 -35.91 25.36
N ARG C 169 -14.09 -36.35 25.95
CA ARG C 169 -12.98 -36.85 25.17
C ARG C 169 -13.13 -38.36 25.02
N SER C 170 -12.08 -39.04 24.59
CA SER C 170 -12.10 -40.48 24.52
C SER C 170 -10.75 -41.01 24.95
N GLU C 171 -10.65 -42.32 24.96
CA GLU C 171 -9.40 -42.99 25.28
C GLU C 171 -8.86 -43.63 24.02
N GLY C 172 -7.54 -43.62 23.88
CA GLY C 172 -6.91 -44.00 22.64
C GLY C 172 -6.65 -42.86 21.70
N GLU C 173 -7.43 -41.79 21.79
CA GLU C 173 -7.25 -40.63 20.93
C GLU C 173 -6.02 -39.82 21.38
N LYS C 174 -5.71 -38.77 20.64
CA LYS C 174 -4.54 -37.98 20.94
C LYS C 174 -4.75 -37.12 22.17
N VAL C 175 -3.71 -37.01 22.98
CA VAL C 175 -3.75 -36.18 24.17
C VAL C 175 -3.29 -34.79 23.79
N ARG C 176 -4.14 -33.81 24.02
CA ARG C 176 -3.85 -32.44 23.64
C ARG C 176 -2.94 -31.77 24.65
N VAL C 177 -2.83 -30.47 24.54
CA VAL C 177 -2.35 -29.64 25.62
C VAL C 177 -3.56 -29.25 26.45
N GLY C 178 -3.32 -29.05 27.74
CA GLY C 178 -4.34 -28.53 28.64
C GLY C 178 -5.51 -29.45 28.87
N ASP C 179 -5.24 -30.68 29.25
CA ASP C 179 -6.29 -31.66 29.47
C ASP C 179 -6.38 -31.97 30.96
N ASP C 180 -7.24 -32.92 31.32
CA ASP C 180 -7.32 -33.35 32.71
C ASP C 180 -7.53 -34.85 32.79
N LEU C 181 -6.68 -35.50 33.59
CA LEU C 181 -6.53 -36.94 33.50
C LEU C 181 -6.61 -37.61 34.85
N ILE C 182 -6.95 -38.89 34.80
CA ILE C 182 -6.74 -39.81 35.90
C ILE C 182 -5.58 -40.70 35.52
N LEU C 183 -4.55 -40.69 36.36
CA LEU C 183 -3.39 -41.53 36.14
C LEU C 183 -3.38 -42.63 37.17
N VAL C 184 -3.46 -43.86 36.71
CA VAL C 184 -3.61 -45.00 37.59
C VAL C 184 -2.33 -45.82 37.49
N SER C 185 -1.99 -46.51 38.58
CA SER C 185 -0.82 -47.36 38.61
C SER C 185 -1.02 -48.59 37.73
N VAL C 186 0.01 -49.42 37.72
CA VAL C 186 -0.04 -50.73 37.09
C VAL C 186 0.11 -51.84 38.13
N SER C 187 1.15 -51.74 38.95
CA SER C 187 1.37 -52.71 40.01
C SER C 187 0.22 -52.69 41.01
N SER C 188 0.08 -51.57 41.71
CA SER C 188 -1.04 -51.43 42.62
C SER C 188 -2.32 -51.24 41.84
N GLU C 189 -2.21 -50.63 40.65
CA GLU C 189 -3.33 -50.17 39.85
C GLU C 189 -4.27 -49.28 40.64
N ARG C 190 -3.73 -48.53 41.59
CA ARG C 190 -4.52 -47.59 42.37
C ARG C 190 -4.46 -46.25 41.67
N TYR C 191 -5.51 -45.47 41.86
CA TYR C 191 -5.51 -44.18 41.22
C TYR C 191 -4.61 -43.23 42.00
N LEU C 192 -4.24 -42.15 41.34
CA LEU C 192 -3.48 -41.09 42.00
C LEU C 192 -4.43 -40.44 42.99
N HIS C 193 -4.24 -40.74 44.26
CA HIS C 193 -5.10 -40.16 45.27
C HIS C 193 -4.45 -38.93 45.89
N LEU C 194 -5.27 -37.93 46.14
CA LEU C 194 -4.85 -36.73 46.84
C LEU C 194 -5.62 -36.66 48.15
N SER C 195 -4.91 -36.56 49.25
CA SER C 195 -5.52 -36.60 50.57
C SER C 195 -5.13 -35.37 51.39
N TYR C 196 -5.59 -35.37 52.64
CA TYR C 196 -5.55 -34.19 53.49
C TYR C 196 -4.88 -34.47 54.82
N LEU C 201 -2.18 -32.80 54.31
CA LEU C 201 -2.17 -32.82 52.85
C LEU C 201 -1.27 -33.91 52.32
N HIS C 202 -1.88 -34.95 51.77
CA HIS C 202 -1.15 -36.14 51.40
C HIS C 202 -1.35 -36.44 49.93
N VAL C 203 -0.38 -37.16 49.37
CA VAL C 203 -0.41 -37.64 48.00
C VAL C 203 -0.15 -39.13 48.06
N ASP C 204 -1.06 -39.92 47.52
CA ASP C 204 -0.99 -41.34 47.76
C ASP C 204 -1.62 -42.08 46.59
N ALA C 205 -1.65 -43.40 46.71
CA ALA C 205 -2.25 -44.27 45.71
C ALA C 205 -3.37 -45.04 46.36
N ALA C 206 -4.58 -44.89 45.85
CA ALA C 206 -5.72 -45.51 46.49
C ALA C 206 -6.78 -45.77 45.44
N PHE C 207 -7.94 -46.24 45.91
CA PHE C 207 -9.09 -46.52 45.08
C PHE C 207 -9.94 -45.29 44.80
N GLN C 208 -9.35 -44.10 44.91
CA GLN C 208 -9.98 -42.85 44.50
C GLN C 208 -8.93 -42.02 43.81
N GLN C 209 -9.39 -41.03 43.05
CA GLN C 209 -8.56 -40.41 42.04
C GLN C 209 -8.51 -38.91 42.19
N THR C 210 -7.62 -38.33 41.40
CA THR C 210 -7.40 -36.90 41.36
C THR C 210 -7.22 -36.50 39.91
N LEU C 211 -7.90 -35.45 39.47
CA LEU C 211 -7.64 -34.94 38.14
C LEU C 211 -6.30 -34.22 38.13
N TRP C 212 -5.70 -34.11 36.94
CA TRP C 212 -4.38 -33.51 36.89
C TRP C 212 -4.22 -32.63 35.66
N SER C 213 -4.02 -31.35 35.91
CA SER C 213 -3.63 -30.42 34.87
C SER C 213 -2.24 -30.75 34.39
N VAL C 214 -1.99 -30.41 33.13
CA VAL C 214 -0.70 -30.70 32.49
C VAL C 214 -0.21 -29.42 31.84
N ALA C 215 0.50 -28.60 32.59
CA ALA C 215 0.92 -27.32 32.07
C ALA C 215 2.17 -27.52 31.22
N PRO C 216 2.13 -27.18 29.94
CA PRO C 216 3.30 -27.35 29.08
C PRO C 216 4.37 -26.38 29.48
N ILE C 217 5.61 -26.88 29.52
CA ILE C 217 6.75 -26.10 30.00
C ILE C 217 7.78 -25.92 28.89
N SER C 218 8.25 -27.02 28.32
CA SER C 218 9.32 -26.95 27.33
C SER C 218 9.18 -28.17 26.43
N SER C 219 8.89 -27.94 25.15
CA SER C 219 8.91 -28.99 24.15
C SER C 219 9.00 -28.32 22.79
N GLY C 220 9.73 -28.93 21.85
CA GLY C 220 10.72 -29.96 22.09
C GLY C 220 11.26 -30.31 20.72
N SER C 221 12.57 -30.24 20.46
CA SER C 221 13.57 -29.65 21.34
C SER C 221 13.44 -28.13 21.41
N GLU C 222 14.16 -27.56 22.37
CA GLU C 222 13.77 -26.28 22.96
C GLU C 222 14.87 -25.19 22.97
N ALA C 223 15.50 -24.82 21.85
CA ALA C 223 15.30 -25.26 20.47
C ALA C 223 16.68 -25.46 19.87
N ALA C 224 17.67 -24.80 20.45
CA ALA C 224 19.01 -24.79 19.88
C ALA C 224 20.03 -24.56 20.98
N GLN C 225 21.28 -24.86 20.65
CA GLN C 225 22.38 -24.70 21.58
C GLN C 225 22.63 -23.23 21.86
N GLY C 226 22.95 -22.94 23.11
CA GLY C 226 23.35 -21.61 23.55
C GLY C 226 22.27 -20.58 23.36
N TYR C 227 21.19 -20.68 24.12
CA TYR C 227 20.15 -19.69 23.99
C TYR C 227 19.50 -19.41 25.32
N LEU C 228 18.97 -18.20 25.43
CA LEU C 228 18.27 -17.81 26.63
C LEU C 228 16.95 -18.56 26.66
N ILE C 229 16.93 -19.66 27.39
CA ILE C 229 15.78 -20.53 27.49
C ILE C 229 15.42 -20.65 28.95
N GLY C 230 14.13 -20.57 29.26
CA GLY C 230 13.68 -20.34 30.62
C GLY C 230 13.97 -21.49 31.55
N GLY C 231 14.12 -21.15 32.83
CA GLY C 231 14.54 -22.08 33.85
C GLY C 231 16.04 -22.19 34.01
N ASP C 232 16.81 -21.45 33.24
CA ASP C 232 18.25 -21.62 33.19
C ASP C 232 18.93 -21.06 34.44
N VAL C 233 20.04 -21.68 34.79
CA VAL C 233 20.97 -21.15 35.79
C VAL C 233 22.24 -20.78 35.05
N LEU C 234 22.87 -19.68 35.45
CA LEU C 234 23.91 -19.12 34.62
C LEU C 234 24.83 -18.26 35.46
N ARG C 235 25.88 -17.78 34.82
CA ARG C 235 26.80 -16.80 35.37
C ARG C 235 26.58 -15.46 34.71
N LEU C 236 26.99 -14.40 35.40
CA LEU C 236 26.78 -13.03 34.95
C LEU C 236 28.14 -12.38 34.80
N LEU C 237 28.64 -12.40 33.57
CA LEU C 237 30.01 -11.97 33.36
C LEU C 237 30.09 -10.49 33.05
N HIS C 238 31.31 -9.96 33.15
CA HIS C 238 31.55 -8.55 32.89
C HIS C 238 32.60 -8.32 31.82
N GLY C 239 33.62 -9.18 31.74
CA GLY C 239 34.63 -9.03 30.72
C GLY C 239 35.88 -8.36 31.25
N GLU C 243 36.22 -10.60 33.70
CA GLU C 243 35.53 -10.09 34.87
C GLU C 243 34.11 -10.64 34.89
N CYS C 244 33.52 -10.72 36.08
CA CYS C 244 32.18 -11.22 36.29
C CYS C 244 31.66 -10.62 37.58
N LEU C 245 30.66 -11.27 38.16
CA LEU C 245 30.08 -10.80 39.40
C LEU C 245 30.59 -11.63 40.57
N THR C 246 30.37 -11.15 41.79
CA THR C 246 30.54 -12.02 42.94
C THR C 246 29.58 -11.69 44.07
N VAL C 247 29.42 -12.71 44.90
CA VAL C 247 28.70 -12.74 46.16
C VAL C 247 29.86 -12.87 47.15
N PRO C 248 29.76 -12.48 48.41
CA PRO C 248 30.90 -12.68 49.31
C PRO C 248 31.03 -14.15 49.67
N SER C 249 32.08 -14.44 50.44
CA SER C 249 32.32 -15.79 50.89
C SER C 249 31.37 -16.13 52.04
N GLY C 250 31.63 -17.24 52.71
CA GLY C 250 30.75 -17.66 53.78
C GLY C 250 31.04 -16.94 55.07
N GLU C 251 31.10 -17.69 56.16
CA GLU C 251 31.44 -17.21 57.50
C GLU C 251 30.48 -16.10 57.94
N HIS C 252 29.22 -16.49 58.10
CA HIS C 252 28.17 -15.53 58.42
C HIS C 252 27.41 -15.89 59.68
N GLU C 255 26.44 -11.99 57.25
CA GLU C 255 25.56 -11.23 56.39
C GLU C 255 24.71 -12.20 55.58
N GLN C 256 25.07 -13.47 55.69
CA GLN C 256 24.48 -14.58 54.93
C GLN C 256 24.55 -14.31 53.43
N ARG C 257 25.71 -13.83 52.99
CA ARG C 257 26.05 -13.52 51.60
C ARG C 257 25.09 -12.55 50.94
N ARG C 258 24.41 -11.68 51.69
CA ARG C 258 23.32 -10.91 51.11
C ARG C 258 23.77 -9.74 50.27
N THR C 259 25.07 -9.54 50.12
CA THR C 259 25.59 -8.53 49.22
C THR C 259 25.99 -9.17 47.91
N VAL C 260 26.21 -8.32 46.91
CA VAL C 260 26.56 -8.74 45.57
C VAL C 260 27.54 -7.72 44.99
N HIS C 261 28.54 -8.21 44.27
CA HIS C 261 29.62 -7.36 43.79
C HIS C 261 30.03 -7.83 42.42
N TYR C 262 31.22 -7.38 42.02
CA TYR C 262 31.88 -7.91 40.84
C TYR C 262 33.19 -8.56 41.25
N GLU C 263 33.72 -9.38 40.35
CA GLU C 263 35.02 -9.99 40.53
C GLU C 263 35.52 -10.53 39.20
N GLY C 264 36.80 -10.79 39.15
CA GLY C 264 37.31 -11.81 38.26
C GLY C 264 37.27 -13.12 39.01
N GLY C 265 38.42 -13.80 39.11
CA GLY C 265 38.53 -14.99 39.95
C GLY C 265 37.77 -16.18 39.40
N ALA C 266 37.87 -17.29 40.14
CA ALA C 266 37.16 -18.50 39.75
C ALA C 266 35.79 -18.55 40.39
N VAL C 267 35.07 -17.44 40.30
CA VAL C 267 33.80 -17.35 40.98
C VAL C 267 32.74 -18.02 40.14
N SER C 268 32.93 -18.04 38.83
CA SER C 268 32.21 -18.99 37.99
C SER C 268 32.43 -20.40 38.47
N VAL C 269 33.68 -20.74 38.77
CA VAL C 269 33.97 -22.06 39.29
C VAL C 269 33.42 -22.20 40.69
N HIS C 270 33.33 -21.10 41.43
CA HIS C 270 32.60 -21.13 42.68
C HIS C 270 31.11 -21.30 42.42
N ALA C 271 30.40 -21.76 43.45
CA ALA C 271 28.98 -22.04 43.29
C ALA C 271 28.17 -20.76 43.30
N ARG C 272 28.69 -19.70 43.89
CA ARG C 272 27.91 -18.51 44.18
C ARG C 272 27.49 -17.74 42.95
N SER C 273 28.09 -18.01 41.81
CA SER C 273 27.76 -17.26 40.60
C SER C 273 26.62 -17.91 39.84
N LEU C 274 25.57 -18.32 40.54
CA LEU C 274 24.57 -19.17 39.95
C LEU C 274 23.19 -18.63 40.26
N TRP C 275 22.42 -18.40 39.20
CA TRP C 275 21.19 -17.63 39.25
C TRP C 275 20.16 -18.36 38.43
N ARG C 276 19.27 -19.06 39.10
CA ARG C 276 18.19 -19.75 38.41
C ARG C 276 17.13 -18.73 38.03
N LEU C 277 16.97 -18.51 36.73
CA LEU C 277 15.95 -17.62 36.22
C LEU C 277 14.60 -18.29 36.32
N GLU C 278 13.58 -17.50 36.65
CA GLU C 278 12.19 -17.94 36.58
C GLU C 278 11.37 -16.83 35.96
N THR C 279 10.45 -17.19 35.08
CA THR C 279 9.47 -16.21 34.62
C THR C 279 8.21 -16.33 35.46
N LEU C 280 7.39 -15.29 35.38
CA LEU C 280 6.13 -15.30 36.09
C LEU C 280 5.13 -16.25 35.48
N ARG C 281 5.29 -16.59 34.20
CA ARG C 281 4.41 -17.55 33.57
C ARG C 281 4.67 -18.94 34.12
N VAL C 282 3.63 -19.56 34.67
CA VAL C 282 3.79 -20.90 35.22
C VAL C 282 3.89 -21.93 34.09
N ALA C 283 2.93 -21.90 33.16
CA ALA C 283 3.08 -22.71 31.97
C ALA C 283 4.13 -22.07 31.07
N TRP C 284 4.79 -22.94 30.29
CA TRP C 284 5.77 -22.55 29.28
C TRP C 284 6.92 -21.77 29.85
N SER C 285 7.24 -22.03 31.12
CA SER C 285 8.28 -21.27 31.78
C SER C 285 9.66 -21.64 31.26
N GLY C 286 9.79 -22.80 30.63
CA GLY C 286 11.04 -23.13 30.00
C GLY C 286 11.03 -22.74 28.54
N SER C 287 10.31 -21.68 28.20
CA SER C 287 10.39 -21.20 26.83
C SER C 287 11.66 -20.40 26.63
N HIS C 288 11.81 -19.88 25.43
CA HIS C 288 12.93 -18.99 25.18
C HIS C 288 12.75 -17.68 25.94
N ILE C 289 13.83 -17.19 26.49
CA ILE C 289 13.83 -15.89 27.14
C ILE C 289 14.19 -14.84 26.11
N ARG C 290 13.53 -13.70 26.20
CA ARG C 290 13.67 -12.62 25.24
C ARG C 290 13.84 -11.30 25.99
N TRP C 291 13.91 -10.21 25.26
CA TRP C 291 14.22 -8.93 25.87
C TRP C 291 13.06 -8.42 26.72
N GLY C 292 13.22 -8.49 28.03
CA GLY C 292 12.23 -7.88 28.89
C GLY C 292 11.11 -8.80 29.32
N GLN C 293 11.36 -10.08 29.44
CA GLN C 293 10.39 -10.93 30.09
C GLN C 293 10.41 -10.66 31.59
N PRO C 294 9.34 -10.99 32.30
CA PRO C 294 9.39 -10.89 33.77
C PRO C 294 10.36 -11.90 34.34
N PHE C 295 11.17 -11.44 35.30
CA PHE C 295 12.36 -12.18 35.71
C PHE C 295 12.35 -12.42 37.20
N ARG C 296 11.74 -13.51 37.64
CA ARG C 296 11.93 -13.95 39.02
C ARG C 296 13.32 -14.57 39.09
N LEU C 297 14.24 -13.88 39.75
CA LEU C 297 15.64 -14.26 39.75
C LEU C 297 16.08 -14.62 41.15
N ARG C 298 16.86 -15.70 41.27
CA ARG C 298 17.04 -16.36 42.53
C ARG C 298 18.47 -16.87 42.64
N HIS C 299 19.09 -16.62 43.80
CA HIS C 299 20.38 -17.23 44.06
C HIS C 299 20.19 -18.72 44.27
N VAL C 300 21.22 -19.47 43.92
CA VAL C 300 21.12 -20.91 43.98
C VAL C 300 21.68 -21.48 45.27
N THR C 301 22.85 -21.00 45.68
CA THR C 301 23.51 -21.59 46.86
C THR C 301 22.73 -21.27 48.13
N THR C 302 22.06 -20.13 48.16
CA THR C 302 21.13 -19.87 49.24
C THR C 302 19.75 -20.37 48.93
N GLY C 303 19.29 -20.19 47.70
CA GLY C 303 17.88 -20.27 47.43
C GLY C 303 17.16 -18.95 47.56
N LYS C 304 17.83 -17.92 48.07
CA LYS C 304 17.23 -16.62 48.18
C LYS C 304 17.04 -16.01 46.80
N TYR C 305 16.00 -15.20 46.68
CA TYR C 305 15.76 -14.48 45.44
C TYR C 305 16.52 -13.17 45.46
N LEU C 306 16.91 -12.72 44.27
CA LEU C 306 17.47 -11.38 44.20
C LEU C 306 16.33 -10.38 44.35
N SER C 307 15.99 -10.09 45.59
CA SER C 307 14.85 -9.25 45.92
C SER C 307 15.38 -7.84 46.09
N LEU C 308 15.24 -7.03 45.05
CA LEU C 308 15.88 -5.72 45.00
C LEU C 308 15.25 -4.77 46.01
N MET C 309 16.07 -4.29 46.95
CA MET C 309 15.69 -3.13 47.74
C MET C 309 15.52 -1.95 46.80
N GLU C 310 14.29 -1.45 46.72
CA GLU C 310 13.94 -0.48 45.69
C GLU C 310 14.52 0.91 45.93
N ASP C 311 15.07 1.17 47.12
CA ASP C 311 15.57 2.51 47.41
C ASP C 311 16.86 2.80 46.64
N LYS C 312 17.90 2.02 46.89
CA LYS C 312 19.20 2.32 46.34
C LYS C 312 19.81 1.19 45.52
N SER C 313 19.82 -0.04 46.04
CA SER C 313 20.62 -1.10 45.46
C SER C 313 20.18 -2.46 45.97
N LEU C 314 21.01 -3.46 45.75
CA LEU C 314 20.54 -4.82 45.69
C LEU C 314 20.46 -5.46 47.07
N LEU C 315 19.41 -6.25 47.26
CA LEU C 315 19.16 -6.95 48.51
C LEU C 315 18.81 -8.39 48.19
N LEU C 316 18.96 -9.26 49.18
CA LEU C 316 18.77 -10.67 48.99
C LEU C 316 17.86 -11.21 50.07
N MET C 317 16.80 -11.90 49.66
CA MET C 317 15.89 -12.56 50.58
C MET C 317 15.24 -13.70 49.82
N ASP C 318 14.48 -14.53 50.52
CA ASP C 318 13.83 -15.67 49.90
C ASP C 318 12.59 -15.24 49.11
N LYS C 319 11.73 -16.21 48.80
CA LYS C 319 10.56 -15.98 47.96
C LYS C 319 9.60 -14.94 48.53
N GLU C 320 9.62 -14.72 49.85
CA GLU C 320 8.65 -13.84 50.49
C GLU C 320 8.80 -12.39 50.03
N LYS C 321 10.05 -11.89 49.99
CA LYS C 321 10.28 -10.55 49.48
C LYS C 321 10.13 -10.47 47.98
N ALA C 322 10.25 -11.61 47.29
CA ALA C 322 10.39 -11.66 45.84
C ALA C 322 9.08 -11.23 45.19
N ASP C 323 9.00 -9.96 44.86
CA ASP C 323 7.81 -9.36 44.30
C ASP C 323 8.18 -8.64 43.03
N VAL C 324 7.16 -8.03 42.42
CA VAL C 324 7.37 -7.22 41.23
C VAL C 324 8.13 -5.95 41.55
N LYS C 325 8.19 -5.57 42.81
CA LYS C 325 9.07 -4.51 43.26
C LYS C 325 10.47 -5.00 43.57
N SER C 326 10.65 -6.30 43.80
CA SER C 326 11.91 -6.78 44.32
C SER C 326 12.60 -7.77 43.39
N THR C 327 11.88 -8.76 42.88
CA THR C 327 12.58 -9.69 42.01
C THR C 327 12.41 -9.39 40.53
N ALA C 328 11.28 -8.83 40.11
CA ALA C 328 10.93 -8.83 38.70
C ALA C 328 11.69 -7.75 37.95
N PHE C 329 12.52 -8.16 37.01
CA PHE C 329 13.30 -7.25 36.20
C PHE C 329 12.99 -7.49 34.73
N THR C 330 13.68 -6.74 33.88
CA THR C 330 13.57 -6.84 32.44
C THR C 330 14.95 -6.84 31.83
N PHE C 331 15.03 -7.24 30.56
CA PHE C 331 16.27 -7.18 29.80
C PHE C 331 16.11 -6.27 28.60
N ARG C 332 17.08 -5.40 28.44
CA ARG C 332 17.09 -4.42 27.37
C ARG C 332 18.42 -4.52 26.67
N SER C 333 18.41 -4.44 25.34
CA SER C 333 19.66 -4.52 24.62
C SER C 333 20.41 -3.20 24.70
N SER C 334 19.70 -2.10 24.90
CA SER C 334 20.29 -0.79 25.08
C SER C 334 19.96 -0.26 26.47
N LYS C 335 20.73 0.73 26.90
CA LYS C 335 20.45 1.38 28.16
C LYS C 335 19.14 2.16 28.10
N GLU C 336 18.75 2.62 26.92
CA GLU C 336 17.50 3.36 26.80
C GLU C 336 16.31 2.43 26.62
N LYS C 337 16.25 1.73 25.49
CA LYS C 337 15.05 1.03 24.98
C LYS C 337 13.78 1.86 25.02
N ARG C 343 8.13 -12.53 26.55
CA ARG C 343 7.98 -11.25 27.20
C ARG C 343 6.52 -11.01 27.55
N LYS C 344 5.66 -10.93 26.53
CA LYS C 344 4.23 -10.72 26.74
C LYS C 344 3.42 -12.01 26.70
N GLU C 345 3.37 -12.69 25.55
CA GLU C 345 2.47 -13.83 25.35
C GLU C 345 3.15 -14.86 24.46
N VAL C 346 3.49 -16.01 25.02
CA VAL C 346 3.92 -17.14 24.21
C VAL C 346 3.50 -18.46 24.84
N ASP C 347 2.67 -19.21 24.12
CA ASP C 347 2.23 -20.53 24.57
C ASP C 347 3.03 -21.62 23.87
N GLY C 348 4.34 -21.47 23.89
CA GLY C 348 5.19 -22.29 23.08
C GLY C 348 6.61 -21.97 23.41
N MET C 349 7.53 -22.41 22.55
CA MET C 349 8.93 -22.24 22.87
C MET C 349 9.39 -20.81 22.68
N GLY C 350 8.78 -20.07 21.76
CA GLY C 350 9.17 -18.69 21.56
C GLY C 350 10.36 -18.54 20.63
N THR C 351 10.98 -17.38 20.71
CA THR C 351 12.10 -17.02 19.84
C THR C 351 13.39 -17.08 20.63
N SER C 352 14.32 -17.93 20.18
CA SER C 352 15.60 -18.09 20.84
C SER C 352 16.38 -16.80 20.64
N GLU C 353 16.28 -15.92 21.63
CA GLU C 353 16.63 -14.52 21.44
C GLU C 353 18.13 -14.32 21.53
N ILE C 354 18.70 -14.51 22.71
CA ILE C 354 20.11 -14.22 22.93
C ILE C 354 20.81 -15.52 23.26
N LYS C 355 22.06 -15.63 22.83
CA LYS C 355 22.98 -16.65 23.30
C LYS C 355 23.57 -16.22 24.64
N TYR C 356 24.64 -16.86 25.08
CA TYR C 356 25.20 -16.55 26.39
C TYR C 356 26.41 -15.64 26.29
N GLY C 357 27.40 -16.01 25.49
CA GLY C 357 28.56 -15.15 25.32
C GLY C 357 28.28 -13.89 24.52
N ASP C 358 27.28 -13.94 23.64
CA ASP C 358 26.95 -12.81 22.78
C ASP C 358 25.77 -12.04 23.35
N SER C 359 25.98 -11.47 24.53
CA SER C 359 24.89 -10.94 25.33
C SER C 359 25.28 -9.58 25.86
N VAL C 360 24.50 -8.57 25.52
CA VAL C 360 24.64 -7.24 26.08
C VAL C 360 23.24 -6.88 26.60
N CYS C 361 23.00 -7.20 27.86
CA CYS C 361 21.66 -7.12 28.42
C CYS C 361 21.62 -6.05 29.49
N PHE C 362 20.98 -4.94 29.17
CA PHE C 362 20.80 -3.87 30.14
C PHE C 362 19.61 -4.28 30.98
N ILE C 363 19.90 -4.84 32.14
CA ILE C 363 18.82 -5.26 33.02
C ILE C 363 18.20 -4.03 33.65
N GLN C 364 16.88 -3.94 33.56
CA GLN C 364 16.14 -2.89 34.21
C GLN C 364 15.16 -3.49 35.19
N HIS C 365 15.18 -3.02 36.43
CA HIS C 365 14.11 -3.36 37.34
C HIS C 365 12.84 -2.66 36.91
N ILE C 366 11.75 -3.42 36.89
CA ILE C 366 10.46 -2.89 36.48
C ILE C 366 9.97 -1.86 37.48
N GLY C 367 10.06 -2.18 38.77
CA GLY C 367 9.53 -1.31 39.78
C GLY C 367 10.29 -0.02 39.99
N THR C 368 11.52 0.08 39.49
CA THR C 368 12.31 1.30 39.65
C THR C 368 12.79 1.89 38.35
N GLY C 369 12.94 1.11 37.29
CA GLY C 369 13.59 1.66 36.12
C GLY C 369 15.08 1.81 36.26
N LEU C 370 15.66 1.31 37.35
CA LEU C 370 17.10 1.41 37.53
C LEU C 370 17.80 0.40 36.61
N TRP C 371 19.11 0.53 36.53
CA TRP C 371 19.92 -0.31 35.67
C TRP C 371 21.16 -0.67 36.44
N LEU C 372 21.65 -1.88 36.22
CA LEU C 372 22.70 -2.43 37.07
C LEU C 372 24.06 -1.93 36.63
N THR C 373 24.60 -0.99 37.38
CA THR C 373 25.94 -0.49 37.19
C THR C 373 26.73 -0.83 38.45
N TYR C 374 27.94 -0.30 38.57
CA TYR C 374 28.74 -0.64 39.74
C TYR C 374 29.12 0.62 40.50
N GLN C 375 29.76 0.41 41.63
CA GLN C 375 30.36 1.48 42.41
C GLN C 375 31.82 1.61 42.01
N SER C 376 32.57 2.42 42.75
CA SER C 376 34.00 2.54 42.51
C SER C 376 34.73 2.84 43.80
N SER C 386 41.29 -7.44 47.00
CA SER C 386 40.15 -8.10 46.37
C SER C 386 39.33 -7.12 45.55
N ILE C 387 39.23 -7.39 44.25
CA ILE C 387 38.36 -6.60 43.38
C ILE C 387 36.95 -7.10 43.64
N GLN C 388 36.30 -6.52 44.64
CA GLN C 388 34.97 -6.98 45.02
C GLN C 388 34.06 -5.79 44.85
N ARG C 389 34.21 -5.13 43.70
CA ARG C 389 33.55 -3.88 43.41
C ARG C 389 32.04 -4.06 43.37
N LYS C 390 31.34 -3.30 44.21
CA LYS C 390 29.91 -3.51 44.42
C LYS C 390 29.11 -2.99 43.25
N ALA C 391 28.24 -3.84 42.72
CA ALA C 391 27.32 -3.43 41.69
C ALA C 391 26.10 -2.74 42.29
N ILE C 392 25.50 -1.83 41.54
CA ILE C 392 24.35 -1.07 42.03
C ILE C 392 23.30 -0.91 40.94
N MET C 393 22.05 -1.06 41.32
CA MET C 393 20.97 -0.63 40.46
C MET C 393 20.90 0.88 40.49
N HIS C 394 20.85 1.50 39.32
CA HIS C 394 20.90 2.95 39.25
C HIS C 394 20.33 3.38 37.90
N HIS C 395 20.04 4.69 37.79
CA HIS C 395 19.62 5.26 36.52
C HIS C 395 20.69 5.05 35.46
N GLU C 396 21.88 5.61 35.68
CA GLU C 396 22.99 5.31 34.79
C GLU C 396 24.16 4.67 35.52
N GLY C 397 24.74 5.37 36.49
CA GLY C 397 26.03 5.02 37.02
C GLY C 397 27.08 4.95 35.92
N HIS C 398 27.54 3.76 35.61
CA HIS C 398 28.48 3.56 34.51
C HIS C 398 27.73 3.05 33.29
N MET C 399 28.40 3.11 32.14
CA MET C 399 27.81 2.73 30.87
C MET C 399 28.12 1.28 30.50
N ASP C 400 28.28 0.43 31.49
CA ASP C 400 28.73 -0.94 31.29
C ASP C 400 27.67 -1.91 31.76
N ASP C 401 26.40 -1.52 31.62
CA ASP C 401 25.29 -2.22 32.25
C ASP C 401 24.65 -3.27 31.35
N GLY C 402 25.12 -3.41 30.11
CA GLY C 402 24.69 -4.49 29.24
C GLY C 402 25.57 -5.71 29.39
N LEU C 403 25.39 -6.45 30.47
CA LEU C 403 26.43 -7.38 30.87
C LEU C 403 26.37 -8.69 30.10
N ASN C 404 27.35 -9.53 30.38
CA ASN C 404 27.60 -10.76 29.66
C ASN C 404 27.25 -11.97 30.51
N LEU C 405 27.03 -13.10 29.84
CA LEU C 405 26.46 -14.29 30.46
C LEU C 405 27.23 -15.54 30.08
N SER C 406 26.97 -16.60 30.85
CA SER C 406 27.35 -17.95 30.49
C SER C 406 26.48 -18.90 31.28
N ARG C 407 25.84 -19.83 30.59
CA ARG C 407 24.97 -20.80 31.23
C ARG C 407 25.78 -21.79 32.06
N SER C 408 25.06 -22.62 32.79
CA SER C 408 25.66 -23.63 33.63
C SER C 408 25.48 -25.00 32.99
N GLN C 409 25.88 -26.03 33.71
CA GLN C 409 25.56 -27.41 33.36
C GLN C 409 24.82 -28.08 34.50
N HIS C 410 24.59 -29.37 34.33
CA HIS C 410 23.60 -30.04 35.15
C HIS C 410 24.20 -30.47 36.47
N GLU C 411 25.39 -31.03 36.42
CA GLU C 411 26.04 -31.59 37.60
C GLU C 411 26.40 -30.51 38.58
N GLU C 412 26.78 -29.34 38.09
CA GLU C 412 27.25 -28.29 38.95
C GLU C 412 26.07 -27.66 39.67
N SER C 413 24.99 -27.46 38.92
CA SER C 413 23.74 -27.03 39.51
C SER C 413 23.21 -28.06 40.47
N ARG C 414 23.41 -29.32 40.14
CA ARG C 414 22.90 -30.40 40.96
C ARG C 414 23.57 -30.38 42.31
N THR C 415 24.89 -30.29 42.30
CA THR C 415 25.66 -30.17 43.52
C THR C 415 25.31 -28.91 44.27
N ALA C 416 24.94 -27.85 43.56
CA ALA C 416 24.56 -26.63 44.22
C ALA C 416 23.24 -26.78 44.97
N ARG C 417 22.24 -27.40 44.34
CA ARG C 417 20.98 -27.64 45.02
C ARG C 417 21.18 -28.62 46.17
N VAL C 418 22.08 -29.58 45.98
CA VAL C 418 22.48 -30.47 47.06
C VAL C 418 23.05 -29.71 48.22
N ILE C 419 23.91 -28.73 47.94
CA ILE C 419 24.55 -27.95 48.98
C ILE C 419 23.52 -27.13 49.74
N ARG C 420 22.57 -26.58 49.01
CA ARG C 420 21.53 -25.78 49.61
C ARG C 420 20.67 -26.60 50.55
N SER C 421 20.12 -27.70 50.04
CA SER C 421 19.35 -28.63 50.85
C SER C 421 20.19 -29.22 51.96
N THR C 422 21.48 -29.38 51.70
CA THR C 422 22.40 -29.98 52.64
C THR C 422 22.51 -29.14 53.89
N VAL C 423 22.84 -27.87 53.72
CA VAL C 423 23.01 -27.03 54.88
C VAL C 423 21.66 -26.72 55.51
N PHE C 424 20.58 -26.79 54.72
CA PHE C 424 19.24 -26.65 55.27
C PHE C 424 18.95 -27.75 56.26
N LEU C 425 19.29 -28.98 55.91
CA LEU C 425 19.24 -30.07 56.86
C LEU C 425 20.19 -29.81 58.03
N PHE C 426 21.40 -29.39 57.70
CA PHE C 426 22.52 -29.47 58.64
C PHE C 426 22.36 -28.55 59.81
N ASN C 427 22.11 -27.28 59.53
CA ASN C 427 22.15 -26.30 60.58
C ASN C 427 20.96 -26.44 61.50
N ARG C 428 19.84 -26.90 60.97
CA ARG C 428 18.70 -27.17 61.81
C ARG C 428 18.94 -28.41 62.66
N PHE C 429 19.65 -29.39 62.12
CA PHE C 429 19.96 -30.54 62.95
C PHE C 429 21.00 -30.21 64.01
N ILE C 430 21.84 -29.20 63.74
CA ILE C 430 22.86 -28.79 64.70
C ILE C 430 22.20 -28.23 65.95
N ARG C 431 21.22 -27.35 65.76
CA ARG C 431 20.50 -26.87 66.92
C ARG C 431 19.55 -27.91 67.44
N GLY C 432 19.22 -28.92 66.62
CA GLY C 432 18.60 -30.12 67.16
C GLY C 432 19.45 -30.75 68.25
N LEU C 433 20.75 -30.86 67.98
CA LEU C 433 21.67 -31.33 69.02
C LEU C 433 21.75 -30.35 70.17
N ASP C 434 21.69 -29.05 69.88
CA ASP C 434 21.85 -28.05 70.93
C ASP C 434 20.68 -28.04 71.90
N ALA C 435 19.50 -28.43 71.43
CA ALA C 435 18.33 -28.46 72.32
C ALA C 435 18.49 -29.53 73.38
N LEU C 436 18.70 -30.77 72.95
CA LEU C 436 18.95 -31.88 73.88
C LEU C 436 20.32 -31.82 74.53
N SER C 437 21.16 -30.87 74.13
CA SER C 437 22.37 -30.60 74.88
C SER C 437 22.07 -29.99 76.24
N LYS C 438 20.90 -29.41 76.43
CA LYS C 438 20.58 -28.73 77.67
C LYS C 438 19.44 -29.35 78.45
N LYS C 439 18.39 -29.82 77.79
CA LYS C 439 17.22 -30.33 78.48
C LYS C 439 16.43 -31.24 77.53
N ALA C 440 15.31 -31.75 78.02
CA ALA C 440 14.46 -32.65 77.25
C ALA C 440 13.43 -31.93 76.38
N LYS C 441 13.37 -30.61 76.47
CA LYS C 441 12.59 -29.81 75.53
C LYS C 441 13.18 -29.99 74.13
N ALA C 442 12.33 -30.25 73.13
CA ALA C 442 10.86 -30.15 73.17
C ALA C 442 9.89 -31.37 72.96
N SER C 443 10.03 -32.26 71.97
CA SER C 443 11.28 -32.65 71.33
C SER C 443 11.32 -32.68 69.81
N THR C 444 12.26 -31.93 69.21
CA THR C 444 12.82 -30.72 69.79
C THR C 444 12.58 -29.55 68.85
N VAL C 445 13.31 -29.63 67.74
CA VAL C 445 13.28 -28.81 66.53
C VAL C 445 13.56 -29.82 65.42
N ASP C 446 13.89 -29.34 64.21
CA ASP C 446 14.29 -30.28 63.16
C ASP C 446 15.50 -31.08 63.59
N LEU C 447 15.22 -32.30 64.00
CA LEU C 447 16.24 -33.26 64.41
C LEU C 447 15.91 -34.53 63.61
N PRO C 448 16.21 -34.55 62.33
CA PRO C 448 15.97 -35.76 61.56
C PRO C 448 17.06 -36.77 61.87
N ILE C 449 16.74 -38.03 61.63
CA ILE C 449 17.69 -39.09 61.90
C ILE C 449 17.87 -39.87 60.62
N GLU C 450 16.78 -40.44 60.18
CA GLU C 450 16.78 -41.37 59.07
C GLU C 450 17.01 -40.65 57.76
N SER C 451 16.51 -39.42 57.62
CA SER C 451 16.77 -38.66 56.42
C SER C 451 18.20 -38.22 56.35
N VAL C 452 18.82 -38.03 57.51
CA VAL C 452 20.24 -37.70 57.55
C VAL C 452 21.06 -38.86 57.02
N SER C 453 20.75 -40.07 57.47
CA SER C 453 21.42 -41.25 56.95
C SER C 453 21.11 -41.45 55.48
N LEU C 454 19.89 -41.10 55.08
CA LEU C 454 19.47 -41.25 53.70
C LEU C 454 20.28 -40.35 52.79
N SER C 455 20.26 -39.05 53.06
CA SER C 455 21.05 -38.07 52.33
C SER C 455 22.53 -38.34 52.45
N LEU C 456 22.93 -38.88 53.59
CA LEU C 456 24.30 -39.29 53.82
C LEU C 456 24.74 -40.34 52.82
N GLN C 457 24.00 -41.43 52.72
CA GLN C 457 24.35 -42.44 51.73
C GLN C 457 24.17 -41.93 50.33
N ASP C 458 23.23 -41.01 50.13
CA ASP C 458 23.01 -40.40 48.84
C ASP C 458 24.25 -39.66 48.37
N LEU C 459 24.87 -38.90 49.25
CA LEU C 459 26.07 -38.20 48.83
C LEU C 459 27.26 -39.12 48.81
N ILE C 460 27.25 -40.15 49.65
CA ILE C 460 28.34 -41.10 49.67
C ILE C 460 28.42 -41.86 48.36
N GLY C 461 27.29 -42.36 47.88
CA GLY C 461 27.24 -42.89 46.54
C GLY C 461 27.45 -41.82 45.50
N TYR C 462 27.03 -40.60 45.79
CA TYR C 462 27.31 -39.51 44.90
C TYR C 462 28.77 -39.13 44.93
N PHE C 463 29.49 -39.50 45.98
CA PHE C 463 30.92 -39.35 45.98
C PHE C 463 31.62 -40.68 46.03
N HIS C 464 30.98 -41.69 45.46
CA HIS C 464 31.59 -43.00 45.40
C HIS C 464 32.76 -42.98 44.43
N PRO C 465 33.86 -43.65 44.76
CA PRO C 465 35.00 -43.67 43.87
C PRO C 465 34.72 -44.51 42.65
N PRO C 466 35.48 -44.33 41.57
CA PRO C 466 35.33 -45.19 40.40
C PRO C 466 35.69 -46.63 40.70
N ASP C 467 35.19 -47.50 39.83
CA ASP C 467 35.32 -48.93 40.01
C ASP C 467 36.37 -49.47 39.06
N GLU C 468 36.57 -50.79 39.14
CA GLU C 468 37.50 -51.44 38.24
C GLU C 468 36.87 -51.77 36.90
N HIS C 469 35.70 -52.38 36.93
CA HIS C 469 35.10 -53.01 35.76
C HIS C 469 34.50 -51.92 34.89
N LEU C 470 35.40 -51.22 34.22
CA LEU C 470 35.05 -49.96 33.61
C LEU C 470 36.14 -49.64 32.61
N GLU C 471 35.75 -48.98 31.53
CA GLU C 471 36.74 -48.56 30.57
C GLU C 471 37.55 -47.43 31.17
N HIS C 472 38.82 -47.41 30.79
CA HIS C 472 39.77 -46.50 31.41
C HIS C 472 39.34 -45.07 31.19
N GLU C 473 38.83 -44.77 30.00
CA GLU C 473 38.28 -43.47 29.72
C GLU C 473 37.08 -43.17 30.59
N ASP C 474 36.21 -44.16 30.80
CA ASP C 474 35.05 -43.92 31.65
C ASP C 474 35.47 -43.66 33.07
N LYS C 475 36.54 -44.32 33.49
CA LYS C 475 37.13 -44.04 34.77
C LYS C 475 37.63 -42.61 34.83
N GLN C 476 38.19 -42.11 33.71
CA GLN C 476 38.63 -40.71 33.68
C GLN C 476 37.45 -39.77 33.85
N ASN C 477 36.35 -40.07 33.18
CA ASN C 477 35.15 -39.23 33.30
C ASN C 477 34.65 -39.20 34.72
N ARG C 478 34.57 -40.40 35.31
CA ARG C 478 34.03 -40.55 36.64
C ARG C 478 34.90 -39.83 37.65
N LEU C 479 36.21 -40.04 37.59
CA LEU C 479 37.11 -39.41 38.53
C LEU C 479 37.16 -37.92 38.30
N ARG C 480 36.97 -37.49 37.07
CA ARG C 480 37.01 -36.07 36.78
C ARG C 480 35.83 -35.37 37.44
N ALA C 481 34.64 -35.91 37.23
CA ALA C 481 33.46 -35.34 37.85
C ALA C 481 33.55 -35.42 39.37
N LEU C 482 34.16 -36.49 39.86
CA LEU C 482 34.33 -36.64 41.30
C LEU C 482 35.26 -35.57 41.85
N LYS C 483 36.34 -35.29 41.12
CA LYS C 483 37.27 -34.26 41.54
C LYS C 483 36.63 -32.91 41.50
N ASN C 484 35.81 -32.66 40.49
CA ASN C 484 35.17 -31.37 40.38
C ASN C 484 34.20 -31.14 41.51
N ARG C 485 33.46 -32.17 41.88
CA ARG C 485 32.50 -31.99 42.95
C ARG C 485 33.20 -31.92 44.30
N GLN C 486 34.32 -32.62 44.44
CA GLN C 486 35.14 -32.43 45.62
C GLN C 486 35.70 -31.02 45.70
N ASN C 487 36.01 -30.43 44.55
CA ASN C 487 36.43 -29.04 44.54
C ASN C 487 35.30 -28.11 44.91
N LEU C 488 34.10 -28.43 44.44
CA LEU C 488 32.94 -27.60 44.72
C LEU C 488 32.64 -27.57 46.20
N PHE C 489 32.75 -28.72 46.84
CA PHE C 489 32.66 -28.73 48.29
C PHE C 489 33.82 -27.99 48.91
N GLN C 490 35.00 -28.09 48.32
CA GLN C 490 36.15 -27.41 48.89
C GLN C 490 36.03 -25.91 48.78
N GLU C 491 35.43 -25.42 47.69
CA GLU C 491 35.15 -24.00 47.58
C GLU C 491 34.11 -23.57 48.58
N GLU C 492 33.26 -24.47 49.02
CA GLU C 492 32.25 -24.08 49.97
C GLU C 492 32.53 -24.55 51.38
N GLY C 493 33.24 -25.67 51.54
CA GLY C 493 33.65 -26.06 52.87
C GLY C 493 32.52 -26.51 53.75
N MET C 494 31.99 -27.69 53.50
CA MET C 494 31.17 -28.34 54.51
C MET C 494 32.00 -29.24 55.40
N ILE C 495 33.30 -29.24 55.13
CA ILE C 495 34.26 -30.06 55.85
C ILE C 495 34.25 -29.70 57.33
N ASN C 496 34.41 -28.43 57.62
CA ASN C 496 34.29 -27.90 58.95
C ASN C 496 32.89 -28.11 59.51
N LEU C 497 31.89 -28.07 58.64
CA LEU C 497 30.51 -28.20 59.09
C LEU C 497 30.26 -29.56 59.71
N VAL C 498 30.61 -30.63 58.98
CA VAL C 498 30.42 -31.96 59.53
C VAL C 498 31.42 -32.22 60.65
N LEU C 499 32.59 -31.57 60.58
CA LEU C 499 33.54 -31.59 61.68
C LEU C 499 32.92 -31.05 62.95
N GLU C 500 32.15 -29.98 62.83
CA GLU C 500 31.49 -29.41 63.99
C GLU C 500 30.37 -30.29 64.46
N CYS C 501 29.71 -30.99 63.55
CA CYS C 501 28.71 -31.96 63.98
C CYS C 501 29.35 -33.06 64.81
N ILE C 502 30.51 -33.53 64.39
CA ILE C 502 31.24 -34.54 65.16
C ILE C 502 31.67 -33.96 66.50
N ASP C 503 32.13 -32.72 66.48
CA ASP C 503 32.53 -32.00 67.68
C ASP C 503 31.38 -31.92 68.67
N ARG C 504 30.21 -31.59 68.17
CA ARG C 504 29.01 -31.55 68.97
C ARG C 504 28.58 -32.94 69.41
N LEU C 505 29.00 -33.96 68.68
CA LEU C 505 28.48 -35.28 68.95
C LEU C 505 29.28 -36.05 69.97
N HIS C 506 30.58 -35.83 70.03
CA HIS C 506 31.48 -36.72 70.77
C HIS C 506 31.37 -36.48 72.27
N VAL C 507 30.25 -36.92 72.81
CA VAL C 507 29.91 -36.69 74.21
C VAL C 507 29.60 -37.99 74.94
N TYR C 508 28.59 -38.70 74.49
CA TYR C 508 27.87 -39.65 75.31
C TYR C 508 28.47 -41.04 75.19
N SER C 509 27.72 -42.01 75.68
CA SER C 509 28.05 -43.41 75.48
C SER C 509 26.80 -44.25 75.26
N SER C 510 25.76 -43.66 74.65
CA SER C 510 24.41 -44.24 74.51
C SER C 510 23.79 -44.68 75.83
N VAL C 517 22.52 -38.72 76.95
CA VAL C 517 22.67 -38.99 75.53
C VAL C 517 21.67 -38.20 74.74
N ALA C 518 20.45 -38.69 74.63
CA ALA C 518 19.38 -38.04 73.90
C ALA C 518 18.07 -38.68 74.32
N GLY C 519 16.99 -38.34 73.62
CA GLY C 519 15.90 -39.27 73.57
C GLY C 519 16.44 -40.40 72.73
N ARG C 520 16.83 -41.48 73.39
CA ARG C 520 17.77 -42.41 72.78
C ARG C 520 17.11 -43.37 71.81
N GLU C 521 15.79 -43.34 71.70
CA GLU C 521 15.14 -44.22 70.73
C GLU C 521 15.44 -43.75 69.32
N ALA C 522 15.19 -42.48 69.04
CA ALA C 522 15.72 -41.90 67.82
C ALA C 522 17.22 -41.73 67.89
N GLY C 523 17.77 -41.57 69.10
CA GLY C 523 19.18 -41.48 69.28
C GLY C 523 19.91 -42.80 69.32
N GLU C 524 19.29 -43.86 68.78
CA GLU C 524 19.90 -45.18 68.79
C GLU C 524 21.12 -45.23 67.88
N SER C 525 20.99 -44.75 66.65
CA SER C 525 21.97 -44.99 65.61
C SER C 525 23.12 -44.00 65.62
N TRP C 526 23.34 -43.41 66.80
CA TRP C 526 24.28 -42.34 67.01
C TRP C 526 25.69 -42.75 66.59
N LYS C 527 26.13 -43.93 67.01
CA LYS C 527 27.45 -44.40 66.66
C LYS C 527 27.58 -44.66 65.16
N SER C 528 26.56 -45.28 64.57
CA SER C 528 26.59 -45.55 63.15
C SER C 528 26.53 -44.27 62.35
N ILE C 529 25.75 -43.32 62.84
CA ILE C 529 25.71 -41.98 62.25
C ILE C 529 27.11 -41.41 62.22
N LEU C 530 27.80 -41.48 63.35
CA LEU C 530 29.15 -40.95 63.48
C LEU C 530 30.12 -41.62 62.54
N ASN C 531 30.03 -42.93 62.44
CA ASN C 531 30.96 -43.67 61.60
C ASN C 531 30.74 -43.32 60.15
N SER C 532 29.49 -43.18 59.77
CA SER C 532 29.17 -42.76 58.41
C SER C 532 29.60 -41.33 58.17
N LEU C 533 29.60 -40.51 59.21
CA LEU C 533 30.10 -39.16 59.08
C LEU C 533 31.58 -39.16 58.76
N TYR C 534 32.32 -40.05 59.42
CA TYR C 534 33.71 -40.26 59.04
C TYR C 534 33.83 -40.72 57.60
N GLU C 535 32.88 -41.52 57.16
CA GLU C 535 33.01 -42.08 55.82
C GLU C 535 32.80 -41.03 54.76
N LEU C 536 31.75 -40.24 54.91
CA LEU C 536 31.51 -39.17 53.95
C LEU C 536 32.57 -38.11 54.04
N LEU C 537 33.18 -37.96 55.21
CA LEU C 537 34.37 -37.17 55.31
C LEU C 537 35.46 -37.73 54.42
N ALA C 538 35.67 -39.04 54.49
CA ALA C 538 36.81 -39.70 53.86
C ALA C 538 36.84 -39.54 52.35
N ALA C 539 35.68 -39.40 51.72
CA ALA C 539 35.65 -39.20 50.29
C ALA C 539 36.18 -37.83 49.92
N LEU C 540 36.13 -36.90 50.84
CA LEU C 540 36.35 -35.52 50.48
C LEU C 540 37.79 -35.15 50.45
N ILE C 541 38.67 -36.12 50.41
CA ILE C 541 40.10 -35.90 50.46
C ILE C 541 40.80 -36.49 49.26
N ARG C 542 40.47 -37.73 48.92
CA ARG C 542 41.31 -38.58 48.09
C ARG C 542 41.43 -38.07 46.68
N GLY C 543 40.51 -37.24 46.23
CA GLY C 543 40.70 -36.63 44.95
C GLY C 543 41.76 -35.56 45.02
N ASN C 544 41.47 -34.49 45.74
CA ASN C 544 42.15 -33.24 45.52
C ASN C 544 43.16 -32.96 46.62
N ARG C 545 44.38 -32.67 46.19
CA ARG C 545 45.37 -32.11 47.10
C ARG C 545 44.90 -30.79 47.68
N LYS C 546 44.19 -30.00 46.89
CA LYS C 546 43.69 -28.72 47.36
C LYS C 546 42.61 -28.90 48.40
N ASN C 547 41.87 -29.98 48.29
CA ASN C 547 40.99 -30.37 49.39
C ASN C 547 41.80 -30.69 50.63
N CYS C 548 42.75 -31.62 50.51
CA CYS C 548 43.37 -32.18 51.69
C CYS C 548 44.31 -31.24 52.40
N ALA C 549 44.75 -30.19 51.71
CA ALA C 549 45.81 -29.39 52.30
C ALA C 549 45.34 -28.50 53.45
N GLN C 550 44.03 -28.40 53.67
CA GLN C 550 43.51 -27.39 54.58
C GLN C 550 43.31 -27.90 55.98
N PHE C 551 44.07 -28.89 56.39
CA PHE C 551 43.63 -29.70 57.51
C PHE C 551 44.65 -29.81 58.60
N SER C 552 45.34 -28.70 58.83
CA SER C 552 46.25 -28.64 59.96
C SER C 552 45.48 -28.59 61.27
N GLY C 553 44.46 -27.73 61.33
CA GLY C 553 43.69 -27.62 62.54
C GLY C 553 42.85 -28.83 62.83
N SER C 554 42.44 -29.53 61.79
CA SER C 554 41.72 -30.76 62.06
C SER C 554 42.66 -31.92 62.35
N LEU C 555 43.95 -31.78 62.02
CA LEU C 555 44.91 -32.86 62.21
C LEU C 555 45.05 -33.24 63.67
N ASP C 556 45.55 -32.31 64.46
CA ASP C 556 45.68 -32.52 65.90
C ASP C 556 44.33 -32.66 66.57
N TRP C 557 43.30 -32.07 65.96
CA TRP C 557 41.94 -32.29 66.42
C TRP C 557 41.58 -33.76 66.34
N LEU C 558 41.90 -34.39 65.23
CA LEU C 558 41.67 -35.82 65.11
C LEU C 558 42.58 -36.62 66.01
N ILE C 559 43.79 -36.12 66.26
CA ILE C 559 44.67 -36.86 67.14
C ILE C 559 44.14 -36.80 68.57
N SER C 560 43.47 -35.72 68.92
CA SER C 560 42.73 -35.67 70.16
C SER C 560 41.54 -36.61 70.13
N ARG C 561 40.85 -36.65 69.00
CA ARG C 561 39.67 -37.49 68.86
C ARG C 561 40.01 -38.96 68.75
N LEU C 562 41.29 -39.27 68.53
CA LEU C 562 41.75 -40.57 68.09
C LEU C 562 41.46 -41.68 69.07
N GLU C 563 41.35 -41.34 70.33
CA GLU C 563 41.38 -42.31 71.40
C GLU C 563 39.99 -42.59 71.91
N ARG C 564 38.99 -42.44 71.06
CA ARG C 564 37.64 -42.71 71.51
C ARG C 564 37.39 -44.21 71.57
N LEU C 565 38.18 -44.99 70.84
CA LEU C 565 38.20 -46.45 70.87
C LEU C 565 36.89 -47.09 70.47
N GLU C 566 36.01 -46.34 69.82
CA GLU C 566 34.80 -46.91 69.26
C GLU C 566 34.59 -46.49 67.82
N ALA C 567 34.99 -45.28 67.47
CA ALA C 567 34.83 -44.76 66.12
C ALA C 567 36.19 -44.45 65.53
N SER C 568 37.24 -44.98 66.16
CA SER C 568 38.60 -44.62 65.81
C SER C 568 39.03 -45.23 64.47
N SER C 569 38.30 -46.20 63.97
CA SER C 569 38.61 -46.81 62.68
C SER C 569 38.48 -45.79 61.56
N GLY C 570 37.34 -45.10 61.50
CA GLY C 570 37.16 -44.09 60.49
C GLY C 570 38.12 -42.94 60.65
N ILE C 571 38.51 -42.64 61.89
CA ILE C 571 39.54 -41.66 62.15
C ILE C 571 40.84 -42.10 61.50
N LEU C 572 41.20 -43.36 61.68
CA LEU C 572 42.38 -43.93 61.05
C LEU C 572 42.30 -43.81 59.55
N GLU C 573 41.13 -44.05 58.99
CA GLU C 573 41.00 -44.04 57.54
C GLU C 573 41.18 -42.65 57.00
N VAL C 574 40.54 -41.67 57.63
CA VAL C 574 40.59 -40.33 57.08
C VAL C 574 41.98 -39.74 57.25
N LEU C 575 42.67 -40.11 58.34
CA LEU C 575 44.02 -39.61 58.49
C LEU C 575 44.95 -40.30 57.50
N HIS C 576 44.67 -41.56 57.20
CA HIS C 576 45.52 -42.25 56.25
C HIS C 576 45.39 -41.65 54.86
N CYS C 577 44.16 -41.38 54.45
CA CYS C 577 44.00 -40.88 53.10
C CYS C 577 44.36 -39.42 53.01
N VAL C 578 44.43 -38.70 54.12
CA VAL C 578 44.98 -37.36 53.94
C VAL C 578 46.49 -37.45 53.96
N LEU C 579 47.06 -38.42 54.67
CA LEU C 579 48.50 -38.52 54.76
C LEU C 579 49.12 -38.98 53.47
N VAL C 580 48.37 -39.73 52.68
CA VAL C 580 48.95 -40.18 51.43
C VAL C 580 49.06 -39.05 50.41
N GLU C 581 48.31 -37.96 50.58
CA GLU C 581 48.33 -36.91 49.59
C GLU C 581 49.31 -35.80 49.91
N SER C 582 49.34 -35.36 51.15
CA SER C 582 49.93 -34.08 51.46
C SER C 582 51.27 -34.22 52.16
N PRO C 583 52.37 -33.80 51.52
CA PRO C 583 53.61 -33.57 52.29
C PRO C 583 53.49 -32.44 53.27
N GLU C 584 52.65 -31.44 53.00
CA GLU C 584 52.34 -30.41 53.97
C GLU C 584 51.85 -31.01 55.28
N ALA C 585 50.97 -32.01 55.19
CA ALA C 585 50.47 -32.68 56.37
C ALA C 585 51.58 -33.38 57.13
N LEU C 586 52.56 -33.90 56.41
CA LEU C 586 53.74 -34.45 57.06
C LEU C 586 54.52 -33.37 57.77
N ASN C 587 54.68 -32.22 57.14
CA ASN C 587 55.48 -31.16 57.72
C ASN C 587 54.78 -30.51 58.90
N ILE C 588 53.49 -30.75 59.06
CA ILE C 588 52.79 -30.29 60.25
C ILE C 588 53.32 -31.02 61.48
N ILE C 589 53.22 -32.33 61.49
CA ILE C 589 52.96 -33.04 62.71
C ILE C 589 54.24 -33.21 63.53
N LYS C 590 54.07 -33.51 64.82
CA LYS C 590 55.16 -33.66 65.76
C LYS C 590 55.05 -34.96 66.54
N GLU C 591 55.81 -35.03 67.62
CA GLU C 591 56.12 -36.32 68.22
C GLU C 591 54.96 -36.87 69.02
N GLY C 592 54.30 -36.02 69.82
CA GLY C 592 53.33 -36.51 70.77
C GLY C 592 52.14 -37.14 70.08
N HIS C 593 51.80 -36.63 68.90
CA HIS C 593 50.85 -37.28 68.03
C HIS C 593 51.30 -38.70 67.70
N ILE C 594 52.57 -38.85 67.32
CA ILE C 594 53.10 -40.15 66.94
C ILE C 594 53.08 -41.10 68.12
N LYS C 595 53.41 -40.59 69.28
CA LYS C 595 53.46 -41.44 70.47
C LYS C 595 52.06 -41.89 70.84
N SER C 596 51.09 -40.98 70.72
CA SER C 596 49.70 -41.35 70.98
C SER C 596 49.23 -42.37 69.98
N ILE C 597 49.67 -42.24 68.74
CA ILE C 597 49.34 -43.19 67.69
C ILE C 597 49.89 -44.55 68.01
N ILE C 598 51.14 -44.58 68.48
CA ILE C 598 51.82 -45.82 68.81
C ILE C 598 51.10 -46.51 69.94
N SER C 599 50.75 -45.75 70.96
CA SER C 599 50.02 -46.32 72.09
C SER C 599 48.60 -46.67 71.72
N LEU C 600 48.05 -46.08 70.65
CA LEU C 600 46.70 -46.43 70.25
C LEU C 600 46.63 -47.88 69.78
N LEU C 601 47.73 -48.36 69.20
CA LEU C 601 47.85 -49.77 68.87
C LEU C 601 47.78 -50.63 70.11
N ASP C 602 48.38 -50.16 71.20
CA ASP C 602 48.23 -50.83 72.48
C ASP C 602 46.79 -50.77 72.97
N LYS C 603 46.11 -49.66 72.71
CA LYS C 603 44.72 -49.54 73.12
C LYS C 603 43.82 -50.46 72.34
N HIS C 604 44.24 -50.88 71.18
CA HIS C 604 43.36 -51.74 70.41
C HIS C 604 43.90 -53.13 70.22
N GLY C 605 45.18 -53.27 69.90
CA GLY C 605 45.66 -54.59 69.61
C GLY C 605 46.57 -54.67 68.42
N ARG C 606 46.16 -55.43 67.40
CA ARG C 606 46.98 -55.68 66.23
C ARG C 606 46.24 -55.15 65.02
N ASN C 607 46.35 -53.85 64.78
CA ASN C 607 45.80 -53.25 63.58
C ASN C 607 46.95 -52.88 62.68
N HIS C 608 47.13 -53.64 61.63
CA HIS C 608 48.11 -53.35 60.61
C HIS C 608 47.78 -52.08 59.86
N LYS C 609 46.55 -51.63 59.91
CA LYS C 609 46.16 -50.36 59.31
C LYS C 609 46.96 -49.22 59.89
N VAL C 610 47.21 -49.28 61.19
CA VAL C 610 48.08 -48.33 61.86
C VAL C 610 49.47 -48.38 61.27
N LEU C 611 49.93 -49.58 60.97
CA LEU C 611 51.26 -49.75 60.41
C LEU C 611 51.33 -49.14 59.03
N ASP C 612 50.26 -49.29 58.27
CA ASP C 612 50.16 -48.71 56.94
C ASP C 612 50.21 -47.20 57.02
N VAL C 613 49.55 -46.67 58.05
CA VAL C 613 49.63 -45.26 58.34
C VAL C 613 51.08 -44.86 58.58
N LEU C 614 51.81 -45.66 59.34
CA LEU C 614 53.19 -45.33 59.63
C LEU C 614 54.06 -45.41 58.39
N CYS C 615 53.75 -46.35 57.49
CA CYS C 615 54.42 -46.42 56.20
C CYS C 615 54.18 -45.14 55.41
N SER C 616 52.98 -44.59 55.49
CA SER C 616 52.78 -43.30 54.85
C SER C 616 53.53 -42.20 55.59
N LEU C 617 53.74 -42.38 56.88
CA LEU C 617 54.36 -41.31 57.65
C LEU C 617 55.84 -41.18 57.37
N CYS C 618 56.55 -42.29 57.28
CA CYS C 618 57.99 -42.19 57.21
C CYS C 618 58.44 -41.66 55.86
N VAL C 619 57.83 -42.16 54.80
CA VAL C 619 58.21 -41.79 53.45
C VAL C 619 57.05 -41.07 52.80
N CYS C 620 57.33 -39.92 52.19
CA CYS C 620 56.33 -39.18 51.46
C CYS C 620 56.18 -39.74 50.06
N HIS C 621 55.54 -38.94 49.19
CA HIS C 621 55.46 -39.24 47.78
C HIS C 621 56.84 -39.46 47.19
N GLY C 622 57.66 -38.43 47.22
CA GLY C 622 58.99 -38.61 46.71
C GLY C 622 59.95 -38.97 47.81
N VAL C 623 59.83 -38.28 48.94
CA VAL C 623 60.95 -38.21 49.87
C VAL C 623 60.60 -38.86 51.19
N ALA C 624 61.52 -38.77 52.12
CA ALA C 624 61.27 -39.23 53.47
C ALA C 624 61.91 -38.23 54.42
N VAL C 625 61.46 -38.28 55.67
CA VAL C 625 61.91 -37.36 56.69
C VAL C 625 62.59 -38.15 57.79
N ARG C 626 63.89 -37.93 57.94
CA ARG C 626 64.71 -38.84 58.71
C ARG C 626 64.53 -38.64 60.19
N SER C 627 64.20 -37.41 60.59
CA SER C 627 63.90 -37.14 61.98
C SER C 627 62.68 -37.92 62.42
N ASN C 628 61.67 -37.96 61.55
CA ASN C 628 60.48 -38.74 61.81
C ASN C 628 60.81 -40.20 61.96
N GLN C 629 61.71 -40.70 61.12
CA GLN C 629 62.14 -42.08 61.22
C GLN C 629 62.84 -42.32 62.55
N HIS C 630 63.61 -41.34 62.99
CA HIS C 630 64.29 -41.46 64.27
C HIS C 630 63.30 -41.54 65.41
N LEU C 631 62.25 -40.72 65.32
CA LEU C 631 61.19 -40.75 66.30
C LEU C 631 60.54 -42.12 66.34
N ILE C 632 60.30 -42.68 65.16
CA ILE C 632 59.61 -43.96 65.05
C ILE C 632 60.42 -45.07 65.69
N CYS C 633 61.68 -45.17 65.30
CA CYS C 633 62.47 -46.31 65.75
C CYS C 633 62.81 -46.18 67.21
N ASP C 634 62.98 -44.94 67.68
CA ASP C 634 63.22 -44.76 69.10
C ASP C 634 61.99 -45.09 69.90
N ASN C 635 60.83 -44.84 69.36
CA ASN C 635 59.64 -45.11 70.15
C ASN C 635 59.08 -46.49 69.89
N LEU C 636 59.75 -47.30 69.08
CA LEU C 636 59.29 -48.66 68.93
C LEU C 636 60.31 -49.68 69.37
N LEU C 637 61.47 -49.63 68.81
CA LEU C 637 62.39 -50.76 68.82
C LEU C 637 63.10 -51.13 70.13
N PRO C 638 63.33 -50.21 71.08
CA PRO C 638 63.68 -50.71 72.41
C PRO C 638 62.55 -51.44 73.09
N GLY C 639 61.31 -51.22 72.67
CA GLY C 639 60.18 -51.90 73.26
C GLY C 639 60.20 -53.39 72.99
N ARG C 640 59.99 -53.77 71.74
CA ARG C 640 59.86 -55.17 71.30
C ARG C 640 58.72 -55.87 72.01
N ASP C 641 57.61 -55.16 72.20
CA ASP C 641 56.47 -55.70 72.94
C ASP C 641 55.17 -55.68 72.15
N LEU C 642 54.81 -54.55 71.57
CA LEU C 642 53.51 -54.46 70.90
C LEU C 642 53.54 -55.18 69.57
N LEU C 643 54.72 -55.38 69.02
CA LEU C 643 54.96 -56.07 67.77
C LEU C 643 55.48 -57.47 68.06
N LEU C 644 55.75 -58.20 66.99
CA LEU C 644 56.19 -59.57 67.10
C LEU C 644 57.71 -59.62 67.19
N GLN C 645 58.24 -60.81 67.42
CA GLN C 645 59.68 -60.94 67.57
C GLN C 645 60.05 -62.40 67.33
N THR C 646 61.14 -62.59 66.59
CA THR C 646 61.47 -63.91 66.07
C THR C 646 62.90 -64.31 66.38
N ARG C 647 63.18 -65.59 66.16
CA ARG C 647 64.41 -66.22 66.59
C ARG C 647 64.47 -67.62 66.00
N LEU C 648 65.63 -68.03 65.51
CA LEU C 648 65.87 -69.43 65.21
C LEU C 648 66.41 -70.13 66.45
N VAL C 649 66.03 -71.38 66.66
CA VAL C 649 66.67 -72.19 67.68
C VAL C 649 67.00 -73.54 67.09
N ASN C 650 67.82 -74.30 67.80
CA ASN C 650 68.22 -75.61 67.32
C ASN C 650 67.10 -76.63 67.54
N HIS C 651 67.24 -77.76 66.87
CA HIS C 651 66.28 -78.85 67.00
C HIS C 651 66.50 -79.53 68.34
N VAL C 652 65.55 -79.38 69.26
CA VAL C 652 65.69 -79.99 70.57
C VAL C 652 65.49 -81.49 70.46
N SER C 653 66.50 -82.25 70.88
CA SER C 653 66.57 -83.69 70.65
C SER C 653 66.61 -84.40 72.00
N SER C 654 65.51 -85.08 72.34
CA SER C 654 65.31 -85.67 73.65
C SER C 654 65.09 -87.16 73.53
N MET C 655 65.78 -87.95 74.37
CA MET C 655 65.64 -89.38 74.33
C MET C 655 65.58 -89.95 75.74
N ARG C 656 65.08 -91.19 75.85
CA ARG C 656 64.81 -91.77 77.16
C ARG C 656 64.94 -93.29 77.12
N PRO C 657 65.57 -93.90 78.12
CA PRO C 657 65.87 -95.33 78.07
C PRO C 657 64.76 -96.23 78.61
N ASN C 658 63.54 -96.00 78.14
CA ASN C 658 62.46 -97.00 78.06
C ASN C 658 61.84 -97.43 79.38
N ILE C 659 62.45 -97.10 80.50
CA ILE C 659 62.08 -97.73 81.76
C ILE C 659 61.04 -96.87 82.43
N PHE C 660 59.89 -97.47 82.71
CA PHE C 660 58.81 -96.76 83.36
C PHE C 660 58.87 -97.05 84.85
N LEU C 661 58.51 -96.08 85.67
CA LEU C 661 58.65 -96.21 87.11
C LEU C 661 57.52 -95.48 87.81
N GLY C 662 56.83 -96.17 88.70
CA GLY C 662 55.77 -95.57 89.50
C GLY C 662 56.13 -95.43 90.97
N LYS C 671 62.14 -98.47 96.83
CA LYS C 671 63.49 -98.74 96.36
C LYS C 671 64.02 -97.55 95.58
N LYS C 672 64.80 -96.70 96.26
CA LYS C 672 65.26 -95.45 95.68
C LYS C 672 66.24 -95.70 94.56
N TRP C 673 65.97 -95.12 93.40
CA TRP C 673 66.63 -95.59 92.19
C TRP C 673 67.99 -94.96 92.00
N TYR C 674 68.75 -95.55 91.08
CA TYR C 674 70.09 -95.08 90.79
C TYR C 674 70.44 -95.45 89.37
N TYR C 675 71.08 -94.52 88.66
CA TYR C 675 71.70 -94.83 87.38
C TYR C 675 72.92 -93.95 87.17
N GLU C 676 73.46 -94.02 85.96
CA GLU C 676 74.74 -93.40 85.62
C GLU C 676 74.77 -93.02 84.15
N LEU C 677 75.50 -91.95 83.85
CA LEU C 677 75.86 -91.62 82.47
C LEU C 677 77.23 -90.93 82.46
N MET C 678 77.76 -90.78 81.25
CA MET C 678 79.03 -90.09 81.08
C MET C 678 79.11 -89.48 79.69
N VAL C 679 79.59 -88.24 79.62
CA VAL C 679 79.71 -87.52 78.37
C VAL C 679 80.79 -88.14 77.51
N ASP C 680 80.51 -88.30 76.22
CA ASP C 680 81.56 -88.68 75.28
C ASP C 680 81.87 -87.61 74.26
N HIS C 681 80.98 -86.65 74.05
CA HIS C 681 81.18 -85.64 73.01
C HIS C 681 80.36 -84.41 73.35
N THR C 682 80.94 -83.22 73.15
CA THR C 682 80.21 -82.00 73.50
C THR C 682 79.96 -81.07 72.33
N GLU C 683 81.02 -80.55 71.68
CA GLU C 683 80.99 -79.77 70.44
C GLU C 683 80.11 -78.54 70.59
N PRO C 684 80.55 -77.52 71.33
CA PRO C 684 79.63 -76.50 71.85
C PRO C 684 79.09 -75.55 70.80
N PHE C 685 79.73 -75.44 69.66
CA PHE C 685 79.36 -74.41 68.71
C PHE C 685 79.37 -74.95 67.30
N VAL C 686 78.65 -76.05 67.08
CA VAL C 686 78.46 -76.55 65.73
C VAL C 686 77.65 -75.56 64.89
N THR C 687 76.87 -74.69 65.52
CA THR C 687 76.34 -73.50 64.90
C THR C 687 76.92 -72.30 65.63
N ALA C 688 76.52 -71.11 65.18
CA ALA C 688 76.78 -69.91 65.96
C ALA C 688 76.02 -69.97 67.27
N GLU C 689 74.82 -70.52 67.23
CA GLU C 689 74.08 -70.83 68.45
C GLU C 689 74.79 -71.93 69.21
N ALA C 690 74.88 -71.78 70.52
CA ALA C 690 75.48 -72.79 71.37
C ALA C 690 74.58 -74.02 71.45
N THR C 691 75.18 -75.13 71.84
CA THR C 691 74.49 -76.41 71.86
C THR C 691 74.09 -76.76 73.28
N HIS C 692 72.87 -77.24 73.47
CA HIS C 692 72.42 -77.53 74.81
C HIS C 692 72.60 -79.00 75.12
N LEU C 693 72.37 -79.34 76.38
CA LEU C 693 72.39 -80.72 76.83
C LEU C 693 71.63 -80.81 78.14
N ARG C 694 70.75 -81.78 78.24
CA ARG C 694 69.92 -81.94 79.42
C ARG C 694 69.81 -83.42 79.82
N VAL C 695 69.84 -83.67 81.13
CA VAL C 695 69.67 -85.00 81.70
C VAL C 695 68.87 -84.87 83.00
N GLY C 696 67.88 -85.75 83.19
CA GLY C 696 67.03 -85.59 84.35
C GLY C 696 65.99 -86.67 84.58
N TRP C 697 64.76 -86.24 84.89
CA TRP C 697 63.66 -87.14 85.20
C TRP C 697 62.32 -86.52 84.82
N ALA C 698 61.39 -87.36 84.38
CA ALA C 698 60.00 -87.00 84.14
C ALA C 698 59.16 -88.26 84.05
N SER C 699 57.86 -88.08 83.96
CA SER C 699 56.88 -89.13 83.93
C SER C 699 56.03 -89.03 82.67
N THR C 700 55.31 -90.10 82.35
CA THR C 700 54.40 -90.07 81.20
C THR C 700 53.01 -89.60 81.62
N GLU C 701 52.36 -90.38 82.47
CA GLU C 701 51.08 -89.98 83.03
C GLU C 701 51.35 -88.81 83.96
N GLY C 702 51.00 -87.63 83.48
CA GLY C 702 51.57 -86.41 84.01
C GLY C 702 52.66 -85.97 83.09
N TYR C 703 52.30 -85.05 82.18
CA TYR C 703 53.20 -84.44 81.20
C TYR C 703 53.86 -85.51 80.32
N SER C 704 53.04 -86.12 79.49
CA SER C 704 53.53 -87.02 78.44
C SER C 704 54.50 -86.29 77.54
N PRO C 705 55.70 -86.82 77.32
CA PRO C 705 56.77 -86.05 76.69
C PRO C 705 56.73 -85.89 75.17
N TYR C 706 56.18 -84.78 74.67
CA TYR C 706 56.42 -84.39 73.28
C TYR C 706 57.75 -83.67 73.16
N PRO C 707 58.65 -84.11 72.27
CA PRO C 707 59.86 -83.30 71.99
C PRO C 707 59.72 -82.43 70.76
N GLY C 708 60.05 -81.14 70.87
CA GLY C 708 59.99 -80.25 69.73
C GLY C 708 58.60 -79.80 69.31
N GLY C 709 57.57 -80.58 69.62
CA GLY C 709 56.21 -80.12 69.61
C GLY C 709 55.77 -80.17 71.05
N GLY C 710 56.73 -79.99 71.96
CA GLY C 710 56.44 -79.98 73.37
C GLY C 710 56.17 -78.58 73.90
N GLU C 711 57.04 -78.08 74.77
CA GLU C 711 56.84 -76.73 75.32
C GLU C 711 57.45 -75.71 74.37
N GLU C 712 57.56 -74.46 74.84
CA GLU C 712 58.03 -73.34 74.03
C GLU C 712 59.48 -73.57 73.63
N TRP C 713 59.72 -73.51 72.30
CA TRP C 713 61.04 -73.65 71.68
C TRP C 713 61.66 -75.01 72.02
N GLY C 714 60.81 -76.03 72.10
CA GLY C 714 61.27 -77.33 72.60
C GLY C 714 61.55 -77.22 74.08
N GLY C 715 62.69 -77.74 74.50
CA GLY C 715 63.17 -77.55 75.85
C GLY C 715 63.10 -78.82 76.68
N ASN C 716 63.78 -78.75 77.82
CA ASN C 716 63.90 -79.87 78.74
C ASN C 716 64.16 -79.33 80.13
N GLY C 717 63.63 -80.04 81.12
CA GLY C 717 63.58 -79.53 82.48
C GLY C 717 62.65 -78.34 82.59
N VAL C 718 61.65 -78.28 81.73
CA VAL C 718 60.94 -77.04 81.50
C VAL C 718 59.55 -77.04 82.10
N GLY C 719 59.02 -78.17 82.52
CA GLY C 719 57.67 -78.28 82.99
C GLY C 719 57.53 -78.66 84.46
N ASP C 720 56.28 -78.78 84.87
CA ASP C 720 55.92 -79.21 86.22
C ASP C 720 56.21 -80.68 86.45
N ASP C 721 56.51 -81.43 85.40
CA ASP C 721 57.04 -82.76 85.54
C ASP C 721 58.39 -82.93 84.87
N LEU C 722 58.82 -81.97 84.07
CA LEU C 722 60.16 -82.01 83.53
C LEU C 722 61.15 -81.42 84.51
N PHE C 723 62.08 -82.24 84.97
CA PHE C 723 63.16 -81.82 85.85
C PHE C 723 64.45 -82.35 85.25
N SER C 724 65.24 -81.46 84.69
CA SER C 724 66.48 -81.89 84.06
C SER C 724 67.61 -80.97 84.48
N TYR C 725 68.78 -81.19 83.87
CA TYR C 725 70.04 -80.82 84.49
C TYR C 725 71.16 -81.07 83.47
N GLY C 726 72.30 -80.40 83.68
CA GLY C 726 73.43 -80.57 82.78
C GLY C 726 73.87 -79.26 82.16
N PHE C 727 75.10 -78.81 82.45
CA PHE C 727 75.51 -77.44 82.20
C PHE C 727 77.02 -77.34 82.40
N ASP C 728 77.59 -76.19 82.05
CA ASP C 728 78.92 -75.80 82.49
C ASP C 728 78.75 -75.23 83.89
N GLY C 729 79.22 -75.94 84.90
CA GLY C 729 78.62 -75.63 86.17
C GLY C 729 77.24 -76.24 86.09
N LEU C 730 77.19 -77.55 86.31
CA LEU C 730 76.24 -78.52 85.75
C LEU C 730 74.75 -78.31 86.03
N HIS C 731 74.38 -77.16 86.58
CA HIS C 731 73.07 -76.92 87.17
C HIS C 731 71.89 -77.09 86.22
N LEU C 732 70.70 -77.02 86.81
CA LEU C 732 69.51 -77.69 86.35
C LEU C 732 68.71 -76.85 85.37
N TRP C 733 67.49 -77.32 85.09
CA TRP C 733 66.41 -76.52 84.57
C TRP C 733 65.16 -76.79 85.38
N SER C 734 64.32 -75.76 85.50
CA SER C 734 63.15 -75.86 86.36
C SER C 734 62.16 -74.80 85.91
N GLY C 735 61.06 -75.23 85.28
CA GLY C 735 60.05 -74.31 84.82
C GLY C 735 60.63 -73.40 83.76
N CYS C 736 61.28 -74.04 82.79
CA CYS C 736 62.16 -73.49 81.77
C CYS C 736 63.10 -72.42 82.30
N ILE C 737 63.69 -72.67 83.46
CA ILE C 737 64.62 -71.71 84.06
C ILE C 737 65.83 -72.49 84.54
N ALA C 738 66.98 -72.19 83.95
CA ALA C 738 68.26 -72.77 84.36
C ALA C 738 68.76 -72.02 85.58
N ARG C 739 68.22 -72.39 86.74
CA ARG C 739 68.72 -71.80 87.97
C ARG C 739 70.09 -72.38 88.28
N THR C 740 70.90 -71.57 88.96
CA THR C 740 72.35 -71.62 88.80
C THR C 740 73.07 -72.03 90.06
N VAL C 741 72.65 -73.14 90.66
CA VAL C 741 73.31 -73.64 91.87
C VAL C 741 74.77 -73.97 91.58
N SER C 742 75.62 -73.85 92.61
CA SER C 742 77.06 -73.94 92.48
C SER C 742 77.50 -75.36 92.21
N SER C 743 78.18 -75.59 91.10
CA SER C 743 78.93 -76.81 90.95
C SER C 743 80.20 -76.69 91.79
N PRO C 744 80.53 -77.69 92.59
CA PRO C 744 81.80 -77.59 93.33
C PRO C 744 82.99 -78.05 92.51
N ASN C 745 83.01 -77.71 91.22
CA ASN C 745 84.14 -77.93 90.35
C ASN C 745 84.40 -76.79 89.39
N GLN C 746 83.39 -75.98 89.09
CA GLN C 746 83.37 -75.03 87.96
C GLN C 746 83.75 -75.73 86.65
N HIS C 747 83.20 -76.92 86.47
CA HIS C 747 83.52 -77.72 85.30
C HIS C 747 82.54 -77.44 84.19
N LEU C 748 83.00 -77.67 82.96
CA LEU C 748 82.18 -77.48 81.80
C LEU C 748 81.29 -78.68 81.55
N LEU C 749 80.72 -78.70 80.36
CA LEU C 749 80.39 -79.95 79.70
C LEU C 749 81.60 -80.27 78.84
N ARG C 750 82.42 -81.21 79.30
CA ARG C 750 83.53 -81.72 78.52
C ARG C 750 83.25 -83.17 78.19
N THR C 751 83.96 -83.69 77.19
CA THR C 751 83.54 -84.94 76.53
C THR C 751 83.87 -86.19 77.33
N ASP C 752 83.96 -86.07 78.64
CA ASP C 752 84.40 -87.14 79.51
C ASP C 752 83.74 -87.15 80.87
N ASP C 753 82.82 -86.23 81.14
CA ASP C 753 82.35 -86.00 82.50
C ASP C 753 81.32 -87.05 82.90
N VAL C 754 81.46 -87.60 84.10
CA VAL C 754 80.61 -88.68 84.54
C VAL C 754 79.48 -88.12 85.38
N ILE C 755 78.28 -88.67 85.18
CA ILE C 755 77.07 -88.23 85.85
C ILE C 755 76.62 -89.36 86.76
N SER C 756 76.68 -89.14 88.06
CA SER C 756 76.18 -90.10 89.02
C SER C 756 74.74 -89.72 89.34
N CYS C 757 73.80 -90.61 89.01
CA CYS C 757 72.40 -90.24 88.95
C CYS C 757 71.63 -91.01 90.01
N CYS C 758 71.02 -90.28 90.95
CA CYS C 758 70.18 -90.86 91.96
C CYS C 758 68.78 -90.29 91.89
N LEU C 759 67.79 -91.16 91.95
CA LEU C 759 66.41 -90.73 92.14
C LEU C 759 65.88 -91.44 93.37
N ASP C 760 65.43 -90.67 94.35
CA ASP C 760 64.80 -91.29 95.51
C ASP C 760 63.37 -91.63 95.14
N LEU C 761 63.16 -92.90 94.83
CA LEU C 761 61.81 -93.42 94.76
C LEU C 761 61.18 -93.37 96.14
N SER C 762 59.90 -93.00 96.17
CA SER C 762 59.08 -92.87 97.38
C SER C 762 59.68 -91.91 98.39
N ALA C 763 60.42 -90.91 97.92
CA ALA C 763 60.77 -89.75 98.74
C ALA C 763 60.96 -88.57 97.80
N PRO C 764 60.13 -87.53 97.92
CA PRO C 764 60.15 -86.42 96.96
C PRO C 764 61.42 -85.59 97.07
N SER C 765 62.50 -86.12 96.53
CA SER C 765 63.83 -85.65 96.85
C SER C 765 64.78 -86.15 95.79
N ILE C 766 65.17 -85.28 94.86
CA ILE C 766 66.01 -85.69 93.75
C ILE C 766 67.29 -84.89 93.78
N SER C 767 68.41 -85.58 93.59
CA SER C 767 69.68 -84.95 93.31
C SER C 767 70.55 -85.95 92.57
N PHE C 768 71.41 -85.43 91.73
CA PHE C 768 72.36 -86.29 91.06
C PHE C 768 73.72 -86.01 91.65
N ARG C 769 74.75 -86.57 91.03
CA ARG C 769 76.12 -86.23 91.37
C ARG C 769 76.95 -86.26 90.09
N ILE C 770 78.12 -85.67 90.16
CA ILE C 770 79.02 -85.64 89.01
C ILE C 770 80.32 -86.27 89.42
N ASN C 771 80.63 -87.42 88.81
CA ASN C 771 81.68 -88.34 89.25
C ASN C 771 81.51 -88.70 90.72
N GLY C 772 80.28 -88.74 91.20
CA GLY C 772 80.02 -88.77 92.62
C GLY C 772 80.19 -87.47 93.37
N GLN C 773 80.32 -86.32 92.67
CA GLN C 773 80.42 -85.15 93.54
C GLN C 773 79.06 -84.54 93.77
N PRO C 774 78.75 -84.18 95.01
CA PRO C 774 77.41 -83.68 95.34
C PRO C 774 77.15 -82.33 94.71
N VAL C 775 76.01 -82.19 94.07
CA VAL C 775 75.72 -81.00 93.30
C VAL C 775 74.53 -80.30 93.93
N GLN C 776 74.42 -80.40 95.26
CA GLN C 776 73.56 -79.55 96.07
C GLN C 776 72.07 -79.68 95.85
N GLY C 777 71.52 -80.81 96.31
CA GLY C 777 70.16 -81.30 96.14
C GLY C 777 68.99 -80.35 96.04
N MET C 778 68.16 -80.57 95.02
CA MET C 778 67.24 -79.54 94.59
C MET C 778 65.79 -79.96 94.55
N PHE C 779 65.46 -81.07 93.91
CA PHE C 779 64.14 -81.27 93.34
C PHE C 779 63.26 -81.97 94.36
N GLU C 780 62.31 -81.23 94.91
CA GLU C 780 61.46 -81.74 95.97
C GLU C 780 60.00 -81.51 95.64
N ASN C 781 59.18 -82.50 96.00
CA ASN C 781 57.74 -82.33 96.24
C ASN C 781 56.98 -81.90 94.99
N PHE C 782 56.91 -82.82 94.05
CA PHE C 782 56.10 -82.64 92.86
C PHE C 782 55.07 -83.74 92.79
N ASN C 783 54.35 -83.77 91.66
CA ASN C 783 53.38 -84.83 91.42
C ASN C 783 54.13 -86.13 91.19
N ILE C 784 54.34 -86.88 92.27
CA ILE C 784 54.94 -88.20 92.11
C ILE C 784 53.84 -89.10 91.59
N ASP C 785 53.73 -89.19 90.28
CA ASP C 785 52.52 -89.71 89.66
C ASP C 785 52.88 -90.17 88.25
N GLY C 786 52.57 -91.42 87.95
CA GLY C 786 52.78 -91.94 86.62
C GLY C 786 54.03 -92.77 86.49
N LEU C 787 54.56 -92.78 85.27
CA LEU C 787 55.57 -93.73 84.84
C LEU C 787 56.87 -92.98 84.57
N PHE C 788 57.81 -93.05 85.50
CA PHE C 788 58.94 -92.14 85.49
C PHE C 788 60.14 -92.73 84.78
N PHE C 789 61.01 -91.85 84.27
CA PHE C 789 62.10 -92.26 83.38
C PHE C 789 63.12 -91.14 83.30
N PRO C 790 64.39 -91.47 83.12
CA PRO C 790 65.38 -90.45 82.75
C PRO C 790 65.13 -89.95 81.35
N VAL C 791 65.50 -88.69 81.11
CA VAL C 791 64.88 -87.91 80.03
C VAL C 791 65.86 -87.28 79.04
N VAL C 792 67.02 -87.91 78.84
CA VAL C 792 68.24 -87.20 78.44
C VAL C 792 68.12 -86.47 77.09
N SER C 793 68.76 -85.31 76.99
CA SER C 793 68.62 -84.50 75.78
C SER C 793 69.84 -83.64 75.54
N PHE C 794 69.83 -82.99 74.38
CA PHE C 794 70.97 -82.34 73.76
C PHE C 794 70.48 -81.75 72.45
N SER C 795 71.35 -80.95 71.82
CA SER C 795 71.26 -80.70 70.37
C SER C 795 72.66 -80.36 69.85
N ALA C 796 73.39 -81.39 69.41
CA ALA C 796 74.72 -81.28 68.77
C ALA C 796 75.10 -82.64 68.19
N GLY C 797 76.38 -82.79 67.86
CA GLY C 797 76.92 -84.09 67.54
C GLY C 797 77.42 -84.86 68.75
N ILE C 798 76.57 -84.99 69.75
CA ILE C 798 76.95 -85.43 71.09
C ILE C 798 76.71 -86.92 71.19
N LYS C 799 77.67 -87.66 71.75
CA LYS C 799 77.41 -89.00 72.23
C LYS C 799 77.73 -89.11 73.70
N VAL C 800 77.17 -90.15 74.33
CA VAL C 800 77.37 -90.43 75.75
C VAL C 800 77.45 -91.93 75.98
N ARG C 801 78.31 -92.31 76.92
CA ARG C 801 78.34 -93.70 77.36
C ARG C 801 77.16 -93.98 78.27
N PHE C 802 76.83 -95.27 78.41
CA PHE C 802 75.80 -95.72 79.35
C PHE C 802 76.45 -96.72 80.29
N LEU C 803 76.92 -96.22 81.42
CA LEU C 803 77.63 -97.03 82.41
C LEU C 803 76.58 -97.73 83.28
N LEU C 804 75.87 -98.67 82.65
CA LEU C 804 74.62 -99.17 83.21
C LEU C 804 74.39 -100.66 82.97
N GLY C 805 75.41 -101.42 82.63
CA GLY C 805 75.21 -102.84 82.43
C GLY C 805 74.74 -103.17 81.03
N GLU C 810 78.38 -103.66 81.67
CA GLU C 810 78.77 -102.40 81.06
C GLU C 810 78.75 -101.25 82.02
N PHE C 811 78.53 -101.56 83.29
CA PHE C 811 78.72 -100.56 84.33
C PHE C 811 80.17 -100.13 84.42
N LYS C 812 80.38 -98.92 84.90
CA LYS C 812 81.71 -98.47 85.26
C LYS C 812 81.82 -98.22 86.76
N PHE C 813 80.97 -97.35 87.29
CA PHE C 813 81.06 -96.95 88.68
C PHE C 813 79.73 -96.35 89.08
N LEU C 814 79.18 -96.79 90.21
CA LEU C 814 78.02 -96.13 90.71
C LEU C 814 78.09 -96.18 92.22
N PRO C 815 77.82 -95.07 92.89
CA PRO C 815 77.44 -95.12 94.29
C PRO C 815 76.11 -95.82 94.46
N PRO C 816 75.84 -96.39 95.62
CA PRO C 816 74.58 -97.10 95.84
C PRO C 816 73.36 -96.19 95.83
N PRO C 817 73.34 -95.10 96.66
CA PRO C 817 72.21 -94.85 97.57
C PRO C 817 70.82 -95.19 97.08
N GLY C 818 70.12 -95.97 97.91
CA GLY C 818 68.88 -96.55 97.49
C GLY C 818 69.12 -97.86 96.79
N TYR C 819 68.42 -98.90 97.26
CA TYR C 819 68.62 -100.29 96.85
C TYR C 819 67.83 -100.52 95.57
N ALA C 820 68.25 -99.86 94.49
CA ALA C 820 67.55 -99.94 93.23
C ALA C 820 68.43 -99.48 92.07
N PRO C 821 69.19 -100.37 91.47
CA PRO C 821 70.01 -99.99 90.32
C PRO C 821 69.23 -100.13 89.02
N CYS C 822 69.69 -99.36 88.03
CA CYS C 822 69.05 -99.33 86.72
C CYS C 822 69.16 -100.67 86.01
N TYR C 823 70.21 -101.43 86.29
CA TYR C 823 70.26 -102.74 85.66
C TYR C 823 69.39 -103.75 86.38
N GLU C 824 68.77 -103.37 87.49
CA GLU C 824 67.62 -104.09 88.00
C GLU C 824 66.31 -103.38 87.69
N ALA C 825 66.36 -102.22 87.06
CA ALA C 825 65.13 -101.67 86.50
C ALA C 825 64.71 -102.45 85.26
N VAL C 826 65.66 -103.08 84.59
CA VAL C 826 65.44 -103.68 83.28
C VAL C 826 64.87 -105.08 83.42
N LEU C 827 64.51 -105.47 84.66
CA LEU C 827 63.94 -106.76 85.02
C LEU C 827 62.79 -107.26 84.14
N PRO C 828 61.61 -106.55 84.04
CA PRO C 828 60.38 -107.23 83.59
C PRO C 828 60.39 -107.70 82.16
N LYS C 829 60.51 -106.76 81.22
CA LYS C 829 60.48 -107.07 79.80
C LYS C 829 61.48 -106.33 78.95
N GLU C 830 61.99 -105.18 79.37
CA GLU C 830 62.71 -104.32 78.45
C GLU C 830 64.20 -104.63 78.41
N LYS C 831 64.87 -104.00 77.45
CA LYS C 831 66.32 -103.98 77.32
C LYS C 831 66.73 -102.51 77.34
N LEU C 832 68.03 -102.22 77.29
CA LEU C 832 68.47 -100.83 77.33
C LEU C 832 68.29 -100.23 75.94
N LYS C 833 67.05 -99.94 75.62
CA LYS C 833 66.68 -99.44 74.31
C LYS C 833 66.16 -98.04 74.52
N VAL C 834 67.06 -97.08 74.40
CA VAL C 834 66.70 -95.66 74.51
C VAL C 834 65.87 -95.29 73.29
N GLU C 835 64.72 -94.67 73.52
CA GLU C 835 63.86 -94.23 72.44
C GLU C 835 63.73 -92.72 72.47
N HIS C 836 63.06 -92.18 71.46
CA HIS C 836 63.09 -90.75 71.17
C HIS C 836 61.92 -90.02 71.79
N SER C 837 61.56 -90.44 73.01
CA SER C 837 60.60 -89.74 73.87
C SER C 837 59.23 -89.65 73.20
N ARG C 838 58.71 -90.83 72.88
CA ARG C 838 57.33 -91.06 72.46
C ARG C 838 57.00 -90.49 71.08
N GLU C 839 57.95 -89.79 70.46
CA GLU C 839 58.34 -89.94 69.04
C GLU C 839 57.11 -89.93 68.11
N TYR C 840 56.49 -88.76 68.03
CA TYR C 840 55.34 -88.61 67.14
C TYR C 840 55.74 -88.75 65.68
N LYS C 841 56.96 -88.38 65.34
CA LYS C 841 57.43 -88.54 64.00
C LYS C 841 57.92 -89.96 63.80
N GLN C 842 58.04 -90.36 62.54
CA GLN C 842 58.93 -91.43 62.12
C GLN C 842 59.34 -91.14 60.66
N GLU C 843 60.48 -90.44 60.51
CA GLU C 843 60.84 -89.90 59.20
C GLU C 843 61.28 -91.01 58.25
N ARG C 844 60.55 -91.16 57.15
CA ARG C 844 60.64 -92.34 56.30
C ARG C 844 60.78 -91.96 54.84
N THR C 845 60.71 -92.98 54.00
CA THR C 845 60.65 -92.79 52.57
C THR C 845 59.35 -92.09 52.18
N TYR C 846 58.23 -92.76 52.37
CA TYR C 846 56.97 -92.10 52.05
C TYR C 846 56.53 -91.22 53.21
N THR C 847 56.20 -91.85 54.33
CA THR C 847 55.20 -91.33 55.23
C THR C 847 55.51 -91.80 56.65
N ARG C 848 55.58 -90.85 57.56
CA ARG C 848 55.48 -91.14 58.98
C ARG C 848 54.09 -91.70 59.24
N ASP C 849 54.01 -92.96 59.67
CA ASP C 849 52.72 -93.62 59.75
C ASP C 849 51.90 -93.10 60.93
N LEU C 850 50.64 -93.51 60.95
CA LEU C 850 49.69 -93.03 61.92
C LEU C 850 49.96 -93.63 63.29
N LEU C 851 49.25 -93.10 64.28
CA LEU C 851 49.57 -93.38 65.67
C LEU C 851 48.41 -92.94 66.54
N GLY C 852 47.75 -93.88 67.19
CA GLY C 852 46.85 -93.53 68.27
C GLY C 852 47.70 -93.08 69.44
N PRO C 853 47.14 -92.21 70.30
CA PRO C 853 48.00 -91.45 71.23
C PRO C 853 48.70 -92.24 72.32
N THR C 854 47.96 -92.97 73.15
CA THR C 854 48.51 -93.52 74.38
C THR C 854 47.60 -94.59 74.97
N VAL C 855 48.16 -95.75 75.30
CA VAL C 855 47.48 -96.73 76.13
C VAL C 855 48.28 -96.86 77.42
N SER C 856 47.63 -96.67 78.55
CA SER C 856 48.32 -96.80 79.83
C SER C 856 47.45 -97.41 80.91
N ALA C 861 55.04 -98.81 91.65
CA ALA C 861 56.00 -99.60 90.88
C ALA C 861 55.80 -101.08 91.16
N PHE C 862 56.47 -101.56 92.20
CA PHE C 862 56.40 -102.96 92.60
C PHE C 862 55.35 -103.19 93.67
N THR C 863 54.23 -102.47 93.59
CA THR C 863 53.16 -102.61 94.56
C THR C 863 52.27 -103.79 94.19
N PRO C 864 52.17 -104.81 95.04
CA PRO C 864 51.38 -105.99 94.72
C PRO C 864 49.91 -105.83 95.10
N ILE C 865 49.07 -106.66 94.50
CA ILE C 865 47.62 -106.62 94.73
C ILE C 865 47.12 -107.98 95.21
N PRO C 866 47.07 -108.23 96.51
CA PRO C 866 46.46 -109.47 96.99
C PRO C 866 44.94 -109.42 96.96
N VAL C 867 44.32 -110.54 96.58
CA VAL C 867 42.87 -110.56 96.49
C VAL C 867 42.27 -110.65 97.89
N ASP C 868 40.98 -110.38 97.99
CA ASP C 868 40.29 -110.37 99.27
C ASP C 868 38.90 -110.97 99.11
N THR C 869 38.61 -112.04 99.86
CA THR C 869 37.29 -112.67 99.83
C THR C 869 36.83 -113.16 101.21
N SER C 870 37.50 -112.72 102.28
CA SER C 870 37.15 -113.22 103.60
C SER C 870 35.99 -112.46 104.24
N GLN C 871 35.40 -111.51 103.52
CA GLN C 871 34.24 -110.76 104.01
C GLN C 871 32.94 -111.44 103.59
N ILE C 872 32.90 -112.76 103.77
CA ILE C 872 31.85 -113.63 103.24
C ILE C 872 31.64 -114.76 104.24
N VAL C 873 30.38 -115.01 104.60
CA VAL C 873 30.03 -116.15 105.44
C VAL C 873 30.24 -117.44 104.65
N LEU C 874 30.92 -118.41 105.27
CA LEU C 874 31.09 -119.72 104.66
C LEU C 874 29.79 -120.51 104.77
N PRO C 875 29.43 -121.29 103.76
CA PRO C 875 28.17 -122.05 103.81
C PRO C 875 28.27 -123.20 104.80
N PRO C 876 27.25 -123.38 105.64
CA PRO C 876 27.28 -124.48 106.61
C PRO C 876 27.02 -125.84 106.00
N HIS C 877 26.63 -125.89 104.73
CA HIS C 877 26.43 -127.15 104.04
C HIS C 877 27.73 -127.89 103.82
N LEU C 878 28.83 -127.14 103.72
CA LEU C 878 30.06 -127.72 103.23
C LEU C 878 31.25 -127.42 104.14
N GLU C 879 31.02 -127.20 105.44
CA GLU C 879 32.13 -126.90 106.35
C GLU C 879 33.01 -128.13 106.58
N ARG C 880 32.42 -129.18 107.14
CA ARG C 880 33.16 -130.43 107.32
C ARG C 880 33.44 -131.10 105.99
N ILE C 881 32.64 -130.80 104.96
CA ILE C 881 32.96 -131.24 103.61
C ILE C 881 34.28 -130.62 103.14
N ARG C 882 34.44 -129.31 103.35
CA ARG C 882 35.68 -128.65 102.99
C ARG C 882 36.82 -129.11 103.86
N GLU C 883 36.52 -129.47 105.11
CA GLU C 883 37.55 -130.08 105.95
C GLU C 883 37.92 -131.48 105.47
N LYS C 884 36.96 -132.22 104.90
CA LYS C 884 37.25 -133.52 104.32
C LYS C 884 38.12 -133.39 103.09
N LEU C 885 37.77 -132.47 102.20
CA LEU C 885 38.55 -132.26 100.99
C LEU C 885 39.90 -131.64 101.31
N ALA C 886 39.96 -130.84 102.36
CA ALA C 886 41.24 -130.36 102.88
C ALA C 886 42.06 -131.51 103.43
N GLU C 887 41.40 -132.50 104.02
CA GLU C 887 42.12 -133.70 104.44
C GLU C 887 42.59 -134.51 103.25
N ASN C 888 41.82 -134.49 102.16
CA ASN C 888 42.23 -135.17 100.94
C ASN C 888 43.45 -134.52 100.33
N ILE C 889 43.43 -133.19 100.21
CA ILE C 889 44.58 -132.43 99.76
C ILE C 889 45.74 -132.60 100.72
N HIS C 890 45.43 -132.68 102.02
CA HIS C 890 46.43 -132.87 103.06
C HIS C 890 47.12 -134.21 102.91
N GLU C 891 46.35 -135.29 102.73
CA GLU C 891 46.96 -136.61 102.65
C GLU C 891 47.62 -136.85 101.30
N LEU C 892 47.13 -136.19 100.24
CA LEU C 892 47.85 -136.21 98.98
C LEU C 892 49.18 -135.50 99.11
N TRP C 893 49.22 -134.41 99.88
CA TRP C 893 50.46 -133.71 100.14
C TRP C 893 51.38 -134.49 101.06
N VAL C 894 50.81 -135.24 102.00
CA VAL C 894 51.57 -136.15 102.86
C VAL C 894 52.22 -137.23 102.00
N MET C 895 51.44 -137.80 101.08
CA MET C 895 51.94 -138.75 100.10
C MET C 895 53.04 -138.14 99.24
N ASN C 896 52.87 -136.89 98.82
CA ASN C 896 53.86 -136.24 97.97
C ASN C 896 55.15 -135.95 98.73
N LYS C 897 55.05 -135.61 100.01
CA LYS C 897 56.25 -135.40 100.82
C LYS C 897 56.96 -136.71 101.11
N ILE C 898 56.20 -137.79 101.27
CA ILE C 898 56.80 -139.10 101.47
C ILE C 898 57.41 -139.62 100.17
N GLU C 899 56.92 -139.14 99.02
CA GLU C 899 57.43 -139.55 97.71
C GLU C 899 58.89 -139.17 97.50
N LEU C 900 59.30 -137.98 97.95
CA LEU C 900 60.69 -137.56 97.82
C LEU C 900 61.49 -137.81 99.08
N GLY C 901 60.96 -138.59 100.02
CA GLY C 901 61.71 -138.96 101.19
C GLY C 901 61.66 -137.96 102.31
N TRP C 902 60.47 -137.47 102.64
CA TRP C 902 60.26 -136.67 103.84
C TRP C 902 59.15 -137.32 104.64
N GLN C 903 59.48 -137.76 105.85
CA GLN C 903 58.60 -138.50 106.71
C GLN C 903 58.04 -137.56 107.79
N TYR C 904 57.01 -138.03 108.48
CA TYR C 904 56.45 -137.27 109.60
C TYR C 904 57.47 -137.16 110.73
N GLY C 905 57.57 -135.96 111.29
CA GLY C 905 58.36 -135.75 112.48
C GLY C 905 57.53 -135.09 113.57
N PRO C 906 58.08 -134.99 114.76
CA PRO C 906 57.42 -134.20 115.80
C PRO C 906 57.82 -132.74 115.69
N VAL C 907 59.02 -132.52 115.14
CA VAL C 907 59.62 -131.20 115.04
C VAL C 907 59.67 -130.80 113.57
N ARG C 908 60.16 -129.59 113.29
CA ARG C 908 60.20 -129.07 111.94
C ARG C 908 61.58 -129.29 111.31
N ASP C 909 61.94 -130.57 111.16
CA ASP C 909 63.17 -130.94 110.47
C ASP C 909 62.81 -131.41 109.07
N ASP C 910 62.45 -130.44 108.23
CA ASP C 910 62.01 -130.71 106.87
C ASP C 910 63.15 -131.11 105.94
N ASN C 911 64.40 -130.87 106.33
CA ASN C 911 65.56 -131.30 105.58
C ASN C 911 66.03 -132.68 106.02
N LYS C 912 65.55 -133.17 107.16
CA LYS C 912 65.95 -134.46 107.70
C LYS C 912 64.78 -135.43 107.76
N ARG C 913 63.82 -135.25 106.84
CA ARG C 913 62.65 -136.14 106.67
C ARG C 913 61.82 -136.24 107.95
N GLN C 914 61.74 -135.15 108.69
CA GLN C 914 60.95 -135.11 109.92
C GLN C 914 60.03 -133.89 109.82
N HIS C 915 58.94 -134.09 109.18
CA HIS C 915 58.03 -132.97 108.97
C HIS C 915 56.94 -132.99 110.02
N PRO C 916 56.64 -131.88 110.68
CA PRO C 916 55.69 -131.89 111.80
C PRO C 916 54.22 -131.85 111.39
N CYS C 917 53.90 -132.10 110.13
CA CYS C 917 52.55 -131.85 109.63
C CYS C 917 52.10 -132.98 108.71
N LEU C 918 52.68 -134.16 108.85
CA LEU C 918 52.42 -135.26 107.93
C LEU C 918 51.50 -136.34 108.49
N VAL C 919 51.07 -136.21 109.74
CA VAL C 919 49.87 -136.91 110.16
C VAL C 919 48.64 -136.17 109.63
N GLU C 920 47.46 -136.77 109.81
CA GLU C 920 46.24 -136.39 109.13
C GLU C 920 45.81 -134.96 109.47
N PHE C 921 44.85 -134.45 108.69
CA PHE C 921 44.51 -133.04 108.73
C PHE C 921 43.80 -132.67 110.02
N SER C 922 42.73 -133.39 110.36
CA SER C 922 41.98 -133.07 111.56
C SER C 922 42.71 -133.47 112.82
N LYS C 923 43.69 -134.37 112.72
CA LYS C 923 44.55 -134.66 113.85
C LYS C 923 45.47 -133.50 114.17
N LEU C 924 45.83 -132.74 113.17
CA LEU C 924 46.64 -131.57 113.44
C LEU C 924 45.74 -130.38 113.72
N PRO C 925 45.87 -129.73 114.88
CA PRO C 925 45.06 -128.54 115.17
C PRO C 925 45.52 -127.32 114.39
N GLU C 926 45.02 -126.13 114.74
CA GLU C 926 45.34 -124.95 113.95
C GLU C 926 46.72 -124.37 114.25
N GLN C 927 47.73 -125.24 114.32
CA GLN C 927 49.14 -124.90 114.24
C GLN C 927 49.90 -125.81 113.29
N GLU C 928 49.42 -127.02 113.05
CA GLU C 928 50.03 -127.93 112.09
C GLU C 928 49.09 -128.27 110.94
N ARG C 929 47.85 -127.77 110.96
CA ARG C 929 47.02 -127.81 109.76
C ARG C 929 46.14 -126.60 109.60
N ASN C 930 46.53 -125.45 110.16
CA ASN C 930 45.75 -124.23 109.96
C ASN C 930 45.80 -123.77 108.51
N TYR C 931 46.91 -124.03 107.84
CA TYR C 931 47.00 -123.73 106.41
C TYR C 931 46.07 -124.61 105.60
N ASN C 932 46.04 -125.92 105.90
CA ASN C 932 45.10 -126.81 105.23
C ASN C 932 43.67 -126.51 105.65
N LEU C 933 43.47 -126.01 106.87
CA LEU C 933 42.15 -125.56 107.30
C LEU C 933 41.67 -124.41 106.43
N GLN C 934 42.45 -123.35 106.36
CA GLN C 934 42.03 -122.14 105.65
C GLN C 934 42.14 -122.27 104.14
N MET C 935 42.79 -123.32 103.62
CA MET C 935 42.89 -123.50 102.18
C MET C 935 41.52 -123.76 101.55
N SER C 936 40.80 -124.76 102.07
CA SER C 936 39.46 -125.02 101.58
C SER C 936 38.48 -123.93 101.98
N LEU C 937 38.75 -123.24 103.09
CA LEU C 937 37.92 -122.10 103.48
C LEU C 937 38.04 -120.96 102.48
N GLU C 938 39.26 -120.69 102.02
CA GLU C 938 39.44 -119.65 101.02
C GLU C 938 38.96 -120.12 99.66
N THR C 939 39.01 -121.43 99.41
CA THR C 939 38.39 -121.98 98.21
C THR C 939 36.89 -121.76 98.21
N LEU C 940 36.23 -121.99 99.36
CA LEU C 940 34.81 -121.76 99.46
C LEU C 940 34.47 -120.28 99.42
N LYS C 941 35.31 -119.44 100.03
CA LYS C 941 35.05 -118.00 100.03
C LYS C 941 35.25 -117.41 98.65
N THR C 942 36.19 -117.96 97.87
CA THR C 942 36.33 -117.54 96.49
C THR C 942 35.25 -118.13 95.61
N LEU C 943 34.71 -119.30 95.99
CA LEU C 943 33.55 -119.84 95.30
C LEU C 943 32.36 -118.92 95.47
N LEU C 944 32.13 -118.45 96.69
CA LEU C 944 31.12 -117.45 96.92
C LEU C 944 31.47 -116.11 96.28
N ALA C 945 32.76 -115.82 96.12
CA ALA C 945 33.15 -114.56 95.52
C ALA C 945 33.02 -114.59 94.00
N LEU C 946 33.47 -115.66 93.37
CA LEU C 946 33.45 -115.76 91.92
C LEU C 946 32.14 -116.33 91.37
N GLY C 947 31.08 -116.31 92.17
CA GLY C 947 29.79 -116.79 91.72
C GLY C 947 29.68 -118.29 91.58
N CYS C 948 30.65 -119.04 92.09
CA CYS C 948 30.61 -120.49 91.98
C CYS C 948 29.65 -121.09 92.98
N HIS C 949 28.95 -122.13 92.56
CA HIS C 949 27.98 -122.78 93.43
C HIS C 949 28.69 -123.54 94.54
N VAL C 950 28.28 -123.30 95.77
CA VAL C 950 28.85 -123.95 96.95
C VAL C 950 27.69 -124.51 97.75
N GLY C 951 27.32 -125.76 97.44
CA GLY C 951 26.29 -126.46 98.17
C GLY C 951 26.57 -127.94 98.12
N ILE C 952 25.78 -128.70 98.88
CA ILE C 952 25.94 -130.15 98.89
C ILE C 952 25.42 -130.70 97.56
N SER C 953 26.32 -131.22 96.75
CA SER C 953 25.95 -131.97 95.56
C SER C 953 26.49 -133.39 95.58
N ASP C 954 27.60 -133.63 96.27
CA ASP C 954 28.07 -134.96 96.61
C ASP C 954 28.79 -134.84 97.94
N GLU C 955 29.64 -135.80 98.26
CA GLU C 955 30.37 -135.79 99.51
C GLU C 955 31.87 -135.69 99.25
N HIS C 956 32.57 -135.13 100.22
CA HIS C 956 34.02 -135.06 100.20
C HIS C 956 34.60 -136.09 101.16
N ALA C 957 35.90 -136.29 101.05
CA ALA C 957 36.56 -137.34 101.81
C ALA C 957 37.86 -136.84 102.44
N TYR C 970 46.44 -146.88 95.88
CA TYR C 970 47.13 -145.88 96.68
C TYR C 970 48.32 -146.50 97.39
N GLN C 971 49.49 -145.88 97.26
CA GLN C 971 50.69 -146.46 97.81
C GLN C 971 50.74 -146.30 99.31
N LEU C 972 51.30 -147.32 99.98
CA LEU C 972 51.43 -147.35 101.42
C LEU C 972 52.48 -146.33 101.84
N THR C 973 52.03 -145.23 102.43
CA THR C 973 52.91 -144.18 102.90
C THR C 973 53.39 -144.51 104.32
N SER C 974 53.94 -143.53 105.03
CA SER C 974 54.57 -143.76 106.33
C SER C 974 53.63 -143.44 107.48
N GLY C 975 52.34 -143.74 107.33
CA GLY C 975 51.42 -143.54 108.44
C GLY C 975 50.00 -143.13 108.07
N TYR C 976 49.78 -142.70 106.84
CA TYR C 976 48.41 -142.35 106.42
C TYR C 976 48.31 -142.53 104.91
N LYS C 977 47.43 -143.43 104.47
CA LYS C 977 47.22 -143.70 103.05
C LYS C 977 45.77 -144.06 102.77
N PRO C 978 44.88 -143.05 102.63
CA PRO C 978 43.59 -143.32 101.98
C PRO C 978 43.61 -142.94 100.50
N ALA C 979 42.65 -143.45 99.74
CA ALA C 979 42.41 -142.92 98.41
C ALA C 979 41.66 -141.60 98.55
N PRO C 980 42.12 -140.50 97.93
CA PRO C 980 41.53 -139.20 98.20
C PRO C 980 40.08 -139.06 97.75
N MET C 981 39.83 -139.18 96.44
CA MET C 981 38.51 -139.08 95.82
C MET C 981 38.66 -139.49 94.36
N ASP C 982 37.59 -139.29 93.61
CA ASP C 982 37.62 -139.39 92.15
C ASP C 982 37.87 -137.97 91.65
N LEU C 983 39.14 -137.59 91.57
CA LEU C 983 39.53 -136.19 91.49
C LEU C 983 39.31 -135.60 90.10
N SER C 984 40.02 -136.10 89.10
CA SER C 984 40.07 -135.44 87.81
C SER C 984 38.96 -135.88 86.87
N PHE C 985 38.07 -136.76 87.31
CA PHE C 985 36.95 -137.15 86.47
C PHE C 985 35.95 -136.01 86.34
N ILE C 986 35.79 -135.21 87.39
CA ILE C 986 34.85 -134.10 87.37
C ILE C 986 35.53 -132.88 86.78
N LYS C 987 34.74 -132.08 86.03
CA LYS C 987 35.24 -131.01 85.18
C LYS C 987 35.97 -129.92 85.95
N LEU C 988 37.28 -129.85 85.78
CA LEU C 988 38.08 -128.81 86.39
C LEU C 988 37.83 -127.51 85.65
N THR C 989 36.91 -126.69 86.19
CA THR C 989 36.57 -125.44 85.55
C THR C 989 37.73 -124.45 85.68
N PRO C 990 37.90 -123.59 84.67
CA PRO C 990 39.04 -122.67 84.70
C PRO C 990 38.85 -121.53 85.68
N SER C 991 37.61 -121.23 86.06
CA SER C 991 37.38 -120.22 87.10
C SER C 991 37.89 -120.71 88.45
N GLN C 992 37.77 -122.01 88.71
CA GLN C 992 38.43 -122.60 89.88
C GLN C 992 39.94 -122.51 89.75
N GLU C 993 40.45 -122.69 88.53
CA GLU C 993 41.86 -122.43 88.27
C GLU C 993 42.17 -120.95 88.36
N ALA C 994 41.24 -120.10 87.91
CA ALA C 994 41.39 -118.67 88.15
C ALA C 994 41.25 -118.33 89.63
N MET C 995 40.44 -119.08 90.36
CA MET C 995 40.38 -118.92 91.81
C MET C 995 41.71 -119.30 92.46
N VAL C 996 42.35 -120.33 91.92
CA VAL C 996 43.69 -120.72 92.37
C VAL C 996 44.67 -119.59 92.09
N ASP C 997 44.53 -118.95 90.93
CA ASP C 997 45.34 -117.79 90.59
C ASP C 997 45.13 -116.64 91.58
N LYS C 998 43.87 -116.38 91.92
CA LYS C 998 43.55 -115.28 92.84
C LYS C 998 44.08 -115.57 94.24
N LEU C 999 43.93 -116.79 94.72
CA LEU C 999 44.35 -117.08 96.08
C LEU C 999 45.86 -117.13 96.20
N ALA C 1000 46.53 -117.68 95.19
CA ALA C 1000 47.99 -117.65 95.18
C ALA C 1000 48.50 -116.23 94.97
N GLU C 1001 47.75 -115.44 94.23
CA GLU C 1001 47.99 -114.01 94.12
C GLU C 1001 47.91 -113.33 95.47
N ASN C 1002 46.88 -113.66 96.24
CA ASN C 1002 46.72 -113.14 97.59
C ASN C 1002 47.90 -113.50 98.47
N ALA C 1003 48.27 -114.79 98.45
CA ALA C 1003 49.33 -115.29 99.29
C ALA C 1003 50.65 -114.66 98.93
N HIS C 1004 51.04 -114.76 97.67
CA HIS C 1004 52.32 -114.25 97.25
C HIS C 1004 52.36 -112.74 97.22
N ASN C 1005 51.21 -112.06 97.19
CA ASN C 1005 51.25 -110.61 97.16
C ASN C 1005 51.24 -109.98 98.54
N VAL C 1006 50.54 -110.58 99.50
CA VAL C 1006 50.77 -110.28 100.89
C VAL C 1006 52.22 -110.58 101.26
N TRP C 1007 52.75 -111.69 100.72
CA TRP C 1007 54.16 -112.04 100.89
C TRP C 1007 55.07 -110.97 100.32
N ALA C 1008 54.78 -110.49 99.11
CA ALA C 1008 55.65 -109.50 98.48
C ALA C 1008 55.54 -108.15 99.15
N ARG C 1009 54.37 -107.80 99.67
CA ARG C 1009 54.23 -106.65 100.55
C ARG C 1009 55.08 -106.81 101.79
N ASP C 1010 55.28 -108.05 102.24
CA ASP C 1010 56.26 -108.29 103.27
C ASP C 1010 57.66 -108.56 102.72
N ARG C 1011 57.81 -108.81 101.42
CA ARG C 1011 59.11 -109.20 100.87
C ARG C 1011 59.51 -108.43 99.61
N ILE C 1012 59.41 -107.11 99.65
CA ILE C 1012 60.33 -106.33 98.82
C ILE C 1012 61.67 -106.26 99.53
N ARG C 1013 61.67 -106.50 100.84
CA ARG C 1013 62.86 -106.67 101.63
C ARG C 1013 63.40 -108.08 101.57
N GLN C 1014 62.84 -108.93 100.71
CA GLN C 1014 63.40 -110.25 100.47
C GLN C 1014 63.25 -110.63 99.00
N ARG C 1027 67.49 -107.34 100.08
CA ARG C 1027 66.45 -108.32 99.74
C ARG C 1027 67.04 -109.57 99.13
N ARG C 1028 67.97 -109.34 98.20
CA ARG C 1028 68.79 -110.30 97.45
C ARG C 1028 67.99 -111.08 96.40
N ASN C 1029 66.68 -110.97 96.42
CA ASN C 1029 65.83 -111.67 95.49
C ASN C 1029 65.32 -110.68 94.44
N PRO C 1030 65.46 -110.99 93.15
CA PRO C 1030 64.92 -110.07 92.13
C PRO C 1030 63.45 -110.29 91.83
N ARG C 1031 62.77 -111.08 92.67
CA ARG C 1031 61.33 -111.29 92.59
C ARG C 1031 60.55 -110.31 93.45
N LEU C 1032 61.02 -109.06 93.54
CA LEU C 1032 60.31 -108.00 94.27
C LEU C 1032 59.21 -107.45 93.36
N VAL C 1033 58.25 -108.33 93.07
CA VAL C 1033 57.30 -108.09 91.99
C VAL C 1033 55.91 -108.55 92.41
N PRO C 1034 54.89 -107.86 91.91
CA PRO C 1034 53.51 -108.33 92.09
C PRO C 1034 53.26 -109.66 91.38
N TYR C 1035 52.18 -110.32 91.79
CA TYR C 1035 51.86 -111.65 91.27
C TYR C 1035 51.44 -111.59 89.81
N ALA C 1036 50.51 -110.68 89.47
CA ALA C 1036 50.14 -110.49 88.07
C ALA C 1036 51.29 -109.94 87.27
N LEU C 1037 52.23 -109.24 87.91
CA LEU C 1037 53.45 -108.81 87.25
C LEU C 1037 54.36 -110.00 86.92
N LEU C 1038 54.61 -110.86 87.91
CA LEU C 1038 55.50 -112.00 87.67
C LEU C 1038 54.81 -113.02 86.77
N ASP C 1039 55.64 -113.80 86.08
CA ASP C 1039 55.17 -114.79 85.13
C ASP C 1039 55.04 -116.14 85.82
N ASP C 1040 54.89 -117.20 85.04
CA ASP C 1040 54.51 -118.52 85.54
C ASP C 1040 55.64 -119.29 86.22
N ARG C 1041 56.76 -118.65 86.55
CA ARG C 1041 57.79 -119.33 87.33
C ARG C 1041 57.30 -119.61 88.74
N THR C 1042 56.95 -118.56 89.49
CA THR C 1042 56.36 -118.74 90.80
C THR C 1042 54.96 -119.32 90.70
N LYS C 1043 54.27 -119.14 89.58
CA LYS C 1043 52.94 -119.68 89.37
C LYS C 1043 52.94 -121.13 88.92
N LYS C 1044 54.05 -121.85 89.04
CA LYS C 1044 53.98 -123.30 88.92
C LYS C 1044 53.45 -123.89 90.23
N SER C 1045 54.22 -123.73 91.30
CA SER C 1045 53.87 -124.27 92.61
C SER C 1045 53.03 -123.31 93.43
N ASN C 1046 52.54 -122.22 92.85
CA ASN C 1046 51.46 -121.45 93.46
C ASN C 1046 50.13 -121.73 92.76
N LYS C 1047 50.06 -121.40 91.45
CA LYS C 1047 48.82 -121.56 90.70
C LYS C 1047 48.49 -123.03 90.49
N ASP C 1048 49.47 -123.81 89.99
CA ASP C 1048 49.24 -125.22 89.73
C ASP C 1048 49.02 -125.98 91.02
N SER C 1049 49.66 -125.56 92.12
CA SER C 1049 49.48 -126.25 93.39
C SER C 1049 48.11 -125.98 93.99
N LEU C 1050 47.62 -124.75 93.90
CA LEU C 1050 46.26 -124.50 94.37
C LEU C 1050 45.23 -125.09 93.41
N ARG C 1051 45.60 -125.28 92.15
CA ARG C 1051 44.76 -126.05 91.24
C ARG C 1051 44.72 -127.52 91.64
N GLU C 1052 45.84 -128.05 92.12
CA GLU C 1052 45.86 -129.40 92.67
C GLU C 1052 45.01 -129.50 93.93
N ALA C 1053 45.00 -128.42 94.72
CA ALA C 1053 44.17 -128.39 95.93
C ALA C 1053 42.69 -128.35 95.56
N VAL C 1054 42.33 -127.59 94.52
CA VAL C 1054 40.93 -127.51 94.10
C VAL C 1054 40.51 -128.66 93.19
N ARG C 1055 41.45 -129.49 92.74
CA ARG C 1055 41.11 -130.62 91.89
C ARG C 1055 40.28 -131.67 92.64
N THR C 1056 40.55 -131.83 93.93
CA THR C 1056 39.72 -132.72 94.72
C THR C 1056 38.38 -132.08 95.08
N LEU C 1057 38.38 -130.76 95.29
CA LEU C 1057 37.13 -130.03 95.57
C LEU C 1057 36.19 -130.11 94.38
N LEU C 1058 36.74 -130.06 93.17
CA LEU C 1058 35.97 -130.43 92.00
C LEU C 1058 35.62 -131.91 92.03
N GLY C 1059 36.60 -132.75 92.36
CA GLY C 1059 36.44 -134.19 92.32
C GLY C 1059 35.57 -134.77 93.41
N TYR C 1060 35.24 -134.00 94.44
CA TYR C 1060 34.33 -134.44 95.48
C TYR C 1060 32.86 -134.21 95.11
N GLY C 1061 32.58 -133.92 93.85
CA GLY C 1061 31.22 -133.70 93.43
C GLY C 1061 30.72 -132.30 93.70
N TYR C 1062 31.59 -131.30 93.53
CA TYR C 1062 31.21 -129.89 93.66
C TYR C 1062 31.71 -129.20 92.40
N ASN C 1063 30.90 -129.27 91.35
CA ASN C 1063 31.18 -128.57 90.10
C ASN C 1063 30.93 -127.09 90.32
N LEU C 1064 32.01 -126.34 90.55
CA LEU C 1064 31.91 -124.93 90.93
C LEU C 1064 31.54 -124.12 89.69
N GLU C 1065 30.26 -123.78 89.57
CA GLU C 1065 29.71 -123.12 88.39
C GLU C 1065 29.70 -121.61 88.66
N ALA C 1066 30.72 -120.92 88.14
CA ALA C 1066 30.89 -119.49 88.34
C ALA C 1066 29.82 -118.67 87.63
N ARG C 1084 40.95 -89.07 73.56
CA ARG C 1084 42.25 -89.56 73.12
C ARG C 1084 42.08 -90.33 71.81
N PHE C 1085 41.51 -89.66 70.81
CA PHE C 1085 41.18 -90.31 69.55
C PHE C 1085 41.66 -89.38 68.44
N ARG C 1086 42.71 -89.78 67.76
CA ARG C 1086 43.46 -88.85 66.93
C ARG C 1086 42.73 -88.51 65.65
N ILE C 1087 43.08 -87.36 65.09
CA ILE C 1087 42.61 -86.92 63.78
C ILE C 1087 43.82 -86.36 63.05
N PHE C 1088 44.11 -86.89 61.87
CA PHE C 1088 45.28 -86.50 61.11
C PHE C 1088 44.84 -86.07 59.72
N ARG C 1089 45.12 -84.82 59.39
CA ARG C 1089 44.72 -84.27 58.11
C ARG C 1089 45.95 -83.99 57.26
N ALA C 1090 45.70 -83.44 56.10
CA ALA C 1090 46.78 -82.98 55.25
C ALA C 1090 47.00 -81.49 55.50
N GLU C 1091 47.73 -80.87 54.58
CA GLU C 1091 47.85 -79.43 54.51
C GLU C 1091 46.59 -78.83 53.93
N LYS C 1092 46.11 -77.74 54.54
CA LYS C 1092 44.91 -77.08 54.06
C LYS C 1092 45.14 -76.25 52.81
N THR C 1093 46.38 -76.13 52.37
CA THR C 1093 46.68 -75.24 51.26
C THR C 1093 46.27 -75.82 49.92
N TYR C 1094 46.35 -77.14 49.76
CA TYR C 1094 46.10 -77.75 48.46
C TYR C 1094 44.71 -78.34 48.39
N ALA C 1095 43.71 -77.69 48.97
CA ALA C 1095 42.36 -78.20 48.84
C ALA C 1095 41.88 -77.96 47.42
N VAL C 1096 42.22 -78.89 46.51
CA VAL C 1096 41.93 -78.68 45.10
C VAL C 1096 40.45 -78.80 44.84
N LYS C 1097 40.04 -78.37 43.66
CA LYS C 1097 38.65 -78.40 43.28
C LYS C 1097 38.37 -79.01 41.93
N ALA C 1098 39.37 -79.12 41.06
CA ALA C 1098 39.15 -79.59 39.70
C ALA C 1098 39.94 -80.85 39.43
N GLY C 1099 39.38 -81.71 38.61
CA GLY C 1099 40.03 -82.92 38.17
C GLY C 1099 39.33 -84.17 38.66
N ARG C 1100 40.09 -85.25 38.70
CA ARG C 1100 39.68 -86.49 39.32
C ARG C 1100 40.92 -86.94 40.09
N TRP C 1101 41.03 -86.49 41.31
CA TRP C 1101 42.30 -86.65 41.99
C TRP C 1101 42.40 -88.00 42.66
N TYR C 1102 43.61 -88.34 43.08
CA TYR C 1102 43.83 -89.62 43.70
C TYR C 1102 44.86 -89.50 44.80
N PHE C 1103 44.65 -90.24 45.87
CA PHE C 1103 45.70 -90.67 46.75
C PHE C 1103 45.35 -92.06 47.25
N GLU C 1104 46.32 -92.72 47.86
CA GLU C 1104 46.11 -94.04 48.42
C GLU C 1104 46.53 -94.06 49.89
N PHE C 1105 45.91 -94.94 50.65
CA PHE C 1105 46.14 -95.02 52.09
C PHE C 1105 46.19 -96.46 52.53
N GLU C 1106 47.37 -96.90 52.97
CA GLU C 1106 47.50 -98.15 53.70
C GLU C 1106 47.08 -97.93 55.13
N ALA C 1107 46.14 -98.72 55.63
CA ALA C 1107 45.92 -98.82 57.06
C ALA C 1107 46.64 -100.07 57.56
N VAL C 1108 47.04 -100.06 58.83
CA VAL C 1108 47.83 -101.14 59.41
C VAL C 1108 47.05 -101.87 60.51
N THR C 1109 46.60 -101.15 61.51
CA THR C 1109 45.93 -101.74 62.67
C THR C 1109 44.46 -101.37 62.67
N ALA C 1110 43.64 -102.26 63.21
CA ALA C 1110 42.20 -102.07 63.19
C ALA C 1110 41.77 -100.98 64.16
N GLY C 1111 40.49 -100.65 64.12
CA GLY C 1111 39.92 -99.69 65.03
C GLY C 1111 39.30 -98.48 64.35
N ASP C 1112 39.42 -97.31 64.97
CA ASP C 1112 38.88 -96.09 64.38
C ASP C 1112 39.77 -95.68 63.22
N MET C 1113 39.33 -95.98 62.00
CA MET C 1113 39.94 -95.40 60.81
C MET C 1113 38.85 -94.65 60.08
N ARG C 1114 38.56 -93.45 60.58
CA ARG C 1114 37.62 -92.57 59.90
C ARG C 1114 38.39 -91.81 58.82
N VAL C 1115 38.62 -92.50 57.71
CA VAL C 1115 39.53 -92.04 56.68
C VAL C 1115 38.70 -91.58 55.48
N GLY C 1116 39.08 -90.43 54.91
CA GLY C 1116 38.46 -89.95 53.71
C GLY C 1116 38.77 -88.51 53.39
N TRP C 1117 37.72 -87.71 53.15
CA TRP C 1117 37.91 -86.41 52.54
C TRP C 1117 37.05 -85.38 53.23
N SER C 1118 37.57 -84.16 53.29
CA SER C 1118 36.90 -83.15 54.10
C SER C 1118 37.29 -81.76 53.66
N ARG C 1119 36.34 -80.84 53.81
CA ARG C 1119 36.55 -79.43 53.56
C ARG C 1119 37.57 -78.86 54.55
N PRO C 1120 38.22 -77.74 54.20
CA PRO C 1120 39.16 -77.12 55.15
C PRO C 1120 38.54 -76.50 56.38
N GLY C 1121 37.21 -76.50 56.53
CA GLY C 1121 36.64 -76.07 57.77
C GLY C 1121 36.66 -77.09 58.89
N CYS C 1122 37.43 -78.17 58.73
CA CYS C 1122 37.46 -79.26 59.68
C CYS C 1122 38.05 -78.82 61.00
N GLN C 1123 37.71 -79.55 62.05
CA GLN C 1123 38.07 -79.16 63.40
C GLN C 1123 38.95 -80.22 64.03
N PRO C 1124 40.20 -79.92 64.30
CA PRO C 1124 40.98 -80.78 65.19
C PRO C 1124 40.46 -80.76 66.60
N ASP C 1125 39.76 -79.68 67.00
CA ASP C 1125 39.21 -79.55 68.33
C ASP C 1125 38.04 -80.50 68.57
N GLN C 1126 37.42 -81.01 67.51
CA GLN C 1126 36.34 -81.98 67.58
C GLN C 1126 36.75 -83.24 66.83
N GLU C 1127 35.82 -84.18 66.68
CA GLU C 1127 36.07 -85.40 65.94
C GLU C 1127 35.08 -85.55 64.80
N LEU C 1128 35.36 -86.54 63.96
CA LEU C 1128 34.96 -86.59 62.56
C LEU C 1128 33.56 -87.16 62.40
N GLY C 1129 33.07 -87.11 61.16
CA GLY C 1129 32.03 -88.01 60.72
C GLY C 1129 30.64 -87.45 60.90
N SER C 1130 30.36 -87.03 62.12
CA SER C 1130 29.07 -86.43 62.46
C SER C 1130 29.11 -84.95 62.09
N ASP C 1131 29.18 -84.70 60.79
CA ASP C 1131 29.36 -83.34 60.30
C ASP C 1131 29.03 -83.30 58.83
N GLU C 1132 28.87 -82.07 58.35
CA GLU C 1132 28.46 -81.76 57.00
C GLU C 1132 29.60 -81.78 56.00
N ARG C 1133 30.85 -81.73 56.44
CA ARG C 1133 31.94 -81.50 55.51
C ARG C 1133 32.87 -82.70 55.36
N ALA C 1134 32.83 -83.65 56.28
CA ALA C 1134 33.61 -84.86 56.11
C ALA C 1134 32.88 -85.76 55.14
N PHE C 1135 33.62 -86.25 54.17
CA PHE C 1135 33.15 -87.27 53.25
C PHE C 1135 34.19 -88.36 53.37
N ALA C 1136 33.99 -89.19 54.38
CA ALA C 1136 34.97 -90.17 54.79
C ALA C 1136 34.31 -91.51 54.96
N PHE C 1137 35.10 -92.49 55.36
CA PHE C 1137 34.61 -93.85 55.44
C PHE C 1137 35.38 -94.58 56.52
N ASP C 1138 34.64 -95.21 57.43
CA ASP C 1138 35.28 -96.10 58.38
C ASP C 1138 35.50 -97.40 57.65
N GLY C 1139 36.73 -97.56 57.15
CA GLY C 1139 37.12 -98.81 56.50
C GLY C 1139 37.04 -99.99 57.43
N PHE C 1140 37.23 -99.74 58.72
CA PHE C 1140 36.83 -100.70 59.71
C PHE C 1140 35.35 -100.53 60.00
N LYS C 1141 34.64 -101.64 60.07
CA LYS C 1141 33.21 -101.76 60.33
C LYS C 1141 32.32 -101.08 59.29
N ALA C 1142 32.84 -100.80 58.09
CA ALA C 1142 32.05 -100.75 56.85
C ALA C 1142 31.00 -99.65 56.81
N GLN C 1143 31.34 -98.46 57.29
CA GLN C 1143 30.34 -97.40 57.30
C GLN C 1143 30.95 -96.04 57.03
N ARG C 1144 30.27 -95.26 56.20
CA ARG C 1144 30.88 -94.05 55.67
C ARG C 1144 30.42 -92.81 56.42
N TRP C 1145 31.24 -91.77 56.33
CA TRP C 1145 31.14 -90.61 57.22
C TRP C 1145 30.70 -89.38 56.43
N HIS C 1146 29.45 -88.99 56.64
CA HIS C 1146 28.99 -87.65 56.33
C HIS C 1146 27.73 -87.44 57.14
N GLN C 1147 27.79 -86.56 58.13
CA GLN C 1147 26.79 -86.44 59.19
C GLN C 1147 26.50 -87.81 59.79
N GLY C 1148 27.55 -88.44 60.30
CA GLY C 1148 27.38 -89.70 60.99
C GLY C 1148 27.65 -90.85 60.07
N ASN C 1149 26.97 -91.96 60.31
CA ASN C 1149 27.27 -93.16 59.55
C ASN C 1149 26.21 -93.49 58.53
N GLU C 1150 26.70 -94.06 57.44
CA GLU C 1150 25.92 -94.73 56.41
C GLU C 1150 26.81 -95.85 55.94
N HIS C 1151 26.28 -97.06 55.89
CA HIS C 1151 27.18 -98.17 55.61
C HIS C 1151 27.57 -98.21 54.14
N TYR C 1152 28.72 -98.81 53.90
CA TYR C 1152 29.36 -98.71 52.59
C TYR C 1152 30.27 -99.93 52.48
N GLY C 1153 29.79 -100.97 51.82
CA GLY C 1153 30.63 -102.12 51.57
C GLY C 1153 30.97 -102.89 52.82
N ARG C 1154 32.23 -103.33 52.89
CA ARG C 1154 32.69 -104.28 53.88
C ARG C 1154 33.76 -103.64 54.77
N SER C 1155 34.19 -104.41 55.74
CA SER C 1155 35.23 -103.97 56.65
C SER C 1155 36.58 -104.46 56.16
N TRP C 1156 37.59 -103.65 56.42
CA TRP C 1156 38.94 -103.88 55.93
C TRP C 1156 39.61 -104.96 56.76
N GLN C 1157 40.80 -105.36 56.32
CA GLN C 1157 41.59 -106.29 57.09
C GLN C 1157 43.04 -105.83 57.22
N ALA C 1158 43.63 -106.12 58.38
CA ALA C 1158 44.90 -105.55 58.83
C ALA C 1158 46.02 -105.78 57.83
N GLY C 1159 46.38 -104.71 57.12
CA GLY C 1159 47.19 -104.81 55.94
C GLY C 1159 46.41 -104.58 54.65
N ASP C 1160 45.41 -103.71 54.70
CA ASP C 1160 44.69 -103.32 53.49
C ASP C 1160 45.01 -101.87 53.14
N VAL C 1161 45.05 -101.58 51.85
CA VAL C 1161 45.29 -100.24 51.33
C VAL C 1161 44.01 -99.80 50.64
N VAL C 1162 43.53 -98.62 50.99
CA VAL C 1162 42.25 -98.18 50.46
C VAL C 1162 42.39 -97.72 49.03
N GLY C 1163 43.12 -96.62 48.82
CA GLY C 1163 43.09 -95.96 47.54
C GLY C 1163 41.87 -95.08 47.43
N CYS C 1164 42.05 -93.83 47.03
CA CYS C 1164 40.96 -92.87 47.03
C CYS C 1164 40.89 -92.18 45.67
N MET C 1165 40.05 -92.72 44.80
CA MET C 1165 39.76 -92.12 43.51
C MET C 1165 38.74 -91.01 43.72
N VAL C 1166 39.20 -89.77 43.67
CA VAL C 1166 38.41 -88.63 44.11
C VAL C 1166 38.10 -87.78 42.89
N ASP C 1167 36.87 -87.82 42.42
CA ASP C 1167 36.43 -86.90 41.39
C ASP C 1167 36.33 -85.50 41.98
N MET C 1168 37.03 -84.56 41.37
CA MET C 1168 36.89 -83.17 41.75
C MET C 1168 36.08 -82.38 40.73
N THR C 1169 36.24 -82.73 39.45
CA THR C 1169 35.26 -82.34 38.44
C THR C 1169 33.88 -82.83 38.82
N GLU C 1170 33.74 -84.14 38.98
CA GLU C 1170 32.43 -84.64 39.35
C GLU C 1170 32.28 -84.61 40.86
N HIS C 1171 31.04 -84.44 41.29
CA HIS C 1171 30.69 -84.46 42.71
C HIS C 1171 30.57 -85.87 43.24
N THR C 1172 31.57 -86.70 42.98
CA THR C 1172 31.61 -88.06 43.45
C THR C 1172 33.03 -88.37 43.89
N MET C 1173 33.23 -89.61 44.31
CA MET C 1173 34.48 -90.08 44.86
C MET C 1173 34.39 -91.58 44.90
N MET C 1174 35.54 -92.26 44.81
CA MET C 1174 35.55 -93.71 44.87
C MET C 1174 36.70 -94.16 45.76
N PHE C 1175 36.40 -95.08 46.67
CA PHE C 1175 37.43 -95.73 47.47
C PHE C 1175 37.42 -97.21 47.13
N THR C 1176 38.57 -97.86 47.24
CA THR C 1176 38.67 -99.28 46.95
C THR C 1176 39.07 -100.06 48.19
N LEU C 1177 38.95 -101.38 48.08
CA LEU C 1177 39.43 -102.29 49.12
C LEU C 1177 40.48 -103.16 48.47
N ASN C 1178 41.72 -102.66 48.47
CA ASN C 1178 42.89 -103.31 47.86
C ASN C 1178 42.63 -103.65 46.40
N GLY C 1179 42.22 -102.65 45.64
CA GLY C 1179 41.90 -102.84 44.25
C GLY C 1179 40.43 -103.17 44.02
N GLU C 1180 39.82 -103.90 44.93
CA GLU C 1180 38.38 -104.09 44.88
C GLU C 1180 37.73 -102.75 45.13
N ILE C 1181 37.08 -102.22 44.10
CA ILE C 1181 36.30 -101.00 44.24
C ILE C 1181 35.18 -101.24 45.23
N LEU C 1182 35.27 -100.56 46.37
CA LEU C 1182 34.27 -100.65 47.41
C LEU C 1182 32.91 -100.19 46.91
N LEU C 1183 31.87 -100.75 47.47
CA LEU C 1183 30.51 -100.46 47.06
C LEU C 1183 29.74 -99.80 48.19
N ASP C 1184 28.64 -99.16 47.84
CA ASP C 1184 27.64 -98.79 48.83
C ASP C 1184 26.86 -100.02 49.26
N ASP C 1185 25.89 -99.81 50.14
CA ASP C 1185 24.96 -100.87 50.48
C ASP C 1185 24.03 -101.22 49.33
N SER C 1186 23.81 -100.28 48.41
CA SER C 1186 23.13 -100.56 47.16
C SER C 1186 24.07 -101.06 46.08
N GLY C 1187 25.29 -101.45 46.46
CA GLY C 1187 26.29 -101.84 45.51
C GLY C 1187 26.93 -100.69 44.75
N SER C 1188 26.59 -99.45 45.10
CA SER C 1188 27.08 -98.31 44.35
C SER C 1188 28.55 -98.09 44.66
N GLU C 1189 29.36 -98.14 43.60
CA GLU C 1189 30.81 -98.17 43.71
C GLU C 1189 31.40 -96.86 44.16
N LEU C 1190 30.62 -95.78 44.10
CA LEU C 1190 31.12 -94.46 44.46
C LEU C 1190 31.24 -94.35 45.97
N ALA C 1191 32.39 -93.82 46.43
CA ALA C 1191 32.56 -93.55 47.86
C ALA C 1191 31.57 -92.51 48.33
N PHE C 1192 31.46 -91.41 47.59
CA PHE C 1192 30.44 -90.42 47.87
C PHE C 1192 29.90 -89.89 46.57
N LYS C 1193 28.95 -88.97 46.68
CA LYS C 1193 28.07 -88.69 45.57
C LYS C 1193 27.40 -87.34 45.77
N ASP C 1194 27.38 -86.55 44.68
CA ASP C 1194 26.45 -85.43 44.51
C ASP C 1194 26.67 -84.33 45.53
N PHE C 1195 27.91 -84.12 45.92
CA PHE C 1195 28.20 -83.05 46.84
C PHE C 1195 28.41 -81.75 46.06
N ASP C 1196 28.98 -80.75 46.70
CA ASP C 1196 29.38 -79.54 46.01
C ASP C 1196 30.87 -79.32 46.24
N VAL C 1197 31.63 -79.28 45.16
CA VAL C 1197 33.05 -78.96 45.29
C VAL C 1197 33.16 -77.45 45.39
N GLY C 1198 33.12 -76.95 46.62
CA GLY C 1198 33.17 -75.53 46.85
C GLY C 1198 34.58 -75.12 47.20
N ASP C 1199 34.85 -75.04 48.49
CA ASP C 1199 36.12 -74.59 49.05
C ASP C 1199 37.24 -75.59 48.91
N GLY C 1200 37.10 -76.65 48.13
CA GLY C 1200 38.12 -77.66 48.06
C GLY C 1200 37.99 -78.65 49.20
N PHE C 1201 38.82 -79.68 49.13
CA PHE C 1201 38.70 -80.77 50.07
C PHE C 1201 40.08 -81.31 50.41
N ILE C 1202 40.16 -81.98 51.56
CA ILE C 1202 41.44 -82.36 52.13
C ILE C 1202 41.46 -83.86 52.35
N PRO C 1203 42.50 -84.56 51.94
CA PRO C 1203 42.63 -85.98 52.31
C PRO C 1203 42.89 -86.10 53.80
N VAL C 1204 41.95 -86.72 54.52
CA VAL C 1204 41.97 -86.73 55.97
C VAL C 1204 41.83 -88.14 56.49
N CYS C 1205 42.09 -88.30 57.78
CA CYS C 1205 41.85 -89.55 58.49
C CYS C 1205 41.73 -89.26 59.98
N SER C 1206 41.05 -90.16 60.69
CA SER C 1206 40.95 -90.08 62.14
C SER C 1206 41.32 -91.41 62.77
N LEU C 1207 41.85 -91.34 63.98
CA LEU C 1207 42.26 -92.52 64.73
C LEU C 1207 41.53 -92.57 66.05
N GLY C 1208 41.67 -93.70 66.72
CA GLY C 1208 41.19 -93.85 68.07
C GLY C 1208 42.37 -93.89 69.01
N VAL C 1209 42.67 -95.06 69.56
CA VAL C 1209 43.65 -95.17 70.63
C VAL C 1209 44.95 -95.84 70.18
N ALA C 1210 44.88 -96.81 69.28
CA ALA C 1210 46.09 -97.49 68.81
C ALA C 1210 45.99 -97.79 67.31
N GLN C 1211 45.57 -96.81 66.53
CA GLN C 1211 45.21 -97.02 65.14
C GLN C 1211 46.32 -96.51 64.23
N VAL C 1212 46.86 -97.39 63.41
CA VAL C 1212 48.07 -97.15 62.62
C VAL C 1212 47.74 -97.30 61.15
N GLY C 1213 48.32 -96.44 60.32
CA GLY C 1213 48.14 -96.47 58.89
C GLY C 1213 49.12 -95.56 58.17
N ARG C 1214 49.14 -95.65 56.85
CA ARG C 1214 50.09 -94.90 56.04
C ARG C 1214 49.44 -94.38 54.77
N MET C 1215 49.61 -93.10 54.50
CA MET C 1215 49.08 -92.44 53.32
C MET C 1215 50.17 -92.22 52.28
N ASN C 1216 49.74 -91.78 51.09
CA ASN C 1216 50.65 -91.51 49.98
C ASN C 1216 49.97 -90.59 49.00
N PHE C 1217 50.62 -89.47 48.65
CA PHE C 1217 50.04 -88.42 47.81
C PHE C 1217 51.00 -88.01 46.71
N GLY C 1218 51.10 -88.78 45.64
CA GLY C 1218 52.02 -88.40 44.58
C GLY C 1218 53.50 -88.50 44.92
N LYS C 1219 54.33 -88.59 43.87
CA LYS C 1219 55.73 -89.05 43.95
C LYS C 1219 55.84 -90.37 44.70
N ASP C 1220 54.85 -91.23 44.45
CA ASP C 1220 54.69 -92.50 45.13
C ASP C 1220 54.60 -93.60 44.09
N VAL C 1221 55.35 -93.39 42.99
CA VAL C 1221 55.22 -94.15 41.75
C VAL C 1221 55.48 -95.62 41.93
N SER C 1222 56.23 -95.98 42.96
CA SER C 1222 56.29 -97.37 43.39
C SER C 1222 54.95 -97.83 43.90
N THR C 1223 54.39 -97.16 44.91
CA THR C 1223 53.24 -97.69 45.61
C THR C 1223 51.92 -97.26 45.02
N LEU C 1224 51.87 -97.04 43.70
CA LEU C 1224 50.60 -96.86 43.01
C LEU C 1224 50.00 -98.22 42.64
N LYS C 1225 49.78 -99.03 43.69
CA LYS C 1225 49.58 -100.46 43.51
C LYS C 1225 48.25 -100.75 42.88
N TYR C 1226 47.17 -100.42 43.56
CA TYR C 1226 45.85 -100.49 42.97
C TYR C 1226 45.54 -99.26 42.16
N PHE C 1227 46.37 -98.23 42.24
CA PHE C 1227 46.24 -97.08 41.37
C PHE C 1227 46.55 -97.46 39.94
N THR C 1228 47.50 -98.38 39.74
CA THR C 1228 47.64 -99.03 38.44
C THR C 1228 46.41 -99.82 38.09
N ILE C 1229 45.77 -100.43 39.08
CA ILE C 1229 44.62 -101.29 38.83
C ILE C 1229 43.36 -100.45 38.63
N CYS C 1230 43.22 -99.37 39.38
CA CYS C 1230 42.05 -98.51 39.22
C CYS C 1230 42.44 -97.11 39.67
N GLY C 1231 42.05 -96.12 38.89
CA GLY C 1231 42.75 -94.87 39.01
C GLY C 1231 43.32 -94.37 37.72
N LEU C 1232 44.64 -94.58 37.55
CA LEU C 1232 45.42 -94.28 36.35
C LEU C 1232 44.71 -94.62 35.05
N GLN C 1233 44.09 -95.79 35.02
CA GLN C 1233 43.32 -96.21 33.86
C GLN C 1233 42.08 -95.34 33.68
N GLU C 1234 41.50 -94.87 34.77
CA GLU C 1234 40.29 -94.07 34.75
C GLU C 1234 40.60 -92.59 34.71
N GLY C 1235 41.87 -92.22 34.62
CA GLY C 1235 42.25 -90.83 34.68
C GLY C 1235 42.14 -90.28 36.08
N TYR C 1236 42.90 -90.84 37.00
CA TYR C 1236 42.96 -90.29 38.34
C TYR C 1236 44.34 -89.76 38.64
N GLU C 1237 44.40 -88.87 39.61
CA GLU C 1237 45.51 -87.93 39.69
C GLU C 1237 46.21 -88.01 41.04
N PRO C 1238 47.43 -88.53 41.08
CA PRO C 1238 48.22 -88.45 42.31
C PRO C 1238 48.65 -87.01 42.56
N PHE C 1239 49.10 -86.76 43.77
CA PHE C 1239 49.17 -85.36 44.18
C PHE C 1239 50.45 -84.69 43.76
N ALA C 1240 51.57 -85.14 44.30
CA ALA C 1240 52.81 -84.39 44.21
C ALA C 1240 53.58 -84.64 42.93
N VAL C 1241 52.99 -85.40 42.01
CA VAL C 1241 53.69 -85.86 40.82
C VAL C 1241 54.06 -84.72 39.90
N ASN C 1242 53.26 -83.67 39.87
CA ASN C 1242 53.49 -82.56 38.99
C ASN C 1242 54.29 -81.44 39.64
N THR C 1243 54.70 -81.62 40.89
CA THR C 1243 55.49 -80.65 41.62
C THR C 1243 56.64 -81.34 42.32
N ASN C 1244 57.31 -80.59 43.20
CA ASN C 1244 58.39 -81.11 44.02
C ASN C 1244 58.16 -80.86 45.50
N ARG C 1245 56.99 -80.34 45.86
CA ARG C 1245 56.72 -80.00 47.25
C ARG C 1245 56.61 -81.25 48.10
N ASP C 1246 56.91 -81.10 49.37
CA ASP C 1246 56.88 -82.18 50.34
C ASP C 1246 55.92 -81.75 51.44
N ILE C 1247 54.72 -82.31 51.41
CA ILE C 1247 53.56 -81.69 52.03
C ILE C 1247 53.63 -81.84 53.55
N THR C 1248 53.34 -80.76 54.26
CA THR C 1248 53.20 -80.80 55.70
C THR C 1248 51.77 -81.21 56.03
N MET C 1249 51.58 -82.50 56.28
CA MET C 1249 50.31 -82.95 56.79
C MET C 1249 50.12 -82.45 58.22
N TRP C 1250 48.88 -82.19 58.58
CA TRP C 1250 48.60 -81.55 59.84
C TRP C 1250 47.78 -82.47 60.72
N LEU C 1251 47.80 -82.19 62.01
CA LEU C 1251 47.23 -83.11 62.98
C LEU C 1251 46.63 -82.33 64.14
N SER C 1252 45.75 -83.01 64.86
CA SER C 1252 45.19 -82.43 66.06
C SER C 1252 46.25 -82.30 67.14
N LYS C 1253 46.00 -81.39 68.06
CA LYS C 1253 46.98 -80.98 69.04
C LYS C 1253 47.00 -81.98 70.20
N ARG C 1254 47.77 -81.65 71.23
CA ARG C 1254 47.68 -82.32 72.51
C ARG C 1254 47.68 -81.33 73.66
N LEU C 1255 47.77 -80.04 73.38
CA LEU C 1255 48.00 -79.05 74.42
C LEU C 1255 46.88 -78.02 74.43
N PRO C 1256 46.04 -78.00 75.45
CA PRO C 1256 44.92 -77.06 75.47
C PRO C 1256 45.37 -75.66 75.82
N GLN C 1257 44.90 -74.69 75.06
CA GLN C 1257 45.37 -73.32 75.19
C GLN C 1257 44.28 -72.36 75.63
N PHE C 1258 44.67 -71.43 76.49
CA PHE C 1258 43.79 -70.33 76.84
C PHE C 1258 43.61 -69.42 75.63
N LEU C 1259 42.38 -69.03 75.40
CA LEU C 1259 42.04 -68.40 74.14
C LEU C 1259 40.74 -67.65 74.33
N GLN C 1260 40.70 -66.40 73.87
CA GLN C 1260 39.51 -65.59 74.02
C GLN C 1260 38.38 -66.17 73.19
N VAL C 1261 37.17 -65.93 73.65
CA VAL C 1261 36.01 -66.64 73.13
C VAL C 1261 35.55 -65.98 71.83
N PRO C 1262 35.10 -66.75 70.85
CA PRO C 1262 34.35 -66.16 69.75
C PRO C 1262 32.89 -65.93 70.13
N SER C 1263 32.06 -65.63 69.15
CA SER C 1263 30.63 -65.65 69.41
C SER C 1263 30.12 -67.06 69.65
N SER C 1264 30.81 -68.07 69.13
CA SER C 1264 30.31 -69.43 69.14
C SER C 1264 30.52 -70.06 70.51
N HIS C 1265 29.42 -70.49 71.12
CA HIS C 1265 29.47 -71.40 72.26
C HIS C 1265 28.15 -72.15 72.31
N GLU C 1266 28.08 -73.11 73.22
CA GLU C 1266 26.81 -73.64 73.69
C GLU C 1266 25.99 -72.49 74.25
N HIS C 1267 26.44 -71.96 75.39
CA HIS C 1267 25.94 -70.68 75.91
C HIS C 1267 27.04 -70.14 76.81
N ILE C 1268 27.85 -69.25 76.24
CA ILE C 1268 28.80 -68.42 76.98
C ILE C 1268 28.84 -67.08 76.29
N GLU C 1269 28.68 -66.01 77.06
CA GLU C 1269 28.76 -64.68 76.52
C GLU C 1269 29.50 -63.80 77.49
N VAL C 1270 30.23 -62.84 76.97
CA VAL C 1270 31.01 -61.89 77.76
C VAL C 1270 30.74 -60.48 77.26
N THR C 1271 30.62 -59.52 78.16
CA THR C 1271 30.35 -58.12 77.80
C THR C 1271 31.43 -57.24 78.38
N ARG C 1272 32.27 -56.68 77.51
CA ARG C 1272 33.20 -55.64 77.95
C ARG C 1272 32.38 -54.42 78.32
N ILE C 1273 32.15 -54.24 79.62
CA ILE C 1273 31.25 -53.20 80.10
C ILE C 1273 31.90 -52.52 81.29
N ASP C 1274 31.95 -51.19 81.26
CA ASP C 1274 32.38 -50.45 82.43
C ASP C 1274 31.37 -50.56 83.55
N VAL C 1285 31.89 -51.30 87.78
CA VAL C 1285 32.94 -50.65 87.00
C VAL C 1285 33.89 -51.69 86.42
N THR C 1286 33.92 -51.74 85.09
CA THR C 1286 34.82 -52.56 84.28
C THR C 1286 34.69 -54.04 84.60
N GLN C 1287 33.53 -54.57 84.23
CA GLN C 1287 33.17 -55.97 84.47
C GLN C 1287 32.80 -56.65 83.17
N LYS C 1288 32.69 -57.98 83.23
CA LYS C 1288 32.40 -58.79 82.05
C LYS C 1288 31.49 -59.95 82.40
N SER C 1289 30.64 -60.34 81.45
CA SER C 1289 29.49 -61.18 81.72
C SER C 1289 29.80 -62.65 81.49
N PHE C 1290 28.81 -63.50 81.79
CA PHE C 1290 28.96 -64.95 81.75
C PHE C 1290 27.61 -65.57 81.37
N GLY C 1291 27.45 -66.87 81.63
CA GLY C 1291 26.17 -67.54 81.43
C GLY C 1291 26.19 -69.03 81.69
N SER C 1292 25.20 -69.56 82.43
CA SER C 1292 25.25 -70.92 82.95
C SER C 1292 23.93 -71.67 82.75
N GLN C 1293 23.21 -71.39 81.67
CA GLN C 1293 21.96 -72.10 81.37
C GLN C 1293 22.21 -73.11 80.26
N ASN C 1294 23.07 -74.08 80.56
CA ASN C 1294 23.53 -74.99 79.53
C ASN C 1294 23.20 -76.43 79.86
N SER C 1295 23.69 -77.35 79.04
CA SER C 1295 23.54 -78.78 79.27
C SER C 1295 24.69 -79.29 80.14
N SER C 1296 25.93 -79.11 79.67
CA SER C 1296 27.12 -79.47 80.46
C SER C 1296 27.60 -78.21 81.18
N THR C 1297 27.37 -78.14 82.48
CA THR C 1297 27.59 -76.94 83.29
C THR C 1297 28.62 -77.21 84.39
N ASP C 1298 29.72 -77.86 84.01
CA ASP C 1298 30.54 -78.58 84.97
C ASP C 1298 31.92 -77.98 85.17
N ILE C 1299 32.72 -77.81 84.12
CA ILE C 1299 34.09 -77.37 84.25
C ILE C 1299 34.31 -76.29 83.20
N MET C 1300 34.77 -75.12 83.63
CA MET C 1300 35.11 -74.04 82.71
C MET C 1300 36.34 -73.33 83.22
N PHE C 1301 37.31 -73.16 82.32
CA PHE C 1301 38.62 -72.62 82.67
C PHE C 1301 38.79 -71.27 82.01
N TYR C 1302 39.27 -70.29 82.75
CA TYR C 1302 39.40 -68.94 82.19
C TYR C 1302 40.72 -68.30 82.57
N ARG C 1303 41.40 -67.77 81.56
CA ARG C 1303 42.54 -66.89 81.74
C ARG C 1303 42.19 -65.53 81.18
N LEU C 1304 43.18 -64.67 81.05
CA LEU C 1304 42.95 -63.36 80.46
C LEU C 1304 43.99 -63.09 79.38
N SER C 1305 44.01 -61.83 78.94
CA SER C 1305 44.81 -61.44 77.79
C SER C 1305 46.26 -61.16 78.14
N MET C 1306 46.47 -60.22 79.04
CA MET C 1306 47.81 -59.76 79.34
C MET C 1306 48.18 -60.24 80.73
N PRO C 1307 49.30 -60.92 80.90
CA PRO C 1307 49.70 -61.33 82.23
C PRO C 1307 50.44 -60.18 82.90
N ILE C 1308 50.91 -60.45 84.10
CA ILE C 1308 51.77 -59.53 84.78
C ILE C 1308 53.12 -60.20 84.94
N GLU C 1309 54.13 -59.44 85.30
CA GLU C 1309 55.50 -59.94 85.33
C GLU C 1309 56.28 -59.24 86.43
N CYS C 1310 56.97 -60.02 87.25
CA CYS C 1310 57.85 -59.49 88.29
C CYS C 1310 59.01 -58.70 87.74
N THR C 1425 48.23 -51.25 96.47
CA THR C 1425 47.31 -50.13 96.54
C THR C 1425 46.30 -50.26 95.42
N TYR C 1426 46.69 -50.98 94.36
CA TYR C 1426 45.98 -50.99 93.10
C TYR C 1426 45.50 -52.40 92.81
N TYR C 1427 44.20 -52.64 93.00
CA TYR C 1427 43.68 -53.99 93.12
C TYR C 1427 42.63 -54.31 92.06
N TYR C 1428 42.34 -55.61 91.98
CA TYR C 1428 41.43 -56.24 91.04
C TYR C 1428 40.49 -57.18 91.78
N SER C 1429 39.20 -57.14 91.46
CA SER C 1429 38.25 -57.92 92.21
C SER C 1429 37.35 -58.76 91.30
N VAL C 1430 36.67 -59.72 91.93
CA VAL C 1430 35.81 -60.67 91.24
C VAL C 1430 34.51 -60.81 92.04
N ARG C 1431 33.52 -61.50 91.46
CA ARG C 1431 32.23 -61.70 92.11
C ARG C 1431 31.81 -63.16 92.00
N ILE C 1432 31.26 -63.72 93.08
CA ILE C 1432 30.75 -65.09 93.11
C ILE C 1432 29.31 -65.07 93.60
N PHE C 1433 28.40 -65.71 92.85
CA PHE C 1433 27.07 -65.99 93.39
C PHE C 1433 27.01 -67.29 94.20
N PRO C 1434 27.53 -68.45 93.71
CA PRO C 1434 27.46 -69.57 94.65
C PRO C 1434 28.63 -69.61 95.61
N ASN C 1440 33.54 -75.05 94.94
CA ASN C 1440 32.76 -75.00 93.71
C ASN C 1440 33.47 -74.12 92.70
N VAL C 1441 34.24 -73.17 93.21
CA VAL C 1441 34.93 -72.19 92.40
C VAL C 1441 36.41 -72.28 92.69
N TRP C 1442 37.23 -72.20 91.66
CA TRP C 1442 38.69 -72.19 91.82
C TRP C 1442 39.22 -71.01 91.04
N VAL C 1443 39.60 -69.96 91.74
CA VAL C 1443 40.01 -68.72 91.12
C VAL C 1443 41.36 -68.31 91.67
N GLY C 1444 42.25 -67.90 90.79
CA GLY C 1444 43.58 -67.57 91.25
C GLY C 1444 44.45 -66.94 90.21
N TRP C 1445 45.69 -67.40 90.14
CA TRP C 1445 46.71 -66.69 89.40
C TRP C 1445 47.70 -67.70 88.83
N ILE C 1446 47.71 -67.87 87.52
CA ILE C 1446 48.48 -68.93 86.88
C ILE C 1446 49.44 -68.31 85.88
N THR C 1447 50.67 -68.82 85.86
CA THR C 1447 51.63 -68.49 84.82
C THR C 1447 51.19 -69.08 83.49
N SER C 1448 51.89 -68.68 82.43
CA SER C 1448 51.48 -69.03 81.07
C SER C 1448 51.58 -70.52 80.81
N ASP C 1449 52.71 -71.13 81.14
CA ASP C 1449 52.95 -72.53 80.81
C ASP C 1449 52.15 -73.42 81.75
N PHE C 1450 50.94 -73.75 81.31
CA PHE C 1450 50.12 -74.77 81.94
C PHE C 1450 49.16 -75.30 80.89
N HIS C 1451 49.01 -76.61 80.83
CA HIS C 1451 48.06 -77.20 79.90
C HIS C 1451 47.27 -78.37 80.46
N GLN C 1452 47.47 -78.73 81.72
CA GLN C 1452 46.83 -79.91 82.28
C GLN C 1452 45.36 -79.63 82.52
N TYR C 1453 44.58 -79.77 81.45
CA TYR C 1453 43.14 -79.55 81.51
C TYR C 1453 42.49 -80.74 82.18
N ASP C 1454 42.47 -80.69 83.51
CA ASP C 1454 41.89 -81.78 84.29
C ASP C 1454 40.93 -81.23 85.32
N THR C 1455 40.43 -82.10 86.21
CA THR C 1455 39.44 -81.72 87.22
C THR C 1455 40.01 -82.10 88.57
N ALA C 1456 40.82 -81.23 89.18
CA ALA C 1456 41.44 -81.52 90.46
C ALA C 1456 41.85 -80.22 91.12
N PHE C 1457 42.67 -80.33 92.15
CA PHE C 1457 43.33 -79.18 92.75
C PHE C 1457 44.74 -79.61 93.13
N ASP C 1458 45.66 -79.47 92.18
CA ASP C 1458 47.01 -80.00 92.32
C ASP C 1458 47.95 -79.06 91.59
N LEU C 1459 49.15 -79.53 91.26
CA LEU C 1459 50.10 -78.72 90.51
C LEU C 1459 49.66 -78.47 89.08
N VAL C 1465 55.77 -78.08 93.11
CA VAL C 1465 56.85 -77.28 92.56
C VAL C 1465 57.47 -76.48 93.69
N THR C 1466 58.36 -77.14 94.43
CA THR C 1466 59.10 -76.52 95.54
C THR C 1466 60.51 -77.10 95.49
N VAL C 1467 61.36 -76.45 94.74
CA VAL C 1467 62.70 -76.93 94.49
C VAL C 1467 63.64 -76.22 95.46
N THR C 1468 64.59 -76.96 95.98
CA THR C 1468 65.60 -76.41 96.87
C THR C 1468 66.91 -76.24 96.13
N LEU C 1469 67.97 -75.99 96.87
CA LEU C 1469 69.33 -76.11 96.39
C LEU C 1469 70.14 -76.69 97.53
N GLY C 1470 71.43 -76.56 97.42
CA GLY C 1470 72.30 -76.54 98.57
C GLY C 1470 73.35 -75.49 98.33
N ASP C 1471 73.93 -74.99 99.41
CA ASP C 1471 75.09 -74.11 99.35
C ASP C 1471 76.35 -74.88 99.66
N GLU C 1472 76.36 -76.16 99.24
CA GLU C 1472 77.18 -77.29 99.68
C GLU C 1472 76.84 -77.73 101.10
N LYS C 1473 75.95 -76.99 101.77
CA LYS C 1473 75.32 -77.33 103.03
C LYS C 1473 73.83 -77.10 103.00
N GLY C 1474 73.32 -76.26 102.11
CA GLY C 1474 71.91 -75.91 102.11
C GLY C 1474 71.70 -74.55 102.75
N LYS C 1475 70.60 -74.44 103.50
CA LYS C 1475 70.35 -73.41 104.50
C LYS C 1475 70.08 -72.01 103.94
N VAL C 1476 70.22 -71.79 102.62
CA VAL C 1476 69.50 -70.67 102.03
C VAL C 1476 68.59 -71.22 100.94
N HIS C 1477 69.15 -71.55 99.77
CA HIS C 1477 69.05 -72.83 99.06
C HIS C 1477 67.77 -73.65 99.16
N GLU C 1478 66.65 -73.11 99.62
CA GLU C 1478 65.56 -74.03 99.86
C GLU C 1478 64.25 -73.55 99.26
N SER C 1479 63.90 -72.30 99.57
CA SER C 1479 62.64 -71.73 99.11
C SER C 1479 62.92 -71.14 97.76
N ILE C 1480 62.67 -71.91 96.71
CA ILE C 1480 62.88 -71.37 95.38
C ILE C 1480 61.58 -71.46 94.61
N LYS C 1481 61.09 -72.68 94.38
CA LYS C 1481 59.96 -72.83 93.51
C LYS C 1481 58.67 -72.67 94.29
N ARG C 1482 57.75 -71.89 93.74
CA ARG C 1482 56.46 -71.64 94.34
C ARG C 1482 55.32 -72.24 93.53
N SER C 1483 55.15 -71.77 92.29
CA SER C 1483 53.92 -72.01 91.56
C SER C 1483 54.11 -73.10 90.52
N ASN C 1484 53.00 -73.62 90.06
CA ASN C 1484 52.98 -74.70 89.10
C ASN C 1484 52.81 -74.17 87.70
N TYR C 1486 48.76 -72.72 88.61
CA TYR C 1486 50.04 -72.40 89.21
C TYR C 1486 49.85 -71.86 90.61
N MET C 1487 48.91 -70.93 90.78
CA MET C 1487 48.58 -70.45 92.11
C MET C 1487 47.11 -70.04 92.12
N VAL C 1488 46.25 -70.96 92.51
CA VAL C 1488 44.80 -70.79 92.47
C VAL C 1488 44.27 -70.86 93.89
N CYS C 1489 43.30 -70.00 94.19
CA CYS C 1489 42.55 -70.09 95.44
C CYS C 1489 41.20 -70.72 95.17
N ALA C 1490 40.47 -71.00 96.24
CA ALA C 1490 39.15 -71.60 96.10
C ALA C 1490 38.21 -71.17 97.22
N ASN C 1503 29.32 -62.90 98.94
CA ASN C 1503 29.85 -63.07 97.60
C ASN C 1503 31.36 -63.16 97.63
N GLY C 1504 31.93 -64.05 96.81
CA GLY C 1504 33.36 -64.21 96.75
C GLY C 1504 33.99 -63.04 96.03
N LEU C 1505 34.83 -62.27 96.73
CA LEU C 1505 35.46 -61.09 96.16
C LEU C 1505 36.96 -61.19 96.36
N GLU C 1506 37.69 -61.54 95.29
CA GLU C 1506 39.14 -61.58 95.39
C GLU C 1506 39.74 -60.18 95.33
N ILE C 1507 41.05 -60.10 95.55
CA ILE C 1507 41.77 -58.84 95.47
C ILE C 1507 43.03 -59.06 94.66
N GLY C 1508 43.10 -58.44 93.48
CA GLY C 1508 44.27 -58.52 92.64
C GLY C 1508 45.18 -57.32 92.78
N CYS C 1509 45.79 -57.15 93.94
CA CYS C 1509 46.54 -55.93 94.20
C CYS C 1509 48.02 -56.09 93.91
N VAL C 1510 48.55 -55.15 93.14
CA VAL C 1510 49.99 -55.04 92.92
C VAL C 1510 50.39 -53.59 93.20
N VAL C 1511 51.48 -53.44 93.94
CA VAL C 1511 52.20 -52.18 94.18
C VAL C 1511 51.34 -51.02 94.66
N GLY C 1516 57.12 -56.15 93.56
CA GLY C 1516 55.72 -56.10 93.19
C GLY C 1516 54.87 -56.56 94.35
N LEU C 1517 53.56 -56.72 94.14
CA LEU C 1517 52.68 -57.21 95.17
C LEU C 1517 51.65 -58.18 94.60
N LEU C 1518 51.17 -59.08 95.46
CA LEU C 1518 50.14 -60.03 95.13
C LEU C 1518 49.36 -60.32 96.40
N THR C 1519 48.03 -60.37 96.28
CA THR C 1519 47.14 -60.42 97.43
C THR C 1519 46.22 -61.63 97.37
N PHE C 1520 46.01 -62.23 98.53
CA PHE C 1520 45.06 -63.33 98.73
C PHE C 1520 44.03 -62.83 99.73
N THR C 1521 42.96 -62.23 99.23
CA THR C 1521 41.90 -61.77 100.09
C THR C 1521 40.56 -62.19 99.50
N ALA C 1522 39.63 -62.55 100.37
CA ALA C 1522 38.34 -63.07 99.92
C ALA C 1522 37.25 -62.33 100.69
N ASN C 1523 36.63 -61.34 100.04
CA ASN C 1523 35.57 -60.51 100.61
C ASN C 1523 36.05 -59.82 101.89
N GLY C 1524 37.26 -59.27 101.83
CA GLY C 1524 37.88 -58.66 102.98
C GLY C 1524 38.62 -59.62 103.87
N LYS C 1525 38.47 -60.92 103.66
CA LYS C 1525 39.05 -61.92 104.54
C LYS C 1525 40.24 -62.56 103.86
N ASP C 1526 41.30 -62.81 104.63
CA ASP C 1526 42.59 -63.11 104.06
C ASP C 1526 42.85 -64.61 104.04
N LEU C 1527 43.88 -64.99 103.27
CA LEU C 1527 44.23 -66.38 103.03
C LEU C 1527 45.72 -66.60 103.28
N SER C 1528 46.23 -67.74 102.83
CA SER C 1528 47.58 -68.18 103.18
C SER C 1528 48.61 -67.72 102.16
N THR C 1529 49.55 -66.88 102.64
CA THR C 1529 50.80 -66.55 101.94
C THR C 1529 50.55 -65.91 100.57
N TYR C 1530 50.04 -64.68 100.60
CA TYR C 1530 49.84 -63.88 99.40
C TYR C 1530 51.18 -63.59 98.75
N TYR C 1531 51.46 -64.26 97.64
CA TYR C 1531 52.81 -64.39 97.10
C TYR C 1531 53.24 -63.11 96.40
N GLN C 1532 53.51 -62.09 97.22
CA GLN C 1532 53.85 -60.78 96.72
C GLN C 1532 55.31 -60.63 96.31
N VAL C 1533 56.07 -61.72 96.18
CA VAL C 1533 57.49 -61.63 95.89
C VAL C 1533 57.93 -62.85 95.10
N GLU C 1534 58.43 -62.63 93.90
CA GLU C 1534 59.02 -63.66 93.05
C GLU C 1534 59.98 -62.90 92.15
N PRO C 1535 61.09 -63.52 91.71
CA PRO C 1535 62.12 -62.73 91.00
C PRO C 1535 61.70 -62.17 89.66
N SER C 1536 61.36 -63.02 88.70
CA SER C 1536 61.02 -62.58 87.35
C SER C 1536 59.92 -63.46 86.75
N THR C 1537 58.86 -63.70 87.50
CA THR C 1537 57.87 -64.67 87.08
C THR C 1537 56.67 -63.97 86.41
N LYS C 1538 55.90 -64.73 85.66
CA LYS C 1538 54.75 -64.20 84.94
C LYS C 1538 53.45 -64.81 85.44
N LEU C 1539 52.34 -64.11 85.17
CA LEU C 1539 51.10 -64.42 85.90
C LEU C 1539 49.87 -63.86 85.23
N PHE C 1540 48.97 -64.74 84.82
CA PHE C 1540 47.60 -64.49 84.41
C PHE C 1540 46.64 -64.72 85.57
N PRO C 1541 45.52 -64.00 85.62
CA PRO C 1541 44.48 -64.32 86.62
C PRO C 1541 43.64 -65.51 86.15
N ALA C 1542 43.33 -66.40 87.09
CA ALA C 1542 42.66 -67.65 86.78
C ALA C 1542 41.22 -67.65 87.28
N VAL C 1543 40.32 -68.18 86.45
CA VAL C 1543 38.96 -68.52 86.86
C VAL C 1543 38.68 -69.92 86.34
N PHE C 1544 38.69 -70.88 87.25
CA PHE C 1544 38.40 -72.27 86.89
C PHE C 1544 37.08 -72.58 87.56
N ALA C 1545 36.04 -72.84 86.77
CA ALA C 1545 34.69 -72.70 87.28
C ALA C 1545 33.78 -73.83 86.87
N GLN C 1546 32.76 -74.05 87.70
CA GLN C 1546 31.53 -74.73 87.33
C GLN C 1546 30.52 -73.69 86.86
N ALA C 1547 29.56 -74.12 86.07
CA ALA C 1547 28.53 -73.21 85.58
C ALA C 1547 27.22 -73.39 86.36
N THR C 1548 27.27 -73.03 87.64
CA THR C 1548 26.04 -73.08 88.43
C THR C 1548 25.17 -71.87 88.16
N SER C 1549 25.65 -70.71 88.53
CA SER C 1549 24.93 -69.47 88.41
C SER C 1549 25.36 -68.75 87.15
N PRO C 1550 24.43 -68.21 86.37
CA PRO C 1550 24.82 -67.42 85.20
C PRO C 1550 25.19 -66.01 85.58
N ASN C 1551 26.00 -65.38 84.72
CA ASN C 1551 26.47 -64.00 84.86
C ASN C 1551 27.19 -63.79 86.19
N VAL C 1552 27.92 -64.81 86.59
CA VAL C 1552 28.31 -64.95 87.98
C VAL C 1552 29.51 -64.07 88.34
N PHE C 1553 30.45 -63.91 87.42
CA PHE C 1553 31.70 -63.25 87.74
C PHE C 1553 31.70 -61.84 87.18
N GLN C 1554 32.14 -60.88 88.00
CA GLN C 1554 32.09 -59.45 87.70
C GLN C 1554 33.36 -58.80 88.21
N PHE C 1555 33.94 -57.90 87.43
CA PHE C 1555 35.36 -57.60 87.62
C PHE C 1555 35.76 -56.16 87.84
N GLU C 1556 37.07 -55.93 87.87
CA GLU C 1556 37.62 -54.59 87.85
C GLU C 1556 38.60 -54.43 86.71
N ALA C 1568 44.27 -49.12 97.89
CA ALA C 1568 43.27 -48.07 97.83
C ALA C 1568 42.75 -47.87 96.40
N GLY C 1569 43.67 -47.65 95.46
CA GLY C 1569 43.32 -47.43 94.08
C GLY C 1569 43.00 -48.71 93.34
N LEU C 1570 42.96 -48.62 92.02
CA LEU C 1570 42.60 -49.76 91.20
C LEU C 1570 43.74 -50.16 90.28
N PHE C 1571 43.69 -51.42 89.84
CA PHE C 1571 44.87 -52.13 89.36
C PHE C 1571 45.44 -51.57 88.07
N LYS C 1572 44.59 -51.06 87.18
CA LYS C 1572 45.05 -50.63 85.87
C LYS C 1572 46.02 -49.45 85.96
N SER C 1573 45.95 -48.66 87.05
CA SER C 1573 46.99 -47.70 87.36
C SER C 1573 48.35 -48.38 87.49
N GLU C 1574 48.37 -49.56 88.08
CA GLU C 1574 49.61 -50.31 88.17
C GLU C 1574 49.91 -51.06 86.88
N HIS C 1575 48.91 -51.26 86.02
CA HIS C 1575 49.04 -52.28 84.99
C HIS C 1575 49.85 -51.83 83.77
N LYS C 1576 49.30 -50.90 83.00
CA LYS C 1576 49.77 -50.83 81.62
C LYS C 1576 51.01 -49.98 81.49
N ASN C 1577 51.34 -49.66 80.24
CA ASN C 1577 52.47 -48.78 80.02
C ASN C 1577 52.22 -47.35 80.48
N PRO C 1578 51.06 -46.71 80.27
CA PRO C 1578 50.80 -45.49 81.03
C PRO C 1578 50.43 -45.83 82.47
N VAL C 1579 51.10 -45.21 83.43
CA VAL C 1579 50.81 -45.49 84.82
C VAL C 1579 50.53 -44.29 85.73
N PRO C 1580 49.84 -43.21 85.32
CA PRO C 1580 48.95 -42.57 86.29
C PRO C 1580 47.70 -43.40 86.50
N GLN C 1581 46.90 -43.44 85.42
CA GLN C 1581 45.87 -44.40 85.05
C GLN C 1581 44.98 -44.90 86.19
N CYS C 1582 44.68 -44.03 87.15
CA CYS C 1582 44.02 -44.46 88.38
C CYS C 1582 42.66 -45.13 88.20
N PRO C 1583 41.78 -44.72 87.27
CA PRO C 1583 40.60 -45.55 87.01
C PRO C 1583 40.96 -46.77 86.19
N PRO C 1584 40.19 -47.86 86.31
CA PRO C 1584 40.46 -49.03 85.44
C PRO C 1584 40.00 -48.73 84.02
N ARG C 1585 40.95 -48.70 83.11
CA ARG C 1585 40.68 -48.39 81.72
C ARG C 1585 41.03 -49.61 80.87
N LEU C 1586 40.12 -50.01 80.01
CA LEU C 1586 40.23 -51.28 79.32
C LEU C 1586 40.58 -51.03 77.86
N HIS C 1587 41.69 -51.60 77.41
CA HIS C 1587 41.93 -51.65 76.00
C HIS C 1587 40.91 -52.55 75.33
N VAL C 1588 40.76 -52.34 74.03
CA VAL C 1588 40.15 -53.35 73.19
C VAL C 1588 41.04 -54.58 73.17
N GLN C 1589 42.35 -54.37 73.32
CA GLN C 1589 43.35 -55.43 73.32
C GLN C 1589 43.15 -56.43 74.46
N PHE C 1590 42.48 -56.06 75.54
CA PHE C 1590 42.18 -57.07 76.55
C PHE C 1590 41.14 -58.04 76.03
N LEU C 1591 41.16 -59.26 76.58
CA LEU C 1591 40.45 -60.36 75.95
C LEU C 1591 39.84 -61.24 77.03
N SER C 1592 39.42 -62.43 76.62
CA SER C 1592 38.44 -63.22 77.34
C SER C 1592 38.84 -64.69 77.38
N HIS C 1593 40.06 -64.96 77.83
CA HIS C 1593 40.72 -66.19 77.44
C HIS C 1593 40.20 -67.43 78.14
N VAL C 1594 39.98 -68.47 77.32
CA VAL C 1594 39.41 -69.74 77.77
C VAL C 1594 40.34 -70.85 77.32
N LEU C 1595 40.71 -71.72 78.25
CA LEU C 1595 41.50 -72.90 77.94
C LEU C 1595 40.78 -73.82 76.97
N TRP C 1596 41.42 -74.12 75.84
CA TRP C 1596 40.74 -74.75 74.72
C TRP C 1596 41.70 -75.66 73.99
N SER C 1597 41.16 -76.79 73.54
CA SER C 1597 41.96 -78.01 73.48
C SER C 1597 42.83 -78.09 72.25
N ARG C 1598 42.26 -78.25 71.05
CA ARG C 1598 43.03 -78.83 69.96
C ARG C 1598 43.04 -77.98 68.69
N MET C 1599 44.24 -77.81 68.17
CA MET C 1599 44.57 -76.98 67.03
C MET C 1599 45.33 -77.85 66.04
N PRO C 1600 45.54 -77.38 64.81
CA PRO C 1600 46.49 -78.06 63.93
C PRO C 1600 47.91 -77.95 64.45
N ASN C 1601 48.74 -78.87 64.00
CA ASN C 1601 50.18 -78.74 64.18
C ASN C 1601 50.85 -79.16 62.90
N GLN C 1602 52.07 -78.73 62.72
CA GLN C 1602 52.72 -78.94 61.45
C GLN C 1602 53.36 -80.31 61.42
N PHE C 1603 54.24 -80.48 60.45
CA PHE C 1603 54.87 -81.74 60.15
C PHE C 1603 56.09 -81.99 61.00
N LEU C 1604 56.81 -80.92 61.37
CA LEU C 1604 58.04 -80.98 62.15
C LEU C 1604 59.08 -81.84 61.41
N LYS C 1605 59.55 -81.25 60.31
CA LYS C 1605 60.02 -81.97 59.14
C LYS C 1605 61.21 -82.92 59.28
N VAL C 1606 62.41 -82.41 59.51
CA VAL C 1606 63.61 -83.24 59.42
C VAL C 1606 64.29 -83.26 60.78
N ASP C 1607 64.46 -84.45 61.35
CA ASP C 1607 64.67 -84.51 62.78
C ASP C 1607 65.97 -85.17 63.23
N VAL C 1608 66.27 -86.40 62.79
CA VAL C 1608 67.08 -87.34 63.56
C VAL C 1608 68.16 -87.98 62.70
N SER C 1609 69.39 -88.03 63.22
CA SER C 1609 70.48 -88.86 62.76
C SER C 1609 71.07 -89.67 63.91
N ARG C 1610 70.23 -90.34 64.69
CA ARG C 1610 70.71 -90.98 65.91
C ARG C 1610 71.34 -92.33 65.58
N ILE C 1611 72.48 -92.59 66.20
CA ILE C 1611 73.11 -93.91 66.20
C ILE C 1611 73.26 -94.33 67.64
N SER C 1612 73.35 -95.64 67.89
CA SER C 1612 73.59 -96.11 69.25
C SER C 1612 74.24 -97.48 69.27
N GLU C 1613 74.86 -97.80 70.41
CA GLU C 1613 75.52 -99.07 70.68
C GLU C 1613 74.67 -99.88 71.63
N ARG C 1614 75.15 -101.08 71.96
CA ARG C 1614 74.58 -101.90 73.03
C ARG C 1614 75.62 -102.32 74.06
N GLN C 1615 76.85 -101.83 73.97
CA GLN C 1615 77.83 -102.04 75.05
C GLN C 1615 78.48 -100.70 75.39
N GLY C 1616 77.73 -99.87 76.12
CA GLY C 1616 78.02 -98.46 76.26
C GLY C 1616 76.92 -97.58 75.72
N TRP C 1617 76.17 -98.06 74.72
CA TRP C 1617 74.91 -97.47 74.24
C TRP C 1617 75.08 -96.02 73.77
N LEU C 1618 75.86 -95.87 72.71
CA LEU C 1618 76.38 -94.56 72.35
C LEU C 1618 75.37 -93.80 71.50
N VAL C 1619 74.34 -93.29 72.16
CA VAL C 1619 73.31 -92.51 71.49
C VAL C 1619 73.90 -91.21 70.95
N GLN C 1620 73.75 -91.02 69.63
CA GLN C 1620 74.39 -89.86 68.99
C GLN C 1620 73.63 -89.46 67.72
N CYS C 1621 72.92 -88.34 67.79
CA CYS C 1621 72.63 -87.57 66.59
C CYS C 1621 73.81 -86.65 66.29
N LEU C 1622 73.81 -86.11 65.08
CA LEU C 1622 74.87 -85.20 64.66
C LEU C 1622 74.35 -83.92 64.02
N GLU C 1623 73.11 -83.89 63.56
CA GLU C 1623 72.58 -82.90 62.64
C GLU C 1623 72.57 -81.48 63.20
N PRO C 1624 73.32 -80.56 62.62
CA PRO C 1624 73.13 -79.14 62.95
C PRO C 1624 71.94 -78.58 62.20
N LEU C 1625 70.85 -78.35 62.93
CA LEU C 1625 69.58 -78.00 62.32
C LEU C 1625 68.90 -76.94 63.15
N GLN C 1626 68.10 -76.10 62.51
CA GLN C 1626 67.52 -74.95 63.19
C GLN C 1626 66.01 -74.94 63.09
N PHE C 1627 65.35 -75.00 64.25
CA PHE C 1627 63.94 -74.64 64.30
C PHE C 1627 63.81 -73.18 63.91
N MET C 1628 62.75 -72.87 63.21
CA MET C 1628 62.48 -71.50 62.84
C MET C 1628 61.15 -71.09 63.45
N SER C 1629 61.19 -70.15 64.38
CA SER C 1629 59.99 -69.81 65.09
C SER C 1629 60.03 -68.34 65.47
N LEU C 1630 59.04 -67.95 66.25
CA LEU C 1630 58.93 -66.61 66.76
C LEU C 1630 58.09 -66.69 68.02
N HIS C 1631 57.84 -65.56 68.63
CA HIS C 1631 56.88 -65.56 69.71
C HIS C 1631 56.17 -64.23 69.69
N ILE C 1632 54.90 -64.27 70.05
CA ILE C 1632 54.27 -63.08 70.61
C ILE C 1632 54.89 -62.83 71.97
N PRO C 1633 55.27 -61.63 72.28
CA PRO C 1633 55.82 -61.39 73.61
C PRO C 1633 54.72 -61.20 74.63
N GLU C 1634 53.63 -60.59 74.18
CA GLU C 1634 52.62 -60.09 75.09
C GLU C 1634 51.78 -61.20 75.70
N GLU C 1635 51.62 -62.31 75.00
CA GLU C 1635 50.84 -63.44 75.48
C GLU C 1635 51.66 -64.70 75.31
N ASN C 1636 52.89 -64.65 75.81
CA ASN C 1636 54.06 -65.33 75.27
C ASN C 1636 53.88 -66.80 74.91
N ARG C 1637 54.01 -67.08 73.62
CA ARG C 1637 53.82 -68.41 73.07
C ARG C 1637 54.76 -68.57 71.89
N SER C 1638 55.52 -69.65 71.89
CA SER C 1638 56.40 -69.96 70.77
C SER C 1638 55.57 -70.63 69.69
N VAL C 1639 55.34 -69.91 68.63
CA VAL C 1639 54.73 -70.47 67.44
C VAL C 1639 55.82 -70.52 66.39
N ASP C 1640 55.79 -71.54 65.55
CA ASP C 1640 56.79 -71.68 64.51
C ASP C 1640 56.68 -70.54 63.51
N ILE C 1641 57.71 -70.44 62.68
CA ILE C 1641 57.58 -69.56 61.54
C ILE C 1641 56.64 -70.16 60.52
N LEU C 1642 56.72 -71.46 60.31
CA LEU C 1642 56.26 -72.01 59.05
C LEU C 1642 54.75 -72.16 58.99
N GLU C 1643 54.12 -72.64 60.05
CA GLU C 1643 52.68 -72.85 60.03
C GLU C 1643 51.94 -71.61 60.51
N LEU C 1644 52.56 -70.45 60.32
CA LEU C 1644 51.86 -69.18 60.46
C LEU C 1644 50.78 -68.99 59.42
N THR C 1645 50.80 -69.81 58.36
CA THR C 1645 49.81 -69.85 57.30
C THR C 1645 48.38 -70.05 57.76
N GLU C 1646 48.15 -70.29 59.05
CA GLU C 1646 46.83 -70.26 59.61
C GLU C 1646 46.57 -69.00 60.44
N GLN C 1647 47.59 -68.28 60.86
CA GLN C 1647 47.39 -66.96 61.45
C GLN C 1647 47.69 -65.91 60.38
N GLU C 1648 46.86 -65.97 59.36
CA GLU C 1648 47.07 -65.17 58.16
C GLU C 1648 46.84 -63.71 58.42
N GLU C 1649 45.93 -63.40 59.33
CA GLU C 1649 45.81 -62.05 59.85
C GLU C 1649 47.12 -61.64 60.50
N LEU C 1650 47.75 -62.56 61.21
CA LEU C 1650 48.95 -62.24 61.93
C LEU C 1650 50.14 -62.26 61.00
N LEU C 1651 50.08 -63.18 60.04
CA LEU C 1651 51.02 -63.20 58.93
C LEU C 1651 51.03 -61.87 58.22
N LYS C 1652 49.84 -61.39 57.87
CA LYS C 1652 49.68 -60.13 57.17
C LYS C 1652 50.18 -58.97 58.01
N PHE C 1653 49.84 -59.02 59.29
CA PHE C 1653 50.28 -58.02 60.24
C PHE C 1653 51.79 -57.96 60.28
N HIS C 1654 52.42 -59.11 60.37
CA HIS C 1654 53.86 -59.17 60.39
C HIS C 1654 54.45 -58.78 59.05
N TYR C 1655 53.73 -59.05 57.99
CA TYR C 1655 54.16 -58.64 56.68
C TYR C 1655 54.15 -57.12 56.58
N HIS C 1656 53.19 -56.52 57.23
CA HIS C 1656 53.18 -55.07 57.27
C HIS C 1656 54.23 -54.54 58.22
N THR C 1657 54.63 -55.32 59.22
CA THR C 1657 55.79 -54.91 60.01
C THR C 1657 57.02 -54.91 59.14
N LEU C 1658 57.14 -55.91 58.28
CA LEU C 1658 58.23 -55.98 57.32
C LEU C 1658 58.21 -54.78 56.41
N ARG C 1659 57.01 -54.42 55.96
CA ARG C 1659 56.82 -53.22 55.18
C ARG C 1659 57.31 -52.00 55.92
N LEU C 1660 57.04 -51.95 57.22
CA LEU C 1660 57.46 -50.81 58.00
C LEU C 1660 58.96 -50.78 58.18
N TYR C 1661 59.57 -51.95 58.30
CA TYR C 1661 61.01 -52.00 58.48
C TYR C 1661 61.71 -51.51 57.25
N SER C 1662 61.23 -51.94 56.09
CA SER C 1662 61.72 -51.40 54.84
C SER C 1662 61.40 -49.92 54.74
N ALA C 1663 60.27 -49.53 55.30
CA ALA C 1663 59.78 -48.18 55.12
C ALA C 1663 60.63 -47.19 55.91
N VAL C 1664 61.10 -47.57 57.09
CA VAL C 1664 61.89 -46.63 57.84
C VAL C 1664 63.30 -46.55 57.28
N CYS C 1665 63.92 -47.68 57.05
CA CYS C 1665 65.26 -47.66 56.48
C CYS C 1665 65.08 -47.46 54.99
N ALA C 1666 64.99 -46.19 54.62
CA ALA C 1666 64.72 -45.82 53.25
C ALA C 1666 65.58 -44.62 52.89
N LEU C 1667 66.41 -44.80 51.86
CA LEU C 1667 67.21 -43.74 51.26
C LEU C 1667 68.19 -43.18 52.27
N GLY C 1668 68.97 -44.06 52.85
CA GLY C 1668 70.01 -43.62 53.76
C GLY C 1668 69.45 -43.60 55.15
N ASN C 1669 69.76 -44.61 55.93
CA ASN C 1669 69.34 -44.67 57.31
C ASN C 1669 70.45 -45.26 58.14
N HIS C 1670 71.65 -44.76 57.91
CA HIS C 1670 72.86 -45.38 58.43
C HIS C 1670 72.92 -45.36 59.94
N ARG C 1671 72.15 -44.49 60.57
CA ARG C 1671 71.79 -44.74 61.95
C ARG C 1671 70.88 -45.95 62.05
N VAL C 1672 69.74 -45.89 61.38
CA VAL C 1672 68.65 -46.80 61.64
C VAL C 1672 68.96 -48.17 61.06
N ALA C 1673 69.78 -48.20 60.01
CA ALA C 1673 70.18 -49.45 59.41
C ALA C 1673 70.98 -50.28 60.40
N HIS C 1674 72.03 -49.69 60.94
CA HIS C 1674 72.81 -50.37 61.95
C HIS C 1674 72.03 -50.56 63.23
N ALA C 1675 70.99 -49.75 63.44
CA ALA C 1675 70.10 -50.02 64.55
C ALA C 1675 69.33 -51.32 64.33
N LEU C 1676 68.94 -51.61 63.10
CA LEU C 1676 68.06 -52.75 62.92
C LEU C 1676 68.74 -54.09 63.05
N CYS C 1677 70.07 -54.14 62.96
CA CYS C 1677 70.78 -55.40 62.92
C CYS C 1677 70.61 -56.22 64.19
N SER C 1678 70.25 -55.58 65.30
CA SER C 1678 69.87 -56.32 66.49
C SER C 1678 68.58 -57.09 66.26
N HIS C 1679 67.67 -56.52 65.49
CA HIS C 1679 66.37 -57.15 65.36
C HIS C 1679 66.32 -58.11 64.19
N VAL C 1680 67.07 -57.83 63.14
CA VAL C 1680 66.79 -58.50 61.91
C VAL C 1680 67.46 -59.88 61.82
N ASP C 1681 68.59 -60.07 62.53
CA ASP C 1681 69.28 -61.36 62.62
C ASP C 1681 69.66 -61.88 61.23
N GLU C 1682 70.69 -61.22 60.68
CA GLU C 1682 71.23 -61.52 59.36
C GLU C 1682 71.31 -63.00 58.96
N PRO C 1683 71.89 -63.93 59.73
CA PRO C 1683 71.90 -65.31 59.23
C PRO C 1683 70.54 -65.96 59.31
N GLN C 1684 69.69 -65.50 60.21
CA GLN C 1684 68.30 -65.93 60.18
C GLN C 1684 67.62 -65.41 58.94
N LEU C 1685 68.04 -64.26 58.43
CA LEU C 1685 67.51 -63.81 57.16
C LEU C 1685 68.00 -64.69 56.03
N LEU C 1686 69.23 -65.16 56.12
CA LEU C 1686 69.72 -66.11 55.14
C LEU C 1686 68.93 -67.39 55.19
N TYR C 1687 68.64 -67.84 56.40
CA TYR C 1687 67.77 -68.98 56.64
C TYR C 1687 66.40 -68.76 56.03
N ALA C 1688 65.91 -67.52 56.11
CA ALA C 1688 64.63 -67.18 55.51
C ALA C 1688 64.70 -67.26 53.99
N ILE C 1689 65.86 -66.96 53.42
CA ILE C 1689 66.00 -67.16 51.99
C ILE C 1689 65.98 -68.64 51.67
N GLU C 1690 66.59 -69.44 52.52
CA GLU C 1690 66.71 -70.86 52.25
C GLU C 1690 65.39 -71.58 52.37
N ASN C 1691 64.55 -71.15 53.31
CA ASN C 1691 63.39 -71.92 53.73
C ASN C 1691 62.36 -71.91 52.62
N LYS C 1692 62.34 -72.97 51.83
CA LYS C 1692 61.52 -73.02 50.64
C LYS C 1692 60.07 -73.34 50.92
N TYR C 1693 59.63 -73.20 52.16
CA TYR C 1693 58.23 -73.41 52.49
C TYR C 1693 57.64 -72.20 53.20
N MET C 1694 58.37 -71.10 53.27
CA MET C 1694 57.82 -69.92 53.89
C MET C 1694 56.73 -69.33 53.02
N PRO C 1695 55.74 -68.68 53.61
CA PRO C 1695 54.76 -67.93 52.83
C PRO C 1695 55.41 -66.82 52.02
N GLY C 1696 54.86 -66.63 50.83
CA GLY C 1696 55.55 -65.84 49.82
C GLY C 1696 55.62 -64.38 50.16
N LEU C 1697 54.69 -63.89 50.97
CA LEU C 1697 54.78 -62.50 51.41
C LEU C 1697 55.99 -62.32 52.32
N LEU C 1698 56.19 -63.29 53.20
CA LEU C 1698 57.37 -63.26 54.05
C LEU C 1698 58.63 -63.36 53.21
N ARG C 1699 58.57 -64.20 52.19
CA ARG C 1699 59.69 -64.36 51.27
C ARG C 1699 60.01 -63.05 50.59
N ALA C 1700 58.97 -62.36 50.13
CA ALA C 1700 59.14 -61.11 49.41
C ALA C 1700 59.73 -60.04 50.29
N GLY C 1701 59.12 -59.84 51.47
CA GLY C 1701 59.58 -58.80 52.36
C GLY C 1701 60.97 -59.07 52.87
N TYR C 1702 61.26 -60.33 53.18
CA TYR C 1702 62.58 -60.67 53.64
C TYR C 1702 63.62 -60.48 52.56
N TYR C 1703 63.24 -60.74 51.31
CA TYR C 1703 64.19 -60.54 50.24
C TYR C 1703 64.42 -59.06 50.02
N ASP C 1704 63.42 -58.23 50.31
CA ASP C 1704 63.63 -56.79 50.26
C ASP C 1704 64.61 -56.36 51.33
N LEU C 1705 64.45 -56.91 52.51
CA LEU C 1705 65.00 -56.27 53.69
C LEU C 1705 66.51 -56.30 53.71
N LEU C 1706 67.11 -57.29 53.10
CA LEU C 1706 68.57 -57.33 53.07
C LEU C 1706 69.13 -56.28 52.13
N ILE C 1707 68.40 -55.98 51.05
CA ILE C 1707 68.76 -54.87 50.21
C ILE C 1707 68.64 -53.60 51.00
N ASP C 1708 67.55 -53.49 51.75
CA ASP C 1708 67.29 -52.34 52.57
C ASP C 1708 68.30 -52.20 53.68
N ILE C 1709 68.95 -53.28 54.07
CA ILE C 1709 69.97 -53.18 55.08
C ILE C 1709 71.28 -52.78 54.47
N HIS C 1710 71.76 -53.55 53.50
CA HIS C 1710 73.13 -53.32 53.08
C HIS C 1710 73.21 -52.58 51.77
N LEU C 1711 72.38 -52.95 50.82
CA LEU C 1711 72.75 -52.84 49.42
C LEU C 1711 72.31 -51.55 48.76
N SER C 1712 71.17 -51.01 49.21
CA SER C 1712 70.43 -50.02 48.44
C SER C 1712 71.20 -48.73 48.28
N SER C 1713 72.04 -48.40 49.25
CA SER C 1713 72.87 -47.22 49.19
C SER C 1713 73.83 -47.28 48.01
N TYR C 1714 74.67 -48.32 47.98
CA TYR C 1714 75.63 -48.46 46.90
C TYR C 1714 74.94 -48.73 45.58
N ALA C 1715 73.77 -49.35 45.65
CA ALA C 1715 72.96 -49.56 44.45
C ALA C 1715 72.58 -48.23 43.83
N THR C 1716 72.04 -47.34 44.64
CA THR C 1716 71.72 -46.01 44.20
C THR C 1716 72.95 -45.23 43.81
N ALA C 1717 74.08 -45.53 44.43
CA ALA C 1717 75.32 -44.87 44.08
C ALA C 1717 75.72 -45.17 42.64
N ARG C 1718 75.74 -46.46 42.30
CA ARG C 1718 76.01 -46.82 40.92
C ARG C 1718 74.89 -46.36 40.00
N LEU C 1719 73.66 -46.26 40.52
CA LEU C 1719 72.55 -45.76 39.73
C LEU C 1719 72.79 -44.32 39.30
N MET C 1720 73.31 -43.51 40.20
CA MET C 1720 73.73 -42.18 39.82
C MET C 1720 74.90 -42.25 38.87
N MET C 1721 75.80 -43.19 39.08
CA MET C 1721 77.00 -43.23 38.26
C MET C 1721 76.79 -43.89 36.92
N ASN C 1722 75.56 -44.24 36.59
CA ASN C 1722 75.23 -44.93 35.36
C ASN C 1722 75.69 -44.20 34.11
N ASN C 1723 75.54 -42.88 34.07
CA ASN C 1723 75.53 -42.18 32.79
C ASN C 1723 76.64 -41.16 32.68
N GLU C 1724 77.79 -41.46 33.26
CA GLU C 1724 78.76 -40.40 33.51
C GLU C 1724 80.03 -40.59 32.72
N PHE C 1725 80.68 -41.75 32.87
CA PHE C 1725 81.78 -42.21 32.02
C PHE C 1725 82.97 -41.27 32.08
N ILE C 1726 83.51 -41.05 33.26
CA ILE C 1726 84.75 -40.34 33.39
C ILE C 1726 85.88 -41.36 33.37
N VAL C 1727 86.76 -41.24 32.40
CA VAL C 1727 87.76 -42.27 32.18
C VAL C 1727 89.15 -41.68 32.34
N PRO C 1728 90.04 -42.38 33.02
CA PRO C 1728 91.46 -42.03 32.95
C PRO C 1728 92.04 -42.40 31.61
N MET C 1729 93.26 -41.95 31.39
CA MET C 1729 93.95 -42.18 30.14
C MET C 1729 95.18 -43.07 30.35
N THR C 1730 95.02 -44.14 31.13
CA THR C 1730 96.18 -44.97 31.35
C THR C 1730 96.42 -45.88 30.16
N GLU C 1731 97.54 -46.56 30.21
CA GLU C 1731 97.87 -47.54 29.19
C GLU C 1731 96.94 -48.74 29.30
N GLU C 1732 96.56 -49.07 30.52
CA GLU C 1732 95.55 -50.09 30.71
C GLU C 1732 94.23 -49.65 30.12
N THR C 1733 93.88 -48.37 30.33
CA THR C 1733 92.75 -47.82 29.59
C THR C 1733 93.03 -47.78 28.10
N LYS C 1734 94.29 -47.59 27.73
CA LYS C 1734 94.62 -47.57 26.32
C LYS C 1734 94.64 -48.97 25.73
N SER C 1735 94.66 -50.01 26.56
CA SER C 1735 94.80 -51.38 26.08
C SER C 1735 93.47 -52.03 25.76
N ILE C 1736 92.47 -51.26 25.36
CA ILE C 1736 91.11 -51.76 25.25
C ILE C 1736 90.73 -51.85 23.79
N THR C 1737 90.15 -52.96 23.40
CA THR C 1737 89.83 -53.25 22.02
C THR C 1737 88.33 -53.45 21.87
N LEU C 1738 87.96 -53.86 20.66
CA LEU C 1738 86.69 -54.49 20.40
C LEU C 1738 86.85 -55.99 20.58
N PHE C 1739 85.72 -56.67 20.80
CA PHE C 1739 85.51 -58.06 20.42
C PHE C 1739 86.15 -58.34 19.07
N PRO C 1740 87.24 -59.10 19.04
CA PRO C 1740 87.90 -59.40 17.77
C PRO C 1740 87.13 -60.48 17.03
N ASP C 1741 87.47 -60.63 15.76
CA ASP C 1741 86.74 -61.54 14.90
C ASP C 1741 87.72 -62.51 14.23
N GLY C 1747 79.81 -60.31 20.07
CA GLY C 1747 80.59 -59.95 21.23
C GLY C 1747 80.11 -60.62 22.51
N LEU C 1748 80.52 -60.07 23.66
CA LEU C 1748 80.15 -60.60 24.96
C LEU C 1748 80.21 -59.51 26.01
N PRO C 1749 79.14 -59.31 26.80
CA PRO C 1749 79.20 -58.28 27.84
C PRO C 1749 80.10 -58.63 29.01
N GLY C 1750 80.44 -59.91 29.20
CA GLY C 1750 81.19 -60.32 30.36
C GLY C 1750 82.68 -60.08 30.22
N ILE C 1751 83.12 -58.83 30.38
CA ILE C 1751 84.51 -58.46 30.22
C ILE C 1751 84.97 -57.77 31.50
N GLY C 1752 86.18 -58.12 31.96
CA GLY C 1752 86.78 -57.39 33.06
C GLY C 1752 87.64 -56.22 32.60
N LEU C 1753 87.03 -55.04 32.59
CA LEU C 1753 87.54 -53.79 32.04
C LEU C 1753 86.76 -52.66 32.68
N SER C 1754 86.58 -51.57 31.92
CA SER C 1754 85.70 -50.43 32.26
C SER C 1754 86.21 -49.70 33.50
N THR C 1755 87.34 -49.06 33.28
CA THR C 1755 88.09 -48.28 34.24
C THR C 1755 87.36 -47.05 34.76
N SER C 1756 86.26 -46.62 34.14
CA SER C 1756 85.46 -45.56 34.71
C SER C 1756 84.84 -46.04 36.01
N LEU C 1757 84.59 -45.11 36.92
CA LEU C 1757 84.89 -45.38 38.32
C LEU C 1757 83.86 -46.26 39.01
N ARG C 1758 82.62 -45.75 39.14
CA ARG C 1758 81.51 -46.39 39.84
C ARG C 1758 81.95 -46.75 41.25
N PRO C 1759 82.00 -45.78 42.15
CA PRO C 1759 82.86 -45.88 43.34
C PRO C 1759 82.45 -46.91 44.37
N ARG C 1760 83.27 -46.97 45.42
CA ARG C 1760 83.32 -48.13 46.30
C ARG C 1760 82.16 -48.09 47.27
N MET C 1761 81.42 -49.17 47.30
CA MET C 1761 80.70 -49.53 48.49
C MET C 1761 81.66 -49.72 49.65
N GLN C 1762 81.57 -48.83 50.63
CA GLN C 1762 82.39 -48.89 51.83
C GLN C 1762 81.47 -48.93 53.03
N PHE C 1763 81.76 -49.84 53.94
CA PHE C 1763 80.74 -50.39 54.80
C PHE C 1763 81.06 -50.05 56.22
N SER C 1764 80.28 -50.65 57.11
CA SER C 1764 80.48 -50.45 58.54
C SER C 1764 79.95 -51.66 59.27
N SER C 1765 80.72 -52.13 60.24
CA SER C 1765 80.25 -53.19 61.10
C SER C 1765 79.27 -52.62 62.10
N PRO C 1766 78.10 -53.15 62.19
CA PRO C 1766 77.18 -52.76 63.25
C PRO C 1766 77.53 -53.40 64.59
N SER C 1767 78.54 -52.86 65.25
CA SER C 1767 78.78 -53.30 66.62
C SER C 1767 77.78 -52.65 67.56
N PHE C 1768 77.78 -53.12 68.79
CA PHE C 1768 76.96 -52.54 69.84
C PHE C 1768 77.69 -52.34 71.13
N VAL C 1769 78.79 -53.06 71.36
CA VAL C 1769 79.63 -52.78 72.51
C VAL C 1769 80.38 -51.46 72.32
N SER C 1770 80.59 -51.06 71.08
CA SER C 1770 81.36 -49.88 70.76
C SER C 1770 80.50 -48.63 70.84
N ILE C 1771 81.14 -47.51 70.53
CA ILE C 1771 80.49 -46.24 70.27
C ILE C 1771 81.19 -45.63 69.06
N ASN C 1772 80.88 -44.36 68.76
CA ASN C 1772 81.69 -43.49 67.91
C ASN C 1772 81.80 -43.99 66.46
N ASN C 1773 80.70 -43.91 65.71
CA ASN C 1773 79.46 -43.22 66.06
C ASN C 1773 78.25 -44.03 65.60
N GLU C 1774 78.53 -45.03 64.74
CA GLU C 1774 77.61 -46.07 64.22
C GLU C 1774 76.38 -45.50 63.50
N CYS C 1775 76.35 -44.20 63.25
CA CYS C 1775 75.18 -43.56 62.69
C CYS C 1775 75.51 -42.87 61.38
N TYR C 1776 76.62 -42.16 61.32
CA TYR C 1776 77.18 -41.78 60.05
C TYR C 1776 77.75 -42.99 59.34
N GLN C 1777 78.21 -43.96 60.11
CA GLN C 1777 78.77 -45.20 59.59
C GLN C 1777 77.78 -45.88 58.66
N TYR C 1778 78.24 -46.12 57.44
CA TYR C 1778 77.36 -46.12 56.28
C TYR C 1778 76.45 -47.33 56.26
N SER C 1779 77.04 -48.50 56.19
CA SER C 1779 76.24 -49.57 55.73
C SER C 1779 76.69 -50.85 56.37
N PRO C 1780 75.76 -51.64 56.88
CA PRO C 1780 76.09 -52.95 57.40
C PRO C 1780 76.60 -53.84 56.29
N GLU C 1781 77.30 -54.86 56.71
CA GLU C 1781 78.13 -55.65 55.82
C GLU C 1781 78.09 -57.09 56.29
N PHE C 1782 78.24 -58.00 55.32
CA PHE C 1782 78.05 -59.42 55.58
C PHE C 1782 78.58 -60.18 54.37
N PRO C 1783 78.80 -61.50 54.48
CA PRO C 1783 79.28 -62.27 53.32
C PRO C 1783 78.28 -62.40 52.20
N LEU C 1784 78.23 -61.33 51.41
CA LEU C 1784 77.52 -61.32 50.15
C LEU C 1784 78.07 -62.32 49.14
N ASP C 1785 79.31 -62.77 49.31
CA ASP C 1785 79.89 -63.69 48.35
C ASP C 1785 79.26 -65.07 48.46
N ILE C 1786 79.12 -65.57 49.68
CA ILE C 1786 78.49 -66.86 49.86
C ILE C 1786 77.01 -66.73 49.60
N LEU C 1787 76.47 -65.52 49.81
CA LEU C 1787 75.14 -65.21 49.36
C LEU C 1787 75.03 -65.36 47.86
N LYS C 1788 76.02 -64.84 47.14
CA LYS C 1788 75.94 -64.84 45.70
C LYS C 1788 76.09 -66.25 45.15
N ALA C 1789 76.90 -67.06 45.83
CA ALA C 1789 76.99 -68.46 45.47
C ALA C 1789 75.68 -69.17 45.74
N LYS C 1790 75.05 -68.85 46.86
CA LYS C 1790 73.78 -69.45 47.21
C LYS C 1790 72.70 -69.07 46.21
N THR C 1791 72.71 -67.83 45.77
CA THR C 1791 71.73 -67.40 44.80
C THR C 1791 71.98 -68.03 43.46
N ILE C 1792 73.25 -68.23 43.11
CA ILE C 1792 73.59 -68.93 41.89
C ILE C 1792 73.00 -70.33 41.93
N GLN C 1793 73.19 -70.99 43.06
CA GLN C 1793 72.58 -72.30 43.30
C GLN C 1793 71.07 -72.24 43.19
N MET C 1794 70.47 -71.26 43.84
CA MET C 1794 69.02 -71.17 43.91
C MET C 1794 68.44 -70.85 42.55
N LEU C 1795 69.15 -70.06 41.76
CA LEU C 1795 68.58 -69.62 40.50
C LEU C 1795 68.77 -70.66 39.42
N THR C 1796 69.90 -71.35 39.43
CA THR C 1796 70.06 -72.53 38.60
C THR C 1796 69.02 -73.56 38.95
N GLU C 1797 68.76 -73.71 40.24
CA GLU C 1797 67.71 -74.60 40.70
C GLU C 1797 66.36 -74.13 40.20
N ALA C 1798 66.15 -72.82 40.23
CA ALA C 1798 64.89 -72.24 39.83
C ALA C 1798 64.63 -72.44 38.36
N VAL C 1799 65.67 -72.27 37.54
CA VAL C 1799 65.47 -72.47 36.12
C VAL C 1799 65.47 -73.93 35.76
N GLN C 1800 65.92 -74.81 36.64
CA GLN C 1800 65.52 -76.20 36.48
C GLN C 1800 64.03 -76.33 36.68
N GLU C 1801 63.55 -75.84 37.81
CA GLU C 1801 62.21 -76.19 38.27
C GLU C 1801 61.12 -75.54 37.44
N GLY C 1802 61.36 -74.33 36.94
CA GLY C 1802 60.42 -73.74 36.01
C GLY C 1802 60.46 -74.42 34.66
N SER C 1803 61.64 -74.88 34.25
CA SER C 1803 61.70 -75.75 33.08
C SER C 1803 61.19 -77.13 33.43
N LEU C 1804 61.37 -77.56 34.68
CA LEU C 1804 60.65 -78.73 35.15
C LEU C 1804 59.17 -78.43 35.26
N HIS C 1805 58.81 -77.15 35.42
CA HIS C 1805 57.44 -76.65 35.40
C HIS C 1805 56.60 -77.33 36.47
N ALA C 1806 57.05 -77.14 37.71
CA ALA C 1806 56.43 -77.78 38.85
C ALA C 1806 55.01 -77.26 39.05
N ARG C 1807 54.19 -78.06 39.72
CA ARG C 1807 52.81 -77.65 39.93
C ARG C 1807 52.71 -76.57 40.98
N ASP C 1808 53.41 -76.72 42.08
CA ASP C 1808 53.29 -75.74 43.16
C ASP C 1808 54.64 -75.08 43.41
N PRO C 1809 54.73 -73.76 43.25
CA PRO C 1809 55.97 -73.05 43.57
C PRO C 1809 56.27 -72.97 45.05
N VAL C 1810 57.41 -72.35 45.36
CA VAL C 1810 57.80 -72.17 46.75
C VAL C 1810 56.87 -71.19 47.44
N GLY C 1811 56.67 -70.03 46.84
CA GLY C 1811 55.84 -69.03 47.49
C GLY C 1811 54.41 -69.12 47.04
N GLY C 1812 53.92 -70.33 46.83
CA GLY C 1812 52.55 -70.51 46.39
C GLY C 1812 52.42 -70.34 44.90
N THR C 1813 52.83 -69.19 44.37
CA THR C 1813 52.87 -68.97 42.94
C THR C 1813 54.22 -68.40 42.55
N THR C 1814 54.46 -68.44 41.24
CA THR C 1814 55.80 -68.32 40.68
C THR C 1814 56.40 -66.96 40.89
N GLU C 1815 55.56 -65.94 41.00
CA GLU C 1815 56.07 -64.59 41.16
C GLU C 1815 56.76 -64.44 42.51
N PHE C 1816 56.23 -65.09 43.52
CA PHE C 1816 56.90 -65.15 44.80
C PHE C 1816 58.14 -65.99 44.68
N LEU C 1817 58.10 -67.00 43.82
CA LEU C 1817 59.25 -67.85 43.63
C LEU C 1817 60.37 -67.11 42.92
N PHE C 1818 60.02 -66.12 42.12
CA PHE C 1818 60.98 -65.62 41.16
C PHE C 1818 61.27 -64.16 41.33
N VAL C 1819 60.23 -63.32 41.28
CA VAL C 1819 60.40 -61.88 41.15
C VAL C 1819 61.30 -61.26 42.22
N PRO C 1820 61.18 -61.59 43.51
CA PRO C 1820 62.15 -61.01 44.44
C PRO C 1820 63.52 -61.62 44.30
N LEU C 1821 63.61 -62.88 43.87
CA LEU C 1821 64.92 -63.46 43.64
C LEU C 1821 65.63 -62.77 42.50
N ILE C 1822 64.92 -62.54 41.41
CA ILE C 1822 65.56 -61.93 40.26
C ILE C 1822 65.87 -60.49 40.55
N LYS C 1823 64.99 -59.83 41.31
CA LYS C 1823 65.24 -58.46 41.73
C LYS C 1823 66.49 -58.38 42.57
N LEU C 1824 66.63 -59.33 43.48
CA LEU C 1824 67.79 -59.45 44.35
C LEU C 1824 69.04 -59.60 43.53
N PHE C 1825 69.03 -60.57 42.63
CA PHE C 1825 70.20 -60.83 41.80
C PHE C 1825 70.50 -59.66 40.88
N TYR C 1826 69.48 -58.96 40.44
CA TYR C 1826 69.66 -57.86 39.53
C TYR C 1826 70.37 -56.72 40.22
N THR C 1827 69.95 -56.44 41.44
CA THR C 1827 70.62 -55.45 42.25
C THR C 1827 72.04 -55.86 42.56
N LEU C 1828 72.25 -57.16 42.75
CA LEU C 1828 73.61 -57.66 42.94
C LEU C 1828 74.44 -57.38 41.71
N LEU C 1829 73.87 -57.69 40.55
CA LEU C 1829 74.49 -57.49 39.26
C LEU C 1829 74.84 -56.03 39.03
N ILE C 1830 74.03 -55.15 39.57
CA ILE C 1830 74.36 -53.74 39.56
C ILE C 1830 75.61 -53.49 40.38
N MET C 1831 75.76 -54.21 41.49
CA MET C 1831 76.74 -53.83 42.49
C MET C 1831 78.14 -54.34 42.22
N GLY C 1832 78.49 -54.56 40.96
CA GLY C 1832 79.89 -54.70 40.60
C GLY C 1832 80.54 -55.98 41.08
N ILE C 1833 79.83 -57.09 40.99
CA ILE C 1833 80.34 -58.37 41.42
C ILE C 1833 80.12 -59.31 40.25
N PHE C 1834 80.31 -60.62 40.48
CA PHE C 1834 80.21 -61.65 39.45
C PHE C 1834 81.24 -61.41 38.34
N HIS C 1835 82.48 -61.64 38.71
CA HIS C 1835 83.51 -61.87 37.71
C HIS C 1835 83.04 -62.96 36.75
N ASN C 1836 83.38 -62.78 35.47
CA ASN C 1836 82.52 -63.18 34.35
C ASN C 1836 82.22 -64.67 34.21
N GLU C 1837 82.78 -65.50 35.10
CA GLU C 1837 82.60 -66.94 35.01
C GLU C 1837 81.16 -67.33 35.27
N ASP C 1838 80.60 -66.88 36.40
CA ASP C 1838 79.20 -67.13 36.69
C ASP C 1838 78.32 -66.33 35.74
N LEU C 1839 78.83 -65.20 35.26
CA LEU C 1839 78.11 -64.39 34.30
C LEU C 1839 77.87 -65.17 33.03
N LYS C 1840 78.94 -65.71 32.45
CA LYS C 1840 78.82 -66.48 31.24
C LYS C 1840 78.09 -67.78 31.49
N HIS C 1841 78.21 -68.31 32.71
CA HIS C 1841 77.43 -69.46 33.13
C HIS C 1841 75.94 -69.16 33.04
N ILE C 1842 75.51 -68.07 33.65
CA ILE C 1842 74.13 -67.64 33.65
C ILE C 1842 73.70 -67.22 32.25
N LEU C 1843 74.62 -66.67 31.49
CA LEU C 1843 74.33 -66.25 30.12
C LEU C 1843 74.00 -67.45 29.26
N GLN C 1844 74.99 -68.32 29.02
CA GLN C 1844 74.81 -69.50 28.18
C GLN C 1844 73.81 -70.49 28.79
N LEU C 1845 73.49 -70.35 30.08
CA LEU C 1845 72.22 -70.85 30.59
C LEU C 1845 71.05 -70.23 29.85
N ILE C 1846 70.95 -68.90 29.89
CA ILE C 1846 69.73 -68.24 29.42
C ILE C 1846 69.81 -67.94 27.93
N GLU C 1847 71.00 -67.69 27.42
CA GLU C 1847 71.24 -67.33 26.02
C GLU C 1847 71.07 -68.47 25.04
N PRO C 1848 71.30 -69.73 25.45
CA PRO C 1848 72.40 -70.51 24.87
C PRO C 1848 72.63 -70.26 23.40
N SER C 1849 73.81 -69.73 23.06
CA SER C 1849 74.16 -69.43 21.69
C SER C 1849 75.68 -69.46 21.55
N GLY C 1893 68.28 -71.96 28.46
CA GLY C 1893 67.16 -71.39 27.73
C GLY C 1893 66.02 -70.94 28.62
N LEU C 1894 66.27 -69.86 29.38
CA LEU C 1894 65.24 -69.33 30.25
C LEU C 1894 64.16 -68.62 29.45
N LEU C 1895 64.56 -67.87 28.42
CA LEU C 1895 63.61 -67.06 27.70
C LEU C 1895 62.68 -67.87 26.81
N GLN C 1896 62.95 -69.16 26.65
CA GLN C 1896 61.97 -70.06 26.06
C GLN C 1896 60.71 -70.16 26.90
N MET C 1897 60.81 -69.92 28.20
CA MET C 1897 59.69 -70.19 29.09
C MET C 1897 58.56 -69.20 28.89
N LYS C 1898 57.38 -69.62 29.32
CA LYS C 1898 56.31 -68.67 29.60
C LYS C 1898 56.66 -67.95 30.90
N LEU C 1899 56.28 -66.69 30.98
CA LEU C 1899 56.55 -65.90 32.16
C LEU C 1899 55.31 -65.09 32.50
N PRO C 1900 54.99 -64.92 33.76
CA PRO C 1900 53.96 -63.96 34.13
C PRO C 1900 54.44 -62.53 34.07
N GLU C 1901 53.56 -61.59 34.41
CA GLU C 1901 53.78 -60.19 34.02
C GLU C 1901 54.89 -59.50 34.79
N PRO C 1902 54.86 -59.43 36.13
CA PRO C 1902 55.92 -58.66 36.80
C PRO C 1902 57.24 -59.36 36.75
N VAL C 1903 57.23 -60.64 36.39
CA VAL C 1903 58.44 -61.39 36.15
C VAL C 1903 59.24 -60.76 35.02
N LYS C 1904 58.63 -60.61 33.85
CA LYS C 1904 59.38 -60.03 32.74
C LYS C 1904 59.54 -58.54 32.92
N LEU C 1905 58.61 -57.91 33.64
CA LEU C 1905 58.79 -56.52 34.03
C LEU C 1905 60.05 -56.36 34.87
N GLN C 1906 60.33 -57.32 35.72
CA GLN C 1906 61.59 -57.34 36.42
C GLN C 1906 62.73 -57.65 35.46
N MET C 1907 62.46 -58.54 34.50
CA MET C 1907 63.54 -59.12 33.71
C MET C 1907 64.17 -58.11 32.78
N CYS C 1908 63.36 -57.21 32.23
CA CYS C 1908 63.83 -56.36 31.13
C CYS C 1908 64.93 -55.41 31.58
N LEU C 1909 64.93 -55.09 32.87
CA LEU C 1909 65.92 -54.19 33.42
C LEU C 1909 67.31 -54.80 33.39
N LEU C 1910 67.36 -56.13 33.46
CA LEU C 1910 68.63 -56.84 33.37
C LEU C 1910 69.26 -56.60 32.03
N LEU C 1911 68.47 -56.74 30.98
CA LEU C 1911 68.96 -56.56 29.65
C LEU C 1911 69.31 -55.11 29.40
N GLN C 1912 68.54 -54.23 30.01
CA GLN C 1912 68.85 -52.81 29.97
C GLN C 1912 70.24 -52.55 30.52
N TYR C 1913 70.52 -53.14 31.68
CA TYR C 1913 71.85 -53.10 32.28
C TYR C 1913 72.88 -53.70 31.37
N LEU C 1914 72.50 -54.76 30.66
CA LEU C 1914 73.43 -55.49 29.83
C LEU C 1914 73.89 -54.66 28.64
N CYS C 1915 72.95 -54.13 27.90
CA CYS C 1915 73.34 -53.27 26.78
C CYS C 1915 73.95 -51.98 27.27
N ASP C 1916 73.63 -51.58 28.50
CA ASP C 1916 74.27 -50.41 29.06
C ASP C 1916 75.75 -50.65 29.27
N CYS C 1917 76.11 -51.75 29.91
CA CYS C 1917 77.53 -51.97 30.17
C CYS C 1917 78.25 -52.36 28.89
N GLN C 1918 77.51 -52.96 27.95
CA GLN C 1918 78.04 -53.20 26.62
C GLN C 1918 78.45 -51.91 25.95
N VAL C 1919 77.57 -50.92 25.94
CA VAL C 1919 77.89 -49.72 25.23
C VAL C 1919 78.88 -48.89 26.01
N ARG C 1920 78.95 -49.07 27.33
CA ARG C 1920 80.00 -48.43 28.08
C ARG C 1920 81.34 -49.02 27.71
N HIS C 1921 81.37 -50.32 27.46
CA HIS C 1921 82.57 -50.95 26.92
C HIS C 1921 82.90 -50.41 25.52
N ARG C 1922 81.87 -50.18 24.72
CA ARG C 1922 82.08 -49.55 23.41
C ARG C 1922 82.75 -48.20 23.55
N ILE C 1923 82.29 -47.45 24.54
CA ILE C 1923 82.87 -46.14 24.82
C ILE C 1923 84.30 -46.27 25.28
N GLU C 1924 84.57 -47.28 26.11
CA GLU C 1924 85.93 -47.49 26.60
C GLU C 1924 86.87 -47.87 25.47
N ALA C 1925 86.35 -48.62 24.50
CA ALA C 1925 87.16 -48.97 23.34
C ALA C 1925 87.45 -47.74 22.50
N ILE C 1926 86.48 -46.84 22.39
CA ILE C 1926 86.78 -45.65 21.61
C ILE C 1926 87.67 -44.70 22.39
N VAL C 1927 87.65 -44.83 23.72
CA VAL C 1927 88.60 -44.08 24.53
C VAL C 1927 90.01 -44.55 24.25
N ALA C 1928 90.18 -45.87 24.18
CA ALA C 1928 91.50 -46.41 23.88
C ALA C 1928 91.93 -46.10 22.46
N PHE C 1929 90.97 -46.00 21.53
CA PHE C 1929 91.30 -45.60 20.16
C PHE C 1929 91.82 -44.18 20.13
N SER C 1930 91.06 -43.26 20.72
CA SER C 1930 91.43 -41.86 20.80
C SER C 1930 92.76 -41.67 21.52
N ASP C 1931 93.03 -42.54 22.50
CA ASP C 1931 94.17 -42.45 23.39
C ASP C 1931 95.50 -42.50 22.65
N ASP C 1932 95.52 -43.00 21.42
CA ASP C 1932 96.65 -42.80 20.55
C ASP C 1932 96.32 -42.03 19.29
N PHE C 1933 95.05 -42.00 18.88
CA PHE C 1933 94.70 -41.30 17.65
C PHE C 1933 94.95 -39.81 17.75
N VAL C 1934 94.82 -39.26 18.95
CA VAL C 1934 95.03 -37.83 19.17
C VAL C 1934 96.49 -37.45 18.93
N ALA C 1935 97.40 -38.38 19.26
CA ALA C 1935 98.83 -38.09 19.27
C ALA C 1935 99.36 -37.76 17.89
N LYS C 1936 98.91 -38.52 16.89
CA LYS C 1936 99.41 -38.33 15.52
C LYS C 1936 98.97 -36.99 14.97
N LEU C 1937 97.77 -36.57 15.31
CA LEU C 1937 97.31 -35.28 14.83
C LEU C 1937 97.98 -34.15 15.58
N GLN C 1938 98.38 -34.38 16.82
CA GLN C 1938 99.18 -33.37 17.50
C GLN C 1938 100.55 -33.24 16.85
N ASP C 1939 101.12 -34.37 16.43
CA ASP C 1939 102.34 -34.34 15.63
C ASP C 1939 102.11 -33.58 14.35
N ASN C 1940 100.95 -33.76 13.74
CA ASN C 1940 100.61 -33.09 12.50
C ASN C 1940 100.53 -31.58 12.67
N GLN C 1941 99.95 -31.13 13.79
CA GLN C 1941 99.91 -29.71 14.10
C GLN C 1941 101.30 -29.15 14.30
N ARG C 1942 102.16 -29.92 14.97
CA ARG C 1942 103.55 -29.52 15.11
C ARG C 1942 104.27 -29.48 13.77
N PHE C 1943 103.86 -30.32 12.82
CA PHE C 1943 104.46 -30.28 11.49
C PHE C 1943 104.00 -29.03 10.75
N ARG C 1944 102.70 -28.79 10.75
CA ARG C 1944 102.09 -27.68 10.04
C ARG C 1944 102.53 -26.34 10.58
N TYR C 1945 103.00 -26.28 11.83
CA TYR C 1945 103.66 -25.07 12.27
C TYR C 1945 104.98 -24.83 11.53
N ASN C 1946 105.72 -25.90 11.23
CA ASN C 1946 107.04 -25.71 10.64
C ASN C 1946 106.97 -25.29 9.19
N GLU C 1947 105.94 -25.69 8.48
CA GLU C 1947 105.95 -25.67 7.03
C GLU C 1947 105.69 -24.31 6.43
N VAL C 1948 105.78 -23.23 7.20
CA VAL C 1948 105.70 -21.90 6.66
C VAL C 1948 107.05 -21.23 6.77
N ARG C 1994 97.94 -20.34 4.96
CA ARG C 1994 97.94 -19.06 5.66
C ARG C 1994 97.13 -19.13 6.93
N ASP C 1995 97.03 -20.33 7.51
CA ASP C 1995 96.22 -20.54 8.69
C ASP C 1995 96.99 -21.36 9.71
N GLN C 1996 96.27 -21.90 10.70
CA GLN C 1996 96.76 -22.93 11.61
C GLN C 1996 97.97 -22.45 12.42
N LEU C 1997 97.72 -21.57 13.39
CA LEU C 1997 96.40 -21.34 13.98
C LEU C 1997 96.20 -19.89 14.41
N LEU C 1998 95.11 -19.18 14.06
CA LEU C 1998 94.16 -19.36 12.95
C LEU C 1998 93.41 -20.69 12.67
N ASP C 1999 92.49 -21.11 13.55
CA ASP C 1999 92.16 -20.41 14.79
C ASP C 1999 92.40 -21.38 15.93
N PHE C 2000 92.94 -20.87 17.04
CA PHE C 2000 93.30 -21.76 18.14
C PHE C 2000 92.07 -22.26 18.88
N HIS C 2001 91.08 -21.39 19.07
CA HIS C 2001 89.82 -21.84 19.64
C HIS C 2001 89.10 -22.77 18.69
N GLU C 2002 89.10 -22.42 17.41
CA GLU C 2002 88.55 -23.28 16.38
C GLU C 2002 89.57 -24.25 15.85
N ASP C 2003 90.60 -24.59 16.63
CA ASP C 2003 91.44 -25.73 16.28
C ASP C 2003 90.64 -27.02 16.37
N LEU C 2004 89.65 -27.05 17.27
CA LEU C 2004 88.66 -28.11 17.23
C LEU C 2004 87.92 -28.12 15.90
N MET C 2005 87.57 -26.94 15.39
CA MET C 2005 86.94 -26.86 14.10
C MET C 2005 87.90 -27.21 12.97
N THR C 2006 89.19 -26.97 13.20
CA THR C 2006 90.19 -27.32 12.22
C THR C 2006 90.36 -28.82 12.14
N HIS C 2007 90.28 -29.48 13.30
CA HIS C 2007 90.18 -30.94 13.31
C HIS C 2007 88.90 -31.39 12.66
N CYS C 2008 87.81 -30.65 12.88
CA CYS C 2008 86.60 -30.87 12.11
C CYS C 2008 86.81 -30.51 10.66
N GLY C 2009 87.57 -29.44 10.41
CA GLY C 2009 87.99 -29.15 9.05
C GLY C 2009 88.93 -30.19 8.52
N ILE C 2010 89.71 -30.82 9.40
CA ILE C 2010 90.48 -31.98 8.98
C ILE C 2010 89.54 -33.14 8.68
N GLU C 2011 88.58 -33.39 9.57
CA GLU C 2011 87.74 -34.58 9.45
C GLU C 2011 86.53 -34.36 8.57
N LEU C 2012 86.66 -33.52 7.53
CA LEU C 2012 85.52 -33.22 6.69
C LEU C 2012 85.18 -34.38 5.76
N ASP C 2013 86.17 -34.95 5.09
CA ASP C 2013 85.91 -35.97 4.10
C ASP C 2013 86.95 -37.07 4.16
N SER C 2022 96.31 -31.44 6.91
CA SER C 2022 94.98 -31.96 7.18
C SER C 2022 94.47 -32.75 5.99
N ASP C 2023 93.25 -33.28 6.15
CA ASP C 2023 92.50 -33.97 5.08
C ASP C 2023 93.27 -35.17 4.54
N LEU C 2024 94.01 -35.84 5.40
CA LEU C 2024 94.91 -36.89 4.96
C LEU C 2024 94.14 -38.18 4.69
N THR C 2025 94.87 -39.18 4.21
CA THR C 2025 94.38 -40.54 4.26
C THR C 2025 94.57 -41.12 5.64
N ILE C 2026 95.49 -40.51 6.39
CA ILE C 2026 95.85 -40.93 7.73
C ILE C 2026 94.65 -40.85 8.66
N ARG C 2027 93.89 -39.77 8.54
CA ARG C 2027 92.69 -39.63 9.37
C ARG C 2027 91.60 -40.59 8.93
N GLY C 2028 91.29 -40.59 7.62
CA GLY C 2028 90.17 -41.34 7.08
C GLY C 2028 90.32 -42.84 7.21
N ARG C 2029 91.56 -43.32 7.29
CA ARG C 2029 91.82 -44.73 7.50
C ARG C 2029 91.28 -45.20 8.85
N LEU C 2030 91.79 -44.63 9.94
CA LEU C 2030 91.37 -45.03 11.27
C LEU C 2030 89.94 -44.58 11.55
N LEU C 2031 89.52 -43.52 10.87
CA LEU C 2031 88.12 -43.12 10.87
C LEU C 2031 87.23 -44.23 10.32
N SER C 2032 87.60 -44.78 9.17
CA SER C 2032 86.83 -45.86 8.56
C SER C 2032 86.86 -47.09 9.42
N LEU C 2033 87.98 -47.31 10.11
CA LEU C 2033 88.08 -48.39 11.09
C LEU C 2033 87.04 -48.23 12.19
N VAL C 2034 86.88 -47.00 12.66
CA VAL C 2034 85.90 -46.75 13.71
C VAL C 2034 84.49 -46.91 13.16
N GLU C 2035 84.27 -46.42 11.95
CA GLU C 2035 82.94 -46.47 11.37
C GLU C 2035 82.54 -47.88 11.01
N LYS C 2036 83.50 -48.77 10.81
CA LYS C 2036 83.11 -50.17 10.64
C LYS C 2036 83.00 -50.89 11.96
N VAL C 2037 83.69 -50.43 13.01
CA VAL C 2037 83.47 -51.06 14.30
C VAL C 2037 82.33 -50.37 15.03
N THR C 2038 81.55 -49.59 14.29
CA THR C 2038 80.16 -49.40 14.67
C THR C 2038 79.43 -50.73 14.73
N TYR C 2039 79.43 -51.44 13.61
CA TYR C 2039 78.94 -52.81 13.33
C TYR C 2039 77.52 -53.30 13.68
N LEU C 2040 76.46 -52.50 13.91
CA LEU C 2040 76.23 -51.11 13.61
C LEU C 2040 75.89 -50.47 14.93
N THR C 2058 73.99 -62.81 17.74
CA THR C 2058 72.54 -62.96 17.79
C THR C 2058 71.99 -62.18 18.96
N LEU C 2059 72.90 -61.61 19.75
CA LEU C 2059 72.55 -61.07 21.06
C LEU C 2059 71.70 -59.81 20.93
N GLN C 2060 72.18 -58.82 20.17
CA GLN C 2060 71.39 -57.65 19.87
C GLN C 2060 70.16 -58.02 19.08
N GLN C 2061 70.28 -59.06 18.29
CA GLN C 2061 69.22 -59.57 17.48
C GLN C 2061 68.15 -60.21 18.35
N LEU C 2062 68.57 -61.08 19.28
CA LEU C 2062 67.59 -61.73 20.14
C LEU C 2062 66.97 -60.75 21.10
N ILE C 2063 67.66 -59.66 21.40
CA ILE C 2063 67.06 -58.57 22.14
C ILE C 2063 65.78 -58.10 21.44
N SER C 2064 65.88 -57.90 20.13
CA SER C 2064 64.70 -57.55 19.38
C SER C 2064 63.73 -58.71 19.29
N GLU C 2065 64.25 -59.93 19.23
CA GLU C 2065 63.41 -61.07 18.91
C GLU C 2065 62.53 -61.44 20.08
N THR C 2066 63.05 -61.30 21.29
CA THR C 2066 62.34 -61.78 22.46
C THR C 2066 61.08 -60.98 22.72
N MET C 2067 61.14 -59.68 22.48
CA MET C 2067 60.04 -58.83 22.88
C MET C 2067 58.84 -59.04 22.00
N VAL C 2068 59.06 -59.37 20.73
CA VAL C 2068 57.95 -59.44 19.82
C VAL C 2068 57.10 -60.66 20.08
N ARG C 2069 57.63 -61.62 20.84
CA ARG C 2069 56.80 -62.68 21.40
C ARG C 2069 55.66 -62.09 22.20
N TRP C 2070 56.00 -61.44 23.31
CA TRP C 2070 54.99 -60.89 24.20
C TRP C 2070 54.20 -59.79 23.53
N ALA C 2071 54.81 -59.15 22.54
CA ALA C 2071 54.05 -58.26 21.68
C ALA C 2071 53.02 -59.02 20.86
N GLN C 2072 53.27 -60.29 20.57
CA GLN C 2072 52.32 -61.01 19.74
C GLN C 2072 51.29 -61.77 20.56
N GLU C 2073 51.74 -62.74 21.34
CA GLU C 2073 50.79 -63.71 21.86
C GLU C 2073 50.07 -63.22 23.09
N SER C 2074 50.54 -62.17 23.72
CA SER C 2074 50.19 -61.87 25.08
C SER C 2074 49.80 -60.40 25.19
N VAL C 2075 48.77 -60.03 24.45
CA VAL C 2075 48.13 -58.73 24.63
C VAL C 2075 47.75 -58.54 26.08
N ILE C 2076 48.21 -57.45 26.67
CA ILE C 2076 48.27 -57.32 28.11
C ILE C 2076 47.88 -55.94 28.57
N GLU C 2077 47.87 -55.81 29.87
CA GLU C 2077 47.76 -54.60 30.67
C GLU C 2077 49.17 -54.14 31.03
N ASP C 2078 49.27 -53.28 32.07
CA ASP C 2078 50.49 -52.84 32.73
C ASP C 2078 51.41 -52.10 31.79
N PRO C 2079 51.06 -50.86 31.43
CA PRO C 2079 51.81 -50.13 30.39
C PRO C 2079 53.28 -49.91 30.67
N GLU C 2080 53.71 -50.13 31.91
CA GLU C 2080 55.06 -49.86 32.33
C GLU C 2080 56.07 -50.77 31.63
N LEU C 2081 55.87 -52.07 31.71
CA LEU C 2081 56.83 -52.94 31.08
C LEU C 2081 56.64 -52.96 29.58
N VAL C 2082 55.43 -52.66 29.13
CA VAL C 2082 55.18 -52.46 27.71
C VAL C 2082 56.08 -51.36 27.18
N ARG C 2083 56.03 -50.23 27.87
CA ARG C 2083 56.92 -49.11 27.63
C ARG C 2083 58.37 -49.53 27.65
N ALA C 2084 58.75 -50.33 28.66
CA ALA C 2084 60.13 -50.74 28.80
C ALA C 2084 60.59 -51.61 27.64
N MET C 2085 59.70 -52.47 27.17
CA MET C 2085 59.95 -53.25 25.99
C MET C 2085 60.21 -52.36 24.80
N PHE C 2086 59.42 -51.31 24.67
CA PHE C 2086 59.64 -50.40 23.57
C PHE C 2086 60.94 -49.64 23.73
N VAL C 2087 61.32 -49.35 24.97
CA VAL C 2087 62.60 -48.69 25.22
C VAL C 2087 63.73 -49.59 24.77
N LEU C 2088 63.63 -50.87 25.09
CA LEU C 2088 64.66 -51.80 24.69
C LEU C 2088 64.69 -51.98 23.19
N LEU C 2089 63.51 -51.91 22.57
CA LEU C 2089 63.43 -51.96 21.12
C LEU C 2089 64.12 -50.79 20.49
N HIS C 2090 63.78 -49.60 20.93
CA HIS C 2090 64.35 -48.42 20.32
C HIS C 2090 65.84 -48.34 20.59
N ARG C 2091 66.25 -48.68 21.81
CA ARG C 2091 67.65 -48.70 22.14
C ARG C 2091 68.41 -49.74 21.34
N GLN C 2092 67.73 -50.82 20.99
CA GLN C 2092 68.32 -51.78 20.07
C GLN C 2092 68.48 -51.14 18.70
N TYR C 2093 67.48 -50.42 18.26
CA TYR C 2093 67.56 -49.79 16.95
C TYR C 2093 68.24 -48.43 16.99
N ASP C 2094 68.50 -47.91 18.18
CA ASP C 2094 69.25 -46.69 18.31
C ASP C 2094 70.33 -46.86 19.35
N GLY C 2095 71.14 -47.89 19.16
CA GLY C 2095 72.43 -47.89 19.81
C GLY C 2095 73.31 -46.73 19.38
N ILE C 2096 73.04 -46.18 18.20
CA ILE C 2096 73.65 -44.95 17.74
C ILE C 2096 73.39 -43.82 18.72
N GLY C 2097 72.12 -43.48 18.92
CA GLY C 2097 71.76 -42.26 19.60
C GLY C 2097 72.10 -42.25 21.06
N GLY C 2098 72.05 -43.42 21.70
CA GLY C 2098 72.59 -43.52 23.04
C GLY C 2098 74.08 -43.29 23.05
N LEU C 2099 74.77 -43.87 22.08
CA LEU C 2099 76.18 -43.59 21.92
C LEU C 2099 76.43 -42.17 21.47
N VAL C 2100 75.46 -41.55 20.80
CA VAL C 2100 75.55 -40.11 20.54
C VAL C 2100 75.56 -39.34 21.86
N ARG C 2101 74.51 -39.48 22.63
CA ARG C 2101 74.34 -38.64 23.80
C ARG C 2101 75.28 -39.03 24.94
N ALA C 2102 75.95 -40.16 24.86
CA ALA C 2102 76.86 -40.53 25.93
C ALA C 2102 78.12 -39.70 25.90
N LEU C 2103 78.52 -39.29 24.73
CA LEU C 2103 79.82 -38.66 24.62
C LEU C 2103 79.87 -37.23 25.10
N PRO C 2104 78.80 -36.43 25.01
CA PRO C 2104 78.76 -35.24 25.85
C PRO C 2104 78.82 -35.56 27.32
N LYS C 2105 78.25 -36.68 27.74
CA LYS C 2105 78.32 -37.00 29.15
C LYS C 2105 79.71 -37.44 29.56
N THR C 2106 80.46 -38.06 28.66
CA THR C 2106 81.72 -38.62 29.09
C THR C 2106 82.80 -37.54 29.21
N TYR C 2107 83.90 -37.92 29.83
CA TYR C 2107 85.03 -37.03 30.03
C TYR C 2107 86.28 -37.87 30.22
N THR C 2108 87.40 -37.33 29.80
CA THR C 2108 88.69 -37.96 30.04
C THR C 2108 89.43 -37.14 31.09
N ILE C 2109 89.69 -37.74 32.18
CA ILE C 2109 90.62 -37.15 33.13
C ILE C 2109 92.01 -37.60 32.72
N ASN C 2110 92.99 -36.79 33.06
CA ASN C 2110 94.36 -37.26 33.06
C ASN C 2110 94.51 -38.42 34.04
N GLY C 2111 95.51 -39.25 33.80
CA GLY C 2111 95.69 -40.41 34.64
C GLY C 2111 96.37 -40.16 35.96
N VAL C 2112 96.39 -38.90 36.42
CA VAL C 2112 97.16 -38.57 37.61
C VAL C 2112 96.24 -38.08 38.71
N SER C 2113 95.42 -37.09 38.40
CA SER C 2113 94.75 -36.30 39.42
C SER C 2113 93.47 -36.94 39.92
N VAL C 2114 93.37 -38.27 39.83
CA VAL C 2114 92.13 -39.01 39.99
C VAL C 2114 91.58 -38.99 41.40
N GLU C 2115 92.35 -38.55 42.36
CA GLU C 2115 92.01 -38.75 43.76
C GLU C 2115 91.00 -37.71 44.21
N ASP C 2116 91.28 -36.43 43.94
CA ASP C 2116 90.33 -35.36 44.16
C ASP C 2116 89.05 -35.61 43.37
N THR C 2117 89.18 -36.21 42.19
CA THR C 2117 88.01 -36.61 41.44
C THR C 2117 87.21 -37.63 42.19
N ILE C 2118 87.88 -38.62 42.78
CA ILE C 2118 87.20 -39.64 43.57
C ILE C 2118 86.45 -39.01 44.73
N ASN C 2119 87.09 -38.04 45.37
CA ASN C 2119 86.48 -37.41 46.53
C ASN C 2119 85.28 -36.57 46.12
N LEU C 2120 85.40 -35.83 45.03
CA LEU C 2120 84.29 -35.00 44.62
C LEU C 2120 83.16 -35.85 44.10
N LEU C 2121 83.49 -36.97 43.45
CA LEU C 2121 82.49 -37.96 43.10
C LEU C 2121 81.73 -38.42 44.32
N ALA C 2122 82.45 -38.68 45.41
CA ALA C 2122 81.80 -39.12 46.63
C ALA C 2122 80.86 -38.07 47.16
N SER C 2123 81.31 -36.82 47.18
CA SER C 2123 80.51 -35.75 47.75
C SER C 2123 79.30 -35.46 46.88
N LEU C 2124 79.49 -35.43 45.57
CA LEU C 2124 78.35 -35.14 44.72
C LEU C 2124 77.40 -36.31 44.71
N GLY C 2125 77.91 -37.53 44.89
CA GLY C 2125 77.02 -38.66 44.97
C GLY C 2125 76.15 -38.59 46.20
N GLN C 2126 76.73 -38.21 47.33
CA GLN C 2126 75.88 -38.10 48.51
C GLN C 2126 75.01 -36.87 48.44
N ILE C 2127 75.37 -35.87 47.64
CA ILE C 2127 74.42 -34.78 47.53
C ILE C 2127 73.27 -35.17 46.61
N ARG C 2128 73.54 -36.05 45.64
CA ARG C 2128 72.46 -36.62 44.84
C ARG C 2128 71.55 -37.45 45.71
N SER C 2129 72.14 -38.12 46.69
CA SER C 2129 71.33 -38.77 47.69
C SER C 2129 70.52 -37.77 48.49
N LEU C 2130 71.16 -36.66 48.83
CA LEU C 2130 70.57 -35.70 49.72
C LEU C 2130 69.47 -34.89 49.09
N LEU C 2131 69.30 -35.00 47.77
CA LEU C 2131 68.14 -34.41 47.11
C LEU C 2131 66.84 -34.89 47.72
N SER C 2132 66.75 -36.16 48.04
CA SER C 2132 65.50 -36.79 48.40
C SER C 2132 65.25 -36.80 49.89
N VAL C 2133 65.94 -35.96 50.65
CA VAL C 2133 65.86 -36.02 52.09
C VAL C 2133 65.28 -34.67 52.51
N ARG C 2134 64.31 -34.20 51.71
CA ARG C 2134 63.85 -32.81 51.65
C ARG C 2134 63.55 -32.17 53.00
N MET C 2135 63.17 -32.96 53.98
CA MET C 2135 63.03 -32.51 55.35
C MET C 2135 64.15 -33.20 56.14
N GLY C 2136 65.30 -32.54 56.29
CA GLY C 2136 65.56 -31.21 55.80
C GLY C 2136 66.00 -30.20 56.84
N LYS C 2137 66.65 -30.67 57.90
CA LYS C 2137 67.06 -29.76 58.97
C LYS C 2137 68.50 -29.93 59.39
N GLU C 2138 69.00 -31.16 59.44
CA GLU C 2138 70.39 -31.40 59.75
C GLU C 2138 71.16 -31.87 58.55
N GLU C 2139 70.46 -32.42 57.56
CA GLU C 2139 71.11 -32.80 56.33
C GLU C 2139 71.61 -31.61 55.56
N GLU C 2140 70.93 -30.47 55.69
CA GLU C 2140 71.32 -29.27 54.97
C GLU C 2140 72.66 -28.76 55.44
N LYS C 2141 72.98 -28.99 56.70
CA LYS C 2141 74.29 -28.65 57.20
C LYS C 2141 75.35 -29.52 56.55
N LEU C 2142 75.03 -30.80 56.37
CA LEU C 2142 75.95 -31.70 55.69
C LEU C 2142 76.10 -31.29 54.24
N MET C 2143 75.04 -30.76 53.66
CA MET C 2143 75.09 -30.23 52.31
C MET C 2143 76.04 -29.06 52.24
N ILE C 2144 75.97 -28.18 53.24
CA ILE C 2144 76.88 -27.05 53.34
C ILE C 2144 78.31 -27.53 53.45
N ARG C 2145 78.51 -28.60 54.23
CA ARG C 2145 79.82 -29.22 54.35
C ARG C 2145 80.33 -29.69 53.00
N GLY C 2146 79.53 -30.48 52.30
CA GLY C 2146 79.96 -31.03 51.03
C GLY C 2146 80.19 -29.95 49.99
N LEU C 2147 79.41 -28.88 50.07
CA LEU C 2147 79.62 -27.74 49.19
C LEU C 2147 80.95 -27.08 49.44
N GLY C 2148 81.32 -26.95 50.71
CA GLY C 2148 82.63 -26.44 51.04
C GLY C 2148 83.73 -27.33 50.53
N ASP C 2149 83.53 -28.65 50.65
CA ASP C 2149 84.52 -29.60 50.16
C ASP C 2149 84.64 -29.53 48.66
N ILE C 2150 83.53 -29.25 47.99
CA ILE C 2150 83.53 -29.03 46.56
C ILE C 2150 84.34 -27.81 46.21
N MET C 2151 84.15 -26.74 46.99
CA MET C 2151 84.93 -25.52 46.81
C MET C 2151 86.42 -25.79 46.98
N ASN C 2152 86.77 -26.70 47.87
CA ASN C 2152 88.16 -26.99 48.12
C ASN C 2152 88.74 -28.01 47.16
N ASN C 2153 87.98 -28.44 46.17
CA ASN C 2153 88.52 -29.41 45.23
C ASN C 2153 89.43 -28.71 44.26
N LYS C 2154 90.55 -29.35 43.95
CA LYS C 2154 91.56 -28.67 43.16
C LYS C 2154 91.67 -29.18 41.75
N VAL C 2155 91.05 -30.31 41.44
CA VAL C 2155 90.70 -30.61 40.05
C VAL C 2155 89.33 -29.98 39.86
N PHE C 2156 89.34 -28.72 39.71
CA PHE C 2156 88.13 -27.97 39.59
C PHE C 2156 88.21 -27.00 38.46
N TYR C 2157 89.35 -26.39 38.31
CA TYR C 2157 89.60 -25.41 37.29
C TYR C 2157 90.37 -26.04 36.17
N GLN C 2158 90.96 -27.19 36.47
CA GLN C 2158 91.60 -28.00 35.46
C GLN C 2158 90.58 -28.55 34.50
N HIS C 2159 89.46 -29.03 35.02
CA HIS C 2159 88.37 -29.56 34.18
C HIS C 2159 87.03 -29.07 34.68
N PRO C 2160 86.72 -27.79 34.52
CA PRO C 2160 85.41 -27.28 34.94
C PRO C 2160 84.32 -27.70 33.99
N ASN C 2161 84.69 -28.07 32.78
CA ASN C 2161 83.74 -28.55 31.78
C ASN C 2161 83.11 -29.84 32.22
N LEU C 2162 83.82 -30.60 33.03
CA LEU C 2162 83.26 -31.80 33.63
C LEU C 2162 82.08 -31.47 34.51
N MET C 2163 82.25 -30.51 35.42
CA MET C 2163 81.14 -30.20 36.31
C MET C 2163 80.05 -29.44 35.59
N ARG C 2164 80.42 -28.71 34.53
CA ARG C 2164 79.41 -28.16 33.64
C ARG C 2164 78.60 -29.29 33.01
N ALA C 2165 79.27 -30.36 32.63
CA ALA C 2165 78.57 -31.54 32.13
C ALA C 2165 77.85 -32.26 33.24
N LEU C 2166 78.18 -32.00 34.50
CA LEU C 2166 77.56 -32.77 35.57
C LEU C 2166 76.18 -32.26 35.92
N GLY C 2167 75.93 -30.97 35.75
CA GLY C 2167 74.64 -30.44 36.14
C GLY C 2167 74.45 -30.28 37.62
N MET C 2168 75.54 -30.44 38.37
CA MET C 2168 75.49 -30.27 39.81
C MET C 2168 75.12 -28.85 40.19
N HIS C 2169 75.58 -27.90 39.38
CA HIS C 2169 75.08 -26.54 39.45
C HIS C 2169 73.58 -26.50 39.32
N GLU C 2170 73.07 -27.23 38.35
CA GLU C 2170 71.64 -27.23 38.13
C GLU C 2170 70.94 -28.01 39.22
N THR C 2171 71.65 -28.99 39.77
CA THR C 2171 71.10 -29.78 40.85
C THR C 2171 70.94 -28.93 42.10
N VAL C 2172 71.93 -28.13 42.42
CA VAL C 2172 71.79 -27.31 43.61
C VAL C 2172 70.88 -26.13 43.33
N MET C 2173 70.71 -25.76 42.06
CA MET C 2173 69.67 -24.82 41.72
C MET C 2173 68.30 -25.38 42.04
N GLU C 2174 68.11 -26.66 41.73
CA GLU C 2174 66.91 -27.36 42.17
C GLU C 2174 66.79 -27.37 43.68
N VAL C 2175 67.93 -27.54 44.37
CA VAL C 2175 67.92 -27.53 45.82
C VAL C 2175 67.44 -26.19 46.33
N MET C 2176 67.85 -25.12 45.67
CA MET C 2176 67.38 -23.80 46.02
C MET C 2176 65.90 -23.63 45.76
N VAL C 2177 65.41 -24.24 44.67
CA VAL C 2177 63.98 -24.22 44.41
C VAL C 2177 63.24 -24.94 45.52
N ASN C 2178 63.80 -26.08 45.93
CA ASN C 2178 63.27 -26.84 47.05
C ASN C 2178 63.30 -26.03 48.33
N VAL C 2179 64.32 -25.19 48.49
CA VAL C 2179 64.39 -24.29 49.62
C VAL C 2179 63.27 -23.28 49.54
N LEU C 2180 63.06 -22.71 48.37
CA LEU C 2180 62.05 -21.68 48.23
C LEU C 2180 60.69 -22.35 48.11
N GLY C 2181 60.05 -22.54 49.25
CA GLY C 2181 58.72 -23.09 49.28
C GLY C 2181 57.67 -22.08 48.84
N PHE C 2190 64.06 -21.09 56.24
CA PHE C 2190 64.90 -20.17 55.48
C PHE C 2190 66.29 -20.05 56.06
N PRO C 2191 67.08 -21.11 55.99
CA PRO C 2191 68.32 -21.15 56.73
C PRO C 2191 69.42 -20.36 56.01
N LYS C 2192 70.60 -20.43 56.59
CA LYS C 2192 71.80 -19.83 56.02
C LYS C 2192 72.40 -20.69 54.91
N MET C 2193 71.82 -21.85 54.64
CA MET C 2193 72.28 -22.68 53.55
C MET C 2193 72.10 -22.00 52.21
N VAL C 2194 71.08 -21.14 52.13
CA VAL C 2194 70.81 -20.32 50.96
C VAL C 2194 72.04 -19.54 50.57
N ALA C 2195 72.67 -18.92 51.56
CA ALA C 2195 73.87 -18.12 51.33
C ALA C 2195 75.02 -18.98 50.85
N ASN C 2196 75.09 -20.21 51.36
CA ASN C 2196 76.16 -21.11 50.97
C ASN C 2196 76.02 -21.49 49.51
N CYS C 2197 74.81 -21.82 49.10
CA CYS C 2197 74.58 -22.16 47.71
C CYS C 2197 74.79 -20.97 46.80
N CYS C 2198 74.40 -19.79 47.27
CA CYS C 2198 74.57 -18.58 46.47
C CYS C 2198 76.04 -18.32 46.22
N ARG C 2199 76.82 -18.34 47.30
CA ARG C 2199 78.25 -18.04 47.21
C ARG C 2199 78.97 -19.08 46.39
N PHE C 2200 78.57 -20.34 46.56
CA PHE C 2200 79.15 -21.39 45.74
C PHE C 2200 78.79 -21.20 44.28
N LEU C 2201 77.55 -20.82 44.02
CA LEU C 2201 77.07 -20.76 42.66
C LEU C 2201 77.75 -19.64 41.90
N CYS C 2202 77.94 -18.51 42.55
CA CYS C 2202 78.61 -17.45 41.86
C CYS C 2202 80.09 -17.73 41.72
N TYR C 2203 80.70 -18.41 42.71
CA TYR C 2203 82.10 -18.78 42.55
C TYR C 2203 82.26 -19.76 41.41
N PHE C 2204 81.29 -20.66 41.26
CA PHE C 2204 81.22 -21.51 40.10
C PHE C 2204 81.08 -20.69 38.84
N CYS C 2205 80.31 -19.61 38.91
CA CYS C 2205 80.03 -18.84 37.71
C CYS C 2205 81.26 -18.09 37.23
N ARG C 2206 82.26 -17.93 38.11
CA ARG C 2206 83.50 -17.27 37.74
C ARG C 2206 84.25 -18.04 36.68
N ILE C 2207 84.28 -19.35 36.80
CA ILE C 2207 85.43 -20.05 36.27
C ILE C 2207 85.31 -20.39 34.79
N SER C 2208 84.19 -20.09 34.15
CA SER C 2208 84.25 -20.00 32.70
C SER C 2208 83.20 -19.02 32.21
N ARG C 2209 83.35 -18.69 30.94
CA ARG C 2209 82.30 -17.99 30.23
C ARG C 2209 81.08 -18.89 30.06
N GLN C 2210 81.29 -20.15 29.70
CA GLN C 2210 80.15 -20.98 29.39
C GLN C 2210 79.50 -21.55 30.63
N ASN C 2211 80.21 -21.59 31.75
CA ASN C 2211 79.52 -21.86 33.00
C ASN C 2211 78.54 -20.75 33.30
N GLN C 2212 78.97 -19.52 33.07
CA GLN C 2212 78.09 -18.37 33.17
C GLN C 2212 76.96 -18.46 32.16
N LYS C 2213 77.24 -19.02 30.99
CA LYS C 2213 76.20 -19.23 30.00
C LYS C 2213 75.15 -20.20 30.49
N ALA C 2214 75.60 -21.27 31.12
CA ALA C 2214 74.66 -22.23 31.69
C ALA C 2214 73.84 -21.60 32.78
N MET C 2215 74.47 -20.76 33.58
CA MET C 2215 73.73 -20.12 34.66
C MET C 2215 72.84 -19.01 34.17
N PHE C 2216 73.06 -18.54 32.95
CA PHE C 2216 72.28 -17.44 32.41
C PHE C 2216 70.83 -17.82 32.20
N ASP C 2217 70.54 -19.08 32.11
CA ASP C 2217 69.31 -19.55 31.56
C ASP C 2217 68.21 -19.65 32.57
N HIS C 2218 68.40 -19.04 33.72
CA HIS C 2218 67.54 -19.28 34.86
C HIS C 2218 67.05 -17.97 35.42
N LEU C 2219 67.13 -16.91 34.63
CA LEU C 2219 66.96 -15.56 35.15
C LEU C 2219 65.55 -15.32 35.60
N SER C 2220 64.59 -15.52 34.70
CA SER C 2220 63.20 -15.18 34.98
C SER C 2220 62.66 -15.99 36.13
N TYR C 2221 63.15 -17.21 36.30
CA TYR C 2221 63.00 -17.88 37.57
C TYR C 2221 63.72 -17.10 38.66
N LEU C 2222 64.96 -16.73 38.40
CA LEU C 2222 65.90 -16.52 39.48
C LEU C 2222 65.67 -15.19 40.17
N LEU C 2223 65.62 -14.12 39.40
CA LEU C 2223 65.45 -12.79 39.96
C LEU C 2223 64.08 -12.62 40.56
N GLU C 2224 63.06 -13.24 39.99
CA GLU C 2224 61.76 -13.19 40.61
C GLU C 2224 61.73 -14.06 41.84
N ASN C 2225 62.57 -15.07 41.87
CA ASN C 2225 62.84 -15.81 43.08
C ASN C 2225 63.87 -15.11 43.94
N SER C 2226 64.60 -14.14 43.39
CA SER C 2226 65.48 -13.30 44.19
C SER C 2226 64.73 -12.10 44.71
N SER C 2227 63.52 -12.32 45.24
CA SER C 2227 62.69 -11.21 45.65
C SER C 2227 63.21 -10.61 46.93
N VAL C 2228 63.83 -11.44 47.78
CA VAL C 2228 64.67 -10.93 48.84
C VAL C 2228 65.85 -11.87 49.05
N GLY C 2229 67.02 -11.41 48.65
CA GLY C 2229 68.26 -11.88 49.23
C GLY C 2229 68.72 -10.71 50.08
N LEU C 2230 67.90 -9.66 50.05
CA LEU C 2230 68.21 -8.40 50.70
C LEU C 2230 67.89 -8.49 52.18
N ALA C 2231 67.86 -7.33 52.84
CA ALA C 2231 67.71 -7.17 54.29
C ALA C 2231 68.81 -7.89 55.05
N SER C 2232 69.95 -8.12 54.41
CA SER C 2232 71.03 -8.86 55.02
C SER C 2232 72.32 -8.25 54.57
N PRO C 2233 72.80 -7.22 55.28
CA PRO C 2233 74.19 -6.82 55.12
C PRO C 2233 75.16 -7.85 55.68
N ALA C 2234 74.65 -8.81 56.46
CA ALA C 2234 75.44 -9.96 56.85
C ALA C 2234 75.91 -10.75 55.64
N MET C 2235 74.97 -11.32 54.88
CA MET C 2235 75.37 -12.00 53.66
C MET C 2235 75.90 -11.00 52.65
N ARG C 2236 75.00 -10.16 52.11
CA ARG C 2236 75.30 -8.96 51.32
C ARG C 2236 76.03 -9.21 50.00
N GLY C 2237 76.50 -10.42 49.76
CA GLY C 2237 77.11 -10.83 48.52
C GLY C 2237 76.57 -12.18 48.17
N SER C 2238 75.93 -12.82 49.13
CA SER C 2238 75.29 -14.12 48.88
C SER C 2238 73.79 -13.98 48.66
N THR C 2239 73.41 -13.14 47.81
CA THR C 2239 72.01 -13.19 47.45
C THR C 2239 71.87 -13.94 46.14
N PRO C 2240 70.72 -14.54 45.85
CA PRO C 2240 70.57 -15.18 44.53
C PRO C 2240 70.53 -14.16 43.43
N LEU C 2241 70.06 -12.95 43.74
CA LEU C 2241 70.24 -11.82 42.86
C LEU C 2241 71.71 -11.54 42.60
N ASP C 2242 72.54 -11.75 43.62
CA ASP C 2242 73.96 -11.53 43.41
C ASP C 2242 74.55 -12.59 42.51
N VAL C 2243 73.98 -13.79 42.53
CA VAL C 2243 74.40 -14.79 41.57
C VAL C 2243 73.93 -14.40 40.19
N ALA C 2244 72.76 -13.77 40.11
CA ALA C 2244 72.25 -13.34 38.83
C ALA C 2244 73.11 -12.25 38.24
N ALA C 2245 73.57 -11.33 39.07
CA ALA C 2245 74.50 -10.32 38.61
C ALA C 2245 75.85 -10.93 38.31
N ALA C 2246 76.19 -12.00 39.02
CA ALA C 2246 77.42 -12.71 38.73
C ALA C 2246 77.36 -13.38 37.38
N SER C 2247 76.15 -13.69 36.92
CA SER C 2247 75.96 -14.28 35.61
C SER C 2247 76.01 -13.27 34.49
N VAL C 2248 76.54 -12.08 34.72
CA VAL C 2248 76.49 -11.00 33.76
C VAL C 2248 77.87 -10.50 33.39
N MET C 2249 78.71 -10.26 34.39
CA MET C 2249 79.71 -9.19 34.42
C MET C 2249 80.73 -9.21 33.30
N ASP C 2250 80.80 -10.25 32.48
CA ASP C 2250 81.78 -10.25 31.41
C ASP C 2250 81.17 -10.30 30.03
N ASN C 2251 80.23 -11.20 29.80
CA ASN C 2251 79.95 -11.63 28.44
C ASN C 2251 79.04 -10.62 27.77
N ASN C 2252 79.63 -9.86 26.85
CA ASN C 2252 78.87 -8.96 26.00
C ASN C 2252 77.85 -9.74 25.18
N GLU C 2253 78.23 -10.95 24.78
CA GLU C 2253 77.29 -11.88 24.17
C GLU C 2253 76.09 -12.11 25.08
N LEU C 2254 76.35 -12.32 26.36
CA LEU C 2254 75.24 -12.43 27.30
C LEU C 2254 74.58 -11.10 27.51
N ALA C 2255 75.34 -10.01 27.40
CA ALA C 2255 74.78 -8.69 27.57
C ALA C 2255 73.81 -8.34 26.46
N LEU C 2256 73.92 -9.00 25.33
CA LEU C 2256 72.86 -8.91 24.35
C LEU C 2256 71.93 -10.09 24.41
N ALA C 2257 72.23 -11.09 25.21
CA ALA C 2257 71.32 -12.21 25.28
C ALA C 2257 70.07 -11.88 26.09
N LEU C 2258 70.15 -10.89 26.96
CA LEU C 2258 69.06 -10.59 27.87
C LEU C 2258 67.91 -9.89 27.15
N ARG C 2259 66.89 -9.56 27.92
CA ARG C 2259 65.71 -8.87 27.40
C ARG C 2259 65.12 -8.00 28.49
N GLU C 2260 63.94 -7.48 28.22
CA GLU C 2260 63.18 -6.47 28.95
C GLU C 2260 62.35 -6.88 30.17
N PRO C 2261 61.59 -8.00 30.21
CA PRO C 2261 60.51 -8.09 31.20
C PRO C 2261 61.01 -8.35 32.61
N ASP C 2262 62.13 -9.06 32.72
CA ASP C 2262 62.85 -9.18 33.97
C ASP C 2262 63.19 -7.82 34.56
N LEU C 2263 63.60 -6.89 33.71
CA LEU C 2263 63.94 -5.56 34.19
C LEU C 2263 62.69 -4.82 34.60
N GLU C 2264 61.58 -5.13 33.97
CA GLU C 2264 60.32 -4.60 34.45
C GLU C 2264 59.96 -5.17 35.80
N LYS C 2265 60.35 -6.41 36.07
CA LYS C 2265 60.18 -6.91 37.42
C LYS C 2265 61.11 -6.23 38.40
N VAL C 2266 62.29 -5.85 37.92
CA VAL C 2266 63.24 -5.11 38.74
C VAL C 2266 62.64 -3.78 39.15
N VAL C 2267 62.00 -3.08 38.19
CA VAL C 2267 61.43 -1.80 38.55
C VAL C 2267 60.12 -1.99 39.30
N ARG C 2268 59.51 -3.18 39.21
CA ARG C 2268 58.47 -3.50 40.17
C ARG C 2268 59.02 -3.63 41.57
N TYR C 2269 60.30 -3.93 41.69
CA TYR C 2269 60.88 -4.05 43.02
C TYR C 2269 61.35 -2.73 43.57
N LEU C 2270 60.84 -1.62 43.04
CA LEU C 2270 61.13 -0.29 43.55
C LEU C 2270 59.78 0.32 43.93
N ALA C 2271 59.55 0.49 45.24
CA ALA C 2271 58.26 0.97 45.69
C ALA C 2271 58.29 2.03 46.78
N GLY C 2272 59.32 2.09 47.61
CA GLY C 2272 59.33 3.04 48.71
C GLY C 2272 60.73 3.49 49.02
N CYS C 2273 60.84 4.65 49.61
CA CYS C 2273 62.12 5.14 50.10
C CYS C 2273 62.13 5.25 51.62
N GLY C 2274 61.04 5.76 52.19
CA GLY C 2274 60.91 5.83 53.63
C GLY C 2274 59.60 5.21 54.08
N PRO C 2293 61.63 2.23 52.43
CA PRO C 2293 62.27 1.02 51.92
C PRO C 2293 63.56 1.31 51.17
N VAL C 2294 64.58 1.68 51.94
CA VAL C 2294 65.93 1.94 51.41
C VAL C 2294 66.58 0.68 50.85
N GLU C 2295 66.03 -0.48 51.16
CA GLU C 2295 66.56 -1.76 50.74
C GLU C 2295 66.42 -2.05 49.26
N GLY C 2296 65.84 -1.13 48.47
CA GLY C 2296 65.93 -1.20 47.03
C GLY C 2296 67.32 -0.94 46.46
N GLU C 2297 68.26 -0.66 47.35
CA GLU C 2297 69.67 -0.47 47.06
C GLU C 2297 70.29 -1.59 46.24
N ARG C 2298 69.79 -2.82 46.37
CA ARG C 2298 70.55 -3.93 45.85
C ARG C 2298 70.33 -4.11 44.35
N TYR C 2299 69.22 -3.62 43.82
CA TYR C 2299 68.87 -3.88 42.43
C TYR C 2299 69.79 -3.12 41.48
N LEU C 2300 70.13 -1.89 41.84
CA LEU C 2300 70.97 -1.07 40.98
C LEU C 2300 72.36 -1.64 40.86
N ASP C 2301 72.80 -2.33 41.92
CA ASP C 2301 74.08 -3.03 41.89
C ASP C 2301 74.11 -4.02 40.74
N PHE C 2302 73.00 -4.75 40.57
CA PHE C 2302 72.85 -5.62 39.42
C PHE C 2302 72.76 -4.81 38.14
N LEU C 2303 72.09 -3.68 38.19
CA LEU C 2303 71.84 -2.94 36.95
C LEU C 2303 73.12 -2.32 36.41
N ARG C 2304 74.11 -2.11 37.26
CA ARG C 2304 75.38 -1.56 36.83
C ARG C 2304 76.10 -2.52 35.91
N PHE C 2305 76.11 -3.80 36.26
CA PHE C 2305 76.59 -4.77 35.29
C PHE C 2305 75.60 -4.94 34.17
N ALA C 2306 74.33 -4.64 34.41
CA ALA C 2306 73.38 -4.69 33.32
C ALA C 2306 73.51 -3.51 32.37
N VAL C 2307 74.45 -2.60 32.58
CA VAL C 2307 74.79 -1.66 31.55
C VAL C 2307 76.24 -1.80 31.06
N PHE C 2308 77.21 -2.09 31.92
CA PHE C 2308 78.59 -1.85 31.54
C PHE C 2308 79.28 -3.11 31.02
N CYS C 2309 79.57 -4.07 31.90
CA CYS C 2309 79.92 -5.45 31.58
C CYS C 2309 81.23 -5.65 30.81
N ASN C 2310 81.85 -4.57 30.32
CA ASN C 2310 82.98 -4.76 29.41
C ASN C 2310 84.07 -3.73 29.56
N GLY C 2311 84.04 -2.87 30.58
CA GLY C 2311 84.84 -1.69 30.51
C GLY C 2311 84.26 -0.62 29.62
N GLU C 2312 83.04 -0.82 29.13
CA GLU C 2312 82.33 0.19 28.36
C GLU C 2312 80.87 -0.19 28.39
N SER C 2313 80.03 0.77 28.78
CA SER C 2313 78.59 0.62 28.83
C SER C 2313 77.98 0.21 27.50
N VAL C 2314 77.51 -1.03 27.41
CA VAL C 2314 76.61 -1.37 26.33
C VAL C 2314 75.26 -0.73 26.64
N GLU C 2315 74.55 -0.34 25.60
CA GLU C 2315 73.70 0.83 25.68
C GLU C 2315 72.23 0.57 25.43
N GLU C 2316 71.89 -0.54 24.78
CA GLU C 2316 70.50 -0.74 24.42
C GLU C 2316 69.65 -1.05 25.63
N ASN C 2317 70.21 -1.82 26.56
CA ASN C 2317 69.65 -1.99 27.88
C ASN C 2317 69.36 -0.65 28.53
N ALA C 2318 70.36 0.24 28.54
CA ALA C 2318 70.21 1.56 29.10
C ALA C 2318 69.19 2.36 28.31
N ASN C 2319 69.26 2.20 26.99
CA ASN C 2319 68.35 2.88 26.08
C ASN C 2319 66.90 2.55 26.39
N VAL C 2320 66.64 1.32 26.77
CA VAL C 2320 65.29 1.00 27.21
C VAL C 2320 65.02 1.56 28.58
N VAL C 2321 65.91 1.29 29.53
CA VAL C 2321 65.50 1.39 30.92
C VAL C 2321 65.36 2.83 31.35
N VAL C 2322 66.06 3.76 30.70
CA VAL C 2322 65.82 5.14 31.08
C VAL C 2322 64.49 5.62 30.54
N ARG C 2323 63.99 5.04 29.47
CA ARG C 2323 62.66 5.39 29.02
C ARG C 2323 61.63 4.75 29.90
N LEU C 2324 61.98 3.61 30.47
CA LEU C 2324 61.13 3.04 31.50
C LEU C 2324 61.10 3.91 32.74
N LEU C 2325 62.20 4.60 33.00
CA LEU C 2325 62.40 5.23 34.29
C LEU C 2325 61.80 6.62 34.40
N ILE C 2326 60.86 6.97 33.53
CA ILE C 2326 60.14 8.22 33.70
C ILE C 2326 59.03 8.07 34.73
N ARG C 2327 58.84 6.86 35.26
CA ARG C 2327 57.68 6.56 36.09
C ARG C 2327 57.92 6.80 37.57
N ARG C 2328 58.93 6.19 38.18
CA ARG C 2328 59.16 6.40 39.61
C ARG C 2328 60.63 6.21 39.97
N PRO C 2329 61.41 7.28 39.95
CA PRO C 2329 62.76 7.19 40.52
C PRO C 2329 62.77 7.16 42.03
N GLU C 2330 61.93 8.00 42.65
CA GLU C 2330 61.75 8.12 44.11
C GLU C 2330 63.05 8.42 44.85
N GLY C 2343 60.75 17.14 45.75
CA GLY C 2343 62.08 17.71 45.77
C GLY C 2343 63.15 16.72 46.17
N LEU C 2344 63.62 15.93 45.19
CA LEU C 2344 64.57 14.88 45.49
C LEU C 2344 65.97 15.44 45.72
N LEU C 2345 66.40 16.38 44.89
CA LEU C 2345 67.68 17.05 45.12
C LEU C 2345 67.58 18.14 46.17
N ALA C 2346 66.36 18.46 46.63
CA ALA C 2346 66.20 19.44 47.69
C ALA C 2346 66.88 18.97 48.96
N ALA C 2347 66.57 17.76 49.41
CA ALA C 2347 67.20 17.17 50.56
C ALA C 2347 68.37 16.29 50.18
N MET C 2348 69.13 16.69 49.17
CA MET C 2348 70.15 15.79 48.62
C MET C 2348 71.32 15.64 49.58
N GLU C 2349 71.90 16.74 50.02
CA GLU C 2349 72.95 16.68 51.03
C GLU C 2349 72.41 16.88 52.43
N GLU C 2350 71.18 16.42 52.69
CA GLU C 2350 70.51 16.75 53.93
C GLU C 2350 71.09 15.97 55.11
N ALA C 2351 70.98 14.64 55.07
CA ALA C 2351 71.22 13.85 56.27
C ALA C 2351 72.67 13.46 56.43
N ILE C 2352 73.59 14.24 55.88
CA ILE C 2352 75.01 14.11 56.17
C ILE C 2352 75.25 14.30 57.66
N LYS C 2353 74.45 15.16 58.29
CA LYS C 2353 74.42 15.28 59.73
C LYS C 2353 73.91 14.00 60.39
N ILE C 2354 73.04 13.26 59.74
CA ILE C 2354 72.39 12.14 60.39
C ILE C 2354 73.12 10.87 60.01
N GLY C 2386 75.08 3.67 59.41
CA GLY C 2386 73.86 4.37 59.07
C GLY C 2386 74.01 5.29 57.88
N ASN C 2387 74.66 4.78 56.84
CA ASN C 2387 75.00 5.54 55.63
C ASN C 2387 73.94 5.35 54.56
N ALA C 2388 72.68 5.31 54.99
CA ALA C 2388 71.65 4.62 54.23
C ALA C 2388 71.26 5.39 52.96
N ILE C 2389 70.65 6.56 53.13
CA ILE C 2389 70.08 7.26 51.99
C ILE C 2389 71.19 7.84 51.12
N MET C 2390 72.33 8.13 51.73
CA MET C 2390 73.45 8.76 51.04
C MET C 2390 74.03 7.85 49.98
N THR C 2391 74.49 6.68 50.39
CA THR C 2391 74.91 5.66 49.45
C THR C 2391 73.75 5.18 48.60
N PHE C 2392 72.54 5.23 49.14
CA PHE C 2392 71.35 4.70 48.48
C PHE C 2392 70.96 5.52 47.26
N TYR C 2393 71.23 6.81 47.29
CA TYR C 2393 71.06 7.62 46.11
C TYR C 2393 72.36 7.75 45.33
N ALA C 2394 73.50 7.47 45.96
CA ALA C 2394 74.75 7.39 45.21
C ALA C 2394 74.69 6.28 44.19
N ALA C 2395 74.03 5.19 44.54
CA ALA C 2395 73.75 4.13 43.59
C ALA C 2395 72.92 4.65 42.42
N LEU C 2396 71.93 5.50 42.72
CA LEU C 2396 71.05 6.02 41.69
C LEU C 2396 71.81 6.89 40.72
N ILE C 2397 72.67 7.78 41.24
CA ILE C 2397 73.38 8.68 40.33
C ILE C 2397 74.44 7.93 39.54
N ASP C 2398 75.11 6.95 40.16
CA ASP C 2398 76.10 6.19 39.44
C ASP C 2398 75.48 5.35 38.35
N LEU C 2399 74.30 4.82 38.61
CA LEU C 2399 73.59 4.07 37.58
C LEU C 2399 73.10 4.98 36.48
N LEU C 2400 72.70 6.19 36.85
CA LEU C 2400 72.22 7.12 35.85
C LEU C 2400 73.34 7.58 34.94
N GLY C 2401 74.54 7.67 35.46
CA GLY C 2401 75.62 8.23 34.65
C GLY C 2401 76.23 7.29 33.65
N ARG C 2402 75.44 6.43 33.03
CA ARG C 2402 75.96 5.37 32.19
C ARG C 2402 75.34 5.41 30.82
N CYS C 2403 75.33 6.59 30.19
CA CYS C 2403 74.77 6.74 28.85
C CYS C 2403 75.69 7.60 28.00
N ALA C 2404 76.11 7.08 26.86
CA ALA C 2404 76.91 7.86 25.93
C ALA C 2404 75.98 8.61 24.99
N GLU C 2416 68.85 11.56 15.97
CA GLU C 2416 69.70 10.59 16.65
C GLU C 2416 69.14 10.35 18.04
N ALA C 2417 69.69 9.36 18.74
CA ALA C 2417 69.08 8.93 19.99
C ALA C 2417 69.42 9.82 21.17
N ILE C 2418 69.99 11.00 20.95
CA ILE C 2418 70.47 11.80 22.06
C ILE C 2418 69.41 12.87 22.32
N ARG C 2419 68.16 12.53 22.01
CA ARG C 2419 67.03 13.20 22.64
C ARG C 2419 67.09 13.06 24.16
N ILE C 2420 67.69 11.97 24.64
CA ILE C 2420 67.86 11.66 26.04
C ILE C 2420 68.65 12.70 26.82
N ARG C 2421 69.48 13.51 26.16
CA ARG C 2421 70.54 14.22 26.86
C ARG C 2421 70.02 15.28 27.78
N SER C 2422 68.93 15.94 27.39
CA SER C 2422 68.23 16.84 28.29
C SER C 2422 67.71 16.10 29.51
N ILE C 2423 67.15 14.92 29.29
CA ILE C 2423 66.69 14.11 30.39
C ILE C 2423 67.89 13.56 31.15
N LEU C 2424 68.99 13.32 30.43
CA LEU C 2424 70.26 13.03 31.08
C LEU C 2424 70.77 14.23 31.87
N ARG C 2425 70.33 15.43 31.52
CA ARG C 2425 70.76 16.61 32.24
C ARG C 2425 69.72 17.15 33.20
N SER C 2426 68.57 16.48 33.35
CA SER C 2426 67.64 16.85 34.39
C SER C 2426 67.75 15.88 35.55
N GLY C 2431 71.70 19.38 35.12
CA GLY C 2431 71.90 20.61 35.85
C GLY C 2431 71.63 20.43 37.32
N ASP C 2432 72.27 19.41 37.88
CA ASP C 2432 71.99 18.93 39.23
C ASP C 2432 73.26 19.00 40.09
N LEU C 2433 73.97 20.12 39.98
CA LEU C 2433 75.40 20.18 40.24
C LEU C 2433 75.75 20.44 41.70
N VAL C 2434 74.85 20.12 42.62
CA VAL C 2434 75.07 20.48 44.02
C VAL C 2434 76.10 19.55 44.65
N GLY C 2435 76.03 18.26 44.31
CA GLY C 2435 76.93 17.28 44.87
C GLY C 2435 78.35 17.41 44.40
N VAL C 2436 78.56 18.15 43.30
CA VAL C 2436 79.90 18.50 42.87
C VAL C 2436 80.60 19.28 43.97
N ILE C 2437 79.89 20.23 44.55
CA ILE C 2437 80.45 21.06 45.61
C ILE C 2437 79.67 20.70 46.85
N SER C 2438 79.33 19.42 46.98
CA SER C 2438 78.86 18.91 48.25
C SER C 2438 79.91 19.09 49.34
N ILE C 2439 80.99 18.32 49.29
CA ILE C 2439 82.07 18.42 50.26
C ILE C 2439 83.35 18.64 49.45
N ALA C 2440 83.25 19.37 48.35
CA ALA C 2440 84.40 19.67 47.51
C ALA C 2440 85.48 20.48 48.23
N PHE C 2461 82.96 7.03 52.00
CA PHE C 2461 81.97 8.10 51.98
C PHE C 2461 82.35 9.15 50.96
N CYS C 2462 83.12 10.13 51.39
CA CYS C 2462 83.86 10.94 50.43
C CYS C 2462 84.91 10.09 49.70
N PRO C 2463 85.38 8.95 50.23
CA PRO C 2463 85.79 7.89 49.32
C PRO C 2463 84.74 7.55 48.28
N ASP C 2464 83.52 7.24 48.72
CA ASP C 2464 82.56 6.57 47.85
C ASP C 2464 81.95 7.52 46.82
N HIS C 2465 81.33 8.58 47.29
CA HIS C 2465 80.32 9.25 46.48
C HIS C 2465 80.94 10.14 45.41
N LYS C 2466 82.03 10.83 45.75
CA LYS C 2466 82.52 11.92 44.91
C LYS C 2466 83.07 11.40 43.59
N ALA C 2467 83.68 10.20 43.58
CA ALA C 2467 84.15 9.62 42.32
C ALA C 2467 83.00 9.25 41.41
N ALA C 2468 81.87 8.83 42.00
CA ALA C 2468 80.68 8.57 41.21
C ALA C 2468 80.16 9.84 40.58
N MET C 2469 80.21 10.94 41.34
CA MET C 2469 79.85 12.23 40.77
C MET C 2469 80.82 12.62 39.67
N VAL C 2470 82.10 12.27 39.84
CA VAL C 2470 83.13 12.58 38.85
C VAL C 2470 82.82 11.91 37.53
N LEU C 2471 82.56 10.61 37.57
CA LEU C 2471 82.29 9.90 36.33
C LEU C 2471 80.96 10.30 35.73
N PHE C 2472 79.98 10.65 36.56
CA PHE C 2472 78.71 11.09 36.02
C PHE C 2472 78.84 12.42 35.30
N LEU C 2473 79.56 13.35 35.91
CA LEU C 2473 79.81 14.63 35.26
C LEU C 2473 80.67 14.45 34.02
N ASP C 2474 81.59 13.49 34.03
CA ASP C 2474 82.39 13.28 32.85
C ASP C 2474 81.58 12.66 31.74
N ARG C 2475 80.57 11.88 32.10
CA ARG C 2475 79.75 11.23 31.10
C ARG C 2475 78.76 12.21 30.49
N VAL C 2476 78.10 13.00 31.32
CA VAL C 2476 76.96 13.77 30.82
C VAL C 2476 77.42 15.19 30.52
N TYR C 2477 78.55 15.60 31.07
CA TYR C 2477 78.96 16.98 30.89
C TYR C 2477 80.42 17.06 30.48
N VAL C 2481 86.60 26.71 29.50
CA VAL C 2481 86.01 25.39 29.43
C VAL C 2481 87.05 24.36 29.80
N GLN C 2482 88.17 24.35 29.07
CA GLN C 2482 89.29 23.51 29.48
C GLN C 2482 89.89 23.98 30.78
N ASP C 2483 89.73 25.26 31.11
CA ASP C 2483 90.27 25.82 32.33
C ASP C 2483 89.20 26.36 33.28
N PHE C 2484 87.93 26.39 32.84
CA PHE C 2484 86.81 26.79 33.70
C PHE C 2484 86.63 25.87 34.89
N LEU C 2485 86.87 24.57 34.70
CA LEU C 2485 86.42 23.55 35.62
C LEU C 2485 87.16 23.59 36.95
N LEU C 2486 88.26 24.33 37.02
CA LEU C 2486 89.07 24.36 38.21
C LEU C 2486 88.45 25.20 39.32
N HIS C 2487 87.33 25.87 39.08
CA HIS C 2487 86.65 26.53 40.17
C HIS C 2487 85.93 25.52 41.03
N LEU C 2488 85.73 24.32 40.50
CA LEU C 2488 85.04 23.26 41.20
C LEU C 2488 85.92 22.54 42.22
N LEU C 2489 87.09 23.07 42.58
CA LEU C 2489 87.83 22.55 43.71
C LEU C 2489 87.11 22.85 45.02
N GLY C 2492 85.79 17.99 44.70
CA GLY C 2492 86.76 19.00 44.35
C GLY C 2492 88.07 18.90 45.07
N PHE C 2493 89.16 19.19 44.35
CA PHE C 2493 90.50 18.88 44.83
C PHE C 2493 90.98 19.82 45.92
N LEU C 2494 90.21 20.86 46.25
CA LEU C 2494 90.57 21.71 47.37
C LEU C 2494 90.57 20.97 48.69
N PRO C 2495 89.63 20.09 48.97
CA PRO C 2495 89.78 19.24 50.16
C PRO C 2495 90.82 18.17 49.91
N ASP C 2496 90.89 17.72 48.65
CA ASP C 2496 91.56 16.47 48.36
C ASP C 2496 93.08 16.60 48.34
N LEU C 2497 93.60 17.35 47.38
CA LEU C 2497 95.04 17.44 47.19
C LEU C 2497 95.69 18.21 48.32
N ARG C 2498 94.92 19.03 49.02
CA ARG C 2498 95.38 19.63 50.26
C ARG C 2498 95.31 18.66 51.43
N ALA C 2499 94.40 17.69 51.37
CA ALA C 2499 94.27 16.70 52.45
C ALA C 2499 95.19 15.51 52.25
N ALA C 2500 96.29 15.70 51.54
CA ALA C 2500 97.15 14.62 51.09
C ALA C 2500 98.08 14.08 52.17
N ALA C 2501 97.81 14.36 53.45
CA ALA C 2501 98.61 13.78 54.52
C ALA C 2501 97.80 13.41 55.76
N SER C 2502 96.47 13.44 55.68
CA SER C 2502 95.63 13.14 56.84
C SER C 2502 95.70 11.66 57.18
N LEU C 2503 96.37 11.33 58.27
CA LEU C 2503 96.59 9.95 58.66
C LEU C 2503 95.31 9.30 59.20
N THR C 2511 90.51 5.16 58.44
CA THR C 2511 91.45 4.99 57.36
C THR C 2511 90.75 5.06 56.01
N ASP C 2512 89.52 5.59 56.04
CA ASP C 2512 88.79 5.87 54.81
C ASP C 2512 89.56 6.84 53.93
N MET C 2513 90.24 7.78 54.57
CA MET C 2513 91.10 8.74 53.90
C MET C 2513 92.26 8.04 53.18
N ALA C 2514 92.88 7.06 53.84
CA ALA C 2514 94.10 6.44 53.32
C ALA C 2514 93.82 5.61 52.09
N LEU C 2515 92.58 5.22 51.87
CA LEU C 2515 92.20 4.49 50.70
C LEU C 2515 91.53 5.37 49.65
N ALA C 2516 90.88 6.45 50.09
CA ALA C 2516 90.45 7.48 49.14
C ALA C 2516 91.64 8.13 48.47
N LEU C 2517 92.79 8.14 49.17
CA LEU C 2517 94.05 8.58 48.61
C LEU C 2517 94.40 7.85 47.32
N ASN C 2518 94.59 6.54 47.39
CA ASN C 2518 94.93 5.79 46.19
C ASN C 2518 93.74 5.65 45.28
N ARG C 2519 92.53 5.85 45.81
CA ARG C 2519 91.32 5.76 45.01
C ARG C 2519 91.23 6.89 44.01
N TYR C 2520 91.26 8.12 44.50
CA TYR C 2520 90.91 9.26 43.66
C TYR C 2520 92.01 9.67 42.71
N LEU C 2521 93.03 8.84 42.53
CA LEU C 2521 93.99 9.07 41.46
C LEU C 2521 93.37 8.91 40.09
N CYS C 2522 92.33 8.09 39.97
CA CYS C 2522 91.59 8.01 38.72
C CYS C 2522 90.87 9.31 38.42
N THR C 2523 90.19 9.85 39.42
CA THR C 2523 89.56 11.16 39.31
C THR C 2523 90.57 12.29 39.23
N ALA C 2524 91.83 12.01 39.57
CA ALA C 2524 92.91 12.97 39.36
C ALA C 2524 93.44 12.93 37.94
N VAL C 2525 93.44 11.76 37.33
CA VAL C 2525 93.86 11.66 35.94
C VAL C 2525 92.79 12.24 35.03
N LEU C 2526 91.53 11.95 35.33
CA LEU C 2526 90.33 12.35 34.61
C LEU C 2526 90.22 13.80 34.12
N PRO C 2527 90.80 14.82 34.80
CA PRO C 2527 90.82 16.15 34.17
C PRO C 2527 91.89 16.32 33.10
N LEU C 2528 92.49 15.24 32.60
CA LEU C 2528 93.21 15.34 31.34
C LEU C 2528 92.27 15.77 30.22
N LEU C 2529 91.02 15.35 30.31
CA LEU C 2529 89.95 15.92 29.52
C LEU C 2529 89.78 17.38 29.88
N LEU C 2535 92.54 33.63 35.00
CA LEU C 2535 93.63 32.72 34.73
C LEU C 2535 94.78 32.96 35.70
N PHE C 2536 94.56 32.65 36.97
CA PHE C 2536 95.60 32.85 37.98
C PHE C 2536 95.68 31.70 38.97
N ALA C 2537 94.53 31.15 39.37
CA ALA C 2537 94.47 30.14 40.42
C ALA C 2537 94.98 28.77 39.99
N GLY C 2538 95.35 28.61 38.72
CA GLY C 2538 95.97 27.37 38.28
C GLY C 2538 97.33 27.14 38.89
N THR C 2539 98.01 28.22 39.28
CA THR C 2539 99.22 28.08 40.08
C THR C 2539 98.88 27.46 41.44
N GLU C 2540 97.76 27.85 42.03
CA GLU C 2540 97.32 27.23 43.27
C GLU C 2540 96.87 25.79 43.05
N HIS C 2541 96.30 25.51 41.88
CA HIS C 2541 95.92 24.14 41.57
C HIS C 2541 97.15 23.25 41.41
N HIS C 2542 98.18 23.77 40.72
CA HIS C 2542 99.44 23.06 40.61
C HIS C 2542 100.15 22.96 41.96
N ALA C 2543 99.88 23.91 42.86
CA ALA C 2543 100.42 23.83 44.21
C ALA C 2543 99.79 22.69 44.99
N SER C 2544 98.46 22.57 44.93
CA SER C 2544 97.78 21.44 45.56
C SER C 2544 98.21 20.12 44.91
N LEU C 2545 98.42 20.15 43.60
CA LEU C 2545 98.87 18.98 42.87
C LEU C 2545 100.28 18.57 43.28
N ILE C 2546 101.17 19.54 43.48
CA ILE C 2546 102.51 19.23 43.92
C ILE C 2546 102.51 18.78 45.37
N ASP C 2547 101.60 19.30 46.17
CA ASP C 2547 101.47 18.86 47.56
C ASP C 2547 101.02 17.41 47.63
N SER C 2548 100.06 17.05 46.79
CA SER C 2548 99.69 15.65 46.69
C SER C 2548 100.79 14.81 46.06
N LEU C 2549 101.57 15.41 45.14
CA LEU C 2549 102.58 14.66 44.40
C LEU C 2549 103.74 14.28 45.29
N LEU C 2550 104.37 15.29 45.90
CA LEU C 2550 105.43 15.04 46.87
C LEU C 2550 104.90 14.43 48.16
N HIS C 2551 103.59 14.53 48.41
CA HIS C 2551 102.98 13.70 49.45
C HIS C 2551 103.07 12.23 49.11
N THR C 2552 103.20 11.88 47.83
CA THR C 2552 103.46 10.51 47.42
C THR C 2552 104.85 10.31 46.80
N VAL C 2553 105.50 11.38 46.34
CA VAL C 2553 106.84 11.22 45.75
C VAL C 2553 107.87 11.06 46.85
N LYS C 2558 100.63 3.18 47.68
CA LYS C 2558 99.65 3.74 46.75
C LYS C 2558 100.27 3.94 45.38
N GLY C 2559 101.46 3.36 45.19
CA GLY C 2559 102.33 3.71 44.09
C GLY C 2559 101.85 3.28 42.72
N CYS C 2560 100.86 2.39 42.65
CA CYS C 2560 100.36 1.95 41.35
C CYS C 2560 99.58 3.06 40.66
N SER C 2561 98.48 3.50 41.27
CA SER C 2561 97.73 4.59 40.70
C SER C 2561 98.46 5.92 40.85
N LEU C 2562 99.41 6.01 41.77
CA LEU C 2562 100.28 7.18 41.83
C LEU C 2562 101.17 7.27 40.61
N THR C 2563 101.78 6.14 40.21
CA THR C 2563 102.56 6.10 38.97
C THR C 2563 101.66 6.29 37.76
N LYS C 2564 100.39 5.91 37.87
CA LYS C 2564 99.43 6.24 36.83
C LYS C 2564 99.22 7.74 36.72
N ALA C 2565 99.00 8.42 37.85
CA ALA C 2565 98.78 9.85 37.84
C ALA C 2565 100.04 10.64 37.50
N GLN C 2566 101.20 10.00 37.63
CA GLN C 2566 102.46 10.62 37.24
C GLN C 2566 102.49 10.93 35.75
N ARG C 2567 101.81 10.11 34.94
CA ARG C 2567 101.74 10.42 33.52
C ARG C 2567 100.81 11.59 33.25
N ASP C 2568 99.68 11.65 33.96
CA ASP C 2568 98.71 12.72 33.76
C ASP C 2568 99.21 14.07 34.24
N SER C 2569 100.14 14.07 35.20
CA SER C 2569 100.63 15.31 35.77
C SER C 2569 101.38 16.17 34.75
N ILE C 2570 102.21 15.54 33.91
CA ILE C 2570 103.02 16.30 32.97
C ILE C 2570 102.17 16.89 31.85
N GLU C 2571 101.19 16.12 31.37
CA GLU C 2571 100.30 16.64 30.34
C GLU C 2571 99.36 17.70 30.89
N VAL C 2572 98.99 17.59 32.17
CA VAL C 2572 98.23 18.67 32.79
C VAL C 2572 99.10 19.89 32.99
N CYS C 2573 100.41 19.69 33.16
CA CYS C 2573 101.31 20.82 33.30
C CYS C 2573 101.49 21.57 31.98
N LEU C 2574 101.65 20.83 30.88
CA LEU C 2574 101.75 21.46 29.58
C LEU C 2574 100.39 21.72 28.94
N LEU C 2575 99.30 21.55 29.70
CA LEU C 2575 97.95 21.75 29.15
C LEU C 2575 97.63 23.21 28.88
N SER C 2576 98.43 24.14 29.41
CA SER C 2576 98.27 25.54 29.11
C SER C 2576 99.62 26.24 29.18
N ARG C 2582 97.70 31.77 34.63
CA ARG C 2582 97.69 31.76 33.18
C ARG C 2582 98.84 30.95 32.63
N PRO C 2583 99.25 31.27 31.40
CA PRO C 2583 100.46 30.64 30.87
C PRO C 2583 101.72 31.10 31.60
N SER C 2584 101.66 32.25 32.26
CA SER C 2584 102.71 32.62 33.19
C SER C 2584 102.77 31.65 34.36
N MET C 2585 101.59 31.28 34.89
CA MET C 2585 101.54 30.24 35.90
C MET C 2585 101.98 28.89 35.31
N MET C 2586 101.79 28.70 34.00
CA MET C 2586 102.26 27.47 33.36
C MET C 2586 103.78 27.41 33.29
N GLN C 2587 104.44 28.53 32.99
CA GLN C 2587 105.90 28.54 33.05
C GLN C 2587 106.40 28.47 34.49
N HIS C 2588 105.60 29.01 35.43
CA HIS C 2588 105.92 28.89 36.86
C HIS C 2588 105.92 27.43 37.30
N LEU C 2589 104.89 26.69 36.91
CA LEU C 2589 104.87 25.26 37.16
C LEU C 2589 105.89 24.50 36.30
N LEU C 2590 106.30 25.06 35.16
CA LEU C 2590 107.34 24.43 34.35
C LEU C 2590 108.69 24.47 35.05
N ARG C 2591 108.96 25.53 35.80
CA ARG C 2591 110.16 25.57 36.63
C ARG C 2591 109.88 25.15 38.08
N ARG C 2592 108.66 24.72 38.40
CA ARG C 2592 108.42 24.06 39.68
C ARG C 2592 109.19 22.75 39.82
N LEU C 2593 109.52 22.10 38.71
CA LEU C 2593 110.41 20.95 38.76
C LEU C 2593 111.80 21.37 39.25
N VAL C 2594 112.27 22.54 38.82
CA VAL C 2594 113.53 23.06 39.34
C VAL C 2594 113.38 23.48 40.79
N PHE C 2595 112.17 23.89 41.18
CA PHE C 2595 111.90 24.22 42.59
C PHE C 2595 112.03 22.99 43.48
N ASP C 2596 111.51 21.85 43.05
CA ASP C 2596 111.66 20.63 43.82
C ASP C 2596 113.02 19.97 43.62
N VAL C 2597 113.74 20.32 42.55
CA VAL C 2597 115.04 19.78 42.20
C VAL C 2597 116.11 20.07 43.25
N PRO C 2598 115.88 21.03 44.16
CA PRO C 2598 116.86 21.29 45.23
C PRO C 2598 117.16 20.08 46.12
N LEU C 2599 116.30 19.06 46.15
CA LEU C 2599 116.57 17.82 46.86
C LEU C 2599 116.92 16.67 45.93
N LEU C 2600 117.14 16.94 44.63
CA LEU C 2600 117.22 15.85 43.66
C LEU C 2600 118.62 15.23 43.61
N ASN C 2601 119.61 15.98 43.14
CA ASN C 2601 120.95 15.44 42.91
C ASN C 2601 121.99 16.55 42.78
N LYS C 2605 113.00 11.97 44.47
CA LYS C 2605 114.33 11.40 44.43
C LYS C 2605 114.45 10.44 43.26
N MET C 2606 114.61 9.15 43.56
CA MET C 2606 114.52 8.12 42.54
C MET C 2606 113.07 8.03 42.07
N PRO C 2607 112.12 8.36 42.94
CA PRO C 2607 110.71 8.42 42.52
C PRO C 2607 110.45 9.52 41.51
N LEU C 2608 110.85 10.74 41.84
CA LEU C 2608 110.64 11.89 40.97
C LEU C 2608 111.74 12.04 39.92
N LYS C 2609 112.60 11.02 39.75
CA LYS C 2609 113.63 11.09 38.73
C LYS C 2609 113.03 11.07 37.33
N LEU C 2610 111.89 10.41 37.16
CA LEU C 2610 111.21 10.44 35.88
C LEU C 2610 110.65 11.82 35.57
N LEU C 2611 110.12 12.50 36.59
CA LEU C 2611 109.65 13.87 36.42
C LEU C 2611 110.82 14.81 36.14
N THR C 2612 111.96 14.55 36.79
CA THR C 2612 113.17 15.34 36.54
C THR C 2612 113.68 15.12 35.13
N ASN C 2613 113.55 13.90 34.61
CA ASN C 2613 113.92 13.65 33.22
C ASN C 2613 112.96 14.36 32.27
N HIS C 2614 111.66 14.23 32.50
CA HIS C 2614 110.66 14.83 31.61
C HIS C 2614 110.57 16.34 31.72
N TYR C 2615 111.20 16.94 32.74
CA TYR C 2615 111.17 18.39 32.92
C TYR C 2615 111.88 19.16 31.80
N GLU C 2616 112.71 18.47 31.01
CA GLU C 2616 113.28 19.06 29.81
C GLU C 2616 112.19 19.49 28.84
N ARG C 2617 111.11 18.72 28.77
CA ARG C 2617 109.97 19.09 27.94
C ARG C 2617 109.28 20.34 28.47
N CYS C 2618 109.18 20.49 29.79
CA CYS C 2618 108.53 21.67 30.35
C CYS C 2618 109.38 22.92 30.16
N TRP C 2619 110.70 22.77 30.26
CA TRP C 2619 111.59 23.90 29.95
C TRP C 2619 111.55 24.25 28.48
N LYS C 2620 111.44 23.24 27.60
CA LYS C 2620 111.30 23.52 26.17
C LYS C 2620 109.94 24.14 25.86
N TYR C 2621 108.92 23.83 26.67
CA TYR C 2621 107.62 24.47 26.51
C TYR C 2621 107.67 25.92 26.94
N TYR C 2622 108.44 26.21 27.99
CA TYR C 2622 108.67 27.60 28.35
C TYR C 2622 109.61 28.29 27.38
N CYS C 2623 110.35 27.53 26.57
CA CYS C 2623 111.40 28.09 25.73
C CYS C 2623 110.87 28.91 24.56
N LEU C 2624 109.65 28.64 24.09
CA LEU C 2624 109.19 29.27 22.85
C LEU C 2624 108.84 30.74 23.06
N PRO C 2625 107.80 31.08 23.82
CA PRO C 2625 107.48 32.50 24.00
C PRO C 2625 108.37 33.15 25.04
N GLY C 2626 108.88 32.34 25.96
CA GLY C 2626 109.82 32.81 26.95
C GLY C 2626 111.24 32.91 26.48
N GLY C 2627 111.51 32.67 25.20
CA GLY C 2627 112.83 32.81 24.65
C GLY C 2627 112.89 32.50 23.17
N ALA C 2634 116.59 36.32 38.57
CA ALA C 2634 115.44 35.53 38.95
C ALA C 2634 115.31 34.30 38.07
N SER C 2635 114.66 34.48 36.92
CA SER C 2635 114.39 33.34 36.04
C SER C 2635 115.68 32.84 35.39
N GLU C 2636 116.49 33.74 34.85
CA GLU C 2636 117.79 33.33 34.33
C GLU C 2636 118.74 32.95 35.45
N GLU C 2637 118.57 33.53 36.63
CA GLU C 2637 119.34 33.10 37.79
C GLU C 2637 118.96 31.70 38.21
N GLU C 2638 117.67 31.37 38.14
CA GLU C 2638 117.23 30.00 38.37
C GLU C 2638 117.72 29.07 37.26
N LEU C 2639 117.88 29.59 36.04
CA LEU C 2639 118.43 28.78 34.95
C LEU C 2639 119.90 28.48 35.18
N HIS C 2640 120.64 29.46 35.71
CA HIS C 2640 122.05 29.23 36.03
C HIS C 2640 122.19 28.28 37.20
N LEU C 2641 121.33 28.42 38.21
CA LEU C 2641 121.33 27.47 39.32
C LEU C 2641 120.88 26.08 38.87
N SER C 2642 120.03 26.01 37.86
CA SER C 2642 119.60 24.73 37.32
C SER C 2642 120.70 24.08 36.51
N ARG C 2643 121.46 24.88 35.77
CA ARG C 2643 122.61 24.34 35.05
C ARG C 2643 123.69 23.91 36.02
N LYS C 2644 123.85 24.63 37.12
CA LYS C 2644 124.77 24.22 38.17
C LYS C 2644 124.32 22.93 38.83
N LEU C 2645 123.01 22.78 39.07
CA LEU C 2645 122.49 21.54 39.61
C LEU C 2645 122.59 20.40 38.61
N PHE C 2646 122.53 20.71 37.31
CA PHE C 2646 122.69 19.69 36.29
C PHE C 2646 124.14 19.22 36.22
N TRP C 2647 125.09 20.14 36.37
CA TRP C 2647 126.49 19.75 36.44
C TRP C 2647 126.79 19.01 37.74
N GLY C 2648 126.10 19.34 38.82
CA GLY C 2648 126.28 18.61 40.07
C GLY C 2648 125.65 17.23 40.04
N ILE C 2649 124.57 17.07 39.28
CA ILE C 2649 124.01 15.75 39.05
C ILE C 2649 124.90 14.97 38.09
N PHE C 2650 125.64 15.67 37.23
CA PHE C 2650 126.57 15.01 36.31
C PHE C 2650 127.72 14.35 37.04
N ASP C 2651 128.17 14.95 38.13
CA ASP C 2651 129.18 14.33 38.98
C ASP C 2651 128.59 13.69 40.23
N ALA C 2652 127.25 13.57 40.29
CA ALA C 2652 126.63 12.95 41.45
C ALA C 2652 126.92 11.46 41.53
N LEU C 2653 127.22 10.82 40.41
CA LEU C 2653 127.66 9.43 40.43
C LEU C 2653 129.15 9.36 40.71
N TYR C 2658 120.81 2.94 36.83
CA TYR C 2658 120.53 3.07 35.41
C TYR C 2658 119.40 4.05 35.17
N GLU C 2659 118.46 4.10 36.12
CA GLU C 2659 117.35 5.05 36.02
C GLU C 2659 117.84 6.48 36.21
N GLN C 2660 118.77 6.69 37.15
CA GLN C 2660 119.47 7.96 37.22
C GLN C 2660 120.34 8.16 35.98
N GLU C 2661 120.95 7.08 35.48
CA GLU C 2661 121.72 7.16 34.24
C GLU C 2661 120.82 7.38 33.04
N LEU C 2662 119.56 6.96 33.12
CA LEU C 2662 118.61 7.31 32.06
C LEU C 2662 118.21 8.77 32.14
N PHE C 2663 117.92 9.26 33.35
CA PHE C 2663 117.47 10.63 33.52
C PHE C 2663 118.59 11.64 33.30
N LYS C 2664 119.85 11.20 33.38
CA LYS C 2664 120.96 12.13 33.16
C LYS C 2664 121.07 12.56 31.71
N LEU C 2665 120.63 11.71 30.78
CA LEU C 2665 120.62 12.10 29.37
C LEU C 2665 119.57 13.15 29.11
N ALA C 2666 118.48 13.14 29.87
CA ALA C 2666 117.44 14.16 29.74
C ALA C 2666 117.76 15.42 30.54
N LEU C 2667 118.60 15.30 31.56
CA LEU C 2667 119.17 16.49 32.16
C LEU C 2667 120.04 17.25 31.18
N PRO C 2668 120.77 16.60 30.26
CA PRO C 2668 121.37 17.34 29.15
C PRO C 2668 120.32 17.97 28.24
N CYS C 2669 119.19 17.29 28.03
CA CYS C 2669 118.08 17.92 27.32
C CYS C 2669 117.48 19.06 28.11
N LEU C 2670 117.54 19.00 29.45
CA LEU C 2670 117.10 20.12 30.26
C LEU C 2670 118.04 21.32 30.10
N SER C 2671 119.35 21.05 29.97
CA SER C 2671 120.30 22.13 29.71
C SER C 2671 120.07 22.74 28.32
N ALA C 2672 119.78 21.90 27.33
CA ALA C 2672 119.50 22.42 25.99
C ALA C 2672 118.20 23.21 25.95
N VAL C 2673 117.19 22.78 26.71
CA VAL C 2673 115.92 23.52 26.73
C VAL C 2673 116.07 24.81 27.53
N ALA C 2674 116.97 24.82 28.52
CA ALA C 2674 117.31 26.08 29.18
C ALA C 2674 118.08 27.00 28.26
N GLY C 2675 118.84 26.43 27.32
CA GLY C 2675 119.47 27.23 26.29
C GLY C 2675 118.45 27.84 25.35
N ALA C 2676 117.45 27.06 24.94
CA ALA C 2676 116.39 27.59 24.08
C ALA C 2676 115.45 28.52 24.83
N LEU C 2677 115.42 28.45 26.16
CA LEU C 2677 114.60 29.33 26.98
C LEU C 2677 115.30 30.66 27.19
N PRO C 2678 116.59 30.64 27.48
CA PRO C 2678 117.29 31.90 27.73
C PRO C 2678 117.90 32.43 26.45
N PRO C 2679 117.56 31.83 25.29
CA PRO C 2679 117.94 32.08 23.89
C PRO C 2679 119.44 32.28 23.69
N ASN C 2701 104.73 18.99 51.87
CA ASN C 2701 105.39 19.21 53.16
C ASN C 2701 106.49 20.26 53.04
N PHE C 2702 106.10 21.46 52.61
CA PHE C 2702 107.07 22.52 52.36
C PHE C 2702 107.61 23.07 53.68
N ASN C 2703 108.87 23.52 53.64
CA ASN C 2703 109.60 23.98 54.81
C ASN C 2703 110.03 25.43 54.59
N PRO C 2704 109.19 26.41 54.97
CA PRO C 2704 109.59 27.82 54.85
C PRO C 2704 110.52 28.26 55.98
N GLN C 2705 111.80 28.36 55.68
CA GLN C 2705 112.81 28.56 56.71
C GLN C 2705 113.37 29.98 56.65
N PRO C 2706 113.06 30.83 57.61
CA PRO C 2706 113.71 32.14 57.68
C PRO C 2706 115.12 32.00 58.25
N VAL C 2707 115.84 33.12 58.28
CA VAL C 2707 117.21 33.15 58.80
C VAL C 2707 117.26 34.07 59.99
N ASP C 2708 118.46 34.24 60.56
CA ASP C 2708 118.62 34.83 61.88
C ASP C 2708 118.30 36.32 61.91
N THR C 2709 117.78 36.77 63.06
CA THR C 2709 117.21 38.10 63.18
C THR C 2709 118.02 39.00 64.12
N SER C 2710 118.13 38.63 65.40
CA SER C 2710 118.62 39.55 66.41
C SER C 2710 119.86 39.06 67.13
N ASN C 2711 120.44 37.94 66.70
CA ASN C 2711 121.70 37.45 67.26
C ASN C 2711 122.91 38.06 66.58
N ILE C 2712 122.70 39.06 65.72
CA ILE C 2712 123.76 39.79 65.05
C ILE C 2712 123.90 41.15 65.71
N THR C 2713 125.13 41.65 65.80
CA THR C 2713 125.43 42.90 66.50
C THR C 2713 124.92 44.06 65.66
N ILE C 2714 123.72 44.53 65.98
CA ILE C 2714 123.05 45.60 65.24
C ILE C 2714 123.01 46.83 66.15
N PRO C 2715 123.51 47.98 65.70
CA PRO C 2715 123.38 49.20 66.51
C PRO C 2715 121.95 49.73 66.47
N GLU C 2716 121.71 50.73 67.32
CA GLU C 2716 120.41 51.37 67.40
C GLU C 2716 120.36 52.67 66.58
N LYS C 2717 121.20 52.78 65.55
CA LYS C 2717 121.03 53.85 64.58
C LYS C 2717 119.87 53.55 63.63
N LEU C 2718 119.59 52.26 63.40
CA LEU C 2718 118.39 51.87 62.71
C LEU C 2718 117.15 51.98 63.60
N GLU C 2719 117.34 52.12 64.91
CA GLU C 2719 116.22 52.42 65.81
C GLU C 2719 115.71 53.83 65.56
N TYR C 2720 116.61 54.77 65.26
CA TYR C 2720 116.16 56.09 64.81
C TYR C 2720 115.48 55.98 63.46
N PHE C 2721 115.98 55.12 62.58
CA PHE C 2721 115.27 54.78 61.35
C PHE C 2721 113.93 54.12 61.63
N ILE C 2722 113.84 53.33 62.71
CA ILE C 2722 112.56 52.70 63.06
C ILE C 2722 111.56 53.73 63.55
N ASN C 2723 112.02 54.74 64.32
CA ASN C 2723 111.12 55.79 64.77
C ASN C 2723 110.74 56.71 63.61
N LYS C 2724 111.66 56.92 62.66
CA LYS C 2724 111.31 57.66 61.45
C LYS C 2724 110.32 56.88 60.60
N TYR C 2725 110.48 55.55 60.55
CA TYR C 2725 109.54 54.67 59.86
C TYR C 2725 108.17 54.76 60.51
N ALA C 2726 108.13 54.77 61.85
CA ALA C 2726 106.87 54.88 62.58
C ALA C 2726 106.22 56.24 62.40
N GLU C 2727 107.03 57.31 62.42
CA GLU C 2727 106.52 58.66 62.22
C GLU C 2727 105.91 58.84 60.85
N HIS C 2728 106.68 58.53 59.80
CA HIS C 2728 106.24 58.76 58.44
C HIS C 2728 105.19 57.76 58.02
N SER C 2729 105.29 56.52 58.52
CA SER C 2729 104.25 55.53 58.33
C SER C 2729 102.97 55.92 59.04
N HIS C 2730 103.05 56.65 60.15
CA HIS C 2730 101.82 57.10 60.77
C HIS C 2730 101.22 58.30 60.03
N ASP C 2731 102.05 59.16 59.43
CA ASP C 2731 101.48 60.20 58.57
C ASP C 2731 100.74 59.59 57.37
N LYS C 2732 101.38 58.62 56.69
CA LYS C 2732 100.71 57.99 55.56
C LYS C 2732 99.56 57.08 56.00
N TRP C 2733 99.66 56.48 57.19
CA TRP C 2733 98.60 55.66 57.76
C TRP C 2733 97.41 56.53 58.15
N SER C 2734 97.68 57.73 58.67
CA SER C 2734 96.62 58.66 59.00
C SER C 2734 95.95 59.19 57.75
N MET C 2735 96.70 59.37 56.66
CA MET C 2735 96.05 59.72 55.39
C MET C 2735 95.21 58.55 54.86
N ASP C 2736 95.73 57.32 54.96
CA ASP C 2736 95.03 56.14 54.46
C ASP C 2736 93.78 55.83 55.28
N LYS C 2737 93.74 56.23 56.54
CA LYS C 2737 92.57 56.00 57.38
C LYS C 2737 91.80 57.27 57.70
N LEU C 2738 92.19 58.41 57.14
CA LEU C 2738 91.37 59.60 57.15
C LEU C 2738 90.73 59.86 55.79
N ALA C 2739 91.15 59.13 54.75
CA ALA C 2739 90.26 58.94 53.60
C ALA C 2739 89.06 58.11 54.00
N ASN C 2740 89.22 57.20 54.98
CA ASN C 2740 88.13 56.48 55.61
C ASN C 2740 87.53 57.24 56.79
N GLY C 2741 88.35 57.96 57.55
CA GLY C 2741 87.85 58.83 58.60
C GLY C 2741 87.98 58.30 60.01
N TRP C 2742 89.14 57.77 60.36
CA TRP C 2742 89.35 57.11 61.64
C TRP C 2742 90.03 58.03 62.64
N ILE C 2743 89.27 58.49 63.63
CA ILE C 2743 89.79 59.21 64.78
C ILE C 2743 89.42 58.42 66.03
N TYR C 2744 90.28 58.44 67.04
CA TYR C 2744 89.98 57.77 68.31
C TYR C 2744 88.95 58.57 69.11
N GLY C 2745 87.83 57.92 69.44
CA GLY C 2745 86.81 58.50 70.29
C GLY C 2745 86.76 57.82 71.64
N GLU C 2746 85.65 57.16 71.95
CA GLU C 2746 85.51 56.45 73.22
C GLU C 2746 85.33 54.95 73.01
N ILE C 2747 84.32 54.51 72.26
CA ILE C 2747 84.01 53.10 72.05
C ILE C 2747 84.18 52.81 70.57
N TYR C 2748 84.96 51.77 70.26
CA TYR C 2748 85.33 51.46 68.89
C TYR C 2748 84.14 50.89 68.12
N SER C 2749 83.72 51.60 67.07
CA SER C 2749 82.65 51.15 66.20
C SER C 2749 82.84 51.79 64.82
N ASP C 2750 81.84 51.64 63.96
CA ASP C 2750 81.91 52.10 62.59
C ASP C 2750 80.95 53.24 62.26
N SER C 2751 79.81 53.30 62.95
CA SER C 2751 78.85 54.38 62.71
C SER C 2751 79.41 55.72 63.14
N SER C 2752 80.17 55.74 64.23
CA SER C 2752 80.89 56.94 64.64
C SER C 2752 82.30 56.99 64.08
N LYS C 2753 82.74 55.91 63.40
CA LYS C 2753 84.08 55.77 62.80
C LYS C 2753 85.18 55.97 63.84
N VAL C 2754 85.17 55.09 64.84
CA VAL C 2754 86.08 55.16 65.98
C VAL C 2754 86.92 53.89 66.02
N GLN C 2755 88.24 54.06 66.07
CA GLN C 2755 89.19 52.99 66.32
C GLN C 2755 90.00 53.30 67.57
N PRO C 2756 90.45 52.29 68.31
CA PRO C 2756 91.22 52.57 69.53
C PRO C 2756 92.70 52.84 69.30
N LEU C 2757 93.09 53.18 68.07
CA LEU C 2757 94.49 53.36 67.73
C LEU C 2757 94.79 54.63 66.95
N MET C 2758 93.83 55.55 66.77
CA MET C 2758 93.95 56.60 65.77
C MET C 2758 94.03 57.99 66.39
N LYS C 2759 95.24 58.39 66.73
CA LYS C 2759 95.63 59.77 67.00
C LYS C 2759 96.68 60.12 65.95
N PRO C 2760 97.09 61.39 65.83
CA PRO C 2760 98.31 61.67 65.05
C PRO C 2760 99.55 61.26 65.83
N TYR C 2761 100.70 61.31 65.13
CA TYR C 2761 101.93 60.75 65.67
C TYR C 2761 102.47 61.51 66.88
N LYS C 2762 102.11 62.79 67.02
CA LYS C 2762 102.55 63.56 68.18
C LYS C 2762 101.86 63.17 69.48
N LEU C 2763 100.80 62.36 69.42
CA LEU C 2763 100.07 61.96 70.62
C LEU C 2763 99.91 60.44 70.69
N LEU C 2764 100.54 59.69 69.79
CA LEU C 2764 100.41 58.24 69.81
C LEU C 2764 101.10 57.61 71.01
N SER C 2765 100.75 56.36 71.24
CA SER C 2765 101.44 55.48 72.17
C SER C 2765 102.09 54.36 71.39
N GLU C 2766 103.19 53.83 71.93
CA GLU C 2766 103.92 52.78 71.25
C GLU C 2766 103.26 51.42 71.37
N LYS C 2767 102.23 51.27 72.21
CA LYS C 2767 101.55 50.00 72.36
C LYS C 2767 100.69 49.68 71.14
N GLU C 2768 100.23 50.70 70.42
CA GLU C 2768 99.38 50.45 69.27
C GLU C 2768 100.17 50.33 67.97
N LYS C 2769 101.40 50.85 67.94
CA LYS C 2769 102.25 50.59 66.79
C LYS C 2769 102.93 49.23 66.86
N GLU C 2770 102.94 48.59 68.03
CA GLU C 2770 103.64 47.32 68.24
C GLU C 2770 103.04 46.21 67.39
N ILE C 2771 101.72 46.26 67.16
CA ILE C 2771 101.08 45.32 66.23
C ILE C 2771 101.29 45.69 64.78
N TYR C 2772 102.03 46.76 64.50
CA TYR C 2772 102.53 47.05 63.16
C TYR C 2772 104.05 47.14 63.08
N ARG C 2773 104.72 47.53 64.16
CA ARG C 2773 106.17 47.67 64.12
C ARG C 2773 106.87 46.31 64.10
N TRP C 2774 106.26 45.28 64.69
CA TRP C 2774 106.92 43.98 64.87
C TRP C 2774 107.26 43.21 63.59
N PRO C 2775 106.44 43.21 62.51
CA PRO C 2775 106.97 42.66 61.25
C PRO C 2775 108.09 43.47 60.67
N ILE C 2776 108.08 44.79 60.83
CA ILE C 2776 109.21 45.61 60.39
C ILE C 2776 110.46 45.29 61.21
N LYS C 2777 110.27 44.98 62.50
CA LYS C 2777 111.34 44.51 63.37
C LYS C 2777 111.90 43.18 62.91
N GLU C 2778 111.02 42.23 62.59
CA GLU C 2778 111.46 40.92 62.10
C GLU C 2778 111.88 40.96 60.64
N SER C 2779 111.79 42.11 59.98
CA SER C 2779 112.18 42.26 58.59
C SER C 2779 113.55 42.90 58.42
N LEU C 2780 113.76 44.08 59.03
CA LEU C 2780 115.00 44.83 58.83
C LEU C 2780 116.21 44.11 59.41
N LYS C 2781 116.01 43.28 60.43
CA LYS C 2781 117.14 42.65 61.10
C LYS C 2781 117.54 41.35 60.41
N THR C 2782 116.57 40.63 59.83
CA THR C 2782 116.87 39.57 58.88
C THR C 2782 117.36 40.10 57.55
N MET C 2783 117.15 41.40 57.26
CA MET C 2783 117.78 41.98 56.09
C MET C 2783 119.29 42.10 56.25
N LEU C 2784 119.78 42.14 57.48
CA LEU C 2784 121.21 42.21 57.75
C LEU C 2784 121.81 40.84 58.04
N ALA C 2785 121.27 39.79 57.42
CA ALA C 2785 121.63 38.42 57.78
C ALA C 2785 122.47 37.69 56.75
N TRP C 2786 122.38 38.03 55.46
CA TRP C 2786 122.98 37.24 54.40
C TRP C 2786 124.32 37.78 53.93
N GLY C 2787 125.05 38.46 54.81
CA GLY C 2787 126.23 39.16 54.37
C GLY C 2787 125.93 40.34 53.47
N TRP C 2788 124.71 40.88 53.54
CA TRP C 2788 124.29 42.00 52.71
C TRP C 2788 124.02 43.16 53.66
N ARG C 2789 125.08 43.88 54.00
CA ARG C 2789 124.98 44.98 54.93
C ARG C 2789 124.52 46.24 54.22
N ILE C 2790 123.96 47.17 54.99
CA ILE C 2790 123.42 48.42 54.47
C ILE C 2790 124.30 49.56 54.93
N GLU C 2791 124.69 50.42 53.99
CA GLU C 2791 125.62 51.52 54.23
C GLU C 2791 124.89 52.85 54.12
N ARG C 2792 125.64 53.94 54.18
CA ARG C 2792 125.09 55.28 54.25
C ARG C 2792 125.34 56.05 52.95
N THR C 2793 124.54 57.09 52.74
CA THR C 2793 124.60 57.95 51.56
C THR C 2793 124.49 59.39 52.05
N ARG C 2794 124.14 60.28 51.12
CA ARG C 2794 123.85 61.68 51.43
C ARG C 2794 122.60 61.79 52.31
N GLU C 2795 122.32 63.02 52.74
CA GLU C 2795 121.18 63.28 53.62
C GLU C 2795 119.87 63.16 52.85
N GLY C 2796 118.85 62.61 53.52
CA GLY C 2796 117.58 62.35 52.88
C GLY C 2796 116.43 62.73 53.78
N ASP C 2797 115.30 63.03 53.14
CA ASP C 2797 114.08 63.41 53.85
C ASP C 2797 113.29 62.18 54.29
N HIS C 2820 93.73 64.35 50.22
CA HIS C 2820 93.97 65.54 51.01
C HIS C 2820 93.66 65.29 52.49
N GLY C 2821 94.40 65.94 53.37
CA GLY C 2821 94.21 65.80 54.80
C GLY C 2821 95.19 66.59 55.64
N TYR C 2822 95.72 65.96 56.69
CA TYR C 2822 96.73 66.58 57.56
C TYR C 2822 98.04 66.71 56.78
N SER C 2823 98.47 67.94 56.53
CA SER C 2823 99.54 68.22 55.57
C SER C 2823 100.69 68.98 56.22
N PRO C 2824 101.65 68.26 56.82
CA PRO C 2824 102.96 68.86 57.06
C PRO C 2824 103.85 68.70 55.84
N ARG C 2825 105.13 69.04 55.95
CA ARG C 2825 106.08 68.76 54.87
C ARG C 2825 106.42 67.26 54.92
N ALA C 2826 105.49 66.46 54.41
CA ALA C 2826 105.56 65.01 54.49
C ALA C 2826 105.59 64.40 53.11
N ILE C 2827 106.09 63.17 53.05
CA ILE C 2827 106.36 62.45 51.82
C ILE C 2827 105.68 61.09 51.98
N ASP C 2828 105.43 60.42 50.86
CA ASP C 2828 104.97 59.03 50.86
C ASP C 2828 106.10 58.09 51.31
N MET C 2829 105.75 56.81 51.43
CA MET C 2829 106.65 55.81 51.97
C MET C 2829 107.46 55.07 50.91
N SER C 2830 106.99 55.04 49.67
CA SER C 2830 107.42 54.02 48.72
C SER C 2830 107.71 54.61 47.34
N ASN C 2831 108.46 55.71 47.29
CA ASN C 2831 108.61 56.48 46.05
C ASN C 2831 110.08 56.88 45.79
N VAL C 2832 110.99 55.91 45.84
CA VAL C 2832 112.39 56.12 45.43
C VAL C 2832 112.86 54.89 44.65
N THR C 2833 113.85 55.08 43.78
CA THR C 2833 114.31 54.01 42.91
C THR C 2833 115.09 52.93 43.67
N LEU C 2834 115.36 51.83 42.96
CA LEU C 2834 116.17 50.71 43.44
C LEU C 2834 117.29 50.46 42.43
N SER C 2835 118.16 49.49 42.76
CA SER C 2835 119.17 49.00 41.82
C SER C 2835 119.31 47.49 41.97
N ARG C 2836 120.29 46.89 41.28
CA ARG C 2836 120.53 45.45 41.39
C ARG C 2836 120.96 45.09 42.80
N ASP C 2837 121.84 45.90 43.38
CA ASP C 2837 122.23 45.77 44.79
C ASP C 2837 121.07 46.00 45.74
N LEU C 2838 120.01 46.68 45.29
CA LEU C 2838 118.78 46.73 46.06
C LEU C 2838 117.81 45.62 45.67
N HIS C 2839 117.63 45.36 44.37
CA HIS C 2839 116.53 44.49 43.95
C HIS C 2839 116.82 43.01 44.18
N ALA C 2840 118.08 42.57 44.08
CA ALA C 2840 118.38 41.18 44.42
C ALA C 2840 118.17 40.94 45.91
N MET C 2841 118.52 41.94 46.73
CA MET C 2841 118.15 41.94 48.14
C MET C 2841 116.64 41.92 48.32
N ALA C 2842 115.91 42.68 47.50
CA ALA C 2842 114.46 42.73 47.62
C ALA C 2842 113.81 41.40 47.29
N GLU C 2843 114.27 40.74 46.23
CA GLU C 2843 113.73 39.45 45.82
C GLU C 2843 114.07 38.36 46.82
N MET C 2844 115.35 38.26 47.21
CA MET C 2844 115.77 37.22 48.12
C MET C 2844 115.20 37.46 49.52
N MET C 2845 115.15 38.72 49.96
CA MET C 2845 114.56 39.03 51.25
C MET C 2845 113.04 38.95 51.21
N ALA C 2846 112.41 39.06 50.04
CA ALA C 2846 110.97 38.80 49.98
C ALA C 2846 110.69 37.32 50.10
N GLU C 2847 111.57 36.47 49.55
CA GLU C 2847 111.52 35.05 49.85
C GLU C 2847 111.68 34.80 51.35
N ASN C 2848 112.61 35.52 51.97
CA ASN C 2848 112.78 35.43 53.42
C ASN C 2848 111.56 35.96 54.16
N TYR C 2849 110.84 36.93 53.59
CA TYR C 2849 109.66 37.46 54.26
C TYR C 2849 108.48 36.51 54.12
N HIS C 2850 108.42 35.78 53.00
CA HIS C 2850 107.53 34.64 52.89
C HIS C 2850 107.80 33.63 54.01
N ASN C 2851 109.08 33.31 54.24
CA ASN C 2851 109.41 32.37 55.31
C ASN C 2851 109.09 32.94 56.69
N ILE C 2852 109.31 34.24 56.88
CA ILE C 2852 109.10 34.88 58.18
C ILE C 2852 107.61 34.92 58.50
N TRP C 2853 106.79 35.36 57.55
CA TRP C 2853 105.35 35.42 57.79
C TRP C 2853 104.74 34.02 57.83
N ALA C 2854 105.33 33.05 57.12
CA ALA C 2854 104.85 31.68 57.22
C ALA C 2854 105.17 31.06 58.56
N LYS C 2855 106.29 31.45 59.18
CA LYS C 2855 106.55 31.01 60.54
C LYS C 2855 105.67 31.76 61.53
N LYS C 2856 105.37 33.04 61.26
CA LYS C 2856 104.53 33.84 62.14
C LYS C 2856 103.10 33.32 62.19
N LYS C 2857 102.50 33.09 61.01
CA LYS C 2857 101.19 32.47 60.96
C LYS C 2857 101.26 31.00 61.36
N LYS C 2858 102.42 30.36 61.17
CA LYS C 2858 102.53 28.93 61.45
C LYS C 2858 102.54 28.65 62.95
N LEU C 2859 103.21 29.51 63.73
CA LEU C 2859 103.14 29.39 65.19
C LEU C 2859 101.78 29.83 65.71
N GLU C 2860 101.05 30.64 64.94
CA GLU C 2860 99.69 30.99 65.31
C GLU C 2860 98.74 29.82 65.13
N LEU C 2861 98.84 29.11 64.00
CA LEU C 2861 97.94 28.01 63.73
C LEU C 2861 98.29 26.76 64.54
N GLU C 2862 99.57 26.59 64.91
CA GLU C 2862 99.96 25.46 65.73
C GLU C 2862 99.71 25.67 67.21
N SER C 2863 99.05 26.77 67.58
CA SER C 2863 98.73 27.08 68.97
C SER C 2863 97.43 26.42 69.41
N LYS C 2864 96.39 26.48 68.58
CA LYS C 2864 95.09 25.97 68.97
C LYS C 2864 94.99 24.45 68.90
N GLY C 2865 95.85 23.80 68.10
CA GLY C 2865 95.78 22.36 67.96
C GLY C 2865 94.90 21.92 66.81
N GLY C 2866 95.14 22.46 65.63
CA GLY C 2866 94.35 22.12 64.46
C GLY C 2866 95.17 21.65 63.28
N GLY C 2867 95.00 22.29 62.12
CA GLY C 2867 95.70 21.93 60.91
C GLY C 2867 96.85 22.88 60.59
N ASN C 2868 97.64 22.47 59.60
CA ASN C 2868 98.83 23.23 59.24
C ASN C 2868 98.48 24.28 58.19
N HIS C 2869 99.50 24.98 57.71
CA HIS C 2869 99.33 26.09 56.77
C HIS C 2869 98.87 25.58 55.42
N PRO C 2870 97.70 25.97 54.94
CA PRO C 2870 97.17 25.39 53.69
C PRO C 2870 97.57 26.13 52.42
N LEU C 2871 98.64 26.93 52.45
CA LEU C 2871 99.08 27.67 51.27
C LEU C 2871 100.59 27.55 51.10
N LEU C 2872 101.12 26.33 51.14
CA LEU C 2872 102.55 26.10 51.24
C LEU C 2872 102.96 25.01 50.25
N VAL C 2873 103.98 25.30 49.44
CA VAL C 2873 104.41 24.43 48.34
C VAL C 2873 105.81 24.91 47.94
N PRO C 2874 106.63 24.12 47.24
CA PRO C 2874 107.88 24.64 46.69
C PRO C 2874 107.71 25.78 45.69
N TYR C 2875 108.87 26.26 45.25
CA TYR C 2875 109.18 27.69 45.16
C TYR C 2875 108.19 28.46 44.28
N ASP C 2876 108.15 28.18 42.99
CA ASP C 2876 107.40 28.99 42.05
C ASP C 2876 106.03 28.40 41.74
N THR C 2877 105.35 27.88 42.75
CA THR C 2877 103.98 27.43 42.59
C THR C 2877 103.09 28.03 43.68
N LEU C 2878 103.64 28.92 44.51
CA LEU C 2878 102.99 29.37 45.72
C LEU C 2878 101.84 30.33 45.42
N THR C 2879 101.13 30.72 46.47
CA THR C 2879 99.98 31.61 46.35
C THR C 2879 100.46 33.07 46.34
N ALA C 2880 99.54 34.02 46.55
CA ALA C 2880 99.88 35.38 46.18
C ALA C 2880 99.65 36.46 47.24
N LYS C 2881 98.60 36.33 48.07
CA LYS C 2881 98.15 37.48 48.87
C LYS C 2881 99.11 37.79 50.02
N GLU C 2882 99.65 36.75 50.67
CA GLU C 2882 100.69 36.98 51.66
C GLU C 2882 101.97 37.47 51.01
N LYS C 2883 102.22 37.06 49.77
CA LYS C 2883 103.36 37.63 49.04
C LYS C 2883 103.13 39.08 48.68
N ALA C 2884 101.88 39.50 48.47
CA ALA C 2884 101.60 40.92 48.34
C ALA C 2884 101.77 41.65 49.67
N LYS C 2885 101.55 40.95 50.78
CA LYS C 2885 101.82 41.56 52.08
C LYS C 2885 103.32 41.64 52.38
N ASP C 2886 104.12 40.70 51.84
CA ASP C 2886 105.52 40.55 52.24
C ASP C 2886 106.52 40.97 51.18
N ARG C 2887 106.09 41.30 49.97
CA ARG C 2887 106.98 41.79 48.92
C ARG C 2887 106.92 43.30 48.79
N GLU C 2888 105.71 43.86 48.83
CA GLU C 2888 105.56 45.30 49.01
C GLU C 2888 106.09 45.76 50.37
N LYS C 2889 106.14 44.85 51.34
CA LYS C 2889 106.87 45.09 52.58
C LYS C 2889 108.33 45.40 52.30
N ALA C 2890 109.02 44.52 51.55
CA ALA C 2890 110.42 44.73 51.19
C ALA C 2890 110.60 45.97 50.33
N GLN C 2891 109.60 46.25 49.47
CA GLN C 2891 109.59 47.48 48.67
C GLN C 2891 109.61 48.71 49.55
N ASP C 2892 108.63 48.82 50.46
CA ASP C 2892 108.55 49.96 51.38
C ASP C 2892 109.76 50.05 52.29
N ILE C 2893 110.33 48.89 52.67
CA ILE C 2893 111.48 48.86 53.55
C ILE C 2893 112.70 49.45 52.86
N LEU C 2894 113.02 48.97 51.66
CA LEU C 2894 114.17 49.51 50.93
C LEU C 2894 113.93 50.95 50.50
N LYS C 2895 112.69 51.27 50.14
CA LYS C 2895 112.39 52.60 49.67
C LYS C 2895 112.38 53.62 50.80
N PHE C 2896 112.10 53.21 52.03
CA PHE C 2896 112.25 54.14 53.13
C PHE C 2896 113.65 54.14 53.73
N LEU C 2897 114.43 53.06 53.57
CA LEU C 2897 115.87 53.14 53.85
C LEU C 2897 116.54 54.15 52.93
N GLN C 2898 116.09 54.24 51.68
CA GLN C 2898 116.63 55.24 50.78
C GLN C 2898 115.89 56.58 50.83
N ILE C 2899 114.72 56.65 51.47
CA ILE C 2899 114.15 57.96 51.80
C ILE C 2899 114.97 58.62 52.90
N ASN C 2900 115.34 57.86 53.93
CA ASN C 2900 116.32 58.30 54.91
C ASN C 2900 117.74 58.23 54.39
N GLY C 2901 117.95 57.74 53.16
CA GLY C 2901 119.23 57.84 52.49
C GLY C 2901 120.27 56.81 52.92
N TYR C 2902 119.96 55.53 52.74
CA TYR C 2902 120.89 54.45 53.01
C TYR C 2902 121.21 53.71 51.70
N ALA C 2903 122.43 53.18 51.62
CA ALA C 2903 122.86 52.42 50.45
C ALA C 2903 122.58 50.95 50.72
N VAL C 2904 121.49 50.44 50.16
CA VAL C 2904 121.14 49.04 50.29
C VAL C 2904 121.93 48.27 49.23
N SER C 2905 122.77 47.35 49.67
CA SER C 2905 123.63 46.64 48.74
C SER C 2905 123.94 45.25 49.28
N ARG C 2906 124.22 44.34 48.35
CA ARG C 2906 124.65 43.00 48.74
C ARG C 2906 126.11 43.02 49.17
N GLY C 2907 127.00 43.48 48.31
CA GLY C 2907 128.41 43.56 48.63
C GLY C 2907 129.09 42.19 48.66
N TYR C 2982 123.47 34.09 33.18
CA TYR C 2982 123.63 32.64 33.15
C TYR C 2982 124.64 32.22 32.09
N PHE C 2983 125.82 31.80 32.52
CA PHE C 2983 126.87 31.34 31.62
C PHE C 2983 127.58 30.13 32.19
N LEU C 2984 126.80 29.16 32.70
CA LEU C 2984 127.40 27.97 33.30
C LEU C 2984 128.03 27.07 32.24
N SER C 2985 127.54 27.12 31.01
CA SER C 2985 128.21 26.49 29.89
C SER C 2985 129.33 27.33 29.31
N ALA C 2986 129.62 28.48 29.92
CA ALA C 2986 130.76 29.32 29.57
C ALA C 2986 131.71 29.54 30.74
N ALA C 2987 131.18 29.98 31.89
CA ALA C 2987 132.05 30.27 33.02
C ALA C 2987 132.48 28.99 33.73
N SER C 2988 131.54 28.08 33.97
CA SER C 2988 131.87 26.77 34.52
C SER C 2988 132.25 25.78 33.43
N ARG C 2989 132.39 26.23 32.18
CA ARG C 2989 132.88 25.41 31.09
C ARG C 2989 134.36 25.11 31.32
N PRO C 2990 135.14 26.09 31.78
CA PRO C 2990 136.50 25.77 32.22
C PRO C 2990 136.52 24.96 33.50
N LEU C 2991 135.54 25.15 34.39
CA LEU C 2991 135.40 24.27 35.55
C LEU C 2991 135.00 22.88 35.13
N CYS C 2992 134.18 22.77 34.08
CA CYS C 2992 133.87 21.47 33.49
C CYS C 2992 135.11 20.86 32.86
N SER C 2993 135.99 21.69 32.29
CA SER C 2993 137.25 21.19 31.76
C SER C 2993 138.15 20.68 32.88
N GLY C 2994 138.22 21.42 33.99
CA GLY C 2994 139.01 20.98 35.13
C GLY C 2994 138.44 19.75 35.79
N GLY C 2995 137.12 19.57 35.73
CA GLY C 2995 136.53 18.34 36.25
C GLY C 2995 136.73 17.16 35.33
N HIS C 2996 136.61 17.38 34.02
CA HIS C 2996 136.80 16.30 33.05
C HIS C 2996 138.26 15.92 32.90
N ALA C 2997 139.18 16.81 33.33
CA ALA C 2997 140.60 16.47 33.31
C ALA C 2997 140.94 15.33 34.26
N SER C 2998 140.22 15.22 35.37
CA SER C 2998 140.43 14.14 36.33
C SER C 2998 139.22 13.23 36.46
N ASN C 2999 138.18 13.42 35.63
CA ASN C 2999 136.97 12.61 35.76
C ASN C 2999 137.18 11.19 35.28
N LYS C 3000 137.80 11.03 34.10
CA LYS C 3000 138.12 9.70 33.59
C LYS C 3000 139.49 9.21 34.03
N GLU C 3001 140.18 9.95 34.90
CA GLU C 3001 141.48 9.50 35.37
C GLU C 3001 141.36 8.31 36.32
N LYS C 3002 140.31 8.31 37.14
CA LYS C 3002 140.04 7.19 38.06
C LYS C 3002 138.96 6.28 37.51
N GLU C 3003 138.94 6.07 36.21
CA GLU C 3003 137.88 5.33 35.53
C GLU C 3003 138.25 3.87 35.29
N MET C 3004 138.92 3.22 36.26
CA MET C 3004 139.25 1.81 36.14
C MET C 3004 138.02 0.90 36.14
N VAL C 3005 136.90 1.36 36.70
CA VAL C 3005 135.65 0.62 36.64
C VAL C 3005 134.47 1.58 36.65
N PHE C 3009 130.45 5.63 38.60
CA PHE C 3009 131.03 6.52 39.60
C PHE C 3009 131.80 7.65 38.93
N CYS C 3010 133.13 7.55 38.95
CA CYS C 3010 133.95 8.55 38.25
C CYS C 3010 133.84 8.40 36.73
N LYS C 3011 133.71 7.17 36.25
CA LYS C 3011 133.50 6.96 34.82
C LYS C 3011 132.13 7.47 34.39
N LEU C 3012 131.12 7.30 35.26
CA LEU C 3012 129.82 7.89 34.99
C LEU C 3012 129.87 9.41 35.04
N GLY C 3013 130.70 9.98 35.92
CA GLY C 3013 130.89 11.42 35.94
C GLY C 3013 131.57 11.93 34.69
N VAL C 3014 132.51 11.15 34.15
CA VAL C 3014 133.21 11.54 32.92
C VAL C 3014 132.27 11.47 31.72
N LEU C 3015 131.45 10.41 31.65
CA LEU C 3015 130.46 10.29 30.58
C LEU C 3015 129.41 11.39 30.68
N VAL C 3016 129.04 11.77 31.91
CA VAL C 3016 128.05 12.84 32.07
C VAL C 3016 128.68 14.21 31.81
N ARG C 3017 129.99 14.35 31.99
CA ARG C 3017 130.66 15.60 31.59
C ARG C 3017 130.72 15.72 30.08
N HIS C 3018 130.95 14.60 29.38
CA HIS C 3018 130.88 14.61 27.91
C HIS C 3018 129.47 14.89 27.43
N ARG C 3019 128.47 14.35 28.13
CA ARG C 3019 127.07 14.66 27.81
C ARG C 3019 126.75 16.12 28.12
N ILE C 3020 127.40 16.71 29.13
CA ILE C 3020 127.20 18.13 29.43
C ILE C 3020 127.86 18.99 28.36
N SER C 3021 128.96 18.52 27.77
CA SER C 3021 129.55 19.23 26.64
C SER C 3021 128.61 19.17 25.43
N LEU C 3022 128.01 18.01 25.17
CA LEU C 3022 127.02 17.91 24.10
C LEU C 3022 125.77 18.75 24.39
N PHE C 3023 125.41 18.89 25.67
CA PHE C 3023 124.27 19.71 26.04
C PHE C 3023 124.57 21.19 25.90
N GLY C 3024 125.80 21.60 26.22
CA GLY C 3024 126.21 22.97 25.95
C GLY C 3024 126.28 23.27 24.48
N ASN C 3025 126.59 22.25 23.67
CA ASN C 3025 126.44 22.39 22.22
C ASN C 3025 124.99 22.58 21.83
N ASP C 3026 124.09 21.77 22.39
CA ASP C 3026 122.68 21.83 22.05
C ASP C 3026 121.92 22.96 22.75
N ALA C 3027 122.59 23.73 23.62
CA ALA C 3027 121.94 24.78 24.39
C ALA C 3027 122.18 26.16 23.79
N THR C 3028 123.43 26.57 23.69
CA THR C 3028 123.78 27.88 23.16
C THR C 3028 125.14 27.82 22.48
N LEU C 3034 136.09 27.10 19.80
CA LEU C 3034 135.97 28.01 20.93
C LEU C 3034 137.10 27.76 21.92
N HIS C 3035 137.37 28.76 22.77
CA HIS C 3035 138.31 28.56 23.87
C HIS C 3035 137.75 27.58 24.89
N ILE C 3036 136.44 27.55 25.07
CA ILE C 3036 135.82 26.49 25.86
C ILE C 3036 135.89 25.17 25.11
N LEU C 3037 135.82 25.20 23.78
CA LEU C 3037 136.00 23.98 23.00
C LEU C 3037 137.45 23.49 23.07
N GLY C 3038 138.41 24.42 23.10
CA GLY C 3038 139.79 24.03 23.27
C GLY C 3038 140.09 23.51 24.67
N GLN C 3039 139.44 24.10 25.68
CA GLN C 3039 139.53 23.55 27.02
C GLN C 3039 138.87 22.19 27.12
N THR C 3040 137.81 21.96 26.34
CA THR C 3040 137.20 20.64 26.28
C THR C 3040 138.13 19.65 25.59
N LEU C 3041 138.87 20.09 24.58
CA LEU C 3041 139.83 19.21 23.91
C LEU C 3041 141.00 18.88 24.83
N ASP C 3042 141.46 19.87 25.61
CA ASP C 3042 142.52 19.61 26.58
C ASP C 3042 142.04 18.73 27.72
N ALA C 3043 140.78 18.89 28.14
CA ALA C 3043 140.20 17.97 29.13
C ALA C 3043 140.04 16.57 28.56
N ARG C 3044 139.77 16.46 27.26
CA ARG C 3044 139.71 15.15 26.61
C ARG C 3044 141.08 14.50 26.57
N THR C 3045 142.12 15.29 26.31
CA THR C 3045 143.48 14.76 26.34
C THR C 3045 143.89 14.36 27.75
N VAL C 3046 143.46 15.12 28.76
CA VAL C 3046 143.81 14.80 30.14
C VAL C 3046 143.04 13.58 30.63
N MET C 3047 141.77 13.46 30.24
CA MET C 3047 140.98 12.27 30.56
C MET C 3047 141.48 11.06 29.81
N LYS C 3048 142.07 11.27 28.63
CA LYS C 3048 142.71 10.18 27.92
C LYS C 3048 143.99 9.72 28.61
N THR C 3049 144.79 10.68 29.10
CA THR C 3049 146.03 10.35 29.78
C THR C 3049 145.78 9.68 31.12
N GLY C 3050 144.74 10.10 31.84
CA GLY C 3050 144.36 9.40 33.05
C GLY C 3050 143.55 8.14 32.83
N LEU C 3051 142.90 8.02 31.68
CA LEU C 3051 142.05 6.88 31.37
C LEU C 3051 142.78 5.77 30.63
N GLU C 3052 144.08 5.94 30.39
CA GLU C 3052 144.86 4.91 29.69
C GLU C 3052 145.28 3.77 30.60
N SER C 3053 144.94 3.82 31.90
CA SER C 3053 145.33 2.75 32.81
C SER C 3053 144.53 1.48 32.56
N VAL C 3054 143.24 1.61 32.22
CA VAL C 3054 142.37 0.47 32.00
C VAL C 3054 141.87 0.41 30.55
N LYS C 3055 142.48 1.18 29.66
CA LYS C 3055 142.07 1.18 28.26
C LYS C 3055 143.16 0.60 27.37
N PHE C 3061 129.35 -0.41 35.76
CA PHE C 3061 130.73 -0.17 36.14
C PHE C 3061 131.64 -0.21 34.91
N LEU C 3062 131.08 0.15 33.75
CA LEU C 3062 131.83 0.25 32.51
C LEU C 3062 131.51 1.55 31.79
N ASP C 3063 131.21 2.61 32.55
CA ASP C 3063 130.75 3.87 31.98
C ASP C 3063 131.84 4.66 31.28
N ASN C 3064 133.10 4.23 31.37
CA ASN C 3064 134.16 4.78 30.53
C ASN C 3064 134.31 4.00 29.24
N ALA C 3065 134.15 2.67 29.30
CA ALA C 3065 134.24 1.85 28.10
C ALA C 3065 132.97 1.93 27.28
N ALA C 3066 131.80 2.06 27.93
CA ALA C 3066 130.56 2.23 27.19
C ALA C 3066 130.47 3.63 26.57
N GLU C 3067 131.19 4.60 27.13
CA GLU C 3067 131.31 5.92 26.54
C GLU C 3067 132.62 6.09 25.77
N ASP C 3068 133.32 5.00 25.49
CA ASP C 3068 134.53 5.06 24.68
C ASP C 3068 134.20 5.06 23.18
N LEU C 3069 133.24 4.24 22.76
CA LEU C 3069 132.84 4.23 21.35
C LEU C 3069 132.02 5.45 20.99
N GLU C 3070 131.22 5.96 21.95
CA GLU C 3070 130.47 7.19 21.77
C GLU C 3070 131.32 8.44 21.94
N LYS C 3071 132.57 8.29 22.38
CA LYS C 3071 133.47 9.43 22.51
C LYS C 3071 133.82 10.02 21.16
N THR C 3072 133.81 9.21 20.10
CA THR C 3072 133.99 9.74 18.75
C THR C 3072 132.79 10.60 18.34
N MET C 3073 131.58 10.19 18.73
CA MET C 3073 130.39 10.98 18.43
C MET C 3073 130.38 12.28 19.23
N GLU C 3074 130.81 12.23 20.49
CA GLU C 3074 130.88 13.46 21.29
C GLU C 3074 132.00 14.38 20.82
N ASN C 3075 133.10 13.83 20.32
CA ASN C 3075 134.15 14.65 19.73
C ASN C 3075 133.70 15.25 18.40
N LEU C 3076 132.89 14.53 17.64
CA LEU C 3076 132.28 15.11 16.45
C LEU C 3076 131.29 16.20 16.82
N LYS C 3077 130.61 16.05 17.96
CA LYS C 3077 129.74 17.10 18.47
C LYS C 3077 130.56 18.31 18.91
N GLN C 3078 131.73 18.07 19.52
CA GLN C 3078 132.61 19.17 19.92
C GLN C 3078 133.22 19.85 18.70
N GLY C 3079 133.43 19.11 17.61
CA GLY C 3079 133.90 19.73 16.38
C GLY C 3079 132.81 20.49 15.65
N GLN C 3080 131.57 19.98 15.70
CA GLN C 3080 130.45 20.68 15.08
C GLN C 3080 130.05 21.92 15.87
N PHE C 3081 130.22 21.89 17.20
CA PHE C 3081 129.96 23.08 18.00
C PHE C 3081 131.06 24.12 17.82
N THR C 3082 132.27 23.67 17.47
CA THR C 3082 133.35 24.58 17.19
C THR C 3082 133.26 25.05 15.75
N THR C 3098 144.89 24.86 22.76
CA THR C 3098 145.52 25.93 22.01
C THR C 3098 146.41 25.39 20.89
N THR C 3099 147.72 25.41 21.10
CA THR C 3099 148.69 24.93 20.12
C THR C 3099 149.08 23.48 20.38
N VAL C 3100 148.19 22.68 20.94
CA VAL C 3100 148.49 21.28 21.26
C VAL C 3100 147.56 20.37 20.49
N ALA C 3101 147.22 20.75 19.26
CA ALA C 3101 146.27 19.99 18.46
C ALA C 3101 146.88 18.73 17.82
N LEU C 3102 148.23 18.63 17.78
CA LEU C 3102 148.87 17.50 17.12
C LEU C 3102 148.64 16.20 17.89
N LEU C 3103 148.93 16.20 19.19
CA LEU C 3103 148.64 15.06 20.05
C LEU C 3103 147.14 14.94 20.28
N PRO C 3104 146.38 16.04 20.21
CA PRO C 3104 144.91 15.93 20.30
C PRO C 3104 144.29 15.28 19.09
N MET C 3105 144.99 15.23 17.96
CA MET C 3105 144.55 14.43 16.82
C MET C 3105 144.68 12.93 17.07
N LEU C 3106 145.41 12.52 18.11
CA LEU C 3106 145.52 11.11 18.49
C LEU C 3106 145.34 10.90 19.99
N SER C 3107 144.60 11.79 20.65
CA SER C 3107 144.28 11.63 22.07
C SER C 3107 143.54 10.33 22.37
N SER C 3108 142.65 9.90 21.47
CA SER C 3108 141.97 8.62 21.66
C SER C 3108 142.95 7.45 21.56
N LEU C 3109 143.97 7.59 20.71
CA LEU C 3109 145.03 6.60 20.66
C LEU C 3109 145.93 6.66 21.89
N PHE C 3110 146.12 7.86 22.45
CA PHE C 3110 146.87 7.98 23.69
C PHE C 3110 146.13 7.34 24.86
N GLU C 3111 144.80 7.33 24.80
CA GLU C 3111 144.00 6.60 25.77
C GLU C 3111 144.07 5.09 25.54
N HIS C 3112 143.92 4.65 24.30
CA HIS C 3112 143.74 3.23 24.00
C HIS C 3112 144.91 2.63 23.20
N ILE C 3113 146.14 3.05 23.49
CA ILE C 3113 147.30 2.39 22.88
C ILE C 3113 147.46 0.96 23.37
N GLY C 3114 147.06 0.68 24.62
CA GLY C 3114 147.07 -0.69 25.10
C GLY C 3114 146.04 -1.56 24.42
N GLN C 3115 144.91 -0.96 24.02
CA GLN C 3115 143.94 -1.70 23.22
C GLN C 3115 144.39 -1.84 21.77
N HIS C 3116 145.12 -0.84 21.27
CA HIS C 3116 145.69 -0.92 19.92
C HIS C 3116 146.84 -1.92 19.86
N GLN C 3117 147.42 -2.26 21.01
CA GLN C 3117 148.43 -3.30 21.10
C GLN C 3117 147.81 -4.70 21.15
N PHE C 3118 146.49 -4.81 21.17
CA PHE C 3118 145.82 -6.11 21.17
C PHE C 3118 144.63 -6.12 20.20
N LEU C 3124 138.38 -5.08 23.74
CA LEU C 3124 138.97 -5.78 22.60
C LEU C 3124 138.65 -5.07 21.30
N GLU C 3125 137.48 -4.42 21.26
CA GLU C 3125 137.04 -3.69 20.07
C GLU C 3125 137.46 -2.23 20.09
N ASP C 3126 138.56 -1.90 20.76
CA ASP C 3126 139.05 -0.52 20.85
C ASP C 3126 140.39 -0.33 20.15
N VAL C 3127 140.60 -1.03 19.04
CA VAL C 3127 141.82 -0.90 18.25
C VAL C 3127 141.52 -0.46 16.82
N GLN C 3128 140.55 -1.10 16.17
CA GLN C 3128 140.22 -0.78 14.79
C GLN C 3128 139.41 0.51 14.69
N VAL C 3129 138.36 0.64 15.51
CA VAL C 3129 137.55 1.86 15.52
C VAL C 3129 138.28 3.02 16.19
N SER C 3130 139.34 2.73 16.95
CA SER C 3130 140.13 3.79 17.56
C SER C 3130 140.90 4.58 16.51
N CYS C 3131 141.45 3.88 15.51
CA CYS C 3131 142.08 4.57 14.40
C CYS C 3131 141.04 5.23 13.49
N TYR C 3132 139.82 4.70 13.48
CA TYR C 3132 138.74 5.23 12.66
C TYR C 3132 138.05 6.43 13.30
N ARG C 3133 138.39 6.78 14.53
CA ARG C 3133 137.76 7.91 15.19
C ARG C 3133 138.28 9.26 14.67
N ILE C 3134 139.40 9.25 13.93
CA ILE C 3134 139.92 10.48 13.34
C ILE C 3134 139.44 10.68 11.91
N LEU C 3135 138.53 9.83 11.41
CA LEU C 3135 138.06 9.96 10.04
C LEU C 3135 137.09 11.13 9.90
N THR C 3136 136.07 11.18 10.75
CA THR C 3136 135.10 12.26 10.76
C THR C 3136 135.47 13.37 11.75
N SER C 3137 136.76 13.53 12.04
CA SER C 3137 137.19 14.52 13.02
C SER C 3137 138.34 15.38 12.50
N LEU C 3138 139.16 14.83 11.59
CA LEU C 3138 140.35 15.53 11.13
C LEU C 3138 139.99 16.73 10.26
N TYR C 3139 139.16 16.52 9.25
CA TYR C 3139 138.68 17.64 8.44
C TYR C 3139 137.74 18.55 9.22
N ALA C 3140 137.09 18.02 10.26
CA ALA C 3140 136.22 18.85 11.10
C ALA C 3140 137.02 19.81 11.95
N LEU C 3141 138.19 19.38 12.46
CA LEU C 3141 139.05 20.28 13.23
C LEU C 3141 139.95 21.13 12.34
N GLY C 3142 140.17 20.71 11.09
CA GLY C 3142 140.95 21.51 10.17
C GLY C 3142 140.15 22.57 9.44
N THR C 3143 138.86 22.33 9.21
CA THR C 3143 138.01 23.27 8.50
C THR C 3143 137.27 24.24 9.42
N SER C 3144 137.26 23.98 10.72
CA SER C 3144 136.58 24.86 11.67
C SER C 3144 137.38 26.14 11.89
N VAL C 3149 150.46 18.10 11.17
CA VAL C 3149 151.33 18.05 10.00
C VAL C 3149 152.01 16.68 9.90
N GLU C 3150 153.21 16.60 10.47
CA GLU C 3150 153.92 15.32 10.51
C GLU C 3150 153.47 14.43 11.66
N ARG C 3151 152.97 15.02 12.75
CA ARG C 3151 152.68 14.26 13.96
C ARG C 3151 151.48 13.34 13.78
N GLN C 3152 150.50 13.73 12.98
CA GLN C 3152 149.33 12.87 12.75
C GLN C 3152 149.50 12.01 11.51
N ARG C 3153 150.19 12.52 10.48
CA ARG C 3153 150.44 11.74 9.27
C ARG C 3153 151.37 10.56 9.54
N SER C 3154 152.43 10.79 10.33
CA SER C 3154 153.32 9.69 10.68
C SER C 3154 152.64 8.69 11.61
N ALA C 3155 151.74 9.17 12.48
CA ALA C 3155 151.00 8.28 13.37
C ALA C 3155 150.05 7.38 12.58
N LEU C 3156 149.31 7.97 11.63
CA LEU C 3156 148.43 7.17 10.78
C LEU C 3156 149.22 6.29 9.82
N GLY C 3157 150.46 6.66 9.49
CA GLY C 3157 151.27 5.82 8.63
C GLY C 3157 151.98 4.67 9.33
N GLU C 3158 152.24 4.79 10.63
CA GLU C 3158 152.95 3.76 11.37
C GLU C 3158 152.06 2.97 12.32
N CYS C 3159 151.37 3.63 13.25
CA CYS C 3159 150.71 2.90 14.34
C CYS C 3159 149.42 2.22 13.89
N LEU C 3160 148.64 2.89 13.04
CA LEU C 3160 147.41 2.28 12.53
C LEU C 3160 147.70 1.13 11.57
N ALA C 3161 148.84 1.18 10.88
CA ALA C 3161 149.28 0.04 10.08
C ALA C 3161 149.84 -1.06 10.95
N ALA C 3162 150.41 -0.71 12.11
CA ALA C 3162 150.86 -1.72 13.07
C ALA C 3162 149.68 -2.43 13.72
N PHE C 3163 148.56 -1.73 13.91
CA PHE C 3163 147.37 -2.34 14.50
C PHE C 3163 146.52 -3.08 13.48
N ALA C 3164 146.74 -2.87 12.19
CA ALA C 3164 145.97 -3.52 11.14
C ALA C 3164 146.59 -4.82 10.65
N GLY C 3165 147.46 -5.44 11.45
CA GLY C 3165 148.07 -6.69 11.08
C GLY C 3165 147.66 -7.84 11.98
N ALA C 3166 146.51 -7.70 12.62
CA ALA C 3166 146.02 -8.72 13.55
C ALA C 3166 145.52 -9.95 12.80
N ALA C 3170 137.99 -5.05 10.29
CA ALA C 3170 138.85 -4.45 11.30
C ALA C 3170 139.96 -3.64 10.65
N PHE C 3171 140.67 -4.24 9.71
CA PHE C 3171 141.73 -3.53 8.99
C PHE C 3171 141.19 -2.54 7.97
N LEU C 3172 139.91 -2.64 7.61
CA LEU C 3172 139.32 -1.68 6.71
C LEU C 3172 139.18 -0.31 7.35
N GLU C 3173 139.03 -0.24 8.66
CA GLU C 3173 139.00 1.05 9.35
C GLU C 3173 140.37 1.72 9.32
N THR C 3174 141.44 0.95 9.50
CA THR C 3174 142.78 1.50 9.38
C THR C 3174 143.24 1.65 7.94
N HIS C 3175 142.48 1.13 6.98
CA HIS C 3175 142.79 1.32 5.57
C HIS C 3175 141.97 2.42 4.92
N LEU C 3176 140.82 2.78 5.48
CA LEU C 3176 139.97 3.82 4.92
C LEU C 3176 139.65 4.92 5.93
N ASP C 3177 140.33 4.96 7.07
CA ASP C 3177 140.11 6.03 8.04
C ASP C 3177 140.74 7.35 7.61
N LYS C 3178 141.67 7.30 6.65
CA LYS C 3178 142.33 8.50 6.14
C LYS C 3178 141.57 9.13 4.97
N HIS C 3179 140.25 8.88 4.89
CA HIS C 3179 139.45 9.49 3.82
C HIS C 3179 139.34 11.00 4.02
N ASN C 3180 139.24 11.45 5.27
CA ASN C 3180 139.40 12.85 5.59
C ASN C 3180 140.56 13.07 6.55
N ILE C 3181 141.40 12.05 6.74
CA ILE C 3181 142.52 12.11 7.68
C ILE C 3181 143.81 11.68 6.99
N TYR C 3182 143.93 11.96 5.69
CA TYR C 3182 145.10 11.53 4.93
C TYR C 3182 146.38 12.26 5.33
N SER C 3183 146.27 13.42 5.98
CA SER C 3183 147.44 14.14 6.46
C SER C 3183 147.68 13.87 7.94
N TYR C 3610 100.35 -24.66 19.52
CA TYR C 3610 99.19 -24.28 20.31
C TYR C 3610 98.65 -25.43 21.13
N ASN C 3611 98.14 -26.45 20.44
CA ASN C 3611 97.24 -27.43 21.02
C ASN C 3611 98.06 -28.45 21.82
N LEU C 3612 98.56 -28.01 22.95
CA LEU C 3612 99.51 -28.80 23.71
C LEU C 3612 98.97 -29.85 24.70
N PRO C 3613 98.03 -29.55 25.61
CA PRO C 3613 97.74 -30.54 26.67
C PRO C 3613 96.95 -31.72 26.13
N ARG C 3614 97.34 -32.90 26.59
CA ARG C 3614 96.95 -34.14 25.92
C ARG C 3614 95.47 -34.42 26.12
N HIS C 3615 95.07 -34.61 27.36
CA HIS C 3615 93.69 -34.89 27.73
C HIS C 3615 92.75 -33.81 27.26
N ARG C 3616 93.21 -32.56 27.31
CA ARG C 3616 92.52 -31.43 26.73
C ARG C 3616 92.20 -31.69 25.26
N ALA C 3617 93.23 -32.05 24.51
CA ALA C 3617 93.08 -32.32 23.09
C ALA C 3617 92.18 -33.52 22.87
N VAL C 3618 92.21 -34.48 23.78
CA VAL C 3618 91.40 -35.67 23.64
C VAL C 3618 89.93 -35.33 23.77
N ASN C 3619 89.60 -34.52 24.78
CA ASN C 3619 88.22 -34.11 25.02
C ASN C 3619 87.69 -33.29 23.84
N LEU C 3620 88.51 -32.34 23.38
CA LEU C 3620 88.11 -31.52 22.25
C LEU C 3620 87.96 -32.36 21.00
N PHE C 3621 88.83 -33.36 20.85
CA PHE C 3621 88.79 -34.26 19.72
C PHE C 3621 87.50 -35.05 19.71
N LEU C 3622 87.14 -35.62 20.84
CA LEU C 3622 86.02 -36.54 20.83
C LEU C 3622 84.72 -35.77 20.67
N GLN C 3623 84.68 -34.55 21.20
CA GLN C 3623 83.59 -33.65 20.88
C GLN C 3623 83.51 -33.40 19.38
N GLY C 3624 84.65 -33.13 18.76
CA GLY C 3624 84.66 -32.95 17.33
C GLY C 3624 84.25 -34.21 16.59
N TYR C 3625 84.56 -35.36 17.16
CA TYR C 3625 84.26 -36.59 16.46
C TYR C 3625 82.79 -36.90 16.49
N GLU C 3626 82.17 -36.74 17.66
CA GLU C 3626 80.74 -36.96 17.74
C GLU C 3626 79.99 -35.93 16.90
N LYS C 3627 80.58 -34.76 16.75
CA LYS C 3627 79.98 -33.85 15.79
C LYS C 3627 80.21 -34.31 14.37
N SER C 3628 81.30 -35.00 14.10
CA SER C 3628 81.75 -35.13 12.73
C SER C 3628 81.09 -36.26 11.97
N TRP C 3629 81.43 -37.49 12.31
CA TRP C 3629 81.19 -38.61 11.43
C TRP C 3629 80.13 -39.51 12.00
N ILE C 3630 79.24 -38.92 12.77
CA ILE C 3630 78.27 -39.65 13.56
C ILE C 3630 76.86 -39.41 13.07
N GLU C 3631 76.56 -38.18 12.72
CA GLU C 3631 75.24 -37.79 12.25
C GLU C 3631 75.11 -38.30 10.82
N THR C 3632 74.82 -39.59 10.73
CA THR C 3632 75.02 -40.36 9.51
C THR C 3632 73.74 -41.09 9.13
N GLU C 3633 73.84 -42.00 8.16
CA GLU C 3633 72.68 -42.72 7.65
C GLU C 3633 72.75 -44.17 8.08
N GLU C 3634 71.68 -44.63 8.72
CA GLU C 3634 71.44 -46.03 9.00
C GLU C 3634 69.98 -46.35 8.81
N HIS C 3635 69.21 -45.40 8.30
CA HIS C 3635 67.82 -45.17 8.64
C HIS C 3635 66.89 -45.66 7.57
N TYR C 3636 67.19 -46.81 7.01
CA TYR C 3636 66.27 -47.46 6.12
C TYR C 3636 65.40 -48.48 6.85
N PHE C 3637 65.64 -48.67 8.14
CA PHE C 3637 65.19 -49.85 8.88
C PHE C 3637 63.76 -49.76 9.37
N GLU C 3638 63.16 -48.60 9.27
CA GLU C 3638 62.04 -48.30 10.13
C GLU C 3638 60.75 -48.89 9.61
N ASP C 3639 60.55 -48.84 8.30
CA ASP C 3639 59.26 -49.21 7.76
C ASP C 3639 59.10 -50.72 7.75
N LYS C 3640 60.18 -51.42 7.46
CA LYS C 3640 60.16 -52.87 7.63
C LYS C 3640 60.02 -53.23 9.09
N LEU C 3641 60.54 -52.42 10.00
CA LEU C 3641 60.36 -52.67 11.42
C LEU C 3641 58.91 -52.52 11.80
N ILE C 3642 58.25 -51.54 11.22
CA ILE C 3642 56.82 -51.34 11.42
C ILE C 3642 56.08 -52.57 10.97
N GLU C 3643 56.36 -53.00 9.76
CA GLU C 3643 55.60 -54.11 9.22
C GLU C 3643 56.01 -55.44 9.84
N ASP C 3644 57.18 -55.48 10.46
CA ASP C 3644 57.52 -56.56 11.37
C ASP C 3644 56.53 -56.56 12.52
N LEU C 3645 56.39 -55.42 13.18
CA LEU C 3645 55.46 -55.38 14.29
C LEU C 3645 54.02 -55.36 13.83
N ALA C 3646 53.78 -55.13 12.55
CA ALA C 3646 52.45 -55.31 11.98
C ALA C 3646 52.23 -56.77 11.60
N LYS C 3647 52.24 -57.61 12.62
CA LYS C 3647 52.08 -59.04 12.42
C LYS C 3647 51.53 -59.65 13.69
N PRO C 3648 50.28 -60.12 13.68
CA PRO C 3648 49.63 -60.63 14.89
C PRO C 3648 50.13 -61.99 15.36
N ARG C 3661 43.71 -61.70 19.49
CA ARG C 3661 44.99 -61.03 19.59
C ARG C 3661 44.91 -59.64 18.97
N VAL C 3662 45.71 -58.72 19.50
CA VAL C 3662 45.78 -57.34 19.02
C VAL C 3662 47.21 -57.06 18.61
N ASP C 3663 47.39 -56.13 17.69
CA ASP C 3663 48.71 -55.89 17.13
C ASP C 3663 49.62 -55.18 18.13
N PRO C 3664 50.92 -55.51 18.12
CA PRO C 3664 51.89 -54.74 18.90
C PRO C 3664 51.85 -53.25 18.69
N LEU C 3665 51.79 -52.82 17.45
CA LEU C 3665 51.69 -51.39 17.19
C LEU C 3665 50.39 -50.86 17.72
N HIS C 3666 49.33 -51.65 17.59
CA HIS C 3666 48.05 -51.26 18.15
C HIS C 3666 48.15 -51.14 19.66
N GLN C 3667 48.92 -52.04 20.28
CA GLN C 3667 49.16 -51.95 21.72
C GLN C 3667 49.87 -50.66 22.08
N LEU C 3668 50.90 -50.30 21.30
CA LEU C 3668 51.64 -49.08 21.59
C LEU C 3668 50.77 -47.85 21.42
N ILE C 3669 49.93 -47.88 20.39
CA ILE C 3669 49.06 -46.77 20.11
C ILE C 3669 48.06 -46.57 21.23
N LEU C 3670 47.43 -47.66 21.66
CA LEU C 3670 46.44 -47.53 22.70
C LEU C 3670 47.08 -47.14 24.02
N LEU C 3671 48.30 -47.62 24.25
CA LEU C 3671 49.10 -47.18 25.38
C LEU C 3671 49.26 -45.67 25.37
N PHE C 3672 49.62 -45.13 24.22
CA PHE C 3672 49.84 -43.70 24.15
C PHE C 3672 48.56 -42.91 24.27
N SER C 3673 47.45 -43.48 23.84
CA SER C 3673 46.19 -42.78 23.98
C SER C 3673 45.79 -42.71 25.45
N ARG C 3674 45.91 -43.84 26.14
CA ARG C 3674 45.58 -43.86 27.55
C ARG C 3674 46.56 -43.01 28.35
N THR C 3675 47.78 -42.90 27.86
CA THR C 3675 48.71 -41.92 28.41
C THR C 3675 48.16 -40.52 28.21
N ALA C 3676 47.66 -40.25 27.01
CA ALA C 3676 47.07 -38.96 26.74
C ALA C 3676 45.74 -38.79 27.43
N LEU C 3677 45.08 -39.88 27.78
CA LEU C 3677 43.80 -39.74 28.44
C LEU C 3677 43.92 -39.42 29.91
N THR C 3678 45.11 -39.42 30.46
CA THR C 3678 45.30 -38.98 31.82
C THR C 3678 45.09 -37.48 31.92
N GLU C 3679 44.80 -37.02 33.12
CA GLU C 3679 44.50 -35.61 33.36
C GLU C 3679 45.60 -35.03 34.21
N LYS C 3680 46.47 -34.25 33.56
CA LYS C 3680 47.71 -33.82 34.15
C LYS C 3680 47.87 -32.31 34.21
N CYS C 3681 47.02 -31.56 33.49
CA CYS C 3681 47.12 -30.13 33.17
C CYS C 3681 48.53 -29.68 32.83
N LYS C 3682 49.26 -30.54 32.12
CA LYS C 3682 50.68 -30.39 31.80
C LYS C 3682 51.04 -31.55 30.91
N LEU C 3683 51.97 -31.33 29.99
CA LEU C 3683 52.45 -32.39 29.13
C LEU C 3683 53.93 -32.61 29.34
N GLU C 3684 54.30 -33.86 29.52
CA GLU C 3684 55.62 -34.25 29.95
C GLU C 3684 56.48 -34.43 28.72
N GLU C 3685 57.63 -35.08 28.87
CA GLU C 3685 58.44 -35.29 27.68
C GLU C 3685 58.22 -36.68 27.09
N ASP C 3686 58.62 -37.70 27.83
CA ASP C 3686 58.51 -39.10 27.46
C ASP C 3686 59.12 -39.35 26.08
N PHE C 3687 60.43 -39.17 26.03
CA PHE C 3687 61.16 -39.02 24.77
C PHE C 3687 61.01 -40.21 23.83
N LEU C 3688 60.64 -41.37 24.37
CA LEU C 3688 60.29 -42.50 23.52
C LEU C 3688 59.07 -42.21 22.68
N TYR C 3689 58.13 -41.40 23.20
CA TYR C 3689 56.96 -41.08 22.41
C TYR C 3689 57.34 -40.27 21.19
N MET C 3690 58.24 -39.31 21.40
CA MET C 3690 58.80 -38.54 20.31
C MET C 3690 59.50 -39.44 19.31
N ALA C 3691 60.28 -40.40 19.82
CA ALA C 3691 61.03 -41.29 18.95
C ALA C 3691 60.12 -42.14 18.08
N TYR C 3692 59.15 -42.79 18.70
CA TYR C 3692 58.30 -43.71 17.97
C TYR C 3692 57.35 -42.97 17.04
N ALA C 3693 56.93 -41.77 17.44
CA ALA C 3693 56.15 -40.94 16.56
C ALA C 3693 56.96 -40.54 15.34
N ASP C 3694 58.24 -40.24 15.54
CA ASP C 3694 59.09 -39.94 14.41
C ASP C 3694 59.27 -41.14 13.50
N ILE C 3695 59.35 -42.32 14.07
CA ILE C 3695 59.53 -43.52 13.26
C ILE C 3695 58.30 -43.78 12.43
N MET C 3696 57.13 -43.61 13.03
CA MET C 3696 55.91 -43.72 12.26
C MET C 3696 55.76 -42.57 11.28
N ALA C 3697 56.42 -41.45 11.51
CA ALA C 3697 56.50 -40.45 10.48
C ALA C 3697 57.42 -40.91 9.36
N LYS C 3698 58.44 -41.68 9.70
CA LYS C 3698 59.32 -42.24 8.70
C LYS C 3698 58.67 -43.35 7.92
N SER C 3699 57.52 -43.85 8.38
CA SER C 3699 56.78 -44.85 7.66
C SER C 3699 56.22 -44.37 6.31
N CYS C 3700 56.29 -43.08 6.01
CA CYS C 3700 55.86 -42.59 4.71
C CYS C 3700 56.95 -41.77 4.04
N SER C 3714 55.50 -40.33 -15.76
CA SER C 3714 55.42 -41.60 -15.06
C SER C 3714 54.09 -41.72 -14.36
N PHE C 3715 53.02 -41.49 -15.11
CA PHE C 3715 51.68 -41.41 -14.54
C PHE C 3715 51.26 -42.73 -13.91
N GLU C 3716 51.52 -43.83 -14.60
CA GLU C 3716 51.31 -45.15 -14.04
C GLU C 3716 52.11 -45.34 -12.77
N GLU C 3717 53.36 -44.89 -12.80
CA GLU C 3717 54.18 -44.95 -11.61
C GLU C 3717 53.68 -44.00 -10.54
N LYS C 3718 53.12 -42.87 -10.95
CA LYS C 3718 52.54 -41.95 -9.97
C LYS C 3718 51.38 -42.59 -9.23
N GLU C 3719 50.58 -43.37 -9.94
CA GLU C 3719 49.47 -44.03 -9.28
C GLU C 3719 49.95 -45.19 -8.44
N MET C 3720 51.03 -45.83 -8.86
CA MET C 3720 51.63 -46.90 -8.08
C MET C 3720 52.15 -46.38 -6.75
N GLU C 3721 52.85 -45.25 -6.80
CA GLU C 3721 53.38 -44.62 -5.61
C GLU C 3721 52.26 -44.13 -4.71
N LYS C 3722 51.20 -43.59 -5.32
CA LYS C 3722 49.99 -43.25 -4.60
C LYS C 3722 49.43 -44.44 -3.87
N GLN C 3723 49.41 -45.58 -4.53
CA GLN C 3723 48.85 -46.78 -3.95
C GLN C 3723 49.67 -47.24 -2.75
N LYS C 3724 50.99 -47.23 -2.90
CA LYS C 3724 51.85 -47.67 -1.81
C LYS C 3724 51.76 -46.74 -0.62
N LEU C 3725 51.67 -45.44 -0.89
CA LEU C 3725 51.54 -44.49 0.20
C LEU C 3725 50.22 -44.66 0.91
N LEU C 3726 49.16 -44.94 0.16
CA LEU C 3726 47.87 -45.16 0.78
C LEU C 3726 47.88 -46.44 1.59
N TYR C 3727 48.63 -47.42 1.14
CA TYR C 3727 48.78 -48.65 1.90
C TYR C 3727 49.49 -48.39 3.21
N GLN C 3728 50.50 -47.52 3.18
CA GLN C 3728 51.21 -47.17 4.40
C GLN C 3728 50.30 -46.45 5.36
N GLN C 3729 49.51 -45.52 4.84
CA GLN C 3729 48.58 -44.76 5.67
C GLN C 3729 47.52 -45.66 6.26
N ALA C 3730 47.09 -46.65 5.50
CA ALA C 3730 46.15 -47.63 6.01
C ALA C 3730 46.76 -48.40 7.16
N ARG C 3731 47.95 -48.95 6.93
CA ARG C 3731 48.67 -49.76 7.91
C ARG C 3731 48.85 -49.04 9.22
N LEU C 3732 49.08 -47.75 9.15
CA LEU C 3732 49.11 -46.97 10.37
C LEU C 3732 47.71 -46.79 10.93
N HIS C 3733 46.87 -46.06 10.21
CA HIS C 3733 45.75 -45.42 10.86
C HIS C 3733 44.61 -46.36 11.16
N ASP C 3734 44.62 -47.56 10.61
CA ASP C 3734 43.55 -48.47 10.94
C ASP C 3734 43.72 -49.07 12.32
N ARG C 3735 44.83 -48.79 12.98
CA ARG C 3735 44.97 -49.09 14.39
C ARG C 3735 44.56 -47.91 15.24
N GLY C 3736 43.63 -47.09 14.74
CA GLY C 3736 43.12 -45.95 15.46
C GLY C 3736 44.15 -44.89 15.72
N ALA C 3737 45.11 -44.76 14.82
CA ALA C 3737 46.33 -44.04 15.13
C ALA C 3737 46.13 -42.55 15.28
N ALA C 3738 45.15 -41.97 14.61
CA ALA C 3738 45.10 -40.52 14.56
C ALA C 3738 44.31 -39.92 15.71
N GLU C 3739 43.50 -40.73 16.37
CA GLU C 3739 42.70 -40.20 17.45
C GLU C 3739 43.56 -39.82 18.62
N MET C 3740 44.65 -40.56 18.85
CA MET C 3740 45.53 -40.14 19.93
C MET C 3740 46.34 -38.93 19.54
N VAL C 3741 46.59 -38.75 18.23
CA VAL C 3741 47.22 -37.52 17.78
C VAL C 3741 46.33 -36.35 18.12
N LEU C 3742 45.04 -36.49 17.83
CA LEU C 3742 44.08 -35.47 18.15
C LEU C 3742 44.00 -35.26 19.65
N GLN C 3743 44.12 -36.34 20.40
CA GLN C 3743 44.05 -36.27 21.85
C GLN C 3743 45.24 -35.53 22.42
N THR C 3744 46.42 -35.78 21.89
CA THR C 3744 47.61 -35.07 22.33
C THR C 3744 47.50 -33.60 22.01
N ILE C 3745 46.92 -33.27 20.87
CA ILE C 3745 46.82 -31.88 20.50
C ILE C 3745 45.85 -31.16 21.39
N SER C 3746 44.76 -31.83 21.76
CA SER C 3746 43.92 -31.28 22.80
C SER C 3746 44.65 -31.22 24.12
N ALA C 3747 45.58 -32.14 24.34
CA ALA C 3747 46.14 -32.33 25.67
C ALA C 3747 47.09 -31.20 26.00
N SER C 3748 48.03 -30.93 25.13
CA SER C 3748 48.83 -29.73 25.30
C SER C 3748 47.95 -28.55 25.00
N LYS C 3749 47.73 -27.69 26.00
CA LYS C 3749 46.83 -26.56 25.76
C LYS C 3749 47.56 -25.44 25.02
N GLY C 3750 48.44 -24.77 25.71
CA GLY C 3750 49.13 -23.67 25.10
C GLY C 3750 50.59 -24.00 25.13
N GLU C 3751 50.86 -25.17 25.69
CA GLU C 3751 52.23 -25.63 25.81
C GLU C 3751 52.73 -25.98 24.41
N THR C 3752 53.87 -25.42 24.04
CA THR C 3752 54.43 -25.61 22.72
C THR C 3752 55.75 -26.36 22.78
N GLY C 3753 55.77 -27.43 23.56
CA GLY C 3753 56.93 -28.28 23.63
C GLY C 3753 57.14 -29.02 22.33
N PRO C 3754 58.30 -29.63 22.17
CA PRO C 3754 58.57 -30.39 20.95
C PRO C 3754 57.73 -31.63 20.82
N MET C 3755 57.13 -32.06 21.93
CA MET C 3755 56.01 -32.98 21.93
C MET C 3755 54.98 -32.61 20.88
N VAL C 3756 54.57 -31.34 20.87
CA VAL C 3756 53.56 -30.85 19.94
C VAL C 3756 54.06 -30.98 18.52
N ALA C 3757 55.33 -30.67 18.31
CA ALA C 3757 55.90 -30.73 16.98
C ALA C 3757 55.97 -32.15 16.46
N ALA C 3758 56.31 -33.09 17.34
CA ALA C 3758 56.39 -34.48 16.95
C ALA C 3758 55.02 -35.00 16.57
N THR C 3759 54.01 -34.65 17.36
CA THR C 3759 52.64 -35.06 17.06
C THR C 3759 52.18 -34.48 15.73
N LEU C 3760 52.55 -33.23 15.48
CA LEU C 3760 52.13 -32.58 14.26
C LEU C 3760 52.80 -33.20 13.05
N LYS C 3761 54.07 -33.54 13.19
CA LYS C 3761 54.77 -34.19 12.10
C LYS C 3761 54.16 -35.54 11.80
N LEU C 3762 53.72 -36.23 12.83
CA LEU C 3762 53.07 -37.51 12.60
C LEU C 3762 51.74 -37.34 11.89
N GLY C 3763 50.98 -36.32 12.26
CA GLY C 3763 49.70 -36.10 11.61
C GLY C 3763 49.86 -35.72 10.16
N ILE C 3764 50.89 -34.94 9.86
CA ILE C 3764 51.19 -34.63 8.48
C ILE C 3764 51.61 -35.87 7.72
N ALA C 3765 52.40 -36.73 8.37
CA ALA C 3765 52.83 -37.96 7.72
C ALA C 3765 51.66 -38.88 7.45
N ILE C 3766 50.63 -38.77 8.27
CA ILE C 3766 49.39 -39.46 7.95
C ILE C 3766 48.75 -38.85 6.72
N LEU C 3767 48.52 -37.55 6.76
CA LEU C 3767 47.59 -36.97 5.81
C LEU C 3767 48.29 -36.30 4.66
N ASN C 3768 49.52 -36.70 4.37
CA ASN C 3768 50.25 -36.12 3.25
C ASN C 3768 49.53 -36.34 1.94
N GLY C 3769 48.90 -37.49 1.76
CA GLY C 3769 48.00 -37.63 0.63
C GLY C 3769 46.71 -36.89 0.80
N GLY C 3770 46.36 -36.54 2.03
CA GLY C 3770 45.07 -35.96 2.27
C GLY C 3770 44.01 -37.01 2.15
N ASN C 3771 44.14 -38.05 2.95
CA ASN C 3771 43.13 -39.09 2.94
C ASN C 3771 41.83 -38.55 3.51
N SER C 3772 40.77 -38.76 2.74
CA SER C 3772 39.47 -38.32 3.18
C SER C 3772 38.98 -39.12 4.36
N THR C 3773 39.34 -40.41 4.43
CA THR C 3773 38.73 -41.27 5.43
C THR C 3773 39.19 -40.89 6.82
N VAL C 3774 40.46 -40.56 6.95
CA VAL C 3774 40.98 -40.07 8.21
C VAL C 3774 40.30 -38.77 8.58
N GLN C 3775 40.04 -37.92 7.58
CA GLN C 3775 39.31 -36.68 7.83
C GLN C 3775 37.91 -36.96 8.33
N GLN C 3776 37.28 -38.01 7.80
CA GLN C 3776 35.97 -38.40 8.27
C GLN C 3776 36.03 -38.90 9.68
N LYS C 3777 37.02 -39.73 9.98
CA LYS C 3777 37.15 -40.32 11.31
C LYS C 3777 37.39 -39.25 12.35
N MET C 3778 38.17 -38.24 12.00
CA MET C 3778 38.42 -37.14 12.92
C MET C 3778 37.19 -36.27 13.06
N LEU C 3779 36.41 -36.13 11.99
CA LEU C 3779 35.18 -35.38 12.10
C LEU C 3779 34.21 -36.06 13.04
N GLU C 3780 34.08 -37.39 12.90
CA GLU C 3780 33.26 -38.15 13.83
C GLU C 3780 33.79 -38.02 15.24
N TYR C 3781 35.12 -38.08 15.38
CA TYR C 3781 35.75 -38.05 16.68
C TYR C 3781 35.51 -36.73 17.38
N LEU C 3782 35.41 -35.66 16.63
CA LEU C 3782 34.93 -34.46 17.25
C LEU C 3782 33.44 -34.50 17.43
N LYS C 3783 32.74 -35.28 16.64
CA LYS C 3783 31.31 -35.19 16.71
C LYS C 3783 30.72 -35.98 17.87
N GLU C 3784 31.44 -36.93 18.44
CA GLU C 3784 30.84 -37.62 19.58
C GLU C 3784 31.07 -36.83 20.84
N LYS C 3785 32.29 -36.42 21.07
CA LYS C 3785 32.66 -35.81 22.32
C LYS C 3785 32.96 -34.35 22.08
N LYS C 3786 32.55 -33.49 23.01
CA LYS C 3786 32.54 -32.06 22.76
C LYS C 3786 33.85 -31.45 23.23
N ASP C 3787 34.93 -31.86 22.57
CA ASP C 3787 36.28 -31.53 23.02
C ASP C 3787 36.63 -30.15 22.53
N VAL C 3788 35.96 -29.16 23.12
CA VAL C 3788 36.20 -27.79 22.72
C VAL C 3788 37.57 -27.34 23.16
N GLY C 3789 38.09 -27.94 24.23
CA GLY C 3789 39.45 -27.70 24.67
C GLY C 3789 40.49 -28.08 23.65
N PHE C 3790 40.17 -28.99 22.73
CA PHE C 3790 41.03 -29.19 21.59
C PHE C 3790 41.14 -27.92 20.78
N PHE C 3791 40.01 -27.27 20.50
CA PHE C 3791 40.06 -26.04 19.73
C PHE C 3791 40.73 -24.93 20.52
N GLN C 3792 40.55 -24.95 21.83
CA GLN C 3792 41.20 -23.96 22.66
C GLN C 3792 42.69 -24.15 22.63
N SER C 3793 43.10 -25.41 22.63
CA SER C 3793 44.50 -25.74 22.55
C SER C 3793 45.06 -25.32 21.19
N LEU C 3794 44.24 -25.46 20.16
CA LEU C 3794 44.62 -24.97 18.84
C LEU C 3794 44.88 -23.49 18.87
N ALA C 3795 43.96 -22.74 19.48
CA ALA C 3795 44.08 -21.30 19.52
C ALA C 3795 45.31 -20.87 20.30
N GLY C 3796 45.52 -21.49 21.45
CA GLY C 3796 46.67 -21.16 22.26
C GLY C 3796 47.98 -21.52 21.59
N LEU C 3797 47.97 -22.58 20.80
CA LEU C 3797 49.11 -22.83 19.93
C LEU C 3797 49.25 -21.70 18.94
N MET C 3798 48.14 -21.27 18.39
CA MET C 3798 48.13 -20.28 17.34
C MET C 3798 48.46 -18.89 17.84
N GLN C 3799 48.64 -18.72 19.13
CA GLN C 3799 49.05 -17.39 19.54
C GLN C 3799 50.53 -17.19 19.40
N SER C 3800 51.33 -18.21 19.70
CA SER C 3800 52.72 -17.95 20.04
C SER C 3800 53.58 -17.69 18.82
N CYS C 3801 53.93 -18.74 18.09
CA CYS C 3801 54.28 -18.73 16.68
C CYS C 3801 55.48 -17.90 16.22
N SER C 3802 56.06 -17.07 17.11
CA SER C 3802 57.38 -16.45 16.94
C SER C 3802 57.51 -15.69 15.63
N VAL C 3803 56.79 -14.58 15.54
CA VAL C 3803 56.57 -13.90 14.27
C VAL C 3803 57.86 -13.37 13.64
N LEU C 3804 58.48 -12.35 14.25
CA LEU C 3804 59.69 -11.72 13.76
C LEU C 3804 60.16 -10.67 14.76
N ASP C 3805 61.48 -10.45 14.81
CA ASP C 3805 62.00 -9.28 15.50
C ASP C 3805 63.33 -8.83 14.93
N LEU C 3806 63.39 -7.58 14.52
CA LEU C 3806 64.65 -7.05 14.04
C LEU C 3806 65.62 -6.76 15.16
N ASN C 3807 65.10 -6.49 16.35
CA ASN C 3807 65.92 -5.87 17.39
C ASN C 3807 66.93 -6.84 17.94
N ALA C 3808 66.49 -8.02 18.32
CA ALA C 3808 67.45 -9.04 18.74
C ALA C 3808 68.27 -9.50 17.55
N PHE C 3809 67.67 -9.51 16.37
CA PHE C 3809 68.44 -9.74 15.16
C PHE C 3809 69.49 -8.67 14.98
N GLU C 3810 69.14 -7.42 15.28
CA GLU C 3810 70.13 -6.37 15.18
C GLU C 3810 71.16 -6.47 16.29
N ARG C 3811 70.77 -7.01 17.43
CA ARG C 3811 71.72 -7.27 18.49
C ARG C 3811 72.73 -8.32 18.05
N GLN C 3812 72.24 -9.32 17.35
CA GLN C 3812 73.12 -10.29 16.71
C GLN C 3812 74.02 -9.61 15.72
N ASN C 3813 73.47 -8.68 14.95
CA ASN C 3813 74.23 -7.93 13.97
C ASN C 3813 75.31 -7.09 14.61
N LYS C 3814 75.08 -6.63 15.82
CA LYS C 3814 76.16 -5.99 16.54
C LYS C 3814 77.15 -7.05 17.03
N ALA C 3815 76.62 -8.17 17.53
CA ALA C 3815 77.44 -9.15 18.23
C ALA C 3815 78.12 -10.06 17.21
N GLU C 3816 79.00 -9.48 16.44
CA GLU C 3816 79.75 -10.27 15.48
C GLU C 3816 81.24 -10.01 15.52
N GLY C 3817 81.64 -8.76 15.75
CA GLY C 3817 83.04 -8.45 15.90
C GLY C 3817 83.37 -8.19 17.35
N LYS C 3829 71.13 -16.93 16.61
CA LYS C 3829 70.87 -18.36 16.75
C LYS C 3829 69.44 -18.59 17.20
N VAL C 3830 68.93 -17.68 18.02
CA VAL C 3830 67.59 -17.83 18.58
C VAL C 3830 66.52 -17.55 17.53
N LEU C 3831 66.67 -16.47 16.78
CA LEU C 3831 65.72 -16.14 15.74
C LEU C 3831 65.99 -17.03 14.54
N GLN C 3832 65.01 -17.84 14.15
CA GLN C 3832 63.67 -17.86 14.70
C GLN C 3832 63.20 -19.29 14.91
N ASP C 3833 62.33 -19.51 15.87
CA ASP C 3833 61.70 -20.83 16.02
C ASP C 3833 60.33 -20.74 15.38
N ASP C 3834 60.26 -21.08 14.12
CA ASP C 3834 59.05 -20.85 13.37
C ASP C 3834 58.70 -21.97 12.41
N GLU C 3835 59.61 -22.90 12.16
CA GLU C 3835 59.36 -23.99 11.24
C GLU C 3835 58.21 -24.84 11.72
N PHE C 3836 58.16 -25.06 13.03
CA PHE C 3836 57.08 -25.79 13.67
C PHE C 3836 55.72 -25.18 13.36
N THR C 3837 55.67 -23.86 13.28
CA THR C 3837 54.43 -23.20 12.95
C THR C 3837 54.01 -23.46 11.52
N CYS C 3838 54.99 -23.55 10.62
CA CYS C 3838 54.68 -23.92 9.24
C CYS C 3838 54.13 -25.32 9.19
N ASP C 3839 54.69 -26.20 10.02
CA ASP C 3839 54.20 -27.56 10.11
C ASP C 3839 52.77 -27.57 10.59
N LEU C 3840 52.51 -26.76 11.60
CA LEU C 3840 51.17 -26.62 12.15
C LEU C 3840 50.18 -26.17 11.10
N PHE C 3841 50.54 -25.16 10.33
CA PHE C 3841 49.59 -24.62 9.38
C PHE C 3841 49.37 -25.56 8.22
N ARG C 3842 50.45 -26.21 7.78
CA ARG C 3842 50.33 -27.25 6.77
C ARG C 3842 49.38 -28.34 7.24
N PHE C 3843 49.47 -28.68 8.52
CA PHE C 3843 48.59 -29.67 9.08
C PHE C 3843 47.15 -29.20 9.08
N LEU C 3844 46.94 -27.92 9.38
CA LEU C 3844 45.60 -27.37 9.31
C LEU C 3844 45.05 -27.45 7.91
N GLN C 3845 45.89 -27.14 6.94
CA GLN C 3845 45.50 -27.17 5.56
C GLN C 3845 45.16 -28.57 5.10
N LEU C 3846 45.84 -29.55 5.66
CA LEU C 3846 45.53 -30.93 5.38
C LEU C 3846 44.19 -31.35 5.94
N LEU C 3847 43.67 -30.65 6.94
CA LEU C 3847 42.41 -31.07 7.52
C LEU C 3847 41.23 -30.75 6.62
N CYS C 3848 41.41 -29.84 5.69
CA CYS C 3848 40.35 -29.46 4.79
C CYS C 3848 40.70 -29.77 3.34
N GLU C 3849 41.56 -30.76 3.14
CA GLU C 3849 41.88 -31.20 1.80
C GLU C 3849 40.65 -31.79 1.14
N GLY C 3850 40.59 -31.66 -0.18
CA GLY C 3850 39.53 -32.30 -0.93
C GLY C 3850 38.17 -31.73 -0.63
N HIS C 3851 38.11 -30.46 -0.22
CA HIS C 3851 36.88 -29.70 -0.10
C HIS C 3851 35.96 -30.30 0.96
N ASN C 3852 36.55 -30.67 2.10
CA ASN C 3852 35.78 -31.23 3.21
C ASN C 3852 34.90 -30.14 3.81
N SER C 3853 33.77 -29.95 3.15
CA SER C 3853 32.95 -28.78 3.37
C SER C 3853 32.31 -28.82 4.74
N ASP C 3854 31.84 -30.00 5.13
CA ASP C 3854 31.40 -30.24 6.50
C ASP C 3854 32.50 -29.89 7.50
N PHE C 3855 33.72 -30.34 7.21
CA PHE C 3855 34.82 -30.08 8.10
C PHE C 3855 35.18 -28.61 8.10
N GLN C 3856 35.05 -27.96 6.95
CA GLN C 3856 35.33 -26.54 6.88
C GLN C 3856 34.30 -25.75 7.68
N ASN C 3857 33.05 -26.16 7.60
CA ASN C 3857 32.02 -25.48 8.38
C ASN C 3857 32.19 -25.75 9.86
N TYR C 3858 32.64 -26.96 10.21
CA TYR C 3858 32.86 -27.22 11.61
C TYR C 3858 34.11 -26.53 12.11
N LEU C 3859 35.02 -26.20 11.20
CA LEU C 3859 36.16 -25.40 11.60
C LEU C 3859 35.76 -23.96 11.81
N ARG C 3860 34.88 -23.46 10.97
CA ARG C 3860 34.39 -22.10 11.18
C ARG C 3860 33.56 -22.02 12.44
N THR C 3861 32.60 -22.91 12.56
CA THR C 3861 31.51 -22.76 13.51
C THR C 3861 31.72 -23.61 14.75
N GLN C 3862 31.91 -24.92 14.57
CA GLN C 3862 32.08 -25.88 15.66
C GLN C 3862 30.86 -25.86 16.58
N THR C 3863 29.74 -26.21 15.97
CA THR C 3863 28.46 -26.00 16.63
C THR C 3863 28.17 -26.99 17.72
N GLY C 3864 28.69 -28.21 17.60
CA GLY C 3864 28.19 -29.31 18.40
C GLY C 3864 28.50 -29.20 19.87
N ASN C 3865 29.47 -28.39 20.25
CA ASN C 3865 29.86 -28.33 21.65
C ASN C 3865 29.07 -27.22 22.33
N ASN C 3866 29.34 -27.04 23.61
CA ASN C 3866 28.73 -25.92 24.33
C ASN C 3866 29.29 -24.61 23.83
N THR C 3867 30.59 -24.42 23.97
CA THR C 3867 31.23 -23.24 23.44
C THR C 3867 31.99 -23.60 22.17
N THR C 3868 32.55 -22.57 21.54
CA THR C 3868 33.19 -22.73 20.25
C THR C 3868 34.10 -21.54 19.99
N VAL C 3869 34.85 -21.65 18.90
CA VAL C 3869 35.70 -20.59 18.42
C VAL C 3869 35.54 -20.51 16.91
N ASN C 3870 36.05 -19.45 16.31
CA ASN C 3870 36.25 -19.43 14.87
C ASN C 3870 37.73 -19.30 14.59
N ILE C 3871 38.32 -20.43 14.20
CA ILE C 3871 39.75 -20.52 14.00
C ILE C 3871 40.19 -19.75 12.78
N ILE C 3872 39.27 -19.46 11.88
CA ILE C 3872 39.62 -18.75 10.67
C ILE C 3872 39.96 -17.32 11.00
N ILE C 3873 39.26 -16.76 11.96
CA ILE C 3873 39.58 -15.41 12.39
C ILE C 3873 40.94 -15.40 13.04
N SER C 3874 41.27 -16.47 13.76
CA SER C 3874 42.56 -16.57 14.42
C SER C 3874 43.69 -16.59 13.41
N THR C 3875 43.53 -17.34 12.34
CA THR C 3875 44.61 -17.34 11.39
C THR C 3875 44.65 -16.07 10.59
N VAL C 3876 43.51 -15.39 10.43
CA VAL C 3876 43.49 -14.07 9.83
C VAL C 3876 44.34 -13.09 10.62
N ASP C 3877 44.17 -13.08 11.94
CA ASP C 3877 44.93 -12.10 12.68
C ASP C 3877 46.39 -12.53 12.79
N TYR C 3878 46.64 -13.83 12.72
CA TYR C 3878 48.01 -14.27 12.74
C TYR C 3878 48.76 -13.76 11.52
N LEU C 3879 48.15 -13.89 10.35
CA LEU C 3879 48.82 -13.39 9.18
C LEU C 3879 48.86 -11.88 9.16
N LEU C 3880 47.92 -11.22 9.84
CA LEU C 3880 48.04 -9.78 10.02
C LEU C 3880 49.34 -9.43 10.72
N ARG C 3881 49.63 -10.15 11.81
CA ARG C 3881 50.87 -9.90 12.54
C ARG C 3881 52.07 -10.22 11.68
N VAL C 3882 51.95 -11.28 10.89
CA VAL C 3882 53.01 -11.70 9.99
C VAL C 3882 53.30 -10.61 8.98
N GLN C 3883 52.23 -10.06 8.41
CA GLN C 3883 52.32 -8.98 7.45
C GLN C 3883 53.03 -7.78 8.01
N GLU C 3884 52.64 -7.40 9.23
CA GLU C 3884 53.23 -6.23 9.86
C GLU C 3884 54.71 -6.43 10.08
N SER C 3885 55.08 -7.65 10.45
CA SER C 3885 56.48 -7.98 10.65
C SER C 3885 57.26 -7.87 9.36
N ILE C 3886 56.69 -8.36 8.28
CA ILE C 3886 57.42 -8.34 7.02
C ILE C 3886 57.54 -6.92 6.52
N SER C 3887 56.52 -6.11 6.77
CA SER C 3887 56.55 -4.73 6.32
C SER C 3887 57.62 -3.95 7.04
N ASP C 3888 57.77 -4.17 8.35
CA ASP C 3888 58.82 -3.43 9.02
C ASP C 3888 60.19 -3.97 8.67
N PHE C 3889 60.27 -5.25 8.29
CA PHE C 3889 61.52 -5.75 7.74
C PHE C 3889 61.90 -5.00 6.48
N TYR C 3890 60.91 -4.74 5.63
CA TYR C 3890 61.13 -3.88 4.48
C TYR C 3890 61.57 -2.49 4.91
N TRP C 3891 60.92 -1.93 5.94
CA TRP C 3891 61.26 -0.59 6.37
C TRP C 3891 62.68 -0.51 6.87
N TYR C 3892 63.15 -1.56 7.50
CA TYR C 3892 64.56 -1.65 7.84
C TYR C 3892 65.42 -1.64 6.59
N TYR C 3893 65.16 -2.58 5.70
CA TYR C 3893 66.02 -2.72 4.53
C TYR C 3893 65.81 -1.66 3.49
N SER C 3894 64.84 -0.77 3.66
CA SER C 3894 64.47 0.19 2.64
C SER C 3894 65.48 1.30 2.47
N GLY C 3895 66.42 1.44 3.39
CA GLY C 3895 67.39 2.51 3.27
C GLY C 3895 68.75 2.08 2.79
N LYS C 3896 69.26 0.96 3.33
CA LYS C 3896 70.62 0.57 3.00
C LYS C 3896 70.67 -0.11 1.65
N ASP C 3897 69.74 -1.03 1.40
CA ASP C 3897 69.50 -1.68 0.11
C ASP C 3897 70.71 -2.47 -0.38
N VAL C 3898 71.61 -2.83 0.51
CA VAL C 3898 72.70 -3.74 0.20
C VAL C 3898 72.55 -4.89 1.19
N ILE C 3899 71.72 -5.82 0.83
CA ILE C 3899 71.15 -6.74 1.79
C ILE C 3899 72.05 -7.94 1.96
N ASP C 3900 72.42 -8.20 3.20
CA ASP C 3900 73.34 -9.26 3.57
C ASP C 3900 72.73 -10.62 3.34
N GLU C 3901 73.57 -11.64 3.47
CA GLU C 3901 73.14 -13.02 3.37
C GLU C 3901 72.08 -13.36 4.41
N GLN C 3902 72.29 -12.91 5.65
CA GLN C 3902 71.53 -13.37 6.80
C GLN C 3902 70.06 -12.98 6.69
N GLY C 3903 69.80 -11.70 6.45
CA GLY C 3903 68.44 -11.22 6.30
C GLY C 3903 67.74 -11.88 5.13
N GLN C 3904 68.50 -12.19 4.08
CA GLN C 3904 67.96 -12.90 2.95
C GLN C 3904 67.53 -14.31 3.33
N ARG C 3905 68.40 -15.06 4.00
CA ARG C 3905 68.10 -16.47 4.20
C ARG C 3905 67.02 -16.66 5.26
N ASN C 3906 66.98 -15.79 6.26
CA ASN C 3906 65.86 -15.90 7.19
C ASN C 3906 64.60 -15.37 6.55
N PHE C 3907 64.76 -14.39 5.67
CA PHE C 3907 63.62 -13.79 5.05
C PHE C 3907 62.94 -14.76 4.12
N SER C 3908 63.73 -15.63 3.51
CA SER C 3908 63.19 -16.71 2.69
C SER C 3908 62.35 -17.65 3.53
N LYS C 3909 62.76 -17.87 4.77
CA LYS C 3909 61.97 -18.73 5.62
C LYS C 3909 60.67 -18.06 6.00
N ALA C 3910 60.72 -16.75 6.22
CA ALA C 3910 59.50 -15.99 6.48
C ALA C 3910 58.58 -16.03 5.28
N ILE C 3911 59.17 -15.99 4.10
CA ILE C 3911 58.45 -16.15 2.85
C ILE C 3911 57.76 -17.49 2.81
N GLN C 3912 58.44 -18.54 3.28
CA GLN C 3912 57.85 -19.86 3.28
C GLN C 3912 56.66 -19.91 4.22
N VAL C 3913 56.75 -19.18 5.33
CA VAL C 3913 55.61 -19.06 6.23
C VAL C 3913 54.44 -18.42 5.53
N ALA C 3914 54.72 -17.35 4.80
CA ALA C 3914 53.65 -16.64 4.11
C ALA C 3914 53.01 -17.52 3.05
N LYS C 3915 53.85 -18.29 2.37
CA LYS C 3915 53.40 -19.25 1.39
C LYS C 3915 52.48 -20.27 2.02
N GLN C 3916 52.92 -20.82 3.15
CA GLN C 3916 52.16 -21.87 3.80
C GLN C 3916 50.83 -21.36 4.28
N VAL C 3917 50.83 -20.16 4.86
CA VAL C 3917 49.59 -19.67 5.42
C VAL C 3917 48.64 -19.29 4.31
N PHE C 3918 49.16 -18.89 3.15
CA PHE C 3918 48.26 -18.69 2.05
C PHE C 3918 47.71 -20.00 1.52
N ASN C 3919 48.50 -21.06 1.62
CA ASN C 3919 48.00 -22.36 1.20
C ASN C 3919 46.85 -22.81 2.08
N THR C 3920 47.00 -22.58 3.39
CA THR C 3920 45.90 -22.83 4.31
C THR C 3920 44.70 -22.00 3.96
N LEU C 3921 44.94 -20.74 3.64
CA LEU C 3921 43.85 -19.82 3.34
C LEU C 3921 43.08 -20.25 2.12
N THR C 3922 43.81 -20.63 1.09
CA THR C 3922 43.19 -21.13 -0.13
C THR C 3922 42.36 -22.34 0.17
N GLU C 3923 42.92 -23.29 0.91
CA GLU C 3923 42.16 -24.49 1.16
C GLU C 3923 41.06 -24.26 2.17
N TYR C 3924 41.07 -23.12 2.85
CA TYR C 3924 39.91 -22.75 3.64
C TYR C 3924 38.76 -22.37 2.74
N ILE C 3925 39.06 -21.89 1.56
CA ILE C 3925 38.01 -21.50 0.64
C ILE C 3925 38.22 -22.39 -0.60
N GLN C 3926 38.67 -23.61 -0.33
CA GLN C 3926 38.93 -24.59 -1.38
C GLN C 3926 37.68 -24.82 -2.22
N GLY C 3927 36.56 -25.05 -1.57
CA GLY C 3927 35.31 -25.08 -2.27
C GLY C 3927 34.66 -23.72 -2.18
N PRO C 3928 33.46 -23.61 -2.67
CA PRO C 3928 32.69 -22.37 -2.56
C PRO C 3928 31.95 -22.24 -1.23
N CYS C 3929 32.64 -22.50 -0.13
CA CYS C 3929 32.01 -22.50 1.18
C CYS C 3929 31.66 -21.08 1.61
N THR C 3930 30.37 -20.86 1.77
CA THR C 3930 29.83 -19.52 1.70
C THR C 3930 30.07 -18.73 2.96
N GLY C 3931 29.68 -19.29 4.11
CA GLY C 3931 29.83 -18.56 5.36
C GLY C 3931 31.26 -18.30 5.71
N ASN C 3932 32.14 -19.16 5.23
CA ASN C 3932 33.57 -18.90 5.21
C ASN C 3932 33.86 -17.60 4.48
N GLN C 3933 33.27 -17.43 3.31
CA GLN C 3933 33.44 -16.16 2.60
C GLN C 3933 32.80 -15.00 3.32
N GLN C 3934 31.73 -15.26 4.08
CA GLN C 3934 31.06 -14.16 4.75
C GLN C 3934 31.92 -13.62 5.87
N SER C 3935 32.46 -14.54 6.65
CA SER C 3935 33.41 -14.18 7.70
C SER C 3935 34.63 -13.49 7.11
N LEU C 3936 35.08 -13.96 5.95
CA LEU C 3936 36.23 -13.33 5.32
C LEU C 3936 35.90 -11.95 4.82
N ALA C 3937 34.66 -11.75 4.37
CA ALA C 3937 34.22 -10.44 3.93
C ALA C 3937 34.17 -9.48 5.10
N HIS C 3938 33.81 -9.98 6.26
CA HIS C 3938 33.84 -9.15 7.44
C HIS C 3938 35.17 -9.21 8.15
N SER C 3939 36.10 -10.00 7.65
CA SER C 3939 37.39 -10.09 8.29
C SER C 3939 38.21 -8.86 7.98
N ARG C 3940 39.37 -8.80 8.60
CA ARG C 3940 40.22 -7.62 8.50
C ARG C 3940 41.11 -7.65 7.27
N LEU C 3941 41.43 -8.85 6.79
CA LEU C 3941 42.69 -9.19 6.12
C LEU C 3941 43.10 -8.31 4.96
N TRP C 3942 42.17 -7.53 4.42
CA TRP C 3942 42.37 -6.82 3.16
C TRP C 3942 43.50 -5.83 3.27
N ASP C 3943 43.59 -5.19 4.41
CA ASP C 3943 44.67 -4.25 4.70
C ASP C 3943 46.03 -4.93 4.64
N ALA C 3944 46.10 -6.17 5.11
CA ALA C 3944 47.36 -6.90 5.06
C ALA C 3944 47.76 -7.15 3.64
N VAL C 3945 46.76 -7.42 2.79
CA VAL C 3945 47.01 -7.55 1.37
C VAL C 3945 47.53 -6.24 0.82
N VAL C 3946 46.96 -5.13 1.27
CA VAL C 3946 47.35 -3.81 0.78
C VAL C 3946 48.80 -3.55 1.12
N GLY C 3947 49.19 -3.89 2.35
CA GLY C 3947 50.57 -3.75 2.75
C GLY C 3947 51.48 -4.69 2.00
N PHE C 3948 50.97 -5.85 1.61
CA PHE C 3948 51.74 -6.75 0.78
C PHE C 3948 52.05 -6.12 -0.56
N LEU C 3949 51.03 -5.53 -1.19
CA LEU C 3949 51.21 -4.85 -2.46
C LEU C 3949 52.22 -3.73 -2.33
N HIS C 3950 52.12 -3.01 -1.23
CA HIS C 3950 53.07 -1.95 -0.95
C HIS C 3950 54.48 -2.50 -0.84
N VAL C 3951 54.62 -3.67 -0.23
CA VAL C 3951 55.92 -4.31 -0.12
C VAL C 3951 56.44 -4.66 -1.50
N PHE C 3952 55.57 -5.25 -2.31
CA PHE C 3952 55.98 -5.79 -3.60
C PHE C 3952 56.42 -4.70 -4.53
N ALA C 3953 55.73 -3.56 -4.45
CA ALA C 3953 55.93 -2.45 -5.38
C ALA C 3953 57.33 -1.92 -5.30
N HIS C 3954 57.79 -1.61 -4.10
CA HIS C 3954 59.16 -1.21 -3.97
C HIS C 3954 60.09 -2.40 -3.99
N MET C 3955 59.55 -3.59 -3.73
CA MET C 3955 60.41 -4.72 -3.45
C MET C 3955 61.01 -5.28 -4.71
N GLN C 3956 60.25 -5.24 -5.79
CA GLN C 3956 60.77 -5.68 -7.08
C GLN C 3956 61.97 -4.85 -7.51
N MET C 3957 61.93 -3.56 -7.21
CA MET C 3957 62.92 -2.65 -7.73
C MET C 3957 64.25 -2.85 -7.05
N LYS C 3958 64.24 -2.99 -5.74
CA LYS C 3958 65.48 -3.34 -5.06
C LYS C 3958 65.88 -4.77 -5.36
N LEU C 3959 64.92 -5.64 -5.62
CA LEU C 3959 65.25 -7.01 -5.92
C LEU C 3959 65.53 -7.23 -7.39
N SER C 3960 65.68 -6.16 -8.16
CA SER C 3960 65.84 -6.30 -9.60
C SER C 3960 67.29 -6.22 -10.03
N GLN C 3961 68.23 -6.54 -9.15
CA GLN C 3961 69.60 -6.15 -9.42
C GLN C 3961 70.56 -7.31 -9.58
N ASP C 3962 70.66 -8.18 -8.59
CA ASP C 3962 71.80 -9.06 -8.44
C ASP C 3962 71.37 -10.52 -8.45
N SER C 3963 72.40 -11.37 -8.48
CA SER C 3963 72.21 -12.80 -8.28
C SER C 3963 71.72 -13.11 -6.88
N SER C 3964 72.09 -12.27 -5.91
CA SER C 3964 71.51 -12.36 -4.58
C SER C 3964 70.01 -12.09 -4.62
N GLN C 3965 69.60 -11.13 -5.45
CA GLN C 3965 68.23 -10.63 -5.37
C GLN C 3965 67.25 -11.65 -5.93
N ILE C 3966 67.61 -12.30 -7.04
CA ILE C 3966 66.64 -12.91 -7.93
C ILE C 3966 65.99 -14.13 -7.31
N GLU C 3967 66.70 -14.80 -6.41
CA GLU C 3967 66.13 -15.95 -5.72
C GLU C 3967 64.95 -15.52 -4.88
N LEU C 3968 65.20 -14.58 -3.97
CA LEU C 3968 64.18 -14.06 -3.10
C LEU C 3968 63.10 -13.34 -3.88
N LEU C 3969 63.48 -12.72 -4.98
CA LEU C 3969 62.51 -12.07 -5.84
C LEU C 3969 61.58 -13.11 -6.44
N LYS C 3970 62.14 -14.24 -6.87
CA LYS C 3970 61.36 -15.34 -7.39
C LYS C 3970 60.39 -15.87 -6.35
N GLU C 3971 60.86 -15.98 -5.11
CA GLU C 3971 59.96 -16.44 -4.06
C GLU C 3971 58.91 -15.40 -3.77
N LEU C 3972 59.27 -14.15 -3.90
CA LEU C 3972 58.35 -13.07 -3.58
C LEU C 3972 57.26 -12.96 -4.62
N MET C 3973 57.63 -13.04 -5.89
CA MET C 3973 56.62 -13.00 -6.93
C MET C 3973 55.80 -14.27 -6.93
N ASP C 3974 56.41 -15.38 -6.51
CA ASP C 3974 55.66 -16.58 -6.21
C ASP C 3974 54.60 -16.32 -5.15
N LEU C 3975 54.98 -15.61 -4.10
CA LEU C 3975 54.05 -15.33 -3.03
C LEU C 3975 52.93 -14.42 -3.47
N GLN C 3976 53.24 -13.48 -4.35
CA GLN C 3976 52.20 -12.66 -4.93
C GLN C 3976 51.23 -13.51 -5.72
N LYS C 3977 51.75 -14.45 -6.48
CA LYS C 3977 50.92 -15.33 -7.27
C LYS C 3977 50.01 -16.15 -6.38
N ASP C 3978 50.56 -16.67 -5.28
CA ASP C 3978 49.73 -17.46 -4.41
C ASP C 3978 48.69 -16.62 -3.69
N MET C 3979 49.07 -15.40 -3.35
CA MET C 3979 48.15 -14.50 -2.68
C MET C 3979 47.00 -14.13 -3.60
N VAL C 3980 47.30 -13.89 -4.86
CA VAL C 3980 46.21 -13.50 -5.72
C VAL C 3980 45.39 -14.72 -6.09
N VAL C 3981 46.01 -15.91 -6.07
CA VAL C 3981 45.26 -17.16 -6.19
C VAL C 3981 44.26 -17.28 -5.05
N MET C 3982 44.71 -16.92 -3.86
CA MET C 3982 43.83 -16.90 -2.70
C MET C 3982 42.69 -15.92 -2.92
N LEU C 3983 43.02 -14.78 -3.49
CA LEU C 3983 42.03 -13.74 -3.70
C LEU C 3983 40.97 -14.17 -4.71
N LEU C 3984 41.40 -14.76 -5.81
CA LEU C 3984 40.42 -15.16 -6.80
C LEU C 3984 39.64 -16.36 -6.33
N SER C 3985 40.25 -17.19 -5.50
CA SER C 3985 39.54 -18.35 -5.03
C SER C 3985 38.45 -17.94 -4.08
N MET C 3986 38.70 -16.94 -3.26
CA MET C 3986 37.60 -16.48 -2.44
C MET C 3986 36.65 -15.60 -3.22
N LEU C 3987 37.08 -15.11 -4.38
CA LEU C 3987 36.25 -14.25 -5.19
C LEU C 3987 35.00 -14.95 -5.70
N GLU C 3988 35.10 -16.23 -6.03
CA GLU C 3988 34.34 -16.86 -7.11
C GLU C 3988 32.82 -16.69 -7.03
N GLY C 3989 32.25 -16.58 -5.84
CA GLY C 3989 30.82 -16.78 -5.70
C GLY C 3989 29.92 -15.63 -6.12
N ASN C 3990 30.42 -14.77 -7.00
CA ASN C 3990 29.74 -13.55 -7.37
C ASN C 3990 28.57 -13.86 -8.27
N VAL C 3991 27.65 -12.91 -8.38
CA VAL C 3991 26.60 -13.06 -9.38
C VAL C 3991 26.44 -11.83 -10.26
N VAL C 3992 26.00 -10.72 -9.68
CA VAL C 3992 25.55 -9.58 -10.45
C VAL C 3992 26.69 -8.59 -10.70
N ASN C 3993 27.27 -8.05 -9.65
CA ASN C 3993 28.55 -7.38 -9.71
C ASN C 3993 29.46 -7.80 -8.59
N GLY C 3994 28.93 -8.41 -7.53
CA GLY C 3994 29.75 -9.02 -6.50
C GLY C 3994 29.96 -8.03 -5.39
N THR C 3995 29.21 -8.19 -4.30
CA THR C 3995 29.35 -7.31 -3.15
C THR C 3995 30.73 -7.43 -2.54
N ILE C 3996 31.20 -8.65 -2.43
CA ILE C 3996 32.58 -8.90 -2.07
C ILE C 3996 33.51 -8.38 -3.15
N GLY C 3997 33.07 -8.42 -4.41
CA GLY C 3997 33.89 -7.87 -5.45
C GLY C 3997 33.94 -6.36 -5.36
N LYS C 3998 32.83 -5.74 -4.96
CA LYS C 3998 32.82 -4.31 -4.69
C LYS C 3998 33.83 -3.97 -3.60
N GLN C 3999 33.85 -4.80 -2.56
CA GLN C 3999 34.82 -4.67 -1.49
C GLN C 3999 36.24 -4.79 -2.03
N MET C 4000 36.45 -5.70 -2.98
CA MET C 4000 37.77 -5.87 -3.56
C MET C 4000 38.17 -4.67 -4.40
N VAL C 4001 37.20 -4.09 -5.11
CA VAL C 4001 37.42 -2.87 -5.86
C VAL C 4001 37.84 -1.76 -4.93
N ASP C 4002 37.18 -1.67 -3.78
CA ASP C 4002 37.52 -0.69 -2.76
C ASP C 4002 38.96 -0.85 -2.35
N MET C 4003 39.35 -2.10 -2.06
CA MET C 4003 40.72 -2.40 -1.66
C MET C 4003 41.72 -2.06 -2.76
N LEU C 4004 41.36 -2.38 -4.00
CA LEU C 4004 42.31 -2.27 -5.08
C LEU C 4004 42.52 -0.83 -5.49
N VAL C 4005 41.44 -0.17 -5.92
CA VAL C 4005 41.56 1.20 -6.38
C VAL C 4005 41.84 2.13 -5.22
N GLU C 4006 41.62 1.69 -3.98
CA GLU C 4006 42.26 2.30 -2.85
C GLU C 4006 43.78 2.21 -2.98
N SER C 4007 44.31 1.00 -3.07
CA SER C 4007 45.76 0.85 -3.11
C SER C 4007 46.31 0.93 -4.51
N SER C 4008 45.61 1.62 -5.41
CA SER C 4008 45.85 1.56 -6.85
C SER C 4008 47.24 2.00 -7.22
N ASN C 4009 47.83 2.89 -6.44
CA ASN C 4009 49.11 3.49 -6.78
C ASN C 4009 50.23 2.47 -6.75
N ASN C 4010 50.28 1.63 -5.72
CA ASN C 4010 51.37 0.69 -5.69
C ASN C 4010 51.14 -0.47 -6.64
N VAL C 4011 49.89 -0.65 -7.08
CA VAL C 4011 49.58 -1.62 -8.12
C VAL C 4011 50.28 -1.22 -9.40
N GLU C 4012 50.48 0.08 -9.60
CA GLU C 4012 51.05 0.57 -10.83
C GLU C 4012 52.47 0.10 -11.01
N MET C 4013 53.27 0.15 -9.96
CA MET C 4013 54.69 -0.17 -10.08
C MET C 4013 54.89 -1.61 -10.48
N ILE C 4014 54.15 -2.51 -9.83
CA ILE C 4014 54.30 -3.92 -10.14
C ILE C 4014 53.74 -4.22 -11.52
N LEU C 4015 52.60 -3.62 -11.89
CA LEU C 4015 52.01 -3.98 -13.16
C LEU C 4015 52.83 -3.45 -14.32
N LYS C 4016 53.33 -2.23 -14.21
CA LYS C 4016 54.12 -1.72 -15.31
C LYS C 4016 55.49 -2.33 -15.32
N PHE C 4017 55.98 -2.80 -14.17
CA PHE C 4017 57.20 -3.58 -14.17
C PHE C 4017 57.01 -4.86 -14.96
N PHE C 4018 55.85 -5.50 -14.76
CA PHE C 4018 55.51 -6.68 -15.53
C PHE C 4018 55.44 -6.36 -17.00
N ASP C 4019 54.86 -5.20 -17.31
CA ASP C 4019 54.73 -4.77 -18.69
C ASP C 4019 56.09 -4.60 -19.33
N MET C 4020 57.01 -3.98 -18.61
CA MET C 4020 58.36 -3.76 -19.10
C MET C 4020 59.06 -5.08 -19.36
N PHE C 4021 59.04 -5.96 -18.37
CA PHE C 4021 59.83 -7.17 -18.43
C PHE C 4021 59.24 -8.12 -19.47
N LEU C 4022 57.91 -8.14 -19.59
CA LEU C 4022 57.22 -8.94 -20.58
C LEU C 4022 57.46 -8.45 -21.99
N LYS C 4023 57.14 -7.18 -22.27
CA LYS C 4023 57.26 -6.71 -23.64
C LYS C 4023 58.69 -6.62 -24.08
N LEU C 4024 59.64 -6.51 -23.16
CA LEU C 4024 61.02 -6.47 -23.60
C LEU C 4024 61.69 -7.83 -23.66
N LYS C 4025 61.14 -8.87 -23.04
CA LYS C 4025 61.55 -10.18 -23.47
C LYS C 4025 60.90 -10.52 -24.81
N ASP C 4026 59.77 -9.88 -25.11
CA ASP C 4026 59.14 -10.12 -26.39
C ASP C 4026 59.84 -9.41 -27.53
N LEU C 4027 60.41 -8.23 -27.28
CA LEU C 4027 60.93 -7.40 -28.37
C LEU C 4027 62.19 -8.00 -28.96
N THR C 4028 63.01 -8.61 -28.14
CA THR C 4028 64.39 -9.02 -28.31
C THR C 4028 64.60 -10.12 -29.25
N SER C 4029 63.61 -10.51 -30.03
CA SER C 4029 63.81 -11.49 -31.08
C SER C 4029 64.80 -11.00 -32.13
N SER C 4030 64.41 -9.98 -32.91
CA SER C 4030 65.23 -9.53 -34.03
C SER C 4030 64.78 -8.16 -34.49
N ASP C 4031 65.28 -7.77 -35.68
CA ASP C 4031 64.95 -6.62 -36.52
C ASP C 4031 65.48 -5.31 -35.95
N THR C 4032 65.96 -5.35 -34.73
CA THR C 4032 67.12 -4.58 -34.32
C THR C 4032 67.92 -5.40 -33.33
N PHE C 4033 67.72 -6.72 -33.29
CA PHE C 4033 68.41 -7.56 -32.31
C PHE C 4033 69.23 -8.68 -32.92
N LYS C 4034 68.63 -9.58 -33.70
CA LYS C 4034 69.37 -10.79 -34.05
C LYS C 4034 70.27 -10.56 -35.24
N GLU C 4035 69.79 -9.82 -36.22
CA GLU C 4035 70.62 -9.36 -37.31
C GLU C 4035 71.56 -8.25 -36.88
N TYR C 4036 71.28 -7.64 -35.73
CA TYR C 4036 72.02 -6.48 -35.25
C TYR C 4036 73.44 -6.86 -34.88
N ASP C 4037 73.65 -8.11 -34.53
CA ASP C 4037 74.93 -8.77 -34.47
C ASP C 4037 74.92 -9.90 -35.49
N PRO C 4038 76.06 -10.52 -35.80
CA PRO C 4038 75.99 -11.70 -36.67
C PRO C 4038 75.37 -12.90 -35.99
N ASP C 4039 75.83 -13.24 -34.78
CA ASP C 4039 75.41 -14.47 -34.14
C ASP C 4039 74.00 -14.34 -33.56
N GLY C 4040 73.76 -13.27 -32.81
CA GLY C 4040 72.53 -13.19 -32.06
C GLY C 4040 72.60 -13.81 -30.69
N LYS C 4041 73.81 -14.10 -30.20
CA LYS C 4041 73.96 -14.67 -28.87
C LYS C 4041 73.58 -13.65 -27.80
N GLY C 4042 73.90 -12.39 -28.02
CA GLY C 4042 73.86 -11.45 -26.94
C GLY C 4042 75.16 -10.73 -26.79
N VAL C 4043 75.91 -10.68 -27.90
CA VAL C 4043 77.05 -9.79 -28.00
C VAL C 4043 76.60 -8.40 -28.44
N ILE C 4044 75.29 -8.20 -28.58
CA ILE C 4044 74.71 -6.87 -28.70
C ILE C 4044 75.12 -6.04 -27.49
N SER C 4045 75.74 -4.91 -27.75
CA SER C 4045 76.30 -4.10 -26.67
C SER C 4045 75.19 -3.42 -25.88
N LYS C 4046 75.62 -2.69 -24.86
CA LYS C 4046 74.69 -1.94 -24.03
C LYS C 4046 74.01 -0.86 -24.85
N ARG C 4047 74.79 0.03 -25.45
CA ARG C 4047 74.17 1.10 -26.20
C ARG C 4047 73.62 0.61 -27.51
N ASP C 4048 74.10 -0.54 -27.98
CA ASP C 4048 73.46 -1.22 -29.10
C ASP C 4048 72.01 -1.50 -28.80
N PHE C 4049 71.76 -2.13 -27.66
CA PHE C 4049 70.39 -2.35 -27.24
C PHE C 4049 69.69 -1.06 -26.87
N HIS C 4050 70.43 -0.09 -26.37
CA HIS C 4050 69.81 1.17 -25.97
C HIS C 4050 69.23 1.89 -27.17
N LYS C 4051 70.03 2.05 -28.21
CA LYS C 4051 69.50 2.65 -29.44
C LYS C 4051 68.59 1.68 -30.18
N ALA C 4052 68.66 0.38 -29.90
CA ALA C 4052 67.65 -0.54 -30.41
C ALA C 4052 66.29 -0.19 -29.82
N MET C 4053 66.26 0.06 -28.52
CA MET C 4053 65.07 0.57 -27.86
C MET C 4053 64.65 1.93 -28.38
N GLU C 4054 65.62 2.80 -28.67
CA GLU C 4054 65.28 4.13 -29.18
C GLU C 4054 64.65 4.03 -30.56
N SER C 4055 65.18 3.14 -31.40
CA SER C 4055 64.59 2.90 -32.71
C SER C 4055 63.22 2.26 -32.56
N HIS C 4056 63.02 1.47 -31.52
CA HIS C 4056 61.68 0.98 -31.24
C HIS C 4056 60.78 2.13 -30.80
N LYS C 4057 61.28 2.95 -29.86
CA LYS C 4057 60.58 4.12 -29.30
C LYS C 4057 59.23 3.70 -28.73
N HIS C 4058 59.22 2.55 -28.07
CA HIS C 4058 58.03 2.05 -27.42
C HIS C 4058 57.88 2.62 -26.02
N TYR C 4059 58.88 2.36 -25.19
CA TYR C 4059 58.78 2.55 -23.76
C TYR C 4059 59.38 3.89 -23.35
N THR C 4060 59.32 4.15 -22.05
CA THR C 4060 60.08 5.25 -21.50
C THR C 4060 61.56 4.97 -21.61
N GLN C 4061 62.32 6.05 -21.68
CA GLN C 4061 63.76 5.90 -21.67
C GLN C 4061 64.24 5.56 -20.28
N SER C 4062 63.51 6.04 -19.27
CA SER C 4062 63.91 5.88 -17.88
C SER C 4062 63.98 4.42 -17.49
N GLU C 4063 62.91 3.69 -17.73
CA GLU C 4063 62.91 2.32 -17.25
C GLU C 4063 63.60 1.37 -18.20
N THR C 4064 63.66 1.70 -19.48
CA THR C 4064 64.47 0.88 -20.37
C THR C 4064 65.95 1.06 -20.07
N GLU C 4065 66.37 2.27 -19.73
CA GLU C 4065 67.74 2.45 -19.32
C GLU C 4065 67.95 1.95 -17.90
N PHE C 4066 66.89 1.82 -17.12
CA PHE C 4066 66.99 1.11 -15.86
C PHE C 4066 67.22 -0.37 -16.10
N LEU C 4067 66.52 -0.92 -17.10
CA LEU C 4067 66.81 -2.28 -17.53
C LEU C 4067 68.23 -2.40 -18.02
N LEU C 4068 68.71 -1.37 -18.70
CA LEU C 4068 70.09 -1.31 -19.11
C LEU C 4068 71.03 -1.18 -17.91
N SER C 4069 70.54 -0.63 -16.81
CA SER C 4069 71.33 -0.70 -15.59
C SER C 4069 71.31 -2.10 -15.02
N CYS C 4070 70.18 -2.78 -15.11
CA CYS C 4070 70.14 -4.18 -14.74
C CYS C 4070 70.62 -5.11 -15.85
N ALA C 4071 71.22 -4.56 -16.91
CA ALA C 4071 71.87 -5.42 -17.89
C ALA C 4071 73.14 -6.05 -17.35
N GLU C 4072 73.67 -5.53 -16.25
CA GLU C 4072 74.69 -6.16 -15.41
C GLU C 4072 76.05 -6.28 -16.09
N THR C 4073 76.25 -5.54 -17.19
CA THR C 4073 77.57 -5.21 -17.76
C THR C 4073 78.38 -6.46 -18.12
N ASP C 4074 77.94 -7.12 -19.19
CA ASP C 4074 78.52 -8.41 -19.59
C ASP C 4074 79.96 -8.24 -20.12
N GLU C 4075 80.84 -7.88 -19.20
CA GLU C 4075 82.31 -7.84 -19.24
C GLU C 4075 82.91 -6.83 -20.21
N ASN C 4076 82.16 -6.37 -21.21
CA ASN C 4076 82.55 -5.14 -21.86
C ASN C 4076 81.37 -4.18 -22.04
N GLU C 4077 80.43 -4.55 -22.88
CA GLU C 4077 79.20 -3.81 -23.11
C GLU C 4077 78.02 -4.71 -23.37
N THR C 4078 78.22 -6.01 -23.51
CA THR C 4078 77.20 -6.79 -24.18
C THR C 4078 76.08 -7.17 -23.21
N LEU C 4079 75.15 -8.00 -23.69
CA LEU C 4079 73.97 -8.37 -22.89
C LEU C 4079 73.29 -9.58 -23.49
N ASP C 4080 73.16 -10.64 -22.68
CA ASP C 4080 72.49 -11.87 -23.08
C ASP C 4080 71.02 -11.62 -23.41
N TYR C 4081 70.47 -12.47 -24.26
CA TYR C 4081 69.05 -12.34 -24.58
C TYR C 4081 68.18 -12.96 -23.50
N GLU C 4082 68.31 -14.27 -23.26
CA GLU C 4082 67.46 -14.89 -22.25
C GLU C 4082 67.85 -14.47 -20.85
N GLU C 4083 69.14 -14.56 -20.55
CA GLU C 4083 69.64 -14.39 -19.20
C GLU C 4083 69.48 -12.98 -18.68
N PHE C 4084 69.17 -12.03 -19.55
CA PHE C 4084 68.80 -10.74 -19.03
C PHE C 4084 67.39 -10.75 -18.45
N VAL C 4085 66.40 -11.24 -19.19
CA VAL C 4085 65.00 -10.99 -18.85
C VAL C 4085 64.16 -12.26 -18.80
N LYS C 4086 64.28 -13.15 -19.79
CA LYS C 4086 63.24 -14.15 -20.07
C LYS C 4086 63.06 -15.12 -18.93
N ARG C 4087 64.18 -15.64 -18.44
CA ARG C 4087 64.26 -16.67 -17.41
C ARG C 4087 63.43 -16.38 -16.16
N PHE C 4088 63.13 -15.12 -15.89
CA PHE C 4088 62.11 -14.79 -14.92
C PHE C 4088 60.88 -14.16 -15.53
N HIS C 4089 61.01 -13.64 -16.75
CA HIS C 4089 59.89 -12.92 -17.36
C HIS C 4089 58.75 -13.84 -17.70
N GLU C 4090 59.06 -15.03 -18.13
CA GLU C 4090 57.97 -15.96 -18.36
C GLU C 4090 57.38 -16.47 -17.05
N PRO C 4091 58.17 -16.70 -15.98
CA PRO C 4091 57.52 -16.77 -14.66
C PRO C 4091 56.70 -15.53 -14.34
N ALA C 4092 57.24 -14.36 -14.64
CA ALA C 4092 56.48 -13.13 -14.48
C ALA C 4092 55.28 -13.10 -15.41
N LYS C 4093 55.40 -13.75 -16.59
CA LYS C 4093 54.24 -13.85 -17.47
C LYS C 4093 53.14 -14.68 -16.84
N ASP C 4094 53.51 -15.77 -16.16
CA ASP C 4094 52.53 -16.57 -15.45
C ASP C 4094 51.83 -15.76 -14.39
N ILE C 4095 52.63 -14.98 -13.66
CA ILE C 4095 52.10 -14.21 -12.55
C ILE C 4095 51.16 -13.13 -13.04
N GLY C 4096 51.57 -12.40 -14.06
CA GLY C 4096 50.72 -11.41 -14.65
C GLY C 4096 49.49 -12.01 -15.30
N PHE C 4097 49.61 -13.24 -15.77
CA PHE C 4097 48.44 -13.92 -16.28
C PHE C 4097 47.43 -14.14 -15.18
N ASN C 4098 47.92 -14.50 -13.99
CA ASN C 4098 47.02 -14.69 -12.86
C ASN C 4098 46.34 -13.39 -12.49
N VAL C 4099 47.11 -12.31 -12.46
CA VAL C 4099 46.48 -11.07 -12.04
C VAL C 4099 45.55 -10.58 -13.12
N ALA C 4100 45.84 -10.93 -14.37
CA ALA C 4100 45.02 -10.52 -15.48
C ALA C 4100 43.72 -11.26 -15.47
N VAL C 4101 43.77 -12.56 -15.21
CA VAL C 4101 42.56 -13.34 -15.28
C VAL C 4101 41.68 -12.97 -14.12
N LEU C 4102 42.30 -12.58 -13.01
CA LEU C 4102 41.57 -11.99 -11.90
C LEU C 4102 40.83 -10.75 -12.35
N LEU C 4103 41.55 -9.76 -12.86
CA LEU C 4103 40.93 -8.46 -13.06
C LEU C 4103 39.94 -8.49 -14.19
N THR C 4104 40.16 -9.38 -15.15
CA THR C 4104 39.16 -9.56 -16.17
C THR C 4104 37.92 -10.19 -15.59
N ASN C 4105 38.07 -11.12 -14.64
CA ASN C 4105 36.86 -11.63 -14.01
C ASN C 4105 36.16 -10.57 -13.19
N LEU C 4106 36.93 -9.64 -12.65
CA LEU C 4106 36.31 -8.51 -11.98
C LEU C 4106 35.55 -7.66 -12.97
N SER C 4107 36.11 -7.48 -14.15
CA SER C 4107 35.44 -6.74 -15.20
C SER C 4107 34.17 -7.46 -15.64
N GLU C 4108 34.26 -8.77 -15.72
CA GLU C 4108 33.14 -9.54 -16.23
C GLU C 4108 32.03 -9.61 -15.22
N HIS C 4109 32.37 -9.94 -13.98
CA HIS C 4109 31.36 -9.95 -12.95
C HIS C 4109 30.91 -8.55 -12.64
N MET C 4110 31.83 -7.61 -12.52
CA MET C 4110 31.44 -6.22 -12.34
C MET C 4110 31.88 -5.41 -13.55
N PRO C 4111 31.04 -5.27 -14.51
CA PRO C 4111 31.07 -4.06 -15.32
C PRO C 4111 30.25 -3.01 -14.64
N ASN C 4112 29.96 -1.92 -15.36
CA ASN C 4112 29.06 -0.85 -14.93
C ASN C 4112 29.62 -0.15 -13.69
N ASP C 4113 30.91 0.13 -13.75
CA ASP C 4113 31.59 0.87 -12.70
C ASP C 4113 32.17 2.14 -13.33
N THR C 4114 32.83 2.94 -12.51
CA THR C 4114 33.76 3.94 -13.01
C THR C 4114 35.15 3.75 -12.47
N ARG C 4115 35.29 3.66 -11.14
CA ARG C 4115 36.61 3.60 -10.52
C ARG C 4115 37.30 2.29 -10.85
N LEU C 4116 36.55 1.20 -10.85
CA LEU C 4116 37.05 -0.01 -11.47
C LEU C 4116 37.23 0.19 -12.95
N GLN C 4117 36.28 0.86 -13.58
CA GLN C 4117 36.32 0.94 -15.03
C GLN C 4117 37.42 1.88 -15.50
N THR C 4118 37.74 2.89 -14.70
CA THR C 4118 38.96 3.61 -15.05
C THR C 4118 40.18 2.80 -14.68
N PHE C 4119 40.07 1.95 -13.67
CA PHE C 4119 41.15 1.04 -13.40
C PHE C 4119 41.17 -0.05 -14.44
N LEU C 4120 40.04 -0.31 -15.06
CA LEU C 4120 39.99 -1.27 -16.15
C LEU C 4120 40.60 -0.72 -17.41
N GLU C 4121 40.72 0.59 -17.52
CA GLU C 4121 41.46 1.18 -18.62
C GLU C 4121 42.74 1.80 -18.14
N LEU C 4122 43.18 1.44 -16.94
CA LEU C 4122 44.38 2.05 -16.37
C LEU C 4122 45.64 1.75 -17.16
N ALA C 4123 46.11 0.52 -17.20
CA ALA C 4123 47.26 0.19 -18.05
C ALA C 4123 47.17 -1.30 -18.36
N GLU C 4124 46.67 -1.61 -19.55
CA GLU C 4124 46.24 -2.96 -19.87
C GLU C 4124 46.80 -3.25 -21.25
N SER C 4125 48.02 -3.69 -21.28
CA SER C 4125 48.66 -4.00 -22.54
C SER C 4125 49.08 -5.44 -22.61
N VAL C 4126 49.63 -5.96 -21.51
CA VAL C 4126 49.92 -7.37 -21.44
C VAL C 4126 48.63 -8.16 -21.39
N LEU C 4127 47.57 -7.51 -20.91
CA LEU C 4127 46.19 -7.96 -21.13
C LEU C 4127 45.99 -8.37 -22.56
N ASN C 4128 46.29 -7.47 -23.46
CA ASN C 4128 46.13 -7.76 -24.87
C ASN C 4128 47.23 -8.68 -25.36
N TYR C 4129 48.36 -8.75 -24.66
CA TYR C 4129 49.28 -9.83 -24.92
C TYR C 4129 48.73 -11.16 -24.45
N PHE C 4130 47.81 -11.14 -23.48
CA PHE C 4130 47.34 -12.37 -22.87
C PHE C 4130 46.13 -12.97 -23.57
N GLN C 4131 45.94 -12.71 -24.84
CA GLN C 4131 44.79 -13.42 -25.40
C GLN C 4131 45.09 -14.44 -26.48
N PRO C 4132 46.15 -15.23 -26.41
CA PRO C 4132 46.00 -16.63 -26.79
C PRO C 4132 45.93 -17.50 -25.56
N PHE C 4133 46.13 -16.88 -24.41
CA PHE C 4133 46.57 -17.64 -23.25
C PHE C 4133 45.46 -18.00 -22.30
N LEU C 4134 44.37 -17.26 -22.29
CA LEU C 4134 43.35 -17.51 -21.30
C LEU C 4134 42.11 -18.07 -21.94
N GLY C 4135 41.55 -19.09 -21.32
CA GLY C 4135 40.32 -19.68 -21.79
C GLY C 4135 39.17 -19.18 -20.95
N ARG C 4136 38.07 -18.84 -21.63
CA ARG C 4136 36.86 -18.40 -20.96
C ARG C 4136 35.74 -19.33 -21.40
N ILE C 4137 35.27 -20.16 -20.48
CA ILE C 4137 34.20 -21.08 -20.81
C ILE C 4137 32.98 -20.74 -19.97
N GLU C 4138 31.91 -21.48 -20.17
CA GLU C 4138 30.64 -21.13 -19.57
C GLU C 4138 30.00 -22.44 -19.12
N ILE C 4139 29.94 -22.66 -17.82
CA ILE C 4139 29.45 -23.91 -17.27
C ILE C 4139 28.35 -23.63 -16.26
N MET C 4140 27.77 -24.69 -15.74
CA MET C 4140 26.89 -24.62 -14.59
C MET C 4140 27.54 -25.44 -13.50
N GLY C 4141 28.36 -24.80 -12.68
CA GLY C 4141 29.11 -25.53 -11.68
C GLY C 4141 28.35 -25.90 -10.44
N SER C 4142 27.21 -26.60 -10.62
CA SER C 4142 26.25 -26.93 -9.57
C SER C 4142 25.82 -25.69 -8.78
N ALA C 4143 25.76 -24.55 -9.45
CA ALA C 4143 25.25 -23.34 -8.86
C ALA C 4143 23.79 -23.16 -9.21
N LYS C 4144 23.22 -24.13 -9.93
CA LYS C 4144 21.85 -24.09 -10.43
C LYS C 4144 21.64 -22.90 -11.34
N ARG C 4145 22.73 -22.50 -11.98
CA ARG C 4145 22.82 -21.34 -12.84
C ARG C 4145 24.17 -21.42 -13.52
N ILE C 4146 24.39 -20.49 -14.43
CA ILE C 4146 25.60 -20.43 -15.19
C ILE C 4146 26.78 -20.09 -14.29
N GLU C 4147 27.96 -20.47 -14.75
CA GLU C 4147 29.21 -20.10 -14.13
C GLU C 4147 30.20 -19.84 -15.25
N ARG C 4148 30.74 -18.63 -15.28
CA ARG C 4148 31.72 -18.24 -16.28
C ARG C 4148 33.09 -18.37 -15.65
N VAL C 4149 33.68 -19.51 -15.82
CA VAL C 4149 34.93 -19.82 -15.15
C VAL C 4149 36.05 -19.73 -16.19
N TYR C 4150 37.23 -19.30 -15.75
CA TYR C 4150 38.32 -19.05 -16.66
C TYR C 4150 39.55 -19.83 -16.22
N PHE C 4151 40.53 -19.87 -17.10
CA PHE C 4151 41.64 -20.80 -16.99
C PHE C 4151 42.66 -20.45 -18.05
N GLU C 4152 43.74 -21.22 -18.09
CA GLU C 4152 44.87 -20.95 -18.95
C GLU C 4152 44.81 -21.83 -20.19
N ILE C 4153 45.21 -21.27 -21.31
CA ILE C 4153 45.41 -22.02 -22.55
C ILE C 4153 46.89 -22.15 -22.78
N SER C 4154 47.41 -23.36 -22.63
CA SER C 4154 48.79 -23.64 -22.99
C SER C 4154 48.95 -23.48 -24.49
N GLU C 4155 49.53 -22.34 -24.87
CA GLU C 4155 49.61 -21.95 -26.27
C GLU C 4155 50.52 -22.87 -27.07
N SER C 4156 51.44 -23.58 -26.43
CA SER C 4156 52.24 -24.56 -27.15
C SER C 4156 51.38 -25.72 -27.60
N SER C 4157 50.57 -26.25 -26.68
CA SER C 4157 49.56 -27.23 -27.05
C SER C 4157 48.56 -26.66 -28.02
N ARG C 4158 48.24 -25.39 -27.91
CA ARG C 4158 47.27 -24.82 -28.82
C ARG C 4158 47.85 -24.69 -30.23
N THR C 4159 49.14 -24.38 -30.34
CA THR C 4159 49.81 -24.45 -31.63
C THR C 4159 49.86 -25.86 -32.15
N GLN C 4160 50.06 -26.83 -31.26
CA GLN C 4160 49.99 -28.23 -31.66
C GLN C 4160 48.60 -28.58 -32.19
N TRP C 4161 47.58 -27.91 -31.68
CA TRP C 4161 46.25 -28.00 -32.24
C TRP C 4161 46.13 -27.26 -33.57
N GLU C 4162 46.94 -26.24 -33.81
CA GLU C 4162 46.69 -25.34 -34.94
C GLU C 4162 46.94 -25.96 -36.31
N LYS C 4163 47.46 -27.14 -36.37
CA LYS C 4163 47.56 -27.68 -37.72
C LYS C 4163 46.24 -28.30 -38.14
N PRO C 4164 46.00 -28.40 -39.43
CA PRO C 4164 45.09 -29.44 -39.92
C PRO C 4164 45.76 -30.80 -39.91
N GLN C 4165 45.07 -31.78 -40.51
CA GLN C 4165 44.98 -33.23 -40.27
C GLN C 4165 43.96 -33.47 -39.18
N VAL C 4166 43.45 -32.42 -38.54
CA VAL C 4166 42.39 -32.53 -37.57
C VAL C 4166 41.22 -31.62 -37.90
N LYS C 4167 41.50 -30.45 -38.47
CA LYS C 4167 40.48 -29.44 -38.69
C LYS C 4167 39.44 -29.91 -39.69
N GLU C 4168 39.85 -30.71 -40.65
CA GLU C 4168 38.85 -31.29 -41.52
C GLU C 4168 38.14 -32.44 -40.83
N SER C 4169 38.83 -33.17 -39.95
CA SER C 4169 38.12 -34.17 -39.15
C SER C 4169 37.18 -33.49 -38.19
N LYS C 4170 37.57 -32.31 -37.70
CA LYS C 4170 36.67 -31.48 -36.92
C LYS C 4170 35.43 -31.11 -37.70
N ARG C 4171 35.60 -30.60 -38.91
CA ARG C 4171 34.45 -30.19 -39.69
C ARG C 4171 33.63 -31.38 -40.14
N GLN C 4172 34.30 -32.50 -40.36
CA GLN C 4172 33.63 -33.77 -40.59
C GLN C 4172 32.74 -34.13 -39.44
N PHE C 4173 33.29 -34.05 -38.24
CA PHE C 4173 32.58 -34.28 -37.00
C PHE C 4173 31.41 -33.32 -36.86
N ILE C 4174 31.59 -32.09 -37.32
CA ILE C 4174 30.53 -31.10 -37.33
C ILE C 4174 29.38 -31.58 -38.20
N PHE C 4175 29.71 -32.04 -39.41
CA PHE C 4175 28.70 -32.55 -40.33
C PHE C 4175 28.02 -33.78 -39.75
N ASP C 4176 28.78 -34.58 -39.03
CA ASP C 4176 28.23 -35.78 -38.42
C ASP C 4176 27.22 -35.43 -37.37
N VAL C 4177 27.54 -34.47 -36.51
CA VAL C 4177 26.66 -34.24 -35.39
C VAL C 4177 25.44 -33.44 -35.80
N VAL C 4178 25.57 -32.57 -36.81
CA VAL C 4178 24.39 -31.88 -37.26
C VAL C 4178 23.58 -32.80 -38.17
N ASN C 4179 24.22 -33.83 -38.70
CA ASN C 4179 23.57 -34.76 -39.61
C ASN C 4179 22.50 -35.54 -38.89
N GLU C 4180 22.87 -36.16 -37.78
CA GLU C 4180 22.02 -37.10 -37.07
C GLU C 4180 22.54 -37.26 -35.65
N GLY C 4181 22.08 -38.30 -34.98
CA GLY C 4181 22.63 -38.67 -33.69
C GLY C 4181 21.65 -38.66 -32.53
N GLY C 4182 21.96 -39.42 -31.50
CA GLY C 4182 21.27 -39.26 -30.24
C GLY C 4182 21.65 -37.91 -29.64
N GLU C 4183 20.65 -37.08 -29.40
CA GLU C 4183 20.87 -35.65 -29.22
C GLU C 4183 21.41 -35.29 -27.84
N LYS C 4184 21.64 -36.25 -26.97
CA LYS C 4184 22.22 -35.93 -25.67
C LYS C 4184 23.66 -36.35 -25.56
N GLU C 4185 24.00 -37.47 -26.17
CA GLU C 4185 25.37 -37.94 -26.18
C GLU C 4185 26.18 -37.29 -27.28
N LYS C 4186 25.58 -36.34 -27.97
CA LYS C 4186 26.34 -35.57 -28.94
C LYS C 4186 27.42 -34.76 -28.25
N MET C 4187 27.14 -34.28 -27.03
CA MET C 4187 28.22 -33.76 -26.22
C MET C 4187 29.16 -34.87 -25.80
N GLU C 4188 28.64 -36.04 -25.49
CA GLU C 4188 29.49 -37.17 -25.18
C GLU C 4188 30.32 -37.57 -26.40
N LEU C 4189 29.69 -37.50 -27.58
CA LEU C 4189 30.45 -37.73 -28.79
C LEU C 4189 31.53 -36.70 -28.96
N PHE C 4190 31.24 -35.49 -28.53
CA PHE C 4190 32.25 -34.44 -28.54
C PHE C 4190 33.36 -34.76 -27.56
N VAL C 4191 33.01 -35.39 -26.43
CA VAL C 4191 34.02 -35.80 -25.45
C VAL C 4191 34.97 -36.80 -26.06
N ASN C 4192 34.43 -37.84 -26.68
CA ASN C 4192 35.26 -38.84 -27.31
C ASN C 4192 36.06 -38.25 -28.45
N PHE C 4193 35.43 -37.33 -29.16
CA PHE C 4193 36.06 -36.62 -30.25
C PHE C 4193 37.26 -35.84 -29.75
N CYS C 4194 37.09 -35.18 -28.61
CA CYS C 4194 38.17 -34.48 -27.98
C CYS C 4194 39.26 -35.41 -27.51
N GLU C 4195 38.88 -36.56 -26.97
CA GLU C 4195 39.87 -37.48 -26.44
C GLU C 4195 40.75 -38.00 -27.55
N ASP C 4196 40.14 -38.30 -28.68
CA ASP C 4196 40.93 -38.71 -29.82
C ASP C 4196 41.74 -37.56 -30.38
N THR C 4197 41.20 -36.34 -30.26
CA THR C 4197 41.94 -35.16 -30.69
C THR C 4197 43.18 -34.96 -29.83
N ILE C 4198 43.03 -35.23 -28.54
CA ILE C 4198 44.14 -35.23 -27.62
C ILE C 4198 45.17 -36.24 -28.04
N PHE C 4199 44.69 -37.43 -28.40
CA PHE C 4199 45.59 -38.47 -28.84
C PHE C 4199 46.33 -38.07 -30.09
N GLU C 4200 45.64 -37.38 -30.99
CA GLU C 4200 46.26 -36.95 -32.24
C GLU C 4200 47.33 -35.91 -31.98
N MET C 4201 47.02 -34.90 -31.18
CA MET C 4201 47.98 -33.84 -30.95
C MET C 4201 49.15 -34.33 -30.13
N GLN C 4202 48.87 -35.25 -29.21
CA GLN C 4202 49.91 -35.91 -28.45
C GLN C 4202 50.84 -36.68 -29.36
N LEU C 4203 50.29 -37.36 -30.35
CA LEU C 4203 51.17 -38.12 -31.22
C LEU C 4203 51.82 -37.27 -32.29
N ALA C 4204 51.29 -36.10 -32.54
CA ALA C 4204 51.88 -35.25 -33.57
C ALA C 4204 52.78 -34.20 -32.96
N ALA C 4205 52.96 -34.24 -31.64
CA ALA C 4205 53.89 -33.33 -31.02
C ALA C 4205 55.33 -33.63 -31.43
N GLN C 4206 55.68 -34.91 -31.56
CA GLN C 4206 57.07 -35.34 -31.71
C GLN C 4206 57.55 -35.28 -33.14
N ILE C 4207 57.02 -34.37 -33.93
CA ILE C 4207 57.34 -34.35 -35.32
C ILE C 4207 58.25 -33.18 -35.60
N ILE C 4486 69.94 -48.90 -33.01
CA ILE C 4486 69.43 -47.89 -33.94
C ILE C 4486 70.56 -47.06 -34.50
N ALA C 4487 70.71 -47.11 -35.82
CA ALA C 4487 71.55 -46.15 -36.53
C ALA C 4487 70.73 -45.01 -37.11
N TYR C 4488 69.62 -45.34 -37.77
CA TYR C 4488 68.70 -44.35 -38.32
C TYR C 4488 67.24 -44.68 -38.05
N GLN C 4489 66.96 -45.78 -37.35
CA GLN C 4489 65.70 -46.52 -37.44
C GLN C 4489 64.47 -45.71 -37.03
N GLN C 4490 64.37 -45.40 -35.76
CA GLN C 4490 63.25 -44.58 -35.32
C GLN C 4490 63.52 -43.11 -35.52
N LYS C 4491 64.76 -42.77 -35.88
CA LYS C 4491 65.10 -41.40 -36.21
C LYS C 4491 64.35 -40.93 -37.44
N LEU C 4492 64.43 -41.70 -38.52
CA LEU C 4492 63.71 -41.33 -39.73
C LEU C 4492 62.24 -41.68 -39.67
N LEU C 4493 61.80 -42.32 -38.59
CA LEU C 4493 60.45 -42.84 -38.53
C LEU C 4493 59.41 -41.74 -38.55
N ASN C 4494 59.73 -40.60 -37.97
CA ASN C 4494 58.81 -39.48 -37.98
C ASN C 4494 58.63 -38.88 -39.37
N TYR C 4495 59.64 -39.06 -40.23
CA TYR C 4495 59.58 -38.46 -41.56
C TYR C 4495 58.47 -39.08 -42.39
N PHE C 4496 58.14 -40.32 -42.12
CA PHE C 4496 57.33 -41.06 -43.05
C PHE C 4496 55.87 -40.68 -42.94
N ALA C 4497 55.35 -40.66 -41.71
CA ALA C 4497 54.05 -40.05 -41.50
C ALA C 4497 54.12 -38.55 -41.65
N ARG C 4498 55.30 -37.97 -41.47
CA ARG C 4498 55.44 -36.52 -41.56
C ARG C 4498 55.19 -36.02 -42.98
N ASN C 4499 55.36 -36.85 -43.99
CA ASN C 4499 55.02 -36.46 -45.35
C ASN C 4499 54.08 -37.47 -46.00
N PHE C 4500 53.36 -38.24 -45.19
CA PHE C 4500 52.59 -39.38 -45.70
C PHE C 4500 51.48 -38.93 -46.64
N TYR C 4501 50.89 -37.78 -46.37
CA TYR C 4501 49.90 -37.26 -47.29
C TYR C 4501 50.55 -36.83 -48.59
N ASN C 4502 51.69 -36.18 -48.50
CA ASN C 4502 52.39 -35.79 -49.71
C ASN C 4502 53.00 -37.01 -50.39
N MET C 4503 53.36 -38.01 -49.59
CA MET C 4503 53.74 -39.31 -50.13
C MET C 4503 52.62 -39.90 -50.96
N ARG C 4504 51.40 -39.84 -50.44
CA ARG C 4504 50.25 -40.37 -51.14
C ARG C 4504 49.97 -39.58 -52.41
N MET C 4505 50.16 -38.27 -52.35
CA MET C 4505 49.93 -37.41 -53.50
C MET C 4505 50.90 -37.73 -54.62
N LEU C 4506 52.18 -37.91 -54.30
CA LEU C 4506 53.11 -38.21 -55.37
C LEU C 4506 52.94 -39.66 -55.83
N ALA C 4507 52.48 -40.53 -54.93
CA ALA C 4507 52.20 -41.90 -55.29
C ALA C 4507 51.10 -41.99 -56.34
N LEU C 4508 50.02 -41.24 -56.14
CA LEU C 4508 49.01 -41.20 -57.17
C LEU C 4508 49.45 -40.39 -58.38
N PHE C 4509 50.39 -39.46 -58.19
CA PHE C 4509 50.88 -38.66 -59.30
C PHE C 4509 51.66 -39.49 -60.29
N VAL C 4510 52.34 -40.53 -59.81
CA VAL C 4510 53.10 -41.39 -60.70
C VAL C 4510 52.18 -42.15 -61.64
N ALA C 4511 50.98 -42.53 -61.16
CA ALA C 4511 50.12 -43.46 -61.86
C ALA C 4511 49.61 -42.93 -63.19
N PHE C 4512 49.52 -41.62 -63.35
CA PHE C 4512 49.22 -41.04 -64.66
C PHE C 4512 50.27 -41.42 -65.68
N ALA C 4513 51.52 -41.04 -65.41
CA ALA C 4513 52.63 -41.35 -66.31
C ALA C 4513 52.89 -42.84 -66.43
N ILE C 4514 52.46 -43.62 -65.44
CA ILE C 4514 52.39 -45.07 -65.63
C ILE C 4514 51.44 -45.40 -66.76
N ASN C 4515 50.17 -45.04 -66.60
CA ASN C 4515 49.19 -45.39 -67.62
C ASN C 4515 49.30 -44.54 -68.87
N PHE C 4516 50.11 -43.48 -68.86
CA PHE C 4516 50.15 -42.59 -70.00
C PHE C 4516 50.85 -43.21 -71.19
N ILE C 4517 51.88 -44.01 -70.95
CA ILE C 4517 52.75 -44.45 -72.03
C ILE C 4517 52.09 -45.57 -72.83
N LEU C 4518 51.08 -46.21 -72.27
CA LEU C 4518 50.50 -47.38 -72.92
C LEU C 4518 49.67 -47.01 -74.15
N LEU C 4519 49.42 -45.72 -74.37
CA LEU C 4519 48.93 -45.29 -75.67
C LEU C 4519 49.99 -45.51 -76.75
N PHE C 4520 51.28 -45.47 -76.38
CA PHE C 4520 52.36 -45.71 -77.32
C PHE C 4520 52.65 -47.20 -77.49
N TYR C 4521 51.58 -47.98 -77.64
CA TYR C 4521 51.69 -49.43 -77.80
C TYR C 4521 51.35 -49.86 -79.23
N LYS C 4522 52.36 -50.29 -79.97
CA LYS C 4522 52.15 -50.74 -81.35
C LYS C 4522 52.35 -52.24 -81.48
N VAL C 4523 51.32 -52.93 -81.97
CA VAL C 4523 51.38 -54.37 -82.14
C VAL C 4523 51.75 -54.73 -83.58
N VAL C 4558 51.01 -59.05 -80.85
CA VAL C 4558 52.24 -58.84 -80.08
C VAL C 4558 52.23 -57.49 -79.38
N HIS C 4559 53.08 -57.36 -78.37
CA HIS C 4559 53.18 -56.12 -77.61
C HIS C 4559 54.46 -55.36 -77.94
N TYR C 4560 54.31 -54.17 -78.52
CA TYR C 4560 55.45 -53.36 -78.88
C TYR C 4560 55.39 -52.02 -78.16
N VAL C 4561 56.55 -51.56 -77.71
CA VAL C 4561 56.69 -50.28 -77.02
C VAL C 4561 57.30 -49.28 -77.99
N LEU C 4562 56.55 -48.25 -78.36
CA LEU C 4562 57.06 -47.20 -79.23
C LEU C 4562 57.64 -46.06 -78.40
N GLU C 4563 58.78 -45.56 -78.83
CA GLU C 4563 59.36 -44.34 -78.28
C GLU C 4563 59.78 -43.41 -79.42
N GLU C 4564 58.90 -42.47 -79.74
CA GLU C 4564 59.15 -41.43 -80.75
C GLU C 4564 59.75 -40.19 -80.12
N SER C 4565 60.79 -40.39 -79.31
CA SER C 4565 61.39 -39.35 -78.50
C SER C 4565 62.81 -39.80 -78.15
N SER C 4566 63.40 -39.18 -77.14
CA SER C 4566 64.65 -39.66 -76.58
C SER C 4566 64.46 -41.08 -76.05
N GLY C 4567 65.07 -42.04 -76.74
CA GLY C 4567 64.81 -43.46 -76.60
C GLY C 4567 65.23 -44.10 -75.29
N TYR C 4568 65.74 -43.33 -74.34
CA TYR C 4568 65.97 -43.87 -73.01
C TYR C 4568 64.74 -43.79 -72.13
N MET C 4569 63.58 -43.48 -72.69
CA MET C 4569 62.37 -43.42 -71.89
C MET C 4569 61.86 -44.80 -71.50
N GLU C 4570 62.10 -45.79 -72.34
CA GLU C 4570 61.75 -47.16 -71.98
C GLU C 4570 62.60 -47.71 -70.82
N PRO C 4571 63.92 -47.47 -70.73
CA PRO C 4571 64.60 -47.82 -69.47
C PRO C 4571 64.10 -47.05 -68.26
N THR C 4572 63.69 -45.79 -68.44
CA THR C 4572 63.10 -45.10 -67.30
C THR C 4572 61.74 -45.65 -66.97
N LEU C 4573 61.03 -46.21 -67.95
CA LEU C 4573 59.81 -46.93 -67.64
C LEU C 4573 60.10 -48.16 -66.80
N ARG C 4574 61.16 -48.89 -67.18
CA ARG C 4574 61.63 -50.04 -66.40
C ARG C 4574 62.02 -49.62 -65.00
N ILE C 4575 62.52 -48.40 -64.86
CA ILE C 4575 62.80 -47.85 -63.53
C ILE C 4575 61.51 -47.61 -62.77
N LEU C 4576 60.59 -46.86 -63.38
CA LEU C 4576 59.48 -46.31 -62.63
C LEU C 4576 58.46 -47.37 -62.28
N ALA C 4577 58.44 -48.48 -63.02
CA ALA C 4577 57.50 -49.55 -62.75
C ALA C 4577 57.73 -50.20 -61.40
N ILE C 4578 58.96 -50.16 -60.89
CA ILE C 4578 59.22 -50.60 -59.54
C ILE C 4578 59.44 -49.43 -58.60
N LEU C 4579 59.74 -48.24 -59.14
CA LEU C 4579 59.89 -47.06 -58.30
C LEU C 4579 58.58 -46.67 -57.66
N HIS C 4580 57.50 -46.71 -58.44
CA HIS C 4580 56.16 -46.49 -57.93
C HIS C 4580 55.81 -47.50 -56.86
N THR C 4581 56.27 -48.74 -57.03
CA THR C 4581 55.95 -49.79 -56.08
C THR C 4581 56.60 -49.56 -54.74
N VAL C 4582 57.88 -49.18 -54.75
CA VAL C 4582 58.49 -48.94 -53.46
C VAL C 4582 58.01 -47.63 -52.86
N ILE C 4583 57.52 -46.71 -53.69
CA ILE C 4583 56.83 -45.55 -53.15
C ILE C 4583 55.57 -45.97 -52.41
N SER C 4584 54.80 -46.87 -52.99
CA SER C 4584 53.58 -47.33 -52.32
C SER C 4584 53.89 -48.10 -51.05
N PHE C 4585 55.01 -48.83 -51.06
CA PHE C 4585 55.46 -49.49 -49.85
C PHE C 4585 55.82 -48.47 -48.78
N PHE C 4586 56.47 -47.38 -49.17
CA PHE C 4586 56.76 -46.34 -48.20
C PHE C 4586 55.50 -45.64 -47.73
N CYS C 4587 54.49 -45.58 -48.59
CA CYS C 4587 53.20 -45.06 -48.17
C CYS C 4587 52.56 -45.94 -47.10
N ILE C 4588 52.68 -47.27 -47.25
CA ILE C 4588 52.14 -48.14 -46.21
C ILE C 4588 52.97 -48.02 -44.95
N ILE C 4589 54.24 -47.65 -45.07
CA ILE C 4589 55.06 -47.45 -43.89
C ILE C 4589 54.61 -46.21 -43.13
N GLY C 4590 54.45 -45.09 -43.83
CA GLY C 4590 53.99 -43.87 -43.20
C GLY C 4590 52.58 -43.97 -42.66
N TYR C 4591 51.73 -44.76 -43.31
CA TYR C 4591 50.41 -45.02 -42.77
C TYR C 4591 50.47 -45.88 -41.53
N TYR C 4592 51.37 -46.87 -41.52
CA TYR C 4592 51.52 -47.72 -40.35
C TYR C 4592 52.02 -46.95 -39.17
N CYS C 4593 52.78 -45.90 -39.42
CA CYS C 4593 52.93 -44.88 -38.40
C CYS C 4593 51.58 -44.24 -38.09
N LEU C 4594 50.95 -43.65 -39.08
CA LEU C 4594 50.02 -42.56 -38.78
C LEU C 4594 48.66 -43.03 -38.30
N LYS C 4595 47.87 -43.64 -39.16
CA LYS C 4595 46.47 -43.86 -38.78
C LYS C 4595 46.31 -45.25 -38.19
N VAL C 4596 47.22 -45.55 -37.29
CA VAL C 4596 47.35 -46.82 -36.58
C VAL C 4596 47.30 -46.25 -35.17
N PRO C 4597 47.70 -46.95 -34.14
CA PRO C 4597 46.78 -47.36 -33.07
C PRO C 4597 45.71 -46.41 -32.56
N LEU C 4598 45.66 -45.12 -32.93
CA LEU C 4598 44.59 -44.22 -32.52
C LEU C 4598 43.22 -44.83 -32.76
N VAL C 4599 43.08 -45.57 -33.84
CA VAL C 4599 41.87 -46.33 -34.09
C VAL C 4599 41.73 -47.44 -33.05
N ILE C 4600 42.83 -48.13 -32.74
CA ILE C 4600 42.68 -49.24 -31.81
C ILE C 4600 42.72 -48.69 -30.40
N PHE C 4601 43.26 -47.48 -30.25
CA PHE C 4601 43.05 -46.72 -29.03
C PHE C 4601 41.58 -46.46 -28.81
N LYS C 4602 40.85 -46.09 -29.86
CA LYS C 4602 39.41 -45.91 -29.74
C LYS C 4602 38.72 -47.23 -29.42
N ARG C 4603 39.11 -48.28 -30.13
CA ARG C 4603 38.52 -49.60 -29.92
C ARG C 4603 38.78 -50.09 -28.50
N GLU C 4604 39.99 -49.88 -28.02
CA GLU C 4604 40.38 -50.34 -26.70
C GLU C 4604 39.67 -49.52 -25.63
N LYS C 4605 39.57 -48.21 -25.84
CA LYS C 4605 38.82 -47.34 -24.94
C LYS C 4605 37.37 -47.77 -24.85
N GLU C 4606 36.80 -48.10 -26.00
CA GLU C 4606 35.44 -48.58 -26.08
C GLU C 4606 35.25 -49.86 -25.29
N VAL C 4607 36.10 -50.85 -25.54
CA VAL C 4607 35.85 -52.14 -24.91
C VAL C 4607 36.17 -52.08 -23.44
N ALA C 4608 37.09 -51.20 -23.06
CA ALA C 4608 37.42 -51.03 -21.66
C ALA C 4608 36.27 -50.42 -20.91
N ARG C 4609 35.70 -49.35 -21.45
CA ARG C 4609 34.59 -48.71 -20.75
C ARG C 4609 33.33 -49.56 -20.84
N LYS C 4610 33.22 -50.44 -21.82
CA LYS C 4610 32.02 -51.25 -21.89
C LYS C 4610 32.10 -52.45 -20.97
N LEU C 4611 33.28 -53.03 -20.82
CA LEU C 4611 33.46 -53.99 -19.75
C LEU C 4611 33.35 -53.32 -18.39
N GLU C 4612 33.70 -52.04 -18.32
CA GLU C 4612 33.62 -51.31 -17.07
C GLU C 4612 32.20 -51.09 -16.64
N PHE C 4613 31.41 -50.43 -17.49
CA PHE C 4613 30.02 -50.18 -17.16
C PHE C 4613 29.22 -51.45 -17.14
N ASP C 4614 29.64 -52.46 -17.88
CA ASP C 4614 28.76 -53.53 -18.27
C ASP C 4614 29.25 -54.90 -17.84
N GLY C 4615 30.52 -55.21 -18.07
CA GLY C 4615 30.98 -56.55 -17.74
C GLY C 4615 30.41 -57.54 -18.73
N LEU C 4616 30.50 -57.17 -20.00
CA LEU C 4616 29.87 -57.94 -21.07
C LEU C 4616 30.46 -59.33 -21.18
N TYR C 4617 31.78 -59.43 -21.12
CA TYR C 4617 32.40 -60.74 -21.15
C TYR C 4617 32.27 -61.47 -19.84
N ILE C 4618 31.80 -60.81 -18.79
CA ILE C 4618 31.61 -61.43 -17.50
C ILE C 4618 30.17 -61.75 -17.24
N THR C 4619 29.30 -60.82 -17.54
CA THR C 4619 27.91 -60.97 -17.19
C THR C 4619 27.01 -61.20 -18.38
N GLU C 4620 27.41 -60.74 -19.56
CA GLU C 4620 26.52 -60.70 -20.71
C GLU C 4620 26.90 -61.66 -21.81
N GLN C 4621 28.20 -61.82 -22.10
CA GLN C 4621 28.76 -62.77 -23.07
C GLN C 4621 28.10 -62.64 -24.43
N PRO C 4622 28.44 -61.61 -25.20
CA PRO C 4622 27.62 -61.24 -26.37
C PRO C 4622 27.57 -62.30 -27.45
N SER C 4623 26.65 -62.09 -28.38
CA SER C 4623 26.13 -63.13 -29.26
C SER C 4623 27.15 -63.52 -30.33
N GLU C 4624 26.71 -64.36 -31.25
CA GLU C 4624 27.57 -64.80 -32.35
C GLU C 4624 27.96 -63.66 -33.26
N ASP C 4625 27.18 -62.61 -33.33
CA ASP C 4625 27.53 -61.45 -34.12
C ASP C 4625 28.52 -60.58 -33.34
N ASP C 4626 28.84 -59.42 -33.92
CA ASP C 4626 29.96 -58.57 -33.54
C ASP C 4626 31.25 -59.38 -33.48
N ILE C 4627 31.63 -59.82 -34.67
CA ILE C 4627 32.92 -60.45 -34.90
C ILE C 4627 34.05 -59.53 -34.50
N LYS C 4628 33.86 -58.22 -34.65
CA LYS C 4628 34.79 -57.25 -34.10
C LYS C 4628 34.84 -57.36 -32.58
N GLY C 4629 33.67 -57.45 -31.96
CA GLY C 4629 33.58 -57.59 -30.53
C GLY C 4629 34.01 -58.96 -30.08
N GLN C 4630 33.56 -59.99 -30.80
CA GLN C 4630 33.94 -61.35 -30.44
C GLN C 4630 35.41 -61.61 -30.67
N TRP C 4631 36.06 -60.80 -31.51
CA TRP C 4631 37.51 -60.83 -31.59
C TRP C 4631 38.13 -60.37 -30.29
N ASP C 4632 37.46 -59.47 -29.59
CA ASP C 4632 37.96 -58.98 -28.31
C ASP C 4632 37.59 -59.86 -27.16
N ARG C 4633 36.88 -60.96 -27.42
CA ARG C 4633 36.79 -62.04 -26.46
C ARG C 4633 38.11 -62.76 -26.29
N LEU C 4634 39.10 -62.46 -27.11
CA LEU C 4634 40.40 -63.05 -27.00
C LEU C 4634 41.44 -62.05 -26.54
N VAL C 4635 41.04 -60.82 -26.25
CA VAL C 4635 41.97 -59.83 -25.75
C VAL C 4635 41.76 -59.56 -24.27
N ILE C 4636 40.82 -60.26 -23.65
CA ILE C 4636 40.41 -59.97 -22.28
C ILE C 4636 41.55 -60.21 -21.31
N ASN C 4637 42.29 -61.28 -21.53
CA ASN C 4637 43.35 -61.70 -20.62
C ASN C 4637 44.68 -61.01 -20.87
N THR C 4638 44.74 -60.16 -21.88
CA THR C 4638 46.03 -59.72 -22.40
C THR C 4638 46.70 -58.73 -21.47
N GLN C 4639 48.03 -58.77 -21.50
CA GLN C 4639 48.82 -58.34 -20.37
C GLN C 4639 48.94 -56.83 -20.32
N SER C 4640 49.59 -56.25 -21.33
CA SER C 4640 49.62 -54.80 -21.43
C SER C 4640 48.38 -54.39 -22.20
N PHE C 4641 47.25 -54.46 -21.51
CA PHE C 4641 45.96 -54.36 -22.19
C PHE C 4641 45.67 -52.97 -22.74
N PRO C 4642 45.78 -51.86 -21.98
CA PRO C 4642 45.71 -50.56 -22.65
C PRO C 4642 47.11 -50.09 -23.04
N ASN C 4643 47.71 -50.77 -24.02
CA ASN C 4643 49.11 -50.56 -24.34
C ASN C 4643 49.36 -49.18 -24.91
N ASN C 4644 48.32 -48.53 -25.39
CA ASN C 4644 48.42 -47.13 -25.75
C ASN C 4644 47.18 -46.36 -25.31
N TYR C 4645 46.39 -46.90 -24.38
CA TYR C 4645 45.24 -46.08 -24.05
C TYR C 4645 45.47 -45.26 -22.79
N TRP C 4646 45.20 -45.81 -21.60
CA TRP C 4646 45.25 -44.96 -20.41
C TRP C 4646 46.03 -45.56 -19.27
N ASP C 4647 45.54 -46.70 -18.80
CA ASP C 4647 45.86 -47.22 -17.48
C ASP C 4647 45.21 -48.58 -17.29
N LYS C 4648 45.90 -49.45 -16.57
CA LYS C 4648 45.40 -50.80 -16.36
C LYS C 4648 44.73 -50.97 -15.01
N PHE C 4649 44.64 -49.92 -14.21
CA PHE C 4649 44.08 -50.03 -12.88
C PHE C 4649 42.57 -50.19 -12.96
N VAL C 4650 42.00 -49.84 -14.11
CA VAL C 4650 40.59 -49.98 -14.38
C VAL C 4650 40.21 -51.45 -14.37
N LYS C 4651 41.16 -52.33 -14.69
CA LYS C 4651 40.91 -53.76 -14.61
C LYS C 4651 40.66 -54.20 -13.17
N ARG C 4652 41.54 -53.78 -12.26
CA ARG C 4652 41.32 -54.06 -10.86
C ARG C 4652 40.08 -53.36 -10.33
N LYS C 4653 39.79 -52.19 -10.88
CA LYS C 4653 38.61 -51.43 -10.50
C LYS C 4653 37.33 -52.19 -10.83
N VAL C 4654 37.28 -52.79 -12.01
CA VAL C 4654 36.05 -53.49 -12.34
C VAL C 4654 36.05 -54.89 -11.75
N MET C 4655 37.22 -55.42 -11.39
CA MET C 4655 37.25 -56.59 -10.52
C MET C 4655 36.52 -56.28 -9.22
N ASP C 4656 36.81 -55.12 -8.65
CA ASP C 4656 36.10 -54.70 -7.46
C ASP C 4656 34.66 -54.31 -7.75
N LYS C 4657 34.35 -54.02 -9.00
CA LYS C 4657 32.96 -53.82 -9.32
C LYS C 4657 32.21 -55.14 -9.35
N TYR C 4658 32.88 -56.23 -9.71
CA TYR C 4658 32.15 -57.45 -10.03
C TYR C 4658 32.66 -58.73 -9.40
N GLY C 4659 33.92 -58.82 -8.99
CA GLY C 4659 34.47 -60.10 -8.58
C GLY C 4659 33.90 -60.63 -7.28
N GLU C 4660 33.49 -59.75 -6.38
CA GLU C 4660 32.82 -60.20 -5.17
C GLU C 4660 31.46 -60.78 -5.48
N PHE C 4661 30.81 -60.29 -6.53
CA PHE C 4661 29.54 -60.88 -6.95
C PHE C 4661 29.74 -62.28 -7.47
N TYR C 4662 30.66 -62.47 -8.40
CA TYR C 4662 30.67 -63.70 -9.18
C TYR C 4662 31.93 -64.53 -8.95
N GLY C 4663 33.10 -64.00 -9.26
CA GLY C 4663 34.29 -64.73 -8.92
C GLY C 4663 35.45 -63.78 -8.73
N ARG C 4664 35.99 -63.75 -7.53
CA ARG C 4664 37.01 -62.76 -7.24
C ARG C 4664 38.33 -63.20 -7.84
N ASP C 4665 38.81 -64.35 -7.42
CA ASP C 4665 40.05 -64.87 -7.96
C ASP C 4665 39.85 -65.49 -9.32
N ARG C 4666 38.61 -65.74 -9.72
CA ARG C 4666 38.37 -66.31 -11.03
C ARG C 4666 38.50 -65.25 -12.11
N ILE C 4667 37.81 -64.13 -11.92
CA ILE C 4667 37.76 -63.11 -12.97
C ILE C 4667 39.03 -62.28 -12.99
N SER C 4668 39.67 -62.10 -11.83
CA SER C 4668 40.95 -61.40 -11.79
C SER C 4668 42.01 -62.17 -12.54
N GLU C 4669 42.05 -63.48 -12.32
CA GLU C 4669 42.95 -64.35 -13.09
C GLU C 4669 42.52 -64.40 -14.55
N LEU C 4670 41.23 -64.27 -14.82
CA LEU C 4670 40.75 -64.16 -16.20
C LEU C 4670 41.32 -62.91 -16.85
N LEU C 4671 41.52 -61.86 -16.07
CA LEU C 4671 42.27 -60.72 -16.58
C LEU C 4671 43.77 -60.95 -16.43
N GLY C 4672 44.21 -61.26 -15.22
CA GLY C 4672 45.61 -61.49 -14.96
C GLY C 4672 45.97 -61.33 -13.50
N SER C 4696 69.21 -57.62 -29.04
CA SER C 4696 69.70 -57.71 -27.67
C SER C 4696 68.80 -58.61 -26.82
N ALA C 4697 68.41 -58.15 -25.64
CA ALA C 4697 67.62 -58.96 -24.71
C ALA C 4697 66.12 -58.73 -24.88
N VAL C 4698 65.64 -58.89 -26.11
CA VAL C 4698 64.22 -58.77 -26.42
C VAL C 4698 63.84 -60.17 -26.87
N LEU C 4699 64.40 -61.16 -26.17
CA LEU C 4699 64.41 -62.54 -26.65
C LEU C 4699 63.01 -63.14 -26.71
N ASN C 4700 62.28 -63.08 -25.60
CA ASN C 4700 60.87 -63.49 -25.64
C ASN C 4700 60.00 -62.56 -24.79
N SER C 4701 60.31 -61.26 -24.81
CA SER C 4701 59.69 -60.28 -23.92
C SER C 4701 58.62 -59.46 -24.63
N ILE C 4702 57.80 -60.10 -25.45
CA ILE C 4702 56.87 -59.40 -26.33
C ILE C 4702 55.42 -59.70 -25.94
N ASP C 4703 54.54 -58.77 -26.27
CA ASP C 4703 53.12 -59.03 -26.28
C ASP C 4703 52.85 -60.04 -27.40
N VAL C 4704 52.33 -61.20 -27.06
CA VAL C 4704 52.16 -62.16 -28.14
C VAL C 4704 50.73 -62.09 -28.63
N LYS C 4705 49.81 -62.58 -27.81
CA LYS C 4705 48.45 -62.74 -28.29
C LYS C 4705 47.72 -61.42 -28.31
N TYR C 4706 48.14 -60.47 -27.47
CA TYR C 4706 47.67 -59.11 -27.61
C TYR C 4706 48.06 -58.55 -28.96
N GLN C 4707 49.28 -58.83 -29.39
CA GLN C 4707 49.71 -58.34 -30.69
C GLN C 4707 48.93 -59.01 -31.80
N MET C 4708 48.59 -60.29 -31.64
CA MET C 4708 47.79 -60.97 -32.65
C MET C 4708 46.39 -60.40 -32.71
N TRP C 4709 45.83 -60.07 -31.55
CA TRP C 4709 44.53 -59.42 -31.52
C TRP C 4709 44.61 -58.07 -32.19
N LYS C 4710 45.69 -57.35 -31.95
CA LYS C 4710 45.89 -56.03 -32.53
C LYS C 4710 45.89 -56.11 -34.04
N LEU C 4711 46.60 -57.09 -34.57
CA LEU C 4711 46.62 -57.28 -36.01
C LEU C 4711 45.27 -57.72 -36.54
N GLY C 4712 44.54 -58.53 -35.78
CA GLY C 4712 43.23 -58.97 -36.23
C GLY C 4712 42.24 -57.84 -36.28
N VAL C 4713 42.42 -56.84 -35.42
CA VAL C 4713 41.68 -55.61 -35.60
C VAL C 4713 42.20 -54.86 -36.81
N VAL C 4714 43.53 -54.86 -36.97
CA VAL C 4714 44.21 -54.01 -37.95
C VAL C 4714 43.78 -54.37 -39.36
N PHE C 4715 43.58 -55.66 -39.61
CA PHE C 4715 43.11 -56.10 -40.91
C PHE C 4715 41.72 -55.60 -41.24
N THR C 4716 40.91 -55.31 -40.24
CA THR C 4716 39.54 -54.92 -40.51
C THR C 4716 39.40 -53.42 -40.67
N ASP C 4717 40.23 -52.83 -41.53
CA ASP C 4717 40.13 -51.42 -41.84
C ASP C 4717 39.87 -51.25 -43.32
N ASN C 4718 39.04 -50.26 -43.67
CA ASN C 4718 38.81 -49.94 -45.07
C ASN C 4718 40.07 -49.42 -45.73
N SER C 4719 40.58 -48.30 -45.25
CA SER C 4719 41.64 -47.59 -45.95
C SER C 4719 42.95 -48.35 -45.91
N PHE C 4720 43.20 -49.09 -44.84
CA PHE C 4720 44.39 -49.92 -44.78
C PHE C 4720 44.32 -51.02 -45.82
N LEU C 4721 43.17 -51.69 -45.91
CA LEU C 4721 43.01 -52.68 -46.95
C LEU C 4721 42.97 -52.05 -48.32
N TYR C 4722 42.50 -50.81 -48.41
CA TYR C 4722 42.53 -50.08 -49.67
C TYR C 4722 43.96 -49.91 -50.15
N LEU C 4723 44.84 -49.48 -49.26
CA LEU C 4723 46.21 -49.27 -49.67
C LEU C 4723 46.96 -50.58 -49.81
N ALA C 4724 46.56 -51.61 -49.07
CA ALA C 4724 47.17 -52.91 -49.25
C ALA C 4724 46.82 -53.49 -50.60
N TRP C 4725 45.57 -53.30 -51.00
CA TRP C 4725 45.12 -53.65 -52.33
C TRP C 4725 45.86 -52.83 -53.37
N TYR C 4726 46.13 -51.56 -53.06
CA TYR C 4726 46.91 -50.73 -53.96
C TYR C 4726 48.33 -51.25 -54.10
N MET C 4727 48.88 -51.79 -53.03
CA MET C 4727 50.20 -52.40 -53.09
C MET C 4727 50.19 -53.65 -53.95
N THR C 4728 49.16 -54.48 -53.79
CA THR C 4728 49.04 -55.65 -54.64
C THR C 4728 48.77 -55.27 -56.08
N MET C 4729 48.14 -54.12 -56.30
CA MET C 4729 48.05 -53.57 -57.63
C MET C 4729 49.44 -53.22 -58.15
N SER C 4730 50.26 -52.61 -57.31
CA SER C 4730 51.57 -52.21 -57.78
C SER C 4730 52.56 -53.35 -57.84
N VAL C 4731 52.18 -54.54 -57.37
CA VAL C 4731 53.04 -55.72 -57.45
C VAL C 4731 53.43 -56.03 -58.89
N LEU C 4732 52.49 -55.91 -59.80
CA LEU C 4732 52.66 -56.57 -61.09
C LEU C 4732 53.60 -55.86 -62.04
N GLY C 4733 54.27 -54.78 -61.62
CA GLY C 4733 55.31 -54.21 -62.46
C GLY C 4733 56.46 -55.18 -62.63
N HIS C 4734 56.80 -55.90 -61.56
CA HIS C 4734 57.74 -57.00 -61.69
C HIS C 4734 57.09 -58.17 -62.44
N TYR C 4735 55.77 -58.26 -62.42
CA TYR C 4735 55.14 -59.40 -63.08
C TYR C 4735 54.78 -59.08 -64.52
N ASN C 4736 53.86 -58.13 -64.73
CA ASN C 4736 53.29 -57.85 -66.04
C ASN C 4736 52.45 -56.61 -65.97
N ASN C 4737 52.53 -55.79 -67.00
CA ASN C 4737 51.55 -54.71 -67.12
C ASN C 4737 50.33 -55.13 -67.93
N PHE C 4738 49.74 -56.26 -67.54
CA PHE C 4738 48.40 -56.58 -68.01
C PHE C 4738 47.39 -55.64 -67.37
N PHE C 4739 47.30 -55.68 -66.05
CA PHE C 4739 46.48 -54.77 -65.29
C PHE C 4739 47.30 -53.84 -64.43
N PHE C 4740 48.62 -53.81 -64.61
CA PHE C 4740 49.45 -53.11 -63.64
C PHE C 4740 49.37 -51.60 -63.79
N ALA C 4741 49.08 -51.11 -64.99
CA ALA C 4741 48.89 -49.67 -65.12
C ALA C 4741 47.50 -49.22 -64.73
N ALA C 4742 46.64 -50.11 -64.26
CA ALA C 4742 45.26 -49.79 -63.94
C ALA C 4742 45.08 -49.34 -62.50
N HIS C 4743 46.10 -48.73 -61.90
CA HIS C 4743 46.04 -48.21 -60.54
C HIS C 4743 45.07 -47.06 -60.38
N LEU C 4744 44.52 -46.55 -61.45
CA LEU C 4744 43.97 -45.21 -61.49
C LEU C 4744 42.62 -45.11 -60.83
N LEU C 4745 42.13 -46.20 -60.23
CA LEU C 4745 40.97 -46.14 -59.35
C LEU C 4745 41.22 -45.26 -58.15
N ASP C 4746 42.48 -45.07 -57.75
CA ASP C 4746 42.85 -44.37 -56.53
C ASP C 4746 42.44 -42.90 -56.53
N ILE C 4747 42.06 -42.36 -57.68
CA ILE C 4747 41.50 -41.03 -57.73
C ILE C 4747 40.15 -40.98 -57.02
N ALA C 4748 39.47 -42.12 -56.87
CA ALA C 4748 38.21 -42.16 -56.14
C ALA C 4748 38.38 -41.97 -54.64
N MET C 4749 39.59 -42.06 -54.12
CA MET C 4749 39.82 -41.71 -52.72
C MET C 4749 40.91 -40.66 -52.54
N GLY C 4750 41.61 -40.28 -53.59
CA GLY C 4750 42.60 -39.23 -53.48
C GLY C 4750 41.96 -37.87 -53.32
N PHE C 4751 41.40 -37.33 -54.39
CA PHE C 4751 40.66 -36.10 -54.29
C PHE C 4751 39.23 -36.40 -53.90
N LYS C 4752 38.66 -35.54 -53.08
CA LYS C 4752 37.29 -35.73 -52.63
C LYS C 4752 36.33 -34.82 -53.37
N THR C 4753 36.87 -33.92 -54.20
CA THR C 4753 36.06 -33.04 -55.01
C THR C 4753 35.15 -33.82 -55.94
N LEU C 4754 35.69 -34.89 -56.51
CA LEU C 4754 34.92 -35.79 -57.33
C LEU C 4754 33.92 -36.61 -56.54
N ARG C 4755 34.14 -36.78 -55.25
CA ARG C 4755 33.29 -37.66 -54.48
C ARG C 4755 31.90 -37.11 -54.27
N THR C 4756 31.69 -35.81 -54.53
CA THR C 4756 30.35 -35.26 -54.63
C THR C 4756 29.53 -35.99 -55.66
N ILE C 4757 30.11 -36.22 -56.82
CA ILE C 4757 29.42 -36.89 -57.90
C ILE C 4757 29.17 -38.34 -57.55
N LEU C 4758 30.16 -38.98 -56.97
CA LEU C 4758 30.05 -40.40 -56.70
C LEU C 4758 29.06 -40.67 -55.59
N SER C 4759 28.99 -39.76 -54.62
CA SER C 4759 27.97 -39.84 -53.61
C SER C 4759 26.61 -39.53 -54.18
N SER C 4760 26.55 -38.61 -55.16
CA SER C 4760 25.30 -38.29 -55.83
C SER C 4760 24.77 -39.49 -56.60
N VAL C 4761 25.66 -40.39 -56.97
CA VAL C 4761 25.18 -41.69 -57.41
C VAL C 4761 24.83 -42.57 -56.23
N THR C 4762 25.79 -42.78 -55.33
CA THR C 4762 25.87 -44.05 -54.61
C THR C 4762 24.82 -44.18 -53.52
N HIS C 4763 24.22 -43.10 -53.08
CA HIS C 4763 23.13 -43.22 -52.12
C HIS C 4763 21.85 -43.68 -52.77
N ASN C 4764 21.73 -43.47 -54.07
CA ASN C 4764 20.49 -43.73 -54.77
C ASN C 4764 20.53 -45.04 -55.53
N GLY C 4765 21.68 -45.71 -55.54
CA GLY C 4765 21.85 -46.92 -56.33
C GLY C 4765 21.02 -48.09 -55.85
N LYS C 4766 20.60 -48.05 -54.59
CA LYS C 4766 19.78 -49.11 -54.03
C LYS C 4766 18.46 -49.23 -54.76
N GLN C 4767 17.97 -48.14 -55.33
CA GLN C 4767 16.87 -48.28 -56.26
C GLN C 4767 17.34 -48.52 -57.67
N LEU C 4768 18.58 -48.16 -57.98
CA LEU C 4768 19.01 -48.25 -59.37
C LEU C 4768 19.20 -49.70 -59.79
N VAL C 4769 19.57 -50.54 -58.84
CA VAL C 4769 19.61 -51.97 -59.15
C VAL C 4769 18.21 -52.50 -59.39
N LEU C 4770 17.21 -51.89 -58.77
CA LEU C 4770 15.84 -52.31 -59.05
C LEU C 4770 15.41 -51.83 -60.42
N THR C 4771 15.95 -50.69 -60.86
CA THR C 4771 15.69 -50.26 -62.23
C THR C 4771 16.25 -51.26 -63.22
N VAL C 4772 17.44 -51.79 -62.92
CA VAL C 4772 18.00 -52.86 -63.73
C VAL C 4772 17.08 -54.08 -63.76
N GLY C 4773 16.55 -54.44 -62.59
CA GLY C 4773 15.68 -55.60 -62.52
C GLY C 4773 14.40 -55.43 -63.30
N LEU C 4774 13.83 -54.22 -63.27
CA LEU C 4774 12.57 -54.03 -63.98
C LEU C 4774 12.80 -53.99 -65.47
N LEU C 4775 13.94 -53.44 -65.89
CA LEU C 4775 14.37 -53.57 -67.28
C LEU C 4775 14.40 -55.02 -67.71
N ALA C 4776 15.03 -55.86 -66.89
CA ALA C 4776 15.19 -57.26 -67.22
C ALA C 4776 13.84 -57.95 -67.34
N VAL C 4777 12.92 -57.62 -66.46
CA VAL C 4777 11.68 -58.37 -66.53
C VAL C 4777 10.75 -57.83 -67.59
N VAL C 4778 10.85 -56.55 -67.94
CA VAL C 4778 9.94 -56.09 -68.99
C VAL C 4778 10.43 -56.58 -70.33
N VAL C 4779 11.74 -56.77 -70.49
CA VAL C 4779 12.16 -57.35 -71.74
C VAL C 4779 11.97 -58.85 -71.71
N TYR C 4780 11.97 -59.46 -70.52
CA TYR C 4780 11.59 -60.85 -70.41
C TYR C 4780 10.13 -61.04 -70.74
N LEU C 4781 9.33 -60.01 -70.56
CA LEU C 4781 7.99 -60.05 -71.10
C LEU C 4781 7.98 -59.91 -72.61
N TYR C 4782 8.64 -58.89 -73.12
CA TYR C 4782 8.57 -58.57 -74.55
C TYR C 4782 9.12 -59.69 -75.43
N THR C 4783 10.05 -60.45 -74.91
CA THR C 4783 10.59 -61.54 -75.69
C THR C 4783 9.66 -62.74 -75.74
N VAL C 4784 8.49 -62.68 -75.11
CA VAL C 4784 7.55 -63.78 -75.26
C VAL C 4784 6.68 -63.48 -76.46
N VAL C 4785 6.52 -62.19 -76.76
CA VAL C 4785 5.40 -61.75 -77.58
C VAL C 4785 5.58 -62.17 -79.02
N ALA C 4786 6.60 -61.62 -79.68
CA ALA C 4786 6.82 -61.94 -81.08
C ALA C 4786 7.32 -63.37 -81.23
N PHE C 4787 7.95 -63.90 -80.19
CA PHE C 4787 8.32 -65.29 -80.14
C PHE C 4787 7.10 -66.19 -80.20
N ASN C 4788 5.98 -65.73 -79.68
CA ASN C 4788 4.77 -66.47 -79.90
C ASN C 4788 3.99 -65.96 -81.08
N PHE C 4789 4.35 -64.83 -81.65
CA PHE C 4789 3.46 -64.22 -82.63
C PHE C 4789 4.10 -63.59 -83.85
N PHE C 4790 5.40 -63.31 -83.87
CA PHE C 4790 5.96 -62.62 -85.03
C PHE C 4790 7.34 -63.16 -85.37
N ARG C 4791 7.47 -64.48 -85.40
CA ARG C 4791 8.78 -65.04 -85.72
C ARG C 4791 9.15 -64.84 -87.17
N LYS C 4792 8.16 -64.67 -88.04
CA LYS C 4792 8.46 -64.19 -89.38
C LYS C 4792 8.96 -62.77 -89.35
N PHE C 4793 8.53 -61.98 -88.38
CA PHE C 4793 9.06 -60.65 -88.28
C PHE C 4793 10.41 -60.63 -87.62
N TYR C 4794 10.77 -61.69 -86.91
CA TYR C 4794 12.18 -61.90 -86.66
C TYR C 4794 12.84 -62.07 -88.00
N ASN C 4795 13.90 -61.32 -88.23
CA ASN C 4795 14.85 -61.57 -89.31
C ASN C 4795 16.11 -60.78 -89.00
N LYS C 4796 17.14 -61.44 -88.52
CA LYS C 4796 18.49 -60.94 -88.67
C LYS C 4796 19.15 -61.53 -89.88
N SER C 4797 18.33 -62.02 -90.80
CA SER C 4797 18.78 -62.61 -92.03
C SER C 4797 19.48 -61.58 -92.89
N GLU C 4798 20.46 -62.05 -93.66
CA GLU C 4798 21.02 -61.26 -94.74
C GLU C 4798 20.19 -61.50 -95.99
N ASP C 4799 18.94 -61.04 -95.92
CA ASP C 4799 17.97 -61.04 -97.01
C ASP C 4799 17.59 -62.45 -97.46
N GLY C 4800 17.60 -63.40 -96.53
CA GLY C 4800 16.91 -64.67 -96.71
C GLY C 4800 17.57 -65.70 -97.59
N ASP C 4801 18.25 -65.26 -98.66
CA ASP C 4801 19.01 -66.14 -99.53
C ASP C 4801 20.21 -66.74 -98.82
N THR C 4802 20.71 -66.09 -97.79
CA THR C 4802 21.71 -66.65 -96.90
C THR C 4802 21.03 -67.66 -95.98
N PRO C 4803 21.78 -68.33 -95.08
CA PRO C 4803 21.11 -69.09 -94.02
C PRO C 4803 20.37 -68.17 -93.06
N ASP C 4804 19.14 -67.85 -93.46
CA ASP C 4804 18.36 -66.73 -92.93
C ASP C 4804 18.16 -66.82 -91.42
N MET C 4805 18.50 -65.74 -90.73
CA MET C 4805 18.64 -65.76 -89.28
C MET C 4805 17.45 -65.10 -88.62
N LYS C 4806 16.74 -65.88 -87.80
CA LYS C 4806 15.61 -65.43 -87.00
C LYS C 4806 15.71 -66.12 -85.65
N CYS C 4807 15.70 -65.36 -84.57
CA CYS C 4807 15.80 -65.97 -83.24
C CYS C 4807 14.46 -66.55 -82.81
N ASP C 4808 14.21 -67.79 -83.23
CA ASP C 4808 13.03 -68.52 -82.79
C ASP C 4808 13.30 -69.35 -81.53
N ASP C 4809 14.26 -68.95 -80.72
CA ASP C 4809 14.37 -69.42 -79.36
C ASP C 4809 14.24 -68.23 -78.43
N MET C 4810 13.49 -68.44 -77.33
CA MET C 4810 13.15 -67.38 -76.39
C MET C 4810 14.39 -66.71 -75.82
N LEU C 4811 15.38 -67.51 -75.42
CA LEU C 4811 16.62 -66.94 -74.89
C LEU C 4811 17.36 -66.15 -75.95
N THR C 4812 17.34 -66.64 -77.19
CA THR C 4812 18.09 -65.98 -78.24
C THR C 4812 17.52 -64.62 -78.57
N CYS C 4813 16.21 -64.54 -78.77
CA CYS C 4813 15.61 -63.24 -79.08
C CYS C 4813 15.63 -62.33 -77.87
N TYR C 4814 15.61 -62.93 -76.68
CA TYR C 4814 15.75 -62.15 -75.45
C TYR C 4814 17.08 -61.43 -75.41
N MET C 4815 18.16 -62.20 -75.59
CA MET C 4815 19.48 -61.61 -75.64
C MET C 4815 19.64 -60.67 -76.82
N PHE C 4816 18.87 -60.92 -77.88
CA PHE C 4816 18.93 -60.04 -79.03
C PHE C 4816 18.32 -58.68 -78.73
N HIS C 4817 17.15 -58.67 -78.09
CA HIS C 4817 16.56 -57.42 -77.65
C HIS C 4817 17.45 -56.73 -76.65
N MET C 4818 18.10 -57.52 -75.80
CA MET C 4818 19.04 -56.97 -74.83
C MET C 4818 20.21 -56.31 -75.53
N TYR C 4819 20.67 -56.91 -76.61
CA TYR C 4819 21.81 -56.33 -77.27
C TYR C 4819 21.40 -55.18 -78.15
N VAL C 4820 20.26 -55.32 -78.80
CA VAL C 4820 19.90 -54.38 -79.84
C VAL C 4820 18.87 -53.40 -79.32
N GLY C 4821 17.73 -53.93 -78.88
CA GLY C 4821 16.60 -53.06 -78.52
C GLY C 4821 16.88 -52.19 -77.32
N VAL C 4822 17.81 -52.61 -76.48
CA VAL C 4822 18.31 -51.71 -75.45
C VAL C 4822 19.14 -50.60 -76.08
N ARG C 4823 20.08 -50.97 -76.92
CA ARG C 4823 20.95 -49.99 -77.55
C ARG C 4823 20.31 -49.35 -78.77
N ALA C 4824 18.98 -49.40 -78.88
CA ALA C 4824 18.29 -49.03 -80.10
C ALA C 4824 18.29 -47.54 -80.35
N GLY C 4825 17.61 -46.79 -79.50
CA GLY C 4825 17.43 -45.38 -79.76
C GLY C 4825 16.27 -45.10 -80.69
N GLY C 4826 16.38 -45.56 -81.94
CA GLY C 4826 15.30 -45.37 -82.87
C GLY C 4826 14.17 -46.34 -82.74
N GLY C 4827 14.23 -47.26 -81.79
CA GLY C 4827 13.18 -48.23 -81.60
C GLY C 4827 13.57 -49.59 -82.15
N ILE C 4828 12.88 -50.61 -81.63
CA ILE C 4828 13.13 -51.97 -82.07
C ILE C 4828 12.52 -52.22 -83.44
N GLY C 4829 11.57 -51.37 -83.85
CA GLY C 4829 11.02 -51.46 -85.19
C GLY C 4829 12.00 -51.05 -86.26
N ASP C 4830 13.05 -50.33 -85.87
CA ASP C 4830 14.15 -50.08 -86.77
C ASP C 4830 14.83 -51.38 -87.17
N GLU C 4831 15.27 -52.17 -86.21
CA GLU C 4831 16.06 -53.36 -86.50
C GLU C 4831 15.19 -54.61 -86.49
N ILE C 4832 14.15 -54.58 -87.32
CA ILE C 4832 13.22 -55.70 -87.42
C ILE C 4832 12.48 -55.55 -88.74
N GLU C 4833 11.81 -56.63 -89.16
CA GLU C 4833 10.91 -56.61 -90.30
C GLU C 4833 9.81 -55.56 -90.13
N ASP C 4834 9.79 -54.59 -91.02
CA ASP C 4834 8.63 -53.75 -91.04
C ASP C 4834 7.47 -54.48 -91.70
N PRO C 4835 6.24 -54.16 -91.33
CA PRO C 4835 5.10 -54.70 -92.05
C PRO C 4835 4.60 -53.73 -93.12
N ALA C 4836 4.19 -54.31 -94.24
CA ALA C 4836 3.62 -53.55 -95.33
C ALA C 4836 2.43 -54.30 -95.92
N GLY C 4837 1.57 -54.81 -95.06
CA GLY C 4837 0.43 -55.58 -95.53
C GLY C 4837 0.12 -56.81 -94.72
N ASP C 4838 0.80 -56.98 -93.59
CA ASP C 4838 0.57 -58.14 -92.72
C ASP C 4838 -0.83 -58.11 -92.15
N GLU C 4839 -1.36 -59.31 -91.93
CA GLU C 4839 -2.55 -59.48 -91.09
C GLU C 4839 -2.37 -58.81 -89.74
N TYR C 4840 -1.27 -59.12 -89.05
CA TYR C 4840 -0.99 -58.53 -87.76
C TYR C 4840 -0.06 -57.34 -87.87
N GLU C 4841 -0.17 -56.59 -88.97
CA GLU C 4841 0.68 -55.42 -89.17
C GLU C 4841 0.44 -54.37 -88.10
N ILE C 4842 -0.82 -54.13 -87.76
CA ILE C 4842 -1.11 -53.10 -86.77
C ILE C 4842 -0.69 -53.57 -85.39
N TYR C 4843 -0.78 -54.88 -85.13
CA TYR C 4843 -0.24 -55.43 -83.90
C TYR C 4843 1.26 -55.21 -83.81
N ARG C 4844 1.94 -55.45 -84.93
CA ARG C 4844 3.37 -55.20 -85.02
C ARG C 4844 3.69 -53.73 -84.76
N ILE C 4845 2.90 -52.84 -85.36
CA ILE C 4845 3.11 -51.41 -85.23
C ILE C 4845 2.90 -50.97 -83.79
N ILE C 4846 1.85 -51.49 -83.17
CA ILE C 4846 1.54 -51.09 -81.82
C ILE C 4846 2.56 -51.68 -80.86
N PHE C 4847 3.16 -52.80 -81.24
CA PHE C 4847 4.22 -53.37 -80.45
C PHE C 4847 5.45 -52.47 -80.50
N ASP C 4848 5.76 -51.96 -81.71
CA ASP C 4848 6.82 -50.98 -81.86
C ASP C 4848 6.58 -49.74 -81.05
N ILE C 4849 5.34 -49.26 -81.04
CA ILE C 4849 5.01 -48.03 -80.36
C ILE C 4849 5.17 -48.19 -78.86
N THR C 4850 4.71 -49.34 -78.34
CA THR C 4850 4.80 -49.59 -76.91
C THR C 4850 6.25 -49.75 -76.49
N PHE C 4851 7.07 -50.36 -77.33
CA PHE C 4851 8.50 -50.37 -77.09
C PHE C 4851 9.06 -48.95 -77.10
N PHE C 4852 8.76 -48.21 -78.16
CA PHE C 4852 9.26 -46.87 -78.44
C PHE C 4852 9.01 -45.93 -77.28
N PHE C 4853 7.89 -46.11 -76.62
CA PHE C 4853 7.67 -45.35 -75.40
C PHE C 4853 8.39 -46.01 -74.24
N PHE C 4854 7.94 -47.21 -73.89
CA PHE C 4854 8.12 -47.72 -72.55
C PHE C 4854 9.55 -48.07 -72.27
N VAL C 4855 10.35 -48.25 -73.30
CA VAL C 4855 11.75 -48.43 -73.04
C VAL C 4855 12.39 -47.07 -73.11
N ILE C 4856 12.35 -46.51 -74.32
CA ILE C 4856 13.28 -45.47 -74.73
C ILE C 4856 13.00 -44.20 -73.98
N VAL C 4857 11.73 -43.81 -73.93
CA VAL C 4857 11.34 -42.65 -73.15
C VAL C 4857 11.58 -42.93 -71.68
N ILE C 4858 10.97 -44.01 -71.20
CA ILE C 4858 10.60 -44.09 -69.80
C ILE C 4858 11.81 -44.34 -68.94
N LEU C 4859 12.62 -45.31 -69.32
CA LEU C 4859 13.62 -45.75 -68.37
C LEU C 4859 14.84 -44.85 -68.39
N LEU C 4860 15.14 -44.31 -69.58
CA LEU C 4860 16.06 -43.19 -69.70
C LEU C 4860 15.67 -42.05 -68.76
N ALA C 4861 14.41 -41.63 -68.85
CA ALA C 4861 13.94 -40.55 -68.01
C ALA C 4861 13.97 -40.93 -66.55
N ILE C 4862 13.77 -42.21 -66.26
CA ILE C 4862 13.78 -42.70 -64.89
C ILE C 4862 15.15 -42.51 -64.29
N ILE C 4863 16.17 -42.92 -65.02
CA ILE C 4863 17.50 -42.88 -64.47
C ILE C 4863 17.97 -41.44 -64.35
N GLN C 4864 17.61 -40.61 -65.33
CA GLN C 4864 18.01 -39.21 -65.28
C GLN C 4864 17.32 -38.48 -64.15
N GLY C 4865 16.01 -38.69 -63.98
CA GLY C 4865 15.29 -38.03 -62.92
C GLY C 4865 15.71 -38.50 -61.55
N LEU C 4866 16.06 -39.78 -61.43
CA LEU C 4866 16.68 -40.28 -60.20
C LEU C 4866 17.95 -39.53 -59.90
N ILE C 4867 18.74 -39.28 -60.93
CA ILE C 4867 20.01 -38.62 -60.72
C ILE C 4867 19.82 -37.15 -60.36
N ILE C 4868 18.84 -36.50 -60.95
CA ILE C 4868 18.75 -35.08 -60.68
C ILE C 4868 17.98 -34.79 -59.40
N ASP C 4869 17.05 -35.66 -59.01
CA ASP C 4869 16.54 -35.54 -57.65
C ASP C 4869 17.60 -35.91 -56.63
N ALA C 4870 18.55 -36.79 -57.00
CA ALA C 4870 19.69 -37.04 -56.13
C ALA C 4870 20.55 -35.81 -55.98
N PHE C 4871 20.72 -35.07 -57.08
CA PHE C 4871 21.40 -33.78 -57.05
C PHE C 4871 20.77 -32.83 -56.07
N GLY C 4872 19.46 -32.59 -56.24
CA GLY C 4872 18.78 -31.62 -55.40
C GLY C 4872 18.76 -32.03 -53.95
N GLU C 4873 18.61 -33.34 -53.71
CA GLU C 4873 18.68 -33.90 -52.36
C GLU C 4873 20.01 -33.58 -51.70
N LEU C 4874 21.10 -33.85 -52.41
CA LEU C 4874 22.40 -33.72 -51.78
C LEU C 4874 22.77 -32.25 -51.58
N ARG C 4875 22.39 -31.41 -52.54
CA ARG C 4875 22.65 -29.98 -52.40
C ARG C 4875 21.86 -29.39 -51.25
N ASP C 4876 20.59 -29.78 -51.13
CA ASP C 4876 19.76 -29.27 -50.06
C ASP C 4876 20.27 -29.74 -48.71
N GLN C 4877 20.72 -30.98 -48.63
CA GLN C 4877 21.29 -31.50 -47.40
C GLN C 4877 22.52 -30.73 -46.99
N GLN C 4878 23.40 -30.48 -47.94
CA GLN C 4878 24.63 -29.76 -47.67
C GLN C 4878 24.36 -28.36 -47.15
N GLU C 4879 23.52 -27.61 -47.86
CA GLU C 4879 23.27 -26.25 -47.44
C GLU C 4879 22.43 -26.20 -46.18
N GLN C 4880 21.65 -27.26 -45.93
CA GLN C 4880 20.93 -27.37 -44.68
C GLN C 4880 21.87 -27.42 -43.52
N VAL C 4881 22.87 -28.30 -43.61
CA VAL C 4881 23.94 -28.39 -42.62
C VAL C 4881 24.62 -27.06 -42.43
N LYS C 4882 24.90 -26.37 -43.54
CA LYS C 4882 25.54 -25.06 -43.49
C LYS C 4882 24.70 -24.06 -42.71
N GLU C 4883 23.40 -24.05 -42.97
CA GLU C 4883 22.51 -23.12 -42.28
C GLU C 4883 22.46 -23.40 -40.80
N ASP C 4884 22.33 -24.69 -40.43
CA ASP C 4884 22.20 -25.03 -39.03
C ASP C 4884 23.48 -24.78 -38.27
N MET C 4885 24.61 -24.83 -38.94
CA MET C 4885 25.82 -24.31 -38.32
C MET C 4885 25.73 -22.81 -38.16
N GLU C 4886 25.18 -22.12 -39.16
CA GLU C 4886 25.23 -20.66 -39.16
C GLU C 4886 23.99 -20.01 -38.58
N THR C 4887 23.08 -20.80 -38.04
CA THR C 4887 22.01 -20.29 -37.20
C THR C 4887 22.53 -20.09 -35.79
N LYS C 4888 21.61 -20.14 -34.83
CA LYS C 4888 21.89 -20.30 -33.41
C LYS C 4888 22.97 -21.33 -33.08
N CYS C 4889 23.53 -21.22 -31.89
CA CYS C 4889 24.77 -21.87 -31.50
C CYS C 4889 24.67 -23.39 -31.54
N PHE C 4890 25.82 -24.02 -31.38
CA PHE C 4890 25.77 -25.45 -31.15
C PHE C 4890 25.47 -25.75 -29.70
N ILE C 4891 25.98 -24.93 -28.79
CA ILE C 4891 26.10 -25.35 -27.41
C ILE C 4891 24.88 -24.90 -26.64
N CYS C 4892 24.71 -23.59 -26.51
CA CYS C 4892 23.44 -23.12 -26.01
C CYS C 4892 22.40 -23.29 -27.08
N GLY C 4893 22.68 -22.74 -28.25
CA GLY C 4893 21.85 -22.96 -29.41
C GLY C 4893 20.49 -22.33 -29.26
N ILE C 4894 20.48 -21.01 -29.19
CA ILE C 4894 19.29 -20.27 -28.81
C ILE C 4894 18.80 -19.40 -29.94
N GLY C 4895 19.61 -18.44 -30.37
CA GLY C 4895 19.21 -17.60 -31.46
C GLY C 4895 20.38 -16.85 -32.04
N ASN C 4896 20.59 -17.03 -33.34
CA ASN C 4896 21.53 -16.20 -34.07
C ASN C 4896 21.15 -14.74 -33.95
N ASP C 4897 19.86 -14.47 -34.06
CA ASP C 4897 19.32 -13.14 -33.78
C ASP C 4897 19.49 -12.77 -32.34
N TYR C 4898 19.44 -13.74 -31.43
CA TYR C 4898 19.25 -13.41 -30.04
C TYR C 4898 20.54 -12.90 -29.42
N PHE C 4899 21.65 -13.55 -29.70
CA PHE C 4899 22.90 -13.01 -29.23
C PHE C 4899 23.46 -11.96 -30.18
N ASP C 4900 22.81 -11.75 -31.31
CA ASP C 4900 23.07 -10.53 -32.04
C ASP C 4900 21.90 -9.57 -31.97
N THR C 4901 21.07 -9.67 -30.93
CA THR C 4901 20.19 -8.56 -30.59
C THR C 4901 21.02 -7.32 -30.29
N VAL C 4902 22.03 -7.46 -29.44
CA VAL C 4902 23.10 -6.47 -29.39
C VAL C 4902 24.00 -6.67 -30.61
N PRO C 4903 24.33 -5.62 -31.33
CA PRO C 4903 25.07 -5.78 -32.59
C PRO C 4903 26.46 -6.32 -32.40
N HIS C 4904 26.87 -7.11 -33.39
CA HIS C 4904 28.14 -7.82 -33.42
C HIS C 4904 28.33 -8.72 -32.21
N GLY C 4905 27.27 -9.32 -31.73
CA GLY C 4905 27.39 -10.10 -30.52
C GLY C 4905 27.49 -11.59 -30.76
N PHE C 4906 26.61 -12.12 -31.61
CA PHE C 4906 26.37 -13.55 -31.66
C PHE C 4906 27.59 -14.32 -32.15
N GLU C 4907 28.30 -13.75 -33.11
CA GLU C 4907 29.53 -14.38 -33.57
C GLU C 4907 30.58 -14.36 -32.48
N THR C 4908 30.64 -13.28 -31.73
CA THR C 4908 31.54 -13.21 -30.61
C THR C 4908 31.01 -14.02 -29.47
N HIS C 4909 29.69 -14.09 -29.35
CA HIS C 4909 29.07 -14.96 -28.37
C HIS C 4909 29.45 -16.41 -28.64
N THR C 4910 29.53 -16.78 -29.90
CA THR C 4910 30.05 -18.08 -30.26
C THR C 4910 31.52 -18.17 -29.89
N LEU C 4911 32.31 -17.25 -30.41
CA LEU C 4911 33.77 -17.24 -30.28
C LEU C 4911 34.26 -17.08 -28.86
N GLN C 4912 33.41 -16.69 -27.93
CA GLN C 4912 33.80 -16.54 -26.55
C GLN C 4912 32.97 -17.39 -25.61
N GLU C 4913 31.64 -17.25 -25.65
CA GLU C 4913 30.80 -18.01 -24.75
C GLU C 4913 30.70 -19.47 -25.15
N HIS C 4914 31.06 -19.81 -26.37
CA HIS C 4914 30.93 -21.22 -26.65
C HIS C 4914 32.15 -21.84 -27.27
N ASN C 4915 32.81 -21.15 -28.21
CA ASN C 4915 34.21 -21.28 -28.68
C ASN C 4915 34.79 -22.68 -28.65
N LEU C 4916 34.05 -23.61 -29.24
CA LEU C 4916 33.98 -25.02 -28.88
C LEU C 4916 35.31 -25.72 -28.65
N ALA C 4917 36.35 -25.26 -29.36
CA ALA C 4917 37.69 -25.80 -29.13
C ALA C 4917 38.21 -25.45 -27.74
N ASN C 4918 37.70 -24.41 -27.12
CA ASN C 4918 38.18 -24.04 -25.81
C ASN C 4918 37.77 -25.03 -24.75
N TYR C 4919 36.65 -25.71 -24.93
CA TYR C 4919 36.29 -26.73 -23.96
C TYR C 4919 37.23 -27.90 -24.03
N LEU C 4920 37.67 -28.21 -25.25
CA LEU C 4920 38.71 -29.21 -25.42
C LEU C 4920 40.00 -28.76 -24.78
N PHE C 4921 40.38 -27.50 -25.00
CA PHE C 4921 41.55 -26.91 -24.37
C PHE C 4921 41.46 -27.00 -22.86
N PHE C 4922 40.27 -26.79 -22.36
CA PHE C 4922 40.02 -26.86 -20.94
C PHE C 4922 40.20 -28.27 -20.43
N LEU C 4923 39.84 -29.24 -21.25
CA LEU C 4923 40.05 -30.61 -20.83
C LEU C 4923 41.52 -30.94 -20.79
N MET C 4924 42.29 -30.38 -21.73
CA MET C 4924 43.75 -30.51 -21.64
C MET C 4924 44.25 -29.89 -20.37
N TYR C 4925 43.68 -28.75 -20.03
CA TYR C 4925 44.06 -28.02 -18.84
C TYR C 4925 43.78 -28.84 -17.59
N LEU C 4926 42.65 -29.52 -17.57
CA LEU C 4926 42.29 -30.28 -16.41
C LEU C 4926 43.12 -31.54 -16.30
N ILE C 4927 43.21 -32.29 -17.40
CA ILE C 4927 44.02 -33.50 -17.42
C ILE C 4927 45.49 -33.20 -17.25
N ASN C 4928 45.88 -31.96 -17.46
CA ASN C 4928 47.23 -31.54 -17.20
C ASN C 4928 47.50 -31.49 -15.71
N LYS C 4929 46.73 -30.72 -14.97
CA LYS C 4929 47.11 -30.36 -13.61
C LYS C 4929 46.64 -31.42 -12.62
N ASP C 4930 46.76 -31.10 -11.33
CA ASP C 4930 46.49 -32.04 -10.25
C ASP C 4930 45.32 -31.58 -9.39
N GLU C 4931 44.51 -32.56 -9.00
CA GLU C 4931 43.26 -32.32 -8.26
C GLU C 4931 43.51 -31.75 -6.88
N THR C 4932 44.71 -31.94 -6.35
CA THR C 4932 45.16 -31.24 -5.16
C THR C 4932 45.17 -29.73 -5.33
N GLU C 4933 45.18 -29.25 -6.56
CA GLU C 4933 45.21 -27.83 -6.84
C GLU C 4933 44.01 -27.41 -7.66
N HIS C 4934 43.04 -28.28 -7.77
CA HIS C 4934 41.81 -27.90 -8.45
C HIS C 4934 41.03 -26.92 -7.61
N THR C 4935 40.33 -26.01 -8.26
CA THR C 4935 39.29 -25.33 -7.53
C THR C 4935 38.04 -26.19 -7.50
N GLY C 4936 37.04 -25.68 -6.80
CA GLY C 4936 35.81 -26.41 -6.63
C GLY C 4936 35.09 -26.60 -7.95
N GLN C 4937 35.17 -25.60 -8.82
CA GLN C 4937 34.68 -25.78 -10.18
C GLN C 4937 35.49 -26.83 -10.87
N GLU C 4938 36.81 -26.76 -10.69
CA GLU C 4938 37.72 -27.60 -11.44
C GLU C 4938 37.58 -29.05 -11.01
N SER C 4939 37.75 -29.29 -9.71
CA SER C 4939 37.53 -30.61 -9.16
C SER C 4939 36.11 -31.09 -9.40
N TYR C 4940 35.16 -30.17 -9.38
CA TYR C 4940 33.76 -30.51 -9.54
C TYR C 4940 33.49 -31.10 -10.90
N VAL C 4941 33.80 -30.33 -11.94
CA VAL C 4941 33.54 -30.79 -13.28
C VAL C 4941 34.48 -31.91 -13.64
N TRP C 4942 35.64 -31.99 -12.99
CA TRP C 4942 36.52 -33.12 -13.16
C TRP C 4942 35.83 -34.38 -12.72
N LYS C 4943 35.18 -34.30 -11.57
CA LYS C 4943 34.46 -35.44 -11.05
C LYS C 4943 33.23 -35.73 -11.89
N MET C 4944 32.63 -34.70 -12.46
CA MET C 4944 31.51 -34.90 -13.35
C MET C 4944 31.93 -35.70 -14.56
N TYR C 4945 33.10 -35.37 -15.10
CA TYR C 4945 33.65 -36.12 -16.20
C TYR C 4945 34.05 -37.51 -15.75
N GLN C 4946 34.54 -37.63 -14.52
CA GLN C 4946 34.86 -38.92 -13.96
C GLN C 4946 33.63 -39.78 -13.86
N GLU C 4947 32.49 -39.16 -13.63
CA GLU C 4947 31.26 -39.89 -13.62
C GLU C 4947 30.73 -40.16 -15.00
N ARG C 4948 31.34 -39.54 -16.01
CA ARG C 4948 30.90 -39.61 -17.40
C ARG C 4948 29.44 -39.19 -17.50
N CYS C 4949 29.16 -37.99 -17.04
CA CYS C 4949 27.80 -37.56 -16.82
C CYS C 4949 27.39 -36.42 -17.72
N TRP C 4950 28.18 -35.34 -17.76
CA TRP C 4950 27.99 -34.20 -18.65
C TRP C 4950 26.65 -33.54 -18.47
N GLU C 4951 26.47 -32.88 -17.34
CA GLU C 4951 25.27 -32.10 -17.14
C GLU C 4951 25.53 -30.62 -17.21
N PHE C 4952 26.78 -30.22 -17.08
CA PHE C 4952 27.18 -28.86 -16.83
C PHE C 4952 27.12 -27.98 -18.04
N PHE C 4953 26.85 -28.52 -19.18
CA PHE C 4953 26.86 -27.74 -20.38
C PHE C 4953 25.62 -26.87 -20.48
N PRO C 4954 25.73 -25.69 -21.07
CA PRO C 4954 24.61 -24.77 -21.09
C PRO C 4954 23.49 -25.18 -22.03
N ALA C 4955 22.34 -25.51 -21.45
CA ALA C 4955 21.19 -25.85 -22.27
C ALA C 4955 20.58 -24.61 -22.90
N GLY C 4956 20.01 -23.73 -22.08
CA GLY C 4956 19.27 -22.59 -22.58
C GLY C 4956 19.50 -21.32 -21.78
N ASP C 4957 20.72 -21.17 -21.27
CA ASP C 4957 20.96 -20.45 -20.03
C ASP C 4957 22.26 -19.68 -20.07
N CYS C 4958 22.48 -18.90 -21.13
CA CYS C 4958 23.74 -18.18 -21.26
C CYS C 4958 23.80 -16.97 -20.34
N PHE C 4959 24.86 -16.21 -20.49
CA PHE C 4959 25.15 -15.16 -19.54
C PHE C 4959 24.26 -13.97 -19.76
N ARG C 4960 24.07 -13.61 -21.02
CA ARG C 4960 23.03 -12.67 -21.39
C ARG C 4960 21.68 -13.17 -20.94
N LYS C 4961 21.46 -14.47 -21.09
CA LYS C 4961 20.23 -15.09 -20.60
C LYS C 4961 20.19 -15.07 -19.09
N GLN C 4962 21.35 -15.08 -18.45
CA GLN C 4962 21.37 -15.12 -17.00
C GLN C 4962 20.90 -13.81 -16.38
N TYR C 4963 21.11 -12.69 -17.04
CA TYR C 4963 20.92 -11.42 -16.35
C TYR C 4963 20.10 -10.48 -17.22
N GLU C 4964 19.94 -9.26 -16.71
CA GLU C 4964 19.36 -8.17 -17.44
C GLU C 4964 20.24 -6.95 -17.17
N GLY D 2 83.39 -52.60 89.31
CA GLY D 2 82.07 -52.29 89.82
C GLY D 2 81.03 -53.29 89.39
N VAL D 3 81.45 -54.25 88.56
CA VAL D 3 80.58 -55.32 88.07
C VAL D 3 81.32 -56.63 88.25
N GLU D 4 80.63 -57.62 88.78
CA GLU D 4 81.26 -58.88 89.12
C GLU D 4 80.54 -60.01 88.41
N ILE D 5 81.33 -60.91 87.83
CA ILE D 5 80.90 -61.74 86.71
C ILE D 5 81.44 -63.14 86.93
N GLU D 6 80.55 -64.14 86.85
CA GLU D 6 80.96 -65.51 87.06
C GLU D 6 81.60 -66.08 85.81
N THR D 7 82.73 -66.74 85.98
CA THR D 7 83.36 -67.48 84.91
C THR D 7 82.53 -68.69 84.53
N ILE D 8 82.20 -68.81 83.25
CA ILE D 8 81.49 -70.00 82.77
C ILE D 8 82.54 -71.06 82.50
N SER D 9 83.36 -70.85 81.47
CA SER D 9 84.38 -71.88 81.32
C SER D 9 85.68 -71.32 81.86
N PRO D 10 86.38 -72.05 82.71
CA PRO D 10 87.73 -71.64 83.07
C PRO D 10 88.68 -71.73 81.89
N GLY D 11 89.53 -70.73 81.78
CA GLY D 11 90.57 -70.75 80.78
C GLY D 11 91.93 -71.00 81.38
N ASP D 12 92.71 -69.93 81.57
CA ASP D 12 94.02 -70.06 82.19
C ASP D 12 94.24 -69.11 83.36
N GLY D 13 93.43 -68.07 83.52
CA GLY D 13 93.54 -67.21 84.69
C GLY D 13 94.60 -66.14 84.56
N ARG D 14 95.86 -66.56 84.45
CA ARG D 14 96.97 -65.65 84.58
C ARG D 14 97.25 -64.84 83.32
N THR D 15 96.92 -65.37 82.14
CA THR D 15 97.19 -64.64 80.90
C THR D 15 95.97 -63.79 80.53
N PHE D 16 95.58 -63.04 81.48
CA PHE D 16 94.47 -62.14 81.50
C PHE D 16 94.70 -60.98 80.54
N PRO D 17 93.63 -60.36 80.04
CA PRO D 17 93.79 -59.19 79.19
C PRO D 17 94.37 -58.01 79.95
N LYS D 18 95.48 -57.50 79.43
CA LYS D 18 96.21 -56.40 80.01
C LYS D 18 96.40 -55.36 78.93
N LYS D 19 96.91 -54.19 79.32
CA LYS D 19 97.21 -53.11 78.39
C LYS D 19 98.20 -53.55 77.33
N GLY D 20 98.12 -52.90 76.17
CA GLY D 20 98.94 -53.32 75.05
C GLY D 20 98.51 -54.62 74.41
N GLN D 21 97.34 -55.14 74.77
CA GLN D 21 96.83 -56.39 74.21
C GLN D 21 95.42 -56.14 73.68
N THR D 22 95.23 -56.42 72.40
CA THR D 22 93.93 -56.21 71.78
C THR D 22 93.03 -57.41 72.03
N CYS D 23 91.84 -57.16 72.55
CA CYS D 23 90.97 -58.22 73.05
C CYS D 23 90.25 -58.92 71.92
N VAL D 24 90.92 -59.91 71.33
CA VAL D 24 90.31 -60.78 70.35
C VAL D 24 89.28 -61.66 71.05
N VAL D 25 88.01 -61.35 70.87
CA VAL D 25 86.95 -62.09 71.52
C VAL D 25 85.86 -62.45 70.52
N HIS D 26 85.24 -63.59 70.75
CA HIS D 26 84.04 -63.97 70.04
C HIS D 26 82.96 -64.18 71.08
N TYR D 27 81.79 -63.61 70.85
CA TYR D 27 80.87 -63.43 71.95
C TYR D 27 79.46 -63.20 71.43
N THR D 28 78.52 -63.18 72.37
CA THR D 28 77.21 -62.63 72.10
C THR D 28 76.75 -61.76 73.26
N GLY D 29 75.70 -61.00 73.00
CA GLY D 29 75.09 -60.17 74.00
C GLY D 29 73.58 -60.21 73.91
N MET D 30 72.93 -60.61 75.00
CA MET D 30 71.50 -60.78 75.05
C MET D 30 70.95 -59.89 76.15
N LEU D 31 69.62 -59.83 76.24
CA LEU D 31 69.05 -58.89 77.20
C LEU D 31 69.06 -59.44 78.62
N GLN D 32 68.50 -58.63 79.52
CA GLN D 32 68.05 -59.14 80.80
C GLN D 32 67.07 -60.29 80.61
N ASN D 33 66.09 -60.08 79.75
CA ASN D 33 65.20 -61.16 79.38
C ASN D 33 65.90 -62.16 78.49
N GLY D 34 66.98 -61.75 77.85
CA GLY D 34 67.79 -62.64 77.08
C GLY D 34 67.66 -62.51 75.59
N LYS D 35 67.09 -61.42 75.10
CA LYS D 35 66.91 -61.28 73.66
C LYS D 35 68.26 -61.00 73.03
N LYS D 36 68.70 -61.91 72.16
CA LYS D 36 70.06 -61.94 71.64
C LYS D 36 70.24 -60.79 70.66
N PHE D 37 70.36 -59.60 71.22
CA PHE D 37 70.46 -58.42 70.38
C PHE D 37 71.82 -58.32 69.71
N ASP D 38 72.86 -58.81 70.35
CA ASP D 38 74.20 -58.72 69.78
C ASP D 38 74.89 -60.06 69.82
N SER D 39 75.70 -60.30 68.80
CA SER D 39 76.45 -61.54 68.68
C SER D 39 77.59 -61.32 67.68
N SER D 40 78.81 -61.59 68.11
CA SER D 40 79.89 -61.70 67.14
C SER D 40 79.70 -62.93 66.28
N ARG D 41 79.09 -63.95 66.86
CA ARG D 41 78.79 -65.18 66.16
C ARG D 41 77.73 -64.98 65.10
N ASP D 42 76.94 -63.91 65.21
CA ASP D 42 76.07 -63.52 64.12
C ASP D 42 76.87 -63.20 62.88
N ARG D 43 77.82 -62.28 62.99
CA ARG D 43 78.67 -61.93 61.86
C ARG D 43 79.83 -62.90 61.69
N ASN D 44 80.00 -63.84 62.62
CA ASN D 44 81.01 -64.89 62.57
C ASN D 44 82.41 -64.33 62.48
N LYS D 45 82.60 -63.18 63.10
CA LYS D 45 83.82 -62.44 63.01
C LYS D 45 84.18 -62.00 64.42
N PRO D 46 85.40 -62.23 64.87
CA PRO D 46 85.75 -61.96 66.26
C PRO D 46 85.91 -60.47 66.51
N PHE D 47 85.31 -60.00 67.59
CA PHE D 47 85.56 -58.64 68.02
C PHE D 47 86.96 -58.54 68.58
N LYS D 48 87.62 -57.45 68.24
CA LYS D 48 88.95 -57.15 68.73
C LYS D 48 88.99 -55.71 69.15
N PHE D 49 89.51 -55.43 70.34
CA PHE D 49 89.74 -54.05 70.70
C PHE D 49 90.88 -53.96 71.70
N ARG D 50 91.66 -52.89 71.59
CA ARG D 50 92.81 -52.68 72.43
C ARG D 50 92.39 -52.05 73.75
N ILE D 51 92.94 -52.58 74.85
CA ILE D 51 92.72 -52.00 76.16
C ILE D 51 93.37 -50.61 76.22
N GLY D 52 92.66 -49.67 76.83
CA GLY D 52 93.11 -48.31 76.94
C GLY D 52 92.39 -47.38 75.99
N LYS D 53 91.88 -47.93 74.89
CA LYS D 53 91.02 -47.16 74.01
C LYS D 53 89.73 -46.77 74.71
N GLN D 54 89.18 -47.69 75.51
CA GLN D 54 87.90 -47.56 76.21
C GLN D 54 86.78 -47.30 75.22
N GLU D 55 86.62 -48.25 74.32
CA GLU D 55 85.56 -48.25 73.33
C GLU D 55 84.23 -48.75 73.90
N VAL D 56 84.31 -49.61 74.92
CA VAL D 56 83.15 -50.32 75.42
C VAL D 56 82.78 -49.75 76.76
N ILE D 57 81.71 -50.27 77.36
CA ILE D 57 81.37 -49.84 78.69
C ILE D 57 82.41 -50.33 79.69
N LYS D 58 82.43 -49.69 80.85
CA LYS D 58 83.49 -49.94 81.81
C LYS D 58 83.35 -51.30 82.45
N GLY D 59 82.11 -51.78 82.59
CA GLY D 59 81.90 -53.14 83.04
C GLY D 59 82.43 -54.14 82.05
N PHE D 60 82.41 -53.81 80.78
CA PHE D 60 82.88 -54.74 79.76
C PHE D 60 84.39 -54.90 79.81
N GLU D 61 85.13 -53.79 79.84
CA GLU D 61 86.58 -53.88 79.96
C GLU D 61 87.00 -54.42 81.31
N GLU D 62 86.21 -54.14 82.35
CA GLU D 62 86.48 -54.67 83.67
C GLU D 62 86.36 -56.18 83.69
N GLY D 63 85.29 -56.71 83.10
CA GLY D 63 85.16 -58.14 82.99
C GLY D 63 86.15 -58.74 82.02
N ALA D 64 86.61 -57.94 81.06
CA ALA D 64 87.64 -58.37 80.13
C ALA D 64 88.93 -58.66 80.87
N ALA D 65 89.50 -57.64 81.52
CA ALA D 65 90.70 -57.82 82.31
C ALA D 65 90.50 -58.76 83.49
N GLN D 66 89.26 -58.86 83.98
CA GLN D 66 88.91 -59.84 84.98
C GLN D 66 89.03 -61.26 84.42
N MET D 67 88.71 -61.45 83.15
CA MET D 67 88.78 -62.77 82.53
C MET D 67 90.22 -63.12 82.17
N SER D 68 90.37 -64.18 81.38
CA SER D 68 91.66 -64.55 80.82
C SER D 68 91.43 -65.42 79.58
N LEU D 69 92.48 -66.09 79.14
CA LEU D 69 92.48 -66.68 77.80
C LEU D 69 91.81 -68.04 77.79
N GLY D 70 90.95 -68.25 76.79
CA GLY D 70 90.18 -69.48 76.73
C GLY D 70 89.16 -69.58 77.81
N GLN D 71 88.79 -68.46 78.41
CA GLN D 71 87.94 -68.44 79.58
C GLN D 71 86.62 -67.81 79.20
N ARG D 72 85.55 -68.53 79.46
CA ARG D 72 84.21 -68.03 79.21
C ARG D 72 83.62 -67.54 80.51
N ALA D 73 82.88 -66.44 80.45
CA ALA D 73 82.25 -65.90 81.63
C ALA D 73 80.91 -65.32 81.26
N LYS D 74 80.01 -65.28 82.24
CA LYS D 74 78.67 -64.76 82.02
C LYS D 74 78.69 -63.29 82.40
N LEU D 75 79.05 -62.47 81.43
CA LEU D 75 79.24 -61.05 81.68
C LEU D 75 77.88 -60.40 81.81
N THR D 76 77.59 -59.91 83.00
CA THR D 76 76.29 -59.34 83.33
C THR D 76 76.52 -57.96 83.96
N CYS D 77 76.47 -56.94 83.13
CA CYS D 77 76.85 -55.62 83.59
C CYS D 77 75.69 -54.93 84.28
N THR D 78 76.05 -53.91 85.05
CA THR D 78 75.07 -52.97 85.55
C THR D 78 74.49 -52.19 84.37
N PRO D 79 73.19 -51.87 84.38
CA PRO D 79 72.67 -50.90 83.42
C PRO D 79 73.39 -49.58 83.49
N ASP D 80 73.75 -49.16 84.70
CA ASP D 80 74.33 -47.86 84.89
C ASP D 80 75.76 -47.80 84.37
N VAL D 81 76.49 -48.90 84.42
CA VAL D 81 77.83 -48.89 83.84
C VAL D 81 77.73 -48.99 82.33
N ALA D 82 76.59 -49.44 81.82
CA ALA D 82 76.23 -49.31 80.43
C ALA D 82 75.53 -47.96 80.23
N TYR D 83 74.78 -47.82 79.13
CA TYR D 83 74.20 -46.52 78.79
C TYR D 83 73.06 -46.15 79.75
N GLY D 84 72.49 -47.12 80.44
CA GLY D 84 71.58 -46.83 81.53
C GLY D 84 70.22 -46.32 81.12
N ALA D 85 69.75 -45.31 81.84
CA ALA D 85 68.45 -44.71 81.55
C ALA D 85 68.42 -44.01 80.21
N THR D 86 69.57 -43.64 79.68
CA THR D 86 69.64 -43.31 78.27
C THR D 86 69.35 -44.55 77.44
N GLY D 87 70.18 -45.57 77.58
CA GLY D 87 70.12 -46.70 76.70
C GLY D 87 70.74 -46.39 75.34
N HIS D 88 70.96 -47.44 74.60
CA HIS D 88 71.33 -47.29 73.20
C HIS D 88 70.10 -46.79 72.46
N PRO D 89 70.15 -45.60 71.87
CA PRO D 89 68.92 -44.90 71.48
C PRO D 89 68.23 -45.50 70.28
N GLY D 90 67.32 -46.43 70.54
CA GLY D 90 66.60 -47.08 69.48
C GLY D 90 66.84 -48.54 69.61
N VAL D 91 67.83 -48.88 70.43
CA VAL D 91 68.21 -50.26 70.67
C VAL D 91 67.89 -50.66 72.09
N ILE D 92 68.57 -50.07 73.06
CA ILE D 92 68.48 -50.50 74.45
C ILE D 92 67.54 -49.57 75.19
N PRO D 93 66.55 -50.09 75.90
CA PRO D 93 65.66 -49.25 76.68
C PRO D 93 66.38 -48.63 77.86
N PRO D 94 65.74 -47.68 78.55
CA PRO D 94 66.30 -47.16 79.79
C PRO D 94 66.53 -48.21 80.86
N ASN D 95 67.77 -48.27 81.36
CA ASN D 95 68.17 -48.98 82.56
C ASN D 95 67.91 -50.48 82.46
N ALA D 96 68.65 -51.11 81.57
CA ALA D 96 68.54 -52.53 81.35
C ALA D 96 69.82 -53.23 81.76
N THR D 97 69.69 -54.25 82.59
CA THR D 97 70.82 -55.12 82.88
C THR D 97 71.10 -55.97 81.64
N LEU D 98 72.34 -56.00 81.22
CA LEU D 98 72.70 -56.65 79.97
C LEU D 98 73.61 -57.83 80.25
N ILE D 99 73.24 -58.99 79.72
CA ILE D 99 73.93 -60.23 79.99
C ILE D 99 74.65 -60.66 78.73
N PHE D 100 75.92 -60.98 78.87
CA PHE D 100 76.71 -61.39 77.72
C PHE D 100 77.31 -62.75 77.95
N ASP D 101 77.90 -63.27 76.87
CA ASP D 101 78.62 -64.54 76.91
C ASP D 101 79.85 -64.35 76.05
N VAL D 102 80.98 -64.10 76.70
CA VAL D 102 82.21 -63.74 76.03
C VAL D 102 83.26 -64.78 76.36
N GLU D 103 84.11 -65.09 75.39
CA GLU D 103 85.30 -65.88 75.65
C GLU D 103 86.46 -65.27 74.91
N LEU D 104 87.59 -65.16 75.58
CA LEU D 104 88.78 -64.57 74.98
C LEU D 104 89.41 -65.54 73.99
N LEU D 105 89.88 -64.99 72.87
CA LEU D 105 90.55 -65.77 71.86
C LEU D 105 92.03 -65.48 71.76
N ASN D 106 92.41 -64.20 71.76
CA ASN D 106 93.81 -63.82 71.68
C ASN D 106 94.05 -62.46 72.30
N LEU D 107 95.31 -62.18 72.58
CA LEU D 107 95.76 -60.91 73.12
C LEU D 107 96.91 -60.41 72.26
N GLU D 108 96.94 -59.10 72.00
CA GLU D 108 97.90 -58.59 71.05
C GLU D 108 98.89 -57.63 71.65
N GLN E 12 -35.02 -2.54 -1.07
CA GLN E 12 -35.33 -1.20 -1.54
C GLN E 12 -36.78 -1.12 -1.97
N PHE E 13 -37.32 -2.24 -2.44
CA PHE E 13 -38.72 -2.28 -2.83
C PHE E 13 -39.38 -3.53 -2.27
N LEU E 14 -40.63 -3.78 -2.66
CA LEU E 14 -41.44 -4.82 -2.04
C LEU E 14 -41.94 -5.78 -3.10
N ARG E 15 -41.96 -7.05 -2.77
CA ARG E 15 -42.45 -8.08 -3.68
C ARG E 15 -43.49 -8.86 -2.91
N THR E 16 -43.93 -10.00 -3.43
CA THR E 16 -44.71 -10.86 -2.56
C THR E 16 -43.80 -11.54 -1.55
N ASP E 17 -44.45 -12.16 -0.56
CA ASP E 17 -43.81 -12.90 0.52
C ASP E 17 -42.89 -11.99 1.33
N ASP E 18 -43.39 -10.81 1.62
CA ASP E 18 -42.60 -9.78 2.27
C ASP E 18 -43.24 -9.38 3.57
N GLU E 19 -42.42 -9.21 4.61
CA GLU E 19 -42.90 -8.93 5.95
C GLU E 19 -42.58 -7.51 6.36
N VAL E 20 -43.61 -6.70 6.51
CA VAL E 20 -43.51 -5.38 7.08
C VAL E 20 -44.56 -5.26 8.17
N VAL E 21 -44.66 -4.06 8.73
CA VAL E 21 -45.71 -3.71 9.64
C VAL E 21 -46.37 -2.43 9.14
N LEU E 22 -47.31 -1.94 9.93
CA LEU E 22 -48.06 -0.73 9.63
C LEU E 22 -48.10 0.13 10.87
N GLN E 23 -47.58 1.35 10.78
CA GLN E 23 -47.60 2.20 11.95
C GLN E 23 -48.03 3.60 11.58
N CYS E 24 -48.59 4.28 12.57
CA CYS E 24 -48.59 5.73 12.65
C CYS E 24 -48.04 6.14 14.00
N THR E 25 -47.39 7.29 14.03
CA THR E 25 -47.09 7.98 15.28
C THR E 25 -48.19 8.99 15.58
N ALA E 26 -49.40 8.46 15.69
CA ALA E 26 -50.61 9.26 15.68
C ALA E 26 -50.72 10.11 16.95
N THR E 27 -51.65 11.05 16.93
CA THR E 27 -51.74 12.05 17.97
C THR E 27 -52.95 11.85 18.86
N ILE E 28 -52.73 11.95 20.15
CA ILE E 28 -53.74 12.35 21.12
C ILE E 28 -53.09 13.51 21.85
N HIS E 29 -53.46 14.74 21.45
CA HIS E 29 -52.85 15.99 21.91
C HIS E 29 -51.35 16.00 21.62
N LYS E 30 -51.06 16.08 20.31
CA LYS E 30 -49.71 16.23 19.77
C LYS E 30 -48.83 15.04 20.12
N GLU E 31 -49.44 13.88 20.31
CA GLU E 31 -48.66 12.69 20.55
C GLU E 31 -47.98 12.26 19.27
N GLN E 32 -46.76 11.80 19.39
CA GLN E 32 -46.16 11.02 18.31
C GLN E 32 -46.27 9.56 18.65
N GLN E 33 -47.51 9.15 18.90
CA GLN E 33 -47.76 7.91 19.58
C GLN E 33 -47.66 6.78 18.56
N LYS E 34 -46.56 6.07 18.64
CA LYS E 34 -46.13 5.14 17.60
C LYS E 34 -47.03 3.91 17.63
N LEU E 35 -48.22 4.09 17.11
CA LEU E 35 -49.30 3.14 17.26
C LEU E 35 -49.34 2.25 16.04
N CYS E 36 -48.99 0.99 16.23
CA CYS E 36 -49.11 0.01 15.18
C CYS E 36 -50.36 -0.81 15.40
N LEU E 37 -50.94 -1.28 14.30
CA LEU E 37 -52.12 -2.11 14.40
C LEU E 37 -51.69 -3.53 14.74
N ALA E 38 -52.14 -4.01 15.88
CA ALA E 38 -51.82 -5.36 16.32
C ALA E 38 -53.11 -6.16 16.43
N ALA E 39 -53.07 -7.37 15.92
CA ALA E 39 -54.23 -8.24 15.92
C ALA E 39 -54.09 -9.28 17.00
N GLU E 40 -55.22 -9.73 17.53
CA GLU E 40 -55.17 -10.75 18.57
C GLU E 40 -55.02 -12.14 17.95
N GLY E 41 -56.04 -12.59 17.24
CA GLY E 41 -56.06 -13.97 16.74
C GLY E 41 -56.17 -15.03 17.81
N PHE E 42 -56.44 -16.26 17.37
CA PHE E 42 -56.47 -17.47 18.21
C PHE E 42 -57.41 -17.33 19.40
N GLY E 43 -58.51 -16.61 19.20
CA GLY E 43 -59.42 -16.38 20.31
C GLY E 43 -60.11 -15.04 20.28
N ASN E 44 -59.68 -14.15 19.39
CA ASN E 44 -60.46 -12.94 19.12
C ASN E 44 -60.16 -12.47 17.71
N ARG E 45 -61.21 -11.99 17.04
CA ARG E 45 -61.15 -11.66 15.62
C ARG E 45 -61.02 -10.16 15.40
N LEU E 46 -60.60 -9.42 16.41
CA LEU E 46 -60.45 -7.99 16.26
C LEU E 46 -58.99 -7.60 16.44
N CYS E 47 -58.64 -6.50 15.81
CA CYS E 47 -57.31 -5.93 15.91
C CYS E 47 -57.37 -4.68 16.75
N PHE E 48 -56.21 -4.11 17.01
CA PHE E 48 -56.12 -3.04 17.99
C PHE E 48 -54.81 -2.32 17.81
N LEU E 49 -54.78 -1.10 18.32
CA LEU E 49 -53.59 -0.27 18.26
C LEU E 49 -52.55 -0.77 19.24
N GLU E 50 -51.31 -0.34 19.01
CA GLU E 50 -50.21 -0.79 19.85
C GLU E 50 -49.10 0.26 19.81
N SER E 51 -48.90 0.92 20.95
CA SER E 51 -47.88 1.97 21.04
C SER E 51 -46.50 1.36 21.15
N THR E 52 -45.61 1.74 20.24
CA THR E 52 -44.24 1.30 20.30
C THR E 52 -43.28 2.44 20.61
N SER E 53 -43.77 3.49 21.25
CA SER E 53 -42.93 4.67 21.48
C SER E 53 -41.87 4.38 22.55
N ASN E 54 -42.30 4.14 23.77
CA ASN E 54 -41.35 3.79 24.84
C ASN E 54 -41.12 2.28 24.84
N SER E 55 -40.52 1.81 23.77
CA SER E 55 -40.20 0.39 23.68
C SER E 55 -38.94 0.03 24.43
N LYS E 56 -38.16 1.02 24.85
CA LYS E 56 -36.99 0.73 25.66
C LYS E 56 -37.36 0.47 27.10
N ASN E 57 -38.58 0.82 27.48
CA ASN E 57 -39.05 0.60 28.84
C ASN E 57 -40.41 -0.02 28.91
N VAL E 58 -41.17 -0.04 27.83
CA VAL E 58 -42.27 -0.99 27.63
C VAL E 58 -42.11 -1.53 26.21
N PRO E 59 -41.28 -2.54 25.97
CA PRO E 59 -41.21 -3.15 24.63
C PRO E 59 -42.48 -3.90 24.30
N PRO E 60 -43.22 -3.46 23.29
CA PRO E 60 -44.46 -4.14 22.92
C PRO E 60 -44.17 -5.38 22.10
N ASP E 61 -45.21 -6.19 21.93
CA ASP E 61 -45.11 -7.37 21.10
C ASP E 61 -45.03 -6.97 19.64
N LEU E 62 -44.36 -7.81 18.86
CA LEU E 62 -44.26 -7.61 17.44
C LEU E 62 -44.91 -8.74 16.67
N SER E 63 -44.84 -9.96 17.20
CA SER E 63 -45.40 -11.13 16.57
C SER E 63 -46.91 -11.06 16.45
N ILE E 64 -47.56 -10.21 17.24
CA ILE E 64 -48.99 -9.97 17.09
C ILE E 64 -49.29 -8.86 16.10
N CYS E 65 -48.27 -8.29 15.47
CA CYS E 65 -48.53 -7.21 14.53
C CYS E 65 -47.68 -7.28 13.27
N THR E 66 -47.14 -8.44 12.93
CA THR E 66 -46.42 -8.58 11.68
C THR E 66 -47.26 -9.31 10.65
N PHE E 67 -47.09 -8.91 9.40
CA PHE E 67 -47.93 -9.40 8.32
C PHE E 67 -47.07 -9.62 7.09
N VAL E 68 -47.48 -10.59 6.29
CA VAL E 68 -46.74 -10.99 5.10
C VAL E 68 -47.60 -10.67 3.89
N LEU E 69 -46.98 -10.08 2.87
CA LEU E 69 -47.67 -9.79 1.63
C LEU E 69 -47.98 -11.10 0.94
N GLU E 70 -49.23 -11.51 1.03
CA GLU E 70 -49.60 -12.81 0.50
C GLU E 70 -49.68 -12.78 -1.01
N GLN E 71 -50.45 -11.85 -1.57
CA GLN E 71 -50.57 -11.77 -3.02
C GLN E 71 -51.01 -10.37 -3.42
N SER E 72 -50.11 -9.62 -4.03
CA SER E 72 -50.48 -8.39 -4.71
C SER E 72 -50.89 -8.72 -6.14
N LEU E 73 -51.96 -8.09 -6.61
CA LEU E 73 -52.48 -8.41 -7.92
C LEU E 73 -53.09 -7.16 -8.53
N SER E 74 -53.29 -7.22 -9.84
CA SER E 74 -54.03 -6.17 -10.51
C SER E 74 -55.49 -6.23 -10.12
N VAL E 75 -56.16 -5.09 -10.28
CA VAL E 75 -57.60 -5.06 -10.07
C VAL E 75 -58.31 -5.82 -11.17
N ARG E 76 -57.71 -5.87 -12.36
CA ARG E 76 -58.26 -6.70 -13.42
C ARG E 76 -58.14 -8.17 -13.07
N ALA E 77 -57.08 -8.54 -12.34
CA ALA E 77 -56.86 -9.92 -11.99
C ALA E 77 -57.88 -10.43 -10.98
N LEU E 78 -58.54 -9.53 -10.25
CA LEU E 78 -59.46 -9.97 -9.23
C LEU E 78 -60.71 -10.57 -9.82
N GLN E 79 -61.11 -10.12 -10.99
CA GLN E 79 -62.33 -10.62 -11.58
C GLN E 79 -62.13 -11.97 -12.22
N GLU E 80 -60.89 -12.43 -12.33
CA GLU E 80 -60.66 -13.85 -12.55
C GLU E 80 -61.27 -14.67 -11.43
N MET E 81 -61.07 -14.24 -10.18
CA MET E 81 -61.67 -14.95 -9.06
C MET E 81 -63.18 -14.78 -9.05
N LEU E 82 -63.67 -13.69 -9.61
CA LEU E 82 -65.10 -13.56 -9.84
C LEU E 82 -65.56 -14.59 -10.84
N ALA E 83 -64.77 -14.80 -11.89
CA ALA E 83 -65.06 -15.83 -12.88
C ALA E 83 -64.89 -17.21 -12.29
N ASN E 84 -64.03 -17.34 -11.29
CA ASN E 84 -64.02 -18.57 -10.52
C ASN E 84 -65.30 -18.67 -9.71
N THR E 85 -65.81 -19.89 -9.58
CA THR E 85 -67.05 -20.11 -8.86
C THR E 85 -66.87 -21.13 -7.75
N PHE E 100 -59.04 -23.66 -9.62
CA PHE E 100 -58.94 -23.20 -8.25
C PHE E 100 -57.51 -22.87 -7.85
N MET E 101 -57.35 -22.64 -6.55
CA MET E 101 -56.11 -22.21 -5.88
C MET E 101 -55.54 -20.93 -6.46
N MET E 102 -56.41 -20.08 -7.03
CA MET E 102 -56.10 -18.84 -7.77
C MET E 102 -54.84 -18.97 -8.62
N LYS E 103 -54.83 -20.02 -9.46
CA LYS E 103 -53.78 -20.37 -10.42
C LYS E 103 -52.45 -20.67 -9.76
N THR E 104 -52.46 -20.91 -8.45
CA THR E 104 -51.35 -21.41 -7.62
C THR E 104 -50.10 -20.54 -7.60
N ALA E 105 -50.09 -19.39 -8.27
CA ALA E 105 -48.93 -18.53 -8.05
C ALA E 105 -49.26 -17.07 -7.73
N GLN E 106 -50.25 -16.42 -8.38
CA GLN E 106 -50.70 -16.55 -9.77
C GLN E 106 -49.66 -15.84 -10.63
N GLY E 107 -49.11 -16.56 -11.60
CA GLY E 107 -48.04 -15.98 -12.39
C GLY E 107 -46.69 -16.52 -11.99
N GLY E 108 -45.92 -15.72 -11.26
CA GLY E 108 -44.54 -16.05 -11.00
C GLY E 108 -44.32 -16.95 -9.80
N GLY E 109 -43.51 -16.52 -8.84
CA GLY E 109 -42.77 -15.28 -8.93
C GLY E 109 -42.97 -14.35 -7.76
N HIS E 110 -42.29 -13.22 -7.84
CA HIS E 110 -42.27 -12.28 -6.74
C HIS E 110 -43.28 -11.16 -6.83
N ARG E 111 -43.65 -10.75 -8.05
CA ARG E 111 -44.73 -9.80 -8.33
C ARG E 111 -44.51 -8.50 -7.55
N THR E 112 -43.41 -7.85 -7.91
CA THR E 112 -42.88 -6.70 -7.20
C THR E 112 -43.92 -5.58 -7.10
N LEU E 113 -43.93 -4.89 -5.98
CA LEU E 113 -45.11 -4.13 -5.59
C LEU E 113 -45.31 -2.90 -6.42
N LEU E 114 -46.52 -2.78 -6.95
CA LEU E 114 -46.95 -1.58 -7.63
C LEU E 114 -48.13 -0.98 -6.90
N TYR E 115 -48.17 0.34 -6.91
CA TYR E 115 -49.35 1.01 -6.44
C TYR E 115 -50.51 0.73 -7.39
N GLY E 116 -51.72 0.89 -6.87
CA GLY E 116 -52.87 0.48 -7.65
C GLY E 116 -52.96 -1.01 -7.77
N HIS E 117 -52.78 -1.72 -6.67
CA HIS E 117 -52.92 -3.15 -6.62
C HIS E 117 -53.80 -3.55 -5.46
N ALA E 118 -54.57 -4.61 -5.63
CA ALA E 118 -55.26 -5.24 -4.53
C ALA E 118 -54.34 -6.29 -3.91
N ILE E 119 -54.34 -6.34 -2.59
CA ILE E 119 -53.40 -7.23 -1.91
C ILE E 119 -54.15 -8.15 -0.98
N LEU E 120 -53.56 -9.31 -0.76
CA LEU E 120 -53.97 -10.23 0.27
C LEU E 120 -52.99 -10.12 1.42
N LEU E 121 -53.51 -10.10 2.64
CA LEU E 121 -52.69 -9.93 3.83
C LEU E 121 -53.08 -10.93 4.89
N ARG E 122 -52.09 -11.53 5.51
CA ARG E 122 -52.30 -12.45 6.60
C ARG E 122 -51.58 -11.96 7.83
N HIS E 123 -52.11 -12.34 8.98
CA HIS E 123 -51.32 -12.33 10.18
C HIS E 123 -50.13 -13.27 10.03
N SER E 124 -49.04 -12.91 10.68
CA SER E 124 -47.96 -13.86 10.82
C SER E 124 -48.36 -14.98 11.77
N TYR E 125 -48.65 -14.64 13.02
CA TYR E 125 -48.59 -15.63 14.08
C TYR E 125 -49.79 -16.56 14.05
N SER E 126 -50.95 -16.02 14.39
CA SER E 126 -52.18 -16.76 14.28
C SER E 126 -52.55 -16.98 12.84
N GLY E 127 -52.05 -16.15 11.95
CA GLY E 127 -52.22 -16.40 10.56
C GLY E 127 -53.61 -16.17 10.06
N MET E 128 -54.35 -15.29 10.68
CA MET E 128 -55.63 -14.95 10.12
C MET E 128 -55.44 -13.96 9.00
N TYR E 129 -56.37 -13.96 8.06
CA TYR E 129 -56.26 -13.07 6.93
C TYR E 129 -57.02 -11.79 7.21
N LEU E 130 -56.41 -10.67 6.87
CA LEU E 130 -56.96 -9.38 7.22
C LEU E 130 -58.17 -9.09 6.35
N CYS E 131 -59.30 -8.87 7.00
CA CYS E 131 -60.51 -8.48 6.32
C CYS E 131 -61.17 -7.37 7.12
N CYS E 132 -62.16 -6.76 6.53
CA CYS E 132 -62.91 -5.76 7.28
C CYS E 132 -64.10 -6.45 7.93
N LEU E 133 -65.03 -5.68 8.46
CA LEU E 133 -66.24 -6.22 9.04
C LEU E 133 -67.46 -5.59 8.42
N SER E 134 -68.56 -6.30 8.51
CA SER E 134 -69.86 -5.74 8.21
C SER E 134 -70.51 -5.13 9.44
N THR E 135 -69.73 -4.85 10.47
CA THR E 135 -70.27 -4.45 11.75
C THR E 135 -70.05 -2.97 11.98
N SER E 136 -70.62 -2.49 13.08
CA SER E 136 -70.59 -1.10 13.49
C SER E 136 -70.23 -1.00 14.96
N ARG E 137 -69.17 -1.69 15.37
CA ARG E 137 -68.88 -1.83 16.80
C ARG E 137 -68.12 -0.63 17.37
N SER E 138 -68.65 0.56 17.11
CA SER E 138 -68.21 1.84 17.64
C SER E 138 -69.39 2.78 17.46
N SER E 139 -69.13 4.09 17.52
CA SER E 139 -69.98 5.01 16.76
C SER E 139 -70.02 4.54 15.32
N THR E 140 -71.19 4.48 14.66
CA THR E 140 -72.50 5.18 14.77
C THR E 140 -72.44 6.73 14.96
N ASP E 141 -72.03 7.55 13.98
CA ASP E 141 -71.29 7.30 12.70
C ASP E 141 -71.84 6.26 11.70
N LYS E 142 -72.88 6.64 10.95
CA LYS E 142 -73.59 5.77 10.01
C LYS E 142 -72.68 5.12 8.97
N LEU E 143 -73.23 4.21 8.17
CA LEU E 143 -72.68 2.86 8.06
C LEU E 143 -71.26 2.79 7.52
N ALA E 144 -70.31 3.15 8.37
CA ALA E 144 -68.91 2.78 8.24
C ALA E 144 -68.72 1.40 8.87
N PHE E 145 -67.49 0.91 8.88
CA PHE E 145 -67.30 -0.49 9.16
C PHE E 145 -66.05 -0.74 9.96
N ASP E 146 -66.00 -1.94 10.54
CA ASP E 146 -64.93 -2.34 11.43
C ASP E 146 -64.03 -3.34 10.73
N VAL E 147 -63.03 -3.83 11.46
CA VAL E 147 -61.92 -4.57 10.87
C VAL E 147 -61.88 -5.97 11.47
N GLY E 148 -61.86 -6.98 10.60
CA GLY E 148 -61.86 -8.32 11.11
C GLY E 148 -60.67 -9.18 10.73
N LEU E 149 -60.82 -10.48 10.93
CA LEU E 149 -59.77 -11.43 10.58
C LEU E 149 -60.44 -12.74 10.20
N GLN E 150 -60.76 -12.87 8.92
CA GLN E 150 -61.42 -14.08 8.47
C GLN E 150 -60.40 -15.01 7.85
N GLU E 151 -60.84 -16.23 7.58
CA GLU E 151 -59.97 -17.22 6.97
C GLU E 151 -60.39 -17.53 5.55
N ASP E 152 -61.57 -17.09 5.15
CA ASP E 152 -61.96 -17.17 3.75
C ASP E 152 -61.33 -15.99 3.05
N THR E 153 -60.19 -16.22 2.43
CA THR E 153 -59.56 -15.18 1.63
C THR E 153 -60.38 -14.85 0.39
N THR E 154 -61.15 -15.81 -0.09
CA THR E 154 -61.91 -15.65 -1.32
C THR E 154 -63.11 -14.73 -1.10
N GLY E 155 -62.82 -13.45 -0.89
CA GLY E 155 -63.80 -12.46 -0.52
C GLY E 155 -63.05 -11.18 -0.36
N GLU E 156 -63.59 -10.12 -0.93
CA GLU E 156 -62.81 -8.92 -1.14
C GLU E 156 -62.85 -7.97 0.05
N ALA E 157 -63.42 -8.42 1.17
CA ALA E 157 -63.03 -7.87 2.45
C ALA E 157 -61.55 -8.10 2.70
N CYS E 158 -61.02 -9.23 2.25
CA CYS E 158 -59.60 -9.49 2.31
C CYS E 158 -58.81 -8.75 1.26
N TRP E 159 -59.46 -8.03 0.36
CA TRP E 159 -58.75 -7.42 -0.74
C TRP E 159 -58.73 -5.92 -0.59
N TRP E 160 -57.62 -5.33 -1.00
CA TRP E 160 -57.19 -4.07 -0.42
C TRP E 160 -56.44 -3.27 -1.49
N THR E 161 -57.11 -2.31 -2.10
CA THR E 161 -56.48 -1.55 -3.15
C THR E 161 -55.52 -0.51 -2.61
N ILE E 162 -54.39 -0.37 -3.28
CA ILE E 162 -53.26 0.40 -2.80
C ILE E 162 -53.32 1.79 -3.39
N HIS E 163 -53.21 2.80 -2.54
CA HIS E 163 -53.09 4.18 -3.00
C HIS E 163 -51.95 4.85 -2.28
N PRO E 164 -50.92 5.29 -2.98
CA PRO E 164 -50.00 6.24 -2.38
C PRO E 164 -50.73 7.56 -2.20
N ALA E 165 -50.59 8.15 -1.03
CA ALA E 165 -51.08 9.51 -0.88
C ALA E 165 -49.98 10.50 -1.24
N SER E 166 -49.43 10.35 -2.44
CA SER E 166 -48.29 11.13 -2.89
C SER E 166 -48.45 11.40 -4.38
N LYS E 167 -48.85 12.63 -4.71
CA LYS E 167 -48.68 13.10 -6.08
C LYS E 167 -47.21 13.29 -6.42
N GLN E 168 -46.37 13.43 -5.39
CA GLN E 168 -44.93 13.38 -5.59
C GLN E 168 -44.51 12.00 -6.07
N ARG E 169 -45.18 10.96 -5.61
CA ARG E 169 -45.02 9.67 -6.22
C ARG E 169 -46.11 9.50 -7.28
N SER E 170 -46.32 8.27 -7.74
CA SER E 170 -47.40 8.00 -8.66
C SER E 170 -48.02 6.67 -8.31
N GLU E 171 -49.04 6.32 -9.06
CA GLU E 171 -49.70 5.04 -8.90
C GLU E 171 -49.38 4.17 -10.11
N GLY E 172 -49.23 2.88 -9.87
CA GLY E 172 -48.73 1.98 -10.87
C GLY E 172 -47.23 1.79 -10.83
N GLU E 173 -46.49 2.77 -10.33
CA GLU E 173 -45.05 2.67 -10.25
C GLU E 173 -44.65 1.72 -9.11
N LYS E 174 -43.34 1.50 -8.98
CA LYS E 174 -42.86 0.56 -7.96
C LYS E 174 -42.97 1.15 -6.57
N VAL E 175 -43.34 0.31 -5.63
CA VAL E 175 -43.45 0.71 -4.24
C VAL E 175 -42.11 0.47 -3.57
N ARG E 176 -41.53 1.52 -3.03
CA ARG E 176 -40.21 1.45 -2.42
C ARG E 176 -40.30 0.86 -1.02
N VAL E 177 -39.21 0.99 -0.30
CA VAL E 177 -39.22 0.88 1.14
C VAL E 177 -39.49 2.26 1.70
N GLY E 178 -40.13 2.30 2.86
CA GLY E 178 -40.34 3.53 3.59
C GLY E 178 -41.25 4.52 2.91
N ASP E 179 -42.43 4.09 2.53
CA ASP E 179 -43.38 4.94 1.85
C ASP E 179 -44.56 5.22 2.78
N ASP E 180 -45.56 5.93 2.26
CA ASP E 180 -46.78 6.17 3.04
C ASP E 180 -48.00 6.09 2.15
N LEU E 181 -48.97 5.28 2.58
CA LEU E 181 -50.02 4.84 1.69
C LEU E 181 -51.39 5.02 2.31
N ILE E 182 -52.37 5.09 1.41
CA ILE E 182 -53.77 4.90 1.75
C ILE E 182 -54.17 3.54 1.23
N LEU E 183 -54.64 2.69 2.12
CA LEU E 183 -55.10 1.36 1.75
C LEU E 183 -56.61 1.32 1.88
N VAL E 184 -57.28 1.08 0.77
CA VAL E 184 -58.72 1.15 0.73
C VAL E 184 -59.23 -0.26 0.49
N SER E 185 -60.44 -0.54 0.98
CA SER E 185 -61.06 -1.83 0.79
C SER E 185 -61.48 -2.03 -0.65
N VAL E 186 -62.08 -3.19 -0.91
CA VAL E 186 -62.70 -3.49 -2.17
C VAL E 186 -64.21 -3.68 -2.01
N SER E 187 -64.60 -4.53 -1.07
CA SER E 187 -66.02 -4.75 -0.78
C SER E 187 -66.67 -3.47 -0.30
N SER E 188 -66.26 -2.99 0.87
CA SER E 188 -66.75 -1.73 1.36
C SER E 188 -66.18 -0.59 0.55
N GLU E 189 -64.96 -0.78 0.04
CA GLU E 189 -64.14 0.26 -0.58
C GLU E 189 -63.99 1.48 0.32
N ARG E 190 -63.98 1.26 1.63
CA ARG E 190 -63.78 2.34 2.57
C ARG E 190 -62.29 2.42 2.86
N TYR E 191 -61.85 3.61 3.21
CA TYR E 191 -60.45 3.77 3.50
C TYR E 191 -60.16 3.21 4.88
N LEU E 192 -58.88 2.94 5.13
CA LEU E 192 -58.44 2.54 6.45
C LEU E 192 -58.60 3.75 7.35
N HIS E 193 -59.63 3.73 8.18
CA HIS E 193 -59.85 4.84 9.07
C HIS E 193 -59.25 4.55 10.44
N LEU E 194 -58.66 5.59 11.02
CA LEU E 194 -58.15 5.54 12.39
C LEU E 194 -58.95 6.52 13.22
N SER E 195 -59.53 6.03 14.31
CA SER E 195 -60.42 6.85 15.13
C SER E 195 -59.96 6.85 16.58
N TYR E 196 -60.76 7.50 17.41
CA TYR E 196 -60.38 7.83 18.77
C TYR E 196 -61.40 7.36 19.79
N LEU E 201 -59.65 4.99 21.08
CA LEU E 201 -58.76 4.73 19.98
C LEU E 201 -59.23 3.55 19.15
N HIS E 202 -59.73 3.85 17.96
CA HIS E 202 -60.39 2.85 17.14
C HIS E 202 -59.71 2.73 15.80
N VAL E 203 -59.87 1.56 15.19
CA VAL E 203 -59.38 1.27 13.85
C VAL E 203 -60.56 0.73 13.07
N ASP E 204 -60.88 1.37 11.97
CA ASP E 204 -62.14 1.07 11.31
C ASP E 204 -62.01 1.33 9.82
N ALA E 205 -63.11 1.12 9.11
CA ALA E 205 -63.18 1.35 7.68
C ALA E 205 -64.26 2.40 7.43
N ALA E 206 -63.86 3.52 6.82
CA ALA E 206 -64.79 4.61 6.65
C ALA E 206 -64.39 5.40 5.42
N PHE E 207 -65.10 6.50 5.21
CA PHE E 207 -64.86 7.42 4.10
C PHE E 207 -63.77 8.43 4.42
N GLN E 208 -62.87 8.12 5.36
CA GLN E 208 -61.68 8.90 5.65
C GLN E 208 -60.54 7.93 5.89
N GLN E 209 -59.32 8.43 5.78
CA GLN E 209 -58.17 7.58 5.58
C GLN E 209 -57.10 7.85 6.62
N THR E 210 -56.10 6.96 6.60
CA THR E 210 -54.95 7.02 7.48
C THR E 210 -53.73 6.68 6.64
N LEU E 211 -52.67 7.47 6.77
CA LEU E 211 -51.44 7.08 6.13
C LEU E 211 -50.80 5.94 6.89
N TRP E 212 -49.95 5.18 6.22
CA TRP E 212 -49.38 4.01 6.87
C TRP E 212 -47.93 3.81 6.50
N SER E 213 -47.07 3.91 7.51
CA SER E 213 -45.68 3.55 7.38
C SER E 213 -45.57 2.05 7.17
N VAL E 214 -44.50 1.65 6.47
CA VAL E 214 -44.27 0.25 6.15
C VAL E 214 -42.84 -0.10 6.54
N ALA E 215 -42.65 -0.49 7.79
CA ALA E 215 -41.30 -0.74 8.26
C ALA E 215 -40.87 -2.12 7.81
N PRO E 216 -39.80 -2.24 7.02
CA PRO E 216 -39.35 -3.54 6.58
C PRO E 216 -38.79 -4.32 7.74
N ILE E 217 -39.15 -5.61 7.78
CA ILE E 217 -38.80 -6.48 8.89
C ILE E 217 -37.91 -7.62 8.43
N SER E 218 -38.38 -8.40 7.46
CA SER E 218 -37.67 -9.59 7.01
C SER E 218 -38.06 -9.85 5.56
N SER E 219 -37.10 -9.73 4.66
CA SER E 219 -37.26 -10.13 3.28
C SER E 219 -35.89 -10.33 2.67
N GLY E 220 -35.74 -11.30 1.78
CA GLY E 220 -36.66 -12.42 1.58
C GLY E 220 -36.03 -13.24 0.47
N SER E 221 -35.76 -14.54 0.65
CA SER E 221 -35.80 -15.24 1.93
C SER E 221 -34.69 -14.81 2.86
N GLU E 222 -34.80 -15.22 4.12
CA GLU E 222 -34.20 -14.49 5.23
C GLU E 222 -33.31 -15.34 6.17
N ALA E 223 -32.29 -16.07 5.70
CA ALA E 223 -31.78 -16.21 4.35
C ALA E 223 -31.49 -17.67 4.11
N ALA E 224 -31.30 -18.40 5.21
CA ALA E 224 -30.87 -19.79 5.11
C ALA E 224 -31.32 -20.55 6.34
N GLN E 225 -31.31 -21.87 6.22
CA GLN E 225 -31.71 -22.74 7.32
C GLN E 225 -30.72 -22.65 8.47
N GLY E 226 -31.28 -22.69 9.68
CA GLY E 226 -30.50 -22.74 10.90
C GLY E 226 -29.63 -21.54 11.11
N TYR E 227 -30.22 -20.38 11.36
CA TYR E 227 -29.43 -19.20 11.57
C TYR E 227 -30.08 -18.29 12.59
N LEU E 228 -29.23 -17.53 13.25
CA LEU E 228 -29.71 -16.56 14.23
C LEU E 228 -30.37 -15.43 13.48
N ILE E 229 -31.68 -15.51 13.35
CA ILE E 229 -32.48 -14.55 12.61
C ILE E 229 -33.50 -13.97 13.57
N GLY E 230 -33.69 -12.66 13.52
CA GLY E 230 -34.38 -11.95 14.57
C GLY E 230 -35.85 -12.29 14.67
N GLY E 231 -36.38 -12.15 15.88
CA GLY E 231 -37.73 -12.57 16.21
C GLY E 231 -37.85 -14.01 16.65
N ASP E 232 -36.75 -14.74 16.70
CA ASP E 232 -36.79 -16.17 16.93
C ASP E 232 -37.10 -16.51 18.39
N VAL E 233 -37.75 -17.64 18.57
CA VAL E 233 -37.93 -18.26 19.88
C VAL E 233 -37.11 -19.54 19.86
N LEU E 234 -36.49 -19.87 20.99
CA LEU E 234 -35.48 -20.91 20.95
C LEU E 234 -35.29 -21.49 22.34
N ARG E 235 -34.47 -22.53 22.41
CA ARG E 235 -34.02 -23.13 23.65
C ARG E 235 -32.57 -22.75 23.89
N LEU E 236 -32.16 -22.83 25.15
CA LEU E 236 -30.82 -22.44 25.58
C LEU E 236 -30.16 -23.66 26.20
N LEU E 237 -29.37 -24.36 25.39
CA LEU E 237 -28.86 -25.63 25.82
C LEU E 237 -27.50 -25.47 26.49
N HIS E 238 -27.10 -26.52 27.20
CA HIS E 238 -25.83 -26.54 27.90
C HIS E 238 -24.93 -27.68 27.50
N GLY E 239 -25.51 -28.84 27.19
CA GLY E 239 -24.70 -29.97 26.75
C GLY E 239 -24.45 -30.96 27.87
N GLU E 243 -27.71 -31.31 28.48
CA GLU E 243 -28.08 -30.33 29.50
C GLU E 243 -28.59 -29.07 28.82
N CYS E 244 -29.42 -28.32 29.54
CA CYS E 244 -30.00 -27.08 29.05
C CYS E 244 -30.37 -26.24 30.26
N LEU E 245 -31.29 -25.30 30.06
CA LEU E 245 -31.74 -24.44 31.14
C LEU E 245 -33.08 -24.89 31.66
N THR E 246 -33.49 -24.38 32.82
CA THR E 246 -34.88 -24.52 33.21
C THR E 246 -35.37 -23.33 34.02
N VAL E 247 -36.69 -23.23 34.01
CA VAL E 247 -37.54 -22.33 34.75
C VAL E 247 -38.21 -23.31 35.71
N PRO E 248 -38.70 -22.92 36.89
CA PRO E 248 -39.37 -23.90 37.74
C PRO E 248 -40.72 -24.27 37.18
N SER E 249 -41.38 -25.19 37.86
CA SER E 249 -42.72 -25.61 37.45
C SER E 249 -43.74 -24.57 37.88
N GLY E 250 -45.01 -24.92 37.79
CA GLY E 250 -46.05 -23.97 38.12
C GLY E 250 -46.28 -23.89 39.61
N GLU E 251 -47.56 -23.90 40.01
CA GLU E 251 -48.00 -23.92 41.40
C GLU E 251 -47.46 -22.69 42.15
N HIS E 252 -47.91 -21.53 41.73
CA HIS E 252 -47.42 -20.27 42.28
C HIS E 252 -48.53 -19.39 42.82
N GLU E 255 -44.01 -18.12 43.07
CA GLU E 255 -42.93 -17.26 42.62
C GLU E 255 -43.21 -16.76 41.23
N GLN E 256 -44.25 -17.34 40.63
CA GLN E 256 -44.66 -17.12 39.25
C GLN E 256 -43.51 -17.39 38.29
N ARG E 257 -42.81 -18.49 38.53
CA ARG E 257 -41.68 -18.99 37.75
C ARG E 257 -40.55 -17.99 37.58
N ARG E 258 -40.38 -17.04 38.50
CA ARG E 258 -39.47 -15.94 38.24
C ARG E 258 -38.00 -16.29 38.43
N THR E 259 -37.70 -17.53 38.76
CA THR E 259 -36.33 -17.99 38.81
C THR E 259 -35.98 -18.72 37.53
N VAL E 260 -34.68 -18.94 37.34
CA VAL E 260 -34.15 -19.60 36.15
C VAL E 260 -32.96 -20.43 36.58
N HIS E 261 -32.82 -21.62 35.99
CA HIS E 261 -31.83 -22.57 36.41
C HIS E 261 -31.31 -23.30 35.19
N TYR E 262 -30.66 -24.43 35.45
CA TYR E 262 -30.31 -25.37 34.42
C TYR E 262 -31.00 -26.70 34.66
N GLU E 263 -31.05 -27.51 33.62
CA GLU E 263 -31.58 -28.86 33.74
C GLU E 263 -31.15 -29.67 32.53
N GLY E 264 -31.25 -30.98 32.66
CA GLY E 264 -31.47 -31.82 31.51
C GLY E 264 -32.96 -31.90 31.29
N GLY E 265 -33.50 -33.12 31.24
CA GLY E 265 -34.94 -33.32 31.20
C GLY E 265 -35.57 -32.91 29.87
N ALA E 266 -36.88 -33.10 29.80
CA ALA E 266 -37.61 -32.72 28.60
C ALA E 266 -38.11 -31.29 28.71
N VAL E 267 -37.22 -30.40 29.12
CA VAL E 267 -37.64 -29.02 29.36
C VAL E 267 -37.69 -28.28 28.05
N SER E 268 -36.87 -28.70 27.09
CA SER E 268 -37.10 -28.34 25.70
C SER E 268 -38.50 -28.73 25.28
N VAL E 269 -38.90 -29.95 25.62
CA VAL E 269 -40.23 -30.41 25.29
C VAL E 269 -41.25 -29.66 26.15
N HIS E 270 -40.86 -29.23 27.35
CA HIS E 270 -41.70 -28.32 28.09
C HIS E 270 -41.74 -26.96 27.40
N ALA E 271 -42.77 -26.19 27.73
CA ALA E 271 -42.95 -24.90 27.10
C ALA E 271 -42.00 -23.86 27.65
N ARG E 272 -41.52 -24.07 28.87
CA ARG E 272 -40.82 -23.02 29.60
C ARG E 272 -39.47 -22.68 29.02
N SER E 273 -38.93 -23.51 28.13
CA SER E 273 -37.61 -23.24 27.59
C SER E 273 -37.69 -22.40 26.33
N LEU E 274 -38.49 -21.35 26.36
CA LEU E 274 -38.83 -20.65 25.13
C LEU E 274 -38.67 -19.16 25.35
N TRP E 275 -37.86 -18.55 24.48
CA TRP E 275 -37.35 -17.21 24.68
C TRP E 275 -37.45 -16.48 23.35
N ARG E 276 -38.46 -15.65 23.21
CA ARG E 276 -38.60 -14.87 22.00
C ARG E 276 -37.62 -13.70 22.04
N LEU E 277 -36.65 -13.73 21.14
CA LEU E 277 -35.68 -12.65 21.04
C LEU E 277 -36.33 -11.46 20.37
N GLU E 278 -35.97 -10.27 20.84
CA GLU E 278 -36.33 -9.03 20.16
C GLU E 278 -35.11 -8.11 20.15
N THR E 279 -34.88 -7.46 19.03
CA THR E 279 -33.88 -6.40 19.01
C THR E 279 -34.55 -5.06 19.27
N LEU E 280 -33.73 -4.08 19.62
CA LEU E 280 -34.24 -2.73 19.83
C LEU E 280 -34.65 -2.06 18.53
N ARG E 281 -34.10 -2.50 17.41
CA ARG E 281 -34.50 -1.94 16.12
C ARG E 281 -35.91 -2.37 15.79
N VAL E 282 -36.78 -1.40 15.58
CA VAL E 282 -38.16 -1.72 15.22
C VAL E 282 -38.24 -2.20 13.78
N ALA E 283 -37.69 -1.44 12.85
CA ALA E 283 -37.56 -1.95 11.50
C ALA E 283 -36.45 -2.98 11.45
N TRP E 284 -36.61 -3.93 10.52
CA TRP E 284 -35.63 -4.97 10.23
C TRP E 284 -35.33 -5.83 11.43
N SER E 285 -36.31 -5.97 12.30
CA SER E 285 -36.09 -6.72 13.52
C SER E 285 -35.98 -8.20 13.26
N GLY E 286 -36.48 -8.66 12.13
CA GLY E 286 -36.28 -10.04 11.76
C GLY E 286 -35.07 -10.21 10.89
N SER E 287 -34.07 -9.37 11.07
CA SER E 287 -32.83 -9.58 10.35
C SER E 287 -32.02 -10.69 10.99
N HIS E 288 -30.85 -10.94 10.44
CA HIS E 288 -29.96 -11.89 11.07
C HIS E 288 -29.43 -11.33 12.37
N ILE E 289 -29.33 -12.19 13.36
CA ILE E 289 -28.74 -11.82 14.64
C ILE E 289 -27.26 -12.13 14.58
N ARG E 290 -26.46 -11.27 15.15
CA ARG E 290 -25.01 -11.35 15.10
C ARG E 290 -24.45 -11.13 16.51
N TRP E 291 -23.14 -11.11 16.63
CA TRP E 291 -22.51 -11.05 17.94
C TRP E 291 -22.70 -9.70 18.58
N GLY E 292 -23.57 -9.64 19.58
CA GLY E 292 -23.68 -8.42 20.35
C GLY E 292 -24.72 -7.44 19.85
N GLN E 293 -25.77 -7.92 19.24
CA GLN E 293 -26.89 -7.04 18.96
C GLN E 293 -27.62 -6.75 20.28
N PRO E 294 -28.37 -5.65 20.35
CA PRO E 294 -29.21 -5.43 21.53
C PRO E 294 -30.31 -6.46 21.62
N PHE E 295 -30.52 -7.00 22.81
CA PHE E 295 -31.30 -8.22 23.00
C PHE E 295 -32.42 -7.99 23.98
N ARG E 296 -33.57 -7.54 23.51
CA ARG E 296 -34.76 -7.60 24.33
C ARG E 296 -35.23 -9.03 24.37
N LEU E 297 -35.07 -9.68 25.53
CA LEU E 297 -35.30 -11.11 25.66
C LEU E 297 -36.44 -11.36 26.62
N ARG E 298 -37.31 -12.30 26.25
CA ARG E 298 -38.62 -12.40 26.87
C ARG E 298 -39.01 -13.85 27.01
N HIS E 299 -39.52 -14.20 28.19
CA HIS E 299 -40.09 -15.52 28.35
C HIS E 299 -41.39 -15.59 27.58
N VAL E 300 -41.71 -16.79 27.13
CA VAL E 300 -42.87 -16.96 26.28
C VAL E 300 -44.10 -17.40 27.07
N THR E 301 -43.93 -18.37 27.97
CA THR E 301 -45.09 -18.90 28.68
C THR E 301 -45.67 -17.89 29.63
N THR E 302 -44.83 -17.02 30.17
CA THR E 302 -45.37 -15.88 30.90
C THR E 302 -45.62 -14.69 30.02
N GLY E 303 -44.73 -14.42 29.08
CA GLY E 303 -44.68 -13.12 28.47
C GLY E 303 -43.77 -12.16 29.18
N LYS E 304 -43.26 -12.51 30.34
CA LYS E 304 -42.35 -11.65 31.05
C LYS E 304 -41.02 -11.59 30.32
N TYR E 305 -40.36 -10.46 30.45
CA TYR E 305 -39.03 -10.29 29.88
C TYR E 305 -37.99 -10.77 30.86
N LEU E 306 -36.88 -11.25 30.33
CA LEU E 306 -35.76 -11.54 31.22
C LEU E 306 -35.14 -10.23 31.64
N SER E 307 -35.70 -9.63 32.68
CA SER E 307 -35.31 -8.31 33.13
C SER E 307 -34.30 -8.51 34.25
N LEU E 308 -33.02 -8.41 33.90
CA LEU E 308 -31.94 -8.77 34.82
C LEU E 308 -31.87 -7.81 35.99
N MET E 309 -32.04 -8.35 37.19
CA MET E 309 -31.65 -7.62 38.38
C MET E 309 -30.16 -7.39 38.35
N GLU E 310 -29.77 -6.12 38.27
CA GLU E 310 -28.39 -5.77 37.98
C GLU E 310 -27.44 -6.02 39.14
N ASP E 311 -27.95 -6.29 40.34
CA ASP E 311 -27.07 -6.47 41.49
C ASP E 311 -26.31 -7.79 41.41
N LYS E 312 -27.02 -8.90 41.39
CA LYS E 312 -26.38 -10.20 41.48
C LYS E 312 -26.71 -11.15 40.35
N SER E 313 -28.00 -11.30 40.00
CA SER E 313 -28.43 -12.38 39.13
C SER E 313 -29.82 -12.13 38.60
N LEU E 314 -30.42 -13.17 38.04
CA LEU E 314 -31.46 -12.98 37.06
C LEU E 314 -32.83 -12.80 37.71
N LEU E 315 -33.61 -11.91 37.12
CA LEU E 315 -34.94 -11.58 37.58
C LEU E 315 -35.89 -11.58 36.39
N LEU E 316 -37.18 -11.72 36.66
CA LEU E 316 -38.17 -11.85 35.62
C LEU E 316 -39.31 -10.89 35.89
N MET E 317 -39.63 -10.07 34.89
CA MET E 317 -40.75 -9.16 34.97
C MET E 317 -41.20 -8.89 33.54
N ASP E 318 -42.32 -8.20 33.39
CA ASP E 318 -42.85 -7.89 32.07
C ASP E 318 -42.07 -6.76 31.41
N LYS E 319 -42.66 -6.16 30.36
CA LYS E 319 -42.02 -5.12 29.57
C LYS E 319 -41.61 -3.90 30.39
N GLU E 320 -42.27 -3.65 31.52
CA GLU E 320 -42.02 -2.44 32.29
C GLU E 320 -40.61 -2.38 32.85
N LYS E 321 -40.14 -3.49 33.43
CA LYS E 321 -38.77 -3.54 33.90
C LYS E 321 -37.77 -3.64 32.77
N ALA E 322 -38.22 -4.09 31.59
CA ALA E 322 -37.33 -4.49 30.49
C ALA E 322 -36.66 -3.25 29.92
N ASP E 323 -35.46 -2.98 30.41
CA ASP E 323 -34.70 -1.81 30.04
C ASP E 323 -33.33 -2.24 29.61
N VAL E 324 -32.52 -1.25 29.24
CA VAL E 324 -31.13 -1.50 28.88
C VAL E 324 -30.30 -1.93 30.08
N LYS E 325 -30.80 -1.70 31.28
CA LYS E 325 -30.22 -2.26 32.49
C LYS E 325 -30.74 -3.65 32.78
N SER E 326 -31.88 -4.04 32.22
CA SER E 326 -32.52 -5.27 32.66
C SER E 326 -32.68 -6.28 31.53
N THR E 327 -33.15 -5.88 30.36
CA THR E 327 -33.31 -6.87 29.32
C THR E 327 -32.15 -6.90 28.34
N ALA E 328 -31.50 -5.77 28.06
CA ALA E 328 -30.63 -5.67 26.90
C ALA E 328 -29.29 -6.34 27.18
N PHE E 329 -28.98 -7.38 26.42
CA PHE E 329 -27.73 -8.09 26.55
C PHE E 329 -27.01 -8.07 25.22
N THR E 330 -25.86 -8.74 25.19
CA THR E 330 -25.04 -8.90 24.01
C THR E 330 -24.59 -10.35 23.89
N PHE E 331 -24.10 -10.71 22.72
CA PHE E 331 -23.53 -12.03 22.48
C PHE E 331 -22.07 -11.90 22.08
N ARG E 332 -21.25 -12.71 22.72
CA ARG E 332 -19.82 -12.70 22.50
C ARG E 332 -19.39 -14.13 22.24
N SER E 333 -18.50 -14.32 21.28
CA SER E 333 -18.05 -15.68 21.01
C SER E 333 -17.04 -16.13 22.04
N SER E 334 -16.35 -15.19 22.68
CA SER E 334 -15.40 -15.48 23.74
C SER E 334 -15.89 -14.82 25.03
N LYS E 335 -15.35 -15.30 26.14
CA LYS E 335 -15.64 -14.69 27.44
C LYS E 335 -15.07 -13.28 27.52
N GLU E 336 -13.98 -13.01 26.79
CA GLU E 336 -13.39 -11.68 26.81
C GLU E 336 -14.06 -10.74 25.83
N LYS E 337 -13.89 -11.01 24.53
CA LYS E 337 -14.16 -10.09 23.42
C LYS E 337 -13.61 -8.68 23.63
N ARG E 343 -26.02 -5.77 14.73
CA ARG E 343 -25.43 -5.26 15.96
C ARG E 343 -25.53 -3.74 16.01
N LYS E 344 -24.88 -3.07 15.05
CA LYS E 344 -24.91 -1.62 14.99
C LYS E 344 -25.93 -1.09 13.98
N GLU E 345 -25.73 -1.36 12.68
CA GLU E 345 -26.53 -0.75 11.62
C GLU E 345 -26.74 -1.75 10.50
N VAL E 346 -27.98 -2.22 10.32
CA VAL E 346 -28.32 -2.99 9.13
C VAL E 346 -29.77 -2.74 8.72
N ASP E 347 -29.94 -2.20 7.52
CA ASP E 347 -31.25 -1.96 6.95
C ASP E 347 -31.64 -3.06 5.97
N GLY E 348 -31.47 -4.28 6.42
CA GLY E 348 -31.56 -5.42 5.53
C GLY E 348 -31.45 -6.67 6.32
N MET E 349 -31.21 -7.78 5.64
CA MET E 349 -31.22 -9.05 6.34
C MET E 349 -29.96 -9.25 7.18
N GLY E 350 -28.84 -8.67 6.77
CA GLY E 350 -27.63 -8.81 7.54
C GLY E 350 -26.88 -10.09 7.22
N THR E 351 -26.00 -10.46 8.15
CA THR E 351 -25.12 -11.61 7.97
C THR E 351 -25.60 -12.74 8.86
N SER E 352 -25.93 -13.87 8.25
CA SER E 352 -26.41 -15.03 8.98
C SER E 352 -25.26 -15.58 9.80
N GLU E 353 -25.20 -15.13 11.06
CA GLU E 353 -23.97 -15.24 11.83
C GLU E 353 -23.80 -16.63 12.40
N ILE E 354 -24.66 -17.01 13.33
CA ILE E 354 -24.51 -18.27 14.03
C ILE E 354 -25.69 -19.15 13.68
N LYS E 355 -25.46 -20.45 13.62
CA LYS E 355 -26.50 -21.46 13.59
C LYS E 355 -26.98 -21.72 15.02
N TYR E 356 -27.70 -22.80 15.23
CA TYR E 356 -28.26 -23.06 16.56
C TYR E 356 -27.43 -24.06 17.34
N GLY E 357 -27.17 -25.24 16.75
CA GLY E 357 -26.35 -26.21 17.45
C GLY E 357 -24.89 -25.83 17.52
N ASP E 358 -24.41 -25.03 16.57
CA ASP E 358 -23.01 -24.64 16.51
C ASP E 358 -22.82 -23.25 17.09
N SER E 359 -23.11 -23.14 18.38
CA SER E 359 -23.25 -21.85 19.04
C SER E 359 -22.51 -21.87 20.36
N VAL E 360 -21.54 -20.98 20.49
CA VAL E 360 -20.85 -20.76 21.76
C VAL E 360 -20.96 -19.26 22.01
N CYS E 361 -22.02 -18.87 22.72
CA CYS E 361 -22.37 -17.46 22.84
C CYS E 361 -22.20 -17.03 24.29
N PHE E 362 -21.17 -16.25 24.55
CA PHE E 362 -20.96 -15.71 25.88
C PHE E 362 -21.85 -14.49 25.97
N ILE E 363 -23.01 -14.68 26.59
CA ILE E 363 -23.93 -13.58 26.74
C ILE E 363 -23.40 -12.62 27.79
N GLN E 364 -23.33 -11.35 27.43
CA GLN E 364 -22.96 -10.32 28.38
C GLN E 364 -24.09 -9.32 28.50
N HIS E 365 -24.50 -9.05 29.74
CA HIS E 365 -25.38 -7.92 29.94
C HIS E 365 -24.63 -6.63 29.73
N ILE E 366 -25.25 -5.73 28.97
CA ILE E 366 -24.64 -4.45 28.66
C ILE E 366 -24.49 -3.60 29.90
N GLY E 367 -25.54 -3.54 30.72
CA GLY E 367 -25.53 -2.67 31.87
C GLY E 367 -24.62 -3.12 32.99
N THR E 368 -24.17 -4.38 32.98
CA THR E 368 -23.29 -4.87 34.03
C THR E 368 -21.99 -5.45 33.53
N GLY E 369 -21.93 -5.92 32.29
CA GLY E 369 -20.74 -6.64 31.90
C GLY E 369 -20.64 -8.03 32.47
N LEU E 370 -21.68 -8.51 33.16
CA LEU E 370 -21.66 -9.85 33.70
C LEU E 370 -21.83 -10.87 32.59
N TRP E 371 -21.62 -12.12 32.93
CA TRP E 371 -21.69 -13.22 31.98
C TRP E 371 -22.41 -14.36 32.68
N LEU E 372 -23.19 -15.10 31.91
CA LEU E 372 -24.10 -16.07 32.49
C LEU E 372 -23.37 -17.37 32.80
N THR E 373 -23.08 -17.57 34.07
CA THR E 373 -22.52 -18.81 34.56
C THR E 373 -23.53 -19.42 35.52
N TYR E 374 -23.15 -20.47 36.24
CA TYR E 374 -24.10 -21.11 37.13
C TYR E 374 -23.58 -21.10 38.55
N GLN E 375 -24.43 -21.57 39.45
CA GLN E 375 -24.05 -21.81 40.83
C GLN E 375 -23.64 -23.26 40.98
N SER E 376 -23.44 -23.70 42.21
CA SER E 376 -23.12 -25.10 42.47
C SER E 376 -23.67 -25.53 43.82
N SER E 386 -33.37 -33.31 41.78
CA SER E 386 -33.54 -32.45 40.61
C SER E 386 -32.30 -31.61 40.36
N ILE E 387 -31.70 -31.79 39.19
CA ILE E 387 -30.58 -30.95 38.79
C ILE E 387 -31.19 -29.64 38.32
N GLN E 388 -31.41 -28.72 39.26
CA GLN E 388 -32.05 -27.47 38.93
C GLN E 388 -31.07 -26.38 39.28
N ARG E 389 -29.83 -26.60 38.84
CA ARG E 389 -28.70 -25.76 39.20
C ARG E 389 -28.89 -24.34 38.68
N LYS E 390 -28.86 -23.37 39.59
CA LYS E 390 -29.22 -22.00 39.27
C LYS E 390 -28.11 -21.33 38.48
N ALA E 391 -28.48 -20.74 37.34
CA ALA E 391 -27.56 -19.95 36.58
C ALA E 391 -27.46 -18.53 37.14
N ILE E 392 -26.31 -17.90 36.96
CA ILE E 392 -26.06 -16.56 37.50
C ILE E 392 -25.32 -15.71 36.49
N MET E 393 -25.73 -14.46 36.37
CA MET E 393 -24.90 -13.48 35.70
C MET E 393 -23.75 -13.12 36.62
N HIS E 394 -22.54 -13.14 36.08
CA HIS E 394 -21.36 -12.92 36.90
C HIS E 394 -20.21 -12.51 36.00
N HIS E 395 -19.14 -12.00 36.62
CA HIS E 395 -17.91 -11.70 35.89
C HIS E 395 -17.35 -12.95 35.24
N GLU E 396 -17.01 -13.95 36.03
CA GLU E 396 -16.64 -15.24 35.46
C GLU E 396 -17.54 -16.37 35.93
N GLY E 397 -17.58 -16.63 37.24
CA GLY E 397 -18.13 -17.85 37.76
C GLY E 397 -17.44 -19.07 37.15
N HIS E 398 -18.15 -19.81 36.31
CA HIS E 398 -17.57 -20.93 35.59
C HIS E 398 -17.23 -20.51 34.17
N MET E 399 -16.44 -21.35 33.50
CA MET E 399 -15.96 -21.07 32.16
C MET E 399 -16.84 -21.71 31.10
N ASP E 400 -18.12 -21.87 31.38
CA ASP E 400 -19.04 -22.60 30.52
C ASP E 400 -20.14 -21.68 30.03
N ASP E 401 -19.80 -20.40 29.83
CA ASP E 401 -20.79 -19.37 29.61
C ASP E 401 -21.07 -19.10 28.13
N GLY E 402 -20.38 -19.79 27.24
CA GLY E 402 -20.70 -19.73 25.82
C GLY E 402 -21.69 -20.80 25.42
N LEU E 403 -22.95 -20.59 25.76
CA LEU E 403 -23.88 -21.70 25.76
C LEU E 403 -24.42 -22.03 24.39
N ASN E 404 -25.21 -23.10 24.34
CA ASN E 404 -25.70 -23.70 23.13
C ASN E 404 -27.19 -23.44 22.95
N LEU E 405 -27.65 -23.57 21.71
CA LEU E 405 -29.00 -23.15 21.34
C LEU E 405 -29.70 -24.19 20.49
N SER E 406 -31.01 -24.01 20.37
CA SER E 406 -31.82 -24.71 19.39
C SER E 406 -33.10 -23.92 19.20
N ARG E 407 -33.42 -23.60 17.95
CA ARG E 407 -34.61 -22.84 17.64
C ARG E 407 -35.86 -23.68 17.89
N SER E 408 -37.01 -23.02 17.76
CA SER E 408 -38.29 -23.65 17.94
C SER E 408 -38.96 -23.85 16.59
N GLN E 409 -40.20 -24.31 16.62
CA GLN E 409 -41.05 -24.33 15.45
C GLN E 409 -42.33 -23.55 15.73
N HIS E 410 -43.23 -23.61 14.76
CA HIS E 410 -44.33 -22.64 14.75
C HIS E 410 -45.45 -23.07 15.65
N GLU E 411 -45.81 -24.35 15.57
CA GLU E 411 -46.94 -24.89 16.29
C GLU E 411 -46.70 -24.86 17.79
N GLU E 412 -45.46 -25.09 18.20
CA GLU E 412 -45.18 -25.18 19.61
C GLU E 412 -45.19 -23.80 20.23
N SER E 413 -44.61 -22.84 19.51
CA SER E 413 -44.70 -21.45 19.90
C SER E 413 -46.13 -20.97 19.88
N ARG E 414 -46.90 -21.47 18.91
CA ARG E 414 -48.27 -21.04 18.77
C ARG E 414 -49.07 -21.46 19.98
N THR E 415 -48.93 -22.71 20.36
CA THR E 415 -49.56 -23.24 21.56
C THR E 415 -49.08 -22.52 22.79
N ALA E 416 -47.83 -22.08 22.78
CA ALA E 416 -47.31 -21.36 23.93
C ALA E 416 -47.96 -19.99 24.07
N ARG E 417 -48.08 -19.26 22.96
CA ARG E 417 -48.77 -17.97 23.00
C ARG E 417 -50.23 -18.14 23.35
N VAL E 418 -50.82 -19.23 22.86
CA VAL E 418 -52.17 -19.61 23.24
C VAL E 418 -52.27 -19.81 24.74
N ILE E 419 -51.31 -20.51 25.32
CA ILE E 419 -51.32 -20.80 26.74
C ILE E 419 -51.22 -19.52 27.55
N ARG E 420 -50.37 -18.61 27.08
CA ARG E 420 -50.16 -17.35 27.76
C ARG E 420 -51.43 -16.52 27.76
N SER E 421 -51.99 -16.30 26.57
CA SER E 421 -53.26 -15.60 26.44
C SER E 421 -54.38 -16.32 27.14
N THR E 422 -54.28 -17.65 27.19
CA THR E 422 -55.29 -18.49 27.77
C THR E 422 -55.42 -18.23 29.24
N VAL E 423 -54.31 -18.32 29.97
CA VAL E 423 -54.38 -18.12 31.39
C VAL E 423 -54.59 -16.65 31.71
N PHE E 424 -54.20 -15.75 30.79
CA PHE E 424 -54.50 -14.34 30.94
C PHE E 424 -55.99 -14.10 30.97
N LEU E 425 -56.72 -14.74 30.05
CA LEU E 425 -58.17 -14.74 30.12
C LEU E 425 -58.65 -15.40 31.40
N PHE E 426 -58.06 -16.54 31.71
CA PHE E 426 -58.65 -17.48 32.65
C PHE E 426 -58.67 -16.95 34.06
N ASN E 427 -57.52 -16.51 34.53
CA ASN E 427 -57.42 -16.18 35.94
C ASN E 427 -58.16 -14.91 36.25
N ARG E 428 -58.23 -14.00 35.28
CA ARG E 428 -59.04 -12.80 35.48
C ARG E 428 -60.52 -13.14 35.45
N PHE E 429 -60.91 -14.11 34.62
CA PHE E 429 -62.31 -14.49 34.65
C PHE E 429 -62.67 -15.25 35.92
N ILE E 430 -61.69 -15.91 36.52
CA ILE E 430 -61.91 -16.65 37.76
C ILE E 430 -62.29 -15.69 38.87
N ARG E 431 -61.53 -14.61 39.02
CA ARG E 431 -61.92 -13.61 39.99
C ARG E 431 -63.11 -12.80 39.53
N GLY E 432 -63.39 -12.82 38.22
CA GLY E 432 -64.69 -12.38 37.75
C GLY E 432 -65.82 -13.14 38.41
N LEU E 433 -65.68 -14.45 38.48
CA LEU E 433 -66.65 -15.26 39.21
C LEU E 433 -66.60 -14.94 40.70
N ASP E 434 -65.42 -14.68 41.23
CA ASP E 434 -65.29 -14.47 42.67
C ASP E 434 -65.94 -13.18 43.13
N ALA E 435 -66.01 -12.18 42.24
CA ALA E 435 -66.63 -10.91 42.59
C ALA E 435 -68.14 -11.08 42.80
N LEU E 436 -68.83 -11.61 41.79
CA LEU E 436 -70.25 -11.90 41.90
C LEU E 436 -70.55 -13.10 42.78
N SER E 437 -69.53 -13.81 43.26
CA SER E 437 -69.73 -14.80 44.29
C SER E 437 -70.12 -14.16 45.62
N LYS E 438 -69.85 -12.87 45.80
CA LYS E 438 -70.10 -12.22 47.07
C LYS E 438 -71.14 -11.11 47.00
N LYS E 439 -71.13 -10.30 45.94
CA LYS E 439 -72.02 -9.14 45.87
C LYS E 439 -72.15 -8.72 44.41
N ALA E 440 -72.91 -7.65 44.19
CA ALA E 440 -73.17 -7.14 42.85
C ALA E 440 -72.11 -6.16 42.36
N LYS E 441 -71.15 -5.82 43.20
CA LYS E 441 -69.96 -5.09 42.76
C LYS E 441 -69.21 -5.92 41.74
N ALA E 442 -68.82 -5.32 40.62
CA ALA E 442 -68.84 -3.87 40.32
C ALA E 442 -69.69 -3.21 39.19
N SER E 443 -69.76 -3.69 37.95
CA SER E 443 -69.60 -5.08 37.55
C SER E 443 -68.67 -5.39 36.39
N THR E 444 -67.67 -6.25 36.61
CA THR E 444 -67.06 -6.47 37.91
C THR E 444 -65.58 -6.16 37.84
N VAL E 445 -64.91 -7.07 37.13
CA VAL E 445 -63.51 -7.10 36.70
C VAL E 445 -63.59 -7.74 35.33
N ASP E 446 -62.45 -8.17 34.78
CA ASP E 446 -62.50 -8.92 33.51
C ASP E 446 -63.34 -10.17 33.68
N LEU E 447 -64.56 -10.07 33.19
CA LEU E 447 -65.51 -11.17 33.17
C LEU E 447 -66.01 -11.23 31.73
N PRO E 448 -65.21 -11.75 30.82
CA PRO E 448 -65.68 -11.88 29.45
C PRO E 448 -66.61 -13.07 29.36
N ILE E 449 -67.45 -13.05 28.34
CA ILE E 449 -68.40 -14.13 28.16
C ILE E 449 -68.20 -14.68 26.77
N GLU E 450 -68.42 -13.81 25.80
CA GLU E 450 -68.44 -14.18 24.40
C GLU E 450 -67.05 -14.48 23.90
N SER E 451 -66.03 -13.79 24.41
CA SER E 451 -64.67 -14.09 24.01
C SER E 451 -64.22 -15.40 24.59
N VAL E 452 -64.77 -15.77 25.73
CA VAL E 452 -64.48 -17.07 26.32
C VAL E 452 -65.01 -18.17 25.44
N SER E 453 -66.25 -18.03 24.99
CA SER E 453 -66.81 -19.00 24.05
C SER E 453 -66.05 -18.99 22.74
N LEU E 454 -65.59 -17.81 22.33
CA LEU E 454 -64.85 -17.68 21.09
C LEU E 454 -63.54 -18.44 21.14
N SER E 455 -62.71 -18.11 22.12
CA SER E 455 -61.46 -18.81 22.34
C SER E 455 -61.67 -20.27 22.65
N LEU E 456 -62.78 -20.58 23.30
CA LEU E 456 -63.19 -21.93 23.58
C LEU E 456 -63.35 -22.74 22.31
N GLN E 457 -64.17 -22.24 21.38
CA GLN E 457 -64.33 -22.96 20.13
C GLN E 457 -63.06 -22.92 19.32
N ASP E 458 -62.26 -21.86 19.48
CA ASP E 458 -60.98 -21.75 18.80
C ASP E 458 -60.06 -22.89 19.21
N LEU E 459 -59.99 -23.19 20.49
CA LEU E 459 -59.13 -24.28 20.89
C LEU E 459 -59.78 -25.62 20.61
N ILE E 460 -61.10 -25.66 20.63
CA ILE E 460 -61.81 -26.90 20.37
C ILE E 460 -61.57 -27.35 18.94
N GLY E 461 -61.71 -26.43 17.99
CA GLY E 461 -61.29 -26.72 16.63
C GLY E 461 -59.79 -26.89 16.54
N TYR E 462 -59.05 -26.19 17.39
CA TYR E 462 -57.62 -26.41 17.43
C TYR E 462 -57.28 -27.74 18.04
N PHE E 463 -58.20 -28.32 18.81
CA PHE E 463 -58.01 -29.67 19.28
C PHE E 463 -59.04 -30.61 18.68
N HIS E 464 -59.50 -30.28 17.50
CA HIS E 464 -60.46 -31.13 16.82
C HIS E 464 -59.78 -32.42 16.39
N PRO E 465 -60.46 -33.56 16.51
CA PRO E 465 -59.86 -34.82 16.12
C PRO E 465 -59.77 -34.92 14.62
N PRO E 466 -58.91 -35.80 14.10
CA PRO E 466 -58.85 -36.03 12.66
C PRO E 466 -60.14 -36.59 12.11
N ASP E 467 -60.30 -36.43 10.81
CA ASP E 467 -61.51 -36.81 10.12
C ASP E 467 -61.29 -38.09 9.34
N GLU E 468 -62.35 -38.53 8.67
CA GLU E 468 -62.25 -39.71 7.84
C GLU E 468 -61.69 -39.40 6.46
N HIS E 469 -62.25 -38.37 5.82
CA HIS E 469 -62.03 -38.11 4.40
C HIS E 469 -60.66 -37.48 4.23
N LEU E 470 -59.65 -38.32 4.38
CA LEU E 470 -58.31 -37.84 4.57
C LEU E 470 -57.39 -39.00 4.28
N GLU E 471 -56.22 -38.68 3.76
CA GLU E 471 -55.24 -39.72 3.53
C GLU E 471 -54.70 -40.17 4.87
N HIS E 472 -54.39 -41.47 4.92
CA HIS E 472 -54.03 -42.09 6.17
C HIS E 472 -52.79 -41.45 6.76
N GLU E 473 -51.85 -41.10 5.89
CA GLU E 473 -50.68 -40.37 6.32
C GLU E 473 -51.05 -38.99 6.86
N ASP E 474 -51.98 -38.31 6.21
CA ASP E 474 -52.39 -37.00 6.70
C ASP E 474 -53.05 -37.11 8.05
N LYS E 475 -53.79 -38.20 8.23
CA LYS E 475 -54.35 -38.51 9.54
C LYS E 475 -53.24 -38.69 10.56
N GLN E 476 -52.14 -39.33 10.15
CA GLN E 476 -51.01 -39.49 11.07
C GLN E 476 -50.43 -38.14 11.47
N ASN E 477 -50.29 -37.24 10.50
CA ASN E 477 -49.77 -35.90 10.79
C ASN E 477 -50.68 -35.17 11.75
N ARG E 478 -51.96 -35.23 11.47
CA ARG E 478 -52.94 -34.51 12.25
C ARG E 478 -52.99 -35.04 13.67
N LEU E 479 -53.04 -36.36 13.82
CA LEU E 479 -53.11 -36.94 15.15
C LEU E 479 -51.80 -36.73 15.88
N ARG E 480 -50.69 -36.69 15.16
CA ARG E 480 -49.41 -36.48 15.79
C ARG E 480 -49.33 -35.12 16.41
N ALA E 481 -49.67 -34.09 15.62
CA ALA E 481 -49.68 -32.73 16.14
C ALA E 481 -50.68 -32.58 17.26
N LEU E 482 -51.81 -33.29 17.16
CA LEU E 482 -52.81 -33.25 18.21
C LEU E 482 -52.28 -33.83 19.50
N LYS E 483 -51.56 -34.94 19.38
CA LYS E 483 -50.98 -35.58 20.55
C LYS E 483 -49.93 -34.71 21.18
N ASN E 484 -49.14 -34.04 20.35
CA ASN E 484 -48.10 -33.18 20.87
C ASN E 484 -48.68 -32.01 21.62
N ARG E 485 -49.74 -31.43 21.09
CA ARG E 485 -50.31 -30.30 21.78
C ARG E 485 -51.08 -30.72 23.02
N GLN E 486 -51.65 -31.91 22.99
CA GLN E 486 -52.22 -32.47 24.21
C GLN E 486 -51.14 -32.72 25.26
N ASN E 487 -49.95 -33.11 24.82
CA ASN E 487 -48.84 -33.26 25.74
C ASN E 487 -48.41 -31.91 26.29
N LEU E 488 -48.41 -30.89 25.44
CA LEU E 488 -48.00 -29.56 25.85
C LEU E 488 -48.92 -29.01 26.91
N PHE E 489 -50.21 -29.23 26.75
CA PHE E 489 -51.12 -28.90 27.83
C PHE E 489 -50.89 -29.77 29.04
N GLN E 490 -50.54 -31.03 28.83
CA GLN E 490 -50.32 -31.91 29.96
C GLN E 490 -49.09 -31.52 30.73
N GLU E 491 -48.05 -31.04 30.04
CA GLU E 491 -46.89 -30.51 30.74
C GLU E 491 -47.23 -29.25 31.50
N GLU E 492 -48.25 -28.52 31.07
CA GLU E 492 -48.58 -27.31 31.77
C GLU E 492 -49.82 -27.44 32.64
N GLY E 493 -50.76 -28.31 32.27
CA GLY E 493 -51.87 -28.57 33.15
C GLY E 493 -52.83 -27.41 33.26
N MET E 494 -53.62 -27.16 32.23
CA MET E 494 -54.80 -26.32 32.40
C MET E 494 -56.01 -27.15 32.75
N ILE E 495 -55.78 -28.46 32.87
CA ILE E 495 -56.83 -29.41 33.18
C ILE E 495 -57.48 -29.08 34.51
N ASN E 496 -56.67 -28.94 35.54
CA ASN E 496 -57.10 -28.49 36.83
C ASN E 496 -57.66 -27.10 36.78
N LEU E 497 -57.14 -26.26 35.88
CA LEU E 497 -57.59 -24.88 35.79
C LEU E 497 -59.05 -24.80 35.39
N VAL E 498 -59.40 -25.46 34.29
CA VAL E 498 -60.79 -25.45 33.86
C VAL E 498 -61.64 -26.27 34.81
N LEU E 499 -61.05 -27.29 35.44
CA LEU E 499 -61.70 -28.02 36.51
C LEU E 499 -62.11 -27.10 37.64
N GLU E 500 -61.24 -26.18 38.00
CA GLU E 500 -61.55 -25.23 39.05
C GLU E 500 -62.59 -24.23 38.59
N CYS E 501 -62.59 -23.89 37.31
CA CYS E 501 -63.66 -23.04 36.79
C CYS E 501 -65.01 -23.72 36.94
N ILE E 502 -65.07 -25.01 36.64
CA ILE E 502 -66.29 -25.78 36.81
C ILE E 502 -66.66 -25.86 38.27
N ASP E 503 -65.66 -26.06 39.12
CA ASP E 503 -65.83 -26.09 40.57
C ASP E 503 -66.45 -24.81 41.07
N ARG E 504 -65.93 -23.70 40.60
CA ARG E 504 -66.46 -22.39 40.92
C ARG E 504 -67.83 -22.19 40.31
N LEU E 505 -68.15 -22.90 39.26
CA LEU E 505 -69.37 -22.61 38.53
C LEU E 505 -70.58 -23.37 39.06
N HIS E 506 -70.38 -24.58 39.56
CA HIS E 506 -71.49 -25.49 39.83
C HIS E 506 -72.24 -25.07 41.07
N VAL E 507 -72.99 -23.98 40.94
CA VAL E 507 -73.70 -23.37 42.05
C VAL E 507 -75.18 -23.20 41.75
N TYR E 508 -75.50 -22.44 40.73
CA TYR E 508 -76.79 -21.80 40.61
C TYR E 508 -77.76 -22.66 39.84
N SER E 509 -78.86 -22.04 39.42
CA SER E 509 -79.81 -22.67 38.53
C SER E 509 -80.38 -21.66 37.54
N SER E 510 -79.59 -20.64 37.17
CA SER E 510 -80.01 -19.49 36.36
C SER E 510 -81.21 -18.74 36.95
N VAL E 517 -77.34 -16.16 41.04
CA VAL E 517 -76.66 -16.61 39.84
C VAL E 517 -75.58 -15.62 39.46
N ALA E 518 -75.95 -14.55 38.77
CA ALA E 518 -75.02 -13.51 38.34
C ALA E 518 -75.85 -12.30 37.94
N GLY E 519 -75.20 -11.32 37.34
CA GLY E 519 -75.94 -10.44 36.46
C GLY E 519 -76.28 -11.32 35.29
N ARG E 520 -77.50 -11.81 35.24
CA ARG E 520 -77.81 -13.00 34.46
C ARG E 520 -77.97 -12.71 32.98
N GLU E 521 -77.94 -11.45 32.57
CA GLU E 521 -78.04 -11.16 31.16
C GLU E 521 -76.79 -11.60 30.44
N ALA E 522 -75.63 -11.17 30.92
CA ALA E 522 -74.39 -11.77 30.47
C ALA E 522 -74.24 -13.17 31.01
N GLY E 523 -74.84 -13.46 32.16
CA GLY E 523 -74.82 -14.79 32.71
C GLY E 523 -75.84 -15.73 32.13
N GLU E 524 -76.35 -15.43 30.94
CA GLU E 524 -77.35 -16.28 30.31
C GLU E 524 -76.77 -17.62 29.90
N SER E 525 -75.63 -17.61 29.23
CA SER E 525 -75.12 -18.78 28.53
C SER E 525 -74.31 -19.70 29.42
N TRP E 526 -74.58 -19.59 30.73
CA TRP E 526 -73.83 -20.26 31.78
C TRP E 526 -73.82 -21.77 31.57
N LYS E 527 -74.98 -22.35 31.28
CA LYS E 527 -75.07 -23.78 31.08
C LYS E 527 -74.32 -24.22 29.83
N SER E 528 -74.48 -23.45 28.75
CA SER E 528 -73.80 -23.78 27.51
C SER E 528 -72.31 -23.60 27.65
N ILE E 529 -71.91 -22.58 28.40
CA ILE E 529 -70.50 -22.38 28.74
C ILE E 529 -69.98 -23.62 29.41
N LEU E 530 -70.71 -24.12 30.40
CA LEU E 530 -70.31 -25.29 31.16
C LEU E 530 -70.21 -26.53 30.29
N ASN E 531 -71.17 -26.71 29.41
CA ASN E 531 -71.17 -27.90 28.57
C ASN E 531 -69.99 -27.86 27.62
N SER E 532 -69.70 -26.68 27.09
CA SER E 532 -68.54 -26.54 26.24
C SER E 532 -67.27 -26.71 27.01
N LEU E 533 -67.27 -26.38 28.30
CA LEU E 533 -66.11 -26.62 29.13
C LEU E 533 -65.85 -28.10 29.26
N TYR E 534 -66.92 -28.87 29.41
CA TYR E 534 -66.78 -30.33 29.36
C TYR E 534 -66.23 -30.78 28.03
N GLU E 535 -66.62 -30.09 26.96
CA GLU E 535 -66.21 -30.55 25.64
C GLU E 535 -64.74 -30.32 25.41
N LEU E 536 -64.27 -29.13 25.74
CA LEU E 536 -62.86 -28.85 25.58
C LEU E 536 -62.03 -29.65 26.55
N LEU E 537 -62.62 -30.02 27.68
CA LEU E 537 -62.01 -31.00 28.54
C LEU E 537 -61.84 -32.31 27.81
N ALA E 538 -62.89 -32.76 27.13
CA ALA E 538 -62.95 -34.09 26.55
C ALA E 538 -61.88 -34.35 25.51
N ALA E 539 -61.44 -33.30 24.82
CA ALA E 539 -60.38 -33.48 23.84
C ALA E 539 -59.06 -33.79 24.50
N LEU E 540 -58.92 -33.41 25.75
CA LEU E 540 -57.61 -33.41 26.36
C LEU E 540 -57.24 -34.74 26.93
N ILE E 541 -57.93 -35.78 26.54
CA ILE E 541 -57.72 -37.12 27.08
C ILE E 541 -57.39 -38.11 25.98
N ARG E 542 -58.17 -38.09 24.91
CA ARG E 542 -58.26 -39.20 23.98
C ARG E 542 -56.96 -39.47 23.24
N GLY E 543 -56.08 -38.49 23.17
CA GLY E 543 -54.80 -38.78 22.59
C GLY E 543 -53.96 -39.58 23.57
N ASN E 544 -53.61 -38.96 24.68
CA ASN E 544 -52.46 -39.42 25.43
C ASN E 544 -52.89 -40.14 26.69
N ARG E 545 -52.34 -41.34 26.86
CA ARG E 545 -52.43 -42.04 28.12
C ARG E 545 -51.78 -41.24 29.24
N LYS E 546 -50.71 -40.52 28.93
CA LYS E 546 -50.03 -39.72 29.92
C LYS E 546 -50.86 -38.54 30.33
N ASN E 547 -51.68 -38.03 29.42
CA ASN E 547 -52.71 -37.09 29.80
C ASN E 547 -53.69 -37.72 30.75
N CYS E 548 -54.30 -38.84 30.35
CA CYS E 548 -55.46 -39.33 31.06
C CYS E 548 -55.12 -39.94 32.40
N ALA E 549 -53.85 -40.28 32.62
CA ALA E 549 -53.55 -41.04 33.82
C ALA E 549 -53.60 -40.22 35.09
N GLN E 550 -53.72 -38.91 35.00
CA GLN E 550 -53.53 -38.05 36.17
C GLN E 550 -54.82 -37.72 36.86
N PHE E 551 -55.80 -38.57 36.79
CA PHE E 551 -57.16 -38.11 37.03
C PHE E 551 -57.87 -38.93 38.07
N SER E 552 -57.14 -39.34 39.08
CA SER E 552 -57.75 -40.02 40.21
C SER E 552 -58.57 -39.04 41.03
N GLY E 553 -57.99 -37.88 41.33
CA GLY E 553 -58.70 -36.91 42.12
C GLY E 553 -59.85 -36.29 41.40
N SER E 554 -59.77 -36.20 40.09
CA SER E 554 -60.93 -35.71 39.37
C SER E 554 -61.96 -36.79 39.15
N LEU E 555 -61.59 -38.06 39.30
CA LEU E 555 -62.51 -39.16 39.04
C LEU E 555 -63.72 -39.12 39.97
N ASP E 556 -63.47 -39.29 41.25
CA ASP E 556 -64.53 -39.21 42.24
C ASP E 556 -65.12 -37.82 42.32
N TRP E 557 -64.32 -36.81 41.96
CA TRP E 557 -64.84 -35.46 41.83
C TRP E 557 -65.96 -35.41 40.80
N LEU E 558 -65.73 -36.03 39.65
CA LEU E 558 -66.78 -36.11 38.65
C LEU E 558 -67.92 -37.00 39.09
N ILE E 559 -67.63 -38.02 39.89
CA ILE E 559 -68.73 -38.86 40.34
C ILE E 559 -69.59 -38.10 41.32
N SER E 560 -69.00 -37.18 42.06
CA SER E 560 -69.79 -36.25 42.85
C SER E 560 -70.54 -35.28 41.96
N ARG E 561 -69.90 -34.82 40.91
CA ARG E 561 -70.52 -33.87 40.00
C ARG E 561 -71.58 -34.51 39.12
N LEU E 562 -71.63 -35.83 39.09
CA LEU E 562 -72.33 -36.62 38.09
C LEU E 562 -73.82 -36.37 38.10
N GLU E 563 -74.36 -35.99 39.24
CA GLU E 563 -75.78 -36.03 39.47
C GLU E 563 -76.38 -34.65 39.35
N ARG E 564 -75.78 -33.80 38.53
CA ARG E 564 -76.33 -32.48 38.38
C ARG E 564 -77.54 -32.51 37.45
N LEU E 565 -77.66 -33.55 36.62
CA LEU E 565 -78.82 -33.86 35.79
C LEU E 565 -79.12 -32.77 34.77
N GLU E 566 -78.17 -31.89 34.50
CA GLU E 566 -78.32 -30.92 33.42
C GLU E 566 -77.10 -30.89 32.52
N ALA E 567 -75.91 -31.09 33.09
CA ALA E 567 -74.67 -31.07 32.34
C ALA E 567 -73.99 -32.44 32.41
N SER E 568 -74.76 -33.43 32.84
CA SER E 568 -74.20 -34.74 33.13
C SER E 568 -73.80 -35.50 31.87
N SER E 569 -74.29 -35.07 30.71
CA SER E 569 -73.93 -35.71 29.46
C SER E 569 -72.45 -35.58 29.18
N GLY E 570 -71.93 -34.35 29.26
CA GLY E 570 -70.51 -34.15 29.05
C GLY E 570 -69.67 -34.83 30.10
N ILE E 571 -70.20 -34.92 31.32
CA ILE E 571 -69.56 -35.70 32.37
C ILE E 571 -69.43 -37.15 31.95
N LEU E 572 -70.51 -37.71 31.41
CA LEU E 572 -70.50 -39.07 30.90
C LEU E 572 -69.47 -39.24 29.81
N GLU E 573 -69.36 -38.23 28.94
CA GLU E 573 -68.45 -38.36 27.82
C GLU E 573 -67.02 -38.35 28.27
N VAL E 574 -66.69 -37.43 29.18
CA VAL E 574 -65.30 -37.32 29.57
C VAL E 574 -64.88 -38.52 30.40
N LEU E 575 -65.81 -39.06 31.19
CA LEU E 575 -65.46 -40.25 31.94
C LEU E 575 -65.33 -41.45 31.02
N HIS E 576 -66.14 -41.49 29.97
CA HIS E 576 -66.04 -42.59 29.05
C HIS E 576 -64.72 -42.58 28.33
N CYS E 577 -64.30 -41.41 27.86
CA CYS E 577 -63.07 -41.40 27.09
C CYS E 577 -61.86 -41.49 27.99
N VAL E 578 -62.00 -41.21 29.28
CA VAL E 578 -60.82 -41.52 30.09
C VAL E 578 -60.82 -42.99 30.44
N LEU E 579 -62.01 -43.60 30.54
CA LEU E 579 -62.07 -45.00 30.92
C LEU E 579 -61.59 -45.90 29.82
N VAL E 580 -61.72 -45.47 28.57
CA VAL E 580 -61.25 -46.33 27.51
C VAL E 580 -59.73 -46.38 27.43
N GLU E 581 -59.03 -45.43 28.03
CA GLU E 581 -57.58 -45.40 27.89
C GLU E 581 -56.88 -46.08 29.06
N SER E 582 -57.31 -45.81 30.27
CA SER E 582 -56.48 -46.08 31.43
C SER E 582 -56.96 -47.29 32.22
N PRO E 583 -56.19 -48.38 32.26
CA PRO E 583 -56.43 -49.40 33.29
C PRO E 583 -56.19 -48.89 34.69
N GLU E 584 -55.27 -47.94 34.87
CA GLU E 584 -55.09 -47.27 36.14
C GLU E 584 -56.40 -46.69 36.65
N ALA E 585 -57.16 -46.05 35.76
CA ALA E 585 -58.46 -45.49 36.13
C ALA E 585 -59.41 -46.56 36.57
N LEU E 586 -59.32 -47.75 35.97
CA LEU E 586 -60.11 -48.87 36.42
C LEU E 586 -59.68 -49.31 37.82
N ASN E 587 -58.38 -49.35 38.05
CA ASN E 587 -57.88 -49.81 39.33
C ASN E 587 -58.15 -48.81 40.44
N ILE E 588 -58.50 -47.58 40.09
CA ILE E 588 -58.92 -46.62 41.10
C ILE E 588 -60.23 -47.05 41.74
N ILE E 589 -61.26 -47.21 40.93
CA ILE E 589 -62.60 -46.88 41.37
C ILE E 589 -63.17 -48.02 42.22
N LYS E 590 -64.23 -47.69 42.97
CA LYS E 590 -64.89 -48.61 43.87
C LYS E 590 -66.39 -48.63 43.66
N GLU E 591 -67.09 -49.20 44.64
CA GLU E 591 -68.45 -49.63 44.40
C GLU E 591 -69.44 -48.48 44.38
N GLY E 592 -69.30 -47.56 45.32
CA GLY E 592 -70.33 -46.55 45.50
C GLY E 592 -70.45 -45.63 44.30
N HIS E 593 -69.32 -45.41 43.63
CA HIS E 593 -69.32 -44.78 42.34
C HIS E 593 -70.19 -45.53 41.36
N ILE E 594 -70.02 -46.85 41.30
CA ILE E 594 -70.77 -47.69 40.37
C ILE E 594 -72.25 -47.64 40.68
N LYS E 595 -72.57 -47.67 41.96
CA LYS E 595 -73.97 -47.67 42.36
C LYS E 595 -74.61 -46.36 42.02
N SER E 596 -73.88 -45.25 42.23
CA SER E 596 -74.38 -43.95 41.86
C SER E 596 -74.58 -43.86 40.35
N ILE E 597 -73.68 -44.48 39.61
CA ILE E 597 -73.77 -44.51 38.16
C ILE E 597 -75.01 -45.27 37.74
N ILE E 598 -75.26 -46.39 38.39
CA ILE E 598 -76.41 -47.23 38.06
C ILE E 598 -77.69 -46.48 38.33
N SER E 599 -77.76 -45.81 39.47
CA SER E 599 -78.93 -45.04 39.79
C SER E 599 -79.04 -43.79 38.95
N LEU E 600 -77.94 -43.33 38.35
CA LEU E 600 -78.02 -42.16 37.48
C LEU E 600 -78.85 -42.46 36.26
N LEU E 601 -78.82 -43.71 35.81
CA LEU E 601 -79.70 -44.15 34.74
C LEU E 601 -81.15 -44.04 35.15
N ASP E 602 -81.43 -44.35 36.42
CA ASP E 602 -82.77 -44.11 36.95
C ASP E 602 -83.09 -42.63 36.99
N LYS E 603 -82.10 -41.81 37.29
CA LYS E 603 -82.33 -40.37 37.32
C LYS E 603 -82.59 -39.81 35.94
N HIS E 604 -82.17 -40.49 34.92
CA HIS E 604 -82.40 -39.94 33.60
C HIS E 604 -83.33 -40.77 32.75
N GLY E 605 -83.19 -42.08 32.75
CA GLY E 605 -84.01 -42.85 31.86
C GLY E 605 -83.28 -43.95 31.13
N ARG E 606 -83.25 -43.87 29.81
CA ARG E 606 -82.67 -44.92 28.98
C ARG E 606 -81.54 -44.30 28.19
N ASN E 607 -80.38 -44.20 28.81
CA ASN E 607 -79.18 -43.76 28.11
C ASN E 607 -78.27 -44.95 27.95
N HIS E 608 -78.21 -45.44 26.74
CA HIS E 608 -77.30 -46.51 26.39
C HIS E 608 -75.84 -46.08 26.50
N LYS E 609 -75.58 -44.78 26.49
CA LYS E 609 -74.24 -44.27 26.69
C LYS E 609 -73.67 -44.72 28.03
N VAL E 610 -74.53 -44.75 29.03
CA VAL E 610 -74.16 -45.30 30.33
C VAL E 610 -73.77 -46.75 30.21
N LEU E 611 -74.50 -47.48 29.38
CA LEU E 611 -74.22 -48.88 29.19
C LEU E 611 -72.88 -49.07 28.53
N ASP E 612 -72.57 -48.19 27.59
CA ASP E 612 -71.28 -48.22 26.90
C ASP E 612 -70.16 -47.95 27.87
N VAL E 613 -70.42 -47.05 28.81
CA VAL E 613 -69.50 -46.80 29.89
C VAL E 613 -69.27 -48.07 30.69
N LEU E 614 -70.34 -48.80 30.96
CA LEU E 614 -70.20 -50.03 31.72
C LEU E 614 -69.45 -51.10 30.96
N CYS E 615 -69.63 -51.13 29.64
CA CYS E 615 -68.84 -52.00 28.79
C CYS E 615 -67.37 -51.67 28.90
N SER E 616 -67.05 -50.38 28.98
CA SER E 616 -65.65 -50.04 29.21
C SER E 616 -65.22 -50.43 30.62
N LEU E 617 -66.15 -50.46 31.55
CA LEU E 617 -65.79 -50.71 32.93
C LEU E 617 -65.44 -52.16 33.18
N CYS E 618 -66.22 -53.08 32.62
CA CYS E 618 -66.03 -54.47 33.00
C CYS E 618 -64.75 -55.03 32.40
N VAL E 619 -64.49 -54.71 31.13
CA VAL E 619 -63.34 -55.24 30.42
C VAL E 619 -62.43 -54.09 30.07
N CYS E 620 -61.15 -54.24 30.37
CA CYS E 620 -60.16 -53.25 30.00
C CYS E 620 -59.71 -53.46 28.57
N HIS E 621 -58.59 -52.84 28.23
CA HIS E 621 -57.93 -53.06 26.95
C HIS E 621 -57.67 -54.54 26.73
N GLY E 622 -56.85 -55.12 27.57
CA GLY E 622 -56.62 -56.53 27.41
C GLY E 622 -57.53 -57.34 28.29
N VAL E 623 -57.72 -56.89 29.51
CA VAL E 623 -58.19 -57.81 30.55
C VAL E 623 -59.53 -57.36 31.06
N ALA E 624 -60.02 -58.07 32.07
CA ALA E 624 -61.23 -57.70 32.76
C ALA E 624 -61.02 -57.96 34.24
N VAL E 625 -61.86 -57.33 35.05
CA VAL E 625 -61.76 -57.40 36.49
C VAL E 625 -63.04 -58.02 37.03
N ARG E 626 -62.90 -59.21 37.60
CA ARG E 626 -64.06 -60.05 37.85
C ARG E 626 -64.84 -59.58 39.05
N SER E 627 -64.15 -58.96 40.01
CA SER E 627 -64.83 -58.37 41.15
C SER E 627 -65.76 -57.27 40.70
N ASN E 628 -65.29 -56.46 39.76
CA ASN E 628 -66.11 -55.41 39.18
C ASN E 628 -67.33 -55.99 38.52
N GLN E 629 -67.15 -57.10 37.80
CA GLN E 629 -68.27 -57.78 37.17
C GLN E 629 -69.26 -58.27 38.20
N HIS E 630 -68.74 -58.74 39.33
CA HIS E 630 -69.59 -59.21 40.40
C HIS E 630 -70.41 -58.07 40.96
N LEU E 631 -69.78 -56.92 41.13
CA LEU E 631 -70.47 -55.72 41.58
C LEU E 631 -71.58 -55.35 40.62
N ILE E 632 -71.29 -55.44 39.32
CA ILE E 632 -72.25 -55.03 38.31
C ILE E 632 -73.47 -55.93 38.34
N CYS E 633 -73.25 -57.23 38.30
CA CYS E 633 -74.37 -58.14 38.16
C CYS E 633 -75.18 -58.20 39.44
N ASP E 634 -74.51 -58.03 40.57
CA ASP E 634 -75.24 -58.00 41.82
C ASP E 634 -76.06 -56.73 41.92
N ASN E 635 -75.58 -55.65 41.37
CA ASN E 635 -76.34 -54.42 41.50
C ASN E 635 -77.27 -54.20 40.34
N LEU E 636 -77.36 -55.13 39.41
CA LEU E 636 -78.36 -54.98 38.36
C LEU E 636 -79.37 -56.09 38.34
N LEU E 637 -78.93 -57.31 38.24
CA LEU E 637 -79.77 -58.40 37.81
C LEU E 637 -80.83 -58.93 38.77
N PRO E 638 -80.72 -58.81 40.09
CA PRO E 638 -81.92 -59.03 40.90
C PRO E 638 -82.98 -57.97 40.69
N GLY E 639 -82.60 -56.79 40.19
CA GLY E 639 -83.54 -55.73 39.94
C GLY E 639 -84.54 -56.09 38.85
N ARG E 640 -84.04 -56.17 37.62
CA ARG E 640 -84.87 -56.39 36.41
C ARG E 640 -85.91 -55.30 36.25
N ASP E 641 -85.53 -54.06 36.53
CA ASP E 641 -86.46 -52.95 36.48
C ASP E 641 -86.02 -51.82 35.56
N LEU E 642 -84.79 -51.34 35.70
CA LEU E 642 -84.35 -50.20 34.92
C LEU E 642 -84.09 -50.58 33.48
N LEU E 643 -83.84 -51.85 33.24
CA LEU E 643 -83.58 -52.43 31.95
C LEU E 643 -84.82 -53.15 31.46
N LEU E 644 -84.71 -53.75 30.29
CA LEU E 644 -85.82 -54.43 29.66
C LEU E 644 -85.85 -55.87 30.08
N GLN E 645 -86.90 -56.58 29.68
CA GLN E 645 -87.03 -57.97 30.07
C GLN E 645 -87.98 -58.66 29.12
N THR E 646 -87.63 -59.88 28.72
CA THR E 646 -88.31 -60.55 27.62
C THR E 646 -88.74 -61.95 27.98
N ARG E 647 -89.60 -62.50 27.12
CA ARG E 647 -90.30 -63.74 27.39
C ARG E 647 -91.03 -64.17 26.11
N LEU E 648 -90.97 -65.46 25.79
CA LEU E 648 -91.87 -66.01 24.78
C LEU E 648 -93.16 -66.46 25.46
N VAL E 649 -94.27 -66.30 24.77
CA VAL E 649 -95.52 -66.90 25.22
C VAL E 649 -96.18 -67.58 24.04
N ASN E 650 -97.18 -68.40 24.34
CA ASN E 650 -97.88 -69.12 23.29
C ASN E 650 -98.86 -68.20 22.57
N HIS E 651 -99.32 -68.66 21.41
CA HIS E 651 -100.29 -67.93 20.62
C HIS E 651 -101.65 -68.05 21.28
N VAL E 652 -102.15 -66.95 21.83
CA VAL E 652 -103.44 -66.97 22.50
C VAL E 652 -104.54 -67.10 21.47
N SER E 653 -105.35 -68.15 21.58
CA SER E 653 -106.33 -68.52 20.57
C SER E 653 -107.73 -68.47 21.18
N SER E 654 -108.51 -67.49 20.75
CA SER E 654 -109.81 -67.18 21.34
C SER E 654 -110.91 -67.29 20.30
N MET E 655 -112.01 -67.96 20.65
CA MET E 655 -113.11 -68.10 19.72
C MET E 655 -114.44 -67.93 20.44
N ARG E 656 -115.49 -67.66 19.66
CA ARG E 656 -116.77 -67.29 20.23
C ARG E 656 -117.92 -67.72 19.33
N PRO E 657 -118.99 -68.27 19.89
CA PRO E 657 -120.07 -68.85 19.06
C PRO E 657 -121.15 -67.86 18.65
N ASN E 658 -120.74 -66.71 18.12
CA ASN E 658 -121.52 -65.89 17.19
C ASN E 658 -122.70 -65.14 17.78
N ILE E 659 -123.12 -65.48 18.99
CA ILE E 659 -124.41 -65.03 19.47
C ILE E 659 -124.22 -63.73 20.23
N PHE E 660 -124.91 -62.70 19.79
CA PHE E 660 -124.83 -61.41 20.43
C PHE E 660 -125.99 -61.27 21.40
N LEU E 661 -125.75 -60.59 22.52
CA LEU E 661 -126.75 -60.51 23.57
C LEU E 661 -126.67 -59.15 24.25
N GLY E 662 -127.80 -58.47 24.34
CA GLY E 662 -127.88 -57.20 25.04
C GLY E 662 -128.68 -57.26 26.33
N LYS E 671 -134.45 -62.66 30.49
CA LYS E 671 -134.30 -64.10 30.32
C LYS E 671 -132.86 -64.51 30.57
N LYS E 672 -132.59 -64.98 31.79
CA LYS E 672 -131.23 -65.28 32.22
C LYS E 672 -130.67 -66.48 31.47
N TRP E 673 -129.51 -66.30 30.86
CA TRP E 673 -129.10 -67.23 29.83
C TRP E 673 -128.42 -68.46 30.41
N TYR E 674 -128.27 -69.46 29.55
CA TYR E 674 -127.66 -70.71 29.96
C TYR E 674 -127.03 -71.36 28.75
N TYR E 675 -125.84 -71.92 28.93
CA TYR E 675 -125.26 -72.79 27.92
C TYR E 675 -124.38 -73.84 28.59
N GLU E 676 -123.64 -74.59 27.78
CA GLU E 676 -122.89 -75.76 28.22
C GLU E 676 -121.68 -75.96 27.34
N LEU E 677 -120.61 -76.51 27.93
CA LEU E 677 -119.49 -77.04 27.18
C LEU E 677 -118.88 -78.21 27.92
N MET E 678 -117.98 -78.92 27.24
CA MET E 678 -117.27 -80.04 27.84
C MET E 678 -115.93 -80.23 27.16
N VAL E 679 -114.89 -80.47 27.98
CA VAL E 679 -113.54 -80.65 27.49
C VAL E 679 -113.44 -81.97 26.74
N ASP E 680 -112.77 -81.94 25.60
CA ASP E 680 -112.43 -83.19 24.92
C ASP E 680 -110.94 -83.45 24.86
N HIS E 681 -110.10 -82.44 25.05
CA HIS E 681 -108.66 -82.62 24.91
C HIS E 681 -107.95 -81.53 25.69
N THR E 682 -106.88 -81.88 26.40
CA THR E 682 -106.18 -80.89 27.22
C THR E 682 -104.73 -80.67 26.82
N GLU E 683 -103.87 -81.71 26.91
CA GLU E 683 -102.49 -81.73 26.42
C GLU E 683 -101.66 -80.62 27.05
N PRO E 684 -101.31 -80.73 28.34
CA PRO E 684 -100.90 -79.54 29.10
C PRO E 684 -99.53 -79.01 28.74
N PHE E 685 -98.69 -79.81 28.10
CA PHE E 685 -97.32 -79.41 27.90
C PHE E 685 -96.85 -79.77 26.51
N VAL E 686 -97.60 -79.32 25.50
CA VAL E 686 -97.14 -79.46 24.12
C VAL E 686 -95.89 -78.63 23.87
N THR E 687 -95.65 -77.60 24.68
CA THR E 687 -94.35 -76.97 24.78
C THR E 687 -93.85 -77.17 26.21
N ALA E 688 -92.66 -76.63 26.47
CA ALA E 688 -92.21 -76.51 27.84
C ALA E 688 -93.11 -75.57 28.62
N GLU E 689 -93.57 -74.52 27.95
CA GLU E 689 -94.61 -73.65 28.50
C GLU E 689 -95.91 -74.43 28.60
N ALA E 690 -96.61 -74.27 29.72
CA ALA E 690 -97.90 -74.90 29.90
C ALA E 690 -98.95 -74.25 29.00
N THR E 691 -100.03 -74.97 28.78
CA THR E 691 -101.07 -74.56 27.86
C THR E 691 -102.24 -74.00 28.63
N HIS E 692 -102.78 -72.87 28.17
CA HIS E 692 -103.88 -72.27 28.91
C HIS E 692 -105.21 -72.68 28.30
N LEU E 693 -106.28 -72.31 29.00
CA LEU E 693 -107.63 -72.53 28.53
C LEU E 693 -108.55 -71.58 29.27
N ARG E 694 -109.41 -70.90 28.54
CA ARG E 694 -110.31 -69.94 29.13
C ARG E 694 -111.72 -70.05 28.53
N VAL E 695 -112.74 -69.90 29.38
CA VAL E 695 -114.14 -69.90 28.97
C VAL E 695 -114.89 -68.87 29.83
N GLY E 696 -115.73 -68.05 29.20
CA GLY E 696 -116.38 -67.01 29.96
C GLY E 696 -117.41 -66.16 29.22
N TRP E 697 -117.32 -64.85 29.40
CA TRP E 697 -118.27 -63.91 28.82
C TRP E 697 -117.61 -62.56 28.56
N ALA E 698 -118.03 -61.90 27.48
CA ALA E 698 -117.67 -60.52 27.16
C ALA E 698 -118.62 -59.98 26.13
N SER E 699 -118.49 -58.70 25.85
CA SER E 699 -119.33 -57.96 24.93
C SER E 699 -118.50 -57.34 23.83
N THR E 700 -119.17 -56.90 22.75
CA THR E 700 -118.47 -56.21 21.67
C THR E 700 -118.42 -54.71 21.92
N GLU E 701 -119.59 -54.09 21.94
CA GLU E 701 -119.71 -52.68 22.27
C GLU E 701 -119.35 -52.56 23.75
N GLY E 702 -118.15 -52.07 24.00
CA GLY E 702 -117.52 -52.28 25.27
C GLY E 702 -116.54 -53.42 25.12
N TYR E 703 -115.27 -53.05 24.89
CA TYR E 703 -114.14 -53.96 24.73
C TYR E 703 -114.39 -54.96 23.60
N SER E 704 -114.39 -54.42 22.38
CA SER E 704 -114.40 -55.25 21.18
C SER E 704 -113.22 -56.21 21.19
N PRO E 705 -113.44 -57.50 21.00
CA PRO E 705 -112.40 -58.50 21.26
C PRO E 705 -111.32 -58.68 20.18
N TYR E 706 -110.17 -58.02 20.33
CA TYR E 706 -108.99 -58.41 19.57
C TYR E 706 -108.29 -59.58 20.25
N PRO E 707 -108.03 -60.69 19.54
CA PRO E 707 -107.18 -61.74 20.11
C PRO E 707 -105.72 -61.65 19.66
N GLY E 708 -104.78 -61.70 20.61
CA GLY E 708 -103.37 -61.66 20.26
C GLY E 708 -102.84 -60.30 19.85
N GLY E 709 -103.68 -59.41 19.35
CA GLY E 709 -103.38 -58.01 19.28
C GLY E 709 -104.34 -57.34 20.23
N GLY E 710 -104.72 -58.08 21.27
CA GLY E 710 -105.61 -57.56 22.28
C GLY E 710 -104.87 -56.95 23.44
N GLU E 711 -104.99 -57.53 24.63
CA GLU E 711 -104.29 -56.98 25.80
C GLU E 711 -102.87 -57.54 25.86
N GLU E 712 -102.19 -57.31 26.98
CA GLU E 712 -100.80 -57.70 27.15
C GLU E 712 -100.65 -59.21 27.08
N TRP E 713 -99.77 -59.65 26.17
CA TRP E 713 -99.42 -61.05 25.94
C TRP E 713 -100.66 -61.86 25.55
N GLY E 714 -101.55 -61.24 24.78
CA GLY E 714 -102.85 -61.84 24.50
C GLY E 714 -103.68 -61.83 25.76
N GLY E 715 -104.30 -62.97 26.06
CA GLY E 715 -104.97 -63.17 27.33
C GLY E 715 -106.49 -63.20 27.18
N ASN E 716 -107.12 -63.65 28.26
CA ASN E 716 -108.56 -63.83 28.32
C ASN E 716 -109.00 -63.73 29.77
N GLY E 717 -110.20 -63.19 29.96
CA GLY E 717 -110.65 -62.81 31.28
C GLY E 717 -109.84 -61.67 31.85
N VAL E 718 -109.29 -60.84 30.98
CA VAL E 718 -108.22 -59.95 31.36
C VAL E 718 -108.66 -58.50 31.46
N GLY E 719 -109.84 -58.15 30.97
CA GLY E 719 -110.27 -56.77 30.91
C GLY E 719 -111.49 -56.47 31.77
N ASP E 720 -111.90 -55.20 31.69
CA ASP E 720 -113.10 -54.71 32.37
C ASP E 720 -114.37 -55.25 31.74
N ASP E 721 -114.28 -55.86 30.57
CA ASP E 721 -115.38 -56.60 30.01
C ASP E 721 -115.03 -58.06 29.75
N LEU E 722 -113.76 -58.42 29.82
CA LEU E 722 -113.39 -59.82 29.73
C LEU E 722 -113.51 -60.49 31.08
N PHE E 723 -114.39 -61.46 31.17
CA PHE E 723 -114.58 -62.28 32.37
C PHE E 723 -114.54 -63.73 31.93
N SER E 724 -113.46 -64.42 32.22
CA SER E 724 -113.35 -65.80 31.81
C SER E 724 -112.84 -66.65 32.97
N TYR E 725 -112.58 -67.92 32.67
CA TYR E 725 -112.62 -68.97 33.69
C TYR E 725 -112.12 -70.27 33.05
N GLY E 726 -111.69 -71.20 33.89
CA GLY E 726 -111.20 -72.48 33.40
C GLY E 726 -109.77 -72.76 33.82
N PHE E 727 -109.55 -73.80 34.62
CA PHE E 727 -108.31 -73.98 35.36
C PHE E 727 -108.29 -75.39 35.95
N ASP E 728 -107.15 -75.77 36.52
CA ASP E 728 -107.05 -76.91 37.43
C ASP E 728 -107.49 -76.40 38.79
N GLY E 729 -108.66 -76.82 39.26
CA GLY E 729 -109.24 -75.96 40.25
C GLY E 729 -109.73 -74.76 39.48
N LEU E 730 -110.89 -74.93 38.84
CA LEU E 730 -111.34 -74.30 37.60
C LEU E 730 -111.41 -72.77 37.56
N HIS E 731 -110.88 -72.08 38.56
CA HIS E 731 -111.13 -70.67 38.83
C HIS E 731 -110.72 -69.72 37.70
N LEU E 732 -111.09 -68.47 37.89
CA LEU E 732 -111.37 -67.53 36.84
C LEU E 732 -110.14 -66.76 36.40
N TRP E 733 -110.39 -65.72 35.59
CA TRP E 733 -109.49 -64.61 35.39
C TRP E 733 -110.27 -63.32 35.53
N SER E 734 -109.58 -62.29 36.03
CA SER E 734 -110.25 -61.02 36.30
C SER E 734 -109.19 -59.94 36.36
N GLY E 735 -109.18 -59.07 35.35
CA GLY E 735 -108.22 -57.99 35.29
C GLY E 735 -106.82 -58.56 35.17
N CYS E 736 -106.68 -59.47 34.21
CA CYS E 736 -105.57 -60.39 33.99
C CYS E 736 -105.03 -61.00 35.28
N ILE E 737 -105.93 -61.43 36.17
CA ILE E 737 -105.52 -62.03 37.42
C ILE E 737 -106.36 -63.27 37.64
N ALA E 738 -105.71 -64.43 37.66
CA ALA E 738 -106.36 -65.70 37.95
C ALA E 738 -106.52 -65.83 39.45
N ARG E 739 -107.55 -65.17 39.97
CA ARG E 739 -107.85 -65.33 41.39
C ARG E 739 -108.43 -66.72 41.63
N THR E 740 -108.20 -67.23 42.83
CA THR E 740 -108.07 -68.67 43.05
C THR E 740 -109.14 -69.23 43.95
N VAL E 741 -110.40 -68.95 43.63
CA VAL E 741 -111.52 -69.46 44.42
C VAL E 741 -111.52 -71.00 44.38
N SER E 742 -112.04 -71.61 45.44
CA SER E 742 -111.96 -73.05 45.66
C SER E 742 -112.88 -73.79 44.71
N SER E 743 -112.32 -74.68 43.91
CA SER E 743 -113.14 -75.68 43.26
C SER E 743 -113.53 -76.72 44.29
N PRO E 744 -114.78 -77.11 44.39
CA PRO E 744 -115.13 -78.19 45.33
C PRO E 744 -114.90 -79.57 44.74
N ASN E 745 -113.83 -79.74 43.96
CA ASN E 745 -113.40 -81.03 43.46
C ASN E 745 -111.90 -81.22 43.48
N GLN E 746 -111.13 -80.13 43.47
CA GLN E 746 -109.69 -80.12 43.17
C GLN E 746 -109.40 -80.84 41.86
N HIS E 747 -110.22 -80.59 40.87
CA HIS E 747 -110.10 -81.25 39.58
C HIS E 747 -109.23 -80.43 38.66
N LEU E 748 -108.62 -81.13 37.71
CA LEU E 748 -107.77 -80.50 36.73
C LEU E 748 -108.59 -79.92 35.60
N LEU E 749 -107.89 -79.57 34.54
CA LEU E 749 -108.46 -79.61 33.20
C LEU E 749 -108.12 -80.99 32.66
N ARG E 750 -109.11 -81.88 32.66
CA ARG E 750 -108.96 -83.19 32.05
C ARG E 750 -109.89 -83.25 30.85
N THR E 751 -109.64 -84.20 29.96
CA THR E 751 -110.21 -84.17 28.61
C THR E 751 -111.66 -84.59 28.55
N ASP E 752 -112.39 -84.43 29.64
CA ASP E 752 -113.75 -84.92 29.77
C ASP E 752 -114.64 -84.05 30.64
N ASP E 753 -114.14 -82.92 31.16
CA ASP E 753 -114.85 -82.21 32.21
C ASP E 753 -115.95 -81.34 31.63
N VAL E 754 -117.12 -81.39 32.24
CA VAL E 754 -118.28 -80.69 31.71
C VAL E 754 -118.43 -79.35 32.39
N ILE E 755 -118.78 -78.33 31.61
CA ILE E 755 -118.91 -76.97 32.08
C ILE E 755 -120.37 -76.59 31.98
N SER E 756 -121.02 -76.39 33.12
CA SER E 756 -122.40 -75.92 33.14
C SER E 756 -122.35 -74.40 33.24
N CYS E 757 -122.89 -73.74 32.22
CA CYS E 757 -122.64 -72.31 32.03
C CYS E 757 -123.94 -71.53 32.19
N CYS E 758 -123.98 -70.65 33.18
CA CYS E 758 -125.11 -69.77 33.39
C CYS E 758 -124.68 -68.33 33.33
N LEU E 759 -125.44 -67.53 32.60
CA LEU E 759 -125.29 -66.08 32.65
C LEU E 759 -126.63 -65.50 33.02
N ASP E 760 -126.67 -64.75 34.11
CA ASP E 760 -127.91 -64.07 34.46
C ASP E 760 -128.01 -62.81 33.62
N LEU E 761 -128.81 -62.90 32.56
CA LEU E 761 -129.23 -61.71 31.86
C LEU E 761 -130.08 -60.86 32.78
N SER E 762 -129.88 -59.54 32.69
CA SER E 762 -130.57 -58.52 33.48
C SER E 762 -130.44 -58.74 34.98
N ALA E 763 -129.32 -59.35 35.41
CA ALA E 763 -128.93 -59.31 36.81
C ALA E 763 -127.41 -59.43 36.85
N PRO E 764 -126.72 -58.41 37.35
CA PRO E 764 -125.26 -58.38 37.29
C PRO E 764 -124.62 -59.41 38.19
N SER E 765 -124.64 -60.65 37.74
CA SER E 765 -124.41 -61.79 38.61
C SER E 765 -124.09 -62.99 37.75
N ILE E 766 -122.82 -63.36 37.66
CA ILE E 766 -122.40 -64.43 36.78
C ILE E 766 -121.74 -65.51 37.61
N SER E 767 -122.11 -66.76 37.33
CA SER E 767 -121.39 -67.93 37.83
C SER E 767 -121.65 -69.08 36.89
N PHE E 768 -120.69 -69.94 36.78
CA PHE E 768 -120.88 -71.15 36.00
C PHE E 768 -120.98 -72.32 36.96
N ARG E 769 -120.97 -73.52 36.42
CA ARG E 769 -120.86 -74.72 37.22
C ARG E 769 -120.05 -75.74 36.45
N ILE E 770 -119.57 -76.75 37.15
CA ILE E 770 -118.79 -77.80 36.53
C ILE E 770 -119.49 -79.11 36.79
N ASN E 771 -119.98 -79.74 35.71
CA ASN E 771 -120.92 -80.86 35.77
C ASN E 771 -122.13 -80.51 36.63
N GLY E 772 -122.52 -79.24 36.65
CA GLY E 772 -123.45 -78.76 37.65
C GLY E 772 -122.89 -78.54 39.03
N GLN E 773 -121.55 -78.56 39.23
CA GLN E 773 -121.19 -78.30 40.61
C GLN E 773 -120.92 -76.82 40.80
N PRO E 774 -121.44 -76.23 41.88
CA PRO E 774 -121.32 -74.78 42.09
C PRO E 774 -119.88 -74.39 42.37
N VAL E 775 -119.42 -73.37 41.66
CA VAL E 775 -118.02 -72.98 41.72
C VAL E 775 -117.93 -71.59 42.31
N GLN E 776 -118.84 -71.28 43.24
CA GLN E 776 -118.73 -70.15 44.15
C GLN E 776 -118.77 -68.76 43.51
N GLY E 777 -119.96 -68.37 43.04
CA GLY E 777 -120.30 -67.18 42.28
C GLY E 777 -119.55 -65.88 42.47
N MET E 778 -119.11 -65.31 41.36
CA MET E 778 -118.09 -64.29 41.42
C MET E 778 -118.46 -62.97 40.76
N PHE E 779 -118.93 -62.99 39.53
CA PHE E 779 -118.79 -61.84 38.64
C PHE E 779 -120.01 -60.96 38.77
N GLU E 780 -119.83 -59.80 39.39
CA GLU E 780 -120.93 -58.89 39.67
C GLU E 780 -120.61 -57.50 39.18
N ASN E 781 -121.65 -56.83 38.66
CA ASN E 781 -121.73 -55.37 38.58
C ASN E 781 -120.64 -54.77 37.69
N PHE E 782 -120.78 -55.05 36.41
CA PHE E 782 -119.92 -54.43 35.42
C PHE E 782 -120.78 -53.65 34.43
N ASN E 783 -120.13 -53.16 33.38
CA ASN E 783 -120.85 -52.46 32.31
C ASN E 783 -121.68 -53.49 31.56
N ILE E 784 -122.93 -53.64 31.97
CA ILE E 784 -123.82 -54.52 31.22
C ILE E 784 -124.26 -53.71 30.01
N ASP E 785 -123.51 -53.84 28.93
CA ASP E 785 -123.57 -52.89 27.83
C ASP E 785 -123.04 -53.56 26.58
N GLY E 786 -123.83 -53.56 25.53
CA GLY E 786 -123.39 -54.09 24.26
C GLY E 786 -123.90 -55.48 23.98
N LEU E 787 -123.12 -56.20 23.18
CA LEU E 787 -123.55 -57.44 22.54
C LEU E 787 -122.72 -58.59 23.12
N PHE E 788 -123.32 -59.35 24.03
CA PHE E 788 -122.55 -60.27 24.85
C PHE E 788 -122.52 -61.67 24.26
N PHE E 789 -121.47 -62.43 24.62
CA PHE E 789 -121.17 -63.71 23.98
C PHE E 789 -120.21 -64.49 24.85
N PRO E 790 -120.30 -65.81 24.84
CA PRO E 790 -119.23 -66.62 25.42
C PRO E 790 -117.97 -66.53 24.59
N VAL E 791 -116.83 -66.68 25.25
CA VAL E 791 -115.57 -66.12 24.74
C VAL E 791 -114.42 -67.10 24.62
N VAL E 792 -114.72 -68.39 24.39
CA VAL E 792 -113.86 -69.50 24.81
C VAL E 792 -112.46 -69.46 24.19
N SER E 793 -111.46 -69.88 24.98
CA SER E 793 -110.09 -69.79 24.50
C SER E 793 -109.20 -70.85 25.15
N PHE E 794 -107.98 -70.90 24.65
CA PHE E 794 -107.02 -71.99 24.86
C PHE E 794 -105.77 -71.63 24.09
N SER E 795 -104.70 -72.41 24.31
CA SER E 795 -103.61 -72.53 23.33
C SER E 795 -102.96 -73.90 23.50
N ALA E 796 -103.45 -74.88 22.74
CA ALA E 796 -102.91 -76.25 22.65
C ALA E 796 -103.58 -76.99 21.50
N GLY E 797 -103.44 -78.31 21.48
CA GLY E 797 -104.21 -79.14 20.60
C GLY E 797 -105.54 -79.57 21.19
N ILE E 798 -106.31 -78.59 21.65
CA ILE E 798 -107.48 -78.82 22.50
C ILE E 798 -108.72 -78.86 21.62
N LYS E 799 -109.59 -79.84 21.86
CA LYS E 799 -110.95 -79.77 21.35
C LYS E 799 -111.95 -79.84 22.49
N VAL E 800 -113.17 -79.40 22.20
CA VAL E 800 -114.27 -79.40 23.16
C VAL E 800 -115.58 -79.74 22.46
N ARG E 801 -116.43 -80.47 23.16
CA ARG E 801 -117.77 -80.71 22.68
C ARG E 801 -118.62 -79.46 22.91
N PHE E 802 -119.73 -79.36 22.16
CA PHE E 802 -120.72 -78.30 22.33
C PHE E 802 -122.05 -78.96 22.61
N LEU E 803 -122.35 -79.12 23.89
CA LEU E 803 -123.57 -79.79 24.34
C LEU E 803 -124.71 -78.77 24.32
N LEU E 804 -125.07 -78.38 23.09
CA LEU E 804 -125.87 -77.17 22.90
C LEU E 804 -126.89 -77.29 21.77
N GLY E 805 -127.22 -78.48 21.32
CA GLY E 805 -128.21 -78.60 20.26
C GLY E 805 -127.61 -78.44 18.89
N GLU E 810 -128.23 -81.94 20.00
CA GLU E 810 -126.84 -82.17 20.39
C GLU E 810 -126.56 -81.76 21.81
N PHE E 811 -127.60 -81.40 22.53
CA PHE E 811 -127.47 -81.21 23.97
C PHE E 811 -127.12 -82.52 24.66
N LYS E 812 -126.48 -82.40 25.80
CA LYS E 812 -126.29 -83.54 26.69
C LYS E 812 -127.03 -83.33 28.00
N PHE E 813 -126.72 -82.26 28.71
CA PHE E 813 -127.29 -82.02 30.02
C PHE E 813 -127.13 -80.56 30.35
N LEU E 814 -128.20 -79.92 30.80
CA LEU E 814 -128.06 -78.59 31.29
C LEU E 814 -129.05 -78.40 32.42
N PRO E 815 -128.61 -77.82 33.53
CA PRO E 815 -129.54 -77.23 34.47
C PRO E 815 -130.25 -76.05 33.83
N PRO E 816 -131.44 -75.70 34.31
CA PRO E 816 -132.19 -74.58 33.73
C PRO E 816 -131.53 -73.23 33.95
N PRO E 817 -131.20 -72.85 35.24
CA PRO E 817 -131.63 -71.56 35.79
C PRO E 817 -131.66 -70.36 34.86
N GLY E 818 -132.81 -69.70 34.84
CA GLY E 818 -133.06 -68.68 33.86
C GLY E 818 -133.63 -69.29 32.61
N TYR E 819 -134.75 -68.74 32.16
CA TYR E 819 -135.57 -69.27 31.08
C TYR E 819 -134.99 -68.77 29.76
N ALA E 820 -133.77 -69.23 29.44
CA ALA E 820 -133.08 -68.78 28.25
C ALA E 820 -131.96 -69.74 27.88
N PRO E 821 -132.24 -70.76 27.08
CA PRO E 821 -131.18 -71.67 26.64
C PRO E 821 -130.50 -71.17 25.37
N CYS E 822 -129.27 -71.63 25.21
CA CYS E 822 -128.45 -71.23 24.06
C CYS E 822 -129.05 -71.71 22.75
N TYR E 823 -129.77 -72.82 22.76
CA TYR E 823 -130.38 -73.24 21.52
C TYR E 823 -131.67 -72.47 21.24
N GLU E 824 -132.09 -71.61 22.15
CA GLU E 824 -133.03 -70.55 21.82
C GLU E 824 -132.34 -69.21 21.67
N ALA E 825 -131.04 -69.13 21.91
CA ALA E 825 -130.32 -67.93 21.49
C ALA E 825 -130.16 -67.89 19.98
N VAL E 826 -130.18 -69.05 19.33
CA VAL E 826 -129.84 -69.17 17.92
C VAL E 826 -131.05 -68.87 17.04
N LEU E 827 -132.14 -68.39 17.66
CA LEU E 827 -133.41 -68.03 17.02
C LEU E 827 -133.29 -67.16 15.76
N PRO E 828 -132.72 -65.90 15.81
CA PRO E 828 -133.03 -64.92 14.75
C PRO E 828 -132.49 -65.27 13.38
N LYS E 829 -131.17 -65.37 13.26
CA LYS E 829 -130.53 -65.63 11.98
C LYS E 829 -129.37 -66.60 12.03
N GLU E 830 -128.72 -66.80 13.18
CA GLU E 830 -127.43 -67.49 13.17
C GLU E 830 -127.59 -68.99 13.33
N LYS E 831 -126.46 -69.68 13.15
CA LYS E 831 -126.31 -71.10 13.44
C LYS E 831 -125.15 -71.20 14.43
N LEU E 832 -124.84 -72.40 14.90
CA LEU E 832 -123.76 -72.55 15.88
C LEU E 832 -122.42 -72.51 15.14
N LYS E 833 -122.06 -71.30 14.75
CA LYS E 833 -120.87 -71.07 13.96
C LYS E 833 -119.92 -70.26 14.82
N VAL E 834 -119.07 -70.97 15.54
CA VAL E 834 -118.05 -70.32 16.37
C VAL E 834 -117.04 -69.66 15.46
N GLU E 835 -116.74 -68.40 15.71
CA GLU E 835 -115.77 -67.65 14.94
C GLU E 835 -114.62 -67.23 15.83
N HIS E 836 -113.61 -66.65 15.21
CA HIS E 836 -112.31 -66.45 15.85
C HIS E 836 -112.18 -65.08 16.46
N SER E 837 -113.28 -64.60 17.05
CA SER E 837 -113.33 -63.39 17.88
C SER E 837 -112.89 -62.16 17.08
N ARG E 838 -113.63 -61.94 15.99
CA ARG E 838 -113.61 -60.73 15.18
C ARG E 838 -112.32 -60.53 14.39
N GLU E 839 -111.34 -61.42 14.58
CA GLU E 839 -110.56 -62.06 13.51
C GLU E 839 -110.02 -61.05 12.49
N TYR E 840 -109.08 -60.23 12.98
CA TYR E 840 -108.47 -59.23 12.10
C TYR E 840 -107.64 -59.90 11.01
N LYS E 841 -107.08 -61.06 11.29
CA LYS E 841 -106.34 -61.79 10.29
C LYS E 841 -107.31 -62.56 9.41
N GLN E 842 -106.82 -62.96 8.24
CA GLN E 842 -107.34 -64.11 7.51
C GLN E 842 -106.18 -64.70 6.69
N GLU E 843 -105.50 -65.69 7.26
CA GLU E 843 -104.23 -66.15 6.69
C GLU E 843 -104.49 -66.95 5.42
N ARG E 844 -103.94 -66.47 4.31
CA ARG E 844 -104.32 -66.94 2.98
C ARG E 844 -103.10 -67.24 2.14
N THR E 845 -103.39 -67.51 0.87
CA THR E 845 -102.33 -67.66 -0.12
C THR E 845 -101.60 -66.34 -0.32
N TYR E 846 -102.29 -65.35 -0.86
CA TYR E 846 -101.65 -64.06 -1.04
C TYR E 846 -101.71 -63.26 0.25
N THR E 847 -102.91 -62.89 0.65
CA THR E 847 -103.12 -61.67 1.40
C THR E 847 -104.35 -61.81 2.27
N ARG E 848 -104.18 -61.54 3.55
CA ARG E 848 -105.32 -61.26 4.42
C ARG E 848 -105.97 -59.97 3.93
N ASP E 849 -107.22 -60.07 3.48
CA ASP E 849 -107.85 -58.94 2.82
C ASP E 849 -108.22 -57.85 3.82
N LEU E 850 -108.60 -56.71 3.27
CA LEU E 850 -108.89 -55.52 4.05
C LEU E 850 -110.20 -55.67 4.81
N LEU E 851 -110.44 -54.71 5.69
CA LEU E 851 -111.51 -54.84 6.66
C LEU E 851 -111.77 -53.48 7.29
N GLY E 852 -112.94 -52.92 7.05
CA GLY E 852 -113.40 -51.80 7.85
C GLY E 852 -113.73 -52.32 9.23
N PRO E 853 -113.62 -51.48 10.27
CA PRO E 853 -113.57 -52.00 11.64
C PRO E 853 -114.84 -52.65 12.18
N THR E 854 -115.96 -51.93 12.18
CA THR E 854 -117.14 -52.37 12.93
C THR E 854 -118.38 -51.58 12.50
N VAL E 855 -119.46 -52.29 12.20
CA VAL E 855 -120.79 -51.69 12.08
C VAL E 855 -121.65 -52.27 13.18
N SER E 856 -122.25 -51.41 14.00
CA SER E 856 -123.11 -51.88 15.06
C SER E 856 -124.31 -50.98 15.29
N ALA E 861 -131.78 -56.76 24.55
CA ALA E 861 -131.87 -57.96 23.74
C ALA E 861 -133.20 -58.01 23.02
N PHE E 862 -134.20 -58.58 23.68
CA PHE E 862 -135.54 -58.71 23.14
C PHE E 862 -136.45 -57.55 23.53
N THR E 863 -135.88 -56.34 23.62
CA THR E 863 -136.65 -55.17 24.00
C THR E 863 -137.39 -54.60 22.80
N PRO E 864 -138.71 -54.57 22.81
CA PRO E 864 -139.46 -54.08 21.65
C PRO E 864 -139.64 -52.57 21.68
N ILE E 865 -139.95 -52.03 20.50
CA ILE E 865 -140.12 -50.58 20.33
C ILE E 865 -141.50 -50.28 19.75
N PRO E 866 -142.53 -50.05 20.58
CA PRO E 866 -143.83 -49.63 20.04
C PRO E 866 -143.82 -48.16 19.67
N VAL E 867 -144.48 -47.84 18.55
CA VAL E 867 -144.51 -46.44 18.10
C VAL E 867 -145.48 -45.65 18.96
N ASP E 868 -145.40 -44.33 18.87
CA ASP E 868 -146.23 -43.45 19.67
C ASP E 868 -146.65 -42.25 18.83
N THR E 869 -147.97 -42.05 18.69
CA THR E 869 -148.50 -40.90 17.96
C THR E 869 -149.77 -40.32 18.60
N SER E 870 -150.07 -40.69 19.83
CA SER E 870 -151.30 -40.23 20.46
C SER E 870 -151.16 -38.86 21.10
N GLN E 871 -150.00 -38.22 20.97
CA GLN E 871 -149.77 -36.88 21.50
C GLN E 871 -150.10 -35.82 20.43
N ILE E 872 -151.25 -36.00 19.78
CA ILE E 872 -151.63 -35.26 18.59
C ILE E 872 -153.15 -35.09 18.62
N VAL E 873 -153.63 -33.87 18.42
CA VAL E 873 -155.06 -33.61 18.30
C VAL E 873 -155.56 -34.19 16.98
N LEU E 874 -156.66 -34.94 17.04
CA LEU E 874 -157.29 -35.47 15.83
C LEU E 874 -158.04 -34.34 15.11
N PRO E 875 -158.02 -34.32 13.78
CA PRO E 875 -158.71 -33.24 13.05
C PRO E 875 -160.22 -33.39 13.13
N PRO E 876 -160.93 -32.30 13.40
CA PRO E 876 -162.39 -32.37 13.49
C PRO E 876 -163.08 -32.50 12.15
N HIS E 877 -162.34 -32.34 11.06
CA HIS E 877 -162.90 -32.51 9.72
C HIS E 877 -163.28 -33.95 9.46
N LEU E 878 -162.58 -34.88 10.10
CA LEU E 878 -162.67 -36.27 9.70
C LEU E 878 -162.95 -37.20 10.87
N GLU E 879 -163.60 -36.72 11.93
CA GLU E 879 -163.89 -37.57 13.08
C GLU E 879 -164.95 -38.61 12.74
N ARG E 880 -166.15 -38.17 12.40
CA ARG E 880 -167.19 -39.10 11.98
C ARG E 880 -166.86 -39.72 10.63
N ILE E 881 -166.03 -39.06 9.83
CA ILE E 881 -165.50 -39.69 8.62
C ILE E 881 -164.67 -40.92 8.97
N ARG E 882 -163.79 -40.79 9.96
CA ARG E 882 -162.98 -41.92 10.39
C ARG E 882 -163.85 -42.96 11.06
N GLU E 883 -164.91 -42.54 11.72
CA GLU E 883 -165.86 -43.49 12.26
C GLU E 883 -166.63 -44.21 11.14
N LYS E 884 -166.91 -43.53 10.03
CA LYS E 884 -167.54 -44.16 8.88
C LYS E 884 -166.61 -45.18 8.25
N LEU E 885 -165.35 -44.81 8.04
CA LEU E 885 -164.41 -45.73 7.44
C LEU E 885 -164.06 -46.86 8.39
N ALA E 886 -164.09 -46.59 9.69
CA ALA E 886 -163.99 -47.64 10.70
C ALA E 886 -165.19 -48.56 10.64
N GLU E 887 -166.37 -48.03 10.32
CA GLU E 887 -167.53 -48.88 10.11
C GLU E 887 -167.38 -49.69 8.83
N ASN E 888 -166.72 -49.13 7.83
CA ASN E 888 -166.47 -49.85 6.60
C ASN E 888 -165.52 -51.02 6.83
N ILE E 889 -164.42 -50.75 7.53
CA ILE E 889 -163.48 -51.80 7.94
C ILE E 889 -164.17 -52.79 8.87
N HIS E 890 -165.05 -52.29 9.72
CA HIS E 890 -165.82 -53.11 10.65
C HIS E 890 -166.73 -54.07 9.91
N GLU E 891 -167.49 -53.57 8.95
CA GLU E 891 -168.44 -54.41 8.25
C GLU E 891 -167.75 -55.33 7.25
N LEU E 892 -166.61 -54.91 6.70
CA LEU E 892 -165.79 -55.83 5.92
C LEU E 892 -165.26 -56.95 6.79
N TRP E 893 -164.89 -56.65 8.02
CA TRP E 893 -164.44 -57.67 8.96
C TRP E 893 -165.59 -58.55 9.42
N VAL E 894 -166.79 -57.98 9.56
CA VAL E 894 -168.00 -58.75 9.85
C VAL E 894 -168.29 -59.73 8.72
N MET E 895 -168.18 -59.25 7.48
CA MET E 895 -168.28 -60.09 6.29
C MET E 895 -167.22 -61.17 6.28
N ASN E 896 -165.99 -60.84 6.67
CA ASN E 896 -164.90 -61.80 6.67
C ASN E 896 -165.09 -62.87 7.74
N LYS E 897 -165.63 -62.49 8.89
CA LYS E 897 -165.92 -63.47 9.93
C LYS E 897 -167.10 -64.35 9.56
N ILE E 898 -168.07 -63.81 8.83
CA ILE E 898 -169.19 -64.61 8.37
C ILE E 898 -168.75 -65.52 7.22
N GLU E 899 -167.67 -65.15 6.51
CA GLU E 899 -167.15 -65.95 5.39
C GLU E 899 -166.65 -67.32 5.83
N LEU E 900 -166.00 -67.41 6.99
CA LEU E 900 -165.52 -68.69 7.50
C LEU E 900 -166.47 -69.30 8.51
N GLY E 901 -167.69 -68.77 8.62
CA GLY E 901 -168.68 -69.37 9.48
C GLY E 901 -168.60 -68.94 10.92
N TRP E 902 -168.49 -67.63 11.16
CA TRP E 902 -168.62 -67.07 12.49
C TRP E 902 -169.69 -65.99 12.43
N GLN E 903 -170.77 -66.20 13.17
CA GLN E 903 -171.93 -65.33 13.16
C GLN E 903 -171.89 -64.43 14.40
N TYR E 904 -172.74 -63.40 14.39
CA TYR E 904 -172.89 -62.53 15.54
C TYR E 904 -173.46 -63.29 16.73
N GLY E 905 -172.87 -63.06 17.90
CA GLY E 905 -173.41 -63.58 19.13
C GLY E 905 -173.62 -62.48 20.14
N PRO E 906 -174.27 -62.78 21.25
CA PRO E 906 -174.33 -61.81 22.34
C PRO E 906 -173.12 -61.95 23.23
N VAL E 907 -172.54 -63.14 23.24
CA VAL E 907 -171.43 -63.48 24.11
C VAL E 907 -170.20 -63.71 23.25
N ARG E 908 -169.06 -63.99 23.89
CA ARG E 908 -167.80 -64.16 23.18
C ARG E 908 -167.52 -65.64 22.92
N ASP E 909 -168.40 -66.26 22.14
CA ASP E 909 -168.21 -67.65 21.71
C ASP E 909 -167.70 -67.63 20.26
N ASP E 910 -166.43 -67.24 20.11
CA ASP E 910 -165.81 -67.09 18.80
C ASP E 910 -165.48 -68.43 18.15
N ASN E 911 -165.49 -69.52 18.92
CA ASN E 911 -165.31 -70.85 18.37
C ASN E 911 -166.62 -71.51 18.00
N LYS E 912 -167.74 -70.94 18.45
CA LYS E 912 -169.07 -71.49 18.20
C LYS E 912 -169.92 -70.53 17.37
N ARG E 913 -169.25 -69.72 16.54
CA ARG E 913 -169.87 -68.80 15.58
C ARG E 913 -170.79 -67.80 16.27
N GLN E 914 -170.42 -67.38 17.46
CA GLN E 914 -171.19 -66.40 18.24
C GLN E 914 -170.22 -65.30 18.64
N HIS E 915 -170.03 -64.37 17.76
CA HIS E 915 -169.06 -63.33 18.04
C HIS E 915 -169.79 -62.10 18.55
N PRO E 916 -169.36 -61.48 19.64
CA PRO E 916 -170.11 -60.37 20.23
C PRO E 916 -169.89 -59.02 19.58
N CYS E 917 -169.31 -58.97 18.38
CA CYS E 917 -168.86 -57.70 17.81
C CYS E 917 -169.18 -57.64 16.33
N LEU E 918 -170.17 -58.42 15.87
CA LEU E 918 -170.45 -58.53 14.45
C LEU E 918 -171.68 -57.76 14.00
N VAL E 919 -172.39 -57.10 14.91
CA VAL E 919 -173.26 -56.00 14.50
C VAL E 919 -172.40 -54.77 14.24
N GLU E 920 -173.04 -53.72 13.71
CA GLU E 920 -172.36 -52.58 13.11
C GLU E 920 -171.49 -51.83 14.12
N PHE E 921 -170.64 -50.94 13.59
CA PHE E 921 -169.59 -50.33 14.38
C PHE E 921 -170.14 -49.34 15.40
N SER E 922 -170.97 -48.40 14.94
CA SER E 922 -171.50 -47.40 15.86
C SER E 922 -172.58 -47.97 16.77
N LYS E 923 -173.17 -49.10 16.40
CA LYS E 923 -174.07 -49.80 17.30
C LYS E 923 -173.31 -50.42 18.48
N LEU E 924 -172.08 -50.78 18.26
CA LEU E 924 -171.30 -51.29 19.37
C LEU E 924 -170.60 -50.13 20.07
N PRO E 925 -170.81 -49.95 21.38
CA PRO E 925 -170.10 -48.88 22.10
C PRO E 925 -168.66 -49.23 22.36
N GLU E 926 -167.97 -48.45 23.21
CA GLU E 926 -166.53 -48.66 23.39
C GLU E 926 -166.21 -49.84 24.32
N GLN E 927 -166.89 -50.97 24.10
CA GLN E 927 -166.50 -52.28 24.61
C GLN E 927 -166.59 -53.35 23.55
N GLU E 928 -167.39 -53.16 22.51
CA GLU E 928 -167.48 -54.08 21.39
C GLU E 928 -167.06 -53.44 20.07
N ARG E 929 -166.74 -52.15 20.07
CA ARG E 929 -166.06 -51.56 18.92
C ARG E 929 -165.05 -50.49 19.31
N ASN E 930 -164.49 -50.55 20.52
CA ASN E 930 -163.45 -49.60 20.90
C ASN E 930 -162.19 -49.80 20.09
N TYR E 931 -161.91 -51.04 19.70
CA TYR E 931 -160.78 -51.32 18.81
C TYR E 931 -161.00 -50.71 17.43
N ASN E 932 -162.20 -50.90 16.87
CA ASN E 932 -162.52 -50.28 15.59
C ASN E 932 -162.62 -48.76 15.72
N LEU E 933 -163.01 -48.27 16.90
CA LEU E 933 -162.99 -46.83 17.17
C LEU E 933 -161.57 -46.29 17.06
N GLN E 934 -160.66 -46.85 17.85
CA GLN E 934 -159.30 -46.33 17.92
C GLN E 934 -158.45 -46.72 16.72
N MET E 935 -158.90 -47.64 15.87
CA MET E 935 -158.14 -48.01 14.68
C MET E 935 -158.01 -46.85 13.70
N SER E 936 -159.14 -46.26 13.32
CA SER E 936 -159.11 -45.10 12.44
C SER E 936 -158.55 -43.88 13.16
N LEU E 937 -158.70 -43.81 14.49
CA LEU E 937 -158.10 -42.72 15.24
C LEU E 937 -156.57 -42.79 15.20
N GLU E 938 -156.02 -43.99 15.34
CA GLU E 938 -154.58 -44.14 15.23
C GLU E 938 -154.11 -43.99 13.79
N THR E 939 -154.97 -44.34 12.83
CA THR E 939 -154.69 -44.06 11.43
C THR E 939 -154.58 -42.56 11.18
N LEU E 940 -155.50 -41.78 11.75
CA LEU E 940 -155.45 -40.33 11.61
C LEU E 940 -154.28 -39.73 12.38
N LYS E 941 -153.98 -40.27 13.56
CA LYS E 941 -152.88 -39.75 14.35
C LYS E 941 -151.54 -40.06 13.70
N THR E 942 -151.44 -41.21 13.02
CA THR E 942 -150.23 -41.50 12.26
C THR E 942 -150.19 -40.72 10.96
N LEU E 943 -151.36 -40.36 10.42
CA LEU E 943 -151.40 -39.46 9.28
C LEU E 943 -150.86 -38.09 9.64
N LEU E 944 -151.27 -37.58 10.79
CA LEU E 944 -150.68 -36.36 11.31
C LEU E 944 -149.22 -36.55 11.72
N ALA E 945 -148.83 -37.77 12.10
CA ALA E 945 -147.45 -38.01 12.50
C ALA E 945 -146.53 -38.14 11.30
N LEU E 946 -146.94 -38.90 10.28
CA LEU E 946 -146.12 -39.14 9.12
C LEU E 946 -146.28 -38.08 8.04
N GLY E 947 -146.81 -36.92 8.37
CA GLY E 947 -146.96 -35.85 7.42
C GLY E 947 -148.04 -36.05 6.39
N CYS E 948 -148.91 -37.04 6.57
CA CYS E 948 -149.96 -37.31 5.61
C CYS E 948 -151.10 -36.33 5.77
N HIS E 949 -151.68 -35.93 4.66
CA HIS E 949 -152.78 -34.97 4.68
C HIS E 949 -154.02 -35.62 5.25
N VAL E 950 -154.63 -34.96 6.23
CA VAL E 950 -155.85 -35.44 6.88
C VAL E 950 -156.84 -34.29 6.85
N GLY E 951 -157.64 -34.23 5.78
CA GLY E 951 -158.68 -33.23 5.64
C GLY E 951 -159.79 -33.81 4.79
N ILE E 952 -160.89 -33.06 4.72
CA ILE E 952 -162.03 -33.49 3.89
C ILE E 952 -161.64 -33.33 2.43
N SER E 953 -161.49 -34.44 1.73
CA SER E 953 -161.35 -34.44 0.29
C SER E 953 -162.44 -35.22 -0.42
N ASP E 954 -163.01 -36.22 0.24
CA ASP E 954 -164.24 -36.88 -0.17
C ASP E 954 -164.95 -37.34 1.10
N GLU E 955 -165.86 -38.29 0.98
CA GLU E 955 -166.59 -38.77 2.13
C GLU E 955 -166.28 -40.24 2.37
N HIS E 956 -166.42 -40.65 3.62
CA HIS E 956 -166.28 -42.04 4.01
C HIS E 956 -167.66 -42.64 4.27
N ALA E 957 -167.70 -43.95 4.40
CA ALA E 957 -168.96 -44.66 4.53
C ALA E 957 -168.90 -45.70 5.62
N TYR E 970 -172.20 -57.07 -3.18
CA TYR E 970 -171.89 -57.41 -1.80
C TYR E 970 -172.77 -58.56 -1.33
N GLN E 971 -172.15 -59.58 -0.75
CA GLN E 971 -172.89 -60.77 -0.38
C GLN E 971 -173.72 -60.53 0.88
N LEU E 972 -174.89 -61.15 0.91
CA LEU E 972 -175.81 -61.03 2.03
C LEU E 972 -175.24 -61.78 3.22
N THR E 973 -174.77 -61.03 4.21
CA THR E 973 -174.21 -61.59 5.43
C THR E 973 -175.34 -61.87 6.42
N SER E 974 -175.00 -62.11 7.69
CA SER E 974 -175.96 -62.53 8.70
C SER E 974 -176.48 -61.37 9.53
N GLY E 975 -176.67 -60.20 8.91
CA GLY E 975 -177.25 -59.09 9.63
C GLY E 975 -176.78 -57.70 9.24
N TYR E 976 -175.67 -57.61 8.50
CA TYR E 976 -175.21 -56.31 8.04
C TYR E 976 -174.40 -56.49 6.77
N LYS E 977 -174.88 -55.89 5.67
CA LYS E 977 -174.19 -55.98 4.37
C LYS E 977 -174.36 -54.70 3.57
N PRO E 978 -173.54 -53.66 3.84
CA PRO E 978 -173.39 -52.59 2.86
C PRO E 978 -172.17 -52.78 1.97
N ALA E 979 -172.12 -52.09 0.84
CA ALA E 979 -170.89 -51.98 0.08
C ALA E 979 -169.99 -50.97 0.79
N PRO E 980 -168.73 -51.31 1.09
CA PRO E 980 -167.91 -50.43 1.94
C PRO E 980 -167.58 -49.08 1.30
N MET E 981 -166.87 -49.09 0.18
CA MET E 981 -166.47 -47.91 -0.57
C MET E 981 -165.87 -48.38 -1.88
N ASP E 982 -165.28 -47.43 -2.62
CA ASP E 982 -164.45 -47.73 -3.77
C ASP E 982 -163.01 -47.77 -3.24
N LEU E 983 -162.61 -48.95 -2.76
CA LEU E 983 -161.45 -49.07 -1.88
C LEU E 983 -160.13 -48.97 -2.64
N SER E 984 -159.86 -49.93 -3.52
CA SER E 984 -158.54 -50.07 -4.09
C SER E 984 -158.33 -49.24 -5.35
N PHE E 985 -159.35 -48.49 -5.77
CA PHE E 985 -159.17 -47.61 -6.92
C PHE E 985 -158.25 -46.45 -6.60
N ILE E 986 -158.29 -45.97 -5.36
CA ILE E 986 -157.47 -44.84 -4.95
C ILE E 986 -156.11 -45.36 -4.51
N LYS E 987 -155.05 -44.57 -4.79
CA LYS E 987 -153.66 -45.00 -4.67
C LYS E 987 -153.26 -45.35 -3.25
N LEU E 988 -153.05 -46.63 -3.01
CA LEU E 988 -152.59 -47.09 -1.72
C LEU E 988 -151.12 -46.72 -1.56
N THR E 989 -150.86 -45.59 -0.88
CA THR E 989 -149.50 -45.13 -0.72
C THR E 989 -148.76 -46.02 0.26
N PRO E 990 -147.45 -46.20 0.05
CA PRO E 990 -146.70 -47.12 0.92
C PRO E 990 -146.44 -46.55 2.30
N SER E 991 -146.50 -45.22 2.46
CA SER E 991 -146.39 -44.62 3.78
C SER E 991 -147.59 -44.99 4.65
N GLN E 992 -148.77 -45.09 4.04
CA GLN E 992 -149.93 -45.63 4.74
C GLN E 992 -149.71 -47.09 5.08
N GLU E 993 -149.05 -47.84 4.18
CA GLU E 993 -148.63 -49.19 4.50
C GLU E 993 -147.51 -49.18 5.53
N ALA E 994 -146.62 -48.19 5.46
CA ALA E 994 -145.65 -48.03 6.53
C ALA E 994 -146.31 -47.58 7.83
N MET E 995 -147.41 -46.81 7.72
CA MET E 995 -148.18 -46.47 8.91
C MET E 995 -148.83 -47.71 9.51
N VAL E 996 -149.26 -48.63 8.65
CA VAL E 996 -149.78 -49.92 9.10
C VAL E 996 -148.70 -50.70 9.81
N ASP E 997 -147.47 -50.64 9.28
CA ASP E 997 -146.31 -51.26 9.92
C ASP E 997 -146.06 -50.66 11.30
N LYS E 998 -146.12 -49.33 11.41
CA LYS E 998 -145.87 -48.65 12.67
C LYS E 998 -146.94 -48.97 13.71
N LEU E 999 -148.20 -49.00 13.30
CA LEU E 999 -149.25 -49.22 14.26
C LEU E 999 -149.29 -50.67 14.71
N ALA E 1000 -149.07 -51.61 13.78
CA ALA E 1000 -148.97 -53.01 14.17
C ALA E 1000 -147.72 -53.26 14.99
N GLU E 1001 -146.66 -52.50 14.71
CA GLU E 1001 -145.47 -52.47 15.54
C GLU E 1001 -145.79 -52.04 16.95
N ASN E 1002 -146.58 -50.97 17.07
CA ASN E 1002 -147.03 -50.48 18.37
C ASN E 1002 -147.81 -51.54 19.12
N ALA E 1003 -148.78 -52.14 18.44
CA ALA E 1003 -149.65 -53.13 19.06
C ALA E 1003 -148.88 -54.36 19.49
N HIS E 1004 -148.14 -54.96 18.56
CA HIS E 1004 -147.43 -56.18 18.88
C HIS E 1004 -146.23 -55.92 19.77
N ASN E 1005 -145.73 -54.69 19.86
CA ASN E 1005 -144.59 -54.43 20.71
C ASN E 1005 -144.97 -54.07 22.13
N VAL E 1006 -146.07 -53.35 22.32
CA VAL E 1006 -146.71 -53.28 23.63
C VAL E 1006 -147.09 -54.68 24.09
N TRP E 1007 -147.59 -55.50 23.16
CA TRP E 1007 -147.91 -56.89 23.43
C TRP E 1007 -146.67 -57.66 23.88
N ALA E 1008 -145.55 -57.50 23.17
CA ALA E 1008 -144.35 -58.25 23.50
C ALA E 1008 -143.72 -57.78 24.79
N ARG E 1009 -143.84 -56.47 25.09
CA ARG E 1009 -143.50 -55.98 26.41
C ARG E 1009 -144.37 -56.63 27.48
N ASP E 1010 -145.60 -56.96 27.13
CA ASP E 1010 -146.38 -57.79 28.02
C ASP E 1010 -146.19 -59.28 27.79
N ARG E 1011 -145.56 -59.70 26.69
CA ARG E 1011 -145.46 -61.14 26.37
C ARG E 1011 -144.05 -61.59 25.98
N ILE E 1012 -143.05 -61.22 26.78
CA ILE E 1012 -141.89 -62.10 26.84
C ILE E 1012 -142.22 -63.25 27.77
N ARG E 1013 -143.22 -63.08 28.61
CA ARG E 1013 -143.79 -64.14 29.42
C ARG E 1013 -144.84 -64.94 28.66
N GLN E 1014 -144.97 -64.71 27.37
CA GLN E 1014 -145.83 -65.55 26.54
C GLN E 1014 -145.21 -65.73 25.16
N ARG E 1027 -143.14 -68.99 29.01
CA ARG E 1027 -143.73 -68.25 27.91
C ARG E 1027 -144.30 -69.15 26.84
N ARG E 1028 -143.48 -70.17 26.51
CA ARG E 1028 -143.73 -71.28 25.58
C ARG E 1028 -143.72 -70.85 24.12
N ASN E 1029 -143.69 -69.55 23.86
CA ASN E 1029 -143.69 -69.02 22.52
C ASN E 1029 -142.29 -68.52 22.19
N PRO E 1030 -141.72 -68.93 21.05
CA PRO E 1030 -140.39 -68.41 20.69
C PRO E 1030 -140.44 -67.07 19.95
N ARG E 1031 -141.62 -66.43 19.96
CA ARG E 1031 -141.78 -65.10 19.40
C ARG E 1031 -141.60 -64.00 20.44
N LEU E 1032 -140.67 -64.20 21.39
CA LEU E 1032 -140.33 -63.19 22.38
C LEU E 1032 -139.40 -62.17 21.74
N VAL E 1033 -139.93 -61.45 20.75
CA VAL E 1033 -139.10 -60.68 19.83
C VAL E 1033 -139.79 -59.35 19.52
N PRO E 1034 -138.99 -58.31 19.30
CA PRO E 1034 -139.54 -57.05 18.79
C PRO E 1034 -140.14 -57.20 17.40
N TYR E 1035 -140.95 -56.20 17.04
CA TYR E 1035 -141.67 -56.24 15.77
C TYR E 1035 -140.73 -56.07 14.59
N ALA E 1036 -139.86 -55.06 14.64
CA ALA E 1036 -138.85 -54.90 13.60
C ALA E 1036 -137.86 -56.05 13.60
N LEU E 1037 -137.68 -56.70 14.75
CA LEU E 1037 -136.87 -57.91 14.81
C LEU E 1037 -137.55 -59.07 14.08
N LEU E 1038 -138.83 -59.32 14.39
CA LEU E 1038 -139.52 -60.44 13.76
C LEU E 1038 -139.78 -60.13 12.28
N ASP E 1039 -139.92 -61.19 11.50
CA ASP E 1039 -140.12 -61.09 10.07
C ASP E 1039 -141.61 -61.11 9.75
N ASP E 1040 -141.94 -61.31 8.49
CA ASP E 1040 -143.29 -61.11 7.98
C ASP E 1040 -144.27 -62.23 8.32
N ARG E 1041 -143.93 -63.14 9.24
CA ARG E 1041 -144.90 -64.13 9.69
C ARG E 1041 -146.03 -63.47 10.47
N THR E 1042 -145.69 -62.81 11.58
CA THR E 1042 -146.69 -62.04 12.32
C THR E 1042 -147.15 -60.82 11.55
N LYS E 1043 -146.32 -60.32 10.61
CA LYS E 1043 -146.67 -59.17 9.80
C LYS E 1043 -147.53 -59.53 8.59
N LYS E 1044 -148.12 -60.72 8.53
CA LYS E 1044 -149.16 -60.96 7.56
C LYS E 1044 -150.46 -60.34 8.06
N SER E 1045 -150.98 -60.86 9.16
CA SER E 1045 -152.23 -60.41 9.75
C SER E 1045 -152.05 -59.27 10.73
N ASN E 1046 -150.85 -58.69 10.82
CA ASN E 1046 -150.68 -57.38 11.47
C ASN E 1046 -150.51 -56.28 10.43
N LYS E 1047 -149.45 -56.37 9.62
CA LYS E 1047 -149.16 -55.33 8.63
C LYS E 1047 -150.18 -55.34 7.51
N ASP E 1048 -150.42 -56.51 6.91
CA ASP E 1048 -151.37 -56.61 5.81
C ASP E 1048 -152.79 -56.32 6.28
N SER E 1049 -153.12 -56.67 7.54
CA SER E 1049 -154.46 -56.42 8.04
C SER E 1049 -154.70 -54.93 8.30
N LEU E 1050 -153.70 -54.24 8.85
CA LEU E 1050 -153.86 -52.80 9.01
C LEU E 1050 -153.77 -52.09 7.67
N ARG E 1051 -153.11 -52.69 6.69
CA ARG E 1051 -153.17 -52.19 5.32
C ARG E 1051 -154.57 -52.36 4.74
N GLU E 1052 -155.23 -53.47 5.07
CA GLU E 1052 -156.63 -53.67 4.69
C GLU E 1052 -157.53 -52.64 5.37
N ALA E 1053 -157.19 -52.29 6.62
CA ALA E 1053 -157.95 -51.28 7.34
C ALA E 1053 -157.78 -49.90 6.71
N VAL E 1054 -156.55 -49.58 6.27
CA VAL E 1054 -156.28 -48.29 5.65
C VAL E 1054 -156.62 -48.26 4.17
N ARG E 1055 -156.94 -49.41 3.57
CA ARG E 1055 -157.31 -49.44 2.15
C ARG E 1055 -158.62 -48.71 1.90
N THR E 1056 -159.55 -48.79 2.85
CA THR E 1056 -160.78 -48.01 2.70
C THR E 1056 -160.55 -46.55 3.01
N LEU E 1057 -159.67 -46.24 3.97
CA LEU E 1057 -159.33 -44.86 4.29
C LEU E 1057 -158.69 -44.16 3.10
N LEU E 1058 -157.87 -44.89 2.35
CA LEU E 1058 -157.46 -44.42 1.05
C LEU E 1058 -158.64 -44.37 0.10
N GLY E 1059 -159.46 -45.41 0.10
CA GLY E 1059 -160.56 -45.55 -0.84
C GLY E 1059 -161.74 -44.64 -0.58
N TYR E 1060 -161.79 -43.99 0.58
CA TYR E 1060 -162.84 -43.01 0.87
C TYR E 1060 -162.50 -41.63 0.36
N GLY E 1061 -161.48 -41.51 -0.50
CA GLY E 1061 -161.10 -40.22 -1.03
C GLY E 1061 -160.21 -39.43 -0.11
N TYR E 1062 -159.29 -40.09 0.58
CA TYR E 1062 -158.30 -39.43 1.42
C TYR E 1062 -156.96 -40.00 1.00
N ASN E 1063 -156.38 -39.40 -0.05
CA ASN E 1063 -155.04 -39.76 -0.50
C ASN E 1063 -154.04 -39.18 0.50
N LEU E 1064 -153.55 -40.04 1.38
CA LEU E 1064 -152.69 -39.61 2.49
C LEU E 1064 -151.31 -39.31 1.94
N GLU E 1065 -151.03 -38.03 1.73
CA GLU E 1065 -149.80 -37.56 1.10
C GLU E 1065 -148.79 -37.22 2.19
N ALA E 1066 -147.88 -38.16 2.46
CA ALA E 1066 -146.89 -38.01 3.52
C ALA E 1066 -145.86 -36.94 3.19
N ARG E 1084 -113.52 -44.33 13.04
CA ARG E 1084 -113.55 -45.76 12.73
C ARG E 1084 -113.34 -45.97 11.25
N PHE E 1085 -112.21 -45.46 10.74
CA PHE E 1085 -111.94 -45.48 9.32
C PHE E 1085 -110.51 -45.94 9.14
N ARG E 1086 -110.34 -47.16 8.66
CA ARG E 1086 -109.06 -47.85 8.78
C ARG E 1086 -108.03 -47.28 7.82
N ILE E 1087 -106.76 -47.50 8.17
CA ILE E 1087 -105.63 -47.19 7.33
C ILE E 1087 -104.68 -48.37 7.41
N PHE E 1088 -104.34 -48.95 6.26
CA PHE E 1088 -103.50 -50.14 6.22
C PHE E 1088 -102.32 -49.86 5.31
N ARG E 1089 -101.13 -49.94 5.88
CA ARG E 1089 -99.92 -49.68 5.13
C ARG E 1089 -99.11 -50.95 4.96
N ALA E 1090 -97.96 -50.80 4.35
CA ALA E 1090 -97.02 -51.89 4.25
C ALA E 1090 -96.01 -51.78 5.39
N GLU E 1091 -94.92 -52.52 5.25
CA GLU E 1091 -93.75 -52.37 6.09
C GLU E 1091 -92.98 -51.13 5.69
N LYS E 1092 -92.54 -50.36 6.68
CA LYS E 1092 -91.78 -49.14 6.40
C LYS E 1092 -90.34 -49.42 6.01
N THR E 1093 -89.91 -50.68 6.06
CA THR E 1093 -88.50 -50.98 5.83
C THR E 1093 -88.14 -50.92 4.36
N TYR E 1094 -89.06 -51.28 3.47
CA TYR E 1094 -88.73 -51.38 2.05
C TYR E 1094 -89.22 -50.17 1.28
N ALA E 1095 -89.10 -48.98 1.87
CA ALA E 1095 -89.48 -47.79 1.11
C ALA E 1095 -88.43 -47.52 0.06
N VAL E 1096 -88.57 -48.18 -1.10
CA VAL E 1096 -87.53 -48.12 -2.12
C VAL E 1096 -87.53 -46.74 -2.77
N LYS E 1097 -86.48 -46.48 -3.51
CA LYS E 1097 -86.32 -45.20 -4.17
C LYS E 1097 -85.96 -45.29 -5.64
N ALA E 1098 -85.47 -46.42 -6.11
CA ALA E 1098 -84.99 -46.51 -7.48
C ALA E 1098 -85.76 -47.59 -8.23
N GLY E 1099 -85.94 -47.34 -9.52
CA GLY E 1099 -86.57 -48.28 -10.40
C GLY E 1099 -87.88 -47.76 -10.96
N ARG E 1100 -88.70 -48.71 -11.38
CA ARG E 1100 -90.08 -48.45 -11.75
C ARG E 1100 -90.86 -49.59 -11.13
N TRP E 1101 -91.27 -49.40 -9.90
CA TRP E 1101 -91.76 -50.55 -9.15
C TRP E 1101 -93.23 -50.79 -9.44
N TYR E 1102 -93.69 -51.96 -9.02
CA TYR E 1102 -95.08 -52.30 -9.25
C TYR E 1102 -95.62 -53.10 -8.07
N PHE E 1103 -96.88 -52.85 -7.77
CA PHE E 1103 -97.72 -53.81 -7.08
C PHE E 1103 -99.13 -53.64 -7.62
N GLU E 1104 -99.98 -54.60 -7.31
CA GLU E 1104 -101.37 -54.56 -7.72
C GLU E 1104 -102.28 -54.73 -6.51
N PHE E 1105 -103.48 -54.17 -6.63
CA PHE E 1105 -104.42 -54.17 -5.51
C PHE E 1105 -105.83 -54.42 -6.02
N GLU E 1106 -106.39 -55.56 -5.65
CA GLU E 1106 -107.81 -55.81 -5.82
C GLU E 1106 -108.56 -55.11 -4.70
N ALA E 1107 -109.52 -54.28 -5.04
CA ALA E 1107 -110.51 -53.84 -4.07
C ALA E 1107 -111.76 -54.69 -4.26
N VAL E 1108 -112.53 -54.86 -3.18
CA VAL E 1108 -113.70 -55.74 -3.18
C VAL E 1108 -114.99 -54.94 -2.98
N THR E 1109 -115.08 -54.18 -1.91
CA THR E 1109 -116.29 -53.47 -1.55
C THR E 1109 -116.07 -51.98 -1.70
N ALA E 1110 -117.15 -51.26 -2.02
CA ALA E 1110 -117.05 -49.83 -2.30
C ALA E 1110 -116.83 -49.04 -1.01
N GLY E 1111 -116.61 -47.74 -1.18
CA GLY E 1111 -116.46 -46.85 -0.06
C GLY E 1111 -115.11 -46.14 0.00
N ASP E 1112 -114.60 -45.92 1.19
CA ASP E 1112 -113.30 -45.27 1.34
C ASP E 1112 -112.22 -46.24 0.93
N MET E 1113 -111.70 -46.08 -0.29
CA MET E 1113 -110.48 -46.76 -0.69
C MET E 1113 -109.49 -45.68 -1.07
N ARG E 1114 -108.88 -45.08 -0.07
CA ARG E 1114 -107.81 -44.12 -0.28
C ARG E 1114 -106.51 -44.91 -0.44
N VAL E 1115 -106.35 -45.45 -1.64
CA VAL E 1115 -105.29 -46.41 -1.92
C VAL E 1115 -104.21 -45.73 -2.77
N GLY E 1116 -102.96 -45.98 -2.42
CA GLY E 1116 -101.85 -45.48 -3.20
C GLY E 1116 -100.52 -45.55 -2.51
N TRP E 1117 -99.81 -44.43 -2.47
CA TRP E 1117 -98.40 -44.46 -2.12
C TRP E 1117 -98.07 -43.32 -1.19
N SER E 1118 -97.13 -43.56 -0.28
CA SER E 1118 -96.89 -42.58 0.76
C SER E 1118 -95.51 -42.76 1.36
N ARG E 1119 -94.93 -41.64 1.78
CA ARG E 1119 -93.67 -41.63 2.49
C ARG E 1119 -93.80 -42.32 3.84
N PRO E 1120 -92.69 -42.80 4.41
CA PRO E 1120 -92.74 -43.42 5.74
C PRO E 1120 -93.07 -42.49 6.89
N GLY E 1121 -93.22 -41.18 6.67
CA GLY E 1121 -93.70 -40.33 7.72
C GLY E 1121 -95.19 -40.36 7.97
N CYS E 1122 -95.89 -41.34 7.40
CA CYS E 1122 -97.33 -41.41 7.47
C CYS E 1122 -97.79 -41.68 8.89
N GLN E 1123 -99.04 -41.31 9.16
CA GLN E 1123 -99.57 -41.36 10.51
C GLN E 1123 -100.74 -42.30 10.58
N PRO E 1124 -100.62 -43.41 11.29
CA PRO E 1124 -101.81 -44.17 11.64
C PRO E 1124 -102.71 -43.42 12.59
N ASP E 1125 -102.15 -42.47 13.36
CA ASP E 1125 -102.91 -41.69 14.32
C ASP E 1125 -103.85 -40.70 13.63
N GLN E 1126 -103.61 -40.38 12.36
CA GLN E 1126 -104.46 -39.52 11.56
C GLN E 1126 -104.94 -40.29 10.35
N GLU E 1127 -105.63 -39.59 9.43
CA GLU E 1127 -106.10 -40.20 8.21
C GLU E 1127 -105.54 -39.47 6.99
N LEU E 1128 -105.78 -40.08 5.84
CA LEU E 1128 -104.96 -39.95 4.64
C LEU E 1128 -105.36 -38.72 3.82
N GLY E 1129 -104.57 -38.46 2.79
CA GLY E 1129 -105.04 -37.69 1.64
C GLY E 1129 -104.78 -36.22 1.77
N SER E 1130 -105.23 -35.65 2.87
CA SER E 1130 -105.03 -34.24 3.17
C SER E 1130 -103.65 -34.05 3.78
N ASP E 1131 -102.63 -34.29 2.96
CA ASP E 1131 -101.27 -34.28 3.44
C ASP E 1131 -100.32 -34.20 2.26
N GLU E 1132 -99.08 -33.91 2.60
CA GLU E 1132 -98.00 -33.67 1.66
C GLU E 1132 -97.34 -34.94 1.17
N ARG E 1133 -97.52 -36.08 1.85
CA ARG E 1133 -96.71 -37.24 1.56
C ARG E 1133 -97.52 -38.39 0.96
N ALA E 1134 -98.83 -38.39 1.09
CA ALA E 1134 -99.62 -39.41 0.43
C ALA E 1134 -99.75 -39.03 -1.03
N PHE E 1135 -99.49 -40.01 -1.88
CA PHE E 1135 -99.72 -39.91 -3.31
C PHE E 1135 -100.60 -41.10 -3.61
N ALA E 1136 -101.88 -40.91 -3.38
CA ALA E 1136 -102.86 -41.97 -3.40
C ALA E 1136 -104.05 -41.56 -4.24
N PHE E 1137 -105.01 -42.46 -4.33
CA PHE E 1137 -106.15 -42.22 -5.20
C PHE E 1137 -107.36 -42.92 -4.62
N ASP E 1138 -108.46 -42.18 -4.50
CA ASP E 1138 -109.72 -42.80 -4.14
C ASP E 1138 -110.26 -43.40 -5.42
N GLY E 1139 -110.01 -44.70 -5.58
CA GLY E 1139 -110.55 -45.43 -6.72
C GLY E 1139 -112.06 -45.43 -6.74
N PHE E 1140 -112.66 -45.34 -5.57
CA PHE E 1140 -114.05 -44.97 -5.49
C PHE E 1140 -114.16 -43.46 -5.54
N LYS E 1141 -115.12 -42.98 -6.34
CA LYS E 1141 -115.44 -41.57 -6.57
C LYS E 1141 -114.30 -40.77 -7.18
N ALA E 1142 -113.29 -41.41 -7.79
CA ALA E 1142 -112.52 -40.86 -8.90
C ALA E 1142 -111.67 -39.63 -8.55
N GLN E 1143 -111.03 -39.65 -7.38
CA GLN E 1143 -110.27 -38.47 -7.00
C GLN E 1143 -109.01 -38.85 -6.25
N ARG E 1144 -107.91 -38.18 -6.57
CA ARG E 1144 -106.62 -38.62 -6.10
C ARG E 1144 -106.15 -37.81 -4.90
N TRP E 1145 -105.24 -38.41 -4.13
CA TRP E 1145 -104.89 -37.95 -2.80
C TRP E 1145 -103.47 -37.42 -2.77
N HIS E 1146 -103.36 -36.09 -2.70
CA HIS E 1146 -102.14 -35.45 -2.24
C HIS E 1146 -102.54 -34.04 -1.83
N GLN E 1147 -102.47 -33.76 -0.53
CA GLN E 1147 -103.10 -32.59 0.09
C GLN E 1147 -104.55 -32.47 -0.35
N GLY E 1148 -105.31 -33.52 -0.07
CA GLY E 1148 -106.73 -33.49 -0.33
C GLY E 1148 -107.05 -34.13 -1.66
N ASN E 1149 -108.08 -33.65 -2.32
CA ASN E 1149 -108.53 -34.30 -3.53
C ASN E 1149 -108.19 -33.51 -4.78
N GLU E 1150 -107.93 -34.28 -5.83
CA GLU E 1150 -107.84 -33.83 -7.20
C GLU E 1150 -108.38 -35.00 -8.01
N HIS E 1151 -109.32 -34.73 -8.90
CA HIS E 1151 -109.95 -35.86 -9.55
C HIS E 1151 -109.05 -36.49 -10.59
N TYR E 1152 -109.30 -37.77 -10.84
CA TYR E 1152 -108.38 -38.58 -11.61
C TYR E 1152 -109.21 -39.73 -12.18
N GLY E 1153 -109.63 -39.57 -13.43
CA GLY E 1153 -110.33 -40.65 -14.10
C GLY E 1153 -111.70 -40.91 -13.53
N ARG E 1154 -112.03 -42.20 -13.42
CA ARG E 1154 -113.36 -42.67 -13.11
C ARG E 1154 -113.37 -43.42 -11.79
N SER E 1155 -114.56 -43.83 -11.39
CA SER E 1155 -114.74 -44.59 -10.18
C SER E 1155 -114.76 -46.07 -10.50
N TRP E 1156 -114.24 -46.84 -9.55
CA TRP E 1156 -114.05 -48.27 -9.72
C TRP E 1156 -115.38 -49.00 -9.57
N GLN E 1157 -115.37 -50.29 -9.84
CA GLN E 1157 -116.55 -51.11 -9.61
C GLN E 1157 -116.19 -52.39 -8.87
N ALA E 1158 -117.12 -52.83 -8.01
CA ALA E 1158 -116.89 -53.86 -7.00
C ALA E 1158 -116.40 -55.16 -7.61
N GLY E 1159 -115.11 -55.41 -7.43
CA GLY E 1159 -114.40 -56.42 -8.18
C GLY E 1159 -113.46 -55.84 -9.22
N ASP E 1160 -112.86 -54.69 -8.92
CA ASP E 1160 -111.82 -54.14 -9.78
C ASP E 1160 -110.46 -54.22 -9.09
N VAL E 1161 -109.43 -54.43 -9.90
CA VAL E 1161 -108.06 -54.48 -9.43
C VAL E 1161 -107.33 -53.29 -10.01
N VAL E 1162 -106.65 -52.54 -9.17
CA VAL E 1162 -106.04 -51.30 -9.63
C VAL E 1162 -104.77 -51.59 -10.40
N GLY E 1163 -103.77 -52.12 -9.72
CA GLY E 1163 -102.45 -52.18 -10.32
C GLY E 1163 -101.74 -50.84 -10.19
N CYS E 1164 -100.52 -50.84 -9.69
CA CYS E 1164 -99.82 -49.60 -9.39
C CYS E 1164 -98.44 -49.62 -10.03
N MET E 1165 -98.35 -49.07 -11.23
CA MET E 1165 -97.08 -48.91 -11.92
C MET E 1165 -96.40 -47.67 -11.36
N VAL E 1166 -95.38 -47.88 -10.53
CA VAL E 1166 -94.81 -46.81 -9.72
C VAL E 1166 -93.40 -46.56 -10.22
N ASP E 1167 -93.20 -45.45 -10.91
CA ASP E 1167 -91.85 -45.02 -11.26
C ASP E 1167 -91.14 -44.56 -10.00
N MET E 1168 -90.00 -45.16 -9.72
CA MET E 1168 -89.15 -44.68 -8.63
C MET E 1168 -87.95 -43.93 -9.16
N THR E 1169 -87.40 -44.37 -10.28
CA THR E 1169 -86.52 -43.52 -11.06
C THR E 1169 -87.20 -42.21 -11.42
N GLU E 1170 -88.31 -42.30 -12.12
CA GLU E 1170 -89.00 -41.09 -12.48
C GLU E 1170 -89.92 -40.66 -11.35
N HIS E 1171 -90.12 -39.36 -11.23
CA HIS E 1171 -91.04 -38.79 -10.25
C HIS E 1171 -92.48 -38.85 -10.73
N THR E 1172 -92.91 -40.03 -11.17
CA THR E 1172 -94.26 -40.24 -11.62
C THR E 1172 -94.72 -41.60 -11.10
N MET E 1173 -95.93 -41.97 -11.48
CA MET E 1173 -96.58 -43.17 -11.01
C MET E 1173 -97.80 -43.37 -11.91
N MET E 1174 -98.20 -44.62 -12.09
CA MET E 1174 -99.37 -44.91 -12.91
C MET E 1174 -100.22 -45.95 -12.22
N PHE E 1175 -101.52 -45.69 -12.14
CA PHE E 1175 -102.48 -46.67 -11.67
C PHE E 1175 -103.41 -47.02 -12.81
N THR E 1176 -103.94 -48.23 -12.82
CA THR E 1176 -104.86 -48.64 -13.87
C THR E 1176 -106.22 -48.98 -13.29
N LEU E 1177 -107.19 -49.15 -14.19
CA LEU E 1177 -108.53 -49.60 -13.83
C LEU E 1177 -108.75 -50.91 -14.57
N ASN E 1178 -108.29 -52.00 -13.95
CA ASN E 1178 -108.38 -53.35 -14.52
C ASN E 1178 -107.72 -53.43 -15.89
N GLY E 1179 -106.49 -52.97 -15.98
CA GLY E 1179 -105.78 -52.92 -17.23
C GLY E 1179 -105.96 -51.62 -17.98
N GLU E 1180 -107.14 -51.00 -17.88
CA GLU E 1180 -107.31 -49.65 -18.40
C GLU E 1180 -106.45 -48.73 -17.57
N ILE E 1181 -105.44 -48.17 -18.19
CA ILE E 1181 -104.60 -47.16 -17.57
C ILE E 1181 -105.46 -45.96 -17.23
N LEU E 1182 -105.64 -45.72 -15.94
CA LEU E 1182 -106.42 -44.58 -15.46
C LEU E 1182 -105.80 -43.27 -15.91
N LEU E 1183 -106.65 -42.28 -16.08
CA LEU E 1183 -106.23 -40.98 -16.57
C LEU E 1183 -106.46 -39.92 -15.51
N ASP E 1184 -105.79 -38.78 -15.68
CA ASP E 1184 -106.16 -37.58 -14.95
C ASP E 1184 -107.44 -36.99 -15.56
N ASP E 1185 -107.86 -35.86 -15.01
CA ASP E 1185 -108.95 -35.11 -15.62
C ASP E 1185 -108.53 -34.48 -16.94
N SER E 1186 -107.24 -34.24 -17.14
CA SER E 1186 -106.69 -33.84 -18.43
C SER E 1186 -106.37 -35.04 -19.31
N GLY E 1187 -106.85 -36.23 -18.94
CA GLY E 1187 -106.51 -37.43 -19.65
C GLY E 1187 -105.12 -37.96 -19.37
N SER E 1188 -104.39 -37.33 -18.45
CA SER E 1188 -103.01 -37.72 -18.21
C SER E 1188 -102.97 -39.04 -17.48
N GLU E 1189 -102.30 -40.01 -18.10
CA GLU E 1189 -102.33 -41.40 -17.67
C GLU E 1189 -101.56 -41.63 -16.39
N LEU E 1190 -100.71 -40.68 -15.99
CA LEU E 1190 -99.91 -40.84 -14.80
C LEU E 1190 -100.75 -40.69 -13.55
N ALA E 1191 -100.57 -41.60 -12.59
CA ALA E 1191 -101.25 -41.48 -11.31
C ALA E 1191 -100.79 -40.24 -10.57
N PHE E 1192 -99.48 -40.04 -10.51
CA PHE E 1192 -98.92 -38.82 -9.96
C PHE E 1192 -97.72 -38.41 -10.78
N LYS E 1193 -97.11 -37.31 -10.37
CA LYS E 1193 -96.24 -36.59 -11.28
C LYS E 1193 -95.35 -35.65 -10.50
N ASP E 1194 -94.06 -35.65 -10.85
CA ASP E 1194 -93.12 -34.57 -10.55
C ASP E 1194 -92.89 -34.39 -9.06
N PHE E 1195 -92.92 -35.48 -8.33
CA PHE E 1195 -92.65 -35.40 -6.90
C PHE E 1195 -91.14 -35.48 -6.67
N ASP E 1196 -90.74 -35.74 -5.44
CA ASP E 1196 -89.34 -36.01 -5.13
C ASP E 1196 -89.25 -37.36 -4.45
N VAL E 1197 -88.51 -38.27 -5.05
CA VAL E 1197 -88.28 -39.55 -4.41
C VAL E 1197 -87.16 -39.35 -3.40
N GLY E 1198 -87.54 -39.01 -2.17
CA GLY E 1198 -86.58 -38.74 -1.14
C GLY E 1198 -86.42 -39.96 -0.27
N ASP E 1199 -87.16 -39.98 0.82
CA ASP E 1199 -87.10 -41.02 1.85
C ASP E 1199 -87.73 -42.34 1.44
N GLY E 1200 -88.07 -42.53 0.17
CA GLY E 1200 -88.77 -43.72 -0.24
C GLY E 1200 -90.26 -43.61 0.01
N PHE E 1201 -90.99 -44.61 -0.45
CA PHE E 1201 -92.43 -44.55 -0.42
C PHE E 1201 -92.99 -45.92 -0.13
N ILE E 1202 -94.22 -45.94 0.36
CA ILE E 1202 -94.82 -47.15 0.89
C ILE E 1202 -96.13 -47.42 0.17
N PRO E 1203 -96.38 -48.64 -0.29
CA PRO E 1203 -97.71 -48.97 -0.83
C PRO E 1203 -98.72 -48.99 0.30
N VAL E 1204 -99.69 -48.09 0.23
CA VAL E 1204 -100.61 -47.85 1.33
C VAL E 1204 -102.05 -47.91 0.85
N CYS E 1205 -102.97 -47.98 1.81
CA CYS E 1205 -104.39 -47.86 1.53
C CYS E 1205 -105.10 -47.43 2.80
N SER E 1206 -106.28 -46.84 2.64
CA SER E 1206 -107.13 -46.47 3.76
C SER E 1206 -108.54 -46.98 3.53
N LEU E 1207 -109.22 -47.28 4.63
CA LEU E 1207 -110.58 -47.77 4.60
C LEU E 1207 -111.49 -46.85 5.39
N GLY E 1208 -112.78 -47.10 5.26
CA GLY E 1208 -113.78 -46.43 6.07
C GLY E 1208 -114.33 -47.42 7.06
N VAL E 1209 -115.57 -47.84 6.86
CA VAL E 1209 -116.28 -48.62 7.86
C VAL E 1209 -116.47 -50.08 7.44
N ALA E 1210 -116.67 -50.37 6.16
CA ALA E 1210 -116.84 -51.75 5.70
C ALA E 1210 -116.13 -51.96 4.36
N GLN E 1211 -114.90 -51.50 4.25
CA GLN E 1211 -114.21 -51.43 2.97
C GLN E 1211 -113.19 -52.56 2.87
N VAL E 1212 -113.34 -53.39 1.86
CA VAL E 1212 -112.60 -54.64 1.71
C VAL E 1212 -111.81 -54.60 0.41
N GLY E 1213 -110.59 -55.14 0.45
CA GLY E 1213 -109.73 -55.22 -0.71
C GLY E 1213 -108.54 -56.11 -0.45
N ARG E 1214 -107.77 -56.37 -1.51
CA ARG E 1214 -106.64 -57.29 -1.43
C ARG E 1214 -105.47 -56.77 -2.26
N MET E 1215 -104.29 -56.74 -1.64
CA MET E 1215 -103.06 -56.30 -2.28
C MET E 1215 -102.19 -57.48 -2.66
N ASN E 1216 -101.12 -57.18 -3.41
CA ASN E 1216 -100.18 -58.20 -3.87
C ASN E 1216 -98.87 -57.52 -4.24
N PHE E 1217 -97.75 -58.00 -3.66
CA PHE E 1217 -96.44 -57.37 -3.82
C PHE E 1217 -95.38 -58.41 -4.17
N GLY E 1218 -95.31 -58.84 -5.41
CA GLY E 1218 -94.30 -59.84 -5.77
C GLY E 1218 -94.52 -61.22 -5.19
N LYS E 1219 -93.91 -62.24 -5.83
CA LYS E 1219 -94.24 -63.65 -5.68
C LYS E 1219 -95.74 -63.88 -5.88
N ASP E 1220 -96.29 -63.14 -6.83
CA ASP E 1220 -97.71 -63.13 -7.12
C ASP E 1220 -97.92 -63.43 -8.59
N VAL E 1221 -97.03 -64.29 -9.10
CA VAL E 1221 -96.84 -64.53 -10.53
C VAL E 1221 -98.09 -65.04 -11.21
N SER E 1222 -98.99 -65.66 -10.45
CA SER E 1222 -100.33 -65.91 -10.94
C SER E 1222 -101.08 -64.61 -11.18
N THR E 1223 -101.20 -63.77 -10.15
CA THR E 1223 -102.12 -62.65 -10.23
C THR E 1223 -101.47 -61.38 -10.76
N LEU E 1224 -100.48 -61.52 -11.64
CA LEU E 1224 -99.96 -60.37 -12.38
C LEU E 1224 -100.81 -60.12 -13.62
N LYS E 1225 -102.11 -59.88 -13.37
CA LYS E 1225 -103.13 -60.01 -14.41
C LYS E 1225 -103.01 -58.88 -15.42
N TYR E 1226 -103.23 -57.66 -14.96
CA TYR E 1226 -102.97 -56.51 -15.78
C TYR E 1226 -101.52 -56.09 -15.75
N PHE E 1227 -100.74 -56.69 -14.86
CA PHE E 1227 -99.31 -56.50 -14.87
C PHE E 1227 -98.69 -57.11 -16.11
N THR E 1228 -99.24 -58.23 -16.56
CA THR E 1228 -98.91 -58.72 -17.90
C THR E 1228 -99.37 -57.74 -18.96
N ILE E 1229 -100.50 -57.08 -18.73
CA ILE E 1229 -101.05 -56.18 -19.72
C ILE E 1229 -100.34 -54.83 -19.69
N CYS E 1230 -99.97 -54.34 -18.52
CA CYS E 1230 -99.27 -53.08 -18.42
C CYS E 1230 -98.44 -53.11 -17.15
N GLY E 1231 -97.19 -52.68 -17.24
CA GLY E 1231 -96.26 -53.10 -16.22
C GLY E 1231 -95.04 -53.77 -16.76
N LEU E 1232 -95.03 -55.10 -16.68
CA LEU E 1232 -94.01 -56.00 -17.21
C LEU E 1232 -93.50 -55.60 -18.59
N GLN E 1233 -94.42 -55.24 -19.47
CA GLN E 1233 -94.05 -54.77 -20.79
C GLN E 1233 -93.33 -53.44 -20.74
N GLU E 1234 -93.66 -52.61 -19.76
CA GLU E 1234 -93.08 -51.29 -19.61
C GLU E 1234 -91.89 -51.30 -18.67
N GLY E 1235 -91.50 -52.47 -18.20
CA GLY E 1235 -90.43 -52.55 -17.23
C GLY E 1235 -90.88 -52.11 -15.86
N TYR E 1236 -91.87 -52.79 -15.31
CA TYR E 1236 -92.28 -52.51 -13.94
C TYR E 1236 -91.98 -53.70 -13.04
N GLU E 1237 -91.89 -53.41 -11.75
CA GLU E 1237 -91.18 -54.29 -10.86
C GLU E 1237 -92.04 -54.76 -9.71
N PRO E 1238 -92.42 -56.03 -9.66
CA PRO E 1238 -93.09 -56.57 -8.48
C PRO E 1238 -92.11 -56.65 -7.32
N PHE E 1239 -92.66 -56.84 -6.13
CA PHE E 1239 -91.82 -56.56 -4.98
C PHE E 1239 -90.97 -57.74 -4.56
N ALA E 1240 -91.61 -58.82 -4.14
CA ALA E 1240 -90.92 -59.89 -3.44
C ALA E 1240 -90.28 -60.89 -4.37
N VAL E 1241 -90.32 -60.62 -5.68
CA VAL E 1241 -89.90 -61.59 -6.68
C VAL E 1241 -88.41 -61.88 -6.60
N ASN E 1242 -87.62 -60.92 -6.20
CA ASN E 1242 -86.18 -61.08 -6.14
C ASN E 1242 -85.70 -61.52 -4.78
N THR E 1243 -86.59 -61.73 -3.84
CA THR E 1243 -86.27 -62.19 -2.50
C THR E 1243 -87.19 -63.31 -2.08
N ASN E 1244 -87.13 -63.67 -0.79
CA ASN E 1244 -87.99 -64.67 -0.20
C ASN E 1244 -88.73 -64.14 1.01
N ARG E 1245 -88.61 -62.86 1.30
CA ARG E 1245 -89.23 -62.29 2.49
C ARG E 1245 -90.74 -62.27 2.35
N ASP E 1246 -91.40 -62.33 3.49
CA ASP E 1246 -92.86 -62.34 3.57
C ASP E 1246 -93.25 -61.14 4.42
N ILE E 1247 -93.73 -60.09 3.75
CA ILE E 1247 -93.69 -58.75 4.31
C ILE E 1247 -94.75 -58.58 5.38
N THR E 1248 -94.37 -57.98 6.50
CA THR E 1248 -95.32 -57.61 7.54
C THR E 1248 -95.90 -56.25 7.18
N MET E 1249 -97.07 -56.27 6.55
CA MET E 1249 -97.81 -55.04 6.34
C MET E 1249 -98.32 -54.52 7.67
N TRP E 1250 -98.40 -53.21 7.79
CA TRP E 1250 -98.71 -52.59 9.06
C TRP E 1250 -100.01 -51.83 8.98
N LEU E 1251 -100.61 -51.58 10.12
CA LEU E 1251 -101.95 -51.04 10.16
C LEU E 1251 -102.10 -50.11 11.35
N SER E 1252 -103.12 -49.28 11.28
CA SER E 1252 -103.44 -48.42 12.39
C SER E 1252 -103.97 -49.23 13.56
N LYS E 1253 -103.86 -48.65 14.74
CA LYS E 1253 -104.11 -49.36 15.98
C LYS E 1253 -105.61 -49.37 16.27
N ARG E 1254 -105.97 -49.87 17.44
CA ARG E 1254 -107.29 -49.69 17.99
C ARG E 1254 -107.25 -49.31 19.46
N LEU E 1255 -106.06 -49.19 20.05
CA LEU E 1255 -105.94 -49.05 21.49
C LEU E 1255 -105.19 -47.77 21.82
N PRO E 1256 -105.86 -46.77 22.39
CA PRO E 1256 -105.19 -45.51 22.69
C PRO E 1256 -104.30 -45.61 23.91
N GLN E 1257 -103.08 -45.10 23.79
CA GLN E 1257 -102.08 -45.27 24.83
C GLN E 1257 -101.67 -43.94 25.45
N PHE E 1258 -101.46 -43.99 26.77
CA PHE E 1258 -100.87 -42.87 27.46
C PHE E 1258 -99.41 -42.73 27.05
N LEU E 1259 -99.01 -41.49 26.78
CA LEU E 1259 -97.75 -41.27 26.12
C LEU E 1259 -97.34 -39.83 26.39
N GLN E 1260 -96.09 -39.63 26.78
CA GLN E 1260 -95.61 -38.30 27.07
C GLN E 1260 -95.59 -37.46 25.80
N VAL E 1261 -95.75 -36.16 25.99
CA VAL E 1261 -96.03 -35.27 24.87
C VAL E 1261 -94.72 -34.91 24.17
N PRO E 1262 -94.72 -34.80 22.84
CA PRO E 1262 -93.61 -34.15 22.17
C PRO E 1262 -93.74 -32.64 22.22
N SER E 1263 -92.92 -31.95 21.44
CA SER E 1263 -93.16 -30.52 21.27
C SER E 1263 -94.44 -30.26 20.48
N SER E 1264 -94.86 -31.21 19.66
CA SER E 1264 -95.96 -30.99 18.72
C SER E 1264 -97.29 -31.08 19.44
N HIS E 1265 -98.06 -30.00 19.37
CA HIS E 1265 -99.47 -30.03 19.70
C HIS E 1265 -100.15 -28.89 18.96
N GLU E 1266 -101.47 -28.86 19.05
CA GLU E 1266 -102.23 -27.65 18.77
C GLU E 1266 -101.74 -26.54 19.68
N HIS E 1267 -102.02 -26.67 20.97
CA HIS E 1267 -101.38 -25.86 21.99
C HIS E 1267 -101.46 -26.66 23.30
N ILE E 1268 -100.38 -27.37 23.59
CA ILE E 1268 -100.16 -28.00 24.90
C ILE E 1268 -98.68 -27.89 25.18
N GLU E 1269 -98.34 -27.40 26.37
CA GLU E 1269 -96.96 -27.31 26.77
C GLU E 1269 -96.85 -27.69 28.24
N VAL E 1270 -95.74 -28.30 28.59
CA VAL E 1270 -95.47 -28.72 29.96
C VAL E 1270 -94.07 -28.28 30.34
N THR E 1271 -93.90 -27.82 31.59
CA THR E 1271 -92.60 -27.35 32.07
C THR E 1271 -92.22 -28.13 33.32
N ARG E 1272 -91.21 -28.98 33.21
CA ARG E 1272 -90.63 -29.60 34.40
C ARG E 1272 -89.95 -28.51 35.21
N ILE E 1273 -90.64 -28.03 36.24
CA ILE E 1273 -90.17 -26.88 37.00
C ILE E 1273 -90.36 -27.17 38.48
N ASP E 1274 -89.30 -26.96 39.26
CA ASP E 1274 -89.43 -27.04 40.71
C ASP E 1274 -90.28 -25.89 41.22
N VAL E 1285 -93.48 -25.82 44.13
CA VAL E 1285 -92.44 -26.83 44.20
C VAL E 1285 -92.84 -28.05 43.38
N THR E 1286 -92.04 -28.31 42.34
CA THR E 1286 -92.12 -29.49 41.47
C THR E 1286 -93.50 -29.60 40.79
N GLN E 1287 -93.73 -28.63 39.90
CA GLN E 1287 -94.98 -28.52 39.16
C GLN E 1287 -94.71 -28.51 37.66
N LYS E 1288 -95.78 -28.66 36.88
CA LYS E 1288 -95.68 -28.74 35.44
C LYS E 1288 -96.84 -28.03 34.77
N SER E 1289 -96.59 -27.44 33.60
CA SER E 1289 -97.47 -26.44 33.01
C SER E 1289 -98.45 -27.07 32.03
N PHE E 1290 -99.34 -26.24 31.50
CA PHE E 1290 -100.45 -26.66 30.64
C PHE E 1290 -100.75 -25.54 29.64
N GLY E 1291 -101.92 -25.59 29.02
CA GLY E 1291 -102.38 -24.53 28.14
C GLY E 1291 -103.70 -24.79 27.46
N SER E 1292 -104.62 -23.81 27.44
CA SER E 1292 -106.00 -24.03 27.03
C SER E 1292 -106.52 -22.94 26.10
N GLN E 1293 -105.66 -22.37 25.27
CA GLN E 1293 -106.07 -21.37 24.29
C GLN E 1293 -106.16 -21.98 22.91
N ASN E 1294 -107.06 -22.95 22.78
CA ASN E 1294 -107.10 -23.76 21.56
C ASN E 1294 -108.44 -23.64 20.87
N SER E 1295 -108.62 -24.45 19.82
CA SER E 1295 -109.88 -24.54 19.11
C SER E 1295 -110.77 -25.61 19.75
N SER E 1296 -110.29 -26.84 19.82
CA SER E 1296 -111.00 -27.93 20.51
C SER E 1296 -110.45 -28.03 21.92
N THR E 1297 -111.23 -27.56 22.90
CA THR E 1297 -110.79 -27.41 24.29
C THR E 1297 -111.65 -28.26 25.22
N ASP E 1298 -111.86 -29.53 24.83
CA ASP E 1298 -113.00 -30.29 25.34
C ASP E 1298 -112.59 -31.48 26.20
N ILE E 1299 -111.76 -32.38 25.70
CA ILE E 1299 -111.43 -33.61 26.42
C ILE E 1299 -109.93 -33.80 26.32
N MET E 1300 -109.27 -33.94 27.47
CA MET E 1300 -107.84 -34.20 27.49
C MET E 1300 -107.54 -35.18 28.62
N PHE E 1301 -106.80 -36.23 28.29
CA PHE E 1301 -106.55 -37.32 29.21
C PHE E 1301 -105.07 -37.35 29.56
N TYR E 1302 -104.74 -37.49 30.83
CA TYR E 1302 -103.36 -37.45 31.24
C TYR E 1302 -103.02 -38.54 32.25
N ARG E 1303 -101.95 -39.27 31.98
CA ARG E 1303 -101.32 -40.16 32.93
C ARG E 1303 -99.93 -39.66 33.23
N LEU E 1304 -99.14 -40.47 33.89
CA LEU E 1304 -97.76 -40.08 34.17
C LEU E 1304 -96.82 -41.22 33.78
N SER E 1305 -95.57 -41.08 34.20
CA SER E 1305 -94.50 -41.97 33.76
C SER E 1305 -94.43 -43.25 34.57
N MET E 1306 -94.26 -43.12 35.87
CA MET E 1306 -94.04 -44.27 36.71
C MET E 1306 -95.26 -44.49 37.57
N PRO E 1307 -95.85 -45.67 37.58
CA PRO E 1307 -96.98 -45.92 38.45
C PRO E 1307 -96.47 -46.28 39.83
N ILE E 1308 -97.42 -46.59 40.71
CA ILE E 1308 -97.09 -47.13 41.99
C ILE E 1308 -97.64 -48.54 42.04
N GLU E 1309 -97.23 -49.31 43.05
CA GLU E 1309 -97.58 -50.71 43.10
C GLU E 1309 -97.69 -51.14 44.56
N CYS E 1310 -98.78 -51.83 44.90
CA CYS E 1310 -98.99 -52.39 46.23
C CYS E 1310 -97.96 -53.46 46.58
N THR E 1425 -98.15 -40.10 54.93
CA THR E 1425 -97.36 -38.99 55.42
C THR E 1425 -96.80 -38.23 54.23
N TYR E 1426 -96.68 -38.92 53.10
CA TYR E 1426 -95.93 -38.45 51.94
C TYR E 1426 -96.87 -38.31 50.76
N TYR E 1427 -97.23 -37.07 50.43
CA TYR E 1427 -98.38 -36.81 49.57
C TYR E 1427 -98.01 -36.05 48.31
N TYR E 1428 -98.98 -36.03 47.41
CA TYR E 1428 -98.93 -35.43 46.09
C TYR E 1428 -100.16 -34.59 45.84
N SER E 1429 -99.98 -33.38 45.30
CA SER E 1429 -101.12 -32.48 45.16
C SER E 1429 -101.24 -31.93 43.74
N VAL E 1430 -102.41 -31.35 43.46
CA VAL E 1430 -102.75 -30.82 42.15
C VAL E 1430 -103.42 -29.46 42.34
N ARG E 1431 -103.64 -28.74 41.25
CA ARG E 1431 -104.27 -27.42 41.29
C ARG E 1431 -105.36 -27.32 40.22
N ILE E 1432 -106.49 -26.72 40.57
CA ILE E 1432 -107.59 -26.48 39.64
C ILE E 1432 -107.95 -25.01 39.67
N PHE E 1433 -108.03 -24.39 38.49
CA PHE E 1433 -108.64 -23.07 38.38
C PHE E 1433 -110.16 -23.11 38.20
N PRO E 1434 -110.73 -23.93 37.27
CA PRO E 1434 -112.20 -23.90 37.30
C PRO E 1434 -112.77 -24.90 38.30
N ASN E 1440 -116.36 -30.81 35.79
CA ASN E 1440 -115.58 -30.25 34.69
C ASN E 1440 -114.24 -30.94 34.62
N VAL E 1441 -113.78 -31.41 35.77
CA VAL E 1441 -112.47 -32.02 35.92
C VAL E 1441 -112.67 -33.42 36.47
N TRP E 1442 -111.91 -34.38 35.94
CA TRP E 1442 -111.94 -35.74 36.43
C TRP E 1442 -110.51 -36.17 36.69
N VAL E 1443 -110.12 -36.21 37.94
CA VAL E 1443 -108.74 -36.47 38.32
C VAL E 1443 -108.70 -37.59 39.32
N GLY E 1444 -107.80 -38.53 39.12
CA GLY E 1444 -107.77 -39.67 40.01
C GLY E 1444 -106.58 -40.58 39.81
N TRP E 1445 -106.85 -41.87 39.81
CA TRP E 1445 -105.78 -42.85 39.93
C TRP E 1445 -106.16 -44.09 39.15
N ILE E 1446 -105.47 -44.36 38.05
CA ILE E 1446 -105.86 -45.42 37.13
C ILE E 1446 -104.71 -46.40 36.97
N THR E 1447 -105.04 -47.69 36.98
CA THR E 1447 -104.09 -48.72 36.62
C THR E 1447 -103.73 -48.64 35.14
N SER E 1448 -102.72 -49.42 34.76
CA SER E 1448 -102.16 -49.33 33.42
C SER E 1448 -103.15 -49.76 32.35
N ASP E 1449 -103.78 -50.91 32.52
CA ASP E 1449 -104.65 -51.47 31.50
C ASP E 1449 -105.97 -50.71 31.47
N PHE E 1450 -106.00 -49.68 30.63
CA PHE E 1450 -107.22 -48.98 30.30
C PHE E 1450 -107.02 -48.33 28.95
N HIS E 1451 -108.02 -48.45 28.07
CA HIS E 1451 -107.94 -47.81 26.77
C HIS E 1451 -109.23 -47.19 26.30
N GLN E 1452 -110.29 -47.22 27.09
CA GLN E 1452 -111.59 -46.75 26.64
C GLN E 1452 -111.60 -45.22 26.62
N TYR E 1453 -111.06 -44.68 25.52
CA TYR E 1453 -110.99 -43.24 25.34
C TYR E 1453 -112.37 -42.72 24.97
N ASP E 1454 -113.16 -42.47 26.00
CA ASP E 1454 -114.53 -42.00 25.79
C ASP E 1454 -114.80 -40.78 26.66
N THR E 1455 -116.04 -40.32 26.69
CA THR E 1455 -116.43 -39.12 27.44
C THR E 1455 -117.55 -39.50 28.38
N ALA E 1456 -117.22 -40.01 29.56
CA ALA E 1456 -118.22 -40.45 30.52
C ALA E 1456 -117.60 -40.49 31.91
N PHE E 1457 -118.30 -41.12 32.83
CA PHE E 1457 -117.75 -41.43 34.14
C PHE E 1457 -118.26 -42.81 34.53
N ASP E 1458 -117.51 -43.84 34.13
CA ASP E 1458 -117.95 -45.22 34.27
C ASP E 1458 -116.71 -46.08 34.51
N LEU E 1459 -116.82 -47.37 34.28
CA LEU E 1459 -115.68 -48.28 34.44
C LEU E 1459 -114.61 -48.04 33.40
N VAL E 1465 -116.56 -53.17 38.24
CA VAL E 1465 -115.53 -54.15 38.58
C VAL E 1465 -115.59 -54.42 40.07
N THR E 1466 -116.53 -55.27 40.47
CA THR E 1466 -116.71 -55.68 41.87
C THR E 1466 -117.06 -57.17 41.85
N VAL E 1467 -116.05 -57.98 41.88
CA VAL E 1467 -116.20 -59.41 41.75
C VAL E 1467 -116.21 -60.01 43.14
N THR E 1468 -117.07 -60.99 43.34
CA THR E 1468 -117.17 -61.70 44.60
C THR E 1468 -116.50 -63.06 44.47
N LEU E 1469 -116.73 -63.91 45.45
CA LEU E 1469 -116.45 -65.34 45.36
C LEU E 1469 -117.59 -66.03 46.09
N GLY E 1470 -117.35 -67.28 46.41
CA GLY E 1470 -118.02 -67.92 47.52
C GLY E 1470 -117.00 -68.77 48.24
N ASP E 1471 -117.27 -69.04 49.50
CA ASP E 1471 -116.49 -70.01 50.28
C ASP E 1471 -117.23 -71.32 50.38
N GLU E 1472 -117.96 -71.65 49.30
CA GLU E 1472 -119.07 -72.59 49.15
C GLU E 1472 -120.32 -72.09 49.89
N LYS E 1473 -120.20 -70.98 50.61
CA LYS E 1473 -121.29 -70.22 51.21
C LYS E 1473 -121.17 -68.74 50.94
N GLY E 1474 -119.98 -68.24 50.63
CA GLY E 1474 -119.77 -66.81 50.49
C GLY E 1474 -119.13 -66.24 51.73
N LYS E 1475 -119.55 -65.03 52.10
CA LYS E 1475 -119.39 -64.41 53.41
C LYS E 1475 -117.97 -63.97 53.74
N VAL E 1476 -116.97 -64.28 52.91
CA VAL E 1476 -115.75 -63.48 52.95
C VAL E 1476 -115.54 -62.90 51.56
N HIS E 1477 -115.04 -63.70 50.62
CA HIS E 1477 -115.59 -63.97 49.29
C HIS E 1477 -116.36 -62.87 48.54
N GLU E 1478 -116.27 -61.61 48.93
CA GLU E 1478 -117.19 -60.69 48.28
C GLU E 1478 -116.49 -59.44 47.79
N SER E 1479 -115.74 -58.80 48.67
CA SER E 1479 -115.07 -57.55 48.35
C SER E 1479 -113.74 -57.95 47.75
N ILE E 1480 -113.70 -58.02 46.42
CA ILE E 1480 -112.43 -58.35 45.80
C ILE E 1480 -112.08 -57.24 44.82
N LYS E 1481 -112.90 -57.05 43.80
CA LYS E 1481 -112.52 -56.13 42.75
C LYS E 1481 -112.96 -54.72 43.11
N ARG E 1482 -112.04 -53.77 42.92
CA ARG E 1482 -112.28 -52.38 43.21
C ARG E 1482 -112.29 -51.54 41.94
N SER E 1483 -111.16 -51.48 41.23
CA SER E 1483 -110.93 -50.47 40.23
C SER E 1483 -111.13 -51.05 38.83
N ASN E 1484 -111.30 -50.15 37.89
CA ASN E 1484 -111.54 -50.52 36.51
C ASN E 1484 -110.25 -50.48 35.72
N TYR E 1486 -109.89 -46.13 36.24
CA TYR E 1486 -109.94 -47.20 37.22
C TYR E 1486 -110.42 -46.67 38.56
N MET E 1487 -109.84 -45.56 39.00
CA MET E 1487 -110.32 -44.91 40.22
C MET E 1487 -110.07 -43.41 40.09
N VAL E 1488 -111.08 -42.69 39.62
CA VAL E 1488 -110.98 -41.28 39.33
C VAL E 1488 -111.95 -40.52 40.22
N CYS E 1489 -111.52 -39.37 40.72
CA CYS E 1489 -112.40 -38.46 41.43
C CYS E 1489 -112.79 -37.31 40.49
N ALA E 1490 -113.72 -36.48 40.96
CA ALA E 1490 -114.15 -35.35 40.15
C ALA E 1490 -114.57 -34.17 41.03
N ASN E 1503 -109.61 -23.69 45.03
CA ASN E 1503 -108.88 -24.46 44.04
C ASN E 1503 -108.90 -25.93 44.39
N GLY E 1504 -109.06 -26.78 43.38
CA GLY E 1504 -109.08 -28.21 43.60
C GLY E 1504 -107.68 -28.72 43.92
N LEU E 1505 -107.49 -29.25 45.12
CA LEU E 1505 -106.18 -29.73 45.55
C LEU E 1505 -106.32 -31.17 46.02
N GLU E 1506 -105.87 -32.12 45.20
CA GLU E 1506 -105.92 -33.51 45.61
C GLU E 1506 -104.76 -33.83 46.55
N ILE E 1507 -104.77 -35.04 47.11
CA ILE E 1507 -103.71 -35.51 47.98
C ILE E 1507 -103.31 -36.92 47.55
N GLY E 1508 -102.10 -37.05 47.04
CA GLY E 1508 -101.58 -38.34 46.66
C GLY E 1508 -100.69 -38.97 47.72
N CYS E 1509 -101.26 -39.33 48.85
CA CYS E 1509 -100.44 -39.77 49.97
C CYS E 1509 -100.32 -41.27 50.03
N VAL E 1510 -99.07 -41.75 50.14
CA VAL E 1510 -98.78 -43.15 50.41
C VAL E 1510 -97.81 -43.20 51.58
N VAL E 1511 -98.11 -44.11 52.52
CA VAL E 1511 -97.25 -44.51 53.64
C VAL E 1511 -96.69 -43.37 54.48
N GLY E 1516 -99.72 -50.14 52.05
CA GLY E 1516 -99.52 -48.83 51.44
C GLY E 1516 -100.64 -47.91 51.83
N LEU E 1517 -100.69 -46.73 51.23
CA LEU E 1517 -101.76 -45.78 51.51
C LEU E 1517 -102.20 -45.08 50.23
N LEU E 1518 -103.46 -44.64 50.23
CA LEU E 1518 -104.04 -43.88 49.14
C LEU E 1518 -105.10 -42.96 49.74
N THR E 1519 -105.12 -41.72 49.27
CA THR E 1519 -105.93 -40.67 49.89
C THR E 1519 -106.86 -40.02 48.89
N PHE E 1520 -108.08 -39.74 49.36
CA PHE E 1520 -109.09 -39.01 48.61
C PHE E 1520 -109.39 -37.74 49.40
N THR E 1521 -108.65 -36.67 49.11
CA THR E 1521 -108.88 -35.42 49.78
C THR E 1521 -108.90 -34.31 48.73
N ALA E 1522 -109.77 -33.32 48.94
CA ALA E 1522 -109.95 -32.26 47.96
C ALA E 1522 -109.91 -30.93 48.71
N ASN E 1523 -108.76 -30.26 48.65
CA ASN E 1523 -108.51 -28.97 49.31
C ASN E 1523 -108.76 -29.08 50.81
N GLY E 1524 -108.24 -30.15 51.41
CA GLY E 1524 -108.46 -30.43 52.80
C GLY E 1524 -109.74 -31.19 53.09
N LYS E 1525 -110.62 -31.32 52.12
CA LYS E 1525 -111.93 -31.93 52.33
C LYS E 1525 -111.94 -33.33 51.74
N ASP E 1526 -112.57 -34.26 52.45
CA ASP E 1526 -112.39 -35.66 52.16
C ASP E 1526 -113.53 -36.21 51.32
N LEU E 1527 -113.29 -37.40 50.77
CA LEU E 1527 -114.21 -38.07 49.84
C LEU E 1527 -114.46 -39.51 50.28
N SER E 1528 -115.04 -40.30 49.39
CA SER E 1528 -115.55 -41.62 49.73
C SER E 1528 -114.50 -42.70 49.50
N THR E 1529 -114.11 -43.37 50.60
CA THR E 1529 -113.36 -44.63 50.58
C THR E 1529 -112.00 -44.50 49.86
N TYR E 1530 -111.10 -43.77 50.49
CA TYR E 1530 -109.73 -43.61 50.01
C TYR E 1530 -109.03 -44.96 50.04
N TYR E 1531 -108.84 -45.55 48.85
CA TYR E 1531 -108.55 -46.97 48.71
C TYR E 1531 -107.09 -47.27 49.06
N GLN E 1532 -106.80 -47.18 50.34
CA GLN E 1532 -105.44 -47.34 50.85
C GLN E 1532 -105.01 -48.80 51.00
N VAL E 1533 -105.74 -49.76 50.44
CA VAL E 1533 -105.42 -51.16 50.63
C VAL E 1533 -105.86 -51.97 49.41
N GLU E 1534 -104.91 -52.61 48.76
CA GLU E 1534 -105.15 -53.51 47.65
C GLU E 1534 -103.96 -54.46 47.66
N PRO E 1535 -104.11 -55.72 47.24
CA PRO E 1535 -103.01 -56.68 47.44
C PRO E 1535 -101.73 -56.39 46.65
N SER E 1536 -101.82 -56.39 45.32
CA SER E 1536 -100.64 -56.22 44.48
C SER E 1536 -101.00 -55.43 43.21
N THR E 1537 -101.71 -54.33 43.38
CA THR E 1537 -102.24 -53.62 42.22
C THR E 1537 -101.33 -52.45 41.83
N LYS E 1538 -101.49 -51.98 40.59
CA LYS E 1538 -100.68 -50.89 40.08
C LYS E 1538 -101.52 -49.67 39.76
N LEU E 1539 -100.87 -48.50 39.69
CA LEU E 1539 -101.62 -47.25 39.75
C LEU E 1539 -100.82 -46.06 39.26
N PHE E 1540 -101.29 -45.42 38.19
CA PHE E 1540 -100.90 -44.12 37.68
C PHE E 1540 -101.85 -43.05 38.17
N PRO E 1541 -101.38 -41.81 38.36
CA PRO E 1541 -102.29 -40.70 38.66
C PRO E 1541 -102.97 -40.20 37.39
N ALA E 1542 -104.26 -39.92 37.49
CA ALA E 1542 -105.07 -39.56 36.33
C ALA E 1542 -105.44 -38.08 36.34
N VAL E 1543 -105.38 -37.46 35.17
CA VAL E 1543 -105.97 -36.14 34.93
C VAL E 1543 -106.75 -36.25 33.64
N PHE E 1544 -108.06 -36.27 33.74
CA PHE E 1544 -108.92 -36.33 32.57
C PHE E 1544 -109.65 -35.00 32.56
N ALA E 1545 -109.40 -34.19 31.54
CA ALA E 1545 -109.67 -32.76 31.67
C ALA E 1545 -110.34 -32.17 30.44
N GLN E 1546 -111.07 -31.09 30.68
CA GLN E 1546 -111.42 -30.10 29.69
C GLN E 1546 -110.37 -29.00 29.69
N ALA E 1547 -110.25 -28.28 28.59
CA ALA E 1547 -109.29 -27.19 28.50
C ALA E 1547 -109.98 -25.83 28.66
N THR E 1548 -110.50 -25.59 29.85
CA THR E 1548 -111.09 -24.28 30.11
C THR E 1548 -110.02 -23.26 30.41
N SER E 1549 -109.33 -23.43 31.50
CA SER E 1549 -108.32 -22.51 31.97
C SER E 1549 -106.94 -23.00 31.56
N PRO E 1550 -106.08 -22.14 31.05
CA PRO E 1550 -104.72 -22.55 30.73
C PRO E 1550 -103.84 -22.57 31.97
N ASN E 1551 -102.77 -23.39 31.88
CA ASN E 1551 -101.76 -23.54 32.94
C ASN E 1551 -102.41 -23.96 34.26
N VAL E 1552 -103.41 -24.81 34.14
CA VAL E 1552 -104.38 -24.97 35.21
C VAL E 1552 -103.87 -25.89 36.31
N PHE E 1553 -103.12 -26.94 35.94
CA PHE E 1553 -102.75 -27.95 36.90
C PHE E 1553 -101.30 -27.79 37.32
N GLN E 1554 -101.05 -27.89 38.63
CA GLN E 1554 -99.76 -27.60 39.25
C GLN E 1554 -99.51 -28.61 40.35
N PHE E 1555 -98.29 -29.14 40.44
CA PHE E 1555 -98.12 -30.42 41.12
C PHE E 1555 -97.11 -30.49 42.26
N GLU E 1556 -96.90 -31.70 42.75
CA GLU E 1556 -95.81 -31.98 43.68
C GLU E 1556 -94.93 -33.09 43.16
N ALA E 1568 -97.55 -35.62 56.27
CA ALA E 1568 -96.75 -34.46 56.60
C ALA E 1568 -95.73 -34.17 55.50
N GLY E 1569 -94.93 -35.17 55.15
CA GLY E 1569 -93.90 -35.02 54.14
C GLY E 1569 -94.45 -35.08 52.73
N LEU E 1570 -93.55 -35.26 51.78
CA LEU E 1570 -93.94 -35.27 50.37
C LEU E 1570 -93.62 -36.61 49.73
N PHE E 1571 -94.32 -36.89 48.63
CA PHE E 1571 -94.53 -38.24 48.14
C PHE E 1571 -93.25 -38.91 47.64
N LYS E 1572 -92.33 -38.13 47.05
CA LYS E 1572 -91.15 -38.73 46.44
C LYS E 1572 -90.25 -39.41 47.45
N SER E 1573 -90.33 -39.01 48.72
CA SER E 1573 -89.72 -39.78 49.81
C SER E 1573 -90.27 -41.19 49.85
N GLU E 1574 -91.56 -41.34 49.59
CA GLU E 1574 -92.14 -42.67 49.53
C GLU E 1574 -91.90 -43.33 48.18
N HIS E 1575 -91.57 -42.54 47.15
CA HIS E 1575 -91.71 -43.05 45.78
C HIS E 1575 -90.56 -43.94 45.33
N LYS E 1576 -89.37 -43.37 45.16
CA LYS E 1576 -88.44 -44.03 44.28
C LYS E 1576 -87.63 -45.09 45.00
N ASN E 1577 -86.59 -45.56 44.34
CA ASN E 1577 -85.70 -46.53 44.98
C ASN E 1577 -84.90 -45.93 46.13
N PRO E 1578 -84.32 -44.72 46.05
CA PRO E 1578 -83.86 -44.10 47.29
C PRO E 1578 -85.05 -43.56 48.09
N VAL E 1579 -85.12 -43.93 49.35
CA VAL E 1579 -86.24 -43.46 50.17
C VAL E 1579 -85.89 -42.80 51.51
N PRO E 1580 -84.83 -41.99 51.67
CA PRO E 1580 -84.98 -40.84 52.57
C PRO E 1580 -85.81 -39.76 51.91
N GLN E 1581 -85.20 -39.19 50.86
CA GLN E 1581 -85.76 -38.43 49.74
C GLN E 1581 -86.90 -37.49 50.09
N CYS E 1582 -86.84 -36.86 51.27
CA CYS E 1582 -87.98 -36.09 51.77
C CYS E 1582 -88.45 -34.93 50.88
N PRO E 1583 -87.60 -34.17 50.19
CA PRO E 1583 -88.13 -33.23 49.21
C PRO E 1583 -88.55 -33.96 47.94
N PRO E 1584 -89.50 -33.42 47.19
CA PRO E 1584 -89.86 -34.04 45.90
C PRO E 1584 -88.75 -33.78 44.88
N ARG E 1585 -88.11 -34.85 44.44
CA ARG E 1585 -87.01 -34.77 43.50
C ARG E 1585 -87.41 -35.50 42.22
N LEU E 1586 -87.23 -34.83 41.09
CA LEU E 1586 -87.77 -35.31 39.84
C LEU E 1586 -86.65 -35.85 38.97
N HIS E 1587 -86.77 -37.10 38.57
CA HIS E 1587 -85.90 -37.59 37.51
C HIS E 1587 -86.22 -36.88 36.22
N VAL E 1588 -85.26 -36.93 35.32
CA VAL E 1588 -85.54 -36.68 33.93
C VAL E 1588 -86.45 -37.78 33.40
N GLN E 1589 -86.31 -38.98 33.98
CA GLN E 1589 -87.09 -40.15 33.60
C GLN E 1589 -88.59 -39.96 33.80
N PHE E 1590 -89.02 -39.05 34.67
CA PHE E 1590 -90.45 -38.78 34.76
C PHE E 1590 -90.92 -38.06 33.53
N LEU E 1591 -92.21 -38.22 33.22
CA LEU E 1591 -92.71 -37.87 31.90
C LEU E 1591 -94.09 -37.26 32.04
N SER E 1592 -94.78 -37.15 30.91
CA SER E 1592 -95.91 -36.24 30.74
C SER E 1592 -97.05 -36.91 29.99
N HIS E 1593 -97.48 -38.06 30.48
CA HIS E 1593 -98.17 -39.01 29.62
C HIS E 1593 -99.59 -38.62 29.26
N VAL E 1594 -99.90 -38.74 27.97
CA VAL E 1594 -101.19 -38.37 27.41
C VAL E 1594 -101.73 -39.56 26.65
N LEU E 1595 -102.98 -39.92 26.92
CA LEU E 1595 -103.66 -40.98 26.18
C LEU E 1595 -103.80 -40.63 24.71
N TRP E 1596 -103.29 -41.49 23.84
CA TRP E 1596 -103.12 -41.16 22.44
C TRP E 1596 -103.32 -42.38 21.58
N SER E 1597 -103.94 -42.15 20.43
CA SER E 1597 -104.82 -43.16 19.85
C SER E 1597 -104.06 -44.24 19.09
N ARG E 1598 -103.46 -43.92 17.94
CA ARG E 1598 -103.19 -44.96 16.95
C ARG E 1598 -101.74 -45.02 16.51
N MET E 1599 -101.22 -46.24 16.52
CA MET E 1599 -99.84 -46.60 16.23
C MET E 1599 -99.87 -47.67 15.15
N PRO E 1600 -98.72 -47.98 14.55
CA PRO E 1600 -98.66 -49.18 13.71
C PRO E 1600 -98.83 -50.44 14.54
N ASN E 1601 -99.22 -51.50 13.87
CA ASN E 1601 -99.18 -52.84 14.44
C ASN E 1601 -98.67 -53.78 13.38
N GLN E 1602 -98.17 -54.91 13.82
CA GLN E 1602 -97.49 -55.80 12.90
C GLN E 1602 -98.52 -56.69 12.21
N PHE E 1603 -98.01 -57.73 11.59
CA PHE E 1603 -98.76 -58.64 10.78
C PHE E 1603 -99.43 -59.72 11.58
N LEU E 1604 -98.80 -60.14 12.69
CA LEU E 1604 -99.28 -61.22 13.57
C LEU E 1604 -99.43 -62.51 12.75
N LYS E 1605 -98.26 -63.04 12.39
CA LYS E 1605 -98.06 -63.84 11.19
C LYS E 1605 -98.83 -65.14 11.03
N VAL E 1606 -98.54 -66.17 11.81
CA VAL E 1606 -99.07 -67.50 11.56
C VAL E 1606 -99.91 -67.92 12.74
N ASP E 1607 -101.19 -68.22 12.50
CA ASP E 1607 -102.13 -68.20 13.61
C ASP E 1607 -102.85 -69.50 13.89
N VAL E 1608 -103.52 -70.10 12.89
CA VAL E 1608 -104.69 -70.94 13.13
C VAL E 1608 -104.61 -72.25 12.36
N SER E 1609 -104.91 -73.36 13.04
CA SER E 1609 -105.22 -74.66 12.48
C SER E 1609 -106.54 -75.19 13.02
N ARG E 1610 -107.59 -74.37 13.00
CA ARG E 1610 -108.84 -74.75 13.65
C ARG E 1610 -109.64 -75.69 12.76
N ILE E 1611 -110.20 -76.73 13.37
CA ILE E 1611 -111.17 -77.60 12.74
C ILE E 1611 -112.41 -77.57 13.62
N SER E 1612 -113.58 -77.87 13.05
CA SER E 1612 -114.78 -77.97 13.87
C SER E 1612 -115.83 -78.86 13.22
N GLU E 1613 -116.76 -79.32 14.05
CA GLU E 1613 -117.89 -80.17 13.68
C GLU E 1613 -119.16 -79.33 13.69
N ARG E 1614 -120.29 -79.98 13.35
CA ARG E 1614 -121.61 -79.40 13.53
C ARG E 1614 -122.54 -80.31 14.32
N GLN E 1615 -122.05 -81.43 14.86
CA GLN E 1615 -122.84 -82.22 15.80
C GLN E 1615 -121.98 -82.52 17.02
N GLY E 1616 -121.83 -81.53 17.89
CA GLY E 1616 -120.80 -81.51 18.91
C GLY E 1616 -119.83 -80.35 18.75
N TRP E 1617 -119.62 -79.90 17.50
CA TRP E 1617 -118.91 -78.65 17.18
C TRP E 1617 -117.49 -78.62 17.73
N LEU E 1618 -116.66 -79.52 17.21
CA LEU E 1618 -115.39 -79.83 17.86
C LEU E 1618 -114.32 -78.85 17.40
N VAL E 1619 -114.38 -77.65 17.96
CA VAL E 1619 -113.41 -76.61 17.65
C VAL E 1619 -112.03 -77.02 18.16
N GLN E 1620 -111.06 -77.07 17.24
CA GLN E 1620 -109.73 -77.56 17.61
C GLN E 1620 -108.66 -76.97 16.69
N CYS E 1621 -107.86 -76.06 17.23
CA CYS E 1621 -106.53 -75.83 16.71
C CYS E 1621 -105.56 -76.84 17.33
N LEU E 1622 -104.38 -76.95 16.73
CA LEU E 1622 -103.36 -77.86 17.22
C LEU E 1622 -101.99 -77.23 17.38
N GLU E 1623 -101.74 -76.10 16.73
CA GLU E 1623 -100.41 -75.55 16.49
C GLU E 1623 -99.66 -75.18 17.76
N PRO E 1624 -98.54 -75.82 18.06
CA PRO E 1624 -97.66 -75.30 19.12
C PRO E 1624 -96.82 -74.16 18.57
N LEU E 1625 -97.14 -72.94 18.98
CA LEU E 1625 -96.55 -71.75 18.41
C LEU E 1625 -96.26 -70.75 19.51
N GLN E 1626 -95.26 -69.91 19.31
CA GLN E 1626 -94.80 -69.03 20.37
C GLN E 1626 -94.81 -67.57 19.91
N PHE E 1627 -95.62 -66.75 20.59
CA PHE E 1627 -95.42 -65.31 20.49
C PHE E 1627 -94.05 -64.97 21.02
N MET E 1628 -93.43 -64.00 20.41
CA MET E 1628 -92.14 -63.53 20.88
C MET E 1628 -92.27 -62.07 21.25
N SER E 1629 -92.12 -61.76 22.53
CA SER E 1629 -92.35 -60.42 22.98
C SER E 1629 -91.45 -60.10 24.15
N LEU E 1630 -91.68 -58.94 24.72
CA LEU E 1630 -90.96 -58.49 25.89
C LEU E 1630 -91.86 -57.48 26.58
N HIS E 1631 -91.36 -56.92 27.67
CA HIS E 1631 -92.08 -55.80 28.23
C HIS E 1631 -91.07 -54.86 28.83
N ILE E 1632 -91.38 -53.59 28.75
CA ILE E 1632 -90.84 -52.64 29.73
C ILE E 1632 -91.47 -52.97 31.08
N PRO E 1633 -90.72 -53.04 32.13
CA PRO E 1633 -91.34 -53.30 33.42
C PRO E 1633 -91.89 -52.03 34.02
N GLU E 1634 -91.18 -50.93 33.77
CA GLU E 1634 -91.40 -49.71 34.50
C GLU E 1634 -92.69 -49.00 34.09
N GLU E 1635 -93.12 -49.20 32.86
CA GLU E 1635 -94.33 -48.58 32.35
C GLU E 1635 -95.17 -49.63 31.67
N ASN E 1636 -95.39 -50.74 32.40
CA ASN E 1636 -95.53 -52.09 31.87
C ASN E 1636 -96.45 -52.27 30.68
N ARG E 1637 -95.86 -52.66 29.56
CA ARG E 1637 -96.55 -52.82 28.30
C ARG E 1637 -95.89 -53.96 27.55
N SER E 1638 -96.70 -54.92 27.10
CA SER E 1638 -96.20 -56.01 26.28
C SER E 1638 -96.08 -55.53 24.86
N VAL E 1639 -94.85 -55.34 24.42
CA VAL E 1639 -94.58 -55.06 23.02
C VAL E 1639 -93.90 -56.31 22.48
N ASP E 1640 -94.18 -56.62 21.21
CA ASP E 1640 -93.58 -57.79 20.60
C ASP E 1640 -92.08 -57.64 20.49
N ILE E 1641 -91.44 -58.75 20.17
CA ILE E 1641 -90.04 -58.65 19.82
C ILE E 1641 -89.91 -58.03 18.43
N LEU E 1642 -90.78 -58.40 17.52
CA LEU E 1642 -90.44 -58.28 16.12
C LEU E 1642 -90.59 -56.86 15.59
N GLU E 1643 -91.67 -56.17 15.95
CA GLU E 1643 -91.88 -54.82 15.44
C GLU E 1643 -91.25 -53.79 16.36
N LEU E 1644 -90.20 -54.17 17.07
CA LEU E 1644 -89.33 -53.24 17.77
C LEU E 1644 -88.58 -52.35 16.80
N THR E 1645 -88.54 -52.70 15.52
CA THR E 1645 -87.95 -51.93 14.43
C THR E 1645 -88.47 -50.50 14.30
N GLU E 1646 -89.48 -50.11 15.08
CA GLU E 1646 -89.86 -48.73 15.19
C GLU E 1646 -89.42 -48.09 16.50
N GLN E 1647 -89.07 -48.87 17.52
CA GLN E 1647 -88.42 -48.32 18.69
C GLN E 1647 -86.93 -48.58 18.59
N GLU E 1648 -86.37 -47.97 17.56
CA GLU E 1648 -84.99 -48.22 17.18
C GLU E 1648 -84.02 -47.67 18.20
N GLU E 1649 -84.40 -46.57 18.85
CA GLU E 1649 -83.68 -46.11 20.02
C GLU E 1649 -83.71 -47.18 21.09
N LEU E 1650 -84.84 -47.85 21.25
CA LEU E 1650 -84.99 -48.82 22.29
C LEU E 1650 -84.37 -50.13 21.87
N LEU E 1651 -84.48 -50.42 20.58
CA LEU E 1651 -83.76 -51.52 19.96
C LEU E 1651 -82.27 -51.40 20.21
N LYS E 1652 -81.74 -50.21 19.93
CA LYS E 1652 -80.32 -49.94 20.11
C LYS E 1652 -79.93 -50.05 21.57
N PHE E 1653 -80.79 -49.52 22.43
CA PHE E 1653 -80.59 -49.58 23.86
C PHE E 1653 -80.49 -51.02 24.32
N HIS E 1654 -81.42 -51.83 23.86
CA HIS E 1654 -81.41 -53.24 24.21
C HIS E 1654 -80.24 -53.95 23.57
N TYR E 1655 -79.82 -53.49 22.42
CA TYR E 1655 -78.65 -54.06 21.78
C TYR E 1655 -77.42 -53.76 22.60
N HIS E 1656 -77.39 -52.61 23.22
CA HIS E 1656 -76.30 -52.31 24.11
C HIS E 1656 -76.42 -53.07 25.41
N THR E 1657 -77.65 -53.43 25.81
CA THR E 1657 -77.77 -54.33 26.94
C THR E 1657 -77.17 -55.67 26.60
N LEU E 1658 -77.41 -56.13 25.38
CA LEU E 1658 -76.82 -57.36 24.89
C LEU E 1658 -75.30 -57.26 24.92
N ARG E 1659 -74.80 -56.11 24.48
CA ARG E 1659 -73.38 -55.82 24.56
C ARG E 1659 -72.88 -55.93 25.97
N LEU E 1660 -73.67 -55.45 26.91
CA LEU E 1660 -73.25 -55.49 28.30
C LEU E 1660 -73.27 -56.90 28.84
N TYR E 1661 -74.23 -57.70 28.39
CA TYR E 1661 -74.31 -59.08 28.85
C TYR E 1661 -73.12 -59.87 28.40
N SER E 1662 -72.76 -59.67 27.14
CA SER E 1662 -71.53 -60.26 26.63
C SER E 1662 -70.33 -59.68 27.36
N ALA E 1663 -70.43 -58.42 27.73
CA ALA E 1663 -69.29 -57.71 28.28
C ALA E 1663 -68.98 -58.20 29.69
N VAL E 1664 -69.99 -58.53 30.47
CA VAL E 1664 -69.69 -58.99 31.81
C VAL E 1664 -69.22 -60.42 31.79
N CYS E 1665 -69.92 -61.29 31.09
CA CYS E 1665 -69.49 -62.68 31.02
C CYS E 1665 -68.41 -62.72 29.96
N ALA E 1666 -67.19 -62.45 30.40
CA ALA E 1666 -66.06 -62.34 29.52
C ALA E 1666 -64.86 -63.00 30.19
N LEU E 1667 -64.32 -64.01 29.51
CA LEU E 1667 -63.08 -64.68 29.89
C LEU E 1667 -63.23 -65.36 31.25
N GLY E 1668 -64.24 -66.19 31.36
CA GLY E 1668 -64.42 -66.95 32.58
C GLY E 1668 -65.30 -66.15 33.50
N ASN E 1669 -66.56 -66.53 33.57
CA ASN E 1669 -67.50 -65.89 34.48
C ASN E 1669 -68.43 -66.94 35.03
N HIS E 1670 -67.83 -68.04 35.46
CA HIS E 1670 -68.59 -69.24 35.80
C HIS E 1670 -69.52 -69.04 36.98
N ARG E 1671 -69.29 -68.02 37.77
CA ARG E 1671 -70.36 -67.49 38.58
C ARG E 1671 -71.40 -66.82 37.71
N VAL E 1672 -70.98 -65.82 36.94
CA VAL E 1672 -71.91 -64.90 36.31
C VAL E 1672 -72.58 -65.58 35.14
N ALA E 1673 -71.91 -66.54 34.53
CA ALA E 1673 -72.49 -67.28 33.42
C ALA E 1673 -73.71 -68.04 33.88
N HIS E 1674 -73.56 -68.85 34.92
CA HIS E 1674 -74.68 -69.56 35.48
C HIS E 1674 -75.67 -68.63 36.14
N ALA E 1675 -75.22 -67.43 36.52
CA ALA E 1675 -76.17 -66.43 36.96
C ALA E 1675 -77.08 -65.98 35.83
N LEU E 1676 -76.54 -65.86 34.62
CA LEU E 1676 -77.36 -65.27 33.58
C LEU E 1676 -78.45 -66.17 33.05
N CYS E 1677 -78.37 -67.47 33.29
CA CYS E 1677 -79.30 -68.41 32.69
C CYS E 1677 -80.74 -68.19 33.12
N SER E 1678 -80.95 -67.54 34.26
CA SER E 1678 -82.29 -67.10 34.62
C SER E 1678 -82.80 -66.05 33.66
N HIS E 1679 -81.92 -65.19 33.18
CA HIS E 1679 -82.39 -64.08 32.36
C HIS E 1679 -82.40 -64.42 30.90
N VAL E 1680 -81.49 -65.26 30.47
CA VAL E 1680 -81.25 -65.34 29.04
C VAL E 1680 -82.23 -66.27 28.33
N ASP E 1681 -82.79 -67.27 29.04
CA ASP E 1681 -83.80 -68.17 28.51
C ASP E 1681 -83.32 -68.88 27.24
N GLU E 1682 -82.42 -69.83 27.48
CA GLU E 1682 -81.79 -70.66 26.43
C GLU E 1682 -82.69 -71.08 25.26
N PRO E 1683 -83.87 -71.69 25.45
CA PRO E 1683 -84.63 -72.05 24.25
C PRO E 1683 -85.25 -70.86 23.57
N GLN E 1684 -85.50 -69.79 24.31
CA GLN E 1684 -85.87 -68.53 23.68
C GLN E 1684 -84.73 -67.98 22.87
N LEU E 1685 -83.49 -68.25 23.28
CA LEU E 1685 -82.37 -67.86 22.44
C LEU E 1685 -82.33 -68.71 21.18
N LEU E 1686 -82.69 -69.98 21.29
CA LEU E 1686 -82.79 -70.81 20.10
C LEU E 1686 -83.85 -70.27 19.17
N TYR E 1687 -84.98 -69.87 19.74
CA TYR E 1687 -86.05 -69.21 19.02
C TYR E 1687 -85.55 -67.94 18.34
N ALA E 1688 -84.66 -67.23 19.02
CA ALA E 1688 -84.07 -66.03 18.45
C ALA E 1688 -83.19 -66.37 17.26
N ILE E 1689 -82.55 -67.52 17.31
CA ILE E 1689 -81.80 -67.95 16.14
C ILE E 1689 -82.74 -68.27 15.00
N GLU E 1690 -83.88 -68.88 15.33
CA GLU E 1690 -84.80 -69.31 14.29
C GLU E 1690 -85.50 -68.15 13.62
N ASN E 1691 -85.79 -67.10 14.38
CA ASN E 1691 -86.71 -66.06 13.94
C ASN E 1691 -86.06 -65.24 12.84
N LYS E 1692 -86.39 -65.57 11.60
CA LYS E 1692 -85.71 -65.00 10.46
C LYS E 1692 -86.20 -63.61 10.12
N TYR E 1693 -86.89 -62.94 11.03
CA TYR E 1693 -87.32 -61.57 10.80
C TYR E 1693 -86.87 -60.65 11.91
N MET E 1694 -86.03 -61.12 12.80
CA MET E 1694 -85.51 -60.26 13.85
C MET E 1694 -84.56 -59.25 13.26
N PRO E 1695 -84.47 -58.05 13.85
CA PRO E 1695 -83.44 -57.10 13.44
C PRO E 1695 -82.04 -57.64 13.65
N GLY E 1696 -81.16 -57.28 12.72
CA GLY E 1696 -79.89 -57.96 12.60
C GLY E 1696 -78.96 -57.69 13.76
N LEU E 1697 -79.13 -56.56 14.44
CA LEU E 1697 -78.33 -56.30 15.62
C LEU E 1697 -78.70 -57.27 16.72
N LEU E 1698 -79.99 -57.52 16.88
CA LEU E 1698 -80.45 -58.51 17.84
C LEU E 1698 -79.95 -59.87 17.46
N ARG E 1699 -79.96 -60.17 16.17
CA ARG E 1699 -79.46 -61.43 15.66
C ARG E 1699 -78.00 -61.60 16.00
N ALA E 1700 -77.22 -60.54 15.80
CA ALA E 1700 -75.78 -60.60 16.04
C ALA E 1700 -75.49 -60.79 17.50
N GLY E 1701 -76.10 -59.97 18.35
CA GLY E 1701 -75.83 -60.05 19.77
C GLY E 1701 -76.29 -61.36 20.36
N TYR E 1702 -77.45 -61.83 19.91
CA TYR E 1702 -77.96 -63.10 20.39
C TYR E 1702 -77.08 -64.24 19.95
N TYR E 1703 -76.51 -64.15 18.75
CA TYR E 1703 -75.64 -65.21 18.30
C TYR E 1703 -74.33 -65.19 19.08
N ASP E 1704 -73.92 -64.00 19.54
CA ASP E 1704 -72.76 -63.94 20.42
C ASP E 1704 -73.04 -64.63 21.73
N LEU E 1705 -74.24 -64.38 22.26
CA LEU E 1705 -74.44 -64.58 23.68
C LEU E 1705 -74.41 -66.04 24.07
N LEU E 1706 -74.77 -66.92 23.17
CA LEU E 1706 -74.72 -68.33 23.49
C LEU E 1706 -73.29 -68.83 23.54
N ILE E 1707 -72.41 -68.24 22.72
CA ILE E 1707 -71.00 -68.53 22.84
C ILE E 1707 -70.51 -68.03 24.16
N ASP E 1708 -70.95 -66.83 24.51
CA ASP E 1708 -70.59 -66.21 25.76
C ASP E 1708 -71.12 -66.98 26.96
N ILE E 1709 -72.18 -67.74 26.76
CA ILE E 1709 -72.69 -68.53 27.85
C ILE E 1709 -71.93 -69.84 27.96
N HIS E 1710 -71.90 -70.61 26.89
CA HIS E 1710 -71.40 -71.95 27.05
C HIS E 1710 -69.99 -72.12 26.51
N LEU E 1711 -69.72 -71.54 25.36
CA LEU E 1711 -68.74 -72.12 24.46
C LEU E 1711 -67.35 -71.55 24.62
N SER E 1712 -67.26 -70.27 24.99
CA SER E 1712 -66.04 -69.50 24.81
C SER E 1712 -64.91 -70.02 25.66
N SER E 1713 -65.22 -70.60 26.81
CA SER E 1713 -64.23 -71.19 27.68
C SER E 1713 -63.49 -72.32 26.99
N TYR E 1714 -64.24 -73.34 26.56
CA TYR E 1714 -63.63 -74.48 25.90
C TYR E 1714 -63.04 -74.09 24.56
N ALA E 1715 -63.62 -73.07 23.93
CA ALA E 1715 -63.07 -72.53 22.70
C ALA E 1715 -61.66 -72.02 22.92
N THR E 1716 -61.51 -71.18 23.94
CA THR E 1716 -60.21 -70.68 24.32
C THR E 1716 -59.29 -71.80 24.79
N ALA E 1717 -59.87 -72.84 25.37
CA ALA E 1717 -59.08 -73.97 25.83
C ALA E 1717 -58.40 -74.65 24.65
N ARG E 1718 -59.18 -74.98 23.63
CA ARG E 1718 -58.59 -75.54 22.43
C ARG E 1718 -57.70 -74.54 21.73
N LEU E 1719 -58.00 -73.24 21.87
CA LEU E 1719 -57.17 -72.21 21.29
C LEU E 1719 -55.77 -72.23 21.87
N MET E 1720 -55.69 -72.42 23.18
CA MET E 1720 -54.39 -72.63 23.79
C MET E 1720 -53.79 -73.94 23.33
N MET E 1721 -54.61 -74.95 23.16
CA MET E 1721 -54.07 -76.26 22.81
C MET E 1721 -53.76 -76.42 21.34
N ASN E 1722 -53.89 -75.35 20.57
CA ASN E 1722 -53.66 -75.38 19.13
C ASN E 1722 -52.28 -75.90 18.75
N ASN E 1723 -51.24 -75.51 19.46
CA ASN E 1723 -49.90 -75.57 18.90
C ASN E 1723 -48.99 -76.46 19.72
N GLU E 1724 -49.53 -77.53 20.27
CA GLU E 1724 -48.82 -78.22 21.34
C GLU E 1724 -48.42 -79.62 20.96
N PHE E 1725 -49.38 -80.44 20.54
CA PHE E 1725 -49.15 -81.75 19.90
C PHE E 1725 -48.40 -82.70 20.81
N ILE E 1726 -48.95 -82.97 21.97
CA ILE E 1726 -48.42 -84.02 22.82
C ILE E 1726 -49.15 -85.31 22.47
N VAL E 1727 -48.40 -86.31 22.04
CA VAL E 1727 -49.02 -87.50 21.50
C VAL E 1727 -48.61 -88.70 22.33
N PRO E 1728 -49.54 -89.59 22.66
CA PRO E 1728 -49.16 -90.90 23.17
C PRO E 1728 -48.58 -91.76 22.07
N MET E 1729 -48.03 -92.89 22.50
CA MET E 1729 -47.39 -93.83 21.58
C MET E 1729 -48.17 -95.13 21.52
N THR E 1730 -49.49 -95.06 21.43
CA THR E 1730 -50.22 -96.30 21.40
C THR E 1730 -50.18 -96.91 20.01
N GLU E 1731 -50.68 -98.13 19.93
CA GLU E 1731 -50.79 -98.80 18.65
C GLU E 1731 -51.83 -98.13 17.79
N GLU E 1732 -52.87 -97.60 18.42
CA GLU E 1732 -53.83 -96.80 17.70
C GLU E 1732 -53.17 -95.53 17.17
N THR E 1733 -52.33 -94.91 18.00
CA THR E 1733 -51.49 -93.84 17.48
C THR E 1733 -50.51 -94.36 16.45
N LYS E 1734 -50.07 -95.60 16.60
CA LYS E 1734 -49.16 -96.17 15.62
C LYS E 1734 -49.88 -96.55 14.34
N SER E 1735 -51.20 -96.64 14.36
CA SER E 1735 -51.95 -97.12 13.21
C SER E 1735 -52.33 -96.01 12.24
N ILE E 1736 -51.52 -94.96 12.15
CA ILE E 1736 -51.90 -93.76 11.41
C ILE E 1736 -51.07 -93.67 10.15
N THR E 1737 -51.72 -93.39 9.05
CA THR E 1737 -51.10 -93.37 7.74
C THR E 1737 -51.22 -91.99 7.12
N LEU E 1738 -50.80 -91.91 5.87
CA LEU E 1738 -51.19 -90.85 4.97
C LEU E 1738 -52.46 -91.27 4.25
N PHE E 1739 -53.18 -90.27 3.72
CA PHE E 1739 -54.03 -90.41 2.56
C PHE E 1739 -53.37 -91.32 1.52
N PRO E 1740 -53.89 -92.53 1.33
CA PRO E 1740 -53.31 -93.43 0.35
C PRO E 1740 -53.70 -93.01 -1.06
N ASP E 1741 -53.01 -93.60 -2.03
CA ASP E 1741 -53.22 -93.23 -3.42
C ASP E 1741 -53.50 -94.46 -4.25
N GLY E 1747 -55.82 -85.41 -0.52
CA GLY E 1747 -56.24 -85.88 0.79
C GLY E 1747 -57.59 -85.33 1.23
N LEU E 1748 -57.85 -85.42 2.53
CA LEU E 1748 -59.09 -84.95 3.11
C LEU E 1748 -58.91 -84.61 4.59
N PRO E 1749 -59.29 -83.42 5.02
CA PRO E 1749 -59.14 -83.08 6.45
C PRO E 1749 -60.11 -83.82 7.35
N GLY E 1750 -61.20 -84.37 6.82
CA GLY E 1750 -62.21 -84.98 7.66
C GLY E 1750 -61.88 -86.40 8.07
N ILE E 1751 -60.98 -86.55 9.03
CA ILE E 1751 -60.53 -87.85 9.51
C ILE E 1751 -60.77 -87.94 11.01
N GLY E 1752 -61.28 -89.09 11.45
CA GLY E 1752 -61.37 -89.36 12.87
C GLY E 1752 -60.14 -90.03 13.45
N LEU E 1753 -59.25 -89.21 13.99
CA LEU E 1753 -57.90 -89.57 14.45
C LEU E 1753 -57.46 -88.47 15.42
N SER E 1754 -56.15 -88.22 15.45
CA SER E 1754 -55.51 -87.10 16.15
C SER E 1754 -55.70 -87.22 17.67
N THR E 1755 -55.02 -88.23 18.17
CA THR E 1755 -54.97 -88.65 19.57
C THR E 1755 -54.38 -87.61 20.51
N SER E 1756 -53.70 -86.57 20.00
CA SER E 1756 -53.28 -85.48 20.87
C SER E 1756 -54.49 -84.76 21.41
N LEU E 1757 -54.35 -84.18 22.60
CA LEU E 1757 -55.43 -84.29 23.57
C LEU E 1757 -56.58 -83.34 23.31
N ARG E 1758 -56.33 -82.03 23.39
CA ARG E 1758 -57.33 -80.96 23.27
C ARG E 1758 -58.46 -81.22 24.24
N PRO E 1759 -58.28 -80.93 25.52
CA PRO E 1759 -59.06 -81.57 26.57
C PRO E 1759 -60.52 -81.21 26.65
N ARG E 1760 -61.19 -81.83 27.61
CA ARG E 1760 -62.64 -81.95 27.61
C ARG E 1760 -63.27 -80.66 28.06
N MET E 1761 -64.17 -80.14 27.25
CA MET E 1761 -65.22 -79.31 27.76
C MET E 1761 -66.05 -80.09 28.77
N GLN E 1762 -65.98 -79.65 30.03
CA GLN E 1762 -66.74 -80.25 31.11
C GLN E 1762 -67.57 -79.17 31.76
N PHE E 1763 -68.83 -79.47 31.97
CA PHE E 1763 -69.84 -78.44 32.05
C PHE E 1763 -70.47 -78.44 33.41
N SER E 1764 -71.53 -77.65 33.53
CA SER E 1764 -72.25 -77.56 34.79
C SER E 1764 -73.67 -77.18 34.49
N SER E 1765 -74.61 -77.85 35.13
CA SER E 1765 -76.00 -77.45 35.04
C SER E 1765 -76.23 -76.21 35.88
N PRO E 1766 -76.75 -75.17 35.34
CA PRO E 1766 -77.15 -74.03 36.16
C PRO E 1766 -78.48 -74.26 36.87
N SER E 1767 -78.43 -75.02 37.95
CA SER E 1767 -79.61 -75.11 38.79
C SER E 1767 -79.75 -73.85 39.64
N PHE E 1768 -80.88 -73.74 40.30
CA PHE E 1768 -81.13 -72.64 41.23
C PHE E 1768 -81.74 -73.10 42.52
N VAL E 1769 -82.40 -74.26 42.55
CA VAL E 1769 -82.86 -74.83 43.80
C VAL E 1769 -81.69 -75.32 44.62
N SER E 1770 -80.60 -75.65 43.98
CA SER E 1770 -79.44 -76.22 44.63
C SER E 1770 -78.56 -75.14 45.23
N ILE E 1771 -77.46 -75.59 45.83
CA ILE E 1771 -76.34 -74.76 46.22
C ILE E 1771 -75.07 -75.52 45.84
N ASN E 1772 -73.92 -75.03 46.30
CA ASN E 1772 -72.67 -75.79 46.38
C ASN E 1772 -72.14 -76.23 45.01
N ASN E 1773 -71.66 -75.28 44.21
CA ASN E 1773 -71.40 -73.89 44.57
C ASN E 1773 -71.79 -72.97 43.43
N GLU E 1774 -72.02 -73.57 42.24
CA GLU E 1774 -72.55 -72.97 41.00
C GLU E 1774 -71.70 -71.80 40.47
N CYS E 1775 -70.54 -71.57 41.04
CA CYS E 1775 -69.74 -70.41 40.71
C CYS E 1775 -68.36 -70.80 40.21
N TYR E 1776 -67.73 -71.75 40.89
CA TYR E 1776 -66.60 -72.44 40.28
C TYR E 1776 -67.08 -73.34 39.16
N GLN E 1777 -68.30 -73.84 39.29
CA GLN E 1777 -68.90 -74.72 38.30
C GLN E 1777 -68.90 -74.06 36.93
N TYR E 1778 -68.30 -74.75 35.96
CA TYR E 1778 -67.61 -74.09 34.86
C TYR E 1778 -68.58 -73.46 33.90
N SER E 1779 -69.43 -74.26 33.29
CA SER E 1779 -70.00 -73.78 32.11
C SER E 1779 -71.38 -74.35 31.93
N PRO E 1780 -72.35 -73.52 31.61
CA PRO E 1780 -73.68 -74.01 31.31
C PRO E 1780 -73.66 -74.86 30.06
N GLU E 1781 -74.68 -75.67 29.95
CA GLU E 1781 -74.71 -76.77 29.01
C GLU E 1781 -76.11 -76.93 28.49
N PHE E 1782 -76.21 -77.41 27.26
CA PHE E 1782 -77.47 -77.47 26.56
C PHE E 1782 -77.28 -78.34 25.32
N PRO E 1783 -78.37 -78.78 24.67
CA PRO E 1783 -78.22 -79.60 23.45
C PRO E 1783 -77.67 -78.85 22.27
N LEU E 1784 -76.35 -78.73 22.29
CA LEU E 1784 -75.58 -78.26 21.15
C LEU E 1784 -75.69 -79.16 19.94
N ASP E 1785 -76.10 -80.41 20.11
CA ASP E 1785 -76.18 -81.31 18.97
C ASP E 1785 -77.35 -80.95 18.07
N ILE E 1786 -78.51 -80.71 18.67
CA ILE E 1786 -79.66 -80.31 17.87
C ILE E 1786 -79.45 -78.91 17.38
N LEU E 1787 -78.68 -78.12 18.11
CA LEU E 1787 -78.20 -76.83 17.62
C LEU E 1787 -77.39 -77.03 16.37
N LYS E 1788 -76.50 -78.00 16.38
CA LYS E 1788 -75.59 -78.17 15.27
C LYS E 1788 -76.33 -78.69 14.05
N ALA E 1789 -77.36 -79.50 14.28
CA ALA E 1789 -78.22 -79.93 13.19
C ALA E 1789 -79.00 -78.75 12.64
N LYS E 1790 -79.48 -77.89 13.53
CA LYS E 1790 -80.22 -76.72 13.11
C LYS E 1790 -79.35 -75.78 12.31
N THR E 1791 -78.10 -75.62 12.71
CA THR E 1791 -77.21 -74.75 11.97
C THR E 1791 -76.84 -75.35 10.64
N ILE E 1792 -76.73 -76.67 10.59
CA ILE E 1792 -76.49 -77.35 9.33
C ILE E 1792 -77.63 -77.04 8.38
N GLN E 1793 -78.85 -77.15 8.88
CA GLN E 1793 -80.04 -76.79 8.13
C GLN E 1793 -79.99 -75.34 7.70
N MET E 1794 -79.67 -74.45 8.62
CA MET E 1794 -79.71 -73.03 8.36
C MET E 1794 -78.64 -72.63 7.37
N LEU E 1795 -77.50 -73.29 7.42
CA LEU E 1795 -76.40 -72.88 6.59
C LEU E 1795 -76.51 -73.44 5.19
N THR E 1796 -77.00 -74.68 5.08
CA THR E 1796 -77.39 -75.19 3.77
C THR E 1796 -78.46 -74.33 3.15
N GLU E 1797 -79.41 -73.89 3.99
CA GLU E 1797 -80.42 -72.96 3.53
C GLU E 1797 -79.80 -71.65 3.09
N ALA E 1798 -78.81 -71.20 3.85
CA ALA E 1798 -78.17 -69.93 3.57
C ALA E 1798 -77.41 -69.97 2.27
N VAL E 1799 -76.72 -71.08 2.01
CA VAL E 1799 -75.99 -71.17 0.77
C VAL E 1799 -76.90 -71.52 -0.39
N GLN E 1800 -78.12 -71.97 -0.12
CA GLN E 1800 -79.12 -71.88 -1.18
C GLN E 1800 -79.42 -70.44 -1.49
N GLU E 1801 -79.77 -69.68 -0.46
CA GLU E 1801 -80.38 -68.37 -0.66
C GLU E 1801 -79.41 -67.34 -1.19
N GLY E 1802 -78.15 -67.42 -0.79
CA GLY E 1802 -77.14 -66.56 -1.37
C GLY E 1802 -76.83 -66.96 -2.79
N SER E 1803 -76.87 -68.26 -3.08
CA SER E 1803 -76.81 -68.68 -4.47
C SER E 1803 -78.13 -68.41 -5.16
N LEU E 1804 -79.23 -68.46 -4.42
CA LEU E 1804 -80.47 -67.91 -4.94
C LEU E 1804 -80.38 -66.39 -5.06
N HIS E 1805 -79.50 -65.77 -4.26
CA HIS E 1805 -79.16 -64.35 -4.33
C HIS E 1805 -80.40 -63.49 -4.14
N ALA E 1806 -81.01 -63.67 -2.96
CA ALA E 1806 -82.25 -63.00 -2.64
C ALA E 1806 -82.04 -61.50 -2.54
N ARG E 1807 -83.12 -60.75 -2.72
CA ARG E 1807 -82.98 -59.31 -2.66
C ARG E 1807 -82.82 -58.81 -1.24
N ASP E 1808 -83.59 -59.34 -0.32
CA ASP E 1808 -83.51 -58.86 1.04
C ASP E 1808 -83.09 -59.97 1.98
N PRO E 1809 -81.97 -59.83 2.67
CA PRO E 1809 -81.55 -60.84 3.66
C PRO E 1809 -82.40 -60.86 4.91
N VAL E 1810 -82.07 -61.78 5.80
CA VAL E 1810 -82.77 -61.90 7.06
C VAL E 1810 -82.50 -60.68 7.94
N GLY E 1811 -81.23 -60.37 8.12
CA GLY E 1811 -80.90 -59.27 9.01
C GLY E 1811 -80.75 -57.97 8.25
N GLY E 1812 -81.58 -57.77 7.24
CA GLY E 1812 -81.50 -56.56 6.46
C GLY E 1812 -80.44 -56.66 5.39
N THR E 1813 -79.20 -56.92 5.78
CA THR E 1813 -78.13 -57.16 4.83
C THR E 1813 -77.38 -58.42 5.21
N THR E 1814 -76.58 -58.88 4.26
CA THR E 1814 -76.07 -60.25 4.25
C THR E 1814 -75.12 -60.52 5.38
N GLU E 1815 -74.43 -59.50 5.85
CA GLU E 1815 -73.47 -59.70 6.92
C GLU E 1815 -74.16 -60.11 8.19
N PHE E 1816 -75.33 -59.55 8.45
CA PHE E 1816 -76.15 -59.99 9.55
C PHE E 1816 -76.67 -61.38 9.28
N LEU E 1817 -76.92 -61.67 8.01
CA LEU E 1817 -77.40 -62.98 7.65
C LEU E 1817 -76.33 -64.04 7.83
N PHE E 1818 -75.07 -63.65 7.72
CA PHE E 1818 -74.04 -64.64 7.54
C PHE E 1818 -72.99 -64.62 8.63
N VAL E 1819 -72.36 -63.45 8.82
CA VAL E 1819 -71.15 -63.35 9.63
C VAL E 1819 -71.30 -63.93 11.04
N PRO E 1820 -72.37 -63.65 11.80
CA PRO E 1820 -72.46 -64.31 13.09
C PRO E 1820 -72.79 -65.78 12.97
N LEU E 1821 -73.49 -66.19 11.92
CA LEU E 1821 -73.75 -67.61 11.72
C LEU E 1821 -72.45 -68.36 11.46
N ILE E 1822 -71.62 -67.81 10.57
CA ILE E 1822 -70.40 -68.50 10.24
C ILE E 1822 -69.45 -68.47 11.40
N LYS E 1823 -69.45 -67.38 12.14
CA LYS E 1823 -68.64 -67.28 13.34
C LYS E 1823 -69.04 -68.32 14.35
N LEU E 1824 -70.35 -68.48 14.51
CA LEU E 1824 -70.93 -69.48 15.39
C LEU E 1824 -70.47 -70.86 15.01
N PHE E 1825 -70.66 -71.20 13.74
CA PHE E 1825 -70.30 -72.51 13.25
C PHE E 1825 -68.80 -72.74 13.32
N TYR E 1826 -68.02 -71.68 13.14
CA TYR E 1826 -66.59 -71.80 13.16
C TYR E 1826 -66.10 -72.15 14.55
N THR E 1827 -66.67 -71.48 15.53
CA THR E 1827 -66.38 -71.79 16.91
C THR E 1827 -66.82 -73.20 17.26
N LEU E 1828 -67.94 -73.62 16.69
CA LEU E 1828 -68.38 -74.99 16.87
C LEU E 1828 -67.36 -75.95 16.31
N LEU E 1829 -66.90 -75.65 15.10
CA LEU E 1829 -65.90 -76.44 14.41
C LEU E 1829 -64.62 -76.53 15.19
N ILE E 1830 -64.30 -75.48 15.92
CA ILE E 1830 -63.18 -75.53 16.84
C ILE E 1830 -63.45 -76.55 17.93
N MET E 1831 -64.69 -76.65 18.38
CA MET E 1831 -64.98 -77.35 19.62
C MET E 1831 -65.15 -78.84 19.47
N GLY E 1832 -64.50 -79.45 18.47
CA GLY E 1832 -64.33 -80.89 18.46
C GLY E 1832 -65.60 -81.68 18.23
N ILE E 1833 -66.43 -81.23 17.32
CA ILE E 1833 -67.68 -81.89 17.00
C ILE E 1833 -67.69 -82.06 15.50
N PHE E 1834 -68.83 -82.46 14.94
CA PHE E 1834 -69.00 -82.75 13.51
C PHE E 1834 -68.07 -83.87 13.08
N HIS E 1835 -68.42 -85.06 13.53
CA HIS E 1835 -67.93 -86.27 12.90
C HIS E 1835 -68.19 -86.20 11.40
N ASN E 1836 -67.23 -86.69 10.62
CA ASN E 1836 -66.88 -86.14 9.32
C ASN E 1836 -67.97 -86.17 8.24
N GLU E 1837 -69.14 -86.71 8.56
CA GLU E 1837 -70.22 -86.83 7.59
C GLU E 1837 -70.76 -85.47 7.18
N ASP E 1838 -71.14 -84.65 8.17
CA ASP E 1838 -71.57 -83.30 7.88
C ASP E 1838 -70.40 -82.46 7.41
N LEU E 1839 -69.19 -82.80 7.86
CA LEU E 1839 -67.99 -82.12 7.43
C LEU E 1839 -67.81 -82.26 5.94
N LYS E 1840 -67.82 -83.50 5.45
CA LYS E 1840 -67.67 -83.73 4.02
C LYS E 1840 -68.87 -83.24 3.25
N HIS E 1841 -70.04 -83.26 3.90
CA HIS E 1841 -71.23 -82.64 3.33
C HIS E 1841 -71.01 -81.16 3.06
N ILE E 1842 -70.57 -80.44 4.08
CA ILE E 1842 -70.30 -79.02 3.97
C ILE E 1842 -69.12 -78.77 3.06
N LEU E 1843 -68.16 -79.67 3.04
CA LEU E 1843 -67.00 -79.55 2.18
C LEU E 1843 -67.40 -79.61 0.72
N GLN E 1844 -67.88 -80.77 0.27
CA GLN E 1844 -68.29 -80.97 -1.12
C GLN E 1844 -69.47 -80.09 -1.50
N LEU E 1845 -70.19 -79.54 -0.52
CA LEU E 1845 -70.96 -78.34 -0.76
C LEU E 1845 -70.07 -77.19 -1.24
N ILE E 1846 -69.07 -76.83 -0.45
CA ILE E 1846 -68.31 -75.61 -0.71
C ILE E 1846 -67.14 -75.89 -1.65
N GLU E 1847 -66.56 -77.07 -1.58
CA GLU E 1847 -65.40 -77.48 -2.37
C GLU E 1847 -65.69 -77.69 -3.85
N PRO E 1848 -66.91 -78.09 -4.22
CA PRO E 1848 -67.09 -79.40 -4.85
C PRO E 1848 -65.97 -79.83 -5.76
N SER E 1849 -65.30 -80.92 -5.40
CA SER E 1849 -64.18 -81.44 -6.17
C SER E 1849 -64.04 -82.94 -5.92
N GLY E 1893 -70.66 -75.09 -4.04
CA GLY E 1893 -69.82 -74.03 -4.54
C GLY E 1893 -70.07 -72.69 -3.87
N LEU E 1894 -69.70 -72.59 -2.61
CA LEU E 1894 -69.88 -71.34 -1.89
C LEU E 1894 -68.87 -70.30 -2.34
N LEU E 1895 -67.64 -70.71 -2.57
CA LEU E 1895 -66.59 -69.75 -2.88
C LEU E 1895 -66.71 -69.17 -4.27
N GLN E 1896 -67.60 -69.71 -5.10
CA GLN E 1896 -67.97 -69.04 -6.33
C GLN E 1896 -68.64 -67.70 -6.07
N MET E 1897 -69.26 -67.52 -4.92
CA MET E 1897 -70.08 -66.34 -4.69
C MET E 1897 -69.23 -65.09 -4.53
N LYS E 1898 -69.89 -63.96 -4.76
CA LYS E 1898 -69.38 -62.70 -4.25
C LYS E 1898 -69.61 -62.68 -2.75
N LEU E 1899 -68.69 -62.05 -2.02
CA LEU E 1899 -68.81 -61.95 -0.59
C LEU E 1899 -68.45 -60.53 -0.16
N PRO E 1900 -69.13 -59.99 0.81
CA PRO E 1900 -68.66 -58.74 1.41
C PRO E 1900 -67.48 -58.94 2.35
N GLU E 1901 -67.00 -57.84 2.94
CA GLU E 1901 -65.67 -57.85 3.52
C GLU E 1901 -65.57 -58.66 4.82
N PRO E 1902 -66.35 -58.39 5.87
CA PRO E 1902 -66.13 -59.14 7.10
C PRO E 1902 -66.58 -60.56 6.99
N VAL E 1903 -67.34 -60.87 5.93
CA VAL E 1903 -67.72 -62.23 5.61
C VAL E 1903 -66.48 -63.07 5.35
N LYS E 1904 -65.67 -62.65 4.39
CA LYS E 1904 -64.50 -63.45 4.08
C LYS E 1904 -63.43 -63.29 5.15
N LEU E 1905 -63.43 -62.15 5.83
CA LEU E 1905 -62.59 -61.98 7.02
C LEU E 1905 -62.93 -63.03 8.07
N GLN E 1906 -64.20 -63.32 8.21
CA GLN E 1906 -64.60 -64.44 9.04
C GLN E 1906 -64.19 -65.75 8.42
N MET E 1907 -64.28 -65.83 7.10
CA MET E 1907 -64.19 -67.12 6.42
C MET E 1907 -62.80 -67.69 6.49
N CYS E 1908 -61.79 -66.84 6.38
CA CYS E 1908 -60.42 -67.31 6.19
C CYS E 1908 -59.91 -68.11 7.37
N LEU E 1909 -60.46 -67.83 8.55
CA LEU E 1909 -60.07 -68.51 9.76
C LEU E 1909 -60.46 -69.98 9.72
N LEU E 1910 -61.54 -70.28 9.00
CA LEU E 1910 -61.98 -71.65 8.83
C LEU E 1910 -60.92 -72.45 8.11
N LEU E 1911 -60.41 -71.89 7.03
CA LEU E 1911 -59.41 -72.56 6.24
C LEU E 1911 -58.11 -72.65 7.00
N GLN E 1912 -57.84 -71.63 7.81
CA GLN E 1912 -56.70 -71.67 8.71
C GLN E 1912 -56.78 -72.86 9.64
N TYR E 1913 -57.95 -73.05 10.23
CA TYR E 1913 -58.24 -74.22 11.05
C TYR E 1913 -58.08 -75.50 10.26
N LEU E 1914 -58.48 -75.45 8.99
CA LEU E 1914 -58.48 -76.64 8.16
C LEU E 1914 -57.08 -77.12 7.87
N CYS E 1915 -56.23 -76.24 7.38
CA CYS E 1915 -54.86 -76.63 7.15
C CYS E 1915 -54.13 -76.88 8.45
N ASP E 1916 -54.60 -76.29 9.54
CA ASP E 1916 -54.02 -76.59 10.84
C ASP E 1916 -54.26 -78.03 11.23
N CYS E 1917 -55.50 -78.48 11.15
CA CYS E 1917 -55.77 -79.85 11.56
C CYS E 1917 -55.23 -80.83 10.55
N GLN E 1918 -55.15 -80.40 9.28
CA GLN E 1918 -54.48 -81.19 8.27
C GLN E 1918 -53.03 -81.46 8.63
N VAL E 1919 -52.31 -80.40 9.00
CA VAL E 1919 -50.91 -80.61 9.25
C VAL E 1919 -50.71 -81.27 10.60
N ARG E 1920 -51.68 -81.14 11.50
CA ARG E 1920 -51.60 -81.91 12.73
C ARG E 1920 -51.76 -83.38 12.44
N HIS E 1921 -52.62 -83.70 11.46
CA HIS E 1921 -52.70 -85.07 10.98
C HIS E 1921 -51.41 -85.52 10.34
N ARG E 1922 -50.76 -84.63 9.60
CA ARG E 1922 -49.45 -84.93 9.03
C ARG E 1922 -48.46 -85.28 10.13
N ILE E 1923 -48.50 -84.54 11.22
CA ILE E 1923 -47.65 -84.79 12.35
C ILE E 1923 -47.98 -86.12 12.99
N GLU E 1924 -49.26 -86.43 13.09
CA GLU E 1924 -49.67 -87.70 13.68
C GLU E 1924 -49.21 -88.88 12.82
N ALA E 1925 -49.21 -88.69 11.50
CA ALA E 1925 -48.72 -89.73 10.63
C ALA E 1925 -47.22 -89.92 10.79
N ILE E 1926 -46.50 -88.83 11.01
CA ILE E 1926 -45.07 -89.01 11.20
C ILE E 1926 -44.78 -89.55 12.59
N VAL E 1927 -45.70 -89.35 13.52
CA VAL E 1927 -45.60 -89.96 14.82
C VAL E 1927 -45.72 -91.47 14.68
N ALA E 1928 -46.70 -91.90 13.89
CA ALA E 1928 -46.87 -93.33 13.67
C ALA E 1928 -45.71 -93.94 12.89
N PHE E 1929 -45.10 -93.15 12.00
CA PHE E 1929 -43.92 -93.62 11.28
C PHE E 1929 -42.77 -93.86 12.23
N SER E 1930 -42.46 -92.84 13.04
CA SER E 1930 -41.40 -92.92 14.04
C SER E 1930 -41.65 -94.03 15.03
N ASP E 1931 -42.93 -94.30 15.33
CA ASP E 1931 -43.36 -95.24 16.35
C ASP E 1931 -42.87 -96.65 16.10
N ASP E 1932 -42.49 -96.97 14.86
CA ASP E 1932 -41.73 -98.18 14.61
C ASP E 1932 -40.37 -97.93 14.03
N PHE E 1933 -40.13 -96.77 13.41
CA PHE E 1933 -38.84 -96.50 12.81
C PHE E 1933 -37.74 -96.43 13.84
N VAL E 1934 -38.07 -96.00 15.06
CA VAL E 1934 -37.08 -95.89 16.12
C VAL E 1934 -36.57 -97.26 16.54
N ALA E 1935 -37.46 -98.27 16.46
CA ALA E 1935 -37.18 -99.58 17.02
C ALA E 1935 -36.03 -100.27 16.29
N LYS E 1936 -36.00 -100.16 14.96
CA LYS E 1936 -34.98 -100.83 14.17
C LYS E 1936 -33.61 -100.25 14.44
N LEU E 1937 -33.55 -98.94 14.64
CA LEU E 1937 -32.27 -98.33 14.93
C LEU E 1937 -31.83 -98.64 16.35
N GLN E 1938 -32.77 -98.85 17.25
CA GLN E 1938 -32.37 -99.30 18.58
C GLN E 1938 -31.81 -100.71 18.51
N ASP E 1939 -32.40 -101.56 17.66
CA ASP E 1939 -31.82 -102.87 17.38
C ASP E 1939 -30.43 -102.73 16.80
N ASN E 1940 -30.24 -101.73 15.94
CA ASN E 1940 -28.95 -101.49 15.31
C ASN E 1940 -27.90 -101.10 16.33
N GLN E 1941 -28.28 -100.25 17.29
CA GLN E 1941 -27.35 -99.88 18.36
C GLN E 1941 -26.99 -101.09 19.21
N ARG E 1942 -27.97 -101.95 19.48
CA ARG E 1942 -27.67 -103.19 20.19
C ARG E 1942 -26.78 -104.11 19.36
N PHE E 1943 -26.86 -104.03 18.03
CA PHE E 1943 -25.96 -104.83 17.20
C PHE E 1943 -24.55 -104.28 17.28
N ARG E 1944 -24.43 -102.96 17.08
CA ARG E 1944 -23.13 -102.28 17.05
C ARG E 1944 -22.41 -102.36 18.38
N TYR E 1945 -23.13 -102.59 19.47
CA TYR E 1945 -22.43 -102.92 20.70
C TYR E 1945 -21.73 -104.26 20.63
N ASN E 1946 -22.34 -105.24 19.95
CA ASN E 1946 -21.76 -106.58 19.94
C ASN E 1946 -20.52 -106.68 19.08
N GLU E 1947 -20.44 -105.88 18.03
CA GLU E 1947 -19.51 -106.14 16.95
C GLU E 1947 -18.08 -105.72 17.24
N VAL E 1948 -17.74 -105.47 18.50
CA VAL E 1948 -16.36 -105.22 18.86
C VAL E 1948 -15.84 -106.39 19.69
N ARG E 1994 -14.44 -97.71 16.52
CA ARG E 1994 -13.88 -97.35 17.82
C ARG E 1994 -14.77 -96.36 18.54
N ASP E 1995 -16.07 -96.41 18.24
CA ASP E 1995 -17.01 -95.45 18.81
C ASP E 1995 -18.25 -96.19 19.29
N GLN E 1996 -19.32 -95.43 19.52
CA GLN E 1996 -20.68 -95.95 19.73
C GLN E 1996 -20.76 -96.88 20.94
N LEU E 1997 -20.69 -96.30 22.14
CA LEU E 1997 -20.94 -94.88 22.40
C LEU E 1997 -20.09 -94.34 23.55
N LEU E 1998 -19.37 -93.22 23.42
CA LEU E 1998 -18.85 -92.52 22.22
C LEU E 1998 -19.74 -92.08 21.02
N ASP E 1999 -20.66 -91.14 21.20
CA ASP E 1999 -20.93 -90.47 22.48
C ASP E 1999 -22.38 -90.69 22.83
N PHE E 2000 -22.66 -90.93 24.11
CA PHE E 2000 -24.02 -91.27 24.50
C PHE E 2000 -24.93 -90.05 24.47
N HIS E 2001 -24.42 -88.88 24.87
CA HIS E 2001 -25.19 -87.67 24.72
C HIS E 2001 -25.34 -87.31 23.26
N GLU E 2002 -24.26 -87.45 22.49
CA GLU E 2002 -24.31 -87.27 21.06
C GLU E 2002 -24.69 -88.54 20.33
N ASP E 2003 -25.40 -89.46 20.99
CA ASP E 2003 -26.02 -90.55 20.24
C ASP E 2003 -27.12 -90.01 19.35
N LEU E 2004 -27.75 -88.92 19.75
CA LEU E 2004 -28.60 -88.17 18.84
C LEU E 2004 -27.81 -87.68 17.64
N MET E 2005 -26.58 -87.21 17.88
CA MET E 2005 -25.74 -86.80 16.76
C MET E 2005 -25.26 -87.99 15.96
N THR E 2006 -25.16 -89.14 16.60
CA THR E 2006 -24.77 -90.36 15.90
C THR E 2006 -25.88 -90.82 14.99
N HIS E 2007 -27.13 -90.67 15.44
CA HIS E 2007 -28.27 -90.86 14.56
C HIS E 2007 -28.26 -89.82 13.46
N CYS E 2008 -27.88 -88.58 13.80
CA CYS E 2008 -27.63 -87.59 12.77
C CYS E 2008 -26.42 -87.98 11.94
N GLY E 2009 -25.40 -88.54 12.59
CA GLY E 2009 -24.31 -89.12 11.84
C GLY E 2009 -24.74 -90.33 11.04
N ILE E 2010 -25.74 -91.06 11.54
CA ILE E 2010 -26.35 -92.09 10.71
C ILE E 2010 -27.11 -91.46 9.56
N GLU E 2011 -27.91 -90.43 9.83
CA GLU E 2011 -28.79 -89.87 8.82
C GLU E 2011 -28.12 -88.81 7.97
N LEU E 2012 -26.82 -88.95 7.72
CA LEU E 2012 -26.10 -87.93 6.98
C LEU E 2012 -26.44 -87.98 5.49
N ASP E 2013 -26.42 -89.17 4.90
CA ASP E 2013 -26.60 -89.28 3.47
C ASP E 2013 -27.43 -90.50 3.11
N SER E 2022 -24.37 -97.97 10.95
CA SER E 2022 -25.00 -96.74 10.51
C SER E 2022 -24.89 -96.60 9.01
N ASP E 2023 -25.46 -95.50 8.49
CA ASP E 2023 -25.36 -95.09 7.09
C ASP E 2023 -25.91 -96.16 6.15
N LEU E 2024 -26.94 -96.86 6.60
CA LEU E 2024 -27.44 -98.00 5.86
C LEU E 2024 -28.31 -97.56 4.69
N THR E 2025 -28.75 -98.54 3.91
CA THR E 2025 -29.86 -98.32 3.01
C THR E 2025 -31.17 -98.38 3.76
N ILE E 2026 -31.12 -99.03 4.93
CA ILE E 2026 -32.28 -99.23 5.79
C ILE E 2026 -32.85 -97.90 6.24
N ARG E 2027 -31.98 -96.96 6.60
CA ARG E 2027 -32.44 -95.65 7.01
C ARG E 2027 -32.95 -94.86 5.82
N GLY E 2028 -32.16 -94.77 4.75
CA GLY E 2028 -32.45 -93.93 3.60
C GLY E 2028 -33.69 -94.35 2.85
N ARG E 2029 -34.05 -95.62 2.93
CA ARG E 2029 -35.27 -96.11 2.32
C ARG E 2029 -36.51 -95.45 2.92
N LEU E 2030 -36.72 -95.65 4.22
CA LEU E 2030 -37.89 -95.09 4.89
C LEU E 2030 -37.78 -93.58 5.00
N LEU E 2031 -36.55 -93.08 5.01
CA LEU E 2031 -36.30 -91.66 4.88
C LEU E 2031 -36.86 -91.11 3.59
N SER E 2032 -36.56 -91.76 2.47
CA SER E 2032 -37.05 -91.33 1.17
C SER E 2032 -38.54 -91.46 1.09
N LEU E 2033 -39.09 -92.46 1.77
CA LEU E 2033 -40.54 -92.60 1.89
C LEU E 2033 -41.15 -91.38 2.56
N VAL E 2034 -40.51 -90.91 3.62
CA VAL E 2034 -41.01 -89.73 4.31
C VAL E 2034 -40.86 -88.49 3.45
N GLU E 2035 -39.72 -88.38 2.77
CA GLU E 2035 -39.46 -87.21 1.95
C GLU E 2035 -40.36 -87.16 0.73
N LYS E 2036 -40.87 -88.29 0.29
CA LYS E 2036 -41.86 -88.23 -0.77
C LYS E 2036 -43.26 -88.04 -0.23
N VAL E 2037 -43.53 -88.43 1.02
CA VAL E 2037 -44.85 -88.12 1.56
C VAL E 2037 -44.81 -86.75 2.24
N THR E 2038 -43.78 -85.98 1.95
CA THR E 2038 -43.93 -84.54 2.01
C THR E 2038 -45.03 -84.08 1.05
N TYR E 2039 -44.88 -84.41 -0.22
CA TYR E 2039 -45.80 -84.25 -1.37
C TYR E 2039 -46.47 -82.91 -1.76
N LEU E 2040 -46.04 -81.69 -1.38
CA LEU E 2040 -44.78 -81.26 -0.83
C LEU E 2040 -45.12 -80.58 0.48
N THR E 2058 -56.56 -80.66 -5.26
CA THR E 2058 -56.78 -79.29 -5.67
C THR E 2058 -56.94 -78.40 -4.47
N LEU E 2059 -56.94 -79.04 -3.29
CA LEU E 2059 -57.36 -78.36 -2.07
C LEU E 2059 -56.35 -77.32 -1.62
N GLN E 2060 -55.09 -77.72 -1.49
CA GLN E 2060 -54.01 -76.78 -1.21
C GLN E 2060 -53.86 -75.80 -2.35
N GLN E 2061 -54.17 -76.25 -3.54
CA GLN E 2061 -54.10 -75.46 -4.74
C GLN E 2061 -55.20 -74.41 -4.73
N LEU E 2062 -56.44 -74.82 -4.43
CA LEU E 2062 -57.52 -73.86 -4.41
C LEU E 2062 -57.40 -72.90 -3.26
N ILE E 2063 -56.71 -73.30 -2.20
CA ILE E 2063 -56.34 -72.39 -1.14
C ILE E 2063 -55.61 -71.20 -1.71
N SER E 2064 -54.62 -71.46 -2.57
CA SER E 2064 -53.93 -70.38 -3.24
C SER E 2064 -54.83 -69.68 -4.24
N GLU E 2065 -55.70 -70.45 -4.88
CA GLU E 2065 -56.43 -69.91 -6.02
C GLU E 2065 -57.49 -68.92 -5.57
N THR E 2066 -58.12 -69.19 -4.44
CA THR E 2066 -59.25 -68.40 -4.02
C THR E 2066 -58.86 -66.98 -3.67
N MET E 2067 -57.70 -66.83 -3.06
CA MET E 2067 -57.33 -65.54 -2.53
C MET E 2067 -57.00 -64.56 -3.62
N VAL E 2068 -56.45 -65.06 -4.72
CA VAL E 2068 -55.98 -64.15 -5.75
C VAL E 2068 -57.13 -63.53 -6.49
N ARG E 2069 -58.34 -64.09 -6.36
CA ARG E 2069 -59.55 -63.40 -6.77
C ARG E 2069 -59.65 -62.05 -6.10
N TRP E 2070 -59.82 -62.06 -4.79
CA TRP E 2070 -59.99 -60.83 -4.04
C TRP E 2070 -58.76 -59.98 -4.09
N ALA E 2071 -57.61 -60.60 -4.31
CA ALA E 2071 -56.40 -59.85 -4.62
C ALA E 2071 -56.53 -59.14 -5.95
N GLN E 2072 -57.32 -59.68 -6.87
CA GLN E 2072 -57.41 -59.03 -8.17
C GLN E 2072 -58.57 -58.05 -8.27
N GLU E 2073 -59.79 -58.54 -8.15
CA GLU E 2073 -60.92 -57.73 -8.57
C GLU E 2073 -61.34 -56.71 -7.53
N SER E 2074 -60.89 -56.86 -6.30
CA SER E 2074 -61.53 -56.23 -5.17
C SER E 2074 -60.48 -55.56 -4.31
N VAL E 2075 -59.77 -54.61 -4.92
CA VAL E 2075 -58.90 -53.71 -4.17
C VAL E 2075 -59.68 -53.07 -3.04
N ILE E 2076 -59.17 -53.19 -1.83
CA ILE E 2076 -59.98 -52.98 -0.64
C ILE E 2076 -59.21 -52.25 0.43
N GLU E 2077 -59.93 -52.00 1.50
CA GLU E 2077 -59.49 -51.52 2.79
C GLU E 2077 -59.30 -52.73 3.71
N ASP E 2078 -59.28 -52.48 5.03
CA ASP E 2078 -59.30 -53.46 6.11
C ASP E 2078 -58.09 -54.37 6.08
N PRO E 2079 -56.92 -53.85 6.45
CA PRO E 2079 -55.66 -54.61 6.29
C PRO E 2079 -55.60 -55.94 7.01
N GLU E 2080 -56.52 -56.19 7.93
CA GLU E 2080 -56.52 -57.38 8.76
C GLU E 2080 -56.74 -58.63 7.93
N LEU E 2081 -57.81 -58.68 7.17
CA LEU E 2081 -58.04 -59.90 6.42
C LEU E 2081 -57.13 -59.98 5.21
N VAL E 2082 -56.66 -58.82 4.74
CA VAL E 2082 -55.63 -58.78 3.73
C VAL E 2082 -54.40 -59.52 4.20
N ARG E 2083 -53.95 -59.14 5.40
CA ARG E 2083 -52.90 -59.82 6.10
C ARG E 2083 -53.19 -61.30 6.24
N ALA E 2084 -54.41 -61.65 6.61
CA ALA E 2084 -54.75 -63.05 6.84
C ALA E 2084 -54.69 -63.84 5.55
N MET E 2085 -55.10 -63.23 4.45
CA MET E 2085 -54.96 -63.84 3.14
C MET E 2085 -53.51 -64.12 2.85
N PHE E 2086 -52.64 -63.18 3.18
CA PHE E 2086 -51.23 -63.40 2.93
C PHE E 2086 -50.68 -64.47 3.85
N VAL E 2087 -51.21 -64.57 5.05
CA VAL E 2087 -50.80 -65.63 5.97
C VAL E 2087 -51.17 -66.98 5.38
N LEU E 2088 -52.37 -67.07 4.82
CA LEU E 2088 -52.79 -68.33 4.24
C LEU E 2088 -51.99 -68.64 3.00
N LEU E 2089 -51.60 -67.60 2.27
CA LEU E 2089 -50.75 -67.78 1.11
C LEU E 2089 -49.40 -68.33 1.50
N HIS E 2090 -48.76 -67.68 2.47
CA HIS E 2090 -47.44 -68.11 2.86
C HIS E 2090 -47.48 -69.49 3.49
N ARG E 2091 -48.49 -69.74 4.31
CA ARG E 2091 -48.64 -71.05 4.92
C ARG E 2091 -48.92 -72.11 3.87
N GLN E 2092 -49.58 -71.73 2.79
CA GLN E 2092 -49.71 -72.64 1.67
C GLN E 2092 -48.35 -72.90 1.04
N TYR E 2093 -47.55 -71.87 0.89
CA TYR E 2093 -46.24 -72.06 0.30
C TYR E 2093 -45.18 -72.43 1.31
N ASP E 2094 -45.52 -72.38 2.59
CA ASP E 2094 -44.61 -72.85 3.61
C ASP E 2094 -45.35 -73.74 4.57
N GLY E 2095 -45.99 -74.76 4.02
CA GLY E 2095 -46.34 -75.90 4.85
C GLY E 2095 -45.13 -76.59 5.43
N ILE E 2096 -43.97 -76.43 4.80
CA ILE E 2096 -42.70 -76.86 5.34
C ILE E 2096 -42.45 -76.22 6.69
N GLY E 2097 -42.36 -74.89 6.72
CA GLY E 2097 -41.85 -74.20 7.88
C GLY E 2097 -42.75 -74.27 9.09
N GLY E 2098 -44.07 -74.34 8.86
CA GLY E 2098 -44.96 -74.65 9.95
C GLY E 2098 -44.71 -76.05 10.48
N LEU E 2099 -44.52 -77.00 9.56
CA LEU E 2099 -44.14 -78.33 9.97
C LEU E 2099 -42.74 -78.36 10.54
N VAL E 2100 -41.88 -77.43 10.15
CA VAL E 2100 -40.60 -77.28 10.85
C VAL E 2100 -40.83 -76.92 12.30
N ARG E 2101 -41.47 -75.79 12.54
CA ARG E 2101 -41.57 -75.27 13.90
C ARG E 2101 -42.54 -76.05 14.77
N ALA E 2102 -43.35 -76.93 14.20
CA ALA E 2102 -44.26 -77.70 15.02
C ALA E 2102 -43.53 -78.76 15.81
N LEU E 2103 -42.46 -79.28 15.28
CA LEU E 2103 -41.84 -80.43 15.89
C LEU E 2103 -41.03 -80.11 17.13
N PRO E 2104 -40.40 -78.93 17.26
CA PRO E 2104 -40.00 -78.53 18.60
C PRO E 2104 -41.17 -78.39 19.54
N LYS E 2105 -42.33 -78.00 19.05
CA LYS E 2105 -43.46 -77.88 19.95
C LYS E 2105 -44.00 -79.24 20.34
N THR E 2106 -43.88 -80.23 19.49
CA THR E 2106 -44.53 -81.49 19.81
C THR E 2106 -43.72 -82.30 20.80
N TYR E 2107 -44.35 -83.33 21.34
CA TYR E 2107 -43.73 -84.22 22.31
C TYR E 2107 -44.44 -85.55 22.27
N THR E 2108 -43.71 -86.61 22.56
CA THR E 2108 -44.28 -87.93 22.70
C THR E 2108 -44.28 -88.31 24.16
N ILE E 2109 -45.41 -88.49 24.71
CA ILE E 2109 -45.52 -89.10 26.02
C ILE E 2109 -45.54 -90.60 25.78
N ASN E 2110 -45.07 -91.35 26.78
CA ASN E 2110 -45.39 -92.76 26.85
C ASN E 2110 -46.89 -92.96 26.94
N GLY E 2111 -47.34 -94.13 26.52
CA GLY E 2111 -48.76 -94.38 26.50
C GLY E 2111 -49.36 -94.77 27.84
N VAL E 2112 -48.68 -94.46 28.94
CA VAL E 2112 -49.12 -94.94 30.24
C VAL E 2112 -49.48 -93.77 31.14
N SER E 2113 -48.55 -92.83 31.28
CA SER E 2113 -48.61 -91.86 32.35
C SER E 2113 -49.48 -90.66 32.03
N VAL E 2114 -50.46 -90.85 31.14
CA VAL E 2114 -51.19 -89.76 30.49
C VAL E 2114 -52.08 -88.98 31.45
N GLU E 2115 -52.31 -89.48 32.64
CA GLU E 2115 -53.35 -88.94 33.49
C GLU E 2115 -52.88 -87.70 34.19
N ASP E 2116 -51.70 -87.77 34.83
CA ASP E 2116 -51.05 -86.60 35.39
C ASP E 2116 -50.81 -85.55 34.32
N THR E 2117 -50.53 -86.00 33.10
CA THR E 2117 -50.42 -85.07 31.98
C THR E 2117 -51.73 -84.36 31.74
N ILE E 2118 -52.83 -85.10 31.78
CA ILE E 2118 -54.15 -84.51 31.59
C ILE E 2118 -54.43 -83.47 32.66
N ASN E 2119 -54.05 -83.78 33.89
CA ASN E 2119 -54.30 -82.88 35.00
C ASN E 2119 -53.45 -81.62 34.88
N LEU E 2120 -52.18 -81.79 34.53
CA LEU E 2120 -51.34 -80.62 34.42
C LEU E 2120 -51.72 -79.78 33.23
N LEU E 2121 -52.17 -80.42 32.15
CA LEU E 2121 -52.77 -79.72 31.03
C LEU E 2121 -53.92 -78.87 31.49
N ALA E 2122 -54.78 -79.42 32.34
CA ALA E 2122 -55.92 -78.68 32.85
C ALA E 2122 -55.48 -77.46 33.65
N SER E 2123 -54.49 -77.66 34.53
CA SER E 2123 -54.06 -76.58 35.38
C SER E 2123 -53.34 -75.50 34.60
N LEU E 2124 -52.49 -75.90 33.67
CA LEU E 2124 -51.78 -74.90 32.90
C LEU E 2124 -52.73 -74.20 31.96
N GLY E 2125 -53.75 -74.90 31.48
CA GLY E 2125 -54.73 -74.25 30.65
C GLY E 2125 -55.48 -73.18 31.41
N GLN E 2126 -55.87 -73.48 32.64
CA GLN E 2126 -56.57 -72.44 33.37
C GLN E 2126 -55.61 -71.37 33.84
N ILE E 2127 -54.31 -71.66 33.92
CA ILE E 2127 -53.44 -70.55 34.25
C ILE E 2127 -53.22 -69.68 33.02
N ARG E 2128 -53.28 -70.27 31.83
CA ARG E 2128 -53.27 -69.47 30.61
C ARG E 2128 -54.50 -68.60 30.55
N SER E 2129 -55.62 -69.13 31.03
CA SER E 2129 -56.79 -68.30 31.20
C SER E 2129 -56.54 -67.21 32.20
N LEU E 2130 -55.86 -67.54 33.28
CA LEU E 2130 -55.71 -66.63 34.39
C LEU E 2130 -54.72 -65.51 34.12
N LEU E 2131 -54.00 -65.61 33.01
CA LEU E 2131 -53.18 -64.49 32.57
C LEU E 2131 -53.99 -63.21 32.41
N SER E 2132 -55.18 -63.32 31.86
CA SER E 2132 -55.96 -62.17 31.44
C SER E 2132 -56.91 -61.67 32.51
N VAL E 2133 -56.70 -62.05 33.75
CA VAL E 2133 -57.65 -61.74 34.80
C VAL E 2133 -56.89 -60.86 35.77
N ARG E 2134 -56.07 -59.95 35.21
CA ARG E 2134 -54.98 -59.25 35.87
C ARG E 2134 -55.34 -58.61 37.19
N MET E 2135 -56.59 -58.22 37.38
CA MET E 2135 -57.10 -57.77 38.66
C MET E 2135 -58.09 -58.84 39.13
N GLY E 2136 -57.62 -59.81 39.92
CA GLY E 2136 -56.25 -59.89 40.41
C GLY E 2136 -56.11 -59.94 41.92
N LYS E 2137 -57.11 -60.47 42.61
CA LYS E 2137 -57.05 -60.51 44.07
C LYS E 2137 -57.38 -61.87 44.66
N GLU E 2138 -58.35 -62.57 44.09
CA GLU E 2138 -58.67 -63.91 44.53
C GLU E 2138 -58.24 -64.96 43.53
N GLU E 2139 -58.08 -64.56 42.28
CA GLU E 2139 -57.58 -65.46 41.27
C GLU E 2139 -56.14 -65.85 41.54
N GLU E 2140 -55.37 -64.94 42.15
CA GLU E 2140 -53.97 -65.20 42.42
C GLU E 2140 -53.81 -66.33 43.41
N LYS E 2141 -54.76 -66.47 44.32
CA LYS E 2141 -54.75 -67.58 45.24
C LYS E 2141 -54.97 -68.88 44.49
N LEU E 2142 -55.87 -68.86 43.51
CA LEU E 2142 -56.09 -70.04 42.68
C LEU E 2142 -54.86 -70.35 41.86
N MET E 2143 -54.13 -69.31 41.47
CA MET E 2143 -52.87 -69.50 40.77
C MET E 2143 -51.87 -70.20 41.67
N ILE E 2144 -51.83 -69.78 42.93
CA ILE E 2144 -50.96 -70.43 43.92
C ILE E 2144 -51.34 -71.89 44.07
N ARG E 2145 -52.65 -72.15 44.09
CA ARG E 2145 -53.15 -73.52 44.14
C ARG E 2145 -52.65 -74.33 42.96
N GLY E 2146 -52.87 -73.83 41.75
CA GLY E 2146 -52.47 -74.57 40.57
C GLY E 2146 -50.97 -74.76 40.48
N LEU E 2147 -50.22 -73.78 40.99
CA LEU E 2147 -48.77 -73.90 41.05
C LEU E 2147 -48.36 -75.03 41.97
N GLY E 2148 -49.04 -75.14 43.11
CA GLY E 2148 -48.77 -76.25 44.00
C GLY E 2148 -49.11 -77.58 43.35
N ASP E 2149 -50.21 -77.62 42.61
CA ASP E 2149 -50.60 -78.85 41.92
C ASP E 2149 -49.59 -79.22 40.85
N ILE E 2150 -49.02 -78.19 40.22
CA ILE E 2150 -47.95 -78.39 39.27
C ILE E 2150 -46.74 -79.00 39.95
N MET E 2151 -46.40 -78.48 41.12
CA MET E 2151 -45.31 -79.02 41.93
C MET E 2151 -45.56 -80.48 42.27
N ASN E 2152 -46.81 -80.84 42.49
CA ASN E 2152 -47.13 -82.21 42.86
C ASN E 2152 -47.29 -83.12 41.67
N ASN E 2153 -47.04 -82.64 40.46
CA ASN E 2153 -47.18 -83.52 39.31
C ASN E 2153 -45.98 -84.43 39.22
N LYS E 2154 -46.23 -85.68 38.89
CA LYS E 2154 -45.17 -86.66 38.95
C LYS E 2154 -44.67 -87.11 37.59
N VAL E 2155 -45.39 -86.77 36.53
CA VAL E 2155 -44.76 -86.74 35.20
C VAL E 2155 -44.21 -85.32 35.09
N PHE E 2156 -43.15 -85.11 35.73
CA PHE E 2156 -42.54 -83.82 35.78
C PHE E 2156 -41.08 -83.90 35.52
N TYR E 2157 -40.45 -84.91 36.06
CA TYR E 2157 -39.04 -85.13 35.94
C TYR E 2157 -38.80 -86.19 34.91
N GLN E 2158 -39.85 -86.94 34.61
CA GLN E 2158 -39.81 -87.89 33.52
C GLN E 2158 -39.69 -87.16 32.19
N HIS E 2159 -40.44 -86.08 32.01
CA HIS E 2159 -40.37 -85.29 30.79
C HIS E 2159 -40.37 -83.80 31.11
N PRO E 2160 -39.28 -83.29 31.69
CA PRO E 2160 -39.21 -81.85 31.96
C PRO E 2160 -38.99 -81.04 30.72
N ASN E 2161 -38.50 -81.68 29.66
CA ASN E 2161 -38.29 -81.03 28.39
C ASN E 2161 -39.60 -80.59 27.78
N LEU E 2162 -40.67 -81.29 28.13
CA LEU E 2162 -41.99 -80.89 27.72
C LEU E 2162 -42.34 -79.51 28.29
N MET E 2163 -42.17 -79.34 29.60
CA MET E 2163 -42.53 -78.06 30.18
C MET E 2163 -41.54 -76.99 29.81
N ARG E 2164 -40.30 -77.37 29.53
CA ARG E 2164 -39.36 -76.45 28.92
C ARG E 2164 -39.87 -75.99 27.57
N ALA E 2165 -40.43 -76.92 26.80
CA ALA E 2165 -41.07 -76.56 25.56
C ALA E 2165 -42.36 -75.80 25.77
N LEU E 2166 -42.93 -75.85 26.97
CA LEU E 2166 -44.23 -75.24 27.17
C LEU E 2166 -44.12 -73.74 27.39
N GLY E 2167 -43.02 -73.27 27.97
CA GLY E 2167 -42.91 -71.85 28.24
C GLY E 2167 -43.73 -71.39 29.42
N MET E 2168 -44.27 -72.34 30.17
CA MET E 2168 -45.05 -72.03 31.36
C MET E 2168 -44.20 -71.32 32.40
N HIS E 2169 -42.93 -71.71 32.47
CA HIS E 2169 -41.93 -70.96 33.22
C HIS E 2169 -41.89 -69.53 32.74
N GLU E 2170 -41.88 -69.33 31.44
CA GLU E 2170 -41.80 -68.00 30.93
C GLU E 2170 -43.13 -67.29 31.10
N THR E 2171 -44.19 -68.06 31.12
CA THR E 2171 -45.51 -67.51 31.33
C THR E 2171 -45.65 -66.97 32.73
N VAL E 2172 -45.18 -67.72 33.72
CA VAL E 2172 -45.30 -67.22 35.08
C VAL E 2172 -44.25 -66.16 35.34
N MET E 2173 -43.17 -66.14 34.55
CA MET E 2173 -42.27 -65.01 34.59
C MET E 2173 -42.97 -63.75 34.14
N GLU E 2174 -43.78 -63.86 33.10
CA GLU E 2174 -44.65 -62.76 32.70
C GLU E 2174 -45.61 -62.40 33.81
N VAL E 2175 -46.13 -63.41 34.52
CA VAL E 2175 -47.04 -63.15 35.63
C VAL E 2175 -46.34 -62.34 36.70
N MET E 2176 -45.07 -62.63 36.94
CA MET E 2176 -44.29 -61.87 37.88
C MET E 2176 -44.05 -60.45 37.40
N VAL E 2177 -43.87 -60.28 36.10
CA VAL E 2177 -43.76 -58.94 35.54
C VAL E 2177 -45.05 -58.19 35.77
N ASN E 2178 -46.16 -58.87 35.54
CA ASN E 2178 -47.48 -58.31 35.80
C ASN E 2178 -47.65 -57.97 37.27
N VAL E 2179 -47.05 -58.77 38.14
CA VAL E 2179 -47.06 -58.46 39.56
C VAL E 2179 -46.27 -57.19 39.83
N LEU E 2180 -45.10 -57.08 39.22
CA LEU E 2180 -44.26 -55.92 39.47
C LEU E 2180 -44.77 -54.77 38.64
N GLY E 2181 -45.66 -54.00 39.22
CA GLY E 2181 -46.17 -52.80 38.57
C GLY E 2181 -45.16 -51.67 38.58
N PHE E 2190 -48.74 -56.39 46.42
CA PHE E 2190 -47.50 -57.14 46.61
C PHE E 2190 -47.72 -58.37 47.48
N PRO E 2191 -48.45 -59.34 46.99
CA PRO E 2191 -48.89 -60.44 47.84
C PRO E 2191 -47.78 -61.47 48.04
N LYS E 2192 -48.14 -62.53 48.76
CA LYS E 2192 -47.26 -63.66 48.97
C LYS E 2192 -47.20 -64.59 47.78
N MET E 2193 -47.97 -64.30 46.72
CA MET E 2193 -47.91 -65.10 45.51
C MET E 2193 -46.55 -65.02 44.86
N VAL E 2194 -45.88 -63.88 45.06
CA VAL E 2194 -44.52 -63.67 44.59
C VAL E 2194 -43.60 -64.76 45.08
N ALA E 2195 -43.71 -65.09 46.37
CA ALA E 2195 -42.89 -66.13 46.96
C ALA E 2195 -43.22 -67.48 46.38
N ASN E 2196 -44.49 -67.71 46.05
CA ASN E 2196 -44.89 -68.98 45.48
C ASN E 2196 -44.28 -69.17 44.11
N CYS E 2197 -44.33 -68.12 43.30
CA CYS E 2197 -43.74 -68.22 41.98
C CYS E 2197 -42.23 -68.34 42.05
N CYS E 2198 -41.63 -67.65 43.01
CA CYS E 2198 -40.18 -67.72 43.18
C CYS E 2198 -39.75 -69.14 43.52
N ARG E 2199 -40.40 -69.72 44.52
CA ARG E 2199 -40.05 -71.04 44.99
C ARG E 2199 -40.32 -72.08 43.93
N PHE E 2200 -41.42 -71.92 43.20
CA PHE E 2200 -41.69 -72.83 42.10
C PHE E 2200 -40.64 -72.67 41.02
N LEU E 2201 -40.25 -71.45 40.73
CA LEU E 2201 -39.36 -71.22 39.61
C LEU E 2201 -37.99 -71.77 39.87
N CYS E 2202 -37.52 -71.63 41.10
CA CYS E 2202 -36.21 -72.19 41.37
C CYS E 2202 -36.28 -73.69 41.48
N TYR E 2203 -37.40 -74.24 41.98
CA TYR E 2203 -37.52 -75.70 41.99
C TYR E 2203 -37.57 -76.24 40.57
N PHE E 2204 -38.22 -75.50 39.69
CA PHE E 2204 -38.15 -75.81 38.27
C PHE E 2204 -36.73 -75.72 37.76
N CYS E 2205 -35.97 -74.76 38.26
CA CYS E 2205 -34.63 -74.54 37.76
C CYS E 2205 -33.70 -75.66 38.16
N ARG E 2206 -34.07 -76.45 39.17
CA ARG E 2206 -33.27 -77.58 39.60
C ARG E 2206 -33.17 -78.63 38.51
N ILE E 2207 -34.27 -78.91 37.84
CA ILE E 2207 -34.42 -80.24 37.30
C ILE E 2207 -33.77 -80.44 35.95
N SER E 2208 -33.18 -79.41 35.36
CA SER E 2208 -32.20 -79.69 34.32
C SER E 2208 -31.18 -78.59 34.27
N ARG E 2209 -30.11 -78.88 33.55
CA ARG E 2209 -29.18 -77.84 33.16
C ARG E 2209 -29.83 -76.87 32.18
N GLN E 2210 -30.57 -77.38 31.21
CA GLN E 2210 -31.07 -76.50 30.18
C GLN E 2210 -32.33 -75.77 30.61
N ASN E 2211 -33.02 -76.26 31.63
CA ASN E 2211 -34.05 -75.43 32.24
C ASN E 2211 -33.43 -74.22 32.88
N GLN E 2212 -32.30 -74.44 33.56
CA GLN E 2212 -31.51 -73.34 34.09
C GLN E 2212 -30.98 -72.44 32.98
N LYS E 2213 -30.69 -73.03 31.82
CA LYS E 2213 -30.27 -72.23 30.68
C LYS E 2213 -31.38 -71.32 30.22
N ALA E 2214 -32.59 -71.85 30.16
CA ALA E 2214 -33.73 -71.04 29.77
C ALA E 2214 -33.97 -69.94 30.79
N MET E 2215 -33.79 -70.24 32.05
CA MET E 2215 -34.00 -69.23 33.06
C MET E 2215 -32.88 -68.23 33.13
N PHE E 2216 -31.73 -68.56 32.53
CA PHE E 2216 -30.57 -67.69 32.58
C PHE E 2216 -30.81 -66.39 31.83
N ASP E 2217 -31.74 -66.38 30.94
CA ASP E 2217 -31.82 -65.37 29.91
C ASP E 2217 -32.58 -64.16 30.35
N HIS E 2218 -32.82 -64.02 31.65
CA HIS E 2218 -33.76 -63.04 32.14
C HIS E 2218 -33.12 -62.22 33.23
N LEU E 2219 -31.79 -62.23 33.28
CA LEU E 2219 -31.07 -61.73 34.44
C LEU E 2219 -31.23 -60.23 34.57
N SER E 2220 -30.87 -59.49 33.52
CA SER E 2220 -30.85 -58.04 33.58
C SER E 2220 -32.23 -57.47 33.83
N TYR E 2221 -33.26 -58.16 33.36
CA TYR E 2221 -34.58 -57.93 33.88
C TYR E 2221 -34.63 -58.29 35.36
N LEU E 2222 -34.12 -59.46 35.71
CA LEU E 2222 -34.58 -60.15 36.89
C LEU E 2222 -34.00 -59.54 38.15
N LEU E 2223 -32.68 -59.41 38.18
CA LEU E 2223 -32.01 -58.90 39.36
C LEU E 2223 -32.31 -57.44 39.59
N GLU E 2224 -32.48 -56.68 38.51
CA GLU E 2224 -32.90 -55.30 38.69
C GLU E 2224 -34.35 -55.23 39.10
N ASN E 2225 -35.11 -56.24 38.72
CA ASN E 2225 -36.43 -56.42 39.27
C ASN E 2225 -36.38 -57.14 40.61
N SER E 2226 -35.25 -57.75 40.95
CA SER E 2226 -35.06 -58.30 42.29
C SER E 2226 -34.47 -57.25 43.21
N SER E 2227 -35.04 -56.05 43.17
CA SER E 2227 -34.47 -54.96 43.93
C SER E 2227 -34.78 -55.13 45.41
N VAL E 2228 -35.92 -55.73 45.70
CA VAL E 2228 -36.17 -56.27 47.02
C VAL E 2228 -36.98 -57.55 46.94
N GLY E 2229 -36.31 -58.66 47.20
CA GLY E 2229 -36.99 -59.85 47.67
C GLY E 2229 -36.59 -59.93 49.13
N LEU E 2230 -35.79 -58.94 49.54
CA LEU E 2230 -35.21 -58.87 50.86
C LEU E 2230 -36.22 -58.33 51.85
N ALA E 2231 -35.73 -57.96 53.03
CA ALA E 2231 -36.51 -57.54 54.20
C ALA E 2231 -37.52 -58.61 54.62
N SER E 2232 -37.23 -59.86 54.28
CA SER E 2232 -38.15 -60.95 54.59
C SER E 2232 -37.32 -62.16 54.94
N PRO E 2233 -36.95 -62.31 56.21
CA PRO E 2233 -36.47 -63.61 56.68
C PRO E 2233 -37.59 -64.63 56.74
N ALA E 2234 -38.84 -64.20 56.63
CA ALA E 2234 -39.95 -65.11 56.44
C ALA E 2234 -39.78 -65.92 55.17
N MET E 2235 -39.79 -65.26 54.01
CA MET E 2235 -39.53 -65.98 52.77
C MET E 2235 -38.10 -66.47 52.74
N ARG E 2236 -37.15 -65.54 52.60
CA ARG E 2236 -35.71 -65.73 52.80
C ARG E 2236 -35.03 -66.70 51.83
N GLY E 2237 -35.81 -67.43 51.05
CA GLY E 2237 -35.32 -68.32 50.03
C GLY E 2237 -36.17 -68.12 48.80
N SER E 2238 -37.30 -67.45 48.98
CA SER E 2238 -38.19 -67.14 47.86
C SER E 2238 -38.02 -65.70 47.39
N THR E 2239 -36.84 -65.32 47.16
CA THR E 2239 -36.72 -64.04 46.50
C THR E 2239 -36.48 -64.28 45.01
N PRO E 2240 -36.82 -63.33 44.14
CA PRO E 2240 -36.50 -63.54 42.73
C PRO E 2240 -35.02 -63.48 42.48
N LEU E 2241 -34.30 -62.73 43.32
CA LEU E 2241 -32.86 -62.84 43.37
C LEU E 2241 -32.42 -64.24 43.72
N ASP E 2242 -33.17 -64.92 44.57
CA ASP E 2242 -32.81 -66.28 44.91
C ASP E 2242 -33.03 -67.21 43.74
N VAL E 2243 -33.99 -66.89 42.89
CA VAL E 2243 -34.16 -67.66 41.68
C VAL E 2243 -33.02 -67.36 40.73
N ALA E 2244 -32.53 -66.12 40.75
CA ALA E 2244 -31.41 -65.76 39.91
C ALA E 2244 -30.15 -66.49 40.34
N ALA E 2245 -29.95 -66.60 41.64
CA ALA E 2245 -28.83 -67.39 42.13
C ALA E 2245 -29.05 -68.87 41.87
N ALA E 2246 -30.31 -69.29 41.87
CA ALA E 2246 -30.63 -70.65 41.53
C ALA E 2246 -30.30 -70.95 40.08
N SER E 2247 -30.31 -69.93 39.24
CA SER E 2247 -29.96 -70.08 37.85
C SER E 2247 -28.47 -70.12 37.61
N VAL E 2248 -27.67 -70.36 38.64
CA VAL E 2248 -26.22 -70.26 38.53
C VAL E 2248 -25.53 -71.57 38.91
N MET E 2249 -25.94 -72.16 40.03
CA MET E 2249 -25.09 -72.92 40.94
C MET E 2249 -24.34 -74.10 40.34
N ASP E 2250 -24.64 -74.50 39.12
CA ASP E 2250 -23.92 -75.63 38.55
C ASP E 2250 -23.12 -75.30 37.32
N ASN E 2251 -23.72 -74.60 36.36
CA ASN E 2251 -23.22 -74.64 35.00
C ASN E 2251 -22.05 -73.68 34.87
N ASN E 2252 -20.85 -74.26 34.78
CA ASN E 2252 -19.66 -73.50 34.46
C ASN E 2252 -19.79 -72.80 33.12
N GLU E 2253 -20.47 -73.47 32.18
CA GLU E 2253 -20.86 -72.85 30.92
C GLU E 2253 -21.66 -71.59 31.18
N LEU E 2254 -22.62 -71.65 32.09
CA LEU E 2254 -23.34 -70.45 32.45
C LEU E 2254 -22.46 -69.51 33.25
N ALA E 2255 -21.51 -70.06 33.99
CA ALA E 2255 -20.62 -69.23 34.78
C ALA E 2255 -19.70 -68.42 33.90
N LEU E 2256 -19.50 -68.84 32.67
CA LEU E 2256 -18.85 -67.97 31.71
C LEU E 2256 -19.86 -67.27 30.83
N ALA E 2257 -21.13 -67.63 30.91
CA ALA E 2257 -22.08 -66.95 30.06
C ALA E 2257 -22.38 -65.56 30.55
N LEU E 2258 -22.16 -65.28 31.82
CA LEU E 2258 -22.55 -64.02 32.42
C LEU E 2258 -21.61 -62.89 32.00
N ARG E 2259 -21.88 -61.70 32.53
CA ARG E 2259 -21.07 -60.53 32.25
C ARG E 2259 -21.10 -59.60 33.44
N GLU E 2260 -20.57 -58.41 33.23
CA GLU E 2260 -20.29 -57.35 34.21
C GLU E 2260 -21.42 -56.42 34.68
N PRO E 2261 -22.33 -55.91 33.84
CA PRO E 2261 -23.08 -54.71 34.28
C PRO E 2261 -24.15 -54.99 35.31
N ASP E 2262 -24.72 -56.19 35.26
CA ASP E 2262 -25.57 -56.70 36.32
C ASP E 2262 -24.86 -56.67 37.66
N LEU E 2263 -23.58 -57.03 37.67
CA LEU E 2263 -22.84 -57.02 38.93
C LEU E 2263 -22.57 -55.61 39.37
N GLU E 2264 -22.48 -54.69 38.41
CA GLU E 2264 -22.42 -53.28 38.77
C GLU E 2264 -23.72 -52.82 39.37
N LYS E 2265 -24.84 -53.40 38.93
CA LYS E 2265 -26.09 -53.10 39.61
C LYS E 2265 -26.13 -53.70 40.99
N VAL E 2266 -25.47 -54.85 41.16
CA VAL E 2266 -25.37 -55.47 42.48
C VAL E 2266 -24.62 -54.57 43.43
N VAL E 2267 -23.51 -53.99 42.96
CA VAL E 2267 -22.77 -53.11 43.85
C VAL E 2267 -23.44 -51.76 43.96
N ARG E 2268 -24.34 -51.42 43.04
CA ARG E 2268 -25.24 -50.30 43.32
C ARG E 2268 -26.19 -50.63 44.44
N TYR E 2269 -26.44 -51.90 44.68
CA TYR E 2269 -27.34 -52.27 45.75
C TYR E 2269 -26.63 -52.37 47.08
N LEU E 2270 -25.47 -51.75 47.22
CA LEU E 2270 -24.74 -51.67 48.48
C LEU E 2270 -24.57 -50.19 48.79
N ALA E 2271 -25.26 -49.72 49.83
CA ALA E 2271 -25.23 -48.29 50.12
C ALA E 2271 -25.09 -47.94 51.59
N GLY E 2272 -25.51 -48.78 52.53
CA GLY E 2272 -25.47 -48.41 53.92
C GLY E 2272 -25.25 -49.63 54.79
N CYS E 2273 -24.71 -49.41 55.96
CA CYS E 2273 -24.58 -50.47 56.96
C CYS E 2273 -25.44 -50.19 58.17
N GLY E 2274 -25.46 -48.94 58.63
CA GLY E 2274 -26.32 -48.56 59.73
C GLY E 2274 -27.14 -47.33 59.38
N PRO E 2293 -28.33 -50.16 56.85
CA PRO E 2293 -28.92 -51.10 55.91
C PRO E 2293 -28.17 -52.41 55.85
N VAL E 2294 -28.31 -53.21 56.90
CA VAL E 2294 -27.71 -54.54 57.00
C VAL E 2294 -28.31 -55.52 55.99
N GLU E 2295 -29.44 -55.15 55.39
CA GLU E 2295 -30.15 -55.98 54.45
C GLU E 2295 -29.45 -56.15 53.11
N GLY E 2296 -28.27 -55.56 52.92
CA GLY E 2296 -27.41 -55.91 51.79
C GLY E 2296 -26.79 -57.28 51.88
N GLU E 2297 -27.08 -58.00 52.96
CA GLU E 2297 -26.69 -59.37 53.22
C GLU E 2297 -27.02 -60.33 52.08
N ARG E 2298 -28.08 -60.06 51.32
CA ARG E 2298 -28.58 -61.10 50.44
C ARG E 2298 -27.79 -61.18 49.14
N TYR E 2299 -27.12 -60.08 48.75
CA TYR E 2299 -26.47 -60.05 47.45
C TYR E 2299 -25.25 -60.95 47.41
N LEU E 2300 -24.50 -60.98 48.51
CA LEU E 2300 -23.29 -61.77 48.56
C LEU E 2300 -23.59 -63.25 48.49
N ASP E 2301 -24.77 -63.63 48.98
CA ASP E 2301 -25.23 -65.01 48.86
C ASP E 2301 -25.28 -65.42 47.41
N PHE E 2302 -25.79 -64.53 46.56
CA PHE E 2302 -25.75 -64.73 45.13
C PHE E 2302 -24.33 -64.72 44.61
N LEU E 2303 -23.51 -63.84 45.16
CA LEU E 2303 -22.17 -63.67 44.61
C LEU E 2303 -21.28 -64.88 44.88
N ARG E 2304 -21.62 -65.64 45.91
CA ARG E 2304 -20.86 -66.84 46.24
C ARG E 2304 -21.00 -67.87 45.14
N PHE E 2305 -22.20 -68.08 44.65
CA PHE E 2305 -22.33 -68.89 43.46
C PHE E 2305 -21.81 -68.16 42.25
N ALA E 2306 -21.78 -66.84 42.29
CA ALA E 2306 -21.18 -66.11 41.19
C ALA E 2306 -19.67 -66.17 41.20
N VAL E 2307 -19.05 -66.86 42.15
CA VAL E 2307 -17.65 -67.19 42.02
C VAL E 2307 -17.39 -68.70 41.92
N PHE E 2308 -18.10 -69.55 42.65
CA PHE E 2308 -17.62 -70.90 42.86
C PHE E 2308 -18.24 -71.90 41.89
N CYS E 2309 -19.53 -72.21 42.05
CA CYS E 2309 -20.39 -72.88 41.08
C CYS E 2309 -19.99 -74.32 40.71
N ASN E 2310 -18.82 -74.78 41.14
CA ASN E 2310 -18.34 -76.06 40.62
C ASN E 2310 -17.59 -76.90 41.63
N GLY E 2311 -17.56 -76.52 42.90
CA GLY E 2311 -16.56 -77.09 43.77
C GLY E 2311 -15.20 -76.48 43.58
N GLU E 2312 -15.10 -75.41 42.77
CA GLU E 2312 -13.87 -74.66 42.60
C GLU E 2312 -14.25 -73.31 42.05
N SER E 2313 -13.78 -72.25 42.71
CA SER E 2313 -14.00 -70.87 42.27
C SER E 2313 -13.51 -70.60 40.87
N VAL E 2314 -14.45 -70.40 39.94
CA VAL E 2314 -14.07 -69.78 38.69
C VAL E 2314 -13.82 -68.30 38.96
N GLU E 2315 -12.90 -67.72 38.23
CA GLU E 2315 -12.09 -66.66 38.76
C GLU E 2315 -12.20 -65.33 38.04
N GLU E 2316 -12.66 -65.32 36.81
CA GLU E 2316 -12.66 -64.08 36.06
C GLU E 2316 -13.70 -63.12 36.58
N ASN E 2317 -14.85 -63.65 36.96
CA ASN E 2317 -15.85 -62.91 37.72
C ASN E 2317 -15.22 -62.26 38.95
N ALA E 2318 -14.49 -63.06 39.74
CA ALA E 2318 -13.82 -62.55 40.92
C ALA E 2318 -12.75 -61.55 40.53
N ASN E 2319 -12.04 -61.87 39.45
CA ASN E 2319 -10.98 -61.01 38.93
C ASN E 2319 -11.50 -59.63 38.61
N VAL E 2320 -12.71 -59.54 38.09
CA VAL E 2320 -13.30 -58.24 37.88
C VAL E 2320 -13.72 -57.62 39.20
N VAL E 2321 -14.49 -58.38 39.99
CA VAL E 2321 -15.31 -57.74 40.99
C VAL E 2321 -14.47 -57.24 42.14
N VAL E 2322 -13.31 -57.84 42.39
CA VAL E 2322 -12.48 -57.28 43.44
C VAL E 2322 -11.83 -56.00 42.99
N ARG E 2323 -11.63 -55.81 41.68
CA ARG E 2323 -11.14 -54.53 41.22
C ARG E 2323 -12.24 -53.51 41.24
N LEU E 2324 -13.46 -53.97 41.10
CA LEU E 2324 -14.60 -53.09 41.30
C LEU E 2324 -14.70 -52.68 42.76
N LEU E 2325 -14.28 -53.56 43.66
CA LEU E 2325 -14.59 -53.41 45.07
C LEU E 2325 -13.60 -52.55 45.82
N ILE E 2326 -12.82 -51.72 45.14
CA ILE E 2326 -11.99 -50.75 45.82
C ILE E 2326 -12.80 -49.53 46.24
N ARG E 2327 -14.08 -49.49 45.88
CA ARG E 2327 -14.88 -48.28 46.01
C ARG E 2327 -15.61 -48.22 47.36
N ARG E 2328 -16.44 -49.21 47.71
CA ARG E 2328 -17.15 -49.16 48.98
C ARG E 2328 -17.46 -50.54 49.51
N PRO E 2329 -16.58 -51.10 50.34
CA PRO E 2329 -16.95 -52.32 51.06
C PRO E 2329 -17.91 -52.06 52.20
N GLU E 2330 -17.69 -50.99 52.96
CA GLU E 2330 -18.52 -50.55 54.08
C GLU E 2330 -18.70 -51.62 55.16
N GLY E 2343 -12.59 -47.56 60.47
CA GLY E 2343 -12.09 -48.72 61.18
C GLY E 2343 -13.07 -49.88 61.15
N LEU E 2344 -13.05 -50.65 60.06
CA LEU E 2344 -14.01 -51.72 59.90
C LEU E 2344 -13.66 -52.93 60.77
N LEU E 2345 -12.38 -53.31 60.81
CA LEU E 2345 -11.94 -54.36 61.71
C LEU E 2345 -11.77 -53.88 63.14
N ALA E 2346 -11.86 -52.57 63.36
CA ALA E 2346 -11.76 -52.04 64.70
C ALA E 2346 -12.90 -52.56 65.58
N ALA E 2347 -14.13 -52.43 65.10
CA ALA E 2347 -15.29 -52.95 65.79
C ALA E 2347 -15.68 -54.32 65.28
N MET E 2348 -14.70 -55.15 64.93
CA MET E 2348 -15.00 -56.40 64.25
C MET E 2348 -15.68 -57.40 65.18
N GLU E 2349 -15.06 -57.68 66.33
CA GLU E 2349 -15.70 -58.52 67.32
C GLU E 2349 -16.44 -57.73 68.36
N GLU E 2350 -17.01 -56.60 67.97
CA GLU E 2350 -17.58 -55.66 68.94
C GLU E 2350 -18.89 -56.17 69.51
N ALA E 2351 -19.91 -56.32 68.67
CA ALA E 2351 -21.27 -56.50 69.16
C ALA E 2351 -21.60 -57.95 69.43
N ILE E 2352 -20.60 -58.78 69.71
CA ILE E 2352 -20.83 -60.14 70.21
C ILE E 2352 -21.60 -60.08 71.52
N LYS E 2353 -21.36 -59.03 72.30
CA LYS E 2353 -22.18 -58.73 73.46
C LYS E 2353 -23.61 -58.38 73.09
N ILE E 2354 -23.82 -57.79 71.92
CA ILE E 2354 -25.13 -57.28 71.58
C ILE E 2354 -25.85 -58.28 70.71
N GLY E 2386 -30.97 -61.68 66.44
CA GLY E 2386 -30.27 -60.42 66.30
C GLY E 2386 -28.80 -60.60 65.98
N ASN E 2387 -28.52 -61.50 65.04
CA ASN E 2387 -27.16 -61.88 64.67
C ASN E 2387 -26.66 -61.08 63.48
N ALA E 2388 -27.03 -59.80 63.45
CA ALA E 2388 -27.13 -59.06 62.20
C ALA E 2388 -25.77 -58.75 61.60
N ILE E 2389 -24.99 -57.92 62.28
CA ILE E 2389 -23.75 -57.42 61.69
C ILE E 2389 -22.70 -58.52 61.65
N MET E 2390 -22.81 -59.48 62.58
CA MET E 2390 -21.83 -60.55 62.72
C MET E 2390 -21.85 -61.47 61.51
N THR E 2391 -23.01 -62.07 61.24
CA THR E 2391 -23.19 -62.83 60.02
C THR E 2391 -23.08 -61.95 58.79
N PHE E 2392 -23.44 -60.67 58.92
CA PHE E 2392 -23.48 -59.75 57.80
C PHE E 2392 -22.10 -59.41 57.27
N TYR E 2393 -21.11 -59.41 58.14
CA TYR E 2393 -19.74 -59.31 57.67
C TYR E 2393 -19.09 -60.66 57.49
N ALA E 2394 -19.66 -61.71 58.09
CA ALA E 2394 -19.19 -63.06 57.80
C ALA E 2394 -19.40 -63.39 56.33
N ALA E 2395 -20.51 -62.90 55.79
CA ALA E 2395 -20.75 -63.01 54.36
C ALA E 2395 -19.65 -62.30 53.58
N LEU E 2396 -19.23 -61.13 54.06
CA LEU E 2396 -18.22 -60.35 53.37
C LEU E 2396 -16.89 -61.09 53.33
N ILE E 2397 -16.49 -61.65 54.47
CA ILE E 2397 -15.19 -62.32 54.52
C ILE E 2397 -15.22 -63.63 53.74
N ASP E 2398 -16.35 -64.35 53.78
CA ASP E 2398 -16.43 -65.59 53.04
C ASP E 2398 -16.43 -65.33 51.54
N LEU E 2399 -17.06 -64.25 51.12
CA LEU E 2399 -17.04 -63.88 49.72
C LEU E 2399 -15.65 -63.43 49.31
N LEU E 2400 -14.97 -62.74 50.21
CA LEU E 2400 -13.65 -62.26 49.88
C LEU E 2400 -12.66 -63.41 49.74
N GLY E 2401 -12.85 -64.47 50.51
CA GLY E 2401 -11.87 -65.54 50.50
C GLY E 2401 -11.94 -66.49 49.33
N ARG E 2402 -12.26 -65.99 48.14
CA ARG E 2402 -12.54 -66.84 47.00
C ARG E 2402 -11.67 -66.47 45.83
N CYS E 2403 -10.36 -66.34 46.05
CA CYS E 2403 -9.43 -66.00 44.98
C CYS E 2403 -8.18 -66.86 45.09
N ALA E 2404 -7.86 -67.56 44.01
CA ALA E 2404 -6.63 -68.34 43.97
C ALA E 2404 -5.50 -67.46 43.48
N GLU E 2416 2.12 -61.54 36.57
CA GLU E 2416 0.99 -62.43 36.72
C GLU E 2416 -0.10 -61.70 37.50
N ALA E 2417 -1.29 -62.30 37.57
CA ALA E 2417 -2.43 -61.58 38.11
C ALA E 2417 -2.46 -61.54 39.63
N ILE E 2418 -1.38 -61.90 40.31
CA ILE E 2418 -1.43 -62.02 41.75
C ILE E 2418 -0.81 -60.74 42.31
N ARG E 2419 -0.94 -59.65 41.57
CA ARG E 2419 -0.86 -58.32 42.17
C ARG E 2419 -1.93 -58.15 43.24
N ILE E 2420 -3.05 -58.86 43.10
CA ILE E 2420 -4.15 -58.85 44.04
C ILE E 2420 -3.80 -59.27 45.45
N ARG E 2421 -2.71 -60.02 45.65
CA ARG E 2421 -2.55 -60.81 46.86
C ARG E 2421 -2.32 -59.93 48.08
N SER E 2422 -1.64 -58.81 47.89
CA SER E 2422 -1.53 -57.81 48.94
C SER E 2422 -2.88 -57.24 49.29
N ILE E 2423 -3.68 -56.97 48.27
CA ILE E 2423 -5.04 -56.50 48.50
C ILE E 2423 -5.88 -57.64 49.06
N LEU E 2424 -5.57 -58.87 48.64
CA LEU E 2424 -6.15 -60.03 49.29
C LEU E 2424 -5.68 -60.16 50.73
N ARG E 2425 -4.55 -59.56 51.08
CA ARG E 2425 -4.05 -59.62 52.43
C ARG E 2425 -4.30 -58.34 53.23
N SER E 2426 -4.96 -57.36 52.65
CA SER E 2426 -5.37 -56.19 53.43
C SER E 2426 -6.85 -56.29 53.76
N GLY E 2431 -3.67 -59.50 56.52
CA GLY E 2431 -3.17 -59.33 57.86
C GLY E 2431 -4.25 -58.86 58.80
N ASP E 2432 -5.36 -59.58 58.79
CA ASP E 2432 -6.59 -59.18 59.44
C ASP E 2432 -7.01 -60.23 60.46
N LEU E 2433 -6.04 -60.72 61.24
CA LEU E 2433 -6.10 -62.05 61.83
C LEU E 2433 -6.79 -62.09 63.18
N VAL E 2434 -7.65 -61.12 63.47
CA VAL E 2434 -8.25 -61.04 64.80
C VAL E 2434 -9.32 -62.10 64.98
N GLY E 2435 -10.10 -62.34 63.94
CA GLY E 2435 -11.19 -63.30 64.01
C GLY E 2435 -10.71 -64.73 64.09
N VAL E 2436 -9.45 -64.98 63.75
CA VAL E 2436 -8.85 -66.27 63.98
C VAL E 2436 -8.90 -66.61 65.45
N ILE E 2437 -8.55 -65.64 66.28
CA ILE E 2437 -8.55 -65.85 67.72
C ILE E 2437 -9.65 -64.94 68.25
N SER E 2438 -10.74 -64.85 67.49
CA SER E 2438 -11.95 -64.27 68.05
C SER E 2438 -12.44 -65.06 69.25
N ILE E 2439 -12.96 -66.27 69.02
CA ILE E 2439 -13.45 -67.13 70.10
C ILE E 2439 -12.71 -68.46 69.95
N ALA E 2440 -11.45 -68.40 69.51
CA ALA E 2440 -10.64 -69.61 69.35
C ALA E 2440 -10.42 -70.36 70.66
N PHE E 2461 -23.34 -69.90 64.83
CA PHE E 2461 -22.55 -68.74 65.20
C PHE E 2461 -21.08 -69.08 65.14
N CYS E 2462 -20.55 -69.57 66.25
CA CYS E 2462 -19.29 -70.28 66.20
C CYS E 2462 -19.44 -71.59 65.41
N PRO E 2463 -20.64 -72.17 65.26
CA PRO E 2463 -20.87 -72.93 64.02
C PRO E 2463 -20.53 -72.15 62.76
N ASP E 2464 -21.10 -70.95 62.61
CA ASP E 2464 -21.12 -70.31 61.31
C ASP E 2464 -19.78 -69.72 60.93
N HIS E 2465 -19.25 -68.84 61.76
CA HIS E 2465 -18.28 -67.86 61.29
C HIS E 2465 -16.88 -68.47 61.17
N LYS E 2466 -16.52 -69.33 62.12
CA LYS E 2466 -15.12 -69.74 62.25
C LYS E 2466 -14.68 -70.60 61.07
N ALA E 2467 -15.56 -71.42 60.51
CA ALA E 2467 -15.20 -72.21 59.34
C ALA E 2467 -14.98 -71.31 58.12
N ALA E 2468 -15.72 -70.22 58.03
CA ALA E 2468 -15.49 -69.24 56.96
C ALA E 2468 -14.12 -68.59 57.13
N MET E 2469 -13.76 -68.30 58.37
CA MET E 2469 -12.41 -67.80 58.61
C MET E 2469 -11.36 -68.85 58.26
N VAL E 2470 -11.68 -70.12 58.51
CA VAL E 2470 -10.78 -71.23 58.20
C VAL E 2470 -10.48 -71.29 56.72
N LEU E 2471 -11.54 -71.28 55.91
CA LEU E 2471 -11.33 -71.37 54.47
C LEU E 2471 -10.69 -70.12 53.91
N PHE E 2472 -10.98 -68.96 54.51
CA PHE E 2472 -10.37 -67.73 54.03
C PHE E 2472 -8.88 -67.72 54.31
N LEU E 2473 -8.50 -68.14 55.51
CA LEU E 2473 -7.09 -68.24 55.84
C LEU E 2473 -6.40 -69.31 55.03
N ASP E 2474 -7.12 -70.38 54.69
CA ASP E 2474 -6.51 -71.41 53.87
C ASP E 2474 -6.33 -70.93 52.45
N ARG E 2475 -7.21 -70.05 52.00
CA ARG E 2475 -7.12 -69.55 50.64
C ARG E 2475 -6.02 -68.50 50.51
N VAL E 2476 -5.96 -67.57 51.45
CA VAL E 2476 -5.10 -66.41 51.25
C VAL E 2476 -3.78 -66.63 51.97
N TYR E 2477 -3.76 -67.55 52.92
CA TYR E 2477 -2.55 -67.70 53.72
C TYR E 2477 -2.17 -69.17 53.84
N VAL E 2481 6.24 -73.43 60.43
CA VAL E 2481 5.22 -73.13 59.43
C VAL E 2481 4.24 -74.27 59.38
N GLN E 2482 4.73 -75.48 59.09
CA GLN E 2482 3.88 -76.66 59.18
C GLN E 2482 3.47 -76.92 60.62
N ASP E 2483 4.25 -76.46 61.58
CA ASP E 2483 3.94 -76.67 62.98
C ASP E 2483 3.72 -75.36 63.75
N PHE E 2484 3.95 -74.21 63.12
CA PHE E 2484 3.66 -72.90 63.72
C PHE E 2484 2.20 -72.71 64.03
N LEU E 2485 1.33 -73.23 63.17
CA LEU E 2485 -0.08 -72.82 63.15
C LEU E 2485 -0.84 -73.31 64.38
N LEU E 2486 -0.26 -74.22 65.14
CA LEU E 2486 -0.95 -74.78 66.28
C LEU E 2486 -1.02 -73.84 67.47
N HIS E 2487 -0.40 -72.67 67.39
CA HIS E 2487 -0.61 -71.69 68.45
C HIS E 2487 -1.96 -71.04 68.31
N LEU E 2488 -2.56 -71.18 67.14
CA LEU E 2488 -3.87 -70.60 66.87
C LEU E 2488 -5.02 -71.41 67.43
N LEU E 2489 -4.78 -72.37 68.32
CA LEU E 2489 -5.86 -73.00 69.06
C LEU E 2489 -6.48 -72.02 70.04
N GLY E 2492 -10.13 -71.75 66.56
CA GLY E 2492 -9.07 -72.55 67.14
C GLY E 2492 -9.54 -73.73 67.96
N PHE E 2493 -8.81 -74.84 67.87
CA PHE E 2493 -9.30 -76.10 68.40
C PHE E 2493 -9.23 -76.19 69.91
N LEU E 2494 -8.66 -75.20 70.58
CA LEU E 2494 -8.67 -75.19 72.04
C LEU E 2494 -10.09 -75.11 72.59
N PRO E 2495 -10.99 -74.32 72.04
CA PRO E 2495 -12.39 -74.43 72.47
C PRO E 2495 -13.01 -75.69 71.90
N ASP E 2496 -12.57 -76.06 70.70
CA ASP E 2496 -13.34 -77.00 69.89
C ASP E 2496 -13.15 -78.44 70.34
N LEU E 2497 -11.94 -78.96 70.19
CA LEU E 2497 -11.68 -80.36 70.48
C LEU E 2497 -11.76 -80.66 71.97
N ARG E 2498 -11.60 -79.63 72.80
CA ARG E 2498 -11.89 -79.75 74.22
C ARG E 2498 -13.38 -79.67 74.49
N ALA E 2499 -14.15 -78.99 73.63
CA ALA E 2499 -15.59 -78.88 73.83
C ALA E 2499 -16.36 -80.03 73.20
N ALA E 2500 -15.71 -81.17 73.05
CA ALA E 2500 -16.23 -82.29 72.28
C ALA E 2500 -17.29 -83.11 73.03
N ALA E 2501 -17.88 -82.58 74.10
CA ALA E 2501 -18.97 -83.29 74.77
C ALA E 2501 -20.07 -82.36 75.29
N SER E 2502 -20.07 -81.07 74.90
CA SER E 2502 -21.05 -80.12 75.39
C SER E 2502 -22.41 -80.44 74.77
N LEU E 2503 -23.33 -80.96 75.59
CA LEU E 2503 -24.64 -81.36 75.11
C LEU E 2503 -25.53 -80.17 74.81
N THR E 2511 -28.51 -76.46 70.53
CA THR E 2511 -27.90 -77.59 69.84
C THR E 2511 -27.04 -77.12 68.69
N ASP E 2512 -26.69 -75.84 68.71
CA ASP E 2512 -25.75 -75.28 67.75
C ASP E 2512 -24.41 -75.99 67.86
N MET E 2513 -24.05 -76.35 69.09
CA MET E 2513 -22.84 -77.12 69.37
C MET E 2513 -22.88 -78.48 68.70
N ALA E 2514 -24.02 -79.16 68.78
CA ALA E 2514 -24.12 -80.55 68.32
C ALA E 2514 -24.00 -80.66 66.81
N LEU E 2515 -24.24 -79.57 66.11
CA LEU E 2515 -24.09 -79.55 64.66
C LEU E 2515 -22.78 -78.91 64.24
N ALA E 2516 -22.23 -77.99 65.05
CA ALA E 2516 -20.87 -77.54 64.84
C ALA E 2516 -19.88 -78.68 65.02
N LEU E 2517 -20.26 -79.67 65.83
CA LEU E 2517 -19.51 -80.90 66.01
C LEU E 2517 -19.25 -81.59 64.68
N ASN E 2518 -20.31 -82.02 63.99
CA ASN E 2518 -20.12 -82.70 62.72
C ASN E 2518 -19.71 -81.73 61.63
N ARG E 2519 -19.94 -80.44 61.85
CA ARG E 2519 -19.57 -79.42 60.89
C ARG E 2519 -18.07 -79.29 60.78
N TYR E 2520 -17.41 -78.98 61.89
CA TYR E 2520 -16.02 -78.57 61.86
C TYR E 2520 -15.05 -79.71 61.65
N LEU E 2521 -15.53 -80.90 61.27
CA LEU E 2521 -14.65 -81.96 60.85
C LEU E 2521 -13.94 -81.62 59.55
N CYS E 2522 -14.56 -80.79 58.71
CA CYS E 2522 -13.86 -80.32 57.51
C CYS E 2522 -12.70 -79.42 57.89
N THR E 2523 -12.94 -78.49 58.81
CA THR E 2523 -11.88 -77.65 59.35
C THR E 2523 -10.90 -78.42 60.21
N ALA E 2524 -11.27 -79.63 60.63
CA ALA E 2524 -10.35 -80.52 61.32
C ALA E 2524 -9.46 -81.27 60.35
N VAL E 2525 -9.99 -81.61 59.17
CA VAL E 2525 -9.18 -82.27 58.17
C VAL E 2525 -8.21 -81.28 57.55
N LEU E 2526 -8.68 -80.07 57.28
CA LEU E 2526 -7.97 -78.96 56.67
C LEU E 2526 -6.54 -78.64 57.14
N PRO E 2527 -6.15 -78.90 58.41
CA PRO E 2527 -4.72 -78.77 58.73
C PRO E 2527 -3.87 -79.94 58.31
N LEU E 2528 -4.36 -80.82 57.42
CA LEU E 2528 -3.45 -81.70 56.71
C LEU E 2528 -2.47 -80.91 55.87
N LEU E 2529 -2.90 -79.77 55.37
CA LEU E 2529 -2.01 -78.76 54.83
C LEU E 2529 -1.11 -78.24 55.95
N LEU E 2535 8.44 -76.88 70.26
CA LEU E 2535 7.95 -78.17 69.79
C LEU E 2535 7.57 -79.06 70.96
N PHE E 2536 6.52 -78.69 71.69
CA PHE E 2536 6.09 -79.48 72.84
C PHE E 2536 4.58 -79.62 72.93
N ALA E 2537 3.85 -78.55 72.61
CA ALA E 2537 2.40 -78.50 72.79
C ALA E 2537 1.64 -79.33 71.77
N GLY E 2538 2.32 -79.94 70.80
CA GLY E 2538 1.66 -80.85 69.88
C GLY E 2538 1.17 -82.11 70.56
N THR E 2539 1.80 -82.50 71.67
CA THR E 2539 1.23 -83.54 72.50
C THR E 2539 -0.11 -83.12 73.08
N GLU E 2540 -0.23 -81.85 73.47
CA GLU E 2540 -1.51 -81.33 73.94
C GLU E 2540 -2.51 -81.22 72.80
N HIS E 2541 -2.03 -80.93 71.59
CA HIS E 2541 -2.90 -80.88 70.43
C HIS E 2541 -3.44 -82.25 70.10
N HIS E 2542 -2.57 -83.27 70.15
CA HIS E 2542 -3.00 -84.65 69.95
C HIS E 2542 -3.87 -85.12 71.11
N ALA E 2543 -3.72 -84.52 72.29
CA ALA E 2543 -4.60 -84.83 73.41
C ALA E 2543 -6.01 -84.31 73.15
N SER E 2544 -6.13 -83.07 72.70
CA SER E 2544 -7.43 -82.53 72.33
C SER E 2544 -8.03 -83.30 71.15
N LEU E 2545 -7.17 -83.72 70.22
CA LEU E 2545 -7.61 -84.52 69.09
C LEU E 2545 -8.12 -85.87 69.52
N ILE E 2546 -7.44 -86.51 70.48
CA ILE E 2546 -7.90 -87.80 70.96
C ILE E 2546 -9.16 -87.64 71.79
N ASP E 2547 -9.30 -86.51 72.49
CA ASP E 2547 -10.51 -86.24 73.25
C ASP E 2547 -11.71 -86.08 72.33
N SER E 2548 -11.51 -85.37 71.21
CA SER E 2548 -12.55 -85.29 70.21
C SER E 2548 -12.75 -86.63 69.50
N LEU E 2549 -11.69 -87.42 69.36
CA LEU E 2549 -11.75 -88.67 68.61
C LEU E 2549 -12.54 -89.71 69.37
N LEU E 2550 -12.13 -90.02 70.59
CA LEU E 2550 -12.87 -90.93 71.45
C LEU E 2550 -14.18 -90.32 71.93
N HIS E 2551 -14.33 -88.99 71.84
CA HIS E 2551 -15.64 -88.38 71.99
C HIS E 2551 -16.58 -88.80 70.87
N THR E 2552 -16.04 -89.23 69.72
CA THR E 2552 -16.83 -89.82 68.65
C THR E 2552 -16.53 -91.29 68.42
N VAL E 2553 -15.39 -91.80 68.87
CA VAL E 2553 -15.08 -93.21 68.67
C VAL E 2553 -15.84 -94.07 69.66
N LYS E 2558 -22.82 -88.46 63.73
CA LYS E 2558 -21.85 -87.57 63.12
C LYS E 2558 -20.80 -88.36 62.35
N GLY E 2559 -21.09 -89.65 62.17
CA GLY E 2559 -20.08 -90.61 61.77
C GLY E 2559 -19.58 -90.46 60.35
N CYS E 2560 -20.27 -89.69 59.51
CA CYS E 2560 -19.82 -89.52 58.14
C CYS E 2560 -18.57 -88.67 58.07
N SER E 2561 -18.66 -87.41 58.52
CA SER E 2561 -17.49 -86.57 58.55
C SER E 2561 -16.51 -86.98 59.64
N LEU E 2562 -16.98 -87.74 60.64
CA LEU E 2562 -16.06 -88.34 61.60
C LEU E 2562 -15.18 -89.39 60.94
N THR E 2563 -15.78 -90.26 60.13
CA THR E 2563 -15.01 -91.23 59.37
C THR E 2563 -14.14 -90.54 58.34
N LYS E 2564 -14.57 -89.37 57.87
CA LYS E 2564 -13.70 -88.55 57.02
C LYS E 2564 -12.47 -88.07 57.79
N ALA E 2565 -12.66 -87.54 59.00
CA ALA E 2565 -11.55 -87.05 59.79
C ALA E 2565 -10.66 -88.17 60.32
N GLN E 2566 -11.19 -89.39 60.33
CA GLN E 2566 -10.40 -90.55 60.73
C GLN E 2566 -9.22 -90.78 59.79
N ARG E 2567 -9.38 -90.44 58.51
CA ARG E 2567 -8.27 -90.54 57.59
C ARG E 2567 -7.23 -89.46 57.86
N ASP E 2568 -7.68 -88.23 58.15
CA ASP E 2568 -6.77 -87.12 58.37
C ASP E 2568 -5.99 -87.26 59.67
N SER E 2569 -6.56 -88.00 60.64
CA SER E 2569 -5.92 -88.13 61.95
C SER E 2569 -4.58 -88.86 61.87
N ILE E 2570 -4.50 -89.92 61.08
CA ILE E 2570 -3.29 -90.73 61.02
C ILE E 2570 -2.17 -89.98 60.31
N GLU E 2571 -2.51 -89.26 59.23
CA GLU E 2571 -1.50 -88.48 58.52
C GLU E 2571 -1.07 -87.27 59.34
N VAL E 2572 -1.97 -86.72 60.16
CA VAL E 2572 -1.56 -85.67 61.08
C VAL E 2572 -0.69 -86.23 62.18
N CYS E 2573 -0.89 -87.50 62.53
CA CYS E 2573 -0.06 -88.15 63.54
C CYS E 2573 1.35 -88.39 63.02
N LEU E 2574 1.48 -88.87 61.79
CA LEU E 2574 2.79 -89.08 61.20
C LEU E 2574 3.33 -87.82 60.53
N LEU E 2575 2.68 -86.67 60.73
CA LEU E 2575 3.11 -85.43 60.09
C LEU E 2575 4.40 -84.87 60.68
N SER E 2576 4.82 -85.37 61.83
CA SER E 2576 6.10 -84.99 62.41
C SER E 2576 6.65 -86.15 63.23
N ARG E 2582 7.45 -82.29 70.18
CA ARG E 2582 8.36 -82.52 69.07
C ARG E 2582 8.12 -83.90 68.46
N PRO E 2583 9.16 -84.44 67.81
CA PRO E 2583 9.07 -85.83 67.35
C PRO E 2583 9.01 -86.82 68.49
N SER E 2584 9.49 -86.43 69.67
CA SER E 2584 9.25 -87.22 70.87
C SER E 2584 7.77 -87.25 71.20
N MET E 2585 7.09 -86.10 71.08
CA MET E 2585 5.64 -86.10 71.21
C MET E 2585 4.99 -86.87 70.08
N MET E 2586 5.65 -86.95 68.91
CA MET E 2586 5.12 -87.75 67.81
C MET E 2586 5.18 -89.23 68.11
N GLN E 2587 6.27 -89.71 68.72
CA GLN E 2587 6.31 -91.11 69.13
C GLN E 2587 5.37 -91.36 70.32
N HIS E 2588 5.16 -90.33 71.16
CA HIS E 2588 4.19 -90.41 72.24
C HIS E 2588 2.78 -90.61 71.71
N LEU E 2589 2.40 -89.84 70.70
CA LEU E 2589 1.13 -90.06 70.03
C LEU E 2589 1.14 -91.34 69.19
N LEU E 2590 2.30 -91.82 68.76
CA LEU E 2590 2.37 -93.08 68.03
C LEU E 2590 2.02 -94.26 68.93
N ARG E 2591 2.40 -94.19 70.20
CA ARG E 2591 1.95 -95.20 71.17
C ARG E 2591 0.69 -94.76 71.95
N ARG E 2592 0.10 -93.61 71.62
CA ARG E 2592 -1.22 -93.28 72.14
C ARG E 2592 -2.29 -94.26 71.66
N LEU E 2593 -2.08 -94.90 70.50
CA LEU E 2593 -2.96 -95.98 70.08
C LEU E 2593 -2.88 -97.15 71.05
N VAL E 2594 -1.68 -97.46 71.55
CA VAL E 2594 -1.55 -98.48 72.58
C VAL E 2594 -2.13 -98.00 73.90
N PHE E 2595 -2.13 -96.68 74.13
CA PHE E 2595 -2.76 -96.12 75.32
C PHE E 2595 -4.27 -96.34 75.31
N ASP E 2596 -4.90 -96.13 74.17
CA ASP E 2596 -6.32 -96.38 74.05
C ASP E 2596 -6.66 -97.85 73.86
N VAL E 2597 -5.69 -98.66 73.44
CA VAL E 2597 -5.82 -100.09 73.18
C VAL E 2597 -6.21 -100.88 74.42
N PRO E 2598 -6.04 -100.33 75.62
CA PRO E 2598 -6.47 -101.04 76.84
C PRO E 2598 -7.96 -101.40 76.88
N LEU E 2599 -8.80 -100.76 76.07
CA LEU E 2599 -10.19 -101.15 75.94
C LEU E 2599 -10.48 -101.88 74.63
N LEU E 2600 -9.46 -102.25 73.86
CA LEU E 2600 -9.69 -102.72 72.49
C LEU E 2600 -10.09 -104.19 72.43
N ASN E 2601 -9.16 -105.08 72.78
CA ASN E 2601 -9.37 -106.52 72.63
C ASN E 2601 -8.38 -107.33 73.45
N LYS E 2605 -13.41 -99.25 69.72
CA LYS E 2605 -13.78 -100.65 69.68
C LYS E 2605 -13.78 -101.16 68.24
N MET E 2606 -14.95 -101.50 67.73
CA MET E 2606 -15.13 -101.79 66.32
C MET E 2606 -14.97 -100.49 65.55
N PRO E 2607 -15.29 -99.35 66.17
CA PRO E 2607 -15.05 -98.05 65.52
C PRO E 2607 -13.58 -97.77 65.34
N LEU E 2608 -12.81 -97.85 66.43
CA LEU E 2608 -11.39 -97.58 66.39
C LEU E 2608 -10.56 -98.79 65.98
N LYS E 2609 -11.21 -99.84 65.46
CA LYS E 2609 -10.47 -101.01 64.98
C LYS E 2609 -9.63 -100.68 63.76
N LEU E 2610 -10.09 -99.72 62.94
CA LEU E 2610 -9.29 -99.29 61.80
C LEU E 2610 -8.05 -98.53 62.27
N LEU E 2611 -8.19 -97.70 63.30
CA LEU E 2611 -7.04 -97.02 63.88
C LEU E 2611 -6.08 -98.01 64.53
N THR E 2612 -6.63 -99.05 65.16
CA THR E 2612 -5.81 -100.10 65.74
C THR E 2612 -5.06 -100.89 64.67
N ASN E 2613 -5.69 -101.08 63.51
CA ASN E 2613 -5.00 -101.72 62.40
C ASN E 2613 -3.90 -100.82 61.85
N HIS E 2614 -4.20 -99.55 61.62
CA HIS E 2614 -3.23 -98.62 61.05
C HIS E 2614 -2.13 -98.22 62.03
N TYR E 2615 -2.27 -98.53 63.31
CA TYR E 2615 -1.25 -98.19 64.30
C TYR E 2615 0.07 -98.93 64.09
N GLU E 2616 0.07 -100.00 63.30
CA GLU E 2616 1.31 -100.64 62.89
C GLU E 2616 2.20 -99.67 62.12
N ARG E 2617 1.59 -98.78 61.33
CA ARG E 2617 2.36 -97.75 60.64
C ARG E 2617 2.96 -96.75 61.61
N CYS E 2618 2.24 -96.40 62.68
CA CYS E 2618 2.78 -95.45 63.65
C CYS E 2618 3.92 -96.06 64.46
N TRP E 2619 3.79 -97.35 64.78
CA TRP E 2619 4.90 -98.04 65.46
C TRP E 2619 6.10 -98.18 64.53
N LYS E 2620 5.87 -98.43 63.24
CA LYS E 2620 6.97 -98.47 62.28
C LYS E 2620 7.58 -97.09 62.07
N TYR E 2621 6.79 -96.03 62.23
CA TYR E 2621 7.33 -94.68 62.16
C TYR E 2621 8.19 -94.37 63.38
N TYR E 2622 7.78 -94.88 64.54
CA TYR E 2622 8.65 -94.77 65.71
C TYR E 2622 9.85 -95.71 65.62
N CYS E 2623 9.79 -96.71 64.74
CA CYS E 2623 10.81 -97.75 64.71
C CYS E 2623 12.15 -97.28 64.17
N LEU E 2624 12.18 -96.25 63.33
CA LEU E 2624 13.42 -95.89 62.66
C LEU E 2624 14.42 -95.22 63.61
N PRO E 2625 14.16 -94.03 64.13
CA PRO E 2625 15.14 -93.41 65.02
C PRO E 2625 15.03 -93.98 66.43
N GLY E 2626 13.85 -94.47 66.78
CA GLY E 2626 13.63 -95.11 68.05
C GLY E 2626 14.07 -96.54 68.12
N GLY E 2627 14.70 -97.07 67.06
CA GLY E 2627 15.22 -98.41 67.07
C GLY E 2627 15.91 -98.78 65.77
N ALA E 2634 9.38 -98.99 80.71
CA ALA E 2634 8.48 -97.95 80.23
C ALA E 2634 8.07 -98.23 78.79
N SER E 2635 8.90 -97.77 77.85
CA SER E 2635 8.56 -97.87 76.44
C SER E 2635 8.62 -99.32 75.97
N GLU E 2636 9.71 -100.02 76.31
CA GLU E 2636 9.78 -101.45 76.00
C GLU E 2636 8.82 -102.25 76.87
N GLU E 2637 8.53 -101.77 78.08
CA GLU E 2637 7.49 -102.40 78.89
C GLU E 2637 6.12 -102.23 78.26
N GLU E 2638 5.86 -101.05 77.69
CA GLU E 2638 4.63 -100.88 76.93
C GLU E 2638 4.62 -101.71 75.66
N LEU E 2639 5.80 -101.96 75.09
CA LEU E 2639 5.87 -102.84 73.92
C LEU E 2639 5.57 -104.28 74.29
N HIS E 2640 6.04 -104.72 75.45
CA HIS E 2640 5.72 -106.06 75.92
C HIS E 2640 4.25 -106.19 76.28
N LEU E 2641 3.68 -105.16 76.92
CA LEU E 2641 2.24 -105.15 77.19
C LEU E 2641 1.44 -105.08 75.90
N SER E 2642 1.98 -104.42 74.88
CA SER E 2642 1.29 -104.35 73.59
C SER E 2642 1.35 -105.68 72.86
N ARG E 2643 2.47 -106.39 72.97
CA ARG E 2643 2.55 -107.72 72.40
C ARG E 2643 1.66 -108.70 73.14
N LYS E 2644 1.54 -108.51 74.46
CA LYS E 2644 0.60 -109.31 75.24
C LYS E 2644 -0.84 -109.01 74.86
N LEU E 2645 -1.15 -107.74 74.62
CA LEU E 2645 -2.49 -107.38 74.15
C LEU E 2645 -2.74 -107.87 72.73
N PHE E 2646 -1.68 -107.97 71.92
CA PHE E 2646 -1.82 -108.51 70.57
C PHE E 2646 -2.09 -110.01 70.61
N TRP E 2647 -1.41 -110.72 71.52
CA TRP E 2647 -1.71 -112.13 71.70
C TRP E 2647 -3.09 -112.35 72.31
N GLY E 2648 -3.53 -111.43 73.17
CA GLY E 2648 -4.88 -111.53 73.71
C GLY E 2648 -5.96 -111.19 72.72
N ILE E 2649 -5.66 -110.31 71.76
CA ILE E 2649 -6.58 -110.07 70.65
C ILE E 2649 -6.54 -111.25 69.68
N PHE E 2650 -5.41 -111.97 69.63
CA PHE E 2650 -5.31 -113.15 68.77
C PHE E 2650 -6.22 -114.27 69.24
N ASP E 2651 -6.43 -114.40 70.54
CA ASP E 2651 -7.38 -115.35 71.06
C ASP E 2651 -8.69 -114.69 71.47
N ALA E 2652 -8.90 -113.42 71.13
CA ALA E 2652 -10.14 -112.74 71.48
C ALA E 2652 -11.33 -113.30 70.72
N LEU E 2653 -11.11 -113.91 69.56
CA LEU E 2653 -12.18 -114.58 68.86
C LEU E 2653 -12.33 -115.99 69.39
N TYR E 2658 -15.29 -109.85 60.49
CA TYR E 2658 -14.30 -109.80 59.42
C TYR E 2658 -13.45 -108.55 59.54
N GLU E 2659 -14.04 -107.47 60.05
CA GLU E 2659 -13.30 -106.23 60.26
C GLU E 2659 -12.28 -106.40 61.38
N GLN E 2660 -12.66 -107.09 62.45
CA GLN E 2660 -11.68 -107.52 63.44
C GLN E 2660 -10.71 -108.53 62.85
N GLU E 2661 -11.22 -109.41 61.98
CA GLU E 2661 -10.34 -110.35 61.28
C GLU E 2661 -9.45 -109.64 60.27
N LEU E 2662 -9.88 -108.49 59.77
CA LEU E 2662 -9.00 -107.69 58.92
C LEU E 2662 -7.93 -107.00 59.75
N PHE E 2663 -8.32 -106.42 60.89
CA PHE E 2663 -7.37 -105.69 61.73
C PHE E 2663 -6.41 -106.62 62.46
N LYS E 2664 -6.73 -107.90 62.57
CA LYS E 2664 -5.83 -108.83 63.24
C LYS E 2664 -4.58 -109.11 62.41
N LEU E 2665 -4.68 -109.01 61.08
CA LEU E 2665 -3.49 -109.16 60.26
C LEU E 2665 -2.55 -107.98 60.42
N ALA E 2666 -3.10 -106.80 60.71
CA ALA E 2666 -2.27 -105.62 60.95
C ALA E 2666 -1.78 -105.55 62.39
N LEU E 2667 -2.47 -106.21 63.32
CA LEU E 2667 -1.89 -106.41 64.63
C LEU E 2667 -0.64 -107.29 64.57
N PRO E 2668 -0.54 -108.27 63.66
CA PRO E 2668 0.76 -108.89 63.41
C PRO E 2668 1.77 -107.93 62.83
N CYS E 2669 1.33 -106.99 61.99
CA CYS E 2669 2.21 -105.93 61.53
C CYS E 2669 2.58 -104.98 62.66
N LEU E 2670 1.69 -104.82 63.65
CA LEU E 2670 2.04 -104.04 64.83
C LEU E 2670 3.10 -104.75 65.66
N SER E 2671 3.04 -106.08 65.74
CA SER E 2671 4.09 -106.83 66.42
C SER E 2671 5.41 -106.74 65.68
N ALA E 2672 5.38 -106.79 64.35
CA ALA E 2672 6.60 -106.65 63.56
C ALA E 2672 7.19 -105.24 63.67
N VAL E 2673 6.34 -104.22 63.74
CA VAL E 2673 6.83 -102.85 63.89
C VAL E 2673 7.34 -102.61 65.30
N ALA E 2674 6.78 -103.30 66.30
CA ALA E 2674 7.34 -103.27 67.63
C ALA E 2674 8.68 -103.99 67.67
N GLY E 2675 8.85 -105.00 66.81
CA GLY E 2675 10.16 -105.62 66.67
C GLY E 2675 11.17 -104.68 66.06
N ALA E 2676 10.77 -103.94 65.03
CA ALA E 2676 11.68 -102.96 64.42
C ALA E 2676 11.89 -101.74 65.32
N LEU E 2677 11.00 -101.51 66.26
CA LEU E 2677 11.12 -100.40 67.20
C LEU E 2677 12.06 -100.78 68.34
N PRO E 2678 11.93 -101.98 68.89
CA PRO E 2678 12.78 -102.37 70.00
C PRO E 2678 14.02 -103.08 69.50
N PRO E 2679 14.26 -103.06 68.18
CA PRO E 2679 15.35 -103.61 67.37
C PRO E 2679 15.70 -105.06 67.71
N ASN E 2701 -12.98 -88.63 77.43
CA ASN E 2701 -13.58 -89.01 78.71
C ASN E 2701 -12.63 -89.88 79.52
N PHE E 2702 -11.46 -89.35 79.82
CA PHE E 2702 -10.44 -90.12 80.51
C PHE E 2702 -10.81 -90.31 81.97
N ASN E 2703 -10.38 -91.45 82.53
CA ASN E 2703 -10.72 -91.86 83.89
C ASN E 2703 -9.44 -92.03 84.70
N PRO E 2704 -8.94 -90.96 85.35
CA PRO E 2704 -7.75 -91.10 86.21
C PRO E 2704 -8.08 -91.72 87.56
N GLN E 2705 -7.75 -92.99 87.74
CA GLN E 2705 -8.20 -93.75 88.89
C GLN E 2705 -7.04 -94.02 89.83
N PRO E 2706 -6.99 -93.39 90.99
CA PRO E 2706 -5.99 -93.76 92.00
C PRO E 2706 -6.38 -95.06 92.70
N VAL E 2707 -5.50 -95.51 93.58
CA VAL E 2707 -5.74 -96.74 94.33
C VAL E 2707 -5.78 -96.42 95.82
N ASP E 2708 -5.94 -97.44 96.65
CA ASP E 2708 -6.31 -97.26 98.05
C ASP E 2708 -5.17 -96.65 98.88
N THR E 2709 -5.57 -95.87 99.89
CA THR E 2709 -4.64 -95.05 100.64
C THR E 2709 -4.49 -95.49 102.08
N SER E 2710 -5.57 -95.44 102.86
CA SER E 2710 -5.47 -95.57 104.30
C SER E 2710 -6.25 -96.75 104.87
N ASN E 2711 -6.83 -97.60 104.03
CA ASN E 2711 -7.50 -98.81 104.47
C ASN E 2711 -6.54 -99.98 104.63
N ILE E 2712 -5.23 -99.73 104.53
CA ILE E 2712 -4.20 -100.73 104.73
C ILE E 2712 -3.55 -100.47 106.08
N THR E 2713 -3.16 -101.55 106.76
CA THR E 2713 -2.62 -101.47 108.12
C THR E 2713 -1.21 -100.91 108.05
N ILE E 2714 -1.10 -99.60 108.26
CA ILE E 2714 0.17 -98.87 108.17
C ILE E 2714 0.55 -98.44 109.59
N PRO E 2715 1.75 -98.77 110.06
CA PRO E 2715 2.19 -98.27 111.37
C PRO E 2715 2.56 -96.80 111.30
N GLU E 2716 2.79 -96.22 112.48
CA GLU E 2716 3.18 -94.83 112.59
C GLU E 2716 4.69 -94.67 112.72
N LYS E 2717 5.47 -95.63 112.23
CA LYS E 2717 6.91 -95.43 112.08
C LYS E 2717 7.21 -94.53 110.89
N LEU E 2718 6.35 -94.55 109.88
CA LEU E 2718 6.42 -93.58 108.80
C LEU E 2718 5.89 -92.21 109.24
N GLU E 2719 5.17 -92.14 110.36
CA GLU E 2719 4.80 -90.85 110.94
C GLU E 2719 6.03 -90.12 111.47
N TYR E 2720 6.99 -90.86 112.02
CA TYR E 2720 8.27 -90.26 112.36
C TYR E 2720 9.01 -89.84 111.10
N PHE E 2721 8.90 -90.65 110.03
CA PHE E 2721 9.39 -90.24 108.73
C PHE E 2721 8.64 -89.02 108.19
N ILE E 2722 7.34 -88.89 108.52
CA ILE E 2722 6.57 -87.74 108.08
C ILE E 2722 7.02 -86.48 108.83
N ASN E 2723 7.34 -86.61 110.12
CA ASN E 2723 7.85 -85.45 110.86
C ASN E 2723 9.27 -85.11 110.44
N LYS E 2724 10.07 -86.11 110.08
CA LYS E 2724 11.39 -85.83 109.51
C LYS E 2724 11.27 -85.17 108.14
N TYR E 2725 10.28 -85.60 107.36
CA TYR E 2725 9.97 -84.98 106.07
C TYR E 2725 9.57 -83.53 106.27
N ALA E 2726 8.74 -83.26 107.28
CA ALA E 2726 8.30 -81.89 107.57
C ALA E 2726 9.45 -81.03 108.08
N GLU E 2727 10.31 -81.60 108.94
CA GLU E 2727 11.46 -80.88 109.49
C GLU E 2727 12.42 -80.49 108.38
N HIS E 2728 12.87 -81.47 107.61
CA HIS E 2728 13.90 -81.23 106.60
C HIS E 2728 13.33 -80.48 105.41
N SER E 2729 12.06 -80.74 105.06
CA SER E 2729 11.36 -79.97 104.06
C SER E 2729 11.16 -78.53 104.52
N HIS E 2730 11.03 -78.27 105.82
CA HIS E 2730 10.95 -76.89 106.24
C HIS E 2730 12.30 -76.21 106.25
N ASP E 2731 13.39 -76.94 106.51
CA ASP E 2731 14.72 -76.33 106.34
C ASP E 2731 14.96 -75.95 104.88
N LYS E 2732 14.67 -76.86 103.95
CA LYS E 2732 14.84 -76.54 102.53
C LYS E 2732 13.81 -75.53 102.03
N TRP E 2733 12.60 -75.55 102.61
CA TRP E 2733 11.57 -74.58 102.28
C TRP E 2733 11.94 -73.19 102.79
N SER E 2734 12.55 -73.13 103.97
CA SER E 2734 13.02 -71.87 104.52
C SER E 2734 14.19 -71.33 103.70
N MET E 2735 15.05 -72.20 103.18
CA MET E 2735 16.08 -71.73 102.25
C MET E 2735 15.48 -71.23 100.93
N ASP E 2736 14.48 -71.96 100.41
CA ASP E 2736 13.85 -71.59 99.14
C ASP E 2736 13.03 -70.31 99.26
N LYS E 2737 12.55 -69.98 100.45
CA LYS E 2737 11.78 -68.76 100.65
C LYS E 2737 12.54 -67.70 101.46
N LEU E 2738 13.79 -67.96 101.82
CA LEU E 2738 14.69 -66.93 102.32
C LEU E 2738 15.70 -66.49 101.28
N ALA E 2739 15.81 -67.22 100.17
CA ALA E 2739 16.34 -66.60 98.96
C ALA E 2739 15.38 -65.52 98.45
N ASN E 2740 14.09 -65.69 98.70
CA ASN E 2740 13.06 -64.67 98.46
C ASN E 2740 12.90 -63.74 99.67
N GLY E 2741 13.02 -64.26 100.89
CA GLY E 2741 13.01 -63.43 102.08
C GLY E 2741 11.71 -63.42 102.86
N TRP E 2742 11.15 -64.59 103.11
CA TRP E 2742 9.82 -64.70 103.73
C TRP E 2742 9.95 -65.00 105.21
N ILE E 2743 9.65 -64.01 106.05
CA ILE E 2743 9.51 -64.18 107.50
C ILE E 2743 8.10 -63.76 107.87
N TYR E 2744 7.51 -64.41 108.88
CA TYR E 2744 6.19 -64.03 109.35
C TYR E 2744 6.26 -62.75 110.18
N GLY E 2745 5.50 -61.75 109.76
CA GLY E 2745 5.37 -60.50 110.50
C GLY E 2745 3.99 -60.35 111.10
N GLU E 2746 3.23 -59.35 110.66
CA GLU E 2746 1.88 -59.13 111.16
C GLU E 2746 0.83 -59.29 110.06
N ILE E 2747 0.92 -58.52 108.98
CA ILE E 2747 -0.05 -58.53 107.89
C ILE E 2747 0.64 -59.02 106.64
N TYR E 2748 0.06 -60.02 105.98
CA TYR E 2748 0.70 -60.68 104.84
C TYR E 2748 0.70 -59.77 103.62
N SER E 2749 1.89 -59.40 103.13
CA SER E 2749 2.03 -58.61 101.93
C SER E 2749 3.39 -58.90 101.32
N ASP E 2750 3.77 -58.11 100.32
CA ASP E 2750 5.00 -58.32 99.56
C ASP E 2750 6.04 -57.23 99.76
N SER E 2751 5.60 -55.99 100.04
CA SER E 2751 6.55 -54.90 100.23
C SER E 2751 7.35 -55.11 101.52
N SER E 2752 6.72 -55.65 102.55
CA SER E 2752 7.43 -56.05 103.76
C SER E 2752 7.89 -57.50 103.72
N LYS E 2753 7.50 -58.24 102.68
CA LYS E 2753 7.82 -59.66 102.48
C LYS E 2753 7.38 -60.51 103.66
N VAL E 2754 6.06 -60.51 103.89
CA VAL E 2754 5.45 -61.18 105.04
C VAL E 2754 4.47 -62.23 104.53
N GLN E 2755 4.63 -63.46 105.01
CA GLN E 2755 3.69 -64.54 104.79
C GLN E 2755 3.19 -65.05 106.13
N PRO E 2756 1.94 -65.57 106.19
CA PRO E 2756 1.44 -66.04 107.49
C PRO E 2756 1.86 -67.45 107.85
N LEU E 2757 2.92 -67.98 107.22
CA LEU E 2757 3.34 -69.35 107.44
C LEU E 2757 4.83 -69.53 107.68
N MET E 2758 5.60 -68.45 107.85
CA MET E 2758 7.06 -68.53 107.73
C MET E 2758 7.75 -68.23 109.06
N LYS E 2759 7.91 -69.27 109.86
CA LYS E 2759 8.82 -69.33 111.00
C LYS E 2759 9.79 -70.46 110.69
N PRO E 2760 10.88 -70.63 111.44
CA PRO E 2760 11.64 -71.88 111.34
C PRO E 2760 10.90 -73.03 111.99
N TYR E 2761 11.42 -74.24 111.79
CA TYR E 2761 10.71 -75.45 112.18
C TYR E 2761 10.57 -75.62 113.69
N LYS E 2762 11.46 -74.99 114.48
CA LYS E 2762 11.35 -75.08 115.93
C LYS E 2762 10.20 -74.26 116.50
N LEU E 2763 9.56 -73.40 115.71
CA LEU E 2763 8.46 -72.58 116.18
C LEU E 2763 7.22 -72.71 115.30
N LEU E 2764 7.23 -73.62 114.33
CA LEU E 2764 6.10 -73.77 113.44
C LEU E 2764 4.88 -74.34 114.15
N SER E 2765 3.75 -74.22 113.48
CA SER E 2765 2.52 -74.90 113.84
C SER E 2765 2.16 -75.88 112.74
N GLU E 2766 1.46 -76.94 113.13
CA GLU E 2766 1.11 -77.97 112.16
C GLU E 2766 -0.06 -77.58 111.26
N LYS E 2767 -0.74 -76.47 111.57
CA LYS E 2767 -1.87 -76.04 110.73
C LYS E 2767 -1.39 -75.48 109.39
N GLU E 2768 -0.17 -74.95 109.35
CA GLU E 2768 0.32 -74.37 108.11
C GLU E 2768 1.08 -75.39 107.24
N LYS E 2769 1.56 -76.48 107.84
CA LYS E 2769 2.13 -77.55 107.04
C LYS E 2769 1.06 -78.46 106.44
N GLU E 2770 -0.18 -78.40 106.97
CA GLU E 2770 -1.26 -79.29 106.53
C GLU E 2770 -1.62 -79.06 105.07
N ILE E 2771 -1.49 -77.82 104.59
CA ILE E 2771 -1.68 -77.54 103.16
C ILE E 2771 -0.47 -77.91 102.33
N TYR E 2772 0.58 -78.47 102.94
CA TYR E 2772 1.65 -79.13 102.22
C TYR E 2772 1.85 -80.58 102.61
N ARG E 2773 1.50 -80.97 103.84
CA ARG E 2773 1.70 -82.36 104.26
C ARG E 2773 0.69 -83.29 103.61
N TRP E 2774 -0.50 -82.81 103.29
CA TRP E 2774 -1.60 -83.66 102.81
C TRP E 2774 -1.38 -84.36 101.46
N PRO E 2775 -0.75 -83.75 100.44
CA PRO E 2775 -0.36 -84.59 99.28
C PRO E 2775 0.69 -85.63 99.61
N ILE E 2776 1.61 -85.33 100.53
CA ILE E 2776 2.58 -86.33 100.96
C ILE E 2776 1.88 -87.45 101.72
N LYS E 2777 0.81 -87.12 102.45
CA LYS E 2777 -0.04 -88.10 103.12
C LYS E 2777 -0.77 -88.97 102.11
N GLU E 2778 -1.34 -88.37 101.08
CA GLU E 2778 -2.03 -89.12 100.03
C GLU E 2778 -1.07 -89.77 99.04
N SER E 2779 0.23 -89.58 99.22
CA SER E 2779 1.24 -90.16 98.35
C SER E 2779 1.90 -91.39 98.95
N LEU E 2780 2.45 -91.25 100.17
CA LEU E 2780 3.21 -92.34 100.79
C LEU E 2780 2.35 -93.55 101.11
N LYS E 2781 1.06 -93.35 101.34
CA LYS E 2781 0.20 -94.45 101.75
C LYS E 2781 -0.36 -95.20 100.54
N THR E 2782 -0.60 -94.49 99.44
CA THR E 2782 -0.82 -95.15 98.16
C THR E 2782 0.46 -95.76 97.59
N MET E 2783 1.63 -95.36 98.08
CA MET E 2783 2.85 -96.05 97.70
C MET E 2783 2.92 -97.45 98.27
N LEU E 2784 2.19 -97.71 99.36
CA LEU E 2784 2.15 -99.03 99.99
C LEU E 2784 0.93 -99.84 99.53
N ALA E 2785 0.47 -99.63 98.30
CA ALA E 2785 -0.80 -100.18 97.85
C ALA E 2785 -0.68 -101.31 96.83
N TRP E 2786 0.39 -101.36 96.04
CA TRP E 2786 0.46 -102.27 94.90
C TRP E 2786 1.23 -103.55 95.22
N GLY E 2787 1.25 -103.97 96.47
CA GLY E 2787 2.13 -105.05 96.86
C GLY E 2787 3.59 -104.69 96.81
N TRP E 2788 3.91 -103.40 96.87
CA TRP E 2788 5.28 -102.91 96.81
C TRP E 2788 5.58 -102.26 98.15
N ARG E 2789 5.96 -103.09 99.12
CA ARG E 2789 6.23 -102.61 100.46
C ARG E 2789 7.65 -102.04 100.55
N ILE E 2790 7.86 -101.20 101.56
CA ILE E 2790 9.13 -100.52 101.75
C ILE E 2790 9.77 -101.06 103.02
N GLU E 2791 11.04 -101.44 102.93
CA GLU E 2791 11.78 -102.09 103.99
C GLU E 2791 12.86 -101.13 104.52
N ARG E 2792 13.70 -101.64 105.41
CA ARG E 2792 14.69 -100.83 106.12
C ARG E 2792 16.10 -101.15 105.65
N THR E 2793 17.00 -100.21 105.92
CA THR E 2793 18.42 -100.30 105.55
C THR E 2793 19.23 -99.83 106.75
N ARG E 2794 20.49 -99.48 106.50
CA ARG E 2794 21.35 -98.88 107.50
C ARG E 2794 20.85 -97.49 107.90
N GLU E 2795 21.52 -96.92 108.90
CA GLU E 2795 21.12 -95.61 109.43
C GLU E 2795 21.44 -94.50 108.45
N GLY E 2796 20.54 -93.51 108.36
CA GLY E 2796 20.68 -92.44 107.41
C GLY E 2796 20.37 -91.09 108.02
N ASP E 2797 20.94 -90.06 107.43
CA ASP E 2797 20.75 -88.69 107.88
C ASP E 2797 19.49 -88.09 107.28
N HIS E 2820 22.83 -69.47 100.50
CA HIS E 2820 23.26 -69.33 101.89
C HIS E 2820 22.12 -68.83 102.77
N GLY E 2821 22.11 -69.28 104.03
CA GLY E 2821 21.10 -68.86 104.98
C GLY E 2821 21.24 -69.52 106.33
N TYR E 2822 20.11 -69.97 106.89
CA TYR E 2822 20.10 -70.68 108.17
C TYR E 2822 20.74 -72.06 108.00
N SER E 2823 21.88 -72.27 108.66
CA SER E 2823 22.75 -73.42 108.36
C SER E 2823 22.97 -74.27 109.60
N PRO E 2824 22.09 -75.23 109.87
CA PRO E 2824 22.47 -76.34 110.76
C PRO E 2824 23.14 -77.44 109.95
N ARG E 2825 23.40 -78.59 110.57
CA ARG E 2825 23.90 -79.76 109.82
C ARG E 2825 22.73 -80.36 109.05
N ALA E 2826 22.38 -79.70 107.94
CA ALA E 2826 21.21 -80.04 107.17
C ALA E 2826 21.60 -80.42 105.75
N ILE E 2827 20.69 -81.15 105.11
CA ILE E 2827 20.92 -81.76 103.79
C ILE E 2827 19.73 -81.35 102.93
N ASP E 2828 19.91 -81.42 101.61
CA ASP E 2828 18.80 -81.26 100.67
C ASP E 2828 17.83 -82.44 100.74
N MET E 2829 16.75 -82.33 99.98
CA MET E 2829 15.67 -83.31 100.01
C MET E 2829 15.80 -84.43 98.98
N SER E 2830 16.53 -84.18 97.90
CA SER E 2830 16.36 -84.95 96.66
C SER E 2830 17.70 -85.34 96.05
N ASN E 2831 18.62 -85.87 96.87
CA ASN E 2831 20.00 -86.09 96.43
C ASN E 2831 20.53 -87.47 96.83
N VAL E 2832 19.80 -88.53 96.52
CA VAL E 2832 20.28 -89.90 96.70
C VAL E 2832 19.84 -90.73 95.48
N THR E 2833 20.57 -91.80 95.19
CA THR E 2833 20.31 -92.61 94.00
C THR E 2833 19.04 -93.44 94.13
N LEU E 2834 18.63 -94.03 93.01
CA LEU E 2834 17.50 -94.95 92.91
C LEU E 2834 17.98 -96.26 92.28
N SER E 2835 17.06 -97.23 92.16
CA SER E 2835 17.32 -98.46 91.42
C SER E 2835 16.05 -98.86 90.67
N ARG E 2836 16.07 -100.04 90.02
CA ARG E 2836 14.89 -100.53 89.31
C ARG E 2836 13.74 -100.79 90.27
N ASP E 2837 14.06 -101.37 91.44
CA ASP E 2837 13.10 -101.54 92.52
C ASP E 2837 12.62 -100.20 93.08
N LEU E 2838 13.38 -99.13 92.88
CA LEU E 2838 12.89 -97.80 93.19
C LEU E 2838 12.22 -97.15 91.97
N HIS E 2839 12.82 -97.25 90.78
CA HIS E 2839 12.35 -96.42 89.67
C HIS E 2839 11.08 -96.95 89.03
N ALA E 2840 10.85 -98.27 89.02
CA ALA E 2840 9.58 -98.77 88.52
C ALA E 2840 8.45 -98.36 89.45
N MET E 2841 8.72 -98.36 90.76
CA MET E 2841 7.82 -97.77 91.73
C MET E 2841 7.63 -96.28 91.49
N ALA E 2842 8.69 -95.57 91.11
CA ALA E 2842 8.60 -94.13 90.88
C ALA E 2842 7.73 -93.83 89.66
N GLU E 2843 7.91 -94.58 88.57
CA GLU E 2843 7.14 -94.37 87.35
C GLU E 2843 5.68 -94.75 87.55
N MET E 2844 5.43 -95.93 88.11
CA MET E 2844 4.05 -96.39 88.30
C MET E 2844 3.34 -95.55 89.35
N MET E 2845 4.05 -95.18 90.43
CA MET E 2845 3.46 -94.33 91.44
C MET E 2845 3.34 -92.89 90.99
N ALA E 2846 4.12 -92.46 90.00
CA ALA E 2846 3.90 -91.13 89.44
C ALA E 2846 2.67 -91.12 88.55
N GLU E 2847 2.39 -92.23 87.87
CA GLU E 2847 1.09 -92.41 87.22
C GLU E 2847 -0.04 -92.36 88.25
N ASN E 2848 0.18 -93.02 89.41
CA ASN E 2848 -0.79 -92.93 90.49
C ASN E 2848 -0.90 -91.53 91.06
N TYR E 2849 0.17 -90.75 91.02
CA TYR E 2849 0.12 -89.39 91.55
C TYR E 2849 -0.59 -88.46 90.57
N HIS E 2850 -0.46 -88.74 89.27
CA HIS E 2850 -1.33 -88.12 88.27
C HIS E 2850 -2.79 -88.38 88.58
N ASN E 2851 -3.13 -89.64 88.89
CA ASN E 2851 -4.52 -89.96 89.23
C ASN E 2851 -4.96 -89.30 90.55
N ILE E 2852 -4.06 -89.23 91.53
CA ILE E 2852 -4.37 -88.68 92.83
C ILE E 2852 -4.61 -87.17 92.73
N TRP E 2853 -3.71 -86.46 92.06
CA TRP E 2853 -3.88 -85.03 91.91
C TRP E 2853 -5.02 -84.69 90.95
N ALA E 2854 -5.31 -85.58 89.99
CA ALA E 2854 -6.45 -85.37 89.11
C ALA E 2854 -7.76 -85.56 89.85
N LYS E 2855 -7.79 -86.47 90.83
CA LYS E 2855 -8.99 -86.58 91.67
C LYS E 2855 -9.06 -85.40 92.65
N LYS E 2856 -7.91 -84.92 93.12
CA LYS E 2856 -7.88 -83.79 94.07
C LYS E 2856 -8.37 -82.51 93.42
N LYS E 2857 -7.85 -82.18 92.24
CA LYS E 2857 -8.36 -81.04 91.50
C LYS E 2857 -9.75 -81.32 90.94
N LYS E 2858 -10.08 -82.60 90.70
CA LYS E 2858 -11.36 -82.94 90.09
C LYS E 2858 -12.50 -82.75 91.07
N LEU E 2859 -12.30 -83.10 92.34
CA LEU E 2859 -13.31 -82.80 93.36
C LEU E 2859 -13.36 -81.32 93.67
N GLU E 2860 -12.29 -80.58 93.39
CA GLU E 2860 -12.30 -79.14 93.54
C GLU E 2860 -13.14 -78.48 92.45
N LEU E 2861 -12.97 -78.91 91.21
CA LEU E 2861 -13.72 -78.29 90.10
C LEU E 2861 -15.17 -78.74 90.07
N GLU E 2862 -15.48 -79.93 90.57
CA GLU E 2862 -16.86 -80.41 90.61
C GLU E 2862 -17.62 -79.87 91.81
N SER E 2863 -17.04 -78.96 92.58
CA SER E 2863 -17.69 -78.34 93.73
C SER E 2863 -18.54 -77.14 93.34
N LYS E 2864 -18.02 -76.26 92.48
CA LYS E 2864 -18.72 -75.04 92.14
C LYS E 2864 -19.86 -75.26 91.15
N GLY E 2865 -19.82 -76.35 90.38
CA GLY E 2865 -20.85 -76.60 89.40
C GLY E 2865 -20.52 -76.01 88.04
N GLY E 2866 -19.34 -76.35 87.51
CA GLY E 2866 -18.91 -75.84 86.22
C GLY E 2866 -18.49 -76.94 85.25
N GLY E 2867 -17.28 -76.84 84.72
CA GLY E 2867 -16.77 -77.79 83.75
C GLY E 2867 -15.79 -78.77 84.38
N ASN E 2868 -15.45 -79.79 83.58
CA ASN E 2868 -14.58 -80.85 84.06
C ASN E 2868 -13.11 -80.48 83.81
N HIS E 2869 -12.21 -81.42 84.12
CA HIS E 2869 -10.78 -81.19 84.03
C HIS E 2869 -10.34 -81.09 82.58
N PRO E 2870 -9.79 -79.95 82.15
CA PRO E 2870 -9.48 -79.76 80.72
C PRO E 2870 -8.09 -80.23 80.30
N LEU E 2871 -7.44 -81.09 81.07
CA LEU E 2871 -6.11 -81.59 80.73
C LEU E 2871 -6.02 -83.09 80.91
N LEU E 2872 -6.97 -83.84 80.35
CA LEU E 2872 -7.15 -85.26 80.64
C LEU E 2872 -7.36 -86.03 79.36
N VAL E 2873 -6.58 -87.09 79.16
CA VAL E 2873 -6.54 -87.86 77.92
C VAL E 2873 -5.85 -89.18 78.26
N PRO E 2874 -6.00 -90.26 77.45
CA PRO E 2874 -5.18 -91.47 77.67
C PRO E 2874 -3.68 -91.24 77.56
N TYR E 2875 -2.98 -92.35 77.80
CA TYR E 2875 -1.79 -92.38 78.65
C TYR E 2875 -0.70 -91.42 78.21
N ASP E 2876 -0.11 -91.66 77.04
CA ASP E 2876 1.09 -90.94 76.62
C ASP E 2876 0.75 -89.78 75.69
N THR E 2877 -0.31 -89.06 75.99
CA THR E 2877 -0.63 -87.85 75.24
C THR E 2877 -0.88 -86.69 76.20
N LEU E 2878 -0.69 -86.90 77.50
CA LEU E 2878 -1.13 -85.97 78.52
C LEU E 2878 -0.23 -84.74 78.57
N THR E 2879 -0.63 -83.79 79.41
CA THR E 2879 0.08 -82.53 79.58
C THR E 2879 1.24 -82.71 80.56
N ALA E 2880 1.80 -81.60 81.06
CA ALA E 2880 3.13 -81.74 81.67
C ALA E 2880 3.27 -81.12 83.06
N LYS E 2881 2.62 -79.98 83.34
CA LYS E 2881 2.99 -79.19 84.53
C LYS E 2881 2.54 -79.86 85.83
N GLU E 2882 1.35 -80.47 85.84
CA GLU E 2882 0.95 -81.27 87.00
C GLU E 2882 1.80 -82.52 87.12
N LYS E 2883 2.29 -83.06 86.00
CA LYS E 2883 3.23 -84.16 86.08
C LYS E 2883 4.58 -83.72 86.62
N ALA E 2884 4.97 -82.46 86.39
CA ALA E 2884 6.16 -81.94 87.06
C ALA E 2884 5.89 -81.73 88.55
N LYS E 2885 4.64 -81.47 88.93
CA LYS E 2885 4.30 -81.40 90.35
C LYS E 2885 4.24 -82.78 91.01
N ASP E 2886 3.90 -83.81 90.24
CA ASP E 2886 3.60 -85.13 90.81
C ASP E 2886 4.62 -86.21 90.50
N ARG E 2887 5.63 -85.93 89.67
CA ARG E 2887 6.70 -86.87 89.40
C ARG E 2887 7.95 -86.54 90.18
N GLU E 2888 8.32 -85.26 90.25
CA GLU E 2888 9.31 -84.80 91.20
C GLU E 2888 8.84 -84.99 92.63
N LYS E 2889 7.52 -85.05 92.85
CA LYS E 2889 6.97 -85.49 94.13
C LYS E 2889 7.45 -86.90 94.47
N ALA E 2890 7.27 -87.86 93.55
CA ALA E 2890 7.73 -89.24 93.75
C ALA E 2890 9.24 -89.31 93.89
N GLN E 2891 9.95 -88.45 93.15
CA GLN E 2891 11.40 -88.34 93.27
C GLN E 2891 11.80 -87.96 94.69
N ASP E 2892 11.28 -86.84 95.20
CA ASP E 2892 11.59 -86.38 96.55
C ASP E 2892 11.14 -87.39 97.60
N ILE E 2893 10.03 -88.08 97.34
CA ILE E 2893 9.50 -89.05 98.29
C ILE E 2893 10.46 -90.24 98.43
N LEU E 2894 10.85 -90.84 97.30
CA LEU E 2894 11.78 -91.97 97.38
C LEU E 2894 13.15 -91.54 97.84
N LYS E 2895 13.58 -90.33 97.44
CA LYS E 2895 14.90 -89.87 97.82
C LYS E 2895 14.98 -89.48 99.28
N PHE E 2896 13.87 -89.07 99.89
CA PHE E 2896 13.92 -88.85 101.33
C PHE E 2896 13.60 -90.10 102.14
N LEU E 2897 12.89 -91.08 101.57
CA LEU E 2897 12.85 -92.40 102.20
C LEU E 2897 14.24 -93.02 102.27
N GLN E 2898 15.06 -92.78 101.27
CA GLN E 2898 16.44 -93.26 101.32
C GLN E 2898 17.40 -92.28 101.97
N ILE E 2899 17.01 -91.02 102.20
CA ILE E 2899 17.80 -90.16 103.08
C ILE E 2899 17.66 -90.65 104.52
N ASN E 2900 16.44 -90.97 104.93
CA ASN E 2900 16.21 -91.66 106.20
C ASN E 2900 16.55 -93.15 106.12
N GLY E 2901 16.95 -93.64 104.95
CA GLY E 2901 17.50 -94.99 104.84
C GLY E 2901 16.48 -96.10 104.80
N TYR E 2902 15.59 -96.08 103.82
CA TYR E 2902 14.62 -97.16 103.62
C TYR E 2902 14.89 -97.83 102.27
N ALA E 2903 14.57 -99.12 102.20
CA ALA E 2903 14.73 -99.88 100.96
C ALA E 2903 13.41 -99.86 100.22
N VAL E 2904 13.31 -99.00 99.20
CA VAL E 2904 12.13 -98.91 98.37
C VAL E 2904 12.24 -100.00 97.32
N SER E 2905 11.28 -100.93 97.31
CA SER E 2905 11.34 -102.05 96.39
C SER E 2905 9.94 -102.53 96.05
N ARG E 2906 9.83 -103.13 94.87
CA ARG E 2906 8.57 -103.74 94.48
C ARG E 2906 8.37 -105.08 95.19
N GLY E 2907 9.33 -105.98 95.04
CA GLY E 2907 9.24 -107.28 95.68
C GLY E 2907 8.20 -108.19 95.07
N TYR E 2982 11.35 -106.98 77.02
CA TYR E 2982 10.25 -107.42 76.18
C TYR E 2982 10.64 -108.65 75.38
N PHE E 2983 10.08 -109.81 75.76
CA PHE E 2983 10.35 -111.07 75.07
C PHE E 2983 9.07 -111.89 74.95
N LEU E 2984 7.98 -111.24 74.56
CA LEU E 2984 6.70 -111.94 74.45
C LEU E 2984 6.69 -112.92 73.27
N SER E 2985 7.49 -112.64 72.24
CA SER E 2985 7.72 -113.61 71.18
C SER E 2985 8.79 -114.61 71.54
N ALA E 2986 9.31 -114.57 72.77
CA ALA E 2986 10.23 -115.57 73.28
C ALA E 2986 9.72 -116.23 74.55
N ALA E 2987 9.32 -115.46 75.56
CA ALA E 2987 8.87 -116.04 76.81
C ALA E 2987 7.45 -116.58 76.68
N SER E 2988 6.55 -115.81 76.09
CA SER E 2988 5.21 -116.29 75.80
C SER E 2988 5.13 -117.03 74.48
N ARG E 2989 6.28 -117.29 73.84
CA ARG E 2989 6.35 -118.12 72.64
C ARG E 2989 6.03 -119.56 73.01
N PRO E 2990 6.53 -120.04 74.16
CA PRO E 2990 6.07 -121.35 74.64
C PRO E 2990 4.64 -121.32 75.14
N LEU E 2991 4.20 -120.17 75.67
CA LEU E 2991 2.78 -120.02 76.00
C LEU E 2991 1.94 -119.97 74.73
N CYS E 2992 2.47 -119.37 73.67
CA CYS E 2992 1.81 -119.44 72.37
C CYS E 2992 1.80 -120.86 71.82
N SER E 2993 2.84 -121.64 72.12
CA SER E 2993 2.85 -123.05 71.74
C SER E 2993 1.78 -123.83 72.52
N GLY E 2994 1.67 -123.56 73.82
CA GLY E 2994 0.65 -124.21 74.62
C GLY E 2994 -0.76 -123.79 74.25
N GLY E 2995 -0.92 -122.57 73.75
CA GLY E 2995 -2.22 -122.14 73.27
C GLY E 2995 -2.55 -122.73 71.91
N HIS E 2996 -1.57 -122.78 71.00
CA HIS E 2996 -1.80 -123.34 69.68
C HIS E 2996 -1.92 -124.85 69.72
N ALA E 2997 -1.47 -125.50 70.80
CA ALA E 2997 -1.65 -126.94 70.95
C ALA E 2997 -3.12 -127.32 71.06
N SER E 2998 -3.94 -126.46 71.66
CA SER E 2998 -5.36 -126.70 71.80
C SER E 2998 -6.21 -125.69 71.05
N ASN E 2999 -5.59 -124.80 70.27
CA ASN E 2999 -6.35 -123.76 69.58
C ASN E 2999 -7.14 -124.33 68.42
N LYS E 3000 -6.51 -125.15 67.58
CA LYS E 3000 -7.19 -125.80 66.47
C LYS E 3000 -7.79 -127.14 66.87
N GLU E 3001 -7.73 -127.53 68.14
CA GLU E 3001 -8.32 -128.79 68.57
C GLU E 3001 -9.84 -128.73 68.55
N LYS E 3002 -10.42 -127.59 68.90
CA LYS E 3002 -11.86 -127.38 68.87
C LYS E 3002 -12.29 -126.61 67.63
N GLU E 3003 -11.63 -126.87 66.50
CA GLU E 3003 -11.83 -126.10 65.27
C GLU E 3003 -12.79 -126.79 64.31
N MET E 3004 -13.87 -127.37 64.84
CA MET E 3004 -14.89 -128.00 63.98
C MET E 3004 -15.64 -126.98 63.13
N VAL E 3005 -15.68 -125.72 63.54
CA VAL E 3005 -16.29 -124.67 62.73
C VAL E 3005 -15.59 -123.34 63.02
N PHE E 3009 -13.86 -118.34 65.89
CA PHE E 3009 -13.77 -118.55 67.33
C PHE E 3009 -12.43 -119.20 67.70
N CYS E 3010 -12.45 -120.50 67.99
CA CYS E 3010 -11.21 -121.21 68.27
C CYS E 3010 -10.39 -121.39 67.00
N LYS E 3011 -11.04 -121.58 65.86
CA LYS E 3011 -10.31 -121.66 64.59
C LYS E 3011 -9.71 -120.31 64.23
N LEU E 3012 -10.43 -119.23 64.52
CA LEU E 3012 -9.86 -117.89 64.35
C LEU E 3012 -8.71 -117.65 65.31
N GLY E 3013 -8.79 -118.19 66.53
CA GLY E 3013 -7.67 -118.08 67.45
C GLY E 3013 -6.46 -118.86 66.98
N VAL E 3014 -6.69 -120.01 66.34
CA VAL E 3014 -5.57 -120.82 65.82
C VAL E 3014 -4.92 -120.13 64.62
N LEU E 3015 -5.74 -119.56 63.73
CA LEU E 3015 -5.19 -118.81 62.60
C LEU E 3015 -4.46 -117.55 63.06
N VAL E 3016 -4.95 -116.91 64.12
CA VAL E 3016 -4.27 -115.74 64.65
C VAL E 3016 -3.02 -116.11 65.42
N ARG E 3017 -2.95 -117.33 65.98
CA ARG E 3017 -1.71 -117.79 66.59
C ARG E 3017 -0.65 -118.10 65.52
N HIS E 3018 -1.08 -118.64 64.38
CA HIS E 3018 -0.15 -118.83 63.26
C HIS E 3018 0.31 -117.49 62.70
N ARG E 3019 -0.60 -116.51 62.65
CA ARG E 3019 -0.23 -115.15 62.25
C ARG E 3019 0.70 -114.50 63.27
N ILE E 3020 0.56 -114.85 64.55
CA ILE E 3020 1.46 -114.34 65.58
C ILE E 3020 2.83 -114.99 65.46
N SER E 3021 2.88 -116.25 65.01
CA SER E 3021 4.18 -116.86 64.70
C SER E 3021 4.86 -116.18 63.52
N LEU E 3022 4.08 -115.86 62.48
CA LEU E 3022 4.63 -115.10 61.35
C LEU E 3022 5.04 -113.68 61.76
N PHE E 3023 4.33 -113.09 62.72
CA PHE E 3023 4.68 -111.76 63.20
C PHE E 3023 5.93 -111.79 64.06
N GLY E 3024 6.11 -112.85 64.86
CA GLY E 3024 7.36 -113.02 65.58
C GLY E 3024 8.52 -113.28 64.65
N ASN E 3025 8.25 -113.91 63.51
CA ASN E 3025 9.26 -114.00 62.46
C ASN E 3025 9.58 -112.62 61.90
N ASP E 3026 8.56 -111.82 61.62
CA ASP E 3026 8.76 -110.49 61.04
C ASP E 3026 9.16 -109.43 62.05
N ALA E 3027 9.24 -109.77 63.34
CA ALA E 3027 9.55 -108.82 64.39
C ALA E 3027 11.01 -108.88 64.82
N THR E 3028 11.45 -110.03 65.32
CA THR E 3028 12.81 -110.21 65.78
C THR E 3028 13.26 -111.65 65.57
N LEU E 3034 14.89 -122.81 65.89
CA LEU E 3034 14.87 -122.33 67.26
C LEU E 3034 14.11 -123.29 68.16
N HIS E 3035 14.37 -123.21 69.47
CA HIS E 3035 13.56 -123.98 70.42
C HIS E 3035 12.13 -123.46 70.47
N ILE E 3036 11.94 -122.16 70.25
CA ILE E 3036 10.60 -121.63 70.06
C ILE E 3036 10.04 -122.09 68.72
N LEU E 3037 10.90 -122.25 67.71
CA LEU E 3037 10.44 -122.79 66.43
C LEU E 3037 10.09 -124.27 66.57
N GLY E 3038 10.84 -125.01 67.39
CA GLY E 3038 10.49 -126.40 67.64
C GLY E 3038 9.22 -126.55 68.47
N GLN E 3039 9.02 -125.63 69.41
CA GLN E 3039 7.76 -125.59 70.14
C GLN E 3039 6.60 -125.21 69.22
N THR E 3040 6.86 -124.36 68.23
CA THR E 3040 5.84 -124.04 67.23
C THR E 3040 5.55 -125.25 66.35
N LEU E 3041 6.57 -126.04 66.02
CA LEU E 3041 6.34 -127.26 65.24
C LEU E 3041 5.56 -128.30 66.05
N ASP E 3042 5.86 -128.42 67.35
CA ASP E 3042 5.10 -129.32 68.21
C ASP E 3042 3.67 -128.84 68.42
N ALA E 3043 3.47 -127.52 68.50
CA ALA E 3043 2.13 -126.97 68.57
C ALA E 3043 1.39 -127.18 67.26
N ARG E 3044 2.10 -127.16 66.13
CA ARG E 3044 1.49 -127.46 64.84
C ARG E 3044 1.06 -128.92 64.77
N THR E 3045 1.90 -129.83 65.30
CA THR E 3045 1.53 -131.24 65.36
C THR E 3045 0.34 -131.47 66.30
N VAL E 3046 0.29 -130.73 67.40
CA VAL E 3046 -0.82 -130.90 68.35
C VAL E 3046 -2.10 -130.30 67.80
N MET E 3047 -2.01 -129.17 67.11
CA MET E 3047 -3.16 -128.59 66.45
C MET E 3047 -3.61 -129.43 65.28
N LYS E 3048 -2.69 -130.17 64.66
CA LYS E 3048 -3.06 -131.12 63.61
C LYS E 3048 -3.80 -132.32 64.20
N THR E 3049 -3.32 -132.82 65.35
CA THR E 3049 -3.95 -133.98 65.99
C THR E 3049 -5.32 -133.64 66.55
N GLY E 3050 -5.50 -132.42 67.07
CA GLY E 3050 -6.82 -131.99 67.48
C GLY E 3050 -7.69 -131.48 66.35
N LEU E 3051 -7.09 -131.08 65.23
CA LEU E 3051 -7.82 -130.54 64.10
C LEU E 3051 -8.18 -131.58 63.08
N GLU E 3052 -7.85 -132.84 63.31
CA GLU E 3052 -8.17 -133.91 62.37
C GLU E 3052 -9.61 -134.39 62.48
N SER E 3053 -10.39 -133.83 63.41
CA SER E 3053 -11.78 -134.26 63.56
C SER E 3053 -12.66 -133.77 62.42
N VAL E 3054 -12.39 -132.57 61.90
CA VAL E 3054 -13.19 -131.98 60.83
C VAL E 3054 -12.36 -131.76 59.57
N LYS E 3055 -11.17 -132.34 59.50
CA LYS E 3055 -10.30 -132.19 58.34
C LYS E 3055 -10.14 -133.50 57.59
N PHE E 3061 -16.82 -118.92 59.85
CA PHE E 3061 -16.80 -120.15 60.63
C PHE E 3061 -16.03 -121.25 59.90
N LEU E 3062 -15.06 -120.84 59.10
CA LEU E 3062 -14.16 -121.76 58.41
C LEU E 3062 -12.71 -121.31 58.55
N ASP E 3063 -12.38 -120.70 59.68
CA ASP E 3063 -11.06 -120.09 59.90
C ASP E 3063 -9.95 -121.12 60.10
N ASN E 3064 -10.30 -122.40 60.24
CA ASN E 3064 -9.30 -123.45 60.20
C ASN E 3064 -9.08 -123.98 58.79
N ALA E 3065 -10.16 -124.08 58.02
CA ALA E 3065 -10.03 -124.52 56.63
C ALA E 3065 -9.52 -123.41 55.72
N ALA E 3066 -9.88 -122.17 56.00
CA ALA E 3066 -9.34 -121.05 55.23
C ALA E 3066 -7.87 -120.80 55.56
N GLU E 3067 -7.44 -121.20 56.76
CA GLU E 3067 -6.02 -121.17 57.13
C GLU E 3067 -5.36 -122.52 56.98
N ASP E 3068 -6.00 -123.47 56.28
CA ASP E 3068 -5.38 -124.75 56.02
C ASP E 3068 -4.45 -124.69 54.80
N LEU E 3069 -4.88 -124.01 53.73
CA LEU E 3069 -4.02 -123.86 52.56
C LEU E 3069 -2.89 -122.88 52.81
N GLU E 3070 -3.12 -121.86 53.64
CA GLU E 3070 -2.09 -120.92 54.04
C GLU E 3070 -1.18 -121.47 55.13
N LYS E 3071 -1.52 -122.64 55.71
CA LYS E 3071 -0.68 -123.26 56.71
C LYS E 3071 0.65 -123.72 56.13
N THR E 3072 0.68 -124.05 54.83
CA THR E 3072 1.95 -124.34 54.17
C THR E 3072 2.81 -123.09 54.06
N MET E 3073 2.20 -121.93 53.81
CA MET E 3073 2.96 -120.68 53.77
C MET E 3073 3.46 -120.28 55.14
N GLU E 3074 2.66 -120.49 56.19
CA GLU E 3074 3.11 -120.18 57.54
C GLU E 3074 4.17 -121.16 58.02
N ASN E 3075 4.10 -122.42 57.58
CA ASN E 3075 5.15 -123.37 57.90
C ASN E 3075 6.44 -123.06 57.14
N LEU E 3076 6.31 -122.54 55.92
CA LEU E 3076 7.48 -122.04 55.20
C LEU E 3076 8.05 -120.81 55.89
N LYS E 3077 7.19 -119.99 56.48
CA LYS E 3077 7.66 -118.86 57.28
C LYS E 3077 8.35 -119.33 58.56
N GLN E 3078 7.84 -120.40 59.17
CA GLN E 3078 8.48 -120.97 60.34
C GLN E 3078 9.81 -121.63 59.99
N GLY E 3079 9.92 -122.17 58.78
CA GLY E 3079 11.20 -122.71 58.33
C GLY E 3079 12.19 -121.63 57.95
N GLN E 3080 11.71 -120.53 57.37
CA GLN E 3080 12.60 -119.42 57.03
C GLN E 3080 13.04 -118.66 58.27
N PHE E 3081 12.20 -118.60 59.30
CA PHE E 3081 12.62 -117.98 60.55
C PHE E 3081 13.57 -118.88 61.32
N THR E 3082 13.50 -120.18 61.10
CA THR E 3082 14.44 -121.11 61.70
C THR E 3082 15.70 -121.17 60.86
N THR E 3098 11.69 -131.25 69.03
CA THR E 3098 13.03 -131.78 69.27
C THR E 3098 13.33 -132.92 68.32
N THR E 3099 13.30 -134.16 68.83
CA THR E 3099 13.57 -135.35 68.04
C THR E 3099 12.30 -135.98 67.47
N VAL E 3100 11.28 -135.17 67.20
CA VAL E 3100 10.01 -135.68 66.68
C VAL E 3100 9.74 -135.09 65.30
N ALA E 3101 10.81 -134.90 64.51
CA ALA E 3101 10.66 -134.27 63.20
C ALA E 3101 10.12 -135.21 62.14
N LEU E 3102 10.13 -136.52 62.38
CA LEU E 3102 9.68 -137.48 61.36
C LEU E 3102 8.18 -137.37 61.12
N LEU E 3103 7.38 -137.44 62.18
CA LEU E 3103 5.94 -137.24 62.08
C LEU E 3103 5.64 -135.76 61.79
N PRO E 3104 6.51 -134.84 62.21
CA PRO E 3104 6.29 -133.43 61.84
C PRO E 3104 6.50 -133.15 60.37
N MET E 3105 7.21 -134.03 59.66
CA MET E 3105 7.28 -133.96 58.20
C MET E 3105 5.97 -134.33 57.53
N LEU E 3106 5.03 -134.94 58.25
CA LEU E 3106 3.70 -135.26 57.73
C LEU E 3106 2.59 -134.87 58.71
N SER E 3107 2.84 -133.85 59.55
CA SER E 3107 1.81 -133.35 60.45
C SER E 3107 0.58 -132.83 59.71
N SER E 3108 0.76 -132.21 58.54
CA SER E 3108 -0.39 -131.77 57.75
C SER E 3108 -1.18 -132.97 57.23
N LEU E 3109 -0.49 -134.06 56.91
CA LEU E 3109 -1.19 -135.29 56.55
C LEU E 3109 -1.86 -135.93 57.75
N PHE E 3110 -1.29 -135.79 58.95
CA PHE E 3110 -1.93 -136.29 60.15
C PHE E 3110 -3.20 -135.49 60.46
N GLU E 3111 -3.22 -134.21 60.08
CA GLU E 3111 -4.44 -133.42 60.19
C GLU E 3111 -5.47 -133.82 59.12
N HIS E 3112 -5.04 -133.97 57.87
CA HIS E 3112 -5.95 -134.13 56.75
C HIS E 3112 -5.87 -135.50 56.08
N ILE E 3113 -5.68 -136.57 56.86
CA ILE E 3113 -5.75 -137.93 56.32
C ILE E 3113 -7.16 -138.27 55.87
N GLY E 3114 -8.17 -137.73 56.54
CA GLY E 3114 -9.54 -137.92 56.09
C GLY E 3114 -9.84 -137.20 54.79
N GLN E 3115 -9.17 -136.08 54.55
CA GLN E 3115 -9.29 -135.40 53.26
C GLN E 3115 -8.47 -136.13 52.20
N HIS E 3116 -7.35 -136.72 52.60
CA HIS E 3116 -6.54 -137.51 51.66
C HIS E 3116 -7.22 -138.83 51.31
N GLN E 3117 -8.17 -139.27 52.13
CA GLN E 3117 -9.00 -140.42 51.82
C GLN E 3117 -10.15 -140.10 50.87
N PHE E 3118 -10.31 -138.83 50.48
CA PHE E 3118 -11.34 -138.43 49.55
C PHE E 3118 -10.80 -137.45 48.50
N LEU E 3124 -12.50 -130.61 50.21
CA LEU E 3124 -12.31 -131.51 49.09
C LEU E 3124 -10.95 -131.29 48.45
N GLU E 3125 -10.47 -130.05 48.50
CA GLU E 3125 -9.19 -129.67 47.92
C GLU E 3125 -8.03 -129.78 48.92
N ASP E 3126 -8.15 -130.67 49.90
CA ASP E 3126 -7.12 -130.86 50.92
C ASP E 3126 -6.47 -132.24 50.84
N VAL E 3127 -6.31 -132.78 49.64
CA VAL E 3127 -5.66 -134.06 49.42
C VAL E 3127 -4.43 -133.94 48.53
N GLN E 3128 -4.56 -133.23 47.40
CA GLN E 3128 -3.45 -133.07 46.46
C GLN E 3128 -2.43 -132.06 46.94
N VAL E 3129 -2.89 -130.88 47.38
CA VAL E 3129 -1.99 -129.87 47.92
C VAL E 3129 -1.48 -130.23 49.30
N SER E 3130 -2.13 -131.18 49.98
CA SER E 3130 -1.65 -131.63 51.28
C SER E 3130 -0.34 -132.40 51.14
N CYS E 3131 -0.23 -133.23 50.11
CA CYS E 3131 1.04 -133.90 49.84
C CYS E 3131 2.06 -132.93 49.27
N TYR E 3132 1.60 -131.85 48.63
CA TYR E 3132 2.48 -130.85 48.05
C TYR E 3132 2.99 -129.84 49.08
N ARG E 3133 2.49 -129.88 50.32
CA ARG E 3133 2.94 -128.94 51.33
C ARG E 3133 4.33 -129.27 51.87
N ILE E 3134 4.84 -130.47 51.60
CA ILE E 3134 6.19 -130.85 52.01
C ILE E 3134 7.23 -130.59 50.92
N LEU E 3135 6.82 -129.96 49.81
CA LEU E 3135 7.77 -129.71 48.72
C LEU E 3135 8.73 -128.57 49.07
N THR E 3136 8.17 -127.43 49.49
CA THR E 3136 8.97 -126.28 49.90
C THR E 3136 9.24 -126.26 51.40
N SER E 3137 9.24 -127.42 52.05
CA SER E 3137 9.40 -127.49 53.49
C SER E 3137 10.46 -128.51 53.90
N LEU E 3138 10.62 -129.56 53.10
CA LEU E 3138 11.53 -130.66 53.46
C LEU E 3138 12.99 -130.22 53.44
N TYR E 3139 13.42 -129.63 52.32
CA TYR E 3139 14.78 -129.10 52.25
C TYR E 3139 14.94 -127.89 53.16
N ALA E 3140 13.85 -127.17 53.47
CA ALA E 3140 13.93 -126.03 54.37
C ALA E 3140 14.18 -126.48 55.81
N LEU E 3141 13.59 -127.58 56.23
CA LEU E 3141 13.83 -128.12 57.56
C LEU E 3141 15.09 -128.98 57.62
N GLY E 3142 15.57 -129.47 56.49
CA GLY E 3142 16.80 -130.23 56.46
C GLY E 3142 18.05 -129.38 56.34
N THR E 3143 17.94 -128.22 55.70
CA THR E 3143 19.08 -127.34 55.50
C THR E 3143 19.22 -126.29 56.59
N SER E 3144 18.20 -126.10 57.42
CA SER E 3144 18.27 -125.11 58.49
C SER E 3144 19.15 -125.60 59.63
N VAL E 3149 13.95 -139.92 57.60
CA VAL E 3149 14.69 -140.97 56.90
C VAL E 3149 13.72 -141.91 56.19
N GLU E 3150 13.35 -142.99 56.87
CA GLU E 3150 12.37 -143.91 56.32
C GLU E 3150 10.94 -143.45 56.54
N ARG E 3151 10.69 -142.67 57.60
CA ARG E 3151 9.33 -142.33 58.00
C ARG E 3151 8.66 -141.38 57.01
N GLN E 3152 9.42 -140.50 56.38
CA GLN E 3152 8.86 -139.58 55.39
C GLN E 3152 8.97 -140.12 53.97
N ARG E 3153 10.03 -140.86 53.68
CA ARG E 3153 10.21 -141.46 52.36
C ARG E 3153 9.16 -142.54 52.09
N SER E 3154 8.89 -143.39 53.09
CA SER E 3154 7.85 -144.40 52.93
C SER E 3154 6.46 -143.78 52.87
N ALA E 3155 6.24 -142.67 53.59
CA ALA E 3155 4.97 -141.98 53.54
C ALA E 3155 4.72 -141.36 52.17
N LEU E 3156 5.73 -140.70 51.60
CA LEU E 3156 5.62 -140.15 50.26
C LEU E 3156 5.56 -141.25 49.19
N GLY E 3157 6.11 -142.43 49.49
CA GLY E 3157 6.03 -143.52 48.53
C GLY E 3157 4.74 -144.30 48.56
N GLU E 3158 4.03 -144.32 49.69
CA GLU E 3158 2.79 -145.08 49.82
C GLU E 3158 1.55 -144.21 49.83
N CYS E 3159 1.44 -143.24 50.77
CA CYS E 3159 0.16 -142.57 50.99
C CYS E 3159 -0.14 -141.53 49.91
N LEU E 3160 0.87 -140.80 49.46
CA LEU E 3160 0.66 -139.82 48.41
C LEU E 3160 0.39 -140.49 47.06
N ALA E 3161 0.92 -141.69 46.85
CA ALA E 3161 0.55 -142.48 45.69
C ALA E 3161 -0.83 -143.09 45.83
N ALA E 3162 -1.27 -143.36 47.06
CA ALA E 3162 -2.62 -143.83 47.29
C ALA E 3162 -3.64 -142.72 47.07
N PHE E 3163 -3.27 -141.47 47.35
CA PHE E 3163 -4.16 -140.34 47.13
C PHE E 3163 -4.15 -139.83 45.69
N ALA E 3164 -3.16 -140.23 44.89
CA ALA E 3164 -3.04 -139.78 43.51
C ALA E 3164 -3.71 -140.72 42.52
N GLY E 3165 -4.65 -141.54 42.98
CA GLY E 3165 -5.37 -142.44 42.09
C GLY E 3165 -6.84 -142.13 42.01
N ALA E 3166 -7.20 -140.87 42.27
CA ALA E 3166 -8.59 -140.44 42.24
C ALA E 3166 -9.10 -140.32 40.81
N ALA E 3170 -4.06 -132.53 39.91
CA ALA E 3170 -4.19 -133.06 41.26
C ALA E 3170 -3.09 -134.09 41.54
N PHE E 3171 -2.94 -135.06 40.64
CA PHE E 3171 -1.90 -136.06 40.79
C PHE E 3171 -0.51 -135.52 40.47
N LEU E 3172 -0.43 -134.36 39.81
CA LEU E 3172 0.88 -133.76 39.54
C LEU E 3172 1.53 -133.25 40.81
N GLU E 3173 0.74 -132.87 41.82
CA GLU E 3173 1.32 -132.47 43.11
C GLU E 3173 1.93 -133.67 43.83
N THR E 3174 1.26 -134.82 43.78
CA THR E 3174 1.81 -136.03 44.36
C THR E 3174 2.86 -136.70 43.48
N HIS E 3175 3.03 -136.22 42.23
CA HIS E 3175 4.08 -136.73 41.36
C HIS E 3175 5.31 -135.83 41.32
N LEU E 3176 5.17 -134.56 41.66
CA LEU E 3176 6.29 -133.62 41.65
C LEU E 3176 6.51 -132.92 42.99
N ASP E 3177 5.85 -133.38 44.06
CA ASP E 3177 6.06 -132.80 45.38
C ASP E 3177 7.38 -133.23 46.00
N LYS E 3178 7.99 -134.30 45.48
CA LYS E 3178 9.28 -134.78 45.97
C LYS E 3178 10.46 -134.13 45.27
N HIS E 3179 10.27 -132.93 44.72
CA HIS E 3179 11.37 -132.21 44.07
C HIS E 3179 12.41 -131.78 45.09
N ASN E 3180 11.97 -131.38 46.28
CA ASN E 3180 12.87 -131.20 47.42
C ASN E 3180 12.50 -132.13 48.57
N ILE E 3181 11.61 -133.10 48.32
CA ILE E 3181 11.12 -134.01 49.35
C ILE E 3181 11.28 -135.45 48.89
N TYR E 3182 12.33 -135.74 48.11
CA TYR E 3182 12.53 -137.08 47.58
C TYR E 3182 12.89 -138.10 48.64
N SER E 3183 13.38 -137.66 49.79
CA SER E 3183 13.69 -138.58 50.89
C SER E 3183 12.56 -138.60 51.91
N TYR E 3610 -26.82 -98.40 25.62
CA TYR E 3610 -27.07 -97.07 26.15
C TYR E 3610 -28.51 -96.63 25.96
N ASN E 3611 -28.88 -96.46 24.70
CA ASN E 3611 -30.06 -95.68 24.31
C ASN E 3611 -31.31 -96.54 24.52
N LEU E 3612 -31.65 -96.74 25.78
CA LEU E 3612 -32.71 -97.68 26.12
C LEU E 3612 -34.16 -97.19 26.10
N PRO E 3613 -34.55 -96.07 26.73
CA PRO E 3613 -36.00 -95.81 26.87
C PRO E 3613 -36.61 -95.36 25.56
N ARG E 3614 -37.80 -95.90 25.29
CA ARG E 3614 -38.36 -95.87 23.95
C ARG E 3614 -38.77 -94.46 23.55
N HIS E 3615 -39.72 -93.90 24.29
CA HIS E 3615 -40.23 -92.56 24.04
C HIS E 3615 -39.13 -91.52 24.09
N ARG E 3616 -38.17 -91.71 25.00
CA ARG E 3616 -36.95 -90.92 25.05
C ARG E 3616 -36.26 -90.92 23.71
N ALA E 3617 -36.02 -92.11 23.18
CA ALA E 3617 -35.35 -92.25 21.90
C ALA E 3617 -36.18 -91.66 20.79
N VAL E 3618 -37.50 -91.73 20.92
CA VAL E 3618 -38.38 -91.19 19.89
C VAL E 3618 -38.26 -89.68 19.82
N ASN E 3619 -38.28 -89.03 20.99
CA ASN E 3619 -38.17 -87.59 21.05
C ASN E 3619 -36.81 -87.12 20.53
N LEU E 3620 -35.75 -87.79 20.95
CA LEU E 3620 -34.43 -87.44 20.47
C LEU E 3620 -34.29 -87.69 18.98
N PHE E 3621 -34.94 -88.74 18.51
CA PHE E 3621 -34.93 -89.07 17.09
C PHE E 3621 -35.60 -87.97 16.28
N LEU E 3622 -36.78 -87.55 16.70
CA LEU E 3622 -37.53 -86.64 15.87
C LEU E 3622 -36.89 -85.27 15.86
N GLN E 3623 -36.28 -84.90 16.99
CA GLN E 3623 -35.43 -83.73 17.01
C GLN E 3623 -34.30 -83.86 16.00
N GLY E 3624 -33.64 -85.01 15.98
CA GLY E 3624 -32.61 -85.24 15.00
C GLY E 3624 -33.14 -85.21 13.58
N TYR E 3625 -34.39 -85.63 13.40
CA TYR E 3625 -34.91 -85.70 12.05
C TYR E 3625 -35.24 -84.33 11.52
N GLU E 3626 -35.87 -83.51 12.36
CA GLU E 3626 -36.16 -82.15 11.92
C GLU E 3626 -34.88 -81.38 11.70
N LYS E 3627 -33.84 -81.73 12.44
CA LYS E 3627 -32.56 -81.15 12.10
C LYS E 3627 -32.01 -81.70 10.80
N SER E 3628 -32.34 -82.93 10.47
CA SER E 3628 -31.54 -83.63 9.46
C SER E 3628 -31.98 -83.34 8.03
N TRP E 3629 -33.13 -83.86 7.66
CA TRP E 3629 -33.46 -83.99 6.24
C TRP E 3629 -34.58 -83.04 5.88
N ILE E 3630 -34.64 -81.93 6.59
CA ILE E 3630 -35.74 -81.00 6.50
C ILE E 3630 -35.32 -79.68 5.92
N GLU E 3631 -34.15 -79.21 6.31
CA GLU E 3631 -33.61 -77.94 5.86
C GLU E 3631 -33.12 -78.15 4.43
N THR E 3632 -34.08 -78.14 3.51
CA THR E 3632 -33.90 -78.69 2.17
C THR E 3632 -34.29 -77.67 1.12
N GLU E 3633 -34.39 -78.10 -0.13
CA GLU E 3633 -34.68 -77.21 -1.25
C GLU E 3633 -36.07 -77.48 -1.77
N GLU E 3634 -36.88 -76.43 -1.83
CA GLU E 3634 -38.15 -76.44 -2.51
C GLU E 3634 -38.35 -75.10 -3.22
N HIS E 3635 -37.33 -74.28 -3.23
CA HIS E 3635 -37.44 -72.83 -3.19
C HIS E 3635 -37.19 -72.20 -4.53
N TYR E 3636 -37.71 -72.80 -5.57
CA TYR E 3636 -37.70 -72.19 -6.88
C TYR E 3636 -38.99 -71.43 -7.15
N PHE E 3637 -39.94 -71.49 -6.22
CA PHE E 3637 -41.33 -71.16 -6.48
C PHE E 3637 -41.63 -69.67 -6.41
N GLU E 3638 -40.69 -68.88 -5.96
CA GLU E 3638 -41.06 -67.59 -5.41
C GLU E 3638 -41.25 -66.55 -6.48
N ASP E 3639 -40.40 -66.57 -7.50
CA ASP E 3639 -40.40 -65.48 -8.46
C ASP E 3639 -41.58 -65.62 -9.41
N LYS E 3640 -41.90 -66.86 -9.77
CA LYS E 3640 -43.12 -67.08 -10.52
C LYS E 3640 -44.33 -66.77 -9.66
N LEU E 3641 -44.25 -66.97 -8.35
CA LEU E 3641 -45.34 -66.60 -7.46
C LEU E 3641 -45.54 -65.10 -7.46
N ILE E 3642 -44.43 -64.38 -7.47
CA ILE E 3642 -44.46 -62.93 -7.57
C ILE E 3642 -45.18 -62.51 -8.84
N GLU E 3643 -44.74 -63.08 -9.95
CA GLU E 3643 -45.30 -62.66 -11.22
C GLU E 3643 -46.70 -63.20 -11.43
N ASP E 3644 -47.06 -64.24 -10.68
CA ASP E 3644 -48.47 -64.61 -10.55
C ASP E 3644 -49.24 -63.47 -9.93
N LEU E 3645 -48.78 -63.00 -8.78
CA LEU E 3645 -49.48 -61.91 -8.16
C LEU E 3645 -49.24 -60.59 -8.86
N ALA E 3646 -48.27 -60.52 -9.75
CA ALA E 3646 -48.11 -59.37 -10.63
C ALA E 3646 -49.02 -59.51 -11.85
N LYS E 3647 -50.31 -59.52 -11.58
CA LYS E 3647 -51.30 -59.67 -12.62
C LYS E 3647 -52.60 -59.04 -12.16
N PRO E 3648 -53.02 -57.93 -12.77
CA PRO E 3648 -54.20 -57.19 -12.32
C PRO E 3648 -55.52 -57.86 -12.65
N ARG E 3661 -58.19 -50.90 -10.98
CA ARG E 3661 -57.67 -51.98 -10.17
C ARG E 3661 -56.20 -51.75 -9.83
N VAL E 3662 -55.78 -52.25 -8.68
CA VAL E 3662 -54.41 -52.12 -8.20
C VAL E 3662 -53.87 -53.52 -7.98
N ASP E 3663 -52.56 -53.67 -8.07
CA ASP E 3663 -51.96 -54.99 -8.02
C ASP E 3663 -52.00 -55.56 -6.60
N PRO E 3664 -52.18 -56.88 -6.47
CA PRO E 3664 -52.05 -57.55 -5.17
C PRO E 3664 -50.75 -57.26 -4.45
N LEU E 3665 -49.63 -57.32 -5.16
CA LEU E 3665 -48.36 -56.99 -4.53
C LEU E 3665 -48.34 -55.53 -4.14
N HIS E 3666 -48.92 -54.69 -4.97
CA HIS E 3666 -49.03 -53.29 -4.64
C HIS E 3666 -49.88 -53.11 -3.40
N GLN E 3667 -50.93 -53.91 -3.27
CA GLN E 3667 -51.75 -53.89 -2.06
C GLN E 3667 -50.94 -54.26 -0.84
N LEU E 3668 -50.13 -55.31 -0.95
CA LEU E 3668 -49.33 -55.74 0.19
C LEU E 3668 -48.31 -54.70 0.57
N ILE E 3669 -47.73 -54.06 -0.44
CA ILE E 3669 -46.72 -53.05 -0.21
C ILE E 3669 -47.32 -51.86 0.51
N LEU E 3670 -48.47 -51.39 0.03
CA LEU E 3670 -49.06 -50.22 0.64
C LEU E 3670 -49.56 -50.54 2.03
N LEU E 3671 -50.02 -51.79 2.23
CA LEU E 3671 -50.35 -52.28 3.56
C LEU E 3671 -49.16 -52.14 4.49
N PHE E 3672 -48.00 -52.57 4.03
CA PHE E 3672 -46.83 -52.53 4.90
C PHE E 3672 -46.37 -51.12 5.14
N SER E 3673 -46.59 -50.23 4.18
CA SER E 3673 -46.19 -48.85 4.39
C SER E 3673 -47.07 -48.20 5.43
N ARG E 3674 -48.37 -48.43 5.33
CA ARG E 3674 -49.29 -47.86 6.31
C ARG E 3674 -49.08 -48.50 7.66
N THR E 3675 -48.64 -49.75 7.68
CA THR E 3675 -48.17 -50.35 8.91
C THR E 3675 -46.99 -49.61 9.45
N ALA E 3676 -46.04 -49.26 8.58
CA ALA E 3676 -44.90 -48.48 9.00
C ALA E 3676 -45.26 -47.05 9.28
N LEU E 3677 -46.36 -46.56 8.73
CA LEU E 3677 -46.73 -45.19 8.98
C LEU E 3677 -47.40 -44.99 10.32
N THR E 3678 -47.68 -46.05 11.04
CA THR E 3678 -48.19 -45.91 12.39
C THR E 3678 -47.09 -45.40 13.31
N GLU E 3679 -47.50 -44.82 14.42
CA GLU E 3679 -46.57 -44.21 15.37
C GLU E 3679 -46.59 -45.03 16.64
N LYS E 3680 -45.55 -45.83 16.83
CA LYS E 3680 -45.52 -46.84 17.86
C LYS E 3680 -44.38 -46.68 18.85
N CYS E 3681 -43.39 -45.84 18.54
CA CYS E 3681 -42.07 -45.72 19.18
C CYS E 3681 -41.44 -47.05 19.55
N LYS E 3682 -41.64 -48.05 18.68
CA LYS E 3682 -41.25 -49.43 18.88
C LYS E 3682 -41.58 -50.16 17.60
N LEU E 3683 -40.78 -51.18 17.28
CA LEU E 3683 -41.05 -52.00 16.10
C LEU E 3683 -41.28 -53.43 16.52
N GLU E 3684 -42.35 -54.00 16.00
CA GLU E 3684 -42.86 -55.28 16.42
C GLU E 3684 -42.19 -56.36 15.59
N GLU E 3685 -42.74 -57.57 15.61
CA GLU E 3685 -42.11 -58.60 14.80
C GLU E 3685 -42.83 -58.76 13.47
N ASP E 3686 -44.08 -59.21 13.52
CA ASP E 3686 -44.94 -59.44 12.36
C ASP E 3686 -44.25 -60.31 11.32
N PHE E 3687 -44.00 -61.55 11.73
CA PHE E 3687 -43.07 -62.44 11.04
C PHE E 3687 -43.41 -62.68 9.58
N LEU E 3688 -44.66 -62.47 9.20
CA LEU E 3688 -45.03 -62.49 7.80
C LEU E 3688 -44.33 -61.39 7.02
N TYR E 3689 -44.07 -60.25 7.65
CA TYR E 3689 -43.38 -59.19 6.95
C TYR E 3689 -41.97 -59.60 6.61
N MET E 3690 -41.31 -60.25 7.57
CA MET E 3690 -40.00 -60.84 7.35
C MET E 3690 -40.04 -61.85 6.22
N ALA E 3691 -41.07 -62.70 6.23
CA ALA E 3691 -41.19 -63.76 5.23
C ALA E 3691 -41.34 -63.18 3.84
N TYR E 3692 -42.29 -62.27 3.67
CA TYR E 3692 -42.58 -61.75 2.34
C TYR E 3692 -41.46 -60.86 1.85
N ALA E 3693 -40.81 -60.14 2.76
CA ALA E 3693 -39.64 -59.37 2.38
C ALA E 3693 -38.52 -60.28 1.90
N ASP E 3694 -38.36 -61.43 2.56
CA ASP E 3694 -37.38 -62.39 2.10
C ASP E 3694 -37.73 -62.96 0.74
N ILE E 3695 -39.02 -63.16 0.48
CA ILE E 3695 -39.42 -63.71 -0.80
C ILE E 3695 -39.16 -62.70 -1.91
N MET E 3696 -39.46 -61.44 -1.64
CA MET E 3696 -39.11 -60.42 -2.61
C MET E 3696 -37.61 -60.22 -2.71
N ALA E 3697 -36.86 -60.59 -1.69
CA ALA E 3697 -35.42 -60.66 -1.86
C ALA E 3697 -35.05 -61.82 -2.74
N LYS E 3698 -35.82 -62.90 -2.69
CA LYS E 3698 -35.57 -64.03 -3.55
C LYS E 3698 -35.98 -63.75 -4.98
N SER E 3699 -36.70 -62.66 -5.21
CA SER E 3699 -37.07 -62.26 -6.56
C SER E 3699 -35.88 -61.86 -7.44
N CYS E 3700 -34.68 -61.74 -6.88
CA CYS E 3700 -33.51 -61.44 -7.69
C CYS E 3700 -32.40 -62.45 -7.42
N SER E 3714 -18.93 -64.14 -21.97
CA SER E 3714 -20.36 -64.19 -22.23
C SER E 3714 -20.95 -62.81 -22.09
N PHE E 3715 -20.35 -61.86 -22.82
CA PHE E 3715 -20.71 -60.45 -22.67
C PHE E 3715 -22.14 -60.20 -23.08
N GLU E 3716 -22.55 -60.77 -24.21
CA GLU E 3716 -23.94 -60.73 -24.61
C GLU E 3716 -24.84 -61.33 -23.56
N GLU E 3717 -24.42 -62.45 -23.00
CA GLU E 3717 -25.17 -63.06 -21.92
C GLU E 3717 -25.13 -62.21 -20.67
N LYS E 3718 -24.02 -61.51 -20.44
CA LYS E 3718 -23.94 -60.62 -19.29
C LYS E 3718 -24.95 -59.50 -19.42
N GLU E 3719 -25.15 -58.99 -20.63
CA GLU E 3719 -26.14 -57.93 -20.81
C GLU E 3719 -27.54 -58.47 -20.73
N MET E 3720 -27.72 -59.72 -21.17
CA MET E 3720 -29.02 -60.36 -21.06
C MET E 3720 -29.43 -60.54 -19.60
N GLU E 3721 -28.49 -61.00 -18.79
CA GLU E 3721 -28.72 -61.19 -17.36
C GLU E 3721 -28.96 -59.86 -16.67
N LYS E 3722 -28.21 -58.85 -17.09
CA LYS E 3722 -28.44 -57.49 -16.64
C LYS E 3722 -29.86 -57.05 -16.94
N GLN E 3723 -30.33 -57.36 -18.14
CA GLN E 3723 -31.65 -56.96 -18.55
C GLN E 3723 -32.72 -57.63 -17.71
N LYS E 3724 -32.56 -58.93 -17.48
CA LYS E 3724 -33.54 -59.66 -16.70
C LYS E 3724 -33.57 -59.19 -15.26
N LEU E 3725 -32.40 -58.89 -14.71
CA LEU E 3725 -32.34 -58.40 -13.34
C LEU E 3725 -33.00 -57.04 -13.24
N LEU E 3726 -32.78 -56.20 -14.24
CA LEU E 3726 -33.41 -54.90 -14.24
C LEU E 3726 -34.90 -55.00 -14.38
N TYR E 3727 -35.35 -56.00 -15.13
CA TYR E 3727 -36.77 -56.25 -15.25
C TYR E 3727 -37.36 -56.66 -13.91
N GLN E 3728 -36.62 -57.48 -13.17
CA GLN E 3728 -37.08 -57.89 -11.85
C GLN E 3728 -37.17 -56.70 -10.91
N GLN E 3729 -36.15 -55.85 -10.96
CA GLN E 3729 -36.12 -54.66 -10.11
C GLN E 3729 -37.24 -53.72 -10.46
N ALA E 3730 -37.56 -53.62 -11.75
CA ALA E 3730 -38.69 -52.82 -12.18
C ALA E 3730 -39.98 -53.35 -11.61
N ARG E 3731 -40.20 -54.66 -11.81
CA ARG E 3731 -41.42 -55.34 -11.37
C ARG E 3731 -41.67 -55.15 -9.90
N LEU E 3732 -40.60 -55.14 -9.11
CA LEU E 3732 -40.77 -54.80 -7.72
C LEU E 3732 -41.04 -53.32 -7.54
N HIS E 3733 -40.06 -52.49 -7.87
CA HIS E 3733 -40.02 -51.18 -7.27
C HIS E 3733 -40.99 -50.20 -7.90
N ASP E 3734 -41.57 -50.54 -9.04
CA ASP E 3734 -42.56 -49.63 -9.59
C ASP E 3734 -43.88 -49.67 -8.86
N ARG E 3735 -44.02 -50.58 -7.91
CA ARG E 3735 -45.13 -50.53 -6.98
C ARG E 3735 -44.76 -49.76 -5.74
N GLY E 3736 -43.85 -48.79 -5.87
CA GLY E 3736 -43.44 -47.95 -4.76
C GLY E 3736 -42.73 -48.70 -3.67
N ALA E 3737 -42.01 -49.75 -4.03
CA ALA E 3737 -41.60 -50.74 -3.06
C ALA E 3737 -40.54 -50.23 -2.10
N ALA E 3738 -39.72 -49.29 -2.51
CA ALA E 3738 -38.57 -48.96 -1.69
C ALA E 3738 -38.85 -47.89 -0.67
N GLU E 3739 -39.94 -47.15 -0.86
CA GLU E 3739 -40.23 -46.10 0.08
C GLU E 3739 -40.63 -46.65 1.42
N MET E 3740 -41.31 -47.80 1.43
CA MET E 3740 -41.62 -48.40 2.71
C MET E 3740 -40.39 -49.00 3.34
N VAL E 3741 -39.44 -49.43 2.53
CA VAL E 3741 -38.15 -49.87 3.08
C VAL E 3741 -37.51 -48.73 3.82
N LEU E 3742 -37.48 -47.57 3.17
CA LEU E 3742 -36.93 -46.38 3.80
C LEU E 3742 -37.72 -46.00 5.04
N GLN E 3743 -39.03 -46.21 5.00
CA GLN E 3743 -39.88 -45.87 6.12
C GLN E 3743 -39.61 -46.78 7.30
N THR E 3744 -39.41 -48.08 7.04
CA THR E 3744 -39.09 -49.00 8.11
C THR E 3744 -37.75 -48.66 8.72
N ILE E 3745 -36.81 -48.23 7.89
CA ILE E 3745 -35.49 -47.94 8.41
C ILE E 3745 -35.54 -46.70 9.29
N SER E 3746 -36.34 -45.71 8.89
CA SER E 3746 -36.61 -44.62 9.80
C SER E 3746 -37.35 -45.08 11.02
N ALA E 3747 -38.16 -46.12 10.87
CA ALA E 3747 -39.12 -46.48 11.90
C ALA E 3747 -38.42 -47.13 13.08
N SER E 3748 -37.60 -48.12 12.82
CA SER E 3748 -36.74 -48.64 13.86
C SER E 3748 -35.68 -47.60 14.12
N LYS E 3749 -35.63 -47.06 15.34
CA LYS E 3749 -34.66 -46.01 15.59
C LYS E 3749 -33.29 -46.62 15.89
N GLY E 3750 -33.16 -47.23 17.04
CA GLY E 3750 -31.89 -47.78 17.41
C GLY E 3750 -32.10 -49.25 17.61
N GLU E 3751 -33.35 -49.65 17.42
CA GLU E 3751 -33.72 -51.04 17.56
C GLU E 3751 -33.09 -51.83 16.43
N THR E 3752 -32.37 -52.88 16.77
CA THR E 3752 -31.66 -53.69 15.79
C THR E 3752 -32.23 -55.09 15.73
N GLY E 3753 -33.54 -55.19 15.69
CA GLY E 3753 -34.20 -56.46 15.53
C GLY E 3753 -33.95 -57.03 14.15
N PRO E 3754 -34.27 -58.31 13.96
CA PRO E 3754 -34.08 -58.92 12.65
C PRO E 3754 -35.00 -58.36 11.59
N MET E 3755 -36.07 -57.68 12.03
CA MET E 3755 -36.83 -56.77 11.20
C MET E 3755 -35.92 -55.89 10.34
N VAL E 3756 -34.96 -55.25 11.00
CA VAL E 3756 -34.05 -54.34 10.33
C VAL E 3756 -33.22 -55.08 9.29
N ALA E 3757 -32.79 -56.29 9.64
CA ALA E 3757 -31.97 -57.08 8.74
C ALA E 3757 -32.77 -57.51 7.52
N ALA E 3758 -34.02 -57.87 7.72
CA ALA E 3758 -34.85 -58.28 6.60
C ALA E 3758 -35.08 -57.13 5.65
N THR E 3759 -35.35 -55.94 6.21
CA THR E 3759 -35.54 -54.76 5.39
C THR E 3759 -34.28 -54.43 4.61
N LEU E 3760 -33.13 -54.58 5.26
CA LEU E 3760 -31.88 -54.27 4.62
C LEU E 3760 -31.58 -55.23 3.49
N LYS E 3761 -31.87 -56.51 3.71
CA LYS E 3761 -31.65 -57.50 2.68
C LYS E 3761 -32.54 -57.22 1.49
N LEU E 3762 -33.75 -56.75 1.74
CA LEU E 3762 -34.64 -56.41 0.64
C LEU E 3762 -34.11 -55.21 -0.13
N GLY E 3763 -33.58 -54.22 0.57
CA GLY E 3763 -33.07 -53.04 -0.12
C GLY E 3763 -31.85 -53.37 -0.97
N ILE E 3764 -31.02 -54.28 -0.47
CA ILE E 3764 -29.89 -54.74 -1.25
C ILE E 3764 -30.36 -55.51 -2.46
N ALA E 3765 -31.40 -56.33 -2.28
CA ALA E 3765 -31.92 -57.10 -3.39
C ALA E 3765 -32.52 -56.20 -4.44
N ILE E 3766 -33.01 -55.04 -4.03
CA ILE E 3766 -33.40 -54.03 -5.00
C ILE E 3766 -32.18 -53.50 -5.72
N LEU E 3767 -31.22 -53.01 -4.97
CA LEU E 3767 -30.20 -52.17 -5.58
C LEU E 3767 -28.93 -52.91 -5.89
N ASN E 3768 -29.00 -54.22 -6.03
CA ASN E 3768 -27.81 -55.01 -6.35
C ASN E 3768 -27.19 -54.58 -7.67
N GLY E 3769 -28.00 -54.23 -8.64
CA GLY E 3769 -27.45 -53.57 -9.81
C GLY E 3769 -27.04 -52.15 -9.57
N GLY E 3770 -27.55 -51.54 -8.52
CA GLY E 3770 -27.30 -50.14 -8.31
C GLY E 3770 -28.10 -49.34 -9.31
N ASN E 3771 -29.40 -49.53 -9.29
CA ASN E 3771 -30.26 -48.76 -10.17
C ASN E 3771 -30.25 -47.31 -9.75
N SER E 3772 -29.97 -46.45 -10.72
CA SER E 3772 -29.97 -45.03 -10.46
C SER E 3772 -31.36 -44.51 -10.17
N THR E 3773 -32.39 -45.10 -10.80
CA THR E 3773 -33.72 -44.51 -10.70
C THR E 3773 -34.27 -44.64 -9.30
N VAL E 3774 -34.03 -45.79 -8.69
CA VAL E 3774 -34.41 -45.98 -7.29
C VAL E 3774 -33.67 -45.00 -6.42
N GLN E 3775 -32.40 -44.75 -6.74
CA GLN E 3775 -31.62 -43.77 -6.00
C GLN E 3775 -32.22 -42.38 -6.14
N GLN E 3776 -32.72 -42.08 -7.33
CA GLN E 3776 -33.38 -40.80 -7.54
C GLN E 3776 -34.66 -40.71 -6.74
N LYS E 3777 -35.45 -41.78 -6.76
CA LYS E 3777 -36.73 -41.80 -6.07
C LYS E 3777 -36.54 -41.64 -4.58
N MET E 3778 -35.50 -42.25 -4.04
CA MET E 3778 -35.21 -42.13 -2.63
C MET E 3778 -34.69 -40.75 -2.31
N LEU E 3779 -33.93 -40.15 -3.23
CA LEU E 3779 -33.48 -38.79 -3.02
C LEU E 3779 -34.64 -37.83 -2.96
N GLU E 3780 -35.59 -37.99 -3.89
CA GLU E 3780 -36.82 -37.19 -3.84
C GLU E 3780 -37.57 -37.43 -2.56
N TYR E 3781 -37.64 -38.70 -2.16
CA TYR E 3781 -38.39 -39.09 -1.00
C TYR E 3781 -37.83 -38.48 0.27
N LEU E 3782 -36.53 -38.30 0.31
CA LEU E 3782 -36.00 -37.51 1.39
C LEU E 3782 -36.22 -36.03 1.12
N LYS E 3783 -36.36 -35.65 -0.14
CA LYS E 3783 -36.40 -34.23 -0.39
C LYS E 3783 -37.77 -33.63 -0.13
N GLU E 3784 -38.83 -34.41 -0.09
CA GLU E 3784 -40.11 -33.77 0.21
C GLU E 3784 -40.28 -33.61 1.71
N LYS E 3785 -40.05 -34.68 2.44
CA LYS E 3785 -40.34 -34.70 3.85
C LYS E 3785 -39.03 -34.76 4.62
N LYS E 3786 -38.97 -34.03 5.73
CA LYS E 3786 -37.70 -33.79 6.39
C LYS E 3786 -37.47 -34.86 7.46
N ASP E 3787 -37.32 -36.09 6.98
CA ASP E 3787 -37.29 -37.26 7.86
C ASP E 3787 -35.89 -37.40 8.40
N VAL E 3788 -35.52 -36.47 9.28
CA VAL E 3788 -34.19 -36.50 9.85
C VAL E 3788 -34.05 -37.67 10.80
N GLY E 3789 -35.17 -38.10 11.39
CA GLY E 3789 -35.20 -39.28 12.22
C GLY E 3789 -34.82 -40.54 11.48
N PHE E 3790 -34.95 -40.56 10.16
CA PHE E 3790 -34.35 -41.62 9.39
C PHE E 3790 -32.84 -41.63 9.55
N PHE E 3791 -32.22 -40.46 9.46
CA PHE E 3791 -30.78 -40.39 9.62
C PHE E 3791 -30.37 -40.70 11.04
N GLN E 3792 -31.22 -40.30 11.98
CA GLN E 3792 -30.95 -40.59 13.37
C GLN E 3792 -31.01 -42.08 13.61
N SER E 3793 -31.97 -42.72 12.97
CA SER E 3793 -32.11 -44.15 13.05
C SER E 3793 -30.91 -44.83 12.43
N LEU E 3794 -30.40 -44.25 11.35
CA LEU E 3794 -29.18 -44.75 10.73
C LEU E 3794 -28.04 -44.70 11.71
N ALA E 3795 -27.88 -43.56 12.39
CA ALA E 3795 -26.78 -43.39 13.31
C ALA E 3795 -26.88 -44.36 14.47
N GLY E 3796 -28.07 -44.49 15.03
CA GLY E 3796 -28.27 -45.40 16.14
C GLY E 3796 -28.07 -46.84 15.75
N LEU E 3797 -28.39 -47.19 14.51
CA LEU E 3797 -27.99 -48.47 13.99
C LEU E 3797 -26.49 -48.57 13.93
N MET E 3798 -25.86 -47.51 13.49
CA MET E 3798 -24.43 -47.48 13.29
C MET E 3798 -23.65 -47.44 14.59
N GLN E 3799 -24.31 -47.36 15.72
CA GLN E 3799 -23.52 -47.43 16.93
C GLN E 3799 -23.21 -48.85 17.31
N SER E 3800 -24.17 -49.77 17.13
CA SER E 3800 -24.11 -50.99 17.91
C SER E 3800 -23.10 -51.98 17.35
N CYS E 3801 -23.45 -52.65 16.26
CA CYS E 3801 -22.54 -53.23 15.28
C CYS E 3801 -21.55 -54.30 15.74
N SER E 3802 -21.43 -54.56 17.05
CA SER E 3802 -20.79 -55.74 17.64
C SER E 3802 -19.36 -55.95 17.12
N VAL E 3803 -18.48 -55.04 17.53
CA VAL E 3803 -17.16 -54.91 16.92
C VAL E 3803 -16.30 -56.16 17.10
N LEU E 3804 -15.86 -56.45 18.33
CA LEU E 3804 -15.00 -57.60 18.64
C LEU E 3804 -14.80 -57.67 20.13
N ASP E 3805 -14.59 -58.88 20.65
CA ASP E 3805 -14.10 -59.05 22.01
C ASP E 3805 -13.33 -60.34 22.18
N LEU E 3806 -12.09 -60.24 22.62
CA LEU E 3806 -11.32 -61.44 22.90
C LEU E 3806 -11.75 -62.11 24.18
N ASN E 3807 -12.31 -61.36 25.11
CA ASN E 3807 -12.44 -61.84 26.48
C ASN E 3807 -13.50 -62.92 26.58
N ALA E 3808 -14.68 -62.66 26.05
CA ALA E 3808 -15.69 -63.71 26.00
C ALA E 3808 -15.27 -64.80 25.04
N PHE E 3809 -14.56 -64.43 23.98
CA PHE E 3809 -13.95 -65.41 23.11
C PHE E 3809 -12.95 -66.25 23.88
N GLU E 3810 -12.19 -65.62 24.77
CA GLU E 3810 -11.26 -66.40 25.58
C GLU E 3810 -11.99 -67.23 26.61
N ARG E 3811 -13.14 -66.76 27.05
CA ARG E 3811 -13.96 -67.54 27.95
C ARG E 3811 -14.45 -68.79 27.25
N GLN E 3812 -14.82 -68.64 25.98
CA GLN E 3812 -15.13 -69.78 25.15
C GLN E 3812 -13.93 -70.70 25.03
N ASN E 3813 -12.75 -70.10 24.87
CA ASN E 3813 -11.52 -70.85 24.76
C ASN E 3813 -11.23 -71.63 26.03
N LYS E 3814 -11.64 -71.11 27.17
CA LYS E 3814 -11.54 -71.92 28.37
C LYS E 3814 -12.63 -72.99 28.37
N ALA E 3815 -13.83 -72.62 27.94
CA ALA E 3815 -14.99 -73.49 28.08
C ALA E 3815 -15.03 -74.48 26.94
N GLU E 3816 -14.06 -75.35 26.93
CA GLU E 3816 -14.04 -76.39 25.91
C GLU E 3816 -13.79 -77.77 26.48
N GLY E 3817 -12.95 -77.88 27.50
CA GLY E 3817 -12.72 -79.14 28.16
C GLY E 3817 -13.43 -79.16 29.50
N LYS E 3829 -20.32 -69.16 20.60
CA LYS E 3829 -21.53 -69.17 19.79
C LYS E 3829 -22.06 -67.75 19.62
N VAL E 3830 -21.88 -66.95 20.67
CA VAL E 3830 -22.42 -65.59 20.65
C VAL E 3830 -21.59 -64.68 19.75
N LEU E 3831 -20.27 -64.75 19.86
CA LEU E 3831 -19.41 -63.93 19.03
C LEU E 3831 -19.34 -64.58 17.66
N GLN E 3832 -19.76 -63.86 16.62
CA GLN E 3832 -20.18 -62.47 16.69
C GLN E 3832 -21.44 -62.26 15.88
N ASP E 3833 -22.27 -61.29 16.25
CA ASP E 3833 -23.41 -60.93 15.42
C ASP E 3833 -23.02 -59.69 14.64
N ASP E 3834 -22.48 -59.91 13.46
CA ASP E 3834 -21.89 -58.81 12.72
C ASP E 3834 -22.17 -58.86 11.24
N GLU E 3835 -22.69 -59.97 10.72
CA GLU E 3835 -22.98 -60.09 9.29
C GLU E 3835 -23.99 -59.06 8.86
N PHE E 3836 -24.98 -58.82 9.71
CA PHE E 3836 -26.01 -57.82 9.48
C PHE E 3836 -25.40 -56.45 9.26
N THR E 3837 -24.33 -56.15 9.97
CA THR E 3837 -23.66 -54.88 9.81
C THR E 3837 -23.00 -54.78 8.46
N CYS E 3838 -22.44 -55.89 7.97
CA CYS E 3838 -21.89 -55.89 6.63
C CYS E 3838 -22.97 -55.64 5.62
N ASP E 3839 -24.14 -56.21 5.86
CA ASP E 3839 -25.28 -55.99 4.99
C ASP E 3839 -25.65 -54.53 4.98
N LEU E 3840 -25.67 -53.94 6.17
CA LEU E 3840 -25.97 -52.53 6.34
C LEU E 3840 -25.01 -51.67 5.54
N PHE E 3841 -23.72 -51.94 5.66
CA PHE E 3841 -22.75 -51.09 5.02
C PHE E 3841 -22.76 -51.26 3.52
N ARG E 3842 -22.94 -52.50 3.06
CA ARG E 3842 -23.13 -52.75 1.65
C ARG E 3842 -24.31 -51.98 1.12
N PHE E 3843 -25.37 -51.91 1.92
CA PHE E 3843 -26.53 -51.16 1.51
C PHE E 3843 -26.23 -49.67 1.43
N LEU E 3844 -25.44 -49.18 2.36
CA LEU E 3844 -25.03 -47.78 2.30
C LEU E 3844 -24.24 -47.51 1.04
N GLN E 3845 -23.35 -48.42 0.72
CA GLN E 3845 -22.51 -48.29 -0.46
C GLN E 3845 -23.34 -48.30 -1.72
N LEU E 3846 -24.42 -49.06 -1.70
CA LEU E 3846 -25.33 -49.07 -2.83
C LEU E 3846 -26.07 -47.76 -2.99
N LEU E 3847 -26.17 -46.96 -1.95
CA LEU E 3847 -26.92 -45.72 -2.08
C LEU E 3847 -26.17 -44.68 -2.87
N CYS E 3848 -24.86 -44.83 -2.99
CA CYS E 3848 -24.05 -43.89 -3.71
C CYS E 3848 -23.37 -44.53 -4.91
N GLU E 3849 -23.97 -45.59 -5.44
CA GLU E 3849 -23.46 -46.21 -6.65
C GLU E 3849 -23.56 -45.25 -7.81
N GLY E 3850 -22.63 -45.39 -8.74
CA GLY E 3850 -22.71 -44.62 -9.97
C GLY E 3850 -22.53 -43.15 -9.75
N HIS E 3851 -21.79 -42.77 -8.69
CA HIS E 3851 -21.33 -41.41 -8.45
C HIS E 3851 -22.51 -40.46 -8.25
N ASN E 3852 -23.48 -40.90 -7.45
CA ASN E 3852 -24.65 -40.09 -7.14
C ASN E 3852 -24.21 -38.93 -6.26
N SER E 3853 -23.70 -37.91 -6.93
CA SER E 3853 -22.97 -36.84 -6.27
C SER E 3853 -23.90 -36.00 -5.42
N ASP E 3854 -25.09 -35.72 -5.94
CA ASP E 3854 -26.14 -35.11 -5.17
C ASP E 3854 -26.45 -35.92 -3.92
N PHE E 3855 -26.56 -37.23 -4.09
CA PHE E 3855 -26.86 -38.10 -2.97
C PHE E 3855 -25.71 -38.16 -2.00
N GLN E 3856 -24.49 -38.11 -2.52
CA GLN E 3856 -23.33 -38.11 -1.65
C GLN E 3856 -23.25 -36.84 -0.84
N ASN E 3857 -23.59 -35.71 -1.46
CA ASN E 3857 -23.61 -34.46 -0.72
C ASN E 3857 -24.73 -34.43 0.28
N TYR E 3858 -25.86 -35.03 -0.06
CA TYR E 3858 -26.94 -35.05 0.91
C TYR E 3858 -26.65 -36.05 2.01
N LEU E 3859 -25.79 -37.00 1.75
CA LEU E 3859 -25.36 -37.89 2.82
C LEU E 3859 -24.39 -37.20 3.74
N ARG E 3860 -23.52 -36.38 3.18
CA ARG E 3860 -22.61 -35.61 4.02
C ARG E 3860 -23.38 -34.58 4.81
N THR E 3861 -24.19 -33.80 4.13
CA THR E 3861 -24.72 -32.57 4.67
C THR E 3861 -26.15 -32.72 5.16
N GLN E 3862 -27.05 -33.18 4.29
CA GLN E 3862 -28.47 -33.35 4.58
C GLN E 3862 -29.08 -32.00 4.99
N THR E 3863 -29.03 -31.10 4.03
CA THR E 3863 -29.33 -29.71 4.32
C THR E 3863 -30.80 -29.44 4.48
N GLY E 3864 -31.65 -30.19 3.80
CA GLY E 3864 -33.03 -29.79 3.62
C GLY E 3864 -33.86 -29.81 4.89
N ASN E 3865 -33.42 -30.53 5.91
CA ASN E 3865 -34.22 -30.66 7.10
C ASN E 3865 -33.83 -29.56 8.07
N ASN E 3866 -34.48 -29.57 9.24
CA ASN E 3866 -34.09 -28.65 10.29
C ASN E 3866 -32.73 -29.02 10.83
N THR E 3867 -32.62 -30.21 11.38
CA THR E 3867 -31.33 -30.69 11.86
C THR E 3867 -30.78 -31.71 10.88
N THR E 3868 -29.57 -32.16 11.15
CA THR E 3868 -28.86 -33.04 10.25
C THR E 3868 -27.72 -33.71 10.98
N VAL E 3869 -27.09 -34.64 10.28
CA VAL E 3869 -25.91 -35.35 10.77
C VAL E 3869 -24.92 -35.44 9.63
N ASN E 3870 -23.70 -35.83 9.93
CA ASN E 3870 -22.77 -36.26 8.90
C ASN E 3870 -22.43 -37.72 9.14
N ILE E 3871 -23.03 -38.57 8.32
CA ILE E 3871 -22.91 -40.00 8.47
C ILE E 3871 -21.52 -40.48 8.13
N ILE E 3872 -20.78 -39.69 7.37
CA ILE E 3872 -19.45 -40.10 6.97
C ILE E 3872 -18.53 -40.08 8.17
N ILE E 3873 -18.73 -39.13 9.06
CA ILE E 3873 -17.93 -39.12 10.27
C ILE E 3873 -18.28 -40.32 11.12
N SER E 3874 -19.54 -40.73 11.10
CA SER E 3874 -19.97 -41.88 11.87
C SER E 3874 -19.30 -43.14 11.39
N THR E 3875 -19.23 -43.31 10.07
CA THR E 3875 -18.58 -44.54 9.63
C THR E 3875 -17.08 -44.46 9.80
N VAL E 3876 -16.51 -43.24 9.79
CA VAL E 3876 -15.10 -43.06 10.12
C VAL E 3876 -14.81 -43.56 11.51
N ASP E 3877 -15.63 -43.17 12.48
CA ASP E 3877 -15.29 -43.60 13.83
C ASP E 3877 -15.63 -45.06 14.03
N TYR E 3878 -16.59 -45.57 13.26
CA TYR E 3878 -16.88 -46.98 13.36
C TYR E 3878 -15.69 -47.81 12.93
N LEU E 3879 -15.08 -47.44 11.81
CA LEU E 3879 -13.93 -48.20 11.39
C LEU E 3879 -12.75 -47.95 12.29
N LEU E 3880 -12.69 -46.80 12.97
CA LEU E 3880 -11.69 -46.60 14.00
C LEU E 3880 -11.80 -47.67 15.06
N ARG E 3881 -13.01 -47.91 15.54
CA ARG E 3881 -13.22 -48.93 16.55
C ARG E 3881 -12.87 -50.30 16.01
N VAL E 3882 -13.23 -50.52 14.75
CA VAL E 3882 -12.93 -51.78 14.09
C VAL E 3882 -11.44 -52.02 14.05
N GLN E 3883 -10.70 -50.98 13.67
CA GLN E 3883 -9.26 -51.02 13.60
C GLN E 3883 -8.65 -51.37 14.93
N GLU E 3884 -9.13 -50.71 15.98
CA GLU E 3884 -8.58 -50.95 17.30
C GLU E 3884 -8.81 -52.38 17.73
N SER E 3885 -9.97 -52.91 17.38
CA SER E 3885 -10.29 -54.29 17.69
C SER E 3885 -9.36 -55.25 16.97
N ILE E 3886 -9.09 -54.98 15.71
CA ILE E 3886 -8.26 -55.89 14.96
C ILE E 3886 -6.82 -55.82 15.45
N SER E 3887 -6.40 -54.63 15.88
CA SER E 3887 -5.05 -54.48 16.35
C SER E 3887 -4.84 -55.22 17.65
N ASP E 3888 -5.82 -55.19 18.54
CA ASP E 3888 -5.63 -55.95 19.77
C ASP E 3888 -5.77 -57.44 19.52
N PHE E 3889 -6.52 -57.82 18.49
CA PHE E 3889 -6.51 -59.22 18.10
C PHE E 3889 -5.11 -59.66 17.69
N TYR E 3890 -4.42 -58.80 16.94
CA TYR E 3890 -3.03 -59.04 16.64
C TYR E 3890 -2.19 -59.12 17.91
N TRP E 3891 -2.43 -58.22 18.85
CA TRP E 3891 -1.65 -58.20 20.08
C TRP E 3891 -1.82 -59.47 20.88
N TYR E 3892 -3.02 -60.03 20.83
CA TYR E 3892 -3.23 -61.35 21.41
C TYR E 3892 -2.41 -62.38 20.68
N TYR E 3893 -2.59 -62.47 19.37
CA TYR E 3893 -1.93 -63.52 18.62
C TYR E 3893 -0.45 -63.29 18.41
N SER E 3894 0.07 -62.15 18.82
CA SER E 3894 1.45 -61.79 18.52
C SER E 3894 2.47 -62.58 19.32
N GLY E 3895 2.04 -63.31 20.33
CA GLY E 3895 2.99 -64.04 21.14
C GLY E 3895 3.02 -65.53 20.85
N LYS E 3896 1.84 -66.15 20.73
CA LYS E 3896 1.80 -67.60 20.59
C LYS E 3896 2.13 -68.01 19.17
N ASP E 3897 1.53 -67.33 18.19
CA ASP E 3897 1.81 -67.45 16.76
C ASP E 3897 1.56 -68.85 16.22
N VAL E 3898 0.77 -69.64 16.92
CA VAL E 3898 0.30 -70.91 16.42
C VAL E 3898 -1.22 -70.83 16.44
N ILE E 3899 -1.76 -70.27 15.40
CA ILE E 3899 -3.10 -69.73 15.44
C ILE E 3899 -4.09 -70.82 15.07
N ASP E 3900 -5.06 -71.00 15.95
CA ASP E 3900 -6.08 -72.03 15.84
C ASP E 3900 -7.01 -71.75 14.69
N GLU E 3901 -7.85 -72.74 14.40
CA GLU E 3901 -8.88 -72.61 13.39
C GLU E 3901 -9.85 -71.47 13.70
N GLN E 3902 -10.26 -71.38 14.98
CA GLN E 3902 -11.38 -70.53 15.37
C GLN E 3902 -11.08 -69.06 15.14
N GLY E 3903 -9.94 -68.60 15.67
CA GLY E 3903 -9.54 -67.22 15.49
C GLY E 3903 -9.35 -66.87 14.03
N GLN E 3904 -8.89 -67.84 13.25
CA GLN E 3904 -8.77 -67.65 11.82
C GLN E 3904 -10.12 -67.44 11.16
N ARG E 3905 -11.08 -68.32 11.44
CA ARG E 3905 -12.31 -68.26 10.67
C ARG E 3905 -13.17 -67.08 11.09
N ASN E 3906 -13.13 -66.70 12.36
CA ASN E 3906 -13.85 -65.48 12.72
C ASN E 3906 -13.10 -64.27 12.22
N PHE E 3907 -11.77 -64.38 12.18
CA PHE E 3907 -10.97 -63.27 11.77
C PHE E 3907 -11.18 -62.96 10.32
N SER E 3908 -11.43 -64.00 9.53
CA SER E 3908 -11.78 -63.82 8.13
C SER E 3908 -13.08 -63.06 7.99
N LYS E 3909 -14.00 -63.29 8.90
CA LYS E 3909 -15.25 -62.55 8.84
C LYS E 3909 -15.02 -61.10 9.19
N ALA E 3910 -14.14 -60.85 10.17
CA ALA E 3910 -13.77 -59.49 10.50
C ALA E 3910 -13.08 -58.80 9.33
N ILE E 3911 -12.28 -59.58 8.60
CA ILE E 3911 -11.66 -59.12 7.37
C ILE E 3911 -12.71 -58.71 6.36
N GLN E 3912 -13.78 -59.51 6.27
CA GLN E 3912 -14.85 -59.18 5.34
C GLN E 3912 -15.53 -57.88 5.72
N VAL E 3913 -15.66 -57.65 7.01
CA VAL E 3913 -16.18 -56.37 7.48
C VAL E 3913 -15.29 -55.22 7.04
N ALA E 3914 -13.98 -55.40 7.20
CA ALA E 3914 -13.05 -54.36 6.82
C ALA E 3914 -13.09 -54.10 5.32
N LYS E 3915 -13.22 -55.18 4.56
CA LYS E 3915 -13.39 -55.09 3.12
C LYS E 3915 -14.63 -54.29 2.76
N GLN E 3916 -15.73 -54.63 3.40
CA GLN E 3916 -16.99 -54.00 3.08
C GLN E 3916 -16.96 -52.53 3.42
N VAL E 3917 -16.39 -52.19 4.57
CA VAL E 3917 -16.42 -50.80 4.96
C VAL E 3917 -15.46 -50.00 4.11
N PHE E 3918 -14.41 -50.62 3.61
CA PHE E 3918 -13.60 -49.90 2.65
C PHE E 3918 -14.31 -49.71 1.34
N ASN E 3919 -15.16 -50.67 0.97
CA ASN E 3919 -15.93 -50.51 -0.25
C ASN E 3919 -16.89 -49.33 -0.14
N THR E 3920 -17.52 -49.21 1.02
CA THR E 3920 -18.35 -48.04 1.30
C THR E 3920 -17.54 -46.78 1.23
N LEU E 3921 -16.34 -46.82 1.80
CA LEU E 3921 -15.49 -45.64 1.84
C LEU E 3921 -15.10 -45.19 0.46
N THR E 3922 -14.71 -46.15 -0.37
CA THR E 3922 -14.36 -45.86 -1.74
C THR E 3922 -15.53 -45.24 -2.46
N GLU E 3923 -16.71 -45.84 -2.32
CA GLU E 3923 -17.83 -45.28 -3.04
C GLU E 3923 -18.34 -44.01 -2.41
N TYR E 3924 -17.88 -43.68 -1.21
CA TYR E 3924 -18.13 -42.36 -0.69
C TYR E 3924 -17.33 -41.33 -1.43
N ILE E 3925 -16.19 -41.72 -1.98
CA ILE E 3925 -15.37 -40.79 -2.71
C ILE E 3925 -15.28 -41.37 -4.12
N GLN E 3926 -16.37 -42.00 -4.53
CA GLN E 3926 -16.46 -42.62 -5.85
C GLN E 3926 -16.18 -41.61 -6.95
N GLY E 3927 -16.81 -40.45 -6.88
CA GLY E 3927 -16.45 -39.37 -7.74
C GLY E 3927 -15.48 -38.47 -7.03
N PRO E 3928 -15.14 -37.37 -7.64
CA PRO E 3928 -14.28 -36.36 -7.00
C PRO E 3928 -15.05 -35.39 -6.12
N CYS E 3929 -15.90 -35.93 -5.26
CA CYS E 3929 -16.76 -35.09 -4.42
C CYS E 3929 -15.94 -34.41 -3.34
N THR E 3930 -15.93 -33.08 -3.40
CA THR E 3930 -14.86 -32.32 -2.80
C THR E 3930 -15.04 -32.18 -1.30
N GLY E 3931 -16.21 -31.71 -0.86
CA GLY E 3931 -16.42 -31.50 0.57
C GLY E 3931 -16.37 -32.78 1.35
N ASN E 3932 -16.69 -33.89 0.69
CA ASN E 3932 -16.42 -35.21 1.19
C ASN E 3932 -14.94 -35.37 1.49
N GLN E 3933 -14.09 -34.96 0.55
CA GLN E 3933 -12.66 -35.00 0.81
C GLN E 3933 -12.25 -34.04 1.90
N GLN E 3934 -12.96 -32.93 2.04
CA GLN E 3934 -12.55 -31.95 3.04
C GLN E 3934 -12.80 -32.48 4.44
N SER E 3935 -13.98 -33.05 4.62
CA SER E 3935 -14.31 -33.72 5.86
C SER E 3935 -13.36 -34.86 6.15
N LEU E 3936 -12.97 -35.58 5.09
CA LEU E 3936 -12.05 -36.68 5.29
C LEU E 3936 -10.66 -36.17 5.65
N ALA E 3937 -10.29 -35.02 5.11
CA ALA E 3937 -9.02 -34.42 5.45
C ALA E 3937 -9.00 -33.98 6.89
N HIS E 3938 -10.13 -33.54 7.39
CA HIS E 3938 -10.22 -33.20 8.79
C HIS E 3938 -10.66 -34.37 9.63
N SER E 3939 -10.91 -35.51 9.01
CA SER E 3939 -11.32 -36.66 9.78
C SER E 3939 -10.14 -37.27 10.49
N ARG E 3940 -10.42 -38.28 11.28
CA ARG E 3940 -9.40 -38.88 12.12
C ARG E 3940 -8.62 -39.96 11.40
N LEU E 3941 -9.23 -40.58 10.41
CA LEU E 3941 -9.02 -41.98 10.01
C LEU E 3941 -7.59 -42.40 9.77
N TRP E 3942 -6.68 -41.45 9.58
CA TRP E 3942 -5.34 -41.72 9.10
C TRP E 3942 -4.58 -42.60 10.06
N ASP E 3943 -4.80 -42.36 11.34
CA ASP E 3943 -4.20 -43.17 12.39
C ASP E 3943 -4.63 -44.62 12.30
N ALA E 3944 -5.89 -44.86 11.92
CA ALA E 3944 -6.36 -46.22 11.77
C ALA E 3944 -5.65 -46.90 10.63
N VAL E 3945 -5.37 -46.14 9.58
CA VAL E 3945 -4.57 -46.64 8.49
C VAL E 3945 -3.19 -46.98 8.98
N VAL E 3946 -2.63 -46.14 9.84
CA VAL E 3946 -1.28 -46.35 10.36
C VAL E 3946 -1.22 -47.64 11.14
N GLY E 3947 -2.24 -47.87 11.98
CA GLY E 3947 -2.32 -49.11 12.71
C GLY E 3947 -2.53 -50.30 11.82
N PHE E 3948 -3.22 -50.10 10.69
CA PHE E 3948 -3.36 -51.17 9.72
C PHE E 3948 -2.01 -51.56 9.16
N LEU E 3949 -1.22 -50.57 8.77
CA LEU E 3949 0.12 -50.83 8.25
C LEU E 3949 0.96 -51.56 9.28
N HIS E 3950 0.83 -51.15 10.52
CA HIS E 3950 1.52 -51.81 11.61
C HIS E 3950 1.08 -53.25 11.73
N VAL E 3951 -0.20 -53.52 11.53
CA VAL E 3951 -0.71 -54.88 11.55
C VAL E 3951 -0.09 -55.68 10.43
N PHE E 3952 -0.08 -55.10 9.24
CA PHE E 3952 0.33 -55.81 8.04
C PHE E 3952 1.78 -56.19 8.11
N ALA E 3953 2.58 -55.29 8.68
CA ALA E 3953 4.04 -55.42 8.68
C ALA E 3953 4.47 -56.67 9.41
N HIS E 3954 3.97 -56.83 10.63
CA HIS E 3954 4.27 -58.06 11.31
C HIS E 3954 3.39 -59.19 10.83
N MET E 3955 2.28 -58.86 10.17
CA MET E 3955 1.27 -59.85 9.93
C MET E 3955 1.65 -60.76 8.79
N GLN E 3956 2.33 -60.21 7.79
CA GLN E 3956 2.81 -61.02 6.69
C GLN E 3956 3.77 -62.08 7.17
N MET E 3957 4.59 -61.74 8.15
CA MET E 3957 5.67 -62.61 8.54
C MET E 3957 5.15 -63.82 9.29
N LYS E 3958 4.22 -63.62 10.20
CA LYS E 3958 3.58 -64.76 10.81
C LYS E 3958 2.68 -65.48 9.84
N LEU E 3959 2.11 -64.76 8.88
CA LEU E 3959 1.26 -65.41 7.92
C LEU E 3959 2.02 -65.97 6.74
N SER E 3960 3.34 -66.04 6.82
CA SER E 3960 4.15 -66.46 5.70
C SER E 3960 4.54 -67.92 5.77
N GLN E 3961 3.78 -68.73 6.50
CA GLN E 3961 4.32 -70.03 6.88
C GLN E 3961 3.56 -71.22 6.31
N ASP E 3962 2.27 -71.31 6.55
CA ASP E 3962 1.54 -72.56 6.43
C ASP E 3962 0.39 -72.43 5.45
N SER E 3963 -0.21 -73.60 5.19
CA SER E 3963 -1.44 -73.65 4.43
C SER E 3963 -2.59 -73.00 5.18
N SER E 3964 -2.53 -73.03 6.51
CA SER E 3964 -3.45 -72.26 7.32
C SER E 3964 -3.29 -70.77 7.07
N GLN E 3965 -2.04 -70.33 6.91
CA GLN E 3965 -1.77 -68.90 6.91
C GLN E 3965 -2.25 -68.23 5.64
N ILE E 3966 -2.04 -68.90 4.51
CA ILE E 3966 -2.01 -68.23 3.21
C ILE E 3966 -3.37 -67.74 2.79
N GLU E 3967 -4.42 -68.40 3.25
CA GLU E 3967 -5.78 -67.96 2.94
C GLU E 3967 -6.02 -66.59 3.54
N LEU E 3968 -5.85 -66.50 4.85
CA LEU E 3968 -6.04 -65.26 5.57
C LEU E 3968 -5.05 -64.21 5.14
N LEU E 3969 -3.85 -64.64 4.77
CA LEU E 3969 -2.85 -63.73 4.24
C LEU E 3969 -3.32 -63.13 2.93
N LYS E 3970 -3.91 -63.96 2.08
CA LYS E 3970 -4.48 -63.51 0.82
C LYS E 3970 -5.59 -62.51 1.05
N GLU E 3971 -6.43 -62.77 2.04
CA GLU E 3971 -7.49 -61.82 2.35
C GLU E 3971 -6.91 -60.54 2.91
N LEU E 3972 -5.83 -60.67 3.66
CA LEU E 3972 -5.24 -59.52 4.31
C LEU E 3972 -4.55 -58.62 3.30
N MET E 3973 -3.80 -59.20 2.39
CA MET E 3973 -3.16 -58.40 1.37
C MET E 3973 -4.18 -57.86 0.40
N ASP E 3974 -5.28 -58.59 0.21
CA ASP E 3974 -6.44 -58.05 -0.47
C ASP E 3974 -6.95 -56.80 0.21
N LEU E 3975 -7.03 -56.85 1.53
CA LEU E 3975 -7.53 -55.71 2.29
C LEU E 3975 -6.60 -54.53 2.20
N GLN E 3976 -5.31 -54.79 2.18
CA GLN E 3976 -4.35 -53.73 1.97
C GLN E 3976 -4.56 -53.09 0.61
N LYS E 3977 -4.79 -53.92 -0.40
CA LYS E 3977 -5.02 -53.40 -1.74
C LYS E 3977 -6.26 -52.53 -1.78
N ASP E 3978 -7.32 -52.98 -1.13
CA ASP E 3978 -8.53 -52.18 -1.14
C ASP E 3978 -8.37 -50.90 -0.36
N MET E 3979 -7.62 -50.96 0.73
CA MET E 3979 -7.38 -49.78 1.55
C MET E 3979 -6.57 -48.76 0.78
N VAL E 3980 -5.58 -49.22 0.04
CA VAL E 3980 -4.79 -48.24 -0.66
C VAL E 3980 -5.55 -47.75 -1.88
N VAL E 3981 -6.46 -48.58 -2.43
CA VAL E 3981 -7.38 -48.11 -3.45
C VAL E 3981 -8.23 -46.98 -2.92
N MET E 3982 -8.69 -47.14 -1.67
CA MET E 3982 -9.43 -46.09 -1.01
C MET E 3982 -8.59 -44.83 -0.89
N LEU E 3983 -7.32 -45.02 -0.54
CA LEU E 3983 -6.42 -43.91 -0.34
C LEU E 3983 -6.18 -43.13 -1.63
N LEU E 3984 -5.93 -43.84 -2.71
CA LEU E 3984 -5.66 -43.15 -3.95
C LEU E 3984 -6.93 -42.55 -4.51
N SER E 3985 -8.06 -43.16 -4.22
CA SER E 3985 -9.29 -42.62 -4.74
C SER E 3985 -9.62 -41.32 -4.05
N MET E 3986 -9.35 -41.23 -2.76
CA MET E 3986 -9.54 -39.94 -2.14
C MET E 3986 -8.42 -38.99 -2.46
N LEU E 3987 -7.30 -39.50 -2.94
CA LEU E 3987 -6.16 -38.67 -3.25
C LEU E 3987 -6.43 -37.68 -4.36
N GLU E 3988 -7.22 -38.09 -5.36
CA GLU E 3988 -7.07 -37.66 -6.75
C GLU E 3988 -7.06 -36.15 -6.98
N GLY E 3989 -7.75 -35.37 -6.15
CA GLY E 3989 -8.05 -34.00 -6.52
C GLY E 3989 -6.93 -32.99 -6.39
N ASN E 3990 -5.69 -33.45 -6.41
CA ASN E 3990 -4.55 -32.62 -6.13
C ASN E 3990 -4.27 -31.70 -7.30
N VAL E 3991 -3.51 -30.65 -7.05
CA VAL E 3991 -3.04 -29.84 -8.17
C VAL E 3991 -1.54 -29.59 -8.14
N VAL E 3992 -1.07 -28.85 -7.15
CA VAL E 3992 0.29 -28.33 -7.17
C VAL E 3992 1.26 -29.28 -6.49
N ASN E 3993 1.05 -29.55 -5.21
CA ASN E 3993 1.67 -30.67 -4.54
C ASN E 3993 0.68 -31.44 -3.69
N GLY E 3994 -0.48 -30.87 -3.40
CA GLY E 3994 -1.56 -31.60 -2.76
C GLY E 3994 -1.49 -31.42 -1.27
N THR E 3995 -2.33 -30.54 -0.73
CA THR E 3995 -2.36 -30.31 0.71
C THR E 3995 -2.76 -31.57 1.44
N ILE E 3996 -3.77 -32.24 0.91
CA ILE E 3996 -4.12 -33.55 1.40
C ILE E 3996 -3.00 -34.53 1.12
N GLY E 3997 -2.26 -34.33 0.03
CA GLY E 3997 -1.14 -35.20 -0.23
C GLY E 3997 -0.02 -34.94 0.75
N LYS E 3998 0.16 -33.68 1.15
CA LYS E 3998 1.10 -33.34 2.22
C LYS E 3998 0.73 -34.06 3.49
N GLN E 3999 -0.57 -34.06 3.80
CA GLN E 3999 -1.09 -34.80 4.93
C GLN E 3999 -0.78 -36.29 4.80
N MET E 4000 -0.88 -36.82 3.59
CA MET E 4000 -0.59 -38.24 3.39
C MET E 4000 0.88 -38.52 3.58
N VAL E 4001 1.74 -37.59 3.13
CA VAL E 4001 3.17 -37.71 3.35
C VAL E 4001 3.47 -37.73 4.83
N ASP E 4002 2.78 -36.88 5.59
CA ASP E 4002 2.93 -36.85 7.03
C ASP E 4002 2.61 -38.21 7.63
N MET E 4003 1.47 -38.78 7.20
CA MET E 4003 1.05 -40.09 7.66
C MET E 4003 2.04 -41.17 7.29
N LEU E 4004 2.56 -41.09 6.07
CA LEU E 4004 3.37 -42.18 5.55
C LEU E 4004 4.75 -42.17 6.14
N VAL E 4005 5.48 -41.07 5.95
CA VAL E 4005 6.85 -41.00 6.45
C VAL E 4005 6.85 -40.89 7.96
N GLU E 4006 5.72 -40.56 8.57
CA GLU E 4006 5.52 -40.86 9.96
C GLU E 4006 5.60 -42.36 10.20
N SER E 4007 4.74 -43.14 9.53
CA SER E 4007 4.71 -44.56 9.79
C SER E 4007 5.68 -45.32 8.92
N SER E 4008 6.75 -44.66 8.46
CA SER E 4008 7.61 -45.15 7.40
C SER E 4008 8.26 -46.48 7.73
N ASN E 4009 8.49 -46.74 9.00
CA ASN E 4009 9.22 -47.92 9.43
C ASN E 4009 8.46 -49.19 9.14
N ASN E 4010 7.16 -49.22 9.43
CA ASN E 4010 6.47 -50.46 9.15
C ASN E 4010 6.15 -50.62 7.68
N VAL E 4011 6.22 -49.52 6.93
CA VAL E 4011 6.11 -49.60 5.47
C VAL E 4011 7.26 -50.41 4.92
N GLU E 4012 8.39 -50.38 5.60
CA GLU E 4012 9.58 -51.05 5.11
C GLU E 4012 9.40 -52.54 5.04
N MET E 4013 8.81 -53.13 6.07
CA MET E 4013 8.70 -54.58 6.16
C MET E 4013 7.84 -55.12 5.04
N ILE E 4014 6.71 -54.48 4.81
CA ILE E 4014 5.80 -54.94 3.77
C ILE E 4014 6.41 -54.70 2.40
N LEU E 4015 7.06 -53.54 2.18
CA LEU E 4015 7.55 -53.26 0.85
C LEU E 4015 8.72 -54.15 0.50
N LYS E 4016 9.63 -54.37 1.44
CA LYS E 4016 10.75 -55.22 1.10
C LYS E 4016 10.35 -56.67 1.09
N PHE E 4017 9.28 -57.03 1.80
CA PHE E 4017 8.73 -58.37 1.64
C PHE E 4017 8.22 -58.57 0.23
N PHE E 4018 7.54 -57.54 -0.30
CA PHE E 4018 7.10 -57.56 -1.67
C PHE E 4018 8.26 -57.69 -2.61
N ASP E 4019 9.32 -56.96 -2.30
CA ASP E 4019 10.53 -56.98 -3.12
C ASP E 4019 11.12 -58.37 -3.17
N MET E 4020 11.20 -59.01 -2.02
CA MET E 4020 11.73 -60.37 -1.91
C MET E 4020 10.90 -61.33 -2.72
N PHE E 4021 9.60 -61.31 -2.50
CA PHE E 4021 8.73 -62.32 -3.07
C PHE E 4021 8.62 -62.12 -4.59
N LEU E 4022 8.62 -60.86 -5.01
CA LEU E 4022 8.58 -60.52 -6.43
C LEU E 4022 9.86 -60.89 -7.14
N LYS E 4023 11.01 -60.38 -6.67
CA LYS E 4023 12.24 -60.64 -7.40
C LYS E 4023 12.65 -62.09 -7.32
N LEU E 4024 12.19 -62.83 -6.32
CA LEU E 4024 12.58 -64.22 -6.27
C LEU E 4024 11.59 -65.15 -6.97
N LYS E 4025 10.36 -64.71 -7.25
CA LYS E 4025 9.62 -65.44 -8.27
C LYS E 4025 10.18 -65.10 -9.65
N ASP E 4026 10.81 -63.94 -9.78
CA ASP E 4026 11.40 -63.59 -11.06
C ASP E 4026 12.70 -64.33 -11.33
N LEU E 4027 13.49 -64.60 -10.29
CA LEU E 4027 14.83 -65.14 -10.48
C LEU E 4027 14.80 -66.57 -10.97
N THR E 4028 13.85 -67.34 -10.50
CA THR E 4028 13.70 -68.78 -10.52
C THR E 4028 13.45 -69.35 -11.84
N SER E 4029 13.59 -68.61 -12.93
CA SER E 4029 13.49 -69.17 -14.26
C SER E 4029 14.58 -70.20 -14.50
N SER E 4030 15.84 -69.77 -14.60
CA SER E 4030 16.93 -70.67 -14.97
C SER E 4030 18.27 -70.04 -14.61
N ASP E 4031 19.33 -70.66 -15.14
CA ASP E 4031 20.74 -70.25 -15.18
C ASP E 4031 21.43 -70.42 -13.84
N THR E 4032 20.65 -70.67 -12.80
CA THR E 4032 21.05 -71.57 -11.74
C THR E 4032 19.82 -72.34 -11.27
N PHE E 4033 18.76 -72.40 -12.08
CA PHE E 4033 17.52 -73.06 -11.67
C PHE E 4033 17.07 -74.18 -12.59
N LYS E 4034 16.84 -73.90 -13.88
CA LYS E 4034 16.14 -74.91 -14.69
C LYS E 4034 17.12 -75.94 -15.21
N GLU E 4035 18.29 -75.51 -15.63
CA GLU E 4035 19.37 -76.40 -15.98
C GLU E 4035 20.00 -77.02 -14.75
N TYR E 4036 19.74 -76.43 -13.58
CA TYR E 4036 20.36 -76.84 -12.33
C TYR E 4036 19.92 -78.22 -11.92
N ASP E 4037 18.74 -78.61 -12.34
CA ASP E 4037 18.24 -79.97 -12.37
C ASP E 4037 18.00 -80.34 -13.83
N PRO E 4038 17.77 -81.63 -14.14
CA PRO E 4038 17.39 -81.93 -15.52
C PRO E 4038 16.00 -81.45 -15.89
N ASP E 4039 15.01 -81.77 -15.05
CA ASP E 4039 13.63 -81.48 -15.40
C ASP E 4039 13.30 -80.00 -15.24
N GLY E 4040 13.65 -79.42 -14.11
CA GLY E 4040 13.19 -78.09 -13.79
C GLY E 4040 11.85 -78.05 -13.10
N LYS E 4041 11.37 -79.19 -12.60
CA LYS E 4041 10.09 -79.21 -11.89
C LYS E 4041 10.19 -78.47 -10.56
N GLY E 4042 11.33 -78.58 -9.91
CA GLY E 4042 11.39 -78.16 -8.53
C GLY E 4042 11.91 -79.25 -7.64
N VAL E 4043 12.68 -80.16 -8.27
CA VAL E 4043 13.49 -81.11 -7.53
C VAL E 4043 14.82 -80.47 -7.14
N ILE E 4044 15.01 -79.20 -7.46
CA ILE E 4044 16.09 -78.40 -6.91
C ILE E 4044 15.99 -78.43 -5.40
N SER E 4045 17.07 -78.85 -4.75
CA SER E 4045 17.04 -79.05 -3.30
C SER E 4045 17.02 -77.71 -2.58
N LYS E 4046 16.97 -77.80 -1.25
CA LYS E 4046 16.99 -76.62 -0.41
C LYS E 4046 18.31 -75.89 -0.56
N ARG E 4047 19.42 -76.58 -0.30
CA ARG E 4047 20.69 -75.90 -0.37
C ARG E 4047 21.11 -75.69 -1.81
N ASP E 4048 20.53 -76.45 -2.74
CA ASP E 4048 20.67 -76.16 -4.16
C ASP E 4048 20.20 -74.76 -4.45
N PHE E 4049 18.99 -74.45 -4.03
CA PHE E 4049 18.49 -73.10 -4.20
C PHE E 4049 19.23 -72.11 -3.33
N HIS E 4050 19.70 -72.54 -2.16
CA HIS E 4050 20.40 -71.64 -1.27
C HIS E 4050 21.69 -71.14 -1.89
N LYS E 4051 22.51 -72.06 -2.39
CA LYS E 4051 23.70 -71.65 -3.09
C LYS E 4051 23.38 -71.07 -4.47
N ALA E 4052 22.20 -71.35 -5.02
CA ALA E 4052 21.76 -70.64 -6.21
C ALA E 4052 21.61 -69.15 -5.91
N MET E 4053 20.98 -68.86 -4.78
CA MET E 4053 20.91 -67.50 -4.27
C MET E 4053 22.27 -66.91 -3.96
N GLU E 4054 23.17 -67.72 -3.41
CA GLU E 4054 24.51 -67.25 -3.09
C GLU E 4054 25.27 -66.88 -4.35
N SER E 4055 25.13 -67.71 -5.39
CA SER E 4055 25.74 -67.40 -6.68
C SER E 4055 25.09 -66.19 -7.30
N HIS E 4056 23.81 -65.96 -7.04
CA HIS E 4056 23.19 -64.71 -7.45
C HIS E 4056 23.76 -63.55 -6.66
N LYS E 4057 23.84 -63.71 -5.34
CA LYS E 4057 24.35 -62.72 -4.40
C LYS E 4057 23.62 -61.39 -4.54
N HIS E 4058 22.31 -61.50 -4.74
CA HIS E 4058 21.46 -60.33 -4.85
C HIS E 4058 21.02 -59.84 -3.48
N TYR E 4059 20.34 -60.71 -2.75
CA TYR E 4059 19.59 -60.33 -1.58
C TYR E 4059 20.38 -60.59 -0.31
N THR E 4060 19.78 -60.25 0.83
CA THR E 4060 20.33 -60.68 2.09
C THR E 4060 20.25 -62.18 2.22
N GLN E 4061 21.16 -62.72 3.00
CA GLN E 4061 21.10 -64.14 3.28
C GLN E 4061 19.99 -64.43 4.25
N SER E 4062 19.69 -63.46 5.12
CA SER E 4062 18.72 -63.64 6.19
C SER E 4062 17.34 -63.93 5.63
N GLU E 4063 16.88 -63.08 4.73
CA GLU E 4063 15.51 -63.25 4.29
C GLU E 4063 15.40 -64.28 3.18
N THR E 4064 16.46 -64.48 2.42
CA THR E 4064 16.42 -65.58 1.46
C THR E 4064 16.44 -66.92 2.16
N GLU E 4065 17.18 -67.03 3.25
CA GLU E 4065 17.13 -68.25 4.03
C GLU E 4065 15.86 -68.31 4.86
N PHE E 4066 15.22 -67.18 5.11
CA PHE E 4066 13.89 -67.20 5.66
C PHE E 4066 12.90 -67.75 4.65
N LEU E 4067 13.06 -67.36 3.39
CA LEU E 4067 12.29 -67.97 2.32
C LEU E 4067 12.56 -69.45 2.23
N LEU E 4068 13.82 -69.82 2.45
CA LEU E 4068 14.19 -71.22 2.53
C LEU E 4068 13.58 -71.90 3.75
N SER E 4069 13.29 -71.13 4.80
CA SER E 4069 12.51 -71.69 5.90
C SER E 4069 11.06 -71.85 5.48
N CYS E 4070 10.53 -70.91 4.71
CA CYS E 4070 9.21 -71.08 4.15
C CYS E 4070 9.22 -71.91 2.88
N ALA E 4071 10.33 -72.57 2.55
CA ALA E 4071 10.31 -73.53 1.46
C ALA E 4071 9.54 -74.79 1.80
N GLU E 4072 9.27 -75.01 3.10
CA GLU E 4072 8.30 -75.98 3.60
C GLU E 4072 8.70 -77.43 3.37
N THR E 4073 9.98 -77.67 3.02
CA THR E 4073 10.65 -78.97 3.13
C THR E 4073 9.94 -80.05 2.31
N ASP E 4074 10.07 -79.95 0.99
CA ASP E 4074 9.35 -80.83 0.06
C ASP E 4074 9.88 -82.27 0.13
N GLU E 4075 9.63 -82.90 1.28
CA GLU E 4075 9.75 -84.32 1.64
C GLU E 4075 11.17 -84.86 1.66
N ASN E 4076 12.11 -84.22 0.99
CA ASN E 4076 13.51 -84.47 1.33
C ASN E 4076 14.30 -83.17 1.46
N GLU E 4077 14.50 -82.48 0.35
CA GLU E 4077 15.16 -81.19 0.32
C GLU E 4077 14.58 -80.27 -0.73
N THR E 4078 13.66 -80.74 -1.56
CA THR E 4078 13.43 -80.02 -2.80
C THR E 4078 12.48 -78.85 -2.57
N LEU E 4079 12.09 -78.18 -3.66
CA LEU E 4079 11.24 -76.98 -3.58
C LEU E 4079 10.65 -76.66 -4.93
N ASP E 4080 9.31 -76.60 -4.98
CA ASP E 4080 8.58 -76.27 -6.19
C ASP E 4080 8.91 -74.85 -6.66
N TYR E 4081 8.75 -74.63 -7.96
CA TYR E 4081 8.99 -73.30 -8.49
C TYR E 4081 7.78 -72.39 -8.26
N GLU E 4082 6.62 -72.73 -8.82
CA GLU E 4082 5.48 -71.85 -8.65
C GLU E 4082 4.95 -71.92 -7.24
N GLU E 4083 4.75 -73.13 -6.73
CA GLU E 4083 4.05 -73.34 -5.47
C GLU E 4083 4.81 -72.83 -4.28
N PHE E 4084 6.08 -72.49 -4.45
CA PHE E 4084 6.75 -71.79 -3.38
C PHE E 4084 6.30 -70.33 -3.30
N VAL E 4085 6.34 -69.59 -4.41
CA VAL E 4085 6.26 -68.14 -4.36
C VAL E 4085 5.20 -67.56 -5.29
N LYS E 4086 5.14 -68.02 -6.54
CA LYS E 4086 4.49 -67.26 -7.63
C LYS E 4086 3.01 -67.08 -7.38
N ARG E 4087 2.34 -68.19 -7.04
CA ARG E 4087 0.90 -68.30 -6.85
C ARG E 4087 0.32 -67.21 -5.93
N PHE E 4088 1.11 -66.62 -5.05
CA PHE E 4088 0.71 -65.41 -4.37
C PHE E 4088 1.53 -64.21 -4.78
N HIS E 4089 2.70 -64.44 -5.36
CA HIS E 4089 3.59 -63.33 -5.67
C HIS E 4089 3.03 -62.46 -6.78
N GLU E 4090 2.40 -63.06 -7.74
CA GLU E 4090 1.77 -62.23 -8.74
C GLU E 4090 0.52 -61.54 -8.20
N PRO E 4091 -0.29 -62.16 -7.33
CA PRO E 4091 -1.20 -61.32 -6.53
C PRO E 4091 -0.48 -60.24 -5.77
N ALA E 4092 0.65 -60.58 -5.14
CA ALA E 4092 1.47 -59.58 -4.49
C ALA E 4092 2.02 -58.57 -5.49
N LYS E 4093 2.26 -59.01 -6.73
CA LYS E 4093 2.67 -58.07 -7.76
C LYS E 4093 1.59 -57.06 -8.06
N ASP E 4094 0.34 -57.51 -8.10
CA ASP E 4094 -0.79 -56.60 -8.29
C ASP E 4094 -0.84 -55.60 -7.17
N ILE E 4095 -0.67 -56.08 -5.95
CA ILE E 4095 -0.79 -55.23 -4.77
C ILE E 4095 0.32 -54.19 -4.74
N GLY E 4096 1.55 -54.63 -4.99
CA GLY E 4096 2.65 -53.71 -5.04
C GLY E 4096 2.53 -52.75 -6.21
N PHE E 4097 1.88 -53.19 -7.29
CA PHE E 4097 1.61 -52.27 -8.38
C PHE E 4097 0.71 -51.15 -7.91
N ASN E 4098 -0.29 -51.49 -7.12
CA ASN E 4098 -1.19 -50.47 -6.59
C ASN E 4098 -0.45 -49.50 -5.71
N VAL E 4099 0.41 -50.02 -4.84
CA VAL E 4099 1.08 -49.10 -3.94
C VAL E 4099 2.10 -48.30 -4.71
N ALA E 4100 2.62 -48.86 -5.79
CA ALA E 4100 3.59 -48.18 -6.60
C ALA E 4100 2.96 -47.06 -7.37
N VAL E 4101 1.79 -47.32 -7.94
CA VAL E 4101 1.17 -46.31 -8.77
C VAL E 4101 0.69 -45.19 -7.88
N LEU E 4102 0.32 -45.53 -6.65
CA LEU E 4102 0.05 -44.52 -5.65
C LEU E 4102 1.27 -43.64 -5.43
N LEU E 4103 2.39 -44.23 -5.04
CA LEU E 4103 3.50 -43.42 -4.57
C LEU E 4103 4.14 -42.65 -5.70
N THR E 4104 4.06 -43.20 -6.91
CA THR E 4104 4.51 -42.44 -8.05
C THR E 4104 3.60 -41.28 -8.30
N ASN E 4105 2.29 -41.43 -8.09
CA ASN E 4105 1.44 -40.27 -8.23
C ASN E 4105 1.72 -39.24 -7.15
N LEU E 4106 2.14 -39.71 -5.99
CA LEU E 4106 2.57 -38.77 -4.96
C LEU E 4106 3.81 -38.04 -5.40
N SER E 4107 4.73 -38.75 -6.04
CA SER E 4107 5.92 -38.13 -6.57
C SER E 4107 5.59 -37.13 -7.65
N GLU E 4108 4.62 -37.48 -8.48
CA GLU E 4108 4.29 -36.64 -9.61
C GLU E 4108 3.55 -35.41 -9.17
N HIS E 4109 2.54 -35.59 -8.33
CA HIS E 4109 1.83 -34.44 -7.81
C HIS E 4109 2.70 -33.67 -6.85
N MET E 4110 3.40 -34.36 -5.96
CA MET E 4110 4.35 -33.68 -5.10
C MET E 4110 5.75 -34.16 -5.43
N PRO E 4111 6.43 -33.48 -6.28
CA PRO E 4111 7.89 -33.42 -6.17
C PRO E 4111 8.24 -32.30 -5.22
N ASN E 4112 9.53 -31.93 -5.19
CA ASN E 4112 10.04 -30.78 -4.46
C ASN E 4112 9.84 -30.98 -2.96
N ASP E 4113 10.15 -32.17 -2.50
CA ASP E 4113 10.10 -32.51 -1.10
C ASP E 4113 11.50 -32.93 -0.66
N THR E 4114 11.64 -33.28 0.61
CA THR E 4114 12.78 -34.06 1.06
C THR E 4114 12.35 -35.35 1.71
N ARG E 4115 11.46 -35.28 2.71
CA ARG E 4115 11.08 -36.46 3.48
C ARG E 4115 10.30 -37.43 2.61
N LEU E 4116 9.42 -36.92 1.77
CA LEU E 4116 8.89 -37.75 0.70
C LEU E 4116 9.98 -38.14 -0.26
N GLN E 4117 10.86 -37.19 -0.58
CA GLN E 4117 11.83 -37.47 -1.62
C GLN E 4117 12.90 -38.42 -1.13
N THR E 4118 13.20 -38.41 0.15
CA THR E 4118 14.04 -39.50 0.64
C THR E 4118 13.22 -40.77 0.75
N PHE E 4119 11.93 -40.66 0.98
CA PHE E 4119 11.11 -41.84 0.90
C PHE E 4119 10.91 -42.25 -0.53
N LEU E 4120 11.04 -41.30 -1.45
CA LEU E 4120 10.98 -41.62 -2.85
C LEU E 4120 12.23 -42.32 -3.33
N GLU E 4121 13.32 -42.20 -2.60
CA GLU E 4121 14.50 -42.99 -2.90
C GLU E 4121 14.74 -44.03 -1.82
N LEU E 4122 13.72 -44.32 -1.02
CA LEU E 4122 13.91 -45.26 0.08
C LEU E 4122 14.23 -46.68 -0.38
N ALA E 4123 13.31 -47.38 -1.03
CA ALA E 4123 13.64 -48.70 -1.58
C ALA E 4123 12.67 -48.95 -2.73
N GLU E 4124 13.16 -48.72 -3.94
CA GLU E 4124 12.29 -48.63 -5.11
C GLU E 4124 12.96 -49.46 -6.18
N SER E 4125 12.68 -50.74 -6.16
CA SER E 4125 13.26 -51.63 -7.14
C SER E 4125 12.21 -52.33 -7.95
N VAL E 4126 11.14 -52.77 -7.29
CA VAL E 4126 10.01 -53.30 -8.00
C VAL E 4126 9.30 -52.20 -8.76
N LEU E 4127 9.46 -50.97 -8.28
CA LEU E 4127 9.18 -49.78 -9.06
C LEU E 4127 9.76 -49.90 -10.46
N ASN E 4128 11.04 -50.16 -10.52
CA ASN E 4128 11.68 -50.31 -11.80
C ASN E 4128 11.33 -51.64 -12.45
N TYR E 4129 10.89 -52.62 -11.67
CA TYR E 4129 10.26 -53.77 -12.28
C TYR E 4129 8.90 -53.41 -12.85
N PHE E 4130 8.26 -52.36 -12.34
CA PHE E 4130 6.91 -52.03 -12.73
C PHE E 4130 6.82 -51.10 -13.93
N GLN E 4131 7.81 -51.08 -14.80
CA GLN E 4131 7.55 -50.21 -15.94
C GLN E 4131 7.45 -50.88 -17.29
N PRO E 4132 6.84 -52.04 -17.43
CA PRO E 4132 5.99 -52.23 -18.60
C PRO E 4132 4.54 -52.12 -18.21
N PHE E 4133 4.31 -52.01 -16.91
CA PHE E 4133 3.01 -52.38 -16.37
C PHE E 4133 2.09 -51.22 -16.15
N LEU E 4134 2.59 -50.02 -15.97
CA LEU E 4134 1.74 -48.92 -15.62
C LEU E 4134 1.65 -47.93 -16.77
N GLY E 4135 0.44 -47.49 -17.05
CA GLY E 4135 0.21 -46.50 -18.08
C GLY E 4135 0.03 -45.14 -17.43
N ARG E 4136 0.66 -44.13 -18.02
CA ARG E 4136 0.53 -42.76 -17.56
C ARG E 4136 0.04 -41.93 -18.73
N ILE E 4137 -1.21 -41.48 -18.65
CA ILE E 4137 -1.77 -40.68 -19.72
C ILE E 4137 -2.08 -39.31 -19.19
N GLU E 4138 -2.57 -38.45 -20.06
CA GLU E 4138 -2.74 -37.04 -19.72
C GLU E 4138 -4.07 -36.60 -20.32
N ILE E 4139 -5.06 -36.36 -19.47
CA ILE E 4139 -6.40 -36.04 -19.94
C ILE E 4139 -6.86 -34.76 -19.28
N MET E 4140 -8.05 -34.31 -19.66
CA MET E 4140 -8.75 -33.25 -18.97
C MET E 4140 -10.04 -33.85 -18.47
N GLY E 4141 -10.01 -34.38 -17.26
CA GLY E 4141 -11.18 -35.08 -16.75
C GLY E 4141 -12.28 -34.19 -16.21
N SER E 4142 -12.78 -33.28 -17.06
CA SER E 4142 -13.73 -32.22 -16.70
C SER E 4142 -13.29 -31.43 -15.47
N ALA E 4143 -11.97 -31.27 -15.31
CA ALA E 4143 -11.42 -30.44 -14.28
C ALA E 4143 -11.14 -29.05 -14.80
N LYS E 4144 -11.46 -28.81 -16.07
CA LYS E 4144 -11.18 -27.56 -16.77
C LYS E 4144 -9.69 -27.29 -16.81
N ARG E 4145 -8.93 -28.38 -16.78
CA ARG E 4145 -7.48 -28.38 -16.72
C ARG E 4145 -7.06 -29.81 -16.93
N ILE E 4146 -5.75 -30.00 -17.01
CA ILE E 4146 -5.17 -31.30 -17.26
C ILE E 4146 -5.42 -32.21 -16.06
N GLU E 4147 -5.37 -33.51 -16.35
CA GLU E 4147 -5.43 -34.54 -15.32
C GLU E 4147 -4.47 -35.63 -15.76
N ARG E 4148 -3.49 -35.92 -14.93
CA ARG E 4148 -2.51 -36.96 -15.21
C ARG E 4148 -2.95 -38.20 -14.47
N VAL E 4149 -3.70 -39.03 -15.12
CA VAL E 4149 -4.29 -40.18 -14.48
C VAL E 4149 -3.54 -41.42 -14.92
N TYR E 4150 -3.42 -42.40 -14.04
CA TYR E 4150 -2.60 -43.57 -14.30
C TYR E 4150 -3.42 -44.82 -14.13
N PHE E 4151 -2.86 -45.93 -14.56
CA PHE E 4151 -3.60 -47.16 -14.76
C PHE E 4151 -2.61 -48.26 -15.10
N GLU E 4152 -3.15 -49.46 -15.30
CA GLU E 4152 -2.34 -50.65 -15.52
C GLU E 4152 -2.25 -50.97 -16.99
N ILE E 4153 -1.08 -51.45 -17.42
CA ILE E 4153 -0.88 -51.99 -18.74
C ILE E 4153 -0.77 -53.49 -18.63
N SER E 4154 -1.79 -54.20 -19.11
CA SER E 4154 -1.72 -55.65 -19.20
C SER E 4154 -0.64 -56.02 -20.19
N GLU E 4155 0.50 -56.43 -19.66
CA GLU E 4155 1.68 -56.67 -20.46
C GLU E 4155 1.52 -57.86 -21.39
N SER E 4156 0.61 -58.78 -21.10
CA SER E 4156 0.33 -59.87 -22.02
C SER E 4156 -0.33 -59.34 -23.29
N SER E 4157 -1.34 -58.50 -23.11
CA SER E 4157 -1.93 -57.78 -24.23
C SER E 4157 -0.93 -56.87 -24.89
N ARG E 4158 -0.02 -56.29 -24.11
CA ARG E 4158 0.96 -55.40 -24.72
C ARG E 4158 1.97 -56.17 -25.57
N THR E 4159 2.34 -57.38 -25.14
CA THR E 4159 3.12 -58.26 -25.99
C THR E 4159 2.35 -58.68 -27.22
N GLN E 4160 1.05 -58.91 -27.07
CA GLN E 4160 0.20 -59.18 -28.22
C GLN E 4160 0.21 -57.99 -29.19
N TRP E 4161 0.36 -56.79 -28.66
CA TRP E 4161 0.58 -55.62 -29.49
C TRP E 4161 1.98 -55.58 -30.07
N GLU E 4162 2.96 -56.20 -29.44
CA GLU E 4162 4.35 -55.99 -29.84
C GLU E 4162 4.74 -56.59 -31.17
N LYS E 4163 3.90 -57.33 -31.81
CA LYS E 4163 4.32 -57.76 -33.12
C LYS E 4163 4.04 -56.68 -34.15
N PRO E 4164 4.76 -56.68 -35.25
CA PRO E 4164 4.23 -56.09 -36.47
C PRO E 4164 3.19 -56.99 -37.11
N GLN E 4165 2.78 -56.63 -38.33
CA GLN E 4165 1.50 -56.78 -39.03
C GLN E 4165 0.58 -55.65 -38.61
N VAL E 4166 0.97 -54.85 -37.63
CA VAL E 4166 0.21 -53.68 -37.22
C VAL E 4166 1.07 -52.43 -37.22
N LYS E 4167 2.37 -52.57 -36.89
CA LYS E 4167 3.23 -51.42 -36.71
C LYS E 4167 3.46 -50.68 -38.00
N GLU E 4168 3.45 -51.40 -39.12
CA GLU E 4168 3.50 -50.70 -40.38
C GLU E 4168 2.14 -50.11 -40.73
N SER E 4169 1.06 -50.77 -40.32
CA SER E 4169 -0.25 -50.14 -40.49
C SER E 4169 -0.37 -48.94 -39.58
N LYS E 4170 0.26 -49.00 -38.42
CA LYS E 4170 0.37 -47.84 -37.55
C LYS E 4170 1.09 -46.70 -38.25
N ARG E 4171 2.25 -46.98 -38.81
CA ARG E 4171 3.01 -45.91 -39.45
C ARG E 4171 2.32 -45.43 -40.72
N GLN E 4172 1.62 -46.33 -41.38
CA GLN E 4172 0.75 -45.98 -42.49
C GLN E 4172 -0.29 -44.98 -42.05
N PHE E 4173 -0.96 -45.30 -40.95
CA PHE E 4173 -1.94 -44.44 -40.33
C PHE E 4173 -1.35 -43.11 -39.95
N ILE E 4174 -0.09 -43.12 -39.52
CA ILE E 4174 0.65 -41.90 -39.20
C ILE E 4174 0.76 -41.04 -40.45
N PHE E 4175 1.18 -41.65 -41.55
CA PHE E 4175 1.31 -40.92 -42.81
C PHE E 4175 -0.04 -40.41 -43.29
N ASP E 4176 -1.07 -41.18 -43.03
CA ASP E 4176 -2.42 -40.78 -43.42
C ASP E 4176 -2.86 -39.55 -42.66
N VAL E 4177 -2.62 -39.53 -41.36
CA VAL E 4177 -3.19 -38.44 -40.58
C VAL E 4177 -2.36 -37.19 -40.74
N VAL E 4178 -1.06 -37.31 -40.94
CA VAL E 4178 -0.28 -36.11 -41.19
C VAL E 4178 -0.47 -35.66 -42.62
N ASN E 4179 -0.91 -36.57 -43.48
CA ASN E 4179 -1.08 -36.27 -44.89
C ASN E 4179 -2.21 -35.27 -45.09
N GLU E 4180 -3.36 -35.56 -44.52
CA GLU E 4180 -4.57 -34.80 -44.77
C GLU E 4180 -5.56 -35.09 -43.65
N GLY E 4181 -6.82 -34.74 -43.86
CA GLY E 4181 -7.89 -35.12 -42.97
C GLY E 4181 -8.65 -33.98 -42.34
N GLY E 4182 -9.88 -34.25 -41.93
CA GLY E 4182 -10.57 -33.33 -41.05
C GLY E 4182 -9.89 -33.34 -39.69
N GLU E 4183 -9.42 -32.17 -39.27
CA GLU E 4183 -8.43 -32.08 -38.22
C GLU E 4183 -8.98 -32.29 -36.82
N LYS E 4184 -10.27 -32.55 -36.66
CA LYS E 4184 -10.80 -32.83 -35.35
C LYS E 4184 -11.14 -34.29 -35.15
N GLU E 4185 -11.61 -34.94 -36.18
CA GLU E 4185 -11.90 -36.35 -36.14
C GLU E 4185 -10.67 -37.18 -36.37
N LYS E 4186 -9.52 -36.54 -36.48
CA LYS E 4186 -8.29 -37.29 -36.57
C LYS E 4186 -8.05 -38.06 -35.28
N MET E 4187 -8.44 -37.50 -34.15
CA MET E 4187 -8.50 -38.30 -32.94
C MET E 4187 -9.58 -39.34 -33.03
N GLU E 4188 -10.71 -39.02 -33.65
CA GLU E 4188 -11.75 -40.01 -33.87
C GLU E 4188 -11.25 -41.09 -34.82
N LEU E 4189 -10.49 -40.67 -35.83
CA LEU E 4189 -9.87 -41.66 -36.71
C LEU E 4189 -8.92 -42.52 -35.93
N PHE E 4190 -8.25 -41.95 -34.95
CA PHE E 4190 -7.40 -42.73 -34.09
C PHE E 4190 -8.20 -43.68 -33.24
N VAL E 4191 -9.41 -43.28 -32.86
CA VAL E 4191 -10.30 -44.16 -32.10
C VAL E 4191 -10.66 -45.39 -32.92
N ASN E 4192 -11.10 -45.16 -34.15
CA ASN E 4192 -11.45 -46.28 -35.02
C ASN E 4192 -10.24 -47.12 -35.32
N PHE E 4193 -9.11 -46.45 -35.47
CA PHE E 4193 -7.84 -47.11 -35.72
C PHE E 4193 -7.49 -48.03 -34.56
N CYS E 4194 -7.70 -47.55 -33.35
CA CYS E 4194 -7.49 -48.36 -32.17
C CYS E 4194 -8.47 -49.50 -32.09
N GLU E 4195 -9.72 -49.26 -32.47
CA GLU E 4195 -10.72 -50.31 -32.37
C GLU E 4195 -10.39 -51.45 -33.30
N ASP E 4196 -9.95 -51.12 -34.49
CA ASP E 4196 -9.50 -52.15 -35.41
C ASP E 4196 -8.22 -52.79 -34.93
N THR E 4197 -7.38 -52.02 -34.25
CA THR E 4197 -6.17 -52.58 -33.68
C THR E 4197 -6.48 -53.59 -32.59
N ILE E 4198 -7.51 -53.28 -31.81
CA ILE E 4198 -8.05 -54.20 -30.82
C ILE E 4198 -8.52 -55.46 -31.49
N PHE E 4199 -9.24 -55.29 -32.59
CA PHE E 4199 -9.73 -56.44 -33.33
C PHE E 4199 -8.59 -57.29 -33.84
N GLU E 4200 -7.52 -56.64 -34.30
CA GLU E 4200 -6.38 -57.38 -34.83
C GLU E 4200 -5.69 -58.17 -33.74
N MET E 4201 -5.41 -57.52 -32.61
CA MET E 4201 -4.69 -58.21 -31.56
C MET E 4201 -5.54 -59.30 -30.92
N GLN E 4202 -6.83 -59.03 -30.84
CA GLN E 4202 -7.78 -60.04 -30.40
C GLN E 4202 -7.77 -61.25 -31.32
N LEU E 4203 -7.69 -61.03 -32.62
CA LEU E 4203 -7.71 -62.16 -33.50
C LEU E 4203 -6.35 -62.81 -33.65
N ALA E 4204 -5.30 -62.11 -33.28
CA ALA E 4204 -3.97 -62.68 -33.39
C ALA E 4204 -3.49 -63.25 -32.08
N ALA E 4205 -4.35 -63.21 -31.06
CA ALA E 4205 -3.97 -63.83 -29.79
C ALA E 4205 -3.89 -65.34 -29.91
N GLN E 4206 -4.79 -65.95 -30.70
CA GLN E 4206 -4.97 -67.40 -30.71
C GLN E 4206 -4.01 -68.11 -31.64
N ILE E 4207 -2.82 -67.56 -31.82
CA ILE E 4207 -1.91 -68.09 -32.80
C ILE E 4207 -0.79 -68.79 -32.07
N ILE E 4486 -14.10 -82.71 -36.54
CA ILE E 4486 -12.77 -82.17 -36.76
C ILE E 4486 -11.70 -83.19 -36.41
N ALA E 4487 -10.91 -83.56 -37.40
CA ALA E 4487 -9.69 -84.32 -37.16
C ALA E 4487 -8.47 -83.40 -37.13
N TYR E 4488 -8.36 -82.50 -38.10
CA TYR E 4488 -7.29 -81.52 -38.17
C TYR E 4488 -7.78 -80.13 -38.53
N GLN E 4489 -9.09 -79.95 -38.74
CA GLN E 4489 -9.66 -78.89 -39.56
C GLN E 4489 -9.36 -77.49 -39.09
N GLN E 4490 -9.91 -77.10 -37.95
CA GLN E 4490 -9.60 -75.79 -37.41
C GLN E 4490 -8.32 -75.80 -36.62
N LYS E 4491 -7.77 -76.99 -36.38
CA LYS E 4491 -6.49 -77.10 -35.71
C LYS E 4491 -5.39 -76.51 -36.56
N LEU E 4492 -5.31 -76.91 -37.82
CA LEU E 4492 -4.29 -76.36 -38.70
C LEU E 4492 -4.66 -74.99 -39.23
N LEU E 4493 -5.86 -74.50 -38.91
CA LEU E 4493 -6.37 -73.30 -39.53
C LEU E 4493 -5.55 -72.08 -39.15
N ASN E 4494 -5.00 -72.07 -37.94
CA ASN E 4494 -4.17 -70.95 -37.50
C ASN E 4494 -2.85 -70.91 -38.24
N TYR E 4495 -2.39 -72.06 -38.76
CA TYR E 4495 -1.10 -72.12 -39.43
C TYR E 4495 -1.11 -71.30 -40.71
N PHE E 4496 -2.26 -71.18 -41.33
CA PHE E 4496 -2.29 -70.71 -42.70
C PHE E 4496 -2.13 -69.20 -42.74
N ALA E 4497 -2.90 -68.48 -41.94
CA ALA E 4497 -2.62 -67.08 -41.75
C ALA E 4497 -1.36 -66.88 -40.94
N ARG E 4498 -0.96 -67.87 -40.16
CA ARG E 4498 0.22 -67.75 -39.32
C ARG E 4498 1.49 -67.64 -40.15
N ASN E 4499 1.48 -68.15 -41.38
CA ASN E 4499 2.62 -67.97 -42.27
C ASN E 4499 2.22 -67.37 -43.60
N PHE E 4500 1.06 -66.69 -43.64
CA PHE E 4500 0.47 -66.24 -44.90
C PHE E 4500 1.35 -65.26 -45.63
N TYR E 4501 2.05 -64.41 -44.88
CA TYR E 4501 2.99 -63.51 -45.53
C TYR E 4501 4.17 -64.28 -46.10
N ASN E 4502 4.67 -65.24 -45.34
CA ASN E 4502 5.76 -66.05 -45.85
C ASN E 4502 5.27 -66.98 -46.94
N MET E 4503 4.00 -67.39 -46.85
CA MET E 4503 3.35 -68.10 -47.93
C MET E 4503 3.36 -67.28 -49.20
N ARG E 4504 3.02 -66.00 -49.07
CA ARG E 4504 3.00 -65.10 -50.22
C ARG E 4504 4.39 -64.90 -50.78
N MET E 4505 5.38 -64.83 -49.90
CA MET E 4505 6.77 -64.63 -50.33
C MET E 4505 7.27 -65.82 -51.13
N LEU E 4506 6.99 -67.03 -50.65
CA LEU E 4506 7.45 -68.18 -51.42
C LEU E 4506 6.62 -68.37 -52.67
N ALA E 4507 5.36 -67.94 -52.64
CA ALA E 4507 4.49 -68.00 -53.80
C ALA E 4507 5.04 -67.13 -54.92
N LEU E 4508 5.45 -65.91 -54.60
CA LEU E 4508 6.08 -65.10 -55.63
C LEU E 4508 7.49 -65.58 -55.93
N PHE E 4509 8.14 -66.27 -55.00
CA PHE E 4509 9.47 -66.77 -55.23
C PHE E 4509 9.49 -67.87 -56.28
N VAL E 4510 8.41 -68.63 -56.37
CA VAL E 4510 8.33 -69.68 -57.37
C VAL E 4510 8.29 -69.11 -58.77
N ALA E 4511 7.64 -67.94 -58.93
CA ALA E 4511 7.31 -67.41 -60.25
C ALA E 4511 8.53 -67.04 -61.08
N PHE E 4512 9.66 -66.72 -60.43
CA PHE E 4512 10.91 -66.54 -61.16
C PHE E 4512 11.31 -67.82 -61.90
N ALA E 4513 11.49 -68.91 -61.15
CA ALA E 4513 11.86 -70.19 -61.73
C ALA E 4513 10.80 -70.74 -62.65
N ILE E 4514 9.54 -70.31 -62.48
CA ILE E 4514 8.53 -70.56 -63.50
C ILE E 4514 8.94 -69.91 -64.81
N ASN E 4515 9.06 -68.57 -64.78
CA ASN E 4515 9.39 -67.87 -66.02
C ASN E 4515 10.84 -68.02 -66.44
N PHE E 4516 11.69 -68.60 -65.59
CA PHE E 4516 13.11 -68.66 -65.91
C PHE E 4516 13.40 -69.66 -67.01
N ILE E 4517 12.66 -70.77 -67.03
CA ILE E 4517 13.05 -71.87 -67.90
C ILE E 4517 12.65 -71.60 -69.34
N LEU E 4518 11.75 -70.65 -69.56
CA LEU E 4518 11.23 -70.43 -70.91
C LEU E 4518 12.24 -69.77 -71.82
N LEU E 4519 13.38 -69.31 -71.29
CA LEU E 4519 14.51 -68.98 -72.14
C LEU E 4519 15.06 -70.23 -72.82
N PHE E 4520 14.92 -71.39 -72.19
CA PHE E 4520 15.36 -72.66 -72.78
C PHE E 4520 14.33 -73.24 -73.72
N TYR E 4521 13.77 -72.39 -74.58
CA TYR E 4521 12.75 -72.81 -75.53
C TYR E 4521 13.35 -72.94 -76.94
N LYS E 4522 13.00 -74.03 -77.62
CA LYS E 4522 13.49 -74.27 -78.98
C LYS E 4522 12.33 -74.39 -79.97
N VAL E 4523 12.47 -73.71 -81.10
CA VAL E 4523 11.45 -73.74 -82.13
C VAL E 4523 11.82 -74.68 -83.27
N VAL E 4558 6.98 -74.54 -83.82
CA VAL E 4558 6.77 -75.56 -82.80
C VAL E 4558 7.40 -75.16 -81.47
N HIS E 4559 6.98 -75.81 -80.39
CA HIS E 4559 7.51 -75.52 -79.06
C HIS E 4559 8.36 -76.68 -78.55
N TYR E 4560 9.62 -76.38 -78.25
CA TYR E 4560 10.54 -77.38 -77.75
C TYR E 4560 11.12 -76.95 -76.41
N VAL E 4561 11.25 -77.90 -75.50
CA VAL E 4561 11.83 -77.66 -74.18
C VAL E 4561 13.23 -78.23 -74.15
N LEU E 4562 14.24 -77.37 -74.01
CA LEU E 4562 15.61 -77.81 -73.91
C LEU E 4562 16.01 -78.01 -72.46
N GLU E 4563 16.73 -79.08 -72.20
CA GLU E 4563 17.36 -79.30 -70.89
C GLU E 4563 18.81 -79.73 -71.11
N GLU E 4564 19.71 -78.75 -71.01
CA GLU E 4564 21.16 -78.96 -71.10
C GLU E 4564 21.75 -79.19 -69.71
N SER E 4565 21.13 -80.10 -68.97
CA SER E 4565 21.47 -80.34 -67.57
C SER E 4565 20.96 -81.74 -67.22
N SER E 4566 20.83 -82.01 -65.92
CA SER E 4566 20.17 -83.22 -65.47
C SER E 4566 18.72 -83.23 -65.96
N GLY E 4567 18.43 -84.12 -66.91
CA GLY E 4567 17.23 -84.12 -67.71
C GLY E 4567 15.93 -84.42 -66.99
N TYR E 4568 15.95 -84.61 -65.69
CA TYR E 4568 14.72 -84.71 -64.94
C TYR E 4568 14.16 -83.35 -64.53
N MET E 4569 14.71 -82.27 -65.08
CA MET E 4569 14.19 -80.95 -64.72
C MET E 4569 12.86 -80.67 -65.39
N GLU E 4570 12.63 -81.22 -66.55
CA GLU E 4570 11.32 -81.10 -67.19
C GLU E 4570 10.20 -81.82 -66.42
N PRO E 4571 10.38 -83.04 -65.87
CA PRO E 4571 9.36 -83.53 -64.96
C PRO E 4571 9.18 -82.71 -63.71
N THR E 4572 10.25 -82.10 -63.18
CA THR E 4572 10.05 -81.20 -62.06
C THR E 4572 9.35 -79.93 -62.48
N LEU E 4573 9.50 -79.52 -63.74
CA LEU E 4573 8.69 -78.43 -64.25
C LEU E 4573 7.21 -78.81 -64.28
N ARG E 4574 6.94 -80.03 -64.73
CA ARG E 4574 5.59 -80.58 -64.71
C ARG E 4574 5.04 -80.64 -63.29
N ILE E 4575 5.92 -80.86 -62.32
CA ILE E 4575 5.54 -80.80 -60.92
C ILE E 4575 5.18 -79.37 -60.53
N LEU E 4576 6.11 -78.45 -60.78
CA LEU E 4576 6.01 -77.14 -60.17
C LEU E 4576 4.92 -76.30 -60.79
N ALA E 4577 4.52 -76.63 -62.02
CA ALA E 4577 3.47 -75.88 -62.69
C ALA E 4577 2.13 -76.01 -61.99
N ILE E 4578 1.91 -77.10 -61.27
CA ILE E 4578 0.73 -77.20 -60.45
C ILE E 4578 1.06 -77.01 -58.97
N LEU E 4579 2.32 -77.18 -58.59
CA LEU E 4579 2.73 -76.94 -57.21
C LEU E 4579 2.57 -75.49 -56.82
N HIS E 4580 2.99 -74.59 -57.71
CA HIS E 4580 2.77 -73.17 -57.53
C HIS E 4580 1.30 -72.83 -57.42
N THR E 4581 0.47 -73.55 -58.17
CA THR E 4581 -0.96 -73.29 -58.17
C THR E 4581 -1.59 -73.64 -56.84
N VAL E 4582 -1.25 -74.81 -56.29
CA VAL E 4582 -1.84 -75.14 -55.01
C VAL E 4582 -1.21 -74.33 -53.90
N ILE E 4583 0.01 -73.81 -54.10
CA ILE E 4583 0.54 -72.82 -53.18
C ILE E 4583 -0.32 -71.56 -53.17
N SER E 4584 -0.69 -71.09 -54.36
CA SER E 4584 -1.51 -69.88 -54.43
C SER E 4584 -2.90 -70.12 -53.86
N PHE E 4585 -3.41 -71.33 -54.01
CA PHE E 4585 -4.66 -71.69 -53.37
C PHE E 4585 -4.53 -71.67 -51.86
N PHE E 4586 -3.41 -72.15 -51.34
CA PHE E 4586 -3.20 -72.05 -49.90
C PHE E 4586 -3.00 -70.62 -49.44
N CYS E 4587 -2.46 -69.78 -50.32
CA CYS E 4587 -2.38 -68.36 -50.02
C CYS E 4587 -3.76 -67.74 -49.90
N ILE E 4588 -4.69 -68.14 -50.78
CA ILE E 4588 -6.04 -67.60 -50.64
C ILE E 4588 -6.71 -68.17 -49.40
N ILE E 4589 -6.28 -69.34 -48.96
CA ILE E 4589 -6.83 -69.90 -47.73
C ILE E 4589 -6.37 -69.09 -46.52
N GLY E 4590 -5.06 -68.84 -46.43
CA GLY E 4590 -4.53 -68.06 -45.33
C GLY E 4590 -5.02 -66.62 -45.34
N TYR E 4591 -5.26 -66.06 -46.52
CA TYR E 4591 -5.85 -64.74 -46.60
C TYR E 4591 -7.30 -64.76 -46.16
N TYR E 4592 -8.04 -65.81 -46.51
CA TYR E 4592 -9.42 -65.92 -46.11
C TYR E 4592 -9.54 -66.05 -44.60
N CYS E 4593 -8.53 -66.63 -43.97
CA CYS E 4593 -8.38 -66.39 -42.55
C CYS E 4593 -8.14 -64.92 -42.27
N LEU E 4594 -7.08 -64.36 -42.84
CA LEU E 4594 -6.46 -63.20 -42.19
C LEU E 4594 -7.20 -61.90 -42.46
N LYS E 4595 -7.16 -61.40 -43.69
CA LYS E 4595 -7.65 -60.04 -43.89
C LYS E 4595 -9.09 -60.04 -44.30
N VAL E 4596 -9.85 -60.83 -43.57
CA VAL E 4596 -11.27 -61.08 -43.74
C VAL E 4596 -11.73 -60.69 -42.35
N PRO E 4597 -12.90 -61.02 -41.88
CA PRO E 4597 -13.92 -60.03 -41.55
C PRO E 4597 -13.57 -58.73 -40.87
N LEU E 4598 -12.33 -58.50 -40.40
CA LEU E 4598 -11.92 -57.22 -39.82
C LEU E 4598 -12.32 -56.05 -40.71
N VAL E 4599 -12.22 -56.24 -42.01
CA VAL E 4599 -12.72 -55.27 -42.96
C VAL E 4599 -14.23 -55.18 -42.88
N ILE E 4600 -14.91 -56.31 -42.77
CA ILE E 4600 -16.36 -56.22 -42.76
C ILE E 4600 -16.81 -55.92 -41.36
N PHE E 4601 -15.95 -56.17 -40.38
CA PHE E 4601 -16.13 -55.61 -39.05
C PHE E 4601 -16.14 -54.10 -39.10
N LYS E 4602 -15.23 -53.52 -39.87
CA LYS E 4602 -15.24 -52.07 -40.03
C LYS E 4602 -16.48 -51.60 -40.75
N ARG E 4603 -16.84 -52.30 -41.82
CA ARG E 4603 -18.02 -51.96 -42.60
C ARG E 4603 -19.28 -52.06 -41.75
N GLU E 4604 -19.36 -53.10 -40.95
CA GLU E 4604 -20.53 -53.34 -40.13
C GLU E 4604 -20.60 -52.33 -39.00
N LYS E 4605 -19.46 -52.00 -38.40
CA LYS E 4605 -19.37 -50.95 -37.39
C LYS E 4605 -19.84 -49.63 -37.95
N GLU E 4606 -19.39 -49.33 -39.16
CA GLU E 4606 -19.78 -48.13 -39.86
C GLU E 4606 -21.28 -48.05 -40.07
N VAL E 4607 -21.85 -49.11 -40.64
CA VAL E 4607 -23.26 -49.01 -41.00
C VAL E 4607 -24.12 -49.06 -39.76
N ALA E 4608 -23.63 -49.72 -38.71
CA ALA E 4608 -24.36 -49.77 -37.47
C ALA E 4608 -24.42 -48.40 -36.82
N ARG E 4609 -23.27 -47.73 -36.73
CA ARG E 4609 -23.27 -46.43 -36.11
C ARG E 4609 -23.92 -45.38 -37.00
N LYS E 4610 -24.01 -45.61 -38.30
CA LYS E 4610 -24.64 -44.62 -39.15
C LYS E 4610 -26.14 -44.78 -39.14
N LEU E 4611 -26.64 -46.01 -39.07
CA LEU E 4611 -28.05 -46.18 -38.78
C LEU E 4611 -28.38 -45.73 -37.39
N GLU E 4612 -27.42 -45.79 -36.48
CA GLU E 4612 -27.64 -45.38 -35.11
C GLU E 4612 -27.80 -43.87 -35.01
N PHE E 4613 -26.80 -43.14 -35.46
CA PHE E 4613 -26.86 -41.68 -35.42
C PHE E 4613 -27.91 -41.15 -36.36
N ASP E 4614 -28.19 -41.89 -37.43
CA ASP E 4614 -28.83 -41.30 -38.58
C ASP E 4614 -30.15 -41.97 -38.95
N GLY E 4615 -30.18 -43.30 -38.99
CA GLY E 4615 -31.40 -43.95 -39.43
C GLY E 4615 -31.58 -43.75 -40.92
N LEU E 4616 -30.49 -43.99 -41.64
CA LEU E 4616 -30.45 -43.71 -43.07
C LEU E 4616 -31.44 -44.57 -43.83
N TYR E 4617 -31.49 -45.85 -43.52
CA TYR E 4617 -32.47 -46.72 -44.15
C TYR E 4617 -33.87 -46.50 -43.63
N ILE E 4618 -34.03 -45.74 -42.55
CA ILE E 4618 -35.33 -45.47 -41.99
C ILE E 4618 -35.81 -44.08 -42.36
N THR E 4619 -34.93 -43.12 -42.25
CA THR E 4619 -35.34 -41.74 -42.44
C THR E 4619 -34.80 -41.13 -43.71
N GLU E 4620 -33.68 -41.63 -44.23
CA GLU E 4620 -32.98 -40.96 -45.30
C GLU E 4620 -33.03 -41.69 -46.61
N GLN E 4621 -32.89 -43.03 -46.60
CA GLN E 4621 -33.01 -43.92 -47.76
C GLN E 4621 -32.08 -43.49 -48.88
N PRO E 4622 -30.77 -43.75 -48.77
CA PRO E 4622 -29.80 -43.09 -49.64
C PRO E 4622 -29.95 -43.43 -51.11
N SER E 4623 -29.23 -42.65 -51.93
CA SER E 4623 -29.52 -42.50 -53.35
C SER E 4623 -29.11 -43.74 -54.13
N GLU E 4624 -29.20 -43.65 -55.46
CA GLU E 4624 -28.82 -44.74 -56.34
C GLU E 4624 -27.33 -45.07 -56.24
N ASP E 4625 -26.51 -44.10 -55.86
CA ASP E 4625 -25.10 -44.36 -55.68
C ASP E 4625 -24.87 -45.02 -54.32
N ASP E 4626 -23.59 -45.20 -53.99
CA ASP E 4626 -23.12 -46.04 -52.89
C ASP E 4626 -23.73 -47.44 -53.01
N ILE E 4627 -23.30 -48.10 -54.09
CA ILE E 4627 -23.59 -49.50 -54.31
C ILE E 4627 -23.07 -50.35 -53.17
N LYS E 4628 -21.97 -49.93 -52.54
CA LYS E 4628 -21.53 -50.56 -51.31
C LYS E 4628 -22.55 -50.36 -50.21
N GLY E 4629 -23.06 -49.14 -50.09
CA GLY E 4629 -24.07 -48.84 -49.10
C GLY E 4629 -25.40 -49.44 -49.47
N GLN E 4630 -25.78 -49.33 -50.75
CA GLN E 4630 -27.05 -49.90 -51.19
C GLN E 4630 -27.04 -51.42 -51.15
N TRP E 4631 -25.85 -52.03 -51.14
CA TRP E 4631 -25.75 -53.44 -50.85
C TRP E 4631 -26.19 -53.73 -49.43
N ASP E 4632 -25.97 -52.80 -48.52
CA ASP E 4632 -26.34 -52.98 -47.14
C ASP E 4632 -27.77 -52.58 -46.88
N ARG E 4633 -28.49 -52.15 -47.92
CA ARG E 4633 -29.95 -52.11 -47.85
C ARG E 4633 -30.55 -53.49 -47.81
N LEU E 4634 -29.75 -54.54 -48.02
CA LEU E 4634 -30.23 -55.90 -47.96
C LEU E 4634 -29.70 -56.62 -46.73
N VAL E 4635 -28.94 -55.95 -45.89
CA VAL E 4635 -28.43 -56.57 -44.67
C VAL E 4635 -29.17 -56.07 -43.45
N ILE E 4636 -30.14 -55.18 -43.63
CA ILE E 4636 -30.79 -54.49 -42.53
C ILE E 4636 -31.54 -55.48 -41.64
N ASN E 4637 -32.20 -56.44 -42.24
CA ASN E 4637 -33.04 -57.38 -41.55
C ASN E 4637 -32.28 -58.58 -40.99
N THR E 4638 -30.98 -58.65 -41.23
CA THR E 4638 -30.26 -59.89 -41.03
C THR E 4638 -30.05 -60.19 -39.57
N GLN E 4639 -29.99 -61.48 -39.27
CA GLN E 4639 -30.33 -61.98 -37.94
C GLN E 4639 -29.19 -61.79 -36.99
N SER E 4640 -28.08 -62.48 -37.23
CA SER E 4640 -26.88 -62.25 -36.43
C SER E 4640 -26.13 -61.10 -37.09
N PHE E 4641 -26.68 -59.90 -36.90
CA PHE E 4641 -26.24 -58.75 -37.69
C PHE E 4641 -24.82 -58.29 -37.34
N PRO E 4642 -24.43 -58.05 -36.07
CA PRO E 4642 -23.00 -57.85 -35.83
C PRO E 4642 -22.33 -59.17 -35.48
N ASN E 4643 -22.22 -60.05 -36.48
CA ASN E 4643 -21.79 -61.43 -36.24
C ASN E 4643 -20.34 -61.49 -35.79
N ASN E 4644 -19.58 -60.44 -36.03
CA ASN E 4644 -18.27 -60.32 -35.43
C ASN E 4644 -18.00 -58.92 -34.96
N TYR E 4645 -19.04 -58.08 -34.78
CA TYR E 4645 -18.67 -56.76 -34.32
C TYR E 4645 -18.81 -56.61 -32.82
N TRP E 4646 -19.98 -56.25 -32.31
CA TRP E 4646 -20.06 -55.94 -30.89
C TRP E 4646 -21.22 -56.60 -30.18
N ASP E 4647 -22.43 -56.27 -30.63
CA ASP E 4647 -23.64 -56.45 -29.86
C ASP E 4647 -24.85 -56.06 -30.70
N LYS E 4648 -25.94 -56.78 -30.50
CA LYS E 4648 -27.15 -56.52 -31.26
C LYS E 4648 -28.17 -55.68 -30.52
N PHE E 4649 -27.85 -55.26 -29.30
CA PHE E 4649 -28.79 -54.50 -28.50
C PHE E 4649 -28.93 -53.09 -29.04
N VAL E 4650 -27.97 -52.67 -29.84
CA VAL E 4650 -27.98 -51.38 -30.50
C VAL E 4650 -29.14 -51.30 -31.47
N LYS E 4651 -29.58 -52.44 -31.99
CA LYS E 4651 -30.75 -52.46 -32.85
C LYS E 4651 -32.01 -52.07 -32.09
N ARG E 4652 -32.21 -52.67 -30.92
CA ARG E 4652 -33.33 -52.28 -30.07
C ARG E 4652 -33.16 -50.85 -29.58
N LYS E 4653 -31.91 -50.44 -29.35
CA LYS E 4653 -31.63 -49.09 -28.91
C LYS E 4653 -32.07 -48.06 -29.96
N VAL E 4654 -31.79 -48.32 -31.21
CA VAL E 4654 -32.18 -47.33 -32.20
C VAL E 4654 -33.64 -47.49 -32.60
N MET E 4655 -34.23 -48.67 -32.35
CA MET E 4655 -35.68 -48.77 -32.36
C MET E 4655 -36.29 -47.79 -31.38
N ASP E 4656 -35.73 -47.74 -30.18
CA ASP E 4656 -36.20 -46.78 -29.20
C ASP E 4656 -35.78 -45.36 -29.56
N LYS E 4657 -34.77 -45.22 -30.40
CA LYS E 4657 -34.48 -43.88 -30.89
C LYS E 4657 -35.52 -43.43 -31.89
N TYR E 4658 -36.12 -44.35 -32.65
CA TYR E 4658 -36.89 -43.94 -33.81
C TYR E 4658 -38.27 -44.57 -33.96
N GLY E 4659 -38.52 -45.74 -33.38
CA GLY E 4659 -39.76 -46.45 -33.69
C GLY E 4659 -41.01 -45.77 -33.17
N GLU E 4660 -40.90 -45.05 -32.06
CA GLU E 4660 -42.05 -44.28 -31.58
C GLU E 4660 -42.37 -43.14 -32.52
N PHE E 4661 -41.36 -42.60 -33.19
CA PHE E 4661 -41.62 -41.57 -34.17
C PHE E 4661 -42.37 -42.11 -35.37
N TYR E 4662 -41.88 -43.19 -35.95
CA TYR E 4662 -42.35 -43.58 -37.27
C TYR E 4662 -43.08 -44.91 -37.28
N GLY E 4663 -42.42 -46.00 -36.89
CA GLY E 4663 -43.15 -47.24 -36.77
C GLY E 4663 -42.48 -48.13 -35.77
N ARG E 4664 -43.19 -48.44 -34.69
CA ARG E 4664 -42.55 -49.18 -33.62
C ARG E 4664 -42.46 -50.65 -34.00
N ASP E 4665 -43.60 -51.27 -34.25
CA ASP E 4665 -43.60 -52.66 -34.67
C ASP E 4665 -43.24 -52.81 -36.13
N ARG E 4666 -43.24 -51.73 -36.88
CA ARG E 4666 -42.87 -51.83 -38.28
C ARG E 4666 -41.37 -51.94 -38.43
N ILE E 4667 -40.63 -51.03 -37.80
CA ILE E 4667 -39.20 -50.96 -37.99
C ILE E 4667 -38.48 -52.03 -37.19
N SER E 4668 -39.04 -52.41 -36.04
CA SER E 4668 -38.46 -53.50 -35.26
C SER E 4668 -38.54 -54.82 -36.03
N GLU E 4669 -39.70 -55.07 -36.64
CA GLU E 4669 -39.84 -56.22 -37.51
C GLU E 4669 -38.99 -56.09 -38.75
N LEU E 4670 -38.78 -54.85 -39.22
CA LEU E 4670 -37.85 -54.60 -40.32
C LEU E 4670 -36.44 -55.02 -39.92
N LEU E 4671 -36.11 -54.89 -38.64
CA LEU E 4671 -34.86 -55.46 -38.16
C LEU E 4671 -35.06 -56.92 -37.80
N GLY E 4672 -36.05 -57.21 -36.96
CA GLY E 4672 -36.32 -58.58 -36.54
C GLY E 4672 -37.11 -58.64 -35.25
N SER E 4696 -23.41 -83.00 -38.92
CA SER E 4696 -24.31 -83.26 -37.80
C SER E 4696 -25.58 -82.43 -37.94
N ALA E 4697 -25.98 -81.76 -36.86
CA ALA E 4697 -27.23 -80.99 -36.83
C ALA E 4697 -27.02 -79.53 -37.22
N VAL E 4698 -26.39 -79.31 -38.36
CA VAL E 4698 -26.16 -77.97 -38.89
C VAL E 4698 -27.00 -77.94 -40.17
N LEU E 4699 -28.18 -78.56 -40.09
CA LEU E 4699 -28.95 -78.92 -41.27
C LEU E 4699 -29.44 -77.70 -42.02
N ASN E 4700 -30.13 -76.79 -41.34
CA ASN E 4700 -30.48 -75.51 -41.96
C ASN E 4700 -30.32 -74.35 -40.98
N SER E 4701 -29.29 -74.39 -40.15
CA SER E 4701 -29.11 -73.46 -39.05
C SER E 4701 -28.08 -72.39 -39.36
N ILE E 4702 -28.11 -71.85 -40.58
CA ILE E 4702 -27.06 -70.97 -41.07
C ILE E 4702 -27.60 -69.58 -41.32
N ASP E 4703 -26.70 -68.60 -41.23
CA ASP E 4703 -26.98 -67.27 -41.77
C ASP E 4703 -27.06 -67.39 -43.28
N VAL E 4704 -28.20 -67.06 -43.85
CA VAL E 4704 -28.28 -67.26 -45.28
C VAL E 4704 -27.99 -65.96 -45.99
N LYS E 4705 -28.92 -65.02 -45.90
CA LYS E 4705 -28.81 -63.82 -46.69
C LYS E 4705 -27.81 -62.87 -46.11
N TYR E 4706 -27.57 -62.95 -44.80
CA TYR E 4706 -26.45 -62.25 -44.20
C TYR E 4706 -25.14 -62.74 -44.79
N GLN E 4707 -25.04 -64.05 -44.98
CA GLN E 4707 -23.83 -64.60 -45.57
C GLN E 4707 -23.68 -64.15 -47.01
N MET E 4708 -24.79 -64.06 -47.73
CA MET E 4708 -24.74 -63.59 -49.12
C MET E 4708 -24.31 -62.13 -49.18
N TRP E 4709 -24.81 -61.33 -48.24
CA TRP E 4709 -24.38 -59.94 -48.16
C TRP E 4709 -22.90 -59.87 -47.85
N LYS E 4710 -22.44 -60.74 -46.96
CA LYS E 4710 -21.05 -60.77 -46.56
C LYS E 4710 -20.17 -61.05 -47.75
N LEU E 4711 -20.56 -62.01 -48.56
CA LEU E 4711 -19.81 -62.32 -49.77
C LEU E 4711 -19.87 -61.19 -50.77
N GLY E 4712 -21.02 -60.52 -50.87
CA GLY E 4712 -21.13 -59.40 -51.81
C GLY E 4712 -20.27 -58.23 -51.41
N VAL E 4713 -20.03 -58.08 -50.12
CA VAL E 4713 -18.99 -57.14 -49.71
C VAL E 4713 -17.63 -57.71 -50.05
N VAL E 4714 -17.46 -59.01 -49.83
CA VAL E 4714 -16.16 -59.67 -49.90
C VAL E 4714 -15.57 -59.57 -51.29
N PHE E 4715 -16.42 -59.67 -52.31
CA PHE E 4715 -15.97 -59.53 -53.67
C PHE E 4715 -15.44 -58.14 -53.98
N THR E 4716 -15.88 -57.13 -53.25
CA THR E 4716 -15.48 -55.78 -53.57
C THR E 4716 -14.20 -55.38 -52.84
N ASP E 4717 -13.18 -56.22 -52.91
CA ASP E 4717 -11.89 -55.90 -52.34
C ASP E 4717 -10.83 -55.87 -53.43
N ASN E 4718 -9.89 -54.93 -53.31
CA ASN E 4718 -8.77 -54.88 -54.24
C ASN E 4718 -7.90 -56.12 -54.13
N SER E 4719 -7.30 -56.30 -52.95
CA SER E 4719 -6.26 -57.31 -52.79
C SER E 4719 -6.82 -58.72 -52.89
N PHE E 4720 -8.06 -58.92 -52.45
CA PHE E 4720 -8.69 -60.22 -52.60
C PHE E 4720 -8.89 -60.55 -54.06
N LEU E 4721 -9.40 -59.58 -54.82
CA LEU E 4721 -9.53 -59.79 -56.24
C LEU E 4721 -8.18 -59.88 -56.91
N TYR E 4722 -7.18 -59.18 -56.37
CA TYR E 4722 -5.83 -59.29 -56.87
C TYR E 4722 -5.32 -60.71 -56.78
N LEU E 4723 -5.52 -61.33 -55.62
CA LEU E 4723 -5.02 -62.68 -55.47
C LEU E 4723 -5.92 -63.69 -56.17
N ALA E 4724 -7.20 -63.37 -56.31
CA ALA E 4724 -8.09 -64.25 -57.07
C ALA E 4724 -7.69 -64.25 -58.53
N TRP E 4725 -7.36 -63.08 -59.04
CA TRP E 4725 -6.82 -62.95 -60.37
C TRP E 4725 -5.49 -63.67 -60.49
N TYR E 4726 -4.68 -63.63 -59.42
CA TYR E 4726 -3.44 -64.38 -59.41
C TYR E 4726 -3.68 -65.87 -59.47
N MET E 4727 -4.76 -66.33 -58.83
CA MET E 4727 -5.13 -67.73 -58.91
C MET E 4727 -5.57 -68.11 -60.32
N THR E 4728 -6.35 -67.25 -60.95
CA THR E 4728 -6.74 -67.51 -62.33
C THR E 4728 -5.55 -67.42 -63.27
N MET E 4729 -4.56 -66.63 -62.90
CA MET E 4729 -3.29 -66.66 -63.61
C MET E 4729 -2.63 -68.02 -63.45
N SER E 4730 -2.65 -68.55 -62.23
CA SER E 4730 -1.98 -69.82 -62.01
C SER E 4730 -2.79 -71.01 -62.49
N VAL E 4731 -4.02 -70.79 -62.94
CA VAL E 4731 -4.86 -71.87 -63.49
C VAL E 4731 -4.17 -72.54 -64.67
N LEU E 4732 -3.54 -71.76 -65.53
CA LEU E 4732 -3.24 -72.28 -66.86
C LEU E 4732 -2.06 -73.22 -66.92
N GLY E 4733 -1.44 -73.58 -65.79
CA GLY E 4733 -0.43 -74.62 -65.82
C GLY E 4733 -1.02 -75.94 -66.22
N HIS E 4734 -2.23 -76.23 -65.77
CA HIS E 4734 -2.97 -77.37 -66.29
C HIS E 4734 -3.44 -77.12 -67.70
N TYR E 4735 -3.59 -75.85 -68.08
CA TYR E 4735 -4.09 -75.57 -69.42
C TYR E 4735 -2.95 -75.40 -70.42
N ASN E 4736 -2.12 -74.37 -70.25
CA ASN E 4736 -1.11 -74.00 -71.24
C ASN E 4736 -0.23 -72.92 -70.64
N ASN E 4737 1.07 -73.01 -70.92
CA ASN E 4737 1.93 -71.88 -70.62
C ASN E 4737 2.05 -70.93 -71.79
N PHE E 4738 0.92 -70.50 -72.31
CA PHE E 4738 0.90 -69.35 -73.21
C PHE E 4738 1.18 -68.09 -72.42
N PHE E 4739 0.31 -67.79 -71.47
CA PHE E 4739 0.50 -66.68 -70.55
C PHE E 4739 0.72 -67.15 -69.13
N PHE E 4740 0.92 -68.45 -68.91
CA PHE E 4740 0.90 -68.94 -67.54
C PHE E 4740 2.17 -68.59 -66.77
N ALA E 4741 3.29 -68.42 -67.47
CA ALA E 4741 4.48 -67.99 -66.75
C ALA E 4741 4.53 -66.49 -66.54
N ALA E 4742 3.48 -65.76 -66.93
CA ALA E 4742 3.48 -64.30 -66.85
C ALA E 4742 2.92 -63.80 -65.54
N HIS E 4743 3.06 -64.56 -64.45
CA HIS E 4743 2.61 -64.17 -63.13
C HIS E 4743 3.36 -62.98 -62.56
N LEU E 4744 4.40 -62.53 -63.21
CA LEU E 4744 5.44 -61.75 -62.57
C LEU E 4744 5.04 -60.31 -62.36
N LEU E 4745 3.80 -59.95 -62.68
CA LEU E 4745 3.23 -58.67 -62.27
C LEU E 4745 3.18 -58.53 -60.77
N ASP E 4746 3.13 -59.65 -60.04
CA ASP E 4746 2.94 -59.66 -58.59
C ASP E 4746 4.06 -58.98 -57.82
N ILE E 4747 5.19 -58.70 -58.47
CA ILE E 4747 6.22 -57.90 -57.85
C ILE E 4747 5.74 -56.47 -57.63
N ALA E 4748 4.74 -56.01 -58.36
CA ALA E 4748 4.20 -54.68 -58.16
C ALA E 4748 3.40 -54.55 -56.86
N MET E 4749 3.07 -55.65 -56.20
CA MET E 4749 2.47 -55.58 -54.88
C MET E 4749 3.22 -56.39 -53.84
N GLY E 4750 4.22 -57.16 -54.23
CA GLY E 4750 5.00 -57.90 -53.26
C GLY E 4750 5.93 -56.99 -52.48
N PHE E 4751 6.99 -56.53 -53.13
CA PHE E 4751 7.86 -55.55 -52.50
C PHE E 4751 7.31 -54.16 -52.75
N LYS E 4752 7.44 -53.30 -51.75
CA LYS E 4752 6.95 -51.94 -51.87
C LYS E 4752 8.08 -50.96 -52.14
N THR E 4753 9.32 -51.45 -52.09
CA THR E 4753 10.48 -50.63 -52.39
C THR E 4753 10.41 -50.08 -53.80
N LEU E 4754 9.96 -50.89 -54.73
CA LEU E 4754 9.75 -50.47 -56.09
C LEU E 4754 8.56 -49.53 -56.24
N ARG E 4755 7.63 -49.55 -55.30
CA ARG E 4755 6.42 -48.77 -55.46
C ARG E 4755 6.66 -47.28 -55.32
N THR E 4756 7.82 -46.88 -54.80
CA THR E 4756 8.25 -45.48 -54.88
C THR E 4756 8.28 -45.01 -56.31
N ILE E 4757 8.87 -45.82 -57.18
CA ILE E 4757 9.00 -45.46 -58.58
C ILE E 4757 7.63 -45.45 -59.25
N LEU E 4758 6.81 -46.44 -58.93
CA LEU E 4758 5.53 -46.56 -59.61
C LEU E 4758 4.59 -45.45 -59.17
N SER E 4759 4.69 -45.05 -57.92
CA SER E 4759 3.94 -43.91 -57.45
C SER E 4759 4.48 -42.62 -58.05
N SER E 4760 5.80 -42.56 -58.25
CA SER E 4760 6.42 -41.41 -58.90
C SER E 4760 5.95 -41.26 -60.33
N VAL E 4761 5.52 -42.35 -60.93
CA VAL E 4761 4.76 -42.22 -62.16
C VAL E 4761 3.31 -41.85 -61.87
N THR E 4762 2.63 -42.67 -61.07
CA THR E 4762 1.20 -42.87 -61.27
C THR E 4762 0.36 -41.70 -60.79
N HIS E 4763 0.91 -40.82 -59.95
CA HIS E 4763 0.16 -39.64 -59.58
C HIS E 4763 0.16 -38.60 -60.68
N ASN E 4764 1.12 -38.66 -61.57
CA ASN E 4764 1.30 -37.64 -62.57
C ASN E 4764 0.77 -38.05 -63.92
N GLY E 4765 0.29 -39.30 -64.04
CA GLY E 4765 -0.14 -39.83 -65.31
C GLY E 4765 -1.38 -39.19 -65.85
N LYS E 4766 -2.16 -38.54 -64.98
CA LYS E 4766 -3.37 -37.87 -65.40
C LYS E 4766 -3.07 -36.73 -66.36
N GLN E 4767 -1.89 -36.15 -66.26
CA GLN E 4767 -1.46 -35.28 -67.34
C GLN E 4767 -0.74 -36.02 -68.44
N LEU E 4768 -0.21 -37.20 -68.15
CA LEU E 4768 0.61 -37.86 -69.14
C LEU E 4768 -0.24 -38.40 -70.28
N VAL E 4769 -1.48 -38.76 -69.98
CA VAL E 4769 -2.40 -39.13 -71.04
C VAL E 4769 -2.72 -37.93 -71.91
N LEU E 4770 -2.69 -36.74 -71.33
CA LEU E 4770 -2.90 -35.55 -72.14
C LEU E 4770 -1.68 -35.26 -72.99
N THR E 4771 -0.50 -35.64 -72.51
CA THR E 4771 0.69 -35.54 -73.36
C THR E 4771 0.55 -36.45 -74.57
N VAL E 4772 0.02 -37.65 -74.36
CA VAL E 4772 -0.28 -38.54 -75.48
C VAL E 4772 -1.25 -37.88 -76.45
N GLY E 4773 -2.30 -37.24 -75.91
CA GLY E 4773 -3.29 -36.61 -76.77
C GLY E 4773 -2.72 -35.48 -77.60
N LEU E 4774 -1.83 -34.69 -76.99
CA LEU E 4774 -1.29 -33.56 -77.74
C LEU E 4774 -0.30 -34.02 -78.79
N LEU E 4775 0.43 -35.10 -78.50
CA LEU E 4775 1.22 -35.77 -79.51
C LEU E 4775 0.37 -36.15 -80.70
N ALA E 4776 -0.77 -36.79 -80.42
CA ALA E 4776 -1.66 -37.27 -81.47
C ALA E 4776 -2.17 -36.12 -82.32
N VAL E 4777 -2.51 -35.02 -81.68
CA VAL E 4777 -3.11 -33.97 -82.49
C VAL E 4777 -2.06 -33.15 -83.22
N VAL E 4778 -0.84 -33.06 -82.70
CA VAL E 4778 0.12 -32.27 -83.44
C VAL E 4778 0.62 -33.07 -84.64
N VAL E 4779 0.63 -34.39 -84.53
CA VAL E 4779 0.97 -35.13 -85.73
C VAL E 4779 -0.22 -35.23 -86.65
N TYR E 4780 -1.44 -35.15 -86.11
CA TYR E 4780 -2.60 -35.04 -86.95
C TYR E 4780 -2.62 -33.72 -87.70
N LEU E 4781 -1.95 -32.72 -87.15
CA LEU E 4781 -1.71 -31.51 -87.92
C LEU E 4781 -0.67 -31.74 -88.99
N TYR E 4782 0.50 -32.26 -88.59
CA TYR E 4782 1.62 -32.38 -89.50
C TYR E 4782 1.34 -33.27 -90.70
N THR E 4783 0.46 -34.23 -90.53
CA THR E 4783 0.12 -35.10 -91.64
C THR E 4783 -0.81 -34.44 -92.63
N VAL E 4784 -1.22 -33.20 -92.41
CA VAL E 4784 -2.03 -32.53 -93.41
C VAL E 4784 -1.08 -31.83 -94.38
N VAL E 4785 0.10 -31.48 -93.87
CA VAL E 4785 0.90 -30.45 -94.51
C VAL E 4785 1.50 -30.95 -95.82
N ALA E 4786 2.38 -31.95 -95.73
CA ALA E 4786 3.02 -32.46 -96.93
C ALA E 4786 2.03 -33.24 -97.78
N PHE E 4787 0.99 -33.77 -97.13
CA PHE E 4787 -0.11 -34.40 -97.84
C PHE E 4787 -0.82 -33.41 -98.73
N ASN E 4788 -0.84 -32.14 -98.34
CA ASN E 4788 -1.34 -31.16 -99.27
C ASN E 4788 -0.24 -30.49 -100.06
N PHE E 4789 1.03 -30.73 -99.72
CA PHE E 4789 2.06 -29.93 -100.33
C PHE E 4789 3.36 -30.62 -100.72
N PHE E 4790 3.65 -31.82 -100.22
CA PHE E 4790 4.93 -32.43 -100.55
C PHE E 4790 4.78 -33.93 -100.78
N ARG E 4791 3.79 -34.32 -101.57
CA ARG E 4791 3.61 -35.75 -101.81
C ARG E 4791 4.70 -36.31 -102.70
N LYS E 4792 5.33 -35.46 -103.51
CA LYS E 4792 6.55 -35.89 -104.16
C LYS E 4792 7.66 -36.10 -103.16
N PHE E 4793 7.65 -35.36 -102.07
CA PHE E 4793 8.65 -35.60 -101.05
C PHE E 4793 8.30 -36.78 -100.20
N TYR E 4794 7.05 -37.22 -100.20
CA TYR E 4794 6.80 -38.58 -99.78
C TYR E 4794 7.54 -39.48 -100.74
N ASN E 4795 8.32 -40.39 -100.19
CA ASN E 4795 8.83 -41.55 -100.91
C ASN E 4795 9.33 -42.55 -99.89
N LYS E 4796 8.54 -43.59 -99.66
CA LYS E 4796 9.09 -44.83 -99.12
C LYS E 4796 9.43 -45.79 -100.24
N SER E 4797 9.59 -45.26 -101.43
CA SER E 4797 9.92 -46.02 -102.61
C SER E 4797 11.29 -46.64 -102.46
N GLU E 4798 11.45 -47.80 -103.09
CA GLU E 4798 12.78 -48.36 -103.29
C GLU E 4798 13.33 -47.84 -104.60
N ASP E 4799 13.58 -46.52 -104.58
CA ASP E 4799 14.22 -45.77 -105.66
C ASP E 4799 13.40 -45.76 -106.94
N GLY E 4800 12.07 -45.79 -106.80
CA GLY E 4800 11.18 -45.40 -107.88
C GLY E 4800 10.94 -46.39 -108.99
N ASP E 4801 12.00 -47.13 -109.36
CA ASP E 4801 11.88 -48.18 -110.36
C ASP E 4801 11.03 -49.35 -109.89
N THR E 4802 10.92 -49.53 -108.58
CA THR E 4802 9.97 -50.45 -107.97
C THR E 4802 8.57 -49.83 -108.05
N PRO E 4803 7.53 -50.54 -107.58
CA PRO E 4803 6.23 -49.86 -107.40
C PRO E 4803 6.32 -48.80 -106.32
N ASP E 4804 6.76 -47.62 -106.74
CA ASP E 4804 7.25 -46.56 -105.86
C ASP E 4804 6.23 -46.13 -104.82
N MET E 4805 6.65 -46.13 -103.56
CA MET E 4805 5.74 -46.02 -102.44
C MET E 4805 5.79 -44.62 -101.85
N LYS E 4806 4.63 -43.94 -101.87
CA LYS E 4806 4.43 -42.63 -101.27
C LYS E 4806 3.05 -42.64 -100.65
N CYS E 4807 2.96 -42.29 -99.36
CA CYS E 4807 1.66 -42.28 -98.69
C CYS E 4807 0.87 -41.03 -99.06
N ASP E 4808 0.16 -41.10 -100.18
CA ASP E 4808 -0.74 -40.03 -100.58
C ASP E 4808 -2.15 -40.23 -100.06
N ASP E 4809 -2.30 -40.94 -98.95
CA ASP E 4809 -3.53 -40.91 -98.18
C ASP E 4809 -3.19 -40.39 -96.79
N MET E 4810 -4.08 -39.53 -96.27
CA MET E 4810 -3.85 -38.83 -95.01
C MET E 4810 -3.64 -39.80 -93.85
N LEU E 4811 -4.47 -40.84 -93.78
CA LEU E 4811 -4.30 -41.84 -92.72
C LEU E 4811 -2.99 -42.58 -92.87
N THR E 4812 -2.59 -42.87 -94.10
CA THR E 4812 -1.38 -43.65 -94.33
C THR E 4812 -0.14 -42.89 -93.90
N CYS E 4813 -0.01 -41.64 -94.34
CA CYS E 4813 1.16 -40.86 -93.94
C CYS E 4813 1.10 -40.49 -92.48
N TYR E 4814 -0.11 -40.39 -91.94
CA TYR E 4814 -0.26 -40.17 -90.51
C TYR E 4814 0.32 -41.30 -89.71
N MET E 4815 -0.10 -42.52 -90.03
CA MET E 4815 0.45 -43.70 -89.38
C MET E 4815 1.93 -43.87 -89.68
N PHE E 4816 2.37 -43.35 -90.82
CA PHE E 4816 3.78 -43.43 -91.16
C PHE E 4816 4.61 -42.53 -90.27
N HIS E 4817 4.16 -41.30 -90.07
CA HIS E 4817 4.83 -40.40 -89.13
C HIS E 4817 4.78 -40.96 -87.74
N MET E 4818 3.66 -41.59 -87.39
CA MET E 4818 3.53 -42.22 -86.10
C MET E 4818 4.53 -43.35 -85.94
N TYR E 4819 4.76 -44.10 -87.01
CA TYR E 4819 5.68 -45.20 -86.86
C TYR E 4819 7.11 -44.72 -86.95
N VAL E 4820 7.36 -43.76 -87.81
CA VAL E 4820 8.73 -43.40 -88.13
C VAL E 4820 9.12 -42.13 -87.42
N GLY E 4821 8.37 -41.05 -87.68
CA GLY E 4821 8.76 -39.75 -87.19
C GLY E 4821 8.71 -39.64 -85.69
N VAL E 4822 7.90 -40.47 -85.05
CA VAL E 4822 7.97 -40.61 -83.61
C VAL E 4822 9.26 -41.30 -83.21
N ARG E 4823 9.55 -42.43 -83.84
CA ARG E 4823 10.75 -43.18 -83.50
C ARG E 4823 11.99 -42.64 -84.20
N ALA E 4824 11.95 -41.39 -84.66
CA ALA E 4824 12.97 -40.86 -85.55
C ALA E 4824 14.28 -40.61 -84.84
N GLY E 4825 14.30 -39.67 -83.92
CA GLY E 4825 15.55 -39.26 -83.32
C GLY E 4825 16.30 -38.25 -84.16
N GLY E 4826 16.74 -38.65 -85.34
CA GLY E 4826 17.43 -37.73 -86.22
C GLY E 4826 16.53 -36.79 -86.99
N GLY E 4827 15.22 -36.88 -86.79
CA GLY E 4827 14.31 -36.02 -87.51
C GLY E 4827 13.61 -36.75 -88.63
N ILE E 4828 12.45 -36.20 -89.02
CA ILE E 4828 11.69 -36.79 -90.11
C ILE E 4828 12.32 -36.47 -91.45
N GLY E 4829 13.19 -35.46 -91.51
CA GLY E 4829 13.94 -35.18 -92.71
C GLY E 4829 14.97 -36.23 -93.03
N ASP E 4830 15.33 -37.03 -92.03
CA ASP E 4830 16.16 -38.20 -92.30
C ASP E 4830 15.43 -39.18 -93.21
N GLU E 4831 14.23 -39.59 -92.82
CA GLU E 4831 13.51 -40.63 -93.56
C GLU E 4831 12.50 -40.04 -94.53
N ILE E 4832 13.00 -39.17 -95.41
CA ILE E 4832 12.15 -38.51 -96.39
C ILE E 4832 13.05 -37.99 -97.49
N GLU E 4833 12.44 -37.63 -98.62
CA GLU E 4833 13.13 -36.94 -99.70
C GLU E 4833 13.79 -35.65 -99.24
N ASP E 4834 15.10 -35.59 -99.34
CA ASP E 4834 15.73 -34.30 -99.14
C ASP E 4834 15.52 -33.44 -100.37
N PRO E 4835 15.47 -32.13 -100.20
CA PRO E 4835 15.46 -31.26 -101.38
C PRO E 4835 16.85 -30.77 -101.73
N ALA E 4836 17.09 -30.68 -103.03
CA ALA E 4836 18.34 -30.16 -103.56
C ALA E 4836 18.07 -29.27 -104.75
N GLY E 4837 17.09 -28.38 -104.63
CA GLY E 4837 16.74 -27.52 -105.74
C GLY E 4837 15.26 -27.32 -105.93
N ASP E 4838 14.45 -27.81 -104.99
CA ASP E 4838 13.00 -27.66 -105.09
C ASP E 4838 12.59 -26.21 -105.00
N GLU E 4839 11.49 -25.89 -105.68
CA GLU E 4839 10.80 -24.64 -105.45
C GLU E 4839 10.46 -24.44 -103.98
N TYR E 4840 9.85 -25.44 -103.36
CA TYR E 4840 9.51 -25.38 -101.95
C TYR E 4840 10.54 -26.07 -101.08
N GLU E 4841 11.81 -26.00 -101.50
CA GLU E 4841 12.88 -26.64 -100.74
C GLU E 4841 13.03 -26.02 -99.36
N ILE E 4842 12.94 -24.70 -99.27
CA ILE E 4842 13.10 -24.06 -97.99
C ILE E 4842 11.89 -24.31 -97.11
N TYR E 4843 10.71 -24.44 -97.73
CA TYR E 4843 9.53 -24.86 -96.98
C TYR E 4843 9.71 -26.25 -96.40
N ARG E 4844 10.26 -27.14 -97.22
CA ARG E 4844 10.58 -28.49 -96.77
C ARG E 4844 11.57 -28.47 -95.62
N ILE E 4845 12.60 -27.63 -95.73
CA ILE E 4845 13.64 -27.54 -94.72
C ILE E 4845 13.08 -27.00 -93.43
N ILE E 4846 12.23 -25.98 -93.53
CA ILE E 4846 11.68 -25.37 -92.34
C ILE E 4846 10.66 -26.31 -91.71
N PHE E 4847 10.06 -27.18 -92.52
CA PHE E 4847 9.17 -28.17 -91.98
C PHE E 4847 9.97 -29.20 -91.18
N ASP E 4848 11.12 -29.59 -91.71
CA ASP E 4848 12.03 -30.46 -90.97
C ASP E 4848 12.48 -29.84 -89.66
N ILE E 4849 12.79 -28.56 -89.70
CA ILE E 4849 13.30 -27.88 -88.51
C ILE E 4849 12.24 -27.82 -87.44
N THR E 4850 11.01 -27.50 -87.85
CA THR E 4850 9.92 -27.40 -86.89
C THR E 4850 9.60 -28.75 -86.29
N PHE E 4851 9.69 -29.81 -87.09
CA PHE E 4851 9.59 -31.15 -86.54
C PHE E 4851 10.73 -31.42 -85.56
N PHE E 4852 11.97 -31.16 -86.01
CA PHE E 4852 13.21 -31.42 -85.29
C PHE E 4852 13.19 -30.81 -83.91
N PHE E 4853 12.59 -29.65 -83.80
CA PHE E 4853 12.40 -29.08 -82.47
C PHE E 4853 11.19 -29.70 -81.81
N PHE E 4854 10.02 -29.45 -82.38
CA PHE E 4854 8.78 -29.50 -81.61
C PHE E 4854 8.41 -30.90 -81.25
N VAL E 4855 8.94 -31.88 -81.94
CA VAL E 4855 8.71 -33.22 -81.49
C VAL E 4855 9.85 -33.59 -80.57
N ILE E 4856 11.04 -33.65 -81.16
CA ILE E 4856 12.13 -34.41 -80.61
C ILE E 4856 12.65 -33.77 -79.35
N VAL E 4857 12.86 -32.46 -79.40
CA VAL E 4857 13.24 -31.73 -78.22
C VAL E 4857 12.12 -31.76 -77.20
N ILE E 4858 10.96 -31.29 -77.63
CA ILE E 4858 9.99 -30.71 -76.73
C ILE E 4858 9.32 -31.79 -75.91
N LEU E 4859 8.83 -32.82 -76.57
CA LEU E 4859 7.95 -33.71 -75.85
C LEU E 4859 8.73 -34.71 -75.02
N LEU E 4860 9.89 -35.11 -75.52
CA LEU E 4860 10.88 -35.80 -74.71
C LEU E 4860 11.17 -35.04 -73.43
N ALA E 4861 11.48 -33.74 -73.56
CA ALA E 4861 11.77 -32.95 -72.39
C ALA E 4861 10.57 -32.80 -71.50
N ILE E 4862 9.38 -32.80 -72.11
CA ILE E 4862 8.15 -32.68 -71.35
C ILE E 4862 7.97 -33.87 -70.43
N ILE E 4863 8.17 -35.05 -70.98
CA ILE E 4863 7.91 -36.24 -70.19
C ILE E 4863 8.98 -36.39 -69.12
N GLN E 4864 10.22 -36.05 -69.46
CA GLN E 4864 11.29 -36.14 -68.48
C GLN E 4864 11.12 -35.15 -67.35
N GLY E 4865 10.78 -33.90 -67.69
CA GLY E 4865 10.60 -32.89 -66.67
C GLY E 4865 9.40 -33.16 -65.81
N LEU E 4866 8.35 -33.74 -66.39
CA LEU E 4866 7.21 -34.21 -65.60
C LEU E 4866 7.67 -35.23 -64.60
N ILE E 4867 8.54 -36.14 -65.03
CA ILE E 4867 8.99 -37.20 -64.15
C ILE E 4867 9.89 -36.66 -63.04
N ILE E 4868 10.72 -35.69 -63.35
CA ILE E 4868 11.66 -35.28 -62.32
C ILE E 4868 11.03 -34.26 -61.37
N ASP E 4869 10.09 -33.46 -61.84
CA ASP E 4869 9.30 -32.72 -60.86
C ASP E 4869 8.41 -33.65 -60.04
N ALA E 4870 8.01 -34.78 -60.61
CA ALA E 4870 7.31 -35.79 -59.80
C ALA E 4870 8.23 -36.36 -58.73
N PHE E 4871 9.50 -36.57 -59.08
CA PHE E 4871 10.52 -36.97 -58.12
C PHE E 4871 10.61 -36.00 -56.96
N GLY E 4872 10.84 -34.73 -57.28
CA GLY E 4872 11.04 -33.74 -56.24
C GLY E 4872 9.81 -33.55 -55.38
N GLU E 4873 8.63 -33.61 -56.01
CA GLU E 4873 7.36 -33.56 -55.31
C GLU E 4873 7.26 -34.68 -54.29
N LEU E 4874 7.53 -35.91 -54.71
CA LEU E 4874 7.30 -37.03 -53.82
C LEU E 4874 8.33 -37.06 -52.71
N ARG E 4875 9.57 -36.69 -53.01
CA ARG E 4875 10.61 -36.64 -51.99
C ARG E 4875 10.31 -35.57 -50.97
N ASP E 4876 9.87 -34.41 -51.43
CA ASP E 4876 9.55 -33.32 -50.52
C ASP E 4876 8.37 -33.66 -49.64
N GLN E 4877 7.38 -34.34 -50.22
CA GLN E 4877 6.23 -34.77 -49.44
C GLN E 4877 6.61 -35.74 -48.35
N GLN E 4878 7.45 -36.71 -48.71
CA GLN E 4878 7.90 -37.71 -47.77
C GLN E 4878 8.65 -37.09 -46.60
N GLU E 4879 9.64 -36.26 -46.91
CA GLU E 4879 10.42 -35.67 -45.83
C GLU E 4879 9.63 -34.64 -45.07
N GLN E 4880 8.62 -34.05 -45.70
CA GLN E 4880 7.72 -33.15 -45.00
C GLN E 4880 6.98 -33.88 -43.90
N VAL E 4881 6.41 -35.03 -44.25
CA VAL E 4881 5.77 -35.91 -43.28
C VAL E 4881 6.72 -36.28 -42.16
N LYS E 4882 7.95 -36.61 -42.53
CA LYS E 4882 8.98 -36.95 -41.54
C LYS E 4882 9.23 -35.82 -40.57
N GLU E 4883 9.33 -34.60 -41.08
CA GLU E 4883 9.59 -33.45 -40.24
C GLU E 4883 8.43 -33.21 -39.29
N ASP E 4884 7.20 -33.26 -39.82
CA ASP E 4884 6.04 -32.96 -38.98
C ASP E 4884 5.82 -34.02 -37.93
N MET E 4885 6.26 -35.24 -38.19
CA MET E 4885 6.33 -36.20 -37.10
C MET E 4885 7.39 -35.80 -36.10
N GLU E 4886 8.53 -35.30 -36.58
CA GLU E 4886 9.66 -35.07 -35.70
C GLU E 4886 9.74 -33.65 -35.19
N THR E 4887 8.75 -32.82 -35.47
CA THR E 4887 8.58 -31.54 -34.81
C THR E 4887 7.87 -31.76 -33.48
N LYS E 4888 7.18 -30.74 -33.02
CA LYS E 4888 6.18 -30.79 -31.96
C LYS E 4888 5.23 -31.97 -32.05
N CYS E 4889 4.59 -32.29 -30.93
CA CYS E 4889 3.90 -33.56 -30.73
C CYS E 4889 2.74 -33.76 -31.69
N PHE E 4890 2.20 -34.96 -31.64
CA PHE E 4890 0.94 -35.15 -32.34
C PHE E 4890 -0.21 -34.67 -31.49
N ILE E 4891 -0.13 -34.85 -30.19
CA ILE E 4891 -1.31 -34.82 -29.36
C ILE E 4891 -1.50 -33.41 -28.81
N CYS E 4892 -0.57 -32.97 -27.97
CA CYS E 4892 -0.59 -31.57 -27.62
C CYS E 4892 -0.09 -30.78 -28.82
N GLY E 4893 1.09 -31.15 -29.31
CA GLY E 4893 1.60 -30.58 -30.52
C GLY E 4893 1.95 -29.13 -30.38
N ILE E 4894 2.92 -28.84 -29.53
CA ILE E 4894 3.20 -27.49 -29.11
C ILE E 4894 4.57 -27.04 -29.57
N GLY E 4895 5.61 -27.71 -29.11
CA GLY E 4895 6.94 -27.34 -29.55
C GLY E 4895 7.94 -28.43 -29.24
N ASN E 4896 8.62 -28.89 -30.29
CA ASN E 4896 9.77 -29.76 -30.11
C ASN E 4896 10.81 -29.08 -29.23
N ASP E 4897 11.04 -27.80 -29.48
CA ASP E 4897 11.87 -26.98 -28.62
C ASP E 4897 11.26 -26.82 -27.25
N TYR E 4898 9.94 -26.81 -27.16
CA TYR E 4898 9.31 -26.33 -25.95
C TYR E 4898 9.37 -27.36 -24.84
N PHE E 4899 9.09 -28.61 -25.17
CA PHE E 4899 9.28 -29.63 -24.17
C PHE E 4899 10.70 -30.14 -24.12
N ASP E 4900 11.56 -29.66 -25.03
CA ASP E 4900 12.98 -29.79 -24.78
C ASP E 4900 13.63 -28.46 -24.45
N THR E 4901 12.86 -27.51 -23.93
CA THR E 4901 13.47 -26.38 -23.22
C THR E 4901 14.28 -26.89 -22.05
N VAL E 4902 13.69 -27.75 -21.23
CA VAL E 4902 14.47 -28.58 -20.33
C VAL E 4902 15.12 -29.70 -21.14
N PRO E 4903 16.41 -29.94 -20.98
CA PRO E 4903 17.11 -30.89 -21.85
C PRO E 4903 16.62 -32.31 -21.67
N HIS E 4904 16.65 -33.03 -22.78
CA HIS E 4904 16.18 -34.40 -22.91
C HIS E 4904 14.73 -34.56 -22.49
N GLY E 4905 13.91 -33.56 -22.74
CA GLY E 4905 12.55 -33.63 -22.27
C GLY E 4905 11.55 -34.05 -23.31
N PHE E 4906 11.63 -33.44 -24.49
CA PHE E 4906 10.54 -33.50 -25.46
C PHE E 4906 10.30 -34.91 -25.97
N GLU E 4907 11.38 -35.66 -26.19
CA GLU E 4907 11.24 -37.04 -26.60
C GLU E 4907 10.62 -37.87 -25.49
N THR E 4908 10.99 -37.59 -24.26
CA THR E 4908 10.38 -38.26 -23.14
C THR E 4908 9.00 -37.71 -22.89
N HIS E 4909 8.83 -36.42 -23.18
CA HIS E 4909 7.50 -35.83 -23.12
C HIS E 4909 6.56 -36.52 -24.08
N THR E 4910 7.07 -36.88 -25.24
CA THR E 4910 6.31 -37.70 -26.16
C THR E 4910 6.06 -39.08 -25.56
N LEU E 4911 7.15 -39.76 -25.21
CA LEU E 4911 7.14 -41.13 -24.72
C LEU E 4911 6.40 -41.34 -23.44
N GLN E 4912 6.09 -40.29 -22.71
CA GLN E 4912 5.34 -40.40 -21.47
C GLN E 4912 4.06 -39.59 -21.48
N GLU E 4913 4.13 -38.29 -21.76
CA GLU E 4913 2.94 -37.47 -21.75
C GLU E 4913 2.06 -37.73 -22.95
N HIS E 4914 2.57 -38.35 -23.99
CA HIS E 4914 1.64 -38.54 -25.08
C HIS E 4914 1.60 -39.95 -25.61
N ASN E 4915 2.76 -40.62 -25.74
CA ASN E 4915 3.02 -42.07 -25.82
C ASN E 4915 1.94 -42.90 -26.49
N LEU E 4916 1.55 -42.47 -27.68
CA LEU E 4916 0.22 -42.62 -28.26
C LEU E 4916 -0.40 -43.99 -28.17
N ALA E 4917 0.44 -45.04 -28.17
CA ALA E 4917 -0.05 -46.38 -27.97
C ALA E 4917 -0.63 -46.59 -26.59
N ASN E 4918 -0.23 -45.78 -25.62
CA ASN E 4918 -0.75 -45.96 -24.29
C ASN E 4918 -2.20 -45.57 -24.17
N TYR E 4919 -2.67 -44.66 -25.00
CA TYR E 4919 -4.08 -44.33 -24.96
C TYR E 4919 -4.90 -45.49 -25.49
N LEU E 4920 -4.37 -46.19 -26.48
CA LEU E 4920 -4.98 -47.41 -26.94
C LEU E 4920 -4.98 -48.46 -25.85
N PHE E 4921 -3.84 -48.61 -25.17
CA PHE E 4921 -3.73 -49.53 -24.04
C PHE E 4921 -4.74 -49.20 -22.97
N PHE E 4922 -4.95 -47.92 -22.77
CA PHE E 4922 -5.91 -47.45 -21.80
C PHE E 4922 -7.31 -47.81 -22.21
N LEU E 4923 -7.57 -47.78 -23.50
CA LEU E 4923 -8.89 -48.19 -23.94
C LEU E 4923 -9.10 -49.67 -23.75
N MET E 4924 -8.04 -50.47 -23.92
CA MET E 4924 -8.13 -51.88 -23.56
C MET E 4924 -8.42 -52.03 -22.10
N TYR E 4925 -7.78 -51.20 -21.30
CA TYR E 4925 -7.94 -51.22 -19.87
C TYR E 4925 -9.36 -50.91 -19.48
N LEU E 4926 -9.96 -49.94 -20.15
CA LEU E 4926 -11.31 -49.54 -19.81
C LEU E 4926 -12.31 -50.56 -20.28
N ILE E 4927 -12.20 -50.98 -21.54
CA ILE E 4927 -13.09 -52.00 -22.08
C ILE E 4927 -12.90 -53.34 -21.39
N ASN E 4928 -11.79 -53.51 -20.71
CA ASN E 4928 -11.56 -54.69 -19.92
C ASN E 4928 -12.45 -54.70 -18.69
N LYS E 4929 -12.35 -53.66 -17.86
CA LYS E 4929 -12.91 -53.73 -16.52
C LYS E 4929 -14.37 -53.31 -16.51
N ASP E 4930 -14.93 -53.14 -15.31
CA ASP E 4930 -16.35 -52.88 -15.13
C ASP E 4930 -16.58 -51.52 -14.49
N GLU E 4931 -17.62 -50.85 -14.98
CA GLU E 4931 -17.96 -49.50 -14.60
C GLU E 4931 -18.36 -49.38 -13.15
N THR E 4932 -18.79 -50.48 -12.55
CA THR E 4932 -18.98 -50.58 -11.12
C THR E 4932 -17.70 -50.32 -10.34
N GLU E 4933 -16.55 -50.44 -10.98
CA GLU E 4933 -15.26 -50.25 -10.34
C GLU E 4933 -14.49 -49.15 -11.01
N HIS E 4934 -15.14 -48.39 -11.87
CA HIS E 4934 -14.48 -47.25 -12.46
C HIS E 4934 -14.28 -46.16 -11.44
N THR E 4935 -13.18 -45.43 -11.58
CA THR E 4935 -13.17 -44.16 -10.87
C THR E 4935 -13.90 -43.13 -11.69
N GLY E 4936 -13.99 -41.94 -11.10
CA GLY E 4936 -14.73 -40.85 -11.72
C GLY E 4936 -14.08 -40.42 -13.02
N GLN E 4937 -12.76 -40.45 -13.07
CA GLN E 4937 -12.07 -40.25 -14.33
C GLN E 4937 -12.42 -41.37 -15.28
N GLU E 4938 -12.41 -42.58 -14.77
CA GLU E 4938 -12.55 -43.75 -15.61
C GLU E 4938 -13.95 -43.83 -16.18
N SER E 4939 -14.94 -43.82 -15.30
CA SER E 4939 -16.33 -43.76 -15.72
C SER E 4939 -16.62 -42.52 -16.55
N TYR E 4940 -15.95 -41.43 -16.23
CA TYR E 4940 -16.19 -40.17 -16.90
C TYR E 4940 -15.80 -40.26 -18.36
N VAL E 4941 -14.55 -40.58 -18.61
CA VAL E 4941 -14.07 -40.65 -19.97
C VAL E 4941 -14.66 -41.84 -20.68
N TRP E 4942 -15.08 -42.87 -19.92
CA TRP E 4942 -15.81 -43.96 -20.52
C TRP E 4942 -17.10 -43.46 -21.11
N LYS E 4943 -17.79 -42.62 -20.36
CA LYS E 4943 -19.03 -42.06 -20.83
C LYS E 4943 -18.79 -41.08 -21.96
N MET E 4944 -17.66 -40.38 -21.92
CA MET E 4944 -17.30 -39.50 -23.01
C MET E 4944 -17.15 -40.27 -24.30
N TYR E 4945 -16.50 -41.42 -24.21
CA TYR E 4945 -16.37 -42.29 -25.36
C TYR E 4945 -17.72 -42.88 -25.75
N GLN E 4946 -18.55 -43.15 -24.75
CA GLN E 4946 -19.90 -43.62 -25.02
C GLN E 4946 -20.68 -42.58 -25.78
N GLU E 4947 -20.41 -41.32 -25.51
CA GLU E 4947 -21.03 -40.27 -26.25
C GLU E 4947 -20.40 -40.05 -27.61
N ARG E 4948 -19.26 -40.69 -27.84
CA ARG E 4948 -18.46 -40.51 -29.05
C ARG E 4948 -18.14 -39.04 -29.25
N CYS E 4949 -17.51 -38.46 -28.24
CA CYS E 4949 -17.38 -37.03 -28.17
C CYS E 4949 -15.93 -36.56 -28.28
N TRP E 4950 -15.04 -37.12 -27.47
CA TRP E 4950 -13.60 -36.88 -27.50
C TRP E 4950 -13.27 -35.41 -27.31
N GLU E 4951 -13.48 -34.92 -26.11
CA GLU E 4951 -13.04 -33.57 -25.80
C GLU E 4951 -11.83 -33.55 -24.91
N PHE E 4952 -11.55 -34.66 -24.24
CA PHE E 4952 -10.63 -34.75 -23.13
C PHE E 4952 -9.18 -34.72 -23.55
N PHE E 4953 -8.91 -34.75 -24.80
CA PHE E 4953 -7.54 -34.81 -25.25
C PHE E 4953 -6.86 -33.46 -25.11
N PRO E 4954 -5.58 -33.45 -24.83
CA PRO E 4954 -4.89 -32.18 -24.58
C PRO E 4954 -4.67 -31.34 -25.82
N ALA E 4955 -5.35 -30.19 -25.88
CA ALA E 4955 -5.15 -29.29 -27.00
C ALA E 4955 -3.81 -28.57 -26.89
N GLY E 4956 -3.68 -27.71 -25.89
CA GLY E 4956 -2.51 -26.86 -25.77
C GLY E 4956 -2.02 -26.70 -24.35
N ASP E 4957 -2.16 -27.75 -23.55
CA ASP E 4957 -2.37 -27.64 -22.12
C ASP E 4957 -1.69 -28.76 -21.37
N CYS E 4958 -0.41 -28.99 -21.64
CA CYS E 4958 0.29 -30.09 -21.00
C CYS E 4958 0.66 -29.76 -19.55
N PHE E 4959 1.40 -30.66 -18.95
CA PHE E 4959 1.63 -30.58 -17.52
C PHE E 4959 2.66 -29.52 -17.20
N ARG E 4960 3.72 -29.48 -18.00
CA ARG E 4960 4.63 -28.36 -17.98
C ARG E 4960 3.90 -27.07 -18.28
N LYS E 4961 2.97 -27.14 -19.23
CA LYS E 4961 2.13 -25.99 -19.54
C LYS E 4961 1.19 -25.68 -18.38
N GLN E 4962 0.83 -26.71 -17.61
CA GLN E 4962 -0.11 -26.47 -16.52
C GLN E 4962 0.50 -25.67 -15.40
N TYR E 4963 1.80 -25.76 -15.17
CA TYR E 4963 2.34 -25.22 -13.94
C TYR E 4963 3.58 -24.39 -14.24
N GLU E 4964 4.19 -23.92 -13.17
CA GLU E 4964 5.49 -23.26 -13.22
C GLU E 4964 6.29 -23.83 -12.06
N GLY F 2 -93.09 -75.55 57.62
CA GLY F 2 -93.23 -74.12 57.87
C GLY F 2 -93.79 -73.39 56.67
N VAL F 3 -93.99 -74.11 55.57
CA VAL F 3 -94.55 -73.57 54.35
C VAL F 3 -95.65 -74.52 53.88
N GLU F 4 -96.79 -73.95 53.52
CA GLU F 4 -97.96 -74.76 53.18
C GLU F 4 -98.41 -74.40 51.78
N ILE F 5 -98.72 -75.43 51.01
CA ILE F 5 -98.68 -75.37 49.55
C ILE F 5 -99.89 -76.12 49.02
N GLU F 6 -100.65 -75.48 48.14
CA GLU F 6 -101.83 -76.10 47.58
C GLU F 6 -101.46 -77.03 46.44
N THR F 7 -102.03 -78.23 46.47
CA THR F 7 -101.89 -79.17 45.37
C THR F 7 -102.64 -78.66 44.16
N ILE F 8 -101.95 -78.58 43.02
CA ILE F 8 -102.60 -78.22 41.77
C ILE F 8 -103.21 -79.48 41.19
N SER F 9 -102.37 -80.41 40.75
CA SER F 9 -103.02 -81.62 40.28
C SER F 9 -102.87 -82.68 41.35
N PRO F 10 -103.94 -83.35 41.73
CA PRO F 10 -103.79 -84.51 42.60
C PRO F 10 -103.07 -85.64 41.89
N GLY F 11 -102.18 -86.29 42.62
CA GLY F 11 -101.53 -87.47 42.12
C GLY F 11 -102.03 -88.74 42.77
N ASP F 12 -101.29 -89.24 43.75
CA ASP F 12 -101.72 -90.42 44.48
C ASP F 12 -101.71 -90.25 45.99
N GLY F 13 -101.03 -89.24 46.53
CA GLY F 13 -101.09 -88.98 47.95
C GLY F 13 -100.13 -89.82 48.78
N ARG F 14 -100.33 -91.14 48.75
CA ARG F 14 -99.64 -92.02 49.69
C ARG F 14 -98.22 -92.34 49.28
N THR F 15 -97.90 -92.32 47.98
CA THR F 15 -96.54 -92.66 47.55
C THR F 15 -95.71 -91.38 47.46
N PHE F 16 -95.74 -90.69 48.54
CA PHE F 16 -95.11 -89.43 48.80
C PHE F 16 -93.59 -89.61 48.83
N PRO F 17 -92.85 -88.53 48.54
CA PRO F 17 -91.39 -88.60 48.64
C PRO F 17 -90.93 -88.81 50.07
N LYS F 18 -90.16 -89.87 50.26
CA LYS F 18 -89.64 -90.26 51.55
C LYS F 18 -88.14 -90.42 51.40
N LYS F 19 -87.45 -90.62 52.52
CA LYS F 19 -86.01 -90.86 52.53
C LYS F 19 -85.64 -92.09 51.72
N GLY F 20 -84.41 -92.08 51.20
CA GLY F 20 -84.01 -93.14 50.31
C GLY F 20 -84.62 -93.09 48.95
N GLN F 21 -85.31 -92.00 48.61
CA GLN F 21 -85.95 -91.85 47.30
C GLN F 21 -85.49 -90.53 46.69
N THR F 22 -84.92 -90.61 45.50
CA THR F 22 -84.42 -89.42 44.83
C THR F 22 -85.55 -88.75 44.08
N CYS F 23 -85.75 -87.45 44.31
CA CYS F 23 -86.92 -86.74 43.84
C CYS F 23 -86.77 -86.37 42.37
N VAL F 24 -87.16 -87.31 41.51
CA VAL F 24 -87.25 -87.06 40.08
C VAL F 24 -88.41 -86.12 39.83
N VAL F 25 -88.12 -84.85 39.55
CA VAL F 25 -89.16 -83.86 39.33
C VAL F 25 -88.84 -83.06 38.09
N HIS F 26 -89.90 -82.64 37.42
CA HIS F 26 -89.81 -81.68 36.35
C HIS F 26 -90.68 -80.50 36.74
N TYR F 27 -90.14 -79.30 36.61
CA TYR F 27 -90.74 -78.18 37.31
C TYR F 27 -90.30 -76.87 36.70
N THR F 28 -90.90 -75.79 37.19
CA THR F 28 -90.38 -74.46 36.97
C THR F 28 -90.45 -73.66 38.26
N GLY F 29 -89.75 -72.53 38.25
CA GLY F 29 -89.75 -71.61 39.36
C GLY F 29 -89.80 -70.18 38.86
N MET F 30 -90.82 -69.46 39.29
CA MET F 30 -91.05 -68.09 38.88
C MET F 30 -91.08 -67.19 40.10
N LEU F 31 -91.16 -65.89 39.87
CA LEU F 31 -91.05 -64.98 41.01
C LEU F 31 -92.37 -64.87 41.76
N GLN F 32 -92.32 -64.01 42.78
CA GLN F 32 -93.55 -63.45 43.34
C GLN F 32 -94.36 -62.76 42.27
N ASN F 33 -93.71 -61.92 41.48
CA ASN F 33 -94.36 -61.33 40.33
C ASN F 33 -94.54 -62.36 39.23
N GLY F 34 -93.77 -63.43 39.27
CA GLY F 34 -93.94 -64.52 38.36
C GLY F 34 -92.92 -64.61 37.27
N LYS F 35 -91.78 -63.95 37.40
CA LYS F 35 -90.78 -63.99 36.35
C LYS F 35 -90.10 -65.35 36.38
N LYS F 36 -90.24 -66.10 35.29
CA LYS F 36 -89.88 -67.50 35.22
C LYS F 36 -88.37 -67.62 35.21
N PHE F 37 -87.78 -67.42 36.38
CA PHE F 37 -86.34 -67.42 36.46
C PHE F 37 -85.78 -68.83 36.37
N ASP F 38 -86.51 -69.83 36.83
CA ASP F 38 -86.01 -71.19 36.78
C ASP F 38 -87.06 -72.11 36.19
N SER F 39 -86.57 -73.11 35.47
CA SER F 39 -87.41 -74.11 34.84
C SER F 39 -86.57 -75.33 34.49
N SER F 40 -86.99 -76.49 34.98
CA SER F 40 -86.41 -77.72 34.45
C SER F 40 -86.84 -77.93 33.01
N ARG F 41 -88.03 -77.43 32.69
CA ARG F 41 -88.57 -77.51 31.34
C ARG F 41 -87.79 -76.63 30.39
N ASP F 42 -87.06 -75.63 30.91
CA ASP F 42 -86.12 -74.89 30.09
C ASP F 42 -85.05 -75.83 29.54
N ARG F 43 -84.36 -76.55 30.42
CA ARG F 43 -83.35 -77.49 29.97
C ARG F 43 -83.93 -78.83 29.58
N ASN F 44 -85.25 -79.01 29.76
CA ASN F 44 -85.98 -80.21 29.34
C ASN F 44 -85.42 -81.47 29.97
N LYS F 45 -84.92 -81.31 31.18
CA LYS F 45 -84.23 -82.37 31.86
C LYS F 45 -84.76 -82.38 33.28
N PRO F 46 -85.16 -83.54 33.81
CA PRO F 46 -85.80 -83.57 35.11
C PRO F 46 -84.80 -83.40 36.23
N PHE F 47 -85.14 -82.54 37.18
CA PHE F 47 -84.34 -82.45 38.39
C PHE F 47 -84.54 -83.69 39.23
N LYS F 48 -83.45 -84.18 39.79
CA LYS F 48 -83.47 -85.32 40.68
C LYS F 48 -82.60 -85.00 41.87
N PHE F 49 -83.11 -85.25 43.07
CA PHE F 49 -82.25 -85.15 44.23
C PHE F 49 -82.76 -86.06 45.34
N ARG F 50 -81.83 -86.61 46.08
CA ARG F 50 -82.14 -87.55 47.15
C ARG F 50 -82.50 -86.79 48.42
N ILE F 51 -83.57 -87.24 49.08
CA ILE F 51 -83.95 -86.70 50.37
C ILE F 51 -82.88 -87.04 51.39
N GLY F 52 -82.56 -86.07 52.26
CA GLY F 52 -81.55 -86.22 53.26
C GLY F 52 -80.27 -85.50 52.92
N LYS F 53 -80.03 -85.31 51.63
CA LYS F 53 -78.92 -84.47 51.19
C LYS F 53 -79.12 -83.03 51.62
N GLN F 54 -80.36 -82.54 51.55
CA GLN F 54 -80.75 -81.16 51.83
C GLN F 54 -79.96 -80.19 50.95
N GLU F 55 -80.16 -80.38 49.65
CA GLU F 55 -79.59 -79.52 48.64
C GLU F 55 -80.40 -78.25 48.44
N VAL F 56 -81.70 -78.31 48.71
CA VAL F 56 -82.63 -77.24 48.37
C VAL F 56 -83.04 -76.55 49.64
N ILE F 57 -83.86 -75.51 49.51
CA ILE F 57 -84.38 -74.87 50.70
C ILE F 57 -85.34 -75.81 51.43
N LYS F 58 -85.57 -75.50 52.70
CA LYS F 58 -86.32 -76.41 53.55
C LYS F 58 -87.79 -76.42 53.17
N GLY F 59 -88.29 -75.29 52.68
CA GLY F 59 -89.65 -75.28 52.16
C GLY F 59 -89.79 -76.16 50.94
N PHE F 60 -88.72 -76.29 50.17
CA PHE F 60 -88.79 -77.10 48.97
C PHE F 60 -88.87 -78.59 49.29
N GLU F 61 -87.99 -79.08 50.16
CA GLU F 61 -88.07 -80.48 50.56
C GLU F 61 -89.32 -80.76 51.38
N GLU F 62 -89.79 -79.75 52.13
CA GLU F 62 -91.02 -79.90 52.89
C GLU F 62 -92.22 -80.07 51.97
N GLY F 63 -92.31 -79.24 50.93
CA GLY F 63 -93.36 -79.41 49.96
C GLY F 63 -93.16 -80.66 49.12
N ALA F 64 -91.92 -81.11 48.99
CA ALA F 64 -91.63 -82.34 48.28
C ALA F 64 -92.26 -83.52 49.00
N ALA F 65 -91.85 -83.76 50.24
CA ALA F 65 -92.42 -84.83 51.03
C ALA F 65 -93.91 -84.61 51.33
N GLN F 66 -94.34 -83.35 51.33
CA GLN F 66 -95.75 -83.03 51.40
C GLN F 66 -96.50 -83.52 50.17
N MET F 67 -95.86 -83.47 49.01
CA MET F 67 -96.50 -83.88 47.76
C MET F 67 -96.49 -85.40 47.64
N SER F 68 -96.80 -85.90 46.45
CA SER F 68 -96.68 -87.32 46.12
C SER F 68 -96.59 -87.47 44.61
N LEU F 69 -96.78 -88.68 44.14
CA LEU F 69 -96.41 -89.03 42.77
C LEU F 69 -97.49 -88.65 41.78
N GLY F 70 -97.06 -88.03 40.67
CA GLY F 70 -98.01 -87.54 39.70
C GLY F 70 -98.82 -86.39 40.20
N GLN F 71 -98.34 -85.71 41.23
CA GLN F 71 -99.10 -84.69 41.91
C GLN F 71 -98.43 -83.36 41.67
N ARG F 72 -99.20 -82.41 41.16
CA ARG F 72 -98.71 -81.06 40.93
C ARG F 72 -99.18 -80.18 42.07
N ALA F 73 -98.32 -79.27 42.49
CA ALA F 73 -98.67 -78.35 43.55
C ALA F 73 -98.04 -77.00 43.27
N LYS F 74 -98.68 -75.95 43.80
CA LYS F 74 -98.19 -74.59 43.61
C LYS F 74 -97.29 -74.26 44.78
N LEU F 75 -96.03 -74.62 44.63
CA LEU F 75 -95.07 -74.48 45.71
C LEU F 75 -94.71 -73.03 45.86
N THR F 76 -95.08 -72.45 46.99
CA THR F 76 -94.90 -71.03 47.25
C THR F 76 -94.22 -70.87 48.60
N CYS F 77 -92.90 -70.77 48.56
CA CYS F 77 -92.16 -70.79 49.80
C CYS F 77 -92.10 -69.43 50.46
N THR F 78 -91.77 -69.44 51.74
CA THR F 78 -91.40 -68.22 52.43
C THR F 78 -90.08 -67.72 51.85
N PRO F 79 -89.90 -66.39 51.72
CA PRO F 79 -88.56 -65.88 51.43
C PRO F 79 -87.55 -66.30 52.47
N ASP F 80 -87.97 -66.36 53.71
CA ASP F 80 -87.05 -66.64 54.80
C ASP F 80 -86.62 -68.08 54.80
N VAL F 81 -87.47 -69.00 54.37
CA VAL F 81 -87.02 -70.38 54.27
C VAL F 81 -86.17 -70.57 53.04
N ALA F 82 -86.25 -69.64 52.09
CA ALA F 82 -85.28 -69.51 51.02
C ALA F 82 -84.15 -68.60 51.49
N TYR F 83 -83.38 -68.04 50.56
CA TYR F 83 -82.19 -67.28 50.93
C TYR F 83 -82.54 -65.95 51.58
N GLY F 84 -83.77 -65.47 51.39
CA GLY F 84 -84.27 -64.35 52.16
C GLY F 84 -83.68 -63.00 51.81
N ALA F 85 -83.35 -62.22 52.83
CA ALA F 85 -82.77 -60.91 52.64
C ALA F 85 -81.39 -60.97 52.04
N THR F 86 -80.72 -62.11 52.15
CA THR F 86 -79.58 -62.35 51.29
C THR F 86 -80.03 -62.45 49.85
N GLY F 87 -80.87 -63.43 49.56
CA GLY F 87 -81.21 -63.74 48.19
C GLY F 87 -80.09 -64.50 47.50
N HIS F 88 -80.42 -65.05 46.37
CA HIS F 88 -79.41 -65.61 45.49
C HIS F 88 -78.62 -64.45 44.91
N PRO F 89 -77.32 -64.37 45.18
CA PRO F 89 -76.59 -63.12 45.00
C PRO F 89 -76.34 -62.77 43.56
N GLY F 90 -77.25 -62.04 42.96
CA GLY F 90 -77.13 -61.63 41.58
C GLY F 90 -78.33 -62.14 40.87
N VAL F 91 -79.07 -63.02 41.54
CA VAL F 91 -80.28 -63.61 40.99
C VAL F 91 -81.49 -63.13 41.75
N ILE F 92 -81.62 -63.51 43.02
CA ILE F 92 -82.82 -63.28 43.79
C ILE F 92 -82.60 -62.06 44.68
N PRO F 93 -83.49 -61.08 44.65
CA PRO F 93 -83.37 -59.92 45.52
C PRO F 93 -83.61 -60.29 46.97
N PRO F 94 -83.33 -59.38 47.89
CA PRO F 94 -83.67 -59.61 49.30
C PRO F 94 -85.16 -59.85 49.54
N ASN F 95 -85.45 -60.97 50.20
CA ASN F 95 -86.74 -61.30 50.79
C ASN F 95 -87.86 -61.35 49.75
N ALA F 96 -87.76 -62.34 48.89
CA ALA F 96 -88.73 -62.54 47.84
C ALA F 96 -89.47 -63.85 48.06
N THR F 97 -90.79 -63.78 48.05
CA THR F 97 -91.59 -65.00 48.03
C THR F 97 -91.47 -65.64 46.65
N LEU F 98 -91.16 -66.92 46.63
CA LEU F 98 -90.88 -67.60 45.38
C LEU F 98 -91.92 -68.66 45.12
N ILE F 99 -92.51 -68.62 43.94
CA ILE F 99 -93.62 -69.48 43.57
C ILE F 99 -93.12 -70.48 42.55
N PHE F 100 -93.40 -71.74 42.77
CA PHE F 100 -92.95 -72.78 41.86
C PHE F 100 -94.13 -73.60 41.37
N ASP F 101 -93.84 -74.44 40.39
CA ASP F 101 -94.82 -75.37 39.84
C ASP F 101 -94.07 -76.67 39.62
N VAL F 102 -94.24 -77.60 40.55
CA VAL F 102 -93.48 -78.84 40.57
C VAL F 102 -94.45 -80.00 40.47
N GLU F 103 -94.05 -81.05 39.77
CA GLU F 103 -94.76 -82.31 39.79
C GLU F 103 -93.76 -83.44 39.88
N LEU F 104 -94.05 -84.40 40.75
CA LEU F 104 -93.16 -85.53 40.95
C LEU F 104 -93.26 -86.49 39.78
N LEU F 105 -92.12 -87.03 39.37
CA LEU F 105 -92.06 -88.00 38.31
C LEU F 105 -91.70 -89.40 38.79
N ASN F 106 -90.68 -89.51 39.65
CA ASN F 106 -90.28 -90.81 40.17
C ASN F 106 -89.60 -90.66 41.51
N LEU F 107 -89.50 -91.78 42.22
CA LEU F 107 -88.83 -91.88 43.50
C LEU F 107 -87.86 -93.04 43.44
N GLU F 108 -86.68 -92.85 44.03
CA GLU F 108 -85.63 -93.85 43.86
C GLU F 108 -85.22 -94.52 45.15
N GLN G 12 -2.91 33.16 -11.25
CA GLN G 12 -1.58 33.63 -10.88
C GLN G 12 -1.32 34.98 -11.53
N PHE G 13 -1.93 35.20 -12.68
CA PHE G 13 -1.78 36.48 -13.37
C PHE G 13 -3.13 36.97 -13.85
N LEU G 14 -3.13 38.06 -14.61
CA LEU G 14 -4.36 38.74 -14.98
C LEU G 14 -4.46 38.86 -16.49
N ARG G 15 -5.67 38.68 -17.01
CA ARG G 15 -5.92 38.80 -18.43
C ARG G 15 -7.05 39.79 -18.58
N THR G 16 -7.63 39.90 -19.77
CA THR G 16 -8.88 40.64 -19.83
C THR G 16 -10.01 39.81 -19.22
N ASP G 17 -11.14 40.48 -19.01
CA ASP G 17 -12.37 39.90 -18.47
C ASP G 17 -12.13 39.33 -17.08
N ASP G 18 -11.41 40.09 -16.28
CA ASP G 18 -10.98 39.63 -14.97
C ASP G 18 -11.51 40.56 -13.89
N GLU G 19 -11.99 39.97 -12.80
CA GLU G 19 -12.65 40.73 -11.74
C GLU G 19 -11.78 40.76 -10.49
N VAL G 20 -11.29 41.94 -10.17
CA VAL G 20 -10.62 42.20 -8.90
C VAL G 20 -11.26 43.42 -8.28
N VAL G 21 -10.68 43.84 -7.15
CA VAL G 21 -11.02 45.09 -6.52
C VAL G 21 -9.75 45.88 -6.30
N LEU G 22 -9.90 47.02 -5.65
CA LEU G 22 -8.80 47.93 -5.34
C LEU G 22 -8.92 48.35 -3.90
N GLN G 23 -7.89 48.06 -3.11
CA GLN G 23 -7.97 48.46 -1.71
C GLN G 23 -6.66 49.07 -1.27
N CYS G 24 -6.78 49.91 -0.25
CA CYS G 24 -5.71 50.21 0.67
C CYS G 24 -6.21 50.00 2.08
N THR G 25 -5.31 49.58 2.96
CA THR G 25 -5.54 49.65 4.39
C THR G 25 -4.98 50.95 4.95
N ALA G 26 -5.53 52.04 4.41
CA ALA G 26 -4.96 53.36 4.59
C ALA G 26 -5.10 53.85 6.01
N THR G 27 -4.40 54.92 6.33
CA THR G 27 -4.27 55.39 7.70
C THR G 27 -5.04 56.68 7.93
N ILE G 28 -5.76 56.70 9.04
CA ILE G 28 -6.11 57.91 9.76
C ILE G 28 -5.63 57.64 11.17
N HIS G 29 -4.45 58.16 11.51
CA HIS G 29 -3.73 57.90 12.77
C HIS G 29 -3.47 56.40 12.94
N LYS G 30 -2.58 55.92 12.07
CA LYS G 30 -2.06 54.55 12.07
C LYS G 30 -3.17 53.53 11.86
N GLU G 31 -4.21 53.92 11.15
CA GLU G 31 -5.26 52.98 10.82
C GLU G 31 -4.77 52.02 9.76
N GLN G 32 -5.14 50.76 9.89
CA GLN G 32 -5.03 49.86 8.77
C GLN G 32 -6.39 49.74 8.11
N GLN G 33 -6.92 50.90 7.76
CA GLN G 33 -8.34 51.02 7.45
C GLN G 33 -8.56 50.53 6.04
N LYS G 34 -9.10 49.33 5.94
CA LYS G 34 -9.16 48.56 4.71
C LYS G 34 -10.17 49.19 3.77
N LEU G 35 -9.76 50.30 3.18
CA LEU G 35 -10.65 51.18 2.46
C LEU G 35 -10.58 50.84 0.99
N CYS G 36 -11.65 50.28 0.46
CA CYS G 36 -11.76 50.03 -0.96
C CYS G 36 -12.60 51.13 -1.60
N LEU G 37 -12.31 51.39 -2.87
CA LEU G 37 -13.06 52.39 -3.59
C LEU G 37 -14.35 51.76 -4.06
N ALA G 38 -15.47 52.29 -3.60
CA ALA G 38 -16.77 51.80 -3.99
C ALA G 38 -17.52 52.91 -4.71
N ALA G 39 -18.14 52.55 -5.82
CA ALA G 39 -18.87 53.50 -6.63
C ALA G 39 -20.36 53.34 -6.40
N GLU G 40 -21.09 54.44 -6.56
CA GLU G 40 -22.53 54.37 -6.36
C GLU G 40 -23.22 53.85 -7.62
N GLY G 41 -23.18 54.63 -8.70
CA GLY G 41 -23.93 54.30 -9.89
C GLY G 41 -25.43 54.37 -9.75
N PHE G 42 -26.12 54.32 -10.90
CA PHE G 42 -27.58 54.26 -10.99
C PHE G 42 -28.27 55.40 -10.23
N GLY G 43 -27.65 56.57 -10.24
CA GLY G 43 -28.19 57.68 -9.50
C GLY G 43 -27.17 58.60 -8.88
N ASN G 44 -25.90 58.21 -8.91
CA ASN G 44 -24.83 59.14 -8.60
C ASN G 44 -23.56 58.71 -9.30
N ARG G 45 -22.81 59.70 -9.80
CA ARG G 45 -21.67 59.48 -10.66
C ARG G 45 -20.36 59.60 -9.92
N LEU G 46 -20.39 59.50 -8.59
CA LEU G 46 -19.18 59.61 -7.81
C LEU G 46 -18.92 58.32 -7.07
N CYS G 47 -17.65 58.07 -6.80
CA CYS G 47 -17.22 56.91 -6.05
C CYS G 47 -16.78 57.38 -4.67
N PHE G 48 -16.43 56.40 -3.84
CA PHE G 48 -16.22 56.69 -2.43
C PHE G 48 -15.48 55.53 -1.79
N LEU G 49 -14.86 55.82 -0.67
CA LEU G 49 -14.12 54.83 0.07
C LEU G 49 -15.07 53.89 0.78
N GLU G 50 -14.53 52.74 1.18
CA GLU G 50 -15.36 51.74 1.83
C GLU G 50 -14.48 50.87 2.72
N SER G 51 -14.66 50.99 4.03
CA SER G 51 -13.86 50.22 4.98
C SER G 51 -14.34 48.79 5.04
N THR G 52 -13.43 47.86 4.82
CA THR G 52 -13.75 46.44 4.94
C THR G 52 -13.02 45.80 6.10
N SER G 53 -12.62 46.59 7.11
CA SER G 53 -11.82 46.03 8.19
C SER G 53 -12.66 45.14 9.09
N ASN G 54 -13.64 45.72 9.79
CA ASN G 54 -14.53 44.92 10.61
C ASN G 54 -15.70 44.41 9.78
N SER G 55 -15.37 43.55 8.83
CA SER G 55 -16.39 42.95 8.00
C SER G 55 -17.08 41.78 8.67
N LYS G 56 -16.54 41.30 9.78
CA LYS G 56 -17.22 40.24 10.52
C LYS G 56 -18.34 40.80 11.36
N ASN G 57 -18.37 42.12 11.55
CA ASN G 57 -19.41 42.75 12.34
C ASN G 57 -20.01 43.97 11.67
N VAL G 58 -19.38 44.51 10.64
CA VAL G 58 -20.03 45.35 9.64
C VAL G 58 -19.55 44.85 8.28
N PRO G 59 -20.16 43.81 7.71
CA PRO G 59 -19.79 43.40 6.35
C PRO G 59 -20.22 44.42 5.32
N PRO G 60 -19.28 45.05 4.63
CA PRO G 60 -19.63 46.05 3.63
C PRO G 60 -20.07 45.40 2.33
N ASP G 61 -20.64 46.21 1.46
CA ASP G 61 -21.04 45.73 0.14
C ASP G 61 -19.80 45.50 -0.71
N LEU G 62 -19.93 44.56 -1.62
CA LEU G 62 -18.89 44.24 -2.57
C LEU G 62 -19.31 44.53 -3.99
N SER G 63 -20.59 44.32 -4.29
CA SER G 63 -21.13 44.53 -5.63
C SER G 63 -21.06 45.98 -6.06
N ILE G 64 -20.93 46.91 -5.11
CA ILE G 64 -20.72 48.31 -5.44
C ILE G 64 -19.26 48.64 -5.61
N CYS G 65 -18.36 47.66 -5.49
CA CYS G 65 -16.94 47.96 -5.61
C CYS G 65 -16.17 46.91 -6.41
N THR G 66 -16.83 46.10 -7.22
CA THR G 66 -16.12 45.17 -8.06
C THR G 66 -16.08 45.67 -9.50
N PHE G 67 -14.98 45.36 -10.17
CA PHE G 67 -14.72 45.89 -11.50
C PHE G 67 -14.09 44.80 -12.35
N VAL G 68 -14.35 44.88 -13.64
CA VAL G 68 -13.88 43.89 -14.58
C VAL G 68 -12.91 44.57 -15.54
N LEU G 69 -11.79 43.92 -15.79
CA LEU G 69 -10.81 44.42 -16.75
C LEU G 69 -11.41 44.35 -18.13
N GLU G 70 -11.85 45.48 -18.63
CA GLU G 70 -12.54 45.51 -19.91
C GLU G 70 -11.57 45.33 -21.06
N GLN G 71 -10.54 46.16 -21.12
CA GLN G 71 -9.58 46.04 -22.20
C GLN G 71 -8.26 46.67 -21.79
N SER G 72 -7.24 45.85 -21.57
CA SER G 72 -5.88 46.32 -21.45
C SER G 72 -5.27 46.42 -22.84
N LEU G 73 -4.53 47.49 -23.08
CA LEU G 73 -3.98 47.72 -24.40
C LEU G 73 -2.65 48.44 -24.27
N SER G 74 -1.89 48.40 -25.36
CA SER G 74 -0.68 49.21 -25.42
C SER G 74 -1.04 50.67 -25.54
N VAL G 75 -0.08 51.51 -25.15
CA VAL G 75 -0.26 52.94 -25.34
C VAL G 75 -0.20 53.28 -26.81
N ARG G 76 0.55 52.50 -27.58
CA ARG G 76 0.55 52.68 -29.03
C ARG G 76 -0.81 52.34 -29.62
N ALA G 77 -1.50 51.38 -29.01
CA ALA G 77 -2.80 50.95 -29.52
C ALA G 77 -3.87 52.01 -29.30
N LEU G 78 -3.66 52.95 -28.38
CA LEU G 78 -4.69 53.93 -28.10
C LEU G 78 -4.84 54.92 -29.23
N GLN G 79 -3.77 55.19 -29.95
CA GLN G 79 -3.84 56.17 -31.01
C GLN G 79 -4.48 55.61 -32.26
N GLU G 80 -4.73 54.30 -32.30
CA GLU G 80 -5.67 53.77 -33.25
C GLU G 80 -7.04 54.39 -33.05
N MET G 81 -7.48 54.50 -31.80
CA MET G 81 -8.76 55.13 -31.53
C MET G 81 -8.72 56.61 -31.79
N LEU G 82 -7.53 57.21 -31.70
CA LEU G 82 -7.35 58.57 -32.16
C LEU G 82 -7.54 58.65 -33.65
N ALA G 83 -7.01 57.66 -34.37
CA ALA G 83 -7.20 57.58 -35.80
C ALA G 83 -8.65 57.25 -36.14
N ASN G 84 -9.34 56.56 -35.25
CA ASN G 84 -10.77 56.44 -35.39
C ASN G 84 -11.41 57.80 -35.16
N THR G 85 -12.46 58.07 -35.92
CA THR G 85 -13.15 59.36 -35.83
C THR G 85 -14.63 59.17 -35.54
N PHE G 100 -15.06 50.80 -36.48
CA PHE G 100 -15.57 51.01 -35.14
C PHE G 100 -15.50 49.77 -34.27
N MET G 101 -16.12 49.89 -33.11
CA MET G 101 -16.15 48.89 -32.04
C MET G 101 -14.76 48.48 -31.57
N MET G 102 -13.79 49.39 -31.71
CA MET G 102 -12.35 49.20 -31.45
C MET G 102 -11.85 47.81 -31.86
N LYS G 103 -12.14 47.47 -33.11
CA LYS G 103 -11.76 46.22 -33.79
C LYS G 103 -12.35 44.99 -33.12
N THR G 104 -13.36 45.18 -32.27
CA THR G 104 -14.21 44.15 -31.66
C THR G 104 -13.49 43.10 -30.81
N ALA G 105 -12.18 43.21 -30.63
CA ALA G 105 -11.61 42.29 -29.65
C ALA G 105 -10.68 42.95 -28.62
N GLN G 106 -9.82 43.92 -28.98
CA GLN G 106 -9.06 44.09 -30.22
C GLN G 106 -7.91 43.08 -30.20
N GLY G 107 -7.85 42.25 -31.21
CA GLY G 107 -6.86 41.20 -31.20
C GLY G 107 -7.46 39.85 -30.87
N GLY G 108 -7.26 39.39 -29.65
CA GLY G 108 -7.62 38.03 -29.29
C GLY G 108 -9.06 37.84 -28.87
N GLY G 109 -9.29 37.32 -27.67
CA GLY G 109 -8.23 36.82 -26.81
C GLY G 109 -8.25 37.39 -25.42
N HIS G 110 -7.31 36.95 -24.62
CA HIS G 110 -7.26 37.30 -23.21
C HIS G 110 -6.37 38.48 -22.88
N ARG G 111 -5.30 38.70 -23.66
CA ARG G 111 -4.45 39.88 -23.57
C ARG G 111 -3.91 40.07 -22.15
N THR G 112 -3.13 39.06 -21.76
CA THR G 112 -2.66 38.90 -20.39
C THR G 112 -1.89 40.13 -19.92
N LEU G 113 -2.07 40.46 -18.64
CA LEU G 113 -1.78 41.82 -18.20
C LEU G 113 -0.30 42.12 -18.15
N LEU G 114 0.07 43.21 -18.78
CA LEU G 114 1.41 43.75 -18.69
C LEU G 114 1.36 45.13 -18.07
N TYR G 115 2.39 45.43 -17.31
CA TYR G 115 2.57 46.77 -16.85
C TYR G 115 2.88 47.68 -18.02
N GLY G 116 2.63 48.97 -17.84
CA GLY G 116 2.76 49.86 -18.97
C GLY G 116 1.65 49.64 -19.99
N HIS G 117 0.43 49.51 -19.52
CA HIS G 117 -0.73 49.38 -20.39
C HIS G 117 -1.80 50.36 -19.95
N ALA G 118 -2.55 50.85 -20.93
CA ALA G 118 -3.76 51.58 -20.64
C ALA G 118 -4.92 50.60 -20.57
N ILE G 119 -5.80 50.82 -19.59
CA ILE G 119 -6.87 49.87 -19.37
C ILE G 119 -8.21 50.56 -19.39
N LEU G 120 -9.21 49.80 -19.78
CA LEU G 120 -10.59 50.20 -19.65
C LEU G 120 -11.18 49.47 -18.45
N LEU G 121 -11.97 50.18 -17.65
CA LEU G 121 -12.53 49.62 -16.44
C LEU G 121 -14.00 49.99 -16.32
N ARG G 122 -14.80 49.02 -15.96
CA ARG G 122 -16.21 49.23 -15.75
C ARG G 122 -16.58 48.82 -14.34
N HIS G 123 -17.61 49.47 -13.83
CA HIS G 123 -18.32 48.91 -12.70
C HIS G 123 -18.90 47.57 -13.08
N SER G 124 -18.99 46.69 -12.09
CA SER G 124 -19.77 45.49 -12.27
C SER G 124 -21.25 45.80 -12.32
N TYR G 125 -21.77 46.37 -11.24
CA TYR G 125 -23.22 46.30 -11.01
C TYR G 125 -23.97 47.27 -11.89
N SER G 126 -23.81 48.55 -11.61
CA SER G 126 -24.38 49.57 -12.45
C SER G 126 -23.67 49.65 -13.78
N GLY G 127 -22.43 49.18 -13.82
CA GLY G 127 -21.76 49.05 -15.08
C GLY G 127 -21.33 50.36 -15.67
N MET G 128 -21.08 51.36 -14.85
CA MET G 128 -20.52 52.56 -15.42
C MET G 128 -19.03 52.37 -15.62
N TYR G 129 -18.49 53.11 -16.57
CA TYR G 129 -17.09 53.00 -16.87
C TYR G 129 -16.31 54.03 -16.09
N LEU G 130 -15.20 53.59 -15.52
CA LEU G 130 -14.43 54.43 -14.63
C LEU G 130 -13.72 55.50 -15.41
N CYS G 131 -14.01 56.76 -15.08
CA CYS G 131 -13.32 57.88 -15.68
C CYS G 131 -13.00 58.87 -14.57
N CYS G 132 -12.19 59.85 -14.89
CA CYS G 132 -11.93 60.90 -13.93
C CYS G 132 -12.94 62.02 -14.14
N LEU G 133 -12.70 63.16 -13.51
CA LEU G 133 -13.55 64.31 -13.71
C LEU G 133 -12.71 65.51 -14.12
N SER G 134 -13.38 66.45 -14.75
CA SER G 134 -12.81 67.77 -14.98
C SER G 134 -13.15 68.72 -13.84
N THR G 135 -13.53 68.20 -12.69
CA THR G 135 -14.05 69.02 -11.61
C THR G 135 -13.03 69.12 -10.50
N SER G 136 -13.38 69.96 -9.52
CA SER G 136 -12.55 70.27 -8.37
C SER G 136 -13.38 70.20 -7.10
N ARG G 137 -14.12 69.11 -6.93
CA ARG G 137 -15.11 69.04 -5.86
C ARG G 137 -14.50 68.64 -4.52
N SER G 138 -13.44 69.35 -4.12
CA SER G 138 -12.77 69.26 -2.84
C SER G 138 -11.97 70.55 -2.72
N SER G 139 -10.97 70.56 -1.84
CA SER G 139 -9.83 71.44 -2.07
C SER G 139 -9.28 71.13 -3.47
N THR G 140 -8.97 72.15 -4.30
CA THR G 140 -8.55 73.56 -4.13
C THR G 140 -7.47 73.84 -3.05
N ASP G 141 -6.19 73.43 -3.19
CA ASP G 141 -5.56 72.45 -4.13
C ASP G 141 -5.76 72.61 -5.64
N LYS G 142 -5.05 73.56 -6.25
CA LYS G 142 -5.16 73.92 -7.67
C LYS G 142 -4.97 72.73 -8.61
N LEU G 143 -5.20 72.95 -9.90
CA LEU G 143 -6.16 72.14 -10.66
C LEU G 143 -5.82 70.67 -10.76
N ALA G 144 -6.02 69.97 -9.64
CA ALA G 144 -6.17 68.52 -9.61
C ALA G 144 -7.62 68.17 -9.91
N PHE G 145 -7.95 66.89 -9.88
CA PHE G 145 -9.21 66.48 -10.47
C PHE G 145 -9.85 65.35 -9.69
N ASP G 146 -11.14 65.17 -9.95
CA ASP G 146 -11.96 64.22 -9.23
C ASP G 146 -12.26 63.03 -10.14
N VAL G 147 -13.05 62.09 -9.63
CA VAL G 147 -13.20 60.78 -10.23
C VAL G 147 -14.66 60.56 -10.60
N GLY G 148 -14.91 60.20 -11.85
CA GLY G 148 -16.28 60.04 -12.28
C GLY G 148 -16.64 58.66 -12.77
N LEU G 149 -17.79 58.57 -13.44
CA LEU G 149 -18.26 57.32 -14.01
C LEU G 149 -19.06 57.65 -15.25
N GLN G 150 -18.39 57.72 -16.38
CA GLN G 150 -19.07 58.04 -17.62
C GLN G 150 -19.36 56.77 -18.38
N GLU G 151 -20.16 56.90 -19.43
CA GLU G 151 -20.51 55.78 -20.26
C GLU G 151 -19.87 55.87 -21.63
N ASP G 152 -19.33 57.03 -21.98
CA ASP G 152 -18.55 57.15 -23.18
C ASP G 152 -17.15 56.66 -22.85
N THR G 153 -16.89 55.40 -23.18
CA THR G 153 -15.55 54.86 -23.00
C THR G 153 -14.57 55.50 -23.95
N THR G 154 -15.04 55.99 -25.10
CA THR G 154 -14.18 56.55 -26.12
C THR G 154 -13.65 57.91 -25.70
N GLY G 155 -12.78 57.91 -24.71
CA GLY G 155 -12.29 59.12 -24.09
C GLY G 155 -11.35 58.68 -22.99
N GLU G 156 -10.19 59.30 -22.94
CA GLU G 156 -9.09 58.74 -22.17
C GLU G 156 -9.11 59.18 -20.72
N ALA G 157 -10.18 59.83 -20.29
CA ALA G 157 -10.55 59.78 -18.88
C ALA G 157 -10.81 58.35 -18.45
N CYS G 158 -11.38 57.54 -19.34
CA CYS G 158 -11.56 56.13 -19.08
C CYS G 158 -10.28 55.32 -19.25
N TRP G 159 -9.20 55.94 -19.66
CA TRP G 159 -7.99 55.19 -19.96
C TRP G 159 -6.92 55.49 -18.93
N TRP G 160 -6.15 54.45 -18.61
CA TRP G 160 -5.51 54.38 -17.31
C TRP G 160 -4.19 53.62 -17.45
N THR G 161 -3.10 54.35 -17.50
CA THR G 161 -1.81 53.72 -17.70
C THR G 161 -1.30 53.09 -16.41
N ILE G 162 -0.73 51.91 -16.56
CA ILE G 162 -0.37 51.05 -15.44
C ILE G 162 1.08 51.28 -15.08
N HIS G 163 1.34 51.52 -13.79
CA HIS G 163 2.70 51.59 -13.29
C HIS G 163 2.82 50.74 -12.04
N PRO G 164 3.65 49.71 -12.06
CA PRO G 164 4.06 49.11 -10.79
C PRO G 164 4.93 50.11 -10.06
N ALA G 165 4.66 50.28 -8.78
CA ALA G 165 5.61 51.04 -7.98
C ALA G 165 6.65 50.10 -7.38
N SER G 166 7.31 49.35 -8.25
CA SER G 166 8.26 48.33 -7.83
C SER G 166 9.39 48.28 -8.83
N LYS G 167 10.54 48.84 -8.45
CA LYS G 167 11.76 48.54 -9.18
C LYS G 167 12.19 47.09 -8.94
N GLN G 168 11.70 46.48 -7.86
CA GLN G 168 11.84 45.05 -7.67
C GLN G 168 11.11 44.29 -8.76
N ARG G 169 9.97 44.82 -9.20
CA ARG G 169 9.36 44.31 -10.40
C ARG G 169 9.84 45.15 -11.58
N SER G 170 9.17 45.03 -12.72
CA SER G 170 9.48 45.87 -13.86
C SER G 170 8.20 46.26 -14.54
N GLU G 171 8.34 47.06 -15.59
CA GLU G 171 7.22 47.48 -16.40
C GLU G 171 7.31 46.78 -17.74
N GLY G 172 6.17 46.43 -18.31
CA GLY G 172 6.12 45.59 -19.48
C GLY G 172 6.03 44.12 -19.18
N GLU G 173 6.51 43.68 -18.03
CA GLU G 173 6.43 42.28 -17.65
C GLU G 173 5.01 41.91 -17.25
N LYS G 174 4.81 40.64 -16.95
CA LYS G 174 3.47 40.15 -16.62
C LYS G 174 3.05 40.62 -15.23
N VAL G 175 1.78 40.98 -15.12
CA VAL G 175 1.21 41.39 -13.85
C VAL G 175 0.67 40.16 -13.14
N ARG G 176 1.18 39.90 -11.96
CA ARG G 176 0.80 38.71 -11.21
C ARG G 176 -0.53 38.92 -10.52
N VAL G 177 -0.83 38.02 -9.62
CA VAL G 177 -1.83 38.25 -8.59
C VAL G 177 -1.11 38.87 -7.40
N GLY G 178 -1.85 39.70 -6.67
CA GLY G 178 -1.35 40.26 -5.42
C GLY G 178 -0.20 41.23 -5.57
N ASP G 179 -0.36 42.23 -6.42
CA ASP G 179 0.70 43.18 -6.67
C ASP G 179 0.28 44.53 -6.10
N ASP G 180 1.10 45.55 -6.33
CA ASP G 180 0.75 46.90 -5.90
C ASP G 180 1.18 47.91 -6.94
N LEU G 181 0.25 48.77 -7.34
CA LEU G 181 0.41 49.55 -8.54
C LEU G 181 0.11 51.01 -8.32
N ILE G 182 0.67 51.82 -9.21
CA ILE G 182 0.25 53.19 -9.42
C ILE G 182 -0.50 53.22 -10.74
N LEU G 183 -1.76 53.67 -10.68
CA LEU G 183 -2.56 53.79 -11.87
C LEU G 183 -2.75 55.26 -12.19
N VAL G 184 -2.27 55.67 -13.34
CA VAL G 184 -2.25 57.08 -13.71
C VAL G 184 -3.22 57.26 -14.87
N SER G 185 -3.80 58.45 -14.96
CA SER G 185 -4.72 58.77 -16.03
C SER G 185 -3.99 58.89 -17.36
N VAL G 186 -4.76 59.19 -18.39
CA VAL G 186 -4.22 59.52 -19.70
C VAL G 186 -4.54 60.96 -20.07
N SER G 187 -5.81 61.35 -19.96
CA SER G 187 -6.22 62.71 -20.23
C SER G 187 -5.56 63.68 -19.26
N SER G 188 -5.91 63.56 -17.99
CA SER G 188 -5.25 64.38 -16.99
C SER G 188 -3.83 63.90 -16.77
N GLU G 189 -3.61 62.60 -16.96
CA GLU G 189 -2.37 61.91 -16.61
C GLU G 189 -1.99 62.15 -15.16
N ARG G 190 -2.97 62.34 -14.29
CA ARG G 190 -2.71 62.50 -12.87
C ARG G 190 -2.77 61.14 -12.23
N TYR G 191 -2.03 60.99 -11.14
CA TYR G 191 -2.04 59.72 -10.48
C TYR G 191 -3.32 59.57 -9.68
N LEU G 192 -3.62 58.33 -9.33
CA LEU G 192 -4.75 58.05 -8.46
C LEU G 192 -4.38 58.59 -7.10
N HIS G 193 -4.96 59.72 -6.73
CA HIS G 193 -4.68 60.30 -5.44
C HIS G 193 -5.72 59.91 -4.42
N LEU G 194 -5.27 59.63 -3.20
CA LEU G 194 -6.14 59.36 -2.08
C LEU G 194 -5.92 60.47 -1.06
N SER G 195 -7.02 61.13 -0.67
CA SER G 195 -6.94 62.28 0.21
C SER G 195 -7.83 62.08 1.43
N TYR G 196 -7.87 63.12 2.26
CA TYR G 196 -8.45 63.05 3.59
C TYR G 196 -9.51 64.13 3.82
N LEU G 201 -12.08 62.19 3.83
CA LEU G 201 -11.55 61.09 3.05
C LEU G 201 -11.96 61.17 1.60
N HIS G 202 -11.01 61.51 0.75
CA HIS G 202 -11.30 61.81 -0.63
C HIS G 202 -10.52 60.90 -1.55
N VAL G 203 -11.06 60.72 -2.76
CA VAL G 203 -10.43 59.97 -3.82
C VAL G 203 -10.41 60.87 -5.04
N ASP G 204 -9.22 61.12 -5.58
CA ASP G 204 -9.11 62.16 -6.58
C ASP G 204 -7.96 61.83 -7.52
N ALA G 205 -7.73 62.74 -8.47
CA ALA G 205 -6.66 62.61 -9.44
C ALA G 205 -5.74 63.80 -9.27
N ALA G 206 -4.48 63.54 -8.96
CA ALA G 206 -3.56 64.62 -8.68
C ALA G 206 -2.15 64.17 -9.04
N PHE G 207 -1.19 65.04 -8.73
CA PHE G 207 0.23 64.80 -8.94
C PHE G 207 0.87 63.99 -7.83
N GLN G 208 0.07 63.24 -7.07
CA GLN G 208 0.55 62.28 -6.09
C GLN G 208 -0.30 61.03 -6.19
N GLN G 209 0.21 59.94 -5.66
CA GLN G 209 -0.27 58.62 -6.02
C GLN G 209 -0.68 57.81 -4.81
N THR G 210 -1.30 56.68 -5.11
CA THR G 210 -1.74 55.72 -4.10
C THR G 210 -1.44 54.33 -4.62
N LEU G 211 -0.86 53.49 -3.79
CA LEU G 211 -0.70 52.11 -4.19
C LEU G 211 -2.04 51.41 -4.14
N TRP G 212 -2.17 50.31 -4.89
CA TRP G 212 -3.45 49.65 -4.95
C TRP G 212 -3.31 48.15 -4.98
N SER G 213 -3.83 47.52 -3.93
CA SER G 213 -3.96 46.07 -3.90
C SER G 213 -4.99 45.64 -4.92
N VAL G 214 -4.82 44.42 -5.42
CA VAL G 214 -5.69 43.87 -6.44
C VAL G 214 -6.14 42.48 -5.98
N ALA G 215 -7.21 42.43 -5.23
CA ALA G 215 -7.65 41.17 -4.67
C ALA G 215 -8.42 40.40 -5.74
N PRO G 216 -7.97 39.21 -6.12
CA PRO G 216 -8.68 38.44 -7.14
C PRO G 216 -10.00 37.95 -6.58
N ILE G 217 -11.03 38.06 -7.40
CA ILE G 217 -12.39 37.74 -6.99
C ILE G 217 -12.95 36.58 -7.81
N SER G 218 -12.97 36.72 -9.13
CA SER G 218 -13.58 35.72 -9.99
C SER G 218 -12.90 35.80 -11.34
N SER G 219 -12.20 34.73 -11.72
CA SER G 219 -11.64 34.60 -13.05
C SER G 219 -11.34 33.12 -13.28
N GLY G 220 -11.54 32.64 -14.51
CA GLY G 220 -12.33 33.27 -15.54
C GLY G 220 -12.24 32.32 -16.73
N SER G 221 -13.35 31.83 -17.29
CA SER G 221 -14.70 31.95 -16.76
C SER G 221 -14.90 31.12 -15.51
N GLU G 222 -16.02 31.36 -14.83
CA GLU G 222 -16.11 31.11 -13.39
C GLU G 222 -17.32 30.25 -12.97
N ALA G 223 -17.55 29.04 -13.50
CA ALA G 223 -16.78 28.29 -14.48
C ALA G 223 -17.77 27.69 -15.47
N ALA G 224 -19.01 27.53 -15.02
CA ALA G 224 -20.01 26.84 -15.81
C ALA G 224 -21.39 27.35 -15.44
N GLN G 225 -22.35 27.05 -16.31
CA GLN G 225 -23.72 27.46 -16.11
C GLN G 225 -24.33 26.72 -14.92
N GLY G 226 -25.15 27.45 -14.17
CA GLY G 226 -25.93 26.90 -13.08
C GLY G 226 -25.07 26.33 -11.98
N TYR G 227 -24.36 27.18 -11.25
CA TYR G 227 -23.54 26.67 -10.17
C TYR G 227 -23.50 27.64 -9.02
N LEU G 228 -23.28 27.09 -7.85
CA LEU G 228 -23.16 27.90 -6.65
C LEU G 228 -21.84 28.63 -6.72
N ILE G 229 -21.89 29.87 -7.19
CA ILE G 229 -20.71 30.70 -7.37
C ILE G 229 -20.91 31.97 -6.57
N GLY G 230 -19.86 32.39 -5.86
CA GLY G 230 -20.01 33.38 -4.82
C GLY G 230 -20.41 34.75 -5.34
N GLY G 231 -21.09 35.49 -4.45
CA GLY G 231 -21.67 36.76 -4.79
C GLY G 231 -23.07 36.68 -5.36
N ASP G 232 -23.62 35.48 -5.47
CA ASP G 232 -24.89 35.27 -6.17
C ASP G 232 -26.06 35.76 -5.34
N VAL G 233 -27.10 36.20 -6.05
CA VAL G 233 -28.41 36.48 -5.48
C VAL G 233 -29.35 35.44 -6.04
N LEU G 234 -30.28 34.96 -5.23
CA LEU G 234 -31.02 33.79 -5.62
C LEU G 234 -32.33 33.73 -4.85
N ARG G 235 -33.15 32.74 -5.22
CA ARG G 235 -34.38 32.40 -4.52
C ARG G 235 -34.17 31.11 -3.75
N LEU G 236 -35.00 30.91 -2.73
CA LEU G 236 -34.90 29.77 -1.83
C LEU G 236 -36.21 29.01 -1.92
N LEU G 237 -36.21 27.97 -2.74
CA LEU G 237 -37.45 27.30 -3.05
C LEU G 237 -37.69 26.14 -2.11
N HIS G 238 -38.92 25.66 -2.09
CA HIS G 238 -39.32 24.56 -1.24
C HIS G 238 -39.92 23.40 -2.01
N GLY G 239 -40.64 23.66 -3.09
CA GLY G 239 -41.22 22.61 -3.88
C GLY G 239 -42.68 22.36 -3.55
N GLU G 243 -43.48 25.55 -4.14
CA GLU G 243 -43.37 26.26 -2.88
C GLU G 243 -41.99 26.89 -2.76
N CYS G 244 -41.89 27.95 -1.98
CA CYS G 244 -40.65 28.68 -1.76
C CYS G 244 -40.77 29.40 -0.42
N LEU G 245 -39.95 30.43 -0.26
CA LEU G 245 -39.99 31.22 0.97
C LEU G 245 -40.73 32.52 0.74
N THR G 246 -41.07 33.21 1.84
CA THR G 246 -41.49 34.60 1.70
C THR G 246 -41.10 35.44 2.89
N VAL G 247 -41.08 36.73 2.60
CA VAL G 247 -40.88 37.85 3.50
C VAL G 247 -42.28 38.47 3.48
N PRO G 248 -42.74 39.22 4.48
CA PRO G 248 -44.06 39.82 4.37
C PRO G 248 -44.06 40.97 3.37
N SER G 249 -45.23 41.55 3.17
CA SER G 249 -45.37 42.68 2.27
C SER G 249 -44.86 43.93 2.96
N GLY G 250 -45.14 45.08 2.36
CA GLY G 250 -44.67 46.33 2.91
C GLY G 250 -45.54 46.81 4.03
N GLU G 251 -45.86 48.11 4.00
CA GLU G 251 -46.76 48.78 4.94
C GLU G 251 -46.26 48.62 6.38
N HIS G 252 -45.10 49.21 6.63
CA HIS G 252 -44.45 49.07 7.93
C HIS G 252 -44.16 50.41 8.59
N GLU G 255 -43.12 46.34 10.68
CA GLU G 255 -42.12 45.38 11.15
C GLU G 255 -40.87 45.51 10.30
N GLN G 256 -41.00 46.31 9.24
CA GLN G 256 -39.98 46.51 8.21
C GLN G 256 -39.53 45.17 7.62
N ARG G 257 -40.51 44.33 7.33
CA ARG G 257 -40.36 43.00 6.72
C ARG G 257 -39.41 42.08 7.48
N ARG G 258 -39.24 42.26 8.79
CA ARG G 258 -38.18 41.55 9.49
C ARG G 258 -38.51 40.10 9.79
N THR G 259 -39.67 39.62 9.38
CA THR G 259 -39.99 38.21 9.49
C THR G 259 -39.76 37.52 8.17
N VAL G 260 -39.75 36.20 8.22
CA VAL G 260 -39.48 35.35 7.06
C VAL G 260 -40.34 34.10 7.18
N HIS G 261 -40.89 33.65 6.06
CA HIS G 261 -41.85 32.57 6.07
C HIS G 261 -41.64 31.72 4.84
N TYR G 262 -42.64 30.92 4.52
CA TYR G 262 -42.70 30.21 3.26
C TYR G 262 -43.92 30.67 2.49
N GLU G 263 -43.90 30.38 1.19
CA GLU G 263 -45.05 30.65 0.34
C GLU G 263 -44.89 29.86 -0.95
N GLY G 264 -46.01 29.74 -1.67
CA GLY G 264 -45.94 29.58 -3.10
C GLY G 264 -45.95 30.97 -3.70
N GLY G 265 -46.89 31.25 -4.60
CA GLY G 265 -47.07 32.59 -5.12
C GLY G 265 -45.95 33.05 -6.04
N ALA G 266 -46.12 34.26 -6.54
CA ALA G 266 -45.10 34.85 -7.42
C ALA G 266 -44.08 35.63 -6.60
N VAL G 267 -43.61 35.01 -5.53
CA VAL G 267 -42.71 35.73 -4.63
C VAL G 267 -41.31 35.70 -5.18
N SER G 268 -41.00 34.67 -5.96
CA SER G 268 -39.85 34.72 -6.85
C SER G 268 -39.97 35.91 -7.77
N VAL G 269 -41.15 36.11 -8.35
CA VAL G 269 -41.35 37.27 -9.20
C VAL G 269 -41.35 38.54 -8.37
N HIS G 270 -41.75 38.45 -7.11
CA HIS G 270 -41.54 39.58 -6.22
C HIS G 270 -40.06 39.75 -5.92
N ALA G 271 -39.72 40.95 -5.48
CA ALA G 271 -38.32 41.27 -5.24
C ALA G 271 -37.82 40.65 -3.95
N ARG G 272 -38.72 40.35 -3.01
CA ARG G 272 -38.34 40.01 -1.67
C ARG G 272 -37.64 38.67 -1.56
N SER G 273 -37.71 37.84 -2.58
CA SER G 273 -37.10 36.51 -2.51
C SER G 273 -35.66 36.55 -2.98
N LEU G 274 -34.89 37.53 -2.54
CA LEU G 274 -33.60 37.78 -3.13
C LEU G 274 -32.57 37.95 -2.04
N TRP G 275 -31.53 37.15 -2.13
CA TRP G 275 -30.57 36.94 -1.04
C TRP G 275 -29.18 36.94 -1.65
N ARG G 276 -28.48 38.06 -1.51
CA ARG G 276 -27.12 38.15 -1.99
C ARG G 276 -26.20 37.44 -1.02
N LEU G 277 -25.63 36.34 -1.47
CA LEU G 277 -24.68 35.60 -0.65
C LEU G 277 -23.35 36.34 -0.62
N GLU G 278 -22.70 36.30 0.54
CA GLU G 278 -21.33 36.78 0.67
C GLU G 278 -20.57 35.78 1.52
N THR G 279 -19.33 35.49 1.13
CA THR G 279 -18.46 34.74 2.00
C THR G 279 -17.61 35.67 2.82
N LEU G 280 -17.03 35.14 3.89
CA LEU G 280 -16.14 35.93 4.72
C LEU G 280 -14.82 36.24 4.03
N ARG G 281 -14.43 35.43 3.05
CA ARG G 281 -13.21 35.70 2.32
C ARG G 281 -13.39 36.91 1.44
N VAL G 282 -12.54 37.92 1.63
CA VAL G 282 -12.64 39.13 0.83
C VAL G 282 -12.10 38.86 -0.58
N ALA G 283 -10.90 38.32 -0.69
CA ALA G 283 -10.45 37.87 -1.99
C ALA G 283 -11.18 36.59 -2.36
N TRP G 284 -11.33 36.39 -3.67
CA TRP G 284 -11.91 35.19 -4.27
C TRP G 284 -13.32 34.95 -3.80
N SER G 285 -14.02 36.02 -3.46
CA SER G 285 -15.36 35.87 -2.92
C SER G 285 -16.34 35.42 -3.98
N GLY G 286 -16.01 35.62 -5.25
CA GLY G 286 -16.85 35.11 -6.29
C GLY G 286 -16.38 33.75 -6.76
N SER G 287 -15.79 32.98 -5.85
CA SER G 287 -15.44 31.62 -6.21
C SER G 287 -16.68 30.74 -6.19
N HIS G 288 -16.47 29.45 -6.46
CA HIS G 288 -17.56 28.51 -6.32
C HIS G 288 -17.91 28.33 -4.86
N ILE G 289 -19.20 28.25 -4.59
CA ILE G 289 -19.69 27.97 -3.27
C ILE G 289 -19.84 26.46 -3.13
N ARG G 290 -19.47 25.95 -1.95
CA ARG G 290 -19.45 24.53 -1.68
C ARG G 290 -20.13 24.28 -0.34
N TRP G 291 -20.13 23.03 0.10
CA TRP G 291 -20.88 22.65 1.29
C TRP G 291 -20.24 23.22 2.55
N GLY G 292 -20.86 24.23 3.12
CA GLY G 292 -20.40 24.72 4.40
C GLY G 292 -19.38 25.81 4.34
N GLN G 293 -19.40 26.63 3.32
CA GLN G 293 -18.60 27.84 3.36
C GLN G 293 -19.24 28.83 4.34
N PRO G 294 -18.46 29.78 4.86
CA PRO G 294 -19.07 30.84 5.68
C PRO G 294 -19.98 31.72 4.84
N PHE G 295 -21.15 32.01 5.39
CA PHE G 295 -22.25 32.56 4.59
C PHE G 295 -22.75 33.86 5.19
N ARG G 296 -22.15 34.97 4.81
CA ARG G 296 -22.76 36.26 5.11
C ARG G 296 -23.93 36.43 4.16
N LEU G 297 -25.14 36.35 4.68
CA LEU G 297 -26.35 36.32 3.87
C LEU G 297 -27.20 37.54 4.15
N ARG G 298 -27.74 38.13 3.10
CA ARG G 298 -28.26 39.47 3.18
C ARG G 298 -29.50 39.60 2.32
N HIS G 299 -30.53 40.22 2.87
CA HIS G 299 -31.69 40.56 2.06
C HIS G 299 -31.33 41.65 1.09
N VAL G 300 -31.99 41.66 -0.05
CA VAL G 300 -31.64 42.60 -1.08
C VAL G 300 -32.53 43.82 -1.06
N THR G 301 -33.85 43.64 -0.92
CA THR G 301 -34.76 44.77 -0.99
C THR G 301 -34.58 45.70 0.20
N THR G 302 -34.21 45.15 1.33
CA THR G 302 -33.81 46.01 2.44
C THR G 302 -32.34 46.33 2.41
N GLY G 303 -31.51 45.36 2.09
CA GLY G 303 -30.11 45.47 2.41
C GLY G 303 -29.76 44.90 3.76
N LYS G 304 -30.75 44.53 4.56
CA LYS G 304 -30.47 43.93 5.85
C LYS G 304 -29.91 42.53 5.67
N TYR G 305 -29.08 42.14 6.62
CA TYR G 305 -28.53 40.80 6.61
C TYR G 305 -29.48 39.87 7.34
N LEU G 306 -29.46 38.60 6.93
CA LEU G 306 -30.20 37.63 7.71
C LEU G 306 -29.41 37.35 8.99
N SER G 307 -29.63 38.19 9.98
CA SER G 307 -28.87 38.15 11.22
C SER G 307 -29.68 37.32 12.20
N LEU G 308 -29.31 36.04 12.34
CA LEU G 308 -30.12 35.09 13.08
C LEU G 308 -30.11 35.41 14.56
N MET G 309 -31.30 35.67 15.11
CA MET G 309 -31.46 35.64 16.56
C MET G 309 -31.19 34.23 17.04
N GLU G 310 -30.14 34.09 17.85
CA GLU G 310 -29.61 32.77 18.19
C GLU G 310 -30.49 32.01 19.16
N ASP G 311 -31.48 32.65 19.77
CA ASP G 311 -32.29 31.97 20.77
C ASP G 311 -33.23 30.96 20.11
N LYS G 312 -34.13 31.43 19.25
CA LYS G 312 -35.17 30.58 18.71
C LYS G 312 -35.21 30.53 17.19
N SER G 313 -35.17 31.66 16.51
CA SER G 313 -35.48 31.72 15.10
C SER G 313 -35.01 33.03 14.49
N LEU G 314 -35.50 33.31 13.29
CA LEU G 314 -34.79 34.20 12.39
C LEU G 314 -35.11 35.65 12.64
N LEU G 315 -34.08 36.49 12.53
CA LEU G 315 -34.19 37.91 12.73
C LEU G 315 -33.47 38.62 11.59
N LEU G 316 -33.82 39.88 11.38
CA LEU G 316 -33.30 40.64 10.26
C LEU G 316 -32.78 41.98 10.75
N MET G 317 -31.54 42.27 10.40
CA MET G 317 -30.93 43.56 10.71
C MET G 317 -29.84 43.79 9.68
N ASP G 318 -29.26 44.98 9.70
CA ASP G 318 -28.21 45.32 8.74
C ASP G 318 -26.88 44.68 9.12
N LYS G 319 -25.79 45.20 8.53
CA LYS G 319 -24.45 44.64 8.71
C LYS G 319 -24.00 44.61 10.17
N GLU G 320 -24.54 45.49 11.01
CA GLU G 320 -24.08 45.63 12.39
C GLU G 320 -24.32 44.36 13.20
N LYS G 321 -25.52 43.80 13.10
CA LYS G 321 -25.79 42.54 13.78
C LYS G 321 -25.12 41.37 13.11
N ALA G 322 -24.75 41.51 11.84
CA ALA G 322 -24.33 40.39 10.99
C ALA G 322 -22.98 39.88 11.47
N ASP G 323 -23.03 38.86 12.31
CA ASP G 323 -21.84 38.29 12.92
C ASP G 323 -21.85 36.80 12.68
N VAL G 324 -20.81 36.15 13.21
CA VAL G 324 -20.71 34.71 13.13
C VAL G 324 -21.76 34.02 14.00
N LYS G 325 -22.36 34.77 14.92
CA LYS G 325 -23.52 34.30 15.64
C LYS G 325 -24.82 34.57 14.90
N SER G 326 -24.81 35.50 13.96
CA SER G 326 -26.07 35.95 13.39
C SER G 326 -26.16 35.72 11.89
N THR G 327 -25.13 36.06 11.13
CA THR G 327 -25.26 35.84 9.69
C THR G 327 -24.61 34.55 9.22
N ALA G 328 -23.54 34.10 9.85
CA ALA G 328 -22.70 33.07 9.26
C ALA G 328 -23.32 31.70 9.41
N PHE G 329 -23.64 31.07 8.29
CA PHE G 329 -24.22 29.74 8.29
C PHE G 329 -23.33 28.82 7.46
N THR G 330 -23.79 27.58 7.33
CA THR G 330 -23.13 26.55 6.54
C THR G 330 -24.16 25.82 5.72
N PHE G 331 -23.69 25.08 4.72
CA PHE G 331 -24.53 24.22 3.91
C PHE G 331 -24.13 22.78 4.04
N ARG G 332 -25.11 21.93 4.26
CA ARG G 332 -24.90 20.51 4.46
C ARG G 332 -25.83 19.78 3.52
N SER G 333 -25.33 18.71 2.90
CA SER G 333 -26.20 17.97 2.00
C SER G 333 -27.15 17.08 2.77
N SER G 334 -26.78 16.70 3.98
CA SER G 334 -27.64 15.93 4.87
C SER G 334 -27.96 16.74 6.11
N LYS G 335 -29.01 16.32 6.81
CA LYS G 335 -29.35 16.93 8.08
C LYS G 335 -28.27 16.67 9.13
N GLU G 336 -27.57 15.55 9.02
CA GLU G 336 -26.53 15.23 9.99
C GLU G 336 -25.20 15.89 9.62
N LYS G 337 -24.59 15.46 8.53
CA LYS G 337 -23.19 15.72 8.16
C LYS G 337 -22.19 15.49 9.30
N ARG G 343 -14.93 26.53 1.13
CA ARG G 343 -15.27 26.27 2.52
C ARG G 343 -14.12 26.66 3.43
N LYS G 344 -12.97 26.00 3.28
CA LYS G 344 -11.80 26.30 4.08
C LYS G 344 -10.80 27.21 3.37
N GLU G 345 -10.20 26.75 2.27
CA GLU G 345 -9.09 27.47 1.63
C GLU G 345 -9.18 27.28 0.12
N VAL G 346 -9.48 28.36 -0.60
CA VAL G 346 -9.36 28.34 -2.06
C VAL G 346 -8.96 29.71 -2.58
N ASP G 347 -7.80 29.77 -3.22
CA ASP G 347 -7.32 31.00 -3.84
C ASP G 347 -7.58 30.98 -5.34
N GLY G 348 -8.81 30.66 -5.70
CA GLY G 348 -9.12 30.37 -7.07
C GLY G 348 -10.61 30.17 -7.19
N MET G 349 -11.02 29.60 -8.31
CA MET G 349 -12.44 29.48 -8.53
C MET G 349 -13.07 28.37 -7.71
N GLY G 350 -12.32 27.33 -7.39
CA GLY G 350 -12.84 26.26 -6.57
C GLY G 350 -13.62 25.24 -7.39
N THR G 351 -14.43 24.46 -6.69
CA THR G 351 -15.18 23.37 -7.28
C THR G 351 -16.63 23.76 -7.40
N SER G 352 -17.15 23.76 -8.62
CA SER G 352 -18.53 24.12 -8.88
C SER G 352 -19.42 23.04 -8.29
N GLU G 353 -19.85 23.28 -7.06
CA GLU G 353 -20.36 22.21 -6.22
C GLU G 353 -21.80 21.87 -6.57
N ILE G 354 -22.72 22.79 -6.32
CA ILE G 354 -24.14 22.51 -6.50
C ILE G 354 -24.65 23.44 -7.60
N LYS G 355 -25.61 22.93 -8.37
CA LYS G 355 -26.42 23.74 -9.25
C LYS G 355 -27.54 24.40 -8.44
N TYR G 356 -28.56 24.93 -9.11
CA TYR G 356 -29.61 25.64 -8.40
C TYR G 356 -30.85 24.79 -8.20
N GLY G 357 -31.38 24.20 -9.27
CA GLY G 357 -32.53 23.33 -9.13
C GLY G 357 -32.21 22.00 -8.47
N ASP G 358 -30.98 21.55 -8.59
CA ASP G 358 -30.57 20.26 -8.06
C ASP G 358 -29.85 20.44 -6.72
N SER G 359 -30.58 20.97 -5.76
CA SER G 359 -30.00 21.46 -4.52
C SER G 359 -30.81 20.96 -3.35
N VAL G 360 -30.17 20.22 -2.46
CA VAL G 360 -30.75 19.82 -1.19
C VAL G 360 -29.75 20.27 -0.13
N CYS G 361 -29.93 21.48 0.37
CA CYS G 361 -28.93 22.11 1.23
C CYS G 361 -29.50 22.28 2.62
N PHE G 362 -29.00 21.48 3.55
CA PHE G 362 -29.40 21.60 4.94
C PHE G 362 -28.57 22.71 5.51
N ILE G 363 -29.15 23.90 5.57
CA ILE G 363 -28.43 25.03 6.10
C ILE G 363 -28.31 24.89 7.61
N GLN G 364 -27.11 25.02 8.12
CA GLN G 364 -26.88 25.01 9.55
C GLN G 364 -26.23 26.32 9.96
N HIS G 365 -26.81 26.97 10.95
CA HIS G 365 -26.11 28.09 11.56
C HIS G 365 -24.93 27.57 12.36
N ILE G 366 -23.79 28.22 12.17
CA ILE G 366 -22.57 27.82 12.84
C ILE G 366 -22.68 28.05 14.34
N GLY G 367 -23.19 29.22 14.73
CA GLY G 367 -23.24 29.57 16.13
C GLY G 367 -24.26 28.80 16.94
N THR G 368 -25.21 28.13 16.29
CA THR G 368 -26.20 27.36 17.02
C THR G 368 -26.27 25.90 16.62
N GLY G 369 -25.86 25.54 15.41
CA GLY G 369 -26.13 24.19 14.99
C GLY G 369 -27.56 23.92 14.61
N LEU G 370 -28.41 24.94 14.59
CA LEU G 370 -29.80 24.74 14.21
C LEU G 370 -29.90 24.54 12.70
N TRP G 371 -31.09 24.14 12.28
CA TRP G 371 -31.34 23.84 10.88
C TRP G 371 -32.69 24.43 10.54
N LEU G 372 -32.83 24.90 9.31
CA LEU G 372 -33.99 25.69 8.94
C LEU G 372 -35.15 24.79 8.59
N THR G 373 -36.10 24.69 9.50
CA THR G 373 -37.35 23.99 9.28
C THR G 373 -38.46 25.02 9.38
N TYR G 374 -39.70 24.56 9.40
CA TYR G 374 -40.80 25.51 9.46
C TYR G 374 -41.67 25.25 10.68
N GLN G 375 -42.64 26.14 10.86
CA GLN G 375 -43.67 25.97 11.86
C GLN G 375 -44.87 25.30 11.21
N SER G 376 -45.98 25.23 11.94
CA SER G 376 -47.22 24.71 11.37
C SER G 376 -48.42 25.38 12.00
N SER G 386 -53.63 32.89 3.34
CA SER G 386 -52.24 33.02 2.91
C SER G 386 -51.37 31.94 3.54
N ILE G 387 -50.76 31.12 2.70
CA ILE G 387 -49.79 30.14 3.18
C ILE G 387 -48.51 30.91 3.46
N GLN G 388 -48.39 31.45 4.66
CA GLN G 388 -47.25 32.27 4.99
C GLN G 388 -46.57 31.58 6.16
N ARG G 389 -46.42 30.27 6.02
CA ARG G 389 -45.93 29.40 7.08
C ARG G 389 -44.52 29.77 7.48
N LYS G 390 -44.33 30.09 8.76
CA LYS G 390 -43.08 30.65 9.23
C LYS G 390 -42.01 29.57 9.33
N ALA G 391 -40.86 29.85 8.73
CA ALA G 391 -39.72 28.98 8.85
C ALA G 391 -38.96 29.27 10.14
N ILE G 392 -38.31 28.24 10.68
CA ILE G 392 -37.60 28.36 11.95
C ILE G 392 -36.27 27.62 11.90
N MET G 393 -35.24 28.25 12.44
CA MET G 393 -34.02 27.53 12.73
C MET G 393 -34.26 26.64 13.93
N HIS G 394 -33.88 25.37 13.82
CA HIS G 394 -34.17 24.42 14.88
C HIS G 394 -33.23 23.23 14.73
N HIS G 395 -33.18 22.40 15.78
CA HIS G 395 -32.44 21.15 15.71
C HIS G 395 -32.97 20.26 14.61
N GLU G 396 -34.23 19.86 14.70
CA GLU G 396 -34.86 19.16 13.60
C GLU G 396 -36.07 19.89 13.05
N GLY G 397 -37.09 20.10 13.87
CA GLY G 397 -38.40 20.47 13.40
C GLY G 397 -38.92 19.47 12.39
N HIS G 398 -39.01 19.87 11.13
CA HIS G 398 -39.41 18.98 10.06
C HIS G 398 -38.17 18.48 9.32
N MET G 399 -38.38 17.44 8.51
CA MET G 399 -37.29 16.82 7.77
C MET G 399 -37.16 17.35 6.36
N ASP G 400 -37.53 18.61 6.16
CA ASP G 400 -37.60 19.20 4.83
C ASP G 400 -36.62 20.36 4.73
N ASP G 401 -35.50 20.25 5.42
CA ASP G 401 -34.59 21.37 5.63
C ASP G 401 -33.47 21.44 4.60
N GLY G 402 -33.40 20.48 3.67
CA GLY G 402 -32.49 20.55 2.55
C GLY G 402 -33.11 21.25 1.36
N LEU G 403 -33.22 22.57 1.41
CA LEU G 403 -34.13 23.25 0.52
C LEU G 403 -33.54 23.46 -0.86
N ASN G 404 -34.39 24.01 -1.73
CA ASN G 404 -34.12 24.16 -3.15
C ASN G 404 -33.87 25.62 -3.50
N LEU G 405 -33.21 25.84 -4.64
CA LEU G 405 -32.71 27.15 -5.01
C LEU G 405 -33.03 27.48 -6.46
N SER G 406 -32.87 28.76 -6.77
CA SER G 406 -32.84 29.25 -8.15
C SER G 406 -32.15 30.60 -8.13
N ARG G 407 -31.15 30.76 -8.98
CA ARG G 407 -30.41 32.01 -9.07
C ARG G 407 -31.27 33.09 -9.70
N SER G 408 -30.73 34.30 -9.69
CA SER G 408 -31.40 35.45 -10.26
C SER G 408 -30.73 35.83 -11.57
N GLN G 409 -31.18 36.95 -12.14
CA GLN G 409 -30.49 37.56 -13.26
C GLN G 409 -30.12 38.99 -12.90
N HIS G 410 -29.59 39.69 -13.90
CA HIS G 410 -28.88 40.93 -13.61
C HIS G 410 -29.84 42.09 -13.48
N GLU G 411 -30.80 42.17 -14.39
CA GLU G 411 -31.73 43.28 -14.45
C GLU G 411 -32.62 43.32 -13.23
N GLU G 412 -33.00 42.15 -12.74
CA GLU G 412 -33.95 42.10 -11.65
C GLU G 412 -33.26 42.47 -10.36
N SER G 413 -32.04 41.99 -10.19
CA SER G 413 -31.20 42.40 -9.09
C SER G 413 -30.88 43.87 -9.18
N ARG G 414 -30.71 44.35 -10.40
CA ARG G 414 -30.34 45.74 -10.60
C ARG G 414 -31.46 46.64 -10.15
N THR G 415 -32.67 46.33 -10.57
CA THR G 415 -33.86 47.05 -10.13
C THR G 415 -34.05 46.92 -8.64
N ALA G 416 -33.65 45.79 -8.07
CA ALA G 416 -33.78 45.63 -6.64
C ALA G 416 -32.84 46.55 -5.87
N ARG G 417 -31.58 46.63 -6.31
CA ARG G 417 -30.63 47.54 -5.68
C ARG G 417 -31.05 48.98 -5.89
N VAL G 418 -31.62 49.25 -7.07
CA VAL G 418 -32.21 50.55 -7.34
C VAL G 418 -33.32 50.87 -6.36
N ILE G 419 -34.18 49.89 -6.08
CA ILE G 419 -35.30 50.10 -5.18
C ILE G 419 -34.80 50.38 -3.78
N ARG G 420 -33.76 49.66 -3.37
CA ARG G 420 -33.20 49.82 -2.04
C ARG G 420 -32.61 51.22 -1.87
N SER G 421 -31.72 51.59 -2.78
CA SER G 421 -31.15 52.93 -2.79
C SER G 421 -32.21 54.00 -2.98
N THR G 422 -33.26 53.64 -3.72
CA THR G 422 -34.34 54.55 -4.04
C THR G 422 -35.05 54.98 -2.78
N VAL G 423 -35.53 54.01 -2.02
CA VAL G 423 -36.27 54.36 -0.82
C VAL G 423 -35.34 54.90 0.24
N PHE G 424 -34.04 54.54 0.18
CA PHE G 424 -33.05 55.14 1.07
C PHE G 424 -32.95 56.63 0.85
N LEU G 425 -32.91 57.05 -0.41
CA LEU G 425 -33.02 58.46 -0.73
C LEU G 425 -34.36 59.02 -0.28
N PHE G 426 -35.42 58.28 -0.58
CA PHE G 426 -36.76 58.83 -0.57
C PHE G 426 -37.23 59.19 0.81
N ASN G 427 -37.13 58.25 1.74
CA ASN G 427 -37.76 58.45 3.02
C ASN G 427 -36.99 59.47 3.84
N ARG G 428 -35.69 59.55 3.62
CA ARG G 428 -34.91 60.59 4.27
C ARG G 428 -35.22 61.95 3.67
N PHE G 429 -35.48 62.01 2.37
CA PHE G 429 -35.85 63.28 1.81
C PHE G 429 -37.25 63.69 2.22
N ILE G 430 -38.10 62.72 2.54
CA ILE G 430 -39.46 63.01 2.98
C ILE G 430 -39.44 63.75 4.31
N ARG G 431 -38.65 63.26 5.24
CA ARG G 431 -38.51 63.98 6.49
C ARG G 431 -37.64 65.22 6.31
N GLY G 432 -36.84 65.26 5.24
CA GLY G 432 -36.27 66.53 4.82
C GLY G 432 -37.33 67.59 4.58
N LEU G 433 -38.39 67.20 3.87
CA LEU G 433 -39.51 68.11 3.71
C LEU G 433 -40.20 68.38 5.04
N ASP G 434 -40.28 67.37 5.91
CA ASP G 434 -41.01 67.54 7.15
C ASP G 434 -40.31 68.49 8.11
N ALA G 435 -38.98 68.60 8.02
CA ALA G 435 -38.26 69.52 8.88
C ALA G 435 -38.58 70.96 8.55
N LEU G 436 -38.39 71.35 7.29
CA LEU G 436 -38.75 72.69 6.84
C LEU G 436 -40.25 72.89 6.71
N SER G 437 -41.05 71.85 6.91
CA SER G 437 -42.48 72.03 7.07
C SER G 437 -42.83 72.76 8.34
N LYS G 438 -41.93 72.78 9.33
CA LYS G 438 -42.24 73.37 10.62
C LYS G 438 -41.37 74.57 10.97
N LYS G 439 -40.08 74.55 10.65
CA LYS G 439 -39.18 75.62 11.05
C LYS G 439 -37.95 75.58 10.16
N ALA G 440 -37.01 76.48 10.44
CA ALA G 440 -35.78 76.60 9.66
C ALA G 440 -34.67 75.69 10.15
N LYS G 441 -34.88 74.96 11.25
CA LYS G 441 -33.98 73.89 11.65
C LYS G 441 -33.96 72.82 10.57
N ALA G 442 -32.77 72.37 10.16
CA ALA G 442 -31.45 72.62 10.81
C ALA G 442 -30.27 73.38 10.13
N SER G 443 -29.87 73.14 8.87
CA SER G 443 -30.69 72.65 7.79
C SER G 443 -30.16 71.49 6.95
N THR G 444 -30.92 70.40 6.85
CA THR G 444 -31.88 69.99 7.88
C THR G 444 -31.52 68.61 8.38
N VAL G 445 -31.76 67.66 7.47
CA VAL G 445 -31.45 66.23 7.49
C VAL G 445 -31.10 65.95 6.03
N ASP G 446 -31.04 64.67 5.64
CA ASP G 446 -30.82 64.36 4.23
C ASP G 446 -31.93 64.95 3.39
N LEU G 447 -31.61 66.07 2.76
CA LEU G 447 -32.49 66.77 1.86
C LEU G 447 -31.66 67.00 0.60
N PRO G 448 -31.46 65.96 -0.20
CA PRO G 448 -30.73 66.16 -1.44
C PRO G 448 -31.63 66.82 -2.46
N ILE G 449 -31.01 67.45 -3.44
CA ILE G 449 -31.78 68.13 -4.46
C ILE G 449 -31.33 67.59 -5.80
N GLU G 450 -30.05 67.81 -6.05
CA GLU G 450 -29.46 67.52 -7.35
C GLU G 450 -29.32 66.03 -7.57
N SER G 451 -29.06 65.27 -6.50
CA SER G 451 -28.98 63.83 -6.64
C SER G 451 -30.34 63.24 -6.88
N VAL G 452 -31.37 63.89 -6.36
CA VAL G 452 -32.74 63.45 -6.61
C VAL G 452 -33.06 63.60 -8.08
N SER G 453 -32.73 64.75 -8.65
CA SER G 453 -32.91 64.94 -10.09
C SER G 453 -32.05 63.99 -10.89
N LEU G 454 -30.85 63.70 -10.38
CA LEU G 454 -29.94 62.81 -11.06
C LEU G 454 -30.50 61.40 -11.14
N SER G 455 -30.83 60.83 -9.99
CA SER G 455 -31.45 59.52 -9.91
C SER G 455 -32.80 59.50 -10.60
N LEU G 456 -33.49 60.62 -10.58
CA LEU G 456 -34.73 60.80 -11.29
C LEU G 456 -34.57 60.58 -12.78
N GLN G 457 -33.64 61.31 -13.39
CA GLN G 457 -33.42 61.11 -14.80
C GLN G 457 -32.82 59.75 -15.08
N ASP G 458 -32.06 59.22 -14.11
CA ASP G 458 -31.50 57.88 -14.24
C ASP G 458 -32.59 56.84 -14.38
N LEU G 459 -33.63 56.94 -13.56
CA LEU G 459 -34.68 55.96 -13.70
C LEU G 459 -35.59 56.28 -14.87
N ILE G 460 -35.69 57.56 -15.22
CA ILE G 460 -36.53 57.95 -16.34
C ILE G 460 -35.96 57.39 -17.63
N GLY G 461 -34.66 57.53 -17.84
CA GLY G 461 -34.02 56.84 -18.93
C GLY G 461 -34.03 55.35 -18.73
N TYR G 462 -33.98 54.91 -17.47
CA TYR G 462 -34.10 53.50 -17.21
C TYR G 462 -35.52 53.02 -17.46
N PHE G 463 -36.48 53.92 -17.46
CA PHE G 463 -37.82 53.56 -17.86
C PHE G 463 -38.22 54.28 -19.13
N HIS G 464 -37.24 54.57 -19.96
CA HIS G 464 -37.53 55.21 -21.22
C HIS G 464 -38.23 54.24 -22.16
N PRO G 465 -39.21 54.69 -22.90
CA PRO G 465 -39.92 53.80 -23.81
C PRO G 465 -39.05 53.44 -24.99
N PRO G 466 -39.38 52.36 -25.68
CA PRO G 466 -38.65 52.01 -26.90
C PRO G 466 -38.81 53.06 -27.99
N ASP G 467 -37.87 53.02 -28.92
CA ASP G 467 -37.78 54.00 -29.99
C ASP G 467 -38.29 53.40 -31.29
N GLU G 468 -38.25 54.22 -32.33
CA GLU G 468 -38.64 53.75 -33.64
C GLU G 468 -37.51 53.04 -34.36
N HIS G 469 -36.33 53.67 -34.38
CA HIS G 469 -35.23 53.26 -35.24
C HIS G 469 -34.57 52.03 -34.63
N LEU G 470 -35.27 50.92 -34.78
CA LEU G 470 -34.96 49.76 -34.00
C LEU G 470 -35.64 48.58 -34.67
N GLU G 471 -35.00 47.43 -34.58
CA GLU G 471 -35.62 46.25 -35.13
C GLU G 471 -36.79 45.86 -34.26
N HIS G 472 -37.82 45.33 -34.91
CA HIS G 472 -39.08 45.05 -34.24
C HIS G 472 -38.88 44.09 -33.09
N GLU G 473 -38.02 43.10 -33.30
CA GLU G 473 -37.67 42.19 -32.23
C GLU G 473 -36.96 42.91 -31.11
N ASP G 474 -36.06 43.83 -31.42
CA ASP G 474 -35.36 44.55 -30.38
C ASP G 474 -36.33 45.41 -29.59
N LYS G 475 -37.33 45.94 -30.29
CA LYS G 475 -38.41 46.64 -29.62
C LYS G 475 -39.15 45.71 -28.68
N GLN G 476 -39.33 44.45 -29.07
CA GLN G 476 -39.98 43.49 -28.18
C GLN G 476 -39.15 43.26 -26.93
N ASN G 477 -37.84 43.13 -27.09
CA ASN G 477 -36.95 42.94 -25.94
C ASN G 477 -37.03 44.12 -25.00
N ARG G 478 -36.96 45.30 -25.58
CA ARG G 478 -36.95 46.53 -24.81
C ARG G 478 -38.24 46.70 -24.06
N LEU G 479 -39.37 46.53 -24.75
CA LEU G 479 -40.65 46.71 -24.09
C LEU G 479 -40.90 45.61 -23.09
N ARG G 480 -40.35 44.42 -23.33
CA ARG G 480 -40.53 43.33 -22.40
C ARG G 480 -39.85 43.63 -21.09
N ALA G 481 -38.58 44.03 -21.16
CA ALA G 481 -37.84 44.38 -19.95
C ALA G 481 -38.48 45.57 -19.27
N LEU G 482 -39.02 46.49 -20.05
CA LEU G 482 -39.68 47.65 -19.49
C LEU G 482 -40.93 47.25 -18.73
N LYS G 483 -41.69 46.32 -19.30
CA LYS G 483 -42.89 45.85 -18.64
C LYS G 483 -42.56 45.10 -17.37
N ASN G 484 -41.48 44.32 -17.40
CA ASN G 484 -41.09 43.57 -16.23
C ASN G 484 -40.69 44.49 -15.11
N ARG G 485 -39.95 45.54 -15.43
CA ARG G 485 -39.52 46.43 -14.37
C ARG G 485 -40.65 47.30 -13.88
N GLN G 486 -41.60 47.61 -14.76
CA GLN G 486 -42.82 48.26 -14.31
C GLN G 486 -43.62 47.35 -13.40
N ASN G 487 -43.59 46.05 -13.65
CA ASN G 487 -44.23 45.10 -12.76
C ASN G 487 -43.52 45.04 -11.43
N LEU G 488 -42.19 45.10 -11.46
CA LEU G 488 -41.39 45.02 -10.25
C LEU G 488 -41.68 46.20 -9.35
N PHE G 489 -41.80 47.39 -9.94
CA PHE G 489 -42.26 48.51 -9.15
C PHE G 489 -43.69 48.32 -8.69
N GLN G 490 -44.52 47.70 -9.52
CA GLN G 490 -45.91 47.53 -9.13
C GLN G 490 -46.03 46.53 -7.99
N GLU G 491 -45.18 45.52 -7.97
CA GLU G 491 -45.15 44.61 -6.82
C GLU G 491 -44.67 45.31 -5.57
N GLU G 492 -43.89 46.36 -5.73
CA GLU G 492 -43.39 47.04 -4.55
C GLU G 492 -44.09 48.36 -4.29
N GLY G 493 -44.57 49.03 -5.33
CA GLY G 493 -45.38 50.21 -5.09
C GLY G 493 -44.59 51.38 -4.56
N MET G 494 -43.78 52.01 -5.40
CA MET G 494 -43.30 53.34 -5.07
C MET G 494 -44.21 54.41 -5.61
N ILE G 495 -45.30 53.96 -6.23
CA ILE G 495 -46.29 54.83 -6.83
C ILE G 495 -46.89 55.76 -5.80
N ASN G 496 -47.39 55.17 -4.73
CA ASN G 496 -47.87 55.90 -3.58
C ASN G 496 -46.78 56.71 -2.94
N LEU G 497 -45.54 56.22 -2.99
CA LEU G 497 -44.43 56.90 -2.34
C LEU G 497 -44.18 58.25 -2.97
N VAL G 498 -44.03 58.28 -4.29
CA VAL G 498 -43.81 59.55 -4.96
C VAL G 498 -45.08 60.37 -4.95
N LEU G 499 -46.24 59.70 -4.93
CA LEU G 499 -47.52 60.38 -4.73
C LEU G 499 -47.53 61.15 -3.42
N GLU G 500 -46.99 60.56 -2.37
CA GLU G 500 -46.93 61.21 -1.09
C GLU G 500 -45.92 62.33 -1.09
N CYS G 501 -44.84 62.17 -1.87
CA CYS G 501 -43.91 63.29 -2.02
C CYS G 501 -44.59 64.49 -2.67
N ILE G 502 -45.41 64.24 -3.68
CA ILE G 502 -46.16 65.30 -4.32
C ILE G 502 -47.16 65.90 -3.34
N ASP G 503 -47.81 65.03 -2.57
CA ASP G 503 -48.75 65.44 -1.54
C ASP G 503 -48.10 66.38 -0.55
N ARG G 504 -46.91 66.00 -0.10
CA ARG G 504 -46.12 66.83 0.79
C ARG G 504 -45.64 68.08 0.10
N LEU G 505 -45.55 68.08 -1.22
CA LEU G 505 -44.93 69.19 -1.90
C LEU G 505 -45.90 70.30 -2.25
N HIS G 506 -47.14 69.95 -2.54
CA HIS G 506 -48.07 70.90 -3.18
C HIS G 506 -48.57 71.93 -2.17
N VAL G 507 -47.66 72.82 -1.81
CA VAL G 507 -47.92 73.82 -0.77
C VAL G 507 -47.66 75.24 -1.28
N TYR G 508 -46.45 75.51 -1.69
CA TYR G 508 -45.93 76.86 -1.73
C TYR G 508 -46.16 77.51 -3.06
N SER G 509 -45.48 78.62 -3.30
CA SER G 509 -45.44 79.26 -4.60
C SER G 509 -44.07 79.84 -4.89
N SER G 510 -43.01 79.22 -4.36
CA SER G 510 -41.62 79.70 -4.38
C SER G 510 -41.46 81.10 -3.80
N VAL G 517 -41.85 78.56 1.84
CA VAL G 517 -41.41 77.62 0.84
C VAL G 517 -40.36 76.70 1.41
N ALA G 518 -39.12 77.16 1.43
CA ALA G 518 -37.99 76.39 1.95
C ALA G 518 -36.84 77.36 2.16
N GLY G 519 -35.66 76.81 2.46
CA GLY G 519 -34.47 77.55 2.14
C GLY G 519 -34.43 77.49 0.63
N ARG G 520 -34.84 78.59 -0.02
CA ARG G 520 -35.28 78.51 -1.39
C ARG G 520 -34.15 78.47 -2.39
N GLU G 521 -32.90 78.62 -1.93
CA GLU G 521 -31.79 78.53 -2.87
C GLU G 521 -31.64 77.11 -3.36
N ALA G 522 -31.54 76.16 -2.43
CA ALA G 522 -31.66 74.77 -2.81
C ALA G 522 -33.09 74.44 -3.22
N GLY G 523 -34.06 75.16 -2.66
CA GLY G 523 -35.45 74.99 -3.03
C GLY G 523 -35.86 75.69 -4.30
N GLU G 524 -34.90 76.03 -5.15
CA GLU G 524 -35.21 76.72 -6.39
C GLU G 524 -35.97 75.83 -7.36
N SER G 525 -35.48 74.61 -7.57
CA SER G 525 -35.94 73.77 -8.67
C SER G 525 -37.18 72.98 -8.33
N TRP G 526 -37.92 73.48 -7.34
CA TRP G 526 -39.07 72.81 -6.77
C TRP G 526 -40.11 72.46 -7.81
N LYS G 527 -40.43 73.42 -8.68
CA LYS G 527 -41.42 73.20 -9.72
C LYS G 527 -40.94 72.17 -10.74
N SER G 528 -39.68 72.29 -11.14
CA SER G 528 -39.12 71.36 -12.11
C SER G 528 -39.00 69.98 -11.52
N ILE G 529 -38.66 69.91 -10.23
CA ILE G 529 -38.66 68.66 -9.50
C ILE G 529 -40.02 68.02 -9.59
N LEU G 530 -41.06 68.81 -9.33
CA LEU G 530 -42.43 68.33 -9.34
C LEU G 530 -42.84 67.83 -10.72
N ASN G 531 -42.47 68.57 -11.75
CA ASN G 531 -42.87 68.19 -13.09
C ASN G 531 -42.19 66.91 -13.49
N SER G 532 -40.93 66.77 -13.12
CA SER G 532 -40.23 65.53 -13.39
C SER G 532 -40.79 64.39 -12.57
N LEU G 533 -41.34 64.69 -11.40
CA LEU G 533 -42.00 63.66 -10.60
C LEU G 533 -43.21 63.14 -11.33
N TYR G 534 -43.96 64.05 -11.95
CA TYR G 534 -45.05 63.63 -12.82
C TYR G 534 -44.55 62.78 -13.96
N GLU G 535 -43.35 63.10 -14.46
CA GLU G 535 -42.88 62.39 -15.64
C GLU G 535 -42.47 60.98 -15.30
N LEU G 536 -41.73 60.81 -14.21
CA LEU G 536 -41.35 59.47 -13.82
C LEU G 536 -42.56 58.69 -13.34
N LEU G 537 -43.57 59.39 -12.86
CA LEU G 537 -44.84 58.74 -12.63
C LEU G 537 -45.39 58.19 -13.94
N ALA G 538 -45.37 59.01 -14.99
CA ALA G 538 -46.04 58.71 -16.24
C ALA G 538 -45.54 57.45 -16.91
N ALA G 539 -44.27 57.12 -16.70
CA ALA G 539 -43.75 55.89 -17.28
C ALA G 539 -44.36 54.67 -16.63
N LEU G 540 -44.82 54.81 -15.41
CA LEU G 540 -45.15 53.65 -14.61
C LEU G 540 -46.52 53.13 -14.89
N ILE G 541 -47.13 53.53 -15.99
CA ILE G 541 -48.49 53.16 -16.32
C ILE G 541 -48.55 52.46 -17.65
N ARG G 542 -47.90 53.03 -18.66
CA ARG G 542 -48.19 52.75 -20.05
C ARG G 542 -47.87 51.33 -20.45
N GLY G 543 -47.03 50.64 -19.69
CA GLY G 543 -46.84 49.25 -19.97
C GLY G 543 -48.03 48.46 -19.49
N ASN G 544 -48.22 48.41 -18.20
CA ASN G 544 -49.00 47.35 -17.60
C ASN G 544 -50.37 47.83 -17.19
N ARG G 545 -51.38 47.10 -17.63
CA ARG G 545 -52.73 47.26 -17.12
C ARG G 545 -52.77 46.99 -15.62
N LYS G 546 -51.97 46.04 -15.16
CA LYS G 546 -51.94 45.70 -13.75
C LYS G 546 -51.32 46.82 -12.94
N ASN G 547 -50.39 47.55 -13.56
CA ASN G 547 -49.94 48.78 -12.95
C ASN G 547 -51.08 49.78 -12.85
N CYS G 548 -51.71 50.08 -13.99
CA CYS G 548 -52.60 51.23 -14.04
C CYS G 548 -53.91 51.00 -13.29
N ALA G 549 -54.25 49.76 -13.01
CA ALA G 549 -55.57 49.51 -12.48
C ALA G 549 -55.74 49.95 -11.03
N GLN G 550 -54.66 50.30 -10.34
CA GLN G 550 -54.72 50.47 -8.90
C GLN G 550 -54.96 51.91 -8.49
N PHE G 551 -55.62 52.69 -9.32
CA PHE G 551 -55.47 54.12 -9.20
C PHE G 551 -56.80 54.83 -9.09
N SER G 552 -57.72 54.21 -8.37
CA SER G 552 -58.98 54.86 -8.08
C SER G 552 -58.77 55.98 -7.08
N GLY G 553 -58.03 55.70 -6.02
CA GLY G 553 -57.81 56.71 -5.00
C GLY G 553 -56.92 57.83 -5.48
N SER G 554 -56.03 57.55 -6.41
CA SER G 554 -55.25 58.63 -6.94
C SER G 554 -55.99 59.38 -8.02
N LEU G 555 -57.06 58.80 -8.57
CA LEU G 555 -57.80 59.43 -9.67
C LEU G 555 -58.40 60.76 -9.24
N ASP G 556 -59.33 60.71 -8.30
CA ASP G 556 -59.93 61.91 -7.77
C ASP G 556 -58.93 62.77 -7.03
N TRP G 557 -57.89 62.14 -6.50
CA TRP G 557 -56.78 62.88 -5.92
C TRP G 557 -56.14 63.79 -6.96
N LEU G 558 -55.89 63.25 -8.15
CA LEU G 558 -55.38 64.08 -9.22
C LEU G 558 -56.40 65.08 -9.70
N ILE G 559 -57.68 64.74 -9.64
CA ILE G 559 -58.66 65.71 -10.08
C ILE G 559 -58.73 66.86 -9.10
N SER G 560 -58.46 66.60 -7.83
CA SER G 560 -58.26 67.68 -6.88
C SER G 560 -56.98 68.44 -7.18
N ARG G 561 -55.93 67.73 -7.53
CA ARG G 561 -54.66 68.36 -7.81
C ARG G 561 -54.65 69.12 -9.13
N LEU G 562 -55.66 68.89 -9.95
CA LEU G 562 -55.67 69.25 -11.36
C LEU G 562 -55.56 70.75 -11.59
N GLU G 563 -56.00 71.52 -10.63
CA GLU G 563 -56.24 72.93 -10.84
C GLU G 563 -55.12 73.76 -10.27
N ARG G 564 -53.91 73.20 -10.22
CA ARG G 564 -52.81 73.97 -9.69
C ARG G 564 -52.32 74.98 -10.71
N LEU G 565 -52.61 74.74 -12.00
CA LEU G 565 -52.38 75.66 -13.12
C LEU G 565 -50.91 75.99 -13.31
N GLU G 566 -50.01 75.19 -12.76
CA GLU G 566 -48.59 75.35 -13.03
C GLU G 566 -47.95 74.02 -13.38
N ALA G 567 -48.41 72.93 -12.78
CA ALA G 567 -47.86 71.61 -13.02
C ALA G 567 -48.94 70.70 -13.60
N SER G 568 -50.02 71.32 -14.07
CA SER G 568 -51.18 70.57 -14.48
C SER G 568 -50.97 69.83 -15.80
N SER G 569 -49.93 70.19 -16.54
CA SER G 569 -49.62 69.50 -17.78
C SER G 569 -49.28 68.05 -17.54
N GLY G 570 -48.35 67.80 -16.62
CA GLY G 570 -48.00 66.43 -16.30
C GLY G 570 -49.15 65.67 -15.69
N ILE G 571 -50.02 66.37 -14.96
CA ILE G 571 -51.25 65.78 -14.46
C ILE G 571 -52.10 65.29 -15.62
N LEU G 572 -52.25 66.14 -16.63
CA LEU G 572 -52.99 65.78 -17.82
C LEU G 572 -52.38 64.56 -18.49
N GLU G 573 -51.05 64.51 -18.52
CA GLU G 573 -50.41 63.42 -19.22
C GLU G 573 -50.62 62.10 -18.51
N VAL G 574 -50.47 62.11 -17.19
CA VAL G 574 -50.56 60.86 -16.46
C VAL G 574 -51.99 60.38 -16.45
N LEU G 575 -52.96 61.30 -16.41
CA LEU G 575 -54.33 60.86 -16.46
C LEU G 575 -54.67 60.34 -17.84
N HIS G 576 -54.09 60.94 -18.87
CA HIS G 576 -54.36 60.47 -20.21
C HIS G 576 -53.84 59.06 -20.42
N CYS G 577 -52.62 58.82 -19.96
CA CYS G 577 -52.07 57.50 -20.23
C CYS G 577 -52.64 56.46 -19.28
N VAL G 578 -53.26 56.87 -18.17
CA VAL G 578 -53.94 55.82 -17.45
C VAL G 578 -55.31 55.59 -18.06
N LEU G 579 -55.89 56.63 -18.66
CA LEU G 579 -57.21 56.49 -19.22
C LEU G 579 -57.21 55.66 -20.47
N VAL G 580 -56.09 55.65 -21.19
CA VAL G 580 -56.08 54.84 -22.40
C VAL G 580 -56.00 53.36 -22.10
N GLU G 581 -55.60 52.97 -20.90
CA GLU G 581 -55.43 51.55 -20.61
C GLU G 581 -56.66 50.94 -19.96
N SER G 582 -57.23 51.62 -18.98
CA SER G 582 -58.13 50.97 -18.06
C SER G 582 -59.58 51.32 -18.30
N PRO G 583 -60.43 50.38 -18.72
CA PRO G 583 -61.88 50.59 -18.61
C PRO G 583 -62.35 50.68 -17.18
N GLU G 584 -61.67 50.02 -16.25
CA GLU G 584 -61.94 50.21 -14.83
C GLU G 584 -61.87 51.66 -14.44
N ALA G 585 -60.85 52.36 -14.92
CA ALA G 585 -60.70 53.78 -14.64
C ALA G 585 -61.87 54.58 -15.18
N LEU G 586 -62.40 54.16 -16.32
CA LEU G 586 -63.60 54.78 -16.85
C LEU G 586 -64.79 54.52 -15.95
N ASN G 587 -64.91 53.29 -15.45
CA ASN G 587 -66.04 52.94 -14.63
C ASN G 587 -65.98 53.59 -13.26
N ILE G 588 -64.81 54.10 -12.88
CA ILE G 588 -64.72 54.86 -11.65
C ILE G 588 -65.51 56.15 -11.76
N ILE G 589 -65.18 56.98 -12.73
CA ILE G 589 -65.27 58.42 -12.54
C ILE G 589 -66.71 58.89 -12.72
N LYS G 590 -66.97 60.10 -12.22
CA LYS G 590 -68.28 60.72 -12.26
C LYS G 590 -68.23 62.12 -12.81
N GLU G 591 -69.32 62.86 -12.59
CA GLU G 591 -69.57 64.05 -13.38
C GLU G 591 -68.71 65.22 -12.94
N GLY G 592 -68.57 65.43 -11.64
CA GLY G 592 -67.95 66.65 -11.16
C GLY G 592 -66.49 66.74 -11.55
N HIS G 593 -65.85 65.58 -11.64
CA HIS G 593 -64.54 65.47 -12.26
C HIS G 593 -64.55 66.01 -13.68
N ILE G 594 -65.53 65.57 -14.46
CA ILE G 594 -65.64 65.97 -15.86
C ILE G 594 -65.86 67.47 -15.97
N LYS G 595 -66.71 68.00 -15.10
CA LYS G 595 -67.02 69.40 -15.15
C LYS G 595 -65.82 70.24 -14.78
N SER G 596 -65.05 69.77 -13.79
CA SER G 596 -63.83 70.45 -13.42
C SER G 596 -62.82 70.40 -14.54
N ILE G 597 -62.80 69.28 -15.26
CA ILE G 597 -61.92 69.12 -16.40
C ILE G 597 -62.30 70.10 -17.49
N ILE G 598 -63.59 70.24 -17.72
CA ILE G 598 -64.09 71.12 -18.76
C ILE G 598 -63.74 72.55 -18.45
N SER G 599 -63.94 72.94 -17.20
CA SER G 599 -63.59 74.28 -16.79
C SER G 599 -62.09 74.48 -16.72
N LEU G 600 -61.31 73.41 -16.62
CA LEU G 600 -59.87 73.57 -16.59
C LEU G 600 -59.36 74.10 -17.92
N LEU G 601 -60.05 73.74 -19.00
CA LEU G 601 -59.76 74.33 -20.29
C LEU G 601 -60.00 75.83 -20.28
N ASP G 602 -61.05 76.26 -19.58
CA ASP G 602 -61.26 77.67 -19.38
C ASP G 602 -60.15 78.29 -18.53
N LYS G 603 -59.65 77.53 -17.57
CA LYS G 603 -58.56 78.04 -16.74
C LYS G 603 -57.27 78.17 -17.52
N HIS G 604 -57.14 77.46 -18.61
CA HIS G 604 -55.90 77.56 -19.32
C HIS G 604 -56.05 78.15 -20.71
N GLY G 605 -57.07 77.77 -21.45
CA GLY G 605 -57.14 78.25 -22.80
C GLY G 605 -57.50 77.22 -23.82
N ARG G 606 -56.61 76.98 -24.78
CA ARG G 606 -56.88 76.07 -25.88
C ARG G 606 -55.85 74.96 -25.82
N ASN G 607 -56.12 73.96 -25.00
CA ASN G 607 -55.28 72.78 -24.97
C ASN G 607 -56.06 71.64 -25.56
N HIS G 608 -55.68 71.27 -26.77
CA HIS G 608 -56.25 70.13 -27.43
C HIS G 608 -55.92 68.83 -26.73
N LYS G 609 -54.89 68.82 -25.89
CA LYS G 609 -54.56 67.66 -25.09
C LYS G 609 -55.72 67.25 -24.21
N VAL G 610 -56.41 68.25 -23.67
CA VAL G 610 -57.64 68.01 -22.92
C VAL G 610 -58.67 67.33 -23.79
N LEU G 611 -58.74 67.75 -25.04
CA LEU G 611 -59.71 67.17 -25.94
C LEU G 611 -59.38 65.72 -26.21
N ASP G 612 -58.09 65.44 -26.33
CA ASP G 612 -57.63 64.08 -26.55
C ASP G 612 -57.97 63.21 -25.35
N VAL G 613 -57.87 63.80 -24.17
CA VAL G 613 -58.32 63.14 -22.96
C VAL G 613 -59.79 62.81 -23.06
N LEU G 614 -60.59 63.75 -23.56
CA LEU G 614 -62.01 63.51 -23.69
C LEU G 614 -62.32 62.43 -24.71
N CYS G 615 -61.53 62.39 -25.78
CA CYS G 615 -61.64 61.30 -26.74
C CYS G 615 -61.38 59.96 -26.09
N SER G 616 -60.42 59.91 -25.17
CA SER G 616 -60.24 58.68 -24.44
C SER G 616 -61.39 58.42 -23.50
N LEU G 617 -62.05 59.48 -23.05
CA LEU G 617 -63.10 59.30 -22.05
C LEU G 617 -64.35 58.73 -22.65
N CYS G 618 -64.76 59.21 -23.80
CA CYS G 618 -66.07 58.82 -24.32
C CYS G 618 -66.07 57.37 -24.77
N VAL G 619 -65.03 56.97 -25.48
CA VAL G 619 -64.93 55.64 -26.04
C VAL G 619 -63.77 54.92 -25.38
N CYS G 620 -64.02 53.71 -24.93
CA CYS G 620 -62.98 52.87 -24.37
C CYS G 620 -62.22 52.16 -25.47
N HIS G 621 -61.47 51.14 -25.06
CA HIS G 621 -60.81 50.24 -26.00
C HIS G 621 -61.80 49.66 -26.98
N GLY G 622 -62.75 48.90 -26.48
CA GLY G 622 -63.73 48.38 -27.40
C GLY G 622 -64.96 49.25 -27.44
N VAL G 623 -65.40 49.73 -26.30
CA VAL G 623 -66.77 50.18 -26.16
C VAL G 623 -66.81 51.66 -25.86
N ALA G 624 -68.02 52.16 -25.65
CA ALA G 624 -68.21 53.52 -25.20
C ALA G 624 -69.33 53.52 -24.18
N VAL G 625 -69.39 54.59 -23.40
CA VAL G 625 -70.35 54.72 -22.32
C VAL G 625 -71.22 55.93 -22.61
N ARG G 626 -72.49 55.66 -22.86
CA ARG G 626 -73.36 56.66 -23.46
C ARG G 626 -73.78 57.71 -22.46
N SER G 627 -73.88 57.33 -21.20
CA SER G 627 -74.16 58.30 -20.15
C SER G 627 -73.06 59.33 -20.07
N ASN G 628 -71.83 58.88 -20.18
CA ASN G 628 -70.68 59.77 -20.19
C ASN G 628 -70.78 60.73 -21.37
N GLN G 629 -71.17 60.21 -22.52
CA GLN G 629 -71.36 61.05 -23.69
C GLN G 629 -72.43 62.09 -23.45
N HIS G 630 -73.48 61.69 -22.75
CA HIS G 630 -74.56 62.61 -22.43
C HIS G 630 -74.06 63.72 -21.53
N LEU G 631 -73.24 63.35 -20.56
CA LEU G 631 -72.63 64.34 -19.68
C LEU G 631 -71.79 65.32 -20.46
N ILE G 632 -71.04 64.79 -21.42
CA ILE G 632 -70.13 65.61 -22.20
C ILE G 632 -70.89 66.64 -23.02
N CYS G 633 -71.88 66.17 -23.77
CA CYS G 633 -72.54 67.05 -24.70
C CYS G 633 -73.43 68.04 -23.98
N ASP G 634 -73.98 67.62 -22.84
CA ASP G 634 -74.77 68.55 -22.06
C ASP G 634 -73.88 69.60 -21.44
N ASN G 635 -72.67 69.25 -21.08
CA ASN G 635 -71.84 70.24 -20.45
C ASN G 635 -70.98 70.99 -21.43
N LEU G 636 -71.12 70.74 -22.72
CA LEU G 636 -70.39 71.54 -23.68
C LEU G 636 -71.29 72.31 -24.62
N LEU G 637 -72.15 71.63 -25.30
CA LEU G 637 -72.77 72.16 -26.50
C LEU G 637 -73.84 73.25 -26.36
N PRO G 638 -74.57 73.38 -25.25
CA PRO G 638 -75.30 74.65 -25.08
C PRO G 638 -74.39 75.83 -24.86
N GLY G 639 -73.14 75.60 -24.46
CA GLY G 639 -72.20 76.69 -24.25
C GLY G 639 -71.85 77.38 -25.53
N ARG G 640 -71.11 76.68 -26.41
CA ARG G 640 -70.56 77.23 -27.66
C ARG G 640 -69.67 78.42 -27.39
N ASP G 641 -68.86 78.34 -26.34
CA ASP G 641 -68.00 79.45 -25.94
C ASP G 641 -66.53 79.08 -25.87
N LEU G 642 -66.19 78.02 -25.15
CA LEU G 642 -64.79 77.68 -24.95
C LEU G 642 -64.18 77.10 -26.22
N LEU G 643 -65.01 76.59 -27.09
CA LEU G 643 -64.64 75.99 -28.35
C LEU G 643 -64.94 76.97 -29.48
N LEU G 644 -64.66 76.54 -30.70
CA LEU G 644 -64.84 77.38 -31.86
C LEU G 644 -66.24 77.21 -32.41
N GLN G 645 -66.59 78.01 -33.42
CA GLN G 645 -67.92 77.93 -33.98
C GLN G 645 -67.90 78.56 -35.35
N THR G 646 -68.58 77.92 -36.29
CA THR G 646 -68.44 78.25 -37.70
C THR G 646 -69.78 78.46 -38.37
N ARG G 647 -69.70 79.02 -39.58
CA ARG G 647 -70.86 79.50 -40.30
C ARG G 647 -70.43 79.91 -41.71
N LEU G 648 -71.23 79.55 -42.71
CA LEU G 648 -71.06 80.14 -44.02
C LEU G 648 -71.90 81.41 -44.11
N VAL G 649 -71.39 82.41 -44.84
CA VAL G 649 -72.20 83.57 -45.16
C VAL G 649 -72.02 83.87 -46.64
N ASN G 650 -72.89 84.72 -47.16
CA ASN G 650 -72.83 85.09 -48.55
C ASN G 650 -71.71 86.10 -48.80
N HIS G 651 -71.35 86.24 -50.07
CA HIS G 651 -70.34 87.20 -50.49
C HIS G 651 -70.90 88.60 -50.41
N VAL G 652 -70.42 89.39 -49.46
CA VAL G 652 -70.92 90.74 -49.28
C VAL G 652 -70.41 91.60 -50.43
N SER G 653 -71.34 92.20 -51.17
CA SER G 653 -71.05 92.90 -52.41
C SER G 653 -71.45 94.36 -52.28
N SER G 654 -70.46 95.25 -52.23
CA SER G 654 -70.64 96.66 -51.91
C SER G 654 -70.12 97.53 -53.04
N MET G 655 -70.92 98.51 -53.46
CA MET G 655 -70.49 99.39 -54.54
C MET G 655 -70.87 100.83 -54.22
N ARG G 656 -70.22 101.77 -54.93
CA ARG G 656 -70.35 103.17 -54.59
C ARG G 656 -70.17 104.04 -55.82
N PRO G 657 -71.00 105.07 -56.01
CA PRO G 657 -70.98 105.85 -57.25
C PRO G 657 -70.01 107.02 -57.25
N ASN G 658 -68.75 106.75 -56.87
CA ASN G 658 -67.57 107.50 -57.28
C ASN G 658 -67.41 108.89 -56.68
N ILE G 659 -68.45 109.44 -56.08
CA ILE G 659 -68.47 110.87 -55.76
C ILE G 659 -67.92 111.06 -54.37
N PHE G 660 -66.88 111.85 -54.25
CA PHE G 660 -66.27 112.13 -52.97
C PHE G 660 -66.82 113.44 -52.45
N LEU G 661 -66.99 113.53 -51.13
CA LEU G 661 -67.63 114.70 -50.55
C LEU G 661 -66.99 115.00 -49.19
N GLY G 662 -66.57 116.25 -49.00
CA GLY G 662 -66.03 116.69 -47.74
C GLY G 662 -66.92 117.67 -47.00
N LYS G 671 -74.00 122.89 -48.53
CA LYS G 671 -75.00 122.44 -49.47
C LYS G 671 -75.41 121.01 -49.16
N LYS G 672 -76.52 120.87 -48.46
CA LYS G 672 -76.97 119.57 -47.96
C LYS G 672 -77.40 118.67 -49.11
N TRP G 673 -76.83 117.48 -49.17
CA TRP G 673 -76.88 116.73 -50.40
C TRP G 673 -78.18 115.94 -50.52
N TYR G 674 -78.41 115.45 -51.73
CA TYR G 674 -79.60 114.68 -52.01
C TYR G 674 -79.32 113.74 -53.17
N TYR G 675 -79.82 112.50 -53.06
CA TYR G 675 -79.83 111.61 -54.20
C TYR G 675 -81.03 110.67 -54.09
N GLU G 676 -81.07 109.67 -54.98
CA GLU G 676 -82.23 108.81 -55.15
C GLU G 676 -81.78 107.44 -55.63
N LEU G 677 -82.52 106.40 -55.23
CA LEU G 677 -82.41 105.09 -55.83
C LEU G 677 -83.76 104.40 -55.82
N MET G 678 -83.84 103.27 -56.53
CA MET G 678 -85.06 102.48 -56.57
C MET G 678 -84.72 101.03 -56.85
N VAL G 679 -85.37 100.12 -56.11
CA VAL G 679 -85.14 98.69 -56.25
C VAL G 679 -85.69 98.21 -57.58
N ASP G 680 -84.92 97.38 -58.27
CA ASP G 680 -85.46 96.69 -59.44
C ASP G 680 -85.55 95.18 -59.27
N HIS G 681 -84.84 94.60 -58.31
CA HIS G 681 -84.83 93.15 -58.15
C HIS G 681 -84.44 92.82 -56.72
N THR G 682 -85.11 91.83 -56.11
CA THR G 682 -84.82 91.48 -54.73
C THR G 682 -84.33 90.05 -54.53
N GLU G 683 -85.15 89.04 -54.85
CA GLU G 683 -84.80 87.62 -54.89
C GLU G 683 -84.30 87.15 -53.53
N PRO G 684 -85.18 87.02 -52.54
CA PRO G 684 -84.71 86.96 -51.14
C PRO G 684 -84.01 85.69 -50.75
N PHE G 685 -84.19 84.61 -51.50
CA PHE G 685 -83.69 83.33 -51.06
C PHE G 685 -83.08 82.57 -52.21
N VAL G 686 -82.14 83.21 -52.92
CA VAL G 686 -81.35 82.51 -53.92
C VAL G 686 -80.50 81.41 -53.30
N THR G 687 -80.20 81.52 -52.01
CA THR G 687 -79.70 80.41 -51.21
C THR G 687 -80.72 80.12 -50.13
N ALA G 688 -80.42 79.13 -49.31
CA ALA G 688 -81.18 78.95 -48.07
C ALA G 688 -80.96 80.14 -47.15
N GLU G 689 -79.75 80.68 -47.15
CA GLU G 689 -79.46 81.93 -46.48
C GLU G 689 -80.19 83.06 -47.20
N ALA G 690 -80.80 83.95 -46.42
CA ALA G 690 -81.46 85.10 -47.00
C ALA G 690 -80.45 86.08 -47.56
N THR G 691 -80.92 86.96 -48.42
CA THR G 691 -80.07 87.90 -49.15
C THR G 691 -80.17 89.27 -48.53
N HIS G 692 -79.03 89.93 -48.34
CA HIS G 692 -79.07 91.23 -47.70
C HIS G 692 -79.08 92.33 -48.73
N LEU G 693 -79.27 93.55 -48.26
CA LEU G 693 -79.20 94.74 -49.10
C LEU G 693 -78.98 95.94 -48.20
N ARG G 694 -78.04 96.78 -48.57
CA ARG G 694 -77.70 97.94 -47.77
C ARG G 694 -77.46 99.17 -48.65
N VAL G 695 -77.93 100.33 -48.17
CA VAL G 695 -77.74 101.62 -48.84
C VAL G 695 -77.51 102.69 -47.78
N GLY G 696 -76.53 103.55 -47.97
CA GLY G 696 -76.21 104.52 -46.94
C GLY G 696 -75.14 105.54 -47.25
N TRP G 697 -74.22 105.74 -46.31
CA TRP G 697 -73.17 106.73 -46.43
C TRP G 697 -71.94 106.33 -45.64
N ALA G 698 -70.77 106.68 -46.19
CA ALA G 698 -69.48 106.53 -45.50
C ALA G 698 -68.45 107.39 -46.22
N SER G 699 -67.27 107.46 -45.62
CA SER G 699 -66.16 108.27 -46.09
C SER G 699 -64.94 107.38 -46.34
N THR G 700 -63.96 107.93 -47.07
CA THR G 700 -62.72 107.21 -47.31
C THR G 700 -61.70 107.50 -46.21
N GLU G 701 -61.28 108.75 -46.12
CA GLU G 701 -60.40 109.19 -45.04
C GLU G 701 -61.22 109.12 -43.77
N GLY G 702 -60.94 108.11 -42.98
CA GLY G 702 -61.88 107.67 -41.98
C GLY G 702 -62.62 106.48 -42.53
N TYR G 703 -62.13 105.29 -42.15
CA TYR G 703 -62.69 103.99 -42.54
C TYR G 703 -62.77 103.85 -44.06
N SER G 704 -61.58 103.73 -44.66
CA SER G 704 -61.48 103.39 -46.07
C SER G 704 -62.16 102.05 -46.34
N PRO G 705 -63.07 101.99 -47.30
CA PRO G 705 -63.95 100.83 -47.44
C PRO G 705 -63.37 99.58 -48.09
N TYR G 706 -62.90 98.62 -47.29
CA TYR G 706 -62.67 97.26 -47.80
C TYR G 706 -63.97 96.48 -47.82
N PRO G 707 -64.38 95.90 -48.94
CA PRO G 707 -65.51 94.96 -48.93
C PRO G 707 -65.10 93.50 -48.84
N GLY G 708 -65.69 92.74 -47.92
CA GLY G 708 -65.37 91.32 -47.80
C GLY G 708 -64.05 91.00 -47.15
N GLY G 709 -63.07 91.91 -47.22
CA GLY G 709 -61.92 91.88 -46.35
C GLY G 709 -62.04 93.10 -45.47
N GLY G 710 -63.29 93.50 -45.24
CA GLY G 710 -63.57 94.64 -44.38
C GLY G 710 -63.78 94.24 -42.94
N GLU G 711 -64.98 94.44 -42.41
CA GLU G 711 -65.25 94.07 -41.03
C GLU G 711 -65.66 92.60 -40.96
N GLU G 712 -66.16 92.19 -39.78
CA GLU G 712 -66.50 90.78 -39.53
C GLU G 712 -67.62 90.33 -40.44
N TRP G 713 -67.36 89.24 -41.18
CA TRP G 713 -68.29 88.60 -42.10
C TRP G 713 -68.72 89.57 -43.21
N GLY G 714 -67.80 90.42 -43.64
CA GLY G 714 -68.15 91.51 -44.54
C GLY G 714 -68.99 92.53 -43.79
N GLY G 715 -70.08 92.95 -44.40
CA GLY G 715 -71.05 93.78 -43.73
C GLY G 715 -71.06 95.22 -44.25
N ASN G 716 -72.11 95.92 -43.87
CA ASN G 716 -72.35 97.28 -44.29
C ASN G 716 -73.21 97.98 -43.25
N GLY G 717 -72.97 99.28 -43.08
CA GLY G 717 -73.52 100.02 -41.97
C GLY G 717 -72.95 99.55 -40.65
N VAL G 718 -71.74 99.04 -40.67
CA VAL G 718 -71.23 98.24 -39.57
C VAL G 718 -70.19 98.96 -38.73
N GLY G 719 -69.65 100.08 -39.21
CA GLY G 719 -68.57 100.76 -38.53
C GLY G 719 -68.93 102.14 -38.00
N ASP G 720 -67.91 102.77 -37.41
CA ASP G 720 -68.01 104.13 -36.92
C ASP G 720 -68.09 105.15 -38.04
N ASP G 721 -67.83 104.75 -39.27
CA ASP G 721 -68.11 105.58 -40.42
C ASP G 721 -69.06 104.91 -41.40
N LEU G 722 -69.33 103.62 -41.24
CA LEU G 722 -70.34 102.97 -42.05
C LEU G 722 -71.72 103.19 -41.45
N PHE G 723 -72.58 103.87 -42.20
CA PHE G 723 -73.96 104.09 -41.82
C PHE G 723 -74.81 103.70 -43.01
N SER G 724 -75.49 102.58 -42.92
CA SER G 724 -76.30 102.13 -44.03
C SER G 724 -77.66 101.67 -43.53
N TYR G 725 -78.45 101.13 -44.45
CA TYR G 725 -79.90 101.12 -44.31
C TYR G 725 -80.49 100.29 -45.44
N GLY G 726 -81.72 99.83 -45.26
CA GLY G 726 -82.39 99.02 -46.27
C GLY G 726 -82.80 97.66 -45.75
N PHE G 727 -84.11 97.39 -45.72
CA PHE G 727 -84.66 96.28 -44.95
C PHE G 727 -86.12 96.09 -45.33
N ASP G 728 -86.71 95.00 -44.84
CA ASP G 728 -88.17 94.85 -44.81
C ASP G 728 -88.64 95.60 -43.58
N GLY G 729 -89.32 96.72 -43.78
CA GLY G 729 -89.30 97.62 -42.64
C GLY G 729 -87.91 98.21 -42.64
N LEU G 730 -87.69 99.18 -43.52
CA LEU G 730 -86.44 99.52 -44.20
C LEU G 730 -85.23 99.89 -43.35
N HIS G 731 -85.31 99.68 -42.04
CA HIS G 731 -84.38 100.23 -41.06
C HIS G 731 -82.92 99.83 -41.23
N LEU G 732 -82.08 100.46 -40.44
CA LEU G 732 -80.70 100.74 -40.74
C LEU G 732 -79.77 99.63 -40.30
N TRP G 733 -78.47 99.93 -40.37
CA TRP G 733 -77.43 99.24 -39.62
C TRP G 733 -76.56 100.27 -38.93
N SER G 734 -76.04 99.90 -37.78
CA SER G 734 -75.26 100.83 -36.97
C SER G 734 -74.40 100.02 -36.00
N GLY G 735 -73.09 100.01 -36.25
CA GLY G 735 -72.17 99.29 -35.41
C GLY G 735 -72.48 97.82 -35.48
N CYS G 736 -72.58 97.33 -36.72
CA CYS G 736 -73.10 96.04 -37.16
C CYS G 736 -74.36 95.62 -36.42
N ILE G 737 -75.29 96.55 -36.21
CA ILE G 737 -76.53 96.26 -35.52
C ILE G 737 -77.67 96.87 -36.31
N ALA G 738 -78.55 96.02 -36.82
CA ALA G 738 -79.75 96.44 -37.52
C ALA G 738 -80.80 96.83 -36.50
N ARG G 739 -80.66 98.05 -35.98
CA ARG G 739 -81.69 98.55 -35.08
C ARG G 739 -82.95 98.87 -35.87
N THR G 740 -84.09 98.74 -35.21
CA THR G 740 -85.34 98.38 -35.87
C THR G 740 -86.39 99.47 -35.78
N VAL G 741 -86.03 100.70 -36.18
CA VAL G 741 -86.97 101.80 -36.18
C VAL G 741 -88.14 101.50 -37.14
N SER G 742 -89.30 102.06 -36.81
CA SER G 742 -90.56 101.74 -37.49
C SER G 742 -90.58 102.33 -38.89
N SER G 743 -90.74 101.47 -39.89
CA SER G 743 -91.15 101.96 -41.20
C SER G 743 -92.62 102.31 -41.13
N PRO G 744 -93.05 103.46 -41.61
CA PRO G 744 -94.49 103.74 -41.62
C PRO G 744 -95.19 103.16 -42.84
N ASN G 745 -94.77 101.96 -43.26
CA ASN G 745 -95.44 101.20 -44.31
C ASN G 745 -95.53 99.72 -44.02
N GLN G 746 -94.65 99.19 -43.18
CA GLN G 746 -94.40 97.74 -43.04
C GLN G 746 -94.11 97.10 -44.39
N HIS G 747 -93.33 97.78 -45.19
CA HIS G 747 -93.04 97.32 -46.54
C HIS G 747 -91.77 96.47 -46.53
N LEU G 748 -91.70 95.58 -47.51
CA LEU G 748 -90.56 94.72 -47.68
C LEU G 748 -89.43 95.44 -48.38
N LEU G 749 -88.46 94.65 -48.80
CA LEU G 749 -87.68 94.96 -49.99
C LEU G 749 -88.40 94.28 -51.14
N ARG G 750 -89.13 95.04 -51.93
CA ARG G 750 -89.76 94.55 -53.13
C ARG G 750 -89.11 95.24 -54.32
N THR G 751 -89.28 94.64 -55.51
CA THR G 751 -88.42 94.98 -56.65
C THR G 751 -88.79 96.30 -57.32
N ASP G 752 -89.37 97.22 -56.58
CA ASP G 752 -89.90 98.45 -57.11
C ASP G 752 -89.80 99.63 -56.17
N ASP G 753 -89.24 99.45 -54.98
CA ASP G 753 -89.37 100.45 -53.92
C ASP G 753 -88.38 101.58 -54.13
N VAL G 754 -88.85 102.81 -53.99
CA VAL G 754 -88.03 103.98 -54.27
C VAL G 754 -87.43 104.50 -52.98
N ILE G 755 -86.17 104.91 -53.06
CA ILE G 755 -85.40 105.38 -51.92
C ILE G 755 -85.11 106.85 -52.15
N SER G 756 -85.70 107.70 -51.33
CA SER G 756 -85.41 109.13 -51.37
C SER G 756 -84.30 109.41 -50.38
N CYS G 757 -83.16 109.88 -50.89
CA CYS G 757 -81.92 109.87 -50.12
C CYS G 757 -81.47 111.30 -49.87
N CYS G 758 -81.42 111.69 -48.59
CA CYS G 758 -80.91 112.99 -48.20
C CYS G 758 -79.73 112.83 -47.28
N LEU G 759 -78.69 113.61 -47.54
CA LEU G 759 -77.59 113.76 -46.60
C LEU G 759 -77.43 115.23 -46.31
N ASP G 760 -77.53 115.59 -45.04
CA ASP G 760 -77.28 116.98 -44.68
C ASP G 760 -75.78 117.18 -44.61
N LEU G 761 -75.22 117.75 -45.66
CA LEU G 761 -73.87 118.28 -45.59
C LEU G 761 -73.83 119.42 -44.60
N SER G 762 -72.74 119.47 -43.83
CA SER G 762 -72.47 120.46 -42.79
C SER G 762 -73.57 120.55 -41.74
N ALA G 763 -74.27 119.44 -41.50
CA ALA G 763 -75.09 119.29 -40.32
C ALA G 763 -75.14 117.80 -39.97
N PRO G 764 -74.64 117.42 -38.80
CA PRO G 764 -74.51 116.01 -38.46
C PRO G 764 -75.85 115.35 -38.23
N SER G 765 -76.53 115.06 -39.32
CA SER G 765 -77.95 114.75 -39.28
C SER G 765 -78.33 114.06 -40.58
N ILE G 766 -78.50 112.76 -40.54
CA ILE G 766 -78.76 111.99 -41.75
C ILE G 766 -80.09 111.28 -41.58
N SER G 767 -80.90 111.34 -42.64
CA SER G 767 -82.09 110.51 -42.77
C SER G 767 -82.41 110.38 -44.24
N PHE G 768 -82.96 109.26 -44.61
CA PHE G 768 -83.43 109.08 -45.97
C PHE G 768 -84.94 109.12 -45.95
N ARG G 769 -85.54 108.78 -47.09
CA ARG G 769 -86.98 108.58 -47.17
C ARG G 769 -87.24 107.46 -48.16
N ILE G 770 -88.44 106.92 -48.10
CA ILE G 770 -88.83 105.85 -49.01
C ILE G 770 -90.04 106.32 -49.77
N ASN G 771 -89.88 106.49 -51.09
CA ASN G 771 -90.83 107.19 -51.96
C ASN G 771 -91.16 108.57 -51.40
N GLY G 772 -90.20 109.20 -50.73
CA GLY G 772 -90.50 110.36 -49.92
C GLY G 772 -91.17 110.10 -48.60
N GLN G 773 -91.25 108.84 -48.13
CA GLN G 773 -91.90 108.78 -46.81
C GLN G 773 -90.85 108.83 -45.71
N PRO G 774 -91.09 109.63 -44.67
CA PRO G 774 -90.09 109.84 -43.63
C PRO G 774 -89.89 108.56 -42.82
N VAL G 775 -88.64 108.21 -42.63
CA VAL G 775 -88.32 106.95 -41.99
C VAL G 775 -87.59 107.22 -40.69
N GLN G 776 -87.97 108.31 -40.03
CA GLN G 776 -87.66 108.60 -38.63
C GLN G 776 -86.18 108.78 -38.29
N GLY G 777 -85.64 109.93 -38.72
CA GLY G 777 -84.25 110.35 -38.68
C GLY G 777 -83.33 109.93 -37.56
N MET G 778 -82.17 109.43 -37.95
CA MET G 778 -81.37 108.64 -37.04
C MET G 778 -79.95 109.15 -36.84
N PHE G 779 -79.21 109.39 -37.91
CA PHE G 779 -77.75 109.32 -37.86
C PHE G 779 -77.20 110.70 -37.54
N GLU G 780 -76.69 110.85 -36.33
CA GLU G 780 -76.20 112.13 -35.85
C GLU G 780 -74.80 112.02 -35.31
N ASN G 781 -74.00 113.06 -35.57
CA ASN G 781 -72.81 113.41 -34.78
C ASN G 781 -71.74 112.32 -34.83
N PHE G 782 -71.16 112.17 -36.00
CA PHE G 782 -70.02 111.30 -36.16
C PHE G 782 -68.83 112.11 -36.67
N ASN G 783 -67.77 111.41 -37.01
CA ASN G 783 -66.59 112.06 -37.58
C ASN G 783 -66.95 112.53 -38.98
N ILE G 784 -67.38 113.77 -39.08
CA ILE G 784 -67.63 114.33 -40.40
C ILE G 784 -66.27 114.71 -40.95
N ASP G 785 -65.65 113.77 -41.65
CA ASP G 785 -64.24 113.84 -41.93
C ASP G 785 -63.94 112.98 -43.15
N GLY G 786 -63.32 113.56 -44.16
CA GLY G 786 -62.91 112.82 -45.32
C GLY G 786 -63.84 113.00 -46.51
N LEU G 787 -63.87 111.96 -47.33
CA LEU G 787 -64.46 112.02 -48.67
C LEU G 787 -65.68 111.11 -48.71
N PHE G 788 -66.86 111.69 -48.64
CA PHE G 788 -68.06 110.91 -48.36
C PHE G 788 -68.77 110.50 -49.64
N PHE G 789 -69.54 109.41 -49.54
CA PHE G 789 -70.11 108.76 -50.72
C PHE G 789 -71.23 107.84 -50.28
N PRO G 790 -72.25 107.66 -51.11
CA PRO G 790 -73.20 106.57 -50.88
C PRO G 790 -72.54 105.22 -51.13
N VAL G 791 -73.03 104.20 -50.42
CA VAL G 791 -72.22 103.01 -50.17
C VAL G 791 -72.84 101.68 -50.55
N VAL G 792 -73.71 101.69 -51.57
CA VAL G 792 -74.80 100.71 -51.69
C VAL G 792 -74.32 99.25 -51.78
N SER G 793 -75.10 98.34 -51.19
CA SER G 793 -74.67 96.96 -51.14
C SER G 793 -75.85 96.01 -51.06
N PHE G 794 -75.52 94.73 -51.15
CA PHE G 794 -76.45 93.63 -51.40
C PHE G 794 -75.63 92.35 -51.46
N SER G 795 -76.33 91.22 -51.49
CA SER G 795 -75.77 89.97 -52.02
C SER G 795 -76.90 89.10 -52.56
N ALA G 796 -77.21 89.25 -53.84
CA ALA G 796 -78.20 88.44 -54.59
C ALA G 796 -78.08 88.76 -56.07
N GLY G 797 -79.08 88.36 -56.84
CA GLY G 797 -79.22 88.80 -58.20
C GLY G 797 -79.98 90.10 -58.35
N ILE G 798 -79.55 91.12 -57.61
CA ILE G 798 -80.31 92.34 -57.40
C ILE G 798 -79.85 93.39 -58.41
N LYS G 799 -80.80 94.07 -59.03
CA LYS G 799 -80.48 95.31 -59.72
C LYS G 799 -81.31 96.46 -59.16
N VAL G 800 -80.84 97.67 -59.43
CA VAL G 800 -81.49 98.90 -58.97
C VAL G 800 -81.36 99.97 -60.05
N ARG G 801 -82.42 100.78 -60.17
CA ARG G 801 -82.36 101.96 -61.02
C ARG G 801 -81.57 103.05 -60.31
N PHE G 802 -81.08 104.00 -61.11
CA PHE G 802 -80.40 105.20 -60.58
C PHE G 802 -81.16 106.41 -61.11
N LEU G 803 -82.10 106.89 -60.31
CA LEU G 803 -82.96 108.02 -60.68
C LEU G 803 -82.20 109.30 -60.38
N LEU G 804 -81.15 109.53 -61.17
CA LEU G 804 -80.13 110.50 -60.79
C LEU G 804 -79.55 111.26 -61.97
N GLY G 805 -80.20 111.27 -63.13
CA GLY G 805 -79.68 112.02 -64.25
C GLY G 805 -78.66 111.24 -65.04
N GLU G 810 -82.12 111.35 -66.44
CA GLU G 810 -82.47 110.03 -65.93
C GLU G 810 -83.05 110.07 -64.55
N PHE G 811 -83.26 111.29 -64.04
CA PHE G 811 -84.01 111.44 -62.80
C PHE G 811 -85.44 110.97 -62.98
N LYS G 812 -86.03 110.56 -61.86
CA LYS G 812 -87.47 110.31 -61.84
C LYS G 812 -88.16 111.29 -60.90
N PHE G 813 -87.76 111.33 -59.64
CA PHE G 813 -88.43 112.14 -58.64
C PHE G 813 -87.48 112.32 -57.48
N LEU G 814 -87.33 113.56 -57.03
CA LEU G 814 -86.59 113.76 -55.83
C LEU G 814 -87.19 114.95 -55.10
N PRO G 815 -87.41 114.83 -53.80
CA PRO G 815 -87.58 116.00 -52.97
C PRO G 815 -86.31 116.81 -52.93
N PRO G 816 -86.39 118.11 -52.66
CA PRO G 816 -85.19 118.95 -52.63
C PRO G 816 -84.25 118.62 -51.48
N PRO G 817 -84.75 118.59 -50.19
CA PRO G 817 -84.10 119.35 -49.10
C PRO G 817 -82.59 119.45 -49.10
N GLY G 818 -82.12 120.68 -49.02
CA GLY G 818 -80.72 120.95 -49.22
C GLY G 818 -80.44 121.18 -50.69
N TYR G 819 -79.78 122.30 -50.96
CA TYR G 819 -79.55 122.79 -52.32
C TYR G 819 -78.30 122.10 -52.88
N ALA G 820 -78.41 120.79 -53.08
CA ALA G 820 -77.28 120.00 -53.54
C ALA G 820 -77.74 118.67 -54.11
N PRO G 821 -78.05 118.61 -55.40
CA PRO G 821 -78.43 117.34 -56.01
C PRO G 821 -77.22 116.57 -56.50
N CYS G 822 -77.41 115.24 -56.59
CA CYS G 822 -76.35 114.34 -57.01
C CYS G 822 -75.93 114.60 -58.45
N TYR G 823 -76.84 115.08 -59.28
CA TYR G 823 -76.41 115.39 -60.64
C TYR G 823 -75.69 116.73 -60.72
N GLU G 824 -75.61 117.46 -59.62
CA GLU G 824 -74.62 118.51 -59.47
C GLU G 824 -73.45 118.08 -58.61
N ALA G 825 -73.48 116.87 -58.06
CA ALA G 825 -72.25 116.35 -57.47
C ALA G 825 -71.27 115.94 -58.55
N VAL G 826 -71.77 115.63 -59.75
CA VAL G 826 -70.96 115.03 -60.80
C VAL G 826 -70.22 116.11 -61.60
N LEU G 827 -70.29 117.36 -61.12
CA LEU G 827 -69.67 118.54 -61.72
C LEU G 827 -68.20 118.39 -62.12
N PRO G 828 -67.22 118.09 -61.18
CA PRO G 828 -65.82 118.41 -61.48
C PRO G 828 -65.20 117.58 -62.60
N LYS G 829 -65.13 116.26 -62.40
CA LYS G 829 -64.51 115.38 -63.37
C LYS G 829 -65.25 114.07 -63.61
N GLU G 830 -66.09 113.60 -62.71
CA GLU G 830 -66.56 112.23 -62.78
C GLU G 830 -67.83 112.11 -63.60
N LYS G 831 -68.21 110.87 -63.87
CA LYS G 831 -69.48 110.48 -64.45
C LYS G 831 -70.13 109.51 -63.48
N LEU G 832 -71.35 109.05 -63.76
CA LEU G 832 -72.03 108.16 -62.83
C LEU G 832 -71.47 106.75 -63.02
N LYS G 833 -70.27 106.56 -62.50
CA LYS G 833 -69.54 105.32 -62.66
C LYS G 833 -69.41 104.72 -61.28
N VAL G 834 -70.37 103.87 -60.94
CA VAL G 834 -70.34 103.16 -59.68
C VAL G 834 -69.21 102.15 -59.71
N GLU G 835 -68.37 102.16 -58.69
CA GLU G 835 -67.26 101.23 -58.59
C GLU G 835 -67.44 100.36 -57.35
N HIS G 836 -66.55 99.38 -57.22
CA HIS G 836 -66.74 98.28 -56.29
C HIS G 836 -66.06 98.53 -54.96
N SER G 837 -66.10 99.77 -54.51
CA SER G 837 -65.68 100.21 -53.17
C SER G 837 -64.20 99.88 -52.93
N ARG G 838 -63.39 100.46 -53.82
CA ARG G 838 -61.94 100.54 -53.70
C ARG G 838 -61.22 99.20 -53.85
N GLU G 839 -61.99 98.11 -54.01
CA GLU G 839 -61.78 97.04 -54.99
C GLU G 839 -60.33 96.54 -55.02
N TYR G 840 -59.95 95.88 -53.92
CA TYR G 840 -58.61 95.34 -53.84
C TYR G 840 -58.40 94.23 -54.86
N LYS G 841 -59.46 93.50 -55.20
CA LYS G 841 -59.36 92.48 -56.21
C LYS G 841 -59.45 93.11 -57.58
N GLN G 842 -59.01 92.35 -58.58
CA GLN G 842 -59.47 92.51 -59.96
C GLN G 842 -59.36 91.14 -60.64
N GLU G 843 -60.45 90.38 -60.62
CA GLU G 843 -60.39 88.97 -61.02
C GLU G 843 -60.24 88.84 -62.53
N ARG G 844 -59.13 88.22 -62.94
CA ARG G 844 -58.68 88.27 -64.31
C ARG G 844 -58.34 86.90 -64.83
N THR G 845 -57.77 86.89 -66.03
CA THR G 845 -57.22 85.68 -66.60
C THR G 845 -56.03 85.20 -65.79
N TYR G 846 -54.95 85.97 -65.78
CA TYR G 846 -53.81 85.56 -64.97
C TYR G 846 -53.99 85.99 -63.53
N THR G 847 -54.01 87.30 -63.32
CA THR G 847 -53.54 87.86 -62.07
C THR G 847 -54.25 89.17 -61.81
N ARG G 848 -54.84 89.29 -60.63
CA ARG G 848 -55.22 90.58 -60.08
C ARG G 848 -53.94 91.39 -59.85
N ASP G 849 -53.79 92.49 -60.58
CA ASP G 849 -52.53 93.20 -60.55
C ASP G 849 -52.32 93.95 -59.23
N LEU G 850 -51.11 94.44 -59.07
CA LEU G 850 -50.70 95.09 -57.84
C LEU G 850 -51.34 96.46 -57.69
N LEU G 851 -51.16 97.03 -56.52
CA LEU G 851 -51.92 98.20 -56.12
C LEU G 851 -51.27 98.82 -54.89
N GLY G 852 -50.74 100.03 -55.04
CA GLY G 852 -50.39 100.81 -53.88
C GLY G 852 -51.68 101.28 -53.23
N PRO G 853 -51.67 101.51 -51.91
CA PRO G 853 -52.93 101.58 -51.15
C PRO G 853 -53.82 102.78 -51.46
N THR G 854 -53.32 104.01 -51.32
CA THR G 854 -54.18 105.19 -51.31
C THR G 854 -53.36 106.45 -51.49
N VAL G 855 -53.77 107.32 -52.40
CA VAL G 855 -53.29 108.69 -52.48
C VAL G 855 -54.48 109.61 -52.21
N SER G 856 -54.34 110.48 -51.23
CA SER G 856 -55.41 111.41 -50.92
C SER G 856 -54.92 112.79 -50.51
N ALA G 861 -65.55 120.45 -48.82
CA ALA G 861 -65.99 120.17 -50.19
C ALA G 861 -65.63 121.31 -51.12
N PHE G 862 -66.54 122.29 -51.19
CA PHE G 862 -66.36 123.46 -52.03
C PHE G 862 -65.75 124.63 -51.26
N THR G 863 -64.84 124.34 -50.34
CA THR G 863 -64.20 125.37 -49.54
C THR G 863 -63.04 125.99 -50.31
N PRO G 864 -63.08 127.28 -50.61
CA PRO G 864 -62.00 127.90 -51.39
C PRO G 864 -60.85 128.36 -50.51
N ILE G 865 -59.71 128.58 -51.16
CA ILE G 865 -58.49 129.00 -50.47
C ILE G 865 -57.96 130.29 -51.08
N PRO G 866 -58.34 131.46 -50.57
CA PRO G 866 -57.73 132.71 -51.05
C PRO G 866 -56.36 132.92 -50.45
N VAL G 867 -55.44 133.43 -51.29
CA VAL G 867 -54.07 133.65 -50.80
C VAL G 867 -54.04 134.90 -49.92
N ASP G 868 -52.95 135.05 -49.18
CA ASP G 868 -52.80 136.16 -48.25
C ASP G 868 -51.36 136.66 -48.29
N THR G 869 -51.19 137.95 -48.60
CA THR G 869 -49.86 138.56 -48.61
C THR G 869 -49.86 140.00 -48.11
N SER G 870 -50.94 140.45 -47.46
CA SER G 870 -51.03 141.82 -47.02
C SER G 870 -50.37 142.07 -45.67
N GLN G 871 -49.74 141.06 -45.10
CA GLN G 871 -49.00 141.17 -43.84
C GLN G 871 -47.53 141.52 -44.09
N ILE G 872 -47.31 142.47 -45.00
CA ILE G 872 -46.01 142.80 -45.56
C ILE G 872 -45.97 144.29 -45.82
N VAL G 873 -44.91 144.96 -45.36
CA VAL G 873 -44.70 146.37 -45.67
C VAL G 873 -44.35 146.51 -47.15
N LEU G 874 -45.01 147.45 -47.82
CA LEU G 874 -44.70 147.75 -49.21
C LEU G 874 -43.41 148.57 -49.27
N PRO G 875 -42.55 148.33 -50.27
CA PRO G 875 -41.29 149.07 -50.36
C PRO G 875 -41.53 150.52 -50.77
N PRO G 876 -40.88 151.47 -50.09
CA PRO G 876 -41.06 152.89 -50.44
C PRO G 876 -40.35 153.29 -51.72
N HIS G 877 -39.50 152.42 -52.26
CA HIS G 877 -38.82 152.70 -53.51
C HIS G 877 -39.80 152.73 -54.67
N LEU G 878 -40.89 152.00 -54.57
CA LEU G 878 -41.73 151.74 -55.73
C LEU G 878 -43.20 152.04 -55.46
N GLU G 879 -43.51 152.93 -54.54
CA GLU G 879 -44.91 153.24 -54.24
C GLU G 879 -45.56 154.01 -55.40
N ARG G 880 -45.05 155.20 -55.69
CA ARG G 880 -45.56 155.95 -56.83
C ARG G 880 -45.18 155.28 -58.14
N ILE G 881 -44.12 154.46 -58.16
CA ILE G 881 -43.83 153.63 -59.31
C ILE G 881 -44.97 152.65 -59.57
N ARG G 882 -45.45 151.98 -58.52
CA ARG G 882 -46.56 151.06 -58.65
C ARG G 882 -47.83 151.81 -58.99
N GLU G 883 -47.97 153.03 -58.51
CA GLU G 883 -49.09 153.85 -58.92
C GLU G 883 -48.98 154.27 -60.38
N LYS G 884 -47.76 154.48 -60.89
CA LYS G 884 -47.56 154.77 -62.31
C LYS G 884 -47.92 153.57 -63.16
N LEU G 885 -47.45 152.40 -62.78
CA LEU G 885 -47.74 151.19 -63.54
C LEU G 885 -49.20 150.80 -63.40
N ALA G 886 -49.81 151.11 -62.26
CA ALA G 886 -51.25 150.97 -62.10
C ALA G 886 -51.98 151.95 -63.00
N GLU G 887 -51.42 153.13 -63.23
CA GLU G 887 -52.00 154.05 -64.18
C GLU G 887 -51.83 153.55 -65.61
N ASN G 888 -50.73 152.84 -65.86
CA ASN G 888 -50.51 152.25 -67.17
C ASN G 888 -51.52 151.14 -67.44
N ILE G 889 -51.70 150.24 -66.47
CA ILE G 889 -52.73 149.21 -66.57
C ILE G 889 -54.11 149.84 -66.62
N HIS G 890 -54.30 150.94 -65.89
CA HIS G 890 -55.55 151.67 -65.87
C HIS G 890 -55.88 152.24 -67.23
N GLU G 891 -54.91 152.91 -67.87
CA GLU G 891 -55.18 153.54 -69.16
C GLU G 891 -55.23 152.52 -70.28
N LEU G 892 -54.51 151.41 -70.15
CA LEU G 892 -54.70 150.31 -71.08
C LEU G 892 -56.09 149.73 -70.97
N TRP G 893 -56.61 149.64 -69.75
CA TRP G 893 -57.97 149.16 -69.54
C TRP G 893 -59.01 150.19 -70.01
N VAL G 894 -58.70 151.47 -69.87
CA VAL G 894 -59.53 152.55 -70.42
C VAL G 894 -59.60 152.44 -71.93
N MET G 895 -58.45 152.22 -72.56
CA MET G 895 -58.36 151.95 -73.98
C MET G 895 -59.15 150.71 -74.38
N ASN G 896 -59.07 149.66 -73.56
CA ASN G 896 -59.77 148.41 -73.87
C ASN G 896 -61.29 148.58 -73.74
N LYS G 897 -61.74 149.38 -72.78
CA LYS G 897 -63.16 149.64 -72.64
C LYS G 897 -63.67 150.53 -73.75
N ILE G 898 -62.84 151.46 -74.22
CA ILE G 898 -63.22 152.30 -75.35
C ILE G 898 -63.19 151.50 -76.66
N GLU G 899 -62.40 150.42 -76.70
CA GLU G 899 -62.30 149.57 -77.88
C GLU G 899 -63.62 148.89 -78.25
N LEU G 900 -64.38 148.44 -77.26
CA LEU G 900 -65.68 147.82 -77.51
C LEU G 900 -66.83 148.79 -77.36
N GLY G 901 -66.54 150.09 -77.26
CA GLY G 901 -67.59 151.08 -77.22
C GLY G 901 -68.16 151.33 -75.84
N TRP G 902 -67.28 151.52 -74.86
CA TRP G 902 -67.69 151.98 -73.54
C TRP G 902 -66.86 153.21 -73.21
N GLN G 903 -67.54 154.34 -73.05
CA GLN G 903 -66.91 155.63 -72.83
C GLN G 903 -66.98 155.98 -71.34
N TYR G 904 -66.22 157.00 -70.96
CA TYR G 904 -66.27 157.51 -69.59
C TYR G 904 -67.63 158.12 -69.29
N GLY G 905 -68.17 157.79 -68.12
CA GLY G 905 -69.36 158.41 -67.63
C GLY G 905 -69.14 159.00 -66.26
N PRO G 906 -70.11 159.77 -65.77
CA PRO G 906 -70.04 160.20 -64.36
C PRO G 906 -70.65 159.15 -63.45
N VAL G 907 -71.57 158.37 -64.02
CA VAL G 907 -72.31 157.37 -63.27
C VAL G 907 -71.90 155.99 -63.75
N ARG G 908 -72.46 154.95 -63.15
CA ARG G 908 -72.10 153.58 -63.47
C ARG G 908 -73.07 152.97 -64.48
N ASP G 909 -73.11 153.57 -65.67
CA ASP G 909 -73.90 153.04 -66.78
C ASP G 909 -72.96 152.31 -67.73
N ASP G 910 -72.50 151.13 -67.29
CA ASP G 910 -71.54 150.33 -68.05
C ASP G 910 -72.16 149.65 -69.25
N ASN G 911 -73.48 149.57 -69.33
CA ASN G 911 -74.17 149.05 -70.50
C ASN G 911 -74.51 150.14 -71.50
N LYS G 912 -74.41 151.40 -71.10
CA LYS G 912 -74.73 152.53 -71.96
C LYS G 912 -73.50 153.38 -72.24
N ARG G 913 -72.32 152.75 -72.21
CA ARG G 913 -71.03 153.38 -72.55
C ARG G 913 -70.73 154.58 -71.66
N GLN G 914 -71.14 154.50 -70.40
CA GLN G 914 -70.89 155.57 -69.43
C GLN G 914 -70.25 154.93 -68.22
N HIS G 915 -68.96 154.76 -68.29
CA HIS G 915 -68.29 154.09 -67.20
C HIS G 915 -67.68 155.11 -66.27
N PRO G 916 -67.86 155.00 -64.95
CA PRO G 916 -67.41 156.04 -64.02
C PRO G 916 -65.94 155.98 -63.67
N CYS G 917 -65.12 155.22 -64.39
CA CYS G 917 -63.76 154.95 -63.95
C CYS G 917 -62.79 155.01 -65.12
N LEU G 918 -63.16 155.73 -66.18
CA LEU G 918 -62.36 155.75 -67.41
C LEU G 918 -61.54 157.01 -67.61
N VAL G 919 -61.63 157.97 -66.69
CA VAL G 919 -60.56 158.95 -66.57
C VAL G 919 -59.40 158.32 -65.81
N GLU G 920 -58.28 159.05 -65.76
CA GLU G 920 -56.98 158.51 -65.35
C GLU G 920 -57.00 157.99 -63.91
N PHE G 921 -55.93 157.26 -63.57
CA PHE G 921 -55.90 156.49 -62.33
C PHE G 921 -55.80 157.39 -61.11
N SER G 922 -54.82 158.29 -61.10
CA SER G 922 -54.64 159.16 -59.94
C SER G 922 -55.71 160.24 -59.87
N LYS G 923 -56.38 160.54 -60.99
CA LYS G 923 -57.54 161.42 -60.94
C LYS G 923 -58.71 160.76 -60.23
N LEU G 924 -58.80 159.47 -60.29
CA LEU G 924 -59.86 158.81 -59.56
C LEU G 924 -59.37 158.47 -58.15
N PRO G 925 -60.05 158.94 -57.11
CA PRO G 925 -59.65 158.59 -55.74
C PRO G 925 -60.01 157.16 -55.38
N GLU G 926 -59.91 156.80 -54.10
CA GLU G 926 -60.13 155.41 -53.71
C GLU G 926 -61.61 155.02 -53.63
N GLN G 927 -62.37 155.41 -54.65
CA GLN G 927 -63.69 154.87 -54.95
C GLN G 927 -63.86 154.57 -56.42
N GLU G 928 -63.11 155.21 -57.30
CA GLU G 928 -63.12 154.92 -58.72
C GLU G 928 -61.78 154.41 -59.23
N ARG G 929 -60.75 154.35 -58.37
CA ARG G 929 -59.55 153.62 -58.74
C ARG G 929 -58.91 152.92 -57.54
N ASN G 930 -59.70 152.57 -56.51
CA ASN G 930 -59.15 151.82 -55.39
C ASN G 930 -58.73 150.42 -55.80
N TYR G 931 -59.44 149.84 -56.77
CA TYR G 931 -59.05 148.55 -57.31
C TYR G 931 -57.73 148.65 -58.07
N ASN G 932 -57.57 149.67 -58.91
CA ASN G 932 -56.31 149.89 -59.59
C ASN G 932 -55.21 150.29 -58.61
N LEU G 933 -55.58 150.96 -57.52
CA LEU G 933 -54.63 151.27 -56.45
C LEU G 933 -54.08 150.00 -55.84
N GLN G 934 -54.97 149.13 -55.35
CA GLN G 934 -54.54 147.94 -54.65
C GLN G 934 -54.06 146.83 -55.56
N MET G 935 -54.27 146.95 -56.88
CA MET G 935 -53.77 145.93 -57.81
C MET G 935 -52.25 145.87 -57.82
N SER G 936 -51.61 147.02 -58.05
CA SER G 936 -50.14 147.05 -58.01
C SER G 936 -49.62 146.88 -56.60
N LEU G 937 -50.41 147.25 -55.58
CA LEU G 937 -50.00 147.02 -54.20
C LEU G 937 -49.97 145.53 -53.90
N GLU G 938 -50.96 144.78 -54.37
CA GLU G 938 -50.93 143.34 -54.16
C GLU G 938 -49.90 142.68 -55.06
N THR G 939 -49.61 143.27 -56.21
CA THR G 939 -48.50 142.81 -57.03
C THR G 939 -47.18 142.96 -56.30
N LEU G 940 -46.97 144.10 -55.64
CA LEU G 940 -45.74 144.30 -54.87
C LEU G 940 -45.71 143.44 -53.62
N LYS G 941 -46.86 143.23 -52.97
CA LYS G 941 -46.90 142.40 -51.78
C LYS G 941 -46.67 140.94 -52.12
N THR G 942 -47.13 140.50 -53.29
CA THR G 942 -46.83 139.15 -53.73
C THR G 942 -45.41 139.04 -54.26
N LEU G 943 -44.83 140.15 -54.74
CA LEU G 943 -43.42 140.17 -55.09
C LEU G 943 -42.56 139.96 -53.86
N LEU G 944 -42.91 140.66 -52.78
CA LEU G 944 -42.25 140.42 -51.50
C LEU G 944 -42.60 139.05 -50.94
N ALA G 945 -43.76 138.49 -51.28
CA ALA G 945 -44.14 137.18 -50.76
C ALA G 945 -43.44 136.06 -51.52
N LEU G 946 -43.42 136.15 -52.85
CA LEU G 946 -42.84 135.10 -53.66
C LEU G 946 -41.35 135.27 -53.91
N GLY G 947 -40.67 136.08 -53.08
CA GLY G 947 -39.25 136.26 -53.20
C GLY G 947 -38.81 137.09 -54.38
N CYS G 948 -39.73 137.77 -55.06
CA CYS G 948 -39.38 138.56 -56.22
C CYS G 948 -38.78 139.88 -55.79
N HIS G 949 -37.80 140.34 -56.56
CA HIS G 949 -37.11 141.58 -56.25
C HIS G 949 -38.03 142.76 -56.51
N VAL G 950 -38.16 143.64 -55.53
CA VAL G 950 -39.00 144.83 -55.64
C VAL G 950 -38.13 146.02 -55.22
N GLY G 951 -37.44 146.61 -56.20
CA GLY G 951 -36.63 147.79 -55.98
C GLY G 951 -36.60 148.60 -57.26
N ILE G 952 -36.03 149.81 -57.14
CA ILE G 952 -35.89 150.67 -58.30
C ILE G 952 -34.83 150.08 -59.22
N SER G 953 -35.25 149.60 -60.38
CA SER G 953 -34.34 149.22 -61.44
C SER G 953 -34.55 150.00 -62.73
N ASP G 954 -35.77 150.47 -62.97
CA ASP G 954 -36.08 151.46 -63.99
C ASP G 954 -37.26 152.27 -63.47
N GLU G 955 -37.97 152.94 -64.36
CA GLU G 955 -39.10 153.75 -63.98
C GLU G 955 -40.38 153.20 -64.58
N HIS G 956 -41.49 153.48 -63.92
CA HIS G 956 -42.81 153.15 -64.42
C HIS G 956 -43.49 154.40 -64.92
N ALA G 957 -44.60 154.20 -65.63
CA ALA G 957 -45.29 155.30 -66.27
C ALA G 957 -46.78 155.23 -66.05
N TYR G 970 -50.24 154.71 -80.37
CA TYR G 970 -51.36 154.58 -79.45
C TYR G 970 -52.59 155.29 -80.00
N GLN G 971 -53.72 154.58 -80.03
CA GLN G 971 -54.91 155.13 -80.64
C GLN G 971 -55.55 156.19 -79.75
N LEU G 972 -56.11 157.21 -80.39
CA LEU G 972 -56.77 158.32 -79.72
C LEU G 972 -58.07 157.82 -79.10
N THR G 973 -58.08 157.68 -77.79
CA THR G 973 -59.26 157.24 -77.06
C THR G 973 -60.15 158.45 -76.76
N SER G 974 -61.11 158.29 -75.84
CA SER G 974 -62.12 159.30 -75.57
C SER G 974 -61.76 160.17 -74.38
N GLY G 975 -60.48 160.49 -74.21
CA GLY G 975 -60.09 161.38 -73.13
C GLY G 975 -58.74 161.13 -72.49
N TYR G 976 -58.16 159.95 -72.70
CA TYR G 976 -56.83 159.67 -72.16
C TYR G 976 -56.13 158.64 -73.03
N LYS G 977 -55.00 159.03 -73.63
CA LYS G 977 -54.23 158.14 -74.49
C LYS G 977 -52.74 158.40 -74.38
N PRO G 978 -52.07 157.86 -73.34
CA PRO G 978 -50.61 157.75 -73.41
C PRO G 978 -50.15 156.39 -73.89
N ALA G 979 -48.90 156.29 -74.31
CA ALA G 979 -48.28 154.99 -74.51
C ALA G 979 -47.90 154.45 -73.15
N PRO G 980 -48.29 153.20 -72.81
CA PRO G 980 -48.10 152.72 -71.43
C PRO G 980 -46.64 152.57 -71.02
N MET G 981 -45.91 151.69 -71.70
CA MET G 981 -44.50 151.40 -71.45
C MET G 981 -44.01 150.50 -72.58
N ASP G 982 -42.79 149.99 -72.42
CA ASP G 982 -42.26 148.93 -73.27
C ASP G 982 -42.56 147.63 -72.53
N LEU G 983 -43.76 147.10 -72.77
CA LEU G 983 -44.35 146.10 -71.87
C LEU G 983 -43.74 144.71 -72.05
N SER G 984 -43.92 144.13 -73.23
CA SER G 984 -43.61 142.71 -73.40
C SER G 984 -42.17 142.47 -73.81
N PHE G 985 -41.36 143.52 -73.94
CA PHE G 985 -39.95 143.31 -74.25
C PHE G 985 -39.21 142.71 -73.07
N ILE G 986 -39.62 143.06 -71.85
CA ILE G 986 -38.95 142.56 -70.65
C ILE G 986 -39.57 141.22 -70.28
N LYS G 987 -38.74 140.31 -69.76
CA LYS G 987 -39.08 138.89 -69.57
C LYS G 987 -40.23 138.68 -68.59
N LEU G 988 -41.36 138.27 -69.13
CA LEU G 988 -42.52 137.95 -68.30
C LEU G 988 -42.26 136.63 -67.59
N THR G 989 -41.79 136.72 -66.34
CA THR G 989 -41.48 135.52 -65.58
C THR G 989 -42.75 134.80 -65.18
N PRO G 990 -42.69 133.46 -65.13
CA PRO G 990 -43.92 132.71 -64.82
C PRO G 990 -44.33 132.80 -63.36
N SER G 991 -43.40 133.15 -62.47
CA SER G 991 -43.77 133.38 -61.08
C SER G 991 -44.65 134.62 -60.93
N GLN G 992 -44.40 135.64 -61.76
CA GLN G 992 -45.31 136.77 -61.84
C GLN G 992 -46.65 136.34 -62.42
N GLU G 993 -46.63 135.40 -63.36
CA GLU G 993 -47.86 134.78 -63.83
C GLU G 993 -48.45 133.88 -62.76
N ALA G 994 -47.61 133.20 -61.99
CA ALA G 994 -48.10 132.48 -60.82
C ALA G 994 -48.59 133.43 -59.75
N MET G 995 -47.98 134.62 -59.64
CA MET G 995 -48.50 135.63 -58.73
C MET G 995 -49.87 136.12 -59.19
N VAL G 996 -50.07 136.21 -60.50
CA VAL G 996 -51.37 136.54 -61.06
C VAL G 996 -52.37 135.46 -60.71
N ASP G 997 -51.93 134.20 -60.78
CA ASP G 997 -52.77 133.08 -60.36
C ASP G 997 -53.15 133.17 -58.89
N LYS G 998 -52.20 133.51 -58.03
CA LYS G 998 -52.44 133.61 -56.60
C LYS G 998 -53.39 134.76 -56.28
N LEU G 999 -53.21 135.90 -56.91
CA LEU G 999 -54.04 137.04 -56.58
C LEU G 999 -55.45 136.88 -57.13
N ALA G 1000 -55.58 136.31 -58.34
CA ALA G 1000 -56.91 136.01 -58.84
C ALA G 1000 -57.56 134.89 -58.07
N GLU G 1001 -56.75 133.97 -57.55
CA GLU G 1001 -57.20 132.98 -56.60
C GLU G 1001 -57.76 133.62 -55.35
N ASN G 1002 -57.04 134.61 -54.81
CA ASN G 1002 -57.49 135.35 -53.65
C ASN G 1002 -58.82 136.03 -53.92
N ALA G 1003 -58.91 136.73 -55.05
CA ALA G 1003 -60.11 137.49 -55.39
C ALA G 1003 -61.30 136.57 -55.59
N HIS G 1004 -61.16 135.59 -56.47
CA HIS G 1004 -62.26 134.72 -56.77
C HIS G 1004 -62.56 133.75 -55.63
N ASN G 1005 -61.64 133.53 -54.70
CA ASN G 1005 -61.92 132.62 -53.62
C ASN G 1005 -62.55 133.30 -52.42
N VAL G 1006 -62.16 134.54 -52.13
CA VAL G 1006 -62.95 135.39 -51.26
C VAL G 1006 -64.35 135.56 -51.84
N TRP G 1007 -64.42 135.73 -53.16
CA TRP G 1007 -65.69 135.81 -53.86
C TRP G 1007 -66.52 134.54 -53.68
N ALA G 1008 -65.90 133.37 -53.83
CA ALA G 1008 -66.62 132.12 -53.73
C ALA G 1008 -67.05 131.83 -52.30
N ARG G 1009 -66.22 132.25 -51.33
CA ARG G 1009 -66.65 132.24 -49.93
C ARG G 1009 -67.86 133.13 -49.74
N ASP G 1010 -67.96 134.20 -50.51
CA ASP G 1010 -69.20 134.95 -50.53
C ASP G 1010 -70.21 134.44 -51.56
N ARG G 1011 -69.82 133.56 -52.49
CA ARG G 1011 -70.72 133.12 -53.54
C ARG G 1011 -70.77 131.61 -53.75
N ILE G 1012 -70.94 130.85 -52.67
CA ILE G 1012 -71.60 129.57 -52.86
C ILE G 1012 -73.10 129.82 -52.93
N ARG G 1013 -73.53 130.97 -52.44
CA ARG G 1013 -74.90 131.45 -52.60
C ARG G 1013 -75.09 132.18 -53.92
N GLN G 1014 -74.12 132.14 -54.81
CA GLN G 1014 -74.28 132.65 -56.16
C GLN G 1014 -73.52 131.78 -57.15
N ARG G 1027 -78.38 129.80 -55.66
CA ARG G 1027 -77.15 130.34 -56.19
C ARG G 1027 -77.20 130.53 -57.68
N ARG G 1028 -77.75 129.49 -58.34
CA ARG G 1028 -78.04 129.35 -59.77
C ARG G 1028 -76.78 129.17 -60.62
N ASN G 1029 -75.61 129.36 -60.03
CA ASN G 1029 -74.36 129.23 -60.74
C ASN G 1029 -73.70 127.92 -60.35
N PRO G 1030 -73.28 127.09 -61.29
CA PRO G 1030 -72.58 125.85 -60.92
C PRO G 1030 -71.09 126.04 -60.70
N ARG G 1031 -70.64 127.29 -60.61
CA ARG G 1031 -69.26 127.62 -60.28
C ARG G 1031 -69.06 127.83 -58.78
N LEU G 1032 -69.76 127.05 -57.95
CA LEU G 1032 -69.59 127.10 -56.50
C LEU G 1032 -68.34 126.28 -56.14
N VAL G 1033 -67.19 126.77 -56.60
CA VAL G 1033 -65.97 125.96 -56.63
C VAL G 1033 -64.78 126.83 -56.25
N PRO G 1034 -63.80 126.21 -55.59
CA PRO G 1034 -62.52 126.91 -55.35
C PRO G 1034 -61.79 127.22 -56.65
N TYR G 1035 -60.83 128.14 -56.53
CA TYR G 1035 -60.09 128.61 -57.70
C TYR G 1035 -59.18 127.53 -58.26
N ALA G 1036 -58.39 126.89 -57.40
CA ALA G 1036 -57.56 125.77 -57.84
C ALA G 1036 -58.41 124.59 -58.27
N LEU G 1037 -59.63 124.49 -57.74
CA LEU G 1037 -60.58 123.50 -58.22
C LEU G 1037 -61.05 123.79 -59.63
N LEU G 1038 -61.49 125.03 -59.88
CA LEU G 1038 -62.00 125.37 -61.20
C LEU G 1038 -60.85 125.44 -62.21
N ASP G 1039 -61.19 125.23 -63.46
CA ASP G 1039 -60.22 125.19 -64.55
C ASP G 1039 -60.10 126.58 -65.18
N ASP G 1040 -59.48 126.64 -66.34
CA ASP G 1040 -59.07 127.90 -66.96
C ASP G 1040 -60.20 128.69 -67.62
N ARG G 1041 -61.47 128.34 -67.37
CA ARG G 1041 -62.56 129.17 -67.88
C ARG G 1041 -62.59 130.51 -67.17
N THR G 1042 -62.76 130.50 -65.84
CA THR G 1042 -62.67 131.74 -65.08
C THR G 1042 -61.26 132.29 -65.06
N LYS G 1043 -60.25 131.44 -65.25
CA LYS G 1043 -58.86 131.86 -65.28
C LYS G 1043 -58.41 132.40 -66.63
N LYS G 1044 -59.33 132.73 -67.53
CA LYS G 1044 -58.96 133.54 -68.68
C LYS G 1044 -58.85 134.99 -68.25
N SER G 1045 -59.97 135.59 -67.87
CA SER G 1045 -60.05 136.97 -67.46
C SER G 1045 -59.76 137.18 -65.99
N ASN G 1046 -59.31 136.16 -65.26
CA ASN G 1046 -58.69 136.35 -63.96
C ASN G 1046 -57.18 136.23 -64.04
N LYS G 1047 -56.69 135.05 -64.44
CA LYS G 1047 -55.25 134.80 -64.50
C LYS G 1047 -54.61 135.60 -65.62
N ASP G 1048 -55.15 135.50 -66.84
CA ASP G 1048 -54.58 136.21 -67.96
C ASP G 1048 -54.72 137.73 -67.80
N SER G 1049 -55.79 138.18 -67.13
CA SER G 1049 -55.98 139.62 -66.95
C SER G 1049 -54.99 140.18 -65.93
N LEU G 1050 -54.75 139.44 -64.83
CA LEU G 1050 -53.74 139.90 -63.89
C LEU G 1050 -52.34 139.73 -64.45
N ARG G 1051 -52.16 138.80 -65.40
CA ARG G 1051 -50.92 138.73 -66.15
C ARG G 1051 -50.75 139.94 -67.05
N GLU G 1052 -51.86 140.43 -67.64
CA GLU G 1052 -51.83 141.67 -68.40
C GLU G 1052 -51.50 142.85 -67.49
N ALA G 1053 -51.99 142.81 -66.26
CA ALA G 1053 -51.69 143.86 -65.30
C ALA G 1053 -50.22 143.86 -64.90
N VAL G 1054 -49.64 142.66 -64.73
CA VAL G 1054 -48.23 142.54 -64.36
C VAL G 1054 -47.30 142.62 -65.55
N ARG G 1055 -47.83 142.61 -66.79
CA ARG G 1055 -46.98 142.72 -67.97
C ARG G 1055 -46.32 144.08 -68.07
N THR G 1056 -47.01 145.13 -67.63
CA THR G 1056 -46.38 146.44 -67.59
C THR G 1056 -45.42 146.56 -66.42
N LEU G 1057 -45.74 145.92 -65.28
CA LEU G 1057 -44.86 145.93 -64.13
C LEU G 1057 -43.54 145.24 -64.44
N LEU G 1058 -43.60 144.18 -65.24
CA LEU G 1058 -42.40 143.65 -65.84
C LEU G 1058 -41.81 144.64 -66.85
N GLY G 1059 -42.67 145.23 -67.68
CA GLY G 1059 -42.23 146.11 -68.75
C GLY G 1059 -41.74 147.47 -68.30
N TYR G 1060 -41.96 147.83 -67.05
CA TYR G 1060 -41.43 149.09 -66.51
C TYR G 1060 -40.02 148.94 -65.98
N GLY G 1061 -39.35 147.85 -66.30
CA GLY G 1061 -37.99 147.63 -65.84
C GLY G 1061 -37.91 147.09 -64.44
N TYR G 1062 -38.82 146.18 -64.08
CA TYR G 1062 -38.79 145.50 -62.80
C TYR G 1062 -38.90 144.01 -63.11
N ASN G 1063 -37.76 143.40 -63.40
CA ASN G 1063 -37.68 141.95 -63.62
C ASN G 1063 -37.82 141.27 -62.27
N LEU G 1064 -39.01 140.78 -61.98
CA LEU G 1064 -39.34 140.23 -60.67
C LEU G 1064 -38.70 138.85 -60.54
N GLU G 1065 -37.55 138.80 -59.87
CA GLU G 1065 -36.74 137.58 -59.76
C GLU G 1065 -37.11 136.87 -58.47
N ALA G 1066 -37.97 135.86 -58.58
CA ALA G 1066 -38.48 135.11 -57.44
C ALA G 1066 -37.39 134.26 -56.79
N ARG G 1084 -47.84 103.27 -45.49
CA ARG G 1084 -48.76 102.97 -46.59
C ARG G 1084 -47.98 102.46 -47.79
N PHE G 1085 -47.21 101.40 -47.59
CA PHE G 1085 -46.32 100.88 -48.62
C PHE G 1085 -46.51 99.38 -48.65
N ARG G 1086 -47.15 98.90 -49.71
CA ARG G 1086 -47.69 97.55 -49.70
C ARG G 1086 -46.60 96.50 -49.83
N ILE G 1087 -46.94 95.30 -49.38
CA ILE G 1087 -46.11 94.11 -49.55
C ILE G 1087 -47.03 92.98 -49.94
N PHE G 1088 -46.75 92.34 -51.07
CA PHE G 1088 -47.62 91.30 -51.60
C PHE G 1088 -46.78 90.05 -51.82
N ARG G 1089 -47.15 88.97 -51.15
CA ARG G 1089 -46.41 87.74 -51.24
C ARG G 1089 -47.26 86.68 -51.92
N ALA G 1090 -46.71 85.50 -52.00
CA ALA G 1090 -47.45 84.37 -52.50
C ALA G 1090 -48.04 83.60 -51.31
N GLU G 1091 -48.48 82.38 -51.58
CA GLU G 1091 -48.83 81.42 -50.56
C GLU G 1091 -47.57 80.84 -49.93
N LYS G 1092 -47.57 80.74 -48.60
CA LYS G 1092 -46.42 80.20 -47.90
C LYS G 1092 -46.33 78.68 -47.98
N THR G 1093 -47.31 78.03 -48.59
CA THR G 1093 -47.34 76.58 -48.60
C THR G 1093 -46.36 75.99 -49.58
N TYR G 1094 -46.12 76.65 -50.70
CA TYR G 1094 -45.29 76.08 -51.76
C TYR G 1094 -43.89 76.65 -51.73
N ALA G 1095 -43.32 76.87 -50.56
CA ALA G 1095 -41.94 77.34 -50.51
C ALA G 1095 -41.03 76.19 -50.89
N VAL G 1096 -40.82 76.00 -52.19
CA VAL G 1096 -40.09 74.85 -52.67
C VAL G 1096 -38.61 75.01 -52.34
N LYS G 1097 -37.89 73.90 -52.48
CA LYS G 1097 -36.47 73.88 -52.17
C LYS G 1097 -35.61 73.27 -53.25
N ALA G 1098 -36.16 72.49 -54.16
CA ALA G 1098 -35.36 71.79 -55.13
C ALA G 1098 -35.76 72.20 -56.54
N GLY G 1099 -34.77 72.18 -57.42
CA GLY G 1099 -34.97 72.47 -58.82
C GLY G 1099 -34.27 73.74 -59.26
N ARG G 1100 -34.79 74.28 -60.35
CA ARG G 1100 -34.42 75.60 -60.84
C ARG G 1100 -35.74 76.23 -61.25
N TRP G 1101 -36.38 76.89 -60.30
CA TRP G 1101 -37.76 77.26 -60.55
C TRP G 1101 -37.83 78.58 -61.28
N TYR G 1102 -39.03 78.87 -61.77
CA TYR G 1102 -39.21 80.10 -62.52
C TYR G 1102 -40.59 80.66 -62.23
N PHE G 1103 -40.65 81.99 -62.16
CA PHE G 1103 -41.87 82.73 -62.43
C PHE G 1103 -41.46 84.04 -63.11
N GLU G 1104 -42.45 84.72 -63.67
CA GLU G 1104 -42.21 86.00 -64.30
C GLU G 1104 -43.14 87.05 -63.71
N PHE G 1105 -42.70 88.31 -63.77
CA PHE G 1105 -43.43 89.40 -63.16
C PHE G 1105 -43.37 90.63 -64.05
N GLU G 1106 -44.52 91.01 -64.61
CA GLU G 1106 -44.67 92.30 -65.23
C GLU G 1106 -44.87 93.36 -64.16
N ALA G 1107 -44.05 94.39 -64.17
CA ALA G 1107 -44.37 95.60 -63.42
C ALA G 1107 -44.97 96.60 -64.38
N VAL G 1108 -45.81 97.49 -63.87
CA VAL G 1108 -46.54 98.46 -64.69
C VAL G 1108 -46.11 99.89 -64.40
N THR G 1109 -46.19 100.31 -63.14
CA THR G 1109 -45.92 101.68 -62.75
C THR G 1109 -44.65 101.74 -61.91
N ALA G 1110 -43.94 102.85 -62.02
CA ALA G 1110 -42.65 102.99 -61.35
C ALA G 1110 -42.84 103.16 -59.84
N GLY G 1111 -41.72 103.16 -59.14
CA GLY G 1111 -41.71 103.38 -57.70
C GLY G 1111 -41.14 102.23 -56.91
N ASP G 1112 -41.69 101.97 -55.73
CA ASP G 1112 -41.22 100.88 -54.89
C ASP G 1112 -41.66 99.57 -55.52
N MET G 1113 -40.76 98.89 -56.21
CA MET G 1113 -40.98 97.52 -56.61
C MET G 1113 -39.86 96.70 -56.01
N ARG G 1114 -39.99 96.41 -54.73
CA ARG G 1114 -39.06 95.52 -54.04
C ARG G 1114 -39.51 94.09 -54.31
N VAL G 1115 -39.18 93.61 -55.50
CA VAL G 1115 -39.69 92.35 -56.02
C VAL G 1115 -38.59 91.31 -55.98
N GLY G 1116 -38.94 90.10 -55.55
CA GLY G 1116 -38.01 89.00 -55.55
C GLY G 1116 -38.44 87.81 -54.72
N TRP G 1117 -37.56 87.35 -53.85
CA TRP G 1117 -37.75 86.05 -53.24
C TRP G 1117 -37.42 86.11 -51.76
N SER G 1118 -38.14 85.31 -50.99
CA SER G 1118 -38.03 85.45 -49.55
C SER G 1118 -38.47 84.17 -48.85
N ARG G 1119 -37.84 83.92 -47.71
CA ARG G 1119 -38.21 82.82 -46.84
C ARG G 1119 -39.61 83.04 -46.27
N PRO G 1120 -40.28 81.97 -45.83
CA PRO G 1120 -41.60 82.13 -45.22
C PRO G 1120 -41.61 82.82 -43.87
N GLY G 1121 -40.47 83.19 -43.30
CA GLY G 1121 -40.48 83.99 -42.09
C GLY G 1121 -40.73 85.46 -42.31
N CYS G 1122 -41.17 85.85 -43.50
CA CYS G 1122 -41.34 87.26 -43.86
C CYS G 1122 -42.46 87.89 -43.06
N GLN G 1123 -42.40 89.20 -42.95
CA GLN G 1123 -43.31 89.93 -42.09
C GLN G 1123 -44.13 90.90 -42.90
N PRO G 1124 -45.44 90.69 -42.99
CA PRO G 1124 -46.30 91.75 -43.49
C PRO G 1124 -46.36 92.92 -42.54
N ASP G 1125 -46.08 92.69 -41.25
CA ASP G 1125 -46.11 93.75 -40.24
C ASP G 1125 -44.95 94.73 -40.42
N GLN G 1126 -43.89 94.34 -41.12
CA GLN G 1126 -42.75 95.20 -41.44
C GLN G 1126 -42.61 95.31 -42.95
N GLU G 1127 -41.53 95.94 -43.39
CA GLU G 1127 -41.26 96.09 -44.81
C GLU G 1127 -39.90 95.48 -45.16
N LEU G 1128 -39.66 95.38 -46.46
CA LEU G 1128 -38.77 94.42 -47.08
C LEU G 1128 -37.32 94.90 -47.08
N GLY G 1129 -36.43 94.02 -47.49
CA GLY G 1129 -35.14 94.43 -48.03
C GLY G 1129 -34.06 94.47 -46.99
N SER G 1130 -34.33 95.22 -45.92
CA SER G 1130 -33.41 95.34 -44.80
C SER G 1130 -33.59 94.15 -43.87
N ASP G 1131 -33.21 92.99 -44.38
CA ASP G 1131 -33.44 91.74 -43.67
C ASP G 1131 -32.60 90.65 -44.27
N GLU G 1132 -32.52 89.56 -43.52
CA GLU G 1132 -31.70 88.41 -43.83
C GLU G 1132 -32.35 87.44 -44.79
N ARG G 1133 -33.67 87.52 -44.99
CA ARG G 1133 -34.36 86.46 -45.71
C ARG G 1133 -34.91 86.90 -47.04
N ALA G 1134 -35.05 88.20 -47.28
CA ALA G 1134 -35.47 88.65 -48.59
C ALA G 1134 -34.26 88.60 -49.52
N PHE G 1135 -34.49 88.01 -50.68
CA PHE G 1135 -33.51 88.01 -51.76
C PHE G 1135 -34.29 88.58 -52.92
N ALA G 1136 -34.35 89.90 -52.96
CA ALA G 1136 -35.21 90.63 -53.86
C ALA G 1136 -34.41 91.71 -54.56
N PHE G 1137 -35.10 92.46 -55.41
CA PHE G 1137 -34.42 93.45 -56.23
C PHE G 1137 -35.38 94.58 -56.50
N ASP G 1138 -34.94 95.80 -56.24
CA ASP G 1138 -35.70 96.96 -56.67
C ASP G 1138 -35.39 97.15 -58.14
N GLY G 1139 -36.28 96.63 -58.99
CA GLY G 1139 -36.16 96.82 -60.42
C GLY G 1139 -36.22 98.27 -60.81
N PHE G 1140 -36.92 99.07 -60.03
CA PHE G 1140 -36.74 100.49 -60.10
C PHE G 1140 -35.54 100.89 -59.26
N LYS G 1141 -34.70 101.76 -59.83
CA LYS G 1141 -33.48 102.31 -59.23
C LYS G 1141 -32.42 101.26 -58.92
N ALA G 1142 -32.50 100.07 -59.52
CA ALA G 1142 -31.33 99.24 -59.83
C ALA G 1142 -30.56 98.72 -58.62
N GLN G 1143 -31.28 98.30 -57.59
CA GLN G 1143 -30.56 97.86 -56.40
C GLN G 1143 -31.27 96.70 -55.73
N ARG G 1144 -30.50 95.71 -55.29
CA ARG G 1144 -31.08 94.44 -54.87
C ARG G 1144 -31.18 94.35 -53.36
N TRP G 1145 -32.08 93.49 -52.90
CA TRP G 1145 -32.54 93.47 -51.52
C TRP G 1145 -32.09 92.21 -50.82
N HIS G 1146 -31.09 92.37 -49.95
CA HIS G 1146 -30.83 91.40 -48.90
C HIS G 1146 -30.01 92.13 -47.85
N GLN G 1147 -30.61 92.34 -46.67
CA GLN G 1147 -30.11 93.28 -45.67
C GLN G 1147 -29.81 94.63 -46.29
N GLY G 1148 -30.83 95.21 -46.91
CA GLY G 1148 -30.71 96.53 -47.44
C GLY G 1148 -30.39 96.49 -48.91
N ASN G 1149 -29.64 97.47 -49.40
CA ASN G 1149 -29.41 97.57 -50.81
C ASN G 1149 -28.00 97.18 -51.21
N GLU G 1150 -27.93 96.60 -52.39
CA GLU G 1150 -26.72 96.37 -53.15
C GLU G 1150 -27.14 96.53 -54.59
N HIS G 1151 -26.41 97.33 -55.36
CA HIS G 1151 -26.92 97.61 -56.68
C HIS G 1151 -26.72 96.45 -57.63
N TYR G 1152 -27.57 96.40 -58.65
CA TYR G 1152 -27.67 95.22 -59.47
C TYR G 1152 -28.24 95.70 -60.81
N GLY G 1153 -27.35 95.92 -61.78
CA GLY G 1153 -27.81 96.28 -63.12
C GLY G 1153 -28.44 97.65 -63.19
N ARG G 1154 -29.52 97.73 -63.95
CA ARG G 1154 -30.14 98.98 -64.34
C ARG G 1154 -31.54 99.07 -63.78
N SER G 1155 -32.17 100.21 -64.03
CA SER G 1155 -33.53 100.44 -63.60
C SER G 1155 -34.49 100.12 -64.74
N TRP G 1156 -35.65 99.62 -64.36
CA TRP G 1156 -36.65 99.13 -65.29
C TRP G 1156 -37.36 100.30 -65.94
N GLN G 1157 -38.20 99.99 -66.92
CA GLN G 1157 -39.04 101.00 -67.53
C GLN G 1157 -40.48 100.54 -67.65
N ALA G 1158 -41.41 101.51 -67.49
CA ALA G 1158 -42.83 101.26 -67.28
C ALA G 1158 -43.43 100.42 -68.40
N GLY G 1159 -43.69 99.16 -68.08
CA GLY G 1159 -43.97 98.15 -69.09
C GLY G 1159 -42.82 97.17 -69.27
N ASP G 1160 -42.09 96.86 -68.21
CA ASP G 1160 -41.07 95.82 -68.28
C ASP G 1160 -41.51 94.62 -67.46
N VAL G 1161 -41.12 93.45 -67.92
CA VAL G 1161 -41.39 92.19 -67.25
C VAL G 1161 -40.06 91.62 -66.81
N VAL G 1162 -39.98 91.25 -65.53
CA VAL G 1162 -38.70 90.82 -64.99
C VAL G 1162 -38.38 89.41 -65.44
N GLY G 1163 -39.16 88.45 -64.97
CA GLY G 1163 -38.79 87.07 -65.12
C GLY G 1163 -37.79 86.67 -64.05
N CYS G 1164 -38.05 85.57 -63.36
CA CYS G 1164 -37.24 85.18 -62.20
C CYS G 1164 -36.80 83.74 -62.36
N MET G 1165 -35.61 83.56 -62.91
CA MET G 1165 -34.99 82.24 -63.01
C MET G 1165 -34.35 81.92 -61.67
N VAL G 1166 -34.97 81.03 -60.92
CA VAL G 1166 -34.63 80.83 -59.53
C VAL G 1166 -34.07 79.43 -59.38
N ASP G 1167 -32.75 79.33 -59.20
CA ASP G 1167 -32.15 78.06 -58.86
C ASP G 1167 -32.54 77.67 -57.45
N MET G 1168 -33.13 76.50 -57.30
CA MET G 1168 -33.41 75.96 -55.98
C MET G 1168 -32.44 74.85 -55.61
N THR G 1169 -32.04 74.05 -56.60
CA THR G 1169 -30.85 73.22 -56.46
C THR G 1169 -29.64 74.08 -56.13
N GLU G 1170 -29.32 75.02 -57.00
CA GLU G 1170 -28.18 75.86 -56.70
C GLU G 1170 -28.61 77.02 -55.83
N HIS G 1171 -27.68 77.50 -55.01
CA HIS G 1171 -27.89 78.65 -54.17
C HIS G 1171 -27.71 79.96 -54.93
N THR G 1172 -28.37 80.07 -56.07
CA THR G 1172 -28.32 81.25 -56.90
C THR G 1172 -29.71 81.52 -57.42
N MET G 1173 -29.81 82.55 -58.23
CA MET G 1173 -31.08 83.03 -58.78
C MET G 1173 -30.72 84.00 -59.89
N MET G 1174 -31.61 84.13 -60.87
CA MET G 1174 -31.37 85.06 -61.95
C MET G 1174 -32.65 85.80 -62.27
N PHE G 1175 -32.55 87.12 -62.39
CA PHE G 1175 -33.66 87.94 -62.87
C PHE G 1175 -33.24 88.57 -64.18
N THR G 1176 -34.22 88.85 -65.04
CA THR G 1176 -33.91 89.47 -66.32
C THR G 1176 -34.60 90.82 -66.43
N LEU G 1177 -34.21 91.57 -67.45
CA LEU G 1177 -34.86 92.84 -67.79
C LEU G 1177 -35.41 92.67 -69.19
N ASN G 1178 -36.63 92.13 -69.27
CA ASN G 1178 -37.33 91.85 -70.52
C ASN G 1178 -36.50 90.97 -71.45
N GLY G 1179 -36.03 89.85 -70.92
CA GLY G 1179 -35.17 88.97 -71.67
C GLY G 1179 -33.70 89.26 -71.50
N GLU G 1180 -33.33 90.53 -71.36
CA GLU G 1180 -31.98 90.87 -70.99
C GLU G 1180 -31.74 90.37 -69.59
N ILE G 1181 -30.87 89.38 -69.47
CA ILE G 1181 -30.43 88.88 -68.18
C ILE G 1181 -29.74 90.00 -67.42
N LEU G 1182 -30.38 90.45 -66.34
CA LEU G 1182 -29.84 91.49 -65.50
C LEU G 1182 -28.50 91.07 -64.89
N LEU G 1183 -27.66 92.06 -64.64
CA LEU G 1183 -26.32 91.82 -64.14
C LEU G 1183 -26.18 92.43 -62.76
N ASP G 1184 -25.16 91.98 -62.04
CA ASP G 1184 -24.70 92.70 -60.87
C ASP G 1184 -23.91 93.94 -61.29
N ASP G 1185 -23.40 94.67 -60.31
CA ASP G 1185 -22.48 95.75 -60.60
C ASP G 1185 -21.14 95.24 -61.12
N SER G 1186 -20.77 94.01 -60.80
CA SER G 1186 -19.63 93.35 -61.40
C SER G 1186 -20.00 92.65 -62.71
N GLY G 1187 -21.17 92.94 -63.26
CA GLY G 1187 -21.65 92.26 -64.43
C GLY G 1187 -22.17 90.87 -64.17
N SER G 1188 -22.22 90.44 -62.91
CA SER G 1188 -22.61 89.07 -62.61
C SER G 1188 -24.11 88.89 -62.84
N GLU G 1189 -24.43 87.95 -63.71
CA GLU G 1189 -25.78 87.79 -64.23
C GLU G 1189 -26.73 87.22 -63.19
N LEU G 1190 -26.21 86.66 -62.12
CA LEU G 1190 -27.04 86.05 -61.09
C LEU G 1190 -27.75 87.11 -60.27
N ALA G 1191 -29.04 86.92 -60.04
CA ALA G 1191 -29.79 87.82 -59.18
C ALA G 1191 -29.27 87.73 -57.75
N PHE G 1192 -29.09 86.52 -57.25
CA PHE G 1192 -28.46 86.33 -55.96
C PHE G 1192 -27.57 85.10 -56.03
N LYS G 1193 -26.94 84.80 -54.91
CA LYS G 1193 -25.78 83.94 -54.96
C LYS G 1193 -25.49 83.40 -53.57
N ASP G 1194 -25.23 82.08 -53.51
CA ASP G 1194 -24.52 81.44 -52.40
C ASP G 1194 -25.30 81.51 -51.10
N PHE G 1195 -26.62 81.45 -51.20
CA PHE G 1195 -27.43 81.44 -49.99
C PHE G 1195 -27.57 80.01 -49.50
N ASP G 1196 -28.52 79.78 -48.61
CA ASP G 1196 -28.86 78.43 -48.18
C ASP G 1196 -30.34 78.20 -48.45
N VAL G 1197 -30.64 77.20 -49.26
CA VAL G 1197 -32.03 76.83 -49.47
C VAL G 1197 -32.45 75.98 -48.30
N GLY G 1198 -32.97 76.61 -47.27
CA GLY G 1198 -33.37 75.91 -46.07
C GLY G 1198 -34.85 75.67 -46.11
N ASP G 1199 -35.59 76.57 -45.48
CA ASP G 1199 -37.03 76.48 -45.29
C ASP G 1199 -37.83 76.76 -46.56
N GLY G 1200 -37.20 76.84 -47.72
CA GLY G 1200 -37.91 77.22 -48.93
C GLY G 1200 -38.04 78.72 -49.04
N PHE G 1201 -38.57 79.14 -50.18
CA PHE G 1201 -38.59 80.55 -50.49
C PHE G 1201 -39.88 80.88 -51.23
N ILE G 1202 -40.25 82.15 -51.18
CA ILE G 1202 -41.56 82.59 -51.66
C ILE G 1202 -41.37 83.68 -52.71
N PRO G 1203 -42.04 83.59 -53.85
CA PRO G 1203 -42.02 84.72 -54.79
C PRO G 1203 -42.79 85.89 -54.20
N VAL G 1204 -42.10 86.99 -53.95
CA VAL G 1204 -42.64 88.11 -53.21
C VAL G 1204 -42.45 89.41 -53.99
N CYS G 1205 -43.15 90.45 -53.53
CA CYS G 1205 -42.95 91.80 -54.03
C CYS G 1205 -43.44 92.78 -52.99
N SER G 1206 -42.93 94.01 -53.06
CA SER G 1206 -43.39 95.10 -52.21
C SER G 1206 -43.70 96.32 -53.04
N LEU G 1207 -44.66 97.10 -52.56
CA LEU G 1207 -45.09 98.32 -53.22
C LEU G 1207 -44.91 99.51 -52.29
N GLY G 1208 -45.07 100.69 -52.87
CA GLY G 1208 -45.11 101.92 -52.11
C GLY G 1208 -46.52 102.43 -52.09
N VAL G 1209 -46.79 103.52 -52.82
CA VAL G 1209 -48.05 104.21 -52.71
C VAL G 1209 -48.93 104.05 -53.94
N ALA G 1210 -48.36 103.95 -55.14
CA ALA G 1210 -49.15 103.78 -56.35
C ALA G 1210 -48.45 102.83 -57.32
N GLN G 1211 -47.96 101.70 -56.81
CA GLN G 1211 -47.08 100.84 -57.58
C GLN G 1211 -47.84 99.61 -58.05
N VAL G 1212 -47.86 99.42 -59.37
CA VAL G 1212 -48.70 98.45 -60.04
C VAL G 1212 -47.82 97.47 -60.81
N GLY G 1213 -48.21 96.19 -60.78
CA GLY G 1213 -47.50 95.15 -61.49
C GLY G 1213 -48.31 93.86 -61.52
N ARG G 1214 -47.81 92.88 -62.28
CA ARG G 1214 -48.52 91.63 -62.50
C ARG G 1214 -47.54 90.46 -62.51
N MET G 1215 -47.85 89.43 -61.73
CA MET G 1215 -47.06 88.23 -61.63
C MET G 1215 -47.69 87.08 -62.41
N ASN G 1216 -46.94 85.98 -62.53
CA ASN G 1216 -47.40 84.79 -63.25
C ASN G 1216 -46.59 83.60 -62.78
N PHE G 1217 -47.27 82.53 -62.36
CA PHE G 1217 -46.62 81.35 -61.76
C PHE G 1217 -47.16 80.07 -62.37
N GLY G 1218 -46.71 79.70 -63.57
CA GLY G 1218 -47.22 78.49 -64.17
C GLY G 1218 -48.67 78.53 -64.63
N LYS G 1219 -49.02 77.62 -65.55
CA LYS G 1219 -50.25 77.70 -66.37
C LYS G 1219 -50.35 79.06 -67.05
N ASP G 1220 -49.22 79.58 -67.47
CA ASP G 1220 -49.08 80.90 -68.04
C ASP G 1220 -48.41 80.79 -69.39
N VAL G 1221 -48.72 79.68 -70.08
CA VAL G 1221 -47.99 79.21 -71.24
C VAL G 1221 -48.02 80.20 -72.38
N SER G 1222 -49.02 81.07 -72.40
CA SER G 1222 -48.97 82.24 -73.27
C SER G 1222 -47.84 83.17 -72.86
N THR G 1223 -47.85 83.64 -71.61
CA THR G 1223 -46.96 84.73 -71.23
C THR G 1223 -45.61 84.25 -70.72
N LEU G 1224 -45.13 83.13 -71.21
CA LEU G 1224 -43.75 82.71 -70.96
C LEU G 1224 -42.81 83.38 -71.98
N LYS G 1225 -42.85 84.71 -71.97
CA LYS G 1225 -42.33 85.50 -73.08
C LYS G 1225 -40.82 85.44 -73.15
N TYR G 1226 -40.17 85.95 -72.12
CA TYR G 1226 -38.74 85.80 -72.01
C TYR G 1226 -38.37 84.48 -71.36
N PHE G 1227 -39.36 83.77 -70.83
CA PHE G 1227 -39.14 82.41 -70.36
C PHE G 1227 -38.81 81.48 -71.51
N THR G 1228 -39.42 81.72 -72.68
CA THR G 1228 -38.95 81.09 -73.90
C THR G 1228 -37.55 81.54 -74.24
N ILE G 1229 -37.23 82.79 -73.94
CA ILE G 1229 -35.93 83.33 -74.30
C ILE G 1229 -34.87 82.91 -73.30
N CYS G 1230 -35.21 82.86 -72.02
CA CYS G 1230 -34.26 82.43 -71.00
C CYS G 1230 -35.04 81.85 -69.84
N GLY G 1231 -34.58 80.70 -69.35
CA GLY G 1231 -35.51 79.91 -68.58
C GLY G 1231 -35.64 78.49 -69.09
N LEU G 1232 -36.72 78.24 -69.82
CA LEU G 1232 -37.04 77.00 -70.50
C LEU G 1232 -35.85 76.35 -71.18
N GLN G 1233 -35.06 77.16 -71.87
CA GLN G 1233 -33.85 76.66 -72.49
C GLN G 1233 -32.82 76.22 -71.47
N GLU G 1234 -32.79 76.88 -70.32
CA GLU G 1234 -31.83 76.60 -69.27
C GLU G 1234 -32.38 75.62 -68.26
N GLY G 1235 -33.57 75.08 -68.49
CA GLY G 1235 -34.19 74.20 -67.53
C GLY G 1235 -34.72 74.96 -66.35
N TYR G 1236 -35.65 75.87 -66.58
CA TYR G 1236 -36.31 76.55 -65.49
C TYR G 1236 -37.78 76.20 -65.45
N GLU G 1237 -38.36 76.38 -64.27
CA GLU G 1237 -39.58 75.67 -63.92
C GLU G 1237 -40.70 76.62 -63.55
N PRO G 1238 -41.73 76.74 -64.38
CA PRO G 1238 -42.92 77.48 -63.97
C PRO G 1238 -43.66 76.72 -62.90
N PHE G 1239 -44.58 77.41 -62.24
CA PHE G 1239 -45.05 76.86 -60.99
C PHE G 1239 -46.20 75.88 -61.16
N ALA G 1240 -47.33 76.36 -61.65
CA ALA G 1240 -48.56 75.60 -61.57
C ALA G 1240 -48.73 74.64 -62.72
N VAL G 1241 -47.70 74.50 -63.57
CA VAL G 1241 -47.80 73.73 -64.80
C VAL G 1241 -48.01 72.25 -64.54
N ASN G 1242 -47.49 71.74 -63.44
CA ASN G 1242 -47.58 70.34 -63.14
C ASN G 1242 -48.75 70.01 -62.24
N THR G 1243 -49.55 71.00 -61.88
CA THR G 1243 -50.72 70.82 -61.05
C THR G 1243 -51.92 71.57 -61.64
N ASN G 1244 -52.98 71.65 -60.85
CA ASN G 1244 -54.17 72.40 -61.24
C ASN G 1244 -54.56 73.42 -60.18
N ARG G 1245 -53.74 73.60 -59.16
CA ARG G 1245 -54.07 74.51 -58.08
C ARG G 1245 -54.04 75.96 -58.56
N ASP G 1246 -54.83 76.78 -57.89
CA ASP G 1246 -54.95 78.19 -58.21
C ASP G 1246 -54.57 78.95 -56.94
N ILE G 1247 -53.37 79.51 -56.95
CA ILE G 1247 -52.67 79.82 -55.71
C ILE G 1247 -53.26 81.06 -55.07
N THR G 1248 -53.47 81.00 -53.76
CA THR G 1248 -53.88 82.16 -52.98
C THR G 1248 -52.62 82.94 -52.60
N MET G 1249 -52.30 83.96 -53.38
CA MET G 1249 -51.24 84.86 -52.99
C MET G 1249 -51.70 85.69 -51.81
N TRP G 1250 -50.76 86.04 -50.95
CA TRP G 1250 -51.09 86.67 -49.69
C TRP G 1250 -50.51 88.07 -49.63
N LEU G 1251 -51.06 88.89 -48.76
CA LEU G 1251 -50.72 90.30 -48.75
C LEU G 1251 -50.76 90.83 -47.34
N SER G 1252 -50.10 91.96 -47.16
CA SER G 1252 -50.15 92.62 -45.87
C SER G 1252 -51.54 93.18 -45.60
N LYS G 1253 -51.82 93.38 -44.33
CA LYS G 1253 -53.16 93.70 -43.88
C LYS G 1253 -53.41 95.20 -44.05
N ARG G 1254 -54.55 95.65 -43.54
CA ARG G 1254 -54.82 97.05 -43.35
C ARG G 1254 -55.45 97.33 -42.01
N LEU G 1255 -55.67 96.31 -41.18
CA LEU G 1255 -56.46 96.46 -39.97
C LEU G 1255 -55.64 96.06 -38.76
N PRO G 1256 -55.26 96.99 -37.90
CA PRO G 1256 -54.43 96.64 -36.75
C PRO G 1256 -55.24 95.96 -35.66
N GLN G 1257 -54.70 94.87 -35.13
CA GLN G 1257 -55.44 94.05 -34.19
C GLN G 1257 -54.78 94.01 -32.82
N PHE G 1258 -55.63 94.02 -31.80
CA PHE G 1258 -55.16 93.79 -30.44
C PHE G 1258 -54.74 92.35 -30.30
N LEU G 1259 -53.59 92.15 -29.67
CA LEU G 1259 -52.94 90.86 -29.71
C LEU G 1259 -51.98 90.79 -28.54
N GLN G 1260 -52.01 89.69 -27.82
CA GLN G 1260 -51.13 89.54 -26.68
C GLN G 1260 -49.68 89.45 -27.13
N VAL G 1261 -48.79 89.90 -26.25
CA VAL G 1261 -47.41 90.15 -26.64
C VAL G 1261 -46.64 88.84 -26.63
N PRO G 1262 -45.72 88.64 -27.56
CA PRO G 1262 -44.73 87.57 -27.41
C PRO G 1262 -43.61 87.99 -26.50
N SER G 1263 -42.54 87.21 -26.46
CA SER G 1263 -41.33 87.69 -25.81
C SER G 1263 -40.70 88.84 -26.58
N SER G 1264 -40.94 88.93 -27.87
CA SER G 1264 -40.23 89.86 -28.72
C SER G 1264 -40.81 91.26 -28.58
N HIS G 1265 -39.96 92.20 -28.18
CA HIS G 1265 -40.26 93.61 -28.30
C HIS G 1265 -38.93 94.36 -28.36
N GLU G 1266 -39.03 95.66 -28.60
CA GLU G 1266 -37.95 96.59 -28.30
C GLU G 1266 -37.63 96.47 -26.82
N HIS G 1267 -38.56 96.95 -25.98
CA HIS G 1267 -38.54 96.66 -24.55
C HIS G 1267 -39.98 96.79 -24.07
N ILE G 1268 -40.67 95.67 -23.98
CA ILE G 1268 -41.96 95.55 -23.32
C ILE G 1268 -42.00 94.19 -22.66
N GLU G 1269 -42.35 94.17 -21.39
CA GLU G 1269 -42.46 92.92 -20.67
C GLU G 1269 -43.68 92.99 -19.76
N VAL G 1270 -44.32 91.86 -19.56
CA VAL G 1270 -45.49 91.75 -18.72
C VAL G 1270 -45.32 90.55 -17.79
N THR G 1271 -45.74 90.69 -16.54
CA THR G 1271 -45.62 89.61 -15.56
C THR G 1271 -46.99 89.30 -14.97
N ARG G 1272 -47.54 88.15 -15.31
CA ARG G 1272 -48.74 87.67 -14.63
C ARG G 1272 -48.36 87.36 -13.18
N ILE G 1273 -48.67 88.28 -12.29
CA ILE G 1273 -48.23 88.19 -10.91
C ILE G 1273 -49.39 88.56 -10.01
N ASP G 1274 -49.67 87.72 -9.02
CA ASP G 1274 -50.64 88.07 -8.00
C ASP G 1274 -50.11 89.20 -7.14
N VAL G 1285 -52.03 92.80 -5.70
CA VAL G 1285 -52.81 91.62 -5.99
C VAL G 1285 -53.26 91.63 -7.44
N THR G 1286 -52.78 90.64 -8.18
CA THR G 1286 -53.15 90.32 -9.57
C THR G 1286 -52.87 91.52 -10.50
N GLN G 1287 -51.58 91.78 -10.67
CA GLN G 1287 -51.08 92.88 -11.47
C GLN G 1287 -50.13 92.37 -12.54
N LYS G 1288 -49.81 93.25 -13.49
CA LYS G 1288 -48.95 92.88 -14.62
C LYS G 1288 -48.03 94.03 -14.99
N SER G 1289 -46.83 93.70 -15.45
CA SER G 1289 -45.73 94.64 -15.55
C SER G 1289 -45.64 95.30 -16.91
N PHE G 1290 -44.70 96.23 -17.04
CA PHE G 1290 -44.54 97.07 -18.23
C PHE G 1290 -43.06 97.41 -18.39
N GLY G 1291 -42.77 98.43 -19.20
CA GLY G 1291 -41.40 98.92 -19.35
C GLY G 1291 -41.24 100.03 -20.36
N SER G 1292 -40.51 101.11 -20.02
CA SER G 1292 -40.49 102.34 -20.81
C SER G 1292 -39.08 102.89 -20.99
N GLN G 1293 -38.08 102.03 -21.07
CA GLN G 1293 -36.70 102.46 -21.31
C GLN G 1293 -36.31 102.18 -22.76
N ASN G 1294 -37.03 102.84 -23.66
CA ASN G 1294 -36.90 102.52 -25.07
C ASN G 1294 -36.44 103.72 -25.89
N SER G 1295 -36.41 103.55 -27.21
CA SER G 1295 -36.10 104.64 -28.12
C SER G 1295 -37.37 105.40 -28.51
N SER G 1296 -38.35 104.71 -29.06
CA SER G 1296 -39.65 105.29 -29.37
C SER G 1296 -40.61 104.99 -28.22
N THR G 1297 -40.88 105.99 -27.40
CA THR G 1297 -41.62 105.84 -26.13
C THR G 1297 -42.90 106.66 -26.16
N ASP G 1298 -43.65 106.55 -27.26
CA ASP G 1298 -44.61 107.59 -27.61
C ASP G 1298 -46.06 107.11 -27.57
N ILE G 1299 -46.42 106.05 -28.28
CA ILE G 1299 -47.80 105.61 -28.40
C ILE G 1299 -47.82 104.11 -28.19
N MET G 1300 -48.61 103.64 -27.24
CA MET G 1300 -48.77 102.21 -27.00
C MET G 1300 -50.22 101.92 -26.66
N PHE G 1301 -50.80 100.95 -27.35
CA PHE G 1301 -52.21 100.65 -27.25
C PHE G 1301 -52.38 99.27 -26.62
N TYR G 1302 -53.28 99.15 -25.65
CA TYR G 1302 -53.45 97.88 -24.96
C TYR G 1302 -54.91 97.53 -24.77
N ARG G 1303 -55.26 96.31 -25.13
CA ARG G 1303 -56.53 95.69 -24.78
C ARG G 1303 -56.24 94.49 -23.90
N LEU G 1304 -57.25 93.68 -23.68
CA LEU G 1304 -57.07 92.48 -22.90
C LEU G 1304 -57.67 91.28 -23.62
N SER G 1305 -57.77 90.17 -22.91
CA SER G 1305 -58.13 88.88 -23.50
C SER G 1305 -59.63 88.71 -23.63
N MET G 1306 -60.34 88.79 -22.53
CA MET G 1306 -61.75 88.49 -22.52
C MET G 1306 -62.51 89.77 -22.31
N PRO G 1307 -63.46 90.12 -23.15
CA PRO G 1307 -64.25 91.31 -22.93
C PRO G 1307 -65.38 90.99 -21.97
N ILE G 1308 -66.21 91.99 -21.72
CA ILE G 1308 -67.42 91.79 -20.98
C ILE G 1308 -68.58 92.07 -21.94
N GLU G 1309 -69.79 91.69 -21.53
CA GLU G 1309 -70.93 91.75 -22.41
C GLU G 1309 -72.18 92.02 -21.59
N CYS G 1310 -72.98 93.00 -22.03
CA CYS G 1310 -74.26 93.33 -21.40
C CYS G 1310 -75.26 92.18 -21.50
N THR G 1425 -70.13 96.39 -7.23
CA THR G 1425 -69.53 95.92 -5.98
C THR G 1425 -68.16 95.32 -6.30
N TYR G 1426 -67.99 94.88 -7.54
CA TYR G 1426 -66.86 94.05 -7.95
C TYR G 1426 -66.06 94.79 -9.01
N TYR G 1427 -64.91 95.32 -8.61
CA TYR G 1427 -64.22 96.33 -9.39
C TYR G 1427 -62.82 95.91 -9.79
N TYR G 1428 -62.29 96.70 -10.73
CA TYR G 1428 -60.99 96.54 -11.34
C TYR G 1428 -60.23 97.85 -11.34
N SER G 1429 -58.95 97.82 -10.99
CA SER G 1429 -58.20 99.07 -10.85
C SER G 1429 -56.89 99.05 -11.62
N VAL G 1430 -56.32 100.24 -11.79
CA VAL G 1430 -55.10 100.45 -12.56
C VAL G 1430 -54.20 101.40 -11.76
N ARG G 1431 -52.96 101.56 -12.23
CA ARG G 1431 -51.98 102.43 -11.57
C ARG G 1431 -51.29 103.32 -12.59
N ILE G 1432 -51.10 104.59 -12.26
CA ILE G 1432 -50.38 105.54 -13.10
C ILE G 1432 -49.26 106.18 -12.29
N PHE G 1433 -48.04 106.17 -12.84
CA PHE G 1433 -46.98 107.00 -12.27
C PHE G 1433 -46.97 108.43 -12.83
N PRO G 1434 -47.04 108.67 -14.17
CA PRO G 1434 -47.11 110.10 -14.50
C PRO G 1434 -48.54 110.63 -14.48
N ASN G 1440 -51.73 112.52 -20.84
CA ASN G 1440 -50.57 111.69 -21.16
C ASN G 1440 -50.99 110.24 -21.27
N VAL G 1441 -52.06 109.91 -20.56
CA VAL G 1441 -52.57 108.55 -20.48
C VAL G 1441 -54.02 108.56 -20.96
N TRP G 1442 -54.39 107.55 -21.73
CA TRP G 1442 -55.76 107.40 -22.18
C TRP G 1442 -56.19 105.97 -21.88
N VAL G 1443 -57.00 105.81 -20.85
CA VAL G 1443 -57.36 104.49 -20.37
C VAL G 1443 -58.87 104.41 -20.27
N GLY G 1444 -59.43 103.31 -20.75
CA GLY G 1444 -60.87 103.22 -20.74
C GLY G 1444 -61.40 101.86 -21.14
N TRP G 1445 -62.42 101.87 -21.99
CA TRP G 1445 -63.20 100.66 -22.21
C TRP G 1445 -63.69 100.66 -23.64
N ILE G 1446 -63.18 99.75 -24.46
CA ILE G 1446 -63.44 99.76 -25.90
C ILE G 1446 -64.05 98.43 -26.31
N THR G 1447 -65.07 98.50 -27.15
CA THR G 1447 -65.61 97.32 -27.81
C THR G 1447 -64.60 96.74 -28.79
N SER G 1448 -64.92 95.55 -29.28
CA SER G 1448 -63.98 94.79 -30.11
C SER G 1448 -63.70 95.48 -31.44
N ASP G 1449 -64.74 95.91 -32.15
CA ASP G 1449 -64.57 96.46 -33.49
C ASP G 1449 -64.02 97.87 -33.38
N PHE G 1450 -62.68 97.96 -33.42
CA PHE G 1450 -61.99 99.23 -33.56
C PHE G 1450 -60.63 98.93 -34.16
N HIS G 1451 -60.21 99.71 -35.14
CA HIS G 1451 -58.90 99.53 -35.73
C HIS G 1451 -58.18 100.83 -36.04
N GLN G 1452 -58.75 101.98 -35.73
CA GLN G 1452 -58.17 103.26 -36.12
C GLN G 1452 -56.96 103.55 -35.22
N TYR G 1453 -55.83 102.96 -35.60
CA TYR G 1453 -54.59 103.13 -34.85
C TYR G 1453 -54.02 104.50 -35.17
N ASP G 1454 -54.50 105.50 -34.44
CA ASP G 1454 -54.07 106.86 -34.67
C ASP G 1454 -53.68 107.51 -33.35
N THR G 1455 -53.40 108.81 -33.37
CA THR G 1455 -52.95 109.54 -32.18
C THR G 1455 -53.89 110.72 -31.98
N ALA G 1456 -55.01 110.49 -31.30
CA ALA G 1456 -56.00 111.54 -31.10
C ALA G 1456 -56.87 111.17 -29.91
N PHE G 1457 -57.98 111.88 -29.76
CA PHE G 1457 -59.01 111.52 -28.80
C PHE G 1457 -60.35 111.80 -29.46
N ASP G 1458 -60.87 110.82 -30.18
CA ASP G 1458 -62.05 110.99 -31.03
C ASP G 1458 -62.81 109.67 -31.03
N LEU G 1459 -63.68 109.48 -32.02
CA LEU G 1459 -64.43 108.24 -32.14
C LEU G 1459 -63.55 107.07 -32.53
N VAL G 1465 -70.66 108.78 -32.40
CA VAL G 1465 -71.58 107.66 -32.47
C VAL G 1465 -72.73 107.91 -31.52
N THR G 1466 -73.69 108.73 -31.96
CA THR G 1466 -74.89 109.06 -31.20
C THR G 1466 -76.05 109.11 -32.18
N VAL G 1467 -76.65 107.97 -32.40
CA VAL G 1467 -77.69 107.82 -33.39
C VAL G 1467 -79.03 107.96 -32.69
N THR G 1468 -79.96 108.63 -33.34
CA THR G 1468 -81.30 108.80 -32.83
C THR G 1468 -82.25 107.86 -33.58
N LEU G 1469 -83.54 108.09 -33.39
CA LEU G 1469 -84.58 107.52 -34.25
C LEU G 1469 -85.62 108.61 -34.40
N GLY G 1470 -86.79 108.19 -34.85
CA GLY G 1470 -88.01 108.91 -34.54
C GLY G 1470 -89.07 107.88 -34.25
N ASP G 1471 -90.09 108.30 -33.52
CA ASP G 1471 -91.30 107.50 -33.31
C ASP G 1471 -92.41 107.97 -34.21
N GLU G 1472 -92.02 108.42 -35.42
CA GLU G 1472 -92.71 109.30 -36.37
C GLU G 1472 -92.85 110.73 -35.84
N LYS G 1473 -92.43 110.95 -34.59
CA LYS G 1473 -92.26 112.25 -33.96
C LYS G 1473 -90.93 112.37 -33.24
N GLY G 1474 -90.30 111.27 -32.87
CA GLY G 1474 -89.09 111.32 -32.07
C GLY G 1474 -89.39 111.02 -30.63
N LYS G 1475 -88.70 111.73 -29.74
CA LYS G 1475 -89.04 111.92 -28.33
C LYS G 1475 -88.84 110.68 -27.45
N VAL G 1476 -88.52 109.52 -28.02
CA VAL G 1476 -87.86 108.50 -27.20
C VAL G 1476 -86.53 108.18 -27.85
N HIS G 1477 -86.55 107.38 -28.92
CA HIS G 1477 -85.94 107.63 -30.22
C HIS G 1477 -84.66 108.46 -30.34
N GLU G 1478 -83.91 108.68 -29.27
CA GLU G 1478 -82.83 109.64 -29.43
C GLU G 1478 -81.52 109.13 -28.89
N SER G 1479 -81.54 108.68 -27.65
CA SER G 1479 -80.34 108.21 -26.98
C SER G 1479 -80.20 106.75 -27.33
N ILE G 1480 -79.43 106.47 -28.36
CA ILE G 1480 -79.24 105.07 -28.71
C ILE G 1480 -77.74 104.78 -28.71
N LYS G 1481 -77.00 105.44 -29.57
CA LYS G 1481 -75.60 105.08 -29.74
C LYS G 1481 -74.75 105.83 -28.72
N ARG G 1482 -73.86 105.10 -28.07
CA ARG G 1482 -72.97 105.65 -27.07
C ARG G 1482 -71.52 105.60 -27.54
N SER G 1483 -70.98 104.41 -27.75
CA SER G 1483 -69.55 104.21 -27.86
C SER G 1483 -69.14 104.06 -29.31
N ASN G 1484 -67.84 104.23 -29.54
CA ASN G 1484 -67.28 104.16 -30.86
C ASN G 1484 -66.70 102.78 -31.10
N TYR G 1486 -63.62 103.36 -28.03
CA TYR G 1486 -65.08 103.39 -27.93
C TYR G 1486 -65.53 104.17 -26.72
N MET G 1487 -64.91 103.90 -25.57
CA MET G 1487 -65.19 104.70 -24.38
C MET G 1487 -63.94 104.73 -23.52
N VAL G 1488 -63.13 105.76 -23.69
CA VAL G 1488 -61.84 105.89 -23.04
C VAL G 1488 -61.86 107.13 -22.17
N CYS G 1489 -61.26 107.03 -20.99
CA CYS G 1489 -61.03 108.17 -20.13
C CYS G 1489 -59.57 108.61 -20.25
N ALA G 1490 -59.26 109.74 -19.64
CA ALA G 1490 -57.89 110.24 -19.69
C ALA G 1490 -57.54 111.02 -18.42
N ASN G 1503 -51.67 108.96 -7.85
CA ASN G 1503 -51.62 107.93 -8.88
C ASN G 1503 -52.99 107.72 -9.49
N GLY G 1504 -53.02 107.53 -10.81
CA GLY G 1504 -54.27 107.32 -11.49
C GLY G 1504 -54.80 105.93 -11.20
N LEU G 1505 -55.96 105.85 -10.58
CA LEU G 1505 -56.55 104.56 -10.19
C LEU G 1505 -57.97 104.50 -10.73
N GLU G 1506 -58.17 103.74 -11.81
CA GLU G 1506 -59.51 103.59 -12.35
C GLU G 1506 -60.29 102.56 -11.53
N ILE G 1507 -61.59 102.43 -11.83
CA ILE G 1507 -62.45 101.46 -11.17
C ILE G 1507 -63.26 100.73 -12.24
N GLY G 1508 -62.98 99.44 -12.40
CA GLY G 1508 -63.72 98.62 -13.34
C GLY G 1508 -64.83 97.82 -12.68
N CYS G 1509 -65.86 98.50 -12.17
CA CYS G 1509 -66.86 97.82 -11.37
C CYS G 1509 -68.06 97.42 -12.20
N VAL G 1510 -68.45 96.15 -12.08
CA VAL G 1510 -69.69 95.63 -12.64
C VAL G 1510 -70.42 94.89 -11.54
N VAL G 1511 -71.72 95.15 -11.44
CA VAL G 1511 -72.70 94.44 -10.61
C VAL G 1511 -72.32 94.25 -9.15
N GLY G 1516 -76.19 95.45 -15.82
CA GLY G 1516 -74.78 95.41 -15.45
C GLY G 1516 -74.37 96.74 -14.88
N LEU G 1517 -73.07 96.92 -14.64
CA LEU G 1517 -72.55 98.19 -14.14
C LEU G 1517 -71.23 98.53 -14.80
N LEU G 1518 -70.95 99.83 -14.86
CA LEU G 1518 -69.70 100.35 -15.38
C LEU G 1518 -69.41 101.65 -14.66
N THR G 1519 -68.15 101.84 -14.26
CA THR G 1519 -67.76 102.93 -13.38
C THR G 1519 -66.68 103.79 -13.98
N PHE G 1520 -66.81 105.10 -13.77
CA PHE G 1520 -65.82 106.10 -14.16
C PHE G 1520 -65.33 106.75 -12.88
N THR G 1521 -64.29 106.20 -12.27
CA THR G 1521 -63.74 106.78 -11.06
C THR G 1521 -62.23 106.84 -11.21
N ALA G 1522 -61.62 107.91 -10.68
CA ALA G 1522 -60.20 108.11 -10.84
C ALA G 1522 -59.64 108.47 -9.46
N ASN G 1523 -59.02 107.47 -8.81
CA ASN G 1523 -58.43 107.61 -7.47
C ASN G 1523 -59.45 108.08 -6.46
N GLY G 1524 -60.64 107.46 -6.51
CA GLY G 1524 -61.74 107.86 -5.69
C GLY G 1524 -62.57 109.00 -6.23
N LYS G 1525 -62.11 109.67 -7.28
CA LYS G 1525 -62.77 110.84 -7.81
C LYS G 1525 -63.49 110.48 -9.10
N ASP G 1526 -64.68 111.03 -9.28
CA ASP G 1526 -65.59 110.53 -10.29
C ASP G 1526 -65.54 111.38 -11.56
N LEU G 1527 -66.11 110.83 -12.63
CA LEU G 1527 -66.09 111.42 -13.95
C LEU G 1527 -67.49 111.47 -14.55
N SER G 1528 -67.57 111.72 -15.86
CA SER G 1528 -68.84 112.01 -16.51
C SER G 1528 -69.49 110.75 -17.07
N THR G 1529 -70.68 110.42 -16.53
CA THR G 1529 -71.61 109.45 -17.10
C THR G 1529 -71.00 108.05 -17.23
N TYR G 1530 -70.78 107.42 -16.08
CA TYR G 1530 -70.29 106.05 -16.02
C TYR G 1530 -71.34 105.12 -16.63
N TYR G 1531 -71.03 104.62 -17.82
CA TYR G 1531 -72.04 104.04 -18.71
C TYR G 1531 -72.42 102.62 -18.25
N GLN G 1532 -73.15 102.58 -17.14
CA GLN G 1532 -73.53 101.33 -16.51
C GLN G 1532 -74.74 100.65 -17.17
N VAL G 1533 -75.17 101.08 -18.35
CA VAL G 1533 -76.36 100.53 -18.96
C VAL G 1533 -76.24 100.59 -20.48
N GLU G 1534 -76.29 99.44 -21.11
CA GLU G 1534 -76.31 99.31 -22.56
C GLU G 1534 -76.99 97.97 -22.81
N PRO G 1535 -77.72 97.79 -23.92
CA PRO G 1535 -78.54 96.58 -24.07
C PRO G 1535 -77.77 95.27 -24.17
N SER G 1536 -76.93 95.12 -25.20
CA SER G 1536 -76.22 93.89 -25.44
C SER G 1536 -74.83 94.16 -26.02
N THR G 1537 -74.10 95.09 -25.43
CA THR G 1537 -72.85 95.54 -26.01
C THR G 1537 -71.65 94.82 -25.38
N LYS G 1538 -70.51 94.86 -26.07
CA LYS G 1538 -69.31 94.20 -25.60
C LYS G 1538 -68.20 95.19 -25.33
N LEU G 1539 -67.22 94.78 -24.51
CA LEU G 1539 -66.32 95.76 -23.92
C LEU G 1539 -65.05 95.13 -23.37
N PHE G 1540 -63.91 95.53 -23.92
CA PHE G 1540 -62.55 95.32 -23.43
C PHE G 1540 -62.07 96.53 -22.66
N PRO G 1541 -61.21 96.35 -21.66
CA PRO G 1541 -60.58 97.50 -21.00
C PRO G 1541 -59.42 98.03 -21.83
N ALA G 1542 -59.32 99.35 -21.92
CA ALA G 1542 -58.35 100.00 -22.79
C ALA G 1542 -57.24 100.66 -22.00
N VAL G 1543 -56.00 100.51 -22.49
CA VAL G 1543 -54.86 101.30 -22.05
C VAL G 1543 -54.16 101.81 -23.28
N PHE G 1544 -54.31 103.09 -23.57
CA PHE G 1544 -53.66 103.70 -24.70
C PHE G 1544 -52.66 104.68 -24.10
N ALA G 1545 -51.37 104.41 -24.32
CA ALA G 1545 -50.36 104.97 -23.44
C ALA G 1545 -49.15 105.52 -24.20
N GLN G 1546 -48.50 106.49 -23.55
CA GLN G 1546 -47.12 106.84 -23.80
C GLN G 1546 -46.23 106.05 -22.87
N ALA G 1547 -44.97 105.89 -23.26
CA ALA G 1547 -44.02 105.14 -22.42
C ALA G 1547 -43.09 106.10 -21.67
N THR G 1548 -43.68 106.86 -20.74
CA THR G 1548 -42.86 107.73 -19.91
C THR G 1548 -42.19 106.94 -18.80
N SER G 1549 -42.98 106.43 -17.91
CA SER G 1549 -42.51 105.71 -16.74
C SER G 1549 -42.57 104.21 -17.00
N PRO G 1550 -41.54 103.46 -16.64
CA PRO G 1550 -41.60 102.01 -16.78
C PRO G 1550 -42.35 101.37 -15.63
N ASN G 1551 -42.89 100.17 -15.91
CA ASN G 1551 -43.62 99.35 -14.94
C ASN G 1551 -44.80 100.11 -14.37
N VAL G 1552 -45.44 100.90 -15.21
CA VAL G 1552 -46.27 101.98 -14.74
C VAL G 1552 -47.66 101.49 -14.33
N PHE G 1553 -48.21 100.52 -15.04
CA PHE G 1553 -49.58 100.11 -14.83
C PHE G 1553 -49.65 98.82 -14.03
N GLN G 1554 -50.54 98.79 -13.04
CA GLN G 1554 -50.64 97.69 -12.08
C GLN G 1554 -52.11 97.45 -11.79
N PHE G 1555 -52.52 96.18 -11.71
CA PHE G 1555 -53.93 95.89 -11.93
C PHE G 1555 -54.66 95.10 -10.83
N GLU G 1556 -55.89 94.73 -11.13
CA GLU G 1556 -56.65 93.80 -10.32
C GLU G 1556 -57.14 92.63 -11.16
N ALA G 1568 -67.46 96.91 -3.37
CA ALA G 1568 -66.72 96.41 -2.23
C ALA G 1568 -65.77 95.30 -2.63
N GLY G 1569 -66.28 94.27 -3.28
CA GLY G 1569 -65.49 93.13 -3.71
C GLY G 1569 -64.68 93.42 -4.95
N LEU G 1570 -64.18 92.35 -5.56
CA LEU G 1570 -63.32 92.48 -6.72
C LEU G 1570 -63.94 91.80 -7.93
N PHE G 1571 -63.50 92.23 -9.11
CA PHE G 1571 -64.25 92.09 -10.35
C PHE G 1571 -64.40 90.63 -10.80
N LYS G 1572 -63.39 89.81 -10.55
CA LYS G 1572 -63.41 88.44 -11.07
C LYS G 1572 -64.54 87.60 -10.49
N SER G 1573 -65.02 87.98 -9.29
CA SER G 1573 -66.28 87.44 -8.78
C SER G 1573 -67.42 87.70 -9.73
N GLU G 1574 -67.44 88.87 -10.35
CA GLU G 1574 -68.46 89.16 -11.34
C GLU G 1574 -68.11 88.57 -12.70
N HIS G 1575 -66.84 88.23 -12.93
CA HIS G 1575 -66.38 88.03 -14.30
C HIS G 1575 -66.74 86.67 -14.88
N LYS G 1576 -66.15 85.60 -14.37
CA LYS G 1576 -66.06 84.42 -15.19
C LYS G 1576 -67.30 83.55 -15.08
N ASN G 1577 -67.19 82.34 -15.60
CA ASN G 1577 -68.32 81.42 -15.46
C ASN G 1577 -68.53 80.95 -14.02
N PRO G 1578 -67.51 80.61 -13.21
CA PRO G 1578 -67.79 80.50 -11.78
C PRO G 1578 -67.92 81.88 -11.16
N VAL G 1579 -69.01 82.11 -10.43
CA VAL G 1579 -69.21 83.41 -9.81
C VAL G 1579 -69.52 83.43 -8.31
N PRO G 1580 -68.94 82.59 -7.44
CA PRO G 1580 -68.62 83.12 -6.11
C PRO G 1580 -67.39 84.01 -6.18
N GLN G 1581 -66.27 83.35 -6.48
CA GLN G 1581 -65.01 83.86 -7.01
C GLN G 1581 -64.54 85.20 -6.48
N CYS G 1582 -64.79 85.46 -5.20
CA CYS G 1582 -64.56 86.81 -4.64
C CYS G 1582 -63.13 87.33 -4.74
N PRO G 1583 -62.06 86.53 -4.59
CA PRO G 1583 -60.74 87.07 -4.91
C PRO G 1583 -60.52 87.11 -6.42
N PRO G 1584 -59.67 88.00 -6.91
CA PRO G 1584 -59.37 88.01 -8.35
C PRO G 1584 -58.48 86.82 -8.70
N ARG G 1585 -59.01 85.92 -9.51
CA ARG G 1585 -58.30 84.71 -9.89
C ARG G 1585 -58.08 84.74 -11.39
N LEU G 1586 -56.85 84.50 -11.80
CA LEU G 1586 -56.46 84.71 -13.19
C LEU G 1586 -56.28 83.38 -13.87
N HIS G 1587 -57.00 83.18 -14.97
CA HIS G 1587 -56.68 82.07 -15.83
C HIS G 1587 -55.34 82.30 -16.49
N VAL G 1588 -54.77 81.20 -16.94
CA VAL G 1588 -53.72 81.30 -17.93
C VAL G 1588 -54.29 81.86 -19.21
N GLN G 1589 -55.57 81.59 -19.47
CA GLN G 1589 -56.27 82.06 -20.65
C GLN G 1589 -56.33 83.58 -20.77
N PHE G 1590 -56.19 84.31 -19.67
CA PHE G 1590 -56.10 85.76 -19.79
C PHE G 1590 -54.78 86.16 -20.43
N LEU G 1591 -54.77 87.31 -21.09
CA LEU G 1591 -53.69 87.64 -22.00
C LEU G 1591 -53.37 89.12 -21.88
N SER G 1592 -52.62 89.62 -22.85
CA SER G 1592 -51.85 90.84 -22.72
C SER G 1592 -51.95 91.69 -23.99
N HIS G 1593 -53.17 91.97 -24.41
CA HIS G 1593 -53.40 92.31 -25.80
C HIS G 1593 -52.94 93.69 -26.21
N VAL G 1594 -52.24 93.74 -27.33
CA VAL G 1594 -51.66 94.96 -27.88
C VAL G 1594 -52.13 95.12 -29.30
N LEU G 1595 -52.63 96.30 -29.63
CA LEU G 1595 -53.02 96.63 -31.00
C LEU G 1595 -51.84 96.60 -31.94
N TRP G 1596 -51.94 95.79 -32.99
CA TRP G 1596 -50.79 95.44 -33.81
C TRP G 1596 -51.22 95.25 -35.25
N SER G 1597 -50.34 95.69 -36.15
CA SER G 1597 -50.80 96.25 -37.40
C SER G 1597 -51.14 95.18 -38.45
N ARG G 1598 -50.13 94.47 -38.97
CA ARG G 1598 -50.31 93.84 -40.27
C ARG G 1598 -50.01 92.35 -40.28
N MET G 1599 -50.95 91.61 -40.86
CA MET G 1599 -50.98 90.16 -40.95
C MET G 1599 -51.14 89.79 -42.41
N PRO G 1600 -50.94 88.52 -42.77
CA PRO G 1600 -51.36 88.09 -44.11
C PRO G 1600 -52.86 88.15 -44.27
N ASN G 1601 -53.28 88.20 -45.53
CA ASN G 1601 -54.68 87.99 -45.87
C ASN G 1601 -54.72 87.14 -47.11
N GLN G 1602 -55.85 86.52 -47.33
CA GLN G 1602 -55.93 85.53 -48.38
C GLN G 1602 -56.24 86.22 -49.70
N PHE G 1603 -56.65 85.42 -50.66
CA PHE G 1603 -56.87 85.83 -52.02
C PHE G 1603 -58.26 86.42 -52.23
N LEU G 1604 -59.24 85.93 -51.47
CA LEU G 1604 -60.64 86.32 -51.58
C LEU G 1604 -61.15 86.07 -53.00
N LYS G 1605 -61.27 84.78 -53.30
CA LYS G 1605 -61.13 84.22 -54.64
C LYS G 1605 -62.08 84.70 -55.75
N VAL G 1606 -63.36 84.34 -55.69
CA VAL G 1606 -64.26 84.55 -56.82
C VAL G 1606 -65.37 85.49 -56.37
N ASP G 1607 -65.51 86.62 -57.05
CA ASP G 1607 -66.23 87.72 -56.43
C ASP G 1607 -67.46 88.22 -57.19
N VAL G 1608 -67.33 88.56 -58.47
CA VAL G 1608 -68.18 89.59 -59.09
C VAL G 1608 -68.71 89.12 -60.46
N SER G 1609 -70.01 89.31 -60.66
CA SER G 1609 -70.69 89.26 -61.97
C SER G 1609 -71.50 90.53 -62.20
N ARG G 1610 -70.90 91.69 -61.99
CA ARG G 1610 -71.65 92.93 -62.03
C ARG G 1610 -71.86 93.38 -63.48
N ILE G 1611 -73.08 93.82 -63.78
CA ILE G 1611 -73.41 94.48 -65.02
C ILE G 1611 -74.01 95.83 -64.66
N SER G 1612 -73.93 96.80 -65.58
CA SER G 1612 -74.57 98.09 -65.31
C SER G 1612 -74.90 98.83 -66.60
N GLU G 1613 -75.83 99.77 -66.48
CA GLU G 1613 -76.30 100.63 -67.56
C GLU G 1613 -75.71 102.03 -67.38
N ARG G 1614 -76.06 102.93 -68.30
CA ARG G 1614 -75.78 104.34 -68.17
C ARG G 1614 -77.02 105.20 -68.35
N GLN G 1615 -78.21 104.60 -68.47
CA GLN G 1615 -79.45 105.37 -68.43
C GLN G 1615 -80.41 104.69 -67.48
N GLY G 1616 -80.18 104.89 -66.18
CA GLY G 1616 -80.76 104.08 -65.13
C GLY G 1616 -79.71 103.33 -64.32
N TRP G 1617 -78.57 103.00 -64.93
CA TRP G 1617 -77.36 102.51 -64.26
C TRP G 1617 -77.62 101.23 -63.46
N LEU G 1618 -77.95 100.17 -64.17
CA LEU G 1618 -78.54 98.99 -63.55
C LEU G 1618 -77.44 98.07 -63.04
N VAL G 1619 -76.87 98.46 -61.90
CA VAL G 1619 -75.82 97.67 -61.27
C VAL G 1619 -76.39 96.35 -60.78
N GLN G 1620 -75.81 95.24 -61.26
CA GLN G 1620 -76.36 93.92 -60.93
C GLN G 1620 -75.28 92.85 -61.01
N CYS G 1621 -74.87 92.34 -59.85
CA CYS G 1621 -74.32 91.01 -59.77
C CYS G 1621 -75.44 89.99 -59.67
N LEU G 1622 -75.09 88.73 -59.87
CA LEU G 1622 -76.06 87.65 -59.79
C LEU G 1622 -75.61 86.48 -58.94
N GLU G 1623 -74.31 86.35 -58.70
CA GLU G 1623 -73.67 85.13 -58.21
C GLU G 1623 -74.15 84.69 -56.83
N PRO G 1624 -74.78 83.53 -56.70
CA PRO G 1624 -75.00 82.97 -55.37
C PRO G 1624 -73.74 82.27 -54.88
N LEU G 1625 -73.06 82.90 -53.93
CA LEU G 1625 -71.75 82.46 -53.50
C LEU G 1625 -71.65 82.57 -51.99
N GLN G 1626 -70.83 81.71 -51.39
CA GLN G 1626 -70.78 81.63 -49.94
C GLN G 1626 -69.37 81.86 -49.42
N PHE G 1627 -69.19 82.90 -48.61
CA PHE G 1627 -68.00 82.98 -47.79
C PHE G 1627 -68.01 81.81 -46.83
N MET G 1628 -66.83 81.29 -46.55
CA MET G 1628 -66.71 80.22 -45.57
C MET G 1628 -65.81 80.70 -44.46
N SER G 1629 -66.38 80.82 -43.28
CA SER G 1629 -65.62 81.39 -42.18
C SER G 1629 -66.07 80.77 -40.88
N LEU G 1630 -65.53 81.31 -39.80
CA LEU G 1630 -65.87 80.91 -38.46
C LEU G 1630 -65.56 82.09 -37.57
N HIS G 1631 -65.79 81.91 -36.27
CA HIS G 1631 -65.30 82.92 -35.35
C HIS G 1631 -64.90 82.23 -34.08
N ILE G 1632 -63.88 82.76 -33.46
CA ILE G 1632 -63.74 82.60 -32.02
C ILE G 1632 -64.86 83.37 -31.34
N PRO G 1633 -65.54 82.80 -30.41
CA PRO G 1633 -66.59 83.58 -29.74
C PRO G 1633 -65.99 84.45 -28.66
N GLU G 1634 -64.95 83.94 -28.00
CA GLU G 1634 -64.47 84.53 -26.77
C GLU G 1634 -63.72 85.82 -26.99
N GLU G 1635 -63.12 86.00 -28.15
CA GLU G 1635 -62.38 87.20 -28.48
C GLU G 1635 -62.80 87.68 -29.84
N ASN G 1636 -64.13 87.80 -30.00
CA ASN G 1636 -64.86 87.59 -31.24
C ASN G 1636 -64.29 88.24 -32.49
N ARG G 1637 -63.88 87.40 -33.43
CA ARG G 1637 -63.24 87.84 -34.66
C ARG G 1637 -63.62 86.85 -35.75
N SER G 1638 -64.12 87.36 -36.86
CA SER G 1638 -64.44 86.53 -38.01
C SER G 1638 -63.16 86.25 -38.78
N VAL G 1639 -62.69 85.04 -38.69
CA VAL G 1639 -61.59 84.59 -39.51
C VAL G 1639 -62.18 83.61 -40.50
N ASP G 1640 -61.63 83.59 -41.71
CA ASP G 1640 -62.13 82.68 -42.73
C ASP G 1640 -61.88 81.23 -42.35
N ILE G 1641 -62.52 80.35 -43.08
CA ILE G 1641 -62.15 78.96 -42.95
C ILE G 1641 -60.79 78.71 -43.58
N LEU G 1642 -60.55 79.34 -44.72
CA LEU G 1642 -59.55 78.79 -45.63
C LEU G 1642 -58.14 79.12 -45.21
N GLU G 1643 -57.88 80.35 -44.80
CA GLU G 1643 -56.52 80.73 -44.44
C GLU G 1643 -56.25 80.48 -42.96
N LEU G 1644 -56.95 79.51 -42.39
CA LEU G 1644 -56.63 78.98 -41.08
C LEU G 1644 -55.29 78.26 -41.09
N THR G 1645 -54.76 77.94 -42.27
CA THR G 1645 -53.45 77.33 -42.48
C THR G 1645 -52.28 78.09 -41.86
N GLU G 1646 -52.51 79.26 -41.29
CA GLU G 1646 -51.53 79.93 -40.46
C GLU G 1646 -51.83 79.86 -38.98
N GLN G 1647 -53.06 79.54 -38.59
CA GLN G 1647 -53.34 79.21 -37.20
C GLN G 1647 -53.42 77.70 -37.06
N GLU G 1648 -52.27 77.10 -37.33
CA GLU G 1648 -52.16 75.66 -37.42
C GLU G 1648 -52.32 75.01 -36.06
N GLU G 1649 -51.89 75.69 -35.01
CA GLU G 1649 -52.23 75.29 -33.67
C GLU G 1649 -53.74 75.29 -33.49
N LEU G 1650 -54.41 76.28 -34.06
CA LEU G 1650 -55.84 76.41 -33.90
C LEU G 1650 -56.56 75.49 -34.84
N LEU G 1651 -55.97 75.32 -36.03
CA LEU G 1651 -56.42 74.30 -36.96
C LEU G 1651 -56.41 72.94 -36.33
N LYS G 1652 -55.29 72.60 -35.70
CA LYS G 1652 -55.12 71.32 -35.03
C LYS G 1652 -56.09 71.17 -33.89
N PHE G 1653 -56.27 72.25 -33.13
CA PHE G 1653 -57.21 72.28 -32.04
C PHE G 1653 -58.60 71.98 -32.52
N HIS G 1654 -58.99 72.65 -33.60
CA HIS G 1654 -60.30 72.42 -34.16
C HIS G 1654 -60.40 71.05 -34.79
N TYR G 1655 -59.29 70.53 -35.28
CA TYR G 1655 -59.29 69.18 -35.80
C TYR G 1655 -59.52 68.19 -34.69
N HIS G 1656 -59.01 68.50 -33.51
CA HIS G 1656 -59.30 67.65 -32.39
C HIS G 1656 -60.70 67.84 -31.88
N THR G 1657 -61.28 69.02 -32.10
CA THR G 1657 -62.70 69.16 -31.82
C THR G 1657 -63.50 68.26 -32.72
N LEU G 1658 -63.10 68.19 -33.98
CA LEU G 1658 -63.72 67.30 -34.95
C LEU G 1658 -63.59 65.86 -34.49
N ARG G 1659 -62.41 65.52 -33.99
CA ARG G 1659 -62.17 64.22 -33.40
C ARG G 1659 -63.12 63.97 -32.27
N LEU G 1660 -63.36 64.98 -31.46
CA LEU G 1660 -64.25 64.80 -30.33
C LEU G 1660 -65.69 64.64 -30.77
N TYR G 1661 -66.06 65.33 -31.83
CA TYR G 1661 -67.43 65.23 -32.32
C TYR G 1661 -67.70 63.84 -32.83
N SER G 1662 -66.75 63.31 -33.59
CA SER G 1662 -66.83 61.92 -34.00
C SER G 1662 -66.78 61.01 -32.81
N ALA G 1663 -66.04 61.41 -31.79
CA ALA G 1663 -65.79 60.54 -30.66
C ALA G 1663 -67.03 60.38 -29.80
N VAL G 1664 -67.82 61.43 -29.67
CA VAL G 1664 -69.00 61.28 -28.84
C VAL G 1664 -70.09 60.54 -29.59
N CYS G 1665 -70.36 60.93 -30.83
CA CYS G 1665 -71.37 60.23 -31.60
C CYS G 1665 -70.69 59.00 -32.15
N ALA G 1666 -70.71 57.95 -31.35
CA ALA G 1666 -70.02 56.72 -31.67
C ALA G 1666 -70.89 55.56 -31.26
N LEU G 1667 -71.22 54.72 -32.24
CA LEU G 1667 -71.93 53.46 -32.02
C LEU G 1667 -73.31 53.70 -31.43
N GLY G 1668 -74.07 54.55 -32.11
CA GLY G 1668 -75.43 54.77 -31.69
C GLY G 1668 -75.43 55.94 -30.73
N ASN G 1669 -75.83 57.10 -31.23
CA ASN G 1669 -75.94 58.28 -30.40
C ASN G 1669 -77.15 59.06 -30.83
N HIS G 1670 -78.26 58.35 -31.02
CA HIS G 1670 -79.43 58.90 -31.67
C HIS G 1670 -80.06 60.04 -30.89
N ARG G 1671 -79.75 60.15 -29.62
CA ARG G 1671 -79.89 61.42 -28.95
C ARG G 1671 -78.87 62.41 -29.49
N VAL G 1672 -77.60 62.07 -29.36
CA VAL G 1672 -76.53 63.04 -29.53
C VAL G 1672 -76.34 63.36 -30.99
N ALA G 1673 -76.68 62.42 -31.86
CA ALA G 1673 -76.59 62.65 -33.30
C ALA G 1673 -77.52 63.77 -33.71
N HIS G 1674 -78.79 63.62 -33.37
CA HIS G 1674 -79.76 64.67 -33.66
C HIS G 1674 -79.49 65.92 -32.84
N ALA G 1675 -78.77 65.79 -31.74
CA ALA G 1675 -78.32 66.97 -31.03
C ALA G 1675 -77.30 67.74 -31.86
N LEU G 1676 -76.43 67.04 -32.57
CA LEU G 1676 -75.35 67.77 -33.21
C LEU G 1676 -75.76 68.56 -34.42
N CYS G 1677 -76.93 68.26 -35.00
CA CYS G 1677 -77.33 68.88 -36.26
C CYS G 1677 -77.48 70.38 -36.17
N SER G 1678 -77.71 70.91 -34.96
CA SER G 1678 -77.65 72.35 -34.78
C SER G 1678 -76.25 72.88 -35.01
N HIS G 1679 -75.24 72.13 -34.63
CA HIS G 1679 -73.89 72.65 -34.70
C HIS G 1679 -73.23 72.35 -36.01
N VAL G 1680 -73.58 71.22 -36.62
CA VAL G 1680 -72.74 70.75 -37.70
C VAL G 1680 -73.05 71.39 -39.03
N ASP G 1681 -74.30 71.84 -39.24
CA ASP G 1681 -74.72 72.57 -40.44
C ASP G 1681 -74.46 71.74 -41.70
N GLU G 1682 -75.30 70.73 -41.86
CA GLU G 1682 -75.26 69.79 -43.00
C GLU G 1682 -74.89 70.36 -44.37
N PRO G 1683 -75.54 71.43 -44.89
CA PRO G 1683 -75.11 71.89 -46.21
C PRO G 1683 -73.78 72.59 -46.17
N GLN G 1684 -73.42 73.18 -45.02
CA GLN G 1684 -72.07 73.67 -44.85
C GLN G 1684 -71.08 72.52 -44.85
N LEU G 1685 -71.49 71.36 -44.38
CA LEU G 1685 -70.61 70.21 -44.50
C LEU G 1685 -70.47 69.78 -45.95
N LEU G 1686 -71.55 69.91 -46.72
CA LEU G 1686 -71.44 69.63 -48.15
C LEU G 1686 -70.49 70.61 -48.81
N TYR G 1687 -70.59 71.87 -48.42
CA TYR G 1687 -69.67 72.91 -48.85
C TYR G 1687 -68.25 72.57 -48.47
N ALA G 1688 -68.07 71.96 -47.31
CA ALA G 1688 -66.75 71.53 -46.88
C ALA G 1688 -66.24 70.41 -47.76
N ILE G 1689 -67.12 69.56 -48.25
CA ILE G 1689 -66.69 68.56 -49.20
C ILE G 1689 -66.27 69.21 -50.50
N GLU G 1690 -67.00 70.25 -50.90
CA GLU G 1690 -66.73 70.89 -52.18
C GLU G 1690 -65.44 71.67 -52.17
N ASN G 1691 -65.11 72.29 -51.05
CA ASN G 1691 -64.06 73.29 -50.99
C ASN G 1691 -62.71 72.63 -51.17
N LYS G 1692 -62.21 72.68 -52.38
CA LYS G 1692 -61.02 71.95 -52.74
C LYS G 1692 -59.74 72.63 -52.29
N TYR G 1693 -59.83 73.58 -51.38
CA TYR G 1693 -58.64 74.22 -50.85
C TYR G 1693 -58.60 74.16 -49.33
N MET G 1694 -59.49 73.40 -48.72
CA MET G 1694 -59.46 73.26 -47.29
C MET G 1694 -58.25 72.43 -46.88
N PRO G 1695 -57.69 72.68 -45.70
CA PRO G 1695 -56.64 71.80 -45.17
C PRO G 1695 -57.14 70.38 -44.98
N GLY G 1696 -56.23 69.43 -45.25
CA GLY G 1696 -56.62 68.06 -45.42
C GLY G 1696 -57.10 67.40 -44.15
N LEU G 1697 -56.65 67.91 -43.00
CA LEU G 1697 -57.16 67.39 -41.75
C LEU G 1697 -58.62 67.74 -41.57
N LEU G 1698 -58.97 68.98 -41.94
CA LEU G 1698 -60.36 69.39 -41.93
C LEU G 1698 -61.16 68.57 -42.89
N ARG G 1699 -60.58 68.31 -44.06
CA ARG G 1699 -61.22 67.49 -45.06
C ARG G 1699 -61.49 66.10 -44.53
N ALA G 1700 -60.52 65.52 -43.85
CA ALA G 1700 -60.64 64.17 -43.35
C ALA G 1700 -61.70 64.10 -42.27
N GLY G 1701 -61.61 64.98 -41.29
CA GLY G 1701 -62.56 64.94 -40.19
C GLY G 1701 -63.97 65.24 -40.64
N TYR G 1702 -64.11 66.18 -41.57
CA TYR G 1702 -65.42 66.51 -42.09
C TYR G 1702 -65.99 65.37 -42.88
N TYR G 1703 -65.13 64.64 -43.59
CA TYR G 1703 -65.64 63.50 -44.35
C TYR G 1703 -66.06 62.39 -43.41
N ASP G 1704 -65.39 62.29 -42.25
CA ASP G 1704 -65.85 61.34 -41.24
C ASP G 1704 -67.22 61.70 -40.73
N LEU G 1705 -67.41 62.99 -40.48
CA LEU G 1705 -68.47 63.40 -39.57
C LEU G 1705 -69.85 63.15 -40.14
N LEU G 1706 -69.98 63.17 -41.45
CA LEU G 1706 -71.27 62.90 -42.04
C LEU G 1706 -71.64 61.43 -41.94
N ILE G 1707 -70.62 60.57 -41.99
CA ILE G 1707 -70.85 59.16 -41.70
C ILE G 1707 -71.28 59.02 -40.27
N ASP G 1708 -70.58 59.73 -39.41
CA ASP G 1708 -70.87 59.71 -37.99
C ASP G 1708 -72.23 60.27 -37.68
N ILE G 1709 -72.76 61.13 -38.55
CA ILE G 1709 -74.08 61.65 -38.33
C ILE G 1709 -75.13 60.68 -38.83
N HIS G 1710 -75.06 60.32 -40.10
CA HIS G 1710 -76.17 59.60 -40.66
C HIS G 1710 -75.91 58.12 -40.81
N LEU G 1711 -74.72 57.77 -41.27
CA LEU G 1711 -74.56 56.56 -42.04
C LEU G 1711 -74.15 55.35 -41.22
N SER G 1712 -73.39 55.57 -40.16
CA SER G 1712 -72.62 54.52 -39.52
C SER G 1712 -73.51 53.45 -38.90
N SER G 1713 -74.69 53.85 -38.45
CA SER G 1713 -75.65 52.92 -37.90
C SER G 1713 -76.07 51.89 -38.91
N TYR G 1714 -76.62 52.34 -40.03
CA TYR G 1714 -77.07 51.40 -41.07
C TYR G 1714 -75.89 50.68 -41.70
N ALA G 1715 -74.73 51.33 -41.71
CA ALA G 1715 -73.51 50.70 -42.18
C ALA G 1715 -73.20 49.48 -41.35
N THR G 1716 -73.17 49.66 -40.03
CA THR G 1716 -72.96 48.57 -39.12
C THR G 1716 -74.09 47.56 -39.19
N ALA G 1717 -75.29 48.01 -39.52
CA ALA G 1717 -76.42 47.10 -39.66
C ALA G 1717 -76.18 46.11 -40.78
N ARG G 1718 -75.82 46.62 -41.95
CA ARG G 1718 -75.49 45.73 -43.04
C ARG G 1718 -74.22 44.95 -42.76
N LEU G 1719 -73.32 45.53 -41.95
CA LEU G 1719 -72.11 44.82 -41.56
C LEU G 1719 -72.42 43.57 -40.77
N MET G 1720 -73.39 43.67 -39.88
CA MET G 1720 -73.88 42.48 -39.20
C MET G 1720 -74.58 41.57 -40.19
N MET G 1721 -75.30 42.14 -41.14
CA MET G 1721 -76.08 41.31 -42.04
C MET G 1721 -75.26 40.72 -43.17
N ASN G 1722 -73.95 40.92 -43.14
CA ASN G 1722 -73.06 40.44 -44.20
C ASN G 1722 -73.16 38.95 -44.46
N ASN G 1723 -73.26 38.14 -43.42
CA ASN G 1723 -72.89 36.74 -43.54
C ASN G 1723 -74.06 35.83 -43.21
N GLU G 1724 -75.26 36.24 -43.58
CA GLU G 1724 -76.43 35.61 -42.99
C GLU G 1724 -77.27 34.87 -44.02
N PHE G 1725 -77.70 35.57 -45.08
CA PHE G 1725 -78.29 34.98 -46.28
C PHE G 1725 -79.57 34.22 -45.97
N ILE G 1726 -80.53 34.91 -45.39
CA ILE G 1726 -81.85 34.32 -45.24
C ILE G 1726 -82.68 34.73 -46.46
N VAL G 1727 -83.14 33.73 -47.20
CA VAL G 1727 -83.77 34.02 -48.48
C VAL G 1727 -85.21 33.52 -48.46
N PRO G 1728 -86.13 34.30 -48.97
CA PRO G 1728 -87.46 33.77 -49.28
C PRO G 1728 -87.42 32.85 -50.48
N MET G 1729 -88.53 32.17 -50.68
CA MET G 1729 -88.66 31.23 -51.79
C MET G 1729 -89.68 31.71 -52.81
N THR G 1730 -89.62 32.98 -53.17
CA THR G 1730 -90.60 33.45 -54.12
C THR G 1730 -90.19 33.04 -55.52
N GLU G 1731 -91.11 33.29 -56.45
CA GLU G 1731 -90.84 33.03 -57.85
C GLU G 1731 -89.82 34.02 -58.37
N GLU G 1732 -89.87 35.25 -57.84
CA GLU G 1732 -88.83 36.21 -58.15
C GLU G 1732 -87.49 35.72 -57.63
N THR G 1733 -87.48 35.17 -56.42
CA THR G 1733 -86.28 34.48 -55.94
C THR G 1733 -85.99 33.26 -56.79
N LYS G 1734 -87.03 32.61 -57.31
CA LYS G 1734 -86.81 31.46 -58.16
C LYS G 1734 -86.34 31.86 -59.56
N SER G 1735 -86.49 33.13 -59.92
CA SER G 1735 -86.18 33.56 -61.28
C SER G 1735 -84.73 33.97 -61.44
N ILE G 1736 -83.81 33.39 -60.69
CA ILE G 1736 -82.44 33.86 -60.62
C ILE G 1736 -81.53 32.85 -61.31
N THR G 1737 -80.65 33.35 -62.16
CA THR G 1737 -79.78 32.53 -62.97
C THR G 1737 -78.33 32.81 -62.65
N LEU G 1738 -77.47 32.21 -63.45
CA LEU G 1738 -76.09 32.64 -63.58
C LEU G 1738 -76.03 33.67 -64.71
N PHE G 1739 -74.96 34.45 -64.69
CA PHE G 1739 -74.36 35.04 -65.89
C PHE G 1739 -74.40 34.07 -67.05
N PRO G 1740 -75.23 34.30 -68.05
CA PRO G 1740 -75.29 33.39 -69.20
C PRO G 1740 -74.11 33.62 -70.11
N ASP G 1741 -73.93 32.67 -71.02
CA ASP G 1741 -72.77 32.71 -71.90
C ASP G 1741 -73.22 32.59 -73.34
N GLY G 1747 -68.63 37.23 -65.68
CA GLY G 1747 -69.83 37.77 -65.08
C GLY G 1747 -69.75 39.24 -64.76
N LEU G 1748 -70.65 39.71 -63.89
CA LEU G 1748 -70.70 41.11 -63.49
C LEU G 1748 -71.35 41.23 -62.12
N PRO G 1749 -70.72 41.91 -61.17
CA PRO G 1749 -71.35 42.09 -59.86
C PRO G 1749 -72.54 43.03 -59.85
N GLY G 1750 -72.68 43.88 -60.85
CA GLY G 1750 -73.72 44.89 -60.85
C GLY G 1750 -75.06 44.35 -61.29
N ILE G 1751 -75.74 43.63 -60.42
CA ILE G 1751 -77.03 43.02 -60.72
C ILE G 1751 -78.06 43.49 -59.71
N GLY G 1752 -79.25 43.84 -60.18
CA GLY G 1752 -80.36 44.12 -59.28
C GLY G 1752 -81.18 42.90 -58.94
N LEU G 1753 -80.85 42.28 -57.81
CA LEU G 1753 -81.35 40.99 -57.33
C LEU G 1753 -81.08 40.93 -55.83
N SER G 1754 -80.84 39.73 -55.31
CA SER G 1754 -80.39 39.45 -53.95
C SER G 1754 -81.44 39.87 -52.93
N THR G 1755 -82.52 39.10 -52.97
CA THR G 1755 -83.71 39.21 -52.14
C THR G 1755 -83.46 39.00 -50.66
N SER G 1756 -82.32 38.46 -50.25
CA SER G 1756 -82.00 38.40 -48.83
C SER G 1756 -81.84 39.82 -48.30
N LEU G 1757 -82.12 39.99 -47.02
CA LEU G 1757 -82.87 41.18 -46.61
C LEU G 1757 -82.00 42.43 -46.54
N ARG G 1758 -81.02 42.46 -45.62
CA ARG G 1758 -80.16 43.61 -45.33
C ARG G 1758 -81.03 44.83 -45.03
N PRO G 1759 -81.59 44.91 -43.85
CA PRO G 1759 -82.79 45.72 -43.63
C PRO G 1759 -82.62 47.23 -43.73
N ARG G 1760 -83.74 47.91 -43.54
CA ARG G 1760 -83.89 49.28 -43.98
C ARG G 1760 -83.21 50.23 -43.02
N MET G 1761 -82.33 51.05 -43.57
CA MET G 1761 -82.06 52.32 -42.94
C MET G 1761 -83.34 53.14 -42.84
N GLN G 1762 -83.78 53.38 -41.63
CA GLN G 1762 -84.95 54.18 -41.34
C GLN G 1762 -84.57 55.30 -40.41
N PHE G 1763 -84.99 56.50 -40.76
CA PHE G 1763 -84.29 57.68 -40.35
C PHE G 1763 -85.17 58.53 -39.47
N SER G 1764 -84.69 59.72 -39.18
CA SER G 1764 -85.43 60.65 -38.35
C SER G 1764 -85.01 62.05 -38.71
N SER G 1765 -85.98 62.93 -38.85
CA SER G 1765 -85.67 64.34 -39.04
C SER G 1765 -85.26 64.94 -37.72
N PRO G 1766 -84.13 65.55 -37.63
CA PRO G 1766 -83.76 66.31 -36.44
C PRO G 1766 -84.45 67.66 -36.37
N SER G 1767 -85.72 67.65 -36.00
CA SER G 1767 -86.37 68.92 -35.71
C SER G 1767 -85.92 69.43 -34.35
N PHE G 1768 -86.30 70.67 -34.07
CA PHE G 1768 -86.05 71.28 -32.78
C PHE G 1768 -87.25 72.01 -32.22
N VAL G 1769 -88.19 72.42 -33.05
CA VAL G 1769 -89.44 72.96 -32.57
C VAL G 1769 -90.29 71.89 -31.94
N SER G 1770 -90.09 70.65 -32.34
CA SER G 1770 -90.89 69.53 -31.89
C SER G 1770 -90.39 68.99 -30.56
N ILE G 1771 -91.06 67.95 -30.10
CA ILE G 1771 -90.61 67.09 -29.02
C ILE G 1771 -90.91 65.66 -29.44
N ASN G 1772 -90.76 64.72 -28.52
CA ASN G 1772 -91.34 63.37 -28.58
C ASN G 1772 -90.80 62.55 -29.76
N ASN G 1773 -89.54 62.12 -29.68
CA ASN G 1773 -88.67 62.21 -28.51
C ASN G 1773 -87.25 62.57 -28.92
N GLU G 1774 -87.00 62.48 -30.24
CA GLU G 1774 -85.76 62.88 -30.96
C GLU G 1774 -84.49 62.21 -30.44
N CYS G 1775 -84.61 61.23 -29.57
CA CYS G 1775 -83.46 60.62 -28.92
C CYS G 1775 -83.40 59.14 -29.19
N TYR G 1776 -84.53 58.45 -29.08
CA TYR G 1776 -84.64 57.13 -29.67
C TYR G 1776 -84.65 57.22 -31.18
N GLN G 1777 -85.18 58.33 -31.70
CA GLN G 1777 -85.27 58.57 -33.12
C GLN G 1777 -83.90 58.46 -33.76
N TYR G 1778 -83.80 57.58 -34.76
CA TYR G 1778 -82.57 56.86 -35.04
C TYR G 1778 -81.51 57.75 -35.64
N SER G 1779 -81.81 58.31 -36.79
CA SER G 1779 -80.70 58.75 -37.54
C SER G 1779 -81.12 59.95 -38.37
N PRO G 1780 -80.31 61.00 -38.36
CA PRO G 1780 -80.55 62.14 -39.23
C PRO G 1780 -80.44 61.73 -40.68
N GLU G 1781 -81.04 62.54 -41.52
CA GLU G 1781 -81.31 62.19 -42.88
C GLU G 1781 -81.16 63.43 -43.74
N PHE G 1782 -80.77 63.22 -44.98
CA PHE G 1782 -80.44 64.31 -45.88
C PHE G 1782 -80.32 63.74 -47.29
N PRO G 1783 -80.31 64.61 -48.32
CA PRO G 1783 -80.17 64.09 -49.69
C PRO G 1783 -78.82 63.49 -50.01
N LEU G 1784 -78.68 62.25 -49.59
CA LEU G 1784 -77.57 61.40 -49.96
C LEU G 1784 -77.51 61.13 -51.46
N ASP G 1785 -78.61 61.31 -52.18
CA ASP G 1785 -78.60 61.02 -53.60
C ASP G 1785 -77.81 62.06 -54.37
N ILE G 1786 -78.05 63.34 -54.07
CA ILE G 1786 -77.29 64.39 -54.74
C ILE G 1786 -75.88 64.38 -54.22
N LEU G 1787 -75.69 63.91 -52.99
CA LEU G 1787 -74.37 63.62 -52.47
C LEU G 1787 -73.69 62.58 -53.33
N LYS G 1788 -74.42 61.53 -53.67
CA LYS G 1788 -73.81 60.43 -54.40
C LYS G 1788 -73.48 60.84 -55.82
N ALA G 1789 -74.30 61.71 -56.39
CA ALA G 1789 -74.00 62.28 -57.69
C ALA G 1789 -72.77 63.17 -57.61
N LYS G 1790 -72.68 63.94 -56.53
CA LYS G 1790 -71.54 64.82 -56.34
C LYS G 1790 -70.26 64.03 -56.18
N THR G 1791 -70.34 62.92 -55.45
CA THR G 1791 -69.16 62.10 -55.26
C THR G 1791 -68.78 61.39 -56.53
N ILE G 1792 -69.77 61.02 -57.33
CA ILE G 1792 -69.49 60.45 -58.64
C ILE G 1792 -68.70 61.44 -59.47
N GLN G 1793 -69.17 62.70 -59.47
CA GLN G 1793 -68.46 63.78 -60.13
C GLN G 1793 -67.06 63.94 -59.58
N MET G 1794 -66.94 63.97 -58.26
CA MET G 1794 -65.67 64.23 -57.62
C MET G 1794 -64.70 63.10 -57.86
N LEU G 1795 -65.18 61.88 -57.93
CA LEU G 1795 -64.28 60.75 -58.03
C LEU G 1795 -63.86 60.53 -59.46
N THR G 1796 -64.77 60.74 -60.40
CA THR G 1796 -64.37 60.78 -61.80
C THR G 1796 -63.36 61.89 -62.03
N GLU G 1797 -63.58 63.02 -61.38
CA GLU G 1797 -62.62 64.11 -61.43
C GLU G 1797 -61.31 63.69 -60.82
N ALA G 1798 -61.37 62.95 -59.73
CA ALA G 1798 -60.18 62.53 -59.00
C ALA G 1798 -59.36 61.57 -59.83
N VAL G 1799 -60.03 60.65 -60.52
CA VAL G 1799 -59.29 59.70 -61.32
C VAL G 1799 -58.88 60.31 -62.64
N GLN G 1800 -59.45 61.46 -63.02
CA GLN G 1800 -58.77 62.26 -64.04
C GLN G 1800 -57.46 62.77 -63.47
N GLU G 1801 -57.53 63.43 -62.32
CA GLU G 1801 -56.43 64.24 -61.85
C GLU G 1801 -55.25 63.41 -61.39
N GLY G 1802 -55.51 62.24 -60.81
CA GLY G 1802 -54.42 61.35 -60.49
C GLY G 1802 -53.82 60.73 -61.73
N SER G 1803 -54.66 60.47 -62.73
CA SER G 1803 -54.11 60.08 -64.03
C SER G 1803 -53.52 61.29 -64.72
N LEU G 1804 -54.07 62.48 -64.48
CA LEU G 1804 -53.37 63.69 -64.85
C LEU G 1804 -52.12 63.88 -64.01
N HIS G 1805 -52.10 63.29 -62.81
CA HIS G 1805 -50.93 63.23 -61.94
C HIS G 1805 -50.45 64.63 -61.58
N ALA G 1806 -51.35 65.36 -60.95
CA ALA G 1806 -51.08 66.76 -60.63
C ALA G 1806 -49.98 66.87 -59.59
N ARG G 1807 -49.34 68.02 -59.56
CA ARG G 1807 -48.24 68.18 -58.62
C ARG G 1807 -48.73 68.35 -57.20
N ASP G 1808 -49.76 69.17 -57.00
CA ASP G 1808 -50.23 69.40 -55.66
C ASP G 1808 -51.68 68.95 -55.51
N PRO G 1809 -51.95 68.00 -54.63
CA PRO G 1809 -53.33 67.58 -54.37
C PRO G 1809 -54.17 68.61 -53.64
N VAL G 1810 -55.43 68.26 -53.43
CA VAL G 1810 -56.35 69.14 -52.72
C VAL G 1810 -55.93 69.25 -51.27
N GLY G 1811 -55.75 68.13 -50.61
CA GLY G 1811 -55.43 68.16 -49.20
C GLY G 1811 -53.94 68.14 -48.96
N GLY G 1812 -53.19 68.82 -49.82
CA GLY G 1812 -51.76 68.84 -49.67
C GLY G 1812 -51.12 67.62 -50.27
N THR G 1813 -51.51 66.44 -49.81
CA THR G 1813 -51.04 65.20 -50.40
C THR G 1813 -52.23 64.29 -50.68
N THR G 1814 -51.96 63.25 -51.46
CA THR G 1814 -52.99 62.51 -52.17
C THR G 1814 -53.87 61.72 -51.24
N GLU G 1815 -53.35 61.34 -50.08
CA GLU G 1815 -54.12 60.54 -49.16
C GLU G 1815 -55.26 61.35 -48.60
N PHE G 1816 -55.04 62.63 -48.37
CA PHE G 1816 -56.11 63.53 -48.01
C PHE G 1816 -57.05 63.71 -49.17
N LEU G 1817 -56.49 63.68 -50.37
CA LEU G 1817 -57.30 63.83 -51.57
C LEU G 1817 -58.19 62.62 -51.77
N PHE G 1818 -57.78 61.47 -51.31
CA PHE G 1818 -58.38 60.24 -51.78
C PHE G 1818 -58.99 59.42 -50.68
N VAL G 1819 -58.18 59.08 -49.67
CA VAL G 1819 -58.56 58.07 -48.68
C VAL G 1819 -59.89 58.34 -47.99
N PRO G 1820 -60.21 59.55 -47.52
CA PRO G 1820 -61.53 59.73 -46.96
C PRO G 1820 -62.61 59.73 -48.02
N LEU G 1821 -62.30 60.16 -49.24
CA LEU G 1821 -63.30 60.09 -50.30
C LEU G 1821 -63.65 58.66 -50.62
N ILE G 1822 -62.63 57.81 -50.76
CA ILE G 1822 -62.89 56.43 -51.11
C ILE G 1822 -63.56 55.72 -49.96
N LYS G 1823 -63.17 56.07 -48.75
CA LYS G 1823 -63.81 55.50 -47.57
C LYS G 1823 -65.28 55.86 -47.53
N LEU G 1824 -65.56 57.12 -47.83
CA LEU G 1824 -66.91 57.64 -47.91
C LEU G 1824 -67.73 56.85 -48.92
N PHE G 1825 -67.20 56.76 -50.13
CA PHE G 1825 -67.90 56.06 -51.20
C PHE G 1825 -68.05 54.59 -50.90
N TYR G 1826 -67.08 54.02 -50.21
CA TYR G 1826 -67.13 52.60 -49.89
C TYR G 1826 -68.24 52.31 -48.92
N THR G 1827 -68.36 53.15 -47.92
CA THR G 1827 -69.47 53.05 -46.99
C THR G 1827 -70.79 53.27 -47.68
N LEU G 1828 -70.82 54.17 -48.64
CA LEU G 1828 -72.02 54.35 -49.44
C LEU G 1828 -72.37 53.08 -50.18
N LEU G 1829 -71.36 52.49 -50.79
CA LEU G 1829 -71.49 51.27 -51.55
C LEU G 1829 -71.99 50.14 -50.69
N ILE G 1830 -71.61 50.16 -49.41
CA ILE G 1830 -72.18 49.23 -48.46
C ILE G 1830 -73.67 49.47 -48.31
N MET G 1831 -74.09 50.73 -48.35
CA MET G 1831 -75.42 51.09 -47.89
C MET G 1831 -76.49 50.92 -48.95
N GLY G 1832 -76.31 50.02 -49.91
CA GLY G 1832 -77.41 49.56 -50.73
C GLY G 1832 -77.94 50.60 -51.69
N ILE G 1833 -77.06 51.34 -52.33
CA ILE G 1833 -77.43 52.36 -53.29
C ILE G 1833 -76.61 52.08 -54.53
N PHE G 1834 -76.63 53.01 -55.49
CA PHE G 1834 -75.97 52.88 -56.79
C PHE G 1834 -76.52 51.68 -57.56
N HIS G 1835 -77.75 51.87 -58.01
CA HIS G 1835 -78.27 51.04 -59.09
C HIS G 1835 -77.29 51.06 -60.24
N ASN G 1836 -77.14 49.91 -60.89
CA ASN G 1836 -75.88 49.46 -61.46
C ASN G 1836 -75.27 50.31 -62.57
N GLU G 1837 -75.95 51.39 -62.96
CA GLU G 1837 -75.49 52.25 -64.04
C GLU G 1837 -74.19 52.97 -63.67
N ASP G 1838 -74.19 53.66 -62.54
CA ASP G 1838 -72.97 54.28 -62.05
C ASP G 1838 -71.98 53.25 -61.61
N LEU G 1839 -72.48 52.09 -61.17
CA LEU G 1839 -71.61 50.98 -60.78
C LEU G 1839 -70.78 50.53 -61.94
N LYS G 1840 -71.44 50.21 -63.06
CA LYS G 1840 -70.72 49.78 -64.25
C LYS G 1840 -69.91 50.91 -64.85
N HIS G 1841 -70.38 52.14 -64.66
CA HIS G 1841 -69.60 53.31 -65.03
C HIS G 1841 -68.27 53.35 -64.29
N ILE G 1842 -68.32 53.23 -62.97
CA ILE G 1842 -67.15 53.22 -62.13
C ILE G 1842 -66.32 51.98 -62.38
N LEU G 1843 -66.98 50.87 -62.70
CA LEU G 1843 -66.28 49.63 -62.97
C LEU G 1843 -65.43 49.75 -64.22
N GLN G 1844 -66.07 49.92 -65.38
CA GLN G 1844 -65.38 50.04 -66.66
C GLN G 1844 -64.50 51.28 -66.73
N LEU G 1845 -64.72 52.26 -65.84
CA LEU G 1845 -63.67 53.19 -65.49
C LEU G 1845 -62.45 52.47 -64.95
N ILE G 1846 -62.62 51.72 -63.87
CA ILE G 1846 -61.47 51.17 -63.15
C ILE G 1846 -61.03 49.83 -63.73
N GLU G 1847 -61.98 49.05 -64.25
CA GLU G 1847 -61.74 47.72 -64.79
C GLU G 1847 -60.99 47.70 -66.11
N PRO G 1848 -61.12 48.73 -66.95
CA PRO G 1848 -61.76 48.56 -68.26
C PRO G 1848 -61.47 47.22 -68.92
N SER G 1849 -62.52 46.43 -69.12
CA SER G 1849 -62.39 45.12 -69.73
C SER G 1849 -63.70 44.74 -70.40
N GLY G 1893 -59.09 52.97 -65.97
CA GLY G 1893 -57.90 52.29 -65.49
C GLY G 1893 -57.29 52.91 -64.26
N LEU G 1894 -57.99 52.78 -63.14
CA LEU G 1894 -57.48 53.32 -61.90
C LEU G 1894 -56.34 52.46 -61.35
N LEU G 1895 -56.46 51.16 -61.47
CA LEU G 1895 -55.47 50.28 -60.85
C LEU G 1895 -54.15 50.27 -61.60
N GLN G 1896 -54.09 50.89 -62.77
CA GLN G 1896 -52.82 51.16 -63.40
C GLN G 1896 -51.96 52.11 -62.58
N MET G 1897 -52.58 52.94 -61.74
CA MET G 1897 -51.85 54.00 -61.08
C MET G 1897 -50.94 53.46 -59.99
N LYS G 1898 -49.94 54.27 -59.65
CA LYS G 1898 -49.25 54.10 -58.39
C LYS G 1898 -50.19 54.59 -57.30
N LEU G 1899 -50.12 53.95 -56.14
CA LEU G 1899 -50.94 54.32 -55.02
C LEU G 1899 -50.09 54.34 -53.76
N PRO G 1900 -50.31 55.26 -52.86
CA PRO G 1900 -49.69 55.15 -51.54
C PRO G 1900 -50.39 54.13 -50.64
N GLU G 1901 -49.88 53.99 -49.43
CA GLU G 1901 -50.19 52.79 -48.63
C GLU G 1901 -51.62 52.76 -48.11
N PRO G 1902 -52.12 53.75 -47.34
CA PRO G 1902 -53.47 53.60 -46.81
C PRO G 1902 -54.52 53.74 -47.87
N VAL G 1903 -54.13 54.23 -49.03
CA VAL G 1903 -55.00 54.28 -50.19
C VAL G 1903 -55.43 52.87 -50.58
N LYS G 1904 -54.46 52.01 -50.84
CA LYS G 1904 -54.84 50.67 -51.26
C LYS G 1904 -55.34 49.86 -50.09
N LEU G 1905 -54.88 50.19 -48.88
CA LEU G 1905 -55.46 49.61 -47.68
C LEU G 1905 -56.94 49.92 -47.57
N GLN G 1906 -57.32 51.11 -47.98
CA GLN G 1906 -58.72 51.42 -48.11
C GLN G 1906 -59.33 50.66 -49.27
N MET G 1907 -58.58 50.52 -50.34
CA MET G 1907 -59.15 50.06 -51.60
C MET G 1907 -59.57 48.61 -51.54
N CYS G 1908 -58.80 47.78 -50.85
CA CYS G 1908 -58.97 46.34 -50.93
C CYS G 1908 -60.32 45.89 -50.38
N LEU G 1909 -60.86 46.68 -49.46
CA LEU G 1909 -62.14 46.38 -48.85
C LEU G 1909 -63.27 46.46 -49.86
N LEU G 1910 -63.10 47.33 -50.86
CA LEU G 1910 -64.08 47.45 -51.93
C LEU G 1910 -64.20 46.14 -52.68
N LEU G 1911 -63.06 45.59 -53.03
CA LEU G 1911 -63.05 44.34 -53.78
C LEU G 1911 -63.54 43.21 -52.92
N GLN G 1912 -63.24 43.29 -51.63
CA GLN G 1912 -63.77 42.32 -50.68
C GLN G 1912 -65.29 42.33 -50.71
N TYR G 1913 -65.86 43.53 -50.67
CA TYR G 1913 -67.30 43.71 -50.81
C TYR G 1913 -67.79 43.18 -52.14
N LEU G 1914 -66.98 43.35 -53.17
CA LEU G 1914 -67.38 42.99 -54.52
C LEU G 1914 -67.52 41.49 -54.67
N CYS G 1915 -66.48 40.76 -54.30
CA CYS G 1915 -66.57 39.31 -54.36
C CYS G 1915 -67.55 38.78 -53.34
N ASP G 1916 -67.80 39.54 -52.27
CA ASP G 1916 -68.81 39.13 -51.33
C ASP G 1916 -70.19 39.16 -51.95
N CYS G 1917 -70.56 40.27 -52.59
CA CYS G 1917 -71.89 40.33 -53.17
C CYS G 1917 -71.99 39.45 -54.39
N GLN G 1918 -70.86 39.23 -55.07
CA GLN G 1918 -70.80 38.25 -56.14
C GLN G 1918 -71.17 36.86 -55.66
N VAL G 1919 -70.54 36.43 -54.56
CA VAL G 1919 -70.81 35.08 -54.14
C VAL G 1919 -72.15 34.99 -53.46
N ARG G 1920 -72.66 36.11 -52.94
CA ARG G 1920 -74.02 36.10 -52.45
C ARG G 1920 -75.00 35.92 -53.60
N HIS G 1921 -74.67 36.51 -54.74
CA HIS G 1921 -75.45 36.25 -55.95
C HIS G 1921 -75.33 34.80 -56.38
N ARG G 1922 -74.14 34.22 -56.24
CA ARG G 1922 -73.95 32.80 -56.52
C ARG G 1922 -74.87 31.96 -55.65
N ILE G 1923 -74.98 32.34 -54.38
CA ILE G 1923 -75.84 31.65 -53.46
C ILE G 1923 -77.30 31.82 -53.85
N GLU G 1924 -77.66 33.01 -54.28
CA GLU G 1924 -79.04 33.26 -54.70
C GLU G 1924 -79.39 32.45 -55.93
N ALA G 1925 -78.42 32.27 -56.83
CA ALA G 1925 -78.66 31.44 -58.00
C ALA G 1925 -78.84 29.98 -57.60
N ILE G 1926 -78.10 29.52 -56.60
CA ILE G 1926 -78.30 28.15 -56.20
C ILE G 1926 -79.57 28.00 -55.40
N VAL G 1927 -80.03 29.09 -54.79
CA VAL G 1927 -81.34 29.08 -54.15
C VAL G 1927 -82.41 28.89 -55.19
N ALA G 1928 -82.31 29.60 -56.30
CA ALA G 1928 -83.28 29.47 -57.38
C ALA G 1928 -83.21 28.09 -58.03
N PHE G 1929 -82.01 27.50 -58.08
CA PHE G 1929 -81.88 26.15 -58.60
C PHE G 1929 -82.61 25.16 -57.73
N SER G 1930 -82.31 25.20 -56.43
CA SER G 1930 -82.95 24.34 -55.44
C SER G 1930 -84.44 24.52 -55.42
N ASP G 1931 -84.89 25.75 -55.68
CA ASP G 1931 -86.28 26.16 -55.58
C ASP G 1931 -87.21 25.37 -56.50
N ASP G 1932 -86.67 24.72 -57.52
CA ASP G 1932 -87.40 23.72 -58.24
C ASP G 1932 -86.79 22.35 -58.18
N PHE G 1933 -85.49 22.25 -57.90
CA PHE G 1933 -84.84 20.95 -57.88
C PHE G 1933 -85.39 20.06 -56.76
N VAL G 1934 -85.82 20.68 -55.66
CA VAL G 1934 -86.36 19.93 -54.53
C VAL G 1934 -87.67 19.25 -54.91
N ALA G 1935 -88.44 19.89 -55.79
CA ALA G 1935 -89.80 19.45 -56.10
C ALA G 1935 -89.82 18.09 -56.76
N LYS G 1936 -88.90 17.86 -57.70
CA LYS G 1936 -88.89 16.60 -58.44
C LYS G 1936 -88.54 15.44 -57.54
N LEU G 1937 -87.65 15.67 -56.59
CA LEU G 1937 -87.30 14.60 -55.67
C LEU G 1937 -88.40 14.36 -54.67
N GLN G 1938 -89.18 15.39 -54.35
CA GLN G 1938 -90.34 15.14 -53.53
C GLN G 1938 -91.38 14.30 -54.27
N ASP G 1939 -91.53 14.57 -55.57
CA ASP G 1939 -92.34 13.70 -56.42
C ASP G 1939 -91.80 12.29 -56.42
N ASN G 1940 -90.48 12.17 -56.44
CA ASN G 1940 -89.84 10.86 -56.44
C ASN G 1940 -90.12 10.09 -55.16
N GLN G 1941 -90.09 10.78 -54.02
CA GLN G 1941 -90.42 10.15 -52.75
C GLN G 1941 -91.88 9.70 -52.74
N ARG G 1942 -92.76 10.53 -53.30
CA ARG G 1942 -94.16 10.12 -53.43
C ARG G 1942 -94.31 8.94 -54.38
N PHE G 1943 -93.42 8.81 -55.36
CA PHE G 1943 -93.48 7.63 -56.23
C PHE G 1943 -93.04 6.40 -55.49
N ARG G 1944 -91.89 6.48 -54.83
CA ARG G 1944 -91.28 5.38 -54.11
C ARG G 1944 -92.14 4.88 -52.96
N TYR G 1945 -93.04 5.73 -52.46
CA TYR G 1945 -94.03 5.20 -51.53
C TYR G 1945 -95.00 4.25 -52.22
N ASN G 1946 -95.36 4.52 -53.48
CA ASN G 1946 -96.38 3.70 -54.13
C ASN G 1946 -95.86 2.34 -54.54
N GLU G 1947 -94.56 2.24 -54.83
CA GLU G 1947 -94.04 1.10 -55.57
C GLU G 1947 -93.84 -0.14 -54.73
N VAL G 1948 -94.42 -0.21 -53.54
CA VAL G 1948 -94.39 -1.44 -52.78
C VAL G 1948 -95.80 -2.01 -52.70
N ARG G 1994 -86.99 -2.23 -49.56
CA ARG G 1994 -87.50 -2.47 -48.22
C ARG G 1994 -87.23 -1.30 -47.30
N ASP G 1995 -87.13 -0.11 -47.89
CA ASP G 1995 -86.79 1.09 -47.14
C ASP G 1995 -87.72 2.23 -47.52
N GLN G 1996 -87.33 3.45 -47.16
CA GLN G 1996 -87.92 4.70 -47.66
C GLN G 1996 -89.42 4.79 -47.32
N LEU G 1997 -89.71 5.03 -46.04
CA LEU G 1997 -88.78 5.61 -45.06
C LEU G 1997 -89.04 5.09 -43.65
N LEU G 1998 -88.05 4.59 -42.89
CA LEU G 1998 -86.73 4.03 -43.25
C LEU G 1998 -85.69 4.75 -44.14
N ASP G 1999 -85.11 5.86 -43.66
CA ASP G 1999 -85.40 6.47 -42.36
C ASP G 1999 -85.86 7.88 -42.59
N PHE G 2000 -86.86 8.33 -41.84
CA PHE G 2000 -87.44 9.65 -42.08
C PHE G 2000 -86.50 10.75 -41.62
N HIS G 2001 -85.84 10.56 -40.48
CA HIS G 2001 -84.82 11.51 -40.06
C HIS G 2001 -83.62 11.47 -41.00
N GLU G 2002 -83.22 10.27 -41.39
CA GLU G 2002 -82.18 10.11 -42.38
C GLU G 2002 -82.73 10.11 -43.80
N ASP G 2003 -83.89 10.72 -44.03
CA ASP G 2003 -84.29 10.99 -45.40
C ASP G 2003 -83.36 11.99 -46.04
N LEU G 2004 -82.79 12.89 -45.24
CA LEU G 2004 -81.68 13.70 -45.71
C LEU G 2004 -80.51 12.84 -46.12
N MET G 2005 -80.23 11.78 -45.35
CA MET G 2005 -79.18 10.86 -45.73
C MET G 2005 -79.58 10.03 -46.93
N THR G 2006 -80.87 9.80 -47.11
CA THR G 2006 -81.36 9.08 -48.27
C THR G 2006 -81.20 9.91 -49.52
N HIS G 2007 -81.42 11.21 -49.40
CA HIS G 2007 -81.07 12.12 -50.47
C HIS G 2007 -79.57 12.13 -50.68
N CYS G 2008 -78.80 12.07 -49.60
CA CYS G 2008 -77.38 11.84 -49.72
C CYS G 2008 -77.10 10.46 -50.27
N GLY G 2009 -77.89 9.47 -49.86
CA GLY G 2009 -77.83 8.17 -50.50
C GLY G 2009 -78.29 8.22 -51.93
N ILE G 2010 -79.21 9.14 -52.26
CA ILE G 2010 -79.53 9.38 -53.65
C ILE G 2010 -78.35 10.05 -54.34
N GLU G 2011 -77.76 11.05 -53.72
CA GLU G 2011 -76.72 11.85 -54.38
C GLU G 2011 -75.34 11.26 -54.22
N LEU G 2012 -75.23 9.94 -54.16
CA LEU G 2012 -73.93 9.31 -53.94
C LEU G 2012 -73.05 9.37 -55.19
N ASP G 2013 -73.61 9.02 -56.33
CA ASP G 2013 -72.80 8.94 -57.55
C ASP G 2013 -73.57 9.45 -58.75
N SER G 2022 -84.16 6.37 -56.48
CA SER G 2022 -82.95 7.15 -56.24
C SER G 2022 -81.90 6.81 -57.27
N ASP G 2023 -80.75 7.48 -57.15
CA ASP G 2023 -79.55 7.22 -57.94
C ASP G 2023 -79.80 7.39 -59.44
N LEU G 2024 -80.68 8.32 -59.79
CA LEU G 2024 -81.13 8.47 -61.15
C LEU G 2024 -80.09 9.18 -62.00
N THR G 2025 -80.39 9.29 -63.29
CA THR G 2025 -79.70 10.25 -64.13
C THR G 2025 -80.27 11.63 -63.92
N ILE G 2026 -81.51 11.66 -63.41
CA ILE G 2026 -82.26 12.88 -63.17
C ILE G 2026 -81.53 13.77 -62.19
N ARG G 2027 -81.00 13.17 -61.12
CA ARG G 2027 -80.24 13.93 -60.14
C ARG G 2027 -78.90 14.38 -60.71
N GLY G 2028 -78.13 13.45 -61.26
CA GLY G 2028 -76.77 13.71 -61.70
C GLY G 2028 -76.68 14.69 -62.84
N ARG G 2029 -77.74 14.81 -63.63
CA ARG G 2029 -77.79 15.80 -64.71
C ARG G 2029 -77.72 17.22 -64.17
N LEU G 2030 -78.69 17.60 -63.36
CA LEU G 2030 -78.72 18.95 -62.81
C LEU G 2030 -77.62 19.16 -61.80
N LEU G 2031 -77.18 18.08 -61.17
CA LEU G 2031 -75.98 18.08 -60.35
C LEU G 2031 -74.77 18.51 -61.15
N SER G 2032 -74.57 17.89 -62.31
CA SER G 2032 -73.44 18.23 -63.16
C SER G 2032 -73.55 19.65 -63.68
N LEU G 2033 -74.79 20.09 -63.92
CA LEU G 2033 -75.04 21.48 -64.27
C LEU G 2033 -74.54 22.42 -63.18
N VAL G 2034 -74.80 22.08 -61.93
CA VAL G 2034 -74.35 22.91 -60.84
C VAL G 2034 -72.83 22.85 -60.71
N GLU G 2035 -72.26 21.66 -60.87
CA GLU G 2035 -70.83 21.49 -60.73
C GLU G 2035 -70.07 22.17 -61.85
N LYS G 2036 -70.70 22.37 -63.00
CA LYS G 2036 -70.03 23.16 -64.01
C LYS G 2036 -70.29 24.65 -63.84
N VAL G 2037 -71.38 25.04 -63.20
CA VAL G 2037 -71.54 26.46 -62.93
C VAL G 2037 -70.91 26.80 -61.59
N THR G 2038 -70.08 25.91 -61.09
CA THR G 2038 -69.00 26.34 -60.22
C THR G 2038 -68.10 27.34 -60.95
N TYR G 2039 -67.55 26.91 -62.08
CA TYR G 2039 -66.75 27.64 -63.09
C TYR G 2039 -65.48 28.47 -62.75
N LEU G 2040 -64.76 28.36 -61.63
CA LEU G 2040 -64.70 27.32 -60.62
C LEU G 2040 -65.02 28.01 -59.32
N THR G 2058 -62.00 38.06 -66.64
CA THR G 2058 -60.68 38.46 -66.19
C THR G 2058 -60.76 39.01 -64.78
N LEU G 2059 -61.99 39.08 -64.27
CA LEU G 2059 -62.24 39.82 -63.04
C LEU G 2059 -61.68 39.12 -61.81
N GLN G 2060 -62.02 37.84 -61.64
CA GLN G 2060 -61.40 37.04 -60.59
C GLN G 2060 -59.92 36.89 -60.83
N GLN G 2061 -59.55 36.89 -62.09
CA GLN G 2061 -58.17 36.79 -62.50
C GLN G 2061 -57.42 38.05 -62.15
N LEU G 2062 -57.98 39.21 -62.48
CA LEU G 2062 -57.29 40.45 -62.18
C LEU G 2062 -57.26 40.73 -60.69
N ILE G 2063 -58.21 40.16 -59.96
CA ILE G 2063 -58.14 40.16 -58.50
C ILE G 2063 -56.82 39.58 -58.04
N SER G 2064 -56.45 38.45 -58.59
CA SER G 2064 -55.15 37.86 -58.28
C SER G 2064 -54.03 38.69 -58.86
N GLU G 2065 -54.25 39.28 -60.02
CA GLU G 2065 -53.16 39.90 -60.75
C GLU G 2065 -52.72 41.18 -60.10
N THR G 2066 -53.67 41.93 -59.55
CA THR G 2066 -53.37 43.26 -59.04
C THR G 2066 -52.48 43.21 -57.84
N MET G 2067 -52.68 42.22 -56.99
CA MET G 2067 -51.99 42.21 -55.71
C MET G 2067 -50.53 41.90 -55.87
N VAL G 2068 -50.21 41.09 -56.87
CA VAL G 2068 -48.83 40.64 -56.98
C VAL G 2068 -47.93 41.74 -57.48
N ARG G 2069 -48.51 42.82 -58.01
CA ARG G 2069 -47.76 44.05 -58.23
C ARG G 2069 -47.14 44.52 -56.94
N TRP G 2070 -48.00 44.91 -55.99
CA TRP G 2070 -47.50 45.43 -54.73
C TRP G 2070 -46.75 44.40 -53.94
N ALA G 2071 -47.05 43.13 -54.17
CA ALA G 2071 -46.21 42.07 -53.66
C ALA G 2071 -44.83 42.09 -54.28
N GLN G 2072 -44.71 42.60 -55.51
CA GLN G 2072 -43.40 42.58 -56.13
C GLN G 2072 -42.63 43.88 -55.91
N GLU G 2073 -43.13 44.99 -56.42
CA GLU G 2073 -42.29 46.16 -56.55
C GLU G 2073 -42.17 46.94 -55.26
N SER G 2074 -43.04 46.69 -54.30
CA SER G 2074 -43.29 47.63 -53.22
C SER G 2074 -43.25 46.88 -51.90
N VAL G 2075 -42.11 46.28 -51.62
CA VAL G 2075 -41.84 45.75 -50.28
C VAL G 2075 -42.08 46.82 -49.23
N ILE G 2076 -42.92 46.51 -48.26
CA ILE G 2076 -43.54 47.53 -47.45
C ILE G 2076 -43.60 47.12 -45.99
N GLU G 2077 -44.11 48.04 -45.22
CA GLU G 2077 -44.53 47.94 -43.84
C GLU G 2077 -46.03 47.67 -43.80
N ASP G 2078 -46.67 47.92 -42.65
CA ASP G 2078 -48.11 47.93 -42.43
C ASP G 2078 -48.74 46.58 -42.68
N PRO G 2079 -48.52 45.61 -41.79
CA PRO G 2079 -48.95 44.23 -42.05
C PRO G 2079 -50.44 44.02 -42.29
N GLU G 2080 -51.24 45.03 -41.96
CA GLU G 2080 -52.69 44.95 -42.04
C GLU G 2080 -53.16 44.76 -43.48
N LEU G 2081 -52.76 45.66 -44.37
CA LEU G 2081 -53.25 45.52 -45.73
C LEU G 2081 -52.52 44.42 -46.45
N VAL G 2082 -51.30 44.11 -46.00
CA VAL G 2082 -50.58 42.94 -46.49
C VAL G 2082 -51.40 41.70 -46.25
N ARG G 2083 -51.83 41.55 -45.01
CA ARG G 2083 -52.76 40.50 -44.61
C ARG G 2083 -54.01 40.52 -45.46
N ALA G 2084 -54.57 41.71 -45.69
CA ALA G 2084 -55.81 41.80 -46.44
C ALA G 2084 -55.64 41.37 -47.88
N MET G 2085 -54.47 41.69 -48.45
CA MET G 2085 -54.12 41.21 -49.78
C MET G 2085 -54.09 39.71 -49.81
N PHE G 2086 -53.52 39.11 -48.77
CA PHE G 2086 -53.48 37.67 -48.73
C PHE G 2086 -54.85 37.07 -48.54
N VAL G 2087 -55.72 37.79 -47.82
CA VAL G 2087 -57.10 37.34 -47.66
C VAL G 2087 -57.79 37.33 -49.00
N LEU G 2088 -57.57 38.38 -49.78
CA LEU G 2088 -58.20 38.44 -51.08
C LEU G 2088 -57.62 37.39 -52.00
N LEU G 2089 -56.34 37.10 -51.85
CA LEU G 2089 -55.71 36.03 -52.61
C LEU G 2089 -56.33 34.69 -52.30
N HIS G 2090 -56.41 34.37 -51.01
CA HIS G 2090 -56.92 33.07 -50.65
C HIS G 2090 -58.38 32.95 -50.99
N ARG G 2091 -59.15 34.02 -50.77
CA ARG G 2091 -60.55 34.02 -51.13
C ARG G 2091 -60.73 33.91 -52.63
N GLN G 2092 -59.78 34.42 -53.41
CA GLN G 2092 -59.80 34.18 -54.83
C GLN G 2092 -59.54 32.72 -55.12
N TYR G 2093 -58.61 32.12 -54.41
CA TYR G 2093 -58.33 30.72 -54.64
C TYR G 2093 -59.20 29.80 -53.83
N ASP G 2094 -59.98 30.34 -52.91
CA ASP G 2094 -60.95 29.55 -52.18
C ASP G 2094 -62.28 30.24 -52.17
N GLY G 2095 -62.75 30.59 -53.37
CA GLY G 2095 -64.17 30.84 -53.51
C GLY G 2095 -65.02 29.64 -53.16
N ILE G 2096 -64.44 28.45 -53.26
CA ILE G 2096 -65.07 27.22 -52.78
C ILE G 2096 -65.40 27.34 -51.30
N GLY G 2097 -64.38 27.52 -50.47
CA GLY G 2097 -64.55 27.35 -49.04
C GLY G 2097 -65.41 28.42 -48.40
N GLY G 2098 -65.38 29.63 -48.95
CA GLY G 2098 -66.34 30.62 -48.52
C GLY G 2098 -67.74 30.19 -48.91
N LEU G 2099 -67.90 29.68 -50.12
CA LEU G 2099 -69.18 29.12 -50.52
C LEU G 2099 -69.49 27.86 -49.74
N VAL G 2100 -68.48 27.14 -49.25
CA VAL G 2100 -68.75 26.06 -48.32
C VAL G 2100 -69.39 26.58 -47.05
N ARG G 2101 -68.68 27.46 -46.36
CA ARG G 2101 -69.14 27.90 -45.05
C ARG G 2101 -70.34 28.83 -45.09
N ALA G 2102 -70.70 29.34 -46.26
CA ALA G 2102 -71.87 30.21 -46.33
C ALA G 2102 -73.15 29.43 -46.17
N LEU G 2103 -73.16 28.22 -46.61
CA LEU G 2103 -74.42 27.50 -46.68
C LEU G 2103 -74.91 26.98 -45.33
N PRO G 2104 -74.05 26.62 -44.38
CA PRO G 2104 -74.55 26.55 -43.01
C PRO G 2104 -75.09 27.86 -42.51
N LYS G 2105 -74.53 28.98 -42.95
CA LYS G 2105 -75.06 30.25 -42.48
C LYS G 2105 -76.39 30.57 -43.13
N THR G 2106 -76.62 30.11 -44.35
CA THR G 2106 -77.82 30.56 -45.02
C THR G 2106 -79.03 29.78 -44.54
N TYR G 2107 -80.21 30.29 -44.92
CA TYR G 2107 -81.48 29.67 -44.55
C TYR G 2107 -82.51 30.09 -45.56
N THR G 2108 -83.49 29.23 -45.79
CA THR G 2108 -84.63 29.56 -46.61
C THR G 2108 -85.84 29.73 -45.72
N ILE G 2109 -86.37 30.88 -45.71
CA ILE G 2109 -87.67 31.08 -45.11
C ILE G 2109 -88.71 30.78 -46.19
N ASN G 2110 -89.89 30.35 -45.76
CA ASN G 2110 -91.04 30.39 -46.63
C ASN G 2110 -91.32 31.82 -47.06
N GLY G 2111 -91.98 31.96 -48.21
CA GLY G 2111 -92.23 33.28 -48.72
C GLY G 2111 -93.40 34.01 -48.09
N VAL G 2112 -93.82 33.60 -46.91
CA VAL G 2112 -95.03 34.16 -46.32
C VAL G 2112 -94.70 34.88 -45.03
N SER G 2113 -94.02 34.20 -44.12
CA SER G 2113 -93.95 34.62 -42.73
C SER G 2113 -92.84 35.64 -42.48
N VAL G 2114 -92.47 36.39 -43.52
CA VAL G 2114 -91.27 37.20 -43.55
C VAL G 2114 -91.28 38.37 -42.59
N GLU G 2115 -92.44 38.70 -42.04
CA GLU G 2115 -92.61 39.96 -41.34
C GLU G 2115 -92.05 39.87 -39.93
N ASP G 2116 -92.46 38.83 -39.19
CA ASP G 2116 -91.86 38.52 -37.89
C ASP G 2116 -90.37 38.30 -38.01
N THR G 2117 -89.93 37.74 -39.15
CA THR G 2117 -88.51 37.62 -39.42
C THR G 2117 -87.87 38.99 -39.50
N ILE G 2118 -88.51 39.91 -40.20
CA ILE G 2118 -88.00 41.27 -40.33
C ILE G 2118 -87.87 41.92 -38.97
N ASN G 2119 -88.88 41.71 -38.12
CA ASN G 2119 -88.87 42.31 -36.81
C ASN G 2119 -87.79 41.72 -35.92
N LEU G 2120 -87.63 40.39 -35.97
CA LEU G 2120 -86.62 39.79 -35.13
C LEU G 2120 -85.24 40.13 -35.62
N LEU G 2121 -85.08 40.24 -36.95
CA LEU G 2121 -83.87 40.78 -37.53
C LEU G 2121 -83.53 42.13 -36.96
N ALA G 2122 -84.55 42.99 -36.87
CA ALA G 2122 -84.34 44.33 -36.33
C ALA G 2122 -83.87 44.27 -34.88
N SER G 2123 -84.53 43.43 -34.09
CA SER G 2123 -84.22 43.36 -32.67
C SER G 2123 -82.84 42.75 -32.44
N LEU G 2124 -82.53 41.69 -33.18
CA LEU G 2124 -81.24 41.08 -32.98
C LEU G 2124 -80.14 41.96 -33.52
N GLY G 2125 -80.44 42.74 -34.55
CA GLY G 2125 -79.46 43.68 -35.05
C GLY G 2125 -79.14 44.73 -34.03
N GLN G 2126 -80.16 45.26 -33.36
CA GLN G 2126 -79.84 46.26 -32.36
C GLN G 2126 -79.26 45.62 -31.12
N ILE G 2127 -79.48 44.33 -30.91
CA ILE G 2127 -78.77 43.75 -29.77
C ILE G 2127 -77.32 43.49 -30.12
N ARG G 2128 -77.03 43.24 -31.40
CA ARG G 2128 -75.66 43.18 -31.85
C ARG G 2128 -74.99 44.52 -31.70
N SER G 2129 -75.76 45.58 -31.92
CA SER G 2129 -75.27 46.91 -31.61
C SER G 2129 -75.04 47.04 -30.12
N LEU G 2130 -75.94 46.51 -29.32
CA LEU G 2130 -75.92 46.73 -27.89
C LEU G 2130 -74.84 45.95 -27.19
N LEU G 2131 -74.19 45.04 -27.91
CA LEU G 2131 -73.00 44.39 -27.37
C LEU G 2131 -71.94 45.39 -26.93
N SER G 2132 -71.75 46.44 -27.71
CA SER G 2132 -70.62 47.33 -27.53
C SER G 2132 -70.94 48.53 -26.67
N VAL G 2133 -72.01 48.46 -25.89
CA VAL G 2133 -72.47 49.63 -25.15
C VAL G 2133 -72.36 49.23 -23.69
N ARG G 2134 -71.27 48.53 -23.38
CA ARG G 2134 -71.09 47.71 -22.18
C ARG G 2134 -71.44 48.41 -20.87
N MET G 2135 -71.30 49.72 -20.82
CA MET G 2135 -71.79 50.53 -19.71
C MET G 2135 -72.95 51.35 -20.24
N GLY G 2136 -74.18 50.85 -20.10
CA GLY G 2136 -74.49 49.59 -19.43
C GLY G 2136 -75.47 49.70 -18.28
N LYS G 2137 -76.36 50.68 -18.32
CA LYS G 2137 -77.30 50.86 -17.22
C LYS G 2137 -78.74 51.02 -17.67
N GLU G 2138 -78.98 51.72 -18.76
CA GLU G 2138 -80.31 51.84 -19.32
C GLU G 2138 -80.48 51.06 -20.60
N GLU G 2139 -79.37 50.77 -21.27
CA GLU G 2139 -79.42 49.93 -22.44
C GLU G 2139 -79.83 48.52 -22.10
N GLU G 2140 -79.46 48.05 -20.92
CA GLU G 2140 -79.77 46.70 -20.50
C GLU G 2140 -81.27 46.48 -20.38
N LYS G 2141 -81.98 47.54 -20.02
CA LYS G 2141 -83.42 47.46 -19.98
C LYS G 2141 -83.98 47.30 -21.38
N LEU G 2142 -83.39 48.01 -22.35
CA LEU G 2142 -83.80 47.85 -23.74
C LEU G 2142 -83.46 46.46 -24.23
N MET G 2143 -82.38 45.90 -23.72
CA MET G 2143 -82.03 44.52 -24.04
C MET G 2143 -83.09 43.57 -23.52
N ILE G 2144 -83.56 43.82 -22.30
CA ILE G 2144 -84.64 43.03 -21.72
C ILE G 2144 -85.89 43.14 -22.58
N ARG G 2145 -86.16 44.36 -23.05
CA ARG G 2145 -87.28 44.57 -23.97
C ARG G 2145 -87.16 43.74 -25.21
N GLY G 2146 -86.01 43.84 -25.89
CA GLY G 2146 -85.82 43.11 -27.12
C GLY G 2146 -85.85 41.61 -26.92
N LEU G 2147 -85.37 41.16 -25.77
CA LEU G 2147 -85.44 39.75 -25.43
C LEU G 2147 -86.88 39.29 -25.29
N GLY G 2148 -87.70 40.11 -24.67
CA GLY G 2148 -89.12 39.80 -24.59
C GLY G 2148 -89.77 39.75 -25.96
N ASP G 2149 -89.37 40.68 -26.82
CA ASP G 2149 -89.91 40.70 -28.18
C ASP G 2149 -89.48 39.47 -28.96
N ILE G 2150 -88.27 39.02 -28.68
CA ILE G 2150 -87.77 37.78 -29.25
C ILE G 2150 -88.62 36.61 -28.79
N MET G 2151 -88.94 36.58 -27.50
CA MET G 2151 -89.81 35.56 -26.94
C MET G 2151 -91.17 35.57 -27.61
N ASN G 2152 -91.65 36.75 -27.97
CA ASN G 2152 -92.95 36.85 -28.60
C ASN G 2152 -92.92 36.63 -30.09
N ASN G 2153 -91.78 36.27 -30.66
CA ASN G 2153 -91.75 36.05 -32.09
C ASN G 2153 -92.35 34.69 -32.40
N LYS G 2154 -93.13 34.64 -33.47
CA LYS G 2154 -93.88 33.42 -33.73
C LYS G 2154 -93.35 32.63 -34.90
N VAL G 2155 -92.45 33.21 -35.69
CA VAL G 2155 -91.56 32.38 -36.52
C VAL G 2155 -90.37 32.11 -35.62
N PHE G 2156 -90.57 31.23 -34.74
CA PHE G 2156 -89.56 30.91 -33.78
C PHE G 2156 -89.38 29.43 -33.65
N TYR G 2157 -90.48 28.72 -33.68
CA TYR G 2157 -90.52 27.30 -33.54
C TYR G 2157 -90.68 26.68 -34.91
N GLN G 2158 -91.12 27.49 -35.85
CA GLN G 2158 -91.18 27.08 -37.23
C GLN G 2158 -89.77 26.89 -37.78
N HIS G 2159 -88.86 27.79 -37.45
CA HIS G 2159 -87.47 27.67 -37.89
C HIS G 2159 -86.52 28.01 -36.75
N PRO G 2160 -86.43 27.16 -35.73
CA PRO G 2160 -85.48 27.43 -34.65
C PRO G 2160 -84.06 27.16 -35.05
N ASN G 2161 -83.87 26.37 -36.11
CA ASN G 2161 -82.56 26.08 -36.65
C ASN G 2161 -81.90 27.33 -37.16
N LEU G 2162 -82.71 28.28 -37.59
CA LEU G 2162 -82.19 29.57 -38.00
C LEU G 2162 -81.51 30.27 -36.85
N MET G 2163 -82.18 30.37 -35.71
CA MET G 2163 -81.57 31.06 -34.58
C MET G 2163 -80.45 30.24 -33.97
N ARG G 2164 -80.53 28.92 -34.10
CA ARG G 2164 -79.38 28.10 -33.77
C ARG G 2164 -78.21 28.45 -34.65
N ALA G 2165 -78.47 28.68 -35.93
CA ALA G 2165 -77.43 29.15 -36.82
C ALA G 2165 -77.04 30.59 -36.53
N LEU G 2166 -77.86 31.33 -35.80
CA LEU G 2166 -77.56 32.73 -35.61
C LEU G 2166 -76.53 32.96 -34.52
N GLY G 2167 -76.48 32.09 -33.52
CA GLY G 2167 -75.55 32.30 -32.43
C GLY G 2167 -75.97 33.38 -31.48
N MET G 2168 -77.20 33.86 -31.61
CA MET G 2168 -77.73 34.86 -30.71
C MET G 2168 -77.79 34.35 -29.29
N HIS G 2169 -78.09 33.07 -29.14
CA HIS G 2169 -77.93 32.38 -27.88
C HIS G 2169 -76.51 32.53 -27.36
N GLU G 2170 -75.54 32.34 -28.24
CA GLU G 2170 -74.18 32.43 -27.81
C GLU G 2170 -73.79 33.88 -27.59
N THR G 2171 -74.46 34.77 -28.32
CA THR G 2171 -74.23 36.19 -28.16
C THR G 2171 -74.69 36.67 -26.80
N VAL G 2172 -75.86 36.23 -26.38
CA VAL G 2172 -76.34 36.67 -25.09
C VAL G 2172 -75.62 35.90 -23.98
N MET G 2173 -75.07 34.74 -24.30
CA MET G 2173 -74.18 34.09 -23.36
C MET G 2173 -72.94 34.94 -23.11
N GLU G 2174 -72.41 35.52 -24.18
CA GLU G 2174 -71.35 36.51 -24.06
C GLU G 2174 -71.82 37.71 -23.24
N VAL G 2175 -73.07 38.11 -23.43
CA VAL G 2175 -73.61 39.23 -22.67
C VAL G 2175 -73.61 38.91 -21.19
N MET G 2176 -73.94 37.67 -20.87
CA MET G 2176 -73.89 37.22 -19.48
C MET G 2176 -72.48 37.19 -18.95
N VAL G 2177 -71.52 36.82 -19.79
CA VAL G 2177 -70.12 36.87 -19.38
C VAL G 2177 -69.73 38.30 -19.09
N ASN G 2178 -70.17 39.21 -19.95
CA ASN G 2178 -69.96 40.63 -19.76
C ASN G 2178 -70.64 41.12 -18.48
N VAL G 2179 -71.77 40.53 -18.14
CA VAL G 2179 -72.42 40.84 -16.88
C VAL G 2179 -71.56 40.38 -15.73
N LEU G 2180 -71.05 39.17 -15.82
CA LEU G 2180 -70.26 38.61 -14.72
C LEU G 2180 -68.86 39.19 -14.80
N GLY G 2181 -68.67 40.30 -14.11
CA GLY G 2181 -67.36 40.91 -14.02
C GLY G 2181 -66.45 40.16 -13.08
N PHE G 2190 -75.20 44.04 -10.85
CA PHE G 2190 -75.84 42.73 -10.85
C PHE G 2190 -77.34 42.85 -10.98
N PRO G 2191 -77.83 43.28 -12.13
CA PRO G 2191 -79.24 43.64 -12.24
C PRO G 2191 -80.11 42.40 -12.41
N LYS G 2192 -81.40 42.67 -12.60
CA LYS G 2192 -82.38 41.64 -12.89
C LYS G 2192 -82.36 41.19 -14.34
N MET G 2193 -81.50 41.81 -15.16
CA MET G 2193 -81.35 41.39 -16.54
C MET G 2193 -80.82 39.98 -16.64
N VAL G 2194 -80.03 39.58 -15.65
CA VAL G 2194 -79.51 38.23 -15.52
C VAL G 2194 -80.62 37.23 -15.58
N ALA G 2195 -81.70 37.49 -14.83
CA ALA G 2195 -82.83 36.59 -14.79
C ALA G 2195 -83.55 36.54 -16.13
N ASN G 2196 -83.56 37.67 -16.83
CA ASN G 2196 -84.22 37.71 -18.12
C ASN G 2196 -83.49 36.85 -19.12
N CYS G 2197 -82.16 36.96 -19.14
CA CYS G 2197 -81.38 36.15 -20.05
C CYS G 2197 -81.44 34.69 -19.67
N CYS G 2198 -81.48 34.40 -18.37
CA CYS G 2198 -81.58 33.02 -17.93
C CYS G 2198 -82.87 32.38 -18.40
N ARG G 2199 -83.98 33.07 -18.15
CA ARG G 2199 -85.28 32.55 -18.49
C ARG G 2199 -85.44 32.42 -19.99
N PHE G 2200 -84.91 33.40 -20.73
CA PHE G 2200 -84.94 33.29 -22.17
C PHE G 2200 -84.10 32.13 -22.64
N LEU G 2201 -82.95 31.93 -22.02
CA LEU G 2201 -82.02 30.94 -22.51
C LEU G 2201 -82.56 29.55 -22.30
N CYS G 2202 -83.19 29.32 -21.17
CA CYS G 2202 -83.74 28.01 -20.96
C CYS G 2202 -84.98 27.80 -21.79
N TYR G 2203 -85.77 28.85 -22.02
CA TYR G 2203 -86.91 28.69 -22.92
C TYR G 2203 -86.45 28.39 -24.33
N PHE G 2204 -85.34 29.01 -24.73
CA PHE G 2204 -84.70 28.64 -25.97
C PHE G 2204 -84.24 27.20 -25.94
N CYS G 2205 -83.77 26.74 -24.79
CA CYS G 2205 -83.22 25.41 -24.70
C CYS G 2205 -84.30 24.35 -24.85
N ARG G 2206 -85.57 24.73 -24.64
CA ARG G 2206 -86.68 23.81 -24.78
C ARG G 2206 -86.82 23.32 -26.20
N ILE G 2207 -86.65 24.22 -27.16
CA ILE G 2207 -87.37 24.02 -28.41
C ILE G 2207 -86.64 23.12 -29.38
N SER G 2208 -85.44 22.65 -29.07
CA SER G 2208 -84.97 21.48 -29.78
C SER G 2208 -84.03 20.69 -28.90
N ARG G 2209 -83.75 19.48 -29.36
CA ARG G 2209 -82.65 18.71 -28.79
C ARG G 2209 -81.31 19.36 -29.11
N GLN G 2210 -81.14 19.81 -30.34
CA GLN G 2210 -79.84 20.30 -30.73
C GLN G 2210 -79.59 21.73 -30.29
N ASN G 2211 -80.64 22.47 -30.00
CA ASN G 2211 -80.44 23.73 -29.29
C ASN G 2211 -79.86 23.46 -27.92
N GLN G 2212 -80.40 22.45 -27.25
CA GLN G 2212 -79.85 22.00 -25.98
C GLN G 2212 -78.43 21.47 -26.16
N LYS G 2213 -78.14 20.87 -27.31
CA LYS G 2213 -76.79 20.43 -27.59
C LYS G 2213 -75.84 21.60 -27.68
N ALA G 2214 -76.27 22.66 -28.35
CA ALA G 2214 -75.46 23.86 -28.45
C ALA G 2214 -75.24 24.47 -27.08
N MET G 2215 -76.28 24.45 -26.26
CA MET G 2215 -76.13 25.03 -24.94
C MET G 2215 -75.33 24.14 -24.01
N PHE G 2216 -75.17 22.87 -24.36
CA PHE G 2216 -74.46 21.93 -23.50
C PHE G 2216 -72.99 22.29 -23.36
N ASP G 2217 -72.47 23.04 -24.27
CA ASP G 2217 -71.04 23.13 -24.46
C ASP G 2217 -70.41 24.19 -23.60
N HIS G 2218 -71.12 24.65 -22.60
CA HIS G 2218 -70.72 25.84 -21.88
C HIS G 2218 -70.74 25.57 -20.39
N LEU G 2219 -70.72 24.29 -20.03
CA LEU G 2219 -71.01 23.89 -18.66
C LEU G 2219 -69.94 24.36 -17.70
N SER G 2220 -68.69 23.97 -17.97
CA SER G 2220 -67.60 24.25 -17.05
C SER G 2220 -67.38 25.73 -16.86
N TYR G 2221 -67.66 26.50 -17.91
CA TYR G 2221 -67.88 27.92 -17.70
C TYR G 2221 -69.08 28.15 -16.80
N LEU G 2222 -70.18 27.49 -17.11
CA LEU G 2222 -71.49 28.01 -16.74
C LEU G 2222 -71.78 27.77 -15.28
N LEU G 2223 -71.64 26.54 -14.84
CA LEU G 2223 -71.96 26.19 -13.47
C LEU G 2223 -70.97 26.81 -12.50
N GLU G 2224 -69.72 26.93 -12.90
CA GLU G 2224 -68.77 27.63 -12.06
C GLU G 2224 -69.03 29.11 -12.07
N ASN G 2225 -69.63 29.59 -13.14
CA ASN G 2225 -70.18 30.92 -13.18
C ASN G 2225 -71.56 30.96 -12.57
N SER G 2226 -72.20 29.81 -12.38
CA SER G 2226 -73.46 29.75 -11.65
C SER G 2226 -73.20 29.55 -10.18
N SER G 2227 -72.26 30.31 -9.64
CA SER G 2227 -71.87 30.12 -8.26
C SER G 2227 -72.94 30.63 -7.33
N VAL G 2228 -73.64 31.67 -7.75
CA VAL G 2228 -74.91 32.03 -7.13
C VAL G 2228 -75.88 32.54 -8.18
N GLY G 2229 -76.88 31.73 -8.46
CA GLY G 2229 -78.13 32.22 -8.98
C GLY G 2229 -79.09 32.08 -7.83
N LEU G 2230 -78.54 31.57 -6.73
CA LEU G 2230 -79.29 31.23 -5.53
C LEU G 2230 -79.53 32.50 -4.72
N ALA G 2231 -79.96 32.29 -3.47
CA ALA G 2231 -80.41 33.33 -2.53
C ALA G 2231 -81.55 34.16 -3.09
N SER G 2232 -82.30 33.59 -4.03
CA SER G 2232 -83.38 34.32 -4.69
C SER G 2232 -84.50 33.33 -4.93
N PRO G 2233 -85.39 33.17 -3.96
CA PRO G 2233 -86.68 32.54 -4.26
C PRO G 2233 -87.56 33.42 -5.11
N ALA G 2234 -87.21 34.70 -5.25
CA ALA G 2234 -87.86 35.57 -6.22
C ALA G 2234 -87.68 35.02 -7.63
N MET G 2235 -86.45 34.96 -8.11
CA MET G 2235 -86.21 34.36 -9.42
C MET G 2235 -86.52 32.87 -9.38
N ARG G 2236 -85.66 32.11 -8.68
CA ARG G 2236 -85.86 30.72 -8.28
C ARG G 2236 -85.98 29.72 -9.43
N GLY G 2237 -86.10 30.20 -10.66
CA GLY G 2237 -86.12 29.37 -11.84
C GLY G 2237 -85.23 30.02 -12.87
N SER G 2238 -84.88 31.28 -12.62
CA SER G 2238 -83.97 32.00 -13.50
C SER G 2238 -82.56 32.03 -12.96
N THR G 2239 -82.05 30.93 -12.60
CA THR G 2239 -80.63 30.94 -12.32
C THR G 2239 -79.88 30.42 -13.53
N PRO G 2240 -78.62 30.79 -13.71
CA PRO G 2240 -77.87 30.20 -14.82
C PRO G 2240 -77.61 28.73 -14.60
N LEU G 2241 -77.52 28.33 -13.33
CA LEU G 2241 -77.56 26.92 -12.99
C LEU G 2241 -78.86 26.28 -13.46
N ASP G 2242 -79.96 27.02 -13.41
CA ASP G 2242 -81.21 26.46 -13.87
C ASP G 2242 -81.21 26.31 -15.37
N VAL G 2243 -80.47 27.16 -16.07
CA VAL G 2243 -80.32 26.96 -17.49
C VAL G 2243 -79.44 25.75 -17.74
N ALA G 2244 -78.46 25.53 -16.86
CA ALA G 2244 -77.60 24.37 -16.99
C ALA G 2244 -78.38 23.08 -16.79
N ALA G 2245 -79.28 23.08 -15.81
CA ALA G 2245 -80.14 21.92 -15.63
C ALA G 2245 -81.14 21.82 -16.77
N ALA G 2246 -81.52 22.96 -17.34
CA ALA G 2246 -82.39 22.94 -18.50
C ALA G 2246 -81.69 22.31 -19.69
N SER G 2247 -80.38 22.38 -19.72
CA SER G 2247 -79.60 21.78 -20.78
C SER G 2247 -79.41 20.28 -20.60
N VAL G 2248 -80.21 19.63 -19.77
CA VAL G 2248 -80.01 18.24 -19.42
C VAL G 2248 -81.22 17.39 -19.74
N MET G 2249 -82.40 17.86 -19.34
CA MET G 2249 -83.53 17.04 -18.88
C MET G 2249 -84.03 15.99 -19.86
N ASP G 2250 -83.59 15.99 -21.11
CA ASP G 2250 -84.09 14.98 -22.03
C ASP G 2250 -83.01 14.07 -22.57
N ASN G 2251 -81.90 14.61 -23.02
CA ASN G 2251 -81.05 13.89 -23.95
C ASN G 2251 -80.17 12.93 -23.19
N ASN G 2252 -80.51 11.65 -23.30
CA ASN G 2252 -79.66 10.59 -22.78
C ASN G 2252 -78.29 10.62 -23.42
N GLU G 2253 -78.24 10.98 -24.70
CA GLU G 2253 -77.01 11.26 -25.38
C GLU G 2253 -76.21 12.32 -24.63
N LEU G 2254 -76.88 13.39 -24.22
CA LEU G 2254 -76.21 14.39 -23.42
C LEU G 2254 -75.92 13.85 -22.04
N ALA G 2255 -76.79 12.96 -21.54
CA ALA G 2255 -76.58 12.39 -20.23
C ALA G 2255 -75.36 11.51 -20.17
N LEU G 2256 -74.90 11.02 -21.31
CA LEU G 2256 -73.61 10.42 -21.36
C LEU G 2256 -72.55 11.36 -21.87
N ALA G 2257 -72.95 12.54 -22.34
CA ALA G 2257 -71.92 13.44 -22.83
C ALA G 2257 -71.16 14.10 -21.69
N LEU G 2258 -71.74 14.14 -20.51
CA LEU G 2258 -71.14 14.86 -19.40
C LEU G 2258 -69.96 14.11 -18.81
N ARG G 2259 -69.38 14.69 -17.75
CA ARG G 2259 -68.25 14.08 -17.07
C ARG G 2259 -68.28 14.50 -15.61
N GLU G 2260 -67.20 14.19 -14.92
CA GLU G 2260 -66.99 14.29 -13.48
C GLU G 2260 -66.60 15.63 -12.85
N PRO G 2261 -65.72 16.49 -13.41
CA PRO G 2261 -65.10 17.51 -12.56
C PRO G 2261 -66.02 18.66 -12.22
N ASP G 2262 -66.94 18.97 -13.10
CA ASP G 2262 -68.05 19.87 -12.82
C ASP G 2262 -68.82 19.42 -11.60
N LEU G 2263 -69.06 18.12 -11.48
CA LEU G 2263 -69.79 17.62 -10.34
C LEU G 2263 -68.96 17.71 -9.08
N GLU G 2264 -67.64 17.63 -9.24
CA GLU G 2264 -66.78 17.91 -8.11
C GLU G 2264 -66.85 19.37 -7.72
N LYS G 2265 -67.08 20.25 -8.67
CA LYS G 2265 -67.32 21.64 -8.29
C LYS G 2265 -68.67 21.79 -7.61
N VAL G 2266 -69.63 20.97 -8.01
CA VAL G 2266 -70.93 20.98 -7.36
C VAL G 2266 -70.80 20.57 -5.90
N VAL G 2267 -70.00 19.55 -5.63
CA VAL G 2267 -69.86 19.15 -4.24
C VAL G 2267 -68.90 20.09 -3.52
N ARG G 2268 -68.09 20.85 -4.24
CA ARG G 2268 -67.43 21.98 -3.60
C ARG G 2268 -68.45 23.03 -3.17
N TYR G 2269 -69.60 23.08 -3.82
CA TYR G 2269 -70.59 24.05 -3.45
C TYR G 2269 -71.47 23.57 -2.32
N LEU G 2270 -71.02 22.59 -1.55
CA LEU G 2270 -71.72 22.12 -0.36
C LEU G 2270 -70.75 22.30 0.80
N ALA G 2271 -71.06 23.23 1.69
CA ALA G 2271 -70.14 23.54 2.79
C ALA G 2271 -70.78 23.72 4.15
N GLY G 2272 -72.04 24.12 4.24
CA GLY G 2272 -72.64 24.38 5.54
C GLY G 2272 -74.11 24.10 5.52
N CYS G 2273 -74.65 23.80 6.68
CA CYS G 2273 -76.09 23.65 6.85
C CYS G 2273 -76.67 24.74 7.71
N GLY G 2274 -76.01 25.09 8.80
CA GLY G 2274 -76.43 26.18 9.65
C GLY G 2274 -75.29 27.14 9.90
N PRO G 2293 -75.95 27.31 5.99
CA PRO G 2293 -76.13 27.54 4.56
C PRO G 2293 -77.07 26.54 3.91
N VAL G 2294 -78.37 26.71 4.21
CA VAL G 2294 -79.43 25.89 3.64
C VAL G 2294 -79.58 26.11 2.14
N GLU G 2295 -78.98 27.15 1.61
CA GLU G 2295 -79.07 27.52 0.21
C GLU G 2295 -78.32 26.59 -0.72
N GLY G 2296 -77.68 25.53 -0.22
CA GLY G 2296 -77.21 24.44 -1.06
C GLY G 2296 -78.30 23.59 -1.66
N GLU G 2297 -79.56 23.92 -1.33
CA GLU G 2297 -80.76 23.31 -1.87
C GLU G 2297 -80.81 23.25 -3.39
N ARG G 2298 -80.17 24.19 -4.08
CA ARG G 2298 -80.45 24.33 -5.49
C ARG G 2298 -79.67 23.33 -6.32
N TYR G 2299 -78.54 22.84 -5.80
CA TYR G 2299 -77.66 21.99 -6.60
C TYR G 2299 -78.28 20.63 -6.86
N LEU G 2300 -78.96 20.08 -5.85
CA LEU G 2300 -79.55 18.77 -5.98
C LEU G 2300 -80.67 18.77 -7.00
N ASP G 2301 -81.33 19.92 -7.14
CA ASP G 2301 -82.35 20.07 -8.17
C ASP G 2301 -81.76 19.80 -9.54
N PHE G 2302 -80.57 20.31 -9.77
CA PHE G 2302 -79.83 19.99 -10.98
C PHE G 2302 -79.42 18.53 -11.00
N LEU G 2303 -79.04 18.00 -9.85
CA LEU G 2303 -78.51 16.65 -9.83
C LEU G 2303 -79.57 15.61 -10.12
N ARG G 2304 -80.82 15.95 -9.87
CA ARG G 2304 -81.93 15.04 -10.15
C ARG G 2304 -82.06 14.78 -11.64
N PHE G 2305 -81.96 15.84 -12.44
CA PHE G 2305 -81.85 15.59 -13.86
C PHE G 2305 -80.50 15.03 -14.22
N ALA G 2306 -79.50 15.27 -13.38
CA ALA G 2306 -78.21 14.63 -13.64
C ALA G 2306 -78.19 13.16 -13.28
N VAL G 2307 -79.30 12.59 -12.81
CA VAL G 2307 -79.41 11.15 -12.76
C VAL G 2307 -80.50 10.59 -13.66
N PHE G 2308 -81.66 11.24 -13.79
CA PHE G 2308 -82.82 10.54 -14.32
C PHE G 2308 -83.01 10.79 -15.81
N CYS G 2309 -83.42 11.99 -16.21
CA CYS G 2309 -83.36 12.54 -17.57
C CYS G 2309 -84.23 11.81 -18.60
N ASN G 2310 -84.81 10.66 -18.26
CA ASN G 2310 -85.45 9.86 -19.30
C ASN G 2310 -86.71 9.14 -18.83
N GLY G 2311 -87.21 9.41 -17.65
CA GLY G 2311 -88.15 8.47 -17.06
C GLY G 2311 -87.49 7.25 -16.49
N GLU G 2312 -86.16 7.23 -16.45
CA GLU G 2312 -85.42 6.15 -15.81
C GLU G 2312 -84.02 6.68 -15.53
N SER G 2313 -83.59 6.55 -14.27
CA SER G 2313 -82.27 6.96 -13.83
C SER G 2313 -81.14 6.30 -14.62
N VAL G 2314 -80.46 7.08 -15.44
CA VAL G 2314 -79.16 6.62 -15.92
C VAL G 2314 -78.18 6.72 -14.76
N GLU G 2315 -77.22 5.82 -14.74
CA GLU G 2315 -76.70 5.32 -13.48
C GLU G 2315 -75.23 5.57 -13.27
N GLU G 2316 -74.45 5.82 -14.33
CA GLU G 2316 -73.01 5.92 -14.15
C GLU G 2316 -72.65 7.21 -13.44
N ASN G 2317 -73.35 8.28 -13.77
CA ASN G 2317 -73.30 9.51 -12.99
C ASN G 2317 -73.54 9.23 -11.52
N ALA G 2318 -74.62 8.52 -11.21
CA ALA G 2318 -74.93 8.17 -9.84
C ALA G 2318 -73.86 7.26 -9.26
N ASN G 2319 -73.40 6.33 -10.09
CA ASN G 2319 -72.37 5.38 -9.71
C ASN G 2319 -71.11 6.10 -9.26
N VAL G 2320 -70.77 7.20 -9.91
CA VAL G 2320 -69.65 7.99 -9.43
C VAL G 2320 -70.03 8.74 -8.17
N VAL G 2321 -71.14 9.48 -8.23
CA VAL G 2321 -71.31 10.55 -7.28
C VAL G 2321 -71.60 10.04 -5.89
N VAL G 2322 -72.17 8.85 -5.78
CA VAL G 2322 -72.36 8.34 -4.43
C VAL G 2322 -71.05 7.88 -3.83
N ARG G 2323 -70.08 7.49 -4.66
CA ARG G 2323 -68.76 7.19 -4.13
C ARG G 2323 -68.03 8.46 -3.77
N LEU G 2324 -68.36 9.52 -4.49
CA LEU G 2324 -67.85 10.82 -4.08
C LEU G 2324 -68.45 11.25 -2.76
N LEU G 2325 -69.68 10.83 -2.49
CA LEU G 2325 -70.46 11.40 -1.41
C LEU G 2325 -70.22 10.73 -0.07
N ILE G 2326 -69.11 10.03 0.10
CA ILE G 2326 -68.75 9.53 1.41
C ILE G 2326 -68.10 10.64 2.25
N ARG G 2327 -67.91 11.81 1.67
CA ARG G 2327 -67.10 12.84 2.30
C ARG G 2327 -67.92 13.79 3.17
N ARG G 2328 -68.94 14.45 2.63
CA ARG G 2328 -69.73 15.36 3.45
C ARG G 2328 -71.16 15.49 2.95
N PRO G 2329 -72.07 14.67 3.47
CA PRO G 2329 -73.49 14.91 3.20
C PRO G 2329 -74.05 16.09 3.97
N GLU G 2330 -73.67 16.22 5.23
CA GLU G 2330 -74.08 17.29 6.15
C GLU G 2330 -75.59 17.43 6.29
N GLY G 2343 -75.48 13.23 14.31
CA GLY G 2343 -76.81 12.65 14.28
C GLY G 2343 -77.74 13.36 13.31
N LEU G 2344 -77.65 13.00 12.03
CA LEU G 2344 -78.43 13.70 11.01
C LEU G 2344 -79.89 13.26 11.04
N LEU G 2345 -80.16 11.96 11.17
CA LEU G 2345 -81.52 11.49 11.33
C LEU G 2345 -82.03 11.65 12.75
N ALA G 2346 -81.16 12.04 13.69
CA ALA G 2346 -81.59 12.29 15.05
C ALA G 2346 -82.59 13.42 15.10
N ALA G 2347 -82.24 14.56 14.52
CA ALA G 2347 -83.14 15.70 14.43
C ALA G 2347 -83.89 15.72 13.12
N MET G 2348 -84.29 14.55 12.61
CA MET G 2348 -84.84 14.49 11.27
C MET G 2348 -86.23 15.10 11.21
N GLU G 2349 -87.14 14.64 12.06
CA GLU G 2349 -88.45 15.26 12.15
C GLU G 2349 -88.52 16.32 13.24
N GLU G 2350 -87.42 17.03 13.47
CA GLU G 2350 -87.32 17.91 14.62
C GLU G 2350 -88.15 19.18 14.42
N ALA G 2351 -87.78 20.00 13.43
CA ALA G 2351 -88.29 21.36 13.35
C ALA G 2351 -89.60 21.44 12.59
N ILE G 2352 -90.38 20.36 12.56
CA ILE G 2352 -91.76 20.42 12.08
C ILE G 2352 -92.57 21.39 12.92
N LYS G 2353 -92.23 21.49 14.20
CA LYS G 2353 -92.76 22.53 15.06
C LYS G 2353 -92.32 23.93 14.61
N ILE G 2354 -91.13 24.05 14.01
CA ILE G 2354 -90.58 25.34 13.74
C ILE G 2354 -90.85 25.69 12.29
N GLY G 2386 -91.06 29.26 5.72
CA GLY G 2386 -89.95 28.80 6.53
C GLY G 2386 -89.83 27.29 6.56
N ASN G 2387 -89.93 26.68 5.38
CA ASN G 2387 -89.93 25.23 5.22
C ASN G 2387 -88.53 24.72 4.92
N ALA G 2388 -87.53 25.31 5.57
CA ALA G 2388 -86.18 25.34 5.03
C ALA G 2388 -85.50 23.98 5.11
N ILE G 2389 -85.24 23.49 6.32
CA ILE G 2389 -84.43 22.30 6.48
C ILE G 2389 -85.21 21.08 6.07
N MET G 2390 -86.54 21.14 6.18
CA MET G 2390 -87.42 20.02 5.89
C MET G 2390 -87.37 19.65 4.41
N THR G 2391 -87.72 20.60 3.56
CA THR G 2391 -87.56 20.42 2.13
C THR G 2391 -86.10 20.28 1.75
N PHE G 2392 -85.21 20.90 2.52
CA PHE G 2392 -83.79 20.94 2.21
C PHE G 2392 -83.13 19.57 2.36
N TYR G 2393 -83.62 18.75 3.27
CA TYR G 2393 -83.19 17.37 3.33
C TYR G 2393 -84.10 16.45 2.54
N ALA G 2394 -85.31 16.90 2.23
CA ALA G 2394 -86.16 16.13 1.32
C ALA G 2394 -85.52 16.03 -0.05
N ALA G 2395 -84.84 17.10 -0.46
CA ALA G 2395 -84.04 17.06 -1.66
C ALA G 2395 -82.95 16.01 -1.55
N LEU G 2396 -82.32 15.91 -0.38
CA LEU G 2396 -81.23 14.96 -0.19
C LEU G 2396 -81.73 13.53 -0.31
N ILE G 2397 -82.86 13.23 0.32
CA ILE G 2397 -83.34 11.85 0.28
C ILE G 2397 -83.88 11.51 -1.10
N ASP G 2398 -84.52 12.45 -1.78
CA ASP G 2398 -85.02 12.17 -3.11
C ASP G 2398 -83.88 11.97 -4.09
N LEU G 2399 -82.80 12.71 -3.92
CA LEU G 2399 -81.63 12.51 -4.77
C LEU G 2399 -80.96 11.20 -4.46
N LEU G 2400 -80.96 10.82 -3.19
CA LEU G 2400 -80.32 9.59 -2.82
C LEU G 2400 -81.08 8.39 -3.35
N GLY G 2401 -82.40 8.50 -3.45
CA GLY G 2401 -83.17 7.34 -3.85
C GLY G 2401 -83.19 7.02 -5.32
N ARG G 2402 -82.07 7.23 -6.01
CA ARG G 2402 -82.03 7.14 -7.46
C ARG G 2402 -80.96 6.17 -7.91
N CYS G 2403 -80.94 4.97 -7.32
CA CYS G 2403 -79.97 3.95 -7.69
C CYS G 2403 -80.64 2.60 -7.82
N ALA G 2404 -80.50 1.96 -8.97
CA ALA G 2404 -81.02 0.62 -9.14
C ALA G 2404 -79.97 -0.39 -8.71
N GLU G 2416 -70.70 -7.78 -8.48
CA GLU G 2416 -71.53 -6.83 -9.19
C GLU G 2416 -71.51 -5.51 -8.44
N ALA G 2417 -72.06 -4.46 -9.04
CA ALA G 2417 -71.90 -3.12 -8.49
C ALA G 2417 -72.82 -2.83 -7.33
N ILE G 2418 -73.48 -3.82 -6.75
CA ILE G 2418 -74.48 -3.55 -5.73
C ILE G 2418 -73.82 -3.81 -4.38
N ARG G 2419 -72.49 -3.60 -4.33
CA ARG G 2419 -71.83 -3.31 -3.07
C ARG G 2419 -72.43 -2.06 -2.41
N ILE G 2420 -72.95 -1.15 -3.23
CA ILE G 2420 -73.57 0.08 -2.79
C ILE G 2420 -74.77 -0.10 -1.88
N ARG G 2421 -75.43 -1.27 -1.91
CA ARG G 2421 -76.79 -1.36 -1.41
C ARG G 2421 -76.86 -1.20 0.10
N SER G 2422 -75.84 -1.69 0.79
CA SER G 2422 -75.71 -1.42 2.22
C SER G 2422 -75.56 0.07 2.48
N ILE G 2423 -74.75 0.72 1.67
CA ILE G 2423 -74.58 2.16 1.79
C ILE G 2423 -75.86 2.84 1.31
N LEU G 2424 -76.54 2.23 0.34
CA LEU G 2424 -77.88 2.68 -0.01
C LEU G 2424 -78.86 2.45 1.13
N ARG G 2425 -78.56 1.52 2.03
CA ARG G 2425 -79.44 1.27 3.15
C ARG G 2425 -78.95 1.89 4.45
N SER G 2426 -77.85 2.63 4.44
CA SER G 2426 -77.46 3.37 5.61
C SER G 2426 -77.80 4.85 5.44
N GLY G 2431 -81.89 1.62 6.42
CA GLY G 2431 -82.57 1.39 7.68
C GLY G 2431 -82.86 2.69 8.40
N ASP G 2432 -83.46 3.63 7.68
CA ASP G 2432 -83.60 5.01 8.10
C ASP G 2432 -85.08 5.38 8.13
N LEU G 2433 -85.90 4.48 8.67
CA LEU G 2433 -87.31 4.37 8.33
C LEU G 2433 -88.22 5.27 9.15
N VAL G 2434 -87.69 6.34 9.72
CA VAL G 2434 -88.49 7.15 10.64
C VAL G 2434 -89.47 8.01 9.87
N GLY G 2435 -89.05 8.54 8.73
CA GLY G 2435 -89.88 9.42 7.93
C GLY G 2435 -91.02 8.70 7.26
N VAL G 2436 -90.94 7.37 7.18
CA VAL G 2436 -92.06 6.57 6.72
C VAL G 2436 -93.25 6.81 7.63
N ILE G 2437 -93.01 6.81 8.93
CA ILE G 2437 -94.07 7.01 9.90
C ILE G 2437 -93.75 8.33 10.57
N SER G 2438 -93.26 9.28 9.77
CA SER G 2438 -93.20 10.65 10.22
C SER G 2438 -94.60 11.18 10.54
N ILE G 2439 -95.41 11.42 9.51
CA ILE G 2439 -96.78 11.89 9.69
C ILE G 2439 -97.69 10.90 8.96
N ALA G 2440 -97.31 9.62 8.99
CA ALA G 2440 -98.10 8.57 8.35
C ALA G 2440 -99.50 8.43 8.95
N PHE G 2461 -96.09 20.02 1.52
CA PHE G 2461 -95.38 19.54 2.69
C PHE G 2461 -95.54 18.05 2.82
N CYS G 2462 -96.59 17.63 3.51
CA CYS G 2462 -97.05 16.26 3.36
C CYS G 2462 -97.58 16.02 1.95
N PRO G 2463 -97.99 17.04 1.17
CA PRO G 2463 -97.82 16.90 -0.28
C PRO G 2463 -96.41 16.52 -0.69
N ASP G 2464 -95.42 17.26 -0.24
CA ASP G 2464 -94.09 17.19 -0.84
C ASP G 2464 -93.33 15.95 -0.44
N HIS G 2465 -93.15 15.76 0.86
CA HIS G 2465 -92.05 14.92 1.33
C HIS G 2465 -92.38 13.44 1.24
N LYS G 2466 -93.63 13.08 1.54
CA LYS G 2466 -93.98 11.67 1.74
C LYS G 2466 -93.87 10.87 0.45
N ALA G 2467 -94.20 11.48 -0.70
CA ALA G 2467 -94.06 10.77 -1.97
C ALA G 2467 -92.58 10.52 -2.30
N ALA G 2468 -91.71 11.44 -1.90
CA ALA G 2468 -90.28 11.21 -2.07
C ALA G 2468 -89.82 10.05 -1.22
N MET G 2469 -90.35 9.96 -0.01
CA MET G 2469 -90.05 8.80 0.83
C MET G 2469 -90.60 7.53 0.20
N VAL G 2470 -91.77 7.63 -0.46
CA VAL G 2470 -92.39 6.48 -1.12
C VAL G 2470 -91.49 5.95 -2.20
N LEU G 2471 -91.01 6.82 -3.08
CA LEU G 2471 -90.19 6.35 -4.18
C LEU G 2471 -88.83 5.90 -3.69
N PHE G 2472 -88.31 6.51 -2.62
CA PHE G 2472 -87.03 6.06 -2.09
C PHE G 2472 -87.13 4.68 -1.50
N LEU G 2473 -88.19 4.43 -0.73
CA LEU G 2473 -88.43 3.11 -0.19
C LEU G 2473 -88.70 2.10 -1.27
N ASP G 2474 -89.36 2.52 -2.35
CA ASP G 2474 -89.61 1.59 -3.43
C ASP G 2474 -88.34 1.27 -4.18
N ARG G 2475 -87.42 2.22 -4.22
CA ARG G 2475 -86.17 2.00 -4.92
C ARG G 2475 -85.23 1.11 -4.12
N VAL G 2476 -85.09 1.39 -2.83
CA VAL G 2476 -84.01 0.75 -2.08
C VAL G 2476 -84.59 -0.44 -1.32
N TYR G 2477 -85.89 -0.47 -1.14
CA TYR G 2477 -86.45 -1.53 -0.33
C TYR G 2477 -87.65 -2.17 -1.01
N VAL G 2481 -94.72 -9.99 3.59
CA VAL G 2481 -93.90 -9.12 2.75
C VAL G 2481 -94.80 -8.40 1.78
N GLN G 2482 -95.54 -9.17 0.96
CA GLN G 2482 -96.55 -8.56 0.11
C GLN G 2482 -97.68 -7.96 0.93
N ASP G 2483 -97.88 -8.45 2.15
CA ASP G 2483 -98.94 -7.96 3.00
C ASP G 2483 -98.42 -7.36 4.31
N PHE G 2484 -97.12 -7.48 4.58
CA PHE G 2484 -96.49 -6.85 5.75
C PHE G 2484 -96.60 -5.33 5.73
N LEU G 2485 -96.50 -4.74 4.54
CA LEU G 2485 -96.25 -3.31 4.40
C LEU G 2485 -97.42 -2.47 4.86
N LEU G 2486 -98.58 -3.07 5.05
CA LEU G 2486 -99.77 -2.31 5.39
C LEU G 2486 -99.79 -1.86 6.84
N HIS G 2487 -98.79 -2.26 7.65
CA HIS G 2487 -98.71 -1.68 8.98
C HIS G 2487 -98.18 -0.27 8.91
N LEU G 2488 -97.58 0.10 7.80
CA LEU G 2488 -97.01 1.41 7.59
C LEU G 2488 -98.06 2.46 7.24
N LEU G 2489 -99.35 2.20 7.40
CA LEU G 2489 -100.35 3.26 7.32
C LEU G 2489 -100.24 4.20 8.50
N GLY G 2492 -98.00 7.19 5.09
CA GLY G 2492 -98.94 6.11 5.32
C GLY G 2492 -100.40 6.48 5.12
N PHE G 2493 -101.16 5.54 4.57
CA PHE G 2493 -102.49 5.85 4.08
C PHE G 2493 -103.51 6.02 5.19
N LEU G 2494 -103.13 5.78 6.45
CA LEU G 2494 -104.05 6.06 7.56
C LEU G 2494 -104.40 7.52 7.67
N PRO G 2495 -103.48 8.46 7.48
CA PRO G 2495 -103.90 9.86 7.39
C PRO G 2495 -104.55 10.12 6.05
N ASP G 2496 -104.07 9.43 5.03
CA ASP G 2496 -104.32 9.84 3.66
C ASP G 2496 -105.72 9.46 3.19
N LEU G 2497 -105.98 8.16 3.07
CA LEU G 2497 -107.23 7.68 2.51
C LEU G 2497 -108.40 7.95 3.44
N ARG G 2498 -108.11 8.15 4.73
CA ARG G 2498 -109.10 8.64 5.66
C ARG G 2498 -109.29 10.15 5.54
N ALA G 2499 -108.26 10.88 5.10
CA ALA G 2499 -108.36 12.32 4.96
C ALA G 2499 -108.89 12.73 3.60
N ALA G 2500 -109.65 11.86 2.96
CA ALA G 2500 -110.07 12.01 1.58
C ALA G 2500 -111.22 13.00 1.39
N ALA G 2501 -111.51 13.87 2.36
CA ALA G 2501 -112.52 14.88 2.17
C ALA G 2501 -112.17 16.21 2.83
N SER G 2502 -110.93 16.39 3.31
CA SER G 2502 -110.55 17.62 4.00
C SER G 2502 -110.47 18.77 3.00
N LEU G 2503 -111.43 19.69 3.08
CA LEU G 2503 -111.50 20.80 2.13
C LEU G 2503 -110.43 21.84 2.40
N THR G 2511 -104.99 24.70 0.61
CA THR G 2511 -105.41 23.79 -0.44
C THR G 2511 -104.29 22.85 -0.83
N ASP G 2512 -103.29 22.77 0.06
CA ASP G 2512 -102.21 21.80 -0.09
C ASP G 2512 -102.77 20.38 -0.10
N MET G 2513 -103.80 20.17 0.71
CA MET G 2513 -104.52 18.90 0.77
C MET G 2513 -105.16 18.56 -0.56
N ALA G 2514 -105.80 19.54 -1.21
CA ALA G 2514 -106.58 19.30 -2.40
C ALA G 2514 -105.73 18.90 -3.59
N LEU G 2515 -104.45 19.23 -3.53
CA LEU G 2515 -103.51 18.83 -4.57
C LEU G 2515 -102.69 17.62 -4.18
N ALA G 2516 -102.46 17.41 -2.88
CA ALA G 2516 -101.92 16.14 -2.41
C ALA G 2516 -102.87 15.00 -2.73
N LEU G 2517 -104.16 15.31 -2.78
CA LEU G 2517 -105.20 14.38 -3.20
C LEU G 2517 -104.89 13.77 -4.55
N ASN G 2518 -104.84 14.59 -5.59
CA ASN G 2518 -104.57 14.06 -6.92
C ASN G 2518 -103.11 13.67 -7.07
N ARG G 2519 -102.25 14.18 -6.18
CA ARG G 2519 -100.84 13.86 -6.23
C ARG G 2519 -100.60 12.41 -5.83
N TYR G 2520 -101.03 12.02 -4.65
CA TYR G 2520 -100.62 10.75 -4.06
C TYR G 2520 -101.34 9.56 -4.66
N LEU G 2521 -102.05 9.73 -5.78
CA LEU G 2521 -102.57 8.60 -6.51
C LEU G 2521 -101.45 7.76 -7.11
N CYS G 2522 -100.31 8.37 -7.42
CA CYS G 2522 -99.16 7.59 -7.87
C CYS G 2522 -98.65 6.69 -6.75
N THR G 2523 -98.50 7.26 -5.55
CA THR G 2523 -98.14 6.50 -4.37
C THR G 2523 -99.24 5.56 -3.93
N ALA G 2524 -100.46 5.75 -4.42
CA ALA G 2524 -101.54 4.81 -4.19
C ALA G 2524 -101.47 3.63 -5.17
N VAL G 2525 -101.03 3.88 -6.39
CA VAL G 2525 -100.87 2.79 -7.35
C VAL G 2525 -99.68 1.94 -6.97
N LEU G 2526 -98.59 2.59 -6.57
CA LEU G 2526 -97.30 2.01 -6.19
C LEU G 2526 -97.29 0.78 -5.28
N PRO G 2527 -98.27 0.57 -4.37
CA PRO G 2527 -98.30 -0.73 -3.69
C PRO G 2527 -98.91 -1.86 -4.49
N LEU G 2528 -99.05 -1.70 -5.81
CA LEU G 2528 -99.26 -2.87 -6.66
C LEU G 2528 -98.07 -3.81 -6.57
N LEU G 2529 -96.88 -3.26 -6.37
CA LEU G 2529 -95.73 -4.01 -5.95
C LEU G 2529 -95.98 -4.59 -4.57
N LEU G 2535 -103.47 -11.11 9.55
CA LEU G 2535 -104.19 -10.97 8.30
C LEU G 2535 -105.65 -10.59 8.56
N PHE G 2536 -105.85 -9.38 9.07
CA PHE G 2536 -107.21 -8.92 9.36
C PHE G 2536 -107.44 -7.47 8.95
N ALA G 2537 -106.44 -6.61 9.17
CA ALA G 2537 -106.58 -5.17 8.96
C ALA G 2537 -106.63 -4.76 7.50
N GLY G 2538 -106.46 -5.71 6.57
CA GLY G 2538 -106.62 -5.40 5.17
C GLY G 2538 -108.05 -5.06 4.81
N THR G 2539 -109.01 -5.55 5.58
CA THR G 2539 -110.38 -5.06 5.43
C THR G 2539 -110.47 -3.59 5.79
N GLU G 2540 -109.74 -3.16 6.82
CA GLU G 2540 -109.69 -1.74 7.14
C GLU G 2540 -108.93 -0.94 6.10
N HIS G 2541 -107.92 -1.56 5.48
CA HIS G 2541 -107.20 -0.90 4.40
C HIS G 2541 -108.09 -0.71 3.18
N HIS G 2542 -108.86 -1.74 2.84
CA HIS G 2542 -109.84 -1.63 1.76
C HIS G 2542 -110.97 -0.67 2.14
N ALA G 2543 -111.23 -0.51 3.43
CA ALA G 2543 -112.21 0.47 3.87
C ALA G 2543 -111.72 1.90 3.62
N SER G 2544 -110.47 2.17 4.00
CA SER G 2544 -109.88 3.47 3.71
C SER G 2544 -109.77 3.69 2.21
N LEU G 2545 -109.48 2.63 1.46
CA LEU G 2545 -109.39 2.70 0.01
C LEU G 2545 -110.74 3.00 -0.61
N ILE G 2546 -111.81 2.40 -0.09
CA ILE G 2546 -113.14 2.66 -0.60
C ILE G 2546 -113.59 4.06 -0.20
N ASP G 2547 -113.17 4.53 0.97
CA ASP G 2547 -113.48 5.88 1.39
C ASP G 2547 -112.83 6.91 0.49
N SER G 2548 -111.58 6.67 0.12
CA SER G 2548 -110.93 7.52 -0.86
C SER G 2548 -111.54 7.33 -2.25
N LEU G 2549 -112.01 6.12 -2.55
CA LEU G 2549 -112.51 5.82 -3.89
C LEU G 2549 -113.84 6.51 -4.14
N LEU G 2550 -114.82 6.25 -3.29
CA LEU G 2550 -116.10 6.94 -3.37
C LEU G 2550 -115.99 8.40 -2.97
N HIS G 2551 -114.91 8.79 -2.28
CA HIS G 2551 -114.59 10.20 -2.15
C HIS G 2551 -114.25 10.84 -3.49
N THR G 2552 -113.84 10.04 -4.48
CA THR G 2552 -113.66 10.50 -5.84
C THR G 2552 -114.65 9.90 -6.82
N VAL G 2553 -115.28 8.77 -6.49
CA VAL G 2553 -116.24 8.16 -7.41
C VAL G 2553 -117.56 8.90 -7.36
N LYS G 2558 -109.80 15.72 -10.28
CA LYS G 2558 -108.68 14.85 -9.97
C LYS G 2558 -108.77 13.56 -10.76
N GLY G 2559 -109.66 13.55 -11.74
CA GLY G 2559 -110.12 12.31 -12.38
C GLY G 2559 -109.08 11.62 -13.23
N CYS G 2560 -108.00 12.30 -13.59
CA CYS G 2560 -106.98 11.67 -14.42
C CYS G 2560 -106.23 10.60 -13.63
N SER G 2561 -105.52 11.01 -12.58
CA SER G 2561 -104.84 10.04 -11.74
C SER G 2561 -105.80 9.21 -10.91
N LEU G 2562 -107.03 9.69 -10.72
CA LEU G 2562 -108.06 8.86 -10.12
C LEU G 2562 -108.43 7.69 -11.02
N THR G 2563 -108.63 7.96 -12.31
CA THR G 2563 -108.86 6.89 -13.27
C THR G 2563 -107.64 6.00 -13.43
N LYS G 2564 -106.45 6.56 -13.18
CA LYS G 2564 -105.25 5.74 -13.12
C LYS G 2564 -105.29 4.78 -11.94
N ALA G 2565 -105.65 5.28 -10.76
CA ALA G 2565 -105.71 4.43 -9.57
C ALA G 2565 -106.87 3.46 -9.61
N GLN G 2566 -107.87 3.73 -10.47
CA GLN G 2566 -108.97 2.80 -10.67
C GLN G 2566 -108.51 1.47 -11.21
N ARG G 2567 -107.44 1.46 -12.02
CA ARG G 2567 -106.89 0.21 -12.50
C ARG G 2567 -106.17 -0.54 -11.38
N ASP G 2568 -105.42 0.18 -10.54
CA ASP G 2568 -104.66 -0.45 -9.47
C ASP G 2568 -105.55 -0.99 -8.37
N SER G 2569 -106.76 -0.43 -8.22
CA SER G 2569 -107.66 -0.85 -7.14
C SER G 2569 -108.11 -2.29 -7.30
N ILE G 2570 -108.43 -2.71 -8.52
CA ILE G 2570 -108.97 -4.06 -8.74
C ILE G 2570 -107.88 -5.11 -8.54
N GLU G 2571 -106.67 -4.83 -9.01
CA GLU G 2571 -105.57 -5.76 -8.83
C GLU G 2571 -105.12 -5.81 -7.38
N VAL G 2572 -105.26 -4.70 -6.65
CA VAL G 2572 -104.99 -4.73 -5.22
C VAL G 2572 -106.09 -5.50 -4.50
N CYS G 2573 -107.31 -5.49 -5.05
CA CYS G 2573 -108.39 -6.24 -4.45
C CYS G 2573 -108.20 -7.74 -4.64
N LEU G 2574 -107.79 -8.16 -5.83
CA LEU G 2574 -107.52 -9.58 -6.06
C LEU G 2574 -106.10 -9.96 -5.69
N LEU G 2575 -105.36 -9.07 -5.00
CA LEU G 2575 -103.97 -9.37 -4.64
C LEU G 2575 -103.86 -10.41 -3.54
N SER G 2576 -104.94 -10.71 -2.85
CA SER G 2576 -104.95 -11.77 -1.85
C SER G 2576 -106.33 -12.40 -1.80
N ARG G 2582 -107.66 -11.22 6.01
CA ARG G 2582 -107.11 -12.33 5.25
C ARG G 2582 -107.80 -12.48 3.91
N PRO G 2583 -107.77 -13.70 3.36
CA PRO G 2583 -108.57 -13.96 2.15
C PRO G 2583 -110.06 -13.90 2.41
N SER G 2584 -110.48 -14.09 3.66
CA SER G 2584 -111.85 -13.79 4.04
C SER G 2584 -112.15 -12.31 3.89
N MET G 2585 -111.21 -11.46 4.31
CA MET G 2585 -111.35 -10.04 4.05
C MET G 2585 -111.27 -9.75 2.56
N MET G 2586 -110.58 -10.60 1.79
CA MET G 2586 -110.52 -10.44 0.35
C MET G 2586 -111.86 -10.73 -0.31
N GLN G 2587 -112.57 -11.78 0.15
CA GLN G 2587 -113.92 -12.00 -0.36
C GLN G 2587 -114.89 -10.95 0.16
N HIS G 2588 -114.63 -10.41 1.35
CA HIS G 2588 -115.42 -9.30 1.89
C HIS G 2588 -115.31 -8.07 0.99
N LEU G 2589 -114.09 -7.72 0.60
CA LEU G 2589 -113.90 -6.65 -0.37
C LEU G 2589 -114.36 -7.05 -1.77
N LEU G 2590 -114.41 -8.34 -2.08
CA LEU G 2590 -114.94 -8.77 -3.38
C LEU G 2590 -116.43 -8.52 -3.48
N ARG G 2591 -117.16 -8.65 -2.38
CA ARG G 2591 -118.57 -8.25 -2.36
C ARG G 2591 -118.79 -6.82 -1.83
N ARG G 2592 -117.70 -6.09 -1.55
CA ARG G 2592 -117.83 -4.65 -1.30
C ARG G 2592 -118.35 -3.89 -2.51
N LEU G 2593 -118.10 -4.42 -3.72
CA LEU G 2593 -118.72 -3.84 -4.91
C LEU G 2593 -120.24 -3.98 -4.86
N VAL G 2594 -120.73 -5.11 -4.36
CA VAL G 2594 -122.17 -5.27 -4.15
C VAL G 2594 -122.66 -4.38 -3.01
N PHE G 2595 -121.77 -4.10 -2.04
CA PHE G 2595 -122.12 -3.18 -0.96
C PHE G 2595 -122.34 -1.76 -1.48
N ASP G 2596 -121.49 -1.30 -2.38
CA ASP G 2596 -121.68 0.01 -2.99
C ASP G 2596 -122.72 0.01 -4.11
N VAL G 2597 -123.05 -1.16 -4.65
CA VAL G 2597 -124.00 -1.35 -5.75
C VAL G 2597 -125.41 -0.93 -5.37
N PRO G 2598 -125.72 -0.77 -4.08
CA PRO G 2598 -127.05 -0.29 -3.69
C PRO G 2598 -127.42 1.08 -4.26
N LEU G 2599 -126.46 1.89 -4.70
CA LEU G 2599 -126.74 3.14 -5.39
C LEU G 2599 -126.50 3.06 -6.90
N LEU G 2600 -126.26 1.86 -7.44
CA LEU G 2600 -125.78 1.76 -8.82
C LEU G 2600 -126.90 1.84 -9.85
N ASN G 2601 -127.77 0.83 -9.88
CA ASN G 2601 -128.81 0.74 -10.91
C ASN G 2601 -129.90 -0.24 -10.51
N LYS G 2605 -121.51 5.55 -9.79
CA LYS G 2605 -122.59 5.63 -10.76
C LYS G 2605 -122.09 5.28 -12.16
N MET G 2606 -122.09 6.27 -13.05
CA MET G 2606 -121.43 6.14 -14.34
C MET G 2606 -119.93 6.11 -14.10
N PRO G 2607 -119.45 6.75 -13.04
CA PRO G 2607 -118.02 6.66 -12.70
C PRO G 2607 -117.62 5.25 -12.28
N LEU G 2608 -118.34 4.69 -11.31
CA LEU G 2608 -118.04 3.35 -10.81
C LEU G 2608 -118.69 2.25 -11.64
N LYS G 2609 -119.21 2.58 -12.83
CA LYS G 2609 -119.77 1.57 -13.71
C LYS G 2609 -118.71 0.61 -14.22
N LEU G 2610 -117.48 1.09 -14.38
CA LEU G 2610 -116.39 0.21 -14.78
C LEU G 2610 -116.04 -0.75 -13.67
N LEU G 2611 -116.05 -0.28 -12.42
CA LEU G 2611 -115.82 -1.17 -11.28
C LEU G 2611 -116.96 -2.16 -11.14
N THR G 2612 -118.19 -1.73 -11.42
CA THR G 2612 -119.33 -2.64 -11.40
C THR G 2612 -119.24 -3.69 -12.50
N ASN G 2613 -118.69 -3.32 -13.65
CA ASN G 2613 -118.45 -4.30 -14.71
C ASN G 2613 -117.37 -5.29 -14.29
N HIS G 2614 -116.25 -4.78 -13.78
CA HIS G 2614 -115.12 -5.64 -13.43
C HIS G 2614 -115.37 -6.46 -12.16
N TYR G 2615 -116.44 -6.16 -11.41
CA TYR G 2615 -116.74 -6.91 -10.19
C TYR G 2615 -117.12 -8.36 -10.45
N GLU G 2616 -117.46 -8.71 -11.70
CA GLU G 2616 -117.63 -10.11 -12.08
C GLU G 2616 -116.36 -10.90 -11.85
N ARG G 2617 -115.20 -10.28 -12.07
CA ARG G 2617 -113.93 -10.94 -11.80
C ARG G 2617 -113.73 -11.16 -10.30
N CYS G 2618 -114.18 -10.21 -9.46
CA CYS G 2618 -114.01 -10.38 -8.02
C CYS G 2618 -114.94 -11.46 -7.48
N TRP G 2619 -116.15 -11.54 -8.03
CA TRP G 2619 -117.06 -12.62 -7.66
C TRP G 2619 -116.54 -13.97 -8.14
N LYS G 2620 -115.93 -14.01 -9.33
CA LYS G 2620 -115.31 -15.24 -9.80
C LYS G 2620 -114.08 -15.60 -8.98
N TYR G 2621 -113.40 -14.61 -8.42
CA TYR G 2621 -112.27 -14.88 -7.53
C TYR G 2621 -112.77 -15.44 -6.21
N TYR G 2622 -113.90 -14.95 -5.72
CA TYR G 2622 -114.51 -15.57 -4.55
C TYR G 2622 -115.13 -16.92 -4.88
N CYS G 2623 -115.36 -17.21 -6.16
CA CYS G 2623 -116.11 -18.41 -6.56
C CYS G 2623 -115.35 -19.71 -6.33
N LEU G 2624 -114.00 -19.67 -6.34
CA LEU G 2624 -113.24 -20.92 -6.32
C LEU G 2624 -113.28 -21.59 -4.95
N PRO G 2625 -112.69 -21.03 -3.91
CA PRO G 2625 -112.73 -21.70 -2.61
C PRO G 2625 -114.04 -21.46 -1.90
N GLY G 2626 -114.70 -20.35 -2.23
CA GLY G 2626 -116.01 -20.05 -1.71
C GLY G 2626 -117.15 -20.75 -2.40
N GLY G 2627 -116.86 -21.62 -3.36
CA GLY G 2627 -117.89 -22.39 -4.03
C GLY G 2627 -117.34 -23.36 -5.05
N ALA G 2634 -127.16 -14.54 4.52
CA ALA G 2634 -126.10 -13.54 4.53
C ALA G 2634 -125.43 -13.45 3.17
N SER G 2635 -124.44 -14.32 2.95
CA SER G 2635 -123.66 -14.26 1.72
C SER G 2635 -124.49 -14.69 0.52
N GLU G 2636 -125.20 -15.80 0.63
CA GLU G 2636 -126.10 -16.20 -0.44
C GLU G 2636 -127.32 -15.29 -0.52
N GLU G 2637 -127.71 -14.70 0.63
CA GLU G 2637 -128.77 -13.69 0.60
C GLU G 2637 -128.30 -12.43 -0.12
N GLU G 2638 -127.04 -12.05 0.08
CA GLU G 2638 -126.48 -10.96 -0.70
C GLU G 2638 -126.33 -11.34 -2.16
N LEU G 2639 -126.11 -12.62 -2.46
CA LEU G 2639 -126.05 -13.06 -3.84
C LEU G 2639 -127.42 -12.98 -4.51
N HIS G 2640 -128.47 -13.32 -3.77
CA HIS G 2640 -129.84 -13.20 -4.29
C HIS G 2640 -130.22 -11.74 -4.47
N LEU G 2641 -129.84 -10.88 -3.51
CA LEU G 2641 -130.07 -9.45 -3.67
C LEU G 2641 -129.25 -8.86 -4.81
N SER G 2642 -128.07 -9.43 -5.06
CA SER G 2642 -127.24 -8.98 -6.16
C SER G 2642 -127.81 -9.42 -7.50
N ARG G 2643 -128.38 -10.62 -7.56
CA ARG G 2643 -129.05 -11.06 -8.78
C ARG G 2643 -130.32 -10.26 -9.01
N LYS G 2644 -131.00 -9.87 -7.93
CA LYS G 2644 -132.17 -9.00 -8.05
C LYS G 2644 -131.75 -7.61 -8.53
N LEU G 2645 -130.63 -7.10 -8.04
CA LEU G 2645 -130.11 -5.82 -8.51
C LEU G 2645 -129.62 -5.92 -9.95
N PHE G 2646 -129.14 -7.09 -10.36
CA PHE G 2646 -128.72 -7.29 -11.74
C PHE G 2646 -129.92 -7.32 -12.68
N TRP G 2647 -131.01 -7.95 -12.24
CA TRP G 2647 -132.23 -7.92 -13.02
C TRP G 2647 -132.85 -6.53 -13.04
N GLY G 2648 -132.69 -5.76 -11.95
CA GLY G 2648 -133.17 -4.39 -11.94
C GLY G 2648 -132.34 -3.45 -12.78
N ILE G 2649 -131.04 -3.73 -12.89
CA ILE G 2649 -130.20 -3.00 -13.83
C ILE G 2649 -130.50 -3.43 -15.25
N PHE G 2650 -130.98 -4.66 -15.44
CA PHE G 2650 -131.36 -5.14 -16.77
C PHE G 2650 -132.56 -4.39 -17.32
N ASP G 2651 -133.48 -3.99 -16.46
CA ASP G 2651 -134.60 -3.16 -16.88
C ASP G 2651 -134.41 -1.71 -16.50
N ALA G 2652 -133.20 -1.33 -16.06
CA ALA G 2652 -132.95 0.06 -15.70
C ALA G 2652 -132.97 0.99 -16.91
N LEU G 2653 -132.70 0.45 -18.10
CA LEU G 2653 -132.83 1.23 -19.32
C LEU G 2653 -134.28 1.21 -19.79
N TYR G 2658 -124.05 3.74 -23.63
CA TYR G 2658 -123.29 2.60 -24.17
C TYR G 2658 -122.36 2.03 -23.11
N GLU G 2659 -121.87 2.91 -22.23
CA GLU G 2659 -121.00 2.46 -21.14
C GLU G 2659 -121.79 1.64 -20.12
N GLN G 2660 -123.02 2.06 -19.82
CA GLN G 2660 -123.92 1.20 -19.07
C GLN G 2660 -124.29 -0.03 -19.88
N GLU G 2661 -124.46 0.14 -21.20
CA GLU G 2661 -124.71 -1.00 -22.07
C GLU G 2661 -123.49 -1.90 -22.19
N LEU G 2662 -122.29 -1.35 -21.99
CA LEU G 2662 -121.11 -2.19 -21.93
C LEU G 2662 -121.05 -2.95 -20.61
N PHE G 2663 -121.31 -2.26 -19.50
CA PHE G 2663 -121.23 -2.90 -18.19
C PHE G 2663 -122.36 -3.89 -17.94
N LYS G 2664 -123.45 -3.80 -18.71
CA LYS G 2664 -124.55 -4.73 -18.53
C LYS G 2664 -124.19 -6.14 -19.00
N LEU G 2665 -123.29 -6.26 -19.97
CA LEU G 2665 -122.83 -7.57 -20.39
C LEU G 2665 -121.97 -8.22 -19.32
N ALA G 2666 -121.25 -7.41 -18.53
CA ALA G 2666 -120.46 -7.94 -17.44
C ALA G 2666 -121.28 -8.16 -16.18
N LEU G 2667 -122.40 -7.46 -16.04
CA LEU G 2667 -123.38 -7.84 -15.02
C LEU G 2667 -123.95 -9.23 -15.27
N PRO G 2668 -124.14 -9.66 -16.52
CA PRO G 2668 -124.41 -11.08 -16.76
C PRO G 2668 -123.25 -11.97 -16.36
N CYS G 2669 -122.01 -11.50 -16.56
CA CYS G 2669 -120.85 -12.23 -16.04
C CYS G 2669 -120.82 -12.21 -14.52
N LEU G 2670 -121.35 -11.14 -13.90
CA LEU G 2670 -121.47 -11.13 -12.45
C LEU G 2670 -122.49 -12.15 -11.97
N SER G 2671 -123.57 -12.34 -12.73
CA SER G 2671 -124.54 -13.38 -12.38
C SER G 2671 -123.95 -14.77 -12.56
N ALA G 2672 -123.15 -14.98 -13.61
CA ALA G 2672 -122.49 -16.27 -13.80
C ALA G 2672 -121.44 -16.54 -12.73
N VAL G 2673 -120.72 -15.50 -12.29
CA VAL G 2673 -119.73 -15.70 -11.24
C VAL G 2673 -120.41 -15.90 -9.89
N ALA G 2674 -121.60 -15.31 -9.69
CA ALA G 2674 -122.37 -15.64 -8.51
C ALA G 2674 -122.92 -17.06 -8.58
N GLY G 2675 -123.15 -17.56 -9.78
CA GLY G 2675 -123.48 -18.96 -9.93
C GLY G 2675 -122.31 -19.88 -9.57
N ALA G 2676 -121.11 -19.52 -10.01
CA ALA G 2676 -119.93 -20.30 -9.66
C ALA G 2676 -119.53 -20.12 -8.19
N LEU G 2677 -119.98 -19.06 -7.56
CA LEU G 2677 -119.70 -18.80 -6.15
C LEU G 2677 -120.67 -19.58 -5.28
N PRO G 2678 -121.95 -19.59 -5.61
CA PRO G 2678 -122.93 -20.31 -4.79
C PRO G 2678 -123.10 -21.74 -5.27
N PRO G 2679 -122.24 -22.19 -6.21
CA PRO G 2679 -122.12 -23.49 -6.87
C PRO G 2679 -123.45 -24.05 -7.39
N ASN G 2701 -118.09 8.52 2.52
CA ASN G 2701 -119.20 9.24 3.12
C ASN G 2701 -120.34 8.30 3.45
N PHE G 2702 -120.06 7.31 4.29
CA PHE G 2702 -121.04 6.29 4.62
C PHE G 2702 -122.13 6.86 5.52
N ASN G 2703 -123.35 6.33 5.37
CA ASN G 2703 -124.53 6.80 6.07
C ASN G 2703 -125.12 5.67 6.92
N PRO G 2704 -124.67 5.52 8.17
CA PRO G 2704 -125.26 4.48 9.04
C PRO G 2704 -126.61 4.91 9.62
N GLN G 2705 -127.69 4.37 9.07
CA GLN G 2705 -129.04 4.86 9.38
C GLN G 2705 -129.77 3.84 10.23
N PRO G 2706 -130.01 4.11 11.51
CA PRO G 2706 -130.88 3.25 12.31
C PRO G 2706 -132.35 3.50 11.96
N VAL G 2707 -133.22 2.71 12.57
CA VAL G 2707 -134.65 2.83 12.35
C VAL G 2707 -135.33 3.18 13.67
N ASP G 2708 -136.66 3.28 13.65
CA ASP G 2708 -137.42 3.91 14.73
C ASP G 2708 -137.41 3.08 16.01
N THR G 2709 -137.46 3.78 17.14
CA THR G 2709 -137.24 3.17 18.45
C THR G 2709 -138.49 3.19 19.31
N SER G 2710 -138.99 4.38 19.66
CA SER G 2710 -139.99 4.50 20.70
C SER G 2710 -141.30 5.11 20.23
N ASN G 2711 -141.45 5.37 18.94
CA ASN G 2711 -142.70 5.85 18.38
C ASN G 2711 -143.67 4.73 18.04
N ILE G 2712 -143.35 3.50 18.44
CA ILE G 2712 -144.21 2.34 18.26
C ILE G 2712 -144.82 1.99 19.61
N THR G 2713 -146.07 1.52 19.58
CA THR G 2713 -146.84 1.25 20.79
C THR G 2713 -146.29 -0.02 21.44
N ILE G 2714 -145.40 0.16 22.41
CA ILE G 2714 -144.72 -0.93 23.10
C ILE G 2714 -145.26 -0.98 24.52
N PRO G 2715 -145.75 -2.12 25.00
CA PRO G 2715 -146.17 -2.22 26.40
C PRO G 2715 -144.96 -2.32 27.32
N GLU G 2716 -145.25 -2.21 28.62
CA GLU G 2716 -144.20 -2.31 29.64
C GLU G 2716 -144.10 -3.71 30.23
N LYS G 2717 -144.50 -4.73 29.46
CA LYS G 2717 -144.19 -6.10 29.84
C LYS G 2717 -142.73 -6.43 29.55
N LEU G 2718 -142.15 -5.77 28.56
CA LEU G 2718 -140.71 -5.83 28.33
C LEU G 2718 -139.95 -4.99 29.34
N GLU G 2719 -140.63 -4.09 30.06
CA GLU G 2719 -140.01 -3.38 31.18
C GLU G 2719 -139.72 -4.32 32.33
N TYR G 2720 -140.60 -5.31 32.56
CA TYR G 2720 -140.28 -6.38 33.50
C TYR G 2720 -139.13 -7.23 32.98
N PHE G 2721 -139.10 -7.46 31.66
CA PHE G 2721 -137.93 -8.07 31.04
C PHE G 2721 -136.69 -7.19 31.17
N ILE G 2722 -136.86 -5.86 31.15
CA ILE G 2722 -135.71 -4.97 31.33
C ILE G 2722 -135.18 -5.04 32.76
N ASN G 2723 -136.08 -5.15 33.75
CA ASN G 2723 -135.63 -5.28 35.13
C ASN G 2723 -135.03 -6.66 35.38
N LYS G 2724 -135.55 -7.69 34.70
CA LYS G 2724 -134.91 -9.01 34.77
C LYS G 2724 -133.55 -8.99 34.10
N TYR G 2725 -133.43 -8.25 32.99
CA TYR G 2725 -132.15 -8.06 32.32
C TYR G 2725 -131.16 -7.36 33.23
N ALA G 2726 -131.63 -6.33 33.94
CA ALA G 2726 -130.77 -5.60 34.87
C ALA G 2726 -130.37 -6.44 36.07
N GLU G 2727 -131.31 -7.24 36.61
CA GLU G 2727 -131.05 -8.12 37.72
C GLU G 2727 -130.00 -9.17 37.37
N HIS G 2728 -130.26 -9.92 36.32
CA HIS G 2728 -129.40 -11.04 35.96
C HIS G 2728 -128.09 -10.54 35.35
N SER G 2729 -128.14 -9.43 34.61
CA SER G 2729 -126.93 -8.77 34.14
C SER G 2729 -126.11 -8.22 35.29
N HIS G 2730 -126.74 -7.83 36.41
CA HIS G 2730 -125.92 -7.41 37.53
C HIS G 2730 -125.34 -8.58 38.29
N ASP G 2731 -126.02 -9.73 38.32
CA ASP G 2731 -125.39 -10.92 38.89
C ASP G 2731 -124.16 -11.33 38.08
N LYS G 2732 -124.30 -11.38 36.75
CA LYS G 2732 -123.14 -11.73 35.91
C LYS G 2732 -122.10 -10.62 35.87
N TRP G 2733 -122.53 -9.36 35.99
CA TRP G 2733 -121.61 -8.23 36.06
C TRP G 2733 -120.84 -8.23 37.37
N SER G 2734 -121.50 -8.61 38.46
CA SER G 2734 -120.85 -8.73 39.74
C SER G 2734 -119.87 -9.89 39.75
N MET G 2735 -120.18 -10.98 39.04
CA MET G 2735 -119.17 -12.04 38.89
C MET G 2735 -117.99 -11.58 38.03
N ASP G 2736 -118.28 -10.85 36.95
CA ASP G 2736 -117.23 -10.39 36.04
C ASP G 2736 -116.34 -9.32 36.69
N LYS G 2737 -116.85 -8.59 37.67
CA LYS G 2737 -116.06 -7.58 38.36
C LYS G 2737 -115.71 -7.96 39.80
N LEU G 2738 -116.08 -9.16 40.22
CA LEU G 2738 -115.56 -9.74 41.46
C LEU G 2738 -114.51 -10.81 41.19
N ALA G 2739 -114.38 -11.26 39.94
CA ALA G 2739 -113.11 -11.86 39.52
C ALA G 2739 -112.00 -10.81 39.53
N ASN G 2740 -112.35 -9.54 39.29
CA ASN G 2740 -111.46 -8.40 39.47
C ASN G 2740 -111.49 -7.85 40.89
N GLY G 2741 -112.66 -7.85 41.54
CA GLY G 2741 -112.76 -7.49 42.94
C GLY G 2741 -113.29 -6.10 43.21
N TRP G 2742 -114.39 -5.73 42.55
CA TRP G 2742 -114.92 -4.38 42.63
C TRP G 2742 -116.09 -4.30 43.60
N ILE G 2743 -115.85 -3.68 44.76
CA ILE G 2743 -116.90 -3.33 45.72
C ILE G 2743 -116.87 -1.82 45.90
N TYR G 2744 -118.04 -1.21 46.12
CA TYR G 2744 -118.10 0.23 46.37
C TYR G 2744 -117.62 0.55 47.78
N GLY G 2745 -116.61 1.40 47.87
CA GLY G 2745 -116.11 1.90 49.15
C GLY G 2745 -116.44 3.36 49.34
N GLU G 2746 -115.41 4.21 49.41
CA GLU G 2746 -115.62 5.65 49.57
C GLU G 2746 -115.10 6.45 48.39
N ILE G 2747 -113.83 6.32 48.04
CA ILE G 2747 -113.20 7.08 46.96
C ILE G 2747 -112.75 6.09 45.89
N TYR G 2748 -113.15 6.34 44.64
CA TYR G 2748 -112.91 5.40 43.56
C TYR G 2748 -111.44 5.38 43.16
N SER G 2749 -110.80 4.23 43.32
CA SER G 2749 -109.41 4.03 42.92
C SER G 2749 -109.20 2.55 42.63
N ASP G 2750 -107.94 2.17 42.44
CA ASP G 2750 -107.57 0.81 42.05
C ASP G 2750 -106.80 0.05 43.11
N SER G 2751 -106.04 0.75 43.95
CA SER G 2751 -105.27 0.09 45.00
C SER G 2751 -106.19 -0.50 46.06
N SER G 2752 -107.30 0.18 46.35
CA SER G 2752 -108.32 -0.38 47.22
C SER G 2752 -109.41 -1.11 46.44
N LYS G 2753 -109.36 -1.05 45.10
CA LYS G 2753 -110.32 -1.68 44.17
C LYS G 2753 -111.75 -1.20 44.45
N VAL G 2754 -111.95 0.10 44.30
CA VAL G 2754 -113.21 0.75 44.61
C VAL G 2754 -113.75 1.41 43.34
N GLN G 2755 -115.00 1.10 43.02
CA GLN G 2755 -115.75 1.76 41.96
C GLN G 2755 -117.01 2.38 42.54
N PRO G 2756 -117.50 3.49 41.98
CA PRO G 2756 -118.71 4.11 42.55
C PRO G 2756 -120.02 3.49 42.08
N LEU G 2757 -119.98 2.26 41.56
CA LEU G 2757 -121.16 1.61 41.01
C LEU G 2757 -121.39 0.18 41.47
N MET G 2758 -120.61 -0.32 42.43
CA MET G 2758 -120.54 -1.76 42.67
C MET G 2758 -121.11 -2.15 44.04
N LYS G 2759 -122.41 -2.37 44.07
CA LYS G 2759 -123.13 -3.07 45.12
C LYS G 2759 -123.76 -4.28 44.46
N PRO G 2760 -124.33 -5.23 45.21
CA PRO G 2760 -125.20 -6.23 44.58
C PRO G 2760 -126.54 -5.62 44.19
N TYR G 2761 -127.33 -6.39 43.45
CA TYR G 2761 -128.55 -5.88 42.84
C TYR G 2761 -129.62 -5.53 43.85
N LYS G 2762 -129.60 -6.12 45.04
CA LYS G 2762 -130.58 -5.79 46.07
C LYS G 2762 -130.36 -4.42 46.70
N LEU G 2763 -129.22 -3.77 46.44
CA LEU G 2763 -128.93 -2.46 47.03
C LEU G 2763 -128.53 -1.45 45.97
N LEU G 2764 -128.63 -1.80 44.69
CA LEU G 2764 -128.24 -0.88 43.63
C LEU G 2764 -129.18 0.30 43.51
N SER G 2765 -128.72 1.30 42.80
CA SER G 2765 -129.53 2.42 42.35
C SER G 2765 -129.62 2.39 40.83
N GLU G 2766 -130.72 2.93 40.30
CA GLU G 2766 -130.93 2.90 38.87
C GLU G 2766 -130.11 3.95 38.13
N LYS G 2767 -129.48 4.89 38.85
CA LYS G 2767 -128.67 5.90 38.19
C LYS G 2767 -127.37 5.33 37.63
N GLU G 2768 -126.87 4.24 38.21
CA GLU G 2768 -125.62 3.66 37.74
C GLU G 2768 -125.84 2.59 36.68
N LYS G 2769 -127.04 2.02 36.60
CA LYS G 2769 -127.35 1.13 35.49
C LYS G 2769 -127.72 1.88 34.22
N GLU G 2770 -128.06 3.17 34.34
CA GLU G 2770 -128.53 3.97 33.21
C GLU G 2770 -127.46 4.12 32.14
N ILE G 2771 -126.18 4.16 32.55
CA ILE G 2771 -125.07 4.14 31.59
C ILE G 2771 -124.80 2.76 31.03
N TYR G 2772 -125.56 1.75 31.44
CA TYR G 2772 -125.57 0.45 30.77
C TYR G 2772 -126.94 0.05 30.25
N ARG G 2773 -128.03 0.51 30.85
CA ARG G 2773 -129.36 0.13 30.40
C ARG G 2773 -129.72 0.81 29.08
N TRP G 2774 -129.20 2.01 28.82
CA TRP G 2774 -129.62 2.82 27.68
C TRP G 2774 -129.30 2.24 26.29
N PRO G 2775 -128.16 1.57 26.04
CA PRO G 2775 -128.06 0.84 24.76
C PRO G 2775 -129.03 -0.33 24.65
N ILE G 2776 -129.33 -1.01 25.76
CA ILE G 2776 -130.34 -2.05 25.74
C ILE G 2776 -131.72 -1.46 25.46
N LYS G 2777 -131.96 -0.25 25.96
CA LYS G 2777 -133.19 0.50 25.66
C LYS G 2777 -133.26 0.86 24.17
N GLU G 2778 -132.17 1.36 23.61
CA GLU G 2778 -132.13 1.70 22.19
C GLU G 2778 -131.98 0.47 21.30
N SER G 2779 -131.87 -0.71 21.88
CA SER G 2779 -131.73 -1.96 21.12
C SER G 2779 -133.04 -2.73 21.02
N LEU G 2780 -133.67 -3.02 22.17
CA LEU G 2780 -134.87 -3.86 22.17
C LEU G 2780 -136.06 -3.22 21.46
N LYS G 2781 -136.09 -1.89 21.44
CA LYS G 2781 -137.25 -1.20 20.88
C LYS G 2781 -137.10 -1.01 19.37
N THR G 2782 -135.87 -0.83 18.89
CA THR G 2782 -135.59 -0.96 17.47
C THR G 2782 -135.65 -2.41 16.99
N MET G 2783 -135.59 -3.38 17.91
CA MET G 2783 -135.83 -4.76 17.52
C MET G 2783 -137.28 -4.99 17.13
N LEU G 2784 -138.20 -4.16 17.62
CA LEU G 2784 -139.62 -4.28 17.30
C LEU G 2784 -140.02 -3.33 16.16
N ALA G 2785 -139.10 -3.06 15.22
CA ALA G 2785 -139.30 -2.02 14.23
C ALA G 2785 -139.54 -2.52 12.81
N TRP G 2786 -139.04 -3.70 12.46
CA TRP G 2786 -139.03 -4.14 11.06
C TRP G 2786 -140.18 -5.08 10.74
N GLY G 2787 -141.30 -4.96 11.44
CA GLY G 2787 -142.34 -5.96 11.31
C GLY G 2787 -141.96 -7.31 11.87
N TRP G 2788 -140.98 -7.36 12.76
CA TRP G 2788 -140.49 -8.60 13.35
C TRP G 2788 -140.82 -8.53 14.84
N ARG G 2789 -142.05 -8.90 15.17
CA ARG G 2789 -142.52 -8.84 16.55
C ARG G 2789 -142.07 -10.08 17.31
N ILE G 2790 -142.03 -9.94 18.64
CA ILE G 2790 -141.56 -11.01 19.52
C ILE G 2790 -142.77 -11.51 20.32
N GLU G 2791 -142.92 -12.83 20.35
CA GLU G 2791 -144.07 -13.49 20.96
C GLU G 2791 -143.61 -14.25 22.20
N ARG G 2792 -144.52 -15.01 22.80
CA ARG G 2792 -144.29 -15.68 24.06
C ARG G 2792 -144.18 -17.20 23.88
N THR G 2793 -143.57 -17.84 24.87
CA THR G 2793 -143.35 -19.28 24.90
C THR G 2793 -143.71 -19.78 26.30
N ARG G 2794 -143.22 -20.97 26.63
CA ARG G 2794 -143.33 -21.52 27.98
C ARG G 2794 -142.53 -20.69 28.99
N GLU G 2795 -142.68 -21.06 30.26
CA GLU G 2795 -142.02 -20.33 31.34
C GLU G 2795 -140.52 -20.59 31.35
N GLY G 2796 -139.74 -19.54 31.64
CA GLY G 2796 -138.30 -19.64 31.58
C GLY G 2796 -137.66 -18.96 32.77
N ASP G 2797 -136.45 -19.42 33.09
CA ASP G 2797 -135.68 -18.88 34.21
C ASP G 2797 -134.90 -17.65 33.79
N HIS G 2820 -116.02 -18.41 40.63
CA HIS G 2820 -116.76 -18.57 41.88
C HIS G 2820 -116.97 -17.22 42.56
N GLY G 2821 -118.11 -17.09 43.24
CA GLY G 2821 -118.42 -15.87 43.96
C GLY G 2821 -119.79 -15.89 44.62
N TYR G 2822 -120.55 -14.80 44.49
CA TYR G 2822 -121.89 -14.71 45.04
C TYR G 2822 -122.82 -15.62 44.25
N SER G 2823 -123.35 -16.65 44.90
CA SER G 2823 -124.02 -17.76 44.22
C SER G 2823 -125.45 -17.94 44.71
N PRO G 2824 -126.41 -17.23 44.12
CA PRO G 2824 -127.81 -17.65 44.22
C PRO G 2824 -128.12 -18.65 43.13
N ARG G 2825 -129.39 -19.02 42.97
CA ARG G 2825 -129.81 -19.86 41.83
C ARG G 2825 -129.85 -18.98 40.58
N ALA G 2826 -128.66 -18.70 40.05
CA ALA G 2826 -128.49 -17.76 38.96
C ALA G 2826 -127.87 -18.45 37.75
N ILE G 2827 -128.08 -17.85 36.59
CA ILE G 2827 -127.72 -18.40 35.29
C ILE G 2827 -126.91 -17.32 34.58
N ASP G 2828 -126.13 -17.72 33.58
CA ASP G 2828 -125.47 -16.79 32.68
C ASP G 2828 -126.48 -16.07 31.78
N MET G 2829 -125.97 -15.13 30.99
CA MET G 2829 -126.79 -14.28 30.16
C MET G 2829 -127.01 -14.80 28.74
N SER G 2830 -126.10 -15.64 28.24
CA SER G 2830 -125.94 -15.83 26.81
C SER G 2830 -125.80 -17.30 26.45
N ASN G 2831 -126.68 -18.16 26.98
CA ASN G 2831 -126.51 -19.61 26.87
C ASN G 2831 -127.81 -20.33 26.49
N VAL G 2832 -128.47 -19.88 25.43
CA VAL G 2832 -129.63 -20.58 24.86
C VAL G 2832 -129.53 -20.51 23.34
N THR G 2833 -130.15 -21.48 22.67
CA THR G 2833 -130.04 -21.59 21.21
C THR G 2833 -130.83 -20.49 20.48
N LEU G 2834 -130.60 -20.41 19.18
CA LEU G 2834 -131.31 -19.52 18.26
C LEU G 2834 -131.91 -20.35 17.13
N SER G 2835 -132.63 -19.67 16.22
CA SER G 2835 -133.10 -20.28 14.98
C SER G 2835 -133.01 -19.27 13.86
N ARG G 2836 -133.51 -19.62 12.66
CA ARG G 2836 -133.50 -18.69 11.53
C ARG G 2836 -134.36 -17.47 11.81
N ASP G 2837 -135.53 -17.69 12.43
CA ASP G 2837 -136.39 -16.61 12.90
C ASP G 2837 -135.73 -15.79 14.00
N LEU G 2838 -134.72 -16.35 14.69
CA LEU G 2838 -133.90 -15.57 15.59
C LEU G 2838 -132.67 -15.01 14.89
N HIS G 2839 -131.97 -15.81 14.08
CA HIS G 2839 -130.65 -15.40 13.60
C HIS G 2839 -130.72 -14.36 12.49
N ALA G 2840 -131.74 -14.41 11.63
CA ALA G 2840 -131.88 -13.36 10.63
C ALA G 2840 -132.21 -12.03 11.29
N MET G 2841 -133.01 -12.07 12.35
CA MET G 2841 -133.20 -10.91 13.22
C MET G 2841 -131.90 -10.49 13.86
N ALA G 2842 -131.07 -11.44 14.29
CA ALA G 2842 -129.80 -11.10 14.94
C ALA G 2842 -128.84 -10.42 13.98
N GLU G 2843 -128.75 -10.92 12.75
CA GLU G 2843 -127.85 -10.34 11.75
C GLU G 2843 -128.33 -8.98 11.30
N MET G 2844 -129.62 -8.86 10.95
CA MET G 2844 -130.15 -7.60 10.48
C MET G 2844 -130.19 -6.56 11.60
N MET G 2845 -130.54 -6.98 12.81
CA MET G 2845 -130.55 -6.08 13.94
C MET G 2845 -129.15 -5.77 14.43
N ALA G 2846 -128.15 -6.60 14.14
CA ALA G 2846 -126.78 -6.23 14.44
C ALA G 2846 -126.28 -5.18 13.46
N GLU G 2847 -126.72 -5.25 12.21
CA GLU G 2847 -126.51 -4.14 11.29
C GLU G 2847 -127.18 -2.86 11.81
N ASN G 2848 -128.40 -3.01 12.34
CA ASN G 2848 -129.07 -1.87 12.96
C ASN G 2848 -128.33 -1.38 14.22
N TYR G 2849 -127.65 -2.29 14.93
CA TYR G 2849 -126.92 -1.88 16.12
C TYR G 2849 -125.62 -1.18 15.76
N HIS G 2850 -125.01 -1.58 14.64
CA HIS G 2850 -123.94 -0.79 14.03
C HIS G 2850 -124.41 0.63 13.74
N ASN G 2851 -125.60 0.76 13.14
CA ASN G 2851 -126.13 2.09 12.85
C ASN G 2851 -126.46 2.86 14.12
N ILE G 2852 -126.99 2.17 15.15
CA ILE G 2852 -127.38 2.82 16.38
C ILE G 2852 -126.17 3.33 17.15
N TRP G 2853 -125.15 2.48 17.29
CA TRP G 2853 -123.94 2.90 17.99
C TRP G 2853 -123.14 3.90 17.18
N ALA G 2854 -123.23 3.84 15.84
CA ALA G 2854 -122.58 4.83 15.01
C ALA G 2854 -123.24 6.19 15.12
N LYS G 2855 -124.56 6.22 15.31
CA LYS G 2855 -125.22 7.48 15.59
C LYS G 2855 -124.94 7.96 17.01
N LYS G 2856 -124.80 7.02 17.96
CA LYS G 2856 -124.52 7.37 19.35
C LYS G 2856 -123.14 7.98 19.51
N LYS G 2857 -122.12 7.34 18.95
CA LYS G 2857 -120.78 7.93 18.92
C LYS G 2857 -120.72 9.12 17.98
N LYS G 2858 -121.58 9.14 16.95
CA LYS G 2858 -121.51 10.21 15.96
C LYS G 2858 -122.04 11.53 16.53
N LEU G 2859 -123.11 11.48 17.33
CA LEU G 2859 -123.55 12.69 18.03
C LEU G 2859 -122.59 13.07 19.14
N GLU G 2860 -121.80 12.13 19.64
CA GLU G 2860 -120.77 12.45 20.62
C GLU G 2860 -119.61 13.21 19.97
N LEU G 2861 -119.15 12.74 18.80
CA LEU G 2861 -118.02 13.40 18.15
C LEU G 2861 -118.41 14.71 17.48
N GLU G 2862 -119.67 14.86 17.06
CA GLU G 2862 -120.12 16.11 16.47
C GLU G 2862 -120.50 17.16 17.51
N SER G 2863 -120.24 16.90 18.79
CA SER G 2863 -120.52 17.85 19.87
C SER G 2863 -119.38 18.84 20.07
N LYS G 2864 -118.14 18.36 20.08
CA LYS G 2864 -117.00 19.21 20.37
C LYS G 2864 -116.60 20.09 19.19
N GLY G 2865 -116.96 19.72 17.97
CA GLY G 2865 -116.58 20.50 16.81
C GLY G 2865 -115.26 20.06 16.21
N GLY G 2866 -115.14 18.77 15.91
CA GLY G 2866 -113.92 18.23 15.34
C GLY G 2866 -114.15 17.45 14.05
N GLY G 2867 -113.68 16.21 14.02
CA GLY G 2867 -113.79 15.36 12.85
C GLY G 2867 -114.89 14.32 12.98
N ASN G 2868 -115.17 13.66 11.85
CA ASN G 2868 -116.25 12.70 11.81
C ASN G 2868 -115.75 11.31 12.20
N HIS G 2869 -116.63 10.33 12.12
CA HIS G 2869 -116.33 8.97 12.54
C HIS G 2869 -115.32 8.31 11.61
N PRO G 2870 -114.14 7.93 12.11
CA PRO G 2870 -113.09 7.43 11.22
C PRO G 2870 -113.12 5.92 10.96
N LEU G 2871 -114.25 5.25 11.21
CA LEU G 2871 -114.35 3.81 10.98
C LEU G 2871 -115.64 3.46 10.25
N LEU G 2872 -115.91 4.14 9.14
CA LEU G 2872 -117.20 4.09 8.47
C LEU G 2872 -117.01 3.92 6.97
N VAL G 2873 -117.68 2.93 6.39
CA VAL G 2873 -117.49 2.53 4.98
C VAL G 2873 -118.71 1.66 4.63
N PRO G 2874 -119.03 1.46 3.35
CA PRO G 2874 -120.07 0.47 3.00
C PRO G 2874 -119.76 -0.95 3.42
N TYR G 2875 -120.74 -1.81 3.13
CA TYR G 2875 -121.25 -2.80 4.06
C TYR G 2875 -120.17 -3.76 4.57
N ASP G 2876 -119.60 -4.58 3.69
CA ASP G 2876 -118.72 -5.66 4.11
C ASP G 2876 -117.25 -5.27 4.01
N THR G 2877 -116.92 -4.05 4.39
CA THR G 2877 -115.53 -3.64 4.47
C THR G 2877 -115.24 -3.00 5.82
N LEU G 2878 -116.21 -3.01 6.73
CA LEU G 2878 -116.15 -2.23 7.95
C LEU G 2878 -115.18 -2.84 8.96
N THR G 2879 -114.99 -2.13 10.07
CA THR G 2879 -114.08 -2.55 11.13
C THR G 2879 -114.79 -3.53 12.07
N ALA G 2880 -114.22 -3.79 13.24
CA ALA G 2880 -114.64 -4.98 13.97
C ALA G 2880 -115.02 -4.77 15.43
N LYS G 2881 -114.35 -3.86 16.16
CA LYS G 2881 -114.46 -3.86 17.62
C LYS G 2881 -115.82 -3.34 18.11
N GLU G 2882 -116.35 -2.31 17.44
CA GLU G 2882 -117.71 -1.88 17.75
C GLU G 2882 -118.72 -2.92 17.31
N LYS G 2883 -118.42 -3.69 16.25
CA LYS G 2883 -119.28 -4.80 15.88
C LYS G 2883 -119.22 -5.92 16.91
N ALA G 2884 -118.08 -6.10 17.58
CA ALA G 2884 -118.05 -7.02 18.71
C ALA G 2884 -118.83 -6.48 19.89
N LYS G 2885 -118.91 -5.16 20.02
CA LYS G 2885 -119.76 -4.58 21.06
C LYS G 2885 -121.25 -4.67 20.71
N ASP G 2886 -121.60 -4.66 19.43
CA ASP G 2886 -122.99 -4.53 19.00
C ASP G 2886 -123.58 -5.79 18.38
N ARG G 2887 -122.80 -6.84 18.18
CA ARG G 2887 -123.31 -8.11 17.67
C ARG G 2887 -123.50 -9.14 18.79
N GLU G 2888 -122.52 -9.22 19.69
CA GLU G 2888 -122.72 -9.92 20.95
C GLU G 2888 -123.79 -9.26 21.81
N LYS G 2889 -124.03 -7.96 21.60
CA LYS G 2889 -125.20 -7.29 22.16
C LYS G 2889 -126.48 -7.98 21.70
N ALA G 2890 -126.66 -8.15 20.38
CA ALA G 2890 -127.84 -8.82 19.83
C ALA G 2890 -127.91 -10.28 20.28
N GLN G 2891 -126.75 -10.91 20.41
CA GLN G 2891 -126.67 -12.28 20.94
C GLN G 2891 -127.25 -12.35 22.35
N ASP G 2892 -126.72 -11.54 23.27
CA ASP G 2892 -127.20 -11.52 24.65
C ASP G 2892 -128.65 -11.10 24.73
N ILE G 2893 -129.09 -10.21 23.83
CA ILE G 2893 -130.47 -9.73 23.85
C ILE G 2893 -131.43 -10.86 23.48
N LEU G 2894 -131.17 -11.54 22.36
CA LEU G 2894 -132.05 -12.65 21.97
C LEU G 2894 -131.94 -13.81 22.94
N LYS G 2895 -130.74 -14.05 23.47
CA LYS G 2895 -130.55 -15.18 24.37
C LYS G 2895 -131.16 -14.93 25.73
N PHE G 2896 -131.28 -13.67 26.16
CA PHE G 2896 -132.00 -13.44 27.40
C PHE G 2896 -133.50 -13.24 27.18
N LEU G 2897 -133.94 -12.84 25.98
CA LEU G 2897 -135.37 -12.94 25.66
C LEU G 2897 -135.83 -14.39 25.70
N GLN G 2898 -134.97 -15.32 25.29
CA GLN G 2898 -135.32 -16.73 25.39
C GLN G 2898 -134.92 -17.37 26.72
N ILE G 2899 -134.09 -16.70 27.54
CA ILE G 2899 -133.95 -17.14 28.93
C ILE G 2899 -135.24 -16.86 29.70
N ASN G 2900 -135.80 -15.66 29.51
CA ASN G 2900 -137.14 -15.36 30.00
C ASN G 2900 -138.24 -15.99 29.14
N GLY G 2901 -137.88 -16.67 28.05
CA GLY G 2901 -138.81 -17.49 27.30
C GLY G 2901 -139.71 -16.73 26.35
N TYR G 2902 -139.12 -16.02 25.39
CA TYR G 2902 -139.87 -15.34 24.35
C TYR G 2902 -139.54 -15.95 22.99
N ALA G 2903 -140.51 -15.92 22.08
CA ALA G 2903 -140.31 -16.43 20.73
C ALA G 2903 -139.89 -15.28 19.83
N VAL G 2904 -138.59 -15.19 19.56
CA VAL G 2904 -138.05 -14.17 18.68
C VAL G 2904 -138.24 -14.66 17.25
N SER G 2905 -139.00 -13.92 16.45
CA SER G 2905 -139.29 -14.35 15.09
C SER G 2905 -139.51 -13.16 14.20
N ARG G 2906 -139.25 -13.37 12.91
CA ARG G 2906 -139.54 -12.33 11.92
C ARG G 2906 -141.02 -12.28 11.62
N GLY G 2907 -141.60 -13.40 11.20
CA GLY G 2907 -143.00 -13.47 10.89
C GLY G 2907 -143.38 -12.73 9.61
N TYR G 2982 -130.98 -18.62 -2.57
CA TYR G 2982 -130.84 -17.79 -3.76
C TYR G 2982 -131.29 -18.54 -5.00
N PHE G 2983 -132.43 -18.16 -5.55
CA PHE G 2983 -132.97 -18.78 -6.76
C PHE G 2983 -133.60 -17.72 -7.66
N LEU G 2984 -132.90 -16.61 -7.85
CA LEU G 2984 -133.44 -15.53 -8.68
C LEU G 2984 -133.45 -15.91 -10.16
N SER G 2985 -132.55 -16.80 -10.58
CA SER G 2985 -132.63 -17.39 -11.90
C SER G 2985 -133.58 -18.57 -11.96
N ALA G 2986 -134.30 -18.85 -10.86
CA ALA G 2986 -135.35 -19.85 -10.83
C ALA G 2986 -136.69 -19.27 -10.40
N ALA G 2987 -136.74 -18.56 -9.27
CA ALA G 2987 -138.00 -18.02 -8.78
C ALA G 2987 -138.41 -16.78 -9.57
N SER G 2988 -137.47 -15.86 -9.79
CA SER G 2988 -137.73 -14.71 -10.64
C SER G 2988 -137.48 -15.01 -12.11
N ARG G 2989 -137.23 -16.27 -12.45
CA ARG G 2989 -137.12 -16.70 -13.84
C ARG G 2989 -138.49 -16.62 -14.50
N PRO G 2990 -139.55 -17.01 -13.80
CA PRO G 2990 -140.89 -16.73 -14.32
C PRO G 2990 -141.24 -15.26 -14.28
N LEU G 2991 -140.71 -14.51 -13.31
CA LEU G 2991 -140.86 -13.05 -13.33
C LEU G 2991 -140.07 -12.44 -14.48
N CYS G 2992 -138.91 -13.02 -14.79
CA CYS G 2992 -138.18 -12.62 -16.00
C CYS G 2992 -138.94 -12.98 -17.26
N SER G 2993 -139.68 -14.09 -17.23
CA SER G 2993 -140.54 -14.43 -18.36
C SER G 2993 -141.68 -13.43 -18.50
N GLY G 2994 -142.30 -13.05 -17.39
CA GLY G 2994 -143.35 -12.04 -17.42
C GLY G 2994 -142.86 -10.67 -17.81
N GLY G 2995 -141.60 -10.36 -17.50
CA GLY G 2995 -141.03 -9.10 -17.94
C GLY G 2995 -140.64 -9.12 -19.42
N HIS G 2996 -140.07 -10.24 -19.88
CA HIS G 2996 -139.70 -10.35 -21.28
C HIS G 2996 -140.90 -10.52 -22.19
N ALA G 2997 -142.05 -10.90 -21.64
CA ALA G 2997 -143.27 -10.99 -22.43
C ALA G 2997 -143.71 -9.61 -22.95
N SER G 2998 -143.46 -8.56 -22.18
CA SER G 2998 -143.79 -7.20 -22.59
C SER G 2998 -142.57 -6.31 -22.77
N ASN G 2999 -141.37 -6.87 -22.67
CA ASN G 2999 -140.16 -6.05 -22.77
C ASN G 2999 -139.91 -5.60 -24.20
N LYS G 3000 -140.00 -6.51 -25.16
CA LYS G 3000 -139.84 -6.16 -26.57
C LYS G 3000 -141.16 -5.78 -27.22
N GLU G 3001 -142.24 -5.70 -26.46
CA GLU G 3001 -143.52 -5.31 -27.04
C GLU G 3001 -143.54 -3.83 -27.42
N LYS G 3002 -142.90 -2.98 -26.62
CA LYS G 3002 -142.79 -1.55 -26.88
C LYS G 3002 -141.42 -1.21 -27.47
N GLU G 3003 -140.89 -2.08 -28.32
CA GLU G 3003 -139.52 -1.95 -28.84
C GLU G 3003 -139.50 -1.32 -30.22
N MET G 3004 -140.34 -0.30 -30.46
CA MET G 3004 -140.33 0.41 -31.73
C MET G 3004 -139.05 1.19 -31.96
N VAL G 3005 -138.32 1.55 -30.91
CA VAL G 3005 -137.02 2.20 -31.05
C VAL G 3005 -136.14 1.84 -29.86
N PHE G 3009 -133.98 1.62 -24.24
CA PHE G 3009 -135.04 1.74 -23.25
C PHE G 3009 -135.71 0.38 -23.01
N CYS G 3010 -136.91 0.21 -23.58
CA CYS G 3010 -137.57 -1.09 -23.47
C CYS G 3010 -136.89 -2.14 -24.33
N LYS G 3011 -136.34 -1.74 -25.49
CA LYS G 3011 -135.58 -2.66 -26.32
C LYS G 3011 -134.27 -3.05 -25.63
N LEU G 3012 -133.66 -2.10 -24.94
CA LEU G 3012 -132.48 -2.41 -24.14
C LEU G 3012 -132.84 -3.32 -22.96
N GLY G 3013 -134.02 -3.13 -22.37
CA GLY G 3013 -134.47 -4.04 -21.32
C GLY G 3013 -134.73 -5.44 -21.84
N VAL G 3014 -135.23 -5.56 -23.07
CA VAL G 3014 -135.48 -6.87 -23.67
C VAL G 3014 -134.16 -7.58 -24.00
N LEU G 3015 -133.20 -6.83 -24.54
CA LEU G 3015 -131.88 -7.40 -24.82
C LEU G 3015 -131.17 -7.78 -23.53
N VAL G 3016 -131.36 -7.01 -22.46
CA VAL G 3016 -130.73 -7.35 -21.20
C VAL G 3016 -131.46 -8.51 -20.50
N ARG G 3017 -132.75 -8.70 -20.79
CA ARG G 3017 -133.43 -9.89 -20.30
C ARG G 3017 -132.95 -11.15 -21.01
N HIS G 3018 -132.68 -11.04 -22.32
CA HIS G 3018 -132.08 -12.16 -23.04
C HIS G 3018 -130.66 -12.44 -22.55
N ARG G 3019 -129.91 -11.38 -22.24
CA ARG G 3019 -128.60 -11.55 -21.64
C ARG G 3019 -128.68 -12.14 -20.23
N ILE G 3020 -129.76 -11.86 -19.51
CA ILE G 3020 -129.97 -12.45 -18.19
C ILE G 3020 -130.33 -13.92 -18.32
N SER G 3021 -131.02 -14.30 -19.40
CA SER G 3021 -131.25 -15.71 -19.67
C SER G 3021 -129.95 -16.44 -19.99
N LEU G 3022 -129.08 -15.80 -20.79
CA LEU G 3022 -127.76 -16.38 -21.06
C LEU G 3022 -126.90 -16.43 -19.79
N PHE G 3023 -127.07 -15.47 -18.89
CA PHE G 3023 -126.34 -15.47 -17.63
C PHE G 3023 -126.83 -16.54 -16.67
N GLY G 3024 -128.14 -16.78 -16.66
CA GLY G 3024 -128.67 -17.89 -15.89
C GLY G 3024 -128.25 -19.22 -16.46
N ASN G 3025 -128.04 -19.29 -17.78
CA ASN G 3025 -127.40 -20.45 -18.37
C ASN G 3025 -125.96 -20.59 -17.88
N ASP G 3026 -125.20 -19.50 -17.87
CA ASP G 3026 -123.80 -19.53 -17.48
C ASP G 3026 -123.59 -19.54 -15.98
N ALA G 3027 -124.66 -19.48 -15.18
CA ALA G 3027 -124.56 -19.40 -13.73
C ALA G 3027 -124.81 -20.74 -13.07
N THR G 3028 -126.00 -21.30 -13.27
CA THR G 3028 -126.36 -22.58 -12.67
C THR G 3028 -127.33 -23.33 -13.58
N LEU G 3034 -136.14 -27.02 -19.61
CA LEU G 3034 -136.63 -26.67 -18.28
C LEU G 3034 -137.97 -25.97 -18.37
N HIS G 3035 -138.72 -25.98 -17.26
CA HIS G 3035 -139.94 -25.19 -17.19
C HIS G 3035 -139.64 -23.70 -17.21
N ILE G 3036 -138.50 -23.30 -16.65
CA ILE G 3036 -138.03 -21.93 -16.82
C ILE G 3036 -137.58 -21.71 -18.25
N LEU G 3037 -137.02 -22.74 -18.90
CA LEU G 3037 -136.67 -22.63 -20.31
C LEU G 3037 -137.91 -22.55 -21.18
N GLY G 3038 -138.97 -23.28 -20.81
CA GLY G 3038 -140.22 -23.17 -21.54
C GLY G 3038 -140.91 -21.84 -21.32
N GLN G 3039 -140.80 -21.29 -20.11
CA GLN G 3039 -141.29 -19.94 -19.85
C GLN G 3039 -140.47 -18.90 -20.61
N THR G 3040 -139.17 -19.16 -20.79
CA THR G 3040 -138.35 -18.29 -21.62
C THR G 3040 -138.74 -18.38 -23.09
N LEU G 3041 -139.12 -19.58 -23.55
CA LEU G 3041 -139.59 -19.74 -24.93
C LEU G 3041 -140.92 -19.05 -25.13
N ASP G 3042 -141.82 -19.13 -24.15
CA ASP G 3042 -143.09 -18.43 -24.23
C ASP G 3042 -142.92 -16.92 -24.14
N ALA G 3043 -141.96 -16.46 -23.33
CA ALA G 3043 -141.64 -15.04 -23.30
C ALA G 3043 -141.02 -14.59 -24.61
N ARG G 3044 -140.26 -15.47 -25.28
CA ARG G 3044 -139.71 -15.15 -26.59
C ARG G 3044 -140.81 -15.05 -27.63
N THR G 3045 -141.82 -15.93 -27.55
CA THR G 3045 -142.97 -15.84 -28.44
C THR G 3045 -143.78 -14.58 -28.17
N VAL G 3046 -143.91 -14.19 -26.90
CA VAL G 3046 -144.69 -13.00 -26.56
C VAL G 3046 -143.94 -11.74 -26.96
N MET G 3047 -142.62 -11.73 -26.78
CA MET G 3047 -141.80 -10.60 -27.22
C MET G 3047 -141.74 -10.54 -28.74
N LYS G 3048 -141.89 -11.68 -29.41
CA LYS G 3048 -141.99 -11.68 -30.87
C LYS G 3048 -143.32 -11.11 -31.32
N THR G 3049 -144.41 -11.46 -30.63
CA THR G 3049 -145.74 -10.97 -31.00
C THR G 3049 -145.89 -9.48 -30.72
N GLY G 3050 -145.27 -9.00 -29.64
CA GLY G 3050 -145.26 -7.57 -29.40
C GLY G 3050 -144.20 -6.82 -30.19
N LEU G 3051 -143.16 -7.51 -30.64
CA LEU G 3051 -142.06 -6.89 -31.36
C LEU G 3051 -142.24 -6.92 -32.86
N GLU G 3052 -143.36 -7.44 -33.34
CA GLU G 3052 -143.61 -7.50 -34.78
C GLU G 3052 -144.12 -6.18 -35.35
N SER G 3053 -144.30 -5.16 -34.52
CA SER G 3053 -144.79 -3.88 -35.01
C SER G 3053 -143.73 -3.13 -35.80
N VAL G 3054 -142.47 -3.24 -35.41
CA VAL G 3054 -141.37 -2.53 -36.08
C VAL G 3054 -140.37 -3.52 -36.69
N LYS G 3055 -140.74 -4.79 -36.79
CA LYS G 3055 -139.84 -5.80 -37.35
C LYS G 3055 -140.39 -6.33 -38.68
N PHE G 3061 -130.77 3.35 -29.93
CA PHE G 3061 -132.22 3.22 -30.07
C PHE G 3061 -132.58 2.13 -31.08
N LEU G 3062 -131.70 1.13 -31.20
CA LEU G 3062 -131.95 -0.03 -32.05
C LEU G 3062 -131.63 -1.32 -31.31
N ASP G 3063 -131.84 -1.33 -29.99
CA ASP G 3063 -131.45 -2.44 -29.13
C ASP G 3063 -132.33 -3.68 -29.31
N ASN G 3064 -133.43 -3.58 -30.05
CA ASN G 3064 -134.18 -4.76 -30.46
C ASN G 3064 -133.69 -5.30 -31.79
N ALA G 3065 -133.32 -4.42 -32.72
CA ALA G 3065 -132.80 -4.85 -34.00
C ALA G 3065 -131.34 -5.29 -33.91
N ALA G 3066 -130.56 -4.66 -33.03
CA ALA G 3066 -129.19 -5.10 -32.81
C ALA G 3066 -129.13 -6.40 -32.03
N GLU G 3067 -130.17 -6.70 -31.26
CA GLU G 3067 -130.32 -7.99 -30.60
C GLU G 3067 -131.25 -8.92 -31.35
N ASP G 3068 -131.57 -8.61 -32.61
CA ASP G 3068 -132.39 -9.50 -33.42
C ASP G 3068 -131.53 -10.58 -34.07
N LEU G 3069 -130.34 -10.23 -34.58
CA LEU G 3069 -129.46 -11.23 -35.17
C LEU G 3069 -128.80 -12.09 -34.10
N GLU G 3070 -128.54 -11.52 -32.93
CA GLU G 3070 -128.01 -12.28 -31.79
C GLU G 3070 -129.09 -13.07 -31.06
N LYS G 3071 -130.36 -12.87 -31.41
CA LYS G 3071 -131.44 -13.64 -30.80
C LYS G 3071 -131.36 -15.11 -31.18
N THR G 3072 -130.82 -15.42 -32.36
CA THR G 3072 -130.56 -16.81 -32.72
C THR G 3072 -129.49 -17.43 -31.82
N MET G 3073 -128.46 -16.65 -31.48
CA MET G 3073 -127.42 -17.14 -30.58
C MET G 3073 -127.94 -17.32 -29.16
N GLU G 3074 -128.80 -16.40 -28.71
CA GLU G 3074 -129.39 -16.55 -27.37
C GLU G 3074 -130.41 -17.68 -27.32
N ASN G 3075 -131.11 -17.93 -28.43
CA ASN G 3075 -132.00 -19.09 -28.48
C ASN G 3075 -131.23 -20.39 -28.55
N LEU G 3076 -130.06 -20.38 -29.21
CA LEU G 3076 -129.16 -21.54 -29.15
C LEU G 3076 -128.62 -21.73 -27.73
N LYS G 3077 -128.39 -20.64 -27.01
CA LYS G 3077 -127.99 -20.74 -25.62
C LYS G 3077 -129.13 -21.28 -24.75
N GLN G 3078 -130.37 -20.89 -25.07
CA GLN G 3078 -131.52 -21.42 -24.35
C GLN G 3078 -131.75 -22.88 -24.67
N GLY G 3079 -131.40 -23.31 -25.88
CA GLY G 3079 -131.48 -24.72 -26.23
C GLY G 3079 -130.36 -25.54 -25.61
N GLN G 3080 -129.16 -24.96 -25.51
CA GLN G 3080 -128.04 -25.65 -24.89
C GLN G 3080 -128.21 -25.72 -23.38
N PHE G 3081 -128.85 -24.72 -22.78
CA PHE G 3081 -129.14 -24.79 -21.35
C PHE G 3081 -130.27 -25.76 -21.05
N THR G 3082 -131.15 -25.98 -22.02
CA THR G 3082 -132.21 -26.96 -21.88
C THR G 3082 -131.67 -28.35 -22.23
N THR G 3098 -144.81 -25.03 -23.07
CA THR G 3098 -145.32 -26.38 -22.87
C THR G 3098 -145.59 -27.07 -24.20
N THR G 3099 -146.88 -27.18 -24.56
CA THR G 3099 -147.30 -27.81 -25.80
C THR G 3099 -147.48 -26.81 -26.93
N VAL G 3100 -146.73 -25.70 -26.92
CA VAL G 3100 -146.86 -24.66 -27.94
C VAL G 3100 -145.55 -24.53 -28.70
N ALA G 3101 -144.85 -25.65 -28.92
CA ALA G 3101 -143.55 -25.62 -29.57
C ALA G 3101 -143.64 -25.46 -31.08
N LEU G 3102 -144.81 -25.68 -31.68
CA LEU G 3102 -144.94 -25.61 -33.14
C LEU G 3102 -144.77 -24.18 -33.65
N LEU G 3103 -145.52 -23.24 -33.08
CA LEU G 3103 -145.37 -21.82 -33.40
C LEU G 3103 -144.07 -21.30 -32.82
N PRO G 3104 -143.56 -21.88 -31.72
CA PRO G 3104 -142.25 -21.46 -31.22
C PRO G 3104 -141.09 -21.87 -32.11
N MET G 3105 -141.30 -22.85 -33.00
CA MET G 3105 -140.33 -23.15 -34.04
C MET G 3105 -140.25 -22.06 -35.11
N LEU G 3106 -141.23 -21.16 -35.17
CA LEU G 3106 -141.20 -20.02 -36.09
C LEU G 3106 -141.56 -18.71 -35.40
N SER G 3107 -141.30 -18.61 -34.09
CA SER G 3107 -141.51 -17.36 -33.36
C SER G 3107 -140.70 -16.19 -33.94
N SER G 3108 -139.47 -16.45 -34.40
CA SER G 3108 -138.69 -15.39 -35.03
C SER G 3108 -139.33 -14.94 -36.34
N LEU G 3109 -139.96 -15.88 -37.07
CA LEU G 3109 -140.72 -15.50 -38.26
C LEU G 3109 -142.00 -14.77 -37.90
N PHE G 3110 -142.62 -15.11 -36.77
CA PHE G 3110 -143.78 -14.36 -36.31
C PHE G 3110 -143.41 -12.94 -35.91
N GLU G 3111 -142.18 -12.73 -35.45
CA GLU G 3111 -141.69 -11.38 -35.20
C GLU G 3111 -141.38 -10.65 -36.50
N HIS G 3112 -140.70 -11.31 -37.45
CA HIS G 3112 -140.16 -10.64 -38.63
C HIS G 3112 -140.80 -11.10 -39.93
N ILE G 3113 -142.12 -11.37 -39.92
CA ILE G 3113 -142.82 -11.66 -41.17
C ILE G 3113 -142.87 -10.44 -42.08
N GLY G 3114 -142.93 -9.23 -41.50
CA GLY G 3114 -142.86 -8.02 -42.30
C GLY G 3114 -141.50 -7.82 -42.93
N GLN G 3115 -140.43 -8.29 -42.27
CA GLN G 3115 -139.12 -8.26 -42.88
C GLN G 3115 -138.97 -9.37 -43.91
N HIS G 3116 -139.62 -10.52 -43.69
CA HIS G 3116 -139.62 -11.60 -44.67
C HIS G 3116 -140.45 -11.25 -45.88
N GLN G 3117 -141.35 -10.28 -45.77
CA GLN G 3117 -142.10 -9.75 -46.91
C GLN G 3117 -141.30 -8.75 -47.72
N PHE G 3118 -140.08 -8.42 -47.30
CA PHE G 3118 -139.23 -7.50 -48.04
C PHE G 3118 -137.78 -8.01 -48.11
N LEU G 3124 -133.62 -4.74 -43.15
CA LEU G 3124 -133.60 -5.29 -44.50
C LEU G 3124 -132.96 -6.68 -44.50
N GLU G 3125 -132.01 -6.89 -43.60
CA GLU G 3125 -131.31 -8.16 -43.48
C GLU G 3125 -131.96 -9.12 -42.50
N ASP G 3126 -133.28 -9.02 -42.32
CA ASP G 3126 -134.01 -9.87 -41.39
C ASP G 3126 -135.00 -10.79 -42.11
N VAL G 3127 -134.65 -11.26 -43.31
CA VAL G 3127 -135.49 -12.18 -44.07
C VAL G 3127 -134.77 -13.48 -44.36
N GLN G 3128 -133.53 -13.41 -44.83
CA GLN G 3128 -132.77 -14.61 -45.17
C GLN G 3128 -132.23 -15.31 -43.93
N VAL G 3129 -131.61 -14.56 -43.02
CA VAL G 3129 -131.12 -15.15 -41.78
C VAL G 3129 -132.25 -15.47 -40.81
N SER G 3130 -133.44 -14.92 -41.02
CA SER G 3130 -134.58 -15.25 -40.18
C SER G 3130 -135.04 -16.68 -40.42
N CYS G 3131 -135.04 -17.13 -41.67
CA CYS G 3131 -135.33 -18.53 -41.96
C CYS G 3131 -134.16 -19.42 -41.55
N TYR G 3132 -132.96 -18.88 -41.51
CA TYR G 3132 -131.77 -19.63 -41.12
C TYR G 3132 -131.60 -19.75 -39.61
N ARG G 3133 -132.44 -19.07 -38.82
CA ARG G 3133 -132.32 -19.15 -37.37
C ARG G 3133 -132.85 -20.46 -36.81
N ILE G 3134 -133.59 -21.23 -37.60
CA ILE G 3134 -134.07 -22.54 -37.16
C ILE G 3134 -133.14 -23.67 -37.58
N LEU G 3135 -131.98 -23.37 -38.15
CA LEU G 3135 -131.06 -24.42 -38.58
C LEU G 3135 -130.35 -25.05 -37.40
N THR G 3136 -129.75 -24.24 -36.54
CA THR G 3136 -129.07 -24.70 -35.33
C THR G 3136 -129.98 -24.70 -34.12
N SER G 3137 -131.30 -24.81 -34.31
CA SER G 3137 -132.25 -24.74 -33.22
C SER G 3137 -133.25 -25.89 -33.25
N LEU G 3138 -133.56 -26.40 -34.44
CA LEU G 3138 -134.59 -27.42 -34.59
C LEU G 3138 -134.17 -28.74 -33.98
N TYR G 3139 -132.99 -29.23 -34.36
CA TYR G 3139 -132.47 -30.45 -33.75
C TYR G 3139 -132.09 -30.22 -32.30
N ALA G 3140 -131.79 -28.98 -31.91
CA ALA G 3140 -131.46 -28.68 -30.53
C ALA G 3140 -132.69 -28.77 -29.63
N LEU G 3141 -133.85 -28.33 -30.13
CA LEU G 3141 -135.08 -28.45 -29.37
C LEU G 3141 -135.73 -29.82 -29.52
N GLY G 3142 -135.39 -30.57 -30.56
CA GLY G 3142 -135.91 -31.92 -30.71
C GLY G 3142 -135.12 -32.98 -29.98
N THR G 3143 -133.81 -32.75 -29.81
CA THR G 3143 -132.94 -33.72 -29.13
C THR G 3143 -132.81 -33.47 -27.64
N SER G 3144 -133.22 -32.30 -27.15
CA SER G 3144 -133.12 -31.98 -25.74
C SER G 3144 -134.17 -32.75 -24.94
N VAL G 3149 -144.28 -30.86 -36.37
CA VAL G 3149 -144.62 -31.88 -37.34
C VAL G 3149 -144.95 -31.26 -38.69
N GLU G 3150 -146.24 -30.99 -38.91
CA GLU G 3150 -146.66 -30.32 -40.14
C GLU G 3150 -146.51 -28.81 -40.06
N ARG G 3151 -146.56 -28.24 -38.85
CA ARG G 3151 -146.62 -26.78 -38.69
C ARG G 3151 -145.29 -26.12 -39.05
N GLN G 3152 -144.16 -26.80 -38.79
CA GLN G 3152 -142.86 -26.24 -39.15
C GLN G 3152 -142.39 -26.69 -40.52
N ARG G 3153 -142.73 -27.93 -40.91
CA ARG G 3153 -142.36 -28.43 -42.23
C ARG G 3153 -143.09 -27.67 -43.34
N SER G 3154 -144.38 -27.41 -43.16
CA SER G 3154 -145.11 -26.63 -44.15
C SER G 3154 -144.65 -25.17 -44.18
N ALA G 3155 -144.26 -24.63 -43.02
CA ALA G 3155 -143.74 -23.27 -42.98
C ALA G 3155 -142.41 -23.14 -43.71
N LEU G 3156 -141.50 -24.09 -43.49
CA LEU G 3156 -140.23 -24.09 -44.21
C LEU G 3156 -140.42 -24.43 -45.69
N GLY G 3157 -141.50 -25.14 -46.04
CA GLY G 3157 -141.76 -25.45 -47.43
C GLY G 3157 -142.45 -24.35 -48.21
N GLU G 3158 -143.19 -23.47 -47.53
CA GLU G 3158 -143.92 -22.41 -48.21
C GLU G 3158 -143.31 -21.03 -48.00
N CYS G 3159 -143.16 -20.58 -46.74
CA CYS G 3159 -142.83 -19.17 -46.49
C CYS G 3159 -141.36 -18.86 -46.77
N LEU G 3160 -140.46 -19.78 -46.41
CA LEU G 3160 -139.04 -19.56 -46.68
C LEU G 3160 -138.73 -19.65 -48.18
N ALA G 3161 -139.52 -20.44 -48.92
CA ALA G 3161 -139.40 -20.44 -50.38
C ALA G 3161 -140.03 -19.19 -50.98
N ALA G 3162 -141.04 -18.62 -50.31
CA ALA G 3162 -141.62 -17.36 -50.76
C ALA G 3162 -140.66 -16.19 -50.53
N PHE G 3163 -139.84 -16.26 -49.47
CA PHE G 3163 -138.87 -15.22 -49.20
C PHE G 3163 -137.56 -15.38 -49.97
N ALA G 3164 -137.33 -16.56 -50.57
CA ALA G 3164 -136.11 -16.82 -51.32
C ALA G 3164 -136.26 -16.51 -52.80
N GLY G 3165 -137.22 -15.68 -53.19
CA GLY G 3165 -137.40 -15.32 -54.58
C GLY G 3165 -137.16 -13.85 -54.83
N ALA G 3166 -136.37 -13.22 -53.97
CA ALA G 3166 -136.07 -11.80 -54.09
C ALA G 3166 -135.11 -11.52 -55.23
N ALA G 3170 -128.25 -15.03 -49.97
CA ALA G 3170 -129.52 -14.78 -49.30
C ALA G 3170 -130.45 -15.98 -49.42
N PHE G 3171 -130.63 -16.48 -50.65
CA PHE G 3171 -131.46 -17.65 -50.87
C PHE G 3171 -130.78 -18.95 -50.45
N LEU G 3172 -129.46 -18.91 -50.22
CA LEU G 3172 -128.76 -20.10 -49.74
C LEU G 3172 -129.14 -20.42 -48.30
N GLU G 3173 -129.51 -19.41 -47.50
CA GLU G 3173 -129.97 -19.68 -46.15
C GLU G 3173 -131.33 -20.37 -46.16
N THR G 3174 -132.23 -19.96 -47.06
CA THR G 3174 -133.52 -20.63 -47.19
C THR G 3174 -133.42 -21.92 -48.00
N HIS G 3175 -132.27 -22.20 -48.62
CA HIS G 3175 -132.06 -23.46 -49.32
C HIS G 3175 -131.29 -24.48 -48.50
N LEU G 3176 -130.52 -24.05 -47.50
CA LEU G 3176 -129.72 -24.95 -46.67
C LEU G 3176 -130.01 -24.79 -45.18
N ASP G 3177 -131.08 -24.07 -44.81
CA ASP G 3177 -131.43 -23.92 -43.41
C ASP G 3177 -132.10 -25.18 -42.86
N LYS G 3178 -132.57 -26.07 -43.73
CA LYS G 3178 -133.20 -27.31 -43.32
C LYS G 3178 -132.20 -28.45 -43.17
N HIS G 3179 -130.93 -28.13 -42.91
CA HIS G 3179 -129.91 -29.17 -42.70
C HIS G 3179 -130.17 -29.91 -41.40
N ASN G 3180 -130.63 -29.21 -40.37
CA ASN G 3180 -131.16 -29.84 -39.17
C ASN G 3180 -132.62 -29.47 -38.95
N ILE G 3181 -133.26 -28.84 -39.94
CA ILE G 3181 -134.64 -28.38 -39.82
C ILE G 3181 -135.48 -28.89 -41.00
N TYR G 3182 -135.15 -30.09 -41.49
CA TYR G 3182 -135.85 -30.63 -42.66
C TYR G 3182 -137.30 -31.01 -42.36
N SER G 3183 -137.66 -31.19 -41.10
CA SER G 3183 -139.04 -31.49 -40.73
C SER G 3183 -139.75 -30.21 -40.26
N TYR G 3610 -93.81 11.14 -46.21
CA TYR G 3610 -93.11 11.75 -45.08
C TYR G 3610 -92.72 13.19 -45.33
N ASN G 3611 -91.80 13.36 -46.28
CA ASN G 3611 -91.02 14.59 -46.41
C ASN G 3611 -91.87 15.66 -47.07
N LEU G 3612 -92.83 16.16 -46.33
CA LEU G 3612 -93.83 17.06 -46.90
C LEU G 3612 -93.50 18.56 -46.99
N PRO G 3613 -93.04 19.27 -45.94
CA PRO G 3613 -92.99 20.73 -46.05
C PRO G 3613 -91.85 21.20 -46.93
N ARG G 3614 -92.15 22.19 -47.76
CA ARG G 3614 -91.32 22.50 -48.91
C ARG G 3614 -89.99 23.11 -48.48
N HIS G 3615 -90.06 24.26 -47.81
CA HIS G 3615 -88.88 24.97 -47.34
C HIS G 3615 -88.05 24.12 -46.39
N ARG G 3616 -88.73 23.31 -45.58
CA ARG G 3616 -88.09 22.30 -44.76
C ARG G 3616 -87.21 21.39 -45.60
N ALA G 3617 -87.80 20.85 -46.66
CA ALA G 3617 -87.08 19.95 -47.54
C ALA G 3617 -85.95 20.67 -48.24
N VAL G 3618 -86.16 21.96 -48.52
CA VAL G 3618 -85.14 22.74 -49.20
C VAL G 3618 -83.92 22.91 -48.32
N ASN G 3619 -84.15 23.25 -47.05
CA ASN G 3619 -83.05 23.44 -46.10
C ASN G 3619 -82.29 22.14 -45.88
N LEU G 3620 -83.04 21.04 -45.70
CA LEU G 3620 -82.40 19.75 -45.51
C LEU G 3620 -81.65 19.32 -46.75
N PHE G 3621 -82.20 19.65 -47.91
CA PHE G 3621 -81.57 19.34 -49.17
C PHE G 3621 -80.24 20.06 -49.31
N LEU G 3622 -80.23 21.36 -49.04
CA LEU G 3622 -79.03 22.12 -49.31
C LEU G 3622 -77.94 21.76 -48.34
N GLN G 3623 -78.32 21.45 -47.10
CA GLN G 3623 -77.39 20.85 -46.17
C GLN G 3623 -76.81 19.56 -46.73
N GLY G 3624 -77.67 18.70 -47.26
CA GLY G 3624 -77.17 17.49 -47.88
C GLY G 3624 -76.28 17.77 -49.08
N TYR G 3625 -76.56 18.85 -49.79
CA TYR G 3625 -75.80 19.12 -50.98
C TYR G 3625 -74.41 19.61 -50.65
N GLU G 3626 -74.31 20.52 -49.69
CA GLU G 3626 -73.00 20.99 -49.28
C GLU G 3626 -72.22 19.87 -48.66
N LYS G 3627 -72.90 18.92 -48.04
CA LYS G 3627 -72.17 17.75 -47.63
C LYS G 3627 -71.76 16.88 -48.80
N SER G 3628 -72.52 16.90 -49.89
CA SER G 3628 -72.40 15.83 -50.86
C SER G 3628 -71.29 16.07 -51.88
N TRP G 3629 -71.52 17.01 -52.78
CA TRP G 3629 -70.75 17.07 -54.01
C TRP G 3629 -69.83 18.27 -54.01
N ILE G 3630 -69.41 18.66 -52.81
CA ILE G 3630 -68.70 19.89 -52.62
C ILE G 3630 -67.28 19.64 -52.15
N GLU G 3631 -67.10 18.67 -51.27
CA GLU G 3631 -65.81 18.32 -50.72
C GLU G 3631 -65.06 17.56 -51.82
N THR G 3632 -64.51 18.34 -52.75
CA THR G 3632 -64.09 17.82 -54.04
C THR G 3632 -62.66 18.23 -54.33
N GLU G 3633 -62.22 18.02 -55.56
CA GLU G 3633 -60.83 18.28 -55.95
C GLU G 3633 -60.78 19.49 -56.87
N GLU G 3634 -59.97 20.47 -56.49
CA GLU G 3634 -59.60 21.58 -57.34
C GLU G 3634 -58.14 21.91 -57.12
N HIS G 3635 -57.43 21.07 -56.39
CA HIS G 3635 -56.33 21.46 -55.51
C HIS G 3635 -54.99 21.11 -56.10
N TYR G 3636 -54.84 21.32 -57.38
CA TYR G 3636 -53.54 21.22 -58.01
C TYR G 3636 -52.84 22.56 -58.08
N PHE G 3637 -53.50 23.63 -57.65
CA PHE G 3637 -53.15 24.98 -58.01
C PHE G 3637 -52.05 25.58 -57.15
N GLU G 3638 -51.67 24.91 -56.08
CA GLU G 3638 -51.04 25.61 -54.98
C GLU G 3638 -49.56 25.81 -55.24
N ASP G 3639 -48.91 24.81 -55.80
CA ASP G 3639 -47.46 24.86 -55.88
C ASP G 3639 -47.02 25.81 -56.98
N LYS G 3640 -47.78 25.81 -58.08
CA LYS G 3640 -47.54 26.82 -59.09
C LYS G 3640 -47.88 28.20 -58.57
N LEU G 3641 -48.86 28.31 -57.66
CA LEU G 3641 -49.18 29.58 -57.05
C LEU G 3641 -48.03 30.06 -56.20
N ILE G 3642 -47.40 29.14 -55.49
CA ILE G 3642 -46.21 29.44 -54.70
C ILE G 3642 -45.13 29.98 -55.61
N GLU G 3643 -44.85 29.27 -56.68
CA GLU G 3643 -43.76 29.67 -57.53
C GLU G 3643 -44.11 30.87 -58.37
N ASP G 3644 -45.40 31.16 -58.53
CA ASP G 3644 -45.83 32.46 -59.00
C ASP G 3644 -45.37 33.53 -58.05
N LEU G 3645 -45.70 33.37 -56.78
CA LEU G 3645 -45.28 34.37 -55.81
C LEU G 3645 -43.81 34.28 -55.50
N ALA G 3646 -43.15 33.19 -55.90
CA ALA G 3646 -41.70 33.11 -55.83
C ALA G 3646 -41.09 33.76 -57.08
N LYS G 3647 -41.32 35.06 -57.19
CA LYS G 3647 -40.82 35.80 -58.34
C LYS G 3647 -40.67 37.25 -57.94
N PRO G 3648 -39.46 37.77 -57.85
CA PRO G 3648 -39.21 39.14 -57.36
C PRO G 3648 -39.59 40.23 -58.34
N ARG G 3661 -35.35 44.45 -53.59
CA ARG G 3661 -36.68 43.88 -53.50
C ARG G 3661 -36.64 42.56 -52.73
N VAL G 3662 -37.73 42.25 -52.04
CA VAL G 3662 -37.87 41.04 -51.25
C VAL G 3662 -39.08 40.27 -51.79
N ASP G 3663 -39.07 38.95 -51.62
CA ASP G 3663 -40.11 38.13 -52.21
C ASP G 3663 -41.43 38.31 -51.49
N PRO G 3664 -42.55 38.25 -52.22
CA PRO G 3664 -43.89 38.20 -51.59
C PRO G 3664 -44.05 37.14 -50.54
N LEU G 3665 -43.61 35.92 -50.84
CA LEU G 3665 -43.68 34.87 -49.83
C LEU G 3665 -42.80 35.19 -48.66
N HIS G 3666 -41.64 35.78 -48.94
CA HIS G 3666 -40.77 36.22 -47.89
C HIS G 3666 -41.44 37.28 -47.04
N GLN G 3667 -42.20 38.16 -47.68
CA GLN G 3667 -42.97 39.16 -46.97
C GLN G 3667 -43.99 38.52 -46.05
N LEU G 3668 -44.71 37.52 -46.56
CA LEU G 3668 -45.72 36.85 -45.76
C LEU G 3668 -45.09 36.13 -44.58
N ILE G 3669 -43.95 35.52 -44.81
CA ILE G 3669 -43.25 34.78 -43.77
C ILE G 3669 -42.80 35.71 -42.68
N LEU G 3670 -42.19 36.83 -43.06
CA LEU G 3670 -41.70 37.75 -42.04
C LEU G 3670 -42.85 38.39 -41.31
N LEU G 3671 -43.96 38.64 -42.01
CA LEU G 3671 -45.19 39.08 -41.37
C LEU G 3671 -45.61 38.13 -40.29
N PHE G 3672 -45.60 36.83 -40.59
CA PHE G 3672 -46.06 35.87 -39.61
C PHE G 3672 -45.08 35.73 -38.47
N SER G 3673 -43.81 35.95 -38.72
CA SER G 3673 -42.85 35.87 -37.63
C SER G 3673 -43.04 37.02 -36.68
N ARG G 3674 -43.20 38.23 -37.22
CA ARG G 3674 -43.43 39.38 -36.37
C ARG G 3674 -44.76 39.29 -35.68
N THR G 3675 -45.72 38.62 -36.31
CA THR G 3675 -46.94 38.27 -35.61
C THR G 3675 -46.64 37.36 -34.44
N ALA G 3676 -45.79 36.38 -34.66
CA ALA G 3676 -45.40 35.48 -33.59
C ALA G 3676 -44.47 36.16 -32.61
N LEU G 3677 -43.80 37.22 -33.02
CA LEU G 3677 -42.91 37.89 -32.09
C LEU G 3677 -43.62 38.81 -31.13
N THR G 3678 -44.91 39.00 -31.29
CA THR G 3678 -45.68 39.74 -30.31
C THR G 3678 -45.80 38.93 -29.03
N GLU G 3679 -46.08 39.63 -27.93
CA GLU G 3679 -46.15 39.01 -26.62
C GLU G 3679 -47.59 39.09 -26.14
N LYS G 3680 -48.27 37.96 -26.21
CA LYS G 3680 -49.70 37.92 -26.02
C LYS G 3680 -50.15 37.02 -24.90
N CYS G 3681 -49.26 36.16 -24.38
CA CYS G 3681 -49.50 35.03 -23.48
C CYS G 3681 -50.74 34.22 -23.84
N LYS G 3682 -50.99 34.07 -25.13
CA LYS G 3682 -52.17 33.46 -25.71
C LYS G 3682 -51.95 33.42 -27.22
N LEU G 3683 -52.49 32.40 -27.86
CA LEU G 3683 -52.41 32.30 -29.31
C LEU G 3683 -53.80 32.32 -29.91
N GLU G 3684 -53.95 33.14 -30.92
CA GLU G 3684 -55.24 33.46 -31.49
C GLU G 3684 -55.53 32.46 -32.59
N GLU G 3685 -56.50 32.76 -33.44
CA GLU G 3685 -56.77 31.81 -34.52
C GLU G 3685 -56.09 32.25 -35.80
N ASP G 3686 -56.53 33.38 -36.36
CA ASP G 3686 -56.03 33.97 -37.60
C ASP G 3686 -56.02 32.94 -38.73
N PHE G 3687 -57.23 32.53 -39.10
CA PHE G 3687 -57.45 31.36 -39.92
C PHE G 3687 -56.74 31.38 -41.26
N LEU G 3688 -56.38 32.58 -41.74
CA LEU G 3688 -55.54 32.69 -42.91
C LEU G 3688 -54.16 32.09 -42.67
N TYR G 3689 -53.66 32.16 -41.44
CA TYR G 3689 -52.36 31.59 -41.16
C TYR G 3689 -52.41 30.09 -41.31
N MET G 3690 -53.48 29.49 -40.81
CA MET G 3690 -53.73 28.07 -40.99
C MET G 3690 -53.83 27.73 -42.46
N ALA G 3691 -54.54 28.55 -43.22
CA ALA G 3691 -54.74 28.29 -44.64
C ALA G 3691 -53.42 28.31 -45.39
N TYR G 3692 -52.64 29.37 -45.21
CA TYR G 3692 -51.43 29.53 -45.99
C TYR G 3692 -50.37 28.54 -45.56
N ALA G 3693 -50.36 28.20 -44.26
CA ALA G 3693 -49.47 27.15 -43.79
C ALA G 3693 -49.82 25.82 -44.41
N ASP G 3694 -51.12 25.55 -44.56
CA ASP G 3694 -51.53 24.33 -45.24
C ASP G 3694 -51.14 24.34 -46.70
N ILE G 3695 -51.19 25.50 -47.34
CA ILE G 3695 -50.83 25.55 -48.75
C ILE G 3695 -49.34 25.31 -48.92
N MET G 3696 -48.54 25.89 -48.04
CA MET G 3696 -47.13 25.59 -48.07
C MET G 3696 -46.84 24.16 -47.65
N ALA G 3697 -47.74 23.54 -46.90
CA ALA G 3697 -47.61 22.11 -46.71
C ALA G 3697 -47.94 21.37 -47.98
N LYS G 3698 -48.86 21.92 -48.77
CA LYS G 3698 -49.19 21.31 -50.05
C LYS G 3698 -48.10 21.52 -51.07
N SER G 3699 -47.13 22.39 -50.78
CA SER G 3699 -45.99 22.58 -51.66
C SER G 3699 -45.07 21.37 -51.77
N CYS G 3700 -45.27 20.33 -50.98
CA CYS G 3700 -44.49 19.12 -51.11
C CYS G 3700 -45.38 17.90 -51.24
N SER G 3714 -36.95 2.07 -59.88
CA SER G 3714 -36.90 3.39 -60.47
C SER G 3714 -35.93 4.27 -59.69
N PHE G 3715 -34.71 3.75 -59.51
CA PHE G 3715 -33.73 4.38 -58.65
C PHE G 3715 -33.34 5.75 -59.17
N GLU G 3716 -33.10 5.84 -60.48
CA GLU G 3716 -32.88 7.13 -61.13
C GLU G 3716 -34.04 8.05 -60.91
N GLU G 3717 -35.25 7.53 -61.05
CA GLU G 3717 -36.43 8.33 -60.78
C GLU G 3717 -36.55 8.67 -59.31
N LYS G 3718 -36.11 7.76 -58.44
CA LYS G 3718 -36.12 8.06 -57.02
C LYS G 3718 -35.22 9.24 -56.69
N GLU G 3719 -34.07 9.32 -57.36
CA GLU G 3719 -33.19 10.44 -57.11
C GLU G 3719 -33.73 11.71 -57.74
N MET G 3720 -34.42 11.57 -58.86
CA MET G 3720 -35.06 12.72 -59.49
C MET G 3720 -36.12 13.31 -58.60
N GLU G 3721 -36.96 12.46 -58.01
CA GLU G 3721 -38.00 12.90 -57.10
C GLU G 3721 -37.41 13.50 -55.85
N LYS G 3722 -36.32 12.90 -55.36
CA LYS G 3722 -35.56 13.46 -54.26
C LYS G 3722 -35.09 14.87 -54.60
N GLN G 3723 -34.61 15.06 -55.81
CA GLN G 3723 -34.10 16.35 -56.22
C GLN G 3723 -35.19 17.38 -56.25
N LYS G 3724 -36.35 17.01 -56.81
CA LYS G 3724 -37.45 17.97 -56.92
C LYS G 3724 -37.99 18.32 -55.54
N LEU G 3725 -38.05 17.34 -54.65
CA LEU G 3725 -38.51 17.61 -53.30
C LEU G 3725 -37.55 18.53 -52.57
N LEU G 3726 -36.26 18.31 -52.78
CA LEU G 3726 -35.28 19.17 -52.15
C LEU G 3726 -35.34 20.57 -52.71
N TYR G 3727 -35.67 20.68 -53.99
CA TYR G 3727 -35.86 21.98 -54.59
C TYR G 3727 -37.05 22.70 -53.98
N GLN G 3728 -38.11 21.96 -53.71
CA GLN G 3728 -39.27 22.55 -53.06
C GLN G 3728 -38.94 23.03 -51.66
N GLN G 3729 -38.21 22.21 -50.93
CA GLN G 3729 -37.81 22.55 -49.57
C GLN G 3729 -36.91 23.76 -49.56
N ALA G 3730 -36.05 23.85 -50.56
CA ALA G 3730 -35.19 25.02 -50.70
C ALA G 3730 -36.04 26.26 -50.91
N ARG G 3731 -36.93 26.20 -51.90
CA ARG G 3731 -37.79 27.31 -52.29
C ARG G 3731 -38.58 27.84 -51.10
N LEU G 3732 -39.01 26.94 -50.24
CA LEU G 3732 -39.63 27.41 -49.02
C LEU G 3732 -38.61 27.99 -48.07
N HIS G 3733 -37.72 27.16 -47.57
CA HIS G 3733 -37.05 27.47 -46.32
C HIS G 3733 -35.96 28.49 -46.47
N ASP G 3734 -35.52 28.80 -47.67
CA ASP G 3734 -34.51 29.82 -47.81
C ASP G 3734 -35.07 31.22 -47.62
N ARG G 3735 -36.38 31.34 -47.47
CA ARG G 3735 -36.97 32.58 -47.01
C ARG G 3735 -37.13 32.59 -45.51
N GLY G 3736 -36.26 31.87 -44.80
CA GLY G 3736 -36.28 31.84 -43.36
C GLY G 3736 -37.51 31.19 -42.79
N ALA G 3737 -38.08 30.23 -43.52
CA ALA G 3737 -39.44 29.81 -43.26
C ALA G 3737 -39.59 29.04 -41.96
N ALA G 3738 -38.56 28.36 -41.50
CA ALA G 3738 -38.77 27.46 -40.38
C ALA G 3738 -38.59 28.12 -39.04
N GLU G 3739 -37.94 29.27 -39.02
CA GLU G 3739 -37.73 29.92 -37.75
C GLU G 3739 -39.02 30.43 -37.16
N MET G 3740 -39.95 30.86 -38.01
CA MET G 3740 -41.23 31.26 -37.47
C MET G 3740 -42.04 30.07 -37.04
N VAL G 3741 -41.83 28.91 -37.68
CA VAL G 3741 -42.45 27.69 -37.20
C VAL G 3741 -42.00 27.41 -35.79
N LEU G 3742 -40.69 27.50 -35.58
CA LEU G 3742 -40.13 27.31 -34.26
C LEU G 3742 -40.65 28.35 -33.29
N GLN G 3743 -40.85 29.57 -33.78
CA GLN G 3743 -41.34 30.64 -32.94
C GLN G 3743 -42.76 30.42 -32.52
N THR G 3744 -43.60 29.92 -33.43
CA THR G 3744 -44.97 29.61 -33.09
C THR G 3744 -45.04 28.49 -32.09
N ILE G 3745 -44.13 27.53 -32.22
CA ILE G 3745 -44.17 26.40 -31.31
C ILE G 3745 -43.75 26.84 -29.92
N SER G 3746 -42.78 27.74 -29.84
CA SER G 3746 -42.51 28.36 -28.56
C SER G 3746 -43.68 29.21 -28.10
N ALA G 3747 -44.43 29.76 -29.04
CA ALA G 3747 -45.39 30.78 -28.71
C ALA G 3747 -46.60 30.18 -28.03
N SER G 3748 -47.17 29.15 -28.62
CA SER G 3748 -48.20 28.40 -27.90
C SER G 3748 -47.50 27.63 -26.81
N LYS G 3749 -47.84 27.89 -25.56
CA LYS G 3749 -47.15 27.20 -24.49
C LYS G 3749 -47.74 25.81 -24.28
N GLY G 3750 -48.93 25.77 -23.73
CA GLY G 3750 -49.53 24.48 -23.46
C GLY G 3750 -50.81 24.44 -24.24
N GLU G 3751 -51.05 25.53 -24.94
CA GLU G 3751 -52.24 25.65 -25.76
C GLU G 3751 -52.12 24.70 -26.94
N THR G 3752 -53.12 23.86 -27.12
CA THR G 3752 -53.10 22.84 -28.16
C THR G 3752 -54.18 23.11 -29.20
N GLY G 3753 -54.29 24.36 -29.63
CA GLY G 3753 -55.21 24.70 -30.67
C GLY G 3753 -54.76 24.12 -31.99
N PRO G 3754 -55.66 24.16 -32.99
CA PRO G 3754 -55.30 23.62 -34.31
C PRO G 3754 -54.25 24.45 -35.01
N MET G 3755 -54.04 25.67 -34.54
CA MET G 3755 -52.84 26.45 -34.82
C MET G 3755 -51.59 25.61 -34.71
N VAL G 3756 -51.45 24.90 -33.59
CA VAL G 3756 -50.28 24.09 -33.32
C VAL G 3756 -50.18 22.98 -34.34
N ALA G 3757 -51.32 22.39 -34.69
CA ALA G 3757 -51.33 21.28 -35.63
C ALA G 3757 -50.93 21.75 -37.03
N ALA G 3758 -51.40 22.93 -37.41
CA ALA G 3758 -51.05 23.47 -38.72
C ALA G 3758 -49.57 23.75 -38.80
N THR G 3759 -49.02 24.34 -37.75
CA THR G 3759 -47.58 24.60 -37.70
C THR G 3759 -46.79 23.32 -37.76
N LEU G 3760 -47.26 22.29 -37.07
CA LEU G 3760 -46.54 21.03 -37.06
C LEU G 3760 -46.57 20.36 -38.42
N LYS G 3761 -47.72 20.44 -39.08
CA LYS G 3761 -47.83 19.86 -40.42
C LYS G 3761 -46.91 20.56 -41.37
N LEU G 3762 -46.76 21.87 -41.20
CA LEU G 3762 -45.84 22.60 -42.07
C LEU G 3762 -44.40 22.20 -41.80
N GLY G 3763 -44.05 22.00 -40.53
CA GLY G 3763 -42.69 21.61 -40.23
C GLY G 3763 -42.36 20.23 -40.76
N ILE G 3764 -43.32 19.34 -40.71
CA ILE G 3764 -43.15 18.01 -41.29
C ILE G 3764 -43.01 18.13 -42.79
N ALA G 3765 -43.80 18.99 -43.41
CA ALA G 3765 -43.73 19.17 -44.85
C ALA G 3765 -42.39 19.73 -45.27
N ILE G 3766 -41.77 20.50 -44.38
CA ILE G 3766 -40.40 20.90 -44.61
C ILE G 3766 -39.49 19.71 -44.54
N LEU G 3767 -39.52 19.00 -43.43
CA LEU G 3767 -38.45 18.09 -43.14
C LEU G 3767 -38.76 16.65 -43.48
N ASN G 3768 -39.71 16.45 -44.40
CA ASN G 3768 -40.07 15.10 -44.81
C ASN G 3768 -38.87 14.35 -45.39
N GLY G 3769 -38.02 15.04 -46.12
CA GLY G 3769 -36.76 14.43 -46.49
C GLY G 3769 -35.78 14.35 -45.35
N GLY G 3770 -36.00 15.15 -44.32
CA GLY G 3770 -35.02 15.21 -43.25
C GLY G 3770 -33.82 15.97 -43.74
N ASN G 3771 -34.03 17.20 -44.17
CA ASN G 3771 -32.92 18.01 -44.60
C ASN G 3771 -32.06 18.36 -43.40
N SER G 3772 -30.77 18.10 -43.56
CA SER G 3772 -29.83 18.42 -42.51
C SER G 3772 -29.67 19.91 -42.34
N THR G 3773 -29.78 20.67 -43.42
CA THR G 3773 -29.43 22.09 -43.33
C THR G 3773 -30.44 22.84 -42.49
N VAL G 3774 -31.71 22.50 -42.64
CA VAL G 3774 -32.75 23.06 -41.81
C VAL G 3774 -32.51 22.68 -40.35
N GLN G 3775 -32.06 21.45 -40.13
CA GLN G 3775 -31.71 21.02 -38.78
C GLN G 3775 -30.58 21.84 -38.22
N GLN G 3776 -29.62 22.19 -39.06
CA GLN G 3776 -28.53 23.04 -38.63
C GLN G 3776 -29.02 24.42 -38.29
N LYS G 3777 -29.87 24.97 -39.16
CA LYS G 3777 -30.38 26.31 -38.96
C LYS G 3777 -31.17 26.42 -37.68
N MET G 3778 -31.95 25.39 -37.39
CA MET G 3778 -32.72 25.39 -36.16
C MET G 3778 -31.83 25.19 -34.95
N LEU G 3779 -30.74 24.43 -35.11
CA LEU G 3779 -29.80 24.28 -34.02
C LEU G 3779 -29.14 25.61 -33.69
N GLU G 3780 -28.73 26.33 -34.72
CA GLU G 3780 -28.18 27.68 -34.53
C GLU G 3780 -29.21 28.57 -33.90
N TYR G 3781 -30.45 28.46 -34.37
CA TYR G 3781 -31.53 29.32 -33.90
C TYR G 3781 -31.81 29.11 -32.43
N LEU G 3782 -31.64 27.89 -31.97
CA LEU G 3782 -31.68 27.73 -30.54
C LEU G 3782 -30.38 28.17 -29.92
N LYS G 3783 -29.31 28.17 -30.68
CA LYS G 3783 -28.04 28.44 -30.03
C LYS G 3783 -27.80 29.92 -29.82
N GLU G 3784 -28.48 30.82 -30.53
CA GLU G 3784 -28.23 32.22 -30.24
C GLU G 3784 -29.06 32.67 -29.05
N LYS G 3785 -30.33 32.35 -29.08
CA LYS G 3785 -31.25 32.87 -28.08
C LYS G 3785 -31.71 31.74 -27.21
N LYS G 3786 -31.84 32.01 -25.92
CA LYS G 3786 -32.01 30.94 -24.94
C LYS G 3786 -33.50 30.69 -24.72
N ASP G 3787 -34.14 30.22 -25.78
CA ASP G 3787 -35.60 30.12 -25.80
C ASP G 3787 -36.00 28.83 -25.12
N VAL G 3788 -35.80 28.80 -23.80
CA VAL G 3788 -36.12 27.61 -23.05
C VAL G 3788 -37.62 27.42 -22.99
N GLY G 3789 -38.38 28.51 -23.08
CA GLY G 3789 -39.81 28.45 -23.17
C GLY G 3789 -40.32 27.71 -24.38
N PHE G 3790 -39.51 27.62 -25.43
CA PHE G 3790 -39.82 26.70 -26.51
C PHE G 3790 -39.86 25.27 -26.00
N PHE G 3791 -38.87 24.87 -25.22
CA PHE G 3791 -38.85 23.51 -24.69
C PHE G 3791 -39.96 23.31 -23.68
N GLN G 3792 -40.28 24.38 -22.95
CA GLN G 3792 -41.37 24.28 -22.00
C GLN G 3792 -42.67 24.10 -22.72
N SER G 3793 -42.81 24.80 -23.84
CA SER G 3793 -43.99 24.66 -24.66
C SER G 3793 -44.07 23.27 -25.25
N LEU G 3794 -42.92 22.70 -25.58
CA LEU G 3794 -42.86 21.32 -26.03
C LEU G 3794 -43.38 20.39 -24.97
N ALA G 3795 -42.92 20.58 -23.74
CA ALA G 3795 -43.31 19.70 -22.65
C ALA G 3795 -44.80 19.81 -22.38
N GLY G 3796 -45.31 21.04 -22.34
CA GLY G 3796 -46.72 21.24 -22.08
C GLY G 3796 -47.59 20.69 -23.19
N LEU G 3797 -47.09 20.73 -24.43
CA LEU G 3797 -47.74 20.00 -25.49
C LEU G 3797 -47.71 18.53 -25.20
N MET G 3798 -46.58 18.04 -24.73
CA MET G 3798 -46.38 16.64 -24.51
C MET G 3798 -47.12 16.12 -23.32
N GLN G 3799 -47.81 16.96 -22.57
CA GLN G 3799 -48.57 16.39 -21.48
C GLN G 3799 -49.91 15.88 -21.97
N SER G 3800 -50.54 16.59 -22.90
CA SER G 3800 -51.99 16.42 -23.03
C SER G 3800 -52.36 15.16 -23.79
N CYS G 3801 -52.22 15.20 -25.10
CA CYS G 3801 -52.01 14.03 -25.95
C CYS G 3801 -53.08 12.95 -26.00
N SER G 3802 -54.09 13.01 -25.13
CA SER G 3802 -55.36 12.24 -25.23
C SER G 3802 -55.12 10.75 -25.38
N VAL G 3803 -54.65 10.14 -24.30
CA VAL G 3803 -54.10 8.79 -24.35
C VAL G 3803 -55.13 7.74 -24.74
N LEU G 3804 -56.11 7.47 -23.88
CA LEU G 3804 -57.16 6.48 -24.11
C LEU G 3804 -58.15 6.51 -22.96
N ASP G 3805 -59.41 6.17 -23.25
CA ASP G 3805 -60.36 5.89 -22.18
C ASP G 3805 -61.44 4.93 -22.64
N LEU G 3806 -61.58 3.83 -21.91
CA LEU G 3806 -62.65 2.90 -22.22
C LEU G 3806 -64.00 3.41 -21.78
N ASN G 3807 -64.03 4.26 -20.76
CA ASN G 3807 -65.26 4.51 -20.04
C ASN G 3807 -66.22 5.34 -20.87
N ALA G 3808 -65.73 6.45 -21.43
CA ALA G 3808 -66.57 7.19 -22.35
C ALA G 3808 -66.79 6.42 -23.63
N PHE G 3809 -65.80 5.63 -24.02
CA PHE G 3809 -65.99 4.70 -25.11
C PHE G 3809 -67.09 3.70 -24.77
N GLU G 3810 -67.12 3.25 -23.53
CA GLU G 3810 -68.18 2.33 -23.15
C GLU G 3810 -69.51 3.04 -23.04
N ARG G 3811 -69.48 4.34 -22.72
CA ARG G 3811 -70.69 5.13 -22.72
C ARG G 3811 -71.24 5.24 -24.11
N GLN G 3812 -70.35 5.41 -25.08
CA GLN G 3812 -70.73 5.34 -26.48
C GLN G 3812 -71.31 3.98 -26.81
N ASN G 3813 -70.68 2.93 -26.28
CA ASN G 3813 -71.16 1.58 -26.51
C ASN G 3813 -72.53 1.36 -25.93
N LYS G 3814 -72.87 2.06 -24.85
CA LYS G 3814 -74.24 2.01 -24.40
C LYS G 3814 -75.11 2.84 -25.32
N ALA G 3815 -74.62 4.00 -25.73
CA ALA G 3815 -75.43 4.99 -26.42
C ALA G 3815 -75.50 4.64 -27.90
N GLU G 3816 -76.12 3.53 -28.18
CA GLU G 3816 -76.29 3.13 -29.57
C GLU G 3816 -77.71 2.72 -29.90
N GLY G 3817 -78.40 2.05 -28.98
CA GLY G 3817 -79.79 1.71 -29.18
C GLY G 3817 -80.67 2.61 -28.35
N LYS G 3829 -67.63 9.71 -30.89
CA LYS G 3829 -67.18 10.74 -31.81
C LYS G 3829 -66.00 11.48 -31.23
N VAL G 3830 -66.02 11.66 -29.91
CA VAL G 3830 -64.98 12.43 -29.25
C VAL G 3830 -63.68 11.65 -29.18
N LEU G 3831 -63.73 10.38 -28.79
CA LEU G 3831 -62.53 9.57 -28.72
C LEU G 3831 -62.17 9.13 -30.13
N GLN G 3832 -60.98 9.51 -30.59
CA GLN G 3832 -59.97 10.21 -29.81
C GLN G 3832 -59.35 11.33 -30.63
N ASP G 3833 -58.87 12.37 -29.98
CA ASP G 3833 -58.11 13.40 -30.68
C ASP G 3833 -56.64 13.13 -30.43
N ASP G 3834 -56.05 12.37 -31.32
CA ASP G 3834 -54.70 11.88 -31.09
C ASP G 3834 -53.82 11.89 -32.31
N GLU G 3835 -54.38 12.09 -33.50
CA GLU G 3835 -53.60 12.10 -34.73
C GLU G 3835 -52.57 13.21 -34.70
N PHE G 3836 -52.97 14.36 -34.17
CA PHE G 3836 -52.09 15.50 -34.00
C PHE G 3836 -50.86 15.14 -33.19
N THR G 3837 -51.04 14.28 -32.19
CA THR G 3837 -49.91 13.86 -31.38
C THR G 3837 -48.94 13.01 -32.19
N CYS G 3838 -49.48 12.18 -33.08
CA CYS G 3838 -48.62 11.41 -33.97
C CYS G 3838 -47.84 12.33 -34.86
N ASP G 3839 -48.49 13.40 -35.31
CA ASP G 3839 -47.81 14.39 -36.14
C ASP G 3839 -46.70 15.04 -35.36
N LEU G 3840 -46.98 15.36 -34.11
CA LEU G 3840 -46.01 15.95 -33.21
C LEU G 3840 -44.80 15.06 -33.05
N PHE G 3841 -45.03 13.78 -32.81
CA PHE G 3841 -43.91 12.90 -32.54
C PHE G 3841 -43.11 12.62 -33.78
N ARG G 3842 -43.79 12.48 -34.91
CA ARG G 3842 -43.11 12.37 -36.19
C ARG G 3842 -42.23 13.56 -36.43
N PHE G 3843 -42.72 14.74 -36.06
CA PHE G 3843 -41.94 15.95 -36.20
C PHE G 3843 -40.72 15.93 -35.31
N LEU G 3844 -40.88 15.42 -34.09
CA LEU G 3844 -39.74 15.28 -33.20
C LEU G 3844 -38.70 14.36 -33.79
N GLN G 3845 -39.18 13.27 -34.36
CA GLN G 3845 -38.29 12.28 -34.95
C GLN G 3845 -37.54 12.86 -36.13
N LEU G 3846 -38.19 13.76 -36.86
CA LEU G 3846 -37.54 14.45 -37.95
C LEU G 3846 -36.45 15.39 -37.48
N LEU G 3847 -36.48 15.82 -36.23
CA LEU G 3847 -35.48 16.76 -35.78
C LEU G 3847 -34.14 16.11 -35.56
N CYS G 3848 -34.12 14.80 -35.42
CA CYS G 3848 -32.89 14.07 -35.19
C CYS G 3848 -32.62 13.08 -36.32
N GLU G 3849 -33.14 13.37 -37.51
CA GLU G 3849 -32.84 12.55 -38.66
C GLU G 3849 -31.37 12.64 -39.00
N GLY G 3850 -30.84 11.55 -39.56
CA GLY G 3850 -29.49 11.56 -40.03
C GLY G 3850 -28.46 11.71 -38.95
N HIS G 3851 -28.80 11.26 -37.74
CA HIS G 3851 -27.87 11.11 -36.62
C HIS G 3851 -27.33 12.47 -36.20
N ASN G 3852 -28.20 13.46 -36.10
CA ASN G 3852 -27.82 14.80 -35.68
C ASN G 3852 -27.46 14.76 -34.20
N SER G 3853 -26.21 14.35 -33.97
CA SER G 3853 -25.77 13.96 -32.65
C SER G 3853 -25.68 15.16 -31.73
N ASP G 3854 -25.20 16.27 -32.27
CA ASP G 3854 -25.26 17.55 -31.57
C ASP G 3854 -26.68 17.90 -31.19
N PHE G 3855 -27.60 17.72 -32.13
CA PHE G 3855 -28.98 18.03 -31.88
C PHE G 3855 -29.59 17.07 -30.89
N GLN G 3856 -29.17 15.82 -30.95
CA GLN G 3856 -29.66 14.84 -29.99
C GLN G 3856 -29.18 15.17 -28.59
N ASN G 3857 -27.92 15.60 -28.46
CA ASN G 3857 -27.42 15.97 -27.17
C ASN G 3857 -28.08 17.24 -26.67
N TYR G 3858 -28.38 18.16 -27.58
CA TYR G 3858 -29.05 19.36 -27.13
C TYR G 3858 -30.51 19.08 -26.81
N LEU G 3859 -31.05 18.02 -27.37
CA LEU G 3859 -32.38 17.61 -26.98
C LEU G 3859 -32.39 16.97 -25.61
N ARG G 3860 -31.36 16.19 -25.33
CA ARG G 3860 -31.25 15.61 -24.00
C ARG G 3860 -30.98 16.68 -22.97
N THR G 3861 -29.98 17.51 -23.23
CA THR G 3861 -29.38 18.34 -22.22
C THR G 3861 -29.88 19.78 -22.30
N GLN G 3862 -29.74 20.41 -23.47
CA GLN G 3862 -30.11 21.80 -23.72
C GLN G 3862 -29.35 22.72 -22.76
N THR G 3863 -28.04 22.69 -22.93
CA THR G 3863 -27.15 23.29 -21.95
C THR G 3863 -27.12 24.80 -22.04
N GLY G 3864 -27.30 25.36 -23.23
CA GLY G 3864 -26.96 26.74 -23.47
C GLY G 3864 -27.80 27.75 -22.74
N ASN G 3865 -28.97 27.36 -22.28
CA ASN G 3865 -29.86 28.31 -21.65
C ASN G 3865 -29.61 28.32 -20.16
N ASN G 3866 -30.36 29.14 -19.45
CA ASN G 3866 -30.30 29.12 -17.99
C ASN G 3866 -30.86 27.82 -17.45
N THR G 3867 -32.12 27.58 -17.71
CA THR G 3867 -32.74 26.33 -17.33
C THR G 3867 -32.89 25.43 -18.54
N THR G 3868 -33.35 24.22 -18.29
CA THR G 3868 -33.43 23.20 -19.32
C THR G 3868 -34.37 22.10 -18.88
N VAL G 3869 -34.62 21.18 -19.81
CA VAL G 3869 -35.42 19.99 -19.55
C VAL G 3869 -34.73 18.83 -20.23
N ASN G 3870 -35.18 17.62 -19.91
CA ASN G 3870 -34.81 16.46 -20.72
C ASN G 3870 -36.08 15.89 -21.32
N ILE G 3871 -36.26 16.17 -22.61
CA ILE G 3871 -37.46 15.80 -23.31
C ILE G 3871 -37.56 14.30 -23.52
N ILE G 3872 -36.44 13.61 -23.42
CA ILE G 3872 -36.44 12.18 -23.63
C ILE G 3872 -37.14 11.49 -22.49
N ILE G 3873 -36.97 12.03 -21.28
CA ILE G 3873 -37.68 11.48 -20.16
C ILE G 3873 -39.16 11.71 -20.32
N SER G 3874 -39.52 12.85 -20.89
CA SER G 3874 -40.92 13.18 -21.10
C SER G 3874 -41.57 12.21 -22.07
N THR G 3875 -40.88 11.88 -23.14
CA THR G 3875 -41.52 10.94 -24.04
C THR G 3875 -41.49 9.52 -23.49
N VAL G 3876 -40.53 9.22 -22.63
CA VAL G 3876 -40.52 7.94 -21.91
C VAL G 3876 -41.78 7.81 -21.07
N ASP G 3877 -42.11 8.83 -20.31
CA ASP G 3877 -43.27 8.65 -19.46
C ASP G 3877 -44.56 8.73 -20.26
N TYR G 3878 -44.50 9.43 -21.40
CA TYR G 3878 -45.68 9.45 -22.24
C TYR G 3878 -46.00 8.07 -22.77
N LEU G 3879 -44.99 7.37 -23.24
CA LEU G 3879 -45.26 6.03 -23.73
C LEU G 3879 -45.57 5.08 -22.59
N LEU G 3880 -45.10 5.38 -21.37
CA LEU G 3880 -45.55 4.62 -20.21
C LEU G 3880 -47.05 4.69 -20.07
N ARG G 3881 -47.59 5.91 -20.15
CA ARG G 3881 -49.03 6.09 -20.05
C ARG G 3881 -49.75 5.40 -21.19
N VAL G 3882 -49.14 5.46 -22.37
CA VAL G 3882 -49.69 4.83 -23.55
C VAL G 3882 -49.77 3.33 -23.35
N GLN G 3883 -48.70 2.76 -22.82
CA GLN G 3883 -48.62 1.34 -22.53
C GLN G 3883 -49.70 0.92 -21.59
N GLU G 3884 -49.87 1.68 -20.51
CA GLU G 3884 -50.86 1.34 -19.50
C GLU G 3884 -52.26 1.35 -20.09
N SER G 3885 -52.50 2.32 -20.98
CA SER G 3885 -53.78 2.41 -21.65
C SER G 3885 -54.04 1.20 -22.53
N ILE G 3886 -53.02 0.78 -23.26
CA ILE G 3886 -53.23 -0.34 -24.17
C ILE G 3886 -53.41 -1.62 -23.38
N SER G 3887 -52.73 -1.72 -22.25
CA SER G 3887 -52.84 -2.92 -21.44
C SER G 3887 -54.23 -3.04 -20.86
N ASP G 3888 -54.81 -1.94 -20.40
CA ASP G 3888 -56.16 -2.06 -19.87
C ASP G 3888 -57.18 -2.26 -20.99
N PHE G 3889 -56.86 -1.80 -22.19
CA PHE G 3889 -57.69 -2.13 -23.33
C PHE G 3889 -57.72 -3.64 -23.55
N TYR G 3890 -56.55 -4.26 -23.42
CA TYR G 3890 -56.48 -5.71 -23.43
C TYR G 3890 -57.30 -6.32 -22.32
N TRP G 3891 -57.20 -5.75 -21.11
CA TRP G 3891 -57.93 -6.31 -19.97
C TRP G 3891 -59.42 -6.24 -20.18
N TYR G 3892 -59.89 -5.19 -20.84
CA TYR G 3892 -61.28 -5.15 -21.24
C TYR G 3892 -61.58 -6.27 -22.22
N TYR G 3893 -60.85 -6.33 -23.30
CA TYR G 3893 -61.16 -7.31 -24.33
C TYR G 3893 -60.78 -8.73 -23.99
N SER G 3894 -60.13 -8.95 -22.86
CA SER G 3894 -59.60 -10.25 -22.52
C SER G 3894 -60.66 -11.25 -22.13
N GLY G 3895 -61.90 -10.81 -21.89
CA GLY G 3895 -62.92 -11.73 -21.49
C GLY G 3895 -63.89 -12.10 -22.58
N LYS G 3896 -64.36 -11.11 -23.34
CA LYS G 3896 -65.39 -11.36 -24.33
C LYS G 3896 -64.81 -12.01 -25.57
N ASP G 3897 -63.70 -11.45 -26.06
CA ASP G 3897 -62.88 -12.01 -27.14
C ASP G 3897 -63.63 -12.13 -28.46
N VAL G 3898 -64.72 -11.39 -28.60
CA VAL G 3898 -65.42 -11.27 -29.87
C VAL G 3898 -65.44 -9.77 -30.18
N ILE G 3899 -64.37 -9.34 -30.77
CA ILE G 3899 -64.05 -7.92 -30.76
C ILE G 3899 -64.70 -7.24 -31.94
N ASP G 3900 -65.45 -6.19 -31.64
CA ASP G 3900 -66.23 -5.43 -32.60
C ASP G 3900 -65.32 -4.67 -33.54
N GLU G 3901 -65.94 -4.10 -34.56
CA GLU G 3901 -65.25 -3.25 -35.52
C GLU G 3901 -64.63 -2.04 -34.84
N GLN G 3902 -65.36 -1.41 -33.93
CA GLN G 3902 -64.99 -0.10 -33.40
C GLN G 3902 -63.70 -0.14 -32.62
N GLY G 3903 -63.62 -1.07 -31.66
CA GLY G 3903 -62.41 -1.21 -30.86
C GLY G 3903 -61.22 -1.58 -31.72
N GLN G 3904 -61.47 -2.33 -32.78
CA GLN G 3904 -60.41 -2.67 -33.71
C GLN G 3904 -59.89 -1.43 -34.44
N ARG G 3905 -60.79 -0.63 -35.00
CA ARG G 3905 -60.33 0.45 -35.86
C ARG G 3905 -59.71 1.58 -35.04
N ASN G 3906 -60.22 1.83 -33.84
CA ASN G 3906 -59.53 2.81 -33.03
C ASN G 3906 -58.24 2.24 -32.48
N PHE G 3907 -58.24 0.94 -32.25
CA PHE G 3907 -57.09 0.31 -31.69
C PHE G 3907 -55.94 0.32 -32.67
N SER G 3908 -56.26 0.23 -33.95
CA SER G 3908 -55.27 0.36 -34.99
C SER G 3908 -54.63 1.74 -34.97
N LYS G 3909 -55.43 2.74 -34.65
CA LYS G 3909 -54.87 4.08 -34.58
C LYS G 3909 -53.95 4.20 -33.38
N ALA G 3910 -54.34 3.57 -32.28
CA ALA G 3910 -53.47 3.53 -31.10
C ALA G 3910 -52.17 2.79 -31.41
N ILE G 3911 -52.28 1.75 -32.22
CA ILE G 3911 -51.13 1.03 -32.72
C ILE G 3911 -50.23 1.95 -33.52
N GLN G 3912 -50.83 2.81 -34.33
CA GLN G 3912 -50.04 3.76 -35.12
C GLN G 3912 -49.31 4.73 -34.23
N VAL G 3913 -49.93 5.12 -33.13
CA VAL G 3913 -49.26 5.95 -32.15
C VAL G 3913 -48.05 5.24 -31.58
N ALA G 3914 -48.23 3.97 -31.23
CA ALA G 3914 -47.14 3.20 -30.65
C ALA G 3914 -46.01 3.04 -31.64
N LYS G 3915 -46.37 2.83 -32.90
CA LYS G 3915 -45.40 2.76 -33.98
C LYS G 3915 -44.62 4.04 -34.09
N GLN G 3916 -45.33 5.17 -34.09
CA GLN G 3916 -44.70 6.45 -34.28
C GLN G 3916 -43.76 6.75 -33.14
N VAL G 3917 -44.20 6.47 -31.92
CA VAL G 3917 -43.37 6.83 -30.79
C VAL G 3917 -42.16 5.93 -30.72
N PHE G 3918 -42.28 4.69 -31.20
CA PHE G 3918 -41.09 3.89 -31.29
C PHE G 3918 -40.16 4.39 -32.37
N ASN G 3919 -40.70 4.97 -33.43
CA ASN G 3919 -39.84 5.53 -34.45
C ASN G 3919 -39.05 6.70 -33.91
N THR G 3920 -39.70 7.54 -33.12
CA THR G 3920 -39.01 8.61 -32.42
C THR G 3920 -37.94 8.06 -31.51
N LEU G 3921 -38.27 6.99 -30.80
CA LEU G 3921 -37.35 6.41 -29.85
C LEU G 3921 -36.12 5.88 -30.53
N THR G 3922 -36.33 5.18 -31.62
CA THR G 3922 -35.23 4.67 -32.40
C THR G 3922 -34.35 5.79 -32.88
N GLU G 3923 -34.96 6.83 -33.43
CA GLU G 3923 -34.12 7.90 -33.94
C GLU G 3923 -33.55 8.74 -32.82
N TYR G 3924 -34.02 8.57 -31.60
CA TYR G 3924 -33.34 9.17 -30.47
C TYR G 3924 -32.03 8.47 -30.22
N ILE G 3925 -31.95 7.20 -30.57
CA ILE G 3925 -30.73 6.46 -30.37
C ILE G 3925 -30.29 6.01 -31.76
N GLN G 3926 -30.56 6.88 -32.73
CA GLN G 3926 -30.22 6.63 -34.13
C GLN G 3926 -28.73 6.36 -34.28
N GLY G 3927 -27.90 7.20 -33.70
CA GLY G 3927 -26.51 6.92 -33.62
C GLY G 3927 -26.21 6.27 -32.29
N PRO G 3928 -24.97 6.06 -32.01
CA PRO G 3928 -24.54 5.53 -30.71
C PRO G 3928 -24.37 6.61 -29.64
N CYS G 3929 -25.36 7.48 -29.53
CA CYS G 3929 -25.29 8.62 -28.61
C CYS G 3929 -25.40 8.15 -27.17
N THR G 3930 -24.33 8.37 -26.43
CA THR G 3930 -24.05 7.60 -25.24
C THR G 3930 -24.90 8.05 -24.07
N GLY G 3931 -24.86 9.35 -23.75
CA GLY G 3931 -25.60 9.84 -22.59
C GLY G 3931 -27.10 9.67 -22.75
N ASN G 3932 -27.55 9.66 -23.99
CA ASN G 3932 -28.88 9.23 -24.33
C ASN G 3932 -29.12 7.81 -23.82
N GLN G 3933 -28.18 6.91 -24.08
CA GLN G 3933 -28.30 5.57 -23.54
C GLN G 3933 -28.21 5.54 -22.04
N GLN G 3934 -27.49 6.47 -21.44
CA GLN G 3934 -27.32 6.44 -19.99
C GLN G 3934 -28.62 6.81 -19.31
N SER G 3935 -29.24 7.87 -19.82
CA SER G 3935 -30.55 8.27 -19.35
C SER G 3935 -31.57 7.17 -19.58
N LEU G 3936 -31.46 6.49 -20.71
CA LEU G 3936 -32.39 5.41 -20.99
C LEU G 3936 -32.16 4.23 -20.06
N ALA G 3937 -30.91 4.01 -19.69
CA ALA G 3937 -30.59 2.95 -18.74
C ALA G 3937 -31.17 3.26 -17.38
N HIS G 3938 -31.18 4.52 -17.02
CA HIS G 3938 -31.80 4.92 -15.77
C HIS G 3938 -33.25 5.26 -15.95
N SER G 3939 -33.77 5.17 -17.17
CA SER G 3939 -35.16 5.49 -17.38
C SER G 3939 -36.03 4.34 -16.90
N ARG G 3940 -37.33 4.55 -16.97
CA ARG G 3940 -38.27 3.60 -16.44
C ARG G 3940 -38.61 2.50 -17.42
N LEU G 3941 -38.51 2.80 -18.71
CA LEU G 3941 -39.34 2.27 -19.80
C LEU G 3941 -39.45 0.76 -19.87
N TRP G 3942 -38.55 0.03 -19.21
CA TRP G 3942 -38.39 -1.39 -19.40
C TRP G 3942 -39.65 -2.14 -18.99
N ASP G 3943 -40.28 -1.67 -17.93
CA ASP G 3943 -41.54 -2.21 -17.47
C ASP G 3943 -42.62 -2.11 -18.53
N ALA G 3944 -42.62 -1.00 -19.27
CA ALA G 3944 -43.61 -0.83 -20.31
C ALA G 3944 -43.40 -1.85 -21.41
N VAL G 3945 -42.14 -2.14 -21.68
CA VAL G 3945 -41.80 -3.20 -22.61
C VAL G 3945 -42.32 -4.52 -22.09
N VAL G 3946 -42.17 -4.75 -20.79
CA VAL G 3946 -42.60 -6.00 -20.18
C VAL G 3946 -44.10 -6.18 -20.34
N GLY G 3947 -44.83 -5.10 -20.10
CA GLY G 3947 -46.27 -5.13 -20.30
C GLY G 3947 -46.64 -5.32 -21.75
N PHE G 3948 -45.82 -4.80 -22.66
CA PHE G 3948 -46.03 -5.04 -24.07
C PHE G 3948 -45.93 -6.51 -24.39
N LEU G 3949 -44.88 -7.16 -23.89
CA LEU G 3949 -44.69 -8.59 -24.09
C LEU G 3949 -45.86 -9.37 -23.54
N HIS G 3950 -46.34 -8.94 -22.38
CA HIS G 3950 -47.50 -9.56 -21.77
C HIS G 3950 -48.72 -9.40 -22.67
N VAL G 3951 -48.85 -8.24 -23.31
CA VAL G 3951 -49.95 -8.02 -24.22
C VAL G 3951 -49.84 -8.96 -25.40
N PHE G 3952 -48.64 -9.05 -25.95
CA PHE G 3952 -48.43 -9.79 -27.19
C PHE G 3952 -48.69 -11.27 -26.99
N ALA G 3953 -48.32 -11.77 -25.82
CA ALA G 3953 -48.35 -13.19 -25.53
C ALA G 3953 -49.76 -13.71 -25.60
N HIS G 3954 -50.67 -13.06 -24.92
CA HIS G 3954 -52.04 -13.48 -25.04
C HIS G 3954 -52.65 -12.93 -26.32
N MET G 3955 -52.05 -11.91 -26.89
CA MET G 3955 -52.70 -11.17 -27.93
C MET G 3955 -52.69 -11.90 -29.24
N GLN G 3956 -51.60 -12.62 -29.50
CA GLN G 3956 -51.51 -13.43 -30.70
C GLN G 3956 -52.59 -14.49 -30.73
N MET G 3957 -52.91 -15.04 -29.57
CA MET G 3957 -53.79 -16.19 -29.51
C MET G 3957 -55.22 -15.80 -29.81
N LYS G 3958 -55.67 -14.70 -29.23
CA LYS G 3958 -56.98 -14.19 -29.61
C LYS G 3958 -56.96 -13.63 -31.01
N LEU G 3959 -55.84 -13.12 -31.46
CA LEU G 3959 -55.76 -12.58 -32.79
C LEU G 3959 -55.42 -13.62 -33.83
N SER G 3960 -55.47 -14.89 -33.46
CA SER G 3960 -55.05 -15.95 -34.37
C SER G 3960 -56.24 -16.60 -35.08
N GLN G 3961 -57.35 -15.91 -35.20
CA GLN G 3961 -58.57 -16.62 -35.57
C GLN G 3961 -59.16 -16.21 -36.90
N ASP G 3962 -59.46 -14.93 -37.09
CA ASP G 3962 -60.38 -14.49 -38.12
C ASP G 3962 -59.73 -13.53 -39.09
N SER G 3963 -60.48 -13.22 -40.14
CA SER G 3963 -60.12 -12.17 -41.06
C SER G 3963 -60.12 -10.81 -40.38
N SER G 3964 -60.98 -10.64 -39.37
CA SER G 3964 -60.93 -9.46 -38.53
C SER G 3964 -59.62 -9.37 -37.79
N GLN G 3965 -59.11 -10.51 -37.34
CA GLN G 3965 -57.99 -10.50 -36.41
C GLN G 3965 -56.69 -10.13 -37.10
N ILE G 3966 -56.49 -10.64 -38.31
CA ILE G 3966 -55.17 -10.77 -38.88
C ILE G 3966 -54.57 -9.44 -39.26
N GLU G 3967 -55.42 -8.46 -39.57
CA GLU G 3967 -54.94 -7.13 -39.88
C GLU G 3967 -54.27 -6.52 -38.68
N LEU G 3968 -55.02 -6.45 -37.58
CA LEU G 3968 -54.51 -5.90 -36.33
C LEU G 3968 -53.37 -6.73 -35.79
N LEU G 3969 -53.42 -8.03 -36.03
CA LEU G 3969 -52.34 -8.91 -35.62
C LEU G 3969 -51.08 -8.57 -36.38
N LYS G 3970 -51.22 -8.30 -37.67
CA LYS G 3970 -50.10 -7.88 -38.50
C LYS G 3970 -49.52 -6.58 -38.01
N GLU G 3971 -50.37 -5.64 -37.62
CA GLU G 3971 -49.88 -4.38 -37.10
C GLU G 3971 -49.22 -4.60 -35.75
N LEU G 3972 -49.73 -5.54 -34.99
CA LEU G 3972 -49.22 -5.77 -33.67
C LEU G 3972 -47.86 -6.44 -33.71
N MET G 3973 -47.71 -7.43 -34.57
CA MET G 3973 -46.42 -8.06 -34.70
C MET G 3973 -45.43 -7.13 -35.37
N ASP G 3974 -45.93 -6.25 -36.23
CA ASP G 3974 -45.14 -5.14 -36.72
C ASP G 3974 -44.62 -4.29 -35.58
N LEU G 3975 -45.48 -3.99 -34.62
CA LEU G 3975 -45.10 -3.16 -33.50
C LEU G 3975 -44.08 -3.84 -32.62
N GLN G 3976 -44.21 -5.15 -32.48
CA GLN G 3976 -43.20 -5.90 -31.75
C GLN G 3976 -41.87 -5.81 -32.45
N LYS G 3977 -41.89 -5.91 -33.77
CA LYS G 3977 -40.67 -5.83 -34.54
C LYS G 3977 -40.02 -4.47 -34.37
N ASP G 3978 -40.82 -3.42 -34.40
CA ASP G 3978 -40.25 -2.09 -34.24
C ASP G 3978 -39.74 -1.87 -32.84
N MET G 3979 -40.44 -2.43 -31.87
CA MET G 3979 -40.02 -2.29 -30.48
C MET G 3979 -38.71 -3.00 -30.25
N VAL G 3980 -38.55 -4.18 -30.83
CA VAL G 3980 -37.31 -4.86 -30.58
C VAL G 3980 -36.20 -4.24 -31.40
N VAL G 3981 -36.54 -3.62 -32.54
CA VAL G 3981 -35.57 -2.81 -33.27
C VAL G 3981 -35.08 -1.68 -32.40
N MET G 3982 -36.00 -1.05 -31.67
CA MET G 3982 -35.63 -0.01 -30.73
C MET G 3982 -34.70 -0.57 -29.67
N LEU G 3983 -35.00 -1.76 -29.21
CA LEU G 3983 -34.23 -2.38 -28.16
C LEU G 3983 -32.81 -2.69 -28.61
N LEU G 3984 -32.67 -3.26 -29.79
CA LEU G 3984 -31.33 -3.59 -30.25
C LEU G 3984 -30.58 -2.35 -30.64
N SER G 3985 -31.28 -1.32 -31.07
CA SER G 3985 -30.58 -0.12 -31.46
C SER G 3985 -30.03 0.57 -30.24
N MET G 3986 -30.77 0.55 -29.14
CA MET G 3986 -30.15 1.09 -27.95
C MET G 3986 -29.16 0.14 -27.33
N LEU G 3987 -29.21 -1.13 -27.72
CA LEU G 3987 -28.31 -2.11 -27.16
C LEU G 3987 -26.85 -1.86 -27.50
N GLU G 3988 -26.59 -1.34 -28.69
CA GLU G 3988 -25.37 -1.65 -29.45
C GLU G 3988 -24.05 -1.39 -28.72
N GLY G 3989 -24.00 -0.45 -27.80
CA GLY G 3989 -22.71 0.05 -27.34
C GLY G 3989 -21.96 -0.80 -26.35
N ASN G 3990 -22.25 -2.09 -26.33
CA ASN G 3990 -21.73 -3.00 -25.33
C ASN G 3990 -20.27 -3.28 -25.60
N VAL G 3991 -19.57 -3.78 -24.58
CA VAL G 3991 -18.22 -4.25 -24.83
C VAL G 3991 -17.98 -5.65 -24.28
N VAL G 3992 -17.99 -5.80 -22.96
CA VAL G 3992 -17.52 -7.01 -22.31
C VAL G 3992 -18.64 -8.01 -22.11
N ASN G 3993 -19.67 -7.65 -21.37
CA ASN G 3993 -20.94 -8.34 -21.36
C ASN G 3993 -22.11 -7.40 -21.44
N GLY G 3994 -21.90 -6.11 -21.17
CA GLY G 3994 -22.90 -5.11 -21.40
C GLY G 3994 -23.70 -4.88 -20.14
N THR G 3995 -23.40 -3.81 -19.42
CA THR G 3995 -24.11 -3.50 -18.19
C THR G 3995 -25.58 -3.22 -18.48
N ILE G 3996 -25.81 -2.46 -19.55
CA ILE G 3996 -27.15 -2.30 -20.06
C ILE G 3996 -27.69 -3.62 -20.57
N GLY G 3997 -26.82 -4.48 -21.09
CA GLY G 3997 -27.28 -5.78 -21.51
C GLY G 3997 -27.65 -6.64 -20.33
N LYS G 3998 -26.90 -6.50 -19.23
CA LYS G 3998 -27.27 -7.16 -17.99
C LYS G 3998 -28.64 -6.73 -17.54
N GLN G 3999 -28.89 -5.42 -17.63
CA GLN G 3999 -30.20 -4.86 -17.35
C GLN G 3999 -31.28 -5.47 -18.25
N MET G 4000 -30.93 -5.68 -19.52
CA MET G 4000 -31.89 -6.28 -20.44
C MET G 4000 -32.15 -7.73 -20.10
N VAL G 4001 -31.12 -8.44 -19.67
CA VAL G 4001 -31.29 -9.82 -19.20
C VAL G 4001 -32.22 -9.86 -18.02
N ASP G 4002 -32.06 -8.90 -17.11
CA ASP G 4002 -32.94 -8.79 -15.95
C ASP G 4002 -34.38 -8.64 -16.40
N MET G 4003 -34.60 -7.74 -17.35
CA MET G 4003 -35.92 -7.50 -17.89
C MET G 4003 -36.48 -8.74 -18.57
N LEU G 4004 -35.64 -9.42 -19.32
CA LEU G 4004 -36.13 -10.50 -20.16
C LEU G 4004 -36.43 -11.73 -19.34
N VAL G 4005 -35.42 -12.26 -18.66
CA VAL G 4005 -35.62 -13.48 -17.88
C VAL G 4005 -36.48 -13.21 -16.67
N GLU G 4006 -36.65 -11.94 -16.29
CA GLU G 4006 -37.78 -11.57 -15.47
C GLU G 4006 -39.08 -11.90 -16.17
N SER G 4007 -39.30 -11.34 -17.34
CA SER G 4007 -40.57 -11.54 -18.03
C SER G 4007 -40.57 -12.78 -18.89
N SER G 4008 -39.73 -13.75 -18.57
CA SER G 4008 -39.40 -14.87 -19.45
C SER G 4008 -40.61 -15.70 -19.82
N ASN G 4009 -41.60 -15.74 -18.95
CA ASN G 4009 -42.75 -16.61 -19.15
C ASN G 4009 -43.59 -16.18 -20.33
N ASN G 4010 -43.86 -14.88 -20.45
CA ASN G 4010 -44.69 -14.49 -21.58
C ASN G 4010 -43.90 -14.46 -22.87
N VAL G 4011 -42.57 -14.45 -22.78
CA VAL G 4011 -41.72 -14.61 -23.94
C VAL G 4011 -41.95 -15.97 -24.56
N GLU G 4012 -42.30 -16.95 -23.74
CA GLU G 4012 -42.45 -18.31 -24.22
C GLU G 4012 -43.58 -18.43 -25.20
N MET G 4013 -44.72 -17.79 -24.92
CA MET G 4013 -45.90 -17.96 -25.76
C MET G 4013 -45.66 -17.43 -27.14
N ILE G 4014 -45.07 -16.24 -27.22
CA ILE G 4014 -44.81 -15.64 -28.52
C ILE G 4014 -43.74 -16.42 -29.26
N LEU G 4015 -42.68 -16.85 -28.57
CA LEU G 4015 -41.60 -17.49 -29.30
C LEU G 4015 -42.02 -18.87 -29.79
N LYS G 4016 -42.74 -19.62 -28.98
CA LYS G 4016 -43.14 -20.92 -29.45
C LYS G 4016 -44.27 -20.82 -30.44
N PHE G 4017 -45.05 -19.74 -30.38
CA PHE G 4017 -46.01 -19.49 -31.44
C PHE G 4017 -45.30 -19.29 -32.76
N PHE G 4018 -44.22 -18.52 -32.72
CA PHE G 4018 -43.39 -18.32 -33.90
C PHE G 4018 -42.84 -19.64 -34.39
N ASP G 4019 -42.42 -20.48 -33.45
CA ASP G 4019 -41.86 -21.77 -33.78
C ASP G 4019 -42.89 -22.62 -34.50
N MET G 4020 -44.12 -22.63 -33.98
CA MET G 4020 -45.20 -23.39 -34.57
C MET G 4020 -45.49 -22.93 -35.98
N PHE G 4021 -45.66 -21.62 -36.13
CA PHE G 4021 -46.14 -21.07 -37.40
C PHE G 4021 -45.04 -21.19 -38.44
N LEU G 4022 -43.78 -21.02 -38.02
CA LEU G 4022 -42.63 -21.15 -38.89
C LEU G 4022 -42.42 -22.59 -39.34
N LYS G 4023 -42.26 -23.50 -38.39
CA LYS G 4023 -41.95 -24.86 -38.78
C LYS G 4023 -43.11 -25.54 -39.49
N LEU G 4024 -44.33 -25.08 -39.28
CA LEU G 4024 -45.43 -25.70 -39.98
C LEU G 4024 -45.75 -25.04 -41.30
N LYS G 4025 -45.28 -23.83 -41.58
CA LYS G 4025 -45.25 -23.43 -42.97
C LYS G 4025 -44.10 -24.13 -43.68
N ASP G 4026 -43.09 -24.54 -42.92
CA ASP G 4026 -41.99 -25.26 -43.54
C ASP G 4026 -42.33 -26.71 -43.85
N LEU G 4027 -43.17 -27.34 -43.02
CA LEU G 4027 -43.39 -28.78 -43.15
C LEU G 4027 -44.20 -29.11 -44.39
N THR G 4028 -45.13 -28.26 -44.72
CA THR G 4028 -46.25 -28.38 -45.65
C THR G 4028 -45.89 -28.49 -47.06
N SER G 4029 -44.62 -28.66 -47.40
CA SER G 4029 -44.22 -28.90 -48.77
C SER G 4029 -44.82 -30.21 -49.31
N SER G 4030 -44.37 -31.35 -48.79
CA SER G 4030 -44.79 -32.64 -49.33
C SER G 4030 -44.47 -33.75 -48.35
N ASP G 4031 -44.56 -34.99 -48.85
CA ASP G 4031 -44.16 -36.28 -48.29
C ASP G 4031 -45.08 -36.74 -47.18
N THR G 4032 -45.97 -35.86 -46.75
CA THR G 4032 -47.32 -36.24 -46.37
C THR G 4032 -48.27 -35.13 -46.79
N PHE G 4033 -47.86 -34.26 -47.72
CA PHE G 4033 -48.69 -33.12 -48.10
C PHE G 4033 -49.00 -33.06 -49.59
N LYS G 4034 -48.00 -32.99 -50.46
CA LYS G 4034 -48.30 -32.66 -51.85
C LYS G 4034 -48.73 -33.89 -52.63
N GLU G 4035 -48.07 -35.01 -52.39
CA GLU G 4035 -48.50 -36.29 -52.91
C GLU G 4035 -49.72 -36.81 -52.18
N TYR G 4036 -50.01 -36.24 -51.01
CA TYR G 4036 -51.08 -36.72 -50.15
C TYR G 4036 -52.44 -36.48 -50.78
N ASP G 4037 -52.52 -35.48 -51.63
CA ASP G 4037 -53.59 -35.27 -52.59
C ASP G 4037 -52.98 -35.36 -53.99
N PRO G 4038 -53.79 -35.43 -55.04
CA PRO G 4038 -53.18 -35.37 -56.38
C PRO G 4038 -52.64 -34.00 -56.72
N ASP G 4039 -53.44 -32.95 -56.53
CA ASP G 4039 -53.06 -31.62 -56.98
C ASP G 4039 -52.03 -31.00 -56.06
N GLY G 4040 -52.28 -31.02 -54.75
CA GLY G 4040 -51.46 -30.26 -53.84
C GLY G 4040 -51.93 -28.85 -53.63
N LYS G 4041 -53.15 -28.52 -54.05
CA LYS G 4041 -53.67 -27.18 -53.84
C LYS G 4041 -53.92 -26.91 -52.37
N GLY G 4042 -54.37 -27.91 -51.64
CA GLY G 4042 -54.90 -27.64 -50.34
C GLY G 4042 -56.28 -28.23 -50.18
N VAL G 4043 -56.55 -29.23 -51.01
CA VAL G 4043 -57.73 -30.08 -50.80
C VAL G 4043 -57.42 -31.18 -49.79
N ILE G 4044 -56.22 -31.16 -49.22
CA ILE G 4044 -55.89 -31.95 -48.05
C ILE G 4044 -56.86 -31.61 -46.94
N SER G 4045 -57.56 -32.62 -46.43
CA SER G 4045 -58.61 -32.39 -45.46
C SER G 4045 -58.02 -31.99 -44.11
N LYS G 4046 -58.93 -31.72 -43.18
CA LYS G 4046 -58.54 -31.39 -41.82
C LYS G 4046 -57.81 -32.54 -41.16
N ARG G 4047 -58.47 -33.68 -41.09
CA ARG G 4047 -57.83 -34.80 -40.42
C ARG G 4047 -56.75 -35.41 -41.27
N ASP G 4048 -56.79 -35.15 -42.58
CA ASP G 4048 -55.67 -35.49 -43.45
C ASP G 4048 -54.41 -34.80 -42.97
N PHE G 4049 -54.49 -33.49 -42.75
CA PHE G 4049 -53.36 -32.78 -42.21
C PHE G 4049 -53.09 -33.16 -40.76
N HIS G 4050 -54.15 -33.50 -40.03
CA HIS G 4050 -53.96 -33.86 -38.62
C HIS G 4050 -53.13 -35.10 -38.48
N LYS G 4051 -53.51 -36.16 -39.18
CA LYS G 4051 -52.68 -37.36 -39.17
C LYS G 4051 -51.39 -37.17 -39.96
N ALA G 4052 -51.32 -36.17 -40.85
CA ALA G 4052 -50.02 -35.82 -41.44
C ALA G 4052 -49.07 -35.31 -40.36
N MET G 4053 -49.58 -34.46 -39.47
CA MET G 4053 -48.85 -34.03 -38.30
C MET G 4053 -48.52 -35.19 -37.37
N GLU G 4054 -49.46 -36.12 -37.21
CA GLU G 4054 -49.23 -37.27 -36.33
C GLU G 4054 -48.12 -38.15 -36.89
N SER G 4055 -48.11 -38.36 -38.20
CA SER G 4055 -47.05 -39.10 -38.85
C SER G 4055 -45.73 -38.35 -38.74
N HIS G 4056 -45.79 -37.03 -38.74
CA HIS G 4056 -44.59 -36.26 -38.47
C HIS G 4056 -44.15 -36.44 -37.03
N LYS G 4057 -45.10 -36.33 -36.09
CA LYS G 4057 -44.89 -36.47 -34.65
C LYS G 4057 -43.81 -35.53 -34.16
N HIS G 4058 -43.83 -34.31 -34.70
CA HIS G 4058 -42.89 -33.28 -34.30
C HIS G 4058 -43.40 -32.52 -33.09
N TYR G 4059 -44.56 -31.92 -33.22
CA TYR G 4059 -45.03 -30.92 -32.29
C TYR G 4059 -45.98 -31.52 -31.28
N THR G 4060 -46.47 -30.68 -30.38
CA THR G 4060 -47.56 -31.07 -29.53
C THR G 4060 -48.82 -31.26 -30.35
N GLN G 4061 -49.69 -32.11 -29.85
CA GLN G 4061 -50.96 -32.28 -30.50
C GLN G 4061 -51.86 -31.11 -30.22
N SER G 4062 -51.67 -30.48 -29.05
CA SER G 4062 -52.52 -29.41 -28.60
C SER G 4062 -52.45 -28.21 -29.54
N GLU G 4063 -51.25 -27.75 -29.84
CA GLU G 4063 -51.17 -26.55 -30.63
C GLU G 4063 -51.26 -26.83 -32.12
N THR G 4064 -50.90 -28.03 -32.54
CA THR G 4064 -51.15 -28.37 -33.94
C THR G 4064 -52.63 -28.52 -34.20
N GLU G 4065 -53.37 -29.07 -33.24
CA GLU G 4065 -54.81 -29.12 -33.41
C GLU G 4065 -55.45 -27.77 -33.14
N PHE G 4066 -54.74 -26.90 -32.43
CA PHE G 4066 -55.16 -25.50 -32.36
C PHE G 4066 -55.00 -24.83 -33.71
N LEU G 4067 -53.90 -25.13 -34.39
CA LEU G 4067 -53.74 -24.68 -35.77
C LEU G 4067 -54.83 -25.26 -36.64
N LEU G 4068 -55.20 -26.51 -36.38
CA LEU G 4068 -56.32 -27.12 -37.07
C LEU G 4068 -57.63 -26.45 -36.70
N SER G 4069 -57.71 -25.84 -35.52
CA SER G 4069 -58.86 -25.01 -35.22
C SER G 4069 -58.80 -23.71 -36.00
N CYS G 4070 -57.61 -23.15 -36.15
CA CYS G 4070 -57.44 -22.00 -37.02
C CYS G 4070 -57.30 -22.38 -38.47
N ALA G 4071 -57.55 -23.64 -38.84
CA ALA G 4071 -57.61 -24.00 -40.24
C ALA G 4071 -58.84 -23.45 -40.93
N GLU G 4072 -59.84 -23.00 -40.16
CA GLU G 4072 -60.96 -22.17 -40.59
C GLU G 4072 -61.91 -22.88 -41.53
N THR G 4073 -61.83 -24.21 -41.62
CA THR G 4073 -62.88 -25.10 -42.14
C THR G 4073 -63.23 -24.77 -43.59
N ASP G 4074 -62.32 -25.10 -44.50
CA ASP G 4074 -62.45 -24.74 -45.91
C ASP G 4074 -63.59 -25.51 -46.59
N GLU G 4075 -64.82 -25.19 -46.17
CA GLU G 4075 -66.14 -25.52 -46.72
C GLU G 4075 -66.51 -26.99 -46.65
N ASN G 4076 -65.55 -27.90 -46.55
CA ASN G 4076 -65.88 -29.23 -46.09
C ASN G 4076 -64.94 -29.73 -44.99
N GLU G 4077 -63.68 -29.98 -45.37
CA GLU G 4077 -62.64 -30.38 -44.47
C GLU G 4077 -61.29 -29.81 -44.85
N THR G 4078 -61.16 -29.16 -46.00
CA THR G 4078 -59.85 -29.00 -46.57
C THR G 4078 -59.13 -27.81 -45.94
N LEU G 4079 -57.94 -27.49 -46.47
CA LEU G 4079 -57.10 -26.44 -45.90
C LEU G 4079 -56.03 -26.03 -46.90
N ASP G 4080 -56.00 -24.74 -47.23
CA ASP G 4080 -55.02 -24.17 -48.14
C ASP G 4080 -53.62 -24.29 -47.57
N TYR G 4081 -52.64 -24.32 -48.46
CA TYR G 4081 -51.25 -24.37 -48.01
C TYR G 4081 -50.74 -23.00 -47.59
N GLU G 4082 -50.72 -22.04 -48.52
CA GLU G 4082 -50.19 -20.73 -48.16
C GLU G 4082 -51.15 -19.98 -47.25
N GLU G 4083 -52.42 -19.95 -47.65
CA GLU G 4083 -53.40 -19.10 -47.00
C GLU G 4083 -53.73 -19.54 -45.59
N PHE G 4084 -53.29 -20.73 -45.19
CA PHE G 4084 -53.38 -21.05 -43.79
C PHE G 4084 -52.33 -20.31 -42.97
N VAL G 4085 -51.06 -20.40 -43.36
CA VAL G 4085 -49.97 -20.03 -42.48
C VAL G 4085 -48.97 -19.07 -43.11
N LYS G 4086 -48.55 -19.30 -44.36
CA LYS G 4086 -47.31 -18.72 -44.87
C LYS G 4086 -47.40 -17.21 -44.97
N ARG G 4087 -48.49 -16.72 -45.53
CA ARG G 4087 -48.76 -15.31 -45.82
C ARG G 4087 -48.52 -14.38 -44.64
N PHE G 4088 -48.59 -14.89 -43.41
CA PHE G 4088 -48.09 -14.13 -42.27
C PHE G 4088 -46.86 -14.77 -41.64
N HIS G 4089 -46.61 -16.04 -41.94
CA HIS G 4089 -45.52 -16.75 -41.28
C HIS G 4089 -44.17 -16.23 -41.74
N GLU G 4090 -44.07 -15.89 -43.00
CA GLU G 4090 -42.81 -15.30 -43.41
C GLU G 4090 -42.68 -13.87 -42.91
N PRO G 4091 -43.75 -13.06 -42.83
CA PRO G 4091 -43.65 -11.87 -41.95
C PRO G 4091 -43.24 -12.22 -40.53
N ALA G 4092 -43.85 -13.27 -39.98
CA ALA G 4092 -43.44 -13.76 -38.68
C ALA G 4092 -42.01 -14.27 -38.69
N LYS G 4093 -41.55 -14.80 -39.83
CA LYS G 4093 -40.16 -15.20 -39.95
C LYS G 4093 -39.24 -14.00 -39.84
N ASP G 4094 -39.62 -12.89 -40.47
CA ASP G 4094 -38.84 -11.65 -40.35
C ASP G 4094 -38.77 -11.21 -38.91
N ILE G 4095 -39.90 -11.27 -38.23
CA ILE G 4095 -39.98 -10.79 -36.87
C ILE G 4095 -39.15 -11.64 -35.94
N GLY G 4096 -39.28 -12.95 -36.07
CA GLY G 4096 -38.47 -13.85 -35.29
C GLY G 4096 -37.01 -13.75 -35.62
N PHE G 4097 -36.70 -13.39 -36.87
CA PHE G 4097 -35.31 -13.14 -37.22
C PHE G 4097 -34.77 -11.98 -36.42
N ASN G 4098 -35.59 -10.93 -36.28
CA ASN G 4098 -35.16 -9.78 -35.51
C ASN G 4098 -34.92 -10.16 -34.06
N VAL G 4099 -35.84 -10.93 -33.49
CA VAL G 4099 -35.66 -11.26 -32.09
C VAL G 4099 -34.50 -12.21 -31.93
N ALA G 4100 -34.24 -13.01 -32.96
CA ALA G 4100 -33.16 -13.97 -32.92
C ALA G 4100 -31.84 -13.26 -32.99
N VAL G 4101 -31.74 -12.27 -33.88
CA VAL G 4101 -30.45 -11.63 -34.06
C VAL G 4101 -30.16 -10.78 -32.84
N LEU G 4102 -31.22 -10.29 -32.20
CA LEU G 4102 -31.08 -9.67 -30.90
C LEU G 4102 -30.47 -10.63 -29.90
N LEU G 4103 -31.13 -11.76 -29.67
CA LEU G 4103 -30.73 -12.59 -28.55
C LEU G 4103 -29.40 -13.25 -28.79
N THR G 4104 -29.08 -13.50 -30.05
CA THR G 4104 -27.75 -13.97 -30.35
C THR G 4104 -26.72 -12.91 -30.07
N ASN G 4105 -27.04 -11.65 -30.34
CA ASN G 4105 -26.08 -10.62 -29.97
C ASN G 4105 -25.96 -10.51 -28.46
N LEU G 4106 -27.03 -10.80 -27.75
CA LEU G 4106 -26.93 -10.86 -26.31
C LEU G 4106 -26.02 -11.99 -25.88
N SER G 4107 -26.13 -13.12 -26.57
CA SER G 4107 -25.26 -14.26 -26.29
C SER G 4107 -23.82 -13.91 -26.60
N GLU G 4108 -23.62 -13.19 -27.68
CA GLU G 4108 -22.27 -12.91 -28.13
C GLU G 4108 -21.63 -11.87 -27.24
N HIS G 4109 -22.33 -10.79 -26.98
CA HIS G 4109 -21.80 -9.80 -26.07
C HIS G 4109 -21.76 -10.33 -24.66
N MET G 4110 -22.82 -10.98 -24.22
CA MET G 4110 -22.79 -11.62 -22.91
C MET G 4110 -22.90 -13.12 -23.09
N PRO G 4111 -21.80 -13.79 -23.15
CA PRO G 4111 -21.75 -15.17 -22.67
C PRO G 4111 -21.46 -15.13 -21.19
N ASN G 4112 -21.15 -16.29 -20.63
CA ASN G 4112 -20.68 -16.45 -19.24
C ASN G 4112 -21.78 -16.03 -18.27
N ASP G 4113 -22.98 -16.48 -18.57
CA ASP G 4113 -24.14 -16.26 -17.71
C ASP G 4113 -24.66 -17.62 -17.28
N THR G 4114 -25.73 -17.61 -16.49
CA THR G 4114 -26.56 -18.79 -16.31
C THR G 4114 -28.01 -18.51 -16.70
N ARG G 4115 -28.60 -17.46 -16.13
CA ARG G 4115 -30.02 -17.20 -16.35
C ARG G 4115 -30.28 -16.79 -17.78
N LEU G 4116 -29.39 -15.97 -18.34
CA LEU G 4116 -29.39 -15.79 -19.78
C LEU G 4116 -29.04 -17.09 -20.46
N GLN G 4117 -28.06 -17.81 -19.92
CA GLN G 4117 -27.58 -18.98 -20.63
C GLN G 4117 -28.57 -20.13 -20.56
N THR G 4118 -29.36 -20.20 -19.50
CA THR G 4118 -30.47 -21.12 -19.57
C THR G 4118 -31.57 -20.58 -20.46
N PHE G 4119 -31.68 -19.26 -20.54
CA PHE G 4119 -32.60 -18.71 -21.51
C PHE G 4119 -32.03 -18.84 -22.89
N LEU G 4120 -30.71 -18.93 -22.99
CA LEU G 4120 -30.07 -19.18 -24.27
C LEU G 4120 -30.26 -20.60 -24.73
N GLU G 4121 -30.57 -21.52 -23.82
CA GLU G 4121 -30.95 -22.85 -24.23
C GLU G 4121 -32.42 -23.10 -23.98
N LEU G 4122 -33.20 -22.05 -23.79
CA LEU G 4122 -34.61 -22.21 -23.47
C LEU G 4122 -35.41 -22.88 -24.58
N ALA G 4123 -35.59 -22.24 -25.73
CA ALA G 4123 -36.25 -22.90 -26.85
C ALA G 4123 -35.76 -22.22 -28.12
N GLU G 4124 -34.82 -22.85 -28.80
CA GLU G 4124 -34.05 -22.19 -29.85
C GLU G 4124 -34.00 -23.18 -30.99
N SER G 4125 -35.01 -23.17 -31.79
CA SER G 4125 -35.05 -24.06 -32.92
C SER G 4125 -35.14 -23.32 -34.23
N VAL G 4126 -35.95 -22.26 -34.26
CA VAL G 4126 -35.98 -21.39 -35.42
C VAL G 4126 -34.68 -20.63 -35.52
N LEU G 4127 -34.01 -20.45 -34.38
CA LEU G 4127 -32.60 -20.09 -34.32
C LEU G 4127 -31.80 -20.90 -35.31
N ASN G 4128 -31.90 -22.20 -35.19
CA ASN G 4128 -31.18 -23.07 -36.09
C ASN G 4128 -31.82 -23.10 -37.46
N TYR G 4129 -33.09 -22.74 -37.56
CA TYR G 4129 -33.64 -22.45 -38.88
C TYR G 4129 -33.05 -21.17 -39.45
N PHE G 4130 -32.59 -20.26 -38.59
CA PHE G 4130 -32.15 -18.96 -39.04
C PHE G 4130 -30.69 -18.89 -39.41
N GLN G 4131 -30.08 -19.99 -39.81
CA GLN G 4131 -28.70 -19.77 -40.21
C GLN G 4131 -28.37 -20.04 -41.67
N PRO G 4132 -29.23 -19.70 -42.64
CA PRO G 4132 -28.68 -19.11 -43.86
C PRO G 4132 -28.90 -17.62 -43.85
N PHE G 4133 -29.63 -17.15 -42.86
CA PHE G 4133 -30.33 -15.89 -43.00
C PHE G 4133 -29.61 -14.72 -42.37
N LEU G 4134 -28.76 -14.95 -41.39
CA LEU G 4134 -28.15 -13.86 -40.68
C LEU G 4134 -26.68 -13.77 -40.99
N GLY G 4135 -26.21 -12.56 -41.24
CA GLY G 4135 -24.81 -12.33 -41.49
C GLY G 4135 -24.16 -11.77 -40.23
N ARG G 4136 -22.99 -12.30 -39.92
CA ARG G 4136 -22.21 -11.81 -38.78
C ARG G 4136 -20.85 -11.38 -39.30
N ILE G 4137 -20.61 -10.09 -39.29
CA ILE G 4137 -19.34 -9.56 -39.77
C ILE G 4137 -18.62 -8.90 -38.61
N GLU G 4138 -17.43 -8.40 -38.89
CA GLU G 4138 -16.56 -7.90 -37.83
C GLU G 4138 -15.90 -6.65 -38.36
N ILE G 4139 -16.29 -5.49 -37.84
CA ILE G 4139 -15.82 -4.22 -38.33
C ILE G 4139 -15.24 -3.41 -37.18
N MET G 4140 -14.72 -2.25 -37.51
CA MET G 4140 -14.36 -1.24 -36.53
C MET G 4140 -15.20 -0.02 -36.84
N GLY G 4141 -16.37 0.05 -36.23
CA GLY G 4141 -17.29 1.13 -36.55
C GLY G 4141 -16.98 2.46 -35.91
N SER G 4142 -15.75 2.97 -36.11
CA SER G 4142 -15.20 4.16 -35.46
C SER G 4142 -15.34 4.08 -33.94
N ALA G 4143 -15.26 2.88 -33.39
CA ALA G 4143 -15.23 2.69 -31.96
C ALA G 4143 -13.82 2.58 -31.45
N LYS G 4144 -12.85 2.73 -32.35
CA LYS G 4144 -11.42 2.58 -32.08
C LYS G 4144 -11.12 1.20 -31.57
N ARG G 4145 -11.95 0.25 -32.00
CA ARG G 4145 -11.93 -1.14 -31.59
C ARG G 4145 -12.89 -1.86 -32.50
N ILE G 4146 -12.92 -3.18 -32.33
CA ILE G 4146 -13.75 -4.03 -33.14
C ILE G 4146 -15.22 -3.76 -32.86
N GLU G 4147 -16.05 -4.10 -33.83
CA GLU G 4147 -17.50 -4.09 -33.69
C GLU G 4147 -18.02 -5.29 -34.43
N ARG G 4148 -18.73 -6.16 -33.72
CA ARG G 4148 -19.31 -7.35 -34.31
C ARG G 4148 -20.77 -7.04 -34.59
N VAL G 4149 -21.03 -6.59 -35.78
CA VAL G 4149 -22.36 -6.13 -36.13
C VAL G 4149 -23.01 -7.19 -37.01
N TYR G 4150 -24.32 -7.34 -36.89
CA TYR G 4150 -25.03 -8.39 -37.59
C TYR G 4150 -26.14 -7.82 -38.42
N PHE G 4151 -26.70 -8.66 -39.27
CA PHE G 4151 -27.58 -8.20 -40.34
C PHE G 4151 -28.17 -9.42 -41.00
N GLU G 4152 -29.00 -9.18 -42.02
CA GLU G 4152 -29.75 -10.22 -42.68
C GLU G 4152 -29.08 -10.64 -43.97
N ILE G 4153 -29.13 -11.92 -44.28
CA ILE G 4153 -28.70 -12.45 -45.57
C ILE G 4153 -29.95 -12.83 -46.35
N SER G 4154 -30.23 -12.06 -47.39
CA SER G 4154 -31.31 -12.43 -48.31
C SER G 4154 -30.92 -13.72 -49.02
N GLU G 4155 -31.52 -14.81 -48.57
CA GLU G 4155 -31.15 -16.14 -49.02
C GLU G 4155 -31.50 -16.37 -50.48
N SER G 4156 -32.44 -15.60 -51.04
CA SER G 4156 -32.72 -15.72 -52.46
C SER G 4156 -31.55 -15.18 -53.27
N SER G 4157 -31.05 -14.02 -52.89
CA SER G 4157 -29.83 -13.49 -53.46
C SER G 4157 -28.65 -14.40 -53.16
N ARG G 4158 -28.65 -15.04 -52.00
CA ARG G 4158 -27.53 -15.91 -51.68
C ARG G 4158 -27.55 -17.17 -52.52
N THR G 4159 -28.74 -17.69 -52.83
CA THR G 4159 -28.85 -18.77 -53.80
C THR G 4159 -28.45 -18.32 -55.18
N GLN G 4160 -28.78 -17.08 -55.53
CA GLN G 4160 -28.30 -16.51 -56.79
C GLN G 4160 -26.78 -16.45 -56.82
N TRP G 4161 -26.16 -16.27 -55.66
CA TRP G 4161 -24.72 -16.39 -55.53
C TRP G 4161 -24.25 -17.85 -55.59
N GLU G 4162 -25.11 -18.80 -55.23
CA GLU G 4162 -24.61 -20.17 -55.05
C GLU G 4162 -24.23 -20.90 -56.33
N LYS G 4163 -24.44 -20.32 -57.46
CA LYS G 4163 -23.94 -21.05 -58.61
C LYS G 4163 -22.47 -20.75 -58.82
N PRO G 4164 -21.74 -21.63 -59.48
CA PRO G 4164 -20.54 -21.20 -60.19
C PRO G 4164 -20.90 -20.49 -61.48
N GLN G 4165 -19.87 -20.22 -62.29
CA GLN G 4165 -19.59 -19.13 -63.24
C GLN G 4165 -19.03 -17.96 -62.48
N VAL G 4166 -19.00 -18.01 -61.15
CA VAL G 4166 -18.38 -16.99 -60.33
C VAL G 4166 -17.36 -17.58 -59.37
N LYS G 4167 -17.62 -18.79 -58.87
CA LYS G 4167 -16.81 -19.39 -57.83
C LYS G 4167 -15.41 -19.67 -58.32
N GLU G 4168 -15.27 -20.00 -59.59
CA GLU G 4168 -13.92 -20.12 -60.11
C GLU G 4168 -13.32 -18.76 -60.38
N SER G 4169 -14.13 -17.76 -60.74
CA SER G 4169 -13.59 -16.41 -60.82
C SER G 4169 -13.23 -15.90 -59.45
N LYS G 4170 -14.00 -16.33 -58.44
CA LYS G 4170 -13.63 -16.06 -57.06
C LYS G 4170 -12.27 -16.64 -56.72
N ARG G 4171 -12.07 -17.92 -57.02
CA ARG G 4171 -10.82 -18.56 -56.68
C ARG G 4171 -9.68 -18.02 -57.52
N GLN G 4172 -9.99 -17.62 -58.75
CA GLN G 4172 -9.07 -16.91 -59.59
C GLN G 4172 -8.62 -15.64 -58.93
N PHE G 4173 -9.59 -14.87 -58.46
CA PHE G 4173 -9.34 -13.64 -57.72
C PHE G 4173 -8.52 -13.89 -56.48
N ILE G 4174 -8.75 -15.04 -55.84
CA ILE G 4174 -7.96 -15.45 -54.69
C ILE G 4174 -6.50 -15.60 -55.08
N PHE G 4175 -6.26 -16.32 -56.18
CA PHE G 4175 -4.91 -16.52 -56.68
C PHE G 4175 -4.27 -15.21 -57.07
N ASP G 4176 -5.08 -14.29 -57.60
CA ASP G 4176 -4.59 -12.99 -58.00
C ASP G 4176 -4.12 -12.20 -56.80
N VAL G 4177 -4.91 -12.20 -55.73
CA VAL G 4177 -4.59 -11.31 -54.65
C VAL G 4177 -3.47 -11.89 -53.80
N VAL G 4178 -3.38 -13.21 -53.70
CA VAL G 4178 -2.25 -13.77 -52.96
C VAL G 4178 -1.02 -13.74 -53.84
N ASN G 4179 -1.20 -13.64 -55.15
CA ASN G 4179 -0.10 -13.66 -56.09
C ASN G 4179 0.75 -12.42 -55.92
N GLU G 4180 0.12 -11.25 -55.96
CA GLU G 4180 0.80 -9.98 -56.00
C GLU G 4180 -0.17 -8.89 -55.57
N GLY G 4181 0.20 -7.64 -55.85
CA GLY G 4181 -0.72 -6.54 -55.67
C GLY G 4181 -0.27 -5.47 -54.70
N GLY G 4182 -0.78 -4.26 -54.86
CA GLY G 4182 -0.66 -3.27 -53.82
C GLY G 4182 -1.48 -3.70 -52.62
N GLU G 4183 -0.82 -3.84 -51.48
CA GLU G 4183 -1.36 -4.62 -50.37
C GLU G 4183 -2.42 -3.88 -49.57
N LYS G 4184 -2.78 -2.66 -49.94
CA LYS G 4184 -3.85 -1.98 -49.23
C LYS G 4184 -5.12 -1.89 -50.05
N GLU G 4185 -4.99 -1.75 -51.35
CA GLU G 4185 -6.15 -1.73 -52.23
C GLU G 4185 -6.58 -3.12 -52.60
N LYS G 4186 -5.97 -4.13 -52.00
CA LYS G 4186 -6.44 -5.48 -52.20
C LYS G 4186 -7.84 -5.65 -51.62
N MET G 4187 -8.12 -4.95 -50.52
CA MET G 4187 -9.50 -4.84 -50.10
C MET G 4187 -10.31 -4.02 -51.08
N GLU G 4188 -9.72 -2.97 -51.62
CA GLU G 4188 -10.41 -2.21 -52.65
C GLU G 4188 -10.62 -3.06 -53.90
N LEU G 4189 -9.64 -3.88 -54.23
CA LEU G 4189 -9.82 -4.82 -55.32
C LEU G 4189 -10.94 -5.78 -55.01
N PHE G 4190 -11.07 -6.14 -53.75
CA PHE G 4190 -12.18 -6.98 -53.34
C PHE G 4190 -13.49 -6.23 -53.48
N VAL G 4191 -13.48 -4.92 -53.25
CA VAL G 4191 -14.68 -4.10 -53.43
C VAL G 4191 -15.13 -4.14 -54.87
N ASN G 4192 -14.20 -3.88 -55.79
CA ASN G 4192 -14.53 -3.90 -57.20
C ASN G 4192 -14.95 -5.29 -57.62
N PHE G 4193 -14.29 -6.29 -57.06
CA PHE G 4193 -14.59 -7.68 -57.31
C PHE G 4193 -16.00 -8.01 -56.90
N CYS G 4194 -16.40 -7.49 -55.74
CA CYS G 4194 -17.76 -7.64 -55.27
C CYS G 4194 -18.74 -6.91 -56.15
N GLU G 4195 -18.38 -5.72 -56.62
CA GLU G 4195 -19.30 -4.94 -57.42
C GLU G 4195 -19.60 -5.64 -58.72
N ASP G 4196 -18.57 -6.21 -59.31
CA ASP G 4196 -18.77 -6.99 -60.51
C ASP G 4196 -19.51 -8.27 -60.20
N THR G 4197 -19.31 -8.83 -59.02
CA THR G 4197 -20.04 -10.01 -58.61
C THR G 4197 -21.52 -9.71 -58.48
N ILE G 4198 -21.82 -8.53 -57.95
CA ILE G 4198 -23.18 -8.03 -57.89
C ILE G 4198 -23.75 -7.92 -59.27
N PHE G 4199 -22.97 -7.38 -60.18
CA PHE G 4199 -23.42 -7.26 -61.56
C PHE G 4199 -23.71 -8.61 -62.18
N GLU G 4200 -22.87 -9.60 -61.85
CA GLU G 4200 -23.05 -10.93 -62.40
C GLU G 4200 -24.32 -11.57 -61.87
N MET G 4201 -24.53 -11.51 -60.56
CA MET G 4201 -25.68 -12.16 -59.99
C MET G 4201 -26.95 -11.45 -60.38
N GLN G 4202 -26.86 -10.13 -60.49
CA GLN G 4202 -27.97 -9.33 -61.00
C GLN G 4202 -28.34 -9.74 -62.41
N LEU G 4203 -27.34 -9.98 -63.24
CA LEU G 4203 -27.67 -10.35 -64.61
C LEU G 4203 -28.02 -11.82 -64.74
N ALA G 4204 -27.66 -12.64 -63.78
CA ALA G 4204 -27.98 -14.05 -63.88
C ALA G 4204 -29.22 -14.38 -63.10
N ALA G 4205 -29.87 -13.39 -62.51
CA ALA G 4205 -31.13 -13.65 -61.84
C ALA G 4205 -32.22 -14.04 -62.81
N GLN G 4206 -32.24 -13.43 -63.99
CA GLN G 4206 -33.36 -13.54 -64.92
C GLN G 4206 -33.29 -14.76 -65.79
N ILE G 4207 -32.69 -15.83 -65.31
CA ILE G 4207 -32.45 -16.98 -66.13
C ILE G 4207 -33.41 -18.08 -65.72
N ILE G 4486 -42.03 -8.69 -80.82
CA ILE G 4486 -41.41 -9.91 -80.34
C ILE G 4486 -42.38 -11.07 -80.41
N ALA G 4487 -42.01 -12.08 -81.19
CA ALA G 4487 -42.70 -13.37 -81.14
C ALA G 4487 -41.95 -14.36 -80.26
N TYR G 4488 -40.63 -14.46 -80.44
CA TYR G 4488 -39.78 -15.31 -79.61
C TYR G 4488 -38.49 -14.62 -79.19
N GLN G 4489 -38.28 -13.37 -79.56
CA GLN G 4489 -36.97 -12.74 -79.71
C GLN G 4489 -36.16 -12.69 -78.42
N GLN G 4490 -36.59 -11.88 -77.47
CA GLN G 4490 -35.90 -11.84 -76.21
C GLN G 4490 -36.35 -12.95 -75.28
N LYS G 4491 -37.41 -13.66 -75.67
CA LYS G 4491 -37.85 -14.81 -74.91
C LYS G 4491 -36.79 -15.90 -74.91
N LEU G 4492 -36.32 -16.28 -76.10
CA LEU G 4492 -35.29 -17.30 -76.17
C LEU G 4492 -33.91 -16.76 -75.86
N LEU G 4493 -33.79 -15.45 -75.63
CA LEU G 4493 -32.48 -14.83 -75.50
C LEU G 4493 -31.74 -15.33 -74.27
N ASN G 4494 -32.47 -15.65 -73.21
CA ASN G 4494 -31.83 -16.16 -72.01
C ASN G 4494 -31.28 -17.56 -72.20
N TYR G 4495 -31.83 -18.31 -73.17
CA TYR G 4495 -31.39 -19.67 -73.38
C TYR G 4495 -29.96 -19.73 -73.86
N PHE G 4496 -29.52 -18.70 -74.56
CA PHE G 4496 -28.29 -18.81 -75.31
C PHE G 4496 -27.09 -18.68 -74.41
N ALA G 4497 -27.08 -17.66 -73.57
CA ALA G 4497 -26.09 -17.63 -72.50
C ALA G 4497 -26.37 -18.67 -71.45
N ARG G 4498 -27.63 -19.11 -71.35
CA ARG G 4498 -28.00 -20.09 -70.34
C ARG G 4498 -27.34 -21.43 -70.59
N ASN G 4499 -26.96 -21.74 -71.83
CA ASN G 4499 -26.21 -22.95 -72.10
C ASN G 4499 -24.93 -22.67 -72.87
N PHE G 4500 -24.43 -21.43 -72.78
CA PHE G 4500 -23.33 -20.98 -73.62
C PHE G 4500 -22.06 -21.77 -73.35
N TYR G 4501 -21.83 -22.15 -72.12
CA TYR G 4501 -20.68 -22.99 -71.82
C TYR G 4501 -20.87 -24.37 -72.41
N ASN G 4502 -22.07 -24.92 -72.29
CA ASN G 4502 -22.32 -26.22 -72.88
C ASN G 4502 -22.39 -26.11 -74.40
N MET G 4503 -22.84 -24.95 -74.88
CA MET G 4503 -22.73 -24.64 -76.31
C MET G 4503 -21.29 -24.71 -76.77
N ARG G 4504 -20.40 -24.12 -76.00
CA ARG G 4504 -18.98 -24.12 -76.34
C ARG G 4504 -18.40 -25.51 -76.30
N MET G 4505 -18.85 -26.32 -75.33
CA MET G 4505 -18.37 -27.68 -75.17
C MET G 4505 -18.77 -28.53 -76.37
N LEU G 4506 -20.02 -28.41 -76.81
CA LEU G 4506 -20.41 -29.22 -77.95
C LEU G 4506 -19.82 -28.67 -79.24
N ALA G 4507 -19.57 -27.36 -79.27
CA ALA G 4507 -18.92 -26.74 -80.41
C ALA G 4507 -17.52 -27.29 -80.61
N LEU G 4508 -16.76 -27.38 -79.53
CA LEU G 4508 -15.45 -28.01 -79.66
C LEU G 4508 -15.56 -29.52 -79.83
N PHE G 4509 -16.66 -30.12 -79.36
CA PHE G 4509 -16.84 -31.55 -79.50
C PHE G 4509 -17.03 -31.96 -80.95
N VAL G 4510 -17.62 -31.08 -81.75
CA VAL G 4510 -17.82 -31.38 -83.16
C VAL G 4510 -16.48 -31.46 -83.89
N ALA G 4511 -15.51 -30.64 -83.48
CA ALA G 4511 -14.29 -30.44 -84.24
C ALA G 4511 -13.43 -31.70 -84.34
N PHE G 4512 -13.53 -32.60 -83.38
CA PHE G 4512 -12.88 -33.91 -83.50
C PHE G 4512 -13.38 -34.65 -84.72
N ALA G 4513 -14.70 -34.91 -84.76
CA ALA G 4513 -15.30 -35.63 -85.87
C ALA G 4513 -15.21 -34.86 -87.17
N ILE G 4514 -15.05 -33.54 -87.10
CA ILE G 4514 -14.64 -32.79 -88.29
C ILE G 4514 -13.29 -33.27 -88.78
N ASN G 4515 -12.27 -33.14 -87.94
CA ASN G 4515 -10.93 -33.51 -88.37
C ASN G 4515 -10.72 -35.02 -88.41
N PHE G 4516 -11.66 -35.81 -87.90
CA PHE G 4516 -11.45 -37.25 -87.82
C PHE G 4516 -11.52 -37.91 -89.17
N ILE G 4517 -12.40 -37.43 -90.05
CA ILE G 4517 -12.69 -38.15 -91.27
C ILE G 4517 -11.59 -37.96 -92.30
N LEU G 4518 -10.76 -36.94 -92.13
CA LEU G 4518 -9.78 -36.63 -93.15
C LEU G 4518 -8.63 -37.64 -93.19
N LEU G 4519 -8.55 -38.55 -92.22
CA LEU G 4519 -7.72 -39.72 -92.39
C LEU G 4519 -8.24 -40.61 -93.51
N PHE G 4520 -9.54 -40.59 -93.77
CA PHE G 4520 -10.14 -41.38 -94.85
C PHE G 4520 -10.05 -40.64 -96.18
N TYR G 4521 -8.87 -40.09 -96.46
CA TYR G 4521 -8.65 -39.36 -97.70
C TYR G 4521 -7.85 -40.19 -98.70
N LYS G 4522 -8.45 -40.43 -99.87
CA LYS G 4522 -7.79 -41.22 -100.90
C LYS G 4522 -7.41 -40.35 -102.10
N VAL G 4523 -6.13 -40.33 -102.45
CA VAL G 4523 -5.65 -39.53 -103.57
C VAL G 4523 -5.53 -40.38 -104.83
N VAL G 4558 -5.17 -35.39 -106.59
CA VAL G 4558 -6.62 -35.23 -106.43
C VAL G 4558 -7.06 -35.58 -105.02
N HIS G 4559 -8.25 -35.13 -104.65
CA HIS G 4559 -8.79 -35.41 -103.32
C HIS G 4559 -9.98 -36.36 -103.40
N TYR G 4560 -9.86 -37.50 -102.70
CA TYR G 4560 -10.92 -38.48 -102.69
C TYR G 4560 -11.39 -38.73 -101.26
N VAL G 4561 -12.69 -38.89 -101.10
CA VAL G 4561 -13.32 -39.17 -99.82
C VAL G 4561 -13.71 -40.64 -99.78
N LEU G 4562 -13.08 -41.41 -98.90
CA LEU G 4562 -13.42 -42.82 -98.73
C LEU G 4562 -14.47 -42.98 -97.64
N GLU G 4563 -15.44 -43.84 -97.91
CA GLU G 4563 -16.40 -44.27 -96.89
C GLU G 4563 -16.53 -45.79 -96.93
N GLU G 4564 -15.78 -46.45 -96.05
CA GLU G 4564 -15.83 -47.90 -95.87
C GLU G 4564 -16.85 -48.29 -94.81
N SER G 4565 -18.06 -47.75 -94.93
CA SER G 4565 -19.10 -47.87 -93.93
C SER G 4565 -20.43 -47.59 -94.63
N SER G 4566 -21.46 -47.31 -93.84
CA SER G 4566 -22.72 -46.82 -94.39
C SER G 4566 -22.48 -45.51 -95.13
N GLY G 4567 -22.60 -45.57 -96.46
CA GLY G 4567 -22.14 -44.55 -97.38
C GLY G 4567 -22.88 -43.23 -97.35
N TYR G 4568 -23.84 -43.06 -96.45
CA TYR G 4568 -24.46 -41.75 -96.27
C TYR G 4568 -23.68 -40.89 -95.28
N MET G 4569 -22.46 -41.29 -94.91
CA MET G 4569 -21.69 -40.49 -93.99
C MET G 4569 -21.12 -39.25 -94.66
N GLU G 4570 -20.83 -39.33 -95.94
CA GLU G 4570 -20.39 -38.16 -96.68
C GLU G 4570 -21.48 -37.08 -96.82
N PRO G 4571 -22.76 -37.41 -97.08
CA PRO G 4571 -23.78 -36.35 -96.95
C PRO G 4571 -23.93 -35.81 -95.54
N THR G 4572 -23.73 -36.63 -94.51
CA THR G 4572 -23.75 -36.07 -93.16
C THR G 4572 -22.52 -35.22 -92.91
N LEU G 4573 -21.41 -35.50 -93.59
CA LEU G 4573 -20.27 -34.59 -93.53
C LEU G 4573 -20.63 -33.25 -94.14
N ARG G 4574 -21.31 -33.30 -95.30
CA ARG G 4574 -21.81 -32.09 -95.95
C ARG G 4574 -22.77 -31.34 -95.04
N ILE G 4575 -23.51 -32.07 -94.22
CA ILE G 4575 -24.36 -31.44 -93.21
C ILE G 4575 -23.51 -30.76 -92.15
N LEU G 4576 -22.60 -31.51 -91.55
CA LEU G 4576 -21.97 -31.06 -90.33
C LEU G 4576 -20.98 -29.95 -90.58
N ALA G 4577 -20.47 -29.84 -91.80
CA ALA G 4577 -19.51 -28.80 -92.14
C ALA G 4577 -20.11 -27.40 -92.02
N ILE G 4578 -21.42 -27.27 -92.19
CA ILE G 4578 -22.08 -26.01 -91.92
C ILE G 4578 -22.84 -26.04 -90.60
N LEU G 4579 -23.15 -27.25 -90.09
CA LEU G 4579 -23.82 -27.35 -88.80
C LEU G 4579 -22.93 -26.84 -87.68
N HIS G 4580 -21.66 -27.22 -87.72
CA HIS G 4580 -20.67 -26.71 -86.78
C HIS G 4580 -20.55 -25.20 -86.87
N THR G 4581 -20.68 -24.67 -88.08
CA THR G 4581 -20.54 -23.23 -88.28
C THR G 4581 -21.68 -22.47 -87.65
N VAL G 4582 -22.90 -22.94 -87.84
CA VAL G 4582 -24.00 -22.21 -87.21
C VAL G 4582 -24.03 -22.47 -85.71
N ILE G 4583 -23.45 -23.57 -85.25
CA ILE G 4583 -23.24 -23.74 -83.82
C ILE G 4583 -22.30 -22.68 -83.29
N SER G 4584 -21.20 -22.42 -84.00
CA SER G 4584 -20.26 -21.40 -83.55
C SER G 4584 -20.87 -20.02 -83.60
N PHE G 4585 -21.74 -19.79 -84.58
CA PHE G 4585 -22.48 -18.54 -84.63
C PHE G 4585 -23.40 -18.40 -83.42
N PHE G 4586 -24.04 -19.48 -83.03
CA PHE G 4586 -24.86 -19.44 -81.83
C PHE G 4586 -24.03 -19.27 -80.57
N CYS G 4587 -22.80 -19.77 -80.59
CA CYS G 4587 -21.88 -19.52 -79.50
C CYS G 4587 -21.54 -18.04 -79.39
N ILE G 4588 -21.34 -17.36 -80.53
CA ILE G 4588 -21.07 -15.93 -80.45
C ILE G 4588 -22.32 -15.19 -80.02
N ILE G 4589 -23.50 -15.76 -80.27
CA ILE G 4589 -24.72 -15.13 -79.81
C ILE G 4589 -24.82 -15.21 -78.29
N GLY G 4590 -24.63 -16.41 -77.74
CA GLY G 4590 -24.68 -16.58 -76.30
C GLY G 4590 -23.59 -15.84 -75.57
N TYR G 4591 -22.43 -15.70 -76.21
CA TYR G 4591 -21.37 -14.87 -75.63
C TYR G 4591 -21.74 -13.41 -75.67
N TYR G 4592 -22.36 -12.96 -76.76
CA TYR G 4592 -22.77 -11.57 -76.86
C TYR G 4592 -23.82 -11.23 -75.83
N CYS G 4593 -24.61 -12.21 -75.44
CA CYS G 4593 -25.32 -12.07 -74.18
C CYS G 4593 -24.34 -11.97 -73.02
N LEU G 4594 -23.49 -12.97 -72.85
CA LEU G 4594 -22.98 -13.24 -71.52
C LEU G 4594 -21.82 -12.32 -71.13
N LYS G 4595 -20.67 -12.47 -71.74
CA LYS G 4595 -19.51 -11.77 -71.20
C LYS G 4595 -19.31 -10.44 -71.90
N VAL G 4596 -20.41 -9.73 -72.00
CA VAL G 4596 -20.57 -8.44 -72.64
C VAL G 4596 -21.16 -7.69 -71.47
N PRO G 4597 -21.77 -6.55 -71.61
CA PRO G 4597 -21.25 -5.31 -71.03
C PRO G 4597 -20.64 -5.28 -69.63
N LEU G 4598 -20.71 -6.35 -68.82
CA LEU G 4598 -20.06 -6.39 -67.52
C LEU G 4598 -18.60 -5.94 -67.60
N VAL G 4599 -17.93 -6.29 -68.68
CA VAL G 4599 -16.60 -5.78 -68.94
C VAL G 4599 -16.65 -4.28 -69.21
N ILE G 4600 -17.63 -3.83 -69.99
CA ILE G 4600 -17.64 -2.42 -70.29
C ILE G 4600 -18.31 -1.68 -69.15
N PHE G 4601 -19.07 -2.39 -68.34
CA PHE G 4601 -19.49 -1.89 -67.04
C PHE G 4601 -18.29 -1.59 -66.18
N LYS G 4602 -17.30 -2.48 -66.18
CA LYS G 4602 -16.08 -2.23 -65.43
C LYS G 4602 -15.31 -1.06 -66.02
N ARG G 4603 -15.20 -1.03 -67.35
CA ARG G 4603 -14.51 0.05 -68.04
C ARG G 4603 -15.17 1.39 -67.77
N GLU G 4604 -16.49 1.40 -67.82
CA GLU G 4604 -17.24 2.62 -67.62
C GLU G 4604 -17.16 3.08 -66.18
N LYS G 4605 -17.23 2.13 -65.24
CA LYS G 4605 -17.05 2.44 -63.82
C LYS G 4605 -15.70 3.05 -63.57
N GLU G 4606 -14.69 2.47 -64.21
CA GLU G 4606 -13.32 2.95 -64.11
C GLU G 4606 -13.20 4.38 -64.61
N VAL G 4607 -13.69 4.64 -65.81
CA VAL G 4607 -13.45 5.95 -66.39
C VAL G 4607 -14.31 6.99 -65.69
N ALA G 4608 -15.45 6.56 -65.16
CA ALA G 4608 -16.31 7.48 -64.43
C ALA G 4608 -15.64 7.90 -63.14
N ARG G 4609 -15.14 6.94 -62.39
CA ARG G 4609 -14.50 7.30 -61.13
C ARG G 4609 -13.17 7.99 -61.34
N LYS G 4610 -12.54 7.79 -62.50
CA LYS G 4610 -11.27 8.45 -62.70
C LYS G 4610 -11.47 9.88 -63.18
N LEU G 4611 -12.49 10.12 -63.99
CA LEU G 4611 -12.86 11.51 -64.24
C LEU G 4611 -13.40 12.16 -62.98
N GLU G 4612 -13.97 11.36 -62.09
CA GLU G 4612 -14.52 11.89 -60.85
C GLU G 4612 -13.42 12.37 -59.92
N PHE G 4613 -12.52 11.45 -59.56
CA PHE G 4613 -11.43 11.81 -58.68
C PHE G 4613 -10.46 12.76 -59.35
N ASP G 4614 -10.38 12.71 -60.66
CA ASP G 4614 -9.24 13.25 -61.36
C ASP G 4614 -9.57 14.32 -62.38
N GLY G 4615 -10.58 14.10 -63.21
CA GLY G 4615 -10.88 15.08 -64.24
C GLY G 4615 -9.81 15.03 -65.30
N LEU G 4616 -9.47 13.81 -65.71
CA LEU G 4616 -8.36 13.58 -66.62
C LEU G 4616 -8.60 14.23 -67.97
N TYR G 4617 -9.79 14.09 -68.51
CA TYR G 4617 -10.11 14.75 -69.76
C TYR G 4617 -10.34 16.23 -69.59
N ILE G 4618 -10.43 16.72 -68.36
CA ILE G 4618 -10.63 18.13 -68.10
C ILE G 4618 -9.34 18.80 -67.68
N THR G 4619 -8.62 18.17 -66.79
CA THR G 4619 -7.46 18.78 -66.20
C THR G 4619 -6.16 18.17 -66.67
N GLU G 4620 -6.17 16.91 -67.08
CA GLU G 4620 -4.93 16.18 -67.31
C GLU G 4620 -4.68 15.85 -68.77
N GLN G 4621 -5.73 15.47 -69.52
CA GLN G 4621 -5.70 15.20 -70.96
C GLN G 4621 -4.62 14.21 -71.33
N PRO G 4622 -4.83 12.92 -71.06
CA PRO G 4622 -3.73 11.95 -71.07
C PRO G 4622 -3.07 11.77 -72.43
N SER G 4623 -1.93 11.10 -72.41
CA SER G 4623 -0.94 11.16 -73.47
C SER G 4623 -1.39 10.38 -74.71
N GLU G 4624 -0.48 10.27 -75.67
CA GLU G 4624 -0.77 9.54 -76.90
C GLU G 4624 -1.01 8.06 -76.65
N ASP G 4625 -0.46 7.51 -75.57
CA ASP G 4625 -0.71 6.14 -75.23
C ASP G 4625 -2.07 6.01 -74.53
N ASP G 4626 -2.35 4.80 -74.06
CA ASP G 4626 -3.68 4.37 -73.62
C ASP G 4626 -4.72 4.66 -74.69
N ILE G 4627 -4.53 3.94 -75.80
CA ILE G 4627 -5.51 3.91 -76.88
C ILE G 4627 -6.86 3.43 -76.38
N LYS G 4628 -6.88 2.56 -75.39
CA LYS G 4628 -8.11 2.22 -74.70
C LYS G 4628 -8.69 3.43 -74.01
N GLY G 4629 -7.85 4.19 -73.32
CA GLY G 4629 -8.28 5.39 -72.65
C GLY G 4629 -8.57 6.50 -73.64
N GLN G 4630 -7.70 6.66 -74.63
CA GLN G 4630 -7.93 7.69 -75.63
C GLN G 4630 -9.13 7.39 -76.50
N TRP G 4631 -9.55 6.14 -76.56
CA TRP G 4631 -10.83 5.82 -77.16
C TRP G 4631 -11.97 6.42 -76.36
N ASP G 4632 -11.80 6.54 -75.06
CA ASP G 4632 -12.83 7.12 -74.21
C ASP G 4632 -12.74 8.62 -74.14
N ARG G 4633 -11.80 9.22 -74.85
CA ARG G 4633 -11.87 10.64 -75.15
C ARG G 4633 -13.00 10.96 -76.11
N LEU G 4634 -13.64 9.95 -76.67
CA LEU G 4634 -14.76 10.16 -77.56
C LEU G 4634 -16.06 9.71 -76.94
N VAL G 4635 -16.04 9.25 -75.69
CA VAL G 4635 -17.26 8.85 -75.01
C VAL G 4635 -17.68 9.87 -73.96
N ILE G 4636 -16.91 10.96 -73.83
CA ILE G 4636 -17.10 11.91 -72.74
C ILE G 4636 -18.47 12.58 -72.84
N ASN G 4637 -18.86 12.92 -74.06
CA ASN G 4637 -20.07 13.68 -74.31
C ASN G 4637 -21.31 12.81 -74.39
N THR G 4638 -21.16 11.50 -74.29
CA THR G 4638 -22.21 10.59 -74.71
C THR G 4638 -23.36 10.58 -73.71
N GLN G 4639 -24.54 10.34 -74.24
CA GLN G 4639 -25.77 10.79 -73.62
C GLN G 4639 -26.18 9.87 -72.49
N SER G 4640 -26.51 8.63 -72.81
CA SER G 4640 -26.78 7.66 -71.75
C SER G 4640 -25.43 7.05 -71.38
N PHE G 4641 -24.64 7.84 -70.66
CA PHE G 4641 -23.24 7.50 -70.45
C PHE G 4641 -23.04 6.28 -69.56
N PRO G 4642 -23.63 6.17 -68.36
CA PRO G 4642 -23.56 4.86 -67.68
C PRO G 4642 -24.78 4.01 -68.04
N ASN G 4643 -24.83 3.56 -69.29
CA ASN G 4643 -26.03 2.92 -69.83
C ASN G 4643 -26.30 1.59 -69.15
N ASN G 4644 -25.29 1.03 -68.52
CA ASN G 4644 -25.51 -0.12 -67.66
C ASN G 4644 -24.70 -0.02 -66.38
N TYR G 4645 -24.22 1.17 -66.02
CA TYR G 4645 -23.45 1.15 -64.79
C TYR G 4645 -24.29 1.56 -63.58
N TRP G 4646 -24.39 2.86 -63.28
CA TRP G 4646 -25.04 3.25 -62.04
C TRP G 4646 -26.06 4.35 -62.19
N ASP G 4647 -25.57 5.50 -62.63
CA ASP G 4647 -26.25 6.77 -62.48
C ASP G 4647 -25.47 7.88 -63.18
N LYS G 4648 -26.20 8.83 -63.73
CA LYS G 4648 -25.58 9.90 -64.47
C LYS G 4648 -25.44 11.18 -63.66
N PHE G 4649 -25.86 11.16 -62.40
CA PHE G 4649 -25.81 12.37 -61.59
C PHE G 4649 -24.39 12.68 -61.18
N VAL G 4650 -23.52 11.69 -61.30
CA VAL G 4650 -22.10 11.83 -61.02
C VAL G 4650 -21.47 12.82 -62.00
N LYS G 4651 -22.05 12.93 -63.20
CA LYS G 4651 -21.59 13.91 -64.17
C LYS G 4651 -21.82 15.32 -63.66
N ARG G 4652 -23.03 15.61 -63.19
CA ARG G 4652 -23.30 16.90 -62.60
C ARG G 4652 -22.51 17.11 -61.33
N LYS G 4653 -22.26 16.02 -60.60
CA LYS G 4653 -21.47 16.08 -59.39
C LYS G 4653 -20.05 16.53 -59.67
N VAL G 4654 -19.45 16.00 -60.72
CA VAL G 4654 -18.08 16.41 -60.97
C VAL G 4654 -18.02 17.71 -61.74
N MET G 4655 -19.13 18.09 -62.40
CA MET G 4655 -19.25 19.47 -62.84
C MET G 4655 -19.13 20.42 -61.67
N ASP G 4656 -19.83 20.08 -60.58
CA ASP G 4656 -19.70 20.89 -59.38
C ASP G 4656 -18.36 20.70 -58.70
N LYS G 4657 -17.68 19.62 -59.00
CA LYS G 4657 -16.33 19.51 -58.50
C LYS G 4657 -15.39 20.43 -59.26
N TYR G 4658 -15.66 20.70 -60.52
CA TYR G 4658 -14.64 21.33 -61.35
C TYR G 4658 -15.10 22.50 -62.21
N GLY G 4659 -16.39 22.64 -62.53
CA GLY G 4659 -16.80 23.63 -63.50
C GLY G 4659 -16.66 25.06 -63.02
N GLU G 4660 -16.79 25.30 -61.72
CA GLU G 4660 -16.54 26.63 -61.19
C GLU G 4660 -15.08 26.99 -61.29
N PHE G 4661 -14.19 26.01 -61.22
CA PHE G 4661 -12.79 26.30 -61.41
C PHE G 4661 -12.50 26.71 -62.85
N TYR G 4662 -12.95 25.93 -63.81
CA TYR G 4662 -12.44 26.08 -65.16
C TYR G 4662 -13.51 26.52 -66.16
N GLY G 4663 -14.57 25.75 -66.35
CA GLY G 4663 -15.63 26.23 -67.18
C GLY G 4663 -16.93 25.58 -66.78
N ARG G 4664 -17.87 26.39 -66.33
CA ARG G 4664 -19.10 25.81 -65.80
C ARG G 4664 -19.99 25.37 -66.94
N ASP G 4665 -20.38 26.30 -67.79
CA ASP G 4665 -21.19 25.97 -68.93
C ASP G 4665 -20.39 25.34 -70.04
N ARG G 4666 -19.07 25.42 -69.98
CA ARG G 4666 -18.25 24.82 -71.01
C ARG G 4666 -18.17 23.31 -70.80
N ILE G 4667 -17.82 22.89 -69.59
CA ILE G 4667 -17.58 21.48 -69.33
C ILE G 4667 -18.89 20.72 -69.16
N SER G 4668 -19.94 21.38 -68.67
CA SER G 4668 -21.23 20.73 -68.59
C SER G 4668 -21.78 20.44 -69.97
N GLU G 4669 -21.65 21.40 -70.88
CA GLU G 4669 -22.01 21.17 -72.27
C GLU G 4669 -21.08 20.15 -72.92
N LEU G 4670 -19.82 20.12 -72.48
CA LEU G 4670 -18.90 19.07 -72.92
C LEU G 4670 -19.40 17.70 -72.52
N LEU G 4671 -20.08 17.62 -71.38
CA LEU G 4671 -20.78 16.40 -71.04
C LEU G 4671 -22.15 16.35 -71.70
N GLY G 4672 -22.94 17.40 -71.48
CA GLY G 4672 -24.28 17.47 -72.04
C GLY G 4672 -25.18 18.44 -71.30
N SER G 4696 -41.19 -0.15 -85.18
CA SER G 4696 -42.13 0.85 -84.72
C SER G 4696 -41.47 2.23 -84.64
N ALA G 4697 -41.64 2.92 -83.52
CA ALA G 4697 -41.12 4.28 -83.37
C ALA G 4697 -39.73 4.29 -82.72
N VAL G 4698 -38.81 3.54 -83.31
CA VAL G 4698 -37.43 3.49 -82.85
C VAL G 4698 -36.65 4.08 -84.01
N LEU G 4699 -37.22 5.12 -84.63
CA LEU G 4699 -36.80 5.58 -85.94
C LEU G 4699 -35.39 6.18 -85.91
N ASN G 4700 -35.15 7.13 -85.01
CA ASN G 4700 -33.79 7.61 -84.82
C ASN G 4700 -33.49 7.86 -83.34
N SER G 4701 -34.00 7.00 -82.47
CA SER G 4701 -33.96 7.19 -81.02
C SER G 4701 -32.87 6.35 -80.36
N ILE G 4702 -31.69 6.28 -80.97
CA ILE G 4702 -30.66 5.34 -80.55
C ILE G 4702 -29.44 6.09 -80.03
N ASP G 4703 -28.69 5.44 -79.15
CA ASP G 4703 -27.33 5.86 -78.84
C ASP G 4703 -26.49 5.67 -80.08
N VAL G 4704 -25.92 6.74 -80.61
CA VAL G 4704 -25.19 6.52 -81.85
C VAL G 4704 -23.72 6.37 -81.52
N LYS G 4705 -23.10 7.47 -81.13
CA LYS G 4705 -21.66 7.46 -81.00
C LYS G 4705 -21.22 6.78 -79.71
N TYR G 4706 -22.10 6.76 -78.71
CA TYR G 4706 -21.89 5.91 -77.56
C TYR G 4706 -21.85 4.46 -77.96
N GLN G 4707 -22.73 4.06 -78.86
CA GLN G 4707 -22.73 2.70 -79.33
C GLN G 4707 -21.47 2.39 -80.13
N MET G 4708 -21.00 3.36 -80.91
CA MET G 4708 -19.76 3.16 -81.65
C MET G 4708 -18.57 3.03 -80.71
N TRP G 4709 -18.55 3.82 -79.65
CA TRP G 4709 -17.52 3.69 -78.66
C TRP G 4709 -17.57 2.32 -77.99
N LYS G 4710 -18.79 1.88 -77.72
CA LYS G 4710 -19.01 0.58 -77.09
C LYS G 4710 -18.43 -0.53 -77.93
N LEU G 4711 -18.69 -0.47 -79.23
CA LEU G 4711 -18.14 -1.46 -80.13
C LEU G 4711 -16.63 -1.36 -80.24
N GLY G 4712 -16.10 -0.14 -80.20
CA GLY G 4712 -14.66 0.03 -80.27
C GLY G 4712 -13.96 -0.51 -79.06
N VAL G 4713 -14.63 -0.49 -77.91
CA VAL G 4713 -14.11 -1.24 -76.78
C VAL G 4713 -14.28 -2.73 -77.04
N VAL G 4714 -15.43 -3.11 -77.61
CA VAL G 4714 -15.84 -4.50 -77.72
C VAL G 4714 -14.86 -5.29 -78.57
N PHE G 4715 -14.34 -4.66 -79.61
CA PHE G 4715 -13.35 -5.30 -80.46
C PHE G 4715 -12.06 -5.59 -79.73
N THR G 4716 -11.74 -4.85 -78.68
CA THR G 4716 -10.47 -5.03 -78.00
C THR G 4716 -10.57 -6.05 -76.89
N ASP G 4717 -11.11 -7.22 -77.19
CA ASP G 4717 -11.18 -8.31 -76.23
C ASP G 4717 -10.42 -9.50 -76.77
N ASN G 4718 -9.73 -10.21 -75.89
CA ASN G 4718 -9.04 -11.44 -76.28
C ASN G 4718 -10.04 -12.51 -76.70
N SER G 4719 -10.90 -12.92 -75.77
CA SER G 4719 -11.74 -14.10 -75.99
C SER G 4719 -12.79 -13.84 -77.04
N PHE G 4720 -13.28 -12.61 -77.14
CA PHE G 4720 -14.22 -12.28 -78.19
C PHE G 4720 -13.57 -12.40 -79.56
N LEU G 4721 -12.37 -11.84 -79.69
CA LEU G 4721 -11.64 -12.00 -80.93
C LEU G 4721 -11.23 -13.44 -81.15
N TYR G 4722 -10.99 -14.18 -80.07
CA TYR G 4722 -10.68 -15.60 -80.17
C TYR G 4722 -11.83 -16.34 -80.82
N LEU G 4723 -13.04 -16.08 -80.35
CA LEU G 4723 -14.18 -16.79 -80.91
C LEU G 4723 -14.57 -16.23 -82.28
N ALA G 4724 -14.29 -14.96 -82.53
CA ALA G 4724 -14.53 -14.42 -83.85
C ALA G 4724 -13.60 -15.04 -84.87
N TRP G 4725 -12.34 -15.22 -84.47
CA TRP G 4725 -11.38 -15.95 -85.26
C TRP G 4725 -11.81 -17.39 -85.44
N TYR G 4726 -12.41 -17.97 -84.41
CA TYR G 4726 -12.94 -19.32 -84.53
C TYR G 4726 -14.08 -19.38 -85.53
N MET G 4727 -14.88 -18.33 -85.59
CA MET G 4727 -15.95 -18.25 -86.59
C MET G 4727 -15.38 -18.15 -87.99
N THR G 4728 -14.34 -17.33 -88.16
CA THR G 4728 -13.69 -17.24 -89.46
C THR G 4728 -13.00 -18.53 -89.82
N MET G 4729 -12.55 -19.28 -88.81
CA MET G 4729 -12.08 -20.63 -89.05
C MET G 4729 -13.21 -21.50 -89.56
N SER G 4730 -14.38 -21.38 -88.97
CA SER G 4730 -15.48 -22.24 -89.39
C SER G 4730 -16.14 -21.77 -90.67
N VAL G 4731 -15.74 -20.60 -91.20
CA VAL G 4731 -16.27 -20.10 -92.46
C VAL G 4731 -16.03 -21.09 -93.59
N LEU G 4732 -14.85 -21.70 -93.62
CA LEU G 4732 -14.40 -22.32 -94.87
C LEU G 4732 -15.05 -23.66 -95.17
N GLY G 4733 -16.01 -24.12 -94.37
CA GLY G 4733 -16.75 -25.31 -94.75
C GLY G 4733 -17.56 -25.07 -96.01
N HIS G 4734 -18.12 -23.87 -96.14
CA HIS G 4734 -18.72 -23.47 -97.40
C HIS G 4734 -17.64 -23.22 -98.45
N TYR G 4735 -16.42 -22.89 -98.02
CA TYR G 4735 -15.39 -22.58 -99.00
C TYR G 4735 -14.58 -23.82 -99.37
N ASN G 4736 -13.86 -24.38 -98.41
CA ASN G 4736 -12.91 -25.46 -98.67
C ASN G 4736 -12.38 -26.01 -97.36
N ASN G 4737 -12.23 -27.31 -97.29
CA ASN G 4737 -11.51 -27.88 -96.16
C ASN G 4737 -10.02 -28.02 -96.45
N PHE G 4738 -9.41 -26.91 -96.89
CA PHE G 4738 -7.97 -26.83 -96.89
C PHE G 4738 -7.46 -26.72 -95.46
N PHE G 4739 -7.86 -25.65 -94.77
CA PHE G 4739 -7.57 -25.48 -93.36
C PHE G 4739 -8.81 -25.54 -92.50
N PHE G 4740 -9.94 -25.95 -93.07
CA PHE G 4740 -11.20 -25.79 -92.34
C PHE G 4740 -11.34 -26.81 -91.22
N ALA G 4741 -10.73 -27.98 -91.36
CA ALA G 4741 -10.79 -28.93 -90.26
C ALA G 4741 -9.75 -28.64 -89.18
N ALA G 4742 -8.98 -27.57 -89.31
CA ALA G 4742 -7.90 -27.26 -88.38
C ALA G 4742 -8.36 -26.38 -87.22
N HIS G 4743 -9.62 -26.49 -86.82
CA HIS G 4743 -10.18 -25.76 -85.69
C HIS G 4743 -9.58 -26.16 -84.36
N LEU G 4744 -8.77 -27.19 -84.32
CA LEU G 4744 -8.51 -27.92 -83.10
C LEU G 4744 -7.54 -27.23 -82.18
N LEU G 4745 -7.12 -26.01 -82.53
CA LEU G 4745 -6.41 -25.16 -81.59
C LEU G 4745 -7.25 -24.81 -80.37
N ASP G 4746 -8.58 -24.86 -80.50
CA ASP G 4746 -9.50 -24.42 -79.46
C ASP G 4746 -9.40 -25.23 -78.18
N ILE G 4747 -8.74 -26.39 -78.22
CA ILE G 4747 -8.45 -27.13 -77.01
C ILE G 4747 -7.50 -26.36 -76.10
N ALA G 4748 -6.72 -25.42 -76.65
CA ALA G 4748 -5.85 -24.59 -75.83
C ALA G 4748 -6.59 -23.59 -74.97
N MET G 4749 -7.88 -23.36 -75.22
CA MET G 4749 -8.67 -22.55 -74.31
C MET G 4749 -9.92 -23.25 -73.82
N GLY G 4750 -10.24 -24.44 -74.32
CA GLY G 4750 -11.38 -25.17 -73.83
C GLY G 4750 -11.11 -25.75 -72.46
N PHE G 4751 -10.30 -26.80 -72.40
CA PHE G 4751 -9.90 -27.34 -71.12
C PHE G 4751 -8.69 -26.59 -70.62
N LYS G 4752 -8.64 -26.36 -69.32
CA LYS G 4752 -7.53 -25.66 -68.71
C LYS G 4752 -6.56 -26.60 -68.05
N THR G 4753 -6.90 -27.88 -67.99
CA THR G 4753 -6.03 -28.90 -67.43
C THR G 4753 -4.72 -28.97 -68.18
N LEU G 4754 -4.78 -28.85 -69.49
CA LEU G 4754 -3.61 -28.78 -70.33
C LEU G 4754 -2.84 -27.50 -70.18
N ARG G 4755 -3.50 -26.43 -69.71
CA ARG G 4755 -2.84 -25.14 -69.68
C ARG G 4755 -1.76 -25.06 -68.63
N THR G 4756 -1.72 -26.02 -67.70
CA THR G 4756 -0.57 -26.17 -66.81
C THR G 4756 0.71 -26.36 -67.61
N ILE G 4757 0.65 -27.23 -68.60
CA ILE G 4757 1.81 -27.51 -69.42
C ILE G 4757 2.18 -26.31 -70.26
N LEU G 4758 1.18 -25.66 -70.82
CA LEU G 4758 1.44 -24.56 -71.73
C LEU G 4758 1.98 -23.36 -70.99
N SER G 4759 1.51 -23.16 -69.76
CA SER G 4759 2.09 -22.13 -68.91
C SER G 4759 3.48 -22.51 -68.47
N SER G 4760 3.71 -23.81 -68.25
CA SER G 4760 5.04 -24.30 -67.90
C SER G 4760 6.03 -24.05 -69.01
N VAL G 4761 5.53 -23.95 -70.22
CA VAL G 4761 6.37 -23.40 -71.28
C VAL G 4761 6.43 -21.88 -71.21
N THR G 4762 5.26 -21.25 -71.26
CA THR G 4762 5.15 -19.94 -71.88
C THR G 4762 5.73 -18.82 -71.03
N HIS G 4763 5.91 -19.03 -69.75
CA HIS G 4763 6.55 -18.02 -68.93
C HIS G 4763 8.05 -18.00 -69.15
N ASN G 4764 8.61 -19.10 -69.63
CA ASN G 4764 10.04 -19.24 -69.72
C ASN G 4764 10.53 -19.03 -71.14
N GLY G 4765 9.63 -18.84 -72.09
CA GLY G 4765 9.99 -18.75 -73.49
C GLY G 4765 10.78 -17.51 -73.83
N LYS G 4766 10.69 -16.48 -72.99
CA LYS G 4766 11.43 -15.25 -73.21
C LYS G 4766 12.93 -15.49 -73.18
N GLN G 4767 13.37 -16.50 -72.46
CA GLN G 4767 14.74 -16.92 -72.64
C GLN G 4767 14.89 -17.96 -73.73
N LEU G 4768 13.81 -18.65 -74.09
CA LEU G 4768 13.96 -19.73 -75.04
C LEU G 4768 14.21 -19.21 -76.43
N VAL G 4769 13.69 -18.03 -76.73
CA VAL G 4769 14.03 -17.40 -78.00
C VAL G 4769 15.50 -17.01 -78.02
N LEU G 4770 16.06 -16.71 -76.85
CA LEU G 4770 17.47 -16.41 -76.80
C LEU G 4770 18.30 -17.67 -76.99
N THR G 4771 17.75 -18.81 -76.55
CA THR G 4771 18.41 -20.09 -76.83
C THR G 4771 18.46 -20.33 -78.32
N VAL G 4772 17.37 -20.01 -79.02
CA VAL G 4772 17.37 -20.08 -80.47
C VAL G 4772 18.44 -19.18 -81.07
N GLY G 4773 18.55 -17.97 -80.55
CA GLY G 4773 19.54 -17.03 -81.08
C GLY G 4773 20.96 -17.50 -80.87
N LEU G 4774 21.25 -18.10 -79.72
CA LEU G 4774 22.61 -18.54 -79.47
C LEU G 4774 22.95 -19.75 -80.30
N LEU G 4775 21.96 -20.63 -80.53
CA LEU G 4775 22.11 -21.69 -81.51
C LEU G 4775 22.53 -21.14 -82.86
N ALA G 4776 21.81 -20.12 -83.31
CA ALA G 4776 22.04 -19.54 -84.62
C ALA G 4776 23.44 -18.96 -84.71
N VAL G 4777 23.90 -18.31 -83.65
CA VAL G 4777 25.18 -17.66 -83.80
C VAL G 4777 26.33 -18.64 -83.59
N VAL G 4778 26.13 -19.71 -82.82
CA VAL G 4778 27.26 -20.62 -82.68
C VAL G 4778 27.40 -21.46 -83.93
N VAL G 4779 26.30 -21.70 -84.65
CA VAL G 4779 26.50 -22.39 -85.90
C VAL G 4779 26.95 -21.41 -86.97
N TYR G 4780 26.61 -20.13 -86.82
CA TYR G 4780 27.18 -19.12 -87.69
C TYR G 4780 28.67 -18.98 -87.47
N LEU G 4781 29.14 -19.33 -86.28
CA LEU G 4781 30.57 -19.46 -86.09
C LEU G 4781 31.11 -20.70 -86.77
N TYR G 4782 30.50 -21.86 -86.49
CA TYR G 4782 31.04 -23.13 -86.97
C TYR G 4782 31.09 -23.22 -88.48
N THR G 4783 30.19 -22.53 -89.15
CA THR G 4783 30.19 -22.56 -90.60
C THR G 4783 31.28 -21.70 -91.20
N VAL G 4784 32.10 -21.03 -90.39
CA VAL G 4784 33.21 -20.30 -90.95
C VAL G 4784 34.40 -21.24 -91.02
N VAL G 4785 34.42 -22.22 -90.13
CA VAL G 4785 35.66 -22.91 -89.80
C VAL G 4785 36.10 -23.81 -90.95
N ALA G 4786 35.32 -24.83 -91.24
CA ALA G 4786 35.69 -25.75 -92.30
C ALA G 4786 35.57 -25.09 -93.66
N PHE G 4787 34.71 -24.09 -93.76
CA PHE G 4787 34.62 -23.27 -94.94
C PHE G 4787 35.92 -22.54 -95.21
N ASN G 4788 36.65 -22.21 -94.17
CA ASN G 4788 37.98 -21.69 -94.40
C ASN G 4788 39.04 -22.76 -94.33
N PHE G 4789 38.70 -23.97 -93.90
CA PHE G 4789 39.76 -24.93 -93.61
C PHE G 4789 39.51 -26.37 -94.00
N PHE G 4790 38.29 -26.80 -94.27
CA PHE G 4790 38.08 -28.21 -94.56
C PHE G 4790 37.05 -28.40 -95.66
N ARG G 4791 37.20 -27.65 -96.74
CA ARG G 4791 36.24 -27.79 -97.82
C ARG G 4791 36.40 -29.11 -98.56
N LYS G 4792 37.59 -29.70 -98.51
CA LYS G 4792 37.72 -31.06 -98.96
C LYS G 4792 36.99 -32.02 -98.03
N PHE G 4793 36.88 -31.67 -96.77
CA PHE G 4793 36.10 -32.51 -95.88
C PHE G 4793 34.63 -32.26 -96.03
N TYR G 4794 34.24 -31.14 -96.61
CA TYR G 4794 32.90 -31.09 -97.17
C TYR G 4794 32.84 -32.12 -98.24
N ASN G 4795 31.82 -32.98 -98.18
CA ASN G 4795 31.41 -33.82 -99.28
C ASN G 4795 30.00 -34.31 -98.98
N LYS G 4796 29.01 -33.72 -99.64
CA LYS G 4796 27.74 -34.41 -99.82
C LYS G 4796 27.70 -35.10 -101.16
N SER G 4797 28.88 -35.35 -101.70
CA SER G 4797 29.03 -36.02 -102.97
C SER G 4797 28.53 -37.45 -102.88
N GLU G 4798 28.02 -37.93 -104.02
CA GLU G 4798 27.76 -39.35 -104.16
C GLU G 4798 29.03 -40.00 -104.70
N ASP G 4799 30.05 -40.00 -103.83
CA ASP G 4799 31.35 -40.66 -104.04
C ASP G 4799 32.11 -40.07 -105.22
N GLY G 4800 31.94 -38.78 -105.47
CA GLY G 4800 32.87 -38.02 -106.28
C GLY G 4800 32.79 -38.18 -107.79
N ASP G 4801 32.50 -39.39 -108.24
CA ASP G 4801 32.30 -39.67 -109.66
C ASP G 4801 31.05 -38.98 -110.21
N THR G 4802 30.09 -38.69 -109.35
CA THR G 4802 28.95 -37.85 -109.69
C THR G 4802 29.42 -36.39 -109.74
N PRO G 4803 28.53 -35.44 -110.06
CA PRO G 4803 28.89 -34.03 -109.84
C PRO G 4803 29.03 -33.71 -108.37
N ASP G 4804 30.23 -33.99 -107.86
CA ASP G 4804 30.54 -34.10 -106.44
C ASP G 4804 30.17 -32.86 -105.65
N MET G 4805 29.39 -33.05 -104.60
CA MET G 4805 28.74 -31.95 -103.90
C MET G 4805 29.46 -31.62 -102.61
N LYS G 4806 29.94 -30.39 -102.52
CA LYS G 4806 30.58 -29.84 -101.33
C LYS G 4806 30.12 -28.39 -101.21
N CYS G 4807 29.58 -28.02 -100.05
CA CYS G 4807 29.10 -26.65 -99.86
C CYS G 4807 30.27 -25.71 -99.59
N ASP G 4808 30.89 -25.23 -100.67
CA ASP G 4808 31.93 -24.21 -100.56
C ASP G 4808 31.38 -22.80 -100.64
N ASP G 4809 30.13 -22.60 -100.27
CA ASP G 4809 29.62 -21.28 -99.96
C ASP G 4809 29.16 -21.27 -98.52
N MET G 4810 29.46 -20.16 -97.84
CA MET G 4810 29.22 -20.03 -96.40
C MET G 4810 27.76 -20.22 -96.06
N LEU G 4811 26.86 -19.62 -96.82
CA LEU G 4811 25.44 -19.79 -96.58
C LEU G 4811 25.00 -21.22 -96.80
N THR G 4812 25.57 -21.88 -97.81
CA THR G 4812 25.16 -23.23 -98.13
C THR G 4812 25.55 -24.21 -97.04
N CYS G 4813 26.80 -24.16 -96.59
CA CYS G 4813 27.21 -25.08 -95.54
C CYS G 4813 26.58 -24.71 -94.21
N TYR G 4814 26.26 -23.43 -94.04
CA TYR G 4814 25.53 -22.98 -92.87
C TYR G 4814 24.17 -23.64 -92.80
N MET G 4815 23.40 -23.52 -93.87
CA MET G 4815 22.10 -24.17 -93.94
C MET G 4815 22.23 -25.67 -93.89
N PHE G 4816 23.36 -26.20 -94.34
CA PHE G 4816 23.58 -27.64 -94.29
C PHE G 4816 23.77 -28.12 -92.86
N HIS G 4817 24.59 -27.40 -92.08
CA HIS G 4817 24.71 -27.72 -90.67
C HIS G 4817 23.40 -27.54 -89.95
N MET G 4818 22.65 -26.53 -90.36
CA MET G 4818 21.34 -26.30 -89.79
C MET G 4818 20.40 -27.45 -90.08
N TYR G 4819 20.50 -28.01 -91.27
CA TYR G 4819 19.60 -29.09 -91.60
C TYR G 4819 20.10 -30.39 -91.02
N VAL G 4820 21.40 -30.58 -91.03
CA VAL G 4820 21.93 -31.89 -90.71
C VAL G 4820 22.49 -31.90 -89.31
N GLY G 4821 23.47 -31.02 -89.06
CA GLY G 4821 24.20 -31.06 -87.80
C GLY G 4821 23.32 -30.74 -86.61
N VAL G 4822 22.24 -30.00 -86.83
CA VAL G 4822 21.24 -29.85 -85.79
C VAL G 4822 20.51 -31.16 -85.58
N ARG G 4823 20.03 -31.77 -86.65
CA ARG G 4823 19.29 -33.02 -86.55
C ARG G 4823 20.20 -34.23 -86.44
N ALA G 4824 21.46 -34.02 -86.05
CA ALA G 4824 22.48 -35.06 -86.15
C ALA G 4824 22.29 -36.16 -85.12
N GLY G 4825 22.45 -35.84 -83.85
CA GLY G 4825 22.45 -36.87 -82.83
C GLY G 4825 23.80 -37.53 -82.69
N GLY G 4826 24.24 -38.24 -83.71
CA GLY G 4826 25.54 -38.86 -83.65
C GLY G 4826 26.71 -37.95 -83.90
N GLY G 4827 26.46 -36.68 -84.14
CA GLY G 4827 27.53 -35.75 -84.40
C GLY G 4827 27.65 -35.40 -85.87
N ILE G 4828 28.27 -34.25 -86.13
CA ILE G 4828 28.46 -33.80 -87.50
C ILE G 4828 29.57 -34.58 -88.17
N GLY G 4829 30.43 -35.24 -87.38
CA GLY G 4829 31.44 -36.12 -87.94
C GLY G 4829 30.87 -37.37 -88.55
N ASP G 4830 29.64 -37.71 -88.18
CA ASP G 4830 28.92 -38.77 -88.87
C ASP G 4830 28.71 -38.41 -90.34
N GLU G 4831 28.09 -37.27 -90.60
CA GLU G 4831 27.71 -36.91 -91.97
C GLU G 4831 28.74 -35.98 -92.60
N ILE G 4832 29.98 -36.43 -92.61
CA ILE G 4832 31.07 -35.66 -93.18
C ILE G 4832 32.21 -36.62 -93.47
N GLU G 4833 33.18 -36.15 -94.28
CA GLU G 4833 34.42 -36.88 -94.51
C GLU G 4833 35.15 -37.18 -93.21
N ASP G 4834 35.32 -38.45 -92.93
CA ASP G 4834 36.23 -38.77 -91.85
C ASP G 4834 37.66 -38.61 -92.32
N PRO G 4835 38.58 -38.28 -91.43
CA PRO G 4835 39.99 -38.30 -91.80
C PRO G 4835 40.66 -39.60 -91.43
N ALA G 4836 41.55 -40.04 -92.29
CA ALA G 4836 42.35 -41.24 -92.07
C ALA G 4836 43.77 -41.00 -92.51
N GLY G 4837 44.35 -39.86 -92.12
CA GLY G 4837 45.70 -39.55 -92.55
C GLY G 4837 45.91 -38.10 -92.95
N ASP G 4838 44.89 -37.27 -92.74
CA ASP G 4838 45.00 -35.86 -93.10
C ASP G 4838 46.07 -35.16 -92.25
N GLU G 4839 46.69 -34.16 -92.87
CA GLU G 4839 47.48 -33.19 -92.11
C GLU G 4839 46.69 -32.59 -90.97
N TYR G 4840 45.50 -32.08 -91.26
CA TYR G 4840 44.65 -31.50 -90.24
C TYR G 4840 43.62 -32.49 -89.72
N GLU G 4841 43.98 -33.78 -89.67
CA GLU G 4841 43.07 -34.81 -89.20
C GLU G 4841 42.69 -34.59 -87.74
N ILE G 4842 43.66 -34.22 -86.92
CA ILE G 4842 43.36 -34.04 -85.51
C ILE G 4842 42.56 -32.77 -85.31
N TYR G 4843 42.78 -31.76 -86.15
CA TYR G 4843 41.94 -30.57 -86.13
C TYR G 4843 40.51 -30.92 -86.49
N ARG G 4844 40.34 -31.76 -87.49
CA ARG G 4844 39.03 -32.27 -87.88
C ARG G 4844 38.37 -33.02 -86.74
N ILE G 4845 39.13 -33.87 -86.07
CA ILE G 4845 38.62 -34.68 -84.98
C ILE G 4845 38.20 -33.81 -83.81
N ILE G 4846 39.02 -32.81 -83.50
CA ILE G 4846 38.72 -31.96 -82.37
C ILE G 4846 37.56 -31.06 -82.71
N PHE G 4847 37.37 -30.78 -84.00
CA PHE G 4847 36.20 -30.02 -84.42
C PHE G 4847 34.95 -30.84 -84.21
N ASP G 4848 35.03 -32.14 -84.55
CA ASP G 4848 33.93 -33.07 -84.28
C ASP G 4848 33.61 -33.14 -82.81
N ILE G 4849 34.65 -33.20 -81.98
CA ILE G 4849 34.45 -33.37 -80.55
C ILE G 4849 33.78 -32.13 -79.96
N THR G 4850 34.22 -30.96 -80.40
CA THR G 4850 33.65 -29.72 -79.88
C THR G 4850 32.20 -29.57 -80.32
N PHE G 4851 31.90 -30.00 -81.55
CA PHE G 4851 30.51 -30.07 -81.95
C PHE G 4851 29.73 -31.05 -81.09
N PHE G 4852 30.27 -32.28 -80.96
CA PHE G 4852 29.66 -33.41 -80.25
C PHE G 4852 29.28 -33.04 -78.84
N PHE G 4853 30.09 -32.21 -78.20
CA PHE G 4853 29.69 -31.69 -76.91
C PHE G 4853 28.73 -30.54 -77.09
N PHE G 4854 29.24 -29.45 -77.65
CA PHE G 4854 28.66 -28.14 -77.42
C PHE G 4854 27.33 -27.97 -78.08
N VAL G 4855 27.02 -28.80 -79.05
CA VAL G 4855 25.68 -28.76 -79.57
C VAL G 4855 24.86 -29.78 -78.81
N ILE G 4856 25.25 -31.03 -78.99
CA ILE G 4856 24.36 -32.16 -78.75
C ILE G 4856 24.09 -32.31 -77.27
N VAL G 4857 25.15 -32.27 -76.48
CA VAL G 4857 25.00 -32.30 -75.03
C VAL G 4857 24.28 -31.05 -74.58
N ILE G 4858 24.87 -29.90 -74.92
CA ILE G 4858 24.70 -28.71 -74.12
C ILE G 4858 23.33 -28.13 -74.33
N LEU G 4859 22.91 -27.98 -75.56
CA LEU G 4859 21.73 -27.17 -75.78
C LEU G 4859 20.47 -27.96 -75.55
N LEU G 4860 20.52 -29.25 -75.87
CA LEU G 4860 19.53 -30.21 -75.41
C LEU G 4860 19.33 -30.12 -73.92
N ALA G 4861 20.42 -30.20 -73.16
CA ALA G 4861 20.33 -30.13 -71.71
C ALA G 4861 19.82 -28.78 -71.26
N ILE G 4862 20.14 -27.73 -72.02
CA ILE G 4862 19.71 -26.39 -71.69
C ILE G 4862 18.21 -26.30 -71.75
N ILE G 4863 17.63 -26.81 -72.83
CA ILE G 4863 16.20 -26.66 -72.99
C ILE G 4863 15.47 -27.53 -72.00
N GLN G 4864 16.01 -28.73 -71.74
CA GLN G 4864 15.37 -29.61 -70.78
C GLN G 4864 15.43 -29.06 -69.37
N GLY G 4865 16.60 -28.55 -68.97
CA GLY G 4865 16.73 -28.00 -67.64
C GLY G 4865 15.93 -26.74 -67.44
N LEU G 4866 15.80 -25.94 -68.50
CA LEU G 4866 14.88 -24.81 -68.47
C LEU G 4866 13.47 -25.28 -68.21
N ILE G 4867 13.08 -26.37 -68.85
CA ILE G 4867 11.73 -26.85 -68.71
C ILE G 4867 11.50 -27.43 -67.32
N ILE G 4868 12.48 -28.09 -66.76
CA ILE G 4868 12.19 -28.75 -65.49
C ILE G 4868 12.36 -27.79 -64.32
N ASP G 4869 13.22 -26.79 -64.43
CA ASP G 4869 13.16 -25.71 -63.45
C ASP G 4869 11.89 -24.91 -63.61
N ALA G 4870 11.33 -24.83 -64.82
CA ALA G 4870 10.02 -24.22 -64.99
C ALA G 4870 8.95 -25.03 -64.28
N PHE G 4871 9.06 -26.35 -64.35
CA PHE G 4871 8.19 -27.26 -63.61
C PHE G 4871 8.22 -26.96 -62.12
N GLY G 4872 9.43 -26.99 -61.53
CA GLY G 4872 9.55 -26.81 -60.10
C GLY G 4872 9.11 -25.43 -59.66
N GLU G 4873 9.40 -24.42 -60.48
CA GLU G 4873 8.93 -23.06 -60.23
C GLU G 4873 7.41 -23.00 -60.14
N LEU G 4874 6.74 -23.57 -61.13
CA LEU G 4874 5.30 -23.42 -61.18
C LEU G 4874 4.62 -24.23 -60.09
N ARG G 4875 5.16 -25.42 -59.80
CA ARG G 4875 4.60 -26.23 -58.73
C ARG G 4875 4.78 -25.57 -57.38
N ASP G 4876 5.96 -24.99 -57.14
CA ASP G 4876 6.23 -24.32 -55.89
C ASP G 4876 5.35 -23.09 -55.73
N GLN G 4877 5.14 -22.36 -56.82
CA GLN G 4877 4.26 -21.20 -56.79
C GLN G 4877 2.84 -21.59 -56.44
N GLN G 4878 2.35 -22.64 -57.07
CA GLN G 4878 0.99 -23.11 -56.84
C GLN G 4878 0.78 -23.52 -55.39
N GLU G 4879 1.68 -24.35 -54.87
CA GLU G 4879 1.49 -24.82 -53.51
C GLU G 4879 1.78 -23.72 -52.50
N GLN G 4880 2.59 -22.74 -52.89
CA GLN G 4880 2.81 -21.57 -52.07
C GLN G 4880 1.51 -20.82 -51.85
N VAL G 4881 0.81 -20.55 -52.94
CA VAL G 4881 -0.51 -19.93 -52.91
C VAL G 4881 -1.46 -20.73 -52.03
N LYS G 4882 -1.43 -22.05 -52.18
CA LYS G 4882 -2.27 -22.94 -51.39
C LYS G 4882 -1.99 -22.79 -49.90
N GLU G 4883 -0.71 -22.74 -49.54
CA GLU G 4883 -0.33 -22.62 -48.15
C GLU G 4883 -0.79 -21.29 -47.57
N ASP G 4884 -0.57 -20.21 -48.31
CA ASP G 4884 -0.90 -18.90 -47.80
C ASP G 4884 -2.40 -18.70 -47.69
N MET G 4885 -3.17 -19.41 -48.51
CA MET G 4885 -4.59 -19.47 -48.24
C MET G 4885 -4.86 -20.25 -46.96
N GLU G 4886 -4.12 -21.34 -46.74
CA GLU G 4886 -4.43 -22.23 -45.65
C GLU G 4886 -3.64 -21.95 -44.38
N THR G 4887 -2.88 -20.88 -44.36
CA THR G 4887 -2.31 -20.35 -43.14
C THR G 4887 -3.34 -19.50 -42.44
N LYS G 4888 -2.85 -18.54 -41.64
CA LYS G 4888 -3.60 -17.41 -41.12
C LYS G 4888 -4.51 -16.73 -42.15
N CYS G 4889 -5.50 -15.99 -41.65
CA CYS G 4889 -6.65 -15.53 -42.42
C CYS G 4889 -6.25 -14.61 -43.57
N PHE G 4890 -7.23 -14.31 -44.40
CA PHE G 4890 -7.00 -13.26 -45.35
C PHE G 4890 -7.22 -11.90 -44.72
N ILE G 4891 -8.18 -11.80 -43.81
CA ILE G 4891 -8.72 -10.50 -43.47
C ILE G 4891 -7.99 -9.96 -42.26
N CYS G 4892 -8.13 -10.62 -41.12
CA CYS G 4892 -7.25 -10.28 -40.02
C CYS G 4892 -5.87 -10.82 -40.32
N GLY G 4893 -5.79 -12.10 -40.62
CA GLY G 4893 -4.56 -12.69 -41.08
C GLY G 4893 -3.51 -12.72 -40.01
N ILE G 4894 -3.78 -13.46 -38.95
CA ILE G 4894 -2.97 -13.40 -37.74
C ILE G 4894 -2.27 -14.72 -37.48
N GLY G 4895 -3.02 -15.77 -37.27
CA GLY G 4895 -2.41 -17.06 -37.04
C GLY G 4895 -3.41 -18.18 -37.20
N ASN G 4896 -3.07 -19.11 -38.09
CA ASN G 4896 -3.81 -20.37 -38.19
C ASN G 4896 -3.79 -21.08 -36.86
N ASP G 4897 -2.62 -21.09 -36.22
CA ASP G 4897 -2.49 -21.58 -34.86
C ASP G 4897 -3.25 -20.74 -33.88
N TYR G 4898 -3.36 -19.43 -34.14
CA TYR G 4898 -3.76 -18.54 -33.09
C TYR G 4898 -5.27 -18.62 -32.86
N PHE G 4899 -6.05 -18.64 -33.92
CA PHE G 4899 -7.46 -18.85 -33.73
C PHE G 4899 -7.81 -20.31 -33.62
N ASP G 4900 -6.85 -21.19 -33.81
CA ASP G 4900 -7.03 -22.54 -33.35
C ASP G 4900 -6.17 -22.87 -32.13
N THR G 4901 -5.79 -21.85 -31.36
CA THR G 4901 -5.34 -22.10 -30.00
C THR G 4901 -6.44 -22.78 -29.20
N VAL G 4902 -7.63 -22.24 -29.24
CA VAL G 4902 -8.81 -23.00 -28.86
C VAL G 4902 -9.14 -23.98 -29.98
N PRO G 4903 -9.37 -25.26 -29.67
CA PRO G 4903 -9.53 -26.26 -30.72
C PRO G 4903 -10.77 -26.04 -31.56
N HIS G 4904 -10.63 -26.39 -32.84
CA HIS G 4904 -11.64 -26.23 -33.86
C HIS G 4904 -12.10 -24.79 -34.02
N GLY G 4905 -11.19 -23.84 -33.82
CA GLY G 4905 -11.61 -22.46 -33.84
C GLY G 4905 -11.33 -21.75 -35.15
N PHE G 4906 -10.11 -21.91 -35.66
CA PHE G 4906 -9.60 -21.03 -36.70
C PHE G 4906 -10.38 -21.17 -37.99
N GLU G 4907 -10.78 -22.38 -38.33
CA GLU G 4907 -11.60 -22.59 -39.52
C GLU G 4907 -12.97 -21.96 -39.32
N THR G 4908 -13.52 -22.06 -38.12
CA THR G 4908 -14.77 -21.41 -37.84
C THR G 4908 -14.54 -19.93 -37.66
N HIS G 4909 -13.38 -19.55 -37.15
CA HIS G 4909 -13.02 -18.15 -37.08
C HIS G 4909 -12.99 -17.54 -38.47
N THR G 4910 -12.52 -18.30 -39.44
CA THR G 4910 -12.62 -17.89 -40.82
C THR G 4910 -14.07 -17.81 -41.25
N LEU G 4911 -14.78 -18.93 -41.11
CA LEU G 4911 -16.14 -19.11 -41.57
C LEU G 4911 -17.16 -18.21 -40.91
N GLN G 4912 -16.80 -17.58 -39.80
CA GLN G 4912 -17.70 -16.68 -39.12
C GLN G 4912 -17.13 -15.29 -38.97
N GLU G 4913 -15.94 -15.15 -38.39
CA GLU G 4913 -15.36 -13.84 -38.19
C GLU G 4913 -14.85 -13.23 -39.48
N HIS G 4914 -14.66 -14.03 -40.51
CA HIS G 4914 -14.16 -13.36 -41.69
C HIS G 4914 -14.93 -13.69 -42.95
N ASN G 4915 -15.31 -14.96 -43.15
CA ASN G 4915 -16.38 -15.49 -44.01
C ASN G 4915 -16.66 -14.73 -45.29
N LEU G 4916 -15.59 -14.47 -46.04
CA LEU G 4916 -15.39 -13.32 -46.91
C LEU G 4916 -16.56 -12.97 -47.82
N ALA G 4917 -17.32 -13.98 -48.23
CA ALA G 4917 -18.53 -13.74 -49.02
C ALA G 4917 -19.58 -12.97 -48.23
N ASN G 4918 -19.53 -13.05 -46.91
CA ASN G 4918 -20.54 -12.36 -46.13
C ASN G 4918 -20.38 -10.86 -46.18
N TYR G 4919 -19.16 -10.36 -46.38
CA TYR G 4919 -19.00 -8.93 -46.53
C TYR G 4919 -19.62 -8.45 -47.82
N LEU G 4920 -19.50 -9.27 -48.85
CA LEU G 4920 -20.19 -8.99 -50.09
C LEU G 4920 -21.69 -9.02 -49.90
N PHE G 4921 -22.19 -10.04 -49.18
CA PHE G 4921 -23.60 -10.12 -48.84
C PHE G 4921 -24.06 -8.90 -48.08
N PHE G 4922 -23.20 -8.41 -47.22
CA PHE G 4922 -23.50 -7.23 -46.45
C PHE G 4922 -23.58 -6.02 -47.33
N LEU G 4923 -22.77 -5.99 -48.37
CA LEU G 4923 -22.85 -4.86 -49.28
C LEU G 4923 -24.15 -4.92 -50.06
N MET G 4924 -24.60 -6.11 -50.41
CA MET G 4924 -25.93 -6.25 -51.01
C MET G 4924 -26.99 -5.74 -50.06
N TYR G 4925 -26.80 -6.06 -48.79
CA TYR G 4925 -27.73 -5.67 -47.75
C TYR G 4925 -27.79 -4.16 -47.63
N LEU G 4926 -26.64 -3.53 -47.72
CA LEU G 4926 -26.60 -2.08 -47.56
C LEU G 4926 -27.15 -1.39 -48.78
N ILE G 4927 -26.70 -1.80 -49.97
CA ILE G 4927 -27.18 -1.22 -51.21
C ILE G 4927 -28.64 -1.55 -51.45
N ASN G 4928 -29.16 -2.54 -50.74
CA ASN G 4928 -30.56 -2.85 -50.79
C ASN G 4928 -31.37 -1.79 -50.08
N LYS G 4929 -31.09 -1.54 -48.81
CA LYS G 4929 -32.00 -0.79 -47.97
C LYS G 4929 -31.75 0.71 -48.10
N ASP G 4930 -32.41 1.48 -47.23
CA ASP G 4930 -32.38 2.93 -47.28
C ASP G 4930 -31.72 3.53 -46.05
N GLU G 4931 -30.94 4.58 -46.29
CA GLU G 4931 -30.14 5.24 -45.27
C GLU G 4931 -30.98 5.90 -44.20
N THR G 4932 -32.24 6.20 -44.51
CA THR G 4932 -33.22 6.60 -43.52
C THR G 4932 -33.45 5.56 -42.46
N GLU G 4933 -33.09 4.30 -42.73
CA GLU G 4933 -33.29 3.22 -41.80
C GLU G 4933 -31.98 2.56 -41.46
N HIS G 4934 -30.87 3.19 -41.82
CA HIS G 4934 -29.59 2.66 -41.42
C HIS G 4934 -29.37 2.86 -39.93
N THR G 4935 -28.66 1.93 -39.32
CA THR G 4935 -28.12 2.27 -38.03
C THR G 4935 -26.84 3.06 -38.22
N GLY G 4936 -26.28 3.47 -37.08
CA GLY G 4936 -25.09 4.28 -37.09
C GLY G 4936 -23.91 3.52 -37.66
N GLN G 4937 -23.83 2.23 -37.37
CA GLN G 4937 -22.86 1.39 -38.04
C GLN G 4937 -23.15 1.35 -39.51
N GLU G 4938 -24.42 1.19 -39.86
CA GLU G 4938 -24.80 0.97 -41.22
C GLU G 4938 -24.57 2.20 -42.06
N SER G 4939 -25.16 3.32 -41.64
CA SER G 4939 -24.91 4.59 -42.28
C SER G 4939 -23.44 4.96 -42.24
N TYR G 4940 -22.76 4.58 -41.16
CA TYR G 4940 -21.37 4.94 -40.99
C TYR G 4940 -20.52 4.31 -42.06
N VAL G 4941 -20.55 2.98 -42.12
CA VAL G 4941 -19.72 2.28 -43.07
C VAL G 4941 -20.24 2.51 -44.47
N TRP G 4942 -21.52 2.84 -44.62
CA TRP G 4942 -22.03 3.24 -45.91
C TRP G 4942 -21.33 4.47 -46.39
N LYS G 4943 -21.19 5.43 -45.50
CA LYS G 4943 -20.50 6.66 -45.82
C LYS G 4943 -19.02 6.43 -46.03
N MET G 4944 -18.46 5.47 -45.31
CA MET G 4944 -17.07 5.12 -45.51
C MET G 4944 -16.86 4.60 -46.92
N TYR G 4945 -17.77 3.76 -47.37
CA TYR G 4945 -17.74 3.27 -48.73
C TYR G 4945 -18.01 4.39 -49.72
N GLN G 4946 -18.87 5.31 -49.34
CA GLN G 4946 -19.13 6.48 -50.16
C GLN G 4946 -17.88 7.31 -50.32
N GLU G 4947 -17.06 7.32 -49.30
CA GLU G 4947 -15.80 8.02 -49.40
C GLU G 4947 -14.76 7.22 -50.12
N ARG G 4948 -15.05 5.94 -50.40
CA ARG G 4948 -14.13 5.00 -51.01
C ARG G 4948 -12.84 4.95 -50.19
N CYS G 4949 -13.00 4.62 -48.92
CA CYS G 4949 -11.91 4.78 -47.97
C CYS G 4949 -11.41 3.46 -47.41
N TRP G 4950 -12.33 2.63 -46.91
CA TRP G 4950 -12.04 1.28 -46.42
C TRP G 4950 -11.00 1.27 -45.31
N GLU G 4951 -11.39 1.77 -44.16
CA GLU G 4951 -10.52 1.68 -43.00
C GLU G 4951 -11.01 0.66 -42.00
N PHE G 4952 -12.27 0.29 -42.09
CA PHE G 4952 -12.99 -0.43 -41.06
C PHE G 4952 -12.65 -1.90 -40.99
N PHE G 4953 -11.87 -2.37 -41.90
CA PHE G 4953 -11.58 -3.79 -41.92
C PHE G 4953 -10.57 -4.16 -40.84
N PRO G 4954 -10.69 -5.35 -40.29
CA PRO G 4954 -9.83 -5.71 -39.17
C PRO G 4954 -8.38 -5.98 -39.56
N ALA G 4955 -7.50 -5.11 -39.09
CA ALA G 4955 -6.08 -5.32 -39.35
C ALA G 4955 -5.53 -6.45 -38.49
N GLY G 4956 -5.48 -6.25 -37.18
CA GLY G 4956 -4.84 -7.20 -36.28
C GLY G 4956 -5.58 -7.39 -34.98
N ASP G 4957 -6.90 -7.32 -35.05
CA ASP G 4957 -7.72 -6.86 -33.95
C ASP G 4957 -9.04 -7.60 -33.86
N CYS G 4958 -8.99 -8.93 -33.89
CA CYS G 4958 -10.21 -9.70 -33.88
C CYS G 4958 -10.84 -9.76 -32.49
N PHE G 4959 -11.91 -10.54 -32.38
CA PHE G 4959 -12.72 -10.51 -31.18
C PHE G 4959 -12.04 -11.24 -30.05
N ARG G 4960 -11.47 -12.40 -30.36
CA ARG G 4960 -10.56 -13.05 -29.43
C ARG G 4960 -9.41 -12.13 -29.09
N LYS G 4961 -8.90 -11.42 -30.08
CA LYS G 4961 -7.87 -10.43 -29.85
C LYS G 4961 -8.39 -9.28 -29.03
N GLN G 4962 -9.69 -8.99 -29.14
CA GLN G 4962 -10.23 -7.86 -28.42
C GLN G 4962 -10.28 -8.10 -26.92
N TYR G 4963 -10.44 -9.34 -26.48
CA TYR G 4963 -10.76 -9.55 -25.07
C TYR G 4963 -9.87 -10.62 -24.49
N GLU G 4964 -10.15 -10.94 -23.24
CA GLU G 4964 -9.55 -12.07 -22.56
C GLU G 4964 -10.68 -12.77 -21.82
N GLY H 2 -99.14 85.07 -25.09
CA GLY H 2 -98.19 85.52 -24.10
C GLY H 2 -96.90 86.01 -24.71
N VAL H 3 -96.78 85.87 -26.02
CA VAL H 3 -95.62 86.30 -26.78
C VAL H 3 -96.11 87.10 -27.97
N GLU H 4 -95.50 88.26 -28.21
CA GLU H 4 -95.97 89.17 -29.23
C GLU H 4 -94.83 89.43 -30.20
N ILE H 5 -95.15 89.39 -31.48
CA ILE H 5 -94.20 89.13 -32.54
C ILE H 5 -94.50 90.06 -33.70
N GLU H 6 -93.48 90.76 -34.18
CA GLU H 6 -93.67 91.69 -35.28
C GLU H 6 -93.66 90.95 -36.60
N THR H 7 -94.64 91.28 -37.45
CA THR H 7 -94.68 90.78 -38.81
C THR H 7 -93.55 91.40 -39.63
N ILE H 8 -92.74 90.55 -40.25
CA ILE H 8 -91.71 91.03 -41.15
C ILE H 8 -92.35 91.28 -42.50
N SER H 9 -92.76 90.21 -43.20
CA SER H 9 -93.44 90.53 -44.43
C SER H 9 -94.92 90.34 -44.22
N PRO H 10 -95.73 91.31 -44.60
CA PRO H 10 -97.18 91.10 -44.59
C PRO H 10 -97.57 90.06 -45.63
N GLY H 11 -98.50 89.20 -45.23
CA GLY H 11 -99.07 88.25 -46.15
C GLY H 11 -100.48 88.61 -46.54
N ASP H 12 -101.46 87.95 -45.91
CA ASP H 12 -102.85 88.27 -46.17
C ASP H 12 -103.67 88.55 -44.92
N GLY H 13 -103.19 88.19 -43.74
CA GLY H 13 -103.89 88.54 -42.51
C GLY H 13 -105.01 87.59 -42.14
N ARG H 14 -106.02 87.52 -43.00
CA ARG H 14 -107.27 86.84 -42.64
C ARG H 14 -107.20 85.34 -42.78
N THR H 15 -106.36 84.81 -43.67
CA THR H 15 -106.28 83.36 -43.86
C THR H 15 -105.20 82.79 -42.95
N PHE H 16 -105.33 83.13 -41.74
CA PHE H 16 -104.49 82.81 -40.61
C PHE H 16 -104.57 81.31 -40.32
N PRO H 17 -103.53 80.77 -39.70
CA PRO H 17 -103.57 79.35 -39.29
C PRO H 17 -104.61 79.11 -38.22
N LYS H 18 -105.52 78.19 -38.50
CA LYS H 18 -106.61 77.83 -37.63
C LYS H 18 -106.57 76.32 -37.46
N LYS H 19 -107.40 75.82 -36.55
CA LYS H 19 -107.52 74.39 -36.31
C LYS H 19 -107.96 73.65 -37.58
N GLY H 20 -107.57 72.38 -37.65
CA GLY H 20 -107.82 71.62 -38.85
C GLY H 20 -106.95 72.00 -40.02
N GLN H 21 -105.92 72.81 -39.81
CA GLN H 21 -105.01 73.24 -40.87
C GLN H 21 -103.59 72.96 -40.43
N THR H 22 -102.88 72.17 -41.23
CA THR H 22 -101.50 71.82 -40.90
C THR H 22 -100.56 72.91 -41.37
N CYS H 23 -99.71 73.39 -40.45
CA CYS H 23 -98.91 74.58 -40.69
C CYS H 23 -97.70 74.26 -41.55
N VAL H 24 -97.91 74.30 -42.86
CA VAL H 24 -96.82 74.20 -43.83
C VAL H 24 -95.98 75.47 -43.75
N VAL H 25 -94.82 75.37 -43.12
CA VAL H 25 -93.95 76.53 -42.96
C VAL H 25 -92.53 76.17 -43.36
N HIS H 26 -91.84 77.16 -43.88
CA HIS H 26 -90.41 77.08 -44.09
C HIS H 26 -89.78 78.21 -43.30
N TYR H 27 -88.74 77.91 -42.55
CA TYR H 27 -88.34 78.82 -41.50
C TYR H 27 -86.91 78.54 -41.07
N THR H 28 -86.41 79.43 -40.21
CA THR H 28 -85.22 79.13 -39.45
C THR H 28 -85.41 79.58 -38.00
N GLY H 29 -84.50 79.11 -37.16
CA GLY H 29 -84.47 79.49 -35.77
C GLY H 29 -83.06 79.73 -35.30
N MET H 30 -82.81 80.93 -34.80
CA MET H 30 -81.49 81.35 -34.35
C MET H 30 -81.56 81.76 -32.89
N LEU H 31 -80.41 82.04 -32.31
CA LEU H 31 -80.41 82.32 -30.89
C LEU H 31 -80.86 83.73 -30.58
N GLN H 32 -80.83 84.04 -29.28
CA GLN H 32 -80.80 85.42 -28.82
C GLN H 32 -79.63 86.16 -29.43
N ASN H 33 -78.45 85.56 -29.36
CA ASN H 33 -77.30 86.11 -30.06
C ASN H 33 -77.41 85.90 -31.55
N GLY H 34 -78.23 84.95 -31.97
CA GLY H 34 -78.52 84.74 -33.36
C GLY H 34 -77.86 83.55 -33.98
N LYS H 35 -77.38 82.60 -33.19
CA LYS H 35 -76.71 81.45 -33.76
C LYS H 35 -77.75 80.54 -34.37
N LYS H 36 -77.65 80.34 -35.68
CA LYS H 36 -78.68 79.71 -36.50
C LYS H 36 -78.71 78.22 -36.19
N PHE H 37 -79.25 77.89 -35.02
CA PHE H 37 -79.24 76.51 -34.59
C PHE H 37 -80.24 75.68 -35.37
N ASP H 38 -81.35 76.28 -35.79
CA ASP H 38 -82.36 75.53 -36.52
C ASP H 38 -82.75 76.26 -37.79
N SER H 39 -83.05 75.46 -38.81
CA SER H 39 -83.47 75.98 -40.11
C SER H 39 -84.16 74.87 -40.88
N SER H 40 -85.39 75.13 -41.32
CA SER H 40 -85.99 74.24 -42.30
C SER H 40 -85.27 74.38 -43.63
N ARG H 41 -84.73 75.56 -43.88
CA ARG H 41 -83.98 75.84 -45.08
C ARG H 41 -82.65 75.09 -45.08
N ASP H 42 -82.18 74.68 -43.91
CA ASP H 42 -81.04 73.76 -43.84
C ASP H 42 -81.37 72.45 -44.56
N ARG H 43 -82.45 71.80 -44.14
CA ARG H 43 -82.86 70.57 -44.78
C ARG H 43 -83.68 70.80 -46.03
N ASN H 44 -84.00 72.06 -46.33
CA ASN H 44 -84.70 72.48 -47.56
C ASN H 44 -86.04 71.79 -47.70
N LYS H 45 -86.67 71.54 -46.56
CA LYS H 45 -87.88 70.78 -46.49
C LYS H 45 -88.80 71.54 -45.55
N PRO H 46 -90.05 71.79 -45.95
CA PRO H 46 -90.93 72.62 -45.14
C PRO H 46 -91.46 71.88 -43.93
N PHE H 47 -91.39 72.54 -42.79
CA PHE H 47 -92.04 72.00 -41.61
C PHE H 47 -93.54 72.09 -41.76
N LYS H 48 -94.22 71.03 -41.35
CA LYS H 48 -95.66 70.99 -41.37
C LYS H 48 -96.13 70.41 -40.04
N PHE H 49 -97.10 71.05 -39.41
CA PHE H 49 -97.71 70.45 -38.25
C PHE H 49 -99.13 70.95 -38.08
N ARG H 50 -99.99 70.06 -37.61
CA ARG H 50 -101.40 70.37 -37.44
C ARG H 50 -101.63 71.08 -36.11
N ILE H 51 -102.44 72.14 -36.15
CA ILE H 51 -102.85 72.84 -34.94
C ILE H 51 -103.70 71.91 -34.10
N GLY H 52 -103.48 71.94 -32.79
CA GLY H 52 -104.18 71.11 -31.85
C GLY H 52 -103.34 69.95 -31.35
N LYS H 53 -102.37 69.52 -32.16
CA LYS H 53 -101.40 68.54 -31.72
C LYS H 53 -100.55 69.09 -30.57
N GLN H 54 -100.19 70.38 -30.65
CA GLN H 54 -99.31 71.07 -29.72
C GLN H 54 -97.97 70.35 -29.60
N GLU H 55 -97.30 70.28 -30.74
CA GLU H 55 -95.98 69.73 -30.86
C GLU H 55 -94.90 70.72 -30.47
N VAL H 56 -95.18 72.00 -30.61
CA VAL H 56 -94.17 73.05 -30.48
C VAL H 56 -94.45 73.80 -29.20
N ILE H 57 -93.61 74.78 -28.89
CA ILE H 57 -93.87 75.60 -27.73
C ILE H 57 -95.10 76.47 -27.99
N LYS H 58 -95.67 76.97 -26.89
CA LYS H 58 -96.94 77.66 -26.98
C LYS H 58 -96.78 79.01 -27.65
N GLY H 59 -95.63 79.64 -27.48
CA GLY H 59 -95.35 80.86 -28.20
C GLY H 59 -95.28 80.62 -29.70
N PHE H 60 -94.85 79.42 -30.10
CA PHE H 60 -94.72 79.13 -31.51
C PHE H 60 -96.08 78.98 -32.17
N GLU H 61 -96.98 78.19 -31.58
CA GLU H 61 -98.31 78.06 -32.14
C GLU H 61 -99.10 79.34 -31.99
N GLU H 62 -98.81 80.13 -30.95
CA GLU H 62 -99.47 81.42 -30.77
C GLU H 62 -99.07 82.38 -31.87
N GLY H 63 -97.78 82.45 -32.19
CA GLY H 63 -97.35 83.27 -33.30
C GLY H 63 -97.78 82.70 -34.63
N ALA H 64 -97.99 81.38 -34.68
CA ALA H 64 -98.50 80.75 -35.89
C ALA H 64 -99.89 81.25 -36.21
N ALA H 65 -100.83 81.01 -35.30
CA ALA H 65 -102.20 81.50 -35.48
C ALA H 65 -102.27 83.02 -35.50
N GLN H 66 -101.31 83.68 -34.86
CA GLN H 66 -101.18 85.12 -34.97
C GLN H 66 -100.82 85.54 -36.39
N MET H 67 -100.02 84.74 -37.08
CA MET H 67 -99.60 85.06 -38.44
C MET H 67 -100.70 84.73 -39.43
N SER H 68 -100.35 84.73 -40.72
CA SER H 68 -101.24 84.28 -41.78
C SER H 68 -100.40 83.91 -43.00
N LEU H 69 -101.06 83.78 -44.15
CA LEU H 69 -100.46 83.12 -45.29
C LEU H 69 -99.58 84.06 -46.09
N GLY H 70 -98.40 83.59 -46.45
CA GLY H 70 -97.45 84.43 -47.15
C GLY H 70 -96.90 85.53 -46.28
N GLN H 71 -97.00 85.37 -44.97
CA GLN H 71 -96.67 86.41 -44.02
C GLN H 71 -95.45 85.98 -43.24
N ARG H 72 -94.42 86.83 -43.26
CA ARG H 72 -93.21 86.58 -42.50
C ARG H 72 -93.26 87.40 -41.23
N ALA H 73 -92.78 86.81 -40.14
CA ALA H 73 -92.75 87.51 -38.88
C ALA H 73 -91.49 87.12 -38.12
N LYS H 74 -91.04 88.03 -37.26
CA LYS H 74 -89.84 87.80 -36.47
C LYS H 74 -90.27 87.18 -35.15
N LEU H 75 -90.40 85.87 -35.17
CA LEU H 75 -90.93 85.16 -34.02
C LEU H 75 -89.88 85.11 -32.93
N THR H 76 -90.15 85.78 -31.82
CA THR H 76 -89.20 85.93 -30.74
C THR H 76 -89.89 85.53 -29.45
N CYS H 77 -89.73 84.27 -29.07
CA CYS H 77 -90.50 83.74 -27.96
C CYS H 77 -89.84 84.08 -26.62
N THR H 78 -90.64 83.97 -25.57
CA THR H 78 -90.11 83.98 -24.23
C THR H 78 -89.30 82.70 -24.02
N PRO H 79 -88.18 82.77 -23.29
CA PRO H 79 -87.53 81.52 -22.86
C PRO H 79 -88.46 80.63 -22.07
N ASP H 80 -89.31 81.24 -21.26
CA ASP H 80 -90.17 80.48 -20.36
C ASP H 80 -91.27 79.78 -21.12
N VAL H 81 -91.75 80.36 -22.22
CA VAL H 81 -92.75 79.65 -23.01
C VAL H 81 -92.08 78.56 -23.83
N ALA H 82 -90.77 78.67 -24.02
CA ALA H 82 -89.95 77.57 -24.52
C ALA H 82 -89.49 76.75 -23.32
N TYR H 83 -88.44 75.94 -23.49
CA TYR H 83 -88.01 75.01 -22.46
C TYR H 83 -87.41 75.71 -21.26
N GLY H 84 -86.97 76.96 -21.42
CA GLY H 84 -86.60 77.79 -20.29
C GLY H 84 -85.31 77.43 -19.62
N ALA H 85 -85.33 77.44 -18.28
CA ALA H 85 -84.16 77.10 -17.49
C ALA H 85 -83.77 75.64 -17.64
N THR H 86 -84.69 74.79 -18.06
CA THR H 86 -84.29 73.50 -18.57
C THR H 86 -83.48 73.67 -19.85
N GLY H 87 -84.10 74.24 -20.86
CA GLY H 87 -83.50 74.27 -22.17
C GLY H 87 -83.61 72.93 -22.86
N HIS H 88 -83.34 72.94 -24.14
CA HIS H 88 -83.18 71.73 -24.89
C HIS H 88 -81.88 71.08 -24.44
N PRO H 89 -81.93 69.89 -23.85
CA PRO H 89 -80.81 69.40 -23.06
C PRO H 89 -79.61 68.96 -23.88
N GLY H 90 -78.72 69.90 -24.12
CA GLY H 90 -77.53 69.62 -24.89
C GLY H 90 -77.54 70.57 -26.05
N VAL H 91 -78.67 71.21 -26.25
CA VAL H 91 -78.84 72.17 -27.32
C VAL H 91 -79.01 73.58 -26.78
N ILE H 92 -80.10 73.83 -26.07
CA ILE H 92 -80.46 75.17 -25.64
C ILE H 92 -80.06 75.35 -24.19
N PRO H 93 -79.32 76.40 -23.85
CA PRO H 93 -78.95 76.65 -22.47
C PRO H 93 -80.17 77.05 -21.65
N PRO H 94 -80.02 77.12 -20.33
CA PRO H 94 -81.11 77.65 -19.49
C PRO H 94 -81.50 79.07 -19.83
N ASN H 95 -82.80 79.26 -20.07
CA ASN H 95 -83.49 80.54 -20.15
C ASN H 95 -82.92 81.44 -21.25
N ALA H 96 -83.15 80.99 -22.48
CA ALA H 96 -82.69 81.71 -23.64
C ALA H 96 -83.89 82.22 -24.44
N THR H 97 -83.89 83.51 -24.75
CA THR H 97 -84.85 84.03 -25.70
C THR H 97 -84.48 83.56 -27.09
N LEU H 98 -85.45 83.01 -27.79
CA LEU H 98 -85.18 82.39 -29.07
C LEU H 98 -85.89 83.15 -30.17
N ILE H 99 -85.15 83.51 -31.20
CA ILE H 99 -85.63 84.36 -32.27
C ILE H 99 -85.74 83.51 -33.52
N PHE H 100 -86.88 83.58 -34.19
CA PHE H 100 -87.10 82.79 -35.38
C PHE H 100 -87.48 83.68 -36.53
N ASP H 101 -87.50 83.07 -37.71
CA ASP H 101 -87.93 83.74 -38.93
C ASP H 101 -88.77 82.73 -39.69
N VAL H 102 -90.08 82.86 -39.59
CA VAL H 102 -91.02 81.89 -40.11
C VAL H 102 -91.91 82.59 -41.14
N GLU H 103 -92.26 81.87 -42.20
CA GLU H 103 -93.29 82.33 -43.11
C GLU H 103 -94.18 81.16 -43.46
N LEU H 104 -95.49 81.41 -43.45
CA LEU H 104 -96.45 80.36 -43.75
C LEU H 104 -96.46 80.06 -45.25
N LEU H 105 -96.58 78.78 -45.58
CA LEU H 105 -96.66 78.36 -46.97
C LEU H 105 -98.03 77.82 -47.33
N ASN H 106 -98.61 76.96 -46.50
CA ASN H 106 -99.94 76.42 -46.77
C ASN H 106 -100.63 76.02 -45.48
N LEU H 107 -101.93 75.81 -45.60
CA LEU H 107 -102.79 75.37 -44.51
C LEU H 107 -103.61 74.19 -44.99
N GLU H 108 -103.77 73.18 -44.14
CA GLU H 108 -104.39 71.95 -44.60
C GLU H 108 -105.70 71.64 -43.91
#